data_7B04
#
_entry.id   7B04
#
_cell.length_a   177.626
_cell.length_b   206.467
_cell.length_c   527.141
_cell.angle_alpha   90.000
_cell.angle_beta   90.000
_cell.angle_gamma   90.000
#
_symmetry.space_group_name_H-M   'P 21 21 21'
#
loop_
_entity.id
_entity.type
_entity.pdbx_description
1 polymer 'Nitrite oxidoreductase subunit B'
2 polymer 'Nitrite oxidoreductase subunit A'
3 polymer 'Nitrite oxidoreductase subunit C'
4 non-polymer 'IRON/SULFUR CLUSTER'
5 non-polymer 'FE3-S4 CLUSTER'
6 non-polymer 'PHOSPHORIC ACID 4-(2-AMINO-4-OXO-3,4,5,6,-TETRAHYDRO-PTERIDIN-6-YL)-2-HYDROXY-3,4-DIMERCAPTO-BUT-3-EN-YL ESTER GUANYLATE ESTER'
7 non-polymer 'MOLYBDENUM ATOM'
8 non-polymer 'PROTOPORPHYRIN IX CONTAINING FE'
9 non-polymer 'CALCIUM ION'
10 water water
#
loop_
_entity_poly.entity_id
_entity_poly.type
_entity_poly.pdbx_seq_one_letter_code
_entity_poly.pdbx_strand_id
1 'polypeptide(L)'
;MTLVHNWHLGRRMEYPYFESRPKHQFAAVFNINRCIACQTCTMACKSTWTFNKGQEFMWWNNVETKPYGGFPQSWDVKTL
KLIDSPDNIWYTDDKDKETSQYGTGAPYGTYEGDTIFEVAKKKNINQWAVGYIPEDKEWRSPNFGEDTAKSSNQPGEYST
LPEHSRWFFYLQRICNHCTYPGCLAACPRKAIYKRKEDGIVLIDQKRCRGYRKCVEQCPYKKPMYRGLTRVSEKCIACYP
RIEGRDSLTDGRPMETRCMSACVGQIRLQGFLDDNPKNPITWLIRHQKIALPLYPQFGTEPNIYYIPPRWAPRAYLRQMF
GPGVDEAIEKFMVPSRELLAVMSLFRMTQTIVYEYKIEEGPKVFETEIHGKKFTMYNDTVIGFGEDGKEVVRTTVEEPIH
IRPDKHYNSI
;
A,D,G,J,M,P,S,V
2 'polypeptide(L)'
;MKLTRRAFLQVAGATGATLTLAKNAMAFRLLKPAVVVDNPLDTYPDRRWESVYRDQYQYDRTFTYCCSPNDTHACRIRAF
VRNNVMMRVEQNYDHQNYSDLYGNKATRNWNPRMCLKGYTFHRRVYGPYRLRYPLIRKGWKRWADDGFPELTPENKTKYM
FDNRGNDELLRASWDEAFTYASKGIIHITKKYSGPEGAQKLIDQGYPKEMVDRMQGAGTRTFKGRGGMGLLGVIGKYGMY
RFNNCLAIVDAHNRGVGPDQALGGRNWSNYTWHGDQAPGHPFSHGLQTSDVDMNDVRFSKLLIQTGKNLIENKMPEAHWV
TEVMERGGKIVVITPEYSPSAQKADYWIPIRNNTDTALFLGITKILIDNKWYDADYVKKFTDFPLLIRTDTLKRVSPKDI
IPNYKLQDISDGPSYHIQGLKDEQREIIGDFVVWDAKSKGPKAITRDDVGETLVKKGIDPVLEGSFKLKTIDGKEIEVMT
LLEMYKIHLRDYDIDSVVSMTNSPKDLIERLAKDIATIKPVAIHYGEGVNHYFHATLMNRSYYLPVMLTGNVGYFGSGSH
TWAGNYKAGNFQASKWSGPGFYGWVAEDVFKPNLDPYASAKDLNIKGRALDEEVAYWNHSERPLIVNTPKYGRKVFTGKT
HMPSPTKVLWFTNVNLINNAKHVYQMLKNVNPNIEQIMSTDIEITGSIEYADFAFPANSWVEFQEFEITNSCSNPFIQIW
GKTGITPVYESKDDVKILAGMASKLGELLRDKRFEDNWKFAIEGRASVYINRLLDGSTTMKGYTCEDILNGKYGEPGVAM
LLFRTYPRHPFWEQVHESLPFYTPTGRLQAYNDEPEIIEYGENFIVHREGPEATPYLPNAIVSTNPYIRPDDYGIPENAE
YWEDRTVRNIKKSWEETKKTKNFLWEKGYHFYCVTPKSRHTVHSQWAVTDWNFIWNNNFGDPYRMDKRMPGVGEHQIHIH
PQAARDLGIEDGDYVYVDANPADRPYEGWKPNDSFYKVSRLMLRAKYNPAYPYNCTMMKHSAWISSDKTVQAHETRPDGR
ALSPSGYQSSFRYGSQQSITRDWSMPMHQLDSLFHKAKIGMKFIFGFEADNHCINTVPKETLVKITKAENGGMGGKGVWD
PVKTGYTAGNENDFMKKFLNGELIKVDA
;
B,E,H,K,N,Q,T,W
3 'polypeptide(L)'
;MKKFYRLLGSSSVALLGCLFLSVALCIAEEAEGVKGVAEEELTPAKEVLNVKYMQIDVPAHITVGALEGAFKNAEGVQVK
LQKQDKAFPNGGGSVNSAEIKAIHDGITIYFQVIWDDATDNKQAIATQEFRDGAALMFPLGKITISPEEPFSPRMGDRQK
PVNLWHWKADWEADLLATGGIEECPARYPNMHDDFSTNPHSVNYHKGVIQSAAELSGGYAAHNLLSLPRGRAVEDLNAEG
FGTLTSQDHQDVDGCSKFENKKWTVVFCRSLNTGDPLDVQFVPGESTYFNMAVWNGDREDRNGQKNISIQWHPLSLERIA
WQ
;
C,F,I,L,O,R,U,X
#
# COMPACT_ATOMS: atom_id res chain seq x y z
N THR A 2 4.45 70.11 36.74
CA THR A 2 3.01 70.23 36.88
C THR A 2 2.55 69.50 38.13
N LEU A 3 2.07 70.26 39.11
CA LEU A 3 1.50 69.67 40.35
C LEU A 3 0.11 69.13 40.03
N VAL A 4 -0.17 67.94 40.52
CA VAL A 4 -1.50 67.30 40.30
C VAL A 4 -1.98 66.82 41.65
N HIS A 5 -3.27 66.70 41.80
CA HIS A 5 -3.87 66.22 43.05
C HIS A 5 -4.03 64.71 43.03
N ASN A 6 -3.53 64.06 44.07
CA ASN A 6 -3.76 62.63 44.31
C ASN A 6 -4.46 62.48 45.64
N TRP A 7 -5.67 61.93 45.61
CA TRP A 7 -6.42 61.77 46.85
C TRP A 7 -5.91 60.61 47.70
N HIS A 8 -5.21 59.63 47.12
CA HIS A 8 -4.62 58.58 47.94
C HIS A 8 -3.62 59.18 48.91
N LEU A 9 -2.73 60.02 48.40
CA LEU A 9 -1.73 60.69 49.24
C LEU A 9 -2.30 61.89 49.98
N GLY A 10 -3.47 62.37 49.57
CA GLY A 10 -4.03 63.55 50.22
C GLY A 10 -3.16 64.77 50.00
N ARG A 11 -2.42 64.79 48.90
CA ARG A 11 -1.40 65.79 48.64
C ARG A 11 -1.41 66.07 47.15
N ARG A 12 -0.78 67.17 46.75
CA ARG A 12 -0.55 67.46 45.34
C ARG A 12 0.81 66.90 44.94
N MET A 13 0.86 66.29 43.76
CA MET A 13 1.96 65.44 43.32
C MET A 13 2.59 65.97 42.05
N GLU A 14 3.83 65.57 41.81
CA GLU A 14 4.56 65.98 40.62
C GLU A 14 4.37 64.94 39.51
N TYR A 15 3.87 65.39 38.37
CA TYR A 15 3.63 64.56 37.20
C TYR A 15 3.97 65.36 35.94
N PRO A 16 4.44 64.68 34.87
CA PRO A 16 4.74 65.41 33.62
C PRO A 16 3.53 66.08 32.99
N TYR A 17 2.33 65.50 33.12
CA TYR A 17 1.17 65.96 32.38
C TYR A 17 0.11 66.52 33.32
N PHE A 18 -0.65 67.50 32.84
CA PHE A 18 -1.66 68.10 33.71
C PHE A 18 -2.76 67.10 34.04
N GLU A 19 -3.34 67.27 35.22
CA GLU A 19 -4.41 66.39 35.68
C GLU A 19 -5.58 66.42 34.72
N SER A 20 -6.02 65.25 34.30
CA SER A 20 -7.22 65.09 33.44
C SER A 20 -7.80 63.72 33.75
N ARG A 21 -8.79 63.66 34.61
CA ARG A 21 -9.37 62.38 35.04
C ARG A 21 -10.35 61.86 34.01
N PRO A 22 -10.69 60.57 34.01
CA PRO A 22 -11.64 60.01 33.10
C PRO A 22 -13.07 60.26 33.61
N LYS A 23 -14.06 60.12 32.75
CA LYS A 23 -15.45 60.30 33.14
C LYS A 23 -15.80 59.42 34.34
N HIS A 24 -15.46 58.14 34.28
CA HIS A 24 -15.40 57.28 35.44
C HIS A 24 -14.21 56.34 35.24
N GLN A 25 -13.68 55.84 36.34
CA GLN A 25 -12.43 55.08 36.32
C GLN A 25 -12.69 53.60 36.52
N PHE A 26 -12.15 52.80 35.60
CA PHE A 26 -12.17 51.34 35.74
C PHE A 26 -11.52 50.95 37.05
N ALA A 27 -12.29 50.29 37.91
CA ALA A 27 -11.82 49.96 39.25
C ALA A 27 -12.43 48.65 39.70
N ALA A 28 -11.81 48.05 40.71
CA ALA A 28 -12.27 46.77 41.24
C ALA A 28 -11.88 46.67 42.70
N VAL A 29 -12.62 45.84 43.43
CA VAL A 29 -12.37 45.59 44.85
C VAL A 29 -12.05 44.11 45.03
N PHE A 30 -10.93 43.82 45.67
CA PHE A 30 -10.49 42.45 45.92
C PHE A 30 -10.60 42.18 47.42
N ASN A 31 -11.41 41.18 47.79
CA ASN A 31 -11.52 40.76 49.19
C ASN A 31 -10.45 39.70 49.43
N ILE A 32 -9.28 40.14 49.91
CA ILE A 32 -8.17 39.23 50.14
C ILE A 32 -8.54 38.14 51.14
N ASN A 33 -9.43 38.45 52.09
CA ASN A 33 -9.83 37.47 53.09
C ASN A 33 -10.44 36.21 52.47
N ARG A 34 -11.05 36.33 51.29
CA ARG A 34 -11.68 35.19 50.65
C ARG A 34 -10.78 34.47 49.65
N CYS A 35 -9.60 34.99 49.37
CA CYS A 35 -8.79 34.45 48.28
C CYS A 35 -8.19 33.09 48.66
N ILE A 36 -7.97 32.27 47.63
CA ILE A 36 -7.47 30.91 47.80
C ILE A 36 -6.18 30.68 47.02
N ALA A 37 -5.70 31.68 46.27
CA ALA A 37 -4.52 31.56 45.40
C ALA A 37 -4.68 30.45 44.36
N CYS A 38 -5.91 30.24 43.88
CA CYS A 38 -6.13 29.22 42.87
C CYS A 38 -5.57 29.60 41.51
N GLN A 39 -5.21 30.87 41.32
CA GLN A 39 -4.66 31.36 40.05
C GLN A 39 -5.60 31.08 38.87
N THR A 40 -6.89 30.95 39.17
CA THR A 40 -7.88 30.85 38.08
C THR A 40 -7.91 32.12 37.24
N CYS A 41 -7.90 33.27 37.91
CA CYS A 41 -7.77 34.55 37.20
C CYS A 41 -6.51 34.58 36.37
N THR A 42 -5.42 33.98 36.86
CA THR A 42 -4.16 33.98 36.12
C THR A 42 -4.30 33.27 34.78
N MET A 43 -4.92 32.08 34.78
CA MET A 43 -5.12 31.35 33.55
C MET A 43 -6.19 31.97 32.66
N ALA A 44 -7.10 32.77 33.24
CA ALA A 44 -8.07 33.49 32.45
C ALA A 44 -7.39 34.45 31.48
N CYS A 45 -6.48 35.27 31.99
CA CYS A 45 -5.76 36.20 31.13
C CYS A 45 -4.80 35.48 30.20
N LYS A 46 -4.13 34.44 30.71
CA LYS A 46 -3.14 33.72 29.90
C LYS A 46 -3.78 33.09 28.67
N SER A 47 -4.84 32.30 28.87
CA SER A 47 -5.50 31.60 27.77
C SER A 47 -6.21 32.54 26.80
N THR A 48 -6.15 33.85 27.02
CA THR A 48 -6.88 34.80 26.20
C THR A 48 -5.99 35.81 25.48
N TRP A 49 -4.94 36.30 26.14
CA TRP A 49 -4.15 37.40 25.60
C TRP A 49 -2.67 37.10 25.48
N THR A 50 -2.09 36.31 26.39
CA THR A 50 -0.65 36.11 26.43
C THR A 50 -0.28 34.64 26.23
N PHE A 51 -0.98 33.97 25.32
CA PHE A 51 -0.86 32.53 25.15
C PHE A 51 0.04 32.13 23.99
N ASN A 52 0.58 33.09 23.25
CA ASN A 52 1.26 32.82 21.98
C ASN A 52 2.76 33.08 22.10
N LYS A 53 3.45 33.01 20.96
CA LYS A 53 4.90 33.12 20.94
C LYS A 53 5.38 34.48 21.42
N GLY A 54 6.51 34.47 22.13
CA GLY A 54 7.09 35.68 22.67
C GLY A 54 6.54 36.13 24.01
N GLN A 55 5.43 35.57 24.47
CA GLN A 55 4.80 35.95 25.73
C GLN A 55 4.80 34.81 26.73
N GLU A 56 5.77 33.90 26.60
CA GLU A 56 5.78 32.69 27.44
C GLU A 56 6.00 33.04 28.90
N PHE A 57 6.75 34.11 29.18
CA PHE A 57 7.02 34.54 30.54
C PHE A 57 6.00 35.55 31.04
N MET A 58 5.07 36.00 30.18
CA MET A 58 4.18 37.10 30.50
C MET A 58 2.95 36.58 31.25
N TRP A 59 2.73 37.11 32.45
CA TRP A 59 1.56 36.80 33.27
C TRP A 59 0.98 38.13 33.75
N TRP A 60 0.12 38.73 32.93
CA TRP A 60 -0.43 40.05 33.27
C TRP A 60 -1.18 39.91 34.58
N ASN A 61 -1.93 38.85 34.77
CA ASN A 61 -2.57 38.63 36.08
C ASN A 61 -1.76 37.56 36.79
N ASN A 62 -1.29 37.89 37.98
CA ASN A 62 -0.54 36.95 38.84
C ASN A 62 -1.04 37.14 40.26
N VAL A 63 -1.15 36.06 41.00
CA VAL A 63 -1.47 36.10 42.45
C VAL A 63 -0.22 35.59 43.14
N GLU A 64 0.30 36.37 44.07
CA GLU A 64 1.57 36.10 44.73
C GLU A 64 1.36 35.97 46.23
N THR A 65 2.16 35.09 46.84
CA THR A 65 2.09 34.82 48.27
C THR A 65 2.97 35.81 49.02
N LYS A 66 2.33 36.76 49.70
CA LYS A 66 3.08 37.74 50.48
C LYS A 66 3.46 37.14 51.83
N PRO A 67 4.58 37.57 52.43
CA PRO A 67 5.44 38.70 52.03
C PRO A 67 6.63 38.34 51.12
N TYR A 68 7.02 37.06 51.09
CA TYR A 68 8.23 36.68 50.37
C TYR A 68 8.03 36.53 48.86
N GLY A 69 6.79 36.31 48.41
CA GLY A 69 6.56 36.02 47.01
C GLY A 69 6.44 37.24 46.12
N GLY A 70 6.58 37.01 44.82
CA GLY A 70 6.42 38.07 43.84
C GLY A 70 6.67 37.67 42.40
N PHE A 71 6.04 38.39 41.46
CA PHE A 71 6.30 38.25 40.03
C PHE A 71 6.36 39.64 39.42
N PRO A 72 7.54 40.12 39.00
CA PRO A 72 8.84 39.43 39.01
C PRO A 72 9.37 39.27 40.42
N GLN A 73 10.41 38.46 40.58
CA GLN A 73 10.88 38.10 41.92
C GLN A 73 11.27 39.33 42.73
N SER A 74 10.66 39.46 43.90
CA SER A 74 10.96 40.53 44.86
C SER A 74 10.76 41.92 44.24
N TRP A 75 9.67 42.07 43.48
CA TRP A 75 9.41 43.33 42.77
C TRP A 75 9.10 44.48 43.73
N ASP A 76 8.36 44.21 44.81
CA ASP A 76 8.01 45.29 45.74
C ASP A 76 9.26 45.81 46.45
N VAL A 77 10.07 44.91 47.01
CA VAL A 77 11.22 45.34 47.80
C VAL A 77 12.22 46.08 46.92
N LYS A 78 12.39 45.63 45.68
CA LYS A 78 13.34 46.28 44.78
C LYS A 78 12.94 47.73 44.51
N THR A 79 11.64 47.97 44.27
CA THR A 79 11.17 49.32 44.00
C THR A 79 11.07 50.14 45.28
N LEU A 80 10.64 49.53 46.38
CA LEU A 80 10.52 50.25 47.65
C LEU A 80 11.88 50.72 48.16
N LYS A 81 12.96 50.05 47.76
CA LYS A 81 14.29 50.49 48.18
C LYS A 81 14.74 51.76 47.45
N LEU A 82 14.23 51.97 46.24
CA LEU A 82 14.60 53.15 45.47
C LEU A 82 13.92 54.42 45.99
N ILE A 83 12.99 54.29 46.93
CA ILE A 83 12.30 55.45 47.50
C ILE A 83 12.43 55.45 49.02
N ASP A 84 13.34 54.63 49.54
CA ASP A 84 13.48 54.51 50.99
C ASP A 84 14.04 55.80 51.57
N SER A 85 13.29 56.39 52.50
CA SER A 85 13.70 57.62 53.18
C SER A 85 13.03 57.66 54.54
N PRO A 86 13.69 58.24 55.55
CA PRO A 86 13.03 58.40 56.86
C PRO A 86 11.85 59.34 56.84
N ASP A 87 11.62 60.07 55.75
CA ASP A 87 10.53 61.03 55.65
C ASP A 87 9.26 60.43 55.03
N ASN A 88 9.25 59.14 54.72
CA ASN A 88 8.08 58.49 54.17
C ASN A 88 7.14 58.17 55.32
N ILE A 89 6.24 59.12 55.61
CA ILE A 89 5.37 59.03 56.78
C ILE A 89 3.99 59.56 56.42
N TRP A 90 2.96 58.89 56.94
CA TRP A 90 1.58 59.33 56.79
C TRP A 90 1.18 60.17 58.01
N TYR A 91 0.34 61.18 57.78
CA TYR A 91 -0.25 61.97 58.87
C TYR A 91 -1.76 61.91 58.77
N THR A 92 -2.40 61.38 59.81
CA THR A 92 -3.82 61.01 59.76
C THR A 92 -4.79 62.04 60.35
N ASP A 93 -4.31 63.03 61.10
CA ASP A 93 -5.24 63.86 61.87
C ASP A 93 -6.13 64.71 60.98
N ASP A 94 -5.60 65.28 59.91
CA ASP A 94 -6.39 66.16 59.05
C ASP A 94 -6.98 65.41 57.86
N LYS A 95 -7.24 64.13 58.07
CA LYS A 95 -7.87 63.27 57.05
C LYS A 95 -9.32 63.73 56.93
N ASP A 96 -9.87 63.75 55.73
CA ASP A 96 -11.24 64.23 55.53
C ASP A 96 -12.21 63.36 56.31
N LYS A 97 -13.09 63.99 57.06
CA LYS A 97 -14.19 63.28 57.75
C LYS A 97 -15.28 63.08 56.72
N GLU A 98 -15.44 64.08 55.85
CA GLU A 98 -16.42 64.14 54.77
C GLU A 98 -16.03 63.15 53.67
N THR A 99 -16.99 62.63 52.92
CA THR A 99 -16.58 61.81 51.76
C THR A 99 -16.47 62.80 50.60
N SER A 100 -15.27 62.97 50.06
CA SER A 100 -15.02 63.98 49.01
C SER A 100 -15.57 63.55 47.66
N GLN A 101 -15.74 64.50 46.75
CA GLN A 101 -16.31 64.20 45.42
C GLN A 101 -15.31 63.41 44.57
N TYR A 102 -15.82 62.72 43.57
CA TYR A 102 -15.02 61.88 42.70
C TYR A 102 -13.73 62.58 42.30
N GLY A 103 -12.60 61.93 42.62
CA GLY A 103 -11.29 62.40 42.24
C GLY A 103 -10.65 63.42 43.17
N THR A 104 -11.26 63.76 44.29
CA THR A 104 -10.75 64.79 45.18
C THR A 104 -10.72 64.27 46.62
N GLY A 105 -9.99 64.97 47.46
CA GLY A 105 -10.03 64.74 48.89
C GLY A 105 -8.75 64.12 49.44
N ALA A 106 -8.83 63.75 50.72
CA ALA A 106 -7.71 63.14 51.44
C ALA A 106 -8.25 62.13 52.45
N PRO A 107 -8.79 61.01 51.97
CA PRO A 107 -9.49 60.10 52.90
C PRO A 107 -8.56 59.43 53.90
N TYR A 108 -7.36 59.04 53.49
CA TYR A 108 -6.45 58.33 54.39
C TYR A 108 -5.55 59.25 55.19
N GLY A 109 -5.39 60.50 54.77
CA GLY A 109 -4.50 61.42 55.45
C GLY A 109 -3.60 62.13 54.46
N THR A 110 -2.37 62.44 54.86
CA THR A 110 -1.42 63.07 53.95
C THR A 110 -0.07 62.37 54.09
N TYR A 111 0.45 61.86 52.98
CA TYR A 111 1.75 61.20 52.93
C TYR A 111 2.77 62.24 52.48
N GLU A 112 3.77 62.50 53.35
CA GLU A 112 4.76 63.53 53.07
C GLU A 112 6.04 62.94 52.49
N GLY A 113 6.02 61.68 52.09
CA GLY A 113 7.15 61.08 51.42
C GLY A 113 7.12 61.33 49.93
N ASP A 114 8.25 61.06 49.28
CA ASP A 114 8.41 61.32 47.86
C ASP A 114 7.94 60.14 47.02
N THR A 115 7.20 60.44 45.97
CA THR A 115 6.78 59.44 45.01
C THR A 115 7.93 59.10 44.08
N ILE A 116 7.74 58.05 43.27
CA ILE A 116 8.76 57.65 42.32
C ILE A 116 9.08 58.78 41.36
N PHE A 117 8.10 59.64 41.06
CA PHE A 117 8.35 60.81 40.24
C PHE A 117 9.16 61.85 40.98
N GLU A 118 8.80 62.12 42.24
CA GLU A 118 9.47 63.16 43.01
C GLU A 118 10.87 62.74 43.46
N VAL A 119 11.09 61.45 43.70
CA VAL A 119 12.44 60.97 43.97
C VAL A 119 13.33 61.23 42.77
N ALA A 120 12.81 60.96 41.57
CA ALA A 120 13.58 61.21 40.35
C ALA A 120 13.86 62.70 40.17
N LYS A 121 12.91 63.55 40.56
CA LYS A 121 13.08 64.99 40.41
C LYS A 121 14.13 65.54 41.38
N LYS A 122 14.06 65.12 42.65
CA LYS A 122 14.98 65.67 43.65
C LYS A 122 16.42 65.27 43.37
N LYS A 123 16.63 64.05 42.90
CA LYS A 123 18.01 63.59 42.62
C LYS A 123 18.48 64.08 41.26
N ASN A 124 17.58 64.65 40.47
CA ASN A 124 17.93 65.15 39.13
C ASN A 124 18.59 64.02 38.38
N ILE A 125 17.90 62.86 38.29
CA ILE A 125 18.44 61.66 37.60
C ILE A 125 18.23 61.74 36.11
N ASN A 126 17.49 62.74 35.63
CA ASN A 126 17.20 63.04 34.21
C ASN A 126 16.25 62.02 33.63
N GLN A 127 15.45 61.42 34.47
CA GLN A 127 14.37 60.48 34.06
C GLN A 127 13.09 60.92 34.76
N TRP A 128 11.95 60.48 34.26
CA TRP A 128 10.67 60.88 34.82
C TRP A 128 10.37 60.15 36.12
N ALA A 129 10.91 58.96 36.32
CA ALA A 129 10.65 58.21 37.53
C ALA A 129 11.80 57.25 37.81
N VAL A 130 11.97 56.89 39.08
CA VAL A 130 12.94 55.88 39.45
C VAL A 130 12.39 54.50 39.09
N GLY A 131 13.30 53.57 38.81
CA GLY A 131 12.87 52.23 38.47
C GLY A 131 14.04 51.38 38.04
N TYR A 132 13.69 50.21 37.50
CA TYR A 132 14.67 49.26 37.00
C TYR A 132 13.97 48.36 36.00
N ILE A 133 14.78 47.75 35.13
CA ILE A 133 14.29 46.76 34.16
C ILE A 133 14.56 45.38 34.76
N PRO A 134 13.53 44.60 35.10
CA PRO A 134 13.78 43.25 35.59
C PRO A 134 14.44 42.39 34.52
N GLU A 135 15.52 41.74 34.91
CA GLU A 135 16.24 40.88 33.97
C GLU A 135 15.38 39.65 33.66
N ASP A 136 15.67 39.02 32.51
CA ASP A 136 14.87 37.88 32.09
C ASP A 136 14.85 36.78 33.15
N LYS A 137 15.91 36.67 33.93
CA LYS A 137 15.96 35.69 35.01
C LYS A 137 15.07 36.07 36.19
N GLU A 138 14.71 37.36 36.31
CA GLU A 138 13.82 37.78 37.38
C GLU A 138 12.35 37.61 37.01
N TRP A 139 12.05 37.31 35.74
CA TRP A 139 10.70 36.97 35.33
C TRP A 139 10.40 35.48 35.48
N ARG A 140 11.40 34.66 35.78
CA ARG A 140 11.15 33.27 36.06
C ARG A 140 10.40 33.12 37.38
N SER A 141 9.91 31.91 37.63
CA SER A 141 9.23 31.58 38.88
C SER A 141 8.05 32.50 39.14
N PRO A 142 6.99 32.45 38.33
CA PRO A 142 5.85 33.34 38.57
C PRO A 142 5.18 33.11 39.91
N ASN A 143 5.25 31.89 40.44
CA ASN A 143 4.73 31.58 41.77
C ASN A 143 5.82 31.59 42.83
N PHE A 144 6.88 32.38 42.60
CA PHE A 144 7.97 32.53 43.55
C PHE A 144 7.46 32.74 44.97
N GLY A 145 7.98 31.94 45.90
CA GLY A 145 7.59 32.05 47.29
C GLY A 145 6.17 31.64 47.59
N GLU A 146 5.64 30.67 46.86
CA GLU A 146 4.27 30.19 47.11
C GLU A 146 4.15 29.63 48.52
N ASP A 147 3.11 30.08 49.23
CA ASP A 147 2.75 29.55 50.55
C ASP A 147 3.93 29.56 51.52
N THR A 148 4.83 30.53 51.36
CA THR A 148 5.97 30.70 52.24
C THR A 148 5.61 31.73 53.30
N ALA A 149 5.61 31.31 54.56
CA ALA A 149 5.16 32.15 55.66
C ALA A 149 6.34 32.81 56.36
N LYS A 150 6.06 33.94 56.99
CA LYS A 150 6.99 34.58 57.91
C LYS A 150 6.79 33.98 59.29
N SER A 151 7.89 33.62 59.96
CA SER A 151 7.81 32.98 61.27
C SER A 151 8.63 33.76 62.29
N SER A 152 8.15 33.77 63.54
CA SER A 152 8.91 34.31 64.65
C SER A 152 10.12 33.45 65.01
N ASN A 153 10.08 32.17 64.63
CA ASN A 153 11.18 31.22 64.86
C ASN A 153 11.44 30.94 66.34
N GLN A 154 10.44 31.11 67.19
CA GLN A 154 10.60 30.71 68.58
C GLN A 154 9.84 29.41 68.83
N PRO A 155 10.30 28.56 69.75
CA PRO A 155 9.78 27.18 69.81
C PRO A 155 8.28 27.06 70.01
N GLY A 156 7.67 27.91 70.83
CA GLY A 156 6.25 27.78 71.11
C GLY A 156 5.31 28.50 70.16
N GLU A 157 5.78 28.75 68.93
CA GLU A 157 5.01 29.57 68.00
C GLU A 157 3.68 28.93 67.62
N TYR A 158 2.63 29.77 67.60
CA TYR A 158 1.29 29.38 67.19
C TYR A 158 0.59 30.62 66.63
N SER A 159 -0.49 30.39 65.89
CA SER A 159 -1.18 31.47 65.17
C SER A 159 -2.59 31.69 65.71
N THR A 160 -2.88 32.94 66.10
CA THR A 160 -4.20 33.35 66.57
C THR A 160 -4.45 34.80 66.16
N LEU A 161 -5.72 35.19 66.18
CA LEU A 161 -6.09 36.58 65.99
C LEU A 161 -5.68 37.37 67.23
N PRO A 162 -5.40 38.67 67.08
CA PRO A 162 -5.61 39.56 65.93
C PRO A 162 -4.55 39.46 64.82
N GLU A 163 -3.34 39.03 65.16
CA GLU A 163 -2.24 38.91 64.20
C GLU A 163 -1.59 37.55 64.34
N HIS A 164 -1.44 36.84 63.23
CA HIS A 164 -0.83 35.52 63.22
C HIS A 164 0.68 35.66 63.33
N SER A 165 1.27 34.98 64.31
CA SER A 165 2.73 34.95 64.43
C SER A 165 3.36 34.36 63.17
N ARG A 166 2.88 33.20 62.75
CA ARG A 166 3.28 32.60 61.48
C ARG A 166 2.19 32.92 60.46
N TRP A 167 2.55 33.67 59.41
CA TRP A 167 1.53 34.25 58.56
C TRP A 167 2.01 34.38 57.13
N PHE A 168 1.03 34.42 56.23
CA PHE A 168 1.20 34.73 54.81
C PHE A 168 -0.18 34.95 54.21
N PHE A 169 -0.25 35.82 53.20
CA PHE A 169 -1.50 36.11 52.52
C PHE A 169 -1.23 36.27 51.04
N TYR A 170 -2.30 36.41 50.27
CA TYR A 170 -2.24 36.39 48.82
C TYR A 170 -2.54 37.77 48.26
N LEU A 171 -1.73 38.21 47.32
CA LEU A 171 -1.92 39.49 46.64
C LEU A 171 -2.19 39.25 45.17
N GLN A 172 -3.34 39.71 44.69
CA GLN A 172 -3.81 39.47 43.34
C GLN A 172 -3.66 40.75 42.54
N ARG A 173 -2.80 40.73 41.52
CA ARG A 173 -2.34 41.95 40.86
C ARG A 173 -2.54 41.88 39.35
N ILE A 174 -3.12 42.94 38.81
CA ILE A 174 -3.18 43.22 37.37
C ILE A 174 -2.62 44.62 37.19
N CYS A 175 -2.67 45.11 35.96
CA CYS A 175 -2.41 46.53 35.75
C CYS A 175 -3.44 47.33 36.51
N ASN A 176 -2.95 48.22 37.37
CA ASN A 176 -3.83 49.03 38.21
C ASN A 176 -4.53 50.11 37.42
N HIS A 177 -4.17 50.32 36.16
CA HIS A 177 -4.73 51.36 35.29
C HIS A 177 -4.77 52.69 36.02
N CYS A 178 -3.57 53.12 36.41
CA CYS A 178 -3.40 54.23 37.32
C CYS A 178 -3.87 55.54 36.70
N THR A 179 -4.32 56.45 37.57
CA THR A 179 -4.67 57.80 37.16
C THR A 179 -3.44 58.55 36.67
N TYR A 180 -2.31 58.38 37.34
CA TYR A 180 -1.03 58.98 36.96
C TYR A 180 -0.02 57.85 36.77
N PRO A 181 -0.18 57.05 35.71
CA PRO A 181 0.68 55.87 35.56
C PRO A 181 2.11 56.26 35.24
N GLY A 182 3.05 55.52 35.84
CA GLY A 182 4.46 55.74 35.56
C GLY A 182 4.84 55.35 34.14
N CYS A 183 4.21 54.30 33.61
CA CYS A 183 4.50 53.86 32.26
C CYS A 183 4.14 54.93 31.23
N LEU A 184 2.97 55.56 31.40
CA LEU A 184 2.55 56.61 30.48
C LEU A 184 3.51 57.79 30.50
N ALA A 185 3.94 58.21 31.69
CA ALA A 185 4.91 59.30 31.79
C ALA A 185 6.27 58.88 31.26
N ALA A 186 6.60 57.59 31.31
CA ALA A 186 7.93 57.14 30.91
C ALA A 186 8.11 57.20 29.40
N CYS A 187 7.11 56.77 28.63
CA CYS A 187 7.26 56.65 27.19
C CYS A 187 7.54 57.99 26.54
N PRO A 188 8.71 58.18 25.93
CA PRO A 188 9.02 59.45 25.26
C PRO A 188 8.28 59.65 23.94
N ARG A 189 7.68 58.60 23.37
CA ARG A 189 6.88 58.74 22.18
C ARG A 189 5.42 59.04 22.48
N LYS A 190 5.04 59.08 23.76
CA LYS A 190 3.64 59.19 24.17
C LYS A 190 2.80 58.12 23.47
N ALA A 191 3.34 56.91 23.40
CA ALA A 191 2.64 55.78 22.81
C ALA A 191 1.73 55.05 23.79
N ILE A 192 1.83 55.35 25.08
CA ILE A 192 0.91 54.87 26.09
C ILE A 192 -0.06 55.98 26.41
N TYR A 193 -1.36 55.69 26.37
CA TYR A 193 -2.38 56.71 26.58
C TYR A 193 -3.48 56.16 27.47
N LYS A 194 -4.11 57.06 28.22
CA LYS A 194 -5.19 56.73 29.13
C LYS A 194 -6.51 57.18 28.52
N ARG A 195 -7.47 56.26 28.39
CA ARG A 195 -8.75 56.60 27.81
C ARG A 195 -9.59 57.39 28.79
N LYS A 196 -10.22 58.47 28.30
CA LYS A 196 -11.02 59.33 29.15
C LYS A 196 -12.39 58.73 29.43
N GLU A 197 -12.80 57.75 28.63
CA GLU A 197 -14.12 57.13 28.76
C GLU A 197 -14.19 56.18 29.94
N ASP A 198 -13.14 55.37 30.15
CA ASP A 198 -13.15 54.38 31.21
C ASP A 198 -11.86 54.32 32.01
N GLY A 199 -10.86 55.13 31.67
CA GLY A 199 -9.61 55.13 32.43
C GLY A 199 -8.68 53.99 32.12
N ILE A 200 -8.89 53.28 31.00
CA ILE A 200 -8.06 52.16 30.64
C ILE A 200 -6.76 52.67 30.01
N VAL A 201 -5.63 52.13 30.46
CA VAL A 201 -4.32 52.49 29.96
C VAL A 201 -3.87 51.45 28.96
N LEU A 202 -3.41 51.91 27.79
CA LEU A 202 -3.09 51.01 26.69
C LEU A 202 -1.77 51.41 26.04
N ILE A 203 -1.08 50.41 25.49
CA ILE A 203 0.12 50.63 24.69
C ILE A 203 -0.26 50.54 23.23
N ASP A 204 -0.01 51.61 22.47
CA ASP A 204 -0.29 51.62 21.04
C ASP A 204 0.67 50.65 20.35
N GLN A 205 0.13 49.52 19.89
CA GLN A 205 0.97 48.52 19.25
C GLN A 205 1.42 48.95 17.85
N LYS A 206 0.73 49.89 17.22
CA LYS A 206 1.18 50.42 15.94
C LYS A 206 2.37 51.36 16.09
N ARG A 207 2.46 52.09 17.21
CA ARG A 207 3.45 53.13 17.36
C ARG A 207 4.55 52.81 18.37
N CYS A 208 4.37 51.77 19.19
CA CYS A 208 5.41 51.40 20.15
C CYS A 208 6.68 51.00 19.43
N ARG A 209 7.82 51.36 20.01
CA ARG A 209 9.12 51.03 19.42
C ARG A 209 10.01 50.22 20.36
N GLY A 210 9.43 49.58 21.36
CA GLY A 210 10.21 48.73 22.26
C GLY A 210 11.24 49.50 23.06
N TYR A 211 10.88 50.66 23.59
CA TYR A 211 11.77 51.49 24.38
C TYR A 211 11.95 51.00 25.81
N ARG A 212 11.13 50.07 26.28
CA ARG A 212 11.36 49.44 27.58
C ARG A 212 11.35 50.44 28.74
N LYS A 213 11.03 51.72 28.48
CA LYS A 213 10.95 52.69 29.57
C LYS A 213 9.73 52.46 30.44
N CYS A 214 8.61 52.09 29.84
CA CYS A 214 7.45 51.66 30.61
C CYS A 214 7.80 50.47 31.50
N VAL A 215 8.54 49.50 30.94
CA VAL A 215 9.01 48.37 31.73
C VAL A 215 9.95 48.85 32.84
N GLU A 216 10.74 49.89 32.55
CA GLU A 216 11.72 50.37 33.51
C GLU A 216 11.05 51.07 34.68
N GLN A 217 10.16 52.02 34.41
CA GLN A 217 9.68 52.96 35.41
C GLN A 217 8.32 52.62 35.99
N CYS A 218 7.64 51.60 35.49
CA CYS A 218 6.41 51.15 36.13
C CYS A 218 6.74 50.44 37.43
N PRO A 219 6.31 50.96 38.58
CA PRO A 219 6.69 50.31 39.86
C PRO A 219 6.04 48.96 40.07
N TYR A 220 4.95 48.66 39.36
CA TYR A 220 4.24 47.39 39.50
C TYR A 220 4.68 46.34 38.48
N LYS A 221 5.52 46.72 37.51
CA LYS A 221 6.16 45.78 36.58
C LYS A 221 5.13 45.01 35.75
N LYS A 222 4.06 45.69 35.36
CA LYS A 222 3.06 45.12 34.47
C LYS A 222 3.45 45.19 33.00
N PRO A 223 4.02 46.30 32.49
CA PRO A 223 4.43 46.31 31.08
C PRO A 223 5.57 45.33 30.85
N MET A 224 5.42 44.49 29.84
CA MET A 224 6.37 43.43 29.56
C MET A 224 6.75 43.44 28.10
N TYR A 225 8.03 43.23 27.82
CA TYR A 225 8.57 43.29 26.47
C TYR A 225 8.40 41.93 25.79
N ARG A 226 7.76 41.95 24.63
CA ARG A 226 7.52 40.75 23.85
C ARG A 226 8.67 40.52 22.88
N GLY A 227 9.50 39.53 23.19
CA GLY A 227 10.63 39.21 22.32
C GLY A 227 10.27 39.07 20.85
N LEU A 228 9.13 38.44 20.54
CA LEU A 228 8.76 38.19 19.15
C LEU A 228 8.45 39.48 18.39
N THR A 229 7.66 40.36 18.97
CA THR A 229 7.19 41.56 18.28
C THR A 229 8.12 42.75 18.45
N ARG A 230 9.17 42.61 19.28
CA ARG A 230 10.12 43.67 19.57
C ARG A 230 9.45 44.93 20.12
N VAL A 231 8.30 44.77 20.77
CA VAL A 231 7.58 45.87 21.42
C VAL A 231 7.01 45.34 22.72
N SER A 232 6.62 46.27 23.60
CA SER A 232 6.07 45.90 24.90
C SER A 232 4.54 45.86 24.87
N GLU A 233 3.99 45.03 25.76
CA GLU A 233 2.55 44.85 25.90
C GLU A 233 2.19 44.94 27.37
N LYS A 234 0.91 45.10 27.65
CA LYS A 234 0.43 45.23 29.02
C LYS A 234 -1.03 44.80 29.09
N CYS A 235 -1.52 44.69 30.31
CA CYS A 235 -2.93 44.40 30.53
C CYS A 235 -3.80 45.46 29.88
N ILE A 236 -4.76 45.01 29.06
CA ILE A 236 -5.64 45.90 28.32
C ILE A 236 -6.99 46.05 29.02
N ALA A 237 -7.14 45.52 30.22
CA ALA A 237 -8.40 45.50 30.96
C ALA A 237 -9.53 44.84 30.17
N CYS A 238 -9.16 43.99 29.21
CA CYS A 238 -10.11 43.33 28.30
C CYS A 238 -11.15 44.34 27.82
N TYR A 239 -10.67 45.43 27.22
CA TYR A 239 -11.58 46.51 26.86
C TYR A 239 -12.67 46.11 25.87
N PRO A 240 -12.49 45.12 24.98
CA PRO A 240 -13.64 44.68 24.18
C PRO A 240 -14.77 44.11 25.03
N ARG A 241 -14.46 43.48 26.15
CA ARG A 241 -15.53 42.97 27.03
C ARG A 241 -16.24 44.10 27.74
N ILE A 242 -15.50 45.11 28.18
CA ILE A 242 -16.11 46.27 28.83
C ILE A 242 -16.90 47.09 27.82
N GLU A 243 -16.42 47.18 26.58
CA GLU A 243 -17.15 47.90 25.55
C GLU A 243 -18.44 47.18 25.14
N GLY A 244 -18.72 46.03 25.73
CA GLY A 244 -19.94 45.30 25.43
C GLY A 244 -19.90 44.55 24.12
N ARG A 245 -18.72 44.06 23.73
CA ARG A 245 -18.55 43.40 22.45
C ARG A 245 -18.60 41.88 22.55
N ASP A 246 -19.00 41.36 23.71
CA ASP A 246 -19.23 39.93 23.89
C ASP A 246 -20.74 39.73 23.96
N SER A 247 -21.27 38.90 23.06
CA SER A 247 -22.71 38.73 22.97
C SER A 247 -23.31 38.05 24.19
N LEU A 248 -22.48 37.58 25.14
CA LEU A 248 -23.00 36.92 26.34
C LEU A 248 -23.69 37.92 27.25
N THR A 249 -23.21 39.16 27.30
CA THR A 249 -23.85 40.19 28.09
C THR A 249 -24.80 41.02 27.24
N ASP A 250 -25.01 40.60 26.00
CA ASP A 250 -26.04 41.19 25.13
C ASP A 250 -25.82 42.70 24.98
N GLY A 251 -24.59 43.07 24.61
CA GLY A 251 -24.26 44.47 24.39
C GLY A 251 -23.98 45.27 25.64
N ARG A 252 -24.21 44.70 26.82
CA ARG A 252 -23.94 45.39 28.08
C ARG A 252 -22.46 45.27 28.44
N PRO A 253 -21.91 46.26 29.15
CA PRO A 253 -20.53 46.14 29.62
C PRO A 253 -20.35 44.93 30.51
N MET A 254 -19.33 44.13 30.21
CA MET A 254 -19.05 42.88 30.90
C MET A 254 -17.78 43.03 31.71
N GLU A 255 -17.74 42.40 32.89
CA GLU A 255 -16.54 42.49 33.70
C GLU A 255 -15.40 41.84 32.95
N THR A 256 -14.18 42.31 33.24
CA THR A 256 -13.04 41.78 32.51
C THR A 256 -12.87 40.30 32.78
N ARG A 257 -12.12 39.67 31.88
CA ARG A 257 -12.01 38.22 31.86
C ARG A 257 -11.39 37.66 33.14
N CYS A 258 -10.41 38.36 33.71
CA CYS A 258 -9.81 37.89 34.96
C CYS A 258 -10.75 38.07 36.14
N MET A 259 -11.59 39.10 36.13
CA MET A 259 -12.52 39.30 37.24
C MET A 259 -13.63 38.26 37.21
N SER A 260 -14.16 37.94 36.04
CA SER A 260 -15.25 36.99 35.93
C SER A 260 -14.83 35.59 36.34
N ALA A 261 -13.53 35.28 36.25
CA ALA A 261 -13.01 33.97 36.58
C ALA A 261 -12.88 33.70 38.08
N CYS A 262 -12.96 34.74 38.91
CA CYS A 262 -12.57 34.59 40.32
C CYS A 262 -13.44 33.59 41.06
N VAL A 263 -12.81 32.57 41.62
CA VAL A 263 -13.53 31.43 42.15
C VAL A 263 -13.97 31.67 43.58
N GLY A 264 -13.10 32.24 44.41
CA GLY A 264 -13.45 32.45 45.79
C GLY A 264 -14.26 33.71 46.02
N GLN A 265 -14.92 34.19 44.96
CA GLN A 265 -15.83 35.33 45.02
C GLN A 265 -15.20 36.52 45.77
N ILE A 266 -13.99 36.89 45.39
CA ILE A 266 -13.30 37.96 46.11
C ILE A 266 -13.27 39.30 45.37
N ARG A 267 -13.45 39.31 44.05
CA ARG A 267 -13.27 40.51 43.26
C ARG A 267 -14.58 40.93 42.60
N LEU A 268 -14.89 42.22 42.70
CA LEU A 268 -16.01 42.85 42.02
C LEU A 268 -15.46 43.98 41.17
N GLN A 269 -15.76 43.97 39.88
CA GLN A 269 -15.23 44.95 38.94
C GLN A 269 -16.34 45.87 38.45
N GLY A 270 -16.04 47.16 38.42
CA GLY A 270 -16.98 48.17 37.97
C GLY A 270 -16.28 49.47 37.60
N PHE A 271 -16.88 50.60 37.98
CA PHE A 271 -16.27 51.90 37.75
C PHE A 271 -16.39 52.76 39.00
N LEU A 272 -15.41 53.64 39.19
CA LEU A 272 -15.46 54.63 40.26
C LEU A 272 -16.30 55.81 39.79
N ASP A 273 -17.55 55.88 40.25
CA ASP A 273 -18.43 57.00 39.95
C ASP A 273 -18.28 58.08 41.02
N ASP A 274 -19.12 59.11 40.94
CA ASP A 274 -19.44 59.97 42.06
C ASP A 274 -20.72 59.49 42.75
N ASN A 275 -21.26 58.36 42.30
CA ASN A 275 -22.50 57.80 42.80
C ASN A 275 -22.23 56.98 44.05
N PRO A 276 -22.88 57.27 45.19
CA PRO A 276 -22.68 56.43 46.38
C PRO A 276 -23.52 55.16 46.37
N LYS A 277 -24.39 54.99 45.40
CA LYS A 277 -25.18 53.78 45.24
C LYS A 277 -24.49 52.76 44.34
N ASN A 278 -23.34 53.10 43.80
CA ASN A 278 -22.51 52.16 43.06
C ASN A 278 -21.72 51.32 44.06
N PRO A 279 -21.84 49.99 44.02
CA PRO A 279 -21.12 49.17 45.02
C PRO A 279 -19.61 49.36 44.98
N ILE A 280 -19.05 49.72 43.83
CA ILE A 280 -17.62 50.01 43.75
C ILE A 280 -17.30 51.30 44.51
N THR A 281 -18.00 52.39 44.16
CA THR A 281 -17.75 53.67 44.81
C THR A 281 -18.09 53.63 46.30
N TRP A 282 -19.10 52.85 46.68
CA TRP A 282 -19.48 52.75 48.09
C TRP A 282 -18.36 52.12 48.91
N LEU A 283 -17.79 51.01 48.43
CA LEU A 283 -16.77 50.30 49.18
C LEU A 283 -15.49 51.11 49.32
N ILE A 284 -15.13 51.89 48.30
CA ILE A 284 -13.82 52.53 48.26
C ILE A 284 -13.82 53.87 48.99
N ARG A 285 -14.85 54.69 48.80
CA ARG A 285 -14.84 56.06 49.32
C ARG A 285 -15.81 56.28 50.47
N HIS A 286 -16.89 55.51 50.55
CA HIS A 286 -17.84 55.68 51.64
C HIS A 286 -17.55 54.73 52.80
N GLN A 287 -17.09 53.52 52.51
CA GLN A 287 -16.72 52.57 53.55
C GLN A 287 -15.22 52.53 53.81
N LYS A 288 -14.40 52.94 52.84
CA LYS A 288 -12.94 52.93 52.97
C LYS A 288 -12.44 51.57 53.44
N ILE A 289 -13.07 50.50 52.95
CA ILE A 289 -12.73 49.15 53.35
C ILE A 289 -11.75 48.55 52.35
N ALA A 290 -11.79 49.03 51.12
CA ALA A 290 -10.89 48.59 50.07
C ALA A 290 -9.86 49.68 49.79
N LEU A 291 -8.58 49.30 49.78
CA LEU A 291 -7.49 50.26 49.77
C LEU A 291 -6.51 49.95 48.64
N PRO A 292 -5.84 50.96 48.11
CA PRO A 292 -4.95 50.74 46.96
C PRO A 292 -3.65 50.06 47.36
N LEU A 293 -3.03 49.43 46.36
CA LEU A 293 -1.78 48.72 46.56
C LEU A 293 -0.61 49.70 46.42
N TYR A 294 0.18 49.82 47.48
CA TYR A 294 1.35 50.69 47.57
C TYR A 294 1.05 52.09 47.01
N PRO A 295 0.22 52.88 47.70
CA PRO A 295 0.04 54.28 47.26
C PRO A 295 1.29 55.10 47.41
N GLN A 296 2.31 54.60 48.12
CA GLN A 296 3.59 55.27 48.23
C GLN A 296 4.17 55.63 46.87
N PHE A 297 3.97 54.75 45.89
CA PHE A 297 4.54 54.96 44.57
C PHE A 297 4.02 56.22 43.89
N GLY A 298 2.77 56.59 44.15
CA GLY A 298 2.24 57.82 43.61
C GLY A 298 1.54 57.71 42.27
N THR A 299 1.12 56.52 41.87
CA THR A 299 0.45 56.38 40.59
C THR A 299 -1.07 56.47 40.70
N GLU A 300 -1.62 56.43 41.91
CA GLU A 300 -3.05 56.26 42.15
C GLU A 300 -3.56 54.98 41.50
N PRO A 301 -3.22 53.81 42.05
CA PRO A 301 -3.81 52.57 41.56
C PRO A 301 -5.31 52.57 41.73
N ASN A 302 -5.99 51.76 40.91
CA ASN A 302 -7.43 51.69 40.97
C ASN A 302 -7.92 50.25 41.15
N ILE A 303 -7.09 49.40 41.74
CA ILE A 303 -7.50 48.10 42.25
C ILE A 303 -7.36 48.16 43.76
N TYR A 304 -8.47 48.09 44.47
CA TYR A 304 -8.51 48.31 45.91
C TYR A 304 -8.78 46.99 46.63
N TYR A 305 -8.10 46.80 47.75
CA TYR A 305 -8.11 45.53 48.46
C TYR A 305 -8.69 45.70 49.85
N ILE A 306 -9.47 44.70 50.28
CA ILE A 306 -9.87 44.56 51.67
C ILE A 306 -8.75 43.80 52.39
N PRO A 307 -8.07 44.41 53.35
CA PRO A 307 -6.85 43.80 53.91
C PRO A 307 -7.15 42.50 54.63
N PRO A 308 -6.16 41.62 54.76
CA PRO A 308 -6.37 40.40 55.55
C PRO A 308 -6.56 40.71 57.02
N ARG A 309 -7.51 40.01 57.65
CA ARG A 309 -7.79 40.20 59.06
C ARG A 309 -6.67 39.70 59.95
N TRP A 310 -5.79 38.84 59.45
CA TRP A 310 -4.85 38.10 60.28
C TRP A 310 -3.40 38.54 60.12
N ALA A 311 -3.09 39.37 59.14
CA ALA A 311 -1.71 39.73 58.89
C ALA A 311 -1.27 40.82 59.87
N PRO A 312 0.03 40.92 60.14
CA PRO A 312 0.53 42.00 61.00
C PRO A 312 0.11 43.35 60.47
N ARG A 313 -0.45 44.17 61.36
CA ARG A 313 -1.00 45.44 60.92
C ARG A 313 0.10 46.37 60.40
N ALA A 314 1.31 46.28 60.95
CA ALA A 314 2.40 47.13 60.49
C ALA A 314 2.72 46.89 59.02
N TYR A 315 2.81 45.62 58.63
CA TYR A 315 3.04 45.30 57.23
C TYR A 315 1.87 45.77 56.36
N LEU A 316 0.65 45.59 56.85
CA LEU A 316 -0.53 45.98 56.07
C LEU A 316 -0.61 47.49 55.86
N ARG A 317 -0.31 48.30 56.88
CA ARG A 317 -0.33 49.75 56.68
C ARG A 317 0.71 50.20 55.66
N GLN A 318 1.89 49.59 55.68
CA GLN A 318 2.92 49.99 54.72
C GLN A 318 2.53 49.63 53.29
N MET A 319 1.62 48.68 53.11
CA MET A 319 1.20 48.21 51.80
C MET A 319 -0.07 48.90 51.31
N PHE A 320 -1.02 49.18 52.19
CA PHE A 320 -2.31 49.75 51.79
C PHE A 320 -2.59 51.12 52.41
N GLY A 321 -1.62 51.69 53.13
CA GLY A 321 -1.82 52.99 53.74
C GLY A 321 -2.39 52.88 55.14
N PRO A 322 -2.78 54.02 55.72
CA PRO A 322 -3.24 54.02 57.12
C PRO A 322 -4.67 53.57 57.32
N GLY A 323 -5.46 53.45 56.26
CA GLY A 323 -6.86 53.04 56.38
C GLY A 323 -7.07 51.59 56.73
N VAL A 324 -5.99 50.81 56.90
CA VAL A 324 -6.10 49.37 57.11
C VAL A 324 -6.88 49.06 58.37
N ASP A 325 -6.61 49.77 59.46
CA ASP A 325 -7.19 49.42 60.77
C ASP A 325 -8.71 49.49 60.74
N GLU A 326 -9.27 50.55 60.16
CA GLU A 326 -10.72 50.70 60.11
C GLU A 326 -11.37 49.77 59.10
N ALA A 327 -10.64 49.38 58.05
CA ALA A 327 -11.20 48.44 57.07
C ALA A 327 -11.42 47.07 57.69
N ILE A 328 -10.44 46.57 58.45
CA ILE A 328 -10.56 45.26 59.07
C ILE A 328 -11.66 45.26 60.13
N GLU A 329 -11.76 46.34 60.91
CA GLU A 329 -12.79 46.42 61.94
C GLU A 329 -14.18 46.30 61.33
N LYS A 330 -14.39 46.91 60.16
CA LYS A 330 -15.66 46.79 59.47
C LYS A 330 -15.89 45.38 58.95
N PHE A 331 -14.83 44.72 58.45
CA PHE A 331 -15.01 43.43 57.80
C PHE A 331 -15.24 42.30 58.79
N MET A 332 -14.48 42.24 59.89
CA MET A 332 -14.53 41.09 60.77
C MET A 332 -15.91 40.90 61.38
N VAL A 333 -16.63 41.99 61.62
CA VAL A 333 -18.03 41.94 62.02
C VAL A 333 -18.79 42.77 61.00
N PRO A 334 -19.25 42.18 59.90
CA PRO A 334 -19.82 42.99 58.81
C PRO A 334 -21.11 43.66 59.24
N SER A 335 -21.25 44.93 58.86
CA SER A 335 -22.52 45.60 58.97
C SER A 335 -23.54 44.91 58.06
N ARG A 336 -24.81 45.24 58.27
CA ARG A 336 -25.87 44.64 57.45
C ARG A 336 -25.69 44.95 55.98
N GLU A 337 -25.31 46.19 55.64
CA GLU A 337 -25.23 46.55 54.22
C GLU A 337 -23.96 46.03 53.57
N LEU A 338 -22.86 45.90 54.30
CA LEU A 338 -21.64 45.38 53.69
C LEU A 338 -21.78 43.90 53.37
N LEU A 339 -22.37 43.11 54.29
CA LEU A 339 -22.55 41.69 54.04
C LEU A 339 -23.43 41.45 52.82
N ALA A 340 -24.45 42.31 52.63
CA ALA A 340 -25.27 42.20 51.43
C ALA A 340 -24.49 42.60 50.18
N VAL A 341 -23.64 43.61 50.29
CA VAL A 341 -22.82 44.02 49.15
C VAL A 341 -21.74 42.99 48.87
N MET A 342 -21.17 42.40 49.93
CA MET A 342 -20.20 41.33 49.74
C MET A 342 -20.84 40.09 49.11
N SER A 343 -22.13 39.86 49.40
CA SER A 343 -22.86 38.77 48.77
C SER A 343 -23.21 39.05 47.31
N LEU A 344 -22.81 40.21 46.78
CA LEU A 344 -23.01 40.54 45.38
C LEU A 344 -21.81 40.17 44.52
N PHE A 345 -20.67 39.83 45.14
CA PHE A 345 -19.45 39.55 44.39
C PHE A 345 -19.62 38.28 43.57
N ARG A 346 -19.25 38.36 42.29
CA ARG A 346 -19.20 37.20 41.40
C ARG A 346 -20.52 36.44 41.35
N MET A 347 -21.63 37.18 41.32
CA MET A 347 -22.94 36.58 41.09
C MET A 347 -23.35 36.63 39.62
N THR A 348 -22.80 37.58 38.86
CA THR A 348 -23.03 37.69 37.42
C THR A 348 -21.75 38.15 36.76
N GLN A 349 -21.69 38.00 35.44
CA GLN A 349 -20.57 38.51 34.67
C GLN A 349 -20.82 39.91 34.13
N THR A 350 -22.05 40.40 34.19
CA THR A 350 -22.36 41.74 33.71
C THR A 350 -22.01 42.76 34.78
N ILE A 351 -21.43 43.88 34.36
CA ILE A 351 -21.04 44.92 35.30
C ILE A 351 -22.30 45.55 35.90
N VAL A 352 -22.29 45.73 37.22
CA VAL A 352 -23.40 46.33 37.94
C VAL A 352 -22.99 47.74 38.36
N TYR A 353 -23.80 48.71 37.99
CA TYR A 353 -23.50 50.11 38.27
C TYR A 353 -24.17 50.65 39.53
N GLU A 354 -25.28 50.05 39.95
CA GLU A 354 -25.95 50.47 41.17
C GLU A 354 -26.51 49.24 41.89
N TYR A 355 -26.56 49.34 43.22
CA TYR A 355 -27.14 48.28 44.05
C TYR A 355 -28.22 48.85 44.97
N LYS A 356 -29.14 47.99 45.37
CA LYS A 356 -30.11 48.31 46.41
C LYS A 356 -30.69 47.00 46.94
N ILE A 357 -31.11 47.04 48.21
CA ILE A 357 -31.39 45.86 49.01
C ILE A 357 -32.87 45.80 49.39
N GLU A 358 -33.47 44.62 49.23
CA GLU A 358 -34.81 44.33 49.75
C GLU A 358 -34.66 43.50 51.02
N GLU A 359 -35.26 43.97 52.11
CA GLU A 359 -34.95 43.42 53.42
C GLU A 359 -35.70 42.12 53.69
N GLY A 360 -35.06 41.25 54.46
CA GLY A 360 -35.57 39.94 54.80
C GLY A 360 -35.49 39.67 56.29
N PRO A 361 -35.99 38.51 56.72
CA PRO A 361 -35.99 38.20 58.15
C PRO A 361 -34.61 37.94 58.70
N LYS A 362 -34.48 38.15 60.01
CA LYS A 362 -33.24 37.85 60.72
C LYS A 362 -33.05 36.35 60.86
N VAL A 363 -31.84 35.87 60.61
CA VAL A 363 -31.55 34.44 60.57
C VAL A 363 -30.64 34.00 61.72
N PHE A 364 -29.71 34.85 62.14
CA PHE A 364 -28.74 34.45 63.16
C PHE A 364 -28.13 35.71 63.76
N GLU A 365 -27.80 35.63 65.06
CA GLU A 365 -27.18 36.74 65.77
C GLU A 365 -26.37 36.23 66.95
N THR A 366 -25.21 36.84 67.17
CA THR A 366 -24.30 36.46 68.25
C THR A 366 -23.34 37.61 68.51
N GLU A 367 -22.54 37.46 69.57
CA GLU A 367 -21.49 38.42 69.89
C GLU A 367 -20.15 37.82 69.51
N ILE A 368 -19.37 38.56 68.73
CA ILE A 368 -18.12 38.04 68.15
C ILE A 368 -17.12 39.18 68.04
N HIS A 369 -15.86 38.88 68.35
CA HIS A 369 -14.76 39.85 68.28
C HIS A 369 -15.07 41.10 69.10
N GLY A 370 -15.77 40.90 70.22
CA GLY A 370 -16.08 41.93 71.19
C GLY A 370 -17.26 42.83 70.88
N LYS A 371 -17.96 42.62 69.77
CA LYS A 371 -19.16 43.39 69.47
C LYS A 371 -20.22 42.46 68.89
N LYS A 372 -21.45 42.97 68.80
CA LYS A 372 -22.61 42.17 68.43
C LYS A 372 -22.85 42.15 66.92
N PHE A 373 -23.01 40.94 66.39
CA PHE A 373 -23.26 40.71 64.97
C PHE A 373 -24.65 40.11 64.78
N THR A 374 -25.47 40.75 63.95
CA THR A 374 -26.77 40.22 63.55
C THR A 374 -26.81 40.08 62.04
N MET A 375 -27.44 39.00 61.58
CA MET A 375 -27.47 38.69 60.16
C MET A 375 -28.91 38.46 59.72
N TYR A 376 -29.28 39.09 58.61
CA TYR A 376 -30.62 39.01 58.04
C TYR A 376 -30.51 38.42 56.64
N ASN A 377 -31.56 37.72 56.21
CA ASN A 377 -31.54 37.13 54.86
C ASN A 377 -32.05 38.14 53.84
N ASP A 378 -31.25 39.19 53.62
CA ASP A 378 -31.68 40.21 52.69
C ASP A 378 -31.40 39.77 51.26
N THR A 379 -32.13 40.38 50.35
CA THR A 379 -31.99 40.14 48.92
C THR A 379 -31.29 41.37 48.32
N VAL A 380 -30.06 41.17 47.86
CA VAL A 380 -29.29 42.26 47.25
C VAL A 380 -29.54 42.22 45.74
N ILE A 381 -29.67 43.41 45.14
CA ILE A 381 -30.05 43.55 43.74
C ILE A 381 -29.06 44.49 43.06
N GLY A 382 -28.61 44.10 41.87
CA GLY A 382 -27.70 44.93 41.09
C GLY A 382 -28.33 45.36 39.78
N PHE A 383 -28.02 46.59 39.36
CA PHE A 383 -28.59 47.17 38.17
C PHE A 383 -27.51 47.56 37.18
N GLY A 384 -27.88 47.62 35.91
CA GLY A 384 -26.98 47.92 34.84
C GLY A 384 -26.82 49.40 34.57
N GLU A 385 -26.31 49.70 33.37
CA GLU A 385 -26.04 51.09 33.01
C GLU A 385 -27.31 51.90 32.81
N ASP A 386 -28.41 51.23 32.42
CA ASP A 386 -29.70 51.87 32.21
C ASP A 386 -30.63 51.77 33.41
N GLY A 387 -30.20 51.19 34.51
CA GLY A 387 -31.10 51.01 35.62
C GLY A 387 -31.83 49.68 35.61
N LYS A 388 -31.59 48.88 34.58
CA LYS A 388 -32.26 47.58 34.47
C LYS A 388 -31.62 46.60 35.44
N GLU A 389 -32.42 45.74 36.04
CA GLU A 389 -31.91 44.72 36.98
C GLU A 389 -31.14 43.68 36.16
N VAL A 390 -29.96 43.29 36.61
CA VAL A 390 -29.11 42.32 35.94
C VAL A 390 -28.74 41.15 36.85
N VAL A 391 -28.90 41.28 38.16
CA VAL A 391 -28.48 40.24 39.10
C VAL A 391 -29.31 40.36 40.36
N ARG A 392 -29.49 39.24 41.05
CA ARG A 392 -30.17 39.22 42.34
C ARG A 392 -29.82 37.93 43.07
N THR A 393 -29.60 38.02 44.38
CA THR A 393 -29.31 36.84 45.19
C THR A 393 -29.65 37.14 46.64
N THR A 394 -29.72 36.08 47.43
CA THR A 394 -30.01 36.15 48.85
C THR A 394 -28.74 36.00 49.67
N VAL A 395 -28.78 36.53 50.90
CA VAL A 395 -27.60 36.46 51.77
C VAL A 395 -27.43 35.05 52.34
N GLU A 396 -28.53 34.39 52.67
CA GLU A 396 -28.51 33.08 53.30
C GLU A 396 -29.13 32.05 52.37
N GLU A 397 -28.64 30.81 52.48
CA GLU A 397 -29.08 29.75 51.59
C GLU A 397 -30.43 29.20 52.03
N PRO A 398 -31.32 28.90 51.08
CA PRO A 398 -32.59 28.26 51.43
C PRO A 398 -32.38 26.77 51.73
N ILE A 399 -33.41 26.16 52.31
CA ILE A 399 -33.41 24.76 52.68
C ILE A 399 -34.66 24.11 52.10
N HIS A 400 -34.46 23.00 51.40
CA HIS A 400 -35.59 22.26 50.83
C HIS A 400 -35.76 20.91 51.53
N ILE A 401 -37.00 20.49 51.69
CA ILE A 401 -37.33 19.22 52.31
C ILE A 401 -38.13 18.44 51.28
N ARG A 402 -37.77 17.17 51.12
CA ARG A 402 -38.33 16.29 50.12
C ARG A 402 -39.08 15.12 50.71
N PRO A 403 -39.87 14.39 49.91
CA PRO A 403 -40.59 13.20 50.43
C PRO A 403 -39.64 12.25 51.14
N ASP A 404 -40.19 11.54 52.13
CA ASP A 404 -39.37 10.65 52.95
C ASP A 404 -38.90 9.41 52.21
N LYS A 405 -39.42 9.14 51.01
CA LYS A 405 -38.89 8.09 50.16
C LYS A 405 -37.46 8.39 49.71
N HIS A 406 -37.04 9.66 49.74
CA HIS A 406 -35.66 10.05 49.48
C HIS A 406 -34.87 9.99 50.78
N TYR A 407 -33.56 9.76 50.65
CA TYR A 407 -32.70 9.64 51.83
C TYR A 407 -31.47 10.51 51.69
N ASN A 408 -30.96 10.95 52.85
CA ASN A 408 -29.66 11.62 52.94
C ASN A 408 -28.55 10.68 53.35
N SER A 409 -28.84 9.79 54.30
CA SER A 409 -27.85 8.84 54.82
C SER A 409 -27.67 7.70 53.83
N ILE A 410 -27.00 8.02 52.73
CA ILE A 410 -26.68 7.04 51.71
C ILE A 410 -25.24 7.23 51.25
N PHE B 28 -2.34 63.96 -3.15
CA PHE B 28 -1.96 65.33 -3.47
C PHE B 28 -2.22 66.27 -2.31
N ARG B 29 -3.10 65.86 -1.41
CA ARG B 29 -3.40 66.65 -0.23
C ARG B 29 -2.20 66.65 0.69
N LEU B 30 -2.08 67.71 1.49
CA LEU B 30 -0.90 67.88 2.34
C LEU B 30 -0.74 66.68 3.26
N LEU B 31 0.49 66.19 3.35
CA LEU B 31 0.80 64.99 4.10
C LEU B 31 1.09 65.37 5.55
N LYS B 32 0.60 64.54 6.48
CA LYS B 32 1.01 64.66 7.87
C LYS B 32 2.31 63.86 7.97
N PRO B 33 3.47 64.50 8.02
CA PRO B 33 4.73 63.73 8.00
C PRO B 33 4.93 62.93 9.27
N ALA B 34 4.46 63.46 10.40
CA ALA B 34 4.71 62.84 11.68
C ALA B 34 3.47 62.95 12.55
N VAL B 35 3.33 62.01 13.48
CA VAL B 35 2.19 61.98 14.39
C VAL B 35 2.58 62.66 15.70
N VAL B 36 1.77 63.62 16.11
CA VAL B 36 2.02 64.42 17.31
C VAL B 36 0.99 64.05 18.36
N VAL B 37 1.46 63.82 19.59
CA VAL B 37 0.61 63.50 20.73
C VAL B 37 0.83 64.60 21.78
N ASP B 38 -0.26 65.11 22.34
CA ASP B 38 -0.16 66.25 23.27
C ASP B 38 -0.08 65.79 24.72
N ASN B 39 -1.14 65.17 25.22
CA ASN B 39 -1.19 64.70 26.61
C ASN B 39 -1.86 63.33 26.62
N PRO B 40 -1.10 62.27 26.85
CA PRO B 40 -1.69 60.92 26.83
C PRO B 40 -2.80 60.73 27.85
N LEU B 41 -2.77 61.44 28.98
CA LEU B 41 -3.87 61.37 29.93
C LEU B 41 -5.16 61.90 29.34
N ASP B 42 -5.07 62.94 28.51
CA ASP B 42 -6.27 63.64 28.04
C ASP B 42 -6.77 63.10 26.71
N THR B 43 -5.89 63.07 25.70
CA THR B 43 -6.36 62.81 24.35
C THR B 43 -5.27 62.08 23.58
N TYR B 44 -5.71 61.28 22.60
CA TYR B 44 -4.81 60.52 21.77
C TYR B 44 -5.21 60.71 20.31
N PRO B 45 -4.24 60.91 19.42
CA PRO B 45 -4.58 61.29 18.04
C PRO B 45 -5.32 60.21 17.30
N ASP B 46 -4.78 59.00 17.31
CA ASP B 46 -5.39 57.92 16.50
C ASP B 46 -5.51 56.64 17.32
N ARG B 47 -6.72 56.07 17.41
CA ARG B 47 -6.94 54.81 18.17
C ARG B 47 -7.48 53.71 17.26
N ARG B 48 -7.35 53.81 15.96
CA ARG B 48 -7.83 52.76 15.06
C ARG B 48 -7.14 51.42 15.32
N TRP B 49 -5.93 51.45 15.90
CA TRP B 49 -5.22 50.20 16.17
C TRP B 49 -5.95 49.30 17.16
N GLU B 50 -6.84 49.86 17.98
CA GLU B 50 -7.42 49.11 19.09
C GLU B 50 -8.19 47.88 18.63
N SER B 51 -8.53 47.77 17.35
CA SER B 51 -9.18 46.58 16.84
C SER B 51 -8.30 45.34 17.02
N VAL B 52 -7.00 45.52 17.24
CA VAL B 52 -6.08 44.40 17.39
C VAL B 52 -6.60 43.40 18.42
N TYR B 53 -6.93 43.91 19.62
CA TYR B 53 -7.39 43.03 20.69
C TYR B 53 -8.84 42.61 20.52
N ARG B 54 -9.67 43.45 19.89
CA ARG B 54 -11.05 43.05 19.64
C ARG B 54 -11.13 41.92 18.62
N ASP B 55 -10.21 41.90 17.67
CA ASP B 55 -10.14 40.80 16.68
C ASP B 55 -9.68 39.52 17.38
N GLN B 56 -8.76 39.64 18.32
CA GLN B 56 -8.25 38.46 19.05
C GLN B 56 -9.34 37.85 19.92
N TYR B 57 -10.15 38.66 20.59
CA TYR B 57 -11.19 38.13 21.50
C TYR B 57 -12.39 37.48 20.81
N GLN B 58 -12.55 37.71 19.53
CA GLN B 58 -13.68 37.20 18.72
C GLN B 58 -13.77 35.67 18.66
N TYR B 59 -14.97 35.13 18.81
CA TYR B 59 -15.23 33.71 18.70
C TYR B 59 -16.51 33.52 17.89
N ASP B 60 -16.71 32.31 17.35
CA ASP B 60 -17.87 32.06 16.50
C ASP B 60 -19.01 31.37 17.23
N ARG B 61 -18.71 30.38 18.04
CA ARG B 61 -19.71 29.56 18.69
C ARG B 61 -19.24 29.26 20.10
N THR B 62 -20.18 28.79 20.89
CA THR B 62 -19.91 28.44 22.28
C THR B 62 -20.56 27.09 22.50
N PHE B 63 -19.96 26.28 23.35
CA PHE B 63 -20.51 24.97 23.65
C PHE B 63 -20.27 24.65 25.12
N THR B 64 -20.95 23.62 25.60
CA THR B 64 -20.97 23.29 27.01
C THR B 64 -20.64 21.81 27.26
N TYR B 65 -19.75 21.56 28.22
CA TYR B 65 -19.42 20.20 28.64
C TYR B 65 -19.21 20.21 30.16
N CYS B 66 -18.80 19.06 30.69
CA CYS B 66 -18.53 18.89 32.11
C CYS B 66 -17.10 18.40 32.28
N CYS B 67 -16.31 19.14 33.06
CA CYS B 67 -14.96 18.72 33.43
C CYS B 67 -15.06 17.75 34.61
N SER B 68 -14.59 16.51 34.43
CA SER B 68 -14.78 15.47 35.44
C SER B 68 -13.50 14.67 35.68
N PRO B 69 -12.46 15.31 36.25
CA PRO B 69 -11.20 14.57 36.49
C PRO B 69 -11.03 14.01 37.90
N ASN B 70 -12.05 13.49 38.58
CA ASN B 70 -11.93 13.15 40.00
C ASN B 70 -11.69 14.43 40.79
N ASP B 71 -12.16 15.56 40.27
CA ASP B 71 -12.02 16.84 41.02
C ASP B 71 -12.89 16.78 42.28
N THR B 72 -14.05 16.12 42.14
CA THR B 72 -15.16 16.03 43.10
C THR B 72 -16.13 17.18 42.90
N HIS B 73 -15.92 18.02 41.89
CA HIS B 73 -16.76 19.17 41.62
C HIS B 73 -17.58 19.06 40.36
N ALA B 74 -17.06 18.38 39.33
CA ALA B 74 -17.79 18.12 38.09
C ALA B 74 -18.42 19.40 37.52
N CYS B 75 -17.59 20.42 37.36
CA CYS B 75 -18.08 21.73 36.96
C CYS B 75 -18.73 21.68 35.58
N ARG B 76 -19.76 22.52 35.41
CA ARG B 76 -20.41 22.71 34.13
C ARG B 76 -19.72 23.85 33.41
N ILE B 77 -19.25 23.58 32.20
CA ILE B 77 -18.24 24.40 31.54
C ILE B 77 -18.77 24.99 30.24
N ARG B 78 -18.42 26.25 29.97
CA ARG B 78 -18.72 26.91 28.71
C ARG B 78 -17.42 27.32 28.03
N ALA B 79 -17.12 26.72 26.89
CA ALA B 79 -15.91 26.98 26.13
C ALA B 79 -16.23 27.80 24.89
N PHE B 80 -15.29 28.67 24.50
CA PHE B 80 -15.45 29.52 23.32
C PHE B 80 -14.63 28.96 22.17
N VAL B 81 -15.24 28.87 20.99
CA VAL B 81 -14.63 28.28 19.81
C VAL B 81 -14.45 29.36 18.75
N ARG B 82 -13.32 29.34 18.07
CA ARG B 82 -13.09 30.27 16.94
C ARG B 82 -12.67 29.40 15.77
N ASN B 83 -13.43 29.42 14.69
CA ASN B 83 -13.22 28.63 13.48
C ASN B 83 -12.99 27.16 13.82
N ASN B 84 -13.91 26.62 14.61
CA ASN B 84 -13.93 25.20 14.99
C ASN B 84 -12.67 24.78 15.75
N VAL B 85 -12.04 25.72 16.45
CA VAL B 85 -10.91 25.44 17.33
C VAL B 85 -11.29 25.94 18.73
N MET B 86 -11.15 25.07 19.72
CA MET B 86 -11.43 25.45 21.10
C MET B 86 -10.33 26.38 21.60
N MET B 87 -10.70 27.63 21.84
CA MET B 87 -9.70 28.67 22.15
C MET B 87 -9.56 28.93 23.64
N ARG B 88 -10.66 29.06 24.34
CA ARG B 88 -10.62 29.35 25.79
C ARG B 88 -11.87 28.78 26.42
N VAL B 89 -12.04 29.01 27.71
CA VAL B 89 -13.20 28.48 28.46
C VAL B 89 -13.63 29.53 29.48
N GLU B 90 -14.85 29.42 29.96
CA GLU B 90 -15.29 30.34 31.03
C GLU B 90 -16.38 29.67 31.82
N GLN B 91 -16.62 30.16 33.03
CA GLN B 91 -17.71 29.61 33.81
C GLN B 91 -19.04 29.88 33.11
N ASN B 92 -20.00 29.00 33.36
CA ASN B 92 -21.29 29.14 32.72
C ASN B 92 -22.19 30.15 33.43
N TYR B 93 -21.95 30.40 34.72
CA TYR B 93 -22.81 31.25 35.54
C TYR B 93 -24.26 30.79 35.40
N ASP B 94 -24.47 29.53 35.79
CA ASP B 94 -25.72 28.82 35.54
C ASP B 94 -26.40 28.23 36.76
N HIS B 95 -25.82 28.39 37.96
CA HIS B 95 -26.33 27.67 39.11
C HIS B 95 -27.73 28.12 39.51
N GLN B 96 -28.05 29.40 39.30
CA GLN B 96 -29.41 29.89 39.51
C GLN B 96 -30.44 29.01 38.80
N ASN B 97 -30.09 28.45 37.65
CA ASN B 97 -31.03 27.72 36.81
C ASN B 97 -31.14 26.24 37.20
N TYR B 98 -30.28 25.74 38.07
CA TYR B 98 -30.35 24.33 38.44
C TYR B 98 -31.59 24.06 39.28
N SER B 99 -32.30 22.96 39.00
CA SER B 99 -33.55 22.61 39.68
C SER B 99 -33.75 21.09 39.60
N ASP B 100 -34.74 20.62 40.34
CA ASP B 100 -35.07 19.18 40.39
C ASP B 100 -36.46 18.96 39.83
N LEU B 101 -36.93 17.73 39.92
CA LEU B 101 -38.27 17.31 39.43
C LEU B 101 -39.34 18.10 40.16
N TYR B 102 -39.18 18.28 41.46
CA TYR B 102 -40.22 18.92 42.29
C TYR B 102 -40.30 20.41 42.03
N GLY B 103 -39.31 20.97 41.36
CA GLY B 103 -39.30 22.42 41.08
C GLY B 103 -38.45 23.19 42.03
N ASN B 104 -37.77 22.52 42.94
CA ASN B 104 -36.87 23.20 43.89
C ASN B 104 -35.66 23.68 43.10
N LYS B 105 -35.08 24.80 43.48
CA LYS B 105 -34.00 25.35 42.64
C LYS B 105 -32.77 25.67 43.48
N ALA B 106 -31.66 25.87 42.80
CA ALA B 106 -30.44 26.28 43.46
C ALA B 106 -30.36 27.82 43.45
N THR B 107 -29.26 28.35 43.95
CA THR B 107 -29.06 29.79 44.09
C THR B 107 -27.93 30.27 43.18
N ARG B 108 -27.84 31.60 43.02
CA ARG B 108 -26.68 32.17 42.35
C ARG B 108 -25.46 32.18 43.26
N ASN B 109 -25.60 31.82 44.53
CA ASN B 109 -24.47 31.84 45.46
C ASN B 109 -23.49 30.71 45.18
N TRP B 110 -23.80 29.85 44.23
CA TRP B 110 -22.94 28.69 43.91
C TRP B 110 -21.90 29.08 42.87
N ASN B 111 -22.07 30.25 42.27
CA ASN B 111 -21.26 30.78 41.15
C ASN B 111 -19.88 31.23 41.63
N PRO B 112 -18.88 31.47 40.77
CA PRO B 112 -18.71 30.84 39.46
C PRO B 112 -18.26 29.37 39.51
N ARG B 113 -17.41 29.07 40.47
CA ARG B 113 -16.97 27.69 40.77
C ARG B 113 -16.23 26.97 39.64
N MET B 114 -14.97 27.30 39.43
CA MET B 114 -14.13 26.58 38.48
C MET B 114 -12.71 26.60 39.03
N CYS B 115 -11.84 25.75 38.51
CA CYS B 115 -10.44 25.82 38.92
C CYS B 115 -9.56 26.31 37.76
N LEU B 116 -8.35 26.74 38.12
CA LEU B 116 -7.38 27.14 37.10
C LEU B 116 -7.12 26.03 36.10
N LYS B 117 -7.16 24.77 36.55
CA LYS B 117 -6.90 23.67 35.64
C LYS B 117 -8.03 23.52 34.62
N GLY B 118 -9.24 23.92 35.00
CA GLY B 118 -10.33 23.94 34.03
C GLY B 118 -10.06 24.89 32.89
N TYR B 119 -9.43 26.04 33.19
CA TYR B 119 -9.15 27.03 32.16
C TYR B 119 -8.08 26.59 31.17
N THR B 120 -7.19 25.68 31.57
CA THR B 120 -6.09 25.27 30.71
C THR B 120 -6.26 23.85 30.18
N PHE B 121 -7.49 23.32 30.19
CA PHE B 121 -7.70 21.95 29.71
C PHE B 121 -7.42 21.83 28.21
N HIS B 122 -7.70 22.87 27.45
CA HIS B 122 -7.45 22.84 26.00
C HIS B 122 -5.97 22.79 25.69
N ARG B 123 -5.13 23.31 26.58
CA ARG B 123 -3.69 23.14 26.40
C ARG B 123 -3.29 21.67 26.46
N ARG B 124 -4.07 20.87 27.16
CA ARG B 124 -3.85 19.42 27.17
C ARG B 124 -4.51 18.77 25.98
N VAL B 125 -5.63 19.34 25.53
CA VAL B 125 -6.38 18.76 24.42
C VAL B 125 -5.56 18.82 23.14
N TYR B 126 -4.94 19.97 22.86
CA TYR B 126 -4.06 20.12 21.70
C TYR B 126 -2.59 20.08 22.12
N GLY B 127 -2.22 19.20 23.04
CA GLY B 127 -0.90 19.24 23.62
C GLY B 127 0.04 18.17 23.11
N PRO B 128 1.31 18.28 23.50
CA PRO B 128 2.34 17.35 23.01
C PRO B 128 2.39 16.02 23.75
N TYR B 129 1.64 15.86 24.83
CA TYR B 129 1.62 14.63 25.61
C TYR B 129 0.43 13.76 25.26
N ARG B 130 -0.35 14.18 24.27
CA ARG B 130 -1.59 13.54 23.90
C ARG B 130 -1.39 12.15 23.29
N LEU B 131 -2.27 11.22 23.65
CA LEU B 131 -2.35 9.95 22.95
C LEU B 131 -2.99 10.15 21.59
N ARG B 132 -2.41 9.55 20.56
CA ARG B 132 -2.87 9.77 19.20
C ARG B 132 -3.43 8.54 18.51
N TYR B 133 -3.08 7.35 18.95
CA TYR B 133 -3.47 6.11 18.27
C TYR B 133 -3.21 4.95 19.21
N PRO B 134 -3.89 3.82 19.02
CA PRO B 134 -3.68 2.67 19.90
C PRO B 134 -2.23 2.21 19.89
N LEU B 135 -1.75 1.78 21.07
CA LEU B 135 -0.38 1.36 21.25
C LEU B 135 -0.32 -0.05 21.79
N ILE B 136 0.64 -0.82 21.28
CA ILE B 136 0.96 -2.15 21.80
C ILE B 136 2.47 -2.24 21.95
N ARG B 137 2.93 -2.84 23.04
CA ARG B 137 4.36 -2.94 23.30
C ARG B 137 4.97 -4.02 22.44
N LYS B 138 6.17 -3.74 21.93
CA LYS B 138 6.82 -4.65 20.99
C LYS B 138 7.08 -6.01 21.62
N GLY B 139 7.58 -6.03 22.85
CA GLY B 139 7.88 -7.31 23.48
C GLY B 139 6.67 -8.09 23.95
N TRP B 140 5.47 -7.54 23.80
CA TRP B 140 4.26 -8.30 24.08
C TRP B 140 3.61 -8.80 22.80
N LYS B 141 3.60 -7.97 21.75
CA LYS B 141 3.19 -8.44 20.44
C LYS B 141 4.10 -9.55 19.96
N ARG B 142 5.40 -9.43 20.27
N ARG B 142 5.40 -9.43 20.28
CA ARG B 142 6.35 -10.51 19.97
CA ARG B 142 6.33 -10.51 19.96
C ARG B 142 5.97 -11.79 20.70
C ARG B 142 5.97 -11.79 20.70
N TRP B 143 5.64 -11.67 21.99
CA TRP B 143 5.22 -12.83 22.77
C TRP B 143 3.93 -13.43 22.24
N ALA B 144 2.99 -12.56 21.82
CA ALA B 144 1.74 -13.05 21.25
C ALA B 144 1.96 -13.71 19.89
N ASP B 145 2.96 -13.28 19.14
CA ASP B 145 3.20 -13.82 17.81
C ASP B 145 3.97 -15.14 17.85
N ASP B 146 4.67 -15.41 18.95
CA ASP B 146 5.40 -16.66 19.09
C ASP B 146 4.55 -17.77 19.71
N GLY B 147 3.27 -17.52 19.94
CA GLY B 147 2.37 -18.53 20.45
C GLY B 147 2.14 -18.51 21.95
N PHE B 148 2.43 -17.40 22.62
CA PHE B 148 2.28 -17.28 24.06
C PHE B 148 3.03 -18.39 24.82
N PRO B 149 4.36 -18.48 24.62
CA PRO B 149 5.11 -19.53 25.31
C PRO B 149 5.15 -19.28 26.82
N GLU B 150 5.50 -20.33 27.56
CA GLU B 150 5.55 -20.23 29.01
C GLU B 150 6.55 -19.16 29.43
N LEU B 151 6.12 -18.30 30.36
CA LEU B 151 6.93 -17.16 30.77
C LEU B 151 7.91 -17.56 31.86
N THR B 152 8.90 -18.35 31.44
CA THR B 152 10.04 -18.62 32.29
C THR B 152 10.84 -17.33 32.45
N PRO B 153 11.69 -17.23 33.47
CA PRO B 153 12.49 -16.01 33.62
C PRO B 153 13.21 -15.62 32.36
N GLU B 154 13.64 -16.64 31.62
CA GLU B 154 14.38 -16.43 30.35
C GLU B 154 13.45 -15.77 29.36
N ASN B 155 12.20 -16.19 29.32
CA ASN B 155 11.18 -15.61 28.42
C ASN B 155 10.81 -14.21 28.90
N LYS B 156 10.76 -13.98 30.20
CA LYS B 156 10.39 -12.62 30.67
C LYS B 156 11.43 -11.63 30.20
N THR B 157 12.70 -11.96 30.35
CA THR B 157 13.74 -11.01 29.92
C THR B 157 13.71 -10.88 28.41
N LYS B 158 13.46 -11.99 27.70
CA LYS B 158 13.46 -12.00 26.22
C LYS B 158 12.34 -11.11 25.67
N TYR B 159 11.14 -11.28 26.20
CA TYR B 159 10.02 -10.41 25.81
C TYR B 159 9.92 -9.17 26.68
N MET B 160 10.89 -8.94 27.56
CA MET B 160 11.04 -7.68 28.27
C MET B 160 9.86 -7.40 29.19
N PHE B 161 9.48 -8.39 30.00
CA PHE B 161 8.51 -8.13 31.04
C PHE B 161 9.16 -7.56 32.29
N ASP B 162 10.42 -7.93 32.55
CA ASP B 162 11.15 -7.36 33.67
C ASP B 162 11.62 -5.94 33.36
N ASN B 163 11.96 -5.65 32.11
CA ASN B 163 12.37 -4.33 31.67
C ASN B 163 11.38 -3.87 30.60
N ARG B 164 10.27 -3.28 31.04
CA ARG B 164 9.27 -2.73 30.14
C ARG B 164 9.51 -1.26 29.81
N GLY B 165 10.48 -0.62 30.43
CA GLY B 165 10.70 0.80 30.22
C GLY B 165 11.75 1.10 29.18
N ASN B 166 12.43 0.06 28.70
CA ASN B 166 13.38 0.19 27.60
C ASN B 166 12.90 -0.52 26.35
N ASP B 167 11.64 -0.95 26.31
CA ASP B 167 11.04 -1.51 25.11
C ASP B 167 10.37 -0.38 24.33
N GLU B 168 9.69 -0.73 23.24
CA GLU B 168 9.09 0.26 22.36
C GLU B 168 7.58 0.06 22.26
N LEU B 169 6.85 1.17 22.29
CA LEU B 169 5.40 1.14 22.09
C LEU B 169 5.11 1.42 20.62
N LEU B 170 4.52 0.44 19.95
CA LEU B 170 4.27 0.50 18.52
C LEU B 170 2.83 0.88 18.23
N ARG B 171 2.60 1.44 17.05
CA ARG B 171 1.25 1.79 16.65
C ARG B 171 0.46 0.55 16.28
N ALA B 172 -0.81 0.53 16.66
CA ALA B 172 -1.72 -0.54 16.28
C ALA B 172 -3.02 0.05 15.77
N SER B 173 -3.62 -0.65 14.82
CA SER B 173 -5.00 -0.33 14.46
C SER B 173 -5.94 -0.89 15.53
N TRP B 174 -7.13 -0.30 15.61
CA TRP B 174 -8.06 -0.68 16.67
C TRP B 174 -8.40 -2.16 16.60
N ASP B 175 -8.55 -2.69 15.39
CA ASP B 175 -8.82 -4.11 15.24
C ASP B 175 -7.63 -4.95 15.68
N GLU B 176 -6.43 -4.48 15.36
CA GLU B 176 -5.22 -5.20 15.74
C GLU B 176 -5.01 -5.15 17.24
N ALA B 177 -5.22 -3.97 17.83
CA ALA B 177 -5.09 -3.81 19.27
C ALA B 177 -6.11 -4.66 20.00
N PHE B 178 -7.36 -4.67 19.51
CA PHE B 178 -8.39 -5.49 20.14
C PHE B 178 -8.07 -6.99 20.02
N THR B 179 -7.60 -7.41 18.84
CA THR B 179 -7.40 -8.84 18.58
C THR B 179 -6.29 -9.41 19.46
N TYR B 180 -5.14 -8.74 19.52
CA TYR B 180 -4.07 -9.20 20.40
C TYR B 180 -4.52 -9.21 21.86
N ALA B 181 -5.20 -8.15 22.30
CA ALA B 181 -5.67 -8.09 23.68
C ALA B 181 -6.66 -9.20 23.99
N SER B 182 -7.63 -9.44 23.11
CA SER B 182 -8.61 -10.48 23.36
C SER B 182 -7.98 -11.86 23.36
N LYS B 183 -7.10 -12.14 22.41
CA LYS B 183 -6.39 -13.42 22.39
C LYS B 183 -5.60 -13.62 23.66
N GLY B 184 -4.91 -12.58 24.13
CA GLY B 184 -4.15 -12.69 25.37
C GLY B 184 -5.04 -12.94 26.57
N ILE B 185 -6.21 -12.27 26.61
CA ILE B 185 -7.14 -12.49 27.71
C ILE B 185 -7.59 -13.93 27.75
N ILE B 186 -7.93 -14.50 26.60
CA ILE B 186 -8.39 -15.88 26.55
C ILE B 186 -7.27 -16.83 26.94
N HIS B 187 -6.05 -16.60 26.46
CA HIS B 187 -4.93 -17.47 26.78
C HIS B 187 -4.62 -17.47 28.27
N ILE B 188 -4.44 -16.27 28.85
CA ILE B 188 -4.01 -16.19 30.23
C ILE B 188 -5.10 -16.66 31.19
N THR B 189 -6.36 -16.29 30.92
CA THR B 189 -7.44 -16.77 31.77
C THR B 189 -7.58 -18.28 31.69
N LYS B 190 -7.31 -18.86 30.52
CA LYS B 190 -7.28 -20.31 30.40
C LYS B 190 -5.97 -20.89 30.93
N LYS B 191 -4.90 -20.09 30.93
CA LYS B 191 -3.62 -20.55 31.45
C LYS B 191 -3.69 -20.87 32.93
N TYR B 192 -4.36 -20.03 33.71
CA TYR B 192 -4.44 -20.22 35.18
C TYR B 192 -5.84 -20.67 35.62
N SER B 193 -6.66 -21.22 34.73
CA SER B 193 -8.02 -21.55 35.12
C SER B 193 -8.05 -22.85 35.91
N GLY B 194 -7.55 -23.93 35.31
CA GLY B 194 -7.66 -25.23 35.90
C GLY B 194 -6.93 -25.47 37.21
N PRO B 195 -6.92 -26.75 37.58
CA PRO B 195 -6.04 -27.22 38.66
C PRO B 195 -4.59 -27.12 38.25
N GLU B 196 -4.31 -27.37 36.97
CA GLU B 196 -2.97 -27.19 36.45
C GLU B 196 -2.56 -25.73 36.53
N GLY B 197 -3.52 -24.82 36.32
CA GLY B 197 -3.26 -23.41 36.52
C GLY B 197 -3.05 -23.06 37.98
N ALA B 198 -3.83 -23.68 38.89
CA ALA B 198 -3.67 -23.40 40.31
C ALA B 198 -2.27 -23.79 40.80
N GLN B 199 -1.75 -24.92 40.31
CA GLN B 199 -0.42 -25.34 40.74
C GLN B 199 0.67 -24.43 40.16
N LYS B 200 0.45 -23.89 38.95
CA LYS B 200 1.38 -22.92 38.40
C LYS B 200 1.46 -21.69 39.30
N LEU B 201 0.34 -21.31 39.90
CA LEU B 201 0.31 -20.15 40.80
C LEU B 201 0.98 -20.48 42.12
N ILE B 202 0.89 -21.74 42.57
CA ILE B 202 1.60 -22.15 43.77
C ILE B 202 3.10 -22.25 43.49
N ASP B 203 3.47 -22.58 42.25
CA ASP B 203 4.90 -22.63 41.90
C ASP B 203 5.51 -21.22 41.82
N GLN B 204 4.70 -20.21 41.54
CA GLN B 204 5.20 -18.85 41.45
C GLN B 204 5.30 -18.16 42.81
N GLY B 205 4.69 -18.71 43.85
CA GLY B 205 4.83 -18.18 45.19
C GLY B 205 3.59 -17.54 45.79
N TYR B 206 2.46 -17.61 45.11
CA TYR B 206 1.25 -17.01 45.66
C TYR B 206 0.70 -17.86 46.80
N PRO B 207 0.16 -17.24 47.84
CA PRO B 207 -0.41 -18.01 48.96
C PRO B 207 -1.57 -18.88 48.51
N LYS B 208 -1.78 -19.97 49.25
CA LYS B 208 -2.86 -20.88 48.92
C LYS B 208 -4.23 -20.22 49.09
N GLU B 209 -4.34 -19.27 50.03
CA GLU B 209 -5.58 -18.55 50.22
C GLU B 209 -5.96 -17.73 49.00
N MET B 210 -4.97 -17.12 48.34
CA MET B 210 -5.25 -16.35 47.13
C MET B 210 -5.61 -17.25 45.95
N VAL B 211 -5.08 -18.48 45.93
CA VAL B 211 -5.38 -19.39 44.83
C VAL B 211 -6.73 -20.05 45.05
N ASP B 212 -7.07 -20.36 46.31
CA ASP B 212 -8.38 -20.92 46.60
C ASP B 212 -9.50 -19.93 46.37
N ARG B 213 -9.23 -18.62 46.53
CA ARG B 213 -10.26 -17.62 46.25
C ARG B 213 -10.65 -17.64 44.80
N MET B 214 -9.72 -18.05 43.93
CA MET B 214 -10.00 -18.14 42.49
C MET B 214 -11.11 -19.14 42.21
N GLN B 215 -11.25 -20.15 43.07
CA GLN B 215 -12.28 -21.18 42.95
C GLN B 215 -12.21 -21.87 41.60
N GLY B 216 -11.01 -22.04 41.09
CA GLY B 216 -10.89 -22.69 39.82
C GLY B 216 -11.10 -21.77 38.63
N ALA B 217 -11.60 -20.56 38.83
CA ALA B 217 -11.78 -19.62 37.72
C ALA B 217 -10.44 -19.00 37.35
N GLY B 218 -10.10 -19.07 36.05
CA GLY B 218 -8.91 -18.40 35.59
C GLY B 218 -9.16 -16.91 35.45
N THR B 219 -10.39 -16.56 35.11
CA THR B 219 -10.78 -15.17 34.94
C THR B 219 -10.66 -14.36 36.21
N ARG B 220 -10.55 -15.01 37.37
CA ARG B 220 -10.37 -14.24 38.60
C ARG B 220 -8.96 -13.67 38.72
N THR B 221 -8.06 -14.06 37.81
CA THR B 221 -6.76 -13.42 37.68
C THR B 221 -6.84 -12.16 36.82
N PHE B 222 -7.97 -11.91 36.16
CA PHE B 222 -8.18 -10.67 35.43
C PHE B 222 -8.67 -9.60 36.39
N LYS B 223 -8.00 -8.47 36.39
CA LYS B 223 -8.36 -7.36 37.27
C LYS B 223 -8.78 -6.19 36.40
N GLY B 224 -10.06 -5.86 36.44
CA GLY B 224 -10.60 -4.77 35.65
C GLY B 224 -11.04 -3.63 36.53
N ARG B 225 -10.39 -2.49 36.38
CA ARG B 225 -10.66 -1.32 37.20
C ARG B 225 -11.29 -0.23 36.36
N GLY B 226 -12.51 0.17 36.69
CA GLY B 226 -13.02 1.41 36.14
C GLY B 226 -12.57 2.51 37.08
N GLY B 227 -11.74 3.43 36.60
CA GLY B 227 -11.14 4.26 37.60
C GLY B 227 -12.07 5.43 37.90
N MET B 228 -12.46 5.52 39.18
CA MET B 228 -13.44 6.48 39.66
C MET B 228 -14.58 6.71 38.66
N GLY B 229 -15.33 5.62 38.42
CA GLY B 229 -16.30 5.64 37.35
C GLY B 229 -17.40 6.69 37.49
N LEU B 230 -17.57 7.31 38.67
CA LEU B 230 -18.61 8.34 38.75
C LEU B 230 -18.31 9.52 37.85
N LEU B 231 -17.06 9.65 37.43
CA LEU B 231 -16.67 10.69 36.48
C LEU B 231 -17.35 10.50 35.12
N GLY B 232 -17.44 9.26 34.66
CA GLY B 232 -18.42 8.84 33.68
C GLY B 232 -18.84 7.41 33.94
N VAL B 233 -20.13 7.20 34.21
CA VAL B 233 -20.56 5.89 34.69
C VAL B 233 -20.60 4.88 33.56
N ILE B 234 -21.11 5.28 32.40
CA ILE B 234 -21.22 4.37 31.27
C ILE B 234 -19.83 4.04 30.73
N GLY B 235 -18.99 5.05 30.55
CA GLY B 235 -17.69 4.84 29.93
C GLY B 235 -16.66 4.22 30.85
N LYS B 236 -16.69 4.56 32.14
CA LYS B 236 -15.66 4.09 33.06
C LYS B 236 -16.12 2.98 33.98
N TYR B 237 -17.26 3.14 34.68
CA TYR B 237 -17.76 1.98 35.43
C TYR B 237 -18.21 0.84 34.53
N GLY B 238 -18.31 1.09 33.22
CA GLY B 238 -18.53 0.01 32.28
C GLY B 238 -17.47 -1.07 32.36
N MET B 239 -16.30 -0.75 32.92
CA MET B 239 -15.28 -1.77 33.13
C MET B 239 -15.77 -2.85 34.08
N TYR B 240 -16.54 -2.48 35.11
CA TYR B 240 -17.14 -3.47 35.99
C TYR B 240 -18.12 -4.35 35.23
N ARG B 241 -18.82 -3.79 34.25
CA ARG B 241 -19.68 -4.60 33.39
C ARG B 241 -18.85 -5.54 32.53
N PHE B 242 -17.71 -5.07 32.02
CA PHE B 242 -16.82 -5.93 31.25
C PHE B 242 -16.33 -7.10 32.08
N ASN B 243 -15.95 -6.79 33.31
CA ASN B 243 -15.47 -7.81 34.26
C ASN B 243 -16.57 -8.83 34.46
N ASN B 244 -17.80 -8.36 34.55
CA ASN B 244 -18.93 -9.28 34.75
C ASN B 244 -19.07 -10.20 33.54
N CYS B 245 -18.90 -9.65 32.35
CA CYS B 245 -19.06 -10.35 31.05
C CYS B 245 -18.04 -11.47 30.93
N LEU B 246 -16.91 -11.34 31.55
CA LEU B 246 -15.88 -12.36 31.45
C LEU B 246 -16.33 -13.71 31.99
N ALA B 247 -17.47 -13.77 32.67
CA ALA B 247 -18.03 -15.06 33.06
C ALA B 247 -18.27 -15.95 31.85
N ILE B 248 -18.63 -15.36 30.70
CA ILE B 248 -18.80 -16.14 29.48
C ILE B 248 -17.48 -16.79 29.09
N VAL B 249 -16.38 -16.03 29.14
CA VAL B 249 -15.07 -16.58 28.79
C VAL B 249 -14.72 -17.72 29.74
N ASP B 250 -15.08 -17.59 31.01
CA ASP B 250 -14.86 -18.67 31.96
C ASP B 250 -15.67 -19.90 31.57
N ALA B 251 -16.90 -19.69 31.09
CA ALA B 251 -17.71 -20.81 30.62
C ALA B 251 -17.04 -21.50 29.44
N HIS B 252 -16.42 -20.72 28.54
CA HIS B 252 -15.71 -21.34 27.42
C HIS B 252 -14.43 -22.01 27.88
N ASN B 253 -13.74 -21.43 28.87
CA ASN B 253 -12.48 -21.99 29.33
C ASN B 253 -12.70 -23.32 30.06
N ARG B 254 -13.61 -23.33 31.04
CA ARG B 254 -13.77 -24.47 31.93
C ARG B 254 -14.96 -25.36 31.56
N GLY B 255 -15.82 -24.92 30.66
CA GLY B 255 -16.99 -25.71 30.28
C GLY B 255 -17.95 -25.88 31.43
N VAL B 256 -18.33 -24.77 32.07
CA VAL B 256 -19.24 -24.79 33.19
C VAL B 256 -20.53 -24.09 32.78
N GLY B 257 -21.54 -24.18 33.66
CA GLY B 257 -22.82 -23.55 33.43
C GLY B 257 -22.84 -22.13 33.97
N PRO B 258 -23.91 -21.39 33.62
CA PRO B 258 -23.99 -19.97 34.05
C PRO B 258 -23.84 -19.77 35.54
N ASP B 259 -24.48 -20.61 36.33
CA ASP B 259 -24.43 -20.44 37.80
C ASP B 259 -23.04 -20.76 38.34
N GLN B 260 -22.25 -21.56 37.63
CA GLN B 260 -20.92 -21.88 38.19
C GLN B 260 -19.83 -21.05 37.53
N ALA B 261 -20.20 -20.18 36.60
CA ALA B 261 -19.28 -19.31 35.84
C ALA B 261 -18.98 -18.02 36.61
N LEU B 262 -17.70 -17.65 36.70
CA LEU B 262 -17.26 -16.42 37.39
C LEU B 262 -16.39 -15.58 36.46
N GLY B 263 -16.53 -14.27 36.54
CA GLY B 263 -15.83 -13.35 35.67
C GLY B 263 -14.73 -12.59 36.37
N GLY B 264 -14.44 -11.42 35.83
CA GLY B 264 -13.33 -10.63 36.31
C GLY B 264 -13.61 -10.07 37.68
N ARG B 265 -12.55 -9.57 38.31
CA ARG B 265 -12.65 -8.97 39.62
C ARG B 265 -12.59 -7.46 39.54
N ASN B 266 -13.61 -6.81 40.12
CA ASN B 266 -13.71 -5.37 40.08
C ASN B 266 -12.73 -4.75 41.08
N TRP B 267 -11.83 -3.92 40.58
CA TRP B 267 -10.85 -3.26 41.43
C TRP B 267 -11.41 -2.00 42.04
N SER B 268 -11.11 -1.79 43.32
CA SER B 268 -11.71 -0.71 44.07
C SER B 268 -11.04 0.62 43.75
N ASN B 269 -11.73 1.71 44.09
CA ASN B 269 -11.23 3.05 43.84
C ASN B 269 -11.10 3.89 45.10
N TYR B 270 -12.17 3.98 45.90
CA TYR B 270 -12.20 4.89 47.04
C TYR B 270 -11.13 4.51 48.06
N THR B 271 -11.15 3.25 48.50
CA THR B 271 -10.19 2.81 49.51
C THR B 271 -8.76 2.80 48.97
N TRP B 272 -8.57 2.33 47.73
CA TRP B 272 -7.22 2.27 47.15
C TRP B 272 -6.50 3.60 47.25
N HIS B 273 -7.23 4.71 47.04
CA HIS B 273 -6.62 6.03 47.11
C HIS B 273 -6.45 6.53 48.54
N GLY B 274 -6.86 5.76 49.55
CA GLY B 274 -6.80 6.25 50.91
C GLY B 274 -7.82 7.31 51.24
N ASP B 275 -8.91 7.36 50.47
CA ASP B 275 -9.89 8.44 50.56
C ASP B 275 -11.00 8.17 51.58
N GLN B 276 -11.30 6.90 51.87
CA GLN B 276 -12.40 6.56 52.82
C GLN B 276 -11.98 6.92 54.22
N ALA B 277 -12.89 7.41 55.08
CA ALA B 277 -12.48 7.54 56.49
C ALA B 277 -12.82 6.21 57.16
N PRO B 278 -11.85 5.36 57.53
CA PRO B 278 -12.14 4.00 58.02
C PRO B 278 -12.97 3.95 59.28
N GLY B 279 -12.98 5.00 60.09
CA GLY B 279 -13.75 4.99 61.31
C GLY B 279 -15.25 5.12 61.10
N HIS B 280 -15.66 5.61 59.92
CA HIS B 280 -17.08 5.84 59.68
C HIS B 280 -17.92 4.56 59.70
N PRO B 281 -17.52 3.44 59.09
CA PRO B 281 -18.29 2.20 59.26
C PRO B 281 -18.38 1.75 60.72
N PHE B 282 -17.42 2.14 61.55
CA PHE B 282 -17.46 1.77 62.96
C PHE B 282 -18.35 2.71 63.77
N SER B 283 -18.30 4.01 63.46
CA SER B 283 -19.00 5.00 64.28
C SER B 283 -20.47 5.10 63.92
N HIS B 284 -20.79 5.14 62.63
CA HIS B 284 -22.17 5.24 62.19
C HIS B 284 -22.57 4.21 61.13
N GLY B 285 -21.63 3.45 60.57
CA GLY B 285 -21.97 2.38 59.67
C GLY B 285 -22.33 2.80 58.26
N LEU B 286 -21.90 3.98 57.83
CA LEU B 286 -22.13 4.45 56.48
C LEU B 286 -20.78 4.66 55.80
N GLN B 287 -20.78 4.53 54.47
CA GLN B 287 -19.54 4.64 53.70
C GLN B 287 -18.78 5.92 54.04
N THR B 288 -19.46 7.06 53.97
CA THR B 288 -18.81 8.35 54.20
C THR B 288 -19.84 9.37 54.65
N SER B 289 -19.52 10.12 55.70
CA SER B 289 -20.33 11.25 56.12
C SER B 289 -19.75 12.52 55.50
N ASP B 290 -20.43 13.05 54.48
CA ASP B 290 -20.05 14.30 53.84
C ASP B 290 -21.32 15.12 53.58
N VAL B 291 -21.15 16.33 53.06
CA VAL B 291 -22.25 17.28 52.93
C VAL B 291 -22.18 17.99 51.58
N ASP B 292 -23.34 18.47 51.12
CA ASP B 292 -23.34 19.50 50.08
C ASP B 292 -22.73 20.75 50.70
N MET B 293 -21.60 21.21 50.16
CA MET B 293 -20.78 22.19 50.83
C MET B 293 -21.44 23.57 50.97
N ASN B 294 -22.57 23.84 50.34
CA ASN B 294 -23.26 25.06 50.73
C ASN B 294 -23.69 24.99 52.19
N ASP B 295 -23.87 23.78 52.73
CA ASP B 295 -24.29 23.60 54.11
C ASP B 295 -23.20 24.04 55.09
N VAL B 296 -21.92 23.92 54.73
CA VAL B 296 -20.88 24.32 55.66
C VAL B 296 -20.98 25.81 56.00
N ARG B 297 -21.49 26.62 55.07
CA ARG B 297 -21.63 28.04 55.38
C ARG B 297 -22.71 28.29 56.42
N PHE B 298 -23.46 27.26 56.81
CA PHE B 298 -24.34 27.36 57.97
C PHE B 298 -23.59 27.20 59.29
N SER B 299 -22.39 26.62 59.25
CA SER B 299 -21.63 26.36 60.47
C SER B 299 -21.19 27.67 61.12
N LYS B 300 -21.20 27.69 62.46
CA LYS B 300 -20.74 28.86 63.21
C LYS B 300 -19.43 28.65 63.96
N LEU B 301 -19.05 27.41 64.28
CA LEU B 301 -17.66 27.11 64.63
C LEU B 301 -17.25 25.91 63.80
N LEU B 302 -16.35 26.15 62.86
CA LEU B 302 -15.95 25.16 61.86
C LEU B 302 -14.52 24.72 62.12
N ILE B 303 -14.33 23.41 62.32
CA ILE B 303 -13.04 22.84 62.70
C ILE B 303 -12.49 22.02 61.55
N GLN B 304 -11.20 22.23 61.25
CA GLN B 304 -10.52 21.56 60.14
C GLN B 304 -9.28 20.90 60.71
N THR B 305 -9.18 19.58 60.57
CA THR B 305 -8.08 18.83 61.19
C THR B 305 -7.09 18.24 60.20
N GLY B 306 -7.53 17.53 59.17
CA GLY B 306 -6.63 16.89 58.24
C GLY B 306 -6.93 17.28 56.80
N LYS B 307 -7.41 18.50 56.61
CA LYS B 307 -7.81 18.87 55.24
C LYS B 307 -7.44 20.30 54.84
N ASN B 308 -6.93 20.47 53.63
CA ASN B 308 -6.70 21.80 53.04
C ASN B 308 -7.93 22.13 52.19
N LEU B 309 -8.95 22.68 52.81
CA LEU B 309 -10.20 23.00 52.07
C LEU B 309 -9.92 24.04 50.98
N ILE B 310 -9.04 25.00 51.27
CA ILE B 310 -8.61 26.10 50.37
C ILE B 310 -7.90 25.57 49.13
N GLU B 311 -7.08 24.53 49.20
CA GLU B 311 -6.39 24.13 47.98
C GLU B 311 -6.98 22.89 47.32
N ASN B 312 -7.88 22.17 47.98
CA ASN B 312 -8.32 20.89 47.45
C ASN B 312 -9.81 20.76 47.26
N LYS B 313 -10.59 21.80 47.55
CA LYS B 313 -11.99 21.88 47.17
C LYS B 313 -12.28 23.32 46.74
N MET B 314 -11.40 23.87 45.91
CA MET B 314 -11.37 25.32 45.67
C MET B 314 -12.69 25.90 45.17
N PRO B 315 -13.41 25.30 44.20
CA PRO B 315 -14.64 25.97 43.75
C PRO B 315 -15.71 26.09 44.82
N GLU B 316 -15.67 25.26 45.86
CA GLU B 316 -16.63 25.36 46.94
C GLU B 316 -16.00 25.95 48.20
N ALA B 317 -14.74 26.36 48.12
CA ALA B 317 -14.06 26.87 49.31
C ALA B 317 -14.71 28.16 49.81
N HIS B 318 -15.31 28.94 48.91
CA HIS B 318 -15.94 30.18 49.34
C HIS B 318 -17.03 29.93 50.39
N TRP B 319 -17.58 28.73 50.43
CA TRP B 319 -18.53 28.39 51.49
C TRP B 319 -17.87 28.39 52.88
N VAL B 320 -16.56 28.13 52.96
CA VAL B 320 -15.87 28.17 54.24
C VAL B 320 -15.25 29.53 54.52
N THR B 321 -14.59 30.14 53.52
CA THR B 321 -13.96 31.44 53.71
C THR B 321 -14.96 32.47 54.20
N GLU B 322 -16.23 32.31 53.84
CA GLU B 322 -17.27 33.27 54.17
C GLU B 322 -17.90 33.00 55.54
N VAL B 323 -17.39 32.00 56.27
CA VAL B 323 -17.89 31.76 57.63
C VAL B 323 -17.35 32.82 58.58
N MET B 324 -16.19 33.39 58.29
CA MET B 324 -15.68 34.51 59.07
C MET B 324 -16.45 35.80 58.83
N GLU B 325 -17.44 35.78 57.93
CA GLU B 325 -18.22 36.97 57.61
C GLU B 325 -19.66 36.92 58.12
N ARG B 326 -20.08 35.81 58.72
CA ARG B 326 -21.45 35.66 59.20
C ARG B 326 -21.47 35.17 60.65
N GLY B 327 -20.58 35.71 61.47
CA GLY B 327 -20.54 35.37 62.88
C GLY B 327 -20.04 33.98 63.18
N GLY B 328 -19.22 33.41 62.30
CA GLY B 328 -18.69 32.09 62.52
C GLY B 328 -17.21 32.08 62.87
N LYS B 329 -16.74 31.01 63.51
CA LYS B 329 -15.35 30.85 63.88
C LYS B 329 -14.75 29.67 63.15
N ILE B 330 -13.52 29.84 62.66
CA ILE B 330 -12.82 28.84 61.86
C ILE B 330 -11.60 28.36 62.63
N VAL B 331 -11.39 27.04 62.64
CA VAL B 331 -10.27 26.43 63.33
C VAL B 331 -9.57 25.46 62.39
N VAL B 332 -8.24 25.52 62.36
CA VAL B 332 -7.42 24.62 61.55
C VAL B 332 -6.38 23.98 62.47
N ILE B 333 -6.28 22.65 62.42
CA ILE B 333 -5.40 21.90 63.31
C ILE B 333 -4.45 21.11 62.41
N THR B 334 -3.31 21.71 62.07
CA THR B 334 -2.37 21.10 61.15
C THR B 334 -0.95 21.32 61.66
N PRO B 335 -0.02 20.42 61.32
CA PRO B 335 1.38 20.67 61.68
C PRO B 335 1.96 21.89 60.99
N GLU B 336 1.53 22.18 59.77
CA GLU B 336 2.02 23.31 59.01
C GLU B 336 1.04 24.47 59.08
N TYR B 337 1.55 25.66 58.77
CA TYR B 337 0.68 26.83 58.56
C TYR B 337 0.26 26.79 57.10
N SER B 338 -0.85 26.12 56.84
CA SER B 338 -1.30 25.84 55.49
C SER B 338 -2.12 27.01 54.96
N PRO B 339 -2.40 27.04 53.65
CA PRO B 339 -3.30 28.07 53.11
C PRO B 339 -4.67 28.06 53.76
N SER B 340 -5.10 26.95 54.37
CA SER B 340 -6.33 26.94 55.13
C SER B 340 -6.17 27.59 56.49
N ALA B 341 -4.94 27.68 56.99
CA ALA B 341 -4.71 28.26 58.31
C ALA B 341 -4.88 29.76 58.31
N GLN B 342 -4.70 30.42 57.15
CA GLN B 342 -4.92 31.87 57.06
C GLN B 342 -6.32 32.22 57.52
N LYS B 343 -7.31 31.47 57.04
CA LYS B 343 -8.71 31.77 57.30
C LYS B 343 -9.12 31.40 58.71
N ALA B 344 -8.29 30.66 59.44
CA ALA B 344 -8.64 30.21 60.77
C ALA B 344 -8.61 31.36 61.76
N ASP B 345 -9.53 31.31 62.73
CA ASP B 345 -9.50 32.24 63.85
C ASP B 345 -8.29 31.99 64.73
N TYR B 346 -7.90 30.72 64.88
CA TYR B 346 -6.70 30.34 65.62
C TYR B 346 -6.19 29.02 65.09
N TRP B 347 -4.89 28.94 64.85
CA TRP B 347 -4.27 27.75 64.28
C TRP B 347 -3.61 26.91 65.38
N ILE B 348 -3.94 25.63 65.41
CA ILE B 348 -3.42 24.71 66.43
C ILE B 348 -2.33 23.84 65.80
N PRO B 349 -1.05 24.12 66.07
CA PRO B 349 0.00 23.19 65.63
C PRO B 349 -0.12 21.87 66.37
N ILE B 350 0.28 20.80 65.70
CA ILE B 350 0.18 19.46 66.26
C ILE B 350 1.26 18.58 65.66
N ARG B 351 1.69 17.58 66.42
CA ARG B 351 2.59 16.57 65.88
C ARG B 351 1.80 15.61 65.01
N ASN B 352 2.42 15.16 63.92
CA ASN B 352 1.71 14.33 62.96
C ASN B 352 1.42 12.95 63.54
N ASN B 353 0.29 12.39 63.09
CA ASN B 353 -0.17 11.05 63.49
C ASN B 353 -0.54 11.00 64.97
N THR B 354 -1.05 12.11 65.51
CA THR B 354 -1.41 12.17 66.93
C THR B 354 -2.76 12.84 67.21
N ASP B 355 -3.65 12.96 66.22
CA ASP B 355 -4.87 13.72 66.46
C ASP B 355 -5.86 12.99 67.36
N THR B 356 -5.78 11.66 67.43
CA THR B 356 -6.70 10.93 68.32
C THR B 356 -6.55 11.41 69.75
N ALA B 357 -5.32 11.62 70.21
CA ALA B 357 -5.09 12.08 71.57
C ALA B 357 -5.70 13.46 71.79
N LEU B 358 -5.57 14.36 70.80
CA LEU B 358 -6.06 15.71 70.98
C LEU B 358 -7.56 15.74 71.24
N PHE B 359 -8.34 15.00 70.43
CA PHE B 359 -9.78 14.98 70.61
C PHE B 359 -10.20 14.14 71.81
N LEU B 360 -9.36 13.19 72.24
CA LEU B 360 -9.62 12.51 73.50
C LEU B 360 -9.44 13.46 74.66
N GLY B 361 -8.42 14.31 74.61
CA GLY B 361 -8.25 15.33 75.65
C GLY B 361 -9.40 16.31 75.68
N ILE B 362 -9.92 16.67 74.51
CA ILE B 362 -11.06 17.58 74.47
C ILE B 362 -12.32 16.88 74.96
N THR B 363 -12.46 15.59 74.65
CA THR B 363 -13.58 14.81 75.17
C THR B 363 -13.54 14.75 76.70
N LYS B 364 -12.33 14.62 77.26
CA LYS B 364 -12.20 14.61 78.71
C LYS B 364 -12.65 15.95 79.31
N ILE B 365 -12.29 17.05 78.66
CA ILE B 365 -12.70 18.37 79.14
C ILE B 365 -14.22 18.52 79.06
N LEU B 366 -14.83 17.94 78.02
CA LEU B 366 -16.28 18.05 77.87
C LEU B 366 -17.02 17.25 78.94
N ILE B 367 -16.41 16.20 79.48
CA ILE B 367 -17.10 15.29 80.39
C ILE B 367 -16.79 15.65 81.84
N ASP B 368 -15.59 16.16 82.09
CA ASP B 368 -15.26 16.60 83.44
C ASP B 368 -16.16 17.75 83.90
N ASN B 369 -16.48 18.66 82.99
CA ASN B 369 -17.31 19.82 83.29
C ASN B 369 -18.76 19.64 82.87
N LYS B 370 -19.13 18.45 82.39
CA LYS B 370 -20.49 18.16 81.97
C LYS B 370 -20.97 19.16 80.91
N TRP B 371 -20.07 19.51 79.99
CA TRP B 371 -20.42 20.38 78.87
C TRP B 371 -20.96 19.58 77.70
N TYR B 372 -21.87 18.65 77.98
CA TYR B 372 -22.47 17.80 76.96
C TYR B 372 -23.98 17.83 77.09
N ASP B 373 -24.66 17.71 75.95
CA ASP B 373 -26.12 17.61 75.93
C ASP B 373 -26.49 16.21 76.39
N ALA B 374 -26.81 16.05 77.67
CA ALA B 374 -27.14 14.72 78.19
C ALA B 374 -28.28 14.09 77.42
N ASP B 375 -29.27 14.88 77.04
CA ASP B 375 -30.43 14.36 76.32
C ASP B 375 -30.04 13.82 74.94
N TYR B 376 -29.25 14.59 74.18
CA TYR B 376 -28.85 14.12 72.85
C TYR B 376 -27.96 12.88 72.93
N VAL B 377 -27.23 12.70 74.02
CA VAL B 377 -26.42 11.51 74.19
C VAL B 377 -27.19 10.36 74.84
N LYS B 378 -28.20 10.65 75.66
CA LYS B 378 -29.05 9.56 76.16
C LYS B 378 -29.68 8.84 74.98
N LYS B 379 -30.16 9.60 74.01
CA LYS B 379 -30.60 9.06 72.74
C LYS B 379 -29.44 9.09 71.74
N PHE B 380 -29.66 8.46 70.59
CA PHE B 380 -28.76 8.49 69.43
C PHE B 380 -27.33 8.02 69.65
N THR B 381 -26.95 7.65 70.87
CA THR B 381 -25.55 7.35 71.16
C THR B 381 -25.46 6.07 71.99
N ASP B 382 -24.32 5.38 71.86
CA ASP B 382 -24.10 4.15 72.61
C ASP B 382 -23.61 4.36 74.03
N PHE B 383 -23.34 5.60 74.45
CA PHE B 383 -22.82 5.83 75.80
C PHE B 383 -23.72 5.26 76.89
N PRO B 384 -25.05 5.39 76.85
CA PRO B 384 -25.87 4.79 77.90
C PRO B 384 -25.82 3.27 77.93
N LEU B 385 -25.50 2.63 76.81
CA LEU B 385 -25.48 1.18 76.76
C LEU B 385 -24.41 0.62 77.70
N LEU B 386 -24.78 -0.43 78.45
CA LEU B 386 -23.94 -1.07 79.48
C LEU B 386 -22.94 -2.07 78.87
N ILE B 387 -21.72 -2.12 79.40
CA ILE B 387 -20.65 -3.03 78.88
C ILE B 387 -20.23 -4.04 79.94
N ARG B 388 -20.22 -5.31 79.56
CA ARG B 388 -19.80 -6.44 80.41
C ARG B 388 -18.28 -6.40 80.59
N THR B 389 -17.83 -6.78 81.76
CA THR B 389 -16.40 -6.77 82.09
C THR B 389 -15.67 -8.09 81.79
N ASP B 390 -16.37 -9.23 81.73
CA ASP B 390 -15.66 -10.49 81.42
C ASP B 390 -15.14 -10.48 79.99
N THR B 391 -16.03 -10.26 79.02
CA THR B 391 -15.72 -10.31 77.61
C THR B 391 -15.42 -8.96 76.97
N LEU B 392 -15.78 -7.86 77.63
CA LEU B 392 -15.70 -6.50 77.11
C LEU B 392 -16.74 -6.23 76.02
N LYS B 393 -17.68 -7.15 75.81
CA LYS B 393 -18.79 -6.93 74.91
C LYS B 393 -19.89 -6.16 75.63
N ARG B 394 -20.83 -5.63 74.87
CA ARG B 394 -22.00 -5.03 75.52
C ARG B 394 -22.88 -6.12 76.08
N VAL B 395 -23.50 -5.81 77.22
CA VAL B 395 -24.36 -6.76 77.90
C VAL B 395 -25.54 -7.12 77.01
N SER B 396 -25.93 -8.39 77.03
CA SER B 396 -26.98 -8.91 76.16
C SER B 396 -28.16 -9.36 77.01
N PRO B 397 -29.39 -8.94 76.70
CA PRO B 397 -30.54 -9.41 77.48
C PRO B 397 -30.62 -10.92 77.58
N LYS B 398 -30.10 -11.65 76.60
CA LYS B 398 -30.03 -13.11 76.71
C LYS B 398 -29.20 -13.54 77.91
N ASP B 399 -28.21 -12.74 78.27
CA ASP B 399 -27.31 -13.13 79.36
C ASP B 399 -27.86 -12.82 80.74
N ILE B 400 -28.76 -11.83 80.85
CA ILE B 400 -29.32 -11.44 82.17
C ILE B 400 -30.84 -11.62 82.17
N ILE B 401 -31.43 -12.00 81.06
CA ILE B 401 -32.91 -12.20 81.13
C ILE B 401 -33.13 -13.68 80.89
N PRO B 402 -33.80 -14.40 81.80
CA PRO B 402 -34.03 -15.81 81.60
C PRO B 402 -35.14 -15.98 80.58
N ASN B 403 -34.99 -16.92 79.66
CA ASN B 403 -36.00 -17.21 78.63
C ASN B 403 -36.33 -15.94 77.84
N TYR B 404 -35.27 -15.24 77.42
CA TYR B 404 -35.41 -14.03 76.63
C TYR B 404 -35.48 -14.35 75.14
N LYS B 405 -36.34 -13.62 74.44
CA LYS B 405 -36.45 -13.70 72.99
C LYS B 405 -36.18 -12.31 72.42
N LEU B 406 -35.54 -12.26 71.26
CA LEU B 406 -35.21 -10.98 70.66
C LEU B 406 -36.47 -10.33 70.12
N GLN B 407 -36.59 -9.03 70.31
CA GLN B 407 -37.85 -8.36 70.01
C GLN B 407 -38.07 -8.35 68.50
N ASP B 408 -39.33 -8.45 68.11
CA ASP B 408 -39.70 -8.55 66.69
C ASP B 408 -39.74 -7.13 66.13
N ILE B 409 -38.68 -6.76 65.42
CA ILE B 409 -38.59 -5.43 64.83
C ILE B 409 -38.82 -5.54 63.33
N SER B 410 -39.68 -6.48 62.95
CA SER B 410 -39.97 -6.71 61.54
C SER B 410 -40.94 -5.68 61.00
N ASP B 411 -41.70 -5.03 61.88
CA ASP B 411 -42.53 -3.89 61.54
C ASP B 411 -41.80 -2.57 61.72
N GLY B 412 -40.57 -2.60 62.22
CA GLY B 412 -39.83 -1.40 62.51
C GLY B 412 -39.13 -0.84 61.29
N PRO B 413 -38.56 0.36 61.45
CA PRO B 413 -37.89 1.03 60.32
C PRO B 413 -36.56 0.39 59.93
N SER B 414 -36.17 -0.73 60.53
CA SER B 414 -34.92 -1.38 60.16
C SER B 414 -35.10 -2.39 59.05
N TYR B 415 -36.33 -2.88 58.84
CA TYR B 415 -36.65 -3.74 57.71
C TYR B 415 -37.24 -2.97 56.54
N HIS B 416 -38.17 -2.05 56.82
CA HIS B 416 -38.92 -1.39 55.76
C HIS B 416 -38.14 -0.26 55.11
N ILE B 417 -37.21 0.37 55.83
CA ILE B 417 -36.43 1.48 55.30
C ILE B 417 -34.98 1.07 55.06
N GLN B 418 -34.36 0.38 56.02
CA GLN B 418 -32.95 0.05 55.95
C GLN B 418 -32.69 -1.34 55.38
N GLY B 419 -33.71 -2.17 55.24
CA GLY B 419 -33.58 -3.45 54.58
C GLY B 419 -32.83 -4.53 55.35
N LEU B 420 -33.15 -4.68 56.62
CA LEU B 420 -32.55 -5.72 57.45
C LEU B 420 -33.20 -7.07 57.19
N LYS B 421 -32.41 -8.13 57.37
CA LYS B 421 -32.85 -9.51 57.16
C LYS B 421 -32.89 -10.26 58.48
N ASP B 422 -33.75 -11.28 58.56
CA ASP B 422 -33.93 -12.02 59.80
C ASP B 422 -32.64 -12.68 60.25
N GLU B 423 -31.89 -13.23 59.31
CA GLU B 423 -30.61 -13.88 59.63
C GLU B 423 -29.62 -12.89 60.22
N GLN B 424 -29.63 -11.66 59.70
CA GLN B 424 -28.76 -10.61 60.24
C GLN B 424 -29.20 -10.17 61.62
N ARG B 425 -30.49 -9.98 61.82
CA ARG B 425 -31.02 -9.46 63.09
C ARG B 425 -30.62 -10.39 64.23
N GLU B 426 -30.59 -11.68 63.92
CA GLU B 426 -30.24 -12.75 64.89
C GLU B 426 -28.81 -12.56 65.37
N ILE B 427 -27.88 -12.22 64.49
CA ILE B 427 -26.47 -11.97 64.87
C ILE B 427 -26.33 -10.65 65.62
N ILE B 428 -26.99 -9.61 65.11
CA ILE B 428 -26.90 -8.23 65.66
C ILE B 428 -27.45 -8.22 67.07
N GLY B 429 -28.58 -8.89 67.29
CA GLY B 429 -29.14 -9.03 68.65
C GLY B 429 -29.76 -7.77 69.26
N ASP B 430 -29.85 -7.76 70.58
CA ASP B 430 -30.46 -6.69 71.41
C ASP B 430 -29.46 -6.25 72.46
N PHE B 431 -29.66 -5.08 73.07
CA PHE B 431 -28.71 -4.57 74.04
C PHE B 431 -29.44 -4.09 75.29
N VAL B 432 -28.65 -3.84 76.33
CA VAL B 432 -29.21 -3.56 77.65
C VAL B 432 -28.79 -2.15 78.06
N VAL B 433 -29.73 -1.45 78.68
CA VAL B 433 -29.56 -0.12 79.23
C VAL B 433 -30.15 -0.16 80.62
N TRP B 434 -29.71 0.76 81.45
CA TRP B 434 -30.25 0.91 82.80
C TRP B 434 -31.25 2.06 82.82
N ASP B 435 -32.54 1.73 82.99
CA ASP B 435 -33.58 2.74 83.04
C ASP B 435 -33.50 3.50 84.36
N ALA B 436 -33.63 4.81 84.27
CA ALA B 436 -33.64 5.64 85.46
C ALA B 436 -34.95 5.55 86.22
N LYS B 437 -36.07 5.35 85.51
CA LYS B 437 -37.37 5.44 86.18
C LYS B 437 -37.66 4.19 87.00
N SER B 438 -37.51 3.00 86.41
CA SER B 438 -37.57 1.75 87.16
C SER B 438 -36.14 1.30 87.33
N LYS B 439 -35.62 1.41 88.54
CA LYS B 439 -34.23 1.06 88.82
C LYS B 439 -33.96 -0.37 88.43
N GLY B 440 -33.07 -0.58 87.47
CA GLY B 440 -32.75 -1.90 86.99
C GLY B 440 -32.44 -1.96 85.50
N PRO B 441 -31.86 -3.08 85.06
CA PRO B 441 -31.52 -3.24 83.63
C PRO B 441 -32.77 -3.28 82.79
N LYS B 442 -32.74 -2.58 81.65
CA LYS B 442 -33.84 -2.64 80.70
C LYS B 442 -33.33 -3.03 79.31
N ALA B 443 -34.11 -3.87 78.62
CA ALA B 443 -33.74 -4.33 77.28
C ALA B 443 -34.32 -3.41 76.20
N ILE B 444 -33.44 -2.97 75.30
CA ILE B 444 -33.77 -2.00 74.21
C ILE B 444 -33.37 -2.57 72.87
N THR B 445 -33.96 -2.03 71.81
CA THR B 445 -33.72 -2.55 70.45
C THR B 445 -32.97 -1.52 69.62
N ARG B 446 -32.53 -1.92 68.43
CA ARG B 446 -31.79 -1.05 67.49
C ARG B 446 -32.68 0.11 67.09
N ASP B 447 -33.95 -0.17 66.83
CA ASP B 447 -34.98 0.80 66.43
C ASP B 447 -35.33 1.72 67.59
N ASP B 448 -35.12 1.30 68.84
CA ASP B 448 -35.49 2.13 70.01
C ASP B 448 -34.41 3.17 70.24
N VAL B 449 -34.46 4.21 69.43
CA VAL B 449 -33.43 5.28 69.43
C VAL B 449 -34.18 6.59 69.31
N GLY B 450 -33.55 7.62 69.82
CA GLY B 450 -34.08 8.97 69.82
C GLY B 450 -35.31 9.07 70.70
N GLU B 451 -36.35 9.68 70.16
CA GLU B 451 -37.60 9.92 70.87
C GLU B 451 -38.44 8.66 71.01
N THR B 452 -38.00 7.53 70.43
CA THR B 452 -38.70 6.26 70.63
C THR B 452 -38.61 5.79 72.08
N LEU B 453 -37.55 6.15 72.80
CA LEU B 453 -37.44 5.74 74.20
C LEU B 453 -38.37 6.55 75.09
N VAL B 454 -38.61 7.81 74.76
CA VAL B 454 -39.54 8.60 75.57
C VAL B 454 -40.97 8.11 75.36
N LYS B 455 -41.30 7.65 74.14
CA LYS B 455 -42.59 7.04 73.88
C LYS B 455 -42.74 5.74 74.65
N LYS B 456 -41.67 4.97 74.76
CA LYS B 456 -41.66 3.84 75.67
C LYS B 456 -41.30 4.35 77.07
N GLY B 457 -41.13 3.47 78.03
CA GLY B 457 -40.87 3.98 79.36
C GLY B 457 -39.43 4.35 79.63
N ILE B 458 -38.53 3.97 78.72
CA ILE B 458 -37.09 3.98 78.98
C ILE B 458 -36.57 5.41 79.16
N ASP B 459 -35.73 5.59 80.18
CA ASP B 459 -34.93 6.81 80.35
C ASP B 459 -33.56 6.34 80.82
N PRO B 460 -32.65 6.05 79.89
CA PRO B 460 -31.35 5.48 80.23
C PRO B 460 -30.57 6.38 81.18
N VAL B 461 -29.59 5.77 81.85
CA VAL B 461 -28.66 6.50 82.71
C VAL B 461 -27.29 6.51 82.06
N LEU B 462 -26.70 7.70 81.97
CA LEU B 462 -25.38 7.85 81.38
C LEU B 462 -24.29 7.33 82.31
N GLU B 463 -24.42 7.56 83.62
CA GLU B 463 -23.42 7.14 84.57
C GLU B 463 -23.93 5.97 85.41
N GLY B 464 -22.98 5.26 86.03
CA GLY B 464 -23.31 4.15 86.88
C GLY B 464 -22.47 2.91 86.67
N SER B 465 -22.20 2.22 87.77
CA SER B 465 -21.54 0.92 87.76
C SER B 465 -22.44 -0.01 88.56
N PHE B 466 -22.85 -1.10 87.96
CA PHE B 466 -23.89 -1.92 88.54
C PHE B 466 -23.39 -3.33 88.73
N LYS B 467 -23.98 -4.02 89.70
CA LYS B 467 -23.68 -5.42 89.93
C LYS B 467 -24.84 -6.22 89.39
N LEU B 468 -24.52 -7.22 88.59
CA LEU B 468 -25.53 -8.03 87.92
C LEU B 468 -25.07 -9.47 88.00
N LYS B 469 -25.99 -10.37 87.73
CA LYS B 469 -25.67 -11.79 87.78
C LYS B 469 -26.26 -12.41 86.53
N THR B 470 -25.50 -13.31 85.91
CA THR B 470 -25.91 -13.86 84.65
C THR B 470 -27.04 -14.85 84.89
N ILE B 471 -27.62 -15.35 83.81
CA ILE B 471 -28.66 -16.36 83.95
C ILE B 471 -28.10 -17.61 84.62
N ASP B 472 -26.80 -17.86 84.46
CA ASP B 472 -26.16 -19.01 85.08
C ASP B 472 -25.95 -18.84 86.58
N GLY B 473 -26.15 -17.64 87.11
CA GLY B 473 -25.91 -17.35 88.49
C GLY B 473 -24.56 -16.72 88.71
N LYS B 474 -23.71 -16.69 87.70
CA LYS B 474 -22.38 -16.09 87.77
C LYS B 474 -22.52 -14.58 87.74
N GLU B 475 -22.14 -13.93 88.84
CA GLU B 475 -22.24 -12.48 88.94
C GLU B 475 -21.24 -11.78 88.03
N ILE B 476 -21.70 -10.75 87.34
CA ILE B 476 -20.85 -9.95 86.47
C ILE B 476 -21.09 -8.48 86.76
N GLU B 477 -20.02 -7.69 86.75
CA GLU B 477 -20.13 -6.24 86.90
C GLU B 477 -20.30 -5.58 85.54
N VAL B 478 -21.34 -4.74 85.41
CA VAL B 478 -21.60 -4.00 84.19
C VAL B 478 -21.66 -2.51 84.52
N MET B 479 -21.06 -1.69 83.66
CA MET B 479 -21.04 -0.24 83.86
C MET B 479 -21.22 0.46 82.53
N THR B 480 -21.57 1.75 82.59
CA THR B 480 -21.85 2.52 81.40
C THR B 480 -20.57 2.77 80.60
N LEU B 481 -20.72 2.83 79.27
CA LEU B 481 -19.60 3.20 78.41
C LEU B 481 -19.02 4.56 78.83
N LEU B 482 -19.90 5.48 79.25
CA LEU B 482 -19.41 6.76 79.73
C LEU B 482 -18.58 6.60 80.99
N GLU B 483 -19.01 5.75 81.92
CA GLU B 483 -18.17 5.42 83.06
C GLU B 483 -16.85 4.82 82.61
N MET B 484 -16.95 3.86 81.70
CA MET B 484 -15.74 3.22 81.15
C MET B 484 -14.94 4.33 80.45
N TYR B 485 -15.60 5.23 79.75
CA TYR B 485 -14.82 6.32 79.10
C TYR B 485 -14.15 7.19 80.17
N LYS B 486 -14.84 7.43 81.28
CA LYS B 486 -14.33 8.27 82.40
C LYS B 486 -13.03 7.65 82.91
N ILE B 487 -12.96 6.32 83.00
CA ILE B 487 -11.74 5.67 83.40
C ILE B 487 -10.76 5.58 82.24
N HIS B 488 -11.25 5.52 81.00
CA HIS B 488 -10.33 5.49 79.87
C HIS B 488 -9.60 6.83 79.73
N LEU B 489 -10.29 7.93 80.00
CA LEU B 489 -9.75 9.26 79.74
C LEU B 489 -8.79 9.76 80.82
N ARG B 490 -8.46 8.93 81.81
CA ARG B 490 -7.49 9.34 82.83
C ARG B 490 -6.08 9.47 82.27
N ASP B 491 -5.78 8.77 81.17
CA ASP B 491 -4.49 8.87 80.51
C ASP B 491 -4.39 10.06 79.56
N TYR B 492 -5.48 10.79 79.38
CA TYR B 492 -5.53 11.91 78.46
C TYR B 492 -5.78 13.21 79.20
N ASP B 493 -5.10 13.35 80.34
CA ASP B 493 -5.10 14.61 81.07
C ASP B 493 -4.51 15.71 80.20
N ILE B 494 -4.92 16.94 80.49
CA ILE B 494 -4.61 18.09 79.64
C ILE B 494 -3.10 18.23 79.47
N ASP B 495 -2.33 17.86 80.50
CA ASP B 495 -0.88 18.03 80.44
C ASP B 495 -0.20 16.93 79.62
N SER B 496 -0.65 15.67 79.73
CA SER B 496 0.01 14.63 78.95
C SER B 496 -0.29 14.77 77.47
N VAL B 497 -1.54 15.10 77.13
CA VAL B 497 -1.91 15.25 75.72
C VAL B 497 -1.08 16.35 75.08
N VAL B 498 -0.70 17.38 75.84
CA VAL B 498 0.16 18.42 75.30
C VAL B 498 1.54 17.86 75.07
N SER B 499 1.98 16.94 75.92
CA SER B 499 3.26 16.28 75.69
C SER B 499 3.20 15.36 74.47
N MET B 500 2.02 14.79 74.19
CA MET B 500 1.90 13.90 73.05
C MET B 500 1.79 14.70 71.77
N THR B 501 0.94 15.71 71.77
CA THR B 501 0.61 16.48 70.58
C THR B 501 1.47 17.72 70.31
N ASN B 502 2.34 18.12 71.24
CA ASN B 502 3.00 19.42 71.19
C ASN B 502 2.04 20.54 70.74
N SER B 503 0.81 20.51 71.26
CA SER B 503 -0.17 21.52 70.89
C SER B 503 -0.32 22.52 72.02
N PRO B 504 -0.52 23.81 71.71
CA PRO B 504 -0.66 24.78 72.83
C PRO B 504 -1.82 24.42 73.74
N LYS B 505 -1.54 24.37 75.04
CA LYS B 505 -2.57 23.98 76.00
C LYS B 505 -3.71 24.99 76.03
N ASP B 506 -3.40 26.27 75.84
CA ASP B 506 -4.43 27.29 75.79
C ASP B 506 -5.38 27.07 74.62
N LEU B 507 -4.85 26.64 73.47
CA LEU B 507 -5.70 26.41 72.30
C LEU B 507 -6.56 25.16 72.48
N ILE B 508 -6.05 24.14 73.16
CA ILE B 508 -6.84 22.94 73.41
C ILE B 508 -8.04 23.27 74.29
N GLU B 509 -7.82 24.01 75.37
CA GLU B 509 -8.92 24.44 76.22
C GLU B 509 -9.80 25.45 75.51
N ARG B 510 -9.21 26.25 74.63
CA ARG B 510 -10.00 27.22 73.85
C ARG B 510 -10.92 26.51 72.88
N LEU B 511 -10.42 25.47 72.20
CA LEU B 511 -11.28 24.70 71.30
C LEU B 511 -12.30 23.89 72.10
N ALA B 512 -11.87 23.34 73.24
CA ALA B 512 -12.79 22.57 74.07
C ALA B 512 -13.95 23.45 74.52
N LYS B 513 -13.67 24.69 74.91
CA LYS B 513 -14.76 25.56 75.28
C LYS B 513 -15.61 25.92 74.07
N ASP B 514 -14.98 26.26 72.95
CA ASP B 514 -15.74 26.70 71.77
C ASP B 514 -16.72 25.64 71.32
N ILE B 515 -16.31 24.37 71.32
CA ILE B 515 -17.22 23.29 70.96
C ILE B 515 -18.44 23.26 71.88
N ALA B 516 -18.23 23.58 73.16
CA ALA B 516 -19.29 23.50 74.16
C ALA B 516 -20.20 24.73 74.19
N THR B 517 -19.74 25.90 73.73
CA THR B 517 -20.55 27.12 73.77
C THR B 517 -21.20 27.46 72.43
N ILE B 518 -20.79 26.83 71.32
CA ILE B 518 -21.30 27.18 70.00
C ILE B 518 -22.11 26.03 69.39
N LYS B 519 -23.20 26.39 68.71
CA LYS B 519 -23.99 25.51 67.84
C LYS B 519 -24.24 26.26 66.53
N PRO B 520 -24.17 25.60 65.35
CA PRO B 520 -23.62 24.28 65.01
C PRO B 520 -22.11 24.25 64.97
N VAL B 521 -21.57 23.12 65.41
CA VAL B 521 -20.15 22.85 65.37
C VAL B 521 -19.93 21.75 64.34
N ALA B 522 -18.94 21.93 63.47
CA ALA B 522 -18.63 20.94 62.46
C ALA B 522 -17.14 20.68 62.43
N ILE B 523 -16.78 19.40 62.40
CA ILE B 523 -15.39 18.97 62.30
C ILE B 523 -15.19 18.41 60.90
N HIS B 524 -14.24 18.97 60.16
CA HIS B 524 -13.95 18.54 58.81
C HIS B 524 -12.53 18.01 58.74
N TYR B 525 -12.36 16.91 58.01
CA TYR B 525 -11.08 16.25 57.90
C TYR B 525 -10.96 15.61 56.54
N GLY B 526 -9.76 15.16 56.24
CA GLY B 526 -9.47 14.51 54.98
C GLY B 526 -8.30 13.58 55.12
N GLU B 527 -7.54 13.44 54.04
CA GLU B 527 -6.46 12.49 53.95
C GLU B 527 -5.16 13.03 54.52
N GLY B 528 -5.17 14.25 55.07
CA GLY B 528 -4.09 14.66 55.92
C GLY B 528 -3.99 13.83 57.19
N VAL B 529 -5.11 13.22 57.59
CA VAL B 529 -5.12 12.32 58.73
C VAL B 529 -5.56 10.92 58.29
N ASN B 530 -6.30 10.83 57.19
CA ASN B 530 -6.73 9.53 56.69
C ASN B 530 -5.61 8.76 56.02
N HIS B 531 -4.48 9.40 55.70
CA HIS B 531 -3.34 8.72 55.10
C HIS B 531 -2.30 8.32 56.14
N TYR B 532 -2.71 8.14 57.39
CA TYR B 532 -1.89 7.53 58.43
C TYR B 532 -2.55 6.23 58.90
N PHE B 533 -1.71 5.35 59.45
CA PHE B 533 -2.14 3.98 59.76
C PHE B 533 -3.37 3.96 60.65
N HIS B 534 -3.36 4.77 61.71
CA HIS B 534 -4.43 4.72 62.71
C HIS B 534 -5.52 5.73 62.39
N ALA B 535 -5.72 5.99 61.10
CA ALA B 535 -6.83 6.83 60.67
C ALA B 535 -8.17 6.32 61.22
N THR B 536 -8.33 5.00 61.27
CA THR B 536 -9.54 4.39 61.81
C THR B 536 -9.86 4.91 63.20
N LEU B 537 -8.84 4.95 64.06
CA LEU B 537 -9.02 5.50 65.40
C LEU B 537 -9.28 7.00 65.34
N MET B 538 -8.57 7.70 64.46
CA MET B 538 -8.71 9.14 64.33
C MET B 538 -10.13 9.53 63.92
N ASN B 539 -10.69 8.83 62.94
CA ASN B 539 -12.04 9.16 62.50
C ASN B 539 -13.05 8.88 63.59
N ARG B 540 -12.89 7.76 64.30
CA ARG B 540 -13.71 7.52 65.48
C ARG B 540 -13.51 8.62 66.51
N SER B 541 -12.26 9.08 66.66
CA SER B 541 -11.99 10.19 67.57
C SER B 541 -12.70 11.46 67.15
N TYR B 542 -12.94 11.64 65.85
CA TYR B 542 -13.53 12.86 65.33
C TYR B 542 -15.03 12.99 65.61
N TYR B 543 -15.68 11.98 66.16
CA TYR B 543 -17.08 12.08 66.55
C TYR B 543 -17.28 12.32 68.04
N LEU B 544 -16.28 12.03 68.87
CA LEU B 544 -16.46 12.13 70.32
C LEU B 544 -16.89 13.52 70.77
N PRO B 545 -16.23 14.62 70.40
CA PRO B 545 -16.72 15.93 70.86
C PRO B 545 -18.03 16.33 70.23
N VAL B 546 -18.37 15.78 69.06
CA VAL B 546 -19.60 16.16 68.37
C VAL B 546 -20.78 15.27 68.75
N MET B 547 -20.53 14.05 69.24
CA MET B 547 -21.61 13.22 69.76
C MET B 547 -22.17 13.79 71.06
N LEU B 548 -21.30 14.35 71.89
CA LEU B 548 -21.71 14.83 73.20
C LEU B 548 -22.39 16.19 73.15
N THR B 549 -22.08 17.01 72.14
CA THR B 549 -22.60 18.35 72.05
C THR B 549 -23.85 18.47 71.20
N GLY B 550 -24.34 17.36 70.64
CA GLY B 550 -25.55 17.38 69.84
C GLY B 550 -25.41 18.10 68.50
N ASN B 551 -24.34 17.82 67.78
CA ASN B 551 -24.06 18.48 66.51
C ASN B 551 -23.92 17.48 65.36
N VAL B 552 -24.74 16.43 65.37
CA VAL B 552 -24.79 15.50 64.24
C VAL B 552 -26.24 15.42 63.75
N GLY B 553 -26.44 15.61 62.45
CA GLY B 553 -27.76 15.57 61.85
C GLY B 553 -28.43 16.90 61.67
N TYR B 554 -27.82 17.99 62.13
CA TYR B 554 -28.39 19.32 62.01
C TYR B 554 -27.57 20.16 61.04
N PHE B 555 -28.25 21.03 60.31
CA PHE B 555 -27.60 21.83 59.28
C PHE B 555 -26.44 22.64 59.86
N GLY B 556 -25.29 22.59 59.19
CA GLY B 556 -24.10 23.27 59.64
C GLY B 556 -23.27 22.51 60.64
N SER B 557 -23.67 21.29 61.00
CA SER B 557 -23.02 20.50 62.03
C SER B 557 -22.45 19.23 61.41
N GLY B 558 -21.94 18.36 62.27
CA GLY B 558 -21.51 17.03 61.87
C GLY B 558 -19.99 16.89 61.91
N SER B 559 -19.55 15.66 61.70
CA SER B 559 -18.13 15.35 61.55
C SER B 559 -17.97 14.64 60.21
N HIS B 560 -17.20 15.26 59.31
CA HIS B 560 -17.21 14.89 57.90
C HIS B 560 -15.80 14.72 57.37
N THR B 561 -15.64 13.75 56.46
CA THR B 561 -14.40 13.56 55.72
C THR B 561 -14.59 14.00 54.28
N TRP B 562 -13.50 14.41 53.65
CA TRP B 562 -13.51 14.87 52.28
C TRP B 562 -12.48 14.12 51.46
N ALA B 563 -12.84 13.85 50.21
CA ALA B 563 -12.04 12.98 49.37
C ALA B 563 -12.37 13.29 47.91
N GLY B 564 -12.02 12.38 47.01
CA GLY B 564 -12.45 12.49 45.64
C GLY B 564 -13.92 12.14 45.51
N ASN B 565 -14.34 11.95 44.25
CA ASN B 565 -15.73 11.65 43.95
C ASN B 565 -15.92 10.14 43.98
N TYR B 566 -16.51 9.65 45.07
CA TYR B 566 -16.67 8.22 45.31
C TYR B 566 -18.11 7.74 45.23
N LYS B 567 -19.09 8.63 45.31
CA LYS B 567 -20.45 8.25 45.67
C LYS B 567 -21.15 7.60 44.48
N ALA B 568 -20.74 6.37 44.19
CA ALA B 568 -21.49 5.54 43.27
C ALA B 568 -22.82 5.10 43.88
N GLY B 569 -22.98 5.30 45.19
CA GLY B 569 -24.23 5.06 45.88
C GLY B 569 -25.28 6.11 45.63
N ASN B 570 -24.99 7.13 44.81
CA ASN B 570 -26.03 8.06 44.38
C ASN B 570 -27.08 7.33 43.56
N PHE B 571 -26.68 6.32 42.79
CA PHE B 571 -27.62 5.43 42.13
C PHE B 571 -28.05 4.38 43.15
N GLN B 572 -28.78 4.86 44.16
CA GLN B 572 -29.07 4.11 45.36
C GLN B 572 -30.22 3.13 45.12
N ALA B 573 -29.98 1.86 45.45
CA ALA B 573 -30.97 0.82 45.26
C ALA B 573 -31.90 0.69 46.46
N SER B 574 -33.17 0.41 46.20
CA SER B 574 -34.16 0.18 47.24
C SER B 574 -35.34 -0.55 46.62
N LYS B 575 -36.31 -0.92 47.47
CA LYS B 575 -37.48 -1.65 46.98
C LYS B 575 -38.34 -0.78 46.08
N TRP B 576 -38.70 0.42 46.54
CA TRP B 576 -39.53 1.29 45.71
C TRP B 576 -38.77 1.78 44.49
N SER B 577 -37.45 1.88 44.58
CA SER B 577 -36.63 2.44 43.51
C SER B 577 -36.23 1.39 42.48
N GLY B 578 -35.50 0.37 42.90
CA GLY B 578 -35.01 -0.62 41.96
C GLY B 578 -33.57 -1.01 42.18
N PRO B 579 -32.93 -1.56 41.15
CA PRO B 579 -31.55 -2.05 41.29
C PRO B 579 -30.51 -0.95 41.41
N GLY B 580 -30.80 0.25 40.92
CA GLY B 580 -29.83 1.33 41.02
C GLY B 580 -28.57 1.05 40.22
N PHE B 581 -27.44 1.22 40.89
CA PHE B 581 -26.14 1.04 40.24
C PHE B 581 -25.94 -0.40 39.77
N TYR B 582 -26.58 -1.36 40.45
CA TYR B 582 -26.44 -2.76 40.05
C TYR B 582 -27.00 -3.01 38.67
N GLY B 583 -27.95 -2.19 38.22
CA GLY B 583 -28.51 -2.37 36.89
C GLY B 583 -27.46 -2.30 35.79
N TRP B 584 -26.49 -1.40 35.95
CA TRP B 584 -25.44 -1.24 34.94
C TRP B 584 -24.31 -2.25 35.12
N VAL B 585 -23.87 -2.47 36.35
CA VAL B 585 -22.67 -3.28 36.59
C VAL B 585 -22.98 -4.73 36.98
N ALA B 586 -24.18 -5.01 37.49
CA ALA B 586 -24.51 -6.35 37.98
C ALA B 586 -25.71 -6.93 37.24
N GLU B 587 -25.90 -6.53 35.98
CA GLU B 587 -26.93 -7.15 35.17
C GLU B 587 -26.51 -8.57 34.81
N ASP B 588 -27.49 -9.47 34.74
CA ASP B 588 -27.18 -10.87 34.44
C ASP B 588 -26.58 -10.96 33.05
N VAL B 589 -25.32 -11.41 32.99
CA VAL B 589 -24.62 -11.49 31.71
C VAL B 589 -25.30 -12.49 30.79
N PHE B 590 -25.77 -13.60 31.33
CA PHE B 590 -26.41 -14.64 30.54
C PHE B 590 -27.89 -14.36 30.36
N LYS B 591 -28.43 -13.36 31.06
CA LYS B 591 -29.82 -12.94 30.91
C LYS B 591 -29.91 -11.42 30.79
N PRO B 592 -29.33 -10.83 29.74
CA PRO B 592 -29.41 -9.38 29.55
C PRO B 592 -30.72 -8.98 28.87
N ASN B 593 -31.21 -7.79 29.24
CA ASN B 593 -32.43 -7.27 28.63
C ASN B 593 -32.08 -6.44 27.40
N LEU B 594 -32.65 -6.83 26.26
CA LEU B 594 -32.38 -6.19 24.98
C LEU B 594 -33.57 -5.35 24.50
N ASP B 595 -34.45 -4.98 25.41
CA ASP B 595 -35.57 -4.09 25.11
C ASP B 595 -35.14 -2.66 25.41
N PRO B 596 -35.14 -1.77 24.42
CA PRO B 596 -34.74 -0.38 24.70
C PRO B 596 -35.61 0.31 25.73
N TYR B 597 -36.89 -0.06 25.80
CA TYR B 597 -37.89 0.59 26.64
C TYR B 597 -38.10 -0.13 27.97
N ALA B 598 -37.00 -0.66 28.50
CA ALA B 598 -37.01 -1.51 29.68
C ALA B 598 -36.96 -0.68 30.95
N SER B 599 -37.98 -0.83 31.81
CA SER B 599 -37.89 -0.28 33.15
C SER B 599 -36.75 -0.95 33.91
N ALA B 600 -36.10 -0.18 34.80
CA ALA B 600 -34.96 -0.71 35.54
C ALA B 600 -35.34 -1.88 36.43
N LYS B 601 -36.62 -2.04 36.74
CA LYS B 601 -37.07 -3.18 37.52
C LYS B 601 -37.29 -4.42 36.66
N ASP B 602 -37.32 -4.27 35.34
CA ASP B 602 -37.40 -5.39 34.42
C ASP B 602 -36.03 -6.00 34.12
N LEU B 603 -34.97 -5.53 34.79
CA LEU B 603 -33.63 -6.02 34.56
C LEU B 603 -33.32 -7.19 35.50
N ASN B 604 -32.61 -8.18 34.97
CA ASN B 604 -32.19 -9.33 35.76
C ASN B 604 -30.86 -8.99 36.42
N ILE B 605 -30.87 -8.86 37.74
CA ILE B 605 -29.72 -8.40 38.50
C ILE B 605 -28.99 -9.62 39.06
N LYS B 606 -27.82 -9.91 38.51
CA LYS B 606 -26.93 -10.91 39.10
C LYS B 606 -25.51 -10.61 38.64
N GLY B 607 -24.67 -10.11 39.54
CA GLY B 607 -23.29 -9.84 39.23
C GLY B 607 -22.42 -11.04 39.58
N ARG B 608 -21.47 -11.34 38.70
CA ARG B 608 -20.56 -12.46 38.87
C ARG B 608 -19.11 -11.99 38.88
N ALA B 609 -18.89 -10.72 39.18
CA ALA B 609 -17.56 -10.14 39.33
C ALA B 609 -17.35 -9.90 40.81
N LEU B 610 -16.33 -10.54 41.37
CA LEU B 610 -16.05 -10.46 42.80
C LEU B 610 -15.16 -9.25 43.07
N ASP B 611 -15.67 -8.30 43.86
CA ASP B 611 -14.91 -7.09 44.13
C ASP B 611 -13.62 -7.41 44.87
N GLU B 612 -12.59 -6.59 44.61
CA GLU B 612 -11.29 -6.75 45.24
C GLU B 612 -10.72 -5.36 45.53
N GLU B 613 -9.87 -5.30 46.55
CA GLU B 613 -9.14 -4.09 46.89
C GLU B 613 -7.79 -4.05 46.20
N VAL B 614 -7.44 -2.88 45.66
CA VAL B 614 -6.21 -2.75 44.90
C VAL B 614 -4.97 -2.88 45.79
N ALA B 615 -5.07 -2.50 47.06
CA ALA B 615 -3.88 -2.41 47.91
C ALA B 615 -3.16 -3.74 48.04
N TYR B 616 -3.87 -4.86 47.88
CA TYR B 616 -3.21 -6.16 47.94
C TYR B 616 -2.15 -6.28 46.85
N TRP B 617 -2.47 -5.80 45.64
CA TRP B 617 -1.46 -5.68 44.60
C TRP B 617 -0.29 -4.80 45.07
N ASN B 618 -0.62 -3.63 45.63
CA ASN B 618 0.41 -2.73 46.14
C ASN B 618 1.21 -3.34 47.28
N HIS B 619 0.68 -4.37 47.94
CA HIS B 619 1.36 -5.06 49.03
C HIS B 619 2.29 -6.15 48.53
N SER B 620 2.77 -6.03 47.29
CA SER B 620 3.53 -7.08 46.63
C SER B 620 2.68 -8.34 46.44
N GLU B 621 1.39 -8.11 46.15
CA GLU B 621 0.44 -9.16 45.80
C GLU B 621 0.32 -10.21 46.90
N ARG B 622 0.32 -9.77 48.16
CA ARG B 622 0.17 -10.66 49.29
C ARG B 622 -0.80 -10.07 50.30
N PRO B 623 -1.61 -10.91 50.96
CA PRO B 623 -2.42 -10.43 52.10
C PRO B 623 -1.53 -10.23 53.32
N LEU B 624 -2.14 -9.75 54.40
CA LEU B 624 -1.42 -9.57 55.66
C LEU B 624 -1.28 -10.93 56.32
N ILE B 625 -0.15 -11.57 56.07
CA ILE B 625 0.20 -12.84 56.70
C ILE B 625 1.53 -12.62 57.41
N VAL B 626 1.57 -12.86 58.71
CA VAL B 626 2.77 -12.67 59.50
C VAL B 626 3.02 -14.00 60.20
N ASN B 627 4.30 -14.39 60.25
CA ASN B 627 4.69 -15.65 60.88
C ASN B 627 4.95 -15.37 62.36
N THR B 628 3.84 -15.35 63.10
CA THR B 628 3.88 -15.01 64.51
C THR B 628 4.67 -16.03 65.30
N PRO B 629 5.47 -15.60 66.28
CA PRO B 629 6.09 -16.61 67.14
C PRO B 629 5.12 -17.26 68.11
N LYS B 630 4.03 -16.58 68.50
CA LYS B 630 3.12 -17.16 69.49
C LYS B 630 2.17 -18.18 68.87
N TYR B 631 1.58 -17.85 67.72
CA TYR B 631 0.63 -18.73 67.06
C TYR B 631 1.04 -18.97 65.62
N GLY B 632 2.31 -19.30 65.41
CA GLY B 632 2.88 -19.52 64.09
C GLY B 632 2.39 -18.61 62.98
N ARG B 633 2.18 -19.17 61.78
CA ARG B 633 1.68 -18.41 60.65
C ARG B 633 0.21 -18.09 60.84
N LYS B 634 -0.10 -16.81 61.07
CA LYS B 634 -1.47 -16.35 61.22
C LYS B 634 -1.82 -15.38 60.10
N VAL B 635 -3.01 -15.51 59.55
CA VAL B 635 -3.50 -14.61 58.51
C VAL B 635 -4.48 -13.63 59.16
N PHE B 636 -4.20 -12.34 59.04
CA PHE B 636 -5.04 -11.31 59.61
C PHE B 636 -6.04 -10.77 58.61
N THR B 637 -5.96 -11.19 57.35
CA THR B 637 -6.89 -10.77 56.34
C THR B 637 -8.15 -11.63 56.43
N GLY B 638 -9.31 -10.98 56.52
CA GLY B 638 -10.55 -11.70 56.55
C GLY B 638 -10.84 -12.38 55.22
N LYS B 639 -11.63 -13.45 55.28
CA LYS B 639 -11.97 -14.18 54.07
C LYS B 639 -12.73 -13.29 53.09
N THR B 640 -13.59 -12.41 53.61
CA THR B 640 -14.34 -11.51 52.74
C THR B 640 -13.40 -10.58 51.97
N HIS B 641 -12.24 -10.28 52.52
CA HIS B 641 -11.28 -9.37 51.92
C HIS B 641 -10.23 -10.08 51.06
N MET B 642 -10.38 -11.39 50.84
CA MET B 642 -9.27 -12.15 50.28
C MET B 642 -9.08 -11.81 48.80
N PRO B 643 -7.86 -11.46 48.38
CA PRO B 643 -7.61 -11.19 46.96
C PRO B 643 -7.22 -12.42 46.17
N SER B 644 -6.98 -12.25 44.88
CA SER B 644 -6.54 -13.29 43.96
C SER B 644 -5.35 -12.78 43.18
N PRO B 645 -4.54 -13.69 42.62
CA PRO B 645 -3.39 -13.24 41.83
C PRO B 645 -3.80 -12.40 40.63
N THR B 646 -2.99 -11.37 40.35
CA THR B 646 -3.20 -10.50 39.19
C THR B 646 -2.29 -10.98 38.06
N LYS B 647 -2.89 -11.37 36.95
CA LYS B 647 -2.17 -11.80 35.76
C LYS B 647 -2.53 -10.98 34.54
N VAL B 648 -3.74 -10.44 34.48
CA VAL B 648 -4.15 -9.49 33.45
C VAL B 648 -4.78 -8.29 34.14
N LEU B 649 -4.53 -7.10 33.60
CA LEU B 649 -4.96 -5.87 34.24
C LEU B 649 -5.33 -4.86 33.16
N TRP B 650 -6.45 -4.18 33.35
CA TRP B 650 -6.86 -3.13 32.43
C TRP B 650 -7.65 -2.06 33.19
N PHE B 651 -7.28 -0.79 32.98
CA PHE B 651 -7.84 0.30 33.78
C PHE B 651 -8.00 1.57 32.95
N THR B 652 -9.16 2.24 33.15
CA THR B 652 -9.54 3.48 32.45
C THR B 652 -9.61 4.62 33.46
N ASN B 653 -9.46 5.85 33.01
CA ASN B 653 -9.58 7.04 33.88
C ASN B 653 -8.70 6.93 35.12
N VAL B 654 -7.60 6.18 35.06
CA VAL B 654 -6.69 6.17 36.23
C VAL B 654 -5.26 6.07 35.72
N ASN B 655 -4.30 6.68 36.41
CA ASN B 655 -2.85 6.59 36.11
C ASN B 655 -2.32 5.69 37.21
N LEU B 656 -2.86 4.50 37.25
CA LEU B 656 -2.72 3.52 38.35
C LEU B 656 -1.27 3.26 38.67
N ILE B 657 -0.49 2.98 37.66
CA ILE B 657 0.90 2.62 37.95
C ILE B 657 1.71 3.84 38.33
N ASN B 658 1.54 4.95 37.60
CA ASN B 658 2.27 6.16 37.92
C ASN B 658 1.91 6.67 39.32
N ASN B 659 0.63 6.65 39.66
CA ASN B 659 0.18 7.12 40.96
C ASN B 659 0.16 6.03 42.01
N ALA B 660 0.53 4.80 41.66
CA ALA B 660 0.59 3.75 42.66
C ALA B 660 1.69 4.02 43.67
N LYS B 661 1.44 3.61 44.90
CA LYS B 661 2.36 3.85 46.00
C LYS B 661 3.39 2.73 46.02
N HIS B 662 4.64 3.11 46.28
CA HIS B 662 5.79 2.19 46.25
C HIS B 662 6.01 1.72 44.81
N VAL B 663 6.04 2.70 43.90
CA VAL B 663 5.88 2.43 42.46
C VAL B 663 7.05 1.63 41.92
N TYR B 664 8.27 1.96 42.32
CA TYR B 664 9.43 1.32 41.73
C TYR B 664 9.57 -0.13 42.17
N GLN B 665 9.05 -0.48 43.35
CA GLN B 665 8.88 -1.88 43.71
C GLN B 665 7.88 -2.56 42.78
N MET B 666 6.79 -1.85 42.43
CA MET B 666 5.78 -2.42 41.57
C MET B 666 6.35 -2.70 40.18
N LEU B 667 7.15 -1.76 39.66
CA LEU B 667 7.72 -1.91 38.33
C LEU B 667 8.83 -2.96 38.29
N LYS B 668 9.62 -3.06 39.35
CA LYS B 668 10.80 -3.91 39.35
C LYS B 668 10.50 -5.36 39.73
N ASN B 669 9.67 -5.58 40.75
CA ASN B 669 9.52 -6.93 41.31
C ASN B 669 8.09 -7.46 41.29
N VAL B 670 7.08 -6.64 41.04
CA VAL B 670 5.68 -7.06 41.08
C VAL B 670 5.12 -7.21 39.66
N ASN B 671 5.16 -6.14 38.88
CA ASN B 671 4.54 -6.08 37.56
C ASN B 671 5.16 -7.01 36.50
N PRO B 672 6.45 -7.34 36.54
CA PRO B 672 6.97 -8.31 35.57
C PRO B 672 6.22 -9.63 35.56
N ASN B 673 5.60 -10.03 36.67
CA ASN B 673 4.80 -11.24 36.70
C ASN B 673 3.35 -11.01 36.31
N ILE B 674 2.91 -9.76 36.18
CA ILE B 674 1.60 -9.50 35.58
C ILE B 674 1.79 -9.61 34.08
N GLU B 675 1.16 -10.61 33.49
CA GLU B 675 1.27 -10.99 32.05
C GLU B 675 0.63 -10.03 31.07
N GLN B 676 -0.37 -9.27 31.47
CA GLN B 676 -0.94 -8.28 30.53
C GLN B 676 -1.37 -7.03 31.27
N ILE B 677 -0.81 -5.87 30.95
CA ILE B 677 -1.20 -4.60 31.57
C ILE B 677 -1.75 -3.70 30.47
N MET B 678 -2.92 -3.14 30.70
CA MET B 678 -3.61 -2.37 29.69
C MET B 678 -4.13 -1.10 30.33
N SER B 679 -4.10 0.00 29.58
CA SER B 679 -4.56 1.28 30.10
C SER B 679 -5.30 2.03 29.01
N THR B 680 -6.47 2.54 29.36
CA THR B 680 -7.20 3.51 28.55
C THR B 680 -6.92 4.91 29.08
N ASP B 681 -6.57 5.82 28.17
CA ASP B 681 -6.22 7.16 28.60
C ASP B 681 -6.28 8.10 27.40
N ILE B 682 -6.03 9.39 27.67
CA ILE B 682 -5.97 10.43 26.65
C ILE B 682 -4.57 10.98 26.49
N GLU B 683 -3.65 10.68 27.39
CA GLU B 683 -2.28 11.13 27.34
C GLU B 683 -1.34 9.96 27.62
N ILE B 684 -0.09 10.08 27.19
CA ILE B 684 0.92 9.09 27.53
C ILE B 684 1.43 9.45 28.94
N THR B 685 1.17 8.57 29.90
CA THR B 685 1.25 8.94 31.32
C THR B 685 2.38 8.28 32.10
N GLY B 686 3.21 7.47 31.47
CA GLY B 686 4.18 6.69 32.23
C GLY B 686 3.59 5.42 32.83
N SER B 687 2.28 5.40 33.10
CA SER B 687 1.62 4.11 33.27
C SER B 687 1.51 3.39 31.94
N ILE B 688 1.33 4.14 30.84
CA ILE B 688 1.36 3.54 29.51
C ILE B 688 2.80 3.13 29.18
N GLU B 689 3.77 3.92 29.65
CA GLU B 689 5.17 3.63 29.37
C GLU B 689 5.61 2.31 29.98
N TYR B 690 4.95 1.86 31.04
CA TYR B 690 5.22 0.58 31.66
C TYR B 690 4.05 -0.38 31.52
N ALA B 691 3.28 -0.23 30.45
CA ALA B 691 2.12 -1.08 30.16
C ALA B 691 2.35 -1.85 28.86
N ASP B 692 1.41 -2.73 28.53
CA ASP B 692 1.46 -3.52 27.31
C ASP B 692 0.51 -3.03 26.24
N PHE B 693 -0.59 -2.38 26.63
CA PHE B 693 -1.54 -1.81 25.69
C PHE B 693 -1.89 -0.39 26.10
N ALA B 694 -2.28 0.41 25.10
CA ALA B 694 -2.75 1.77 25.32
C ALA B 694 -3.89 2.04 24.37
N PHE B 695 -4.99 2.56 24.89
CA PHE B 695 -6.17 2.85 24.09
C PHE B 695 -6.53 4.32 24.19
N PRO B 696 -6.39 5.10 23.12
CA PRO B 696 -6.71 6.52 23.18
C PRO B 696 -8.22 6.73 23.26
N ALA B 697 -8.66 7.37 24.34
CA ALA B 697 -10.05 7.69 24.57
C ALA B 697 -10.34 9.14 24.25
N ASN B 698 -11.62 9.45 24.09
CA ASN B 698 -12.05 10.82 23.87
C ASN B 698 -12.07 11.58 25.18
N SER B 699 -11.52 12.80 25.17
CA SER B 699 -11.58 13.64 26.36
C SER B 699 -13.01 14.17 26.53
N TRP B 700 -13.22 14.94 27.60
CA TRP B 700 -14.56 15.41 27.91
C TRP B 700 -15.12 16.33 26.82
N VAL B 701 -14.26 16.94 26.02
CA VAL B 701 -14.73 17.82 24.95
C VAL B 701 -14.85 17.12 23.61
N GLU B 702 -14.41 15.87 23.51
CA GLU B 702 -14.54 15.11 22.27
C GLU B 702 -15.42 13.89 22.45
N PHE B 703 -16.45 13.98 23.29
CA PHE B 703 -17.30 12.82 23.53
C PHE B 703 -18.26 12.68 22.36
N GLN B 704 -18.29 11.51 21.75
CA GLN B 704 -19.26 11.20 20.71
C GLN B 704 -20.46 10.41 21.22
N GLU B 705 -20.66 10.40 22.53
CA GLU B 705 -21.78 9.70 23.15
C GLU B 705 -22.01 10.34 24.51
N PHE B 706 -23.24 10.23 25.00
CA PHE B 706 -23.60 10.91 26.24
C PHE B 706 -23.00 10.22 27.45
N GLU B 707 -22.79 10.99 28.51
CA GLU B 707 -22.21 10.47 29.74
C GLU B 707 -22.85 11.12 30.95
N ILE B 708 -22.93 10.35 32.04
CA ILE B 708 -23.60 10.74 33.27
C ILE B 708 -22.58 10.83 34.39
N THR B 709 -22.71 11.83 35.26
CA THR B 709 -21.87 11.95 36.43
C THR B 709 -22.64 12.63 37.55
N ASN B 710 -22.17 12.41 38.78
CA ASN B 710 -22.71 13.04 39.97
C ASN B 710 -21.54 13.42 40.86
N SER B 711 -21.84 14.02 42.01
CA SER B 711 -20.80 14.39 42.95
C SER B 711 -21.29 14.16 44.37
N CYS B 712 -20.35 14.14 45.30
CA CYS B 712 -20.63 14.03 46.72
C CYS B 712 -20.53 15.35 47.45
N SER B 713 -20.04 16.38 46.75
CA SER B 713 -19.90 17.72 47.36
C SER B 713 -20.97 18.67 46.82
N ASN B 714 -21.74 18.22 45.84
CA ASN B 714 -22.80 19.08 45.26
C ASN B 714 -23.98 18.20 44.85
N PRO B 715 -25.22 18.72 44.87
CA PRO B 715 -26.38 17.93 44.54
C PRO B 715 -26.68 17.82 43.06
N PHE B 716 -25.86 18.43 42.22
CA PHE B 716 -26.10 18.49 40.77
C PHE B 716 -25.75 17.23 40.01
N ILE B 717 -26.48 17.10 38.91
CA ILE B 717 -26.34 16.07 37.89
C ILE B 717 -25.91 16.76 36.61
N GLN B 718 -24.89 16.22 35.95
CA GLN B 718 -24.40 16.76 34.69
C GLN B 718 -24.36 15.62 33.67
N ILE B 719 -25.04 15.80 32.54
CA ILE B 719 -25.01 14.88 31.42
C ILE B 719 -24.50 15.67 30.20
N TRP B 720 -23.49 15.12 29.52
CA TRP B 720 -22.88 15.84 28.42
C TRP B 720 -22.37 14.85 27.36
N GLY B 721 -22.16 15.38 26.17
CA GLY B 721 -21.60 14.65 25.05
C GLY B 721 -22.05 15.17 23.70
N LYS B 722 -21.33 14.78 22.66
CA LYS B 722 -21.55 15.07 21.25
C LYS B 722 -21.63 16.55 20.89
N THR B 723 -21.38 17.45 21.83
CA THR B 723 -21.56 18.88 21.55
C THR B 723 -20.24 19.64 21.45
N GLY B 724 -19.11 18.94 21.56
CA GLY B 724 -17.80 19.58 21.55
C GLY B 724 -17.16 19.54 20.17
N ILE B 725 -15.86 19.24 20.17
CA ILE B 725 -15.08 19.20 18.94
C ILE B 725 -14.95 17.75 18.48
N THR B 726 -14.63 17.57 17.20
CA THR B 726 -14.36 16.25 16.68
C THR B 726 -13.04 15.74 17.26
N PRO B 727 -12.89 14.42 17.43
CA PRO B 727 -11.66 13.88 18.02
C PRO B 727 -10.42 14.36 17.28
N VAL B 728 -9.48 14.90 18.06
CA VAL B 728 -8.26 15.45 17.47
C VAL B 728 -7.41 14.35 16.86
N TYR B 729 -7.38 13.18 17.50
CA TYR B 729 -6.62 12.06 16.96
C TYR B 729 -7.51 10.81 16.88
N GLU B 730 -6.90 9.66 16.60
CA GLU B 730 -7.64 8.40 16.41
C GLU B 730 -8.09 7.85 17.76
N SER B 731 -9.12 8.47 18.30
CA SER B 731 -9.67 8.11 19.61
C SER B 731 -11.11 7.63 19.48
N LYS B 732 -11.53 6.84 20.46
CA LYS B 732 -12.90 6.33 20.56
C LYS B 732 -13.44 6.65 21.94
N ASP B 733 -14.75 6.57 22.09
CA ASP B 733 -15.35 6.73 23.40
C ASP B 733 -15.07 5.48 24.22
N ASP B 734 -14.89 5.66 25.53
CA ASP B 734 -14.57 4.53 26.40
C ASP B 734 -15.63 3.45 26.27
N VAL B 735 -16.88 3.88 26.12
CA VAL B 735 -17.98 2.91 25.99
C VAL B 735 -17.76 2.02 24.77
N LYS B 736 -17.24 2.59 23.67
CA LYS B 736 -16.98 1.81 22.48
C LYS B 736 -15.70 0.98 22.60
N ILE B 737 -14.72 1.47 23.37
CA ILE B 737 -13.52 0.67 23.62
C ILE B 737 -13.88 -0.58 24.41
N LEU B 738 -14.72 -0.43 25.44
CA LEU B 738 -15.22 -1.59 26.18
C LEU B 738 -16.03 -2.52 25.28
N ALA B 739 -16.92 -1.95 24.47
CA ALA B 739 -17.74 -2.75 23.58
C ALA B 739 -16.90 -3.41 22.50
N GLY B 740 -15.95 -2.67 21.93
CA GLY B 740 -15.08 -3.24 20.92
C GLY B 740 -14.24 -4.39 21.46
N MET B 741 -13.80 -4.29 22.72
CA MET B 741 -13.07 -5.38 23.34
C MET B 741 -13.97 -6.59 23.55
N ALA B 742 -15.22 -6.35 23.97
CA ALA B 742 -16.15 -7.46 24.19
C ALA B 742 -16.54 -8.12 22.87
N SER B 743 -16.72 -7.31 21.83
CA SER B 743 -17.12 -7.86 20.53
C SER B 743 -16.05 -8.77 19.97
N LYS B 744 -14.78 -8.39 20.12
CA LYS B 744 -13.70 -9.25 19.64
C LYS B 744 -13.58 -10.52 20.46
N LEU B 745 -13.87 -10.44 21.76
CA LEU B 745 -13.96 -11.66 22.57
C LEU B 745 -15.07 -12.56 22.06
N GLY B 746 -16.21 -11.98 21.67
CA GLY B 746 -17.28 -12.77 21.09
C GLY B 746 -16.95 -13.27 19.70
N GLU B 747 -16.21 -12.47 18.92
CA GLU B 747 -15.81 -12.90 17.59
C GLU B 747 -14.84 -14.07 17.67
N LEU B 748 -13.90 -14.03 18.62
CA LEU B 748 -12.95 -15.13 18.77
C LEU B 748 -13.59 -16.36 19.40
N LEU B 749 -14.58 -16.17 20.25
CA LEU B 749 -15.24 -17.28 20.93
C LEU B 749 -16.54 -17.71 20.25
N ARG B 750 -16.86 -17.13 19.10
CA ARG B 750 -18.09 -17.46 18.35
C ARG B 750 -19.31 -17.40 19.27
N ASP B 751 -19.40 -16.31 20.02
CA ASP B 751 -20.46 -16.09 20.99
C ASP B 751 -21.12 -14.75 20.71
N LYS B 752 -22.44 -14.75 20.65
CA LYS B 752 -23.20 -13.52 20.41
C LYS B 752 -23.55 -12.81 21.71
N ARG B 753 -23.71 -13.57 22.80
CA ARG B 753 -24.01 -13.00 24.11
C ARG B 753 -23.04 -11.90 24.54
N PHE B 754 -21.86 -11.79 23.92
CA PHE B 754 -20.97 -10.68 24.26
C PHE B 754 -21.53 -9.36 23.75
N GLU B 755 -21.94 -9.32 22.48
CA GLU B 755 -22.48 -8.09 21.92
C GLU B 755 -23.83 -7.74 22.51
N ASP B 756 -24.58 -8.72 23.02
CA ASP B 756 -25.85 -8.43 23.66
C ASP B 756 -25.67 -7.60 24.92
N ASN B 757 -24.62 -7.88 25.70
CA ASN B 757 -24.36 -7.11 26.91
C ASN B 757 -23.95 -5.68 26.59
N TRP B 758 -23.48 -5.41 25.37
CA TRP B 758 -23.09 -4.08 24.93
C TRP B 758 -23.91 -3.64 23.72
N LYS B 759 -25.13 -4.14 23.59
CA LYS B 759 -25.93 -3.89 22.39
C LYS B 759 -26.18 -2.41 22.19
N PHE B 760 -26.73 -1.73 23.20
CA PHE B 760 -27.07 -0.32 23.05
C PHE B 760 -25.83 0.56 23.01
N ALA B 761 -24.71 0.11 23.58
CA ALA B 761 -23.47 0.85 23.45
C ALA B 761 -22.97 0.82 22.01
N ILE B 762 -23.00 -0.36 21.38
CA ILE B 762 -22.53 -0.49 20.00
C ILE B 762 -23.41 0.30 19.04
N GLU B 763 -24.72 0.26 19.26
CA GLU B 763 -25.67 0.91 18.36
C GLU B 763 -25.63 2.43 18.46
N GLY B 764 -24.84 2.99 19.38
CA GLY B 764 -24.79 4.42 19.53
C GLY B 764 -25.87 5.00 20.42
N ARG B 765 -26.50 4.17 21.25
CA ARG B 765 -27.56 4.61 22.16
C ARG B 765 -27.21 4.19 23.57
N ALA B 766 -26.37 4.99 24.24
CA ALA B 766 -26.06 4.76 25.64
C ALA B 766 -27.10 5.39 26.56
N SER B 767 -27.96 6.26 26.02
CA SER B 767 -29.05 6.82 26.81
C SER B 767 -29.93 5.73 27.40
N VAL B 768 -29.99 4.56 26.74
CA VAL B 768 -30.75 3.44 27.29
C VAL B 768 -30.20 3.04 28.65
N TYR B 769 -28.89 2.81 28.74
CA TYR B 769 -28.28 2.44 30.01
C TYR B 769 -28.37 3.57 31.02
N ILE B 770 -28.23 4.81 30.57
CA ILE B 770 -28.34 5.96 31.49
C ILE B 770 -29.74 6.02 32.06
N ASN B 771 -30.76 5.82 31.23
CA ASN B 771 -32.14 5.80 31.72
C ASN B 771 -32.36 4.66 32.70
N ARG B 772 -31.74 3.51 32.43
CA ARG B 772 -31.83 2.38 33.36
C ARG B 772 -31.11 2.67 34.67
N LEU B 773 -30.22 3.66 34.69
CA LEU B 773 -29.59 4.09 35.94
C LEU B 773 -30.38 5.19 36.63
N LEU B 774 -30.91 6.15 35.86
CA LEU B 774 -31.79 7.16 36.43
C LEU B 774 -33.02 6.50 37.04
N ASP B 775 -33.79 5.80 36.21
CA ASP B 775 -34.83 4.94 36.73
C ASP B 775 -34.17 3.82 37.53
N GLY B 776 -34.69 3.57 38.72
CA GLY B 776 -34.10 2.59 39.61
C GLY B 776 -33.19 3.15 40.69
N SER B 777 -33.08 4.46 40.83
CA SER B 777 -32.25 5.08 41.84
C SER B 777 -33.11 5.99 42.72
N THR B 778 -32.87 5.92 44.04
CA THR B 778 -33.65 6.73 44.96
C THR B 778 -33.53 8.21 44.66
N THR B 779 -32.35 8.63 44.19
CA THR B 779 -32.10 10.04 43.92
C THR B 779 -32.44 10.45 42.49
N MET B 780 -32.73 9.52 41.60
CA MET B 780 -32.87 9.88 40.20
C MET B 780 -34.03 9.22 39.45
N LYS B 781 -34.81 8.33 40.08
CA LYS B 781 -35.99 7.82 39.38
C LYS B 781 -36.98 8.97 39.16
N GLY B 782 -37.46 9.08 37.92
CA GLY B 782 -38.27 10.20 37.50
C GLY B 782 -37.54 11.10 36.53
N TYR B 783 -36.22 11.09 36.56
CA TYR B 783 -35.39 11.84 35.63
C TYR B 783 -35.18 11.02 34.37
N THR B 784 -35.14 11.70 33.24
CA THR B 784 -34.85 11.07 31.98
C THR B 784 -33.58 11.67 31.40
N CYS B 785 -32.73 10.84 30.79
CA CYS B 785 -31.50 11.35 30.18
C CYS B 785 -31.82 12.37 29.09
N GLU B 786 -32.81 12.05 28.27
CA GLU B 786 -33.24 12.94 27.19
C GLU B 786 -33.79 14.26 27.73
N ASP B 787 -34.63 14.20 28.77
CA ASP B 787 -35.23 15.40 29.34
C ASP B 787 -34.19 16.28 30.05
N ILE B 788 -33.30 15.67 30.82
CA ILE B 788 -32.28 16.46 31.56
C ILE B 788 -31.40 17.21 30.57
N LEU B 789 -31.03 16.51 29.52
CA LEU B 789 -30.12 17.00 28.48
C LEU B 789 -30.77 18.13 27.73
N ASN B 790 -32.07 18.32 27.86
CA ASN B 790 -32.73 19.38 27.04
C ASN B 790 -33.08 20.65 27.81
N GLY B 791 -32.77 20.76 29.08
CA GLY B 791 -33.09 21.99 29.82
C GLY B 791 -34.41 21.95 30.57
N LYS B 792 -35.03 20.79 30.68
CA LYS B 792 -36.35 20.69 31.34
C LYS B 792 -36.26 21.21 32.78
N TYR B 793 -35.12 21.01 33.45
CA TYR B 793 -34.92 21.46 34.84
C TYR B 793 -33.91 22.60 34.87
N GLY B 794 -33.93 23.45 33.86
CA GLY B 794 -33.03 24.59 33.85
C GLY B 794 -31.97 24.58 32.78
N GLU B 795 -30.71 24.43 33.17
CA GLU B 795 -29.61 24.38 32.22
C GLU B 795 -29.73 23.15 31.33
N PRO B 796 -29.34 23.25 30.05
CA PRO B 796 -29.55 22.14 29.11
C PRO B 796 -28.67 20.92 29.38
N GLY B 797 -28.04 20.84 30.53
CA GLY B 797 -27.27 19.65 30.85
C GLY B 797 -27.34 19.25 32.31
N VAL B 798 -28.17 19.92 33.10
CA VAL B 798 -28.11 19.78 34.55
C VAL B 798 -29.50 19.54 35.15
N ALA B 799 -29.51 18.73 36.21
CA ALA B 799 -30.64 18.55 37.10
C ALA B 799 -30.08 18.33 38.49
N MET B 800 -30.96 18.19 39.48
CA MET B 800 -30.53 17.92 40.85
C MET B 800 -31.09 16.59 41.32
N LEU B 801 -30.21 15.70 41.75
CA LEU B 801 -30.64 14.43 42.29
C LEU B 801 -31.41 14.63 43.61
N LEU B 802 -32.27 13.66 43.92
CA LEU B 802 -33.25 13.79 44.99
C LEU B 802 -32.78 13.12 46.28
N PHE B 803 -32.17 13.89 47.18
CA PHE B 803 -32.00 13.56 48.60
C PHE B 803 -33.22 14.10 49.36
N ARG B 804 -33.19 13.89 50.66
CA ARG B 804 -34.25 14.45 51.52
C ARG B 804 -34.10 15.96 51.65
N THR B 805 -32.88 16.48 51.68
CA THR B 805 -32.76 17.95 51.80
C THR B 805 -31.85 18.54 50.73
N TYR B 806 -32.14 19.76 50.31
CA TYR B 806 -31.30 20.42 49.32
C TYR B 806 -29.87 20.55 49.84
N PRO B 807 -29.62 21.13 51.02
CA PRO B 807 -28.31 20.93 51.62
C PRO B 807 -28.27 19.53 52.19
N ARG B 808 -27.86 18.54 51.39
CA ARG B 808 -27.84 17.18 51.90
C ARG B 808 -26.92 17.09 53.10
N HIS B 809 -27.51 16.75 54.24
CA HIS B 809 -26.81 16.58 55.49
C HIS B 809 -27.01 15.16 55.98
N PRO B 810 -25.94 14.39 56.22
CA PRO B 810 -26.12 13.00 56.63
C PRO B 810 -26.75 12.91 58.02
N PHE B 811 -27.64 11.93 58.18
CA PHE B 811 -28.30 11.61 59.45
C PHE B 811 -29.32 12.67 59.84
N TRP B 812 -29.74 13.52 58.91
CA TRP B 812 -30.78 14.49 59.22
C TRP B 812 -32.09 13.79 59.60
N GLU B 813 -32.53 12.83 58.77
CA GLU B 813 -33.74 12.08 59.07
C GLU B 813 -33.59 11.17 60.29
N GLN B 814 -32.37 10.93 60.76
CA GLN B 814 -32.15 10.04 61.89
C GLN B 814 -32.31 10.77 63.22
N VAL B 815 -31.97 12.05 63.26
CA VAL B 815 -32.15 12.84 64.48
C VAL B 815 -33.51 13.51 64.51
N HIS B 816 -34.01 13.98 63.37
CA HIS B 816 -35.26 14.72 63.34
C HIS B 816 -36.48 13.80 63.36
N GLU B 817 -36.37 12.59 62.82
CA GLU B 817 -37.48 11.65 62.80
C GLU B 817 -37.23 10.42 63.67
N SER B 818 -36.13 10.39 64.41
CA SER B 818 -35.82 9.32 65.36
C SER B 818 -35.71 7.96 64.65
N LEU B 819 -34.81 7.92 63.67
CA LEU B 819 -34.48 6.73 62.90
C LEU B 819 -33.10 6.21 63.30
N PRO B 820 -32.88 4.89 63.25
CA PRO B 820 -31.60 4.34 63.69
C PRO B 820 -30.49 4.53 62.68
N PHE B 821 -29.26 4.58 63.20
CA PHE B 821 -28.07 4.62 62.36
C PHE B 821 -27.77 3.22 61.82
N TYR B 822 -26.68 3.10 61.07
CA TYR B 822 -26.33 1.85 60.41
C TYR B 822 -25.23 1.09 61.16
N THR B 823 -25.28 1.12 62.48
CA THR B 823 -24.40 0.40 63.38
C THR B 823 -25.08 -0.85 63.90
N PRO B 824 -24.33 -1.73 64.58
CA PRO B 824 -25.01 -2.81 65.32
C PRO B 824 -26.01 -2.31 66.36
N THR B 825 -25.76 -1.16 66.97
CA THR B 825 -26.68 -0.60 67.97
C THR B 825 -27.68 0.38 67.39
N GLY B 826 -27.55 0.77 66.12
CA GLY B 826 -28.39 1.82 65.60
C GLY B 826 -28.07 3.17 66.18
N ARG B 827 -26.88 3.34 66.75
CA ARG B 827 -26.48 4.54 67.45
C ARG B 827 -25.05 4.88 67.07
N LEU B 828 -24.69 6.13 67.30
CA LEU B 828 -23.31 6.55 67.03
C LEU B 828 -22.47 5.76 68.02
N GLN B 829 -21.39 5.11 67.59
CA GLN B 829 -20.63 4.26 68.52
C GLN B 829 -19.24 4.82 68.85
N ALA B 830 -18.95 4.91 70.14
CA ALA B 830 -17.62 5.29 70.66
C ALA B 830 -16.87 4.04 71.08
N TYR B 831 -17.50 2.88 70.95
CA TYR B 831 -16.96 1.57 71.40
C TYR B 831 -17.27 0.51 70.36
N ASN B 832 -16.38 -0.46 70.15
CA ASN B 832 -16.62 -1.57 69.19
C ASN B 832 -16.31 -2.89 69.90
N ASP B 833 -17.28 -3.81 70.00
CA ASP B 833 -17.07 -5.03 70.78
C ASP B 833 -16.76 -6.24 69.91
N GLU B 834 -16.58 -6.06 68.60
CA GLU B 834 -16.30 -7.18 67.72
C GLU B 834 -15.03 -7.90 68.15
N PRO B 835 -14.97 -9.23 68.05
CA PRO B 835 -13.84 -9.98 68.63
C PRO B 835 -12.47 -9.55 68.12
N GLU B 836 -12.32 -9.32 66.82
CA GLU B 836 -11.00 -8.94 66.29
C GLU B 836 -10.56 -7.59 66.84
N ILE B 837 -11.51 -6.67 67.04
CA ILE B 837 -11.17 -5.33 67.53
C ILE B 837 -10.65 -5.39 68.96
N ILE B 838 -11.24 -6.25 69.79
CA ILE B 838 -10.77 -6.38 71.17
C ILE B 838 -9.41 -7.06 71.21
N GLU B 839 -9.20 -8.06 70.35
CA GLU B 839 -7.89 -8.69 70.26
C GLU B 839 -6.81 -7.72 69.80
N TYR B 840 -7.20 -6.73 68.98
CA TYR B 840 -6.25 -5.72 68.52
C TYR B 840 -6.01 -4.62 69.54
N GLY B 841 -6.86 -4.52 70.57
CA GLY B 841 -6.68 -3.51 71.59
C GLY B 841 -7.29 -2.17 71.25
N GLU B 842 -8.23 -2.14 70.31
CA GLU B 842 -8.82 -0.89 69.83
C GLU B 842 -10.34 -0.88 70.04
N ASN B 843 -10.82 -1.64 71.03
CA ASN B 843 -12.23 -1.57 71.37
C ASN B 843 -12.61 -0.17 71.83
N PHE B 844 -11.76 0.47 72.61
CA PHE B 844 -11.91 1.88 72.96
C PHE B 844 -11.26 2.76 71.92
N ILE B 845 -11.72 4.01 71.85
CA ILE B 845 -11.08 5.01 71.01
C ILE B 845 -9.81 5.44 71.74
N VAL B 846 -8.68 4.88 71.34
CA VAL B 846 -7.40 5.10 72.00
C VAL B 846 -6.43 5.71 71.01
N HIS B 847 -5.43 6.42 71.54
CA HIS B 847 -4.35 6.95 70.71
C HIS B 847 -3.28 5.89 70.56
N ARG B 848 -2.82 5.70 69.32
CA ARG B 848 -1.76 4.74 69.03
C ARG B 848 -0.75 5.39 68.10
N GLU B 849 0.53 5.08 68.33
CA GLU B 849 1.60 5.60 67.48
C GLU B 849 1.64 4.80 66.18
N GLY B 850 2.15 5.44 65.13
CA GLY B 850 2.23 4.79 63.85
C GLY B 850 3.25 3.67 63.82
N PRO B 851 3.01 2.67 62.96
CA PRO B 851 4.00 1.60 62.79
C PRO B 851 5.31 2.09 62.19
N GLU B 852 5.30 3.22 61.50
CA GLU B 852 6.55 3.85 61.08
C GLU B 852 6.63 5.35 61.34
N ALA B 853 5.52 6.08 61.39
CA ALA B 853 5.52 7.55 61.45
C ALA B 853 5.44 8.06 62.89
N THR B 854 6.44 7.69 63.69
CA THR B 854 6.49 8.11 65.08
C THR B 854 7.93 8.09 65.56
N PRO B 855 8.32 8.97 66.49
CA PRO B 855 9.66 8.86 67.08
C PRO B 855 9.79 7.76 68.12
N TYR B 856 8.67 7.26 68.65
CA TYR B 856 8.62 6.27 69.72
C TYR B 856 8.33 4.89 69.15
N LEU B 857 8.04 3.94 70.04
CA LEU B 857 7.79 2.56 69.65
C LEU B 857 6.69 2.47 68.60
N PRO B 858 6.94 1.81 67.47
CA PRO B 858 5.91 1.72 66.42
C PRO B 858 4.67 0.98 66.90
N ASN B 859 3.50 1.55 66.61
CA ASN B 859 2.22 0.90 66.83
C ASN B 859 1.97 0.61 68.31
N ALA B 860 2.48 1.45 69.19
CA ALA B 860 2.27 1.25 70.62
C ALA B 860 0.92 1.82 71.04
N ILE B 861 0.26 1.15 71.97
CA ILE B 861 -1.02 1.59 72.49
C ILE B 861 -0.76 2.39 73.76
N VAL B 862 -1.03 3.69 73.70
CA VAL B 862 -0.78 4.59 74.82
C VAL B 862 -2.03 4.60 75.69
N SER B 863 -2.03 3.78 76.73
CA SER B 863 -3.14 3.72 77.68
C SER B 863 -2.73 2.82 78.85
N THR B 864 -3.38 3.05 79.99
CA THR B 864 -3.29 2.16 81.15
C THR B 864 -4.62 1.53 81.49
N ASN B 865 -5.63 1.71 80.65
CA ASN B 865 -6.95 1.18 80.89
C ASN B 865 -6.89 -0.34 81.08
N PRO B 866 -7.32 -0.87 82.22
CA PRO B 866 -7.35 -2.33 82.38
C PRO B 866 -8.41 -3.00 81.51
N TYR B 867 -9.26 -2.22 80.84
CA TYR B 867 -10.29 -2.74 79.98
C TYR B 867 -9.85 -2.81 78.52
N ILE B 868 -8.62 -2.41 78.23
CA ILE B 868 -7.98 -2.67 76.96
C ILE B 868 -7.07 -3.88 77.19
N ARG B 869 -7.38 -5.00 76.55
CA ARG B 869 -6.63 -6.25 76.75
C ARG B 869 -6.23 -6.80 75.40
N PRO B 870 -5.24 -6.19 74.76
CA PRO B 870 -4.84 -6.62 73.42
C PRO B 870 -3.95 -7.84 73.47
N ASP B 871 -3.70 -8.43 72.30
CA ASP B 871 -2.76 -9.57 72.24
C ASP B 871 -1.55 -9.05 71.49
N ASP B 872 -0.36 -9.22 72.03
CA ASP B 872 0.86 -8.66 71.40
C ASP B 872 1.37 -9.59 70.29
N TYR B 873 0.87 -10.83 70.26
CA TYR B 873 1.24 -11.93 69.34
C TYR B 873 2.68 -12.38 69.58
N GLY B 874 3.18 -12.19 70.80
CA GLY B 874 4.56 -12.58 71.11
C GLY B 874 5.54 -11.94 70.18
N ILE B 875 5.35 -10.65 69.88
CA ILE B 875 6.28 -10.02 68.95
C ILE B 875 7.14 -9.05 69.75
N PRO B 876 8.47 -9.16 69.69
CA PRO B 876 9.31 -8.31 70.53
C PRO B 876 9.28 -6.86 70.08
N GLU B 877 9.67 -5.98 71.00
CA GLU B 877 9.69 -4.55 70.71
C GLU B 877 10.86 -4.19 69.80
N ASN B 878 11.79 -5.12 69.55
CA ASN B 878 12.87 -4.91 68.60
C ASN B 878 12.42 -5.09 67.16
N ALA B 879 11.22 -5.62 66.92
CA ALA B 879 10.83 -6.02 65.58
C ALA B 879 10.90 -4.84 64.62
N GLU B 880 11.66 -5.01 63.54
CA GLU B 880 11.82 -3.99 62.52
C GLU B 880 11.11 -4.32 61.21
N TYR B 881 10.72 -5.58 61.02
CA TYR B 881 9.98 -5.95 59.83
C TYR B 881 8.60 -5.32 59.86
N TRP B 882 8.18 -4.78 58.71
CA TRP B 882 6.96 -3.96 58.68
C TRP B 882 5.73 -4.78 59.04
N GLU B 883 5.67 -6.03 58.59
CA GLU B 883 4.51 -6.87 58.92
C GLU B 883 4.46 -7.21 60.40
N ASP B 884 5.63 -7.29 61.04
CA ASP B 884 5.65 -7.49 62.49
C ASP B 884 5.13 -6.26 63.21
N ARG B 885 5.59 -5.08 62.79
CA ARG B 885 5.15 -3.84 63.42
C ARG B 885 3.67 -3.59 63.18
N THR B 886 3.12 -4.15 62.10
CA THR B 886 1.72 -3.93 61.77
C THR B 886 0.79 -4.50 62.82
N VAL B 887 1.17 -5.60 63.47
CA VAL B 887 0.27 -6.34 64.34
C VAL B 887 0.75 -6.35 65.79
N ARG B 888 1.80 -5.61 66.12
CA ARG B 888 2.27 -5.56 67.51
C ARG B 888 1.33 -4.66 68.30
N ASN B 889 0.39 -5.29 69.02
CA ASN B 889 -0.59 -4.57 69.84
C ASN B 889 -0.16 -4.65 71.31
N ILE B 890 0.74 -3.74 71.69
CA ILE B 890 1.28 -3.69 73.04
C ILE B 890 0.74 -2.44 73.74
N LYS B 891 0.08 -2.66 74.88
CA LYS B 891 -0.38 -1.55 75.69
C LYS B 891 0.78 -1.01 76.54
N LYS B 892 0.86 0.31 76.65
CA LYS B 892 1.96 0.96 77.36
C LYS B 892 1.50 2.35 77.79
N SER B 893 1.95 2.77 78.97
CA SER B 893 1.56 4.09 79.46
C SER B 893 2.30 5.19 78.69
N TRP B 894 1.73 6.40 78.74
CA TRP B 894 2.34 7.51 78.00
C TRP B 894 3.72 7.84 78.56
N GLU B 895 3.89 7.76 79.87
CA GLU B 895 5.17 8.09 80.49
C GLU B 895 6.22 7.06 80.08
N GLU B 896 5.83 5.79 79.98
CA GLU B 896 6.76 4.76 79.53
C GLU B 896 7.03 4.87 78.03
N THR B 897 6.04 5.29 77.24
CA THR B 897 6.23 5.38 75.80
C THR B 897 7.25 6.47 75.43
N LYS B 898 7.29 7.56 76.19
CA LYS B 898 8.18 8.67 75.84
C LYS B 898 9.64 8.26 75.88
N LYS B 899 9.96 7.21 76.64
CA LYS B 899 11.31 6.69 76.75
C LYS B 899 11.64 5.66 75.68
N THR B 900 10.67 5.28 74.84
CA THR B 900 10.90 4.28 73.82
C THR B 900 11.67 4.93 72.65
N LYS B 901 11.77 4.21 71.52
CA LYS B 901 12.58 4.66 70.40
C LYS B 901 12.24 3.92 69.11
N ASN B 902 11.88 4.67 68.06
CA ASN B 902 11.76 4.07 66.75
C ASN B 902 13.14 3.84 66.17
N PHE B 903 13.36 2.66 65.59
CA PHE B 903 14.69 2.36 65.06
C PHE B 903 15.04 3.28 63.91
N LEU B 904 14.07 3.54 63.01
CA LEU B 904 14.34 4.44 61.88
C LEU B 904 14.65 5.86 62.35
N TRP B 905 13.94 6.33 63.37
CA TRP B 905 14.13 7.71 63.84
C TRP B 905 15.53 7.96 64.35
N GLU B 906 16.18 6.94 64.94
CA GLU B 906 17.49 7.12 65.56
C GLU B 906 18.65 6.95 64.59
N LYS B 907 18.43 6.37 63.40
CA LYS B 907 19.49 6.26 62.41
C LYS B 907 19.56 7.45 61.47
N GLY B 908 18.71 8.47 61.66
CA GLY B 908 18.70 9.64 60.81
C GLY B 908 17.47 9.84 59.97
N TYR B 909 16.53 8.90 59.97
CA TYR B 909 15.29 9.05 59.21
C TYR B 909 14.23 9.66 60.13
N HIS B 910 14.48 10.91 60.49
CA HIS B 910 13.71 11.64 61.50
C HIS B 910 12.95 12.82 60.91
N PHE B 911 12.56 12.71 59.65
CA PHE B 911 11.76 13.74 58.99
C PHE B 911 10.45 13.11 58.52
N TYR B 912 9.32 13.68 58.94
CA TYR B 912 8.09 13.26 58.31
C TYR B 912 8.11 13.70 56.86
N CYS B 913 7.27 13.08 56.05
CA CYS B 913 7.25 13.45 54.63
C CYS B 913 5.80 13.33 54.17
N VAL B 914 5.07 14.41 54.31
CA VAL B 914 3.68 14.46 53.90
C VAL B 914 3.64 14.64 52.38
N THR B 915 2.67 14.01 51.73
CA THR B 915 2.47 14.21 50.30
C THR B 915 1.03 14.64 50.11
N PRO B 916 0.72 15.90 50.37
CA PRO B 916 -0.65 16.39 50.21
C PRO B 916 -0.93 16.62 48.73
N LYS B 917 -2.14 17.03 48.44
CA LYS B 917 -2.51 17.36 47.07
C LYS B 917 -2.48 18.87 46.86
N SER B 918 -2.29 19.25 45.61
CA SER B 918 -1.98 20.63 45.25
C SER B 918 -3.13 21.29 44.51
N ARG B 919 -3.11 22.62 44.55
CA ARG B 919 -4.04 23.42 43.77
C ARG B 919 -3.73 23.38 42.28
N HIS B 920 -2.51 23.01 41.90
CA HIS B 920 -2.03 23.11 40.53
C HIS B 920 -2.24 21.84 39.72
N THR B 921 -2.77 20.78 40.33
CA THR B 921 -2.94 19.49 39.67
C THR B 921 -4.22 18.82 40.18
N VAL B 922 -4.71 17.89 39.42
CA VAL B 922 -5.72 16.98 39.99
C VAL B 922 -5.01 15.66 39.82
N HIS B 923 -4.18 15.26 40.78
CA HIS B 923 -3.35 14.03 40.73
C HIS B 923 -2.31 14.10 39.62
N SER B 924 -2.48 13.33 38.58
CA SER B 924 -1.50 13.28 37.49
C SER B 924 -1.98 14.08 36.29
N GLN B 925 -2.97 14.96 36.48
CA GLN B 925 -3.50 15.79 35.43
C GLN B 925 -3.06 17.21 35.71
N TRP B 926 -2.59 17.89 34.67
CA TRP B 926 -2.08 19.25 34.70
C TRP B 926 -0.74 19.29 35.45
N ALA B 927 -0.22 18.15 35.91
CA ALA B 927 1.08 18.12 36.57
C ALA B 927 2.20 18.40 35.57
N VAL B 928 1.92 18.24 34.29
CA VAL B 928 2.92 18.41 33.25
C VAL B 928 2.54 19.47 32.23
N THR B 929 1.29 19.93 32.20
CA THR B 929 0.88 21.00 31.32
C THR B 929 1.68 22.27 31.60
N ASP B 930 2.33 22.81 30.57
CA ASP B 930 3.34 23.84 30.77
C ASP B 930 2.83 24.98 31.66
N TRP B 931 1.66 25.52 31.37
CA TRP B 931 1.16 26.66 32.12
C TRP B 931 1.02 26.33 33.60
N ASN B 932 0.36 25.21 33.92
CA ASN B 932 0.23 24.82 35.33
C ASN B 932 1.55 24.30 35.89
N PHE B 933 2.38 23.72 35.03
CA PHE B 933 3.65 23.15 35.44
C PHE B 933 4.67 24.23 35.80
N ILE B 934 4.47 25.45 35.31
CA ILE B 934 5.35 26.56 35.67
C ILE B 934 5.02 27.07 37.07
N TRP B 935 3.76 27.00 37.48
CA TRP B 935 3.31 27.65 38.71
C TRP B 935 3.36 26.75 39.93
N ASN B 936 3.41 25.43 39.77
CA ASN B 936 3.44 24.56 40.94
C ASN B 936 4.77 24.59 41.68
N ASN B 937 5.82 25.18 41.12
CA ASN B 937 7.13 25.21 41.78
C ASN B 937 7.73 26.61 41.74
N ASN B 938 8.75 26.80 42.58
CA ASN B 938 9.54 28.03 42.66
C ASN B 938 10.48 28.19 41.49
N PHE B 939 10.57 27.18 40.63
CA PHE B 939 11.61 27.18 39.61
C PHE B 939 11.09 27.27 38.18
N GLY B 940 9.77 27.41 37.98
CA GLY B 940 9.19 27.39 36.65
C GLY B 940 9.80 28.37 35.67
N ASP B 941 10.09 27.89 34.46
CA ASP B 941 10.64 28.73 33.40
C ASP B 941 10.31 28.11 32.04
N PRO B 942 9.56 28.81 31.19
CA PRO B 942 9.24 28.25 29.87
C PRO B 942 10.45 28.14 28.96
N TYR B 943 11.49 28.95 29.18
CA TYR B 943 12.69 28.92 28.35
C TYR B 943 13.75 27.95 28.86
N ARG B 944 13.58 27.45 30.08
CA ARG B 944 14.50 26.47 30.68
C ARG B 944 15.95 26.94 30.62
N MET B 945 16.21 28.07 31.28
CA MET B 945 17.56 28.61 31.30
C MET B 945 18.54 27.68 32.03
N ASP B 946 18.07 27.00 33.07
CA ASP B 946 18.85 25.97 33.75
C ASP B 946 18.51 24.64 33.09
N LYS B 947 19.43 24.11 32.28
CA LYS B 947 19.12 22.91 31.51
C LYS B 947 18.91 21.69 32.39
N ARG B 948 19.42 21.70 33.64
CA ARG B 948 19.21 20.56 34.54
C ARG B 948 17.73 20.39 34.85
N MET B 949 16.95 21.45 34.74
CA MET B 949 15.51 21.40 35.02
C MET B 949 14.82 20.38 34.12
N PRO B 950 14.02 19.46 34.68
CA PRO B 950 13.42 18.38 33.86
C PRO B 950 12.54 18.87 32.73
N GLY B 951 11.69 19.86 32.95
CA GLY B 951 10.85 20.39 31.89
C GLY B 951 10.71 21.87 32.07
N VAL B 952 9.56 22.43 31.67
CA VAL B 952 9.29 23.83 31.97
C VAL B 952 9.05 24.03 33.45
N GLY B 953 9.05 22.94 34.23
CA GLY B 953 8.92 22.96 35.68
C GLY B 953 9.63 21.76 36.26
N GLU B 954 9.91 21.83 37.56
CA GLU B 954 10.43 20.69 38.31
C GLU B 954 9.71 20.60 39.65
N HIS B 955 9.57 19.38 40.15
CA HIS B 955 8.91 19.16 41.43
C HIS B 955 9.86 19.50 42.58
N GLN B 956 9.30 19.95 43.70
CA GLN B 956 10.06 20.51 44.80
C GLN B 956 9.62 19.90 46.12
N ILE B 957 10.53 19.93 47.10
CA ILE B 957 10.25 19.47 48.46
C ILE B 957 10.38 20.65 49.42
N HIS B 958 9.41 20.77 50.33
CA HIS B 958 9.42 21.82 51.33
C HIS B 958 10.18 21.34 52.57
N ILE B 959 11.07 22.18 53.08
CA ILE B 959 11.88 21.87 54.26
C ILE B 959 12.03 23.14 55.08
N HIS B 960 12.02 22.99 56.40
CA HIS B 960 12.26 24.13 57.28
C HIS B 960 13.68 24.67 57.08
N PRO B 961 13.86 26.00 57.07
CA PRO B 961 15.20 26.55 56.81
C PRO B 961 16.26 26.03 57.77
N GLN B 962 15.97 25.98 59.07
CA GLN B 962 16.95 25.49 60.03
C GLN B 962 17.28 24.03 59.75
N ALA B 963 16.26 23.23 59.41
CA ALA B 963 16.50 21.83 59.11
C ALA B 963 17.49 21.66 57.97
N ALA B 964 17.31 22.42 56.89
CA ALA B 964 18.22 22.33 55.76
C ALA B 964 19.61 22.84 56.11
N ARG B 965 19.69 23.91 56.90
CA ARG B 965 20.99 24.45 57.29
C ARG B 965 21.78 23.46 58.13
N ASP B 966 21.09 22.66 58.96
CA ASP B 966 21.77 21.66 59.77
C ASP B 966 22.36 20.55 58.93
N LEU B 967 21.85 20.33 57.72
CA LEU B 967 22.39 19.35 56.80
C LEU B 967 23.18 19.99 55.66
N GLY B 968 23.55 21.26 55.80
CA GLY B 968 24.32 21.94 54.77
C GLY B 968 23.57 22.14 53.47
N ILE B 969 22.27 22.36 53.53
CA ILE B 969 21.42 22.50 52.35
C ILE B 969 20.94 23.94 52.29
N GLU B 970 21.21 24.61 51.18
CA GLU B 970 20.71 25.95 50.96
C GLU B 970 19.46 25.88 50.08
N ASP B 971 18.58 26.88 50.23
CA ASP B 971 17.34 26.91 49.46
C ASP B 971 17.65 26.90 47.97
N GLY B 972 17.01 25.96 47.27
CA GLY B 972 17.17 25.79 45.85
C GLY B 972 18.12 24.69 45.46
N ASP B 973 18.78 24.06 46.43
CA ASP B 973 19.69 22.95 46.13
C ASP B 973 18.91 21.68 45.87
N TYR B 974 19.49 20.79 45.08
CA TYR B 974 18.95 19.47 44.86
C TYR B 974 19.30 18.57 46.05
N VAL B 975 18.34 17.74 46.47
CA VAL B 975 18.47 16.91 47.66
C VAL B 975 17.97 15.50 47.35
N TYR B 976 18.54 14.52 48.00
CA TYR B 976 18.03 13.16 47.82
C TYR B 976 17.01 12.92 48.92
N VAL B 977 15.91 12.25 48.62
CA VAL B 977 14.92 11.89 49.67
C VAL B 977 15.00 10.37 49.79
N ASP B 978 15.57 9.89 50.88
CA ASP B 978 15.80 8.44 51.02
C ASP B 978 14.98 7.93 52.19
N ALA B 979 14.41 6.75 52.05
CA ALA B 979 13.61 6.13 53.11
C ALA B 979 14.28 4.80 53.44
N ASN B 980 13.56 4.06 54.28
CA ASN B 980 14.14 2.83 54.87
C ASN B 980 14.75 2.07 53.73
N PRO B 981 16.04 1.73 53.83
CA PRO B 981 16.76 1.06 52.78
C PRO B 981 16.19 -0.33 52.50
N ALA B 982 15.74 -1.01 53.54
CA ALA B 982 15.20 -2.38 53.46
C ALA B 982 13.92 -2.45 52.62
N ASP B 983 13.15 -1.39 52.69
CA ASP B 983 11.82 -1.30 52.05
C ASP B 983 11.84 -0.61 50.69
N ARG B 984 12.43 0.58 50.64
CA ARG B 984 12.33 1.50 49.50
C ARG B 984 13.71 1.89 48.98
N PRO B 985 13.88 2.34 47.72
CA PRO B 985 12.80 2.52 46.74
C PRO B 985 12.18 1.21 46.26
N TYR B 986 13.01 0.17 46.12
CA TYR B 986 12.53 -1.15 45.79
C TYR B 986 13.42 -2.17 46.49
N GLU B 987 12.81 -3.29 46.87
CA GLU B 987 13.49 -4.28 47.70
C GLU B 987 14.63 -4.95 46.93
N GLY B 988 15.77 -5.04 47.58
CA GLY B 988 16.92 -5.65 46.96
C GLY B 988 17.71 -4.71 46.06
N TRP B 989 17.46 -3.41 46.16
CA TRP B 989 18.20 -2.45 45.36
C TRP B 989 19.67 -2.48 45.76
N LYS B 990 20.54 -2.14 44.80
CA LYS B 990 21.95 -1.99 45.08
C LYS B 990 22.39 -0.70 44.40
N PRO B 991 23.42 -0.03 44.94
CA PRO B 991 23.75 1.31 44.42
C PRO B 991 24.13 1.31 42.94
N ASN B 992 24.59 0.19 42.39
CA ASN B 992 25.03 0.13 41.00
C ASN B 992 23.99 -0.42 40.02
N ASP B 993 22.74 -0.63 40.44
CA ASP B 993 21.73 -1.06 39.47
C ASP B 993 21.34 0.10 38.56
N SER B 994 21.10 -0.23 37.29
CA SER B 994 20.65 0.78 36.35
C SER B 994 19.30 1.35 36.78
N PHE B 995 18.42 0.50 37.31
CA PHE B 995 17.10 0.95 37.73
C PHE B 995 17.13 1.74 39.03
N TYR B 996 18.15 1.55 39.88
CA TYR B 996 18.25 2.35 41.09
C TYR B 996 18.41 3.82 40.78
N LYS B 997 19.18 4.14 39.74
CA LYS B 997 19.30 5.52 39.28
C LYS B 997 17.93 6.10 38.96
N VAL B 998 17.06 5.30 38.33
CA VAL B 998 15.71 5.74 38.05
C VAL B 998 14.89 5.86 39.33
N SER B 999 15.14 4.99 40.31
CA SER B 999 14.26 4.89 41.48
C SER B 999 14.60 5.94 42.56
N ARG B 1000 15.90 6.24 42.76
CA ARG B 1000 16.24 7.15 43.86
C ARG B 1000 15.83 8.59 43.53
N LEU B 1001 15.09 9.24 44.44
CA LEU B 1001 14.51 10.56 44.17
C LEU B 1001 15.50 11.66 44.52
N MET B 1002 15.65 12.60 43.60
CA MET B 1002 16.51 13.78 43.71
C MET B 1002 15.72 14.96 43.19
N LEU B 1003 15.20 15.77 44.11
CA LEU B 1003 14.46 16.97 43.76
C LEU B 1003 15.06 18.17 44.49
N ARG B 1004 14.59 19.35 44.09
CA ARG B 1004 15.03 20.60 44.69
C ARG B 1004 14.35 20.84 46.03
N ALA B 1005 15.08 21.51 46.92
CA ALA B 1005 14.60 21.87 48.24
C ALA B 1005 14.12 23.32 48.25
N LYS B 1006 13.08 23.59 49.03
CA LYS B 1006 12.49 24.92 49.12
C LYS B 1006 12.34 25.29 50.59
N TYR B 1007 12.92 26.43 50.97
CA TYR B 1007 12.76 26.93 52.32
C TYR B 1007 11.32 27.37 52.54
N ASN B 1008 10.66 26.78 53.53
CA ASN B 1008 9.33 27.22 53.95
C ASN B 1008 9.27 27.10 55.47
N PRO B 1009 9.44 28.19 56.19
CA PRO B 1009 9.37 28.14 57.66
C PRO B 1009 7.96 27.99 58.21
N ALA B 1010 6.97 27.76 57.33
CA ALA B 1010 5.63 27.44 57.78
C ALA B 1010 5.53 26.03 58.34
N TYR B 1011 6.53 25.18 58.07
CA TYR B 1011 6.56 23.79 58.50
C TYR B 1011 7.39 23.62 59.76
N PRO B 1012 7.04 22.66 60.60
CA PRO B 1012 7.91 22.31 61.73
C PRO B 1012 9.20 21.67 61.27
N TYR B 1013 10.18 21.65 62.20
CA TYR B 1013 11.51 21.17 61.89
C TYR B 1013 11.50 19.77 61.28
N ASN B 1014 10.73 18.85 61.88
CA ASN B 1014 10.74 17.45 61.50
C ASN B 1014 9.70 17.10 60.44
N CYS B 1015 9.31 18.04 59.60
CA CYS B 1015 8.25 17.76 58.64
C CYS B 1015 8.60 18.35 57.28
N THR B 1016 8.54 17.51 56.26
CA THR B 1016 8.83 17.89 54.89
C THR B 1016 7.61 17.58 54.03
N MET B 1017 7.50 18.30 52.92
CA MET B 1017 6.28 18.23 52.11
C MET B 1017 6.64 18.14 50.64
N MET B 1018 5.98 17.21 49.94
CA MET B 1018 6.00 17.13 48.49
C MET B 1018 4.57 17.00 48.02
N LYS B 1019 4.18 17.79 47.02
CA LYS B 1019 2.82 17.68 46.52
C LYS B 1019 2.70 16.36 45.76
N HIS B 1020 1.50 15.81 45.75
CA HIS B 1020 1.29 14.46 45.23
C HIS B 1020 1.15 14.48 43.72
N SER B 1021 1.70 13.45 43.06
CA SER B 1021 1.51 13.30 41.61
C SER B 1021 2.08 14.32 40.64
N ALA B 1022 3.37 14.22 40.46
CA ALA B 1022 4.04 14.59 39.23
C ALA B 1022 4.26 13.35 38.37
N TRP B 1023 4.58 13.55 37.08
CA TRP B 1023 4.83 12.40 36.21
C TRP B 1023 6.18 11.79 36.59
N ILE B 1024 6.16 10.51 36.94
CA ILE B 1024 7.31 9.87 37.58
C ILE B 1024 8.46 9.69 36.60
N SER B 1025 9.67 9.60 37.15
CA SER B 1025 10.84 9.30 36.34
C SER B 1025 10.79 7.86 35.85
N SER B 1026 10.93 7.70 34.54
CA SER B 1026 10.99 6.38 33.92
C SER B 1026 12.39 6.14 33.41
N ASP B 1027 12.60 4.95 32.83
CA ASP B 1027 13.90 4.63 32.24
C ASP B 1027 14.27 5.63 31.15
N LYS B 1028 13.38 5.82 30.18
CA LYS B 1028 13.71 6.65 29.01
C LYS B 1028 13.86 8.12 29.38
N THR B 1029 13.09 8.62 30.34
CA THR B 1029 13.25 10.01 30.74
C THR B 1029 14.62 10.24 31.37
N VAL B 1030 15.09 9.27 32.16
CA VAL B 1030 16.43 9.35 32.73
C VAL B 1030 17.48 9.25 31.63
N GLN B 1031 17.29 8.35 30.66
CA GLN B 1031 18.23 8.26 29.54
C GLN B 1031 18.30 9.57 28.78
N ALA B 1032 17.16 10.21 28.58
CA ALA B 1032 17.12 11.45 27.79
C ALA B 1032 17.63 12.63 28.59
N HIS B 1033 17.35 12.66 29.90
CA HIS B 1033 17.85 13.74 30.74
C HIS B 1033 19.37 13.77 30.75
N GLU B 1034 20.02 12.63 30.50
CA GLU B 1034 21.46 12.53 30.49
C GLU B 1034 22.03 12.46 29.07
N THR B 1035 21.19 12.47 28.04
CA THR B 1035 21.62 12.43 26.66
C THR B 1035 21.31 13.70 25.88
N ARG B 1036 20.15 14.31 26.12
CA ARG B 1036 19.77 15.49 25.36
C ARG B 1036 20.67 16.67 25.69
N PRO B 1037 21.06 17.47 24.69
CA PRO B 1037 21.84 18.68 24.99
C PRO B 1037 21.10 19.66 25.88
N ASP B 1038 19.79 19.83 25.68
CA ASP B 1038 19.01 20.72 26.52
C ASP B 1038 18.69 20.14 27.88
N GLY B 1039 18.94 18.84 28.10
CA GLY B 1039 18.76 18.23 29.39
C GLY B 1039 17.32 17.95 29.78
N ARG B 1040 16.37 18.10 28.87
CA ARG B 1040 14.98 17.87 29.19
C ARG B 1040 14.72 16.37 29.38
N ALA B 1041 13.99 16.03 30.45
CA ALA B 1041 13.65 14.65 30.74
C ALA B 1041 12.39 14.26 29.95
N LEU B 1042 12.58 14.14 28.64
CA LEU B 1042 11.49 13.83 27.72
C LEU B 1042 11.79 12.52 27.01
N SER B 1043 10.92 11.54 27.20
CA SER B 1043 11.09 10.27 26.52
C SER B 1043 10.89 10.43 25.02
N PRO B 1044 11.54 9.60 24.20
CA PRO B 1044 11.28 9.65 22.76
C PRO B 1044 9.83 9.37 22.41
N SER B 1045 9.07 8.75 23.31
CA SER B 1045 7.65 8.52 23.11
C SER B 1045 6.80 9.76 23.33
N GLY B 1046 7.40 10.84 23.84
CA GLY B 1046 6.68 12.05 24.18
C GLY B 1046 6.38 12.18 25.66
N TYR B 1047 6.69 11.17 26.47
CA TYR B 1047 6.39 11.21 27.89
C TYR B 1047 7.43 12.05 28.62
N GLN B 1048 6.94 12.91 29.50
CA GLN B 1048 7.75 13.86 30.24
C GLN B 1048 7.71 13.55 31.73
N SER B 1049 8.88 13.48 32.36
CA SER B 1049 8.94 13.33 33.81
C SER B 1049 9.06 14.69 34.46
N SER B 1050 8.46 14.82 35.63
CA SER B 1050 8.53 16.03 36.43
C SER B 1050 9.75 16.05 37.36
N PHE B 1051 10.50 14.97 37.44
CA PHE B 1051 11.69 14.87 38.28
C PHE B 1051 12.88 14.55 37.39
N ARG B 1052 14.08 14.87 37.88
CA ARG B 1052 15.29 14.39 37.22
C ARG B 1052 15.42 12.88 37.39
N TYR B 1053 15.40 12.44 38.64
CA TYR B 1053 15.38 11.02 38.97
C TYR B 1053 14.34 10.79 40.07
N GLY B 1054 13.80 9.58 40.09
CA GLY B 1054 12.90 9.18 41.15
C GLY B 1054 11.55 9.88 41.08
N SER B 1055 10.73 9.60 42.09
CA SER B 1055 9.42 10.20 42.21
C SER B 1055 9.09 10.38 43.68
N GLN B 1056 7.99 11.09 43.94
CA GLN B 1056 7.47 11.22 45.29
C GLN B 1056 7.00 9.87 45.83
N GLN B 1057 6.90 8.86 44.97
CA GLN B 1057 6.53 7.51 45.39
C GLN B 1057 7.75 6.63 45.63
N SER B 1058 8.95 7.21 45.71
CA SER B 1058 10.14 6.46 46.10
C SER B 1058 10.27 6.28 47.60
N ILE B 1059 9.54 7.06 48.39
CA ILE B 1059 9.65 7.01 49.85
C ILE B 1059 8.30 6.67 50.47
N THR B 1060 7.53 5.83 49.80
CA THR B 1060 6.16 5.52 50.23
C THR B 1060 5.95 4.01 50.17
N ARG B 1061 4.98 3.55 50.97
CA ARG B 1061 4.78 2.13 51.15
C ARG B 1061 3.32 1.83 51.46
N ASP B 1062 2.95 0.57 51.20
CA ASP B 1062 1.62 0.07 51.52
C ASP B 1062 1.61 -0.56 52.90
N TRP B 1063 0.55 -0.29 53.66
CA TRP B 1063 0.36 -0.84 55.00
C TRP B 1063 -0.95 -1.61 55.02
N SER B 1064 -0.90 -2.87 55.44
CA SER B 1064 -2.08 -3.72 55.51
C SER B 1064 -2.68 -3.63 56.90
N MET B 1065 -3.76 -2.85 57.04
CA MET B 1065 -4.40 -2.66 58.35
C MET B 1065 -5.19 -3.89 58.76
N PRO B 1066 -4.93 -4.48 59.92
CA PRO B 1066 -5.85 -5.49 60.45
C PRO B 1066 -7.24 -4.94 60.71
N MET B 1067 -7.34 -3.66 61.10
CA MET B 1067 -8.63 -3.04 61.39
C MET B 1067 -9.51 -2.85 60.15
N HIS B 1068 -8.92 -2.91 58.96
CA HIS B 1068 -9.65 -2.65 57.73
C HIS B 1068 -10.05 -3.94 57.01
N GLN B 1069 -9.81 -5.10 57.61
CA GLN B 1069 -10.01 -6.39 56.96
C GLN B 1069 -10.88 -7.30 57.81
N LEU B 1070 -11.91 -6.73 58.43
CA LEU B 1070 -12.78 -7.48 59.34
C LEU B 1070 -13.84 -8.26 58.57
N ASP B 1071 -14.25 -9.38 59.15
CA ASP B 1071 -15.34 -10.19 58.61
C ASP B 1071 -16.65 -9.99 59.36
N SER B 1072 -16.64 -9.30 60.50
CA SER B 1072 -17.80 -9.20 61.37
C SER B 1072 -18.21 -7.75 61.63
N LEU B 1073 -18.05 -6.87 60.65
CA LEU B 1073 -18.37 -5.45 60.78
C LEU B 1073 -19.73 -5.17 60.15
N PHE B 1074 -20.79 -5.23 60.98
CA PHE B 1074 -22.14 -4.93 60.53
C PHE B 1074 -22.32 -3.47 60.10
N HIS B 1075 -22.02 -3.15 58.85
CA HIS B 1075 -22.26 -1.84 58.28
C HIS B 1075 -23.21 -1.93 57.08
N LYS B 1076 -23.53 -0.77 56.51
CA LYS B 1076 -24.47 -0.65 55.40
C LYS B 1076 -23.77 -0.74 54.05
N ALA B 1077 -24.40 -1.49 53.13
CA ALA B 1077 -23.88 -1.57 51.77
C ALA B 1077 -23.99 -0.22 51.08
N LYS B 1078 -22.98 0.12 50.27
CA LYS B 1078 -22.90 1.46 49.70
C LYS B 1078 -23.96 1.70 48.63
N ILE B 1079 -24.38 0.67 47.90
CA ILE B 1079 -25.20 0.87 46.71
C ILE B 1079 -26.67 0.65 47.01
N GLY B 1080 -26.98 -0.20 47.98
CA GLY B 1080 -28.35 -0.56 48.30
C GLY B 1080 -28.72 -0.22 49.73
N MET B 1081 -30.01 0.07 49.94
CA MET B 1081 -30.52 0.27 51.29
C MET B 1081 -30.60 -1.07 51.99
N LYS B 1082 -29.44 -1.64 52.31
CA LYS B 1082 -29.34 -2.97 52.90
C LYS B 1082 -28.09 -3.03 53.76
N PHE B 1083 -27.98 -4.10 54.53
CA PHE B 1083 -26.85 -4.32 55.42
C PHE B 1083 -26.01 -5.48 54.94
N ILE B 1084 -24.73 -5.46 55.30
CA ILE B 1084 -23.79 -6.52 54.98
C ILE B 1084 -22.85 -6.70 56.16
N PHE B 1085 -22.11 -7.81 56.12
CA PHE B 1085 -21.07 -8.14 57.09
C PHE B 1085 -19.76 -8.27 56.34
N GLY B 1086 -18.70 -7.71 56.91
CA GLY B 1086 -17.39 -7.89 56.26
C GLY B 1086 -17.13 -6.88 55.18
N PHE B 1087 -16.14 -7.18 54.33
CA PHE B 1087 -15.66 -6.27 53.28
C PHE B 1087 -16.68 -5.95 52.21
N GLU B 1088 -16.66 -4.68 51.82
CA GLU B 1088 -17.39 -4.15 50.65
C GLU B 1088 -16.37 -3.28 49.95
N ALA B 1089 -16.12 -3.49 48.66
CA ALA B 1089 -15.15 -2.63 47.99
C ALA B 1089 -15.63 -1.19 48.09
N ASP B 1090 -14.71 -0.30 48.46
CA ASP B 1090 -14.97 1.12 48.73
C ASP B 1090 -15.81 1.30 49.99
N ASN B 1091 -15.98 0.26 50.80
CA ASN B 1091 -16.73 0.34 52.05
C ASN B 1091 -16.22 -0.74 52.98
N HIS B 1092 -15.36 -0.38 53.94
CA HIS B 1092 -14.67 -1.29 54.84
C HIS B 1092 -13.77 -2.28 54.10
N CYS B 1093 -12.73 -1.73 53.50
CA CYS B 1093 -11.58 -2.52 53.05
C CYS B 1093 -10.35 -1.65 53.27
N ILE B 1094 -9.19 -2.14 52.79
CA ILE B 1094 -7.91 -1.50 53.08
C ILE B 1094 -7.92 -0.07 52.57
N ASN B 1095 -7.54 0.86 53.46
CA ASN B 1095 -7.46 2.29 53.15
C ASN B 1095 -5.99 2.66 53.15
N THR B 1096 -5.42 2.83 51.96
CA THR B 1096 -3.98 2.98 51.83
C THR B 1096 -3.50 4.28 52.49
N VAL B 1097 -2.29 4.22 53.02
CA VAL B 1097 -1.70 5.34 53.75
C VAL B 1097 -0.32 5.68 53.21
N PRO B 1098 -0.19 6.76 52.42
CA PRO B 1098 1.15 7.13 51.94
C PRO B 1098 1.97 7.92 52.95
N LYS B 1099 1.33 8.49 53.96
CA LYS B 1099 2.02 9.35 54.92
C LYS B 1099 2.65 8.60 56.08
N GLU B 1100 2.39 7.30 56.25
CA GLU B 1100 3.08 6.53 57.27
C GLU B 1100 4.47 6.23 56.74
N THR B 1101 5.34 7.23 56.87
CA THR B 1101 6.69 7.13 56.39
C THR B 1101 7.51 8.23 57.05
N LEU B 1102 8.81 7.96 57.17
CA LEU B 1102 9.79 8.97 57.56
C LEU B 1102 10.94 8.89 56.57
N VAL B 1103 11.62 10.02 56.40
CA VAL B 1103 12.62 10.16 55.31
C VAL B 1103 13.93 10.72 55.85
N LYS B 1104 15.00 10.47 55.12
CA LYS B 1104 16.35 11.02 55.34
C LYS B 1104 16.63 11.99 54.20
N ILE B 1105 17.13 13.18 54.51
CA ILE B 1105 17.45 14.21 53.48
C ILE B 1105 18.95 14.46 53.51
N THR B 1106 19.57 14.44 52.35
CA THR B 1106 20.98 14.74 52.17
C THR B 1106 21.15 15.57 50.91
N LYS B 1107 22.07 16.52 50.95
CA LYS B 1107 22.34 17.38 49.81
C LYS B 1107 22.84 16.58 48.62
N ALA B 1108 22.38 16.96 47.42
CA ALA B 1108 22.72 16.29 46.18
C ALA B 1108 23.57 17.15 45.25
N GLU B 1109 23.14 18.37 44.96
CA GLU B 1109 23.84 19.24 44.02
C GLU B 1109 23.51 20.69 44.36
N ASN B 1110 24.39 21.59 43.95
CA ASN B 1110 24.22 23.01 44.24
C ASN B 1110 23.06 23.58 43.43
N GLY B 1111 22.30 24.48 44.03
CA GLY B 1111 21.18 25.08 43.34
C GLY B 1111 21.57 26.10 42.29
N GLY B 1112 22.81 26.60 42.33
CA GLY B 1112 23.24 27.57 41.34
C GLY B 1112 23.25 27.00 39.93
N MET B 1113 23.04 27.88 38.96
CA MET B 1113 22.99 27.46 37.57
C MET B 1113 24.34 26.88 37.17
N GLY B 1114 24.30 25.66 36.61
CA GLY B 1114 25.49 24.92 36.25
C GLY B 1114 26.15 24.19 37.40
N GLY B 1115 25.52 24.18 38.57
CA GLY B 1115 26.09 23.61 39.77
C GLY B 1115 27.08 24.50 40.47
N LYS B 1116 27.30 25.73 39.99
CA LYS B 1116 28.25 26.64 40.58
C LYS B 1116 27.48 27.67 41.40
N GLY B 1117 27.81 27.75 42.69
CA GLY B 1117 27.26 28.74 43.58
C GLY B 1117 25.85 28.38 44.02
N VAL B 1118 25.15 29.40 44.49
CA VAL B 1118 23.85 29.21 45.11
C VAL B 1118 22.75 29.63 44.15
N TRP B 1119 21.55 29.11 44.39
CA TRP B 1119 20.39 29.48 43.58
C TRP B 1119 20.19 30.99 43.62
N ASP B 1120 19.97 31.57 42.43
CA ASP B 1120 20.07 33.02 42.26
C ASP B 1120 19.24 33.86 43.22
N PRO B 1121 17.98 33.53 43.54
CA PRO B 1121 17.23 34.40 44.46
C PRO B 1121 17.79 34.46 45.87
N VAL B 1122 18.65 33.53 46.26
CA VAL B 1122 19.25 33.61 47.60
C VAL B 1122 20.27 34.73 47.65
N LYS B 1123 20.97 34.99 46.54
CA LYS B 1123 21.92 36.10 46.49
C LYS B 1123 21.23 37.44 46.75
N THR B 1124 19.97 37.56 46.36
CA THR B 1124 19.22 38.79 46.60
C THR B 1124 19.25 39.18 48.08
N GLY B 1125 19.17 38.19 48.98
CA GLY B 1125 19.00 38.48 50.38
C GLY B 1125 17.56 38.76 50.75
N TYR B 1126 16.63 38.43 49.87
CA TYR B 1126 15.21 38.69 50.05
C TYR B 1126 14.42 37.41 50.28
N THR B 1127 15.11 36.34 50.63
CA THR B 1127 14.59 34.99 50.74
C THR B 1127 14.28 34.62 52.20
N ALA B 1128 13.27 33.77 52.38
CA ALA B 1128 12.97 33.24 53.71
C ALA B 1128 14.19 32.47 54.22
N GLY B 1129 14.57 32.74 55.47
CA GLY B 1129 15.74 32.12 56.05
C GLY B 1129 17.07 32.74 55.64
N ASN B 1130 17.09 33.68 54.71
CA ASN B 1130 18.29 34.37 54.30
C ASN B 1130 18.04 35.87 54.15
N GLU B 1131 17.19 36.41 55.02
CA GLU B 1131 16.81 37.80 54.94
C GLU B 1131 17.99 38.71 55.28
N ASN B 1132 18.15 39.78 54.50
CA ASN B 1132 19.11 40.81 54.88
C ASN B 1132 18.39 41.86 55.71
N ASP B 1133 19.17 42.81 56.23
CA ASP B 1133 18.60 43.79 57.15
C ASP B 1133 17.51 44.63 56.49
N PHE B 1134 17.65 44.86 55.18
CA PHE B 1134 16.60 45.62 54.45
C PHE B 1134 15.31 44.82 54.34
N MET B 1135 15.45 43.53 54.05
CA MET B 1135 14.24 42.69 53.93
C MET B 1135 13.55 42.64 55.28
N LYS B 1136 14.32 42.49 56.35
CA LYS B 1136 13.74 42.46 57.71
C LYS B 1136 13.03 43.78 57.95
N LYS B 1137 13.58 44.89 57.46
CA LYS B 1137 12.86 46.17 57.52
C LYS B 1137 11.57 46.09 56.72
N PHE B 1138 11.60 45.38 55.60
CA PHE B 1138 10.41 45.15 54.80
C PHE B 1138 9.41 44.26 55.52
N LEU B 1139 9.88 43.14 56.07
CA LEU B 1139 8.97 42.17 56.66
C LEU B 1139 8.27 42.70 57.90
N ASN B 1140 8.88 43.65 58.60
CA ASN B 1140 8.27 44.24 59.79
C ASN B 1140 7.43 45.48 59.49
N GLY B 1141 7.27 45.83 58.22
CA GLY B 1141 6.52 47.03 57.87
C GLY B 1141 7.15 48.30 58.37
N GLU B 1142 8.47 48.35 58.45
CA GLU B 1142 9.20 49.50 58.96
C GLU B 1142 9.48 50.55 57.88
N LEU B 1143 9.16 50.24 56.62
CA LEU B 1143 9.38 51.18 55.53
C LEU B 1143 8.38 52.33 55.52
N ILE B 1144 7.28 52.21 56.27
CA ILE B 1144 6.26 53.26 56.34
C ILE B 1144 5.81 53.39 57.79
N LYS B 1145 5.67 54.64 58.24
CA LYS B 1145 5.20 54.95 59.58
C LYS B 1145 4.03 55.92 59.47
N VAL B 1146 3.11 55.83 60.44
CA VAL B 1146 1.97 56.75 60.51
C VAL B 1146 2.08 57.48 61.85
N ASP B 1147 1.92 58.80 61.81
CA ASP B 1147 2.05 59.68 62.98
C ASP B 1147 3.14 59.25 63.95
N ALA C 31 8.29 71.43 29.17
CA ALA C 31 9.62 72.02 29.24
C ALA C 31 10.39 71.52 30.45
N GLU C 32 9.72 70.71 31.28
CA GLU C 32 10.40 70.11 32.43
C GLU C 32 11.52 69.19 31.97
N GLY C 33 11.18 68.19 31.17
CA GLY C 33 12.14 67.23 30.66
C GLY C 33 13.06 67.68 29.54
N VAL C 34 13.10 68.96 29.14
CA VAL C 34 13.92 69.38 28.00
C VAL C 34 14.71 70.65 28.34
N LYS C 35 15.96 70.70 27.88
CA LYS C 35 16.80 71.89 27.97
C LYS C 35 16.49 72.85 26.82
N GLY C 36 16.73 74.13 27.06
CA GLY C 36 16.58 75.10 26.00
C GLY C 36 17.55 74.85 24.86
N VAL C 37 17.13 75.18 23.65
CA VAL C 37 17.96 74.96 22.46
C VAL C 37 19.08 76.00 22.45
N ALA C 38 20.31 75.53 22.64
CA ALA C 38 21.47 76.42 22.69
C ALA C 38 21.88 76.86 21.28
N GLU C 39 22.56 78.01 21.20
CA GLU C 39 22.97 78.51 19.90
C GLU C 39 23.98 77.59 19.23
N GLU C 40 24.83 76.93 20.03
CA GLU C 40 25.81 76.01 19.46
C GLU C 40 25.12 74.95 18.62
N GLU C 41 23.93 74.51 19.04
CA GLU C 41 23.17 73.53 18.28
C GLU C 41 22.61 74.10 16.99
N LEU C 42 22.21 75.37 16.99
CA LEU C 42 21.52 75.94 15.83
C LEU C 42 22.47 76.34 14.69
N THR C 43 23.71 76.70 14.98
CA THR C 43 24.64 77.04 13.90
C THR C 43 25.23 75.77 13.30
N PRO C 44 25.17 75.60 11.97
CA PRO C 44 25.71 74.39 11.36
C PRO C 44 27.23 74.31 11.53
N ALA C 45 27.73 73.09 11.44
CA ALA C 45 29.17 72.86 11.48
C ALA C 45 29.85 73.47 10.25
N LYS C 46 31.16 73.64 10.34
CA LYS C 46 31.89 74.32 9.28
C LYS C 46 32.48 73.38 8.24
N GLU C 47 32.92 72.18 8.62
CA GLU C 47 33.46 71.23 7.66
C GLU C 47 32.33 70.62 6.85
N VAL C 48 32.53 70.52 5.54
CA VAL C 48 31.49 70.08 4.63
C VAL C 48 31.77 68.64 4.19
N LEU C 49 30.70 67.85 4.12
CA LEU C 49 30.77 66.49 3.62
C LEU C 49 30.48 66.52 2.13
N ASN C 50 31.47 66.13 1.33
CA ASN C 50 31.36 66.18 -0.12
C ASN C 50 31.07 64.78 -0.66
N VAL C 51 30.00 64.66 -1.44
CA VAL C 51 29.64 63.40 -2.06
C VAL C 51 30.37 63.35 -3.40
N LYS C 52 31.37 62.48 -3.49
CA LYS C 52 32.19 62.38 -4.69
C LYS C 52 31.47 61.59 -5.78
N TYR C 53 31.47 62.13 -7.00
CA TYR C 53 30.87 61.43 -8.12
C TYR C 53 31.81 60.36 -8.66
N MET C 54 31.32 59.13 -8.73
CA MET C 54 32.12 58.00 -9.22
C MET C 54 31.18 56.88 -9.63
N GLN C 55 31.15 56.56 -10.93
CA GLN C 55 30.45 55.34 -11.36
C GLN C 55 30.75 54.19 -10.39
N ILE C 56 29.73 53.73 -9.67
CA ILE C 56 29.87 52.65 -8.70
C ILE C 56 29.34 51.38 -9.34
N ASP C 57 30.23 50.43 -9.60
CA ASP C 57 29.84 49.13 -10.14
C ASP C 57 29.65 48.18 -8.97
N VAL C 58 28.44 47.66 -8.82
CA VAL C 58 28.08 46.88 -7.63
C VAL C 58 27.28 45.66 -8.06
N PRO C 59 27.35 44.60 -7.28
CA PRO C 59 26.55 43.41 -7.57
C PRO C 59 25.11 43.61 -7.09
N ALA C 60 24.29 42.58 -7.29
CA ALA C 60 22.95 42.53 -6.74
C ALA C 60 23.03 42.70 -5.23
N HIS C 61 23.49 41.65 -4.55
CA HIS C 61 23.75 41.66 -3.12
C HIS C 61 24.85 42.64 -2.73
N ILE C 62 24.49 43.89 -2.40
CA ILE C 62 25.49 44.86 -1.96
C ILE C 62 26.06 44.44 -0.61
N THR C 63 27.38 44.54 -0.47
CA THR C 63 28.07 44.26 0.78
C THR C 63 29.10 45.36 1.02
N VAL C 64 29.40 45.59 2.30
CA VAL C 64 30.37 46.63 2.68
C VAL C 64 31.67 46.46 1.93
N GLY C 65 32.11 45.21 1.73
CA GLY C 65 33.33 44.97 0.99
C GLY C 65 33.24 45.41 -0.46
N ALA C 66 32.06 45.21 -1.08
CA ALA C 66 31.89 45.57 -2.48
C ALA C 66 32.03 47.07 -2.69
N LEU C 67 31.69 47.87 -1.68
CA LEU C 67 31.79 49.32 -1.76
C LEU C 67 33.09 49.88 -1.19
N GLU C 68 33.90 49.04 -0.53
CA GLU C 68 35.12 49.52 0.11
C GLU C 68 36.06 50.18 -0.89
N GLY C 69 36.20 49.59 -2.08
CA GLY C 69 37.06 50.18 -3.08
C GLY C 69 36.61 51.56 -3.52
N ALA C 70 35.28 51.76 -3.61
CA ALA C 70 34.76 53.06 -4.01
C ALA C 70 35.01 54.13 -2.96
N PHE C 71 34.64 53.86 -1.71
CA PHE C 71 34.75 54.86 -0.65
C PHE C 71 36.20 55.21 -0.34
N LYS C 72 37.15 54.32 -0.67
CA LYS C 72 38.56 54.60 -0.44
C LYS C 72 39.01 55.84 -1.20
N ASN C 73 38.38 56.13 -2.34
CA ASN C 73 38.73 57.29 -3.14
C ASN C 73 37.97 58.55 -2.73
N ALA C 74 37.03 58.43 -1.80
CA ALA C 74 36.32 59.59 -1.27
C ALA C 74 37.01 60.08 0.00
N GLU C 75 36.71 61.32 0.37
CA GLU C 75 37.24 61.92 1.59
C GLU C 75 36.09 62.19 2.56
N GLY C 76 36.27 61.77 3.81
CA GLY C 76 35.20 61.81 4.78
C GLY C 76 35.41 62.79 5.93
N VAL C 77 34.30 63.19 6.55
CA VAL C 77 34.33 64.11 7.69
C VAL C 77 34.29 63.30 8.97
N GLN C 78 35.02 63.77 9.98
CA GLN C 78 35.05 63.14 11.30
C GLN C 78 34.05 63.88 12.18
N VAL C 79 32.94 63.23 12.48
CA VAL C 79 31.88 63.83 13.27
C VAL C 79 32.13 63.56 14.74
N LYS C 80 31.83 64.55 15.57
CA LYS C 80 31.99 64.46 17.01
C LYS C 80 30.65 64.10 17.64
N LEU C 81 30.69 63.17 18.60
CA LEU C 81 29.49 62.64 19.22
C LEU C 81 29.49 62.91 20.71
N GLN C 82 28.29 63.08 21.26
CA GLN C 82 28.13 63.45 22.65
C GLN C 82 26.91 62.74 23.23
N LYS C 83 26.91 62.59 24.55
CA LYS C 83 25.75 62.07 25.26
C LYS C 83 24.56 62.98 25.01
N GLN C 84 23.37 62.40 24.92
CA GLN C 84 22.18 63.25 24.77
C GLN C 84 21.78 63.65 26.19
N ASP C 85 22.06 64.91 26.54
CA ASP C 85 21.71 65.46 27.83
C ASP C 85 20.54 66.42 27.75
N LYS C 86 20.06 66.74 26.55
CA LYS C 86 19.22 67.90 26.34
C LYS C 86 17.78 67.65 26.77
N ALA C 87 17.30 66.40 26.73
CA ALA C 87 15.93 66.10 27.10
C ALA C 87 15.81 64.74 27.77
N PHE C 88 14.72 64.55 28.51
CA PHE C 88 14.49 63.27 29.17
C PHE C 88 14.04 62.28 28.10
N PRO C 89 14.57 61.05 28.10
CA PRO C 89 15.64 60.46 28.91
C PRO C 89 17.02 60.91 28.46
N ASN C 90 17.98 60.86 29.38
CA ASN C 90 19.35 61.22 29.06
C ASN C 90 20.14 59.91 29.01
N GLY C 91 21.00 59.78 28.02
CA GLY C 91 21.81 58.58 27.89
C GLY C 91 22.86 58.78 26.83
N GLY C 92 23.67 57.75 26.67
CA GLY C 92 24.74 57.79 25.72
C GLY C 92 26.07 58.14 26.36
N GLY C 93 27.05 58.37 25.48
CA GLY C 93 28.40 58.70 25.88
C GLY C 93 29.39 57.62 25.55
N SER C 94 28.92 56.46 25.10
CA SER C 94 29.79 55.32 24.83
C SER C 94 30.62 55.53 23.58
N VAL C 95 30.10 56.26 22.60
CA VAL C 95 30.81 56.56 21.35
C VAL C 95 31.01 58.06 21.26
N ASN C 96 32.22 58.46 20.87
CA ASN C 96 32.60 59.86 20.85
C ASN C 96 32.79 60.44 19.46
N SER C 97 33.14 59.62 18.47
CA SER C 97 33.41 60.11 17.13
C SER C 97 32.92 59.08 16.11
N ALA C 98 32.65 59.57 14.90
CA ALA C 98 32.27 58.70 13.80
C ALA C 98 32.73 59.31 12.48
N GLU C 99 33.32 58.46 11.63
CA GLU C 99 33.71 58.84 10.29
C GLU C 99 32.55 58.64 9.31
N ILE C 100 32.32 59.62 8.45
CA ILE C 100 31.26 59.55 7.46
C ILE C 100 31.81 59.90 6.07
N LYS C 101 31.59 59.01 5.11
CA LYS C 101 31.92 59.25 3.71
C LYS C 101 30.67 59.09 2.85
N ALA C 102 30.72 59.64 1.64
CA ALA C 102 29.55 59.59 0.76
C ALA C 102 29.99 59.69 -0.69
N ILE C 103 29.31 58.91 -1.54
CA ILE C 103 29.57 58.81 -2.97
C ILE C 103 28.23 58.65 -3.66
N HIS C 104 28.18 59.01 -4.95
CA HIS C 104 26.93 58.83 -5.68
C HIS C 104 27.20 58.53 -7.15
N ASP C 105 26.19 57.89 -7.76
CA ASP C 105 26.22 57.43 -9.14
C ASP C 105 25.67 58.44 -10.13
N GLY C 106 24.86 59.37 -9.66
CA GLY C 106 23.96 60.08 -10.52
C GLY C 106 22.60 59.43 -10.51
N ILE C 107 22.55 58.20 -9.98
CA ILE C 107 21.32 57.45 -9.78
C ILE C 107 21.12 57.09 -8.32
N THR C 108 22.16 56.61 -7.64
CA THR C 108 22.10 56.13 -6.26
C THR C 108 23.11 56.87 -5.40
N ILE C 109 22.75 57.14 -4.15
CA ILE C 109 23.65 57.76 -3.19
C ILE C 109 23.97 56.77 -2.08
N TYR C 110 25.25 56.74 -1.68
CA TYR C 110 25.72 55.82 -0.64
C TYR C 110 26.45 56.61 0.43
N PHE C 111 26.11 56.37 1.69
CA PHE C 111 26.79 56.96 2.84
C PHE C 111 27.42 55.84 3.64
N GLN C 112 28.67 56.02 4.05
CA GLN C 112 29.38 55.05 4.88
C GLN C 112 29.71 55.70 6.21
N VAL C 113 29.31 55.05 7.30
CA VAL C 113 29.52 55.56 8.65
C VAL C 113 30.31 54.51 9.44
N ILE C 114 31.36 54.96 10.12
CA ILE C 114 32.26 54.10 10.87
C ILE C 114 32.47 54.66 12.27
N TRP C 115 32.29 53.82 13.28
CA TRP C 115 32.56 54.18 14.66
C TRP C 115 33.07 52.94 15.38
N ASP C 116 33.74 53.17 16.51
CA ASP C 116 34.35 52.09 17.26
C ASP C 116 33.44 51.65 18.40
N ASP C 117 33.15 50.36 18.43
CA ASP C 117 32.39 49.82 19.56
C ASP C 117 32.77 48.37 19.81
N ALA C 118 33.06 48.09 21.08
CA ALA C 118 33.67 46.85 21.54
C ALA C 118 32.70 45.68 21.61
N THR C 119 31.41 45.90 21.39
CA THR C 119 30.40 44.86 21.58
C THR C 119 29.52 44.77 20.35
N ASP C 120 29.24 43.52 19.95
CA ASP C 120 28.32 43.25 18.85
C ASP C 120 26.95 42.89 19.45
N ASN C 121 26.09 43.90 19.57
CA ASN C 121 24.71 43.70 20.00
C ASN C 121 23.86 43.58 18.74
N LYS C 122 23.50 42.36 18.38
CA LYS C 122 22.85 42.08 17.11
C LYS C 122 21.42 41.59 17.25
N GLN C 123 20.81 41.76 18.42
CA GLN C 123 19.44 41.31 18.61
C GLN C 123 18.88 41.93 19.90
N ALA C 124 17.55 42.03 19.94
CA ALA C 124 16.82 42.65 21.05
C ALA C 124 15.60 41.81 21.42
N ILE C 125 15.82 40.51 21.61
CA ILE C 125 14.73 39.58 21.95
C ILE C 125 14.56 39.46 23.47
N ALA C 126 15.66 39.48 24.21
CA ALA C 126 15.57 39.41 25.66
C ALA C 126 15.24 40.78 26.23
N THR C 127 14.54 40.79 27.37
CA THR C 127 14.02 42.04 27.92
C THR C 127 15.13 43.03 28.27
N GLN C 128 16.29 42.54 28.67
CA GLN C 128 17.41 43.38 29.11
C GLN C 128 18.39 43.73 27.99
N GLU C 129 18.16 43.23 26.77
CA GLU C 129 19.09 43.41 25.67
C GLU C 129 18.55 44.41 24.65
N PHE C 130 19.46 45.21 24.09
CA PHE C 130 19.14 46.22 23.11
C PHE C 130 20.07 46.10 21.93
N ARG C 131 19.74 46.81 20.86
CA ARG C 131 20.45 46.66 19.61
C ARG C 131 21.43 47.81 19.43
N ASP C 132 22.52 47.53 18.72
CA ASP C 132 23.38 48.61 18.22
C ASP C 132 22.74 49.20 16.98
N GLY C 133 22.78 50.51 16.88
CA GLY C 133 22.15 51.19 15.76
C GLY C 133 22.87 52.46 15.37
N ALA C 134 22.60 52.90 14.14
CA ALA C 134 23.11 54.17 13.64
C ALA C 134 22.03 54.80 12.77
N ALA C 135 22.05 56.13 12.70
CA ALA C 135 21.03 56.83 11.94
C ALA C 135 21.56 58.12 11.37
N LEU C 136 21.06 58.47 10.18
CA LEU C 136 21.31 59.74 9.53
C LEU C 136 19.99 60.44 9.31
N MET C 137 20.02 61.77 9.32
CA MET C 137 18.80 62.55 9.16
C MET C 137 19.07 63.74 8.27
N PHE C 138 18.06 64.09 7.49
CA PHE C 138 18.19 65.15 6.51
C PHE C 138 16.97 66.05 6.59
N PRO C 139 17.14 67.36 6.43
CA PRO C 139 15.97 68.22 6.36
C PRO C 139 15.27 67.94 5.04
N LEU C 140 13.95 67.90 5.08
CA LEU C 140 13.18 67.63 3.88
C LEU C 140 12.86 68.96 3.21
N GLY C 141 13.16 69.06 1.91
CA GLY C 141 13.14 70.30 1.17
C GLY C 141 14.47 71.04 1.26
N LYS C 142 14.52 72.19 0.58
CA LYS C 142 15.75 72.99 0.47
C LYS C 142 15.70 74.19 1.41
N ILE C 143 16.68 74.27 2.31
CA ILE C 143 16.72 75.29 3.35
C ILE C 143 18.17 75.71 3.61
N THR C 144 18.32 76.92 4.12
CA THR C 144 19.57 77.38 4.72
C THR C 144 19.30 77.59 6.21
N ILE C 145 20.20 77.08 7.06
CA ILE C 145 19.99 77.08 8.50
C ILE C 145 20.99 78.02 9.17
N SER C 146 20.49 78.84 10.08
CA SER C 146 21.27 79.84 10.79
C SER C 146 20.51 80.20 12.06
N PRO C 147 21.17 80.81 13.04
CA PRO C 147 20.42 81.26 14.23
C PRO C 147 19.31 82.24 13.89
N GLU C 148 19.45 83.00 12.80
CA GLU C 148 18.39 83.91 12.37
C GLU C 148 17.25 83.17 11.70
N GLU C 149 17.53 82.02 11.08
CA GLU C 149 16.51 81.15 10.49
C GLU C 149 16.72 79.77 11.09
N PRO C 150 16.20 79.54 12.30
CA PRO C 150 16.56 78.33 13.04
C PRO C 150 15.77 77.11 12.60
N PHE C 151 16.48 75.99 12.50
CA PHE C 151 15.89 74.67 12.21
C PHE C 151 16.59 73.69 13.15
N SER C 152 15.90 73.33 14.23
CA SER C 152 16.51 72.56 15.31
C SER C 152 17.08 71.23 14.85
N PRO C 153 18.31 70.88 15.25
CA PRO C 153 18.85 69.55 14.95
C PRO C 153 18.38 68.45 15.89
N ARG C 154 17.42 68.75 16.78
CA ARG C 154 16.87 67.75 17.69
C ARG C 154 15.73 67.00 16.98
N MET C 155 16.12 66.20 15.98
CA MET C 155 15.19 65.45 15.15
C MET C 155 14.14 66.35 14.50
N GLY C 156 14.57 67.53 14.06
CA GLY C 156 13.64 68.47 13.47
C GLY C 156 12.90 69.30 14.50
N ASP C 157 11.81 69.92 14.04
CA ASP C 157 10.92 70.68 14.93
C ASP C 157 9.57 70.82 14.25
N ARG C 158 8.61 71.40 14.99
CA ARG C 158 7.23 71.46 14.55
C ARG C 158 7.10 72.32 13.29
N GLN C 159 6.33 71.84 12.32
CA GLN C 159 6.17 72.47 11.01
C GLN C 159 7.49 72.57 10.27
N LYS C 160 8.48 71.78 10.69
CA LYS C 160 9.79 71.72 10.05
C LYS C 160 10.20 70.25 9.99
N PRO C 161 9.60 69.48 9.10
CA PRO C 161 9.80 68.02 9.11
C PRO C 161 11.19 67.63 8.64
N VAL C 162 11.54 66.37 8.94
CA VAL C 162 12.86 65.81 8.68
C VAL C 162 12.71 64.35 8.27
N ASN C 163 13.65 63.87 7.46
CA ASN C 163 13.71 62.48 7.03
C ASN C 163 14.79 61.76 7.85
N LEU C 164 14.48 60.54 8.27
CA LEU C 164 15.38 59.75 9.11
C LEU C 164 15.67 58.41 8.45
N TRP C 165 16.92 57.98 8.53
CA TRP C 165 17.34 56.65 8.08
C TRP C 165 17.93 55.92 9.28
N HIS C 166 17.20 54.94 9.82
CA HIS C 166 17.62 54.24 11.02
C HIS C 166 18.12 52.85 10.67
N TRP C 167 19.42 52.63 10.83
CA TRP C 167 19.99 51.30 10.67
C TRP C 167 19.89 50.53 11.97
N LYS C 168 19.49 49.26 11.88
CA LYS C 168 19.33 48.40 13.03
C LYS C 168 20.16 47.14 12.84
N ALA C 169 21.00 46.82 13.83
CA ALA C 169 21.86 45.65 13.74
C ALA C 169 21.04 44.36 13.77
N ASP C 170 19.98 44.33 14.57
CA ASP C 170 19.16 43.13 14.63
C ASP C 170 18.46 42.86 13.30
N TRP C 171 18.12 43.91 12.56
CA TRP C 171 17.52 43.72 11.23
C TRP C 171 18.49 43.04 10.28
N GLU C 172 19.80 43.29 10.44
CA GLU C 172 20.78 42.57 9.65
C GLU C 172 20.73 41.07 9.96
N ALA C 173 20.63 40.72 11.24
CA ALA C 173 20.50 39.32 11.63
C ALA C 173 19.17 38.74 11.18
N ASP C 174 18.10 39.54 11.18
CA ASP C 174 16.80 39.04 10.72
C ASP C 174 16.84 38.68 9.25
N LEU C 175 17.63 39.40 8.45
CA LEU C 175 17.73 39.10 7.03
C LEU C 175 18.28 37.70 6.77
N LEU C 176 19.08 37.17 7.71
CA LEU C 176 19.69 35.85 7.56
C LEU C 176 18.90 34.75 8.26
N ALA C 177 17.79 35.08 8.93
CA ALA C 177 16.97 34.07 9.55
C ALA C 177 16.15 33.33 8.51
N THR C 178 15.68 32.13 8.89
CA THR C 178 14.93 31.27 7.96
C THR C 178 13.55 31.83 7.62
N GLY C 179 13.05 32.80 8.38
CA GLY C 179 11.75 33.38 8.11
C GLY C 179 11.75 34.89 7.90
N GLY C 180 12.95 35.47 7.76
CA GLY C 180 13.08 36.91 7.67
C GLY C 180 13.06 37.63 9.00
N ILE C 181 12.94 36.90 10.10
CA ILE C 181 12.97 37.48 11.44
C ILE C 181 13.38 36.40 12.41
N GLU C 182 14.27 36.76 13.33
CA GLU C 182 14.67 35.84 14.40
C GLU C 182 13.55 35.75 15.43
N GLU C 183 13.24 34.53 15.84
CA GLU C 183 12.19 34.27 16.82
C GLU C 183 12.82 33.74 18.11
N CYS C 184 11.97 33.55 19.12
CA CYS C 184 12.46 33.32 20.49
C CYS C 184 13.42 32.14 20.64
N PRO C 185 13.24 30.98 20.00
CA PRO C 185 14.21 29.89 20.22
C PRO C 185 15.65 30.25 19.86
N ALA C 186 15.86 31.27 19.02
CA ALA C 186 17.21 31.72 18.74
C ALA C 186 17.87 32.32 19.98
N ARG C 187 17.08 32.88 20.89
CA ARG C 187 17.59 33.45 22.13
C ARG C 187 17.53 32.47 23.30
N TYR C 188 16.50 31.64 23.36
CA TYR C 188 16.31 30.67 24.44
C TYR C 188 16.18 29.29 23.82
N PRO C 189 17.29 28.64 23.46
CA PRO C 189 17.21 27.37 22.72
C PRO C 189 16.62 26.22 23.52
N ASN C 190 16.53 26.34 24.84
CA ASN C 190 15.98 25.26 25.67
C ASN C 190 14.48 25.39 25.90
N MET C 191 13.85 26.42 25.32
CA MET C 191 12.44 26.69 25.59
C MET C 191 11.53 25.58 25.08
N HIS C 192 10.36 25.47 25.69
CA HIS C 192 9.32 24.57 25.23
C HIS C 192 7.97 25.21 25.45
N ASP C 193 7.12 25.15 24.43
CA ASP C 193 5.74 25.61 24.48
C ASP C 193 4.85 24.48 23.96
N ASP C 194 3.75 24.21 24.66
CA ASP C 194 2.92 23.07 24.29
C ASP C 194 2.18 23.24 22.98
N PHE C 195 2.12 24.46 22.43
CA PHE C 195 1.53 24.68 21.12
C PHE C 195 2.57 25.01 20.07
N SER C 196 3.42 26.00 20.32
CA SER C 196 4.36 26.43 19.30
C SER C 196 5.50 25.43 19.13
N THR C 197 5.86 24.67 20.16
CA THR C 197 7.00 23.73 19.99
C THR C 197 6.50 22.28 19.93
N ASN C 198 5.26 22.07 19.56
CA ASN C 198 4.63 20.74 19.46
C ASN C 198 4.82 20.16 18.07
N PRO C 199 5.56 19.05 17.90
CA PRO C 199 5.75 18.43 16.58
C PRO C 199 4.51 17.73 16.05
N HIS C 200 3.47 17.59 16.87
CA HIS C 200 2.26 16.86 16.49
C HIS C 200 1.07 17.78 16.28
N SER C 201 1.30 19.09 16.16
CA SER C 201 0.21 20.04 16.05
C SER C 201 -0.64 19.77 14.82
N VAL C 202 -1.95 19.73 15.01
CA VAL C 202 -2.88 19.53 13.90
C VAL C 202 -2.87 20.76 13.01
N ASN C 203 -3.27 20.58 11.75
CA ASN C 203 -3.10 21.63 10.76
C ASN C 203 -3.94 22.86 11.11
N TYR C 204 -5.21 22.65 11.41
CA TYR C 204 -6.14 23.74 11.69
C TYR C 204 -5.90 24.40 13.04
N HIS C 205 -5.34 23.67 14.00
CA HIS C 205 -5.07 24.26 15.31
C HIS C 205 -3.97 25.31 15.19
N LYS C 206 -2.82 24.91 14.66
CA LYS C 206 -1.72 25.85 14.46
C LYS C 206 -2.11 26.99 13.53
N GLY C 207 -2.93 26.71 12.51
CA GLY C 207 -3.35 27.76 11.60
C GLY C 207 -4.12 28.87 12.29
N VAL C 208 -5.00 28.50 13.23
CA VAL C 208 -5.76 29.50 13.97
C VAL C 208 -4.89 30.18 15.01
N ILE C 209 -4.12 29.39 15.78
CA ILE C 209 -3.38 29.94 16.91
C ILE C 209 -2.30 30.90 16.43
N GLN C 210 -1.57 30.53 15.37
CA GLN C 210 -0.52 31.37 14.82
C GLN C 210 -0.99 32.19 13.63
N SER C 211 -2.30 32.41 13.50
CA SER C 211 -2.80 33.38 12.55
C SER C 211 -2.44 34.80 12.99
N ALA C 212 -2.44 35.72 12.03
CA ALA C 212 -2.04 37.10 12.32
C ALA C 212 -2.94 37.72 13.38
N ALA C 213 -4.22 37.42 13.36
CA ALA C 213 -5.14 37.96 14.36
C ALA C 213 -4.80 37.42 15.74
N GLU C 214 -4.46 36.16 15.83
CA GLU C 214 -4.20 35.55 17.15
C GLU C 214 -2.78 35.81 17.58
N LEU C 215 -1.92 36.18 16.66
CA LEU C 215 -0.55 36.48 17.12
C LEU C 215 -0.61 37.77 17.94
N SER C 216 -1.35 38.76 17.44
CA SER C 216 -1.67 40.09 18.01
C SER C 216 -0.50 41.06 17.97
N GLY C 217 -0.60 42.13 18.74
CA GLY C 217 0.45 43.14 18.93
C GLY C 217 0.95 43.74 17.64
N GLY C 218 2.26 43.89 17.53
CA GLY C 218 2.91 44.44 16.35
C GLY C 218 2.62 43.57 15.15
N TYR C 219 2.58 42.27 15.34
CA TYR C 219 2.33 41.40 14.16
C TYR C 219 0.93 41.64 13.58
N ALA C 220 -0.09 41.76 14.42
CA ALA C 220 -1.43 42.01 13.89
C ALA C 220 -1.61 43.44 13.43
N ALA C 221 -0.95 44.35 14.13
CA ALA C 221 -1.07 45.79 13.86
C ALA C 221 -0.14 46.19 12.73
N HIS C 222 0.58 45.21 12.19
CA HIS C 222 1.51 45.39 11.04
C HIS C 222 2.62 46.35 11.38
N ASN C 223 3.07 46.32 12.62
CA ASN C 223 4.19 47.17 13.06
C ASN C 223 5.42 46.60 12.37
N LEU C 224 6.27 47.46 11.86
CA LEU C 224 7.45 46.99 11.14
C LEU C 224 8.41 46.25 12.08
N LEU C 225 8.56 46.73 13.31
CA LEU C 225 9.49 46.06 14.23
C LEU C 225 9.10 44.62 14.53
N SER C 226 7.87 44.23 14.19
CA SER C 226 7.38 42.88 14.45
C SER C 226 7.33 42.01 13.21
N LEU C 227 7.57 42.57 12.02
CA LEU C 227 7.44 41.85 10.77
C LEU C 227 8.79 41.59 10.12
N PRO C 228 8.86 40.64 9.18
CA PRO C 228 10.06 40.50 8.35
C PRO C 228 10.15 41.56 7.25
N ARG C 229 10.78 42.70 7.56
CA ARG C 229 10.78 43.82 6.63
C ARG C 229 11.55 43.54 5.36
N GLY C 230 12.43 42.54 5.36
CA GLY C 230 13.26 42.31 4.18
C GLY C 230 14.18 43.49 3.96
N ARG C 231 14.57 44.15 5.04
CA ARG C 231 15.28 45.41 4.97
C ARG C 231 16.14 45.56 6.23
N ALA C 232 17.19 46.38 6.12
CA ALA C 232 18.08 46.61 7.25
C ALA C 232 18.03 48.03 7.80
N VAL C 233 17.44 48.98 7.08
CA VAL C 233 17.36 50.36 7.50
C VAL C 233 15.92 50.81 7.36
N GLU C 234 15.41 51.50 8.37
CA GLU C 234 14.03 51.96 8.34
C GLU C 234 13.98 53.40 7.85
N ASP C 235 13.09 53.67 6.91
CA ASP C 235 12.89 55.01 6.36
C ASP C 235 11.74 55.65 7.11
N LEU C 236 12.01 56.75 7.80
CA LEU C 236 11.02 57.32 8.70
C LEU C 236 11.20 58.83 8.79
N ASN C 237 10.18 59.51 9.32
CA ASN C 237 10.13 60.96 9.42
C ASN C 237 9.93 61.41 10.87
N ALA C 238 10.24 62.68 11.11
CA ALA C 238 10.02 63.27 12.43
C ALA C 238 9.89 64.79 12.29
N GLU C 239 9.05 65.36 13.15
CA GLU C 239 8.90 66.82 13.29
C GLU C 239 9.32 67.24 14.69
N GLY C 240 10.46 66.71 15.15
CA GLY C 240 10.91 66.89 16.51
C GLY C 240 11.05 65.56 17.22
N PHE C 241 11.71 65.63 18.37
CA PHE C 241 11.86 64.43 19.19
C PHE C 241 10.58 64.16 19.97
N GLY C 242 10.25 62.87 20.11
CA GLY C 242 8.97 62.48 20.62
C GLY C 242 7.91 62.37 19.55
N THR C 243 8.31 62.61 18.29
CA THR C 243 7.40 62.69 17.17
C THR C 243 7.81 61.73 16.05
N LEU C 244 8.81 60.88 16.29
CA LEU C 244 9.34 60.03 15.24
C LEU C 244 8.24 59.12 14.72
N THR C 245 8.14 59.02 13.40
CA THR C 245 7.05 58.30 12.74
C THR C 245 7.64 57.44 11.64
N SER C 246 7.18 56.19 11.57
CA SER C 246 7.61 55.29 10.52
C SER C 246 6.82 55.54 9.24
N GLN C 247 7.53 55.61 8.12
CA GLN C 247 6.92 55.87 6.82
C GLN C 247 6.17 54.65 6.30
N ASP C 248 5.15 54.91 5.48
CA ASP C 248 4.41 53.82 4.85
C ASP C 248 5.22 53.18 3.72
N HIS C 249 5.93 53.98 2.95
CA HIS C 249 6.72 53.53 1.81
C HIS C 249 8.19 53.59 2.18
N GLN C 250 8.81 52.44 2.40
CA GLN C 250 10.21 52.37 2.82
C GLN C 250 11.11 52.34 1.58
N ASP C 251 12.09 53.23 1.55
CA ASP C 251 12.93 53.41 0.37
C ASP C 251 14.42 53.26 0.61
N VAL C 252 14.88 53.30 1.86
CA VAL C 252 16.31 53.20 2.17
C VAL C 252 16.65 51.77 2.55
N ASP C 253 17.81 51.31 2.12
CA ASP C 253 18.35 50.00 2.48
C ASP C 253 19.81 50.16 2.85
N GLY C 254 20.46 49.06 3.24
CA GLY C 254 21.85 49.14 3.62
C GLY C 254 22.37 47.79 4.09
N CYS C 255 23.69 47.73 4.23
CA CYS C 255 24.42 46.57 4.75
C CYS C 255 25.41 47.03 5.80
N SER C 256 26.03 46.07 6.48
CA SER C 256 26.89 46.41 7.61
C SER C 256 27.98 45.37 7.79
N LYS C 257 28.94 45.70 8.65
CA LYS C 257 30.02 44.78 9.01
C LYS C 257 30.59 45.20 10.35
N PHE C 258 30.71 44.24 11.28
CA PHE C 258 31.38 44.47 12.55
C PHE C 258 32.64 43.61 12.63
N GLU C 259 33.79 44.25 12.74
CA GLU C 259 35.04 43.51 12.83
C GLU C 259 36.02 44.26 13.73
N ASN C 260 36.69 43.51 14.60
CA ASN C 260 37.70 44.01 15.52
C ASN C 260 37.21 45.28 16.24
N LYS C 261 36.13 45.11 16.99
CA LYS C 261 35.58 46.17 17.84
C LYS C 261 35.28 47.44 17.06
N LYS C 262 34.84 47.29 15.81
CA LYS C 262 34.46 48.45 15.00
C LYS C 262 33.28 48.11 14.10
N TRP C 263 32.37 49.06 13.95
CA TRP C 263 31.21 48.94 13.06
C TRP C 263 31.48 49.71 11.77
N THR C 264 31.07 49.13 10.65
CA THR C 264 31.07 49.83 9.37
C THR C 264 29.71 49.62 8.74
N VAL C 265 28.94 50.69 8.59
CA VAL C 265 27.60 50.65 8.03
C VAL C 265 27.55 51.60 6.85
N VAL C 266 26.92 51.17 5.77
CA VAL C 266 26.67 52.03 4.62
C VAL C 266 25.18 52.09 4.36
N PHE C 267 24.69 53.28 4.06
CA PHE C 267 23.30 53.52 3.75
C PHE C 267 23.14 53.63 2.23
N CYS C 268 22.07 53.06 1.71
CA CYS C 268 21.83 53.02 0.27
C CYS C 268 20.42 53.50 -0.01
N ARG C 269 20.30 54.48 -0.90
CA ARG C 269 19.03 55.05 -1.29
C ARG C 269 19.19 55.67 -2.67
N SER C 270 18.11 55.64 -3.45
CA SER C 270 18.12 56.33 -4.74
C SER C 270 18.17 57.83 -4.51
N LEU C 271 18.80 58.56 -5.44
CA LEU C 271 18.91 60.00 -5.29
C LEU C 271 17.53 60.65 -5.21
N ASN C 272 16.56 60.11 -5.93
CA ASN C 272 15.20 60.62 -5.93
C ASN C 272 14.22 59.46 -5.78
N THR C 273 13.11 59.74 -5.10
CA THR C 273 12.09 58.73 -4.82
C THR C 273 10.71 59.35 -5.04
N GLY C 274 9.73 58.49 -5.32
CA GLY C 274 8.38 58.94 -5.53
C GLY C 274 7.63 59.36 -4.27
N ASP C 275 8.23 59.21 -3.08
CA ASP C 275 7.57 59.63 -1.84
C ASP C 275 7.89 61.10 -1.57
N PRO C 276 6.89 61.97 -1.46
CA PRO C 276 7.18 63.39 -1.16
C PRO C 276 7.76 63.60 0.23
N LEU C 277 7.58 62.68 1.17
CA LEU C 277 8.15 62.80 2.51
C LEU C 277 9.59 62.31 2.56
N ASP C 278 10.22 62.10 1.41
CA ASP C 278 11.60 61.65 1.32
C ASP C 278 12.49 62.83 0.98
N VAL C 279 13.70 62.84 1.52
CA VAL C 279 14.69 63.84 1.12
C VAL C 279 15.04 63.62 -0.35
N GLN C 280 15.15 64.72 -1.09
CA GLN C 280 15.45 64.68 -2.52
C GLN C 280 16.83 65.27 -2.77
N PHE C 281 17.74 64.47 -3.29
CA PHE C 281 19.09 64.91 -3.62
C PHE C 281 19.17 65.25 -5.09
N VAL C 282 19.89 66.33 -5.41
CA VAL C 282 20.15 66.72 -6.79
C VAL C 282 21.65 66.90 -6.96
N PRO C 283 22.28 66.30 -7.96
CA PRO C 283 23.72 66.50 -8.15
C PRO C 283 24.02 67.98 -8.40
N GLY C 284 24.94 68.51 -7.63
CA GLY C 284 25.29 69.93 -7.69
C GLY C 284 24.58 70.70 -6.61
N GLU C 285 23.68 70.08 -5.87
CA GLU C 285 22.98 70.84 -4.80
C GLU C 285 23.55 70.44 -3.45
N SER C 286 23.44 71.32 -2.49
CA SER C 286 23.94 71.11 -1.12
C SER C 286 22.76 71.25 -0.18
N THR C 287 22.82 70.47 0.89
CA THR C 287 21.84 70.43 2.00
C THR C 287 22.63 70.19 3.29
N TYR C 288 21.96 69.77 4.33
CA TYR C 288 22.58 69.49 5.63
C TYR C 288 22.22 68.08 6.08
N PHE C 289 22.98 67.57 7.05
CA PHE C 289 22.69 66.27 7.63
C PHE C 289 23.09 66.26 9.10
N ASN C 290 22.62 65.24 9.82
CA ASN C 290 22.97 65.03 11.21
C ASN C 290 23.04 63.53 11.47
N MET C 291 23.65 63.17 12.59
CA MET C 291 24.02 61.78 12.85
C MET C 291 23.75 61.41 14.30
N ALA C 292 23.57 60.11 14.52
CA ALA C 292 23.44 59.56 15.86
C ALA C 292 23.83 58.09 15.83
N VAL C 293 24.31 57.59 16.97
CA VAL C 293 24.76 56.21 17.10
C VAL C 293 24.25 55.67 18.43
N TRP C 294 23.89 54.38 18.44
CA TRP C 294 23.42 53.71 19.66
C TRP C 294 24.32 52.52 19.97
N ASN C 295 24.48 52.26 21.27
CA ASN C 295 25.23 51.09 21.74
C ASN C 295 24.35 50.31 22.70
N GLY C 296 23.87 49.14 22.23
CA GLY C 296 23.02 48.30 23.06
C GLY C 296 23.67 47.85 24.34
N ASP C 297 25.01 47.81 24.39
CA ASP C 297 25.69 47.39 25.60
C ASP C 297 25.43 48.36 26.74
N ARG C 298 25.35 49.66 26.45
CA ARG C 298 24.98 50.66 27.43
C ARG C 298 23.49 51.01 27.40
N GLU C 299 22.66 50.11 26.87
CA GLU C 299 21.19 50.22 26.86
C GLU C 299 20.70 51.49 26.15
N ASP C 300 21.13 51.65 24.93
CA ASP C 300 20.80 52.83 24.12
C ASP C 300 19.59 52.50 23.27
N ARG C 301 18.54 53.30 23.47
CA ARG C 301 17.24 53.28 22.78
C ARG C 301 16.68 54.70 22.87
N ASN C 302 15.90 55.18 21.93
CA ASN C 302 15.32 56.55 22.05
C ASN C 302 16.39 57.65 22.18
N GLY C 303 16.30 58.53 23.18
CA GLY C 303 17.10 59.69 23.56
C GLY C 303 18.41 59.29 24.16
N GLN C 304 18.55 58.04 24.52
CA GLN C 304 19.84 57.56 24.97
C GLN C 304 20.55 57.28 23.66
N LYS C 305 20.87 58.32 22.91
CA LYS C 305 21.57 58.15 21.60
C LYS C 305 22.84 59.02 21.60
N ASN C 306 23.91 58.49 20.99
CA ASN C 306 25.20 59.20 20.90
C ASN C 306 25.06 60.21 19.77
N ILE C 307 24.61 61.41 20.12
CA ILE C 307 24.15 62.41 19.17
C ILE C 307 25.29 63.30 18.68
N SER C 308 25.12 63.80 17.47
CA SER C 308 25.82 64.98 17.01
C SER C 308 24.91 66.17 17.27
N ILE C 309 25.46 67.22 17.87
CA ILE C 309 24.66 68.35 18.34
C ILE C 309 24.35 69.35 17.23
N GLN C 310 25.06 69.28 16.09
CA GLN C 310 24.97 70.30 15.06
C GLN C 310 24.58 69.68 13.73
N TRP C 311 23.86 70.47 12.92
CA TRP C 311 23.69 70.13 11.52
C TRP C 311 25.05 70.15 10.82
N HIS C 312 25.26 69.21 9.92
CA HIS C 312 26.51 69.26 9.18
C HIS C 312 26.23 69.52 7.70
N PRO C 313 27.00 70.40 7.06
CA PRO C 313 26.75 70.70 5.65
C PRO C 313 27.07 69.51 4.76
N LEU C 314 26.31 69.40 3.67
CA LEU C 314 26.48 68.32 2.71
C LEU C 314 26.41 68.91 1.32
N SER C 315 27.36 68.54 0.46
CA SER C 315 27.38 68.98 -0.92
C SER C 315 27.49 67.79 -1.86
N LEU C 316 26.73 67.82 -2.95
CA LEU C 316 26.79 66.79 -3.98
C LEU C 316 27.52 67.34 -5.20
N GLU C 317 28.49 66.60 -5.70
CA GLU C 317 29.20 66.98 -6.91
C GLU C 317 28.31 66.78 -8.14
N ARG C 318 28.63 67.53 -9.19
N ARG C 318 28.64 67.52 -9.20
CA ARG C 318 27.95 67.34 -10.47
CA ARG C 318 27.94 67.34 -10.46
C ARG C 318 28.32 65.99 -11.07
C ARG C 318 28.40 66.06 -11.15
N ILE C 319 27.61 65.61 -12.12
CA ILE C 319 27.91 64.37 -12.84
C ILE C 319 28.88 64.70 -13.97
N ALA C 320 29.94 63.90 -14.08
CA ALA C 320 30.91 64.03 -15.17
C ALA C 320 30.28 63.47 -16.44
N TRP C 321 29.43 64.29 -17.06
CA TRP C 321 28.76 63.90 -18.28
C TRP C 321 29.76 63.68 -19.41
N GLN C 322 29.70 62.50 -20.04
CA GLN C 322 30.57 62.20 -21.16
C GLN C 322 29.95 62.76 -22.44
N THR D 2 -65.10 -69.16 -2.82
CA THR D 2 -65.53 -68.87 -1.46
C THR D 2 -66.73 -67.93 -1.48
N LEU D 3 -67.64 -68.12 -0.52
CA LEU D 3 -68.91 -67.42 -0.53
C LEU D 3 -68.74 -65.94 -0.18
N VAL D 4 -69.54 -65.11 -0.84
CA VAL D 4 -69.55 -63.67 -0.59
C VAL D 4 -70.94 -63.14 -0.93
N HIS D 5 -71.48 -62.28 -0.06
CA HIS D 5 -72.83 -61.75 -0.28
C HIS D 5 -72.75 -60.66 -1.35
N ASN D 6 -73.22 -61.03 -2.54
CA ASN D 6 -73.37 -60.15 -3.71
C ASN D 6 -74.80 -59.64 -3.72
N TRP D 7 -75.04 -58.43 -3.20
CA TRP D 7 -76.42 -58.07 -2.88
C TRP D 7 -77.29 -57.95 -4.12
N HIS D 8 -76.71 -57.67 -5.29
CA HIS D 8 -77.50 -57.64 -6.51
C HIS D 8 -78.13 -58.99 -6.78
N LEU D 9 -77.30 -60.03 -6.89
CA LEU D 9 -77.80 -61.39 -6.99
C LEU D 9 -78.57 -61.82 -5.76
N GLY D 10 -78.65 -60.97 -4.74
CA GLY D 10 -79.45 -61.24 -3.56
C GLY D 10 -79.05 -62.46 -2.77
N ARG D 11 -77.92 -63.06 -3.14
CA ARG D 11 -77.47 -64.29 -2.50
C ARG D 11 -75.96 -64.38 -2.60
N ARG D 12 -75.40 -65.32 -1.85
CA ARG D 12 -73.96 -65.52 -1.80
C ARG D 12 -73.47 -66.07 -3.14
N MET D 13 -72.51 -65.36 -3.74
CA MET D 13 -71.90 -65.73 -5.00
C MET D 13 -70.49 -66.28 -4.75
N GLU D 14 -69.72 -66.43 -5.83
CA GLU D 14 -68.36 -66.97 -5.76
C GLU D 14 -67.32 -65.85 -5.91
N TYR D 15 -66.21 -65.99 -5.17
CA TYR D 15 -65.06 -65.10 -5.32
C TYR D 15 -63.79 -65.81 -4.86
N PRO D 16 -62.65 -65.59 -5.52
CA PRO D 16 -61.36 -65.91 -4.92
C PRO D 16 -61.19 -65.52 -3.45
N TYR D 17 -61.56 -64.29 -3.07
CA TYR D 17 -61.18 -63.75 -1.76
C TYR D 17 -62.39 -63.58 -0.84
N PHE D 18 -62.09 -63.16 0.38
CA PHE D 18 -63.08 -62.96 1.43
C PHE D 18 -63.82 -61.65 1.23
N GLU D 19 -65.04 -61.57 1.74
CA GLU D 19 -65.83 -60.36 1.62
C GLU D 19 -65.20 -59.25 2.45
N SER D 20 -64.54 -58.31 1.78
CA SER D 20 -64.03 -57.09 2.39
C SER D 20 -64.44 -55.93 1.48
N ARG D 21 -65.64 -55.40 1.73
CA ARG D 21 -66.19 -54.30 0.97
C ARG D 21 -65.56 -52.98 1.39
N PRO D 22 -65.56 -51.98 0.51
CA PRO D 22 -64.95 -50.69 0.87
C PRO D 22 -65.79 -49.93 1.90
N LYS D 23 -65.11 -49.02 2.60
CA LYS D 23 -65.78 -48.19 3.60
C LYS D 23 -66.96 -47.45 2.97
N HIS D 24 -66.68 -46.63 1.97
CA HIS D 24 -67.68 -46.12 1.03
C HIS D 24 -67.27 -46.55 -0.37
N GLN D 25 -68.19 -46.45 -1.31
CA GLN D 25 -68.00 -47.10 -2.61
C GLN D 25 -68.44 -46.16 -3.73
N PHE D 26 -67.58 -46.04 -4.75
CA PHE D 26 -67.74 -45.06 -5.81
C PHE D 26 -68.92 -45.43 -6.71
N ALA D 27 -69.92 -44.56 -6.78
CA ALA D 27 -71.13 -44.87 -7.53
C ALA D 27 -71.61 -43.65 -8.31
N ALA D 28 -72.37 -43.94 -9.37
CA ALA D 28 -73.03 -42.92 -10.17
C ALA D 28 -74.37 -43.46 -10.65
N VAL D 29 -75.32 -42.55 -10.84
CA VAL D 29 -76.67 -42.89 -11.29
C VAL D 29 -76.91 -42.20 -12.62
N PHE D 30 -77.11 -42.98 -13.68
CA PHE D 30 -77.31 -42.47 -15.02
C PHE D 30 -78.77 -42.67 -15.42
N ASN D 31 -79.46 -41.58 -15.74
CA ASN D 31 -80.83 -41.64 -16.24
C ASN D 31 -80.79 -41.76 -17.76
N ILE D 32 -81.08 -42.96 -18.26
CA ILE D 32 -80.97 -43.21 -19.70
C ILE D 32 -82.02 -42.42 -20.48
N ASN D 33 -83.20 -42.20 -19.90
CA ASN D 33 -84.19 -41.35 -20.55
C ASN D 33 -83.62 -39.98 -20.88
N ARG D 34 -82.73 -39.48 -20.04
CA ARG D 34 -82.22 -38.12 -20.17
C ARG D 34 -81.00 -38.03 -21.08
N CYS D 35 -80.59 -39.12 -21.72
CA CYS D 35 -79.35 -39.09 -22.48
C CYS D 35 -79.58 -38.63 -23.91
N ILE D 36 -78.52 -38.07 -24.49
CA ILE D 36 -78.53 -37.62 -25.87
C ILE D 36 -77.52 -38.37 -26.74
N ALA D 37 -76.57 -39.10 -26.14
CA ALA D 37 -75.47 -39.74 -26.85
C ALA D 37 -74.60 -38.71 -27.55
N CYS D 38 -74.36 -37.58 -26.88
CA CYS D 38 -73.52 -36.51 -27.40
C CYS D 38 -72.04 -36.84 -27.35
N GLN D 39 -71.65 -37.89 -26.62
CA GLN D 39 -70.28 -38.38 -26.56
C GLN D 39 -69.28 -37.34 -26.03
N THR D 40 -69.76 -36.29 -25.38
CA THR D 40 -68.84 -35.41 -24.66
C THR D 40 -68.21 -36.17 -23.50
N CYS D 41 -68.99 -37.01 -22.85
CA CYS D 41 -68.46 -37.98 -21.90
C CYS D 41 -67.30 -38.78 -22.49
N THR D 42 -67.38 -39.14 -23.76
CA THR D 42 -66.33 -39.93 -24.38
C THR D 42 -65.08 -39.09 -24.63
N MET D 43 -65.26 -37.86 -25.14
CA MET D 43 -64.15 -36.97 -25.42
C MET D 43 -63.52 -36.39 -24.16
N ALA D 44 -64.27 -36.37 -23.05
CA ALA D 44 -63.68 -35.91 -21.79
C ALA D 44 -62.60 -36.86 -21.30
N CYS D 45 -62.83 -38.17 -21.47
CA CYS D 45 -61.85 -39.14 -21.02
C CYS D 45 -60.65 -39.20 -21.96
N LYS D 46 -60.90 -39.05 -23.26
CA LYS D 46 -59.80 -39.11 -24.22
C LYS D 46 -58.84 -37.94 -24.07
N SER D 47 -59.38 -36.71 -24.06
CA SER D 47 -58.57 -35.50 -23.98
C SER D 47 -57.85 -35.35 -22.64
N THR D 48 -58.05 -36.25 -21.70
CA THR D 48 -57.44 -36.15 -20.38
C THR D 48 -56.49 -37.29 -20.07
N TRP D 49 -56.87 -38.52 -20.42
CA TRP D 49 -56.10 -39.70 -20.06
C TRP D 49 -55.60 -40.52 -21.23
N THR D 50 -56.35 -40.58 -22.33
CA THR D 50 -56.06 -41.52 -23.42
C THR D 50 -55.83 -40.80 -24.75
N PHE D 51 -55.04 -39.72 -24.72
CA PHE D 51 -54.81 -38.89 -25.90
C PHE D 51 -53.50 -39.18 -26.60
N ASN D 52 -52.67 -40.07 -26.06
CA ASN D 52 -51.33 -40.24 -26.58
C ASN D 52 -51.17 -41.51 -27.39
N LYS D 53 -49.93 -41.75 -27.80
CA LYS D 53 -49.59 -42.89 -28.64
C LYS D 53 -49.89 -44.19 -27.90
N GLY D 54 -50.37 -45.19 -28.65
CA GLY D 54 -50.78 -46.44 -28.05
C GLY D 54 -52.13 -46.42 -27.39
N GLN D 55 -52.82 -45.27 -27.42
CA GLN D 55 -54.16 -45.12 -26.88
C GLN D 55 -55.14 -44.68 -27.96
N GLU D 56 -54.76 -44.85 -29.23
CA GLU D 56 -55.59 -44.42 -30.35
C GLU D 56 -56.93 -45.15 -30.34
N PHE D 57 -56.93 -46.43 -30.01
CA PHE D 57 -58.13 -47.25 -29.95
C PHE D 57 -58.82 -47.18 -28.60
N MET D 58 -58.31 -46.37 -27.67
CA MET D 58 -58.77 -46.40 -26.29
C MET D 58 -59.86 -45.36 -26.06
N TRP D 59 -61.02 -45.83 -25.61
CA TRP D 59 -62.14 -44.97 -25.21
C TRP D 59 -62.68 -45.59 -23.93
N TRP D 60 -62.13 -45.15 -22.78
CA TRP D 60 -62.51 -45.74 -21.51
C TRP D 60 -64.00 -45.52 -21.23
N ASN D 61 -64.49 -44.31 -21.48
CA ASN D 61 -65.91 -44.06 -21.46
C ASN D 61 -66.48 -44.14 -22.87
N ASN D 62 -67.66 -44.74 -23.00
CA ASN D 62 -68.34 -44.87 -24.28
C ASN D 62 -69.84 -44.77 -24.06
N VAL D 63 -70.55 -44.38 -25.10
CA VAL D 63 -72.00 -44.31 -25.08
C VAL D 63 -72.50 -45.06 -26.32
N GLU D 64 -73.07 -46.24 -26.10
CA GLU D 64 -73.50 -47.11 -27.18
C GLU D 64 -74.93 -46.81 -27.61
N THR D 65 -75.27 -47.24 -28.81
CA THR D 65 -76.63 -47.13 -29.30
C THR D 65 -77.25 -48.54 -29.31
N LYS D 66 -77.98 -48.85 -28.24
CA LYS D 66 -78.60 -50.15 -28.11
C LYS D 66 -79.61 -50.37 -29.26
N PRO D 67 -79.92 -51.63 -29.58
CA PRO D 67 -79.34 -52.83 -28.98
C PRO D 67 -78.13 -53.37 -29.73
N TYR D 68 -78.02 -53.01 -31.00
CA TYR D 68 -76.95 -53.57 -31.81
C TYR D 68 -75.60 -52.97 -31.44
N GLY D 69 -75.60 -51.69 -31.09
CA GLY D 69 -74.34 -50.97 -30.93
C GLY D 69 -73.52 -51.49 -29.77
N GLY D 70 -72.20 -51.32 -29.89
CA GLY D 70 -71.28 -51.67 -28.81
C GLY D 70 -69.83 -51.47 -29.20
N PHE D 71 -69.03 -51.01 -28.25
CA PHE D 71 -67.57 -51.06 -28.34
C PHE D 71 -67.00 -51.65 -27.05
N PRO D 72 -66.29 -52.78 -27.10
CA PRO D 72 -65.98 -53.52 -28.35
C PRO D 72 -67.23 -54.09 -29.00
N GLN D 73 -67.20 -54.21 -30.34
CA GLN D 73 -68.38 -54.59 -31.10
C GLN D 73 -69.07 -55.79 -30.48
N SER D 74 -70.37 -55.67 -30.28
CA SER D 74 -71.21 -56.78 -29.81
C SER D 74 -70.63 -57.42 -28.56
N TRP D 75 -70.16 -56.57 -27.63
CA TRP D 75 -69.54 -57.09 -26.42
C TRP D 75 -70.58 -57.71 -25.49
N ASP D 76 -71.81 -57.20 -25.49
CA ASP D 76 -72.89 -57.83 -24.73
C ASP D 76 -72.99 -59.31 -25.08
N VAL D 77 -73.25 -59.60 -26.35
CA VAL D 77 -73.59 -60.94 -26.78
C VAL D 77 -72.35 -61.83 -26.81
N LYS D 78 -71.18 -61.27 -27.12
CA LYS D 78 -69.98 -62.08 -27.29
C LYS D 78 -69.67 -62.89 -26.04
N THR D 79 -69.84 -62.30 -24.86
CA THR D 79 -69.59 -63.00 -23.61
C THR D 79 -70.86 -63.64 -23.05
N LEU D 80 -71.99 -62.96 -23.17
CA LEU D 80 -73.25 -63.49 -22.62
C LEU D 80 -73.69 -64.77 -23.31
N LYS D 81 -73.13 -65.08 -24.49
CA LYS D 81 -73.50 -66.31 -25.18
C LYS D 81 -72.94 -67.54 -24.47
N LEU D 82 -71.72 -67.45 -23.95
CA LEU D 82 -71.11 -68.53 -23.18
C LEU D 82 -71.28 -68.34 -21.68
N ILE D 83 -72.10 -67.38 -21.26
CA ILE D 83 -72.67 -67.36 -19.93
C ILE D 83 -74.12 -67.82 -19.95
N ASP D 84 -74.61 -68.26 -21.10
CA ASP D 84 -76.00 -68.64 -21.29
C ASP D 84 -76.30 -69.98 -20.64
N SER D 85 -77.55 -70.13 -20.21
CA SER D 85 -78.08 -71.36 -19.62
C SER D 85 -79.59 -71.23 -19.50
N PRO D 86 -80.34 -72.33 -19.57
CA PRO D 86 -81.78 -72.22 -19.28
C PRO D 86 -82.07 -71.82 -17.84
N ASP D 87 -81.06 -71.79 -16.98
CA ASP D 87 -81.20 -71.41 -15.58
C ASP D 87 -81.10 -69.90 -15.37
N ASN D 88 -81.06 -69.11 -16.44
CA ASN D 88 -80.99 -67.65 -16.28
C ASN D 88 -82.35 -67.13 -15.83
N ILE D 89 -82.60 -67.13 -14.52
CA ILE D 89 -83.91 -66.74 -14.02
C ILE D 89 -83.75 -66.08 -12.66
N TRP D 90 -84.55 -65.05 -12.44
CA TRP D 90 -84.76 -64.42 -11.14
C TRP D 90 -86.09 -64.89 -10.56
N TYR D 91 -86.24 -64.75 -9.25
CA TYR D 91 -87.50 -64.99 -8.57
C TYR D 91 -87.75 -63.86 -7.59
N THR D 92 -88.75 -63.04 -7.88
CA THR D 92 -89.08 -61.84 -7.11
C THR D 92 -90.08 -62.11 -6.00
N ASP D 93 -90.49 -63.37 -5.80
CA ASP D 93 -91.40 -63.70 -4.72
C ASP D 93 -90.88 -63.20 -3.38
N ASP D 94 -89.60 -63.46 -3.10
CA ASP D 94 -88.97 -63.10 -1.84
C ASP D 94 -88.29 -61.74 -1.88
N LYS D 95 -88.80 -60.82 -2.71
CA LYS D 95 -88.22 -59.47 -2.79
C LYS D 95 -88.21 -58.83 -1.41
N ASP D 96 -87.05 -58.30 -1.03
CA ASP D 96 -86.87 -57.78 0.32
C ASP D 96 -87.87 -56.67 0.61
N LYS D 97 -88.44 -56.72 1.82
CA LYS D 97 -89.42 -55.72 2.22
C LYS D 97 -88.74 -54.46 2.74
N GLU D 98 -87.71 -54.60 3.56
CA GLU D 98 -86.99 -53.47 4.13
C GLU D 98 -85.58 -53.41 3.56
N THR D 99 -85.02 -52.20 3.58
CA THR D 99 -83.69 -51.97 3.01
C THR D 99 -82.63 -52.55 3.94
N SER D 100 -81.78 -53.42 3.39
CA SER D 100 -80.63 -53.91 4.14
C SER D 100 -79.60 -52.80 4.30
N GLN D 101 -78.85 -52.86 5.41
CA GLN D 101 -78.12 -51.71 5.95
C GLN D 101 -77.27 -50.99 4.90
N TYR D 102 -76.22 -51.64 4.38
CA TYR D 102 -75.47 -51.07 3.24
C TYR D 102 -74.63 -52.19 2.62
N GLY D 103 -74.86 -52.49 1.35
CA GLY D 103 -74.15 -53.60 0.72
C GLY D 103 -74.53 -54.95 1.28
N THR D 104 -75.81 -55.13 1.62
CA THR D 104 -76.31 -56.41 2.12
C THR D 104 -77.71 -56.63 1.57
N GLY D 105 -78.26 -57.80 1.87
CA GLY D 105 -79.65 -58.08 1.57
C GLY D 105 -79.91 -58.43 0.12
N ALA D 106 -81.20 -58.65 -0.17
CA ALA D 106 -81.67 -59.08 -1.49
C ALA D 106 -82.83 -58.18 -1.91
N PRO D 107 -82.54 -56.94 -2.31
CA PRO D 107 -83.64 -56.00 -2.63
C PRO D 107 -84.54 -56.48 -3.76
N TYR D 108 -83.95 -56.91 -4.88
CA TYR D 108 -84.75 -57.38 -6.00
C TYR D 108 -85.18 -58.83 -5.84
N GLY D 109 -84.36 -59.65 -5.19
CA GLY D 109 -84.65 -61.06 -5.03
C GLY D 109 -83.42 -61.92 -5.26
N THR D 110 -83.55 -63.22 -5.04
CA THR D 110 -82.45 -64.15 -5.23
C THR D 110 -82.37 -64.59 -6.69
N TYR D 111 -81.16 -64.68 -7.22
CA TYR D 111 -80.90 -65.02 -8.60
C TYR D 111 -79.97 -66.23 -8.66
N GLU D 112 -80.43 -67.31 -9.29
CA GLU D 112 -79.72 -68.57 -9.31
C GLU D 112 -78.93 -68.80 -10.59
N GLY D 113 -78.93 -67.84 -11.52
CA GLY D 113 -78.07 -67.95 -12.67
C GLY D 113 -76.60 -67.87 -12.28
N ASP D 114 -75.78 -68.68 -12.93
CA ASP D 114 -74.38 -68.79 -12.54
C ASP D 114 -73.55 -67.64 -13.09
N THR D 115 -72.69 -67.11 -12.24
CA THR D 115 -71.85 -65.95 -12.56
C THR D 115 -70.70 -66.38 -13.48
N ILE D 116 -69.87 -65.42 -13.87
CA ILE D 116 -68.67 -65.74 -14.66
C ILE D 116 -67.80 -66.72 -13.90
N PHE D 117 -67.68 -66.52 -12.59
CA PHE D 117 -66.85 -67.39 -11.77
C PHE D 117 -67.60 -68.67 -11.38
N GLU D 118 -68.89 -68.57 -11.09
CA GLU D 118 -69.66 -69.77 -10.79
C GLU D 118 -69.86 -70.63 -12.04
N VAL D 119 -69.92 -70.01 -13.22
CA VAL D 119 -69.79 -70.80 -14.45
C VAL D 119 -68.39 -71.37 -14.56
N ALA D 120 -67.38 -70.61 -14.12
CA ALA D 120 -66.00 -71.06 -14.23
C ALA D 120 -65.71 -72.21 -13.27
N LYS D 121 -66.29 -72.17 -12.07
CA LYS D 121 -66.02 -73.22 -11.09
C LYS D 121 -66.67 -74.54 -11.50
N LYS D 122 -67.96 -74.51 -11.82
CA LYS D 122 -68.67 -75.71 -12.25
C LYS D 122 -67.98 -76.34 -13.45
N LYS D 123 -67.66 -75.53 -14.46
CA LYS D 123 -67.05 -76.04 -15.68
C LYS D 123 -65.64 -76.54 -15.46
N ASN D 124 -64.99 -76.13 -14.37
CA ASN D 124 -63.58 -76.42 -14.12
C ASN D 124 -62.72 -76.12 -15.35
N ILE D 125 -62.89 -74.90 -15.87
CA ILE D 125 -61.95 -74.38 -16.86
C ILE D 125 -60.58 -74.14 -16.27
N ASN D 126 -60.45 -74.32 -14.95
CA ASN D 126 -59.25 -74.04 -14.18
C ASN D 126 -58.65 -72.69 -14.52
N GLN D 127 -59.53 -71.71 -14.68
CA GLN D 127 -59.19 -70.29 -14.62
C GLN D 127 -60.31 -69.61 -13.84
N TRP D 128 -59.97 -68.51 -13.18
CA TRP D 128 -60.91 -67.93 -12.21
C TRP D 128 -62.21 -67.50 -12.87
N ALA D 129 -62.17 -67.00 -14.12
CA ALA D 129 -63.37 -66.50 -14.77
C ALA D 129 -63.37 -66.84 -16.25
N VAL D 130 -64.56 -66.73 -16.84
CA VAL D 130 -64.77 -66.82 -18.29
C VAL D 130 -64.66 -65.44 -18.89
N GLY D 131 -64.50 -65.37 -20.21
CA GLY D 131 -64.43 -64.09 -20.89
C GLY D 131 -63.73 -64.24 -22.22
N TYR D 132 -63.63 -63.11 -22.92
CA TYR D 132 -62.95 -63.06 -24.20
C TYR D 132 -62.11 -61.79 -24.28
N ILE D 133 -60.97 -61.90 -24.96
CA ILE D 133 -60.06 -60.79 -25.15
C ILE D 133 -60.26 -60.27 -26.62
N PRO D 134 -60.89 -59.13 -26.78
CA PRO D 134 -61.16 -58.67 -28.16
C PRO D 134 -59.88 -58.46 -28.94
N GLU D 135 -59.91 -58.87 -30.21
CA GLU D 135 -58.77 -58.78 -31.10
C GLU D 135 -58.81 -57.46 -31.87
N ASP D 136 -57.65 -57.05 -32.43
CA ASP D 136 -57.48 -55.76 -33.10
C ASP D 136 -58.70 -55.27 -33.87
N LYS D 137 -59.27 -56.14 -34.69
CA LYS D 137 -60.34 -55.73 -35.59
C LYS D 137 -61.67 -55.60 -34.87
N GLU D 138 -61.84 -56.24 -33.72
CA GLU D 138 -63.06 -56.06 -32.95
C GLU D 138 -63.00 -54.84 -32.05
N TRP D 139 -61.82 -54.23 -31.87
CA TRP D 139 -61.68 -53.01 -31.10
C TRP D 139 -61.88 -51.75 -31.95
N ARG D 140 -62.03 -51.87 -33.27
CA ARG D 140 -62.21 -50.71 -34.11
C ARG D 140 -63.63 -50.19 -34.01
N SER D 141 -63.90 -49.11 -34.75
CA SER D 141 -65.23 -48.55 -34.98
C SER D 141 -66.02 -48.44 -33.69
N PRO D 142 -65.64 -47.54 -32.79
CA PRO D 142 -66.32 -47.48 -31.49
C PRO D 142 -67.77 -47.04 -31.59
N ASN D 143 -68.11 -46.16 -32.52
CA ASN D 143 -69.50 -45.76 -32.70
C ASN D 143 -70.25 -46.84 -33.47
N PHE D 144 -70.15 -48.07 -32.97
CA PHE D 144 -70.77 -49.21 -33.63
C PHE D 144 -72.27 -49.20 -33.40
N GLY D 145 -73.02 -49.52 -34.45
CA GLY D 145 -74.48 -49.56 -34.35
C GLY D 145 -75.11 -48.25 -33.92
N GLU D 146 -74.54 -47.12 -34.33
CA GLU D 146 -75.09 -45.83 -33.93
C GLU D 146 -76.44 -45.60 -34.60
N ASP D 147 -77.40 -45.15 -33.81
CA ASP D 147 -78.78 -44.92 -34.25
C ASP D 147 -79.34 -46.11 -35.02
N THR D 148 -79.12 -47.30 -34.46
CA THR D 148 -79.60 -48.55 -35.04
C THR D 148 -80.77 -49.06 -34.19
N ALA D 149 -81.97 -48.98 -34.74
CA ALA D 149 -83.17 -49.41 -34.05
C ALA D 149 -83.53 -50.84 -34.42
N LYS D 150 -84.25 -51.51 -33.53
CA LYS D 150 -84.88 -52.79 -33.85
C LYS D 150 -86.30 -52.59 -34.40
N SER D 151 -86.62 -53.32 -35.48
CA SER D 151 -87.84 -53.16 -36.27
C SER D 151 -88.70 -54.42 -36.30
N SER D 152 -90.02 -54.23 -36.22
CA SER D 152 -90.89 -55.33 -36.60
C SER D 152 -90.81 -55.64 -38.09
N ASN D 153 -90.41 -54.67 -38.93
CA ASN D 153 -90.27 -54.88 -40.38
C ASN D 153 -91.58 -55.38 -41.00
N GLN D 154 -92.68 -54.72 -40.64
CA GLN D 154 -93.98 -54.84 -41.28
C GLN D 154 -94.44 -53.46 -41.70
N PRO D 155 -95.27 -53.35 -42.74
CA PRO D 155 -95.70 -52.03 -43.21
C PRO D 155 -96.46 -51.22 -42.17
N GLY D 156 -96.95 -51.84 -41.09
CA GLY D 156 -97.71 -51.12 -40.09
C GLY D 156 -96.93 -50.86 -38.81
N GLU D 157 -95.61 -50.81 -38.90
CA GLU D 157 -94.77 -50.59 -37.73
C GLU D 157 -94.73 -49.12 -37.35
N TYR D 158 -94.85 -48.85 -36.05
CA TYR D 158 -94.74 -47.50 -35.51
C TYR D 158 -94.50 -47.60 -34.02
N SER D 159 -94.15 -46.47 -33.41
CA SER D 159 -93.68 -46.41 -32.04
C SER D 159 -94.73 -45.77 -31.13
N THR D 160 -94.88 -46.30 -29.92
CA THR D 160 -95.90 -45.84 -29.00
C THR D 160 -95.40 -45.90 -27.56
N LEU D 161 -96.20 -45.34 -26.65
CA LEU D 161 -95.83 -45.11 -25.25
C LEU D 161 -95.56 -46.37 -24.44
N PRO D 162 -96.36 -47.43 -24.53
CA PRO D 162 -96.07 -48.63 -23.72
C PRO D 162 -94.74 -49.27 -24.09
N GLU D 163 -94.48 -49.42 -25.39
CA GLU D 163 -93.20 -49.92 -25.88
C GLU D 163 -93.11 -49.54 -27.36
N HIS D 164 -91.90 -49.20 -27.80
CA HIS D 164 -91.68 -48.80 -29.18
C HIS D 164 -91.46 -50.03 -30.05
N SER D 165 -92.23 -50.13 -31.15
CA SER D 165 -92.03 -51.24 -32.06
C SER D 165 -90.67 -51.14 -32.75
N ARG D 166 -90.25 -49.91 -33.06
CA ARG D 166 -88.89 -49.56 -33.46
C ARG D 166 -88.23 -48.73 -32.39
N TRP D 167 -87.05 -49.14 -31.96
CA TRP D 167 -86.51 -48.63 -30.70
C TRP D 167 -85.00 -48.80 -30.71
N PHE D 168 -84.30 -47.81 -30.15
CA PHE D 168 -82.87 -47.95 -29.88
C PHE D 168 -82.51 -47.09 -28.67
N PHE D 169 -81.52 -47.54 -27.91
CA PHE D 169 -81.24 -46.96 -26.60
C PHE D 169 -79.78 -46.54 -26.49
N TYR D 170 -79.52 -45.63 -25.54
CA TYR D 170 -78.20 -45.05 -25.33
C TYR D 170 -77.62 -45.57 -24.02
N LEU D 171 -76.56 -46.36 -24.11
CA LEU D 171 -75.93 -46.98 -22.96
C LEU D 171 -74.59 -46.31 -22.69
N GLN D 172 -74.49 -45.63 -21.54
CA GLN D 172 -73.28 -44.91 -21.14
C GLN D 172 -72.47 -45.81 -20.22
N ARG D 173 -71.24 -46.11 -20.62
CA ARG D 173 -70.44 -47.13 -19.95
C ARG D 173 -69.08 -46.58 -19.54
N ILE D 174 -68.74 -46.76 -18.26
CA ILE D 174 -67.39 -46.61 -17.73
C ILE D 174 -67.06 -47.88 -16.96
N CYS D 175 -65.88 -47.91 -16.35
CA CYS D 175 -65.60 -48.99 -15.42
C CYS D 175 -66.54 -48.90 -14.24
N ASN D 176 -67.16 -50.02 -13.88
CA ASN D 176 -68.09 -50.02 -12.77
C ASN D 176 -67.39 -49.88 -11.42
N HIS D 177 -66.07 -50.07 -11.39
CA HIS D 177 -65.33 -50.17 -10.14
C HIS D 177 -66.04 -51.13 -9.20
N CYS D 178 -66.26 -52.33 -9.74
CA CYS D 178 -67.14 -53.31 -9.13
C CYS D 178 -66.73 -53.60 -7.69
N THR D 179 -67.72 -53.88 -6.85
CA THR D 179 -67.42 -54.47 -5.56
C THR D 179 -66.64 -55.75 -5.73
N TYR D 180 -66.95 -56.49 -6.78
CA TYR D 180 -66.39 -57.83 -7.02
C TYR D 180 -65.88 -57.93 -8.45
N PRO D 181 -64.90 -57.11 -8.81
CA PRO D 181 -64.52 -57.02 -10.23
C PRO D 181 -63.79 -58.26 -10.70
N GLY D 182 -64.11 -58.67 -11.93
CA GLY D 182 -63.39 -59.77 -12.54
C GLY D 182 -61.93 -59.45 -12.80
N CYS D 183 -61.63 -58.19 -13.12
CA CYS D 183 -60.26 -57.81 -13.43
C CYS D 183 -59.35 -57.94 -12.21
N LEU D 184 -59.84 -57.56 -11.03
CA LEU D 184 -59.08 -57.79 -9.80
C LEU D 184 -58.77 -59.27 -9.63
N ALA D 185 -59.81 -60.11 -9.67
CA ALA D 185 -59.61 -61.55 -9.62
C ALA D 185 -58.82 -62.06 -10.81
N ALA D 186 -58.81 -61.30 -11.92
CA ALA D 186 -58.10 -61.74 -13.11
C ALA D 186 -56.59 -61.55 -12.99
N CYS D 187 -56.13 -60.55 -12.23
CA CYS D 187 -54.71 -60.29 -12.18
C CYS D 187 -54.00 -61.30 -11.29
N PRO D 188 -53.01 -62.00 -11.81
CA PRO D 188 -52.21 -62.96 -11.05
C PRO D 188 -51.32 -62.38 -9.96
N ARG D 189 -50.48 -61.44 -10.38
CA ARG D 189 -49.54 -60.79 -9.48
C ARG D 189 -50.24 -59.83 -8.54
N LYS D 190 -51.57 -59.76 -8.66
CA LYS D 190 -52.42 -58.93 -7.83
C LYS D 190 -52.10 -57.45 -8.05
N ALA D 191 -51.89 -57.10 -9.31
CA ALA D 191 -51.58 -55.70 -9.65
C ALA D 191 -52.80 -54.81 -9.61
N ILE D 192 -54.01 -55.36 -9.57
CA ILE D 192 -55.24 -54.58 -9.44
C ILE D 192 -55.77 -54.72 -8.02
N TYR D 193 -56.04 -53.58 -7.39
CA TYR D 193 -56.52 -53.56 -6.01
C TYR D 193 -57.75 -52.68 -5.92
N LYS D 194 -58.49 -52.88 -4.85
CA LYS D 194 -59.63 -52.04 -4.52
C LYS D 194 -59.23 -51.04 -3.46
N ARG D 195 -59.50 -49.76 -3.70
CA ARG D 195 -59.21 -48.72 -2.73
C ARG D 195 -60.22 -48.79 -1.60
N LYS D 196 -59.75 -49.10 -0.40
CA LYS D 196 -60.65 -49.29 0.74
C LYS D 196 -61.39 -48.00 1.06
N GLU D 197 -60.77 -46.85 0.78
CA GLU D 197 -61.34 -45.57 1.20
C GLU D 197 -62.54 -45.19 0.34
N ASP D 198 -62.43 -45.33 -0.97
CA ASP D 198 -63.46 -44.87 -1.89
C ASP D 198 -63.98 -45.95 -2.83
N GLY D 199 -63.42 -47.16 -2.81
CA GLY D 199 -63.91 -48.24 -3.65
C GLY D 199 -63.37 -48.27 -5.07
N ILE D 200 -62.57 -47.28 -5.46
CA ILE D 200 -62.06 -47.23 -6.82
C ILE D 200 -60.99 -48.31 -7.01
N VAL D 201 -60.99 -48.94 -8.18
CA VAL D 201 -60.11 -50.05 -8.48
C VAL D 201 -59.22 -49.67 -9.66
N LEU D 202 -57.96 -50.08 -9.60
CA LEU D 202 -56.94 -49.64 -10.54
C LEU D 202 -55.91 -50.74 -10.78
N ILE D 203 -55.18 -50.61 -11.88
CA ILE D 203 -54.07 -51.50 -12.21
C ILE D 203 -52.76 -50.72 -12.02
N ASP D 204 -51.82 -51.33 -11.31
CA ASP D 204 -50.54 -50.69 -10.98
C ASP D 204 -49.67 -50.67 -12.22
N GLN D 205 -49.59 -49.52 -12.89
CA GLN D 205 -48.75 -49.40 -14.08
C GLN D 205 -47.27 -49.71 -13.78
N LYS D 206 -46.83 -49.45 -12.55
CA LYS D 206 -45.45 -49.77 -12.19
C LYS D 206 -45.25 -51.27 -11.97
N ARG D 207 -46.29 -51.98 -11.53
CA ARG D 207 -46.20 -53.41 -11.27
C ARG D 207 -46.88 -54.29 -12.31
N CYS D 208 -47.75 -53.73 -13.14
CA CYS D 208 -48.49 -54.51 -14.11
C CYS D 208 -47.59 -54.93 -15.27
N ARG D 209 -47.85 -56.13 -15.80
CA ARG D 209 -46.95 -56.77 -16.76
C ARG D 209 -47.57 -57.00 -18.13
N GLY D 210 -48.75 -56.45 -18.40
CA GLY D 210 -49.39 -56.66 -19.69
C GLY D 210 -49.77 -58.10 -19.95
N TYR D 211 -50.42 -58.73 -18.96
CA TYR D 211 -50.79 -60.13 -19.04
C TYR D 211 -52.12 -60.38 -19.75
N ARG D 212 -52.86 -59.31 -20.09
CA ARG D 212 -54.11 -59.38 -20.83
C ARG D 212 -55.18 -60.21 -20.13
N LYS D 213 -54.96 -60.60 -18.88
CA LYS D 213 -56.03 -61.23 -18.11
C LYS D 213 -57.00 -60.20 -17.57
N CYS D 214 -56.53 -58.97 -17.33
CA CYS D 214 -57.44 -57.85 -17.08
C CYS D 214 -58.48 -57.76 -18.19
N VAL D 215 -58.03 -57.85 -19.44
CA VAL D 215 -58.94 -57.73 -20.58
C VAL D 215 -59.84 -58.96 -20.68
N GLU D 216 -59.27 -60.14 -20.42
CA GLU D 216 -59.98 -61.39 -20.68
C GLU D 216 -61.17 -61.56 -19.75
N GLN D 217 -60.94 -61.48 -18.44
CA GLN D 217 -61.95 -61.85 -17.47
C GLN D 217 -62.76 -60.66 -16.95
N CYS D 218 -62.34 -59.43 -17.24
CA CYS D 218 -63.18 -58.27 -17.00
C CYS D 218 -64.30 -58.37 -18.03
N PRO D 219 -65.53 -58.68 -17.60
CA PRO D 219 -66.56 -59.01 -18.57
C PRO D 219 -67.21 -57.81 -19.22
N TYR D 220 -66.95 -56.61 -18.70
CA TYR D 220 -67.35 -55.36 -19.34
C TYR D 220 -66.27 -54.82 -20.28
N LYS D 221 -65.10 -55.45 -20.32
CA LYS D 221 -64.03 -55.14 -21.27
C LYS D 221 -63.55 -53.69 -21.15
N LYS D 222 -63.59 -53.13 -19.95
CA LYS D 222 -63.11 -51.78 -19.72
C LYS D 222 -61.59 -51.76 -19.65
N PRO D 223 -60.96 -52.81 -19.11
CA PRO D 223 -59.49 -52.86 -19.10
C PRO D 223 -58.95 -53.00 -20.52
N MET D 224 -58.02 -52.12 -20.88
CA MET D 224 -57.48 -52.04 -22.23
C MET D 224 -55.97 -52.16 -22.22
N TYR D 225 -55.44 -52.94 -23.15
CA TYR D 225 -54.00 -53.17 -23.28
C TYR D 225 -53.40 -52.10 -24.19
N ARG D 226 -52.36 -51.44 -23.71
CA ARG D 226 -51.68 -50.42 -24.50
C ARG D 226 -50.46 -51.01 -25.20
N GLY D 227 -50.34 -50.72 -26.51
CA GLY D 227 -49.22 -51.23 -27.27
C GLY D 227 -47.92 -50.48 -27.04
N LEU D 228 -48.00 -49.20 -26.67
CA LEU D 228 -46.79 -48.42 -26.47
C LEU D 228 -46.08 -48.82 -25.18
N THR D 229 -46.76 -48.68 -24.05
CA THR D 229 -46.19 -49.05 -22.76
C THR D 229 -46.15 -50.54 -22.53
N ARG D 230 -46.77 -51.33 -23.42
CA ARG D 230 -46.86 -52.79 -23.27
C ARG D 230 -47.53 -53.19 -21.97
N VAL D 231 -48.43 -52.35 -21.45
CA VAL D 231 -49.13 -52.60 -20.21
C VAL D 231 -50.59 -52.20 -20.40
N SER D 232 -51.46 -52.80 -19.59
CA SER D 232 -52.90 -52.55 -19.67
C SER D 232 -53.28 -51.36 -18.82
N GLU D 233 -54.35 -50.68 -19.23
CA GLU D 233 -54.79 -49.45 -18.59
C GLU D 233 -56.28 -49.53 -18.27
N LYS D 234 -56.76 -48.51 -17.59
CA LYS D 234 -58.12 -48.46 -17.07
C LYS D 234 -58.42 -47.03 -16.70
N CYS D 235 -59.73 -46.74 -16.67
CA CYS D 235 -60.23 -45.44 -16.15
C CYS D 235 -59.97 -45.50 -14.65
N ILE D 236 -59.55 -44.40 -14.04
CA ILE D 236 -59.19 -44.40 -12.63
C ILE D 236 -60.34 -43.86 -11.79
N ALA D 237 -61.52 -43.71 -12.40
CA ALA D 237 -62.58 -42.87 -11.85
C ALA D 237 -62.05 -41.46 -11.54
N CYS D 238 -60.91 -41.11 -12.14
CA CYS D 238 -60.31 -39.79 -12.01
C CYS D 238 -60.08 -39.44 -10.54
N TYR D 239 -59.39 -40.35 -9.84
CA TYR D 239 -59.02 -40.25 -8.44
C TYR D 239 -58.36 -38.93 -8.09
N PRO D 240 -57.55 -38.32 -8.97
CA PRO D 240 -57.10 -36.94 -8.69
C PRO D 240 -58.24 -36.00 -8.37
N ARG D 241 -59.31 -36.01 -9.17
CA ARG D 241 -60.48 -35.21 -8.88
C ARG D 241 -61.25 -35.73 -7.67
N ILE D 242 -61.10 -37.02 -7.35
CA ILE D 242 -61.85 -37.59 -6.23
C ILE D 242 -61.18 -37.28 -4.89
N GLU D 243 -59.85 -37.16 -4.87
CA GLU D 243 -59.15 -36.79 -3.65
C GLU D 243 -59.16 -35.30 -3.38
N GLY D 244 -59.96 -34.54 -4.13
CA GLY D 244 -59.98 -33.09 -3.98
C GLY D 244 -58.67 -32.43 -4.33
N ARG D 245 -57.95 -32.97 -5.33
CA ARG D 245 -56.59 -32.53 -5.63
C ARG D 245 -56.53 -31.46 -6.72
N ASP D 246 -57.67 -31.00 -7.22
CA ASP D 246 -57.72 -29.83 -8.10
C ASP D 246 -58.27 -28.66 -7.30
N SER D 247 -57.63 -27.50 -7.45
CA SER D 247 -58.08 -26.27 -6.78
C SER D 247 -59.07 -25.50 -7.65
N LEU D 248 -60.10 -26.21 -8.12
CA LEU D 248 -61.30 -25.60 -8.67
C LEU D 248 -62.55 -25.96 -7.87
N THR D 249 -62.48 -27.01 -7.06
CA THR D 249 -63.52 -27.40 -6.12
C THR D 249 -63.19 -26.98 -4.69
N ASP D 250 -62.13 -26.20 -4.51
CA ASP D 250 -61.72 -25.70 -3.20
C ASP D 250 -61.35 -26.84 -2.25
N GLY D 251 -60.70 -27.88 -2.79
CA GLY D 251 -60.20 -28.97 -1.99
C GLY D 251 -61.21 -29.99 -1.56
N ARG D 252 -62.50 -29.75 -1.76
CA ARG D 252 -63.49 -30.77 -1.46
C ARG D 252 -63.52 -31.79 -2.59
N PRO D 253 -63.67 -33.09 -2.27
CA PRO D 253 -63.72 -34.12 -3.32
C PRO D 253 -64.71 -33.78 -4.43
N MET D 254 -64.23 -33.67 -5.66
CA MET D 254 -65.04 -33.23 -6.78
C MET D 254 -65.35 -34.38 -7.71
N GLU D 255 -66.32 -34.13 -8.59
CA GLU D 255 -66.90 -35.13 -9.46
C GLU D 255 -65.95 -35.51 -10.59
N THR D 256 -66.24 -36.66 -11.22
CA THR D 256 -65.35 -37.29 -12.17
C THR D 256 -65.28 -36.49 -13.48
N ARG D 257 -64.43 -37.00 -14.37
CA ARG D 257 -63.93 -36.28 -15.54
C ARG D 257 -64.95 -36.25 -16.67
N CYS D 258 -65.44 -37.43 -17.08
CA CYS D 258 -66.41 -37.50 -18.17
C CYS D 258 -67.80 -37.06 -17.74
N MET D 259 -68.05 -36.98 -16.43
CA MET D 259 -69.38 -36.77 -15.91
C MET D 259 -69.67 -35.30 -15.64
N SER D 260 -68.65 -34.50 -15.33
CA SER D 260 -68.80 -33.05 -15.41
C SER D 260 -69.11 -32.61 -16.84
N ALA D 261 -68.75 -33.44 -17.81
CA ALA D 261 -68.96 -33.14 -19.23
C ALA D 261 -70.37 -33.46 -19.70
N CYS D 262 -71.06 -34.36 -19.02
CA CYS D 262 -72.37 -34.82 -19.46
C CYS D 262 -73.35 -33.66 -19.60
N VAL D 263 -73.87 -33.47 -20.81
CA VAL D 263 -74.62 -32.24 -21.12
C VAL D 263 -76.12 -32.39 -20.84
N GLY D 264 -76.71 -33.56 -21.11
CA GLY D 264 -77.97 -33.87 -20.49
C GLY D 264 -77.72 -34.21 -19.03
N GLN D 265 -78.57 -33.68 -18.15
CA GLN D 265 -78.28 -33.82 -16.72
C GLN D 265 -78.51 -35.26 -16.29
N ILE D 266 -77.73 -36.18 -16.84
CA ILE D 266 -77.98 -37.60 -16.70
C ILE D 266 -77.36 -38.17 -15.44
N ARG D 267 -76.19 -37.67 -15.05
CA ARG D 267 -75.30 -38.40 -14.18
C ARG D 267 -75.06 -37.66 -12.87
N LEU D 268 -74.94 -38.45 -11.81
CA LEU D 268 -74.70 -37.94 -10.46
C LEU D 268 -73.61 -38.82 -9.86
N GLN D 269 -72.37 -38.34 -9.83
CA GLN D 269 -71.37 -39.04 -9.07
C GLN D 269 -71.57 -38.80 -7.59
N GLY D 270 -71.03 -39.71 -6.80
CA GLY D 270 -71.18 -39.64 -5.36
C GLY D 270 -70.77 -40.95 -4.74
N PHE D 271 -71.14 -41.13 -3.49
CA PHE D 271 -70.81 -42.33 -2.74
C PHE D 271 -72.10 -42.97 -2.25
N LEU D 272 -72.18 -44.28 -2.41
CA LEU D 272 -73.27 -45.06 -1.83
C LEU D 272 -72.84 -45.50 -0.44
N ASP D 273 -73.43 -44.91 0.59
CA ASP D 273 -73.08 -45.18 1.97
C ASP D 273 -74.33 -45.61 2.73
N ASP D 274 -74.22 -45.70 4.06
CA ASP D 274 -75.33 -46.10 4.90
C ASP D 274 -76.22 -44.93 5.31
N ASN D 275 -76.00 -43.75 4.72
CA ASN D 275 -76.81 -42.58 5.05
C ASN D 275 -78.03 -42.54 4.15
N PRO D 276 -79.25 -42.62 4.70
CA PRO D 276 -80.44 -42.64 3.85
C PRO D 276 -80.65 -41.35 3.05
N LYS D 277 -80.10 -40.22 3.49
CA LYS D 277 -80.25 -38.96 2.78
C LYS D 277 -79.04 -38.63 1.90
N ASN D 278 -78.09 -39.55 1.77
CA ASN D 278 -77.17 -39.45 0.65
C ASN D 278 -78.02 -39.66 -0.60
N PRO D 279 -78.04 -38.72 -1.53
CA PRO D 279 -78.83 -38.93 -2.76
C PRO D 279 -78.48 -40.22 -3.48
N ILE D 280 -77.20 -40.60 -3.47
CA ILE D 280 -76.80 -41.87 -4.09
C ILE D 280 -77.54 -43.04 -3.45
N THR D 281 -77.39 -43.20 -2.12
CA THR D 281 -78.07 -44.28 -1.43
C THR D 281 -79.59 -44.12 -1.49
N TRP D 282 -80.09 -42.88 -1.54
CA TRP D 282 -81.51 -42.65 -1.70
C TRP D 282 -82.03 -43.28 -2.99
N LEU D 283 -81.37 -42.97 -4.12
CA LEU D 283 -81.90 -43.34 -5.42
C LEU D 283 -81.71 -44.83 -5.72
N ILE D 284 -80.70 -45.45 -5.14
CA ILE D 284 -80.26 -46.78 -5.58
C ILE D 284 -80.84 -47.89 -4.70
N ARG D 285 -80.69 -47.79 -3.38
CA ARG D 285 -81.14 -48.86 -2.49
C ARG D 285 -82.37 -48.50 -1.68
N HIS D 286 -82.55 -47.24 -1.30
CA HIS D 286 -83.71 -46.85 -0.51
C HIS D 286 -84.97 -46.79 -1.38
N GLN D 287 -84.88 -46.15 -2.54
CA GLN D 287 -86.01 -46.07 -3.47
C GLN D 287 -85.84 -46.94 -4.70
N LYS D 288 -84.61 -47.33 -5.04
CA LYS D 288 -84.31 -48.32 -6.07
C LYS D 288 -84.93 -47.94 -7.41
N ILE D 289 -84.48 -46.81 -7.96
CA ILE D 289 -84.86 -46.37 -9.29
C ILE D 289 -83.69 -46.49 -10.26
N ALA D 290 -82.47 -46.24 -9.79
CA ALA D 290 -81.25 -46.50 -10.55
C ALA D 290 -80.67 -47.84 -10.11
N LEU D 291 -80.49 -48.74 -11.07
CA LEU D 291 -80.13 -50.12 -10.77
C LEU D 291 -79.21 -50.64 -11.87
N PRO D 292 -78.46 -51.71 -11.60
CA PRO D 292 -77.28 -52.04 -12.42
C PRO D 292 -77.64 -52.42 -13.84
N LEU D 293 -76.58 -52.57 -14.64
CA LEU D 293 -76.64 -53.07 -16.00
C LEU D 293 -75.79 -54.33 -16.11
N TYR D 294 -76.39 -55.37 -16.70
CA TYR D 294 -75.78 -56.68 -16.85
C TYR D 294 -75.25 -57.15 -15.52
N PRO D 295 -76.03 -57.28 -14.48
CA PRO D 295 -75.56 -57.74 -13.18
C PRO D 295 -75.45 -59.25 -13.10
N GLN D 296 -75.85 -59.95 -14.16
CA GLN D 296 -75.83 -61.41 -14.17
C GLN D 296 -74.41 -61.94 -14.12
N PHE D 297 -73.46 -61.10 -14.50
CA PHE D 297 -72.06 -61.48 -14.41
C PHE D 297 -71.67 -61.74 -12.96
N GLY D 298 -72.28 -61.00 -12.03
CA GLY D 298 -71.99 -61.16 -10.62
C GLY D 298 -70.88 -60.30 -10.08
N THR D 299 -70.32 -59.39 -10.87
CA THR D 299 -69.23 -58.59 -10.37
C THR D 299 -69.67 -57.48 -9.42
N GLU D 300 -70.98 -57.31 -9.22
CA GLU D 300 -71.56 -56.23 -8.45
C GLU D 300 -71.11 -54.88 -9.01
N PRO D 301 -71.59 -54.49 -10.19
CA PRO D 301 -71.32 -53.15 -10.70
C PRO D 301 -71.91 -52.10 -9.77
N ASN D 302 -71.38 -50.89 -9.85
CA ASN D 302 -71.84 -49.79 -9.00
C ASN D 302 -72.15 -48.54 -9.81
N ILE D 303 -72.32 -48.68 -11.12
CA ILE D 303 -72.89 -47.65 -11.96
C ILE D 303 -74.32 -48.07 -12.27
N TYR D 304 -75.28 -47.36 -11.71
CA TYR D 304 -76.67 -47.76 -11.78
C TYR D 304 -77.46 -46.84 -12.73
N TYR D 305 -78.40 -47.45 -13.44
CA TYR D 305 -79.19 -46.76 -14.45
C TYR D 305 -80.66 -46.82 -14.10
N ILE D 306 -81.40 -45.79 -14.49
CA ILE D 306 -82.86 -45.84 -14.57
C ILE D 306 -83.22 -46.03 -16.03
N PRO D 307 -83.99 -47.06 -16.38
CA PRO D 307 -84.04 -47.54 -17.77
C PRO D 307 -84.89 -46.64 -18.65
N PRO D 308 -84.83 -46.83 -19.97
CA PRO D 308 -85.68 -46.05 -20.89
C PRO D 308 -87.16 -46.22 -20.59
N ARG D 309 -87.93 -45.22 -21.02
CA ARG D 309 -89.38 -45.23 -20.80
C ARG D 309 -90.11 -46.11 -21.80
N TRP D 310 -89.61 -46.19 -23.02
CA TRP D 310 -90.28 -46.84 -24.14
C TRP D 310 -89.74 -48.23 -24.45
N ALA D 311 -88.66 -48.66 -23.79
CA ALA D 311 -87.93 -49.81 -24.29
C ALA D 311 -88.72 -51.10 -24.05
N PRO D 312 -88.62 -52.08 -24.95
CA PRO D 312 -89.22 -53.39 -24.71
C PRO D 312 -88.69 -53.97 -23.40
N ARG D 313 -89.59 -54.14 -22.44
CA ARG D 313 -89.16 -54.45 -21.07
C ARG D 313 -88.54 -55.84 -20.96
N ALA D 314 -88.93 -56.77 -21.83
CA ALA D 314 -88.27 -58.07 -21.85
C ALA D 314 -86.77 -57.91 -22.05
N TYR D 315 -86.37 -56.92 -22.84
CA TYR D 315 -84.96 -56.60 -22.98
C TYR D 315 -84.42 -55.83 -21.78
N LEU D 316 -85.20 -54.87 -21.28
CA LEU D 316 -84.74 -54.08 -20.13
C LEU D 316 -84.48 -54.97 -18.93
N ARG D 317 -85.37 -55.93 -18.67
CA ARG D 317 -85.13 -56.87 -17.59
C ARG D 317 -83.87 -57.69 -17.82
N GLN D 318 -83.55 -57.98 -19.09
CA GLN D 318 -82.31 -58.66 -19.40
C GLN D 318 -81.09 -57.77 -19.16
N MET D 319 -81.27 -56.46 -19.13
CA MET D 319 -80.17 -55.52 -18.95
C MET D 319 -80.03 -55.04 -17.52
N PHE D 320 -81.15 -54.82 -16.80
CA PHE D 320 -81.10 -54.21 -15.49
C PHE D 320 -81.71 -55.07 -14.39
N GLY D 321 -82.11 -56.30 -14.70
CA GLY D 321 -82.65 -57.20 -13.70
C GLY D 321 -84.14 -57.05 -13.53
N PRO D 322 -84.69 -57.65 -12.46
CA PRO D 322 -86.14 -57.59 -12.25
C PRO D 322 -86.64 -56.23 -11.76
N GLY D 323 -85.76 -55.39 -11.23
CA GLY D 323 -86.15 -54.09 -10.72
C GLY D 323 -86.60 -53.11 -11.78
N VAL D 324 -86.37 -53.41 -13.06
CA VAL D 324 -86.85 -52.54 -14.14
C VAL D 324 -88.36 -52.32 -14.06
N ASP D 325 -89.08 -53.17 -13.31
CA ASP D 325 -90.54 -53.12 -13.23
C ASP D 325 -91.05 -51.81 -12.68
N GLU D 326 -90.78 -51.54 -11.40
CA GLU D 326 -91.21 -50.30 -10.78
C GLU D 326 -90.22 -49.16 -10.97
N ALA D 327 -88.99 -49.47 -11.39
CA ALA D 327 -88.04 -48.40 -11.71
C ALA D 327 -88.58 -47.49 -12.79
N ILE D 328 -89.11 -48.09 -13.86
CA ILE D 328 -89.79 -47.31 -14.89
C ILE D 328 -91.02 -46.62 -14.31
N GLU D 329 -91.76 -47.34 -13.46
CA GLU D 329 -93.03 -46.82 -12.94
C GLU D 329 -92.81 -45.55 -12.11
N LYS D 330 -91.75 -45.51 -11.31
CA LYS D 330 -91.53 -44.34 -10.46
C LYS D 330 -91.19 -43.10 -11.27
N PHE D 331 -90.52 -43.27 -12.41
CA PHE D 331 -90.21 -42.13 -13.27
C PHE D 331 -91.49 -41.52 -13.87
N MET D 332 -92.52 -42.36 -14.08
CA MET D 332 -93.72 -41.92 -14.78
C MET D 332 -94.37 -40.71 -14.11
N VAL D 333 -94.77 -40.88 -12.85
CA VAL D 333 -95.20 -39.77 -12.02
C VAL D 333 -94.12 -39.56 -10.97
N PRO D 334 -93.18 -38.64 -11.18
CA PRO D 334 -92.07 -38.48 -10.23
C PRO D 334 -92.58 -38.11 -8.84
N SER D 335 -92.22 -38.93 -7.86
CA SER D 335 -92.40 -38.57 -6.47
C SER D 335 -91.79 -37.20 -6.22
N ARG D 336 -92.40 -36.41 -5.33
CA ARG D 336 -91.98 -35.03 -5.18
C ARG D 336 -90.53 -34.91 -4.70
N GLU D 337 -90.08 -35.84 -3.86
CA GLU D 337 -88.67 -35.85 -3.49
C GLU D 337 -87.79 -36.28 -4.66
N LEU D 338 -88.35 -37.00 -5.63
CA LEU D 338 -87.65 -37.34 -6.87
C LEU D 338 -87.94 -36.35 -7.98
N LEU D 339 -88.80 -35.34 -7.74
CA LEU D 339 -88.91 -34.23 -8.66
C LEU D 339 -87.77 -33.24 -8.49
N ALA D 340 -87.24 -33.14 -7.27
CA ALA D 340 -86.09 -32.28 -6.98
C ALA D 340 -84.76 -32.99 -7.26
N VAL D 341 -84.63 -34.22 -6.80
CA VAL D 341 -83.36 -34.95 -6.93
C VAL D 341 -82.96 -35.09 -8.40
N MET D 342 -83.92 -35.14 -9.31
CA MET D 342 -83.61 -35.24 -10.73
C MET D 342 -83.27 -33.87 -11.32
N SER D 343 -83.81 -32.80 -10.75
CA SER D 343 -83.46 -31.45 -11.18
C SER D 343 -82.17 -30.95 -10.55
N LEU D 344 -81.52 -31.77 -9.72
CA LEU D 344 -80.23 -31.44 -9.14
C LEU D 344 -79.07 -32.15 -9.82
N PHE D 345 -79.35 -33.09 -10.72
CA PHE D 345 -78.30 -33.73 -11.50
C PHE D 345 -77.54 -32.69 -12.30
N ARG D 346 -76.21 -32.76 -12.25
CA ARG D 346 -75.33 -31.89 -13.03
C ARG D 346 -75.60 -30.41 -12.74
N MET D 347 -75.65 -30.07 -11.45
CA MET D 347 -75.77 -28.68 -11.02
C MET D 347 -74.44 -28.08 -10.60
N THR D 348 -73.59 -28.84 -9.93
CA THR D 348 -72.25 -28.37 -9.62
C THR D 348 -71.27 -29.51 -9.82
N GLN D 349 -69.98 -29.16 -9.87
CA GLN D 349 -68.94 -30.17 -9.96
C GLN D 349 -68.62 -30.81 -8.62
N THR D 350 -68.96 -30.16 -7.52
CA THR D 350 -68.65 -30.71 -6.21
C THR D 350 -69.55 -31.90 -5.90
N ILE D 351 -68.99 -32.89 -5.20
CA ILE D 351 -69.74 -34.08 -4.84
C ILE D 351 -70.75 -33.74 -3.75
N VAL D 352 -71.99 -34.19 -3.93
CA VAL D 352 -73.07 -33.94 -2.99
C VAL D 352 -73.27 -35.19 -2.17
N TYR D 353 -73.15 -35.06 -0.84
CA TYR D 353 -73.25 -36.19 0.07
C TYR D 353 -74.60 -36.29 0.77
N GLU D 354 -75.42 -35.22 0.75
CA GLU D 354 -76.74 -35.28 1.35
C GLU D 354 -77.73 -34.52 0.48
N TYR D 355 -79.00 -34.77 0.75
CA TYR D 355 -80.10 -34.15 0.03
C TYR D 355 -80.99 -33.36 0.99
N LYS D 356 -81.64 -32.35 0.44
CA LYS D 356 -82.58 -31.54 1.20
C LYS D 356 -83.61 -30.96 0.24
N ILE D 357 -84.82 -30.77 0.74
CA ILE D 357 -85.92 -30.28 -0.08
C ILE D 357 -86.64 -29.17 0.70
N GLU D 358 -86.44 -27.93 0.27
CA GLU D 358 -87.17 -26.79 0.82
C GLU D 358 -88.41 -26.57 -0.05
N GLU D 359 -89.58 -26.85 0.52
CA GLU D 359 -90.80 -26.94 -0.29
C GLU D 359 -91.27 -25.57 -0.76
N GLY D 360 -91.71 -25.51 -2.01
CA GLY D 360 -92.28 -24.32 -2.58
C GLY D 360 -93.72 -24.54 -3.03
N PRO D 361 -94.18 -23.72 -3.96
CA PRO D 361 -95.58 -23.82 -4.41
C PRO D 361 -95.76 -24.79 -5.58
N LYS D 362 -96.99 -25.31 -5.68
CA LYS D 362 -97.34 -26.19 -6.79
C LYS D 362 -97.39 -25.38 -8.09
N VAL D 363 -96.73 -25.90 -9.13
CA VAL D 363 -96.69 -25.20 -10.41
C VAL D 363 -97.80 -25.65 -11.34
N PHE D 364 -98.08 -26.96 -11.39
CA PHE D 364 -99.08 -27.46 -12.31
C PHE D 364 -99.46 -28.89 -11.91
N GLU D 365 -100.76 -29.14 -11.82
CA GLU D 365 -101.30 -30.48 -11.61
C GLU D 365 -101.96 -30.98 -12.90
N THR D 366 -101.88 -32.29 -13.11
CA THR D 366 -102.47 -32.92 -14.28
C THR D 366 -102.40 -34.44 -14.10
N GLU D 367 -103.16 -35.15 -14.93
CA GLU D 367 -103.24 -36.60 -14.89
C GLU D 367 -102.70 -37.17 -16.20
N ILE D 368 -101.81 -38.16 -16.10
CA ILE D 368 -101.21 -38.80 -17.25
C ILE D 368 -100.82 -40.23 -16.87
N HIS D 369 -100.70 -41.08 -17.89
CA HIS D 369 -100.31 -42.49 -17.71
C HIS D 369 -101.19 -43.19 -16.69
N GLY D 370 -102.45 -42.77 -16.61
CA GLY D 370 -103.34 -43.27 -15.58
C GLY D 370 -102.97 -42.90 -14.17
N LYS D 371 -102.05 -41.94 -13.99
CA LYS D 371 -101.59 -41.53 -12.67
C LYS D 371 -101.67 -40.02 -12.55
N LYS D 372 -101.90 -39.54 -11.33
CA LYS D 372 -102.01 -38.12 -11.05
C LYS D 372 -100.64 -37.56 -10.69
N PHE D 373 -100.19 -36.55 -11.42
CA PHE D 373 -98.89 -35.93 -11.20
C PHE D 373 -99.08 -34.46 -10.85
N THR D 374 -98.97 -34.15 -9.56
CA THR D 374 -98.93 -32.77 -9.08
C THR D 374 -97.64 -32.59 -8.28
N MET D 375 -96.97 -31.46 -8.49
CA MET D 375 -95.64 -31.27 -7.93
C MET D 375 -95.42 -29.80 -7.60
N TYR D 376 -94.87 -29.56 -6.40
CA TYR D 376 -94.55 -28.21 -5.96
C TYR D 376 -93.16 -27.80 -6.42
N ASN D 377 -92.99 -26.50 -6.64
CA ASN D 377 -91.71 -25.94 -7.07
C ASN D 377 -90.80 -25.78 -5.86
N ASP D 378 -90.38 -26.91 -5.32
CA ASP D 378 -89.50 -26.91 -4.17
C ASP D 378 -88.07 -26.59 -4.57
N THR D 379 -87.28 -26.14 -3.61
CA THR D 379 -85.87 -25.84 -3.81
C THR D 379 -85.04 -26.97 -3.22
N VAL D 380 -84.23 -27.61 -4.06
CA VAL D 380 -83.40 -28.73 -3.65
C VAL D 380 -82.04 -28.21 -3.23
N ILE D 381 -81.44 -28.88 -2.23
CA ILE D 381 -80.16 -28.45 -1.67
C ILE D 381 -79.21 -29.64 -1.66
N GLY D 382 -77.92 -29.34 -1.81
CA GLY D 382 -76.89 -30.36 -1.79
C GLY D 382 -75.78 -30.00 -0.83
N PHE D 383 -75.31 -30.99 -0.08
CA PHE D 383 -74.35 -30.79 0.99
C PHE D 383 -73.07 -31.55 0.68
N GLY D 384 -71.96 -31.11 1.28
CA GLY D 384 -70.70 -31.81 1.20
C GLY D 384 -70.41 -32.63 2.46
N GLU D 385 -69.24 -33.26 2.47
CA GLU D 385 -68.77 -33.94 3.68
C GLU D 385 -68.85 -33.01 4.88
N ASP D 386 -68.58 -31.73 4.63
CA ASP D 386 -68.53 -30.65 5.59
C ASP D 386 -69.89 -30.17 6.03
N GLY D 387 -70.97 -30.80 5.58
CA GLY D 387 -72.30 -30.26 5.76
C GLY D 387 -72.57 -28.95 5.04
N LYS D 388 -71.57 -28.36 4.39
CA LYS D 388 -71.72 -27.05 3.77
C LYS D 388 -72.77 -27.08 2.67
N GLU D 389 -73.52 -25.99 2.57
CA GLU D 389 -74.35 -25.76 1.39
C GLU D 389 -73.45 -25.61 0.17
N VAL D 390 -73.63 -26.48 -0.82
CA VAL D 390 -72.79 -26.43 -2.02
C VAL D 390 -73.65 -26.22 -3.26
N VAL D 391 -74.93 -26.61 -3.21
CA VAL D 391 -75.83 -26.49 -4.36
C VAL D 391 -77.21 -26.08 -3.86
N ARG D 392 -77.83 -25.12 -4.54
CA ARG D 392 -79.22 -24.75 -4.31
C ARG D 392 -79.83 -24.34 -5.65
N THR D 393 -81.03 -24.84 -5.93
CA THR D 393 -81.70 -24.54 -7.19
C THR D 393 -83.19 -24.85 -7.05
N THR D 394 -83.97 -24.38 -8.01
CA THR D 394 -85.40 -24.61 -8.06
C THR D 394 -85.74 -25.76 -8.98
N VAL D 395 -86.96 -26.28 -8.85
CA VAL D 395 -87.42 -27.38 -9.68
C VAL D 395 -88.06 -26.92 -10.98
N GLU D 396 -88.25 -25.63 -11.16
CA GLU D 396 -88.69 -25.07 -12.43
C GLU D 396 -88.02 -23.72 -12.64
N GLU D 397 -87.99 -23.27 -13.88
CA GLU D 397 -87.29 -22.04 -14.24
C GLU D 397 -88.24 -20.85 -14.09
N PRO D 398 -87.91 -19.85 -13.28
CA PRO D 398 -88.79 -18.69 -13.13
C PRO D 398 -88.75 -17.80 -14.38
N ILE D 399 -89.70 -16.88 -14.42
CA ILE D 399 -89.82 -15.94 -15.54
C ILE D 399 -89.30 -14.57 -15.10
N HIS D 400 -89.03 -13.73 -16.09
CA HIS D 400 -88.58 -12.36 -15.84
C HIS D 400 -89.27 -11.44 -16.85
N ILE D 401 -89.49 -10.20 -16.44
CA ILE D 401 -90.21 -9.23 -17.25
C ILE D 401 -89.55 -7.86 -17.13
N ARG D 402 -89.33 -7.20 -18.26
CA ARG D 402 -88.58 -5.95 -18.38
C ARG D 402 -89.53 -4.78 -18.62
N PRO D 403 -89.04 -3.54 -18.68
CA PRO D 403 -89.88 -2.44 -19.16
C PRO D 403 -90.39 -2.71 -20.57
N ASP D 404 -91.35 -1.87 -20.98
CA ASP D 404 -91.99 -2.04 -22.29
C ASP D 404 -91.06 -1.75 -23.46
N LYS D 405 -89.89 -1.13 -23.21
CA LYS D 405 -88.93 -0.91 -24.27
C LYS D 405 -88.33 -2.21 -24.78
N HIS D 406 -88.35 -3.26 -23.98
CA HIS D 406 -87.79 -4.54 -24.39
C HIS D 406 -88.79 -5.32 -25.22
N TYR D 407 -88.30 -5.97 -26.29
CA TYR D 407 -89.15 -6.62 -27.27
C TYR D 407 -88.71 -8.07 -27.46
N ASN D 408 -89.69 -8.96 -27.64
CA ASN D 408 -89.45 -10.39 -27.86
C ASN D 408 -89.80 -10.84 -29.27
N SER D 409 -90.13 -9.93 -30.16
CA SER D 409 -90.67 -10.32 -31.46
C SER D 409 -90.56 -9.19 -32.49
N LYS E 32 -36.57 -57.07 1.58
CA LYS E 32 -37.69 -57.68 0.88
C LYS E 32 -37.39 -57.85 -0.61
N PRO E 33 -37.14 -59.11 -1.03
CA PRO E 33 -36.77 -59.32 -2.43
C PRO E 33 -37.91 -59.10 -3.38
N ALA E 34 -39.13 -59.38 -2.93
CA ALA E 34 -40.30 -59.38 -3.79
C ALA E 34 -41.46 -58.77 -3.04
N VAL E 35 -42.42 -58.24 -3.81
CA VAL E 35 -43.61 -57.62 -3.24
C VAL E 35 -44.67 -58.69 -3.03
N VAL E 36 -45.18 -58.80 -1.80
CA VAL E 36 -46.19 -59.78 -1.43
C VAL E 36 -47.50 -59.04 -1.19
N VAL E 37 -48.57 -59.55 -1.80
CA VAL E 37 -49.89 -58.94 -1.77
C VAL E 37 -50.87 -59.86 -1.07
N ASP E 38 -51.69 -59.31 -0.17
CA ASP E 38 -52.59 -60.15 0.61
C ASP E 38 -53.99 -60.25 0.00
N ASN E 39 -54.71 -59.13 -0.04
CA ASN E 39 -56.07 -59.11 -0.57
C ASN E 39 -56.26 -57.83 -1.39
N PRO E 40 -56.27 -57.92 -2.72
CA PRO E 40 -56.49 -56.72 -3.52
C PRO E 40 -57.79 -56.04 -3.20
N LEU E 41 -58.76 -56.81 -2.74
CA LEU E 41 -60.02 -56.24 -2.29
C LEU E 41 -59.78 -55.26 -1.15
N ASP E 42 -58.85 -55.60 -0.26
CA ASP E 42 -58.59 -54.86 0.96
C ASP E 42 -57.25 -54.13 0.96
N THR E 43 -56.16 -54.81 0.63
CA THR E 43 -54.86 -54.22 0.89
C THR E 43 -53.84 -54.52 -0.19
N TYR E 44 -52.99 -53.51 -0.43
CA TYR E 44 -51.91 -53.49 -1.40
C TYR E 44 -50.71 -52.89 -0.68
N PRO E 45 -49.52 -53.48 -0.82
CA PRO E 45 -48.40 -53.04 0.02
C PRO E 45 -47.95 -51.62 -0.22
N ASP E 46 -47.77 -51.22 -1.49
CA ASP E 46 -47.23 -49.91 -1.82
C ASP E 46 -48.06 -49.30 -2.93
N ARG E 47 -48.59 -48.10 -2.68
CA ARG E 47 -49.45 -47.39 -3.62
C ARG E 47 -48.87 -46.04 -3.99
N ARG E 48 -47.54 -45.89 -3.91
CA ARG E 48 -46.91 -44.63 -4.29
C ARG E 48 -46.97 -44.37 -5.79
N TRP E 49 -47.11 -45.43 -6.60
CA TRP E 49 -47.15 -45.26 -8.05
C TRP E 49 -48.31 -44.40 -8.51
N GLU E 50 -49.38 -44.33 -7.72
CA GLU E 50 -50.62 -43.67 -8.16
C GLU E 50 -50.39 -42.24 -8.53
N SER E 51 -49.25 -41.66 -8.16
CA SER E 51 -49.08 -40.28 -8.58
C SER E 51 -49.17 -40.17 -10.10
N VAL E 52 -48.74 -41.19 -10.84
CA VAL E 52 -48.49 -41.05 -12.27
C VAL E 52 -49.65 -40.33 -12.97
N TYR E 53 -50.87 -40.78 -12.70
CA TYR E 53 -52.02 -40.14 -13.33
C TYR E 53 -52.31 -38.80 -12.67
N ARG E 54 -52.02 -38.68 -11.38
CA ARG E 54 -52.19 -37.38 -10.73
C ARG E 54 -51.16 -36.36 -11.21
N ASP E 55 -49.94 -36.81 -11.58
CA ASP E 55 -48.96 -35.83 -12.10
C ASP E 55 -49.35 -35.34 -13.50
N GLN E 56 -49.86 -36.24 -14.34
CA GLN E 56 -50.27 -35.85 -15.70
C GLN E 56 -51.51 -34.97 -15.71
N TYR E 57 -52.28 -34.92 -14.63
CA TYR E 57 -53.52 -34.15 -14.58
C TYR E 57 -53.29 -32.69 -14.23
N GLN E 58 -52.11 -32.35 -13.69
CA GLN E 58 -51.79 -31.00 -13.23
C GLN E 58 -51.80 -29.99 -14.37
N TYR E 59 -52.07 -28.73 -14.03
CA TYR E 59 -52.16 -27.65 -14.99
C TYR E 59 -51.41 -26.44 -14.48
N ASP E 60 -51.09 -25.51 -15.39
CA ASP E 60 -50.41 -24.28 -14.99
C ASP E 60 -51.40 -23.14 -14.82
N ARG E 61 -52.29 -22.94 -15.80
CA ARG E 61 -53.20 -21.81 -15.78
C ARG E 61 -54.47 -22.17 -16.55
N THR E 62 -55.46 -21.29 -16.46
CA THR E 62 -56.74 -21.46 -17.13
C THR E 62 -57.16 -20.15 -17.78
N PHE E 63 -57.89 -20.25 -18.89
CA PHE E 63 -58.45 -19.11 -19.59
C PHE E 63 -59.82 -19.48 -20.13
N THR E 64 -60.58 -18.47 -20.54
CA THR E 64 -61.94 -18.68 -21.01
C THR E 64 -62.13 -18.06 -22.39
N TYR E 65 -62.76 -18.81 -23.29
CA TYR E 65 -63.06 -18.36 -24.63
C TYR E 65 -64.48 -18.83 -24.98
N CYS E 66 -64.93 -18.55 -26.20
CA CYS E 66 -66.28 -18.91 -26.64
C CYS E 66 -66.28 -19.73 -27.92
N CYS E 67 -67.01 -20.86 -27.91
CA CYS E 67 -67.16 -21.70 -29.11
C CYS E 67 -68.36 -21.17 -29.91
N SER E 68 -68.15 -20.68 -31.12
CA SER E 68 -69.22 -20.11 -31.93
C SER E 68 -69.16 -20.65 -33.37
N PRO E 69 -69.40 -21.94 -33.60
CA PRO E 69 -69.14 -22.58 -34.89
C PRO E 69 -70.31 -22.61 -35.81
N ASN E 70 -71.34 -21.79 -35.60
CA ASN E 70 -72.64 -21.75 -36.29
C ASN E 70 -73.66 -22.73 -35.71
N ASP E 71 -73.37 -23.43 -34.61
CA ASP E 71 -74.46 -24.25 -34.09
C ASP E 71 -75.48 -23.43 -33.32
N THR E 72 -75.10 -22.24 -32.86
CA THR E 72 -76.05 -21.32 -32.17
C THR E 72 -76.08 -21.42 -30.64
N HIS E 73 -75.23 -22.21 -29.99
CA HIS E 73 -75.34 -22.21 -28.50
C HIS E 73 -74.31 -21.27 -27.85
N ALA E 74 -73.24 -20.91 -28.58
CA ALA E 74 -72.20 -19.98 -28.10
C ALA E 74 -71.70 -20.40 -26.72
N CYS E 75 -71.38 -21.67 -26.53
CA CYS E 75 -71.01 -22.21 -25.23
C CYS E 75 -69.87 -21.41 -24.60
N ARG E 76 -69.89 -21.35 -23.28
CA ARG E 76 -68.82 -20.74 -22.49
C ARG E 76 -67.81 -21.81 -22.10
N ILE E 77 -66.53 -21.53 -22.37
CA ILE E 77 -65.48 -22.55 -22.33
C ILE E 77 -64.52 -22.22 -21.20
N ARG E 78 -64.08 -23.24 -20.48
CA ARG E 78 -63.02 -23.11 -19.49
C ARG E 78 -61.89 -24.03 -19.95
N ALA E 79 -60.78 -23.44 -20.39
CA ALA E 79 -59.66 -24.19 -20.91
C ALA E 79 -58.51 -24.20 -19.93
N PHE E 80 -57.81 -25.34 -19.84
CA PHE E 80 -56.67 -25.51 -18.95
C PHE E 80 -55.38 -25.56 -19.75
N VAL E 81 -54.38 -24.78 -19.31
CA VAL E 81 -53.10 -24.69 -20.02
C VAL E 81 -51.98 -25.19 -19.12
N ARG E 82 -51.08 -25.98 -19.70
CA ARG E 82 -49.86 -26.45 -19.05
C ARG E 82 -48.70 -26.25 -20.00
N ASN E 83 -47.71 -25.44 -19.59
CA ASN E 83 -46.56 -25.10 -20.41
C ASN E 83 -46.97 -24.51 -21.77
N ASN E 84 -47.78 -23.47 -21.72
CA ASN E 84 -48.21 -22.72 -22.90
C ASN E 84 -48.94 -23.60 -23.90
N VAL E 85 -49.57 -24.67 -23.43
CA VAL E 85 -50.35 -25.55 -24.28
C VAL E 85 -51.76 -25.69 -23.73
N MET E 86 -52.76 -25.43 -24.57
CA MET E 86 -54.15 -25.67 -24.20
C MET E 86 -54.40 -27.17 -24.27
N MET E 87 -54.52 -27.83 -23.12
CA MET E 87 -54.63 -29.28 -23.05
C MET E 87 -56.08 -29.76 -22.93
N ARG E 88 -56.76 -29.35 -21.88
CA ARG E 88 -58.10 -29.83 -21.59
C ARG E 88 -59.10 -28.70 -21.77
N VAL E 89 -60.36 -29.05 -21.52
CA VAL E 89 -61.51 -28.16 -21.61
C VAL E 89 -62.55 -28.73 -20.68
N GLU E 90 -63.36 -27.86 -20.06
CA GLU E 90 -64.44 -28.33 -19.20
C GLU E 90 -65.58 -27.34 -19.27
N GLN E 91 -66.75 -27.78 -18.82
CA GLN E 91 -67.90 -26.89 -18.76
C GLN E 91 -67.62 -25.84 -17.69
N ASN E 92 -68.10 -24.62 -17.91
CA ASN E 92 -67.73 -23.55 -16.98
C ASN E 92 -68.57 -23.58 -15.71
N TYR E 93 -69.78 -24.11 -15.77
CA TYR E 93 -70.70 -24.08 -14.62
C TYR E 93 -70.85 -22.63 -14.15
N ASP E 94 -71.33 -21.79 -15.07
CA ASP E 94 -71.28 -20.34 -14.94
C ASP E 94 -72.64 -19.66 -15.06
N HIS E 95 -73.71 -20.43 -15.21
CA HIS E 95 -75.01 -19.86 -15.51
C HIS E 95 -75.67 -19.12 -14.35
N GLN E 96 -75.49 -19.60 -13.12
CA GLN E 96 -76.02 -18.90 -11.95
C GLN E 96 -75.64 -17.43 -11.91
N ASN E 97 -74.45 -17.08 -12.40
CA ASN E 97 -73.92 -15.74 -12.23
C ASN E 97 -74.32 -14.74 -13.31
N TYR E 98 -74.88 -15.18 -14.44
CA TYR E 98 -75.21 -14.23 -15.50
C TYR E 98 -76.42 -13.38 -15.11
N SER E 99 -76.36 -12.10 -15.43
CA SER E 99 -77.38 -11.15 -15.03
C SER E 99 -77.49 -10.06 -16.09
N ASP E 100 -78.53 -9.26 -15.97
CA ASP E 100 -78.72 -8.08 -16.78
C ASP E 100 -78.49 -6.84 -15.91
N LEU E 101 -78.57 -5.67 -16.52
CA LEU E 101 -78.45 -4.44 -15.74
C LEU E 101 -79.62 -4.24 -14.78
N TYR E 102 -80.73 -4.95 -14.98
CA TYR E 102 -81.89 -4.82 -14.11
C TYR E 102 -81.77 -5.63 -12.83
N GLY E 103 -80.76 -6.49 -12.72
CA GLY E 103 -80.51 -7.24 -11.50
C GLY E 103 -81.13 -8.62 -11.45
N ASN E 104 -82.04 -8.94 -12.37
CA ASN E 104 -82.60 -10.27 -12.44
C ASN E 104 -81.57 -11.23 -13.01
N LYS E 105 -81.44 -12.40 -12.40
CA LYS E 105 -80.42 -13.35 -12.80
C LYS E 105 -81.06 -14.58 -13.42
N ALA E 106 -80.25 -15.33 -14.16
CA ALA E 106 -80.69 -16.59 -14.75
C ALA E 106 -80.44 -17.74 -13.78
N THR E 107 -80.74 -18.95 -14.28
CA THR E 107 -80.68 -20.20 -13.49
C THR E 107 -79.70 -21.21 -14.11
N ARG E 108 -79.33 -22.20 -13.29
CA ARG E 108 -78.31 -23.24 -13.59
C ARG E 108 -78.95 -24.48 -14.23
N ASN E 109 -80.10 -24.35 -14.89
CA ASN E 109 -80.75 -25.53 -15.54
C ASN E 109 -80.03 -25.97 -16.82
N TRP E 110 -79.12 -25.15 -17.35
CA TRP E 110 -78.26 -25.49 -18.52
C TRP E 110 -76.86 -25.82 -17.99
N ASN E 111 -76.76 -26.26 -16.73
CA ASN E 111 -75.45 -26.49 -16.04
C ASN E 111 -74.59 -27.39 -16.90
N PRO E 112 -75.11 -28.35 -17.68
CA PRO E 112 -74.17 -28.96 -18.63
C PRO E 112 -74.35 -28.17 -19.93
N ARG E 113 -73.32 -27.67 -20.61
CA ARG E 113 -73.68 -26.84 -21.78
C ARG E 113 -72.96 -26.97 -23.13
N MET E 114 -71.81 -27.64 -23.24
CA MET E 114 -71.10 -27.80 -24.56
C MET E 114 -71.44 -29.11 -25.30
N CYS E 115 -70.98 -29.26 -26.57
CA CYS E 115 -71.06 -30.50 -27.34
C CYS E 115 -69.70 -31.19 -27.34
N LEU E 116 -69.70 -32.41 -27.88
CA LEU E 116 -68.48 -33.17 -28.05
C LEU E 116 -67.42 -32.35 -28.75
N LYS E 117 -67.83 -31.46 -29.67
CA LYS E 117 -66.88 -30.65 -30.43
C LYS E 117 -66.17 -29.63 -29.55
N GLY E 118 -66.82 -29.15 -28.49
CA GLY E 118 -66.14 -28.23 -27.60
C GLY E 118 -64.90 -28.82 -26.97
N TYR E 119 -64.97 -30.10 -26.57
CA TYR E 119 -63.82 -30.76 -25.98
C TYR E 119 -62.74 -31.08 -27.01
N THR E 120 -63.09 -31.18 -28.29
CA THR E 120 -62.13 -31.57 -29.32
C THR E 120 -61.70 -30.42 -30.22
N PHE E 121 -62.00 -29.17 -29.85
CA PHE E 121 -61.54 -28.07 -30.70
C PHE E 121 -60.02 -27.87 -30.62
N HIS E 122 -59.42 -28.16 -29.47
CA HIS E 122 -57.97 -27.98 -29.35
C HIS E 122 -57.24 -28.96 -30.23
N ARG E 123 -57.85 -30.11 -30.51
CA ARG E 123 -57.31 -30.99 -31.54
C ARG E 123 -57.34 -30.34 -32.93
N ARG E 124 -58.18 -29.34 -33.13
CA ARG E 124 -58.19 -28.65 -34.41
C ARG E 124 -57.12 -27.58 -34.48
N VAL E 125 -56.86 -26.89 -33.37
CA VAL E 125 -55.85 -25.84 -33.35
C VAL E 125 -54.46 -26.45 -33.55
N TYR E 126 -54.20 -27.54 -32.85
CA TYR E 126 -52.92 -28.23 -32.99
C TYR E 126 -53.15 -29.40 -33.95
N GLY E 127 -53.31 -29.10 -35.23
CA GLY E 127 -53.75 -30.13 -36.14
C GLY E 127 -53.03 -30.21 -37.46
N PRO E 128 -53.28 -31.30 -38.21
CA PRO E 128 -52.55 -31.49 -39.46
C PRO E 128 -53.18 -30.73 -40.59
N TYR E 129 -54.43 -30.36 -40.44
CA TYR E 129 -55.19 -29.68 -41.48
C TYR E 129 -55.18 -28.17 -41.26
N ARG E 130 -54.43 -27.73 -40.26
CA ARG E 130 -54.35 -26.33 -39.90
C ARG E 130 -53.68 -25.57 -41.02
N LEU E 131 -54.26 -24.43 -41.40
CA LEU E 131 -53.62 -23.57 -42.43
C LEU E 131 -52.46 -22.87 -41.74
N ARG E 132 -51.34 -22.66 -42.42
CA ARG E 132 -50.19 -22.05 -41.70
C ARG E 132 -49.71 -20.76 -42.35
N TYR E 133 -49.73 -20.65 -43.67
CA TYR E 133 -49.24 -19.39 -44.29
C TYR E 133 -50.10 -19.04 -45.52
N PRO E 134 -50.21 -17.76 -45.92
CA PRO E 134 -51.03 -17.37 -47.05
C PRO E 134 -50.62 -18.08 -48.33
N LEU E 135 -51.63 -18.46 -49.12
CA LEU E 135 -51.48 -19.25 -50.33
C LEU E 135 -51.86 -18.41 -51.54
N ILE E 136 -51.11 -18.59 -52.62
CA ILE E 136 -51.44 -18.04 -53.93
C ILE E 136 -51.29 -19.16 -54.94
N ARG E 137 -52.19 -19.22 -55.91
CA ARG E 137 -52.16 -20.29 -56.90
C ARG E 137 -51.11 -20.03 -57.96
N LYS E 138 -50.35 -21.08 -58.32
CA LYS E 138 -49.31 -20.93 -59.34
C LYS E 138 -49.95 -20.60 -60.68
N GLY E 139 -51.00 -21.33 -61.03
CA GLY E 139 -51.75 -21.05 -62.24
C GLY E 139 -52.64 -19.84 -62.04
N TRP E 140 -52.20 -18.90 -61.24
CA TRP E 140 -52.84 -17.61 -61.08
C TRP E 140 -51.86 -16.45 -61.19
N LYS E 141 -50.66 -16.60 -60.65
CA LYS E 141 -49.64 -15.56 -60.76
C LYS E 141 -49.29 -15.28 -62.21
N ARG E 142 -49.03 -16.34 -62.99
CA ARG E 142 -48.70 -16.14 -64.40
C ARG E 142 -49.77 -15.32 -65.11
N TRP E 143 -51.05 -15.59 -64.80
CA TRP E 143 -52.12 -14.75 -65.33
C TRP E 143 -52.03 -13.33 -64.78
N ALA E 144 -51.71 -13.20 -63.49
CA ALA E 144 -51.56 -11.86 -62.92
C ALA E 144 -50.29 -11.17 -63.42
N ASP E 145 -49.23 -11.93 -63.69
CA ASP E 145 -47.94 -11.37 -64.09
C ASP E 145 -47.73 -11.23 -65.60
N ASP E 146 -48.47 -11.95 -66.44
CA ASP E 146 -48.25 -11.91 -67.88
C ASP E 146 -49.03 -10.81 -68.58
N GLY E 147 -49.67 -9.91 -67.84
CA GLY E 147 -50.40 -8.82 -68.43
C GLY E 147 -51.88 -9.01 -68.53
N PHE E 148 -52.46 -9.91 -67.74
CA PHE E 148 -53.90 -10.15 -67.70
C PHE E 148 -54.39 -10.50 -69.11
N PRO E 149 -53.89 -11.57 -69.71
CA PRO E 149 -54.27 -11.88 -71.09
C PRO E 149 -55.73 -12.29 -71.24
N GLU E 150 -56.20 -12.20 -72.48
CA GLU E 150 -57.56 -12.58 -72.83
C GLU E 150 -57.79 -14.06 -72.55
N LEU E 151 -58.95 -14.39 -71.99
CA LEU E 151 -59.22 -15.77 -71.58
C LEU E 151 -59.64 -16.62 -72.77
N THR E 152 -58.70 -16.81 -73.69
CA THR E 152 -58.85 -17.73 -74.80
C THR E 152 -58.75 -19.18 -74.29
N PRO E 153 -59.22 -20.14 -75.09
CA PRO E 153 -59.16 -21.55 -74.66
C PRO E 153 -57.77 -22.01 -74.24
N GLU E 154 -56.71 -21.57 -74.91
CA GLU E 154 -55.38 -21.95 -74.46
C GLU E 154 -55.07 -21.29 -73.12
N ASN E 155 -55.32 -19.99 -73.01
CA ASN E 155 -55.10 -19.28 -71.76
C ASN E 155 -56.10 -19.69 -70.69
N LYS E 156 -57.32 -20.05 -71.08
CA LYS E 156 -58.36 -20.41 -70.10
C LYS E 156 -57.90 -21.50 -69.15
N THR E 157 -57.04 -22.42 -69.61
CA THR E 157 -56.52 -23.45 -68.72
C THR E 157 -55.00 -23.61 -68.75
N LYS E 158 -54.30 -23.15 -69.79
CA LYS E 158 -52.85 -23.06 -69.65
C LYS E 158 -52.53 -22.23 -68.42
N TYR E 159 -53.36 -21.21 -68.18
CA TYR E 159 -53.29 -20.37 -67.00
C TYR E 159 -54.12 -20.97 -65.87
N MET E 160 -54.56 -22.21 -66.03
CA MET E 160 -55.07 -23.07 -64.95
C MET E 160 -56.37 -22.59 -64.31
N PHE E 161 -57.36 -22.25 -65.13
CA PHE E 161 -58.70 -22.00 -64.60
C PHE E 161 -59.66 -23.19 -64.65
N ASP E 162 -59.56 -24.08 -65.65
CA ASP E 162 -60.50 -25.19 -65.70
C ASP E 162 -60.17 -26.27 -64.67
N ASN E 163 -58.89 -26.52 -64.42
CA ASN E 163 -58.49 -27.45 -63.36
C ASN E 163 -57.64 -26.63 -62.40
N ARG E 164 -58.32 -25.98 -61.46
CA ARG E 164 -57.64 -25.19 -60.44
C ARG E 164 -57.22 -26.05 -59.26
N GLY E 165 -57.62 -27.32 -59.29
CA GLY E 165 -57.33 -28.31 -58.28
C GLY E 165 -56.16 -29.23 -58.59
N ASN E 166 -55.57 -29.12 -59.78
CA ASN E 166 -54.44 -29.95 -60.15
C ASN E 166 -53.12 -29.19 -60.21
N ASP E 167 -53.09 -27.92 -59.82
CA ASP E 167 -51.84 -27.20 -59.67
C ASP E 167 -51.43 -27.15 -58.20
N GLU E 168 -50.41 -26.35 -57.92
CA GLU E 168 -49.79 -26.23 -56.61
C GLU E 168 -50.03 -24.83 -56.06
N LEU E 169 -50.33 -24.76 -54.76
CA LEU E 169 -50.53 -23.51 -54.04
C LEU E 169 -49.23 -23.11 -53.37
N LEU E 170 -48.73 -21.93 -53.70
CA LEU E 170 -47.45 -21.46 -53.19
C LEU E 170 -47.63 -20.56 -51.98
N ARG E 171 -46.57 -20.47 -51.19
CA ARG E 171 -46.54 -19.58 -50.05
C ARG E 171 -46.47 -18.15 -50.55
N ALA E 172 -47.05 -17.24 -49.80
CA ALA E 172 -47.04 -15.85 -50.20
C ALA E 172 -46.38 -14.99 -49.14
N SER E 173 -45.72 -13.93 -49.62
CA SER E 173 -45.38 -12.86 -48.69
C SER E 173 -46.69 -12.16 -48.41
N TRP E 174 -46.91 -11.79 -47.15
CA TRP E 174 -48.25 -11.32 -46.81
C TRP E 174 -48.65 -10.08 -47.60
N ASP E 175 -47.71 -9.18 -47.87
CA ASP E 175 -48.04 -8.04 -48.73
C ASP E 175 -48.21 -8.48 -50.17
N GLU E 176 -47.51 -9.52 -50.61
CA GLU E 176 -47.65 -9.99 -51.98
C GLU E 176 -49.04 -10.57 -52.21
N ALA E 177 -49.57 -11.29 -51.22
CA ALA E 177 -50.93 -11.78 -51.32
C ALA E 177 -51.93 -10.62 -51.34
N PHE E 178 -51.73 -9.64 -50.44
CA PHE E 178 -52.62 -8.48 -50.42
C PHE E 178 -52.51 -7.64 -51.70
N THR E 179 -51.28 -7.45 -52.20
CA THR E 179 -51.09 -6.60 -53.38
C THR E 179 -51.63 -7.26 -54.63
N TYR E 180 -51.25 -8.52 -54.88
CA TYR E 180 -51.76 -9.22 -56.06
C TYR E 180 -53.27 -9.31 -56.03
N ALA E 181 -53.84 -9.57 -54.85
CA ALA E 181 -55.29 -9.58 -54.75
C ALA E 181 -55.86 -8.22 -55.15
N SER E 182 -55.23 -7.14 -54.67
CA SER E 182 -55.65 -5.80 -55.03
C SER E 182 -55.38 -5.48 -56.50
N LYS E 183 -54.21 -5.83 -57.01
CA LYS E 183 -53.90 -5.56 -58.42
C LYS E 183 -54.87 -6.28 -59.35
N GLY E 184 -55.10 -7.57 -59.10
CA GLY E 184 -56.01 -8.32 -59.95
C GLY E 184 -57.47 -7.89 -59.81
N ILE E 185 -57.91 -7.60 -58.58
CA ILE E 185 -59.29 -7.21 -58.34
C ILE E 185 -59.62 -5.92 -59.08
N ILE E 186 -58.71 -4.93 -59.04
CA ILE E 186 -58.97 -3.65 -59.68
C ILE E 186 -59.01 -3.79 -61.20
N HIS E 187 -58.03 -4.48 -61.77
CA HIS E 187 -57.97 -4.59 -63.24
C HIS E 187 -59.18 -5.32 -63.79
N ILE E 188 -59.50 -6.49 -63.23
CA ILE E 188 -60.56 -7.33 -63.78
C ILE E 188 -61.91 -6.65 -63.65
N THR E 189 -62.14 -5.94 -62.54
CA THR E 189 -63.40 -5.23 -62.36
C THR E 189 -63.58 -4.16 -63.42
N LYS E 190 -62.52 -3.47 -63.77
CA LYS E 190 -62.67 -2.46 -64.84
C LYS E 190 -62.13 -3.07 -66.14
N LYS E 191 -61.90 -4.39 -66.12
CA LYS E 191 -61.43 -5.09 -67.33
C LYS E 191 -62.51 -4.97 -68.39
N TYR E 192 -63.76 -5.20 -67.98
CA TYR E 192 -64.91 -5.14 -68.90
C TYR E 192 -65.98 -4.19 -68.37
N SER E 193 -65.64 -3.28 -67.46
CA SER E 193 -66.67 -2.41 -66.83
C SER E 193 -67.43 -1.59 -67.88
N GLY E 194 -66.71 -1.08 -68.88
CA GLY E 194 -67.33 -0.24 -69.94
C GLY E 194 -68.25 -1.03 -70.85
N PRO E 195 -69.14 -0.37 -71.62
CA PRO E 195 -70.07 -1.15 -72.45
C PRO E 195 -69.34 -2.23 -73.20
N GLU E 196 -68.12 -1.90 -73.66
CA GLU E 196 -67.27 -2.88 -74.30
C GLU E 196 -67.02 -4.06 -73.38
N GLY E 197 -66.97 -3.80 -72.08
CA GLY E 197 -66.96 -4.90 -71.13
C GLY E 197 -68.30 -5.62 -71.07
N ALA E 198 -69.40 -4.86 -71.07
CA ALA E 198 -70.72 -5.47 -71.10
C ALA E 198 -70.94 -6.25 -72.39
N GLN E 199 -70.38 -5.76 -73.50
CA GLN E 199 -70.60 -6.43 -74.78
C GLN E 199 -69.92 -7.79 -74.82
N LYS E 200 -68.73 -7.91 -74.22
CA LYS E 200 -68.05 -9.20 -74.16
C LYS E 200 -68.79 -10.23 -73.30
N LEU E 201 -69.45 -9.79 -72.22
CA LEU E 201 -70.06 -10.75 -71.31
C LEU E 201 -71.29 -11.41 -71.92
N ILE E 202 -72.07 -10.66 -72.69
CA ILE E 202 -73.17 -11.29 -73.44
C ILE E 202 -72.64 -12.05 -74.65
N ASP E 203 -71.51 -11.60 -75.21
CA ASP E 203 -70.88 -12.30 -76.32
C ASP E 203 -70.32 -13.64 -75.88
N GLN E 204 -70.00 -13.78 -74.59
CA GLN E 204 -69.63 -15.08 -74.04
C GLN E 204 -70.85 -15.94 -73.76
N GLY E 205 -72.04 -15.36 -73.79
CA GLY E 205 -73.30 -16.08 -73.63
C GLY E 205 -74.11 -15.74 -72.39
N TYR E 206 -73.69 -14.71 -71.65
CA TYR E 206 -74.44 -14.32 -70.45
C TYR E 206 -75.72 -13.58 -70.84
N PRO E 207 -76.81 -13.78 -70.09
CA PRO E 207 -78.07 -13.09 -70.39
C PRO E 207 -77.98 -11.58 -70.30
N LYS E 208 -78.82 -10.90 -71.09
CA LYS E 208 -78.85 -9.44 -71.09
C LYS E 208 -79.37 -8.89 -69.76
N GLU E 209 -80.25 -9.63 -69.09
CA GLU E 209 -80.68 -9.21 -67.76
C GLU E 209 -79.51 -9.17 -66.80
N MET E 210 -78.57 -10.11 -66.96
CA MET E 210 -77.33 -10.06 -66.20
C MET E 210 -76.45 -8.93 -66.70
N VAL E 211 -76.59 -8.57 -67.98
CA VAL E 211 -75.81 -7.48 -68.56
C VAL E 211 -76.46 -6.13 -68.28
N ASP E 212 -77.79 -6.05 -68.31
CA ASP E 212 -78.46 -4.80 -67.98
C ASP E 212 -78.26 -4.41 -66.52
N ARG E 213 -78.00 -5.40 -65.67
CA ARG E 213 -77.80 -5.18 -64.22
C ARG E 213 -76.56 -4.33 -63.99
N MET E 214 -75.53 -4.55 -64.80
CA MET E 214 -74.16 -3.97 -64.64
C MET E 214 -74.08 -2.44 -64.73
N GLN E 215 -74.93 -1.80 -65.54
CA GLN E 215 -74.92 -0.32 -65.64
C GLN E 215 -73.59 0.12 -66.21
N GLY E 216 -72.85 -0.80 -66.82
CA GLY E 216 -71.54 -0.45 -67.38
C GLY E 216 -70.52 -0.24 -66.26
N ALA E 217 -69.47 0.52 -66.54
CA ALA E 217 -68.43 0.84 -65.54
C ALA E 217 -67.98 -0.49 -64.93
N GLY E 218 -67.79 -0.52 -63.62
CA GLY E 218 -67.18 -1.68 -62.96
C GLY E 218 -67.66 -1.88 -61.54
N THR E 219 -67.26 -3.03 -60.98
CA THR E 219 -67.59 -3.59 -59.69
C THR E 219 -68.83 -4.47 -59.65
N ARG E 220 -69.62 -4.54 -60.72
CA ARG E 220 -70.78 -5.40 -60.67
C ARG E 220 -70.37 -6.85 -60.78
N THR E 221 -69.29 -7.11 -61.51
CA THR E 221 -68.84 -8.49 -61.66
C THR E 221 -68.08 -8.97 -60.44
N PHE E 222 -67.53 -8.05 -59.67
CA PHE E 222 -66.87 -8.45 -58.43
C PHE E 222 -67.92 -8.65 -57.35
N LYS E 223 -67.85 -9.82 -56.71
CA LYS E 223 -68.78 -10.20 -55.67
C LYS E 223 -68.04 -10.39 -54.36
N GLY E 224 -68.41 -9.64 -53.34
CA GLY E 224 -67.76 -9.78 -52.06
C GLY E 224 -68.74 -10.48 -51.12
N ARG E 225 -68.37 -11.68 -50.68
CA ARG E 225 -69.23 -12.52 -49.87
C ARG E 225 -68.79 -12.41 -48.42
N GLY E 226 -69.71 -12.00 -47.56
CA GLY E 226 -69.45 -11.95 -46.13
C GLY E 226 -69.52 -13.31 -45.48
N GLY E 227 -69.83 -13.32 -44.20
CA GLY E 227 -69.69 -14.52 -43.41
C GLY E 227 -70.67 -14.54 -42.26
N MET E 228 -70.88 -15.75 -41.74
CA MET E 228 -71.87 -16.00 -40.69
C MET E 228 -71.35 -15.43 -39.39
N GLY E 229 -71.54 -14.12 -39.23
CA GLY E 229 -71.05 -13.35 -38.12
C GLY E 229 -72.02 -13.20 -36.97
N LEU E 230 -73.13 -13.95 -36.98
CA LEU E 230 -74.13 -13.84 -35.92
C LEU E 230 -73.57 -14.25 -34.56
N LEU E 231 -72.45 -14.96 -34.56
CA LEU E 231 -71.76 -15.27 -33.33
C LEU E 231 -71.32 -13.98 -32.64
N VAL E 233 -69.18 -10.46 -34.48
CA VAL E 233 -69.78 -9.45 -35.35
C VAL E 233 -68.68 -8.62 -36.05
N ILE E 234 -67.67 -8.22 -35.29
CA ILE E 234 -66.60 -7.40 -35.85
C ILE E 234 -65.75 -8.20 -36.82
N GLY E 235 -65.34 -9.40 -36.41
CA GLY E 235 -64.41 -10.17 -37.23
C GLY E 235 -65.03 -10.87 -38.43
N LYS E 236 -66.26 -11.34 -38.31
CA LYS E 236 -66.87 -12.14 -39.38
C LYS E 236 -67.87 -11.33 -40.21
N TYR E 237 -68.84 -10.69 -39.56
CA TYR E 237 -69.74 -9.79 -40.28
C TYR E 237 -69.05 -8.51 -40.73
N GLY E 238 -67.83 -8.24 -40.24
CA GLY E 238 -67.06 -7.12 -40.72
C GLY E 238 -66.78 -7.15 -42.21
N MET E 239 -66.81 -8.34 -42.83
CA MET E 239 -66.68 -8.41 -44.28
C MET E 239 -67.84 -7.70 -44.97
N TYR E 240 -69.04 -7.78 -44.39
CA TYR E 240 -70.17 -7.04 -44.95
C TYR E 240 -69.89 -5.55 -44.96
N ARG E 241 -69.13 -5.06 -43.98
CA ARG E 241 -68.65 -3.68 -44.02
C ARG E 241 -67.66 -3.47 -45.15
N PHE E 242 -66.81 -4.47 -45.41
CA PHE E 242 -65.83 -4.35 -46.48
C PHE E 242 -66.50 -4.11 -47.83
N ASN E 243 -67.57 -4.86 -48.12
CA ASN E 243 -68.31 -4.62 -49.36
C ASN E 243 -68.90 -3.21 -49.37
N ASN E 244 -69.44 -2.78 -48.23
CA ASN E 244 -69.91 -1.39 -48.13
C ASN E 244 -68.75 -0.42 -48.28
N CYS E 245 -67.62 -0.72 -47.63
CA CYS E 245 -66.44 0.13 -47.72
C CYS E 245 -65.84 0.13 -49.12
N LEU E 246 -66.08 -0.92 -49.91
CA LEU E 246 -65.53 -0.98 -51.26
C LEU E 246 -66.16 0.02 -52.21
N ALA E 247 -67.26 0.68 -51.80
CA ALA E 247 -67.84 1.75 -52.59
C ALA E 247 -66.85 2.89 -52.83
N ILE E 248 -65.96 3.14 -51.87
CA ILE E 248 -64.95 4.19 -52.03
C ILE E 248 -64.10 3.93 -53.28
N VAL E 249 -63.75 2.66 -53.50
CA VAL E 249 -62.97 2.28 -54.68
C VAL E 249 -63.70 2.63 -55.97
N ASP E 250 -65.03 2.57 -55.96
CA ASP E 250 -65.80 2.88 -57.17
C ASP E 250 -65.54 4.31 -57.64
N ALA E 251 -65.40 5.26 -56.71
CA ALA E 251 -65.05 6.62 -57.09
C ALA E 251 -63.65 6.67 -57.71
N HIS E 252 -62.71 5.90 -57.15
CA HIS E 252 -61.35 5.90 -57.70
C HIS E 252 -61.29 5.17 -59.03
N ASN E 253 -62.00 4.06 -59.16
CA ASN E 253 -62.03 3.31 -60.41
C ASN E 253 -62.85 4.00 -61.48
N ARG E 254 -64.11 4.31 -61.17
CA ARG E 254 -65.09 4.72 -62.17
C ARG E 254 -65.38 6.22 -62.18
N GLY E 255 -64.94 6.96 -61.16
CA GLY E 255 -65.18 8.39 -61.11
C GLY E 255 -66.61 8.86 -60.97
N VAL E 256 -67.33 8.38 -59.95
CA VAL E 256 -68.71 8.80 -59.70
C VAL E 256 -68.76 9.55 -58.37
N GLY E 257 -69.94 10.07 -58.01
CA GLY E 257 -70.08 10.83 -56.78
C GLY E 257 -70.40 9.98 -55.57
N PRO E 258 -70.34 10.58 -54.37
CA PRO E 258 -70.57 9.78 -53.14
C PRO E 258 -71.93 9.10 -53.09
N ASP E 259 -73.01 9.85 -53.31
CA ASP E 259 -74.35 9.28 -53.28
C ASP E 259 -74.68 8.54 -54.56
N GLN E 260 -73.96 8.82 -55.64
CA GLN E 260 -74.20 8.22 -56.94
C GLN E 260 -73.24 7.07 -57.26
N ALA E 261 -72.42 6.72 -56.26
CA ALA E 261 -71.42 5.64 -56.33
C ALA E 261 -71.52 4.67 -55.13
N LEU E 262 -71.77 3.40 -55.42
CA LEU E 262 -71.73 2.28 -54.43
C LEU E 262 -71.20 1.06 -55.20
N GLY E 263 -70.46 0.16 -54.55
CA GLY E 263 -69.96 -1.01 -55.30
C GLY E 263 -70.28 -2.34 -54.65
N GLY E 264 -70.43 -2.37 -53.32
CA GLY E 264 -70.57 -3.67 -52.67
C GLY E 264 -71.77 -4.50 -53.09
N ARG E 265 -71.52 -5.70 -53.63
CA ARG E 265 -72.54 -6.70 -53.93
C ARG E 265 -72.35 -7.89 -52.98
N ASN E 266 -72.87 -7.77 -51.76
CA ASN E 266 -72.76 -8.81 -50.73
C ASN E 266 -73.92 -9.80 -50.76
N TRP E 267 -73.63 -11.09 -50.99
CA TRP E 267 -74.68 -12.10 -50.87
C TRP E 267 -74.75 -12.70 -49.45
N SER E 268 -75.98 -13.08 -49.08
CA SER E 268 -76.42 -13.53 -47.76
C SER E 268 -75.95 -14.95 -47.43
N ASN E 269 -76.17 -15.33 -46.17
CA ASN E 269 -75.76 -16.62 -45.62
C ASN E 269 -76.92 -17.50 -45.16
N TYR E 270 -77.86 -16.95 -44.39
CA TYR E 270 -78.89 -17.78 -43.75
C TYR E 270 -79.77 -18.49 -44.78
N THR E 271 -80.35 -17.74 -45.72
CA THR E 271 -81.23 -18.34 -46.72
C THR E 271 -80.47 -19.31 -47.61
N TRP E 272 -79.25 -18.95 -48.01
CA TRP E 272 -78.42 -19.80 -48.84
C TRP E 272 -78.30 -21.20 -48.26
N HIS E 273 -78.24 -21.30 -46.94
CA HIS E 273 -78.09 -22.57 -46.23
C HIS E 273 -79.38 -23.38 -46.18
N GLY E 274 -80.47 -22.86 -46.72
CA GLY E 274 -81.75 -23.54 -46.59
C GLY E 274 -82.29 -23.50 -45.19
N ASP E 275 -81.80 -22.58 -44.35
CA ASP E 275 -82.10 -22.55 -42.94
C ASP E 275 -83.33 -21.72 -42.59
N GLN E 276 -83.71 -20.77 -43.44
CA GLN E 276 -84.85 -19.94 -43.14
C GLN E 276 -86.14 -20.76 -43.16
N ALA E 277 -87.11 -20.33 -42.37
CA ALA E 277 -88.46 -20.86 -42.47
C ALA E 277 -89.21 -20.06 -43.52
N PRO E 278 -89.40 -20.62 -44.72
CA PRO E 278 -90.01 -19.83 -45.81
C PRO E 278 -91.44 -19.39 -45.54
N GLY E 279 -92.21 -20.14 -44.74
CA GLY E 279 -93.60 -19.78 -44.49
C GLY E 279 -93.81 -18.65 -43.52
N HIS E 280 -92.83 -18.37 -42.66
CA HIS E 280 -93.03 -17.35 -41.63
C HIS E 280 -93.21 -15.95 -42.20
N PRO E 281 -92.47 -15.53 -43.24
CA PRO E 281 -92.75 -14.21 -43.83
C PRO E 281 -94.16 -14.06 -44.39
N PHE E 282 -94.84 -15.17 -44.74
CA PHE E 282 -96.20 -15.05 -45.24
C PHE E 282 -97.22 -14.99 -44.11
N SER E 283 -97.02 -15.77 -43.04
CA SER E 283 -98.02 -15.86 -41.98
C SER E 283 -97.88 -14.72 -40.97
N HIS E 284 -96.66 -14.39 -40.56
CA HIS E 284 -96.42 -13.33 -39.59
C HIS E 284 -95.38 -12.32 -40.02
N GLY E 285 -94.65 -12.56 -41.12
CA GLY E 285 -93.75 -11.57 -41.67
C GLY E 285 -92.41 -11.41 -40.98
N LEU E 286 -91.95 -12.39 -40.22
CA LEU E 286 -90.64 -12.36 -39.59
C LEU E 286 -89.79 -13.52 -40.08
N GLN E 287 -88.47 -13.29 -40.11
CA GLN E 287 -87.54 -14.31 -40.60
C GLN E 287 -87.71 -15.64 -39.87
N THR E 288 -87.67 -15.60 -38.54
CA THR E 288 -87.74 -16.84 -37.76
C THR E 288 -88.31 -16.56 -36.39
N SER E 289 -89.33 -17.32 -36.01
CA SER E 289 -89.88 -17.33 -34.66
C SER E 289 -89.30 -18.53 -33.92
N ASP E 290 -88.39 -18.28 -32.98
CA ASP E 290 -87.81 -19.31 -32.14
C ASP E 290 -87.77 -18.79 -30.71
N VAL E 291 -87.31 -19.62 -29.78
CA VAL E 291 -87.38 -19.29 -28.37
C VAL E 291 -86.08 -19.64 -27.68
N ASP E 292 -85.80 -18.95 -26.59
CA ASP E 292 -84.77 -19.41 -25.66
C ASP E 292 -85.23 -20.72 -25.06
N MET E 293 -84.44 -21.78 -25.28
CA MET E 293 -84.90 -23.14 -25.02
C MET E 293 -85.24 -23.41 -23.56
N ASN E 294 -84.91 -22.48 -22.65
CA ASN E 294 -85.41 -22.63 -21.29
C ASN E 294 -86.94 -22.64 -21.28
N ASP E 295 -87.57 -21.96 -22.26
CA ASP E 295 -89.02 -21.96 -22.36
C ASP E 295 -89.57 -23.31 -22.80
N VAL E 296 -88.77 -24.12 -23.49
CA VAL E 296 -89.24 -25.42 -23.98
C VAL E 296 -89.76 -26.29 -22.85
N ARG E 297 -89.15 -26.20 -21.66
CA ARG E 297 -89.59 -26.99 -20.53
C ARG E 297 -90.90 -26.47 -19.92
N PHE E 298 -91.39 -25.31 -20.38
CA PHE E 298 -92.70 -24.82 -19.99
C PHE E 298 -93.83 -25.50 -20.75
N SER E 299 -93.53 -26.14 -21.87
CA SER E 299 -94.55 -26.75 -22.70
C SER E 299 -95.26 -27.88 -21.96
N LYS E 300 -96.54 -28.06 -22.28
CA LYS E 300 -97.28 -29.15 -21.69
C LYS E 300 -97.21 -30.39 -22.58
N LEU E 301 -97.44 -30.23 -23.88
CA LEU E 301 -97.15 -31.25 -24.87
C LEU E 301 -96.44 -30.63 -26.08
N LEU E 302 -95.24 -31.15 -26.38
CA LEU E 302 -94.38 -30.62 -27.44
C LEU E 302 -94.37 -31.55 -28.64
N ILE E 303 -94.65 -31.01 -29.83
CA ILE E 303 -94.72 -31.79 -31.06
C ILE E 303 -93.54 -31.41 -31.94
N GLN E 304 -92.85 -32.42 -32.48
CA GLN E 304 -91.63 -32.23 -33.26
C GLN E 304 -91.77 -32.96 -34.59
N THR E 305 -91.62 -32.23 -35.70
CA THR E 305 -91.83 -32.82 -37.02
C THR E 305 -90.55 -32.98 -37.84
N GLY E 306 -89.77 -31.91 -38.01
CA GLY E 306 -88.63 -32.05 -38.90
C GLY E 306 -87.28 -31.73 -38.28
N LYS E 307 -87.16 -31.87 -36.97
CA LYS E 307 -85.94 -31.50 -36.28
C LYS E 307 -85.62 -32.56 -35.23
N ASN E 308 -84.42 -33.14 -35.34
CA ASN E 308 -83.85 -33.98 -34.28
C ASN E 308 -83.11 -33.08 -33.32
N LEU E 309 -83.70 -32.81 -32.15
CA LEU E 309 -83.11 -31.87 -31.22
C LEU E 309 -81.77 -32.38 -30.71
N ILE E 310 -81.50 -33.68 -30.87
CA ILE E 310 -80.22 -34.26 -30.52
C ILE E 310 -79.16 -33.77 -31.49
N GLU E 311 -79.58 -33.37 -32.70
CA GLU E 311 -78.68 -32.91 -33.74
C GLU E 311 -78.67 -31.40 -33.91
N ASN E 312 -79.62 -30.67 -33.31
CA ASN E 312 -79.65 -29.22 -33.46
C ASN E 312 -79.77 -28.45 -32.15
N LYS E 313 -79.85 -29.12 -30.99
CA LYS E 313 -79.82 -28.40 -29.73
C LYS E 313 -79.04 -29.16 -28.66
N MET E 314 -77.89 -29.73 -29.02
CA MET E 314 -77.26 -30.70 -28.12
C MET E 314 -77.00 -30.14 -26.72
N PRO E 315 -76.42 -28.96 -26.56
CA PRO E 315 -76.21 -28.45 -25.20
C PRO E 315 -77.50 -28.08 -24.48
N GLU E 316 -78.58 -27.79 -25.20
CA GLU E 316 -79.86 -27.44 -24.59
C GLU E 316 -81.00 -28.40 -24.93
N ALA E 317 -80.75 -29.50 -25.64
CA ALA E 317 -81.84 -30.38 -26.06
C ALA E 317 -82.53 -31.08 -24.90
N HIS E 318 -81.82 -31.34 -23.81
CA HIS E 318 -82.43 -32.04 -22.68
C HIS E 318 -83.59 -31.26 -22.06
N TRP E 319 -83.70 -29.95 -22.35
CA TRP E 319 -84.88 -29.19 -21.93
C TRP E 319 -86.16 -29.77 -22.53
N VAL E 320 -86.03 -30.52 -23.63
CA VAL E 320 -87.16 -31.23 -24.22
C VAL E 320 -87.30 -32.60 -23.58
N THR E 321 -86.17 -33.26 -23.34
CA THR E 321 -86.16 -34.56 -22.68
C THR E 321 -86.86 -34.51 -21.33
N GLU E 322 -86.83 -33.37 -20.65
CA GLU E 322 -87.34 -33.28 -19.28
C GLU E 322 -88.84 -32.96 -19.21
N VAL E 323 -89.52 -32.81 -20.35
CA VAL E 323 -90.97 -32.63 -20.31
C VAL E 323 -91.71 -33.94 -20.10
N MET E 324 -91.09 -35.08 -20.44
CA MET E 324 -91.69 -36.40 -20.21
C MET E 324 -91.76 -36.77 -18.74
N GLU E 325 -91.27 -35.91 -17.85
CA GLU E 325 -91.25 -36.18 -16.42
C GLU E 325 -92.17 -35.28 -15.60
N ARG E 326 -92.87 -34.34 -16.22
CA ARG E 326 -93.68 -33.38 -15.49
C ARG E 326 -95.11 -33.38 -16.01
N GLY E 327 -95.64 -34.56 -16.29
CA GLY E 327 -96.99 -34.66 -16.81
C GLY E 327 -97.12 -34.19 -18.23
N GLY E 328 -96.03 -34.27 -19.00
CA GLY E 328 -96.06 -33.85 -20.38
C GLY E 328 -96.01 -34.99 -21.37
N LYS E 329 -96.49 -34.74 -22.58
CA LYS E 329 -96.50 -35.72 -23.66
C LYS E 329 -95.61 -35.21 -24.78
N ILE E 330 -94.81 -36.10 -25.35
CA ILE E 330 -93.85 -35.75 -26.38
C ILE E 330 -94.29 -36.41 -27.68
N VAL E 331 -94.24 -35.65 -28.78
CA VAL E 331 -94.65 -36.14 -30.08
C VAL E 331 -93.55 -35.83 -31.09
N VAL E 332 -93.18 -36.84 -31.87
CA VAL E 332 -92.21 -36.70 -32.95
C VAL E 332 -92.85 -37.25 -34.21
N ILE E 333 -92.82 -36.49 -35.28
CA ILE E 333 -93.46 -36.87 -36.54
C ILE E 333 -92.36 -36.85 -37.59
N THR E 334 -91.72 -38.00 -37.80
CA THR E 334 -90.56 -38.07 -38.68
C THR E 334 -90.63 -39.33 -39.55
N PRO E 335 -90.06 -39.28 -40.75
CA PRO E 335 -90.01 -40.48 -41.59
C PRO E 335 -89.10 -41.57 -41.05
N GLU E 336 -87.97 -41.20 -40.47
CA GLU E 336 -87.04 -42.17 -39.91
C GLU E 336 -87.25 -42.25 -38.40
N TYR E 337 -86.83 -43.36 -37.81
CA TYR E 337 -86.84 -43.44 -36.35
C TYR E 337 -85.54 -42.85 -35.84
N SER E 338 -85.54 -41.54 -35.67
CA SER E 338 -84.37 -40.77 -35.26
C SER E 338 -84.32 -40.65 -33.75
N PRO E 339 -83.19 -40.16 -33.20
CA PRO E 339 -83.11 -39.92 -31.75
C PRO E 339 -84.21 -39.04 -31.17
N SER E 340 -84.91 -38.26 -32.01
CA SER E 340 -86.03 -37.50 -31.49
C SER E 340 -87.24 -38.39 -31.22
N ALA E 341 -87.30 -39.55 -31.86
CA ALA E 341 -88.42 -40.46 -31.68
C ALA E 341 -88.37 -41.21 -30.35
N GLN E 342 -87.17 -41.43 -29.78
CA GLN E 342 -87.10 -42.19 -28.52
C GLN E 342 -87.94 -41.55 -27.43
N LYS E 343 -87.77 -40.25 -27.20
CA LYS E 343 -88.43 -39.61 -26.07
C LYS E 343 -89.90 -39.37 -26.33
N ALA E 344 -90.34 -39.40 -27.59
CA ALA E 344 -91.73 -39.10 -27.88
C ALA E 344 -92.60 -40.27 -27.44
N ASP E 345 -93.77 -39.94 -26.89
CA ASP E 345 -94.76 -40.95 -26.57
C ASP E 345 -95.33 -41.59 -27.83
N TYR E 346 -95.41 -40.82 -28.92
CA TYR E 346 -95.92 -41.38 -30.16
C TYR E 346 -95.14 -40.81 -31.33
N TRP E 347 -94.64 -41.71 -32.15
CA TRP E 347 -93.89 -41.37 -33.35
C TRP E 347 -94.82 -41.58 -34.53
N ILE E 348 -94.99 -40.55 -35.35
CA ILE E 348 -95.86 -40.65 -36.51
C ILE E 348 -94.92 -40.83 -37.70
N PRO E 349 -94.77 -42.04 -38.25
CA PRO E 349 -94.00 -42.17 -39.49
C PRO E 349 -94.71 -41.43 -40.61
N ILE E 350 -93.94 -40.88 -41.55
CA ILE E 350 -94.53 -40.09 -42.63
C ILE E 350 -93.67 -40.25 -43.89
N ARG E 351 -94.31 -40.11 -45.04
CA ARG E 351 -93.58 -39.99 -46.29
C ARG E 351 -93.04 -38.58 -46.45
N ASN E 352 -91.86 -38.49 -47.07
CA ASN E 352 -91.19 -37.21 -47.21
C ASN E 352 -91.92 -36.29 -48.18
N ASN E 353 -91.85 -34.98 -47.88
CA ASN E 353 -92.44 -33.91 -48.69
C ASN E 353 -93.95 -34.05 -48.80
N THR E 354 -94.57 -34.60 -47.76
CA THR E 354 -96.02 -34.78 -47.70
C THR E 354 -96.55 -34.33 -46.35
N ASP E 355 -95.76 -33.55 -45.62
CA ASP E 355 -96.12 -33.11 -44.27
C ASP E 355 -97.18 -32.03 -44.28
N THR E 356 -97.30 -31.29 -45.38
CA THR E 356 -98.29 -30.22 -45.48
C THR E 356 -99.71 -30.75 -45.29
N ALA E 357 -100.02 -31.87 -45.94
CA ALA E 357 -101.37 -32.44 -45.86
C ALA E 357 -101.71 -32.85 -44.43
N LEU E 358 -100.75 -33.40 -43.70
CA LEU E 358 -101.01 -33.91 -42.36
C LEU E 358 -101.55 -32.81 -41.45
N PHE E 359 -100.91 -31.64 -41.45
CA PHE E 359 -101.35 -30.56 -40.57
C PHE E 359 -102.63 -29.90 -41.07
N LEU E 360 -102.86 -29.89 -42.39
CA LEU E 360 -104.15 -29.44 -42.91
C LEU E 360 -105.27 -30.44 -42.59
N GLY E 361 -104.99 -31.73 -42.75
CA GLY E 361 -105.97 -32.74 -42.40
C GLY E 361 -106.28 -32.75 -40.91
N ILE E 362 -105.26 -32.51 -40.08
CA ILE E 362 -105.48 -32.45 -38.63
C ILE E 362 -106.21 -31.17 -38.26
N THR E 363 -105.89 -30.07 -38.94
CA THR E 363 -106.62 -28.82 -38.70
C THR E 363 -108.09 -28.97 -39.05
N LYS E 364 -108.40 -29.69 -40.13
CA LYS E 364 -109.79 -29.94 -40.47
C LYS E 364 -110.49 -30.75 -39.38
N ILE E 365 -109.78 -31.72 -38.80
CA ILE E 365 -110.35 -32.54 -37.74
C ILE E 365 -110.65 -31.72 -36.49
N LEU E 366 -109.83 -30.70 -36.20
CA LEU E 366 -110.01 -29.91 -34.99
C LEU E 366 -111.25 -29.03 -35.03
N ILE E 367 -111.68 -28.59 -36.22
CA ILE E 367 -112.77 -27.64 -36.33
C ILE E 367 -114.06 -28.40 -36.62
N ASP E 368 -113.92 -29.51 -37.34
CA ASP E 368 -115.04 -30.42 -37.55
C ASP E 368 -115.58 -30.97 -36.24
N ASN E 369 -114.74 -31.02 -35.20
CA ASN E 369 -115.15 -31.48 -33.88
C ASN E 369 -115.50 -30.32 -32.96
N LYS E 370 -115.41 -29.08 -33.46
CA LYS E 370 -115.70 -27.86 -32.71
C LYS E 370 -114.87 -27.75 -31.43
N TRP E 371 -113.63 -28.23 -31.49
CA TRP E 371 -112.68 -28.14 -30.37
C TRP E 371 -111.77 -26.91 -30.47
N TYR E 372 -112.31 -25.72 -30.73
CA TYR E 372 -111.47 -24.54 -30.82
C TYR E 372 -111.98 -23.47 -29.87
N ASP E 373 -111.05 -22.70 -29.30
CA ASP E 373 -111.41 -21.57 -28.44
C ASP E 373 -111.93 -20.49 -29.36
N ALA E 374 -113.25 -20.38 -29.46
CA ALA E 374 -113.85 -19.47 -30.43
C ALA E 374 -113.33 -18.04 -30.28
N ASP E 375 -113.19 -17.54 -29.06
CA ASP E 375 -112.71 -16.16 -28.93
C ASP E 375 -111.22 -16.03 -29.26
N TYR E 376 -110.39 -16.97 -28.83
CA TYR E 376 -108.97 -16.86 -29.15
C TYR E 376 -108.71 -16.93 -30.65
N VAL E 377 -109.57 -17.62 -31.41
CA VAL E 377 -109.44 -17.64 -32.87
C VAL E 377 -110.23 -16.52 -33.53
N LYS E 378 -111.34 -16.08 -32.95
CA LYS E 378 -112.08 -14.98 -33.54
C LYS E 378 -111.22 -13.72 -33.60
N LYS E 379 -110.52 -13.43 -32.50
CA LYS E 379 -109.56 -12.35 -32.45
C LYS E 379 -108.17 -12.89 -32.75
N PHE E 380 -107.25 -11.98 -33.07
CA PHE E 380 -105.84 -12.28 -33.30
C PHE E 380 -105.58 -13.23 -34.48
N THR E 381 -106.62 -13.65 -35.20
CA THR E 381 -106.49 -14.63 -36.26
C THR E 381 -107.21 -14.14 -37.51
N ASP E 382 -106.75 -14.61 -38.67
CA ASP E 382 -107.34 -14.23 -39.95
C ASP E 382 -108.58 -15.04 -40.33
N PHE E 383 -108.91 -16.09 -39.59
CA PHE E 383 -110.01 -16.96 -39.98
C PHE E 383 -111.36 -16.23 -40.12
N PRO E 384 -111.73 -15.32 -39.21
CA PRO E 384 -113.02 -14.63 -39.38
C PRO E 384 -113.08 -13.76 -40.61
N LEU E 385 -111.94 -13.36 -41.16
CA LEU E 385 -111.91 -12.44 -42.29
C LEU E 385 -112.58 -13.03 -43.53
N LEU E 386 -113.33 -12.18 -44.23
CA LEU E 386 -114.10 -12.55 -45.41
C LEU E 386 -113.22 -12.40 -46.65
N ILE E 387 -113.52 -13.21 -47.68
CA ILE E 387 -112.72 -13.25 -48.90
C ILE E 387 -113.61 -13.08 -50.12
N ARG E 388 -113.16 -12.26 -51.07
CA ARG E 388 -113.89 -12.11 -52.32
C ARG E 388 -113.63 -13.32 -53.20
N THR E 389 -114.67 -13.75 -53.93
CA THR E 389 -114.61 -14.95 -54.75
C THR E 389 -114.60 -14.71 -56.26
N ASP E 390 -115.16 -13.59 -56.73
CA ASP E 390 -115.23 -13.37 -58.17
C ASP E 390 -113.84 -13.18 -58.76
N THR E 391 -113.06 -12.24 -58.21
CA THR E 391 -111.71 -11.99 -58.68
C THR E 391 -110.66 -12.70 -57.82
N LEU E 392 -111.03 -13.16 -56.62
CA LEU E 392 -110.14 -13.76 -55.64
C LEU E 392 -109.14 -12.76 -55.07
N LYS E 393 -109.35 -11.47 -55.32
CA LYS E 393 -108.52 -10.37 -54.83
C LYS E 393 -108.88 -10.03 -53.39
N ARG E 394 -108.13 -9.09 -52.82
CA ARG E 394 -108.30 -8.67 -51.44
C ARG E 394 -109.66 -8.04 -51.21
N VAL E 395 -110.21 -8.26 -50.01
CA VAL E 395 -111.51 -7.71 -49.67
C VAL E 395 -111.41 -6.19 -49.72
N SER E 396 -112.26 -5.57 -50.53
CA SER E 396 -112.16 -4.14 -50.82
C SER E 396 -113.37 -3.35 -50.38
N PRO E 397 -113.40 -2.86 -49.14
CA PRO E 397 -114.26 -1.70 -48.84
C PRO E 397 -113.93 -0.54 -49.77
N LYS E 398 -112.71 -0.56 -50.31
CA LYS E 398 -112.25 0.38 -51.33
C LYS E 398 -113.20 0.40 -52.53
N ASP E 399 -113.90 -0.70 -52.79
CA ASP E 399 -114.84 -0.80 -53.89
C ASP E 399 -116.31 -0.54 -53.52
N ILE E 400 -116.69 -0.62 -52.23
CA ILE E 400 -118.10 -0.64 -51.88
C ILE E 400 -118.59 0.64 -51.19
N ILE E 401 -117.76 1.32 -50.41
CA ILE E 401 -118.19 2.53 -49.72
C ILE E 401 -117.65 3.74 -50.48
N PRO E 402 -118.51 4.59 -51.04
CA PRO E 402 -118.00 5.80 -51.70
C PRO E 402 -117.55 6.81 -50.65
N ASN E 403 -116.42 7.46 -50.93
CA ASN E 403 -115.82 8.44 -50.04
C ASN E 403 -115.53 7.87 -48.66
N TYR E 404 -114.96 6.67 -48.62
CA TYR E 404 -114.41 6.06 -47.43
C TYR E 404 -112.89 6.04 -47.59
N LYS E 405 -112.16 6.36 -46.52
CA LYS E 405 -110.70 6.27 -46.58
C LYS E 405 -110.15 5.51 -45.37
N LEU E 406 -108.82 5.42 -45.33
CA LEU E 406 -108.10 4.65 -44.32
C LEU E 406 -108.06 5.36 -42.97
N GLN E 407 -108.19 4.58 -41.90
CA GLN E 407 -108.26 5.11 -40.54
C GLN E 407 -106.90 5.65 -40.10
N ASP E 408 -106.92 6.66 -39.23
CA ASP E 408 -105.71 7.36 -38.79
C ASP E 408 -105.01 6.59 -37.68
N ILE E 409 -103.94 5.89 -38.02
CA ILE E 409 -103.16 5.13 -37.04
C ILE E 409 -101.86 5.91 -36.82
N SER E 410 -101.86 6.79 -35.83
CA SER E 410 -100.69 7.59 -35.50
C SER E 410 -100.24 7.40 -34.08
N ASP E 411 -101.15 7.06 -33.16
CA ASP E 411 -100.82 6.60 -31.83
C ASP E 411 -100.99 5.10 -31.67
N GLY E 412 -101.48 4.40 -32.70
CA GLY E 412 -101.78 2.99 -32.55
C GLY E 412 -100.54 2.14 -32.71
N PRO E 413 -100.67 0.87 -32.36
CA PRO E 413 -99.48 -0.01 -32.38
C PRO E 413 -99.02 -0.40 -33.77
N SER E 414 -98.95 0.58 -34.68
CA SER E 414 -98.32 0.37 -35.97
C SER E 414 -97.39 1.50 -36.37
N TYR E 415 -97.62 2.72 -35.90
CA TYR E 415 -96.74 3.86 -36.15
C TYR E 415 -95.77 4.13 -35.02
N HIS E 416 -96.24 4.09 -33.77
CA HIS E 416 -95.41 4.51 -32.64
C HIS E 416 -94.44 3.43 -32.18
N ILE E 417 -94.80 2.16 -32.35
CA ILE E 417 -93.96 1.04 -31.92
C ILE E 417 -93.35 0.31 -33.10
N GLN E 418 -94.15 0.03 -34.13
CA GLN E 418 -93.72 -0.77 -35.25
C GLN E 418 -93.19 0.09 -36.41
N GLY E 419 -93.19 1.41 -36.21
CA GLY E 419 -92.67 2.32 -37.24
C GLY E 419 -93.42 2.21 -38.55
N LEU E 420 -94.72 2.52 -38.50
CA LEU E 420 -95.59 2.51 -39.70
C LEU E 420 -95.14 3.66 -40.63
N LYS E 421 -94.95 3.36 -41.92
CA LYS E 421 -94.47 4.37 -42.91
C LYS E 421 -95.64 4.72 -43.82
N ASP E 422 -96.01 6.00 -43.91
CA ASP E 422 -97.23 6.37 -44.64
C ASP E 422 -97.20 5.87 -46.08
N GLU E 423 -96.01 5.84 -46.69
CA GLU E 423 -95.92 5.35 -48.06
C GLU E 423 -96.38 3.90 -48.17
N GLN E 424 -96.06 3.09 -47.15
CA GLN E 424 -96.57 1.71 -47.12
C GLN E 424 -98.08 1.70 -46.95
N ARG E 425 -98.61 2.58 -46.09
CA ARG E 425 -100.04 2.66 -45.83
C ARG E 425 -100.83 3.05 -47.08
N GLU E 426 -100.16 3.64 -48.07
CA GLU E 426 -100.84 4.09 -49.29
C GLU E 426 -101.53 2.97 -50.04
N ILE E 427 -101.00 1.74 -50.01
CA ILE E 427 -101.58 0.66 -50.78
C ILE E 427 -102.21 -0.44 -49.92
N ILE E 428 -101.69 -0.72 -48.73
CA ILE E 428 -102.17 -1.90 -47.99
C ILE E 428 -103.63 -1.73 -47.57
N GLY E 429 -103.96 -0.62 -46.93
CA GLY E 429 -105.35 -0.35 -46.60
C GLY E 429 -105.94 -1.31 -45.57
N ASP E 430 -107.26 -1.24 -45.43
CA ASP E 430 -108.04 -2.09 -44.55
C ASP E 430 -109.07 -2.88 -45.34
N PHE E 431 -109.67 -3.88 -44.70
CA PHE E 431 -110.64 -4.77 -45.34
C PHE E 431 -111.86 -4.94 -44.44
N VAL E 432 -112.90 -5.57 -45.00
CA VAL E 432 -114.19 -5.68 -44.31
C VAL E 432 -114.60 -7.14 -44.15
N VAL E 433 -115.29 -7.42 -43.04
CA VAL E 433 -115.92 -8.69 -42.76
C VAL E 433 -117.28 -8.40 -42.13
N TRP E 434 -118.20 -9.34 -42.27
CA TRP E 434 -119.52 -9.20 -41.65
C TRP E 434 -119.61 -9.89 -40.30
N LYS E 437 -124.78 -7.94 -32.38
CA LYS E 437 -125.86 -6.96 -32.37
C LYS E 437 -126.53 -6.89 -33.73
N SER E 438 -125.97 -6.08 -34.62
CA SER E 438 -126.40 -5.99 -36.02
C SER E 438 -125.15 -6.22 -36.87
N LYS E 439 -124.79 -7.48 -37.05
CA LYS E 439 -123.58 -7.81 -37.79
C LYS E 439 -123.71 -7.36 -39.25
N GLY E 440 -122.58 -6.99 -39.84
CA GLY E 440 -122.55 -6.51 -41.20
C GLY E 440 -121.15 -6.14 -41.65
N PRO E 441 -120.96 -5.99 -42.95
CA PRO E 441 -119.61 -5.70 -43.47
C PRO E 441 -119.09 -4.31 -43.11
N LYS E 442 -118.74 -4.10 -41.85
CA LYS E 442 -118.09 -2.87 -41.44
C LYS E 442 -116.58 -3.13 -41.42
N ALA E 443 -115.81 -2.17 -41.91
CA ALA E 443 -114.38 -2.31 -42.06
C ALA E 443 -113.65 -1.86 -40.80
N ILE E 444 -112.70 -2.68 -40.35
CA ILE E 444 -111.89 -2.39 -39.18
C ILE E 444 -110.47 -2.14 -39.67
N THR E 445 -109.68 -1.48 -38.83
CA THR E 445 -108.33 -1.14 -39.23
C THR E 445 -107.36 -2.24 -38.80
N ARG E 446 -106.09 -2.11 -39.20
CA ARG E 446 -105.16 -3.23 -39.17
C ARG E 446 -104.79 -3.67 -37.76
N ASP E 447 -104.67 -2.76 -36.80
CA ASP E 447 -104.30 -3.11 -35.44
C ASP E 447 -105.47 -3.58 -34.57
N ASP E 448 -106.70 -3.45 -35.05
CA ASP E 448 -107.88 -3.75 -34.23
C ASP E 448 -108.04 -5.26 -34.02
N VAL E 449 -107.22 -5.78 -33.10
CA VAL E 449 -107.16 -7.20 -32.80
C VAL E 449 -107.18 -7.34 -31.28
N GLY E 450 -107.84 -8.38 -30.79
CA GLY E 450 -107.85 -8.63 -29.36
C GLY E 450 -108.67 -7.60 -28.59
N GLU E 451 -108.14 -7.15 -27.45
CA GLU E 451 -108.86 -6.25 -26.56
C GLU E 451 -108.87 -4.79 -27.02
N THR E 452 -108.16 -4.44 -28.08
CA THR E 452 -108.27 -3.10 -28.65
C THR E 452 -109.66 -2.86 -29.21
N LEU E 453 -110.36 -3.93 -29.62
CA LEU E 453 -111.68 -3.89 -30.24
C LEU E 453 -112.81 -4.29 -29.30
N VAL E 454 -112.55 -5.11 -28.29
CA VAL E 454 -113.63 -5.61 -27.42
C VAL E 454 -114.31 -4.47 -26.67
N LYS E 455 -113.58 -3.38 -26.40
CA LYS E 455 -114.23 -2.21 -25.81
C LYS E 455 -115.30 -1.65 -26.73
N LYS E 456 -115.09 -1.73 -28.04
CA LYS E 456 -116.13 -1.39 -29.00
C LYS E 456 -117.06 -2.59 -29.19
N GLY E 457 -118.01 -2.48 -30.12
CA GLY E 457 -118.99 -3.54 -30.24
C GLY E 457 -118.59 -4.73 -31.09
N ILE E 458 -117.51 -4.62 -31.87
CA ILE E 458 -117.22 -5.67 -32.84
C ILE E 458 -116.81 -6.94 -32.12
N ASP E 459 -117.45 -8.06 -32.50
CA ASP E 459 -117.05 -9.39 -32.07
C ASP E 459 -117.30 -10.28 -33.27
N PRO E 460 -116.31 -10.45 -34.15
CA PRO E 460 -116.57 -11.15 -35.41
C PRO E 460 -117.18 -12.53 -35.19
N VAL E 461 -117.91 -12.99 -36.20
CA VAL E 461 -118.67 -14.24 -36.14
C VAL E 461 -118.00 -15.28 -37.02
N LEU E 462 -118.00 -16.53 -36.55
CA LEU E 462 -117.20 -17.58 -37.17
C LEU E 462 -117.53 -17.76 -38.65
N GLU E 463 -118.80 -17.98 -38.99
CA GLU E 463 -119.20 -18.24 -40.36
C GLU E 463 -120.10 -17.11 -40.88
N GLY E 464 -120.70 -17.33 -42.04
CA GLY E 464 -121.61 -16.36 -42.64
C GLY E 464 -121.49 -16.17 -44.14
N SER E 465 -122.63 -15.86 -44.77
CA SER E 465 -122.69 -15.55 -46.20
C SER E 465 -123.33 -14.18 -46.35
N PHE E 466 -122.62 -13.26 -47.00
CA PHE E 466 -122.97 -11.85 -47.05
C PHE E 466 -123.06 -11.37 -48.50
N LYS E 467 -123.75 -10.26 -48.69
CA LYS E 467 -123.88 -9.64 -50.01
C LYS E 467 -122.98 -8.41 -50.13
N LEU E 468 -122.89 -7.90 -51.35
CA LEU E 468 -121.93 -6.86 -51.71
C LEU E 468 -122.58 -5.82 -52.64
N LYS E 469 -121.84 -4.73 -52.87
CA LYS E 469 -122.19 -3.65 -53.78
C LYS E 469 -120.87 -2.97 -54.14
N THR E 470 -120.70 -2.60 -55.41
CA THR E 470 -119.40 -2.10 -55.89
C THR E 470 -119.55 -0.75 -56.57
N ILE E 471 -118.41 -0.21 -57.02
CA ILE E 471 -118.41 1.08 -57.73
C ILE E 471 -119.27 1.00 -58.99
N ASP E 472 -119.25 -0.14 -59.66
CA ASP E 472 -120.17 -0.41 -60.75
C ASP E 472 -121.52 -0.88 -60.25
N GLY E 473 -121.64 -1.10 -58.93
CA GLY E 473 -122.89 -1.53 -58.35
C GLY E 473 -122.93 -3.03 -58.48
N LYS E 474 -121.86 -3.70 -58.09
CA LYS E 474 -121.74 -5.14 -58.30
C LYS E 474 -121.93 -5.89 -56.98
N GLU E 475 -123.13 -6.48 -56.80
CA GLU E 475 -123.37 -7.37 -55.69
C GLU E 475 -122.81 -8.74 -56.03
N ILE E 476 -121.92 -9.26 -55.18
CA ILE E 476 -121.32 -10.56 -55.42
C ILE E 476 -121.19 -11.31 -54.09
N GLU E 477 -121.40 -12.63 -54.15
CA GLU E 477 -121.24 -13.51 -53.00
C GLU E 477 -119.88 -13.33 -52.34
N VAL E 478 -119.89 -13.13 -51.02
CA VAL E 478 -118.70 -13.01 -50.20
C VAL E 478 -118.78 -14.11 -49.17
N MET E 479 -117.64 -14.70 -48.84
CA MET E 479 -117.67 -15.83 -47.93
C MET E 479 -116.62 -15.62 -46.87
N LEU E 482 -113.38 -19.18 -42.37
CA LEU E 482 -113.15 -20.50 -41.79
C LEU E 482 -113.89 -21.57 -42.59
N GLU E 483 -115.12 -21.21 -43.01
CA GLU E 483 -115.92 -22.09 -43.85
C GLU E 483 -115.22 -22.46 -45.16
N MET E 484 -114.56 -21.50 -45.81
CA MET E 484 -113.93 -21.80 -47.09
C MET E 484 -112.78 -22.79 -46.93
N TYR E 485 -112.13 -22.81 -45.77
CA TYR E 485 -111.18 -23.88 -45.53
C TYR E 485 -111.91 -25.20 -45.33
N LYS E 486 -113.10 -25.16 -44.72
CA LYS E 486 -113.96 -26.35 -44.65
C LYS E 486 -114.26 -26.86 -46.05
N ILE E 487 -114.42 -25.96 -47.01
CA ILE E 487 -114.58 -26.40 -48.40
C ILE E 487 -113.23 -26.81 -49.00
N HIS E 488 -112.17 -26.11 -48.61
CA HIS E 488 -110.84 -26.40 -49.14
C HIS E 488 -110.24 -27.68 -48.56
N LEU E 489 -110.38 -27.89 -47.25
CA LEU E 489 -109.70 -28.99 -46.56
C LEU E 489 -110.44 -30.33 -46.65
N ARG E 490 -111.53 -30.40 -47.41
CA ARG E 490 -112.24 -31.67 -47.59
C ARG E 490 -111.43 -32.68 -48.39
N ASP E 491 -110.42 -32.25 -49.14
CA ASP E 491 -109.59 -33.18 -49.89
C ASP E 491 -108.60 -33.91 -49.02
N TYR E 492 -108.53 -33.56 -47.73
CA TYR E 492 -107.63 -34.15 -46.76
C TYR E 492 -108.43 -34.84 -45.66
N ASP E 493 -109.49 -35.55 -46.06
CA ASP E 493 -110.25 -36.37 -45.14
C ASP E 493 -109.36 -37.44 -44.52
N ILE E 494 -109.83 -37.98 -43.38
CA ILE E 494 -109.00 -38.88 -42.59
C ILE E 494 -108.48 -40.06 -43.40
N ASP E 495 -109.27 -40.54 -44.36
CA ASP E 495 -108.85 -41.70 -45.15
C ASP E 495 -107.88 -41.29 -46.26
N SER E 496 -108.08 -40.12 -46.86
CA SER E 496 -107.21 -39.67 -47.93
C SER E 496 -105.83 -39.28 -47.43
N VAL E 497 -105.74 -38.66 -46.25
CA VAL E 497 -104.44 -38.26 -45.74
C VAL E 497 -103.56 -39.49 -45.57
N VAL E 498 -104.13 -40.61 -45.15
CA VAL E 498 -103.38 -41.84 -44.97
C VAL E 498 -102.84 -42.41 -46.27
N SER E 499 -103.37 -41.97 -47.42
CA SER E 499 -102.97 -42.55 -48.70
C SER E 499 -101.51 -42.25 -49.06
N MET E 500 -101.03 -41.06 -48.76
CA MET E 500 -99.65 -40.69 -49.07
C MET E 500 -98.81 -40.42 -47.83
N THR E 501 -99.45 -40.09 -46.73
CA THR E 501 -98.68 -39.82 -45.51
C THR E 501 -98.10 -41.11 -44.97
N ASN E 502 -98.76 -42.23 -45.26
CA ASN E 502 -98.48 -43.53 -44.69
C ASN E 502 -98.20 -43.48 -43.19
N SER E 503 -98.94 -42.65 -42.45
CA SER E 503 -98.84 -42.58 -41.00
C SER E 503 -100.02 -43.32 -40.38
N PRO E 504 -99.93 -43.65 -39.09
CA PRO E 504 -101.03 -44.38 -38.45
C PRO E 504 -102.35 -43.64 -38.48
N LYS E 505 -103.40 -44.35 -38.91
CA LYS E 505 -104.72 -43.74 -38.92
C LYS E 505 -105.07 -43.33 -37.50
N ASP E 506 -104.60 -44.12 -36.54
CA ASP E 506 -104.68 -43.76 -35.13
C ASP E 506 -103.81 -42.54 -34.80
N LEU E 507 -102.63 -42.39 -35.43
CA LEU E 507 -101.74 -41.30 -35.04
C LEU E 507 -102.29 -39.92 -35.42
N ILE E 508 -102.97 -39.81 -36.57
CA ILE E 508 -103.58 -38.50 -36.83
C ILE E 508 -104.68 -38.24 -35.81
N GLU E 509 -105.51 -39.26 -35.54
CA GLU E 509 -106.53 -39.12 -34.51
C GLU E 509 -105.90 -39.03 -33.12
N ARG E 510 -104.72 -39.63 -32.92
CA ARG E 510 -104.04 -39.50 -31.63
C ARG E 510 -103.56 -38.07 -31.41
N LEU E 511 -102.98 -37.46 -32.46
CA LEU E 511 -102.50 -36.08 -32.35
C LEU E 511 -103.63 -35.07 -32.26
N ALA E 512 -104.71 -35.29 -33.02
CA ALA E 512 -105.80 -34.31 -33.08
C ALA E 512 -106.39 -34.02 -31.72
N LYS E 513 -106.62 -35.06 -30.91
CA LYS E 513 -107.15 -34.83 -29.57
C LYS E 513 -106.13 -34.12 -28.68
N ASP E 514 -104.84 -34.47 -28.83
CA ASP E 514 -103.81 -33.89 -27.97
C ASP E 514 -103.76 -32.37 -28.10
N ILE E 515 -103.75 -31.87 -29.33
CA ILE E 515 -103.69 -30.43 -29.54
C ILE E 515 -104.87 -29.74 -28.87
N ALA E 516 -106.01 -30.43 -28.81
CA ALA E 516 -107.23 -29.76 -28.34
C ALA E 516 -107.16 -29.53 -26.83
N THR E 517 -106.79 -30.55 -26.06
CA THR E 517 -106.70 -30.39 -24.61
C THR E 517 -105.26 -30.24 -24.16
N ILE E 518 -104.41 -29.63 -24.99
CA ILE E 518 -103.00 -29.44 -24.66
C ILE E 518 -102.87 -27.98 -24.27
N LYS E 519 -102.56 -27.75 -23.01
CA LYS E 519 -102.45 -26.39 -22.43
C LYS E 519 -101.35 -25.62 -23.17
N PRO E 520 -100.18 -26.21 -23.47
CA PRO E 520 -99.14 -25.45 -24.16
C PRO E 520 -98.56 -26.22 -25.35
N VAL E 521 -99.39 -26.44 -26.37
CA VAL E 521 -98.95 -27.17 -27.58
C VAL E 521 -97.87 -26.32 -28.24
N ALA E 522 -96.79 -26.95 -28.63
CA ALA E 522 -95.73 -26.18 -29.32
C ALA E 522 -95.29 -27.01 -30.51
N ILE E 523 -95.21 -26.38 -31.68
CA ILE E 523 -94.80 -27.06 -32.89
C ILE E 523 -93.35 -26.68 -33.18
N HIS E 524 -92.49 -27.68 -33.26
CA HIS E 524 -91.07 -27.48 -33.52
C HIS E 524 -90.71 -28.16 -34.84
N TYR E 525 -89.93 -27.44 -35.66
CA TYR E 525 -89.52 -27.95 -36.95
C TYR E 525 -88.17 -27.33 -37.30
N GLY E 526 -87.55 -27.86 -38.34
CA GLY E 526 -86.26 -27.39 -38.78
C GLY E 526 -86.08 -27.69 -40.25
N GLU E 527 -84.83 -27.93 -40.65
CA GLU E 527 -84.51 -28.13 -42.06
C GLU E 527 -84.75 -29.56 -42.51
N GLY E 528 -85.23 -30.42 -41.63
CA GLY E 528 -85.81 -31.67 -42.11
C GLY E 528 -87.04 -31.43 -42.95
N VAL E 529 -87.71 -30.29 -42.73
CA VAL E 529 -88.82 -29.89 -43.58
C VAL E 529 -88.53 -28.60 -44.32
N ASN E 530 -87.63 -27.74 -43.83
CA ASN E 530 -87.27 -26.53 -44.55
C ASN E 530 -86.38 -26.81 -45.75
N HIS E 531 -85.82 -28.02 -45.86
CA HIS E 531 -85.02 -28.40 -47.01
C HIS E 531 -85.82 -29.19 -48.03
N TYR E 532 -87.13 -28.98 -48.05
CA TYR E 532 -87.99 -29.45 -49.13
C TYR E 532 -88.58 -28.22 -49.81
N PHE E 533 -89.00 -28.41 -51.06
CA PHE E 533 -89.35 -27.28 -51.92
C PHE E 533 -90.44 -26.39 -51.31
N HIS E 534 -91.51 -27.01 -50.83
CA HIS E 534 -92.70 -26.29 -50.38
C HIS E 534 -92.72 -26.02 -48.88
N ALA E 535 -91.55 -25.81 -48.26
CA ALA E 535 -91.50 -25.46 -46.85
C ALA E 535 -92.38 -24.27 -46.52
N THR E 536 -92.46 -23.28 -47.44
CA THR E 536 -93.31 -22.12 -47.20
C THR E 536 -94.74 -22.55 -46.90
N LEU E 537 -95.29 -23.44 -47.73
CA LEU E 537 -96.60 -23.99 -47.44
C LEU E 537 -96.55 -24.91 -46.23
N MET E 538 -95.49 -25.71 -46.12
CA MET E 538 -95.35 -26.61 -44.97
C MET E 538 -95.27 -25.81 -43.67
N ASN E 539 -94.52 -24.72 -43.67
CA ASN E 539 -94.43 -23.87 -42.49
C ASN E 539 -95.74 -23.15 -42.22
N ARG E 540 -96.42 -22.70 -43.28
CA ARG E 540 -97.74 -22.10 -43.11
C ARG E 540 -98.70 -23.08 -42.46
N SER E 541 -98.62 -24.36 -42.83
CA SER E 541 -99.44 -25.38 -42.18
C SER E 541 -99.09 -25.52 -40.71
N TYR E 542 -97.85 -25.20 -40.33
CA TYR E 542 -97.39 -25.38 -38.95
C TYR E 542 -98.00 -24.38 -37.98
N TYR E 543 -98.81 -23.43 -38.46
CA TYR E 543 -99.53 -22.52 -37.58
C TYR E 543 -100.99 -22.90 -37.39
N LEU E 544 -101.55 -23.71 -38.29
CA LEU E 544 -102.98 -24.03 -38.23
C LEU E 544 -103.41 -24.70 -36.92
N PRO E 545 -102.77 -25.78 -36.47
CA PRO E 545 -103.26 -26.44 -35.24
C PRO E 545 -103.08 -25.64 -33.96
N VAL E 546 -102.14 -24.72 -33.91
CA VAL E 546 -101.89 -23.99 -32.67
C VAL E 546 -102.72 -22.70 -32.59
N MET E 547 -103.00 -22.07 -33.72
CA MET E 547 -103.86 -20.89 -33.71
C MET E 547 -105.27 -21.24 -33.25
N LEU E 548 -105.69 -22.50 -33.39
CA LEU E 548 -107.05 -22.90 -33.06
C LEU E 548 -107.26 -23.11 -31.57
N THR E 549 -106.22 -23.51 -30.84
CA THR E 549 -106.34 -23.80 -29.41
C THR E 549 -105.94 -22.63 -28.53
N GLY E 550 -105.56 -21.50 -29.10
CA GLY E 550 -105.16 -20.34 -28.33
C GLY E 550 -103.82 -20.53 -27.65
N ASN E 551 -102.85 -21.06 -28.41
CA ASN E 551 -101.52 -21.41 -27.92
C ASN E 551 -100.41 -20.66 -28.67
N VAL E 552 -100.61 -19.38 -28.97
CA VAL E 552 -99.56 -18.57 -29.60
C VAL E 552 -99.25 -17.39 -28.70
N GLY E 553 -97.96 -17.22 -28.38
CA GLY E 553 -97.50 -16.13 -27.55
C GLY E 553 -97.35 -16.46 -26.07
N TYR E 554 -97.70 -17.67 -25.66
CA TYR E 554 -97.69 -18.04 -24.25
C TYR E 554 -96.52 -18.97 -23.96
N PHE E 555 -96.04 -18.93 -22.72
CA PHE E 555 -94.86 -19.70 -22.32
C PHE E 555 -95.03 -21.17 -22.66
N GLY E 556 -94.04 -21.74 -23.34
CA GLY E 556 -94.06 -23.13 -23.74
C GLY E 556 -94.82 -23.44 -25.02
N SER E 557 -95.38 -22.43 -25.68
CA SER E 557 -96.26 -22.60 -26.83
C SER E 557 -95.62 -21.99 -28.08
N GLY E 558 -96.39 -21.98 -29.19
CA GLY E 558 -95.98 -21.33 -30.42
C GLY E 558 -95.59 -22.37 -31.46
N SER E 559 -95.28 -21.93 -32.67
CA SER E 559 -94.64 -22.82 -33.64
C SER E 559 -93.34 -22.17 -34.06
N HIS E 560 -92.27 -22.95 -33.98
CA HIS E 560 -90.92 -22.44 -34.08
C HIS E 560 -90.15 -23.27 -35.10
N THR E 561 -89.25 -22.59 -35.82
CA THR E 561 -88.30 -23.22 -36.70
C THR E 561 -86.91 -23.16 -36.07
N TRP E 562 -86.07 -24.11 -36.45
CA TRP E 562 -84.72 -24.17 -35.90
C TRP E 562 -83.73 -24.17 -37.05
N ALA E 563 -82.61 -23.48 -36.85
CA ALA E 563 -81.64 -23.27 -37.92
C ALA E 563 -80.29 -22.93 -37.29
N GLY E 564 -79.40 -22.38 -38.11
CA GLY E 564 -78.11 -21.85 -37.70
C GLY E 564 -78.18 -20.49 -37.04
N ASN E 565 -77.04 -19.81 -36.95
CA ASN E 565 -76.94 -18.50 -36.31
C ASN E 565 -77.31 -17.43 -37.32
N TYR E 566 -78.54 -16.94 -37.24
CA TYR E 566 -79.04 -15.92 -38.14
C TYR E 566 -79.37 -14.61 -37.42
N LYS E 567 -79.38 -14.60 -36.09
CA LYS E 567 -80.05 -13.55 -35.34
C LYS E 567 -79.25 -12.25 -35.41
N ALA E 568 -79.23 -11.65 -36.60
CA ALA E 568 -78.69 -10.30 -36.81
C ALA E 568 -79.61 -9.20 -36.27
N GLY E 569 -80.85 -9.53 -35.94
CA GLY E 569 -81.81 -8.60 -35.36
C GLY E 569 -81.66 -8.27 -33.89
N ASN E 570 -80.63 -8.77 -33.20
CA ASN E 570 -80.44 -8.41 -31.80
C ASN E 570 -80.18 -6.91 -31.62
N PHE E 571 -79.44 -6.30 -32.54
CA PHE E 571 -79.24 -4.85 -32.54
C PHE E 571 -80.32 -4.15 -33.37
N GLN E 572 -81.54 -4.15 -32.81
CA GLN E 572 -82.74 -3.75 -33.56
C GLN E 572 -82.88 -2.22 -33.62
N ALA E 573 -83.05 -1.70 -34.84
CA ALA E 573 -83.15 -0.26 -35.10
C ALA E 573 -84.57 0.28 -35.06
N SER E 574 -84.70 1.50 -34.54
CA SER E 574 -85.94 2.28 -34.50
C SER E 574 -85.55 3.73 -34.22
N LYS E 575 -86.55 4.61 -34.13
CA LYS E 575 -86.23 6.01 -33.82
C LYS E 575 -85.62 6.12 -32.42
N TRP E 576 -86.27 5.52 -31.43
CA TRP E 576 -85.74 5.50 -30.07
C TRP E 576 -84.53 4.59 -29.94
N SER E 577 -84.39 3.58 -30.81
CA SER E 577 -83.40 2.55 -30.59
C SER E 577 -82.02 3.00 -31.01
N GLY E 578 -81.85 3.30 -32.30
CA GLY E 578 -80.57 3.69 -32.84
C GLY E 578 -80.35 2.95 -34.15
N PRO E 579 -79.10 2.93 -34.62
CA PRO E 579 -78.84 2.22 -35.88
C PRO E 579 -78.79 0.72 -35.67
N GLY E 580 -78.45 0.32 -34.45
CA GLY E 580 -78.37 -1.09 -34.13
C GLY E 580 -77.33 -1.79 -34.98
N PHE E 581 -77.73 -2.92 -35.56
CA PHE E 581 -76.82 -3.71 -36.37
C PHE E 581 -76.40 -2.99 -37.64
N TYR E 582 -77.27 -2.10 -38.15
CA TYR E 582 -76.91 -1.37 -39.37
C TYR E 582 -75.71 -0.47 -39.11
N GLY E 583 -75.50 -0.02 -37.88
CA GLY E 583 -74.38 0.87 -37.61
C GLY E 583 -73.04 0.29 -38.03
N TRP E 584 -72.86 -1.02 -37.84
CA TRP E 584 -71.60 -1.64 -38.21
C TRP E 584 -71.57 -1.95 -39.70
N VAL E 585 -72.69 -2.40 -40.26
CA VAL E 585 -72.74 -2.83 -41.65
C VAL E 585 -73.24 -1.72 -42.57
N ALA E 586 -73.94 -0.72 -42.03
CA ALA E 586 -74.51 0.38 -42.80
C ALA E 586 -73.99 1.70 -42.21
N GLU E 587 -72.75 1.72 -41.76
CA GLU E 587 -72.07 2.94 -41.36
C GLU E 587 -71.65 3.77 -42.57
N ASP E 588 -71.66 5.08 -42.40
CA ASP E 588 -71.25 5.96 -43.49
C ASP E 588 -69.79 5.74 -43.84
N VAL E 589 -69.52 5.21 -45.04
CA VAL E 589 -68.14 5.04 -45.47
C VAL E 589 -67.47 6.40 -45.63
N PHE E 590 -68.22 7.36 -46.18
CA PHE E 590 -67.74 8.71 -46.46
C PHE E 590 -67.92 9.67 -45.29
N LYS E 591 -68.69 9.30 -44.27
CA LYS E 591 -68.88 10.13 -43.07
C LYS E 591 -68.67 9.29 -41.82
N PRO E 592 -67.45 8.77 -41.62
CA PRO E 592 -67.19 7.94 -40.45
C PRO E 592 -66.97 8.78 -39.20
N ASN E 593 -67.40 8.21 -38.07
CA ASN E 593 -67.20 8.84 -36.77
C ASN E 593 -65.88 8.33 -36.21
N LEU E 594 -64.96 9.27 -35.92
CA LEU E 594 -63.61 8.93 -35.48
C LEU E 594 -63.37 9.27 -34.01
N ASP E 595 -64.41 9.36 -33.23
CA ASP E 595 -64.33 9.61 -31.79
C ASP E 595 -64.27 8.30 -31.03
N PRO E 596 -63.25 8.07 -30.19
CA PRO E 596 -63.21 6.82 -29.41
C PRO E 596 -64.45 6.62 -28.57
N TYR E 597 -65.07 7.71 -28.12
CA TYR E 597 -66.31 7.62 -27.34
C TYR E 597 -67.48 7.80 -28.31
N ALA E 598 -67.69 6.76 -29.11
CA ALA E 598 -68.65 6.82 -30.21
C ALA E 598 -70.03 6.58 -29.64
N SER E 599 -70.72 7.67 -29.31
CA SER E 599 -72.11 7.57 -28.92
C SER E 599 -72.93 7.05 -30.10
N ALA E 600 -73.84 6.12 -29.82
CA ALA E 600 -74.65 5.55 -30.88
C ALA E 600 -75.63 6.58 -31.46
N LYS E 601 -75.96 7.63 -30.71
CA LYS E 601 -76.81 8.69 -31.24
C LYS E 601 -76.01 9.80 -31.91
N ASP E 602 -74.71 9.90 -31.67
CA ASP E 602 -73.84 10.84 -32.35
C ASP E 602 -73.29 10.31 -33.66
N LEU E 603 -73.65 9.07 -33.99
CA LEU E 603 -73.17 8.32 -35.18
C LEU E 603 -73.92 8.71 -36.44
N ASN E 604 -73.20 8.82 -37.56
CA ASN E 604 -73.88 9.15 -38.84
C ASN E 604 -74.25 7.81 -39.50
N ILE E 605 -75.51 7.40 -39.37
CA ILE E 605 -75.97 6.07 -39.88
C ILE E 605 -76.43 6.15 -41.34
N LYS E 606 -75.64 5.54 -42.22
CA LYS E 606 -75.93 5.39 -43.66
C LYS E 606 -75.01 4.29 -44.18
N GLY E 607 -75.43 3.59 -45.24
CA GLY E 607 -74.59 2.50 -45.78
C GLY E 607 -74.96 2.24 -47.22
N ARG E 608 -74.09 1.56 -47.96
CA ARG E 608 -74.43 1.25 -49.37
C ARG E 608 -74.32 -0.25 -49.59
N ALA E 609 -74.36 -1.10 -48.54
CA ALA E 609 -74.25 -2.49 -48.98
C ALA E 609 -75.58 -3.02 -49.51
N LEU E 610 -75.59 -3.41 -50.78
CA LEU E 610 -76.78 -3.97 -51.42
C LEU E 610 -76.77 -5.49 -51.32
N ASP E 611 -77.72 -6.05 -50.57
CA ASP E 611 -77.81 -7.49 -50.38
C ASP E 611 -78.17 -8.22 -51.68
N GLU E 612 -77.67 -9.45 -51.81
CA GLU E 612 -77.93 -10.33 -52.94
C GLU E 612 -78.02 -11.75 -52.41
N GLU E 613 -78.72 -12.63 -53.14
CA GLU E 613 -78.73 -14.05 -52.79
C GLU E 613 -77.71 -14.82 -53.62
N VAL E 614 -76.89 -15.62 -52.93
CA VAL E 614 -75.87 -16.43 -53.59
C VAL E 614 -76.51 -17.59 -54.35
N ALA E 615 -77.70 -18.02 -53.93
CA ALA E 615 -78.31 -19.25 -54.42
C ALA E 615 -78.39 -19.30 -55.93
N TYR E 616 -78.40 -18.15 -56.59
CA TYR E 616 -78.34 -18.18 -58.04
C TYR E 616 -77.08 -18.89 -58.49
N TRP E 617 -75.96 -18.66 -57.81
CA TRP E 617 -74.70 -19.33 -58.14
C TRP E 617 -74.83 -20.85 -58.14
N ASN E 618 -75.26 -21.43 -57.02
CA ASN E 618 -75.35 -22.88 -56.90
C ASN E 618 -76.30 -23.49 -57.91
N HIS E 619 -77.17 -22.68 -58.46
CA HIS E 619 -78.16 -23.03 -59.46
C HIS E 619 -77.56 -23.00 -60.86
N SER E 620 -76.23 -23.15 -60.92
CA SER E 620 -75.40 -22.91 -62.08
C SER E 620 -75.46 -21.45 -62.50
N GLU E 621 -75.65 -20.54 -61.56
CA GLU E 621 -75.66 -19.10 -61.80
C GLU E 621 -76.64 -18.74 -62.91
N ARG E 622 -77.75 -19.48 -62.96
CA ARG E 622 -78.80 -19.27 -63.92
C ARG E 622 -80.04 -18.79 -63.19
N PRO E 623 -80.78 -17.84 -63.77
CA PRO E 623 -82.07 -17.45 -63.22
C PRO E 623 -83.15 -18.45 -63.61
N LEU E 624 -84.35 -18.19 -63.11
CA LEU E 624 -85.52 -18.99 -63.47
C LEU E 624 -85.93 -18.54 -64.87
N ILE E 625 -85.47 -19.28 -65.88
CA ILE E 625 -85.76 -19.00 -67.28
C ILE E 625 -86.48 -20.22 -67.85
N VAL E 626 -87.62 -19.99 -68.48
CA VAL E 626 -88.48 -21.05 -68.97
C VAL E 626 -88.72 -20.88 -70.46
N ASN E 627 -88.75 -21.99 -71.19
CA ASN E 627 -89.10 -21.96 -72.61
C ASN E 627 -90.60 -22.22 -72.72
N THR E 628 -91.36 -21.20 -72.34
CA THR E 628 -92.81 -21.30 -72.36
C THR E 628 -93.36 -21.14 -73.78
N PRO E 629 -94.28 -22.01 -74.20
CA PRO E 629 -94.96 -21.76 -75.48
C PRO E 629 -96.03 -20.68 -75.41
N LYS E 630 -96.46 -20.30 -74.20
CA LYS E 630 -97.51 -19.29 -74.10
C LYS E 630 -97.00 -17.92 -74.50
N TYR E 631 -95.84 -17.53 -73.98
CA TYR E 631 -95.28 -16.21 -74.28
C TYR E 631 -93.83 -16.21 -74.71
N GLY E 632 -93.11 -17.31 -74.61
CA GLY E 632 -91.70 -17.29 -74.95
C GLY E 632 -90.80 -17.15 -73.74
N ARG E 633 -89.76 -16.32 -73.84
CA ARG E 633 -88.88 -16.08 -72.72
C ARG E 633 -89.61 -15.25 -71.66
N LYS E 634 -89.92 -15.87 -70.53
CA LYS E 634 -90.57 -15.23 -69.41
C LYS E 634 -89.63 -15.26 -68.23
N VAL E 635 -89.57 -14.15 -67.49
CA VAL E 635 -88.70 -14.05 -66.32
C VAL E 635 -89.53 -14.23 -65.07
N PHE E 636 -89.21 -15.26 -64.29
CA PHE E 636 -89.89 -15.54 -63.04
C PHE E 636 -89.12 -15.04 -61.83
N THR E 637 -87.90 -14.57 -62.00
CA THR E 637 -87.11 -14.03 -60.89
C THR E 637 -87.51 -12.58 -60.67
N GLY E 638 -87.88 -12.24 -59.44
CA GLY E 638 -88.24 -10.87 -59.13
C GLY E 638 -87.02 -9.95 -59.19
N LYS E 639 -87.30 -8.68 -59.46
CA LYS E 639 -86.24 -7.68 -59.55
C LYS E 639 -85.55 -7.46 -58.20
N THR E 640 -86.30 -7.54 -57.10
CA THR E 640 -85.72 -7.30 -55.78
C THR E 640 -84.63 -8.30 -55.42
N HIS E 641 -84.75 -9.54 -55.92
CA HIS E 641 -83.83 -10.63 -55.63
C HIS E 641 -82.75 -10.76 -56.71
N MET E 642 -82.51 -9.71 -57.49
CA MET E 642 -81.77 -9.83 -58.74
C MET E 642 -80.30 -10.17 -58.51
N PRO E 643 -79.78 -11.19 -59.19
CA PRO E 643 -78.35 -11.48 -59.14
C PRO E 643 -77.60 -10.72 -60.23
N SER E 644 -76.28 -10.82 -60.19
CA SER E 644 -75.38 -10.22 -61.15
C SER E 644 -74.30 -11.23 -61.50
N PRO E 645 -73.60 -11.04 -62.64
CA PRO E 645 -72.54 -11.99 -62.99
C PRO E 645 -71.45 -12.05 -61.92
N THR E 646 -71.01 -13.27 -61.62
CA THR E 646 -69.95 -13.51 -60.65
C THR E 646 -68.64 -13.84 -61.37
N LYS E 647 -67.61 -13.00 -61.15
CA LYS E 647 -66.31 -13.28 -61.73
C LYS E 647 -65.20 -13.32 -60.68
N VAL E 648 -65.29 -12.45 -59.67
CA VAL E 648 -64.26 -12.40 -58.60
C VAL E 648 -64.96 -12.39 -57.24
N LEU E 649 -64.50 -13.18 -56.26
CA LEU E 649 -65.12 -13.17 -54.91
C LEU E 649 -64.23 -13.85 -53.86
N TRP E 650 -64.54 -13.63 -52.57
CA TRP E 650 -63.98 -14.39 -51.42
C TRP E 650 -64.91 -14.29 -50.21
N PHE E 651 -64.80 -15.24 -49.27
CA PHE E 651 -65.72 -15.33 -48.10
C PHE E 651 -64.95 -15.46 -46.78
N THR E 652 -65.29 -14.66 -45.77
CA THR E 652 -64.52 -14.74 -44.50
C THR E 652 -64.64 -16.14 -43.90
N ASN E 653 -65.85 -16.67 -43.72
CA ASN E 653 -65.98 -18.05 -43.28
C ASN E 653 -66.09 -18.89 -44.54
N VAL E 654 -66.01 -20.20 -44.43
CA VAL E 654 -65.60 -20.92 -45.63
C VAL E 654 -66.25 -22.30 -45.70
N ASN E 655 -65.70 -23.12 -46.60
CA ASN E 655 -66.13 -24.46 -47.00
C ASN E 655 -67.26 -24.32 -48.00
N LEU E 656 -67.49 -23.10 -48.52
CA LEU E 656 -68.66 -22.82 -49.34
C LEU E 656 -68.71 -23.75 -50.54
N ILE E 657 -67.60 -23.82 -51.29
CA ILE E 657 -67.56 -24.67 -52.48
C ILE E 657 -67.61 -26.12 -52.05
N ASN E 658 -66.91 -26.44 -50.96
CA ASN E 658 -67.01 -27.77 -50.37
C ASN E 658 -68.44 -28.08 -49.96
N ASN E 659 -69.11 -27.12 -49.34
CA ASN E 659 -70.48 -27.30 -48.88
C ASN E 659 -71.55 -26.85 -49.89
N ALA E 660 -71.17 -26.34 -51.06
CA ALA E 660 -72.13 -25.92 -52.07
C ALA E 660 -72.91 -27.11 -52.62
N LYS E 661 -74.16 -26.89 -53.02
CA LYS E 661 -74.94 -28.07 -53.39
C LYS E 661 -74.54 -28.73 -54.71
N HIS E 662 -74.64 -28.03 -55.83
CA HIS E 662 -74.30 -28.65 -57.13
C HIS E 662 -72.82 -28.39 -57.44
N VAL E 663 -71.99 -28.95 -56.58
CA VAL E 663 -70.60 -28.49 -56.47
C VAL E 663 -69.78 -28.81 -57.72
N TYR E 664 -70.11 -30.31 -58.41
CA TYR E 664 -68.97 -30.40 -59.31
C TYR E 664 -69.22 -29.70 -60.63
N GLN E 665 -70.49 -29.47 -60.91
CA GLN E 665 -70.80 -28.62 -62.07
C GLN E 665 -70.21 -27.27 -61.69
N MET E 666 -70.33 -26.91 -60.40
CA MET E 666 -69.84 -25.59 -59.95
C MET E 666 -68.37 -25.48 -60.27
N LEU E 667 -67.58 -26.47 -59.86
CA LEU E 667 -66.12 -26.44 -60.11
C LEU E 667 -65.80 -26.70 -61.57
N LYS E 668 -66.47 -27.66 -62.18
CA LYS E 668 -66.09 -28.01 -63.58
C LYS E 668 -66.43 -26.94 -64.60
N ASN E 669 -67.61 -26.33 -64.54
CA ASN E 669 -67.97 -25.45 -65.68
C ASN E 669 -68.12 -23.97 -65.38
N VAL E 670 -68.83 -23.60 -64.32
CA VAL E 670 -69.14 -22.18 -64.01
C VAL E 670 -67.94 -21.33 -63.54
N ASN E 671 -67.07 -21.88 -62.70
CA ASN E 671 -65.93 -21.13 -62.11
C ASN E 671 -64.86 -20.75 -63.13
N PRO E 672 -64.53 -21.62 -64.09
CA PRO E 672 -63.49 -21.38 -65.06
C PRO E 672 -63.62 -20.03 -65.78
N ASN E 673 -64.84 -19.53 -65.98
CA ASN E 673 -64.93 -18.22 -66.61
C ASN E 673 -64.59 -17.11 -65.63
N ILE E 674 -64.71 -17.41 -64.33
CA ILE E 674 -64.36 -16.44 -63.30
C ILE E 674 -62.86 -16.41 -63.07
N GLU E 675 -62.35 -15.20 -62.83
CA GLU E 675 -60.93 -14.89 -62.89
C GLU E 675 -60.25 -14.69 -61.54
N GLN E 676 -60.97 -14.73 -60.41
CA GLN E 676 -60.29 -14.82 -59.12
C GLN E 676 -61.16 -15.34 -57.99
N ILE E 677 -60.74 -16.42 -57.31
CA ILE E 677 -61.44 -17.00 -56.17
C ILE E 677 -60.49 -17.15 -54.99
N MET E 678 -60.95 -16.80 -53.80
CA MET E 678 -60.11 -16.75 -52.61
C MET E 678 -60.86 -17.38 -51.41
N SER E 679 -60.15 -17.74 -50.32
CA SER E 679 -60.84 -18.04 -49.05
C SER E 679 -59.99 -17.63 -47.85
N THR E 680 -60.60 -16.94 -46.81
CA THR E 680 -60.04 -16.90 -45.42
C THR E 680 -60.68 -18.02 -44.65
N ASP E 681 -59.85 -18.71 -43.92
CA ASP E 681 -60.28 -19.86 -43.19
C ASP E 681 -59.23 -20.13 -42.12
N ILE E 682 -59.48 -21.17 -41.35
CA ILE E 682 -58.52 -21.59 -40.33
C ILE E 682 -57.90 -22.93 -40.69
N GLU E 683 -58.46 -23.65 -41.66
CA GLU E 683 -57.93 -24.92 -42.11
C GLU E 683 -58.00 -25.00 -43.63
N ILE E 684 -57.21 -25.90 -44.19
CA ILE E 684 -57.29 -26.20 -45.62
C ILE E 684 -58.48 -27.13 -45.82
N THR E 685 -59.49 -26.66 -46.54
CA THR E 685 -60.80 -27.29 -46.52
C THR E 685 -61.15 -28.06 -47.78
N GLY E 686 -60.80 -27.54 -48.96
CA GLY E 686 -61.24 -28.15 -50.21
C GLY E 686 -61.83 -27.09 -51.11
N SER E 687 -62.40 -26.06 -50.50
CA SER E 687 -62.67 -24.83 -51.25
C SER E 687 -61.36 -24.10 -51.55
N ILE E 688 -60.37 -24.24 -50.66
CA ILE E 688 -59.05 -23.67 -50.92
C ILE E 688 -58.35 -24.43 -52.03
N GLU E 689 -58.57 -25.75 -52.13
CA GLU E 689 -57.95 -26.52 -53.20
C GLU E 689 -58.45 -26.10 -54.57
N TYR E 690 -59.66 -25.58 -54.66
CA TYR E 690 -60.22 -25.06 -55.90
C TYR E 690 -60.41 -23.55 -55.84
N ALA E 691 -59.60 -22.87 -55.04
CA ALA E 691 -59.64 -21.42 -54.97
C ALA E 691 -58.29 -20.92 -55.44
N ASP E 692 -58.16 -19.61 -55.57
CA ASP E 692 -56.89 -19.08 -56.00
C ASP E 692 -56.10 -18.43 -54.88
N PHE E 693 -56.77 -17.99 -53.80
CA PHE E 693 -56.16 -17.26 -52.70
C PHE E 693 -56.61 -17.88 -51.37
N ALA E 694 -55.71 -17.94 -50.38
CA ALA E 694 -56.05 -18.46 -49.05
C ALA E 694 -55.35 -17.67 -47.96
N PHE E 695 -56.10 -17.25 -46.95
CA PHE E 695 -55.57 -16.44 -45.85
C PHE E 695 -55.86 -17.08 -44.50
N PRO E 696 -54.83 -17.51 -43.76
CA PRO E 696 -55.08 -18.16 -42.46
C PRO E 696 -55.55 -17.17 -41.42
N ALA E 697 -56.73 -17.42 -40.86
CA ALA E 697 -57.26 -16.58 -39.79
C ALA E 697 -57.05 -17.26 -38.44
N ASN E 698 -57.12 -16.46 -37.38
CA ASN E 698 -57.00 -16.97 -36.03
C ASN E 698 -58.32 -17.56 -35.55
N SER E 699 -58.14 -18.64 -34.80
CA SER E 699 -59.23 -19.42 -34.19
C SER E 699 -59.84 -18.60 -33.07
N TRP E 700 -60.73 -19.25 -32.36
CA TRP E 700 -61.48 -18.70 -31.20
C TRP E 700 -60.64 -18.82 -29.93
N VAL E 701 -59.51 -19.54 -30.01
CA VAL E 701 -58.58 -19.59 -28.84
C VAL E 701 -57.37 -18.72 -29.18
N GLU E 702 -57.12 -18.48 -30.46
CA GLU E 702 -56.00 -17.61 -30.83
C GLU E 702 -56.69 -16.32 -31.25
N PHE E 703 -56.73 -15.34 -30.36
CA PHE E 703 -57.62 -14.21 -30.61
C PHE E 703 -56.93 -12.88 -30.87
N GLN E 704 -56.12 -12.36 -29.95
CA GLN E 704 -55.41 -11.08 -30.14
C GLN E 704 -56.36 -9.97 -30.58
N GLU E 705 -57.67 -10.19 -30.42
CA GLU E 705 -58.72 -9.24 -30.77
C GLU E 705 -60.00 -9.63 -30.04
N PHE E 706 -60.83 -8.63 -29.74
CA PHE E 706 -62.08 -8.89 -29.04
C PHE E 706 -63.18 -9.30 -30.02
N GLU E 707 -64.13 -10.10 -29.53
CA GLU E 707 -65.32 -10.40 -30.31
C GLU E 707 -66.52 -10.64 -29.38
N ILE E 708 -67.70 -10.28 -29.85
CA ILE E 708 -68.93 -10.34 -29.07
C ILE E 708 -69.86 -11.38 -29.69
N THR E 709 -70.59 -12.11 -28.83
CA THR E 709 -71.50 -13.12 -29.33
C THR E 709 -72.74 -13.24 -28.45
N ASN E 710 -73.81 -13.72 -29.08
CA ASN E 710 -75.08 -14.05 -28.44
C ASN E 710 -75.65 -15.27 -29.15
N SER E 711 -76.83 -15.72 -28.75
CA SER E 711 -77.45 -16.88 -29.37
C SER E 711 -78.94 -16.64 -29.54
N CYS E 712 -79.56 -17.51 -30.34
CA CYS E 712 -80.99 -17.51 -30.56
C CYS E 712 -81.70 -18.54 -29.69
N SER E 713 -80.93 -19.34 -28.96
CA SER E 713 -81.45 -20.31 -28.01
C SER E 713 -81.23 -19.91 -26.56
N ASN E 714 -80.55 -18.80 -26.29
CA ASN E 714 -80.27 -18.39 -24.94
C ASN E 714 -80.16 -16.88 -24.87
N PRO E 715 -80.36 -16.29 -23.69
CA PRO E 715 -80.24 -14.83 -23.56
C PRO E 715 -78.82 -14.41 -23.22
N PHE E 716 -77.86 -15.31 -23.41
CA PHE E 716 -76.51 -15.09 -22.90
C PHE E 716 -75.67 -14.33 -23.92
N ILE E 717 -74.88 -13.38 -23.42
CA ILE E 717 -73.93 -12.63 -24.23
C ILE E 717 -72.53 -13.10 -23.91
N GLN E 718 -71.72 -13.33 -24.93
CA GLN E 718 -70.34 -13.76 -24.75
C GLN E 718 -69.43 -12.81 -25.52
N ILE E 719 -68.49 -12.21 -24.81
CA ILE E 719 -67.42 -11.42 -25.41
C ILE E 719 -66.10 -12.00 -24.94
N TRP E 720 -65.24 -12.38 -25.88
CA TRP E 720 -63.95 -12.95 -25.52
C TRP E 720 -62.90 -12.55 -26.54
N GLY E 721 -61.69 -12.32 -26.04
CA GLY E 721 -60.58 -12.04 -26.92
C GLY E 721 -59.24 -11.85 -26.25
N LYS E 722 -58.22 -12.16 -27.05
CA LYS E 722 -56.81 -12.02 -26.69
C LYS E 722 -56.46 -12.62 -25.32
N THR E 723 -57.27 -13.57 -24.85
CA THR E 723 -56.94 -14.24 -23.59
C THR E 723 -56.58 -15.71 -23.76
N GLY E 724 -56.55 -16.22 -24.98
CA GLY E 724 -56.31 -17.63 -25.16
C GLY E 724 -54.86 -17.97 -25.41
N ILE E 725 -54.52 -18.45 -26.61
CA ILE E 725 -53.15 -18.80 -26.94
C ILE E 725 -52.57 -17.80 -27.95
N THR E 726 -51.24 -17.76 -27.98
CA THR E 726 -50.49 -17.00 -28.97
C THR E 726 -50.66 -17.65 -30.34
N PRO E 727 -50.66 -16.87 -31.43
CA PRO E 727 -50.80 -17.49 -32.75
C PRO E 727 -49.74 -18.56 -32.94
N VAL E 728 -50.19 -19.78 -33.25
CA VAL E 728 -49.25 -20.88 -33.42
C VAL E 728 -48.45 -20.71 -34.71
N TYR E 729 -49.09 -20.20 -35.76
CA TYR E 729 -48.45 -19.99 -37.05
C TYR E 729 -48.60 -18.53 -37.48
N GLU E 730 -48.22 -18.26 -38.73
CA GLU E 730 -48.31 -16.91 -39.26
C GLU E 730 -49.77 -16.63 -39.56
N SER E 731 -50.56 -16.43 -38.49
CA SER E 731 -52.00 -16.26 -38.59
C SER E 731 -52.40 -14.90 -38.05
N LYS E 732 -53.53 -14.40 -38.55
CA LYS E 732 -54.05 -13.08 -38.17
C LYS E 732 -55.51 -13.17 -37.77
N ASP E 733 -55.98 -12.10 -37.13
CA ASP E 733 -57.39 -11.95 -36.78
C ASP E 733 -58.24 -11.62 -38.00
N ASP E 734 -59.49 -12.11 -37.98
CA ASP E 734 -60.37 -11.92 -39.12
C ASP E 734 -60.67 -10.44 -39.37
N VAL E 735 -60.89 -9.67 -38.29
CA VAL E 735 -61.15 -8.24 -38.44
C VAL E 735 -59.92 -7.50 -38.97
N LYS E 736 -58.72 -7.93 -38.55
CA LYS E 736 -57.50 -7.25 -38.97
C LYS E 736 -57.10 -7.60 -40.40
N ILE E 737 -57.44 -8.79 -40.88
CA ILE E 737 -57.16 -9.13 -42.28
C ILE E 737 -57.96 -8.21 -43.20
N LEU E 738 -59.22 -7.93 -42.86
CA LEU E 738 -59.96 -6.92 -43.61
C LEU E 738 -59.27 -5.56 -43.50
N ALA E 739 -58.82 -5.22 -42.29
CA ALA E 739 -58.08 -3.98 -42.10
C ALA E 739 -56.73 -4.04 -42.79
N GLY E 740 -56.03 -5.18 -42.69
CA GLY E 740 -54.78 -5.35 -43.41
C GLY E 740 -54.98 -5.28 -44.90
N MET E 741 -56.12 -5.78 -45.39
CA MET E 741 -56.49 -5.65 -46.79
C MET E 741 -56.78 -4.21 -47.17
N ALA E 742 -57.28 -3.41 -46.24
CA ALA E 742 -57.82 -2.09 -46.58
C ALA E 742 -56.77 -1.12 -47.11
N SER E 743 -55.60 -1.05 -46.47
CA SER E 743 -54.60 -0.07 -46.88
C SER E 743 -54.07 -0.36 -48.29
N LYS E 744 -53.91 -1.64 -48.63
CA LYS E 744 -53.38 -2.01 -49.94
C LYS E 744 -54.30 -1.55 -51.06
N LEU E 745 -55.61 -1.51 -50.80
CA LEU E 745 -56.53 -0.89 -51.75
C LEU E 745 -56.19 0.59 -51.91
N GLY E 746 -55.79 1.26 -50.83
CA GLY E 746 -55.43 2.66 -50.89
C GLY E 746 -54.15 2.96 -51.64
N GLU E 747 -53.17 2.05 -51.57
CA GLU E 747 -51.93 2.30 -52.32
C GLU E 747 -52.22 2.34 -53.81
N LEU E 748 -53.06 1.43 -54.30
CA LEU E 748 -53.47 1.47 -55.70
C LEU E 748 -54.49 2.58 -55.94
N LEU E 749 -55.31 2.91 -54.94
CA LEU E 749 -56.35 3.93 -55.09
C LEU E 749 -55.97 5.29 -54.52
N ARG E 750 -54.76 5.46 -53.99
CA ARG E 750 -54.29 6.74 -53.45
C ARG E 750 -55.29 7.38 -52.48
N ASP E 751 -55.79 6.59 -51.53
CA ASP E 751 -56.76 7.09 -50.56
C ASP E 751 -56.31 6.78 -49.14
N LYS E 752 -56.21 7.82 -48.31
CA LYS E 752 -55.87 7.71 -46.90
C LYS E 752 -57.11 7.78 -46.00
N ARG E 753 -58.26 7.32 -46.51
CA ARG E 753 -59.52 7.37 -45.77
C ARG E 753 -60.12 5.99 -45.52
N PHE E 754 -59.56 4.93 -46.10
CA PHE E 754 -60.01 3.58 -45.77
C PHE E 754 -59.84 3.26 -44.30
N GLU E 755 -58.77 3.79 -43.70
CA GLU E 755 -58.46 3.55 -42.30
C GLU E 755 -59.57 4.02 -41.37
N ASP E 756 -60.48 4.88 -41.85
CA ASP E 756 -61.54 5.39 -40.99
C ASP E 756 -62.43 4.28 -40.47
N ASN E 757 -62.81 3.33 -41.32
CA ASN E 757 -63.69 2.27 -40.83
C ASN E 757 -62.98 1.35 -39.86
N TRP E 758 -61.66 1.20 -40.02
CA TRP E 758 -60.94 0.27 -39.18
C TRP E 758 -59.92 0.97 -38.29
N LYS E 759 -60.13 2.26 -38.01
CA LYS E 759 -59.19 2.99 -37.17
C LYS E 759 -59.12 2.33 -35.81
N PHE E 760 -60.28 2.07 -35.21
CA PHE E 760 -60.32 1.45 -33.90
C PHE E 760 -59.96 -0.04 -33.97
N ALA E 761 -60.23 -0.70 -35.09
CA ALA E 761 -59.81 -2.09 -35.26
C ALA E 761 -58.29 -2.21 -35.41
N ILE E 762 -57.68 -1.33 -36.22
CA ILE E 762 -56.26 -1.44 -36.50
C ILE E 762 -55.43 -1.21 -35.24
N GLU E 763 -55.79 -0.21 -34.43
CA GLU E 763 -55.00 0.11 -33.25
C GLU E 763 -55.18 -0.90 -32.12
N GLY E 764 -56.07 -1.87 -32.28
CA GLY E 764 -56.33 -2.84 -31.24
C GLY E 764 -57.37 -2.43 -30.22
N ARG E 765 -58.21 -1.44 -30.54
CA ARG E 765 -59.30 -1.00 -29.65
C ARG E 765 -60.60 -0.99 -30.46
N ALA E 766 -61.21 -2.17 -30.62
CA ALA E 766 -62.48 -2.31 -31.32
C ALA E 766 -63.70 -2.12 -30.44
N SER E 767 -63.54 -2.11 -29.10
CA SER E 767 -64.68 -1.93 -28.21
C SER E 767 -65.49 -0.68 -28.51
N VAL E 768 -64.85 0.38 -29.01
CA VAL E 768 -65.58 1.58 -29.41
C VAL E 768 -66.58 1.25 -30.50
N TYR E 769 -66.12 0.59 -31.56
CA TYR E 769 -67.01 0.21 -32.65
C TYR E 769 -68.06 -0.80 -32.18
N ILE E 770 -67.65 -1.72 -31.30
CA ILE E 770 -68.58 -2.68 -30.73
C ILE E 770 -69.63 -1.97 -29.89
N ASN E 771 -69.21 -0.96 -29.13
CA ASN E 771 -70.14 -0.17 -28.32
C ASN E 771 -71.20 0.49 -29.19
N ARG E 772 -70.85 0.86 -30.42
CA ARG E 772 -71.85 1.42 -31.32
C ARG E 772 -72.94 0.42 -31.67
N LEU E 773 -72.68 -0.87 -31.48
CA LEU E 773 -73.72 -1.87 -31.69
C LEU E 773 -74.51 -2.16 -30.43
N LEU E 774 -73.84 -2.26 -29.27
CA LEU E 774 -74.55 -2.42 -28.01
C LEU E 774 -75.45 -1.22 -27.72
N ASP E 775 -74.86 -0.04 -27.59
CA ASP E 775 -75.67 1.17 -27.54
C ASP E 775 -76.33 1.37 -28.89
N GLY E 776 -77.62 1.64 -28.88
CA GLY E 776 -78.37 1.71 -30.11
C GLY E 776 -79.10 0.43 -30.46
N SER E 777 -79.15 -0.54 -29.56
CA SER E 777 -79.77 -1.84 -29.80
C SER E 777 -80.90 -2.08 -28.83
N THR E 778 -81.98 -2.68 -29.32
CA THR E 778 -83.15 -2.94 -28.47
C THR E 778 -82.79 -3.80 -27.27
N THR E 779 -81.89 -4.77 -27.46
CA THR E 779 -81.51 -5.70 -26.41
C THR E 779 -80.26 -5.29 -25.63
N MET E 780 -79.54 -4.26 -26.08
CA MET E 780 -78.22 -4.01 -25.52
C MET E 780 -77.91 -2.56 -25.18
N LYS E 781 -78.82 -1.62 -25.39
CA LYS E 781 -78.56 -0.26 -24.95
C LYS E 781 -78.37 -0.23 -23.44
N GLY E 782 -77.26 0.34 -23.00
CA GLY E 782 -76.83 0.28 -21.63
C GLY E 782 -75.63 -0.61 -21.40
N TYR E 783 -75.40 -1.58 -22.27
CA TYR E 783 -74.23 -2.44 -22.19
C TYR E 783 -73.08 -1.81 -22.97
N THR E 784 -71.88 -1.93 -22.40
CA THR E 784 -70.64 -1.51 -23.04
C THR E 784 -69.70 -2.71 -23.11
N CYS E 785 -68.91 -2.78 -24.18
CA CYS E 785 -68.00 -3.91 -24.36
C CYS E 785 -67.05 -4.08 -23.18
N GLU E 786 -66.55 -2.96 -22.64
CA GLU E 786 -65.64 -3.01 -21.50
C GLU E 786 -66.30 -3.64 -20.26
N ASP E 787 -67.53 -3.19 -19.95
CA ASP E 787 -68.18 -3.59 -18.70
C ASP E 787 -68.40 -5.10 -18.62
N ILE E 788 -68.81 -5.72 -19.73
CA ILE E 788 -69.09 -7.16 -19.71
C ILE E 788 -67.83 -7.94 -19.33
N LEU E 789 -66.69 -7.55 -19.90
CA LEU E 789 -65.44 -8.27 -19.62
C LEU E 789 -64.99 -8.12 -18.18
N ASN E 790 -65.44 -7.06 -17.50
CA ASN E 790 -64.97 -6.73 -16.16
C ASN E 790 -65.87 -7.29 -15.06
N GLY E 791 -66.89 -8.07 -15.42
CA GLY E 791 -67.76 -8.64 -14.43
C GLY E 791 -69.01 -7.86 -14.14
N LYS E 792 -69.42 -6.98 -15.05
CA LYS E 792 -70.63 -6.18 -14.82
C LYS E 792 -71.84 -7.08 -14.58
N TYR E 793 -71.83 -8.27 -15.16
CA TYR E 793 -72.97 -9.18 -15.10
C TYR E 793 -72.65 -10.47 -14.36
N GLY E 794 -71.74 -10.43 -13.40
CA GLY E 794 -71.46 -11.67 -12.70
C GLY E 794 -70.13 -12.23 -13.16
N GLU E 795 -70.21 -13.33 -13.93
CA GLU E 795 -69.02 -13.93 -14.50
C GLU E 795 -68.36 -12.95 -15.47
N PRO E 796 -67.03 -12.98 -15.55
CA PRO E 796 -66.30 -11.95 -16.30
C PRO E 796 -66.48 -11.97 -17.81
N GLY E 797 -67.07 -13.01 -18.40
CA GLY E 797 -67.24 -13.01 -19.83
C GLY E 797 -68.63 -12.85 -20.39
N VAL E 798 -69.62 -12.54 -19.56
CA VAL E 798 -71.00 -12.61 -20.05
C VAL E 798 -71.93 -11.50 -19.64
N ALA E 799 -73.00 -11.40 -20.44
CA ALA E 799 -74.13 -10.52 -20.18
C ALA E 799 -75.41 -11.22 -20.56
N MET E 800 -76.52 -10.56 -20.25
CA MET E 800 -77.84 -11.00 -20.66
C MET E 800 -78.48 -9.88 -21.48
N LEU E 801 -78.77 -10.17 -22.74
CA LEU E 801 -79.40 -9.22 -23.65
C LEU E 801 -80.83 -8.94 -23.21
N LEU E 802 -81.32 -7.75 -23.56
CA LEU E 802 -82.61 -7.28 -23.03
C LEU E 802 -83.75 -7.51 -24.02
N PHE E 803 -84.29 -8.73 -23.98
CA PHE E 803 -85.64 -8.94 -24.46
C PHE E 803 -86.57 -8.58 -23.32
N ARG E 804 -87.88 -8.69 -23.51
CA ARG E 804 -88.77 -8.39 -22.39
C ARG E 804 -88.85 -9.55 -21.39
N THR E 805 -88.67 -10.78 -21.85
CA THR E 805 -88.81 -11.95 -20.99
C THR E 805 -87.52 -12.76 -21.02
N TYR E 806 -87.31 -13.54 -19.96
CA TYR E 806 -86.12 -14.37 -19.88
C TYR E 806 -86.34 -15.62 -20.71
N PRO E 807 -87.42 -16.34 -20.51
CA PRO E 807 -87.87 -17.25 -21.56
C PRO E 807 -88.47 -16.42 -22.69
N ARG E 808 -87.61 -15.87 -23.55
CA ARG E 808 -88.09 -15.05 -24.65
C ARG E 808 -88.94 -15.90 -25.58
N HIS E 809 -90.22 -15.55 -25.67
CA HIS E 809 -91.16 -16.22 -26.54
C HIS E 809 -91.69 -15.22 -27.55
N PRO E 810 -91.59 -15.49 -28.84
CA PRO E 810 -92.07 -14.51 -29.82
C PRO E 810 -93.59 -14.37 -29.74
N PHE E 811 -94.05 -13.14 -29.90
CA PHE E 811 -95.44 -12.71 -29.91
C PHE E 811 -96.12 -12.74 -28.55
N TRP E 812 -95.37 -12.90 -27.44
CA TRP E 812 -96.00 -12.70 -26.14
C TRP E 812 -96.35 -11.24 -25.96
N GLU E 813 -95.40 -10.35 -26.27
CA GLU E 813 -95.62 -8.92 -26.21
C GLU E 813 -96.70 -8.49 -27.18
N GLN E 814 -97.11 -9.37 -28.10
CA GLN E 814 -98.14 -9.07 -29.09
C GLN E 814 -99.52 -9.65 -28.81
N VAL E 815 -99.62 -10.91 -28.34
CA VAL E 815 -100.93 -11.52 -28.13
C VAL E 815 -101.47 -11.25 -26.73
N HIS E 816 -100.59 -11.15 -25.72
CA HIS E 816 -100.93 -11.03 -24.31
C HIS E 816 -101.35 -9.65 -23.91
N GLU E 817 -100.74 -8.67 -24.55
CA GLU E 817 -100.96 -7.28 -24.27
C GLU E 817 -101.67 -6.63 -25.44
N SER E 818 -102.08 -7.46 -26.39
CA SER E 818 -102.84 -7.06 -27.55
C SER E 818 -102.03 -6.10 -28.42
N LEU E 819 -100.84 -6.54 -28.82
CA LEU E 819 -100.13 -5.77 -29.82
C LEU E 819 -100.21 -6.54 -31.15
N PRO E 820 -100.39 -5.87 -32.27
CA PRO E 820 -100.59 -6.59 -33.52
C PRO E 820 -99.31 -7.14 -34.12
N PHE E 821 -99.46 -8.27 -34.82
CA PHE E 821 -98.35 -8.76 -35.62
C PHE E 821 -98.30 -8.01 -36.95
N TYR E 822 -97.26 -8.30 -37.74
CA TYR E 822 -97.03 -7.56 -38.98
C TYR E 822 -97.42 -8.39 -40.21
N THR E 823 -98.71 -8.50 -40.44
CA THR E 823 -99.24 -9.12 -41.65
C THR E 823 -99.71 -8.06 -42.63
N PRO E 824 -100.02 -8.45 -43.88
CA PRO E 824 -100.74 -7.51 -44.76
C PRO E 824 -102.05 -7.07 -44.15
N THR E 825 -102.70 -7.96 -43.39
CA THR E 825 -103.91 -7.66 -42.64
C THR E 825 -103.61 -7.30 -41.19
N GLY E 826 -102.37 -7.42 -40.75
CA GLY E 826 -102.02 -7.23 -39.36
C GLY E 826 -102.44 -8.34 -38.42
N ARG E 827 -102.73 -9.54 -38.94
CA ARG E 827 -103.19 -10.65 -38.14
C ARG E 827 -102.48 -11.92 -38.59
N LEU E 828 -102.45 -12.93 -37.74
CA LEU E 828 -101.86 -14.20 -38.15
C LEU E 828 -102.68 -14.75 -39.31
N GLN E 829 -102.05 -14.87 -40.47
CA GLN E 829 -102.76 -15.12 -41.71
C GLN E 829 -102.65 -16.57 -42.15
N ALA E 830 -103.80 -17.16 -42.47
CA ALA E 830 -103.89 -18.46 -43.11
C ALA E 830 -104.22 -18.31 -44.59
N TYR E 831 -104.04 -17.10 -45.13
CA TYR E 831 -104.39 -16.76 -46.50
C TYR E 831 -103.37 -15.73 -46.99
N ASN E 832 -103.01 -15.81 -48.27
CA ASN E 832 -102.06 -14.91 -48.89
C ASN E 832 -102.66 -14.42 -50.20
N ASP E 833 -102.77 -13.09 -50.34
CA ASP E 833 -103.54 -12.48 -51.40
C ASP E 833 -102.70 -11.89 -52.54
N GLU E 834 -101.39 -12.09 -52.55
CA GLU E 834 -100.59 -11.50 -53.62
C GLU E 834 -101.08 -12.00 -54.98
N PRO E 835 -101.16 -11.12 -55.99
CA PRO E 835 -101.77 -11.55 -57.26
C PRO E 835 -101.04 -12.73 -57.90
N GLU E 836 -99.71 -12.67 -57.93
CA GLU E 836 -98.92 -13.77 -58.47
C GLU E 836 -99.08 -15.03 -57.63
N ILE E 837 -99.34 -14.88 -56.33
CA ILE E 837 -99.37 -16.03 -55.42
C ILE E 837 -100.50 -16.99 -55.77
N ILE E 838 -101.70 -16.45 -56.05
CA ILE E 838 -102.80 -17.30 -56.47
C ILE E 838 -102.56 -17.77 -57.89
N GLU E 839 -101.87 -16.96 -58.70
CA GLU E 839 -101.49 -17.41 -60.04
C GLU E 839 -100.68 -18.68 -59.95
N TYR E 840 -99.91 -18.85 -58.88
CA TYR E 840 -99.28 -20.13 -58.59
C TYR E 840 -100.23 -21.06 -57.83
N GLY E 841 -101.32 -20.53 -57.27
CA GLY E 841 -102.27 -21.36 -56.56
C GLY E 841 -102.00 -21.61 -55.09
N GLU E 842 -101.28 -20.71 -54.41
CA GLU E 842 -100.85 -20.98 -53.04
C GLU E 842 -101.41 -19.99 -52.02
N ASN E 843 -102.57 -19.38 -52.31
CA ASN E 843 -103.24 -18.58 -51.29
C ASN E 843 -103.66 -19.45 -50.11
N PHE E 844 -104.14 -20.66 -50.38
CA PHE E 844 -104.48 -21.61 -49.34
C PHE E 844 -103.28 -22.46 -48.95
N ILE E 845 -103.34 -22.99 -47.73
CA ILE E 845 -102.37 -23.98 -47.26
C ILE E 845 -102.74 -25.28 -47.95
N VAL E 846 -102.04 -25.59 -49.05
CA VAL E 846 -102.30 -26.80 -49.88
C VAL E 846 -101.03 -27.67 -49.93
N HIS E 847 -101.16 -28.99 -49.96
CA HIS E 847 -99.97 -29.87 -50.01
C HIS E 847 -99.81 -30.40 -51.45
N ARG E 848 -98.65 -30.18 -52.07
CA ARG E 848 -98.48 -30.61 -53.48
C ARG E 848 -97.22 -31.47 -53.65
N GLU E 849 -97.17 -32.25 -54.72
CA GLU E 849 -96.03 -33.13 -55.04
C GLU E 849 -94.93 -32.26 -55.65
N GLY E 850 -93.74 -32.35 -55.05
CA GLY E 850 -92.55 -31.55 -55.36
C GLY E 850 -91.94 -31.92 -56.70
N PRO E 851 -91.12 -31.04 -57.30
CA PRO E 851 -90.59 -31.33 -58.61
C PRO E 851 -89.79 -32.63 -58.59
N GLU E 852 -88.96 -32.85 -57.59
CA GLU E 852 -88.23 -34.12 -57.64
C GLU E 852 -88.33 -34.87 -56.31
N ALA E 853 -89.32 -34.54 -55.49
CA ALA E 853 -89.40 -35.13 -54.17
C ALA E 853 -90.55 -36.12 -54.00
N THR E 854 -91.12 -36.65 -55.10
CA THR E 854 -92.18 -37.65 -54.96
C THR E 854 -92.33 -38.42 -56.27
N PRO E 855 -92.84 -39.65 -56.21
CA PRO E 855 -93.17 -40.43 -57.41
C PRO E 855 -94.32 -39.88 -58.25
N TYR E 856 -95.05 -38.82 -57.85
CA TYR E 856 -96.12 -38.40 -58.76
C TYR E 856 -95.63 -37.34 -59.72
N LEU E 857 -96.57 -36.82 -60.51
CA LEU E 857 -96.17 -35.80 -61.50
C LEU E 857 -95.60 -34.67 -60.66
N PRO E 858 -94.38 -34.19 -60.97
CA PRO E 858 -93.71 -33.19 -60.17
C PRO E 858 -94.44 -31.85 -60.09
N ASN E 859 -94.29 -31.18 -58.95
CA ASN E 859 -94.85 -29.84 -58.64
C ASN E 859 -96.38 -29.88 -58.69
N ALA E 860 -96.99 -30.98 -58.28
CA ALA E 860 -98.46 -31.13 -58.36
C ALA E 860 -99.15 -30.18 -57.37
N ILE E 861 -100.45 -29.91 -57.58
CA ILE E 861 -101.26 -29.22 -56.58
C ILE E 861 -102.40 -30.16 -56.22
N VAL E 862 -102.38 -30.69 -55.00
CA VAL E 862 -103.36 -31.69 -54.57
C VAL E 862 -104.53 -30.93 -53.96
N SER E 863 -105.52 -30.62 -54.80
CA SER E 863 -106.78 -30.01 -54.40
C SER E 863 -107.68 -29.96 -55.61
N THR E 864 -109.00 -30.00 -55.34
CA THR E 864 -110.03 -29.79 -56.35
C THR E 864 -110.88 -28.57 -56.02
N ASN E 865 -110.40 -27.74 -55.09
CA ASN E 865 -111.11 -26.58 -54.62
C ASN E 865 -111.60 -25.72 -55.78
N PRO E 866 -112.90 -25.41 -55.86
CA PRO E 866 -113.37 -24.54 -56.95
C PRO E 866 -112.84 -23.14 -56.88
N TYR E 867 -112.14 -22.79 -55.80
CA TYR E 867 -111.47 -21.51 -55.62
C TYR E 867 -110.01 -21.59 -56.06
N ILE E 868 -109.57 -22.73 -56.56
CA ILE E 868 -108.24 -22.88 -57.13
C ILE E 868 -108.33 -22.61 -58.63
N ARG E 869 -107.68 -21.53 -59.06
CA ARG E 869 -107.69 -21.10 -60.46
C ARG E 869 -106.24 -20.91 -60.87
N PRO E 870 -105.51 -22.01 -61.07
CA PRO E 870 -104.09 -21.99 -61.35
C PRO E 870 -103.80 -21.73 -62.83
N ASP E 871 -102.52 -21.87 -63.18
CA ASP E 871 -102.03 -21.75 -64.57
C ASP E 871 -100.87 -22.73 -64.73
N ASP E 872 -100.69 -23.28 -65.93
CA ASP E 872 -99.57 -24.22 -66.22
C ASP E 872 -98.70 -23.61 -67.33
N TYR E 873 -99.06 -22.42 -67.81
CA TYR E 873 -98.31 -21.70 -68.87
C TYR E 873 -98.15 -22.57 -70.14
N GLY E 874 -99.17 -23.34 -70.50
CA GLY E 874 -99.12 -24.16 -71.73
C GLY E 874 -97.89 -25.03 -71.81
N ILE E 875 -97.62 -25.89 -70.82
CA ILE E 875 -96.40 -26.65 -70.98
C ILE E 875 -96.73 -28.13 -70.99
N PRO E 876 -96.22 -28.91 -71.93
CA PRO E 876 -96.59 -30.33 -72.00
C PRO E 876 -96.06 -31.09 -70.78
N GLU E 877 -96.72 -32.21 -70.50
CA GLU E 877 -96.44 -33.02 -69.31
C GLU E 877 -95.18 -33.86 -69.42
N ASN E 878 -94.57 -33.97 -70.59
CA ASN E 878 -93.33 -34.71 -70.74
C ASN E 878 -92.10 -33.95 -70.26
N ALA E 879 -92.23 -32.66 -69.94
CA ALA E 879 -91.07 -31.80 -69.69
C ALA E 879 -90.18 -32.39 -68.60
N GLU E 880 -88.91 -32.60 -68.96
CA GLU E 880 -87.92 -33.15 -68.04
C GLU E 880 -86.88 -32.14 -67.60
N TYR E 881 -86.77 -31.00 -68.29
CA TYR E 881 -85.83 -29.96 -67.89
C TYR E 881 -86.29 -29.34 -66.57
N TRP E 882 -85.34 -29.13 -65.66
CA TRP E 882 -85.67 -28.75 -64.29
C TRP E 882 -86.37 -27.40 -64.23
N GLU E 883 -85.98 -26.46 -65.09
CA GLU E 883 -86.55 -25.11 -65.04
C GLU E 883 -88.03 -25.05 -65.41
N ASP E 884 -88.52 -25.97 -66.25
CA ASP E 884 -89.92 -25.91 -66.66
C ASP E 884 -90.90 -26.26 -65.53
N ARG E 885 -90.64 -27.36 -64.81
CA ARG E 885 -91.59 -27.88 -63.83
C ARG E 885 -91.79 -27.01 -62.59
N THR E 886 -90.84 -26.14 -62.26
CA THR E 886 -90.92 -25.41 -61.00
C THR E 886 -92.18 -24.55 -60.90
N VAL E 887 -92.69 -24.04 -62.02
CA VAL E 887 -93.81 -23.12 -62.01
C VAL E 887 -95.06 -23.72 -62.64
N ARG E 888 -95.00 -25.00 -63.00
CA ARG E 888 -96.14 -25.72 -63.55
C ARG E 888 -97.10 -26.03 -62.42
N ASN E 889 -98.16 -25.23 -62.30
CA ASN E 889 -99.16 -25.36 -61.25
C ASN E 889 -100.37 -26.08 -61.85
N ILE E 890 -100.33 -27.41 -61.78
CA ILE E 890 -101.37 -28.25 -62.36
C ILE E 890 -102.28 -28.71 -61.22
N LYS E 891 -103.57 -28.41 -61.35
CA LYS E 891 -104.56 -28.76 -60.34
C LYS E 891 -104.96 -30.23 -60.45
N LYS E 892 -105.01 -30.92 -59.31
CA LYS E 892 -105.43 -32.34 -59.37
C LYS E 892 -105.99 -32.80 -58.02
N SER E 893 -107.13 -33.51 -58.06
CA SER E 893 -107.69 -34.18 -56.89
C SER E 893 -106.81 -35.38 -56.56
N TRP E 894 -106.92 -35.88 -55.33
CA TRP E 894 -106.08 -37.01 -54.96
C TRP E 894 -106.38 -38.25 -55.79
N GLU E 895 -107.64 -38.45 -56.18
CA GLU E 895 -107.99 -39.66 -56.93
C GLU E 895 -107.33 -39.66 -58.30
N GLU E 896 -107.23 -38.50 -58.94
CA GLU E 896 -106.51 -38.38 -60.20
C GLU E 896 -104.99 -38.37 -60.00
N THR E 897 -104.51 -37.86 -58.86
CA THR E 897 -103.07 -37.72 -58.61
C THR E 897 -102.37 -39.07 -58.42
N LYS E 898 -103.03 -40.04 -57.76
CA LYS E 898 -102.33 -41.26 -57.38
C LYS E 898 -101.82 -42.09 -58.55
N LYS E 899 -102.42 -41.93 -59.73
CA LYS E 899 -102.02 -42.65 -60.94
C LYS E 899 -100.98 -41.92 -61.80
N THR E 900 -100.51 -40.74 -61.39
CA THR E 900 -99.75 -39.90 -62.31
C THR E 900 -98.32 -40.40 -62.58
N LYS E 901 -97.64 -41.03 -61.61
CA LYS E 901 -96.36 -41.70 -61.90
C LYS E 901 -95.18 -40.88 -62.44
N ASN E 902 -94.47 -40.13 -61.59
CA ASN E 902 -93.24 -39.46 -62.01
C ASN E 902 -92.37 -40.34 -62.91
N PHE E 903 -91.83 -39.73 -63.98
CA PHE E 903 -91.02 -40.43 -64.96
C PHE E 903 -89.71 -40.94 -64.35
N LEU E 904 -89.06 -40.11 -63.52
CA LEU E 904 -87.76 -40.49 -62.94
C LEU E 904 -87.88 -41.73 -62.06
N TRP E 905 -89.01 -41.87 -61.34
CA TRP E 905 -89.19 -42.99 -60.43
C TRP E 905 -89.09 -44.33 -61.16
N GLU E 906 -89.44 -44.36 -62.45
CA GLU E 906 -89.44 -45.58 -63.25
C GLU E 906 -88.07 -45.90 -63.84
N LYS E 907 -87.12 -44.96 -63.81
CA LYS E 907 -85.76 -45.21 -64.30
C LYS E 907 -84.86 -45.81 -63.23
N GLY E 908 -85.37 -46.04 -62.02
CA GLY E 908 -84.58 -46.57 -60.93
C GLY E 908 -84.34 -45.57 -59.83
N TYR E 909 -84.80 -44.33 -59.99
CA TYR E 909 -84.60 -43.26 -59.02
C TYR E 909 -85.75 -43.23 -58.02
N HIS E 910 -85.82 -44.28 -57.19
CA HIS E 910 -86.91 -44.46 -56.25
C HIS E 910 -86.42 -44.41 -54.80
N PHE E 911 -85.33 -43.68 -54.55
CA PHE E 911 -84.79 -43.46 -53.21
C PHE E 911 -84.77 -41.96 -52.97
N TYR E 912 -85.35 -41.53 -51.84
CA TYR E 912 -85.39 -40.10 -51.53
C TYR E 912 -84.00 -39.52 -51.31
N CYS E 913 -83.14 -40.22 -50.56
CA CYS E 913 -81.77 -39.79 -50.28
C CYS E 913 -81.74 -38.42 -49.57
N VAL E 914 -82.16 -38.44 -48.31
CA VAL E 914 -82.17 -37.27 -47.44
C VAL E 914 -80.77 -37.03 -46.89
N THR E 915 -80.43 -35.78 -46.62
CA THR E 915 -79.10 -35.42 -46.11
C THR E 915 -79.18 -34.63 -44.79
N PRO E 916 -79.34 -35.33 -43.67
CA PRO E 916 -79.45 -34.69 -42.35
C PRO E 916 -78.09 -34.28 -41.79
N LYS E 917 -78.11 -33.74 -40.57
CA LYS E 917 -76.89 -33.40 -39.84
C LYS E 917 -76.76 -34.20 -38.54
N SER E 918 -75.51 -34.34 -38.10
CA SER E 918 -75.11 -35.19 -36.99
C SER E 918 -74.52 -34.38 -35.84
N ARG E 919 -74.47 -35.08 -34.72
CA ARG E 919 -73.82 -34.69 -33.45
C ARG E 919 -72.31 -34.70 -33.70
N HIS E 920 -71.87 -35.47 -34.68
CA HIS E 920 -70.45 -35.71 -34.98
C HIS E 920 -69.73 -34.51 -35.60
N THR E 921 -70.43 -33.46 -36.02
CA THR E 921 -69.75 -32.30 -36.66
C THR E 921 -70.58 -31.02 -36.54
N VAL E 922 -70.02 -29.90 -36.98
CA VAL E 922 -70.85 -28.71 -37.24
C VAL E 922 -70.56 -28.27 -38.68
N HIS E 923 -71.29 -28.88 -39.61
CA HIS E 923 -71.39 -28.63 -41.07
C HIS E 923 -70.14 -28.79 -41.92
N SER E 924 -68.96 -28.44 -41.40
CA SER E 924 -67.71 -28.71 -42.12
C SER E 924 -66.59 -28.78 -41.11
N GLN E 925 -66.77 -28.07 -40.01
CA GLN E 925 -65.78 -28.02 -38.95
C GLN E 925 -65.95 -29.31 -38.17
N TRP E 926 -64.83 -29.91 -37.76
CA TRP E 926 -64.78 -31.16 -37.02
C TRP E 926 -65.03 -32.37 -37.90
N ALA E 927 -65.23 -32.22 -39.21
CA ALA E 927 -65.49 -33.40 -40.02
C ALA E 927 -64.27 -34.29 -40.04
N VAL E 928 -63.11 -33.74 -40.40
CA VAL E 928 -61.90 -34.56 -40.54
C VAL E 928 -61.00 -34.61 -39.32
N THR E 929 -61.25 -33.80 -38.30
CA THR E 929 -60.45 -33.89 -37.08
C THR E 929 -60.54 -35.31 -36.53
N ASP E 930 -59.36 -35.92 -36.35
CA ASP E 930 -59.26 -37.38 -36.24
C ASP E 930 -60.16 -37.97 -35.13
N TRP E 931 -60.18 -37.37 -33.94
CA TRP E 931 -60.99 -37.96 -32.87
C TRP E 931 -62.47 -38.04 -33.25
N ASN E 932 -63.03 -36.96 -33.80
CA ASN E 932 -64.44 -37.02 -34.18
C ASN E 932 -64.63 -37.89 -35.40
N PHE E 933 -63.67 -37.82 -36.32
CA PHE E 933 -63.77 -38.47 -37.62
C PHE E 933 -63.81 -39.96 -37.48
N ILE E 934 -63.38 -40.49 -36.33
CA ILE E 934 -63.51 -41.91 -36.08
C ILE E 934 -64.97 -42.24 -35.76
N TRP E 935 -65.68 -41.31 -35.14
CA TRP E 935 -67.03 -41.57 -34.70
C TRP E 935 -68.06 -41.22 -35.75
N ASN E 936 -67.64 -40.47 -36.77
CA ASN E 936 -68.49 -40.10 -37.89
C ASN E 936 -69.20 -41.34 -38.44
N ASN E 937 -68.45 -42.42 -38.62
CA ASN E 937 -69.00 -43.61 -39.23
C ASN E 937 -68.72 -44.85 -38.41
N ASN E 938 -69.42 -45.92 -38.80
CA ASN E 938 -69.32 -47.24 -38.21
C ASN E 938 -68.00 -47.90 -38.56
N PHE E 939 -67.15 -47.19 -39.31
CA PHE E 939 -65.90 -47.75 -39.82
C PHE E 939 -64.66 -47.12 -39.20
N GLY E 940 -64.81 -46.22 -38.24
CA GLY E 940 -63.67 -45.48 -37.72
C GLY E 940 -62.51 -46.31 -37.19
N ASP E 941 -61.30 -45.96 -37.61
CA ASP E 941 -60.12 -46.64 -37.09
C ASP E 941 -58.89 -45.75 -37.23
N PRO E 942 -58.26 -45.36 -36.12
CA PRO E 942 -57.06 -44.51 -36.21
C PRO E 942 -55.87 -45.20 -36.85
N TYR E 943 -55.83 -46.53 -36.83
CA TYR E 943 -54.73 -47.29 -37.41
C TYR E 943 -54.93 -47.59 -38.89
N ARG E 944 -56.12 -47.37 -39.43
CA ARG E 944 -56.45 -47.59 -40.84
C ARG E 944 -56.02 -49.00 -41.27
N MET E 945 -56.61 -50.00 -40.61
CA MET E 945 -56.31 -51.39 -40.97
C MET E 945 -56.81 -51.71 -42.37
N ASP E 946 -57.94 -51.13 -42.76
CA ASP E 946 -58.43 -51.22 -44.13
C ASP E 946 -57.95 -49.98 -44.88
N LYS E 947 -56.96 -50.16 -45.76
CA LYS E 947 -56.33 -49.03 -46.43
C LYS E 947 -57.31 -48.27 -47.32
N ARG E 948 -58.43 -48.89 -47.70
CA ARG E 948 -59.41 -48.23 -48.56
C ARG E 948 -60.00 -46.97 -47.92
N MET E 949 -59.97 -46.87 -46.59
CA MET E 949 -60.50 -45.70 -45.90
C MET E 949 -59.80 -44.42 -46.34
N PRO E 950 -60.54 -43.39 -46.77
CA PRO E 950 -59.87 -42.15 -47.18
C PRO E 950 -59.08 -41.50 -46.06
N GLY E 951 -59.60 -41.54 -44.84
CA GLY E 951 -58.91 -41.04 -43.67
C GLY E 951 -59.13 -41.96 -42.49
N VAL E 952 -59.10 -41.41 -41.27
CA VAL E 952 -59.43 -42.22 -40.09
C VAL E 952 -60.92 -42.57 -40.04
N GLY E 953 -61.72 -42.00 -40.94
CA GLY E 953 -63.12 -42.33 -41.03
C GLY E 953 -63.58 -42.10 -42.45
N GLU E 954 -64.70 -42.72 -42.81
CA GLU E 954 -65.29 -42.57 -44.13
C GLU E 954 -66.79 -42.32 -43.98
N HIS E 955 -67.34 -41.54 -44.89
CA HIS E 955 -68.74 -41.13 -44.85
C HIS E 955 -69.68 -42.25 -45.32
N GLN E 956 -70.91 -42.20 -44.84
CA GLN E 956 -71.86 -43.30 -44.97
C GLN E 956 -73.16 -42.78 -45.58
N ILE E 957 -73.92 -43.63 -46.24
CA ILE E 957 -75.32 -43.25 -46.37
C ILE E 957 -76.14 -44.49 -46.03
N HIS E 958 -77.21 -44.30 -45.26
CA HIS E 958 -77.95 -45.38 -44.61
C HIS E 958 -79.10 -45.95 -45.43
N ILE E 959 -79.19 -47.27 -45.49
CA ILE E 959 -80.18 -47.92 -46.34
C ILE E 959 -80.93 -49.00 -45.56
N HIS E 960 -82.21 -49.15 -45.90
CA HIS E 960 -82.97 -50.25 -45.35
C HIS E 960 -82.35 -51.55 -45.81
N PRO E 961 -82.25 -52.55 -44.93
CA PRO E 961 -81.49 -53.77 -45.28
C PRO E 961 -81.90 -54.46 -46.58
N GLN E 962 -83.20 -54.63 -46.82
CA GLN E 962 -83.64 -55.34 -48.02
C GLN E 962 -83.26 -54.59 -49.30
N ALA E 963 -83.44 -53.27 -49.33
CA ALA E 963 -83.20 -52.56 -50.57
C ALA E 963 -81.80 -52.81 -51.10
N ALA E 964 -80.78 -52.69 -50.24
CA ALA E 964 -79.42 -52.88 -50.72
C ALA E 964 -79.25 -54.30 -51.26
N ARG E 965 -79.87 -55.28 -50.60
CA ARG E 965 -79.85 -56.65 -51.13
C ARG E 965 -80.63 -56.74 -52.44
N ASP E 966 -81.74 -56.00 -52.55
CA ASP E 966 -82.49 -55.98 -53.80
C ASP E 966 -81.69 -55.28 -54.90
N LEU E 967 -80.75 -54.41 -54.51
CA LEU E 967 -79.80 -53.80 -55.44
C LEU E 967 -78.42 -54.44 -55.31
N GLY E 968 -78.34 -55.61 -54.68
CA GLY E 968 -77.11 -56.37 -54.51
C GLY E 968 -76.04 -55.78 -53.61
N ILE E 969 -76.42 -55.06 -52.56
CA ILE E 969 -75.48 -54.45 -51.63
C ILE E 969 -75.67 -55.06 -50.25
N GLU E 970 -74.58 -55.52 -49.66
CA GLU E 970 -74.57 -56.01 -48.28
C GLU E 970 -74.06 -54.91 -47.35
N ASP E 971 -74.40 -55.02 -46.07
CA ASP E 971 -73.97 -54.03 -45.09
C ASP E 971 -72.46 -53.87 -45.10
N GLY E 972 -72.00 -52.63 -45.29
CA GLY E 972 -70.60 -52.33 -45.33
C GLY E 972 -70.00 -52.28 -46.73
N ASP E 973 -70.78 -52.61 -47.75
CA ASP E 973 -70.28 -52.55 -49.11
C ASP E 973 -70.21 -51.12 -49.61
N TYR E 974 -69.28 -50.88 -50.53
CA TYR E 974 -69.21 -49.60 -51.20
C TYR E 974 -70.28 -49.57 -52.29
N VAL E 975 -70.89 -48.41 -52.48
CA VAL E 975 -71.98 -48.28 -53.43
C VAL E 975 -71.68 -47.09 -54.33
N TYR E 976 -71.91 -47.26 -55.62
CA TYR E 976 -71.85 -46.13 -56.53
C TYR E 976 -73.22 -45.49 -56.47
N VAL E 977 -73.30 -44.29 -55.92
CA VAL E 977 -74.57 -43.57 -55.90
C VAL E 977 -74.44 -42.60 -57.06
N ASP E 978 -74.95 -43.05 -58.20
CA ASP E 978 -74.93 -42.34 -59.46
C ASP E 978 -76.38 -41.94 -59.66
N ALA E 979 -76.68 -40.68 -59.40
CA ALA E 979 -78.04 -40.21 -59.49
C ALA E 979 -78.15 -39.10 -60.52
N ASN E 980 -79.37 -38.59 -60.63
CA ASN E 980 -79.80 -37.42 -61.40
C ASN E 980 -78.98 -37.23 -62.67
N PRO E 981 -79.07 -38.14 -63.65
CA PRO E 981 -78.24 -38.01 -64.85
C PRO E 981 -78.52 -36.73 -65.60
N ALA E 982 -77.51 -36.28 -66.34
CA ALA E 982 -77.51 -35.07 -67.16
C ALA E 982 -77.36 -33.83 -66.28
N ASP E 983 -77.62 -33.97 -64.98
CA ASP E 983 -77.52 -32.82 -64.08
C ASP E 983 -76.76 -33.08 -62.77
N ARG E 984 -76.55 -34.34 -62.33
CA ARG E 984 -75.89 -34.60 -61.06
C ARG E 984 -74.37 -34.49 -61.09
N PRO E 985 -73.67 -35.35 -61.84
CA PRO E 985 -72.19 -35.29 -61.79
C PRO E 985 -71.67 -33.96 -62.31
N TYR E 986 -72.05 -33.61 -63.54
CA TYR E 986 -71.92 -32.27 -64.11
C TYR E 986 -72.45 -32.30 -65.54
N GLU E 987 -72.95 -31.17 -66.02
CA GLU E 987 -73.52 -31.09 -67.36
C GLU E 987 -72.40 -31.29 -68.37
N GLY E 988 -72.66 -32.07 -69.41
CA GLY E 988 -71.61 -32.49 -70.30
C GLY E 988 -71.02 -33.82 -69.90
N TRP E 989 -71.84 -34.64 -69.26
CA TRP E 989 -71.43 -35.93 -68.67
C TRP E 989 -70.72 -36.75 -69.74
N LYS E 990 -69.59 -37.36 -69.37
CA LYS E 990 -68.91 -38.34 -70.25
C LYS E 990 -68.20 -39.34 -69.36
N PRO E 991 -68.00 -40.61 -69.75
CA PRO E 991 -67.27 -41.58 -68.96
C PRO E 991 -65.78 -41.26 -68.98
N ASN E 992 -65.34 -40.66 -70.08
CA ASN E 992 -63.92 -40.26 -70.31
C ASN E 992 -63.64 -38.92 -69.62
N ASP E 993 -64.65 -38.24 -69.10
CA ASP E 993 -64.30 -37.00 -68.37
C ASP E 993 -63.46 -37.49 -67.18
N SER E 994 -62.25 -36.95 -67.01
CA SER E 994 -61.35 -37.40 -65.93
C SER E 994 -61.99 -37.10 -64.59
N PHE E 995 -62.58 -35.92 -64.50
CA PHE E 995 -63.27 -35.40 -63.31
C PHE E 995 -64.48 -36.29 -63.04
N TYR E 996 -64.96 -37.03 -64.05
CA TYR E 996 -66.11 -37.85 -63.70
C TYR E 996 -65.80 -38.82 -62.57
N LYS E 997 -64.60 -39.43 -62.59
CA LYS E 997 -64.20 -40.31 -61.49
C LYS E 997 -64.21 -39.56 -60.18
N VAL E 998 -63.74 -38.32 -60.19
CA VAL E 998 -63.80 -37.48 -58.99
C VAL E 998 -65.25 -37.18 -58.67
N SER E 999 -66.10 -37.15 -59.70
CA SER E 999 -67.47 -36.66 -59.53
C SER E 999 -68.44 -37.67 -58.96
N ARG E 1000 -68.47 -38.90 -59.47
CA ARG E 1000 -69.50 -39.84 -58.94
C ARG E 1000 -69.17 -40.24 -57.50
N LEU E 1001 -70.18 -40.32 -56.64
CA LEU E 1001 -70.03 -40.69 -55.21
C LEU E 1001 -69.62 -42.16 -55.05
N MET E 1002 -68.88 -42.49 -54.00
CA MET E 1002 -68.45 -43.88 -53.73
C MET E 1002 -68.59 -44.16 -52.24
N LEU E 1003 -69.43 -43.40 -51.54
CA LEU E 1003 -69.58 -43.57 -50.08
C LEU E 1003 -70.08 -44.98 -49.73
N ARG E 1004 -69.61 -45.52 -48.61
CA ARG E 1004 -70.01 -46.86 -48.14
C ARG E 1004 -71.46 -46.84 -47.63
N ALA E 1005 -72.11 -48.01 -47.60
CA ALA E 1005 -73.52 -48.10 -47.18
C ALA E 1005 -73.62 -48.81 -45.83
N LYS E 1006 -74.63 -48.42 -45.04
CA LYS E 1006 -74.85 -48.96 -43.71
C LYS E 1006 -76.31 -49.38 -43.55
N TYR E 1007 -76.50 -50.65 -43.18
CA TYR E 1007 -77.83 -51.15 -42.89
C TYR E 1007 -78.39 -50.49 -41.63
N ASN E 1008 -79.51 -49.79 -41.81
CA ASN E 1008 -80.24 -49.19 -40.67
C ASN E 1008 -81.71 -49.60 -40.77
N PRO E 1009 -82.31 -50.19 -39.73
CA PRO E 1009 -83.69 -50.62 -39.77
C PRO E 1009 -84.64 -49.49 -39.34
N ALA E 1010 -84.11 -48.32 -39.02
CA ALA E 1010 -84.99 -47.20 -38.64
C ALA E 1010 -85.33 -46.40 -39.90
N TYR E 1011 -84.70 -46.72 -41.02
CA TYR E 1011 -84.99 -45.98 -42.27
C TYR E 1011 -86.04 -46.74 -43.10
N PRO E 1012 -86.93 -46.03 -43.83
CA PRO E 1012 -87.97 -46.65 -44.64
C PRO E 1012 -87.31 -47.17 -45.92
N TYR E 1013 -87.93 -48.13 -46.58
CA TYR E 1013 -87.31 -48.73 -47.79
C TYR E 1013 -87.05 -47.67 -48.85
N ASN E 1014 -88.04 -46.82 -49.14
CA ASN E 1014 -87.78 -45.81 -50.19
C ASN E 1014 -87.09 -44.59 -49.59
N CYS E 1015 -85.95 -44.80 -48.93
CA CYS E 1015 -85.19 -43.65 -48.44
C CYS E 1015 -83.88 -44.03 -47.76
N THR E 1016 -82.85 -43.37 -48.22
CA THR E 1016 -81.45 -43.44 -47.83
C THR E 1016 -80.96 -42.07 -47.37
N MET E 1017 -79.93 -42.07 -46.51
CA MET E 1017 -79.54 -40.84 -45.82
C MET E 1017 -78.04 -40.70 -45.71
N MET E 1018 -77.54 -39.49 -45.96
CA MET E 1018 -76.15 -39.11 -45.72
C MET E 1018 -76.20 -37.93 -44.79
N LYS E 1019 -75.47 -37.98 -43.68
CA LYS E 1019 -75.44 -36.77 -42.83
C LYS E 1019 -74.67 -35.74 -43.66
N HIS E 1020 -75.10 -34.48 -43.70
CA HIS E 1020 -74.36 -33.59 -44.62
C HIS E 1020 -73.28 -32.78 -43.89
N SER E 1021 -72.03 -33.21 -44.00
CA SER E 1021 -70.82 -32.53 -43.49
C SER E 1021 -69.61 -33.29 -44.01
N ALA E 1022 -69.04 -32.93 -45.14
CA ALA E 1022 -67.87 -33.67 -45.55
C ALA E 1022 -66.97 -32.86 -46.48
N TRP E 1023 -65.66 -33.12 -46.38
CA TRP E 1023 -64.70 -32.49 -47.26
C TRP E 1023 -64.68 -33.28 -48.56
N ILE E 1024 -64.92 -32.58 -49.67
CA ILE E 1024 -65.15 -33.24 -50.94
C ILE E 1024 -63.86 -33.83 -51.50
N SER E 1025 -64.03 -34.82 -52.36
CA SER E 1025 -62.92 -35.38 -53.12
C SER E 1025 -62.47 -34.38 -54.18
N SER E 1026 -61.18 -34.12 -54.22
CA SER E 1026 -60.59 -33.23 -55.23
C SER E 1026 -59.75 -34.05 -56.21
N ASP E 1027 -59.19 -33.36 -57.20
CA ASP E 1027 -58.30 -34.03 -58.15
C ASP E 1027 -57.13 -34.68 -57.43
N LYS E 1028 -56.40 -33.90 -56.63
CA LYS E 1028 -55.24 -34.42 -55.94
C LYS E 1028 -55.65 -35.42 -54.88
N THR E 1029 -56.84 -35.23 -54.29
CA THR E 1029 -57.32 -36.16 -53.27
C THR E 1029 -57.58 -37.54 -53.85
N VAL E 1030 -58.19 -37.60 -55.04
CA VAL E 1030 -58.38 -38.89 -55.71
C VAL E 1030 -57.04 -39.44 -56.17
N GLN E 1031 -56.20 -38.58 -56.75
CA GLN E 1031 -54.89 -39.01 -57.22
CA GLN E 1031 -54.89 -39.01 -57.22
C GLN E 1031 -54.08 -39.64 -56.10
N ALA E 1032 -53.98 -38.93 -54.96
CA ALA E 1032 -53.24 -39.48 -53.83
C ALA E 1032 -53.90 -40.74 -53.30
N HIS E 1033 -55.24 -40.79 -53.31
CA HIS E 1033 -55.91 -41.99 -52.82
C HIS E 1033 -55.57 -43.23 -53.64
N GLU E 1034 -55.29 -43.06 -54.93
CA GLU E 1034 -55.00 -44.19 -55.82
C GLU E 1034 -53.52 -44.32 -56.14
N THR E 1035 -52.68 -43.42 -55.64
CA THR E 1035 -51.25 -43.45 -55.88
C THR E 1035 -50.44 -43.75 -54.63
N ARG E 1036 -50.89 -43.28 -53.46
CA ARG E 1036 -50.15 -43.51 -52.24
C ARG E 1036 -50.12 -45.01 -51.94
N PRO E 1037 -48.99 -45.54 -51.45
CA PRO E 1037 -48.96 -46.96 -51.11
C PRO E 1037 -49.97 -47.35 -50.04
N ASP E 1038 -50.16 -46.52 -49.01
CA ASP E 1038 -51.16 -46.81 -47.99
C ASP E 1038 -52.57 -46.46 -48.43
N GLY E 1039 -52.73 -45.72 -49.52
CA GLY E 1039 -54.04 -45.43 -50.08
C GLY E 1039 -54.87 -44.37 -49.38
N ARG E 1040 -54.31 -43.66 -48.40
CA ARG E 1040 -55.09 -42.63 -47.72
C ARG E 1040 -55.34 -41.47 -48.67
N ALA E 1041 -56.58 -40.97 -48.69
CA ALA E 1041 -56.96 -39.89 -49.60
C ALA E 1041 -56.59 -38.52 -49.01
N LEU E 1042 -55.29 -38.27 -48.96
CA LEU E 1042 -54.76 -36.98 -48.49
C LEU E 1042 -53.91 -36.40 -49.60
N SER E 1043 -54.31 -35.24 -50.10
CA SER E 1043 -53.58 -34.58 -51.17
C SER E 1043 -52.23 -34.07 -50.67
N PRO E 1044 -51.24 -33.92 -51.56
CA PRO E 1044 -49.94 -33.38 -51.12
C PRO E 1044 -50.01 -32.02 -50.47
N SER E 1045 -51.11 -31.27 -50.65
CA SER E 1045 -51.28 -29.98 -50.00
C SER E 1045 -51.67 -30.09 -48.52
N GLY E 1046 -51.97 -31.28 -48.03
CA GLY E 1046 -52.49 -31.43 -46.69
C GLY E 1046 -53.99 -31.63 -46.63
N TYR E 1047 -54.66 -31.61 -47.79
CA TYR E 1047 -56.11 -31.73 -47.86
C TYR E 1047 -56.53 -33.18 -47.66
N GLN E 1048 -57.47 -33.39 -46.75
CA GLN E 1048 -58.02 -34.71 -46.48
C GLN E 1048 -59.49 -34.73 -46.88
N SER E 1049 -59.88 -35.67 -47.71
CA SER E 1049 -61.28 -35.87 -48.04
C SER E 1049 -61.90 -36.94 -47.15
N SER E 1050 -63.18 -36.77 -46.87
CA SER E 1050 -63.97 -37.74 -46.14
C SER E 1050 -64.52 -38.81 -47.07
N PHE E 1051 -64.32 -38.65 -48.38
CA PHE E 1051 -64.81 -39.57 -49.38
C PHE E 1051 -63.65 -40.19 -50.15
N ARG E 1052 -63.89 -41.39 -50.64
CA ARG E 1052 -62.92 -41.94 -51.59
C ARG E 1052 -63.09 -41.11 -52.87
N TYR E 1053 -64.34 -40.84 -53.27
CA TYR E 1053 -64.66 -40.16 -54.56
C TYR E 1053 -65.94 -39.30 -54.48
N GLY E 1054 -66.10 -38.42 -55.49
CA GLY E 1054 -67.30 -37.57 -55.67
C GLY E 1054 -67.60 -36.63 -54.52
N SER E 1055 -68.82 -36.72 -53.99
CA SER E 1055 -69.19 -35.89 -52.85
C SER E 1055 -70.62 -36.18 -52.43
N GLN E 1056 -70.97 -35.74 -51.22
CA GLN E 1056 -72.37 -35.86 -50.84
C GLN E 1056 -73.24 -34.79 -51.49
N GLN E 1057 -72.60 -33.78 -52.06
CA GLN E 1057 -73.35 -32.78 -52.85
C GLN E 1057 -73.13 -33.14 -54.32
N SER E 1058 -72.47 -34.27 -54.57
CA SER E 1058 -72.33 -34.72 -55.94
C SER E 1058 -73.67 -35.18 -56.49
N ILE E 1059 -74.65 -35.42 -55.61
CA ILE E 1059 -76.00 -35.76 -56.03
C ILE E 1059 -76.92 -34.76 -55.35
N THR E 1060 -77.12 -33.61 -55.99
CA THR E 1060 -77.89 -32.51 -55.42
C THR E 1060 -77.99 -31.39 -56.45
N ARG E 1061 -79.00 -30.56 -56.28
CA ARG E 1061 -79.36 -29.53 -57.25
C ARG E 1061 -80.06 -28.39 -56.51
N ASP E 1062 -80.20 -27.27 -57.20
CA ASP E 1062 -80.86 -26.07 -56.69
C ASP E 1062 -82.34 -26.08 -57.03
N TRP E 1063 -83.15 -25.54 -56.12
CA TRP E 1063 -84.59 -25.41 -56.30
C TRP E 1063 -84.92 -23.93 -56.36
N SER E 1064 -85.54 -23.51 -57.46
CA SER E 1064 -85.87 -22.11 -57.70
C SER E 1064 -87.22 -21.81 -57.09
N MET E 1065 -87.22 -21.17 -55.92
CA MET E 1065 -88.47 -20.83 -55.27
C MET E 1065 -89.10 -19.61 -55.90
N PRO E 1066 -90.25 -19.74 -56.56
CA PRO E 1066 -91.02 -18.54 -56.91
C PRO E 1066 -91.54 -17.82 -55.69
N MET E 1067 -91.83 -18.57 -54.62
CA MET E 1067 -92.31 -17.98 -53.39
C MET E 1067 -91.24 -17.14 -52.69
N HIS E 1068 -89.98 -17.33 -53.05
CA HIS E 1068 -88.87 -16.61 -52.43
C HIS E 1068 -88.35 -15.47 -53.28
N GLN E 1069 -88.98 -15.18 -54.41
CA GLN E 1069 -88.51 -14.14 -55.31
C GLN E 1069 -89.62 -13.16 -55.65
N LEU E 1070 -90.53 -12.94 -54.71
CA LEU E 1070 -91.63 -12.01 -54.87
C LEU E 1070 -91.15 -10.62 -54.47
N ASP E 1071 -91.74 -9.59 -55.08
CA ASP E 1071 -91.32 -8.23 -54.76
C ASP E 1071 -92.25 -7.47 -53.81
N SER E 1072 -93.49 -7.92 -53.61
CA SER E 1072 -94.45 -7.17 -52.80
C SER E 1072 -95.02 -8.08 -51.71
N LEU E 1073 -94.26 -8.26 -50.64
CA LEU E 1073 -94.69 -9.10 -49.52
C LEU E 1073 -95.12 -8.32 -48.29
N PHE E 1074 -94.64 -7.08 -48.14
CA PHE E 1074 -94.93 -6.25 -46.98
C PHE E 1074 -94.37 -6.91 -45.72
N HIS E 1075 -93.13 -7.39 -45.83
CA HIS E 1075 -92.49 -8.02 -44.68
C HIS E 1075 -91.81 -6.99 -43.79
N LYS E 1076 -91.42 -7.44 -42.60
CA LYS E 1076 -90.76 -6.60 -41.62
C LYS E 1076 -89.25 -6.75 -41.75
N ALA E 1077 -88.53 -5.63 -41.68
CA ALA E 1077 -87.08 -5.72 -41.74
C ALA E 1077 -86.55 -6.46 -40.52
N LYS E 1078 -85.56 -7.33 -40.74
CA LYS E 1078 -85.10 -8.19 -39.66
C LYS E 1078 -84.30 -7.42 -38.62
N ILE E 1079 -83.56 -6.41 -39.04
CA ILE E 1079 -82.62 -5.73 -38.16
C ILE E 1079 -83.20 -4.43 -37.61
N GLY E 1080 -84.14 -3.81 -38.30
CA GLY E 1080 -84.82 -2.63 -37.81
C GLY E 1080 -86.31 -2.93 -37.72
N MET E 1081 -86.95 -2.40 -36.68
CA MET E 1081 -88.40 -2.55 -36.51
C MET E 1081 -89.15 -1.60 -37.44
N LYS E 1082 -89.09 -1.91 -38.74
CA LYS E 1082 -89.70 -1.10 -39.77
C LYS E 1082 -90.16 -2.03 -40.87
N PHE E 1083 -90.96 -1.50 -41.77
CA PHE E 1083 -91.53 -2.33 -42.82
C PHE E 1083 -90.94 -1.97 -44.17
N ILE E 1084 -90.79 -3.01 -44.99
CA ILE E 1084 -90.29 -2.92 -46.36
C ILE E 1084 -90.98 -3.99 -47.19
N PHE E 1085 -90.72 -3.99 -48.50
CA PHE E 1085 -91.15 -5.06 -49.39
C PHE E 1085 -89.92 -5.58 -50.12
N GLY E 1086 -89.85 -6.89 -50.26
CA GLY E 1086 -88.84 -7.53 -51.09
C GLY E 1086 -87.99 -8.51 -50.32
N PHE E 1087 -87.12 -9.18 -51.08
CA PHE E 1087 -86.28 -10.26 -50.54
C PHE E 1087 -85.09 -9.71 -49.74
N GLU E 1088 -85.38 -9.29 -48.51
CA GLU E 1088 -84.34 -8.92 -47.56
C GLU E 1088 -83.40 -10.09 -47.24
N ALA E 1089 -82.12 -9.78 -47.11
CA ALA E 1089 -81.10 -10.80 -46.84
C ALA E 1089 -81.43 -11.56 -45.57
N ASP E 1090 -81.33 -12.89 -45.64
CA ASP E 1090 -81.62 -13.82 -44.55
C ASP E 1090 -83.08 -13.77 -44.11
N ASN E 1091 -83.95 -13.15 -44.91
CA ASN E 1091 -85.36 -13.05 -44.56
C ASN E 1091 -86.18 -12.96 -45.85
N HIS E 1092 -86.83 -14.07 -46.21
CA HIS E 1092 -87.63 -14.18 -47.44
C HIS E 1092 -86.80 -13.87 -48.69
N CYS E 1093 -85.85 -14.77 -48.93
CA CYS E 1093 -85.14 -14.86 -50.21
C CYS E 1093 -85.02 -16.34 -50.52
N ILE E 1094 -84.33 -16.66 -51.62
CA ILE E 1094 -84.33 -18.06 -52.11
C ILE E 1094 -83.88 -18.95 -50.96
N ASN E 1095 -84.48 -20.14 -50.86
CA ASN E 1095 -84.09 -21.14 -49.83
C ASN E 1095 -83.94 -22.49 -50.56
N THR E 1096 -82.88 -22.64 -51.36
CA THR E 1096 -82.68 -23.86 -52.17
C THR E 1096 -82.74 -25.07 -51.25
N VAL E 1097 -83.54 -26.07 -51.60
CA VAL E 1097 -83.65 -27.27 -50.73
C VAL E 1097 -82.85 -28.37 -51.40
N PRO E 1098 -81.83 -28.89 -50.71
CA PRO E 1098 -80.98 -29.98 -51.25
C PRO E 1098 -81.63 -31.35 -51.22
N LYS E 1099 -82.70 -31.56 -50.45
CA LYS E 1099 -83.31 -32.88 -50.38
C LYS E 1099 -84.32 -33.11 -51.49
N GLU E 1100 -84.68 -32.07 -52.25
CA GLU E 1100 -85.57 -32.21 -53.40
C GLU E 1100 -84.76 -32.77 -54.57
N THR E 1101 -84.58 -34.09 -54.54
CA THR E 1101 -83.80 -34.82 -55.53
C THR E 1101 -84.15 -36.29 -55.41
N LEU E 1102 -83.88 -37.05 -56.47
CA LEU E 1102 -84.02 -38.49 -56.45
C LEU E 1102 -82.70 -39.15 -56.85
N VAL E 1103 -82.45 -40.34 -56.32
CA VAL E 1103 -81.15 -40.97 -56.46
C VAL E 1103 -81.26 -42.43 -56.89
N LYS E 1104 -80.25 -42.88 -57.63
CA LYS E 1104 -80.04 -44.27 -58.01
C LYS E 1104 -78.89 -44.89 -57.23
N ILE E 1105 -79.01 -46.20 -56.97
CA ILE E 1105 -78.04 -46.96 -56.20
C ILE E 1105 -77.49 -48.08 -57.09
N THR E 1106 -76.16 -48.25 -57.09
CA THR E 1106 -75.51 -49.37 -57.74
C THR E 1106 -74.36 -49.85 -56.86
N LYS E 1107 -74.18 -51.17 -56.78
CA LYS E 1107 -73.09 -51.72 -55.97
C LYS E 1107 -71.75 -51.31 -56.58
N ALA E 1108 -70.80 -50.99 -55.71
CA ALA E 1108 -69.48 -50.51 -56.13
C ALA E 1108 -68.36 -51.51 -55.84
N GLU E 1109 -68.25 -51.97 -54.59
CA GLU E 1109 -67.17 -52.87 -54.21
C GLU E 1109 -67.64 -53.67 -53.00
N ASN E 1110 -67.02 -54.83 -52.82
CA ASN E 1110 -67.37 -55.70 -51.71
C ASN E 1110 -66.93 -55.06 -50.39
N GLY E 1111 -67.74 -55.26 -49.35
CA GLY E 1111 -67.38 -54.74 -48.04
C GLY E 1111 -66.27 -55.53 -47.37
N GLY E 1112 -65.99 -56.73 -47.88
CA GLY E 1112 -64.99 -57.59 -47.29
C GLY E 1112 -63.60 -56.98 -47.26
N MET E 1113 -62.80 -57.46 -46.31
CA MET E 1113 -61.45 -56.98 -46.12
C MET E 1113 -60.64 -57.18 -47.40
N GLY E 1114 -60.06 -56.09 -47.90
CA GLY E 1114 -59.32 -56.18 -49.14
C GLY E 1114 -60.19 -56.31 -50.37
N GLY E 1115 -61.50 -56.10 -50.22
CA GLY E 1115 -62.44 -56.34 -51.31
C GLY E 1115 -62.83 -57.78 -51.46
N LYS E 1116 -62.37 -58.66 -50.57
CA LYS E 1116 -62.66 -60.09 -50.64
C LYS E 1116 -63.72 -60.42 -49.59
N GLY E 1117 -64.87 -60.93 -50.05
CA GLY E 1117 -65.91 -61.36 -49.14
C GLY E 1117 -66.71 -60.16 -48.63
N VAL E 1118 -67.32 -60.34 -47.45
CA VAL E 1118 -68.15 -59.30 -46.86
C VAL E 1118 -67.45 -58.74 -45.62
N TRP E 1119 -67.77 -57.50 -45.28
CA TRP E 1119 -67.18 -56.83 -44.12
C TRP E 1119 -67.39 -57.61 -42.83
N ASP E 1120 -66.33 -57.69 -42.04
CA ASP E 1120 -66.19 -58.66 -40.97
C ASP E 1120 -67.28 -58.71 -39.90
N PRO E 1121 -67.84 -57.59 -39.39
CA PRO E 1121 -68.82 -57.70 -38.32
C PRO E 1121 -70.10 -58.45 -38.70
N VAL E 1122 -70.38 -58.63 -39.99
CA VAL E 1122 -71.55 -59.41 -40.38
C VAL E 1122 -71.30 -60.89 -40.11
N LYS E 1123 -70.05 -61.35 -40.27
CA LYS E 1123 -69.72 -62.74 -39.98
C LYS E 1123 -70.03 -63.09 -38.52
N THR E 1124 -69.91 -62.10 -37.63
CA THR E 1124 -70.29 -62.31 -36.23
C THR E 1124 -71.71 -62.85 -36.13
N GLY E 1125 -72.61 -62.37 -36.98
CA GLY E 1125 -74.02 -62.69 -36.87
C GLY E 1125 -74.79 -61.82 -35.89
N TYR E 1126 -74.19 -60.73 -35.43
CA TYR E 1126 -74.79 -59.83 -34.46
C TYR E 1126 -75.11 -58.48 -35.07
N THR E 1127 -75.23 -58.41 -36.39
CA THR E 1127 -75.42 -57.18 -37.15
C THR E 1127 -76.90 -56.98 -37.49
N ALA E 1128 -77.29 -55.71 -37.59
CA ALA E 1128 -78.62 -55.37 -38.06
C ALA E 1128 -78.82 -55.85 -39.49
N GLY E 1129 -79.98 -56.43 -39.77
CA GLY E 1129 -80.29 -56.98 -41.06
C GLY E 1129 -79.70 -58.35 -41.35
N ASN E 1130 -78.82 -58.86 -40.49
CA ASN E 1130 -78.25 -60.19 -40.65
C ASN E 1130 -78.25 -60.92 -39.31
N GLU E 1131 -79.27 -60.68 -38.49
CA GLU E 1131 -79.32 -61.22 -37.14
C GLU E 1131 -79.34 -62.73 -37.18
N ASN E 1132 -78.56 -63.32 -36.30
CA ASN E 1132 -78.44 -64.76 -36.16
C ASN E 1132 -79.42 -65.27 -35.11
N ASP E 1133 -79.33 -66.59 -34.82
CA ASP E 1133 -80.23 -67.25 -33.86
C ASP E 1133 -80.01 -66.76 -32.44
N PHE E 1134 -78.75 -66.63 -32.02
CA PHE E 1134 -78.47 -66.09 -30.69
C PHE E 1134 -78.85 -64.63 -30.63
N MET E 1135 -78.67 -63.91 -31.74
CA MET E 1135 -79.03 -62.51 -31.73
C MET E 1135 -80.51 -62.36 -31.48
N LYS E 1136 -81.32 -63.17 -32.20
CA LYS E 1136 -82.78 -63.11 -32.02
C LYS E 1136 -83.16 -63.40 -30.59
N LYS E 1137 -82.50 -64.36 -29.95
CA LYS E 1137 -82.79 -64.62 -28.54
C LYS E 1137 -82.49 -63.39 -27.69
N PHE E 1138 -81.40 -62.68 -28.00
CA PHE E 1138 -81.04 -61.44 -27.30
C PHE E 1138 -82.01 -60.30 -27.62
N LEU E 1139 -82.36 -60.12 -28.91
CA LEU E 1139 -83.16 -58.97 -29.30
C LEU E 1139 -84.48 -59.07 -28.54
N ASN E 1140 -84.87 -60.30 -28.17
CA ASN E 1140 -86.01 -60.60 -27.33
C ASN E 1140 -85.53 -60.83 -25.89
N GLY E 1141 -86.48 -60.86 -24.95
CA GLY E 1141 -86.08 -61.03 -23.57
C GLY E 1141 -86.14 -62.46 -23.09
N GLU E 1142 -85.87 -63.42 -23.99
CA GLU E 1142 -85.99 -64.84 -23.64
C GLU E 1142 -84.73 -65.43 -23.01
N LEU E 1143 -83.60 -64.71 -23.00
CA LEU E 1143 -82.41 -65.27 -22.40
C LEU E 1143 -82.46 -65.25 -20.88
N ILE E 1144 -83.30 -64.40 -20.29
CA ILE E 1144 -83.47 -64.37 -18.84
C ILE E 1144 -84.77 -63.66 -18.52
N LYS E 1145 -85.55 -64.26 -17.61
CA LYS E 1145 -86.79 -63.68 -17.13
C LYS E 1145 -86.84 -63.80 -15.61
N VAL E 1146 -87.85 -63.20 -15.00
CA VAL E 1146 -88.09 -63.30 -13.57
C VAL E 1146 -89.50 -63.85 -13.37
N ASP E 1147 -89.65 -64.83 -12.50
CA ASP E 1147 -90.95 -65.41 -12.22
C ASP E 1147 -91.29 -65.27 -10.74
N ALA F 31 -57.01 -70.67 -1.47
CA ALA F 31 -56.54 -72.04 -1.43
C ALA F 31 -57.21 -72.86 -2.53
N GLU F 32 -58.34 -72.34 -3.02
CA GLU F 32 -59.11 -73.09 -4.00
C GLU F 32 -58.40 -73.18 -5.34
N GLY F 33 -57.76 -72.09 -5.78
CA GLY F 33 -57.10 -72.02 -7.06
C GLY F 33 -55.72 -72.62 -7.21
N VAL F 34 -55.15 -73.29 -6.20
CA VAL F 34 -53.78 -73.78 -6.30
C VAL F 34 -53.75 -75.26 -5.97
N LYS F 35 -52.96 -76.01 -6.73
CA LYS F 35 -52.78 -77.42 -6.43
C LYS F 35 -51.81 -77.57 -5.28
N GLY F 36 -51.97 -78.65 -4.54
CA GLY F 36 -51.08 -78.93 -3.43
C GLY F 36 -49.65 -79.14 -3.87
N VAL F 37 -48.72 -78.77 -2.98
CA VAL F 37 -47.32 -78.96 -3.31
C VAL F 37 -47.08 -80.46 -3.30
N ALA F 38 -46.81 -80.99 -4.49
CA ALA F 38 -46.60 -82.42 -4.67
C ALA F 38 -45.15 -82.76 -4.36
N GLU F 39 -44.94 -83.92 -3.76
CA GLU F 39 -43.59 -84.34 -3.41
C GLU F 39 -42.77 -84.53 -4.67
N GLU F 40 -43.45 -84.88 -5.78
CA GLU F 40 -42.79 -85.01 -7.06
C GLU F 40 -42.08 -83.72 -7.46
N GLU F 41 -42.68 -82.57 -7.16
CA GLU F 41 -42.04 -81.29 -7.50
C GLU F 41 -40.81 -81.00 -6.64
N LEU F 42 -40.85 -81.39 -5.37
CA LEU F 42 -39.77 -81.07 -4.46
C LEU F 42 -38.53 -81.94 -4.62
N THR F 43 -38.67 -83.16 -5.13
CA THR F 43 -37.52 -84.03 -5.23
C THR F 43 -36.62 -83.58 -6.37
N PRO F 44 -35.34 -83.34 -6.11
CA PRO F 44 -34.47 -82.84 -7.17
C PRO F 44 -34.25 -83.91 -8.24
N ALA F 45 -33.96 -83.45 -9.45
CA ALA F 45 -33.58 -84.39 -10.48
C ALA F 45 -32.20 -84.97 -10.16
N LYS F 46 -31.89 -86.10 -10.79
CA LYS F 46 -30.63 -86.76 -10.52
C LYS F 46 -29.55 -86.33 -11.51
N GLU F 47 -29.95 -85.98 -12.72
CA GLU F 47 -29.00 -85.47 -13.70
C GLU F 47 -28.60 -84.06 -13.34
N VAL F 48 -27.31 -83.77 -13.40
CA VAL F 48 -26.77 -82.47 -13.01
C VAL F 48 -26.36 -81.72 -14.27
N LEU F 49 -26.73 -80.45 -14.35
CA LEU F 49 -26.25 -79.58 -15.42
C LEU F 49 -25.10 -78.78 -14.83
N ASN F 50 -23.88 -79.22 -15.10
CA ASN F 50 -22.66 -78.61 -14.59
C ASN F 50 -21.94 -77.83 -15.69
N VAL F 51 -21.50 -76.64 -15.34
CA VAL F 51 -20.81 -75.73 -16.25
C VAL F 51 -19.31 -75.96 -16.21
N LYS F 52 -18.74 -76.32 -17.35
CA LYS F 52 -17.31 -76.53 -17.44
C LYS F 52 -16.58 -75.19 -17.46
N TYR F 53 -15.44 -75.13 -16.78
CA TYR F 53 -14.62 -73.93 -16.79
C TYR F 53 -13.82 -73.90 -18.10
N MET F 54 -13.93 -72.78 -18.82
CA MET F 54 -13.25 -72.65 -20.10
C MET F 54 -13.02 -71.18 -20.42
N GLN F 55 -11.92 -70.92 -21.12
CA GLN F 55 -11.59 -69.59 -21.63
C GLN F 55 -12.52 -69.23 -22.78
N ILE F 56 -13.53 -68.42 -22.50
CA ILE F 56 -14.44 -67.91 -23.51
C ILE F 56 -14.03 -66.47 -23.78
N ASP F 57 -13.37 -66.23 -24.91
CA ASP F 57 -12.93 -64.90 -25.32
C ASP F 57 -13.92 -64.34 -26.34
N VAL F 58 -14.57 -63.23 -26.00
CA VAL F 58 -15.65 -62.67 -26.80
C VAL F 58 -15.53 -61.16 -26.83
N PRO F 59 -16.07 -60.51 -27.87
CA PRO F 59 -16.03 -59.05 -27.94
C PRO F 59 -17.14 -58.36 -27.16
N ALA F 60 -17.16 -57.04 -27.20
CA ALA F 60 -18.41 -56.35 -26.96
C ALA F 60 -19.42 -56.84 -28.00
N HIS F 61 -20.70 -56.53 -27.76
CA HIS F 61 -21.78 -56.92 -28.66
C HIS F 61 -21.79 -58.44 -28.81
N ILE F 62 -22.20 -59.10 -27.72
CA ILE F 62 -22.29 -60.55 -27.68
C ILE F 62 -23.37 -61.04 -28.65
N THR F 63 -23.06 -62.15 -29.32
CA THR F 63 -23.96 -62.79 -30.28
C THR F 63 -24.02 -64.29 -29.98
N VAL F 64 -25.16 -64.90 -30.33
CA VAL F 64 -25.31 -66.35 -30.12
C VAL F 64 -24.22 -67.11 -30.85
N GLY F 65 -23.93 -66.71 -32.09
CA GLY F 65 -22.93 -67.41 -32.87
C GLY F 65 -21.56 -67.36 -32.23
N ALA F 66 -21.22 -66.24 -31.59
CA ALA F 66 -19.89 -66.10 -31.00
C ALA F 66 -19.66 -67.11 -29.89
N LEU F 67 -20.71 -67.47 -29.16
CA LEU F 67 -20.52 -68.40 -28.05
C LEU F 67 -20.66 -69.84 -28.48
N GLU F 68 -21.12 -70.08 -29.71
CA GLU F 68 -21.35 -71.45 -30.17
C GLU F 68 -20.08 -72.28 -30.13
N GLY F 69 -18.96 -71.69 -30.54
CA GLY F 69 -17.70 -72.44 -30.53
C GLY F 69 -17.32 -72.90 -29.13
N ALA F 70 -17.52 -72.04 -28.14
CA ALA F 70 -17.27 -72.46 -26.76
C ALA F 70 -18.31 -73.47 -26.32
N PHE F 71 -19.58 -73.17 -26.58
CA PHE F 71 -20.67 -74.02 -26.14
C PHE F 71 -20.66 -75.38 -26.81
N LYS F 72 -19.99 -75.49 -27.96
CA LYS F 72 -19.92 -76.78 -28.65
C LYS F 72 -19.22 -77.85 -27.82
N ASN F 73 -18.28 -77.45 -26.96
CA ASN F 73 -17.54 -78.37 -26.10
C ASN F 73 -18.21 -78.59 -24.75
N ALA F 74 -19.34 -77.96 -24.48
CA ALA F 74 -19.97 -78.15 -23.19
C ALA F 74 -20.89 -79.36 -23.23
N GLU F 75 -21.24 -79.86 -22.06
CA GLU F 75 -22.13 -81.01 -21.94
C GLU F 75 -23.44 -80.56 -21.30
N GLY F 76 -24.55 -80.84 -21.96
CA GLY F 76 -25.85 -80.36 -21.54
C GLY F 76 -26.87 -81.42 -21.18
N VAL F 77 -27.82 -81.04 -20.33
CA VAL F 77 -28.93 -81.88 -19.92
C VAL F 77 -30.18 -81.50 -20.70
N GLN F 78 -31.02 -82.50 -20.98
CA GLN F 78 -32.29 -82.30 -21.65
C GLN F 78 -33.36 -82.19 -20.58
N VAL F 79 -33.84 -81.04 -20.41
CA VAL F 79 -34.86 -80.76 -19.42
C VAL F 79 -36.23 -80.88 -20.05
N LYS F 80 -37.18 -81.36 -19.27
CA LYS F 80 -38.56 -81.51 -19.71
C LYS F 80 -39.43 -80.32 -19.31
N LEU F 81 -40.27 -79.88 -20.23
CA LEU F 81 -41.17 -78.74 -20.04
C LEU F 81 -42.60 -79.21 -20.23
N GLN F 82 -43.52 -78.65 -19.46
CA GLN F 82 -44.90 -79.12 -19.50
C GLN F 82 -45.85 -77.96 -19.28
N LYS F 83 -47.10 -78.15 -19.73
CA LYS F 83 -48.14 -77.18 -19.45
C LYS F 83 -48.33 -77.03 -17.96
N GLN F 84 -48.63 -75.81 -17.51
CA GLN F 84 -48.80 -75.56 -16.09
C GLN F 84 -50.23 -75.88 -15.69
N ASP F 85 -50.40 -76.94 -14.92
CA ASP F 85 -51.70 -77.40 -14.44
C ASP F 85 -51.95 -77.04 -13.00
N LYS F 86 -50.94 -76.51 -12.29
CA LYS F 86 -50.95 -76.48 -10.84
C LYS F 86 -51.72 -75.30 -10.27
N ALA F 87 -51.81 -74.18 -10.99
CA ALA F 87 -52.46 -72.98 -10.47
C ALA F 87 -53.11 -72.21 -11.60
N PHE F 88 -54.06 -71.33 -11.23
CA PHE F 88 -54.76 -70.45 -12.16
C PHE F 88 -53.90 -69.24 -12.50
N PRO F 89 -53.88 -68.82 -13.77
CA PRO F 89 -54.50 -69.47 -14.93
C PRO F 89 -53.66 -70.65 -15.42
N ASN F 90 -54.28 -71.50 -16.23
CA ASN F 90 -53.64 -72.69 -16.77
C ASN F 90 -53.20 -72.42 -18.20
N GLY F 91 -52.01 -72.90 -18.55
CA GLY F 91 -51.51 -72.70 -19.89
C GLY F 91 -50.27 -73.55 -20.13
N GLY F 92 -49.72 -73.40 -21.33
CA GLY F 92 -48.53 -74.11 -21.73
C GLY F 92 -48.84 -75.35 -22.55
N GLY F 93 -47.78 -76.10 -22.81
CA GLY F 93 -47.86 -77.33 -23.57
C GLY F 93 -47.25 -77.23 -24.95
N SER F 94 -46.89 -76.03 -25.40
CA SER F 94 -46.41 -75.87 -26.77
C SER F 94 -45.01 -76.44 -26.94
N VAL F 95 -44.16 -76.31 -25.93
CA VAL F 95 -42.82 -76.89 -25.97
C VAL F 95 -42.65 -77.83 -24.78
N ASN F 96 -42.10 -79.00 -25.05
CA ASN F 96 -41.94 -80.05 -24.05
C ASN F 96 -40.50 -80.31 -23.68
N SER F 97 -39.55 -79.96 -24.54
CA SER F 97 -38.14 -80.25 -24.30
C SER F 97 -37.30 -79.04 -24.67
N ALA F 98 -36.17 -78.92 -23.99
CA ALA F 98 -35.19 -77.88 -24.28
C ALA F 98 -33.83 -78.39 -23.85
N GLU F 99 -32.82 -78.15 -24.66
CA GLU F 99 -31.45 -78.43 -24.23
C GLU F 99 -30.90 -77.19 -23.54
N ILE F 100 -30.25 -77.39 -22.40
CA ILE F 100 -29.62 -76.28 -21.70
C ILE F 100 -28.17 -76.66 -21.45
N LYS F 101 -27.26 -75.84 -21.97
CA LYS F 101 -25.83 -75.96 -21.77
C LYS F 101 -25.33 -74.65 -21.17
N ALA F 102 -24.16 -74.71 -20.56
CA ALA F 102 -23.70 -73.51 -19.89
C ALA F 102 -22.18 -73.58 -19.69
N ILE F 103 -21.57 -72.40 -19.71
CA ILE F 103 -20.09 -72.22 -19.57
C ILE F 103 -19.81 -70.92 -18.80
N HIS F 104 -18.65 -70.86 -18.13
CA HIS F 104 -18.18 -69.64 -17.42
C HIS F 104 -16.66 -69.65 -17.38
N ASP F 105 -16.05 -68.48 -17.27
CA ASP F 105 -14.57 -68.30 -17.20
C ASP F 105 -14.15 -67.80 -15.82
N GLY F 106 -15.06 -67.74 -14.86
CA GLY F 106 -14.73 -67.22 -13.53
C GLY F 106 -15.10 -65.76 -13.42
N ILE F 107 -15.49 -65.15 -14.53
CA ILE F 107 -15.92 -63.71 -14.49
C ILE F 107 -17.37 -63.64 -14.95
N THR F 108 -17.70 -64.26 -16.09
CA THR F 108 -19.11 -64.20 -16.55
C THR F 108 -19.61 -65.62 -16.73
N ILE F 109 -20.86 -65.90 -16.38
CA ILE F 109 -21.40 -67.28 -16.57
C ILE F 109 -22.43 -67.24 -17.69
N TYR F 110 -22.46 -68.28 -18.52
CA TYR F 110 -23.40 -68.31 -19.67
C TYR F 110 -24.24 -69.58 -19.62
N PHE F 111 -25.55 -69.46 -19.88
CA PHE F 111 -26.46 -70.63 -19.99
C PHE F 111 -27.15 -70.52 -21.34
N GLN F 112 -27.00 -71.53 -22.19
CA GLN F 112 -27.63 -71.55 -23.51
C GLN F 112 -28.84 -72.47 -23.47
N VAL F 113 -29.98 -71.94 -23.93
CA VAL F 113 -31.24 -72.68 -23.96
C VAL F 113 -31.71 -72.74 -25.41
N ILE F 114 -32.04 -73.95 -25.88
CA ILE F 114 -32.57 -74.15 -27.23
C ILE F 114 -33.79 -75.05 -27.16
N TRP F 115 -34.88 -74.61 -27.78
CA TRP F 115 -36.13 -75.35 -27.81
C TRP F 115 -36.76 -75.17 -29.19
N ASP F 116 -37.72 -76.02 -29.51
CA ASP F 116 -38.33 -76.04 -30.83
C ASP F 116 -39.54 -75.12 -30.82
N ASP F 117 -39.53 -74.13 -31.70
CA ASP F 117 -40.66 -73.21 -31.75
C ASP F 117 -40.87 -72.71 -33.16
N ALA F 118 -42.05 -72.97 -33.72
CA ALA F 118 -42.35 -72.62 -35.10
C ALA F 118 -42.69 -71.15 -35.26
N THR F 119 -42.73 -70.38 -34.17
CA THR F 119 -43.28 -69.01 -34.35
C THR F 119 -42.30 -67.94 -33.85
N ASP F 120 -42.29 -66.80 -34.54
CA ASP F 120 -41.39 -65.72 -34.07
C ASP F 120 -42.30 -64.59 -33.60
N ASN F 121 -42.64 -64.59 -32.30
CA ASN F 121 -43.45 -63.53 -31.70
C ASN F 121 -42.46 -62.46 -31.25
N LYS F 122 -42.32 -61.41 -32.08
CA LYS F 122 -41.29 -60.40 -31.86
C LYS F 122 -41.87 -59.04 -31.52
N GLN F 123 -43.16 -58.95 -31.18
CA GLN F 123 -43.68 -57.61 -30.95
C GLN F 123 -44.48 -57.36 -29.67
N ALA F 124 -45.57 -58.11 -29.50
CA ALA F 124 -46.49 -57.94 -28.37
C ALA F 124 -46.94 -56.49 -28.21
N ILE F 125 -47.13 -55.79 -29.33
CA ILE F 125 -47.68 -54.45 -29.33
C ILE F 125 -49.15 -54.45 -29.76
N ALA F 126 -49.73 -55.63 -29.96
CA ALA F 126 -51.12 -55.72 -30.33
C ALA F 126 -51.88 -56.45 -29.22
N THR F 127 -53.13 -56.04 -29.03
CA THR F 127 -53.95 -56.60 -27.96
C THR F 127 -54.09 -58.11 -28.12
N GLN F 128 -53.98 -58.57 -29.36
CA GLN F 128 -54.11 -59.97 -29.73
C GLN F 128 -52.79 -60.73 -29.77
N GLU F 129 -51.66 -60.03 -29.79
CA GLU F 129 -50.36 -60.64 -30.04
C GLU F 129 -49.51 -60.67 -28.77
N PHE F 130 -48.67 -61.69 -28.67
CA PHE F 130 -47.87 -61.95 -27.48
C PHE F 130 -46.42 -62.19 -27.88
N ARG F 131 -45.58 -62.32 -26.88
CA ARG F 131 -44.14 -62.47 -27.06
C ARG F 131 -43.72 -63.92 -26.88
N ASP F 132 -42.65 -64.31 -27.56
CA ASP F 132 -41.92 -65.50 -27.15
C ASP F 132 -41.00 -65.10 -26.02
N GLY F 133 -40.96 -65.91 -24.97
CA GLY F 133 -40.13 -65.57 -23.82
C GLY F 133 -39.58 -66.82 -23.18
N ALA F 134 -38.48 -66.63 -22.46
CA ALA F 134 -37.84 -67.71 -21.73
C ALA F 134 -37.23 -67.13 -20.46
N ALA F 135 -37.08 -67.99 -19.46
CA ALA F 135 -36.58 -67.52 -18.17
C ALA F 135 -35.82 -68.62 -17.45
N LEU F 136 -34.82 -68.20 -16.68
CA LEU F 136 -34.10 -69.06 -15.75
C LEU F 136 -34.28 -68.49 -14.35
N MET F 137 -34.26 -69.37 -13.36
CA MET F 137 -34.51 -68.98 -11.98
C MET F 137 -33.57 -69.71 -11.04
N PHE F 138 -33.07 -69.00 -10.03
CA PHE F 138 -32.13 -69.56 -9.08
C PHE F 138 -32.47 -69.10 -7.66
N PRO F 139 -32.32 -69.99 -6.67
CA PRO F 139 -32.53 -69.57 -5.28
C PRO F 139 -31.40 -68.69 -4.78
N LEU F 140 -31.75 -67.78 -3.87
CA LEU F 140 -30.79 -66.87 -3.26
C LEU F 140 -30.13 -67.53 -2.05
N GLY F 141 -28.81 -67.47 -2.02
CA GLY F 141 -28.07 -68.14 -0.96
C GLY F 141 -27.87 -69.61 -1.26
N LYS F 142 -27.24 -70.28 -0.30
CA LYS F 142 -26.91 -71.69 -0.40
C LYS F 142 -27.89 -72.52 0.42
N ILE F 143 -28.61 -73.43 -0.24
CA ILE F 143 -29.59 -74.27 0.42
C ILE F 143 -29.52 -75.67 -0.17
N THR F 144 -29.86 -76.66 0.65
CA THR F 144 -30.01 -78.05 0.23
C THR F 144 -31.46 -78.48 0.37
N ILE F 145 -31.98 -79.19 -0.64
CA ILE F 145 -33.38 -79.58 -0.69
C ILE F 145 -33.51 -81.08 -0.47
N SER F 146 -34.42 -81.46 0.42
CA SER F 146 -34.71 -82.83 0.80
C SER F 146 -36.10 -82.82 1.45
N PRO F 147 -36.75 -83.98 1.54
CA PRO F 147 -38.11 -83.99 2.12
C PRO F 147 -38.21 -83.36 3.51
N GLU F 148 -37.14 -83.37 4.30
CA GLU F 148 -37.19 -82.74 5.61
C GLU F 148 -37.12 -81.22 5.54
N GLU F 149 -36.47 -80.66 4.51
CA GLU F 149 -36.35 -79.21 4.32
C GLU F 149 -36.83 -78.79 2.94
N PRO F 150 -38.12 -78.48 2.79
CA PRO F 150 -38.70 -78.27 1.45
C PRO F 150 -38.41 -76.87 0.90
N PHE F 151 -38.15 -76.83 -0.41
CA PHE F 151 -38.00 -75.57 -1.15
C PHE F 151 -38.78 -75.69 -2.44
N SER F 152 -39.96 -75.08 -2.48
CA SER F 152 -40.87 -75.25 -3.61
C SER F 152 -40.22 -74.75 -4.90
N PRO F 153 -40.28 -75.52 -5.99
CA PRO F 153 -39.73 -75.06 -7.27
C PRO F 153 -40.65 -74.15 -8.06
N ARG F 154 -41.81 -73.79 -7.50
CA ARG F 154 -42.77 -72.91 -8.18
C ARG F 154 -42.39 -71.46 -7.91
N MET F 155 -41.26 -71.05 -8.48
CA MET F 155 -40.66 -69.74 -8.24
C MET F 155 -40.45 -69.49 -6.75
N GLY F 156 -39.89 -70.49 -6.08
CA GLY F 156 -39.69 -70.42 -4.63
C GLY F 156 -41.03 -70.30 -3.95
N ASP F 157 -41.12 -69.48 -2.90
CA ASP F 157 -42.38 -69.25 -2.17
C ASP F 157 -42.20 -68.09 -1.21
N ARG F 158 -43.28 -67.64 -0.58
CA ARG F 158 -43.12 -66.57 0.44
C ARG F 158 -42.21 -67.12 1.53
N GLN F 159 -41.19 -66.33 1.90
CA GLN F 159 -40.08 -66.58 2.88
C GLN F 159 -38.98 -67.44 2.25
N LYS F 160 -39.08 -67.75 0.96
CA LYS F 160 -38.03 -68.54 0.27
C LYS F 160 -37.71 -67.86 -1.05
N PRO F 161 -37.09 -66.66 -1.02
CA PRO F 161 -36.81 -65.89 -2.22
C PRO F 161 -35.80 -66.56 -3.16
N VAL F 162 -36.03 -66.36 -4.45
CA VAL F 162 -35.28 -66.91 -5.58
C VAL F 162 -35.09 -65.79 -6.61
N ASN F 163 -34.04 -65.92 -7.41
CA ASN F 163 -33.67 -64.88 -8.42
C ASN F 163 -34.09 -65.37 -9.80
N LEU F 164 -34.73 -64.52 -10.60
CA LEU F 164 -35.23 -64.98 -11.92
C LEU F 164 -34.73 -64.09 -13.06
N TRP F 165 -34.25 -64.71 -14.14
CA TRP F 165 -33.77 -63.95 -15.33
C TRP F 165 -34.80 -64.14 -16.44
N HIS F 166 -35.51 -63.09 -16.84
CA HIS F 166 -36.59 -63.19 -17.80
C HIS F 166 -36.18 -62.57 -19.14
N TRP F 167 -36.03 -63.43 -20.15
CA TRP F 167 -35.75 -63.05 -21.53
C TRP F 167 -37.02 -62.77 -22.32
N LYS F 168 -36.98 -61.71 -23.13
CA LYS F 168 -38.10 -61.33 -23.98
C LYS F 168 -37.65 -61.18 -25.42
N ALA F 169 -38.37 -61.82 -26.34
CA ALA F 169 -38.02 -61.74 -27.76
C ALA F 169 -38.25 -60.34 -28.32
N ASP F 170 -39.34 -59.68 -27.91
CA ASP F 170 -39.58 -58.33 -28.41
C ASP F 170 -38.53 -57.35 -27.90
N TRP F 171 -38.02 -57.60 -26.69
CA TRP F 171 -37.02 -56.69 -26.11
C TRP F 171 -35.83 -56.67 -27.04
N GLU F 172 -35.43 -57.86 -27.52
CA GLU F 172 -34.33 -58.00 -28.49
C GLU F 172 -34.79 -57.28 -29.77
N ALA F 173 -36.08 -57.41 -30.10
CA ALA F 173 -36.61 -56.74 -31.30
C ALA F 173 -36.46 -55.25 -31.09
N ASP F 174 -36.59 -54.83 -29.84
CA ASP F 174 -36.52 -53.40 -29.45
C ASP F 174 -35.11 -52.85 -29.69
N LEU F 175 -34.09 -53.66 -29.48
CA LEU F 175 -32.68 -53.20 -29.59
C LEU F 175 -32.38 -52.68 -30.99
N LEU F 176 -33.11 -53.09 -32.02
CA LEU F 176 -32.84 -52.66 -33.38
C LEU F 176 -33.72 -51.50 -33.82
N ALA F 177 -34.63 -51.04 -32.97
CA ALA F 177 -35.48 -49.91 -33.33
C ALA F 177 -34.72 -48.60 -33.26
N THR F 178 -35.28 -47.58 -33.95
CA THR F 178 -34.65 -46.26 -34.06
C THR F 178 -34.63 -45.49 -32.74
N GLY F 179 -35.43 -45.91 -31.75
CA GLY F 179 -35.45 -45.24 -30.46
C GLY F 179 -35.16 -46.15 -29.29
N GLY F 180 -34.68 -47.36 -29.57
CA GLY F 180 -34.49 -48.35 -28.53
C GLY F 180 -35.75 -49.12 -28.15
N ILE F 181 -36.87 -48.84 -28.81
CA ILE F 181 -38.16 -49.49 -28.56
C ILE F 181 -38.96 -49.49 -29.85
N GLU F 182 -39.66 -50.59 -30.10
CA GLU F 182 -40.60 -50.62 -31.21
C GLU F 182 -41.86 -49.84 -30.82
N GLU F 183 -42.31 -48.96 -31.70
CA GLU F 183 -43.50 -48.15 -31.47
C GLU F 183 -44.61 -48.55 -32.43
N CYS F 184 -45.79 -47.96 -32.20
CA CYS F 184 -47.00 -48.38 -32.90
C CYS F 184 -46.90 -48.30 -34.43
N PRO F 185 -46.34 -47.25 -35.05
CA PRO F 185 -46.29 -47.23 -36.52
C PRO F 185 -45.56 -48.43 -37.13
N ALA F 186 -44.68 -49.08 -36.35
CA ALA F 186 -44.08 -50.32 -36.82
C ALA F 186 -45.11 -51.44 -36.90
N ARG F 187 -46.15 -51.39 -36.06
CA ARG F 187 -47.20 -52.40 -36.04
C ARG F 187 -48.40 -52.02 -36.90
N TYR F 188 -48.76 -50.75 -36.95
CA TYR F 188 -49.89 -50.27 -37.74
C TYR F 188 -49.37 -49.19 -38.69
N PRO F 189 -48.75 -49.58 -39.80
CA PRO F 189 -48.07 -48.59 -40.66
C PRO F 189 -49.01 -47.62 -41.33
N ASN F 190 -50.31 -47.89 -41.38
CA ASN F 190 -51.27 -46.99 -42.00
C ASN F 190 -51.87 -45.99 -41.01
N MET F 191 -51.44 -46.05 -39.75
CA MET F 191 -52.04 -45.22 -38.70
C MET F 191 -51.78 -43.73 -38.95
N HIS F 192 -52.66 -42.90 -38.43
CA HIS F 192 -52.48 -41.46 -38.46
C HIS F 192 -53.05 -40.85 -37.19
N ASP F 193 -52.27 -39.97 -36.56
CA ASP F 193 -52.72 -39.20 -35.40
C ASP F 193 -52.40 -37.73 -35.64
N ASP F 194 -53.35 -36.87 -35.29
CA ASP F 194 -53.21 -35.45 -35.57
C ASP F 194 -52.12 -34.76 -34.75
N PHE F 195 -51.58 -35.40 -33.72
CA PHE F 195 -50.46 -34.84 -32.96
C PHE F 195 -49.14 -35.55 -33.22
N SER F 196 -49.12 -36.87 -33.05
CA SER F 196 -47.89 -37.66 -33.19
C SER F 196 -47.47 -37.89 -34.63
N THR F 197 -48.43 -37.92 -35.56
CA THR F 197 -48.14 -38.15 -36.98
C THR F 197 -48.48 -36.91 -37.80
N ASN F 198 -48.21 -35.73 -37.23
CA ASN F 198 -48.40 -34.47 -37.92
C ASN F 198 -47.05 -33.88 -38.32
N PRO F 199 -46.80 -33.69 -39.61
CA PRO F 199 -45.53 -33.08 -40.03
C PRO F 199 -45.44 -31.59 -39.71
N HIS F 200 -46.52 -30.95 -39.24
CA HIS F 200 -46.54 -29.51 -39.03
C HIS F 200 -46.61 -29.11 -37.56
N SER F 201 -46.41 -30.05 -36.64
CA SER F 201 -46.45 -29.75 -35.22
C SER F 201 -45.29 -28.84 -34.80
N VAL F 202 -45.62 -27.83 -34.00
CA VAL F 202 -44.66 -26.89 -33.43
C VAL F 202 -43.92 -27.58 -32.31
N ASN F 203 -42.73 -27.06 -32.08
CA ASN F 203 -41.77 -27.75 -31.25
C ASN F 203 -42.25 -27.69 -29.80
N TYR F 204 -42.84 -26.56 -29.39
CA TYR F 204 -43.30 -26.40 -28.01
C TYR F 204 -44.50 -27.31 -27.73
N HIS F 205 -45.32 -27.61 -28.73
CA HIS F 205 -46.41 -28.57 -28.49
C HIS F 205 -45.85 -29.97 -28.26
N LYS F 206 -44.99 -30.43 -29.17
CA LYS F 206 -44.43 -31.78 -29.08
C LYS F 206 -43.74 -32.00 -27.74
N GLY F 207 -43.01 -30.99 -27.27
CA GLY F 207 -42.31 -31.11 -26.00
C GLY F 207 -43.24 -31.35 -24.83
N VAL F 208 -44.40 -30.69 -24.84
CA VAL F 208 -45.35 -30.84 -23.73
C VAL F 208 -45.99 -32.22 -23.76
N ILE F 209 -46.51 -32.61 -24.92
CA ILE F 209 -47.30 -33.83 -25.02
C ILE F 209 -46.42 -35.06 -24.86
N GLN F 210 -45.21 -35.00 -25.41
CA GLN F 210 -44.28 -36.11 -25.30
C GLN F 210 -43.32 -35.94 -24.12
N SER F 211 -43.73 -35.18 -23.10
CA SER F 211 -43.03 -35.18 -21.83
C SER F 211 -43.25 -36.51 -21.14
N ALA F 212 -42.31 -36.90 -20.27
CA ALA F 212 -42.45 -38.20 -19.62
C ALA F 212 -43.70 -38.28 -18.76
N ALA F 213 -43.94 -37.24 -17.94
CA ALA F 213 -45.08 -37.28 -17.02
C ALA F 213 -46.42 -37.19 -17.73
N GLU F 214 -46.53 -36.31 -18.72
CA GLU F 214 -47.78 -36.09 -19.43
C GLU F 214 -47.92 -36.96 -20.66
N LEU F 215 -46.85 -37.63 -21.10
CA LEU F 215 -47.03 -38.57 -22.21
C LEU F 215 -47.93 -39.71 -21.81
N SER F 216 -47.68 -40.32 -20.66
CA SER F 216 -48.51 -41.45 -20.30
C SER F 216 -48.17 -41.96 -18.91
N GLY F 217 -49.19 -42.39 -18.19
CA GLY F 217 -48.95 -43.24 -17.05
C GLY F 217 -48.35 -44.55 -17.55
N GLY F 218 -47.36 -45.05 -16.82
CA GLY F 218 -46.70 -46.30 -17.16
C GLY F 218 -45.37 -45.97 -17.79
N TYR F 219 -45.37 -44.96 -18.68
CA TYR F 219 -44.13 -44.38 -19.15
C TYR F 219 -43.48 -43.57 -18.03
N ALA F 220 -44.29 -42.76 -17.34
CA ALA F 220 -43.82 -41.96 -16.22
C ALA F 220 -43.52 -42.82 -15.01
N ALA F 221 -44.20 -43.96 -14.86
CA ALA F 221 -43.86 -44.86 -13.76
C ALA F 221 -42.62 -45.67 -14.09
N HIS F 222 -42.03 -45.44 -15.27
CA HIS F 222 -40.78 -46.07 -15.68
C HIS F 222 -40.85 -47.59 -15.58
N ASN F 223 -42.00 -48.16 -15.92
CA ASN F 223 -42.07 -49.61 -16.02
C ASN F 223 -41.14 -50.05 -17.13
N LEU F 224 -40.22 -50.97 -16.81
CA LEU F 224 -39.22 -51.39 -17.77
C LEU F 224 -39.85 -51.89 -19.06
N LEU F 225 -41.01 -52.51 -18.97
CA LEU F 225 -41.70 -52.96 -20.17
C LEU F 225 -42.08 -51.81 -21.07
N SER F 226 -42.05 -50.57 -20.56
CA SER F 226 -42.46 -49.40 -21.33
C SER F 226 -41.31 -48.51 -21.80
N LEU F 227 -40.10 -48.73 -21.35
CA LEU F 227 -38.98 -47.85 -21.69
C LEU F 227 -37.98 -48.58 -22.58
N PRO F 228 -37.04 -47.88 -23.24
CA PRO F 228 -35.97 -48.62 -23.90
C PRO F 228 -35.04 -49.12 -22.80
N ARG F 229 -35.23 -50.35 -22.37
CA ARG F 229 -34.46 -50.80 -21.22
C ARG F 229 -33.01 -51.01 -21.60
N GLY F 230 -32.75 -51.19 -22.90
CA GLY F 230 -31.42 -51.46 -23.38
C GLY F 230 -30.87 -52.83 -23.03
N ARG F 231 -31.73 -53.83 -22.91
CA ARG F 231 -31.31 -55.17 -22.51
C ARG F 231 -32.28 -56.20 -23.08
N ALA F 232 -31.83 -57.45 -23.08
CA ALA F 232 -32.63 -58.56 -23.59
C ALA F 232 -33.19 -59.44 -22.48
N VAL F 233 -32.88 -59.11 -21.23
CA VAL F 233 -33.33 -59.90 -20.06
C VAL F 233 -33.82 -58.94 -18.96
N GLU F 234 -34.53 -59.45 -17.97
CA GLU F 234 -34.95 -58.59 -16.84
C GLU F 234 -34.43 -59.25 -15.56
N ASP F 235 -33.73 -58.52 -14.70
CA ASP F 235 -33.18 -59.14 -13.46
C ASP F 235 -34.34 -59.14 -12.47
N LEU F 236 -34.84 -60.32 -12.09
CA LEU F 236 -36.01 -60.36 -11.17
C LEU F 236 -35.86 -61.46 -10.12
N ASN F 237 -36.41 -61.22 -8.92
CA ASN F 237 -36.39 -62.15 -7.77
C ASN F 237 -37.84 -62.46 -7.36
N ALA F 238 -38.07 -63.59 -6.70
CA ALA F 238 -39.40 -63.97 -6.29
C ALA F 238 -39.35 -64.89 -5.08
N GLU F 239 -40.39 -64.78 -4.25
CA GLU F 239 -40.63 -65.68 -3.14
C GLU F 239 -41.95 -66.41 -3.32
N GLY F 240 -42.16 -66.99 -4.50
CA GLY F 240 -43.39 -67.70 -4.77
C GLY F 240 -44.14 -67.13 -5.96
N PHE F 241 -45.12 -67.91 -6.39
CA PHE F 241 -45.94 -67.50 -7.51
C PHE F 241 -46.97 -66.48 -7.10
N GLY F 242 -47.16 -65.48 -7.96
CA GLY F 242 -47.98 -64.32 -7.67
C GLY F 242 -47.27 -63.16 -7.00
N THR F 243 -45.95 -63.27 -6.75
CA THR F 243 -45.21 -62.22 -6.04
C THR F 243 -43.92 -61.81 -6.76
N LEU F 244 -43.89 -61.90 -8.09
CA LEU F 244 -42.67 -61.58 -8.81
C LEU F 244 -42.37 -60.08 -8.80
N THR F 245 -41.08 -59.74 -8.67
CA THR F 245 -40.67 -58.35 -8.56
C THR F 245 -39.51 -58.03 -9.49
N SER F 246 -39.62 -56.92 -10.21
CA SER F 246 -38.54 -56.45 -11.06
C SER F 246 -37.51 -55.75 -10.20
N GLN F 247 -36.24 -56.08 -10.40
CA GLN F 247 -35.19 -55.50 -9.59
C GLN F 247 -34.88 -54.07 -10.01
N ASP F 248 -34.40 -53.27 -9.05
CA ASP F 248 -33.99 -51.90 -9.37
C ASP F 248 -32.66 -51.90 -10.11
N HIS F 249 -31.74 -52.75 -9.70
CA HIS F 249 -30.41 -52.88 -10.30
C HIS F 249 -30.42 -54.18 -11.11
N GLN F 250 -30.63 -54.05 -12.42
CA GLN F 250 -30.71 -55.22 -13.33
C GLN F 250 -29.31 -55.50 -13.86
N ASP F 251 -28.87 -56.75 -13.75
CA ASP F 251 -27.47 -57.12 -14.08
C ASP F 251 -27.31 -58.20 -15.17
N VAL F 252 -28.38 -58.77 -15.69
CA VAL F 252 -28.33 -59.82 -16.70
C VAL F 252 -28.68 -59.23 -18.06
N ASP F 253 -27.99 -59.71 -19.08
CA ASP F 253 -28.25 -59.41 -20.48
C ASP F 253 -28.19 -60.71 -21.25
N GLY F 254 -28.37 -60.64 -22.56
CA GLY F 254 -28.37 -61.84 -23.37
C GLY F 254 -28.60 -61.54 -24.82
N CYS F 255 -28.41 -62.58 -25.62
CA CYS F 255 -28.61 -62.59 -27.06
C CYS F 255 -29.41 -63.83 -27.44
N SER F 256 -29.77 -63.89 -28.71
CA SER F 256 -30.64 -64.97 -29.14
C SER F 256 -30.50 -65.19 -30.64
N LYS F 257 -31.15 -66.25 -31.11
CA LYS F 257 -31.21 -66.59 -32.51
C LYS F 257 -32.49 -67.36 -32.78
N PHE F 258 -33.22 -67.00 -33.83
CA PHE F 258 -34.39 -67.76 -34.27
C PHE F 258 -34.08 -68.45 -35.59
N GLU F 259 -34.06 -69.78 -35.57
CA GLU F 259 -33.75 -70.50 -36.79
C GLU F 259 -34.39 -71.89 -36.73
N ASN F 260 -34.53 -72.52 -37.90
CA ASN F 260 -35.06 -73.87 -38.08
C ASN F 260 -36.12 -74.25 -37.06
N LYS F 261 -37.17 -73.46 -36.93
CA LYS F 261 -38.26 -73.69 -35.99
C LYS F 261 -37.75 -73.94 -34.58
N LYS F 262 -36.55 -73.48 -34.23
CA LYS F 262 -36.03 -73.70 -32.89
C LYS F 262 -35.41 -72.42 -32.38
N TRP F 263 -35.59 -72.23 -31.09
CA TRP F 263 -35.12 -71.01 -30.45
C TRP F 263 -33.75 -71.25 -29.83
N THR F 264 -32.89 -70.24 -29.93
CA THR F 264 -31.58 -70.19 -29.28
C THR F 264 -31.29 -68.87 -28.59
N VAL F 265 -31.24 -68.89 -27.25
CA VAL F 265 -30.91 -67.73 -26.42
C VAL F 265 -29.83 -68.15 -25.42
N VAL F 266 -28.87 -67.26 -25.17
CA VAL F 266 -27.82 -67.45 -24.17
C VAL F 266 -27.87 -66.32 -23.15
N PHE F 267 -27.67 -66.65 -21.89
CA PHE F 267 -27.67 -65.69 -20.79
C PHE F 267 -26.25 -65.35 -20.38
N CYS F 268 -25.99 -64.07 -20.12
CA CYS F 268 -24.67 -63.60 -19.72
C CYS F 268 -24.80 -62.67 -18.53
N ARG F 269 -24.03 -62.96 -17.48
CA ARG F 269 -23.99 -62.13 -16.28
C ARG F 269 -22.71 -62.47 -15.52
N SER F 270 -22.21 -61.49 -14.77
CA SER F 270 -21.05 -61.76 -13.93
C SER F 270 -21.40 -62.77 -12.86
N LEU F 271 -20.41 -63.60 -12.50
CA LEU F 271 -20.64 -64.62 -11.49
C LEU F 271 -21.05 -64.01 -10.16
N ASN F 272 -20.53 -62.83 -9.84
CA ASN F 272 -20.84 -62.14 -8.61
C ASN F 272 -21.18 -60.69 -8.90
N THR F 273 -22.08 -60.15 -8.09
CA THR F 273 -22.56 -58.79 -8.25
C THR F 273 -22.68 -58.13 -6.88
N GLY F 274 -22.54 -56.81 -6.85
CA GLY F 274 -22.75 -56.06 -5.63
C GLY F 274 -24.20 -55.94 -5.21
N ASP F 275 -25.11 -56.48 -6.00
CA ASP F 275 -26.53 -56.43 -5.66
C ASP F 275 -26.86 -57.60 -4.74
N PRO F 276 -27.31 -57.34 -3.51
CA PRO F 276 -27.62 -58.45 -2.60
C PRO F 276 -28.79 -59.30 -3.04
N LEU F 277 -29.67 -58.77 -3.89
CA LEU F 277 -30.84 -59.50 -4.37
C LEU F 277 -30.56 -60.38 -5.58
N ASP F 278 -29.29 -60.56 -5.96
CA ASP F 278 -28.91 -61.40 -7.09
C ASP F 278 -28.28 -62.69 -6.61
N VAL F 279 -28.46 -63.74 -7.43
CA VAL F 279 -27.80 -65.00 -7.17
C VAL F 279 -26.29 -64.79 -7.21
N GLN F 280 -25.58 -65.37 -6.24
CA GLN F 280 -24.13 -65.34 -6.21
C GLN F 280 -23.62 -66.77 -6.36
N PHE F 281 -22.94 -67.04 -7.47
CA PHE F 281 -22.36 -68.37 -7.71
C PHE F 281 -20.88 -68.28 -7.38
N VAL F 282 -20.38 -69.28 -6.69
CA VAL F 282 -18.96 -69.40 -6.37
C VAL F 282 -18.46 -70.67 -7.01
N PRO F 283 -17.41 -70.61 -7.82
CA PRO F 283 -16.95 -71.79 -8.55
C PRO F 283 -16.56 -72.92 -7.61
N GLY F 284 -16.97 -74.12 -7.98
CA GLY F 284 -16.77 -75.29 -7.16
C GLY F 284 -17.92 -75.62 -6.23
N GLU F 285 -18.94 -74.77 -6.18
CA GLU F 285 -20.07 -74.98 -5.28
C GLU F 285 -21.30 -75.34 -6.11
N SER F 286 -22.12 -76.23 -5.58
CA SER F 286 -23.26 -76.72 -6.33
C SER F 286 -24.55 -76.10 -5.81
N THR F 287 -25.47 -75.83 -6.73
CA THR F 287 -26.79 -75.34 -6.34
C THR F 287 -27.81 -75.87 -7.33
N TYR F 288 -29.00 -75.28 -7.34
CA TYR F 288 -30.10 -75.75 -8.17
C TYR F 288 -30.60 -74.65 -9.10
N PHE F 289 -31.34 -75.07 -10.13
CA PHE F 289 -31.96 -74.17 -11.11
C PHE F 289 -33.22 -74.80 -11.67
N ASN F 290 -34.04 -73.93 -12.25
CA ASN F 290 -35.30 -74.33 -12.92
C ASN F 290 -35.54 -73.32 -14.04
N MET F 291 -36.16 -73.76 -15.13
CA MET F 291 -36.35 -72.88 -16.32
C MET F 291 -37.75 -73.03 -16.86
N ALA F 292 -38.21 -72.07 -17.66
CA ALA F 292 -39.54 -72.14 -18.28
C ALA F 292 -39.49 -71.46 -19.64
N VAL F 293 -40.37 -71.82 -20.57
CA VAL F 293 -40.40 -71.15 -21.91
C VAL F 293 -41.82 -70.72 -22.24
N TRP F 294 -41.92 -69.59 -22.93
CA TRP F 294 -43.21 -69.07 -23.38
C TRP F 294 -43.23 -68.91 -24.90
N ASN F 295 -44.40 -69.18 -25.50
CA ASN F 295 -44.65 -68.97 -26.92
C ASN F 295 -45.93 -68.17 -27.08
N GLY F 296 -45.80 -66.92 -27.52
CA GLY F 296 -46.95 -66.05 -27.73
C GLY F 296 -47.98 -66.59 -28.69
N ASP F 297 -47.60 -67.54 -29.55
CA ASP F 297 -48.56 -68.09 -30.51
C ASP F 297 -49.72 -68.78 -29.80
N ARG F 298 -49.42 -69.46 -28.69
CA ARG F 298 -50.44 -69.99 -27.81
C ARG F 298 -50.72 -69.05 -26.66
N GLU F 299 -50.35 -67.77 -26.80
CA GLU F 299 -50.62 -66.73 -25.80
C GLU F 299 -50.00 -67.10 -24.45
N ASP F 300 -48.69 -67.35 -24.48
CA ASP F 300 -47.96 -67.74 -23.27
C ASP F 300 -47.54 -66.51 -22.48
N ARG F 301 -47.97 -66.48 -21.21
CA ARG F 301 -47.84 -65.35 -20.30
C ARG F 301 -47.66 -65.83 -18.86
N ASN F 302 -48.41 -65.16 -17.98
CA ASN F 302 -48.36 -65.40 -16.55
C ASN F 302 -48.29 -66.90 -16.20
N GLY F 303 -49.39 -67.60 -16.42
CA GLY F 303 -49.50 -69.01 -16.02
C GLY F 303 -49.20 -69.98 -17.14
N GLN F 304 -48.61 -69.47 -18.22
CA GLN F 304 -48.26 -70.25 -19.44
C GLN F 304 -46.86 -70.86 -19.30
N LYS F 305 -46.23 -70.69 -18.14
CA LYS F 305 -44.84 -71.20 -18.03
C LYS F 305 -44.84 -72.70 -18.36
N ASN F 306 -43.96 -73.08 -19.29
CA ASN F 306 -43.78 -74.51 -19.68
C ASN F 306 -42.74 -75.01 -18.70
N ILE F 307 -43.16 -75.18 -17.47
CA ILE F 307 -42.24 -75.32 -16.34
C ILE F 307 -41.57 -76.69 -16.35
N SER F 308 -40.45 -76.76 -15.66
CA SER F 308 -39.90 -78.04 -15.26
C SER F 308 -40.43 -78.44 -13.90
N ILE F 309 -40.64 -79.75 -13.72
CA ILE F 309 -41.44 -80.21 -12.58
C ILE F 309 -40.70 -80.01 -11.27
N GLN F 310 -39.39 -80.24 -11.26
CA GLN F 310 -38.60 -80.21 -10.04
C GLN F 310 -37.31 -79.44 -10.29
N TRP F 311 -36.76 -78.86 -9.22
CA TRP F 311 -35.44 -78.23 -9.30
C TRP F 311 -34.42 -79.23 -9.83
N HIS F 312 -33.50 -78.75 -10.67
CA HIS F 312 -32.43 -79.65 -11.07
C HIS F 312 -31.08 -79.14 -10.61
N PRO F 313 -30.22 -80.04 -10.14
CA PRO F 313 -28.92 -79.63 -9.61
C PRO F 313 -27.97 -79.10 -10.68
N LEU F 314 -27.13 -78.17 -10.25
CA LEU F 314 -26.10 -77.54 -11.08
C LEU F 314 -24.83 -77.42 -10.26
N SER F 315 -23.69 -77.74 -10.88
CA SER F 315 -22.39 -77.62 -10.26
C SER F 315 -21.47 -76.77 -11.11
N LEU F 316 -20.71 -75.89 -10.48
CA LEU F 316 -19.70 -75.08 -11.15
C LEU F 316 -18.31 -75.65 -10.84
N GLU F 317 -17.50 -75.81 -11.87
CA GLU F 317 -16.14 -76.32 -11.67
C GLU F 317 -15.24 -75.27 -11.02
N ARG F 318 -14.11 -75.72 -10.51
CA ARG F 318 -13.08 -74.86 -9.98
C ARG F 318 -12.12 -74.43 -11.10
N ILE F 319 -11.59 -73.22 -10.98
CA ILE F 319 -10.82 -72.64 -12.08
C ILE F 319 -9.50 -73.39 -12.22
N ALA F 320 -9.14 -73.72 -13.46
CA ALA F 320 -7.86 -74.37 -13.76
C ALA F 320 -6.78 -73.31 -13.62
N TRP F 321 -6.39 -73.05 -12.37
CA TRP F 321 -5.36 -72.06 -12.10
C TRP F 321 -4.03 -72.45 -12.74
N GLN F 322 -3.31 -71.44 -13.21
CA GLN F 322 -2.02 -71.65 -13.87
C GLN F 322 -0.85 -71.17 -13.02
N THR G 2 -71.12 0.16 15.41
CA THR G 2 -71.62 1.18 16.33
C THR G 2 -71.68 2.54 15.65
N LEU G 3 -72.84 3.18 15.74
CA LEU G 3 -73.00 4.50 15.16
C LEU G 3 -72.31 5.56 16.01
N VAL G 4 -71.61 6.46 15.34
CA VAL G 4 -70.84 7.51 15.99
C VAL G 4 -71.12 8.83 15.27
N HIS G 5 -71.07 9.93 16.02
CA HIS G 5 -71.39 11.24 15.45
C HIS G 5 -70.19 11.83 14.72
N ASN G 6 -70.40 12.22 13.46
CA ASN G 6 -69.42 12.92 12.65
C ASN G 6 -70.03 14.26 12.27
N TRP G 7 -69.44 15.36 12.74
CA TRP G 7 -69.99 16.68 12.46
C TRP G 7 -69.72 17.15 11.03
N HIS G 8 -68.72 16.60 10.34
CA HIS G 8 -68.54 16.95 8.94
C HIS G 8 -69.75 16.54 8.13
N LEU G 9 -70.20 15.29 8.31
CA LEU G 9 -71.38 14.79 7.63
C LEU G 9 -72.66 15.24 8.32
N GLY G 10 -72.56 15.77 9.54
CA GLY G 10 -73.71 16.23 10.28
C GLY G 10 -74.69 15.14 10.68
N ARG G 11 -74.20 13.91 10.81
CA ARG G 11 -75.05 12.76 11.06
C ARG G 11 -74.25 11.75 11.87
N ARG G 12 -74.93 10.70 12.33
CA ARG G 12 -74.25 9.60 13.00
C ARG G 12 -73.80 8.56 11.97
N MET G 13 -72.59 8.07 12.15
CA MET G 13 -71.88 7.26 11.16
C MET G 13 -71.45 5.93 11.78
N GLU G 14 -71.20 4.94 10.93
CA GLU G 14 -70.78 3.61 11.37
C GLU G 14 -69.26 3.54 11.49
N TYR G 15 -68.80 3.12 12.67
CA TYR G 15 -67.39 2.95 12.98
C TYR G 15 -67.25 1.68 13.82
N PRO G 16 -66.17 0.93 13.67
CA PRO G 16 -65.96 -0.23 14.57
C PRO G 16 -65.89 0.14 16.03
N TYR G 17 -65.39 1.32 16.38
CA TYR G 17 -65.07 1.67 17.75
C TYR G 17 -65.94 2.80 18.28
N PHE G 18 -66.18 2.75 19.60
CA PHE G 18 -67.01 3.74 20.27
C PHE G 18 -66.35 5.12 20.24
N GLU G 19 -67.19 6.16 20.22
CA GLU G 19 -66.70 7.53 20.22
C GLU G 19 -65.90 7.85 21.48
N SER G 20 -64.68 8.37 21.27
CA SER G 20 -63.86 8.86 22.39
C SER G 20 -62.95 9.95 21.80
N ARG G 21 -63.29 11.23 22.07
CA ARG G 21 -62.58 12.33 21.43
C ARG G 21 -61.49 12.88 22.35
N PRO G 22 -60.47 13.52 21.78
CA PRO G 22 -59.36 14.03 22.58
C PRO G 22 -59.73 15.31 23.33
N LYS G 23 -58.86 15.68 24.27
CA LYS G 23 -59.07 16.92 25.01
C LYS G 23 -59.08 18.10 24.05
N HIS G 24 -58.09 18.17 23.18
CA HIS G 24 -58.15 19.02 22.00
C HIS G 24 -57.50 18.24 20.88
N GLN G 25 -57.88 18.58 19.66
CA GLN G 25 -57.46 17.82 18.51
C GLN G 25 -56.44 18.58 17.68
N PHE G 26 -55.34 17.90 17.35
CA PHE G 26 -54.35 18.44 16.43
C PHE G 26 -55.00 18.85 15.11
N ALA G 27 -54.89 20.14 14.79
CA ALA G 27 -55.57 20.67 13.62
C ALA G 27 -54.75 21.80 13.02
N ALA G 28 -55.04 22.10 11.76
CA ALA G 28 -54.34 23.16 11.05
C ALA G 28 -55.23 23.72 9.95
N VAL G 29 -54.94 24.96 9.57
CA VAL G 29 -55.66 25.65 8.49
C VAL G 29 -54.65 26.01 7.41
N PHE G 30 -54.96 25.60 6.18
CA PHE G 30 -54.10 25.87 5.03
C PHE G 30 -54.81 26.85 4.10
N ASN G 31 -54.20 28.00 3.87
CA ASN G 31 -54.75 28.99 2.93
C ASN G 31 -54.24 28.65 1.53
N ILE G 32 -55.04 27.89 0.79
CA ILE G 32 -54.66 27.46 -0.56
C ILE G 32 -54.38 28.66 -1.45
N ASN G 33 -55.10 29.77 -1.24
CA ASN G 33 -54.91 30.96 -2.06
C ASN G 33 -53.49 31.49 -2.02
N ARG G 34 -52.78 31.27 -0.89
CA ARG G 34 -51.43 31.78 -0.75
C ARG G 34 -50.35 30.77 -1.14
N CYS G 35 -50.73 29.53 -1.43
CA CYS G 35 -49.73 28.49 -1.64
C CYS G 35 -49.03 28.66 -2.99
N ILE G 36 -47.79 28.19 -3.05
CA ILE G 36 -46.94 28.31 -4.23
C ILE G 36 -46.45 26.97 -4.74
N ALA G 37 -46.80 25.87 -4.07
CA ALA G 37 -46.32 24.52 -4.42
C ALA G 37 -44.79 24.42 -4.41
N CYS G 38 -44.15 25.16 -3.50
CA CYS G 38 -42.70 25.13 -3.41
C CYS G 38 -42.16 23.83 -2.81
N GLN G 39 -43.02 22.99 -2.23
CA GLN G 39 -42.63 21.74 -1.58
C GLN G 39 -41.58 21.95 -0.49
N THR G 40 -41.52 23.17 0.07
CA THR G 40 -40.65 23.38 1.23
C THR G 40 -41.12 22.57 2.43
N CYS G 41 -42.43 22.57 2.69
CA CYS G 41 -42.98 21.69 3.71
C CYS G 41 -42.64 20.24 3.43
N THR G 42 -42.64 19.85 2.15
CA THR G 42 -42.33 18.48 1.78
C THR G 42 -40.91 18.10 2.17
N MET G 43 -39.95 18.97 1.85
CA MET G 43 -38.55 18.69 2.19
C MET G 43 -38.28 18.85 3.68
N ALA G 44 -39.10 19.62 4.39
CA ALA G 44 -38.97 19.71 5.83
C ALA G 44 -39.20 18.35 6.48
N CYS G 45 -40.29 17.68 6.10
CA CYS G 45 -40.58 16.36 6.65
C CYS G 45 -39.58 15.32 6.14
N LYS G 46 -39.18 15.41 4.87
CA LYS G 46 -38.27 14.44 4.29
C LYS G 46 -36.93 14.44 5.02
N SER G 47 -36.31 15.61 5.15
CA SER G 47 -35.00 15.73 5.79
C SER G 47 -35.03 15.41 7.28
N THR G 48 -36.18 15.06 7.84
CA THR G 48 -36.30 14.84 9.28
C THR G 48 -36.71 13.43 9.66
N TRP G 49 -37.64 12.82 8.94
CA TRP G 49 -38.23 11.56 9.35
C TRP G 49 -38.13 10.45 8.31
N THR G 50 -38.17 10.76 7.03
CA THR G 50 -38.23 9.78 5.96
C THR G 50 -37.01 9.87 5.04
N PHE G 51 -35.83 10.09 5.63
CA PHE G 51 -34.62 10.37 4.87
C PHE G 51 -33.72 9.15 4.69
N ASN G 52 -34.08 8.01 5.27
CA ASN G 52 -33.17 6.89 5.40
C ASN G 52 -33.62 5.69 4.56
N LYS G 53 -32.95 4.56 4.74
CA LYS G 53 -33.17 3.38 3.93
C LYS G 53 -34.60 2.85 4.11
N GLY G 54 -35.18 2.36 3.01
CA GLY G 54 -36.53 1.87 3.01
C GLY G 54 -37.59 2.94 2.86
N GLN G 55 -37.23 4.21 2.97
CA GLN G 55 -38.16 5.33 2.91
C GLN G 55 -37.92 6.20 1.68
N GLU G 56 -37.36 5.62 0.61
CA GLU G 56 -36.99 6.41 -0.56
C GLU G 56 -38.20 6.96 -1.29
N PHE G 57 -39.31 6.23 -1.30
CA PHE G 57 -40.53 6.66 -1.96
C PHE G 57 -41.49 7.41 -1.04
N MET G 58 -41.18 7.51 0.25
CA MET G 58 -42.12 8.01 1.24
C MET G 58 -42.06 9.54 1.31
N TRP G 59 -43.21 10.18 1.08
CA TRP G 59 -43.36 11.64 1.18
C TRP G 59 -44.60 11.90 2.02
N TRP G 60 -44.42 11.95 3.35
CA TRP G 60 -45.57 12.14 4.24
C TRP G 60 -46.29 13.45 3.96
N ASN G 61 -45.53 14.52 3.78
CA ASN G 61 -46.08 15.80 3.34
C ASN G 61 -45.84 15.95 1.85
N ASN G 62 -46.92 16.23 1.11
CA ASN G 62 -46.84 16.45 -0.32
C ASN G 62 -47.83 17.53 -0.71
N VAL G 63 -47.46 18.31 -1.73
CA VAL G 63 -48.34 19.30 -2.34
C VAL G 63 -48.65 18.86 -3.76
N GLU G 64 -49.94 18.77 -4.09
CA GLU G 64 -50.39 18.23 -5.36
C GLU G 64 -51.05 19.32 -6.17
N THR G 65 -50.85 19.30 -7.48
CA THR G 65 -51.49 20.24 -8.37
C THR G 65 -52.81 19.64 -8.80
N LYS G 66 -53.89 20.15 -8.25
CA LYS G 66 -55.19 19.65 -8.62
C LYS G 66 -55.62 20.30 -9.93
N PRO G 67 -56.43 19.60 -10.75
CA PRO G 67 -57.12 18.35 -10.43
C PRO G 67 -56.42 17.06 -10.87
N TYR G 68 -55.48 17.15 -11.82
CA TYR G 68 -54.89 15.95 -12.40
C TYR G 68 -53.80 15.33 -11.52
N GLY G 69 -53.19 16.10 -10.63
CA GLY G 69 -52.05 15.60 -9.89
C GLY G 69 -52.43 14.79 -8.67
N GLY G 70 -51.46 14.03 -8.18
CA GLY G 70 -51.65 13.25 -6.97
C GLY G 70 -50.47 12.37 -6.59
N PHE G 71 -50.34 12.10 -5.28
CA PHE G 71 -49.37 11.14 -4.76
C PHE G 71 -50.03 10.33 -3.65
N PRO G 72 -50.33 9.04 -3.88
CA PRO G 72 -50.01 8.24 -5.06
C PRO G 72 -50.82 8.66 -6.29
N GLN G 73 -50.44 8.14 -7.45
CA GLN G 73 -51.02 8.56 -8.72
C GLN G 73 -52.53 8.35 -8.72
N SER G 74 -53.27 9.44 -8.93
CA SER G 74 -54.73 9.42 -9.04
C SER G 74 -55.38 8.79 -7.80
N TRP G 75 -54.87 9.14 -6.62
CA TRP G 75 -55.44 8.61 -5.39
C TRP G 75 -56.86 9.13 -5.17
N ASP G 76 -57.15 10.35 -5.64
CA ASP G 76 -58.50 10.90 -5.49
C ASP G 76 -59.52 10.05 -6.22
N VAL G 77 -59.27 9.82 -7.52
CA VAL G 77 -60.23 9.15 -8.38
C VAL G 77 -60.41 7.70 -7.97
N LYS G 78 -59.33 7.01 -7.60
CA LYS G 78 -59.40 5.60 -7.27
C LYS G 78 -60.29 5.36 -6.05
N THR G 79 -60.12 6.16 -5.00
CA THR G 79 -60.94 5.97 -3.80
C THR G 79 -62.36 6.50 -3.99
N LEU G 80 -62.51 7.62 -4.69
CA LEU G 80 -63.84 8.17 -4.92
C LEU G 80 -64.67 7.25 -5.80
N LYS G 81 -64.03 6.42 -6.63
CA LYS G 81 -64.74 5.47 -7.46
C LYS G 81 -65.28 4.30 -6.65
N LEU G 82 -64.64 3.97 -5.52
CA LEU G 82 -65.10 2.90 -4.65
C LEU G 82 -66.30 3.30 -3.80
N ILE G 83 -66.68 4.58 -3.81
CA ILE G 83 -67.83 5.04 -3.03
C ILE G 83 -68.84 5.75 -3.93
N ASP G 84 -68.66 5.62 -5.24
CA ASP G 84 -69.52 6.33 -6.19
C ASP G 84 -70.94 5.77 -6.14
N SER G 85 -71.91 6.65 -5.86
CA SER G 85 -73.31 6.28 -5.79
C SER G 85 -74.14 7.51 -6.11
N PRO G 86 -75.31 7.34 -6.74
CA PRO G 86 -76.19 8.50 -6.99
C PRO G 86 -76.75 9.12 -5.72
N ASP G 87 -76.57 8.49 -4.56
CA ASP G 87 -77.06 9.02 -3.29
C ASP G 87 -76.04 9.87 -2.57
N ASN G 88 -74.88 10.13 -3.17
CA ASN G 88 -73.86 10.95 -2.54
C ASN G 88 -74.29 12.40 -2.72
N ILE G 89 -75.07 12.90 -1.76
CA ILE G 89 -75.69 14.21 -1.86
C ILE G 89 -75.68 14.85 -0.48
N TRP G 90 -75.40 16.16 -0.45
CA TRP G 90 -75.50 16.94 0.77
C TRP G 90 -76.88 17.60 0.82
N TYR G 91 -77.44 17.70 2.02
CA TYR G 91 -78.71 18.40 2.23
C TYR G 91 -78.52 19.47 3.29
N THR G 92 -78.65 20.74 2.88
CA THR G 92 -78.33 21.88 3.72
C THR G 92 -79.54 22.57 4.34
N ASP G 93 -80.76 22.18 3.98
CA ASP G 93 -81.91 23.01 4.31
C ASP G 93 -82.07 23.20 5.82
N ASP G 94 -82.06 22.11 6.58
CA ASP G 94 -82.17 22.17 8.05
C ASP G 94 -81.30 21.08 8.67
N LYS G 95 -80.13 20.94 8.07
CA LYS G 95 -79.19 19.86 8.47
C LYS G 95 -78.84 20.06 9.93
N ASP G 96 -78.67 21.31 10.36
CA ASP G 96 -78.34 21.53 11.77
C ASP G 96 -79.28 22.56 12.41
N LYS G 97 -79.80 22.23 13.60
CA LYS G 97 -80.53 23.21 14.45
C LYS G 97 -79.44 24.19 14.89
N GLU G 98 -78.28 23.62 15.22
CA GLU G 98 -77.06 24.37 15.59
C GLU G 98 -75.83 23.51 15.25
N THR G 99 -74.70 24.20 15.10
CA THR G 99 -73.38 23.53 14.99
C THR G 99 -72.96 23.62 16.43
N SER G 100 -72.93 22.51 17.13
CA SER G 100 -72.71 22.64 18.60
C SER G 100 -71.23 22.74 18.99
N GLN G 101 -71.05 22.60 20.28
CA GLN G 101 -69.74 22.64 20.93
C GLN G 101 -68.76 21.64 20.31
N TYR G 102 -67.52 21.76 20.73
CA TYR G 102 -66.42 20.94 20.21
C TYR G 102 -66.81 19.47 20.06
N GLY G 103 -66.66 18.97 18.83
CA GLY G 103 -66.92 17.59 18.47
C GLY G 103 -68.36 17.26 18.13
N THR G 104 -69.25 18.24 18.10
CA THR G 104 -70.67 18.01 17.84
C THR G 104 -71.18 18.99 16.79
N GLY G 105 -72.35 18.68 16.24
CA GLY G 105 -73.07 19.59 15.36
C GLY G 105 -73.09 19.14 13.91
N ALA G 106 -73.62 20.03 13.06
CA ALA G 106 -73.76 19.77 11.63
C ALA G 106 -73.58 21.07 10.86
N PRO G 107 -72.36 21.62 10.84
CA PRO G 107 -72.18 22.98 10.29
C PRO G 107 -72.39 23.06 8.78
N TYR G 108 -71.94 22.07 8.02
CA TYR G 108 -72.03 22.14 6.56
C TYR G 108 -73.33 21.59 6.01
N GLY G 109 -74.06 20.81 6.78
CA GLY G 109 -75.27 20.19 6.28
C GLY G 109 -75.37 18.73 6.69
N THR G 110 -76.00 17.90 5.87
CA THR G 110 -76.11 16.48 6.15
C THR G 110 -75.79 15.73 4.87
N TYR G 111 -74.78 14.86 4.93
CA TYR G 111 -74.39 14.05 3.78
C TYR G 111 -75.07 12.69 3.89
N GLU G 112 -75.88 12.36 2.89
CA GLU G 112 -76.66 11.12 2.91
C GLU G 112 -76.01 10.02 2.08
N GLY G 113 -74.76 10.20 1.66
CA GLY G 113 -74.03 9.15 1.00
C GLY G 113 -73.30 8.25 1.99
N ASP G 114 -72.84 7.11 1.49
CA ASP G 114 -72.19 6.12 2.33
C ASP G 114 -70.69 6.38 2.41
N THR G 115 -70.16 6.29 3.62
CA THR G 115 -68.73 6.42 3.87
C THR G 115 -68.01 5.14 3.47
N ILE G 116 -66.68 5.19 3.47
CA ILE G 116 -65.88 4.02 3.15
C ILE G 116 -66.20 2.88 4.12
N PHE G 117 -66.58 3.23 5.36
CA PHE G 117 -67.01 2.20 6.31
C PHE G 117 -68.39 1.67 5.96
N GLU G 118 -69.32 2.57 5.63
CA GLU G 118 -70.70 2.14 5.36
C GLU G 118 -70.84 1.45 4.01
N VAL G 119 -70.00 1.82 3.02
CA VAL G 119 -69.99 1.06 1.77
C VAL G 119 -69.54 -0.37 2.04
N ALA G 120 -68.54 -0.55 2.90
CA ALA G 120 -68.05 -1.88 3.22
C ALA G 120 -69.12 -2.71 3.92
N LYS G 121 -69.92 -2.08 4.78
CA LYS G 121 -70.95 -2.82 5.51
C LYS G 121 -72.11 -3.20 4.60
N LYS G 122 -72.59 -2.27 3.79
CA LYS G 122 -73.76 -2.53 2.96
C LYS G 122 -73.49 -3.61 1.91
N LYS G 123 -72.26 -3.66 1.39
CA LYS G 123 -71.92 -4.64 0.36
C LYS G 123 -71.39 -5.94 0.93
N ASN G 124 -71.21 -6.02 2.26
CA ASN G 124 -70.70 -7.20 2.94
C ASN G 124 -69.43 -7.73 2.28
N ILE G 125 -68.47 -6.83 2.07
CA ILE G 125 -67.13 -7.25 1.63
C ILE G 125 -66.39 -7.96 2.74
N ASN G 126 -66.97 -7.97 3.93
CA ASN G 126 -66.35 -8.55 5.12
C ASN G 126 -65.02 -7.88 5.45
N GLN G 127 -64.98 -6.55 5.29
CA GLN G 127 -63.90 -5.76 5.84
C GLN G 127 -64.42 -4.45 6.34
N TRP G 128 -63.60 -3.80 7.16
CA TRP G 128 -64.05 -2.59 7.82
C TRP G 128 -64.20 -1.42 6.86
N ALA G 129 -63.44 -1.38 5.77
CA ALA G 129 -63.57 -0.28 4.83
C ALA G 129 -63.10 -0.72 3.45
N VAL G 130 -63.64 -0.07 2.43
CA VAL G 130 -63.19 -0.28 1.06
C VAL G 130 -61.87 0.44 0.86
N GLY G 131 -61.06 -0.07 -0.06
CA GLY G 131 -59.77 0.54 -0.32
C GLY G 131 -58.98 -0.30 -1.31
N TYR G 132 -57.71 0.06 -1.44
CA TYR G 132 -56.79 -0.63 -2.33
C TYR G 132 -55.38 -0.39 -1.86
N ILE G 133 -54.48 -1.28 -2.27
CA ILE G 133 -53.05 -1.14 -2.00
C ILE G 133 -52.42 -0.49 -3.23
N PRO G 134 -51.91 0.74 -3.12
CA PRO G 134 -51.20 1.33 -4.26
C PRO G 134 -49.94 0.54 -4.57
N GLU G 135 -49.79 0.16 -5.83
CA GLU G 135 -48.62 -0.61 -6.24
C GLU G 135 -47.38 0.27 -6.16
N ASP G 136 -46.21 -0.38 -6.06
CA ASP G 136 -44.96 0.37 -5.95
C ASP G 136 -44.78 1.32 -7.13
N LYS G 137 -45.33 0.97 -8.29
CA LYS G 137 -45.27 1.85 -9.45
C LYS G 137 -46.21 3.03 -9.32
N GLU G 138 -47.22 2.95 -8.45
CA GLU G 138 -48.13 4.08 -8.24
C GLU G 138 -47.60 5.05 -7.20
N TRP G 139 -46.54 4.69 -6.48
CA TRP G 139 -45.86 5.61 -5.58
C TRP G 139 -44.78 6.42 -6.27
N ARG G 140 -44.45 6.09 -7.53
CA ARG G 140 -43.53 6.90 -8.29
C ARG G 140 -44.18 8.24 -8.63
N SER G 141 -43.36 9.17 -9.12
CA SER G 141 -43.83 10.47 -9.56
C SER G 141 -44.56 11.21 -8.45
N PRO G 142 -43.89 11.60 -7.36
CA PRO G 142 -44.58 12.31 -6.29
C PRO G 142 -45.15 13.65 -6.73
N ASN G 143 -44.54 14.29 -7.74
CA ASN G 143 -45.05 15.52 -8.31
C ASN G 143 -45.87 15.28 -9.57
N PHE G 144 -46.49 14.11 -9.67
CA PHE G 144 -47.34 13.76 -10.80
C PHE G 144 -48.31 14.88 -11.13
N GLY G 145 -48.31 15.30 -12.40
CA GLY G 145 -49.24 16.31 -12.88
C GLY G 145 -49.08 17.70 -12.31
N GLU G 146 -47.86 18.09 -11.93
CA GLU G 146 -47.63 19.44 -11.41
C GLU G 146 -47.94 20.48 -12.47
N ASP G 147 -48.66 21.53 -12.08
CA ASP G 147 -48.96 22.68 -12.94
C ASP G 147 -49.63 22.26 -14.23
N THR G 148 -50.38 21.15 -14.17
CA THR G 148 -51.17 20.67 -15.30
C THR G 148 -52.59 21.17 -15.11
N ALA G 149 -53.05 22.01 -16.03
CA ALA G 149 -54.34 22.67 -15.90
C ALA G 149 -55.41 21.93 -16.69
N LYS G 150 -56.65 22.09 -16.26
CA LYS G 150 -57.80 21.68 -17.06
C LYS G 150 -58.17 22.82 -17.99
N SER G 151 -58.44 22.48 -19.24
CA SER G 151 -58.78 23.47 -20.25
C SER G 151 -60.12 23.12 -20.89
N SER G 152 -60.88 24.17 -21.24
CA SER G 152 -62.09 23.96 -22.03
C SER G 152 -61.76 23.50 -23.44
N ASN G 153 -60.55 23.76 -23.88
CA ASN G 153 -60.05 23.30 -25.19
C ASN G 153 -60.87 23.94 -26.29
N GLN G 154 -61.37 25.13 -26.05
CA GLN G 154 -62.17 25.88 -27.05
C GLN G 154 -61.36 27.10 -27.45
N PRO G 155 -61.42 27.60 -28.69
CA PRO G 155 -60.62 28.74 -29.07
C PRO G 155 -60.93 30.02 -28.30
N GLY G 156 -59.91 30.84 -28.13
CA GLY G 156 -60.04 32.10 -27.41
C GLY G 156 -60.22 31.90 -25.92
N GLU G 157 -59.81 30.74 -25.40
CA GLU G 157 -60.02 30.47 -23.99
C GLU G 157 -59.17 31.39 -23.14
N TYR G 158 -59.75 31.91 -22.07
CA TYR G 158 -59.02 32.76 -21.13
C TYR G 158 -59.66 32.60 -19.76
N SER G 159 -58.92 33.02 -18.73
CA SER G 159 -59.29 32.78 -17.35
C SER G 159 -59.65 34.08 -16.65
N THR G 160 -60.83 34.10 -16.02
CA THR G 160 -61.30 35.24 -15.26
C THR G 160 -62.05 34.74 -14.03
N LEU G 161 -62.17 35.62 -13.04
CA LEU G 161 -63.02 35.31 -11.92
C LEU G 161 -64.48 35.39 -12.38
N PRO G 162 -65.40 34.65 -11.73
CA PRO G 162 -65.27 33.88 -10.50
C PRO G 162 -64.67 32.47 -10.66
N GLU G 163 -64.72 31.90 -11.87
CA GLU G 163 -64.15 30.57 -12.11
C GLU G 163 -63.28 30.63 -13.36
N HIS G 164 -62.03 30.16 -13.24
CA HIS G 164 -61.10 30.18 -14.36
C HIS G 164 -61.43 29.05 -15.33
N SER G 165 -61.60 29.40 -16.60
CA SER G 165 -61.81 28.37 -17.62
C SER G 165 -60.63 27.42 -17.68
N ARG G 166 -59.41 27.96 -17.76
CA ARG G 166 -58.19 27.20 -17.62
C ARG G 166 -57.70 27.37 -16.19
N TRP G 167 -57.65 26.27 -15.43
CA TRP G 167 -57.45 26.39 -14.00
C TRP G 167 -56.68 25.19 -13.47
N PHE G 168 -56.02 25.42 -12.34
CA PHE G 168 -55.37 24.39 -11.53
C PHE G 168 -54.99 25.03 -10.21
N PHE G 169 -55.00 24.23 -9.14
CA PHE G 169 -54.66 24.73 -7.82
C PHE G 169 -53.87 23.70 -7.06
N TYR G 170 -53.41 24.08 -5.87
CA TYR G 170 -52.46 23.30 -5.09
C TYR G 170 -53.15 22.75 -3.85
N LEU G 171 -52.94 21.46 -3.60
CA LEU G 171 -53.48 20.78 -2.43
C LEU G 171 -52.33 20.29 -1.57
N GLN G 172 -52.30 20.74 -0.31
CA GLN G 172 -51.20 20.48 0.60
C GLN G 172 -51.65 19.41 1.59
N ARG G 173 -50.99 18.25 1.56
CA ARG G 173 -51.53 17.05 2.20
C ARG G 173 -50.51 16.43 3.15
N ILE G 174 -50.96 16.18 4.38
CA ILE G 174 -50.27 15.37 5.36
C ILE G 174 -51.28 14.35 5.90
N CYS G 175 -50.85 13.58 6.89
CA CYS G 175 -51.82 12.77 7.63
C CYS G 175 -52.82 13.69 8.31
N ASN G 176 -54.10 13.47 8.04
CA ASN G 176 -55.13 14.33 8.59
C ASN G 176 -55.40 14.07 10.07
N HIS G 177 -54.79 13.02 10.64
CA HIS G 177 -54.98 12.65 12.04
C HIS G 177 -56.46 12.64 12.39
N CYS G 178 -57.19 11.81 11.65
CA CYS G 178 -58.63 11.84 11.64
C CYS G 178 -59.21 11.45 13.00
N THR G 179 -60.40 11.99 13.29
CA THR G 179 -61.13 11.58 14.48
C THR G 179 -61.53 10.12 14.38
N TYR G 180 -61.96 9.69 13.20
CA TYR G 180 -62.34 8.31 12.93
C TYR G 180 -61.49 7.79 11.78
N PRO G 181 -60.20 7.56 12.02
CA PRO G 181 -59.30 7.18 10.91
C PRO G 181 -59.59 5.77 10.42
N GLY G 182 -59.51 5.61 9.09
CA GLY G 182 -59.68 4.30 8.50
C GLY G 182 -58.54 3.36 8.81
N CYS G 183 -57.32 3.90 8.90
CA CYS G 183 -56.16 3.07 9.22
C CYS G 183 -56.28 2.44 10.60
N LEU G 184 -56.72 3.22 11.59
CA LEU G 184 -56.89 2.68 12.93
C LEU G 184 -57.92 1.56 12.95
N ALA G 185 -59.05 1.75 12.27
CA ALA G 185 -60.06 0.71 12.20
C ALA G 185 -59.59 -0.49 11.37
N ALA G 186 -58.68 -0.26 10.43
CA ALA G 186 -58.25 -1.35 9.55
C ALA G 186 -57.35 -2.34 10.28
N CYS G 187 -56.42 -1.86 11.09
CA CYS G 187 -55.42 -2.71 11.71
C CYS G 187 -56.06 -3.73 12.65
N PRO G 188 -55.98 -5.03 12.35
CA PRO G 188 -56.55 -6.05 13.25
C PRO G 188 -55.75 -6.27 14.52
N ARG G 189 -54.51 -5.79 14.59
CA ARG G 189 -53.71 -5.89 15.81
C ARG G 189 -53.94 -4.71 16.74
N LYS G 190 -54.74 -3.73 16.33
CA LYS G 190 -54.92 -2.49 17.07
C LYS G 190 -53.56 -1.88 17.41
N ALA G 191 -52.65 -1.92 16.44
CA ALA G 191 -51.33 -1.32 16.61
C ALA G 191 -51.31 0.15 16.25
N ILE G 192 -52.38 0.67 15.63
CA ILE G 192 -52.55 2.08 15.39
C ILE G 192 -53.50 2.63 16.44
N TYR G 193 -53.09 3.70 17.11
CA TYR G 193 -53.87 4.26 18.20
C TYR G 193 -53.85 5.77 18.12
N LYS G 194 -54.92 6.38 18.60
CA LYS G 194 -55.07 7.83 18.63
C LYS G 194 -54.87 8.28 20.07
N ARG G 195 -53.90 9.16 20.28
CA ARG G 195 -53.63 9.63 21.63
C ARG G 195 -54.70 10.64 22.02
N LYS G 196 -55.25 10.48 23.23
CA LYS G 196 -56.36 11.34 23.63
C LYS G 196 -55.87 12.71 24.03
N GLU G 197 -54.57 12.86 24.29
CA GLU G 197 -54.06 14.15 24.77
C GLU G 197 -54.06 15.20 23.66
N ASP G 198 -53.68 14.83 22.44
CA ASP G 198 -53.60 15.79 21.36
C ASP G 198 -54.23 15.29 20.07
N GLY G 199 -54.75 14.07 20.04
CA GLY G 199 -55.37 13.54 18.85
C GLY G 199 -54.43 13.05 17.78
N ILE G 200 -53.16 12.83 18.12
CA ILE G 200 -52.18 12.36 17.15
C ILE G 200 -52.35 10.85 16.96
N VAL G 201 -52.37 10.42 15.70
CA VAL G 201 -52.52 9.01 15.34
C VAL G 201 -51.14 8.45 15.01
N LEU G 202 -50.80 7.31 15.61
CA LEU G 202 -49.46 6.74 15.48
C LEU G 202 -49.54 5.26 15.22
N ILE G 203 -48.52 4.73 14.53
CA ILE G 203 -48.35 3.30 14.30
C ILE G 203 -47.31 2.79 15.29
N ASP G 204 -47.69 1.82 16.10
CA ASP G 204 -46.78 1.23 17.08
C ASP G 204 -45.67 0.48 16.35
N GLN G 205 -44.46 1.03 16.38
CA GLN G 205 -43.35 0.41 15.66
C GLN G 205 -42.84 -0.85 16.35
N LYS G 206 -43.12 -1.01 17.65
CA LYS G 206 -42.76 -2.25 18.33
C LYS G 206 -43.71 -3.39 18.00
N ARG G 207 -44.99 -3.09 17.74
CA ARG G 207 -45.99 -4.13 17.59
C ARG G 207 -46.52 -4.29 16.17
N CYS G 208 -46.24 -3.35 15.27
CA CYS G 208 -46.68 -3.49 13.90
C CYS G 208 -46.04 -4.71 13.26
N ARG G 209 -46.81 -5.42 12.42
CA ARG G 209 -46.31 -6.61 11.74
C ARG G 209 -46.42 -6.52 10.23
N GLY G 210 -46.56 -5.31 9.69
CA GLY G 210 -46.62 -5.13 8.25
C GLY G 210 -47.82 -5.76 7.58
N TYR G 211 -49.01 -5.60 8.18
CA TYR G 211 -50.22 -6.17 7.60
C TYR G 211 -50.76 -5.37 6.43
N ARG G 212 -50.36 -4.10 6.30
CA ARG G 212 -50.70 -3.24 5.17
C ARG G 212 -52.20 -2.97 5.05
N LYS G 213 -53.00 -3.34 6.05
CA LYS G 213 -54.42 -2.99 6.01
C LYS G 213 -54.60 -1.49 6.17
N CYS G 214 -53.78 -0.85 7.01
CA CYS G 214 -53.74 0.60 7.05
C CYS G 214 -53.40 1.18 5.68
N VAL G 215 -52.43 0.57 5.00
CA VAL G 215 -52.09 1.00 3.64
C VAL G 215 -53.29 0.82 2.71
N GLU G 216 -54.06 -0.24 2.93
CA GLU G 216 -55.18 -0.55 2.04
C GLU G 216 -56.35 0.41 2.23
N GLN G 217 -56.79 0.60 3.48
CA GLN G 217 -58.09 1.22 3.74
C GLN G 217 -58.01 2.68 4.12
N CYS G 218 -56.82 3.25 4.29
CA CYS G 218 -56.72 4.69 4.48
C CYS G 218 -57.02 5.39 3.17
N PRO G 219 -58.09 6.19 3.09
CA PRO G 219 -58.45 6.81 1.80
C PRO G 219 -57.45 7.86 1.33
N TYR G 220 -56.64 8.40 2.22
CA TYR G 220 -55.65 9.42 1.86
C TYR G 220 -54.27 8.84 1.59
N LYS G 221 -54.06 7.54 1.85
CA LYS G 221 -52.84 6.82 1.46
C LYS G 221 -51.60 7.42 2.12
N LYS G 222 -51.75 7.85 3.37
CA LYS G 222 -50.62 8.34 4.16
C LYS G 222 -49.79 7.21 4.78
N PRO G 223 -50.39 6.12 5.29
CA PRO G 223 -49.56 5.03 5.80
C PRO G 223 -48.79 4.38 4.65
N MET G 224 -47.49 4.21 4.85
CA MET G 224 -46.61 3.70 3.81
C MET G 224 -45.73 2.59 4.37
N TYR G 225 -45.59 1.53 3.58
CA TYR G 225 -44.83 0.36 3.99
C TYR G 225 -43.36 0.54 3.64
N ARG G 226 -42.52 0.41 4.66
CA ARG G 226 -41.08 0.53 4.54
C ARG G 226 -40.48 -0.85 4.36
N GLY G 227 -40.06 -1.15 3.13
CA GLY G 227 -39.45 -2.44 2.84
C GLY G 227 -38.38 -2.86 3.83
N LEU G 228 -37.56 -1.91 4.28
CA LEU G 228 -36.40 -2.26 5.11
C LEU G 228 -36.79 -2.84 6.45
N THR G 229 -37.69 -2.17 7.17
CA THR G 229 -38.11 -2.64 8.48
C THR G 229 -39.30 -3.57 8.36
N ARG G 230 -39.83 -3.71 7.15
CA ARG G 230 -40.97 -4.62 6.87
C ARG G 230 -42.17 -4.35 7.76
N VAL G 231 -42.34 -3.09 8.16
CA VAL G 231 -43.51 -2.61 8.88
C VAL G 231 -43.86 -1.26 8.26
N SER G 232 -45.07 -0.80 8.48
CA SER G 232 -45.50 0.48 7.95
C SER G 232 -45.36 1.58 9.00
N GLU G 233 -45.11 2.80 8.53
CA GLU G 233 -45.02 3.98 9.38
C GLU G 233 -45.81 5.09 8.71
N LYS G 234 -46.04 6.17 9.45
CA LYS G 234 -46.88 7.26 8.96
C LYS G 234 -46.44 8.57 9.58
N CYS G 235 -47.05 9.66 9.09
CA CYS G 235 -46.81 10.97 9.67
C CYS G 235 -47.14 10.96 11.16
N ILE G 236 -46.18 11.41 11.97
CA ILE G 236 -46.31 11.41 13.42
C ILE G 236 -46.72 12.77 13.97
N ALA G 237 -47.09 13.70 13.10
CA ALA G 237 -47.44 15.08 13.49
C ALA G 237 -46.31 15.74 14.29
N CYS G 238 -45.08 15.29 14.08
CA CYS G 238 -43.91 15.74 14.83
C CYS G 238 -44.23 15.83 16.32
N TYR G 239 -44.68 14.70 16.87
CA TYR G 239 -45.17 14.72 18.24
C TYR G 239 -44.12 15.08 19.29
N PRO G 240 -42.82 14.81 19.12
CA PRO G 240 -41.86 15.37 20.10
C PRO G 240 -41.84 16.89 20.08
N ARG G 241 -42.06 17.51 18.91
CA ARG G 241 -42.10 18.97 18.85
C ARG G 241 -43.38 19.52 19.46
N ILE G 242 -44.50 18.82 19.27
CA ILE G 242 -45.76 19.26 19.89
C ILE G 242 -45.67 19.14 21.40
N GLU G 243 -44.98 18.11 21.90
CA GLU G 243 -44.79 17.94 23.34
C GLU G 243 -43.85 18.98 23.94
N GLY G 244 -43.29 19.88 23.12
CA GLY G 244 -42.40 20.90 23.64
C GLY G 244 -41.01 20.40 23.95
N ARG G 245 -40.51 19.43 23.19
CA ARG G 245 -39.21 18.82 23.45
C ARG G 245 -38.10 19.42 22.60
N ASP G 246 -38.36 20.53 21.91
CA ASP G 246 -37.34 21.27 21.17
C ASP G 246 -37.05 22.53 21.96
N SER G 247 -35.77 22.71 22.34
CA SER G 247 -35.36 23.81 23.19
C SER G 247 -35.50 25.19 22.53
N LEU G 248 -35.85 25.24 21.24
CA LEU G 248 -35.98 26.53 20.58
C LEU G 248 -37.17 27.32 21.11
N THR G 249 -38.23 26.64 21.52
CA THR G 249 -39.42 27.27 22.07
C THR G 249 -39.43 27.28 23.59
N ASP G 250 -38.33 26.86 24.22
CA ASP G 250 -38.18 26.90 25.68
C ASP G 250 -39.29 26.13 26.39
N GLY G 251 -39.48 24.87 25.99
CA GLY G 251 -40.45 24.00 26.61
C GLY G 251 -41.88 24.17 26.14
N ARG G 252 -42.15 25.19 25.32
CA ARG G 252 -43.49 25.41 24.81
C ARG G 252 -43.77 24.52 23.61
N PRO G 253 -45.03 24.11 23.42
CA PRO G 253 -45.38 23.36 22.21
C PRO G 253 -45.14 24.20 20.96
N MET G 254 -44.40 23.62 20.03
CA MET G 254 -44.05 24.30 18.79
C MET G 254 -44.72 23.59 17.61
N GLU G 255 -45.07 24.37 16.59
CA GLU G 255 -45.77 23.81 15.45
C GLU G 255 -44.90 22.74 14.78
N THR G 256 -45.56 21.83 14.06
CA THR G 256 -44.87 20.70 13.45
C THR G 256 -43.85 21.18 12.42
N ARG G 257 -42.94 20.27 12.08
CA ARG G 257 -41.81 20.61 11.22
C ARG G 257 -42.28 21.02 9.83
N CYS G 258 -43.33 20.39 9.30
CA CYS G 258 -43.84 20.78 7.99
C CYS G 258 -44.60 22.10 8.07
N MET G 259 -45.27 22.37 9.19
CA MET G 259 -46.02 23.62 9.32
C MET G 259 -45.07 24.81 9.42
N SER G 260 -44.01 24.69 10.23
CA SER G 260 -43.10 25.81 10.42
C SER G 260 -42.36 26.18 9.15
N ALA G 261 -42.19 25.24 8.23
CA ALA G 261 -41.48 25.48 6.98
C ALA G 261 -42.29 26.25 5.94
N CYS G 262 -43.60 26.40 6.13
CA CYS G 262 -44.45 26.91 5.06
C CYS G 262 -44.05 28.32 4.65
N VAL G 263 -43.69 28.48 3.39
CA VAL G 263 -43.03 29.69 2.93
C VAL G 263 -44.05 30.78 2.57
N GLY G 264 -45.11 30.39 1.86
CA GLY G 264 -46.09 31.39 1.44
C GLY G 264 -47.10 31.75 2.51
N GLN G 265 -46.70 31.56 3.78
CA GLN G 265 -47.51 31.93 4.93
C GLN G 265 -48.96 31.44 4.80
N ILE G 266 -49.11 30.15 4.47
CA ILE G 266 -50.44 29.60 4.25
C ILE G 266 -50.90 28.70 5.40
N ARG G 267 -50.00 28.26 6.28
CA ARG G 267 -50.31 27.24 7.26
C ARG G 267 -50.31 27.82 8.66
N LEU G 268 -51.39 27.58 9.40
CA LEU G 268 -51.45 27.85 10.83
C LEU G 268 -51.95 26.58 11.49
N GLN G 269 -51.12 26.00 12.36
CA GLN G 269 -51.45 24.75 13.03
C GLN G 269 -51.54 24.99 14.53
N GLY G 270 -52.55 24.39 15.15
CA GLY G 270 -52.78 24.49 16.57
C GLY G 270 -53.65 23.36 17.05
N PHE G 271 -54.63 23.65 17.90
CA PHE G 271 -55.57 22.64 18.36
C PHE G 271 -56.99 23.17 18.27
N LEU G 272 -57.92 22.27 18.02
CA LEU G 272 -59.35 22.59 18.05
C LEU G 272 -59.82 22.53 19.50
N ASP G 273 -59.98 23.69 20.12
CA ASP G 273 -60.53 23.77 21.46
C ASP G 273 -62.05 23.89 21.38
N ASP G 274 -62.69 24.11 22.53
CA ASP G 274 -64.01 24.69 22.59
C ASP G 274 -63.93 26.19 22.82
N ASN G 275 -62.73 26.73 22.83
CA ASN G 275 -62.50 28.15 23.06
C ASN G 275 -62.70 28.91 21.76
N PRO G 276 -63.57 29.93 21.72
CA PRO G 276 -63.75 30.71 20.49
C PRO G 276 -62.66 31.74 20.25
N LYS G 277 -61.73 31.89 21.20
CA LYS G 277 -60.59 32.79 21.04
C LYS G 277 -59.37 32.11 20.45
N ASN G 278 -59.45 30.81 20.20
CA ASN G 278 -58.38 30.11 19.50
C ASN G 278 -58.50 30.37 18.00
N PRO G 279 -57.48 30.93 17.35
CA PRO G 279 -57.60 31.21 15.91
C PRO G 279 -57.89 29.98 15.08
N ILE G 280 -57.47 28.80 15.54
CA ILE G 280 -57.83 27.56 14.85
C ILE G 280 -59.32 27.30 14.99
N THR G 281 -59.83 27.30 16.23
CA THR G 281 -61.25 27.08 16.45
C THR G 281 -62.10 28.18 15.82
N TRP G 282 -61.60 29.42 15.83
CA TRP G 282 -62.34 30.52 15.24
C TRP G 282 -62.50 30.35 13.73
N LEU G 283 -61.40 30.04 13.04
CA LEU G 283 -61.45 29.92 11.58
C LEU G 283 -62.29 28.73 11.14
N ILE G 284 -62.27 27.64 11.89
CA ILE G 284 -62.88 26.38 11.44
C ILE G 284 -64.36 26.31 11.79
N ARG G 285 -64.73 26.72 13.01
CA ARG G 285 -66.11 26.53 13.47
C ARG G 285 -66.92 27.82 13.59
N HIS G 286 -66.27 28.96 13.79
CA HIS G 286 -67.01 30.22 13.89
C HIS G 286 -67.09 30.93 12.54
N GLN G 287 -66.05 30.84 11.72
CA GLN G 287 -66.05 31.45 10.39
C GLN G 287 -66.40 30.49 9.27
N LYS G 288 -66.22 29.18 9.48
CA LYS G 288 -66.49 28.17 8.46
C LYS G 288 -65.78 28.50 7.14
N ILE G 289 -64.55 29.03 7.26
CA ILE G 289 -63.77 29.44 6.10
C ILE G 289 -62.81 28.34 5.69
N ALA G 290 -62.42 27.49 6.63
CA ALA G 290 -61.53 26.37 6.39
C ALA G 290 -62.32 25.08 6.42
N LEU G 291 -62.15 24.23 5.40
CA LEU G 291 -63.00 23.08 5.18
C LEU G 291 -62.18 21.81 5.02
N PRO G 292 -62.72 20.67 5.42
CA PRO G 292 -61.96 19.43 5.39
C PRO G 292 -61.80 18.87 3.98
N LEU G 293 -60.77 18.04 3.81
CA LEU G 293 -60.49 17.39 2.54
C LEU G 293 -61.32 16.12 2.41
N TYR G 294 -62.18 16.07 1.40
CA TYR G 294 -63.04 14.94 1.09
C TYR G 294 -63.72 14.41 2.35
N PRO G 295 -64.65 15.15 2.95
CA PRO G 295 -65.39 14.62 4.12
C PRO G 295 -66.32 13.46 3.78
N GLN G 296 -66.61 13.23 2.49
CA GLN G 296 -67.40 12.08 2.08
C GLN G 296 -66.81 10.77 2.59
N PHE G 297 -65.47 10.69 2.67
CA PHE G 297 -64.83 9.46 3.13
C PHE G 297 -65.29 9.08 4.52
N GLY G 298 -65.61 10.06 5.37
CA GLY G 298 -66.15 9.78 6.68
C GLY G 298 -65.11 9.65 7.77
N THR G 299 -63.91 10.16 7.56
CA THR G 299 -62.85 10.05 8.57
C THR G 299 -62.79 11.22 9.52
N GLU G 300 -63.50 12.33 9.22
CA GLU G 300 -63.33 13.58 9.94
C GLU G 300 -61.87 14.03 9.87
N PRO G 301 -61.39 14.47 8.71
CA PRO G 301 -60.04 15.05 8.65
C PRO G 301 -59.93 16.28 9.52
N ASN G 302 -58.69 16.60 9.92
CA ASN G 302 -58.49 17.75 10.77
C ASN G 302 -57.43 18.69 10.21
N ILE G 303 -57.25 18.66 8.90
CA ILE G 303 -56.53 19.68 8.17
C ILE G 303 -57.56 20.35 7.28
N TYR G 304 -57.88 21.61 7.57
CA TYR G 304 -58.95 22.32 6.91
C TYR G 304 -58.37 23.41 6.01
N TYR G 305 -58.96 23.57 4.83
CA TYR G 305 -58.40 24.43 3.79
C TYR G 305 -59.34 25.57 3.46
N ILE G 306 -58.76 26.74 3.19
CA ILE G 306 -59.49 27.86 2.61
C ILE G 306 -59.51 27.65 1.10
N PRO G 307 -60.67 27.51 0.47
CA PRO G 307 -60.74 27.10 -0.94
C PRO G 307 -60.12 28.14 -1.85
N PRO G 308 -59.70 27.72 -3.05
CA PRO G 308 -59.16 28.69 -4.02
C PRO G 308 -60.22 29.65 -4.52
N ARG G 309 -59.82 30.91 -4.71
CA ARG G 309 -60.73 31.93 -5.20
C ARG G 309 -61.15 31.68 -6.65
N TRP G 310 -60.37 30.90 -7.41
CA TRP G 310 -60.49 30.83 -8.85
C TRP G 310 -60.98 29.49 -9.38
N ALA G 311 -61.06 28.45 -8.56
CA ALA G 311 -61.39 27.14 -9.07
C ALA G 311 -62.90 26.98 -9.26
N PRO G 312 -63.32 26.11 -10.18
CA PRO G 312 -64.76 25.84 -10.36
C PRO G 312 -65.40 25.39 -9.06
N ARG G 313 -66.52 26.03 -8.71
CA ARG G 313 -67.17 25.76 -7.43
C ARG G 313 -67.70 24.34 -7.36
N ALA G 314 -68.12 23.79 -8.51
CA ALA G 314 -68.63 22.41 -8.50
C ALA G 314 -67.57 21.43 -8.05
N TYR G 315 -66.36 21.56 -8.59
CA TYR G 315 -65.25 20.71 -8.18
C TYR G 315 -64.88 20.95 -6.72
N LEU G 316 -64.78 22.23 -6.31
CA LEU G 316 -64.42 22.54 -4.93
C LEU G 316 -65.46 22.02 -3.96
N ARG G 317 -66.74 22.11 -4.34
CA ARG G 317 -67.81 21.60 -3.50
C ARG G 317 -67.66 20.09 -3.30
N GLN G 318 -67.30 19.35 -4.36
CA GLN G 318 -67.13 17.91 -4.24
C GLN G 318 -65.90 17.55 -3.40
N MET G 319 -64.96 18.47 -3.23
CA MET G 319 -63.74 18.22 -2.47
C MET G 319 -63.82 18.69 -1.02
N PHE G 320 -64.49 19.82 -0.76
CA PHE G 320 -64.52 20.40 0.58
C PHE G 320 -65.94 20.49 1.14
N GLY G 321 -66.94 19.97 0.45
CA GLY G 321 -68.29 20.02 0.92
C GLY G 321 -69.03 21.27 0.47
N PRO G 322 -70.22 21.49 1.03
CA PRO G 322 -71.04 22.62 0.57
C PRO G 322 -70.64 23.97 1.15
N GLY G 323 -69.76 24.01 2.15
CA GLY G 323 -69.34 25.26 2.73
C GLY G 323 -68.43 26.09 1.85
N VAL G 324 -68.11 25.61 0.65
CA VAL G 324 -67.15 26.28 -0.23
C VAL G 324 -67.62 27.68 -0.58
N ASP G 325 -68.91 27.80 -0.95
CA ASP G 325 -69.42 29.08 -1.45
C ASP G 325 -69.31 30.18 -0.40
N GLU G 326 -69.65 29.87 0.85
CA GLU G 326 -69.60 30.89 1.91
C GLU G 326 -68.17 31.20 2.33
N ALA G 327 -67.26 30.22 2.23
CA ALA G 327 -65.87 30.45 2.60
C ALA G 327 -65.19 31.39 1.63
N ILE G 328 -65.39 31.18 0.33
CA ILE G 328 -64.75 32.03 -0.68
C ILE G 328 -65.28 33.45 -0.57
N GLU G 329 -66.60 33.60 -0.33
CA GLU G 329 -67.19 34.93 -0.21
C GLU G 329 -66.55 35.70 0.94
N LYS G 330 -66.28 35.02 2.06
CA LYS G 330 -65.63 35.67 3.19
C LYS G 330 -64.19 36.05 2.87
N PHE G 331 -63.49 35.21 2.11
CA PHE G 331 -62.07 35.44 1.86
C PHE G 331 -61.82 36.57 0.87
N MET G 332 -62.58 36.61 -0.23
CA MET G 332 -62.28 37.54 -1.32
C MET G 332 -62.35 38.99 -0.86
N VAL G 333 -63.21 39.29 0.10
CA VAL G 333 -63.21 40.61 0.76
C VAL G 333 -63.06 40.34 2.25
N PRO G 334 -61.82 40.29 2.76
CA PRO G 334 -61.63 39.84 4.14
C PRO G 334 -62.20 40.82 5.15
N SER G 335 -62.81 40.27 6.19
CA SER G 335 -63.22 41.08 7.32
C SER G 335 -61.99 41.69 8.00
N ARG G 336 -62.25 42.69 8.85
CA ARG G 336 -61.16 43.31 9.60
C ARG G 336 -60.48 42.28 10.51
N GLU G 337 -61.28 41.41 11.14
CA GLU G 337 -60.74 40.42 12.04
C GLU G 337 -60.14 39.24 11.29
N LEU G 338 -60.67 38.92 10.11
CA LEU G 338 -60.12 37.84 9.31
C LEU G 338 -58.73 38.20 8.78
N LEU G 339 -58.58 39.44 8.28
CA LEU G 339 -57.27 39.87 7.78
C LEU G 339 -56.23 39.90 8.88
N ALA G 340 -56.64 40.25 10.10
CA ALA G 340 -55.70 40.27 11.22
C ALA G 340 -55.29 38.84 11.61
N VAL G 341 -56.24 37.89 11.58
CA VAL G 341 -55.90 36.52 11.91
C VAL G 341 -55.10 35.88 10.77
N MET G 342 -55.41 36.23 9.53
CA MET G 342 -54.61 35.72 8.42
C MET G 342 -53.19 36.27 8.45
N SER G 343 -53.01 37.49 8.98
CA SER G 343 -51.68 38.06 9.15
C SER G 343 -50.93 37.42 10.32
N LEU G 344 -51.53 36.45 11.01
CA LEU G 344 -50.89 35.72 12.08
C LEU G 344 -50.22 34.43 11.60
N PHE G 345 -50.48 34.02 10.37
CA PHE G 345 -49.95 32.75 9.88
C PHE G 345 -48.42 32.83 9.73
N ARG G 346 -47.74 31.85 10.32
CA ARG G 346 -46.29 31.67 10.18
C ARG G 346 -45.52 32.92 10.57
N MET G 347 -45.94 33.55 11.66
CA MET G 347 -45.18 34.63 12.25
C MET G 347 -44.26 34.15 13.35
N THR G 348 -44.55 32.99 13.94
CA THR G 348 -43.70 32.40 14.97
C THR G 348 -43.68 30.89 14.80
N GLN G 349 -42.74 30.25 15.48
CA GLN G 349 -42.66 28.80 15.52
C GLN G 349 -43.44 28.20 16.68
N THR G 350 -43.83 29.02 17.65
CA THR G 350 -44.58 28.55 18.80
C THR G 350 -46.07 28.46 18.50
N ILE G 351 -46.71 27.43 19.04
CA ILE G 351 -48.15 27.24 18.84
C ILE G 351 -48.90 28.35 19.56
N VAL G 352 -49.92 28.90 18.91
CA VAL G 352 -50.72 30.00 19.45
C VAL G 352 -52.06 29.42 19.89
N TYR G 353 -52.40 29.63 21.16
CA TYR G 353 -53.64 29.12 21.72
C TYR G 353 -54.77 30.14 21.72
N GLU G 354 -54.46 31.42 21.78
CA GLU G 354 -55.45 32.49 21.71
C GLU G 354 -54.89 33.65 20.91
N TYR G 355 -55.78 34.42 20.30
CA TYR G 355 -55.39 35.59 19.53
C TYR G 355 -56.08 36.82 20.10
N LYS G 356 -55.51 37.99 19.80
CA LYS G 356 -56.08 39.25 20.25
C LYS G 356 -55.66 40.34 19.28
N ILE G 357 -56.55 41.31 19.08
CA ILE G 357 -56.36 42.36 18.09
C ILE G 357 -56.41 43.70 18.81
N GLU G 358 -55.39 44.51 18.59
CA GLU G 358 -55.36 45.90 19.03
C GLU G 358 -55.54 46.77 17.80
N GLU G 359 -56.51 47.68 17.85
CA GLU G 359 -56.94 48.37 16.64
C GLU G 359 -55.94 49.46 16.27
N GLY G 360 -55.83 49.69 14.96
CA GLY G 360 -54.89 50.65 14.42
C GLY G 360 -55.55 51.60 13.45
N PRO G 361 -54.79 52.56 12.94
CA PRO G 361 -55.37 53.56 12.05
C PRO G 361 -55.78 52.99 10.69
N LYS G 362 -56.72 53.68 10.07
CA LYS G 362 -57.22 53.32 8.75
C LYS G 362 -56.16 53.62 7.70
N VAL G 363 -55.91 52.67 6.80
CA VAL G 363 -54.82 52.81 5.84
C VAL G 363 -55.30 52.87 4.39
N PHE G 364 -56.41 52.20 4.08
CA PHE G 364 -56.82 52.08 2.69
C PHE G 364 -58.29 51.70 2.62
N GLU G 365 -58.96 52.16 1.56
CA GLU G 365 -60.37 51.87 1.37
C GLU G 365 -60.71 51.89 -0.12
N THR G 366 -61.49 50.90 -0.55
CA THR G 366 -61.94 50.80 -1.94
C THR G 366 -63.11 49.82 -1.98
N GLU G 367 -63.77 49.76 -3.14
CA GLU G 367 -64.83 48.80 -3.39
C GLU G 367 -64.33 47.76 -4.38
N ILE G 368 -64.49 46.48 -4.02
CA ILE G 368 -63.91 45.39 -4.79
C ILE G 368 -64.83 44.19 -4.72
N HIS G 369 -65.00 43.51 -5.86
CA HIS G 369 -65.84 42.32 -5.97
C HIS G 369 -67.27 42.57 -5.47
N GLY G 370 -67.76 43.78 -5.72
CA GLY G 370 -69.13 44.12 -5.36
C GLY G 370 -69.36 44.50 -3.91
N LYS G 371 -68.31 44.60 -3.11
CA LYS G 371 -68.42 44.97 -1.71
C LYS G 371 -67.36 46.02 -1.39
N LYS G 372 -67.54 46.71 -0.27
CA LYS G 372 -66.59 47.73 0.15
C LYS G 372 -65.57 47.10 1.08
N PHE G 373 -64.29 47.35 0.80
CA PHE G 373 -63.20 46.83 1.61
C PHE G 373 -62.52 48.01 2.30
N THR G 374 -62.44 47.93 3.63
CA THR G 374 -61.73 48.90 4.44
C THR G 374 -60.66 48.14 5.22
N MET G 375 -59.48 48.73 5.30
CA MET G 375 -58.32 48.06 5.86
C MET G 375 -57.65 48.94 6.91
N TYR G 376 -57.33 48.36 8.07
CA TYR G 376 -56.70 49.07 9.17
C TYR G 376 -55.37 48.42 9.51
N ASN G 377 -54.44 49.23 10.02
CA ASN G 377 -53.12 48.73 10.42
C ASN G 377 -53.23 48.18 11.84
N ASP G 378 -53.93 47.06 11.95
CA ASP G 378 -54.16 46.45 13.25
C ASP G 378 -52.95 45.65 13.69
N THR G 379 -52.81 45.50 15.00
CA THR G 379 -51.74 44.73 15.61
C THR G 379 -52.37 43.46 16.19
N VAL G 380 -52.06 42.32 15.59
CA VAL G 380 -52.57 41.04 16.05
C VAL G 380 -51.56 40.43 17.02
N ILE G 381 -52.07 39.81 18.08
CA ILE G 381 -51.25 39.27 19.16
C ILE G 381 -51.68 37.84 19.41
N GLY G 382 -50.72 36.95 19.56
CA GLY G 382 -50.99 35.56 19.85
C GLY G 382 -50.44 35.18 21.21
N PHE G 383 -51.15 34.30 21.91
CA PHE G 383 -50.78 33.89 23.26
C PHE G 383 -50.57 32.37 23.29
N GLY G 384 -49.75 31.94 24.24
CA GLY G 384 -49.41 30.54 24.39
C GLY G 384 -50.38 29.79 25.27
N GLU G 385 -49.94 28.61 25.72
CA GLU G 385 -50.79 27.74 26.52
C GLU G 385 -51.02 28.32 27.91
N ASP G 386 -50.07 29.10 28.43
CA ASP G 386 -50.18 29.71 29.75
C ASP G 386 -50.76 31.12 29.70
N GLY G 387 -51.14 31.60 28.52
CA GLY G 387 -51.68 32.93 28.37
C GLY G 387 -50.64 34.01 28.14
N LYS G 388 -49.37 33.64 28.09
CA LYS G 388 -48.30 34.60 27.83
C LYS G 388 -48.20 34.90 26.34
N GLU G 389 -47.87 36.15 26.01
CA GLU G 389 -47.74 36.53 24.62
C GLU G 389 -46.51 35.85 24.02
N VAL G 390 -46.67 35.32 22.81
CA VAL G 390 -45.57 34.66 22.12
C VAL G 390 -45.27 35.27 20.76
N VAL G 391 -46.16 36.07 20.17
CA VAL G 391 -45.98 36.59 18.83
C VAL G 391 -46.77 37.90 18.70
N ARG G 392 -46.30 38.78 17.82
CA ARG G 392 -47.00 40.01 17.51
C ARG G 392 -46.52 40.55 16.17
N THR G 393 -47.44 41.08 15.38
CA THR G 393 -47.10 41.69 14.09
C THR G 393 -48.22 42.64 13.69
N THR G 394 -47.90 43.50 12.72
CA THR G 394 -48.84 44.47 12.19
C THR G 394 -49.39 44.00 10.84
N VAL G 395 -50.56 44.51 10.50
CA VAL G 395 -51.18 44.15 9.22
C VAL G 395 -50.49 44.85 8.06
N GLU G 396 -50.07 46.09 8.25
CA GLU G 396 -49.48 46.90 7.20
C GLU G 396 -48.02 47.20 7.51
N GLU G 397 -47.23 47.33 6.45
CA GLU G 397 -45.79 47.55 6.59
C GLU G 397 -45.51 49.02 6.91
N PRO G 398 -44.56 49.30 7.79
CA PRO G 398 -44.17 50.67 8.05
C PRO G 398 -43.28 51.20 6.93
N ILE G 399 -43.10 52.52 6.93
CA ILE G 399 -42.26 53.20 5.96
C ILE G 399 -41.24 54.02 6.74
N HIS G 400 -39.97 53.80 6.48
CA HIS G 400 -38.91 54.56 7.11
C HIS G 400 -38.25 55.46 6.08
N ILE G 401 -37.90 56.67 6.50
CA ILE G 401 -37.17 57.60 5.65
C ILE G 401 -35.96 58.09 6.43
N ARG G 402 -34.80 58.02 5.79
CA ARG G 402 -33.51 58.35 6.36
C ARG G 402 -32.97 59.62 5.70
N PRO G 403 -31.89 60.21 6.22
CA PRO G 403 -31.36 61.44 5.62
C PRO G 403 -31.09 61.30 4.14
N ASP G 404 -31.21 62.43 3.44
CA ASP G 404 -31.14 62.47 1.98
C ASP G 404 -29.76 62.17 1.42
N LYS G 405 -28.73 62.06 2.26
CA LYS G 405 -27.43 61.64 1.75
C LYS G 405 -27.49 60.23 1.18
N HIS G 406 -28.39 59.40 1.68
CA HIS G 406 -28.60 58.06 1.14
C HIS G 406 -29.58 58.13 -0.03
N TYR G 407 -29.45 57.18 -0.95
CA TYR G 407 -30.25 57.18 -2.16
C TYR G 407 -30.93 55.84 -2.35
N ASN G 408 -32.08 55.88 -3.02
CA ASN G 408 -32.79 54.70 -3.50
C ASN G 408 -32.51 54.39 -4.95
N SER G 409 -32.44 55.44 -5.79
CA SER G 409 -32.23 55.28 -7.23
C SER G 409 -30.76 55.00 -7.49
N ILE G 410 -30.34 53.80 -7.14
CA ILE G 410 -28.98 53.35 -7.39
C ILE G 410 -28.99 51.93 -7.94
N LEU H 30 -45.42 -12.55 38.43
CA LEU H 30 -46.12 -13.36 37.45
C LEU H 30 -46.06 -12.70 36.08
N LEU H 31 -46.82 -13.24 35.14
CA LEU H 31 -46.66 -12.88 33.74
C LEU H 31 -48.01 -12.85 33.02
N LYS H 32 -48.03 -12.09 31.93
CA LYS H 32 -49.15 -12.01 31.00
C LYS H 32 -48.65 -12.46 29.63
N PRO H 33 -49.22 -13.52 29.04
CA PRO H 33 -48.68 -14.05 27.78
C PRO H 33 -48.84 -13.13 26.58
N ALA H 34 -49.92 -12.33 26.51
CA ALA H 34 -50.16 -11.52 25.32
C ALA H 34 -50.72 -10.15 25.74
N VAL H 35 -50.46 -9.16 24.89
CA VAL H 35 -50.95 -7.80 25.10
C VAL H 35 -52.29 -7.62 24.39
N VAL H 36 -53.30 -7.17 25.12
CA VAL H 36 -54.65 -6.96 24.61
C VAL H 36 -54.93 -5.46 24.57
N VAL H 37 -55.54 -5.01 23.47
CA VAL H 37 -55.91 -3.61 23.28
C VAL H 37 -57.42 -3.52 23.23
N ASP H 38 -57.98 -2.53 23.93
CA ASP H 38 -59.43 -2.42 24.05
C ASP H 38 -60.01 -1.50 22.97
N ASN H 39 -59.64 -0.22 23.01
CA ASN H 39 -60.14 0.77 22.06
C ASN H 39 -58.99 1.69 21.65
N PRO H 40 -58.47 1.54 20.43
CA PRO H 40 -57.35 2.41 20.02
C PRO H 40 -57.70 3.89 20.03
N LEU H 41 -58.96 4.23 19.76
CA LEU H 41 -59.40 5.62 19.90
C LEU H 41 -59.29 6.12 21.33
N ASP H 42 -59.49 5.22 22.28
CA ASP H 42 -59.54 5.61 23.71
C ASP H 42 -58.18 5.53 24.39
N THR H 43 -57.54 4.36 24.41
CA THR H 43 -56.24 4.25 25.12
C THR H 43 -55.45 3.08 24.60
N TYR H 44 -54.12 3.12 24.79
CA TYR H 44 -53.20 2.05 24.33
C TYR H 44 -52.47 1.50 25.54
N PRO H 45 -52.29 0.17 25.66
CA PRO H 45 -51.62 -0.41 26.85
C PRO H 45 -50.19 0.08 27.08
N ASP H 46 -49.35 0.14 26.05
CA ASP H 46 -47.95 0.47 26.23
C ASP H 46 -47.54 1.52 25.21
N ARG H 47 -47.08 2.67 25.72
CA ARG H 47 -46.66 3.79 24.88
C ARG H 47 -45.21 4.17 25.16
N ARG H 48 -44.43 3.22 25.67
CA ARG H 48 -43.01 3.49 25.89
C ARG H 48 -42.25 3.57 24.58
N TRP H 49 -42.77 2.93 23.52
CA TRP H 49 -42.09 2.96 22.24
C TRP H 49 -41.98 4.36 21.67
N GLU H 50 -42.84 5.30 22.07
CA GLU H 50 -42.89 6.59 21.39
C GLU H 50 -41.56 7.32 21.41
N SER H 51 -40.63 6.90 22.28
CA SER H 51 -39.29 7.49 22.29
C SER H 51 -38.53 7.33 20.98
N VAL H 52 -38.93 6.38 20.10
CA VAL H 52 -38.19 6.17 18.85
C VAL H 52 -38.00 7.49 18.13
N TYR H 53 -39.08 8.23 17.93
CA TYR H 53 -39.02 9.49 17.21
C TYR H 53 -38.45 10.61 18.07
N ARG H 54 -38.63 10.55 19.39
CA ARG H 54 -38.02 11.55 20.25
C ARG H 54 -36.50 11.42 20.25
N ASP H 55 -35.99 10.19 20.06
CA ASP H 55 -34.56 10.00 19.95
C ASP H 55 -34.04 10.44 18.59
N GLN H 56 -34.78 10.17 17.52
CA GLN H 56 -34.32 10.57 16.19
C GLN H 56 -34.31 12.07 16.02
N TYR H 57 -35.16 12.81 16.74
CA TYR H 57 -35.24 14.24 16.50
C TYR H 57 -34.24 15.05 17.30
N GLN H 58 -33.76 14.56 18.44
CA GLN H 58 -32.92 15.39 19.28
C GLN H 58 -31.60 15.69 18.58
N TYR H 59 -31.07 16.87 18.89
CA TYR H 59 -29.83 17.38 18.29
C TYR H 59 -29.01 18.04 19.38
N ASP H 60 -27.72 18.25 19.11
CA ASP H 60 -26.81 18.80 20.11
C ASP H 60 -26.61 20.30 19.97
N ARG H 61 -26.44 20.81 18.75
CA ARG H 61 -26.06 22.20 18.55
C ARG H 61 -26.75 22.73 17.30
N THR H 62 -26.73 24.05 17.17
CA THR H 62 -27.27 24.76 16.01
C THR H 62 -26.27 25.84 15.63
N PHE H 63 -26.22 26.15 14.35
CA PHE H 63 -25.41 27.25 13.85
C PHE H 63 -26.18 27.93 12.73
N THR H 64 -25.73 29.12 12.37
CA THR H 64 -26.44 29.95 11.41
C THR H 64 -25.51 30.35 10.28
N TYR H 65 -25.99 30.23 9.05
CA TYR H 65 -25.25 30.62 7.86
C TYR H 65 -26.20 31.29 6.88
N CYS H 66 -25.68 31.62 5.70
CA CYS H 66 -26.45 32.28 4.65
C CYS H 66 -26.38 31.46 3.37
N CYS H 67 -27.53 31.09 2.83
CA CYS H 67 -27.64 30.43 1.54
C CYS H 67 -27.56 31.47 0.42
N SER H 68 -26.59 31.33 -0.49
CA SER H 68 -26.29 32.35 -1.49
C SER H 68 -26.14 31.74 -2.90
N PRO H 69 -27.24 31.29 -3.49
CA PRO H 69 -27.21 30.60 -4.80
C PRO H 69 -27.55 31.41 -6.06
N ASN H 70 -27.78 32.73 -5.99
CA ASN H 70 -28.38 33.51 -7.07
C ASN H 70 -29.89 33.32 -7.18
N ASP H 71 -30.53 32.84 -6.12
CA ASP H 71 -31.99 32.95 -6.07
C ASP H 71 -32.42 34.35 -5.65
N THR H 72 -31.44 35.22 -5.37
CA THR H 72 -31.58 36.66 -5.01
C THR H 72 -32.32 36.88 -3.70
N HIS H 73 -32.23 35.95 -2.79
CA HIS H 73 -32.91 36.05 -1.50
C HIS H 73 -31.97 36.02 -0.29
N ALA H 74 -30.84 35.33 -0.38
CA ALA H 74 -29.81 35.35 0.66
C ALA H 74 -30.43 35.08 2.03
N CYS H 75 -31.18 34.00 2.11
CA CYS H 75 -31.91 33.68 3.33
C CYS H 75 -30.95 33.41 4.47
N ARG H 76 -31.36 33.79 5.69
CA ARG H 76 -30.61 33.47 6.89
C ARG H 76 -31.15 32.17 7.44
N ILE H 77 -30.27 31.18 7.58
CA ILE H 77 -30.68 29.80 7.82
C ILE H 77 -30.09 29.32 9.14
N ARG H 78 -30.88 28.54 9.87
CA ARG H 78 -30.45 27.91 11.11
C ARG H 78 -30.42 26.40 10.89
N ALA H 79 -29.23 25.81 10.99
CA ALA H 79 -29.04 24.40 10.73
C ALA H 79 -28.92 23.65 12.05
N PHE H 80 -29.44 22.42 12.05
CA PHE H 80 -29.42 21.57 13.25
C PHE H 80 -28.35 20.52 13.09
N VAL H 81 -27.51 20.39 14.12
CA VAL H 81 -26.37 19.49 14.09
C VAL H 81 -26.54 18.42 15.17
N ARG H 82 -26.20 17.18 14.82
CA ARG H 82 -26.21 16.06 15.76
C ARG H 82 -24.87 15.34 15.66
N ASN H 83 -24.11 15.39 16.75
CA ASN H 83 -22.76 14.80 16.83
C ASN H 83 -21.88 15.28 15.67
N ASN H 84 -21.85 16.60 15.49
CA ASN H 84 -21.04 17.30 14.50
C ASN H 84 -21.36 16.94 13.06
N VAL H 85 -22.57 16.47 12.78
CA VAL H 85 -23.01 16.19 11.41
C VAL H 85 -24.23 17.06 11.17
N MET H 86 -24.21 17.80 10.07
CA MET H 86 -25.34 18.64 9.70
C MET H 86 -26.48 17.75 9.23
N MET H 87 -27.54 17.68 10.05
CA MET H 87 -28.64 16.76 9.80
C MET H 87 -29.79 17.42 9.04
N ARG H 88 -30.41 18.44 9.62
CA ARG H 88 -31.53 19.11 8.98
C ARG H 88 -31.38 20.62 9.06
N VAL H 89 -32.41 21.35 8.62
CA VAL H 89 -32.36 22.80 8.54
C VAL H 89 -33.78 23.35 8.71
N GLU H 90 -33.89 24.55 9.27
CA GLU H 90 -35.18 25.22 9.40
C GLU H 90 -34.96 26.72 9.36
N GLN H 91 -36.07 27.45 9.24
CA GLN H 91 -36.02 28.90 9.24
C GLN H 91 -35.59 29.43 10.59
N ASN H 92 -34.95 30.60 10.56
CA ASN H 92 -34.47 31.26 11.76
C ASN H 92 -35.54 32.10 12.46
N TYR H 93 -36.55 32.58 11.72
CA TYR H 93 -37.57 33.49 12.24
C TYR H 93 -36.92 34.68 12.95
N ASP H 94 -36.13 35.43 12.20
CA ASP H 94 -35.31 36.49 12.77
C ASP H 94 -35.53 37.87 12.15
N HIS H 95 -36.43 37.99 11.18
CA HIS H 95 -36.56 39.25 10.45
C HIS H 95 -37.05 40.37 11.34
N GLN H 96 -37.90 40.05 12.32
CA GLN H 96 -38.30 41.03 13.32
C GLN H 96 -37.09 41.72 13.95
N ASN H 97 -35.98 41.00 14.08
CA ASN H 97 -34.79 41.50 14.76
C ASN H 97 -33.86 42.29 13.86
N TYR H 98 -34.11 42.32 12.55
CA TYR H 98 -33.23 43.05 11.64
C TYR H 98 -33.40 44.55 11.88
N SER H 99 -32.28 45.28 11.82
CA SER H 99 -32.29 46.69 12.18
C SER H 99 -31.23 47.44 11.37
N ASP H 100 -31.33 48.77 11.41
CA ASP H 100 -30.38 49.66 10.78
C ASP H 100 -29.51 50.33 11.86
N LEU H 101 -28.52 51.10 11.42
CA LEU H 101 -27.71 51.85 12.36
C LEU H 101 -28.48 53.03 12.95
N TYR H 102 -29.55 53.49 12.29
CA TYR H 102 -30.36 54.59 12.78
C TYR H 102 -31.43 54.15 13.78
N GLY H 103 -31.60 52.84 14.00
CA GLY H 103 -32.56 52.31 14.95
C GLY H 103 -33.85 51.82 14.33
N ASN H 104 -34.07 52.02 13.04
CA ASN H 104 -35.25 51.49 12.38
C ASN H 104 -35.15 49.97 12.26
N LYS H 105 -36.26 49.29 12.52
CA LYS H 105 -36.31 47.84 12.53
C LYS H 105 -37.14 47.35 11.34
N ALA H 106 -36.96 46.07 11.03
CA ALA H 106 -37.76 45.38 10.02
C ALA H 106 -38.99 44.78 10.71
N THR H 107 -39.79 44.03 9.96
CA THR H 107 -41.03 43.48 10.49
C THR H 107 -40.93 41.97 10.63
N ARG H 108 -41.87 41.42 11.41
CA ARG H 108 -42.05 39.98 11.48
C ARG H 108 -42.79 39.45 10.26
N ASN H 109 -43.32 40.34 9.41
CA ASN H 109 -44.05 39.95 8.22
C ASN H 109 -43.16 39.38 7.14
N TRP H 110 -41.83 39.41 7.33
CA TRP H 110 -40.92 38.85 6.34
C TRP H 110 -40.68 37.36 6.54
N ASN H 111 -41.13 36.79 7.66
CA ASN H 111 -40.88 35.38 7.93
C ASN H 111 -41.76 34.52 7.03
N PRO H 112 -41.57 33.18 7.04
CA PRO H 112 -40.34 32.46 7.43
C PRO H 112 -39.25 32.56 6.36
N ARG H 113 -39.66 32.72 5.10
CA ARG H 113 -38.76 33.05 4.01
C ARG H 113 -37.62 32.07 3.73
N MET H 114 -37.92 30.92 3.12
CA MET H 114 -36.90 30.00 2.61
C MET H 114 -37.47 29.31 1.38
N CYS H 115 -36.76 28.29 0.88
CA CYS H 115 -37.27 27.46 -0.20
C CYS H 115 -36.93 26.01 0.10
N LEU H 116 -37.58 25.09 -0.63
CA LEU H 116 -37.29 23.67 -0.49
C LEU H 116 -35.81 23.36 -0.69
N LYS H 117 -35.15 24.05 -1.62
CA LYS H 117 -33.75 23.76 -1.91
C LYS H 117 -32.84 24.13 -0.75
N GLY H 118 -33.20 25.15 0.03
CA GLY H 118 -32.46 25.44 1.24
C GLY H 118 -32.51 24.30 2.23
N TYR H 119 -33.67 23.63 2.31
CA TYR H 119 -33.85 22.53 3.24
C TYR H 119 -33.04 21.29 2.88
N THR H 120 -32.67 21.12 1.61
CA THR H 120 -31.95 19.94 1.17
C THR H 120 -30.49 20.22 0.81
N PHE H 121 -29.95 21.37 1.25
CA PHE H 121 -28.56 21.68 0.95
C PHE H 121 -27.60 20.74 1.68
N HIS H 122 -27.99 20.24 2.86
CA HIS H 122 -27.14 19.29 3.55
C HIS H 122 -27.06 17.97 2.82
N ARG H 123 -28.15 17.57 2.16
CA ARG H 123 -28.16 16.41 1.27
C ARG H 123 -27.23 16.66 0.09
N ARG H 124 -26.94 17.92 -0.20
CA ARG H 124 -26.00 18.36 -1.21
C ARG H 124 -24.56 18.45 -0.68
N VAL H 125 -24.39 18.82 0.59
CA VAL H 125 -23.05 18.94 1.17
C VAL H 125 -22.41 17.57 1.32
N TYR H 126 -23.16 16.59 1.82
CA TYR H 126 -22.68 15.22 2.00
C TYR H 126 -23.11 14.33 0.84
N GLY H 127 -23.07 14.84 -0.38
CA GLY H 127 -23.62 14.13 -1.51
C GLY H 127 -22.54 13.50 -2.35
N PRO H 128 -22.94 12.69 -3.32
CA PRO H 128 -21.97 11.96 -4.15
C PRO H 128 -21.34 12.80 -5.26
N TYR H 129 -21.78 14.03 -5.46
CA TYR H 129 -21.30 14.87 -6.54
C TYR H 129 -20.30 15.93 -6.09
N ARG H 130 -19.95 15.96 -4.82
CA ARG H 130 -19.06 16.99 -4.30
C ARG H 130 -17.64 16.83 -4.86
N LEU H 131 -17.00 17.96 -5.14
CA LEU H 131 -15.58 17.93 -5.46
C LEU H 131 -14.80 17.63 -4.19
N ARG H 132 -13.80 16.77 -4.30
CA ARG H 132 -13.09 16.28 -3.13
C ARG H 132 -11.64 16.74 -3.05
N TYR H 133 -11.04 17.12 -4.18
CA TYR H 133 -9.64 17.49 -4.24
C TYR H 133 -9.40 18.18 -5.57
N PRO H 134 -8.34 19.00 -5.69
CA PRO H 134 -8.08 19.69 -6.95
C PRO H 134 -7.91 18.71 -8.10
N LEU H 135 -8.40 19.11 -9.27
CA LEU H 135 -8.38 18.27 -10.46
C LEU H 135 -7.64 18.97 -11.59
N ILE H 136 -6.85 18.19 -12.32
CA ILE H 136 -6.17 18.66 -13.54
C ILE H 136 -6.37 17.62 -14.63
N ARG H 137 -6.61 18.09 -15.85
CA ARG H 137 -6.87 17.21 -16.98
C ARG H 137 -5.56 16.64 -17.53
N LYS H 138 -5.59 15.37 -17.92
CA LYS H 138 -4.39 14.68 -18.37
C LYS H 138 -3.81 15.34 -19.62
N GLY H 139 -4.66 15.62 -20.60
CA GLY H 139 -4.15 16.21 -21.81
C GLY H 139 -3.74 17.65 -21.68
N TRP H 140 -3.93 18.26 -20.52
CA TRP H 140 -3.39 19.59 -20.29
C TRP H 140 -2.12 19.54 -19.47
N LYS H 141 -2.08 18.69 -18.44
CA LYS H 141 -0.84 18.46 -17.72
C LYS H 141 0.22 17.89 -18.64
N ARG H 142 -0.18 17.00 -19.56
N ARG H 142 -0.19 16.99 -19.54
CA ARG H 142 0.77 16.50 -20.54
CA ARG H 142 0.70 16.49 -20.58
C ARG H 142 1.28 17.62 -21.44
C ARG H 142 1.27 17.63 -21.42
N TRP H 143 0.42 18.60 -21.75
CA TRP H 143 0.84 19.74 -22.55
C TRP H 143 1.80 20.63 -21.77
N ALA H 144 1.53 20.83 -20.48
CA ALA H 144 2.43 21.63 -19.65
C ALA H 144 3.76 20.91 -19.42
N ASP H 145 3.75 19.57 -19.41
CA ASP H 145 4.97 18.82 -19.13
C ASP H 145 5.84 18.68 -20.38
N ASP H 146 5.27 18.86 -21.56
CA ASP H 146 6.03 18.78 -22.81
C ASP H 146 6.64 20.12 -23.20
N GLY H 147 6.50 21.14 -22.38
CA GLY H 147 7.11 22.43 -22.64
C GLY H 147 6.20 23.44 -23.30
N PHE H 148 4.89 23.27 -23.20
CA PHE H 148 3.89 24.15 -23.80
C PHE H 148 4.13 24.32 -25.30
N PRO H 149 4.12 23.22 -26.06
CA PRO H 149 4.34 23.37 -27.50
C PRO H 149 3.17 24.09 -28.14
N GLU H 150 3.42 24.66 -29.31
CA GLU H 150 2.37 25.41 -29.99
C GLU H 150 1.23 24.46 -30.37
N LEU H 151 0.00 24.90 -30.10
CA LEU H 151 -1.18 24.05 -30.20
C LEU H 151 -1.61 23.95 -31.66
N THR H 152 -0.85 23.17 -32.37
CA THR H 152 -1.09 22.84 -33.78
C THR H 152 -2.29 21.91 -33.84
N PRO H 153 -2.99 21.77 -34.97
CA PRO H 153 -4.17 20.94 -35.04
C PRO H 153 -3.81 19.52 -34.60
N GLU H 154 -2.66 19.03 -35.01
CA GLU H 154 -2.17 17.70 -34.62
C GLU H 154 -2.00 17.66 -33.10
N ASN H 155 -1.44 18.72 -32.52
CA ASN H 155 -1.20 18.90 -31.07
C ASN H 155 -2.51 19.14 -30.30
N LYS H 156 -3.45 19.84 -30.89
CA LYS H 156 -4.72 20.07 -30.19
C LYS H 156 -5.36 18.70 -29.94
N THR H 157 -5.25 17.81 -30.90
CA THR H 157 -5.83 16.47 -30.82
C THR H 157 -4.95 15.52 -30.00
N LYS H 158 -3.63 15.75 -30.01
CA LYS H 158 -2.73 14.98 -29.17
C LYS H 158 -3.04 15.21 -27.70
N TYR H 159 -3.17 16.46 -27.29
CA TYR H 159 -3.46 16.84 -25.92
C TYR H 159 -4.95 16.96 -25.64
N MET H 160 -5.80 16.60 -26.61
CA MET H 160 -7.24 16.44 -26.40
C MET H 160 -7.91 17.75 -26.00
N PHE H 161 -7.62 18.81 -26.76
CA PHE H 161 -8.37 20.05 -26.61
C PHE H 161 -9.64 20.02 -27.45
N ASP H 162 -9.62 19.29 -28.57
CA ASP H 162 -10.81 19.13 -29.39
C ASP H 162 -11.78 18.15 -28.76
N ASN H 163 -11.27 17.11 -28.09
CA ASN H 163 -12.08 16.12 -27.40
C ASN H 163 -11.66 16.12 -25.93
N ARG H 164 -12.23 17.03 -25.14
CA ARG H 164 -11.94 17.11 -23.72
C ARG H 164 -12.90 16.29 -22.86
N GLY H 165 -13.94 15.71 -23.45
CA GLY H 165 -14.93 14.99 -22.66
C GLY H 165 -14.65 13.52 -22.57
N ASN H 166 -13.64 13.07 -23.32
CA ASN H 166 -13.16 11.70 -23.26
C ASN H 166 -11.76 11.62 -22.68
N ASP H 167 -11.27 12.71 -22.08
CA ASP H 167 -9.98 12.72 -21.41
C ASP H 167 -10.19 12.39 -19.94
N GLU H 168 -9.13 12.48 -19.15
CA GLU H 168 -9.13 12.06 -17.76
C GLU H 168 -8.81 13.24 -16.84
N LEU H 169 -9.56 13.36 -15.76
CA LEU H 169 -9.31 14.37 -14.73
C LEU H 169 -8.50 13.72 -13.60
N LEU H 170 -7.28 14.20 -13.40
CA LEU H 170 -6.40 13.62 -12.39
C LEU H 170 -6.40 14.46 -11.12
N ARG H 171 -6.09 13.80 -10.01
CA ARG H 171 -5.97 14.51 -8.75
C ARG H 171 -4.66 15.26 -8.70
N ALA H 172 -4.71 16.47 -8.12
CA ALA H 172 -3.53 17.27 -7.90
C ALA H 172 -3.55 17.80 -6.48
N SER H 173 -2.36 18.00 -5.92
CA SER H 173 -2.25 18.74 -4.68
C SER H 173 -2.40 20.23 -4.98
N TRP H 174 -2.77 21.00 -3.94
CA TRP H 174 -3.04 22.41 -4.15
C TRP H 174 -1.82 23.15 -4.69
N ASP H 175 -0.62 22.75 -4.29
CA ASP H 175 0.58 23.36 -4.83
C ASP H 175 0.82 22.95 -6.28
N GLU H 176 0.45 21.72 -6.64
CA GLU H 176 0.62 21.29 -8.04
C GLU H 176 -0.36 22.00 -8.96
N ALA H 177 -1.61 22.16 -8.51
CA ALA H 177 -2.60 22.86 -9.34
C ALA H 177 -2.23 24.32 -9.52
N PHE H 178 -1.81 24.99 -8.44
CA PHE H 178 -1.41 26.38 -8.53
C PHE H 178 -0.21 26.55 -9.45
N THR H 179 0.75 25.62 -9.37
CA THR H 179 1.97 25.76 -10.18
C THR H 179 1.69 25.58 -11.67
N TYR H 180 0.99 24.50 -12.03
CA TYR H 180 0.66 24.29 -13.44
C TYR H 180 -0.20 25.41 -13.99
N ALA H 181 -1.20 25.86 -13.22
CA ALA H 181 -2.06 26.96 -13.67
C ALA H 181 -1.27 28.24 -13.84
N SER H 182 -0.39 28.57 -12.88
CA SER H 182 0.38 29.80 -12.96
C SER H 182 1.35 29.77 -14.13
N LYS H 183 2.06 28.66 -14.32
CA LYS H 183 2.97 28.53 -15.45
C LYS H 183 2.23 28.68 -16.77
N GLY H 184 1.05 28.07 -16.89
CA GLY H 184 0.28 28.18 -18.11
C GLY H 184 -0.20 29.60 -18.36
N ILE H 185 -0.62 30.30 -17.30
CA ILE H 185 -1.08 31.69 -17.46
C ILE H 185 0.06 32.55 -17.99
N ILE H 186 1.25 32.39 -17.41
CA ILE H 186 2.40 33.19 -17.83
C ILE H 186 2.76 32.86 -19.28
N HIS H 187 2.76 31.57 -19.63
CA HIS H 187 3.13 31.19 -20.99
C HIS H 187 2.15 31.76 -22.00
N ILE H 188 0.85 31.53 -21.80
CA ILE H 188 -0.15 31.91 -22.80
C ILE H 188 -0.27 33.43 -22.90
N THR H 189 -0.23 34.14 -21.76
CA THR H 189 -0.33 35.59 -21.82
C THR H 189 0.86 36.21 -22.54
N LYS H 190 2.05 35.64 -22.38
CA LYS H 190 3.19 36.12 -23.16
C LYS H 190 3.20 35.55 -24.57
N LYS H 191 2.62 34.36 -24.75
CA LYS H 191 2.56 33.74 -26.06
C LYS H 191 1.75 34.58 -27.04
N TYR H 192 0.70 35.25 -26.54
CA TYR H 192 -0.17 36.09 -27.35
C TYR H 192 0.03 37.58 -27.05
N SER H 193 1.20 37.93 -26.52
CA SER H 193 1.42 39.31 -26.05
C SER H 193 1.79 40.28 -27.18
N GLY H 194 3.00 40.17 -27.69
CA GLY H 194 3.55 41.12 -28.64
C GLY H 194 2.88 41.20 -29.99
N PRO H 195 3.57 41.85 -30.95
CA PRO H 195 3.06 41.86 -32.33
C PRO H 195 3.04 40.46 -32.93
N GLU H 196 4.01 39.61 -32.58
CA GLU H 196 3.99 38.23 -33.02
C GLU H 196 2.78 37.48 -32.47
N GLY H 197 2.34 37.83 -31.27
CA GLY H 197 1.12 37.26 -30.73
C GLY H 197 -0.11 37.72 -31.49
N ALA H 198 -0.14 38.99 -31.89
CA ALA H 198 -1.26 39.52 -32.65
C ALA H 198 -1.43 38.79 -33.98
N GLN H 199 -0.32 38.48 -34.65
CA GLN H 199 -0.41 37.79 -35.93
C GLN H 199 -0.85 36.34 -35.75
N LYS H 200 -0.49 35.70 -34.63
CA LYS H 200 -1.01 34.36 -34.36
C LYS H 200 -2.53 34.39 -34.27
N LEU H 201 -3.09 35.47 -33.71
CA LEU H 201 -4.53 35.60 -33.61
C LEU H 201 -5.15 35.92 -34.95
N ILE H 202 -4.43 36.64 -35.82
CA ILE H 202 -4.92 36.88 -37.17
C ILE H 202 -4.84 35.60 -37.99
N ASP H 203 -3.85 34.75 -37.70
CA ASP H 203 -3.78 33.46 -38.38
C ASP H 203 -4.86 32.50 -37.91
N GLN H 204 -5.34 32.66 -36.68
CA GLN H 204 -6.39 31.77 -36.16
C GLN H 204 -7.79 32.21 -36.58
N GLY H 205 -7.95 33.44 -37.07
CA GLY H 205 -9.22 33.87 -37.63
C GLY H 205 -9.97 34.92 -36.83
N TYR H 206 -9.43 35.45 -35.75
CA TYR H 206 -10.13 36.46 -34.99
C TYR H 206 -10.11 37.78 -35.77
N PRO H 207 -11.20 38.56 -35.74
CA PRO H 207 -11.18 39.86 -36.43
C PRO H 207 -10.12 40.76 -35.84
N LYS H 208 -9.61 41.66 -36.68
CA LYS H 208 -8.56 42.58 -36.23
C LYS H 208 -9.06 43.52 -35.15
N GLU H 209 -10.36 43.81 -35.14
CA GLU H 209 -10.93 44.65 -34.09
C GLU H 209 -10.74 44.02 -32.72
N MET H 210 -10.88 42.70 -32.62
CA MET H 210 -10.66 42.02 -31.36
C MET H 210 -9.18 41.97 -31.00
N VAL H 211 -8.29 41.96 -31.99
CA VAL H 211 -6.86 41.92 -31.72
C VAL H 211 -6.34 43.31 -31.35
N ASP H 212 -6.86 44.34 -32.02
CA ASP H 212 -6.48 45.71 -31.67
C ASP H 212 -7.00 46.10 -30.28
N ARG H 213 -8.11 45.48 -29.84
CA ARG H 213 -8.64 45.77 -28.51
C ARG H 213 -7.65 45.40 -27.43
N MET H 214 -6.80 44.40 -27.68
CA MET H 214 -5.77 44.01 -26.74
C MET H 214 -4.74 45.11 -26.54
N GLN H 215 -4.51 45.93 -27.58
CA GLN H 215 -3.45 46.95 -27.57
C GLN H 215 -2.10 46.31 -27.32
N GLY H 216 -1.91 45.11 -27.83
CA GLY H 216 -0.64 44.43 -27.63
C GLY H 216 -0.51 43.72 -26.31
N ALA H 217 -1.48 43.86 -25.40
CA ALA H 217 -1.44 43.13 -24.14
C ALA H 217 -1.93 41.71 -24.36
N GLY H 218 -1.27 40.76 -23.71
CA GLY H 218 -1.61 39.36 -23.77
C GLY H 218 -2.56 39.06 -22.64
N THR H 219 -2.36 39.81 -21.56
CA THR H 219 -3.14 39.71 -20.35
C THR H 219 -4.63 39.84 -20.60
N ARG H 220 -4.99 40.56 -21.66
CA ARG H 220 -6.38 40.74 -22.02
C ARG H 220 -6.96 39.56 -22.80
N THR H 221 -6.14 38.57 -23.16
CA THR H 221 -6.71 37.31 -23.64
C THR H 221 -7.11 36.41 -22.49
N PHE H 222 -6.75 36.77 -21.26
CA PHE H 222 -7.18 36.08 -20.06
C PHE H 222 -8.53 36.64 -19.65
N LYS H 223 -9.50 35.75 -19.45
CA LYS H 223 -10.84 36.13 -19.05
C LYS H 223 -11.11 35.57 -17.66
N GLY H 224 -11.24 36.46 -16.69
CA GLY H 224 -11.53 36.05 -15.33
C GLY H 224 -12.90 36.51 -14.89
N ARG H 225 -13.81 35.58 -14.61
CA ARG H 225 -15.16 35.94 -14.21
C ARG H 225 -15.38 35.59 -12.76
N GLY H 226 -15.64 36.60 -11.93
CA GLY H 226 -16.18 36.31 -10.63
C GLY H 226 -17.67 36.20 -10.85
N GLY H 227 -18.25 35.04 -10.54
CA GLY H 227 -19.60 34.74 -10.97
C GLY H 227 -20.61 35.22 -9.95
N MET H 228 -21.53 36.02 -10.46
CA MET H 228 -22.62 36.44 -9.57
C MET H 228 -21.83 36.71 -8.32
N GLY H 229 -21.01 37.73 -8.30
CA GLY H 229 -20.13 37.89 -7.13
C GLY H 229 -20.76 38.62 -5.98
N LEU H 230 -22.05 38.90 -5.97
CA LEU H 230 -22.70 39.57 -4.82
C LEU H 230 -23.07 38.50 -3.79
N LEU H 231 -22.99 37.24 -4.16
CA LEU H 231 -23.16 36.08 -3.28
C LEU H 231 -21.95 36.04 -2.37
N GLY H 232 -20.80 36.35 -2.92
CA GLY H 232 -19.63 36.45 -2.05
C GLY H 232 -18.79 37.55 -2.59
N VAL H 233 -18.72 38.71 -1.99
CA VAL H 233 -17.95 39.74 -2.68
C VAL H 233 -16.46 39.46 -2.59
N ILE H 234 -15.98 39.07 -1.40
CA ILE H 234 -14.55 38.83 -1.23
C ILE H 234 -14.11 37.60 -1.99
N GLY H 235 -14.84 36.50 -1.84
CA GLY H 235 -14.43 35.24 -2.42
C GLY H 235 -14.67 35.14 -3.91
N LYS H 236 -15.81 35.65 -4.36
CA LYS H 236 -16.20 35.56 -5.79
C LYS H 236 -15.92 36.84 -6.58
N TYR H 237 -16.29 38.03 -6.11
CA TYR H 237 -15.90 39.24 -6.85
C TYR H 237 -14.40 39.52 -6.77
N GLY H 238 -13.68 38.83 -5.88
CA GLY H 238 -12.22 38.92 -5.86
C GLY H 238 -11.55 38.51 -7.16
N MET H 239 -12.25 37.74 -8.00
CA MET H 239 -11.71 37.37 -9.30
C MET H 239 -11.43 38.61 -10.15
N TYR H 240 -12.28 39.64 -10.03
CA TYR H 240 -12.02 40.89 -10.72
C TYR H 240 -10.74 41.54 -10.22
N ARG H 241 -10.43 41.37 -8.93
CA ARG H 241 -9.17 41.83 -8.39
C ARG H 241 -8.00 41.03 -8.95
N PHE H 242 -8.17 39.71 -9.07
CA PHE H 242 -7.13 38.88 -9.66
C PHE H 242 -6.81 39.30 -11.09
N ASN H 243 -7.84 39.61 -11.85
CA ASN H 243 -7.64 40.06 -13.23
C ASN H 243 -6.87 41.34 -13.18
N ASN H 244 -7.12 42.14 -12.15
CA ASN H 244 -6.43 43.45 -12.04
C ASN H 244 -4.95 43.24 -11.81
N CYS H 245 -4.65 42.31 -10.93
CA CYS H 245 -3.27 41.98 -10.55
C CYS H 245 -2.52 41.46 -11.76
N LEU H 246 -3.20 40.92 -12.74
CA LEU H 246 -2.48 40.43 -13.90
C LEU H 246 -1.76 41.54 -14.66
N ALA H 247 -2.02 42.81 -14.33
CA ALA H 247 -1.23 43.88 -14.92
C ALA H 247 0.25 43.71 -14.61
N ILE H 248 0.57 43.16 -13.43
CA ILE H 248 1.97 42.86 -13.10
C ILE H 248 2.54 41.85 -14.09
N VAL H 249 1.75 40.81 -14.41
CA VAL H 249 2.21 39.80 -15.36
C VAL H 249 2.50 40.44 -16.72
N ASP H 250 1.67 41.41 -17.11
CA ASP H 250 1.94 42.14 -18.35
C ASP H 250 3.24 42.91 -18.27
N ALA H 251 3.53 43.51 -17.10
CA ALA H 251 4.79 44.21 -16.92
C ALA H 251 5.97 43.27 -17.08
N HIS H 252 5.84 42.04 -16.58
CA HIS H 252 6.91 41.06 -16.76
C HIS H 252 6.99 40.57 -18.20
N ASN H 253 5.84 40.41 -18.85
CA ASN H 253 5.82 39.90 -20.22
C ASN H 253 6.43 40.91 -21.19
N ARG H 254 5.93 42.15 -21.18
CA ARG H 254 6.31 43.13 -22.18
C ARG H 254 7.33 44.16 -21.69
N GLY H 255 7.62 44.20 -20.40
CA GLY H 255 8.55 45.19 -19.89
C GLY H 255 7.96 46.58 -20.03
N VAL H 256 6.76 46.77 -19.50
CA VAL H 256 6.05 48.03 -19.60
C VAL H 256 5.99 48.68 -18.23
N GLY H 257 5.51 49.92 -18.20
CA GLY H 257 5.39 50.66 -16.98
C GLY H 257 4.05 50.44 -16.32
N PRO H 258 3.90 50.93 -15.08
CA PRO H 258 2.62 50.76 -14.39
C PRO H 258 1.43 51.31 -15.15
N ASP H 259 1.60 52.45 -15.83
CA ASP H 259 0.48 53.08 -16.53
C ASP H 259 0.13 52.40 -17.84
N GLN H 260 1.07 51.70 -18.47
CA GLN H 260 0.81 50.98 -19.71
C GLN H 260 0.65 49.48 -19.48
N ALA H 261 0.55 49.05 -18.23
CA ALA H 261 0.36 47.65 -17.91
C ALA H 261 -1.14 47.38 -17.88
N LEU H 262 -1.55 46.29 -18.53
CA LEU H 262 -2.94 45.94 -18.68
C LEU H 262 -3.12 44.52 -18.20
N GLY H 263 -4.18 44.26 -17.46
CA GLY H 263 -4.33 42.91 -16.97
C GLY H 263 -5.46 42.13 -17.61
N GLY H 264 -6.20 41.43 -16.76
CA GLY H 264 -7.27 40.56 -17.19
C GLY H 264 -8.51 41.32 -17.59
N ARG H 265 -9.42 40.60 -18.20
CA ARG H 265 -10.73 41.13 -18.58
C ARG H 265 -11.79 40.62 -17.63
N ASN H 266 -12.55 41.53 -17.04
CA ASN H 266 -13.61 41.15 -16.11
C ASN H 266 -14.81 40.74 -16.94
N TRP H 267 -15.21 39.47 -16.85
CA TRP H 267 -16.36 38.99 -17.59
C TRP H 267 -17.64 39.34 -16.83
N SER H 268 -18.67 39.70 -17.58
CA SER H 268 -19.90 40.21 -17.00
C SER H 268 -20.77 39.11 -16.42
N ASN H 269 -21.73 39.52 -15.60
CA ASN H 269 -22.65 38.61 -14.94
C ASN H 269 -24.12 38.88 -15.28
N TYR H 270 -24.57 40.13 -15.15
CA TYR H 270 -26.00 40.43 -15.26
C TYR H 270 -26.52 40.19 -16.67
N THR H 271 -25.95 40.87 -17.64
CA THR H 271 -26.44 40.79 -19.03
C THR H 271 -26.19 39.43 -19.64
N TRP H 272 -25.00 38.85 -19.40
CA TRP H 272 -24.68 37.54 -19.98
C TRP H 272 -25.78 36.53 -19.72
N HIS H 273 -26.39 36.56 -18.53
CA HIS H 273 -27.47 35.66 -18.22
C HIS H 273 -28.79 36.11 -18.85
N GLY H 274 -28.80 37.23 -19.58
CA GLY H 274 -30.04 37.73 -20.10
C GLY H 274 -30.96 38.31 -19.05
N ASP H 275 -30.42 38.71 -17.91
CA ASP H 275 -31.24 39.09 -16.76
C ASP H 275 -31.62 40.57 -16.75
N GLN H 276 -30.82 41.45 -17.35
CA GLN H 276 -31.12 42.88 -17.33
C GLN H 276 -32.32 43.20 -18.22
N ALA H 277 -33.02 44.27 -17.86
CA ALA H 277 -34.01 44.89 -18.74
C ALA H 277 -33.30 45.90 -19.64
N PRO H 278 -33.08 45.57 -20.92
CA PRO H 278 -32.32 46.49 -21.78
C PRO H 278 -32.96 47.85 -21.95
N GLY H 279 -34.29 47.95 -21.79
CA GLY H 279 -34.96 49.23 -21.97
C GLY H 279 -34.73 50.21 -20.85
N HIS H 280 -34.30 49.73 -19.68
CA HIS H 280 -34.15 50.63 -18.54
C HIS H 280 -33.10 51.71 -18.73
N PRO H 281 -31.91 51.43 -19.27
CA PRO H 281 -30.98 52.54 -19.58
C PRO H 281 -31.55 53.54 -20.57
N PHE H 282 -32.49 53.12 -21.42
CA PHE H 282 -33.11 54.03 -22.37
C PHE H 282 -34.25 54.83 -21.73
N SER H 283 -35.04 54.20 -20.86
CA SER H 283 -36.24 54.84 -20.34
C SER H 283 -35.92 55.77 -19.17
N HIS H 284 -35.06 55.33 -18.24
CA HIS H 284 -34.70 56.15 -17.09
C HIS H 284 -33.20 56.23 -16.84
N GLY H 285 -32.38 55.46 -17.54
CA GLY H 285 -30.94 55.59 -17.44
C GLY H 285 -30.32 54.97 -16.21
N LEU H 286 -30.99 54.04 -15.55
CA LEU H 286 -30.46 53.34 -14.39
C LEU H 286 -30.37 51.86 -14.72
N GLN H 287 -29.40 51.18 -14.10
CA GLN H 287 -29.16 49.76 -14.39
C GLN H 287 -30.44 48.93 -14.30
N THR H 288 -31.16 49.05 -13.19
CA THR H 288 -32.34 48.22 -12.98
C THR H 288 -33.30 48.92 -12.03
N SER H 289 -34.58 48.96 -12.41
CA SER H 289 -35.66 49.40 -11.54
C SER H 289 -36.30 48.18 -10.90
N ASP H 290 -36.02 47.95 -9.63
CA ASP H 290 -36.62 46.88 -8.84
C ASP H 290 -36.95 47.43 -7.46
N VAL H 291 -37.56 46.60 -6.61
CA VAL H 291 -38.06 47.06 -5.32
C VAL H 291 -37.74 46.04 -4.23
N ASP H 292 -37.69 46.53 -3.00
CA ASP H 292 -37.84 45.62 -1.87
C ASP H 292 -39.25 45.04 -1.95
N MET H 293 -39.35 43.72 -2.10
CA MET H 293 -40.63 43.13 -2.48
C MET H 293 -41.70 43.29 -1.41
N ASN H 294 -41.36 43.78 -0.22
CA ASN H 294 -42.40 44.17 0.73
C ASN H 294 -43.32 45.24 0.15
N ASP H 295 -42.78 46.09 -0.74
CA ASP H 295 -43.55 47.16 -1.38
C ASP H 295 -44.61 46.62 -2.32
N VAL H 296 -44.39 45.42 -2.85
CA VAL H 296 -45.34 44.81 -3.77
C VAL H 296 -46.72 44.68 -3.11
N ARG H 297 -46.75 44.44 -1.80
CA ARG H 297 -48.03 44.32 -1.11
C ARG H 297 -48.72 45.67 -0.92
N PHE H 298 -48.05 46.77 -1.23
CA PHE H 298 -48.73 48.07 -1.26
C PHE H 298 -49.51 48.27 -2.54
N SER H 299 -49.20 47.52 -3.59
CA SER H 299 -49.88 47.70 -4.87
C SER H 299 -51.34 47.29 -4.77
N LYS H 300 -52.20 48.04 -5.47
CA LYS H 300 -53.61 47.72 -5.57
C LYS H 300 -54.02 47.19 -6.94
N LEU H 301 -53.23 47.45 -7.98
CA LEU H 301 -53.34 46.74 -9.24
C LEU H 301 -51.94 46.24 -9.61
N LEU H 302 -51.74 44.93 -9.56
CA LEU H 302 -50.45 44.31 -9.77
C LEU H 302 -50.48 43.61 -11.12
N ILE H 303 -49.61 44.00 -12.03
CA ILE H 303 -49.59 43.40 -13.39
C ILE H 303 -48.29 42.64 -13.60
N GLN H 304 -48.37 41.39 -14.02
CA GLN H 304 -47.17 40.60 -14.32
C GLN H 304 -47.27 40.17 -15.77
N THR H 305 -46.27 40.48 -16.55
CA THR H 305 -46.21 40.15 -17.97
C THR H 305 -45.14 39.12 -18.30
N GLY H 306 -43.92 39.27 -17.80
CA GLY H 306 -42.84 38.37 -18.19
C GLY H 306 -42.22 37.62 -17.04
N LYS H 307 -42.98 37.38 -15.98
CA LYS H 307 -42.45 36.80 -14.76
C LYS H 307 -43.38 35.76 -14.17
N ASN H 308 -42.85 34.54 -13.95
CA ASN H 308 -43.54 33.57 -13.10
C ASN H 308 -43.03 33.83 -11.69
N LEU H 309 -43.63 34.84 -11.06
CA LEU H 309 -43.18 35.34 -9.77
C LEU H 309 -43.49 34.38 -8.62
N ILE H 310 -44.42 33.44 -8.82
CA ILE H 310 -44.80 32.53 -7.74
C ILE H 310 -43.74 31.46 -7.48
N GLU H 311 -43.06 30.97 -8.52
CA GLU H 311 -42.09 29.90 -8.37
C GLU H 311 -40.64 30.35 -8.52
N ASN H 312 -40.40 31.62 -8.85
CA ASN H 312 -39.05 32.11 -9.08
C ASN H 312 -38.67 33.25 -8.14
N LYS H 313 -39.55 33.62 -7.20
CA LYS H 313 -39.23 34.51 -6.09
C LYS H 313 -39.94 34.00 -4.84
N MET H 314 -39.84 32.70 -4.58
CA MET H 314 -40.72 32.04 -3.62
C MET H 314 -40.71 32.63 -2.22
N PRO H 315 -39.56 32.89 -1.58
CA PRO H 315 -39.60 33.38 -0.20
C PRO H 315 -40.27 34.74 -0.07
N GLU H 316 -40.37 35.51 -1.15
CA GLU H 316 -41.05 36.79 -1.13
C GLU H 316 -42.35 36.75 -1.92
N ALA H 317 -42.76 35.57 -2.39
CA ALA H 317 -43.99 35.45 -3.17
C ALA H 317 -45.22 35.79 -2.35
N HIS H 318 -45.16 35.61 -1.02
CA HIS H 318 -46.33 35.91 -0.20
C HIS H 318 -46.71 37.38 -0.28
N TRP H 319 -45.75 38.26 -0.59
CA TRP H 319 -46.08 39.66 -0.86
C TRP H 319 -46.95 39.79 -2.10
N VAL H 320 -46.93 38.79 -2.98
CA VAL H 320 -47.72 38.81 -4.20
C VAL H 320 -49.11 38.21 -3.99
N THR H 321 -49.16 37.03 -3.37
CA THR H 321 -50.44 36.36 -3.13
C THR H 321 -51.36 37.16 -2.23
N GLU H 322 -50.81 37.96 -1.32
CA GLU H 322 -51.62 38.62 -0.29
C GLU H 322 -52.18 39.97 -0.71
N VAL H 323 -51.94 40.43 -1.95
CA VAL H 323 -52.59 41.66 -2.38
C VAL H 323 -54.06 41.41 -2.73
N MET H 324 -54.42 40.17 -3.09
CA MET H 324 -55.82 39.82 -3.29
C MET H 324 -56.60 39.78 -1.99
N GLU H 325 -55.93 40.02 -0.87
CA GLU H 325 -56.55 40.05 0.45
C GLU H 325 -56.60 41.46 1.01
N ARG H 326 -56.09 42.44 0.29
CA ARG H 326 -56.00 43.81 0.75
C ARG H 326 -56.60 44.77 -0.28
N GLY H 327 -57.69 44.35 -0.90
CA GLY H 327 -58.36 45.20 -1.88
C GLY H 327 -57.59 45.41 -3.16
N GLY H 328 -56.72 44.48 -3.53
CA GLY H 328 -55.91 44.62 -4.71
C GLY H 328 -56.32 43.71 -5.86
N LYS H 329 -55.93 44.09 -7.08
CA LYS H 329 -56.22 43.31 -8.27
C LYS H 329 -54.93 42.81 -8.89
N ILE H 330 -54.94 41.54 -9.32
CA ILE H 330 -53.77 40.88 -9.87
C ILE H 330 -54.05 40.54 -11.33
N VAL H 331 -53.09 40.82 -12.19
CA VAL H 331 -53.19 40.53 -13.62
C VAL H 331 -51.92 39.83 -14.07
N VAL H 332 -52.06 38.75 -14.83
CA VAL H 332 -50.93 38.01 -15.37
C VAL H 332 -51.10 37.93 -16.88
N ILE H 333 -50.03 38.26 -17.61
CA ILE H 333 -50.07 38.31 -19.07
C ILE H 333 -49.00 37.35 -19.57
N THR H 334 -49.38 36.09 -19.78
CA THR H 334 -48.46 35.05 -20.19
C THR H 334 -49.12 34.17 -21.24
N PRO H 335 -48.35 33.53 -22.12
CA PRO H 335 -48.97 32.60 -23.09
C PRO H 335 -49.59 31.39 -22.42
N GLU H 336 -49.00 30.89 -21.35
CA GLU H 336 -49.50 29.73 -20.63
C GLU H 336 -50.22 30.15 -19.36
N TYR H 337 -51.01 29.23 -18.82
CA TYR H 337 -51.61 29.39 -17.50
C TYR H 337 -50.58 28.96 -16.47
N SER H 338 -49.79 29.91 -16.02
CA SER H 338 -48.65 29.66 -15.16
C SER H 338 -49.07 29.59 -13.71
N PRO H 339 -48.20 29.12 -12.81
CA PRO H 339 -48.51 29.16 -11.39
C PRO H 339 -48.81 30.56 -10.86
N SER H 340 -48.35 31.60 -11.56
CA SER H 340 -48.72 32.95 -11.19
C SER H 340 -50.11 33.33 -11.67
N ALA H 341 -50.65 32.63 -12.68
CA ALA H 341 -51.93 33.01 -13.25
C ALA H 341 -53.11 32.68 -12.34
N GLN H 342 -52.99 31.64 -11.50
CA GLN H 342 -54.09 31.34 -10.58
C GLN H 342 -54.41 32.52 -9.68
N LYS H 343 -53.38 33.21 -9.20
CA LYS H 343 -53.61 34.31 -8.26
C LYS H 343 -54.19 35.54 -8.95
N ALA H 344 -54.15 35.60 -10.27
CA ALA H 344 -54.64 36.76 -11.00
C ALA H 344 -56.17 36.81 -11.00
N ASP H 345 -56.70 38.03 -10.98
CA ASP H 345 -58.14 38.20 -11.18
C ASP H 345 -58.55 37.80 -12.58
N TYR H 346 -57.71 38.06 -13.57
CA TYR H 346 -57.96 37.63 -14.95
C TYR H 346 -56.62 37.47 -15.66
N TRP H 347 -56.48 36.34 -16.36
CA TRP H 347 -55.25 36.00 -17.06
C TRP H 347 -55.40 36.35 -18.54
N ILE H 348 -54.42 37.07 -19.08
CA ILE H 348 -54.44 37.52 -20.47
C ILE H 348 -53.50 36.64 -21.29
N PRO H 349 -54.02 35.68 -22.06
CA PRO H 349 -53.17 34.94 -22.99
C PRO H 349 -52.59 35.85 -24.05
N ILE H 350 -51.38 35.52 -24.52
CA ILE H 350 -50.70 36.33 -25.52
C ILE H 350 -49.77 35.43 -26.32
N ARG H 351 -49.52 35.84 -27.56
CA ARG H 351 -48.53 35.17 -28.40
C ARG H 351 -47.14 35.60 -27.97
N ASN H 352 -46.19 34.66 -28.11
CA ASN H 352 -44.84 34.90 -27.63
C ASN H 352 -44.18 36.01 -28.44
N ASN H 353 -43.33 36.79 -27.76
CA ASN H 353 -42.53 37.84 -28.41
C ASN H 353 -43.40 38.95 -29.00
N THR H 354 -44.54 39.27 -28.35
CA THR H 354 -45.44 40.28 -28.89
C THR H 354 -45.95 41.26 -27.85
N ASP H 355 -45.27 41.44 -26.71
CA ASP H 355 -45.83 42.27 -25.67
C ASP H 355 -45.78 43.76 -26.00
N THR H 356 -44.85 44.19 -26.87
CA THR H 356 -44.79 45.61 -27.23
C THR H 356 -46.11 46.06 -27.85
N ALA H 357 -46.70 45.24 -28.72
CA ALA H 357 -47.97 45.60 -29.35
C ALA H 357 -49.07 45.77 -28.31
N LEU H 358 -49.11 44.88 -27.31
CA LEU H 358 -50.16 44.94 -26.29
C LEU H 358 -50.14 46.26 -25.53
N PHE H 359 -48.96 46.66 -25.04
CA PHE H 359 -48.85 47.87 -24.23
C PHE H 359 -48.92 49.14 -25.06
N LEU H 360 -48.60 49.08 -26.35
CA LEU H 360 -48.86 50.22 -27.21
C LEU H 360 -50.36 50.41 -27.42
N GLY H 361 -51.10 49.31 -27.56
CA GLY H 361 -52.55 49.40 -27.65
C GLY H 361 -53.18 49.96 -26.38
N ILE H 362 -52.62 49.60 -25.22
CA ILE H 362 -53.13 50.13 -23.97
C ILE H 362 -52.78 51.60 -23.83
N THR H 363 -51.60 51.99 -24.31
CA THR H 363 -51.22 53.40 -24.31
C THR H 363 -52.16 54.21 -25.19
N LYS H 364 -52.56 53.66 -26.34
CA LYS H 364 -53.49 54.36 -27.21
C LYS H 364 -54.83 54.58 -26.53
N ILE H 365 -55.31 53.59 -25.79
CA ILE H 365 -56.58 53.73 -25.07
C ILE H 365 -56.47 54.80 -24.00
N LEU H 366 -55.29 54.90 -23.36
CA LEU H 366 -55.10 55.90 -22.32
C LEU H 366 -55.06 57.31 -22.89
N ILE H 367 -54.68 57.46 -24.16
CA ILE H 367 -54.47 58.78 -24.74
C ILE H 367 -55.71 59.20 -25.52
N ASP H 368 -56.40 58.24 -26.13
CA ASP H 368 -57.67 58.55 -26.80
C ASP H 368 -58.70 59.06 -25.81
N ASN H 369 -58.67 58.57 -24.57
CA ASN H 369 -59.62 58.98 -23.55
C ASN H 369 -59.06 60.00 -22.57
N LYS H 370 -57.81 60.43 -22.77
CA LYS H 370 -57.15 61.38 -21.87
C LYS H 370 -57.15 60.86 -20.44
N TRP H 371 -56.93 59.55 -20.29
CA TRP H 371 -56.86 58.93 -18.97
C TRP H 371 -55.44 58.97 -18.43
N TYR H 372 -54.79 60.13 -18.53
CA TYR H 372 -53.44 60.31 -18.04
C TYR H 372 -53.36 61.53 -17.13
N ASP H 373 -52.46 61.47 -16.15
CA ASP H 373 -52.21 62.57 -15.24
C ASP H 373 -51.44 63.66 -15.98
N ALA H 374 -52.15 64.65 -16.50
CA ALA H 374 -51.51 65.70 -17.30
C ALA H 374 -50.41 66.41 -16.52
N ASP H 375 -50.64 66.66 -15.23
CA ASP H 375 -49.62 67.33 -14.42
C ASP H 375 -48.38 66.46 -14.30
N TYR H 376 -48.57 65.17 -14.03
CA TYR H 376 -47.44 64.25 -13.92
C TYR H 376 -46.74 64.04 -15.24
N VAL H 377 -47.42 64.22 -16.37
CA VAL H 377 -46.79 64.04 -17.66
C VAL H 377 -46.07 65.30 -18.16
N LYS H 378 -46.58 66.50 -17.81
CA LYS H 378 -45.87 67.71 -18.20
C LYS H 378 -44.50 67.76 -17.53
N LYS H 379 -44.45 67.41 -16.25
CA LYS H 379 -43.19 67.22 -15.54
C LYS H 379 -42.80 65.75 -15.60
N PHE H 380 -41.57 65.45 -15.20
CA PHE H 380 -41.04 64.09 -15.10
C PHE H 380 -41.03 63.27 -16.39
N THR H 381 -41.52 63.81 -17.49
CA THR H 381 -41.67 63.01 -18.70
C THR H 381 -41.18 63.80 -19.91
N ASP H 382 -40.72 63.06 -20.93
CA ASP H 382 -40.23 63.67 -22.16
C ASP H 382 -41.33 64.03 -23.16
N PHE H 383 -42.58 63.63 -22.90
CA PHE H 383 -43.64 63.87 -23.88
C PHE H 383 -43.80 65.34 -24.26
N PRO H 384 -43.78 66.30 -23.33
CA PRO H 384 -43.92 67.71 -23.74
C PRO H 384 -42.75 68.21 -24.56
N LEU H 385 -41.58 67.59 -24.46
CA LEU H 385 -40.42 68.06 -25.19
C LEU H 385 -40.66 67.93 -26.70
N LEU H 386 -40.20 68.93 -27.44
CA LEU H 386 -40.48 69.04 -28.87
C LEU H 386 -39.48 68.24 -29.69
N ILE H 387 -39.93 67.78 -30.85
CA ILE H 387 -39.11 66.95 -31.73
C ILE H 387 -39.17 67.52 -33.15
N ARG H 388 -38.00 67.56 -33.79
CA ARG H 388 -37.83 68.05 -35.15
C ARG H 388 -38.33 67.00 -36.14
N THR H 389 -38.88 67.45 -37.26
CA THR H 389 -39.44 66.49 -38.22
C THR H 389 -38.40 65.99 -39.19
N ASP H 390 -37.47 66.86 -39.60
CA ASP H 390 -36.42 66.47 -40.53
C ASP H 390 -35.39 65.56 -39.88
N THR H 391 -34.89 65.93 -38.69
CA THR H 391 -33.81 65.20 -38.06
C THR H 391 -34.29 64.05 -37.19
N LEU H 392 -35.56 64.06 -36.79
CA LEU H 392 -36.14 63.12 -35.85
C LEU H 392 -35.49 63.20 -34.47
N LYS H 393 -34.61 64.18 -34.28
CA LYS H 393 -33.97 64.46 -33.01
C LYS H 393 -34.80 65.45 -32.22
N ARG H 394 -34.49 65.58 -30.94
CA ARG H 394 -35.14 66.60 -30.14
C ARG H 394 -34.59 67.96 -30.54
N VAL H 395 -35.47 68.95 -30.66
CA VAL H 395 -35.03 70.29 -31.05
C VAL H 395 -34.20 70.89 -29.92
N SER H 396 -33.15 71.62 -30.30
CA SER H 396 -32.15 72.15 -29.39
C SER H 396 -32.21 73.67 -29.37
N PRO H 397 -32.21 74.30 -28.18
CA PRO H 397 -32.19 75.77 -28.14
C PRO H 397 -31.07 76.38 -28.95
N LYS H 398 -29.96 75.65 -29.12
CA LYS H 398 -28.91 76.08 -30.05
C LYS H 398 -29.44 76.25 -31.46
N ASP H 399 -30.51 75.54 -31.83
CA ASP H 399 -31.06 75.59 -33.18
C ASP H 399 -32.03 76.74 -33.42
N ILE H 400 -32.73 77.24 -32.39
CA ILE H 400 -33.77 78.22 -32.62
C ILE H 400 -33.49 79.58 -31.99
N ILE H 401 -32.75 79.60 -30.90
CA ILE H 401 -32.47 80.83 -30.16
C ILE H 401 -31.10 81.35 -30.60
N PRO H 402 -31.01 82.57 -31.13
CA PRO H 402 -29.70 83.08 -31.54
C PRO H 402 -28.84 83.38 -30.32
N ASN H 403 -27.57 83.00 -30.42
CA ASN H 403 -26.59 83.17 -29.34
C ASN H 403 -27.07 82.52 -28.05
N TYR H 404 -27.56 81.29 -28.14
CA TYR H 404 -27.92 80.55 -26.95
C TYR H 404 -26.70 79.81 -26.45
N LYS H 405 -26.51 79.85 -25.14
CA LYS H 405 -25.45 79.12 -24.47
C LYS H 405 -26.09 78.19 -23.46
N LEU H 406 -25.47 77.04 -23.23
CA LEU H 406 -26.10 76.05 -22.37
C LEU H 406 -26.10 76.55 -20.94
N GLN H 407 -27.21 76.36 -20.25
CA GLN H 407 -27.41 76.96 -18.95
C GLN H 407 -26.49 76.33 -17.92
N ASP H 408 -26.08 77.13 -16.94
CA ASP H 408 -25.10 76.71 -15.95
C ASP H 408 -25.83 75.89 -14.89
N ILE H 409 -25.73 74.57 -14.98
CA ILE H 409 -26.39 73.69 -14.03
C ILE H 409 -25.34 73.09 -13.10
N SER H 410 -24.29 73.87 -12.83
CA SER H 410 -23.21 73.40 -11.97
C SER H 410 -23.58 73.53 -10.51
N ASP H 411 -24.58 74.35 -10.21
CA ASP H 411 -25.17 74.45 -8.89
C ASP H 411 -26.32 73.48 -8.70
N GLY H 412 -26.72 72.78 -9.76
CA GLY H 412 -27.87 71.90 -9.72
C GLY H 412 -27.55 70.52 -9.18
N PRO H 413 -28.59 69.73 -8.97
CA PRO H 413 -28.42 68.37 -8.44
C PRO H 413 -27.82 67.38 -9.43
N SER H 414 -27.43 67.82 -10.63
CA SER H 414 -26.82 66.93 -11.59
C SER H 414 -25.31 66.89 -11.44
N TYR H 415 -24.74 67.91 -10.81
CA TYR H 415 -23.32 67.99 -10.47
C TYR H 415 -23.06 67.54 -9.04
N HIS H 416 -23.87 68.02 -8.09
CA HIS H 416 -23.60 67.80 -6.67
C HIS H 416 -24.08 66.45 -6.17
N ILE H 417 -25.12 65.88 -6.79
CA ILE H 417 -25.67 64.60 -6.37
C ILE H 417 -25.37 63.49 -7.37
N GLN H 418 -25.55 63.76 -8.66
CA GLN H 418 -25.41 62.73 -9.69
C GLN H 418 -24.02 62.71 -10.33
N GLY H 419 -23.21 63.73 -10.09
CA GLY H 419 -21.82 63.71 -10.53
C GLY H 419 -21.58 63.88 -12.03
N LEU H 420 -22.30 64.81 -12.66
CA LEU H 420 -22.08 65.11 -14.06
C LEU H 420 -20.88 66.04 -14.23
N LYS H 421 -20.17 65.86 -15.35
CA LYS H 421 -18.98 66.65 -15.67
C LYS H 421 -19.24 67.50 -16.90
N ASP H 422 -18.48 68.60 -17.01
CA ASP H 422 -18.71 69.58 -18.07
C ASP H 422 -18.55 68.96 -19.45
N GLU H 423 -17.60 68.04 -19.60
CA GLU H 423 -17.40 67.39 -20.90
C GLU H 423 -18.67 66.65 -21.31
N GLN H 424 -19.31 65.98 -20.36
CA GLN H 424 -20.56 65.27 -20.64
C GLN H 424 -21.72 66.24 -20.86
N ARG H 425 -21.83 67.29 -20.04
CA ARG H 425 -22.96 68.20 -20.16
C ARG H 425 -22.96 68.93 -21.50
N GLU H 426 -21.77 69.19 -22.06
CA GLU H 426 -21.69 69.84 -23.36
C GLU H 426 -22.30 68.95 -24.45
N ILE H 427 -22.20 67.64 -24.30
CA ILE H 427 -22.76 66.72 -25.28
C ILE H 427 -24.26 66.55 -25.07
N ILE H 428 -24.71 66.56 -23.81
CA ILE H 428 -26.14 66.36 -23.53
C ILE H 428 -26.94 67.58 -23.96
N GLY H 429 -26.48 68.78 -23.61
CA GLY H 429 -27.14 70.00 -24.01
C GLY H 429 -28.47 70.20 -23.30
N ASP H 430 -29.23 71.14 -23.84
CA ASP H 430 -30.55 71.49 -23.34
C ASP H 430 -31.59 71.21 -24.41
N PHE H 431 -32.86 71.26 -24.03
CA PHE H 431 -33.98 70.93 -24.92
C PHE H 431 -35.05 72.01 -24.81
N VAL H 432 -36.08 71.88 -25.64
CA VAL H 432 -37.07 72.93 -25.84
C VAL H 432 -38.45 72.46 -25.40
N VAL H 433 -39.23 73.42 -24.91
CA VAL H 433 -40.63 73.22 -24.51
C VAL H 433 -41.43 74.39 -25.05
N TRP H 434 -42.72 74.16 -25.32
CA TRP H 434 -43.65 75.23 -25.67
C TRP H 434 -44.40 75.64 -24.41
N ASP H 435 -44.28 76.90 -24.02
CA ASP H 435 -44.91 77.36 -22.78
C ASP H 435 -46.39 77.65 -23.00
N ALA H 436 -47.20 77.32 -22.00
CA ALA H 436 -48.65 77.53 -22.10
C ALA H 436 -49.06 78.95 -21.80
N LYS H 437 -48.27 79.70 -21.04
CA LYS H 437 -48.56 81.11 -20.80
C LYS H 437 -47.83 82.03 -21.78
N SER H 438 -46.55 81.77 -22.03
CA SER H 438 -45.80 82.55 -23.01
C SER H 438 -46.31 82.31 -24.43
N LYS H 439 -46.92 81.16 -24.70
CA LYS H 439 -47.40 80.79 -26.03
C LYS H 439 -46.25 80.77 -27.04
N GLY H 440 -45.07 80.37 -26.60
CA GLY H 440 -43.89 80.33 -27.41
C GLY H 440 -42.88 79.38 -26.79
N PRO H 441 -41.89 78.95 -27.57
CA PRO H 441 -40.94 77.94 -27.05
C PRO H 441 -40.06 78.51 -25.95
N LYS H 442 -39.82 77.68 -24.92
CA LYS H 442 -38.89 77.98 -23.84
C LYS H 442 -37.86 76.87 -23.75
N ALA H 443 -36.62 77.25 -23.41
CA ALA H 443 -35.49 76.31 -23.33
C ALA H 443 -35.36 75.75 -21.92
N ILE H 444 -35.32 74.42 -21.82
CA ILE H 444 -35.24 73.70 -20.54
C ILE H 444 -33.93 72.95 -20.43
N THR H 445 -33.54 72.68 -19.19
CA THR H 445 -32.37 71.89 -18.85
C THR H 445 -32.77 70.52 -18.31
N ARG H 446 -31.76 69.74 -17.99
CA ARG H 446 -31.93 68.39 -17.40
C ARG H 446 -32.57 68.51 -16.02
N ASP H 447 -32.24 69.57 -15.28
CA ASP H 447 -32.76 69.75 -13.93
C ASP H 447 -34.15 70.35 -13.93
N ASP H 448 -34.60 70.89 -15.07
CA ASP H 448 -35.91 71.52 -15.12
C ASP H 448 -36.87 70.34 -15.09
N VAL H 449 -37.03 69.84 -13.88
CA VAL H 449 -37.70 68.60 -13.55
C VAL H 449 -38.63 68.88 -12.41
N GLY H 450 -39.80 68.24 -12.44
CA GLY H 450 -40.70 68.31 -11.30
C GLY H 450 -41.19 69.73 -11.03
N GLU H 451 -41.16 70.09 -9.75
CA GLU H 451 -41.61 71.39 -9.28
C GLU H 451 -40.61 72.49 -9.56
N THR H 452 -39.44 72.16 -10.12
CA THR H 452 -38.52 73.19 -10.59
C THR H 452 -39.15 74.00 -11.72
N LEU H 453 -40.12 73.42 -12.42
CA LEU H 453 -40.82 74.14 -13.49
C LEU H 453 -41.77 75.17 -12.92
N VAL H 454 -42.42 74.85 -11.80
CA VAL H 454 -43.35 75.79 -11.18
C VAL H 454 -42.59 76.92 -10.48
N LYS H 455 -41.39 76.65 -9.94
CA LYS H 455 -40.59 77.72 -9.38
C LYS H 455 -40.20 78.72 -10.45
N LYS H 456 -39.87 78.23 -11.63
CA LYS H 456 -39.70 79.05 -12.83
C LYS H 456 -41.07 79.23 -13.49
N GLY H 457 -41.06 79.83 -14.69
CA GLY H 457 -42.28 80.12 -15.41
C GLY H 457 -42.81 79.00 -16.30
N ILE H 458 -42.09 77.88 -16.43
CA ILE H 458 -42.40 76.88 -17.45
C ILE H 458 -43.77 76.24 -17.19
N ASP H 459 -44.56 76.15 -18.25
CA ASP H 459 -45.82 75.39 -18.25
C ASP H 459 -45.93 74.66 -19.58
N PRO H 460 -45.26 73.49 -19.70
CA PRO H 460 -45.23 72.79 -21.00
C PRO H 460 -46.61 72.44 -21.51
N VAL H 461 -46.73 72.25 -22.82
CA VAL H 461 -47.99 71.85 -23.44
C VAL H 461 -47.83 70.43 -23.93
N LEU H 462 -48.81 69.59 -23.62
CA LEU H 462 -48.74 68.18 -23.98
C LEU H 462 -48.93 67.97 -25.48
N GLU H 463 -49.87 68.68 -26.10
CA GLU H 463 -50.13 68.53 -27.53
C GLU H 463 -49.80 69.81 -28.28
N GLY H 464 -49.66 69.68 -29.59
CA GLY H 464 -49.37 70.80 -30.47
C GLY H 464 -48.35 70.52 -31.56
N SER H 465 -48.55 71.13 -32.73
CA SER H 465 -47.64 71.05 -33.87
C SER H 465 -47.32 72.46 -34.33
N PHE H 466 -46.03 72.79 -34.43
CA PHE H 466 -45.62 74.16 -34.64
C PHE H 466 -44.73 74.32 -35.87
N LYS H 467 -44.71 75.56 -36.36
CA LYS H 467 -43.75 75.99 -37.35
C LYS H 467 -42.76 76.88 -36.62
N LEU H 468 -41.48 76.63 -36.86
CA LEU H 468 -40.43 77.35 -36.17
C LEU H 468 -39.35 77.66 -37.18
N LYS H 469 -38.43 78.52 -36.79
CA LYS H 469 -37.37 78.96 -37.67
C LYS H 469 -36.06 78.79 -36.91
N THR H 470 -35.10 78.19 -37.59
CA THR H 470 -33.75 77.89 -37.05
C THR H 470 -32.92 79.16 -37.01
N ILE H 471 -31.74 79.09 -36.42
CA ILE H 471 -30.75 80.22 -36.38
C ILE H 471 -30.32 80.54 -37.81
N ASP H 472 -30.20 79.51 -38.66
CA ASP H 472 -29.81 79.56 -40.10
C ASP H 472 -30.83 80.31 -40.96
N GLY H 473 -32.06 80.50 -40.49
CA GLY H 473 -33.13 81.25 -41.16
C GLY H 473 -34.17 80.31 -41.71
N LYS H 474 -33.81 79.05 -41.87
CA LYS H 474 -34.73 78.04 -42.42
C LYS H 474 -35.83 77.73 -41.41
N GLU H 475 -37.05 77.51 -41.89
CA GLU H 475 -38.19 77.13 -41.07
C GLU H 475 -38.27 75.61 -40.95
N ILE H 476 -38.55 75.13 -39.75
CA ILE H 476 -38.66 73.69 -39.49
C ILE H 476 -39.99 73.41 -38.82
N GLU H 477 -40.59 72.29 -39.17
CA GLU H 477 -41.81 71.85 -38.49
C GLU H 477 -41.41 71.09 -37.24
N VAL H 478 -41.98 71.48 -36.11
CA VAL H 478 -41.67 70.85 -34.83
C VAL H 478 -42.96 70.28 -34.27
N MET H 479 -42.84 69.13 -33.63
CA MET H 479 -44.00 68.42 -33.09
C MET H 479 -43.70 67.96 -31.68
N THR H 480 -44.77 67.88 -30.88
CA THR H 480 -44.64 67.34 -29.54
C THR H 480 -44.62 65.82 -29.60
N LEU H 481 -43.77 65.22 -28.77
CA LEU H 481 -43.64 63.76 -28.76
C LEU H 481 -44.98 63.07 -28.54
N LEU H 482 -45.88 63.69 -27.76
CA LEU H 482 -47.20 63.10 -27.59
C LEU H 482 -48.00 63.15 -28.88
N GLU H 483 -47.93 64.26 -29.61
CA GLU H 483 -48.55 64.35 -30.93
C GLU H 483 -47.99 63.29 -31.88
N MET H 484 -46.66 63.10 -31.86
CA MET H 484 -46.08 62.12 -32.77
C MET H 484 -46.48 60.70 -32.41
N TYR H 485 -46.74 60.42 -31.14
CA TYR H 485 -47.30 59.12 -30.80
C TYR H 485 -48.73 59.01 -31.28
N LYS H 486 -49.49 60.12 -31.27
CA LYS H 486 -50.81 60.11 -31.89
C LYS H 486 -50.72 59.68 -33.34
N ILE H 487 -49.66 60.07 -34.03
CA ILE H 487 -49.42 59.63 -35.40
C ILE H 487 -48.87 58.21 -35.40
N HIS H 488 -48.06 57.87 -34.41
CA HIS H 488 -47.44 56.55 -34.35
C HIS H 488 -48.44 55.46 -33.97
N LEU H 489 -49.37 55.75 -33.07
CA LEU H 489 -50.26 54.73 -32.52
C LEU H 489 -51.46 54.43 -33.41
N ARG H 490 -51.50 54.99 -34.63
CA ARG H 490 -52.58 54.65 -35.56
C ARG H 490 -52.49 53.20 -36.02
N ASP H 491 -51.31 52.59 -35.91
CA ASP H 491 -51.13 51.18 -36.26
C ASP H 491 -51.53 50.23 -35.15
N TYR H 492 -51.80 50.75 -33.95
CA TYR H 492 -52.10 49.91 -32.79
C TYR H 492 -53.49 50.17 -32.24
N ASP H 493 -54.46 50.33 -33.12
CA ASP H 493 -55.85 50.36 -32.67
C ASP H 493 -56.22 49.02 -32.05
N ILE H 494 -57.30 49.02 -31.28
CA ILE H 494 -57.64 47.85 -30.47
C ILE H 494 -57.82 46.60 -31.32
N ASP H 495 -58.27 46.76 -32.57
CA ASP H 495 -58.50 45.57 -33.41
C ASP H 495 -57.21 44.99 -33.94
N SER H 496 -56.23 45.83 -34.28
CA SER H 496 -54.95 45.32 -34.76
C SER H 496 -54.17 44.66 -33.64
N VAL H 497 -54.24 45.23 -32.43
CA VAL H 497 -53.51 44.67 -31.29
C VAL H 497 -53.98 43.24 -31.01
N VAL H 498 -55.28 42.98 -31.18
CA VAL H 498 -55.79 41.63 -30.96
C VAL H 498 -55.31 40.71 -32.08
N SER H 499 -55.16 41.25 -33.29
CA SER H 499 -54.64 40.44 -34.39
C SER H 499 -53.17 40.12 -34.19
N MET H 500 -52.43 40.98 -33.47
CA MET H 500 -51.01 40.74 -33.25
C MET H 500 -50.73 39.87 -32.03
N THR H 501 -51.33 40.21 -30.88
CA THR H 501 -51.05 39.54 -29.63
C THR H 501 -51.92 38.32 -29.36
N ASN H 502 -52.87 38.01 -30.25
CA ASN H 502 -53.89 37.00 -29.99
C ASN H 502 -54.39 37.06 -28.55
N SER H 503 -54.63 38.29 -28.06
CA SER H 503 -55.09 38.49 -26.71
C SER H 503 -56.56 38.88 -26.73
N PRO H 504 -57.33 38.45 -25.73
CA PRO H 504 -58.76 38.79 -25.73
C PRO H 504 -58.98 40.29 -25.71
N LYS H 505 -59.82 40.76 -26.63
CA LYS H 505 -60.07 42.18 -26.75
C LYS H 505 -60.72 42.75 -25.50
N ASP H 506 -61.59 41.97 -24.86
CA ASP H 506 -62.25 42.44 -23.65
C ASP H 506 -61.25 42.66 -22.51
N LEU H 507 -60.25 41.79 -22.39
CA LEU H 507 -59.26 41.94 -21.33
C LEU H 507 -58.30 43.08 -21.59
N ILE H 508 -57.95 43.34 -22.85
CA ILE H 508 -57.10 44.50 -23.14
C ILE H 508 -57.83 45.78 -22.73
N GLU H 509 -59.10 45.89 -23.10
CA GLU H 509 -59.90 47.05 -22.73
C GLU H 509 -60.14 47.07 -21.23
N ARG H 510 -60.26 45.90 -20.62
CA ARG H 510 -60.46 45.81 -19.18
C ARG H 510 -59.21 46.25 -18.42
N LEU H 511 -58.04 45.82 -18.88
CA LEU H 511 -56.80 46.21 -18.20
C LEU H 511 -56.56 47.71 -18.35
N ALA H 512 -56.83 48.26 -19.54
CA ALA H 512 -56.60 49.67 -19.80
C ALA H 512 -57.40 50.54 -18.84
N LYS H 513 -58.67 50.17 -18.61
CA LYS H 513 -59.49 50.94 -17.68
C LYS H 513 -58.99 50.79 -16.24
N ASP H 514 -58.57 49.58 -15.86
CA ASP H 514 -58.09 49.36 -14.50
C ASP H 514 -56.86 50.22 -14.21
N ILE H 515 -55.92 50.30 -15.15
CA ILE H 515 -54.71 51.10 -14.93
C ILE H 515 -55.07 52.57 -14.72
N ALA H 516 -56.12 53.06 -15.39
CA ALA H 516 -56.44 54.47 -15.33
C ALA H 516 -57.23 54.87 -14.09
N THR H 517 -57.92 53.93 -13.44
CA THR H 517 -58.74 54.25 -12.27
C THR H 517 -58.09 53.86 -10.95
N ILE H 518 -57.08 52.99 -10.96
CA ILE H 518 -56.51 52.45 -9.72
C ILE H 518 -55.14 53.05 -9.48
N LYS H 519 -54.87 53.39 -8.22
CA LYS H 519 -53.56 53.78 -7.71
C LYS H 519 -53.27 52.95 -6.48
N PRO H 520 -52.00 52.54 -6.25
CA PRO H 520 -50.87 52.47 -7.18
C PRO H 520 -50.94 51.29 -8.15
N VAL H 521 -50.48 51.51 -9.38
CA VAL H 521 -50.39 50.46 -10.38
C VAL H 521 -48.91 50.15 -10.56
N ALA H 522 -48.56 48.87 -10.57
CA ALA H 522 -47.19 48.44 -10.75
C ALA H 522 -47.14 47.34 -11.80
N ILE H 523 -46.20 47.46 -12.72
CA ILE H 523 -45.97 46.48 -13.77
C ILE H 523 -44.69 45.72 -13.42
N HIS H 524 -44.80 44.40 -13.33
CA HIS H 524 -43.67 43.55 -13.01
C HIS H 524 -43.40 42.58 -14.15
N TYR H 525 -42.12 42.41 -14.47
CA TYR H 525 -41.72 41.54 -15.57
C TYR H 525 -40.38 40.91 -15.24
N GLY H 526 -39.98 39.94 -16.04
CA GLY H 526 -38.75 39.20 -15.83
C GLY H 526 -38.23 38.64 -17.13
N GLU H 527 -37.60 37.48 -17.07
CA GLU H 527 -36.95 36.91 -18.24
C GLU H 527 -37.92 36.18 -19.16
N GLY H 528 -39.21 36.14 -18.84
CA GLY H 528 -40.18 35.72 -19.83
C GLY H 528 -40.26 36.65 -21.02
N VAL H 529 -39.87 37.91 -20.83
CA VAL H 529 -39.81 38.87 -21.92
C VAL H 529 -38.41 39.41 -22.14
N ASN H 530 -37.54 39.41 -21.13
CA ASN H 530 -36.17 39.87 -21.32
C ASN H 530 -35.32 38.89 -22.10
N HIS H 531 -35.79 37.66 -22.30
CA HIS H 531 -35.06 36.66 -23.07
C HIS H 531 -35.53 36.55 -24.51
N TYR H 532 -36.13 37.61 -25.05
CA TYR H 532 -36.42 37.72 -26.47
C TYR H 532 -35.66 38.90 -27.06
N PHE H 533 -35.44 38.84 -28.38
CA PHE H 533 -34.56 39.79 -29.06
C PHE H 533 -34.98 41.23 -28.78
N HIS H 534 -36.27 41.53 -28.91
CA HIS H 534 -36.76 42.89 -28.80
C HIS H 534 -37.23 43.22 -27.38
N ALA H 535 -36.61 42.62 -26.36
CA ALA H 535 -36.88 43.01 -24.99
C ALA H 535 -36.66 44.50 -24.81
N THR H 536 -35.68 45.06 -25.51
CA THR H 536 -35.41 46.49 -25.45
C THR H 536 -36.67 47.31 -25.71
N LEU H 537 -37.41 46.96 -26.75
CA LEU H 537 -38.67 47.63 -27.03
C LEU H 537 -39.74 47.26 -26.00
N MET H 538 -39.81 45.98 -25.63
CA MET H 538 -40.82 45.54 -24.67
C MET H 538 -40.65 46.24 -23.32
N ASN H 539 -39.42 46.38 -22.85
CA ASN H 539 -39.18 47.05 -21.56
C ASN H 539 -39.51 48.54 -21.65
N ARG H 540 -39.13 49.18 -22.76
CA ARG H 540 -39.51 50.58 -22.95
C ARG H 540 -41.03 50.74 -22.96
N SER H 541 -41.74 49.80 -23.59
CA SER H 541 -43.20 49.84 -23.59
C SER H 541 -43.78 49.71 -22.19
N TYR H 542 -43.05 49.03 -21.30
CA TYR H 542 -43.58 48.77 -19.96
C TYR H 542 -43.65 50.01 -19.09
N TYR H 543 -43.16 51.15 -19.56
CA TYR H 543 -43.29 52.41 -18.83
C TYR H 543 -44.40 53.29 -19.35
N LEU H 544 -44.86 53.08 -20.58
CA LEU H 544 -45.86 53.97 -21.19
C LEU H 544 -47.13 54.08 -20.35
N PRO H 545 -47.79 52.99 -19.93
CA PRO H 545 -49.02 53.18 -19.14
C PRO H 545 -48.77 53.75 -17.75
N VAL H 546 -47.58 53.57 -17.18
CA VAL H 546 -47.34 54.07 -15.84
C VAL H 546 -46.74 55.47 -15.85
N MET H 547 -46.02 55.83 -16.92
CA MET H 547 -45.60 57.22 -17.11
C MET H 547 -46.81 58.15 -17.13
N LEU H 548 -47.88 57.73 -17.82
CA LEU H 548 -49.01 58.60 -18.07
C LEU H 548 -49.94 58.72 -16.88
N THR H 549 -50.03 57.68 -16.04
CA THR H 549 -50.95 57.67 -14.93
C THR H 549 -50.32 58.10 -13.61
N GLY H 550 -49.04 58.46 -13.61
CA GLY H 550 -48.37 58.88 -12.40
C GLY H 550 -48.10 57.79 -11.40
N ASN H 551 -47.58 56.65 -11.87
CA ASN H 551 -47.32 55.50 -11.03
C ASN H 551 -45.85 55.09 -11.04
N VAL H 552 -44.95 56.08 -11.09
CA VAL H 552 -43.53 55.84 -10.96
C VAL H 552 -42.99 56.70 -9.82
N GLY H 553 -42.28 56.08 -8.88
CA GLY H 553 -41.69 56.78 -7.75
C GLY H 553 -42.50 56.76 -6.48
N TYR H 554 -43.69 56.15 -6.48
CA TYR H 554 -44.55 56.08 -5.31
C TYR H 554 -44.63 54.64 -4.82
N PHE H 555 -44.75 54.49 -3.49
CA PHE H 555 -44.81 53.16 -2.89
C PHE H 555 -45.96 52.35 -3.49
N GLY H 556 -45.66 51.11 -3.87
CA GLY H 556 -46.63 50.25 -4.49
C GLY H 556 -46.78 50.42 -5.99
N SER H 557 -46.02 51.33 -6.60
CA SER H 557 -46.15 51.68 -8.00
C SER H 557 -44.85 51.31 -8.72
N GLY H 558 -44.78 51.68 -9.99
CA GLY H 558 -43.56 51.55 -10.77
C GLY H 558 -43.68 50.45 -11.82
N SER H 559 -42.66 50.39 -12.66
CA SER H 559 -42.51 49.30 -13.61
C SER H 559 -41.13 48.68 -13.37
N HIS H 560 -41.11 47.40 -13.00
CA HIS H 560 -39.92 46.78 -12.44
C HIS H 560 -39.62 45.46 -13.12
N THR H 561 -38.34 45.17 -13.30
CA THR H 561 -37.87 43.88 -13.77
C THR H 561 -37.22 43.12 -12.62
N TRP H 562 -37.24 41.79 -12.73
CA TRP H 562 -36.68 40.91 -11.72
C TRP H 562 -35.71 39.95 -12.37
N ALA H 563 -34.65 39.62 -11.65
CA ALA H 563 -33.55 38.85 -12.20
C ALA H 563 -32.82 38.17 -11.04
N GLY H 564 -31.58 37.74 -11.29
CA GLY H 564 -30.76 37.22 -10.22
C GLY H 564 -30.24 38.34 -9.33
N ASN H 565 -29.28 37.97 -8.49
CA ASN H 565 -28.69 38.91 -7.54
C ASN H 565 -27.54 39.62 -8.24
N TYR H 566 -27.80 40.85 -8.69
CA TYR H 566 -26.86 41.60 -9.50
C TYR H 566 -26.28 42.83 -8.83
N LYS H 567 -26.91 43.33 -7.76
CA LYS H 567 -26.72 44.72 -7.36
C LYS H 567 -25.37 44.88 -6.64
N ALA H 568 -24.31 44.81 -7.43
CA ALA H 568 -23.01 45.23 -6.94
C ALA H 568 -22.95 46.72 -6.71
N GLY H 569 -23.93 47.47 -7.23
CA GLY H 569 -24.06 48.89 -6.97
C GLY H 569 -24.56 49.24 -5.58
N ASN H 570 -24.84 48.24 -4.73
CA ASN H 570 -25.11 48.53 -3.33
C ASN H 570 -23.87 49.12 -2.67
N PHE H 571 -22.69 48.72 -3.12
CA PHE H 571 -21.44 49.34 -2.72
C PHE H 571 -21.27 50.61 -3.55
N GLN H 572 -22.17 51.55 -3.31
CA GLN H 572 -22.34 52.70 -4.18
C GLN H 572 -21.29 53.76 -3.88
N ALA H 573 -20.60 54.21 -4.92
CA ALA H 573 -19.55 55.22 -4.78
C ALA H 573 -20.15 56.61 -4.85
N SER H 574 -19.59 57.52 -4.06
CA SER H 574 -20.04 58.90 -4.05
C SER H 574 -18.93 59.76 -3.45
N LYS H 575 -19.13 61.07 -3.46
CA LYS H 575 -18.15 61.98 -2.89
C LYS H 575 -18.08 61.82 -1.38
N TRP H 576 -19.23 61.85 -0.71
CA TRP H 576 -19.23 61.77 0.75
C TRP H 576 -18.85 60.38 1.25
N SER H 577 -19.14 59.32 0.49
CA SER H 577 -18.89 57.97 0.97
C SER H 577 -17.49 57.48 0.62
N GLY H 578 -17.15 57.45 -0.67
CA GLY H 578 -15.87 56.92 -1.08
C GLY H 578 -15.95 56.07 -2.33
N PRO H 579 -14.94 55.21 -2.54
CA PRO H 579 -14.88 54.43 -3.78
C PRO H 579 -15.91 53.31 -3.85
N GLY H 580 -16.42 52.85 -2.72
CA GLY H 580 -17.42 51.80 -2.76
C GLY H 580 -16.86 50.50 -3.31
N PHE H 581 -17.56 49.95 -4.30
CA PHE H 581 -17.18 48.68 -4.89
C PHE H 581 -15.82 48.75 -5.58
N TYR H 582 -15.44 49.94 -6.08
CA TYR H 582 -14.14 50.07 -6.74
C TYR H 582 -12.99 49.82 -5.78
N GLY H 583 -13.20 50.03 -4.48
CA GLY H 583 -12.15 49.80 -3.52
C GLY H 583 -11.65 48.36 -3.53
N TRP H 584 -12.57 47.41 -3.73
CA TRP H 584 -12.19 46.00 -3.72
C TRP H 584 -11.66 45.53 -5.07
N VAL H 585 -12.31 45.91 -6.17
CA VAL H 585 -11.97 45.36 -7.48
C VAL H 585 -11.04 46.26 -8.30
N ALA H 586 -10.98 47.55 -8.00
CA ALA H 586 -10.18 48.49 -8.79
C ALA H 586 -9.14 49.23 -7.95
N GLU H 587 -8.66 48.60 -6.87
CA GLU H 587 -7.56 49.22 -6.14
C GLU H 587 -6.30 49.15 -6.99
N ASP H 588 -5.47 50.20 -6.93
CA ASP H 588 -4.27 50.22 -7.76
C ASP H 588 -3.35 49.09 -7.37
N VAL H 589 -3.14 48.18 -8.32
CA VAL H 589 -2.33 46.99 -8.13
C VAL H 589 -0.86 47.33 -7.83
N PHE H 590 -0.33 48.39 -8.42
CA PHE H 590 1.07 48.77 -8.18
C PHE H 590 1.24 49.66 -6.96
N LYS H 591 0.14 50.20 -6.41
CA LYS H 591 0.16 51.05 -5.23
C LYS H 591 -0.91 50.58 -4.25
N PRO H 592 -0.82 49.35 -3.74
CA PRO H 592 -1.83 48.86 -2.80
C PRO H 592 -1.61 49.40 -1.39
N ASN H 593 -2.73 49.60 -0.69
CA ASN H 593 -2.68 50.07 0.69
C ASN H 593 -2.62 48.85 1.60
N LEU H 594 -1.58 48.78 2.41
CA LEU H 594 -1.31 47.65 3.28
C LEU H 594 -1.47 48.01 4.76
N ASP H 595 -2.23 49.07 5.04
CA ASP H 595 -2.56 49.43 6.42
C ASP H 595 -3.89 48.79 6.78
N PRO H 596 -3.95 47.94 7.82
CA PRO H 596 -5.23 47.33 8.18
C PRO H 596 -6.31 48.34 8.52
N TYR H 597 -5.93 49.50 9.08
CA TYR H 597 -6.85 50.51 9.56
C TYR H 597 -7.07 51.62 8.54
N ALA H 598 -7.07 51.27 7.26
CA ALA H 598 -7.14 52.23 6.17
C ALA H 598 -8.59 52.57 5.87
N SER H 599 -8.93 53.85 5.96
CA SER H 599 -10.23 54.32 5.50
C SER H 599 -10.35 54.05 4.00
N ALA H 600 -11.59 53.78 3.56
CA ALA H 600 -11.82 53.48 2.15
C ALA H 600 -11.44 54.64 1.25
N LYS H 601 -11.36 55.86 1.80
CA LYS H 601 -10.89 57.00 1.03
C LYS H 601 -9.37 57.10 1.00
N ASP H 602 -8.69 56.34 1.86
CA ASP H 602 -7.23 56.25 1.81
C ASP H 602 -6.75 55.24 0.78
N LEU H 603 -7.66 54.64 0.01
CA LEU H 603 -7.29 53.67 -1.00
C LEU H 603 -7.06 54.38 -2.32
N ASN H 604 -6.02 53.97 -3.04
CA ASN H 604 -5.71 54.53 -4.34
C ASN H 604 -6.46 53.71 -5.39
N ILE H 605 -7.41 54.34 -6.07
CA ILE H 605 -8.30 53.66 -7.00
C ILE H 605 -7.77 53.82 -8.42
N LYS H 606 -7.29 52.73 -9.00
CA LYS H 606 -6.96 52.69 -10.43
C LYS H 606 -7.03 51.25 -10.89
N GLY H 607 -8.07 50.93 -11.67
CA GLY H 607 -8.23 49.60 -12.21
C GLY H 607 -7.61 49.47 -13.60
N ARG H 608 -6.99 48.30 -13.84
CA ARG H 608 -6.36 48.02 -15.13
C ARG H 608 -6.95 46.78 -15.78
N ALA H 609 -8.16 46.40 -15.39
CA ALA H 609 -8.88 45.28 -15.97
C ALA H 609 -10.02 45.80 -16.82
N LEU H 610 -10.02 45.46 -18.10
CA LEU H 610 -11.03 45.95 -19.04
C LEU H 610 -12.23 45.02 -19.05
N ASP H 611 -13.39 45.56 -18.67
CA ASP H 611 -14.62 44.77 -18.58
C ASP H 611 -15.05 44.25 -19.94
N GLU H 612 -15.70 43.08 -19.94
CA GLU H 612 -16.16 42.46 -21.17
C GLU H 612 -17.51 41.78 -20.96
N GLU H 613 -18.24 41.64 -22.06
CA GLU H 613 -19.49 40.89 -22.09
C GLU H 613 -19.19 39.46 -22.50
N VAL H 614 -19.75 38.50 -21.77
CA VAL H 614 -19.47 37.09 -22.05
C VAL H 614 -20.09 36.67 -23.38
N ALA H 615 -21.19 37.32 -23.78
CA ALA H 615 -21.96 36.85 -24.93
C ALA H 615 -21.14 36.78 -26.21
N TYR H 616 -20.10 37.60 -26.31
CA TYR H 616 -19.23 37.54 -27.49
C TYR H 616 -18.56 36.17 -27.60
N TRP H 617 -18.12 35.61 -26.47
CA TRP H 617 -17.65 34.23 -26.47
C TRP H 617 -18.74 33.27 -26.95
N ASN H 618 -19.94 33.38 -26.38
CA ASN H 618 -21.05 32.52 -26.78
C ASN H 618 -21.45 32.74 -28.23
N HIS H 619 -21.09 33.88 -28.81
CA HIS H 619 -21.35 34.15 -30.22
C HIS H 619 -20.27 33.60 -31.13
N SER H 620 -19.55 32.58 -30.67
CA SER H 620 -18.41 32.00 -31.40
C SER H 620 -17.27 33.00 -31.56
N GLU H 621 -17.00 33.76 -30.50
CA GLU H 621 -15.86 34.68 -30.45
C GLU H 621 -15.92 35.72 -31.57
N ARG H 622 -17.12 36.23 -31.85
CA ARG H 622 -17.29 37.23 -32.88
C ARG H 622 -18.16 38.39 -32.41
N PRO H 623 -17.81 39.61 -32.79
CA PRO H 623 -18.73 40.74 -32.63
C PRO H 623 -19.80 40.67 -33.72
N LEU H 624 -20.73 41.63 -33.69
CA LEU H 624 -21.75 41.69 -34.72
C LEU H 624 -21.13 42.30 -35.98
N ILE H 625 -20.69 41.44 -36.88
CA ILE H 625 -20.12 41.85 -38.16
C ILE H 625 -20.94 41.20 -39.27
N VAL H 626 -21.46 42.02 -40.17
CA VAL H 626 -22.35 41.57 -41.23
C VAL H 626 -21.79 41.99 -42.58
N ASN H 627 -21.90 41.11 -43.57
CA ASN H 627 -21.49 41.43 -44.94
C ASN H 627 -22.70 41.95 -45.70
N THR H 628 -23.07 43.20 -45.42
CA THR H 628 -24.19 43.81 -46.10
C THR H 628 -23.81 44.11 -47.55
N PRO H 629 -24.72 43.85 -48.50
CA PRO H 629 -24.41 44.21 -49.89
C PRO H 629 -24.41 45.71 -50.16
N LYS H 630 -25.04 46.51 -49.30
CA LYS H 630 -25.03 47.95 -49.47
C LYS H 630 -23.79 48.62 -48.85
N TYR H 631 -23.35 48.17 -47.67
CA TYR H 631 -22.21 48.77 -46.98
C TYR H 631 -21.13 47.74 -46.69
N GLY H 632 -20.84 46.85 -47.65
CA GLY H 632 -19.88 45.79 -47.45
C GLY H 632 -19.87 45.19 -46.05
N ARG H 633 -18.68 44.88 -45.56
CA ARG H 633 -18.53 44.39 -44.19
C ARG H 633 -18.69 45.56 -43.21
N LYS H 634 -19.77 45.56 -42.45
CA LYS H 634 -20.06 46.61 -41.47
C LYS H 634 -20.05 46.02 -40.06
N VAL H 635 -19.47 46.76 -39.13
CA VAL H 635 -19.40 46.35 -37.73
C VAL H 635 -20.44 47.13 -36.94
N PHE H 636 -21.36 46.40 -36.29
CA PHE H 636 -22.41 47.00 -35.48
C PHE H 636 -22.06 47.06 -34.00
N THR H 637 -20.94 46.45 -33.59
CA THR H 637 -20.51 46.50 -32.21
C THR H 637 -19.77 47.81 -31.94
N GLY H 638 -20.20 48.52 -30.90
CA GLY H 638 -19.54 49.76 -30.55
C GLY H 638 -18.13 49.53 -30.08
N LYS H 639 -17.30 50.58 -30.20
CA LYS H 639 -15.91 50.47 -29.79
C LYS H 639 -15.79 50.17 -28.31
N THR H 640 -16.66 50.76 -27.50
CA THR H 640 -16.64 50.51 -26.06
C THR H 640 -16.99 49.06 -25.75
N HIS H 641 -17.76 48.40 -26.61
CA HIS H 641 -18.23 47.05 -26.39
C HIS H 641 -17.31 45.99 -26.99
N MET H 642 -16.15 46.38 -27.50
CA MET H 642 -15.36 45.46 -28.32
C MET H 642 -14.74 44.39 -27.45
N PRO H 643 -14.90 43.11 -27.80
CA PRO H 643 -14.24 42.04 -27.05
C PRO H 643 -12.84 41.74 -27.54
N SER H 644 -12.18 40.79 -26.89
CA SER H 644 -10.84 40.33 -27.24
C SER H 644 -10.85 38.82 -27.27
N PRO H 645 -9.88 38.20 -27.96
CA PRO H 645 -9.82 36.74 -28.01
C PRO H 645 -9.69 36.14 -26.62
N THR H 646 -10.37 35.03 -26.41
CA THR H 646 -10.30 34.28 -25.15
C THR H 646 -9.35 33.11 -25.33
N LYS H 647 -8.26 33.11 -24.56
CA LYS H 647 -7.28 32.04 -24.59
C LYS H 647 -7.04 31.39 -23.24
N VAL H 648 -7.24 32.12 -22.15
CA VAL H 648 -7.23 31.56 -20.81
C VAL H 648 -8.51 32.02 -20.13
N LEU H 649 -9.12 31.14 -19.35
CA LEU H 649 -10.43 31.42 -18.78
C LEU H 649 -10.53 30.72 -17.43
N TRP H 650 -11.02 31.44 -16.42
CA TRP H 650 -11.23 30.87 -15.10
C TRP H 650 -12.42 31.55 -14.45
N PHE H 651 -13.34 30.77 -13.89
CA PHE H 651 -14.59 31.30 -13.38
C PHE H 651 -14.98 30.60 -12.09
N THR H 652 -15.40 31.39 -11.10
CA THR H 652 -15.78 30.87 -9.80
C THR H 652 -17.26 31.15 -9.52
N ASN H 653 -17.93 30.25 -8.87
CA ASN H 653 -19.34 30.43 -8.42
C ASN H 653 -20.32 30.52 -9.58
N VAL H 654 -19.95 29.90 -10.68
CA VAL H 654 -20.83 29.86 -11.86
C VAL H 654 -20.47 28.59 -12.63
N ASN H 655 -21.45 27.92 -13.22
CA ASN H 655 -21.27 26.72 -14.08
C ASN H 655 -21.37 27.26 -15.49
N LEU H 656 -20.36 27.97 -15.94
CA LEU H 656 -20.43 28.74 -17.19
C LEU H 656 -20.61 27.90 -18.43
N ILE H 657 -19.85 26.83 -18.59
CA ILE H 657 -19.92 26.07 -19.84
C ILE H 657 -21.20 25.24 -19.94
N ASN H 658 -21.58 24.57 -18.84
CA ASN H 658 -22.82 23.77 -18.83
C ASN H 658 -24.05 24.63 -19.08
N ASN H 659 -24.12 25.81 -18.49
CA ASN H 659 -25.28 26.70 -18.61
C ASN H 659 -25.21 27.61 -19.81
N ALA H 660 -24.15 27.52 -20.61
CA ALA H 660 -24.02 28.32 -21.81
C ALA H 660 -25.12 27.95 -22.80
N LYS H 661 -25.48 28.89 -23.67
CA LYS H 661 -26.63 28.67 -24.53
C LYS H 661 -26.29 27.74 -25.69
N HIS H 662 -25.24 28.05 -26.42
CA HIS H 662 -24.82 27.21 -27.54
C HIS H 662 -23.78 26.20 -27.06
N VAL H 663 -24.15 25.41 -26.04
CA VAL H 663 -23.14 24.67 -25.28
C VAL H 663 -22.41 23.68 -26.19
N TYR H 664 -23.15 23.02 -27.06
CA TYR H 664 -22.52 22.03 -27.93
C TYR H 664 -21.70 22.67 -29.06
N GLN H 665 -22.08 23.88 -29.50
CA GLN H 665 -21.16 24.66 -30.34
C GLN H 665 -19.94 25.08 -29.55
N MET H 666 -20.12 25.49 -28.29
CA MET H 666 -19.01 25.94 -27.48
C MET H 666 -18.00 24.81 -27.25
N LEU H 667 -18.50 23.61 -26.98
CA LEU H 667 -17.62 22.49 -26.72
C LEU H 667 -16.94 21.96 -27.98
N LYS H 668 -17.65 22.00 -29.11
CA LYS H 668 -17.16 21.38 -30.35
C LYS H 668 -16.29 22.32 -31.17
N ASN H 669 -16.66 23.60 -31.28
CA ASN H 669 -16.02 24.49 -32.24
C ASN H 669 -15.39 25.73 -31.63
N VAL H 670 -15.72 26.09 -30.39
CA VAL H 670 -15.23 27.31 -29.75
C VAL H 670 -14.15 27.02 -28.72
N ASN H 671 -14.46 26.19 -27.72
CA ASN H 671 -13.58 25.95 -26.57
C ASN H 671 -12.28 25.21 -26.91
N PRO H 672 -12.22 24.34 -27.94
CA PRO H 672 -10.93 23.73 -28.30
C PRO H 672 -9.83 24.75 -28.57
N ASN H 673 -10.20 25.97 -28.95
CA ASN H 673 -9.22 27.04 -29.15
C ASN H 673 -8.89 27.79 -27.86
N ILE H 674 -9.66 27.61 -26.80
CA ILE H 674 -9.31 28.19 -25.50
C ILE H 674 -8.31 27.25 -24.84
N GLU H 675 -7.12 27.78 -24.54
CA GLU H 675 -5.98 26.99 -24.11
C GLU H 675 -5.95 26.72 -22.62
N GLN H 676 -6.80 27.39 -21.83
CA GLN H 676 -6.94 27.09 -20.41
C GLN H 676 -8.37 27.36 -19.99
N ILE H 677 -9.04 26.36 -19.45
CA ILE H 677 -10.36 26.51 -18.86
C ILE H 677 -10.27 26.06 -17.42
N MET H 678 -10.71 26.90 -16.49
CA MET H 678 -10.55 26.64 -15.07
C MET H 678 -11.85 26.96 -14.36
N SER H 679 -12.18 26.17 -13.34
CA SER H 679 -13.40 26.38 -12.58
C SER H 679 -13.15 26.15 -11.10
N THR H 680 -13.58 27.10 -10.28
CA THR H 680 -13.71 26.92 -8.85
C THR H 680 -15.17 26.61 -8.55
N ASP H 681 -15.41 25.52 -7.81
CA ASP H 681 -16.77 25.08 -7.57
C ASP H 681 -16.76 24.12 -6.38
N ILE H 682 -17.95 23.66 -6.00
CA ILE H 682 -18.12 22.73 -4.88
C ILE H 682 -18.61 21.36 -5.31
N GLU H 683 -19.07 21.20 -6.55
CA GLU H 683 -19.52 19.91 -7.05
C GLU H 683 -18.94 19.70 -8.45
N ILE H 684 -18.85 18.45 -8.87
CA ILE H 684 -18.36 18.15 -10.22
C ILE H 684 -19.50 18.36 -11.22
N THR H 685 -19.34 19.36 -12.06
CA THR H 685 -20.38 19.84 -12.96
C THR H 685 -19.98 19.53 -14.41
N GLY H 686 -20.81 19.98 -15.34
CA GLY H 686 -20.57 19.68 -16.74
C GLY H 686 -19.54 20.59 -17.36
N SER H 687 -19.37 21.80 -16.81
CA SER H 687 -18.24 22.64 -17.20
C SER H 687 -16.91 22.08 -16.71
N ILE H 688 -16.90 21.44 -15.53
CA ILE H 688 -15.67 20.80 -15.07
C ILE H 688 -15.36 19.58 -15.92
N GLU H 689 -16.40 18.90 -16.43
CA GLU H 689 -16.17 17.76 -17.31
C GLU H 689 -15.48 18.18 -18.60
N TYR H 690 -15.66 19.44 -19.02
CA TYR H 690 -15.02 19.99 -20.21
C TYR H 690 -14.05 21.11 -19.89
N ALA H 691 -13.42 21.07 -18.72
CA ALA H 691 -12.46 22.08 -18.29
C ALA H 691 -11.07 21.45 -18.14
N ASP H 692 -10.09 22.31 -17.84
CA ASP H 692 -8.73 21.86 -17.64
C ASP H 692 -8.33 21.80 -16.18
N PHE H 693 -8.93 22.65 -15.33
CA PHE H 693 -8.67 22.63 -13.91
C PHE H 693 -9.99 22.70 -13.15
N ALA H 694 -9.97 22.18 -11.93
CA ALA H 694 -11.10 22.26 -11.02
C ALA H 694 -10.54 22.51 -9.62
N PHE H 695 -11.11 23.49 -8.92
CA PHE H 695 -10.63 23.85 -7.59
C PHE H 695 -11.76 23.69 -6.60
N PRO H 696 -11.67 22.72 -5.68
CA PRO H 696 -12.76 22.50 -4.72
C PRO H 696 -12.80 23.63 -3.69
N ALA H 697 -13.92 24.33 -3.65
CA ALA H 697 -14.13 25.42 -2.71
C ALA H 697 -15.01 24.95 -1.56
N ASN H 698 -14.98 25.72 -0.47
CA ASN H 698 -15.84 25.45 0.67
C ASN H 698 -17.24 25.96 0.37
N SER H 699 -18.25 25.15 0.67
CA SER H 699 -19.62 25.58 0.50
C SER H 699 -19.99 26.57 1.61
N TRP H 700 -21.24 27.07 1.56
CA TRP H 700 -21.65 28.10 2.50
C TRP H 700 -21.65 27.60 3.94
N VAL H 701 -21.70 26.30 4.16
CA VAL H 701 -21.72 25.76 5.52
C VAL H 701 -20.34 25.38 6.03
N GLU H 702 -19.33 25.37 5.18
CA GLU H 702 -17.98 25.05 5.59
C GLU H 702 -17.00 26.18 5.31
N PHE H 703 -17.44 27.43 5.49
CA PHE H 703 -16.55 28.53 5.20
C PHE H 703 -15.56 28.66 6.35
N GLN H 704 -14.33 29.06 6.02
CA GLN H 704 -13.32 29.31 7.04
C GLN H 704 -12.90 30.78 7.04
N GLU H 705 -13.73 31.63 6.46
CA GLU H 705 -13.52 33.08 6.46
C GLU H 705 -14.87 33.73 6.22
N PHE H 706 -14.99 34.97 6.66
CA PHE H 706 -16.26 35.67 6.60
C PHE H 706 -16.57 36.12 5.18
N GLU H 707 -17.86 36.29 4.90
CA GLU H 707 -18.31 36.67 3.57
C GLU H 707 -19.47 37.64 3.67
N ILE H 708 -19.58 38.51 2.67
CA ILE H 708 -20.56 39.58 2.62
C ILE H 708 -21.49 39.37 1.43
N THR H 709 -22.79 39.65 1.62
CA THR H 709 -23.73 39.55 0.52
C THR H 709 -24.87 40.55 0.72
N ASN H 710 -25.54 40.85 -0.37
CA ASN H 710 -26.69 41.75 -0.40
C ASN H 710 -27.74 41.12 -1.32
N SER H 711 -28.87 41.80 -1.43
CA SER H 711 -29.90 41.39 -2.36
C SER H 711 -30.48 42.63 -3.02
N CYS H 712 -31.12 42.40 -4.15
CA CYS H 712 -31.81 43.45 -4.89
C CYS H 712 -33.31 43.39 -4.68
N SER H 713 -33.78 42.37 -3.96
CA SER H 713 -35.19 42.24 -3.62
C SER H 713 -35.47 42.51 -2.14
N ASN H 714 -34.44 42.75 -1.34
CA ASN H 714 -34.61 43.03 0.07
C ASN H 714 -33.45 43.90 0.53
N PRO H 715 -33.61 44.63 1.64
CA PRO H 715 -32.53 45.51 2.12
C PRO H 715 -31.54 44.84 3.05
N PHE H 716 -31.49 43.52 3.07
CA PHE H 716 -30.76 42.79 4.10
C PHE H 716 -29.29 42.59 3.74
N ILE H 717 -28.42 42.72 4.75
CA ILE H 717 -26.99 42.46 4.63
C ILE H 717 -26.69 41.17 5.38
N GLN H 718 -25.89 40.29 4.75
CA GLN H 718 -25.55 39.01 5.35
C GLN H 718 -24.04 38.85 5.46
N ILE H 719 -23.55 38.64 6.67
CA ILE H 719 -22.16 38.28 6.91
C ILE H 719 -22.14 36.98 7.71
N TRP H 720 -21.46 35.96 7.17
CA TRP H 720 -21.40 34.67 7.84
C TRP H 720 -20.08 33.98 7.53
N GLY H 721 -19.62 33.15 8.44
CA GLY H 721 -18.44 32.34 8.21
C GLY H 721 -17.87 31.81 9.51
N LYS H 722 -17.12 30.72 9.45
CA LYS H 722 -16.36 30.05 10.54
C LYS H 722 -17.24 29.34 11.57
N THR H 723 -18.54 29.39 11.45
CA THR H 723 -19.48 28.92 12.47
C THR H 723 -20.09 27.59 12.06
N GLY H 724 -19.80 27.09 10.88
CA GLY H 724 -20.44 25.88 10.44
C GLY H 724 -19.66 24.62 10.72
N ILE H 725 -19.60 23.73 9.75
CA ILE H 725 -18.91 22.47 9.89
C ILE H 725 -17.52 22.56 9.26
N THR H 726 -16.65 21.65 9.66
CA THR H 726 -15.34 21.57 9.05
C THR H 726 -15.47 21.07 7.61
N PRO H 727 -14.56 21.51 6.72
CA PRO H 727 -14.64 21.08 5.33
C PRO H 727 -14.66 19.56 5.19
N VAL H 728 -15.64 19.06 4.43
CA VAL H 728 -15.79 17.62 4.29
C VAL H 728 -14.60 17.02 3.54
N TYR H 729 -14.09 17.72 2.54
CA TYR H 729 -12.91 17.25 1.81
C TYR H 729 -11.83 18.32 1.74
N GLU H 730 -10.83 18.08 0.89
CA GLU H 730 -9.67 18.96 0.73
C GLU H 730 -10.12 20.17 -0.08
N SER H 731 -10.84 21.06 0.60
CA SER H 731 -11.40 22.27 -0.01
C SER H 731 -10.81 23.50 0.68
N LYS H 732 -10.81 24.61 -0.04
CA LYS H 732 -10.29 25.88 0.46
C LYS H 732 -11.34 26.97 0.27
N ASP H 733 -11.12 28.09 0.97
CA ASP H 733 -11.97 29.26 0.80
C ASP H 733 -11.70 29.91 -0.55
N ASP H 734 -12.74 30.50 -1.13
CA ASP H 734 -12.61 31.09 -2.46
C ASP H 734 -11.57 32.20 -2.47
N VAL H 735 -11.54 33.03 -1.42
CA VAL H 735 -10.56 34.10 -1.34
C VAL H 735 -9.14 33.52 -1.25
N LYS H 736 -8.97 32.39 -0.57
CA LYS H 736 -7.65 31.79 -0.45
C LYS H 736 -7.22 31.08 -1.73
N ILE H 737 -8.17 30.56 -2.50
CA ILE H 737 -7.83 30.00 -3.81
C ILE H 737 -7.32 31.10 -4.73
N LEU H 738 -7.96 32.28 -4.69
CA LEU H 738 -7.47 33.42 -5.44
C LEU H 738 -6.10 33.87 -4.94
N ALA H 739 -5.93 33.94 -3.62
CA ALA H 739 -4.66 34.36 -3.06
C ALA H 739 -3.56 33.35 -3.34
N GLY H 740 -3.86 32.06 -3.18
CA GLY H 740 -2.88 31.04 -3.52
C GLY H 740 -2.50 31.07 -4.99
N MET H 741 -3.46 31.39 -5.86
CA MET H 741 -3.16 31.53 -7.28
C MET H 741 -2.25 32.73 -7.53
N ALA H 742 -2.50 33.84 -6.84
CA ALA H 742 -1.67 35.01 -7.02
C ALA H 742 -0.27 34.80 -6.46
N SER H 743 -0.18 34.11 -5.31
CA SER H 743 1.12 33.90 -4.68
C SER H 743 2.03 33.05 -5.56
N LYS H 744 1.48 32.03 -6.22
CA LYS H 744 2.30 31.21 -7.11
C LYS H 744 2.76 32.00 -8.32
N LEU H 745 1.93 32.92 -8.82
CA LEU H 745 2.38 33.82 -9.88
C LEU H 745 3.53 34.69 -9.40
N GLY H 746 3.46 35.17 -8.15
CA GLY H 746 4.55 35.95 -7.61
C GLY H 746 5.78 35.12 -7.32
N GLU H 747 5.59 33.86 -6.92
CA GLU H 747 6.73 32.98 -6.67
C GLU H 747 7.50 32.70 -7.95
N LEU H 748 6.79 32.51 -9.07
CA LEU H 748 7.46 32.25 -10.34
C LEU H 748 8.10 33.50 -10.93
N LEU H 749 7.49 34.65 -10.71
CA LEU H 749 7.99 35.92 -11.30
C LEU H 749 8.85 36.67 -10.29
N ARG H 750 9.00 36.14 -9.08
CA ARG H 750 9.80 36.78 -8.02
C ARG H 750 9.35 38.20 -7.83
N ASP H 751 8.05 38.40 -7.69
CA ASP H 751 7.44 39.71 -7.44
C ASP H 751 6.63 39.52 -6.20
N LYS H 752 6.82 40.37 -5.23
CA LYS H 752 6.05 40.26 -4.00
C LYS H 752 4.77 41.07 -4.07
N ARG H 753 4.73 42.11 -4.91
CA ARG H 753 3.52 42.92 -5.10
C ARG H 753 2.27 42.06 -5.37
N PHE H 754 2.44 40.78 -5.73
CA PHE H 754 1.27 39.92 -5.88
C PHE H 754 0.64 39.62 -4.52
N GLU H 755 1.46 39.21 -3.55
CA GLU H 755 0.93 38.92 -2.21
C GLU H 755 0.50 40.18 -1.49
N ASP H 756 1.05 41.33 -1.87
CA ASP H 756 0.64 42.60 -1.25
C ASP H 756 -0.83 42.90 -1.57
N ASN H 757 -1.26 42.60 -2.79
CA ASN H 757 -2.65 42.83 -3.18
C ASN H 757 -3.58 41.86 -2.47
N TRP H 758 -3.01 40.79 -1.92
CA TRP H 758 -3.82 39.80 -1.18
C TRP H 758 -3.33 39.61 0.24
N LYS H 759 -2.64 40.55 0.84
CA LYS H 759 -2.01 40.33 2.17
C LYS H 759 -3.03 39.94 3.23
N PHE H 760 -4.13 40.64 3.34
CA PHE H 760 -5.16 40.35 4.37
C PHE H 760 -5.84 39.03 4.07
N ALA H 761 -6.04 38.76 2.81
CA ALA H 761 -6.65 37.49 2.44
C ALA H 761 -5.74 36.35 2.90
N ILE H 762 -4.45 36.46 2.63
CA ILE H 762 -3.50 35.44 3.04
C ILE H 762 -3.42 35.37 4.56
N GLU H 763 -3.46 36.51 5.23
CA GLU H 763 -3.31 36.53 6.69
C GLU H 763 -4.50 35.90 7.41
N GLY H 764 -5.56 35.56 6.70
CA GLY H 764 -6.73 35.05 7.36
C GLY H 764 -7.61 36.13 7.91
N ARG H 765 -7.45 37.37 7.44
CA ARG H 765 -8.23 38.52 7.87
C ARG H 765 -8.84 39.21 6.65
N ALA H 766 -9.96 38.66 6.15
CA ALA H 766 -10.69 39.30 5.07
C ALA H 766 -11.62 40.39 5.58
N SER H 767 -11.84 40.45 6.89
CA SER H 767 -12.64 41.52 7.47
C SER H 767 -12.09 42.89 7.12
N VAL H 768 -10.78 42.99 6.88
CA VAL H 768 -10.18 44.26 6.46
C VAL H 768 -10.82 44.74 5.16
N TYR H 769 -10.85 43.88 4.15
CA TYR H 769 -11.46 44.26 2.87
C TYR H 769 -12.95 44.50 3.02
N ILE H 770 -13.63 43.71 3.85
CA ILE H 770 -15.07 43.89 4.05
C ILE H 770 -15.35 45.26 4.66
N ASN H 771 -14.56 45.66 5.66
CA ASN H 771 -14.74 46.97 6.27
C ASN H 771 -14.48 48.08 5.27
N ARG H 772 -13.48 47.88 4.39
CA ARG H 772 -13.19 48.85 3.34
C ARG H 772 -14.33 48.92 2.32
N LEU H 773 -15.17 47.90 2.26
CA LEU H 773 -16.36 47.93 1.41
C LEU H 773 -17.55 48.52 2.14
N LEU H 774 -17.74 48.17 3.42
CA LEU H 774 -18.80 48.78 4.21
C LEU H 774 -18.58 50.29 4.31
N ASP H 775 -17.46 50.70 4.90
CA ASP H 775 -17.05 52.10 4.84
C ASP H 775 -16.72 52.46 3.40
N GLY H 776 -17.23 53.59 2.94
CA GLY H 776 -17.07 53.99 1.56
C GLY H 776 -18.22 53.68 0.64
N SER H 777 -19.35 53.19 1.18
CA SER H 777 -20.53 52.88 0.38
C SER H 777 -21.70 53.68 0.95
N THR H 778 -22.52 54.23 0.04
CA THR H 778 -23.64 55.07 0.46
C THR H 778 -24.58 54.31 1.38
N THR H 779 -24.76 53.02 1.13
CA THR H 779 -25.70 52.21 1.89
C THR H 779 -25.08 51.54 3.12
N MET H 780 -23.76 51.61 3.27
CA MET H 780 -23.12 50.83 4.32
C MET H 780 -22.02 51.53 5.11
N LYS H 781 -21.70 52.79 4.80
CA LYS H 781 -20.74 53.51 5.64
C LYS H 781 -21.31 53.68 7.04
N GLY H 782 -20.50 53.34 8.04
CA GLY H 782 -20.93 53.30 9.42
C GLY H 782 -21.01 51.90 9.97
N TYR H 783 -21.16 50.91 9.11
CA TYR H 783 -21.19 49.52 9.53
C TYR H 783 -19.77 48.98 9.62
N THR H 784 -19.53 48.16 10.62
CA THR H 784 -18.27 47.48 10.80
C THR H 784 -18.53 45.98 10.72
N CYS H 785 -17.62 45.24 10.09
CA CYS H 785 -17.82 43.80 9.97
C CYS H 785 -17.94 43.16 11.35
N GLU H 786 -17.10 43.60 12.29
CA GLU H 786 -17.17 43.07 13.65
C GLU H 786 -18.55 43.32 14.29
N ASP H 787 -19.06 44.54 14.18
CA ASP H 787 -20.32 44.89 14.84
C ASP H 787 -21.50 44.08 14.28
N ILE H 788 -21.56 43.90 12.96
CA ILE H 788 -22.67 43.13 12.37
C ILE H 788 -22.61 41.67 12.83
N LEU H 789 -21.42 41.07 12.78
CA LEU H 789 -21.24 39.66 13.12
C LEU H 789 -21.53 39.37 14.58
N ASN H 790 -21.40 40.37 15.43
CA ASN H 790 -21.48 40.21 16.86
C ASN H 790 -22.88 40.58 17.40
N GLY H 791 -23.80 40.98 16.54
CA GLY H 791 -25.16 41.24 16.95
C GLY H 791 -25.50 42.66 17.31
N LYS H 792 -24.72 43.65 16.86
CA LYS H 792 -24.98 45.04 17.21
C LYS H 792 -26.36 45.49 16.71
N TYR H 793 -26.82 44.95 15.59
CA TYR H 793 -28.06 45.38 14.96
C TYR H 793 -29.12 44.28 14.94
N GLY H 794 -29.16 43.46 15.98
CA GLY H 794 -30.17 42.42 16.08
C GLY H 794 -29.60 41.01 15.98
N GLU H 795 -29.93 40.32 14.89
CA GLU H 795 -29.41 38.98 14.67
C GLU H 795 -27.90 39.04 14.48
N PRO H 796 -27.15 38.04 14.98
CA PRO H 796 -25.69 38.13 14.95
C PRO H 796 -25.05 38.01 13.57
N GLY H 797 -25.81 38.15 12.49
CA GLY H 797 -25.15 38.12 11.20
C GLY H 797 -25.74 39.04 10.16
N VAL H 798 -26.70 39.88 10.55
CA VAL H 798 -27.50 40.64 9.59
C VAL H 798 -27.60 42.10 10.01
N ALA H 799 -27.65 42.97 9.00
CA ALA H 799 -27.92 44.39 9.16
C ALA H 799 -28.77 44.82 7.97
N MET H 800 -29.16 46.09 7.93
CA MET H 800 -29.99 46.62 6.87
C MET H 800 -29.25 47.70 6.10
N LEU H 801 -29.24 47.55 4.76
CA LEU H 801 -28.60 48.56 3.93
C LEU H 801 -29.32 49.88 4.08
N LEU H 802 -28.56 50.98 3.98
CA LEU H 802 -29.13 52.30 4.20
C LEU H 802 -29.41 52.92 2.84
N PHE H 803 -30.57 52.56 2.30
CA PHE H 803 -31.15 53.25 1.17
C PHE H 803 -31.82 54.52 1.69
N ARG H 804 -32.50 55.25 0.82
CA ARG H 804 -33.21 56.43 1.32
C ARG H 804 -34.48 56.03 2.06
N THR H 805 -35.14 54.97 1.61
CA THR H 805 -36.42 54.56 2.17
C THR H 805 -36.44 53.07 2.50
N TYR H 806 -37.37 52.71 3.37
CA TYR H 806 -37.73 51.31 3.61
C TYR H 806 -39.24 51.31 3.38
N PRO H 807 -39.74 50.64 2.34
CA PRO H 807 -39.13 49.80 1.32
C PRO H 807 -38.30 50.59 0.34
N ARG H 808 -37.16 50.06 -0.10
CA ARG H 808 -36.40 50.78 -1.12
C ARG H 808 -37.26 50.85 -2.38
N HIS H 809 -37.58 52.06 -2.81
CA HIS H 809 -38.37 52.27 -4.00
C HIS H 809 -37.57 53.14 -4.97
N PRO H 810 -37.38 52.69 -6.21
CA PRO H 810 -36.62 53.50 -7.17
C PRO H 810 -37.39 54.76 -7.56
N PHE H 811 -36.66 55.85 -7.73
CA PHE H 811 -37.17 57.13 -8.20
C PHE H 811 -38.04 57.85 -7.18
N TRP H 812 -37.97 57.46 -5.91
CA TRP H 812 -38.66 58.21 -4.87
C TRP H 812 -38.10 59.62 -4.73
N GLU H 813 -36.76 59.74 -4.68
CA GLU H 813 -36.15 61.07 -4.56
C GLU H 813 -36.42 61.95 -5.76
N GLN H 814 -36.80 61.36 -6.90
CA GLN H 814 -36.98 62.12 -8.13
C GLN H 814 -38.39 62.67 -8.25
N VAL H 815 -39.38 61.98 -7.71
CA VAL H 815 -40.75 62.46 -7.76
C VAL H 815 -41.11 63.34 -6.55
N HIS H 816 -40.65 62.96 -5.36
CA HIS H 816 -41.02 63.68 -4.16
C HIS H 816 -40.15 64.91 -3.92
N GLU H 817 -38.90 64.90 -4.38
CA GLU H 817 -38.00 66.03 -4.19
C GLU H 817 -37.63 66.72 -5.50
N SER H 818 -38.25 66.32 -6.62
CA SER H 818 -38.06 66.96 -7.92
C SER H 818 -36.59 66.90 -8.35
N LEU H 819 -36.08 65.68 -8.43
CA LEU H 819 -34.73 65.40 -8.90
C LEU H 819 -34.78 64.76 -10.29
N PRO H 820 -33.78 65.02 -11.13
CA PRO H 820 -33.82 64.48 -12.49
C PRO H 820 -33.48 63.01 -12.52
N PHE H 821 -33.97 62.31 -13.55
CA PHE H 821 -33.65 60.88 -13.71
C PHE H 821 -32.26 60.76 -14.33
N TYR H 822 -31.85 59.59 -14.77
CA TYR H 822 -30.47 59.42 -15.26
C TYR H 822 -30.40 59.41 -16.79
N THR H 823 -31.33 60.10 -17.44
CA THR H 823 -31.42 60.18 -18.90
C THR H 823 -30.90 61.50 -19.46
N PRO H 824 -30.54 61.60 -20.74
CA PRO H 824 -30.10 62.90 -21.29
C PRO H 824 -31.04 64.04 -20.96
N THR H 825 -32.35 63.79 -20.88
CA THR H 825 -33.30 64.83 -20.53
C THR H 825 -33.59 64.91 -19.04
N GLY H 826 -33.11 63.96 -18.24
CA GLY H 826 -33.48 63.93 -16.85
C GLY H 826 -34.92 63.54 -16.61
N ARG H 827 -35.56 62.92 -17.59
CA ARG H 827 -36.98 62.61 -17.52
C ARG H 827 -37.19 61.18 -18.00
N LEU H 828 -38.32 60.60 -17.62
CA LEU H 828 -38.69 59.29 -18.14
C LEU H 828 -38.93 59.42 -19.64
N GLN H 829 -38.14 58.71 -20.43
CA GLN H 829 -38.15 58.90 -21.88
C GLN H 829 -38.97 57.82 -22.56
N ALA H 830 -39.88 58.24 -23.43
CA ALA H 830 -40.57 57.36 -24.34
C ALA H 830 -40.03 57.48 -25.76
N TYR H 831 -38.90 58.17 -25.93
CA TYR H 831 -38.31 58.42 -27.22
C TYR H 831 -36.80 58.52 -27.07
N ASN H 832 -36.07 58.03 -28.07
CA ASN H 832 -34.61 58.07 -28.07
C ASN H 832 -34.13 58.55 -29.42
N ASP H 833 -33.32 59.61 -29.44
CA ASP H 833 -32.91 60.27 -30.66
C ASP H 833 -31.48 59.95 -31.07
N GLU H 834 -30.83 59.02 -30.37
CA GLU H 834 -29.44 58.70 -30.68
C GLU H 834 -29.33 58.22 -32.13
N PRO H 835 -28.25 58.56 -32.84
CA PRO H 835 -28.20 58.27 -34.29
C PRO H 835 -28.38 56.80 -34.64
N GLU H 836 -27.74 55.89 -33.92
CA GLU H 836 -27.86 54.47 -34.24
C GLU H 836 -29.29 53.99 -34.06
N ILE H 837 -29.99 54.53 -33.05
CA ILE H 837 -31.35 54.10 -32.77
C ILE H 837 -32.29 54.49 -33.90
N ILE H 838 -32.10 55.68 -34.48
CA ILE H 838 -32.94 56.10 -35.59
C ILE H 838 -32.62 55.29 -36.83
N GLU H 839 -31.33 54.97 -37.06
CA GLU H 839 -30.97 54.11 -38.18
C GLU H 839 -31.54 52.71 -38.02
N TYR H 840 -31.71 52.25 -36.78
CA TYR H 840 -32.28 50.93 -36.53
C TYR H 840 -33.80 50.93 -36.59
N GLY H 841 -34.43 52.09 -36.53
CA GLY H 841 -35.88 52.16 -36.60
C GLY H 841 -36.60 52.02 -35.29
N GLU H 842 -35.90 52.24 -34.16
CA GLU H 842 -36.49 52.06 -32.84
C GLU H 842 -36.44 53.35 -32.02
N ASN H 843 -36.41 54.50 -32.71
CA ASN H 843 -36.52 55.78 -32.01
C ASN H 843 -37.84 55.86 -31.26
N PHE H 844 -38.91 55.39 -31.87
CA PHE H 844 -40.19 55.21 -31.20
C PHE H 844 -40.24 53.83 -30.57
N ILE H 845 -41.12 53.68 -29.58
CA ILE H 845 -41.40 52.37 -29.00
C ILE H 845 -42.28 51.64 -30.02
N VAL H 846 -41.68 50.72 -30.77
CA VAL H 846 -42.35 50.03 -31.87
C VAL H 846 -42.41 48.55 -31.55
N HIS H 847 -43.40 47.87 -32.11
CA HIS H 847 -43.47 46.42 -32.05
C HIS H 847 -42.69 45.84 -33.22
N ARG H 848 -41.84 44.87 -32.94
CA ARG H 848 -41.06 44.20 -33.98
C ARG H 848 -41.11 42.70 -33.75
N GLU H 849 -41.18 41.93 -34.83
CA GLU H 849 -41.19 40.49 -34.75
C GLU H 849 -39.78 39.97 -34.49
N GLY H 850 -39.69 38.82 -33.85
CA GLY H 850 -38.42 38.23 -33.53
C GLY H 850 -37.67 37.75 -34.75
N PRO H 851 -36.34 37.74 -34.68
CA PRO H 851 -35.56 37.18 -35.79
C PRO H 851 -35.79 35.70 -35.98
N GLU H 852 -36.26 34.98 -34.97
CA GLU H 852 -36.71 33.60 -35.14
C GLU H 852 -38.05 33.30 -34.47
N ALA H 853 -38.45 34.04 -33.44
CA ALA H 853 -39.63 33.68 -32.65
C ALA H 853 -40.88 34.37 -33.19
N THR H 854 -41.16 34.09 -34.47
CA THR H 854 -42.33 34.67 -35.12
C THR H 854 -42.74 33.78 -36.28
N PRO H 855 -44.04 33.69 -36.56
CA PRO H 855 -44.48 33.04 -37.81
C PRO H 855 -44.31 33.91 -39.03
N TYR H 856 -44.10 35.21 -38.84
CA TYR H 856 -44.06 36.22 -39.88
C TYR H 856 -42.61 36.53 -40.26
N LEU H 857 -42.44 37.57 -41.07
CA LEU H 857 -41.11 37.99 -41.52
C LEU H 857 -40.23 38.28 -40.32
N PRO H 858 -39.05 37.66 -40.22
CA PRO H 858 -38.18 37.89 -39.07
C PRO H 858 -37.72 39.34 -38.98
N ASN H 859 -37.80 39.89 -37.76
CA ASN H 859 -37.25 41.21 -37.45
C ASN H 859 -37.93 42.32 -38.25
N ALA H 860 -39.22 42.15 -38.55
CA ALA H 860 -39.95 43.17 -39.28
C ALA H 860 -40.46 44.25 -38.33
N ILE H 861 -40.44 45.49 -38.80
CA ILE H 861 -40.94 46.62 -38.03
C ILE H 861 -42.40 46.85 -38.44
N VAL H 862 -43.32 46.59 -37.51
CA VAL H 862 -44.75 46.69 -37.79
C VAL H 862 -45.17 48.12 -37.48
N SER H 863 -45.24 48.96 -38.51
CA SER H 863 -45.67 50.35 -38.34
C SER H 863 -45.88 51.00 -39.70
N THR H 864 -46.67 52.07 -39.70
CA THR H 864 -46.85 52.95 -40.84
C THR H 864 -46.33 54.35 -40.56
N ASN H 865 -45.70 54.57 -39.42
CA ASN H 865 -45.22 55.89 -39.03
C ASN H 865 -44.24 56.46 -40.05
N PRO H 866 -44.52 57.61 -40.67
CA PRO H 866 -43.54 58.21 -41.57
C PRO H 866 -42.33 58.78 -40.84
N TYR H 867 -42.34 58.80 -39.51
CA TYR H 867 -41.22 59.28 -38.72
C TYR H 867 -40.29 58.16 -38.28
N ILE H 868 -40.59 56.92 -38.66
CA ILE H 868 -39.67 55.79 -38.52
C ILE H 868 -38.99 55.60 -39.86
N ARG H 869 -37.68 55.83 -39.91
CA ARG H 869 -36.91 55.78 -41.16
C ARG H 869 -35.69 54.88 -40.97
N PRO H 870 -35.88 53.58 -40.92
CA PRO H 870 -34.76 52.66 -40.66
C PRO H 870 -33.96 52.37 -41.92
N ASP H 871 -32.84 51.67 -41.70
CA ASP H 871 -31.97 51.22 -42.79
C ASP H 871 -31.97 49.69 -42.79
N ASP H 872 -32.39 49.10 -43.90
CA ASP H 872 -32.34 47.64 -44.02
C ASP H 872 -30.96 47.12 -44.43
N TYR H 873 -30.06 48.01 -44.86
CA TYR H 873 -28.73 47.65 -45.36
C TYR H 873 -28.77 46.83 -46.63
N GLY H 874 -29.88 46.90 -47.36
CA GLY H 874 -30.02 46.19 -48.61
C GLY H 874 -30.05 44.69 -48.46
N ILE H 875 -30.65 44.20 -47.39
CA ILE H 875 -30.72 42.77 -47.12
C ILE H 875 -32.09 42.29 -47.58
N PRO H 876 -32.18 41.33 -48.49
CA PRO H 876 -33.48 40.92 -49.00
C PRO H 876 -34.26 40.14 -47.96
N GLU H 877 -35.57 40.06 -48.19
CA GLU H 877 -36.44 39.35 -47.26
C GLU H 877 -36.25 37.84 -47.33
N ASN H 878 -35.44 37.34 -48.27
CA ASN H 878 -35.11 35.92 -48.30
C ASN H 878 -34.12 35.53 -47.22
N ALA H 879 -33.48 36.50 -46.57
CA ALA H 879 -32.31 36.21 -45.73
C ALA H 879 -32.65 35.20 -44.65
N GLU H 880 -31.90 34.09 -44.64
CA GLU H 880 -32.04 33.05 -43.64
C GLU H 880 -30.85 33.01 -42.69
N TYR H 881 -29.74 33.63 -43.07
CA TYR H 881 -28.57 33.70 -42.19
C TYR H 881 -28.88 34.60 -41.01
N TRP H 882 -28.50 34.14 -39.82
CA TRP H 882 -28.92 34.80 -38.58
C TRP H 882 -28.37 36.22 -38.48
N GLU H 883 -27.12 36.44 -38.92
CA GLU H 883 -26.56 37.78 -38.82
C GLU H 883 -27.27 38.75 -39.76
N ASP H 884 -27.79 38.26 -40.88
CA ASP H 884 -28.57 39.11 -41.77
C ASP H 884 -29.91 39.46 -41.13
N ARG H 885 -30.59 38.48 -40.54
CA ARG H 885 -31.89 38.73 -39.92
C ARG H 885 -31.77 39.67 -38.73
N THR H 886 -30.61 39.69 -38.08
CA THR H 886 -30.42 40.55 -36.90
C THR H 886 -30.53 42.02 -37.25
N VAL H 887 -30.13 42.42 -38.45
CA VAL H 887 -29.98 43.83 -38.80
C VAL H 887 -30.96 44.27 -39.89
N ARG H 888 -31.88 43.41 -40.29
CA ARG H 888 -32.88 43.79 -41.29
C ARG H 888 -33.92 44.71 -40.63
N ASN H 889 -33.77 46.02 -40.82
CA ASN H 889 -34.70 46.99 -40.26
C ASN H 889 -35.64 47.44 -41.39
N ILE H 890 -36.66 46.62 -41.62
CA ILE H 890 -37.64 46.87 -42.67
C ILE H 890 -38.96 47.24 -42.02
N LYS H 891 -39.46 48.43 -42.36
CA LYS H 891 -40.77 48.86 -41.90
C LYS H 891 -41.84 48.24 -42.78
N LYS H 892 -42.92 47.79 -42.16
CA LYS H 892 -43.98 47.11 -42.89
C LYS H 892 -45.27 47.24 -42.10
N SER H 893 -46.37 47.45 -42.83
CA SER H 893 -47.64 47.60 -42.15
C SER H 893 -48.12 46.25 -41.64
N TRP H 894 -49.00 46.31 -40.65
CA TRP H 894 -49.49 45.08 -40.07
C TRP H 894 -50.26 44.27 -41.09
N GLU H 895 -51.07 44.91 -41.92
CA GLU H 895 -51.87 44.09 -42.87
C GLU H 895 -50.92 43.35 -43.80
N GLU H 896 -49.85 44.04 -44.20
CA GLU H 896 -48.76 43.53 -45.05
C GLU H 896 -47.95 42.46 -44.32
N THR H 897 -47.74 42.65 -43.03
CA THR H 897 -46.85 41.75 -42.26
C THR H 897 -47.43 40.37 -42.07
N LYS H 898 -48.72 40.26 -41.74
CA LYS H 898 -49.32 38.94 -41.49
C LYS H 898 -49.40 38.10 -42.75
N LYS H 899 -49.15 38.68 -43.92
CA LYS H 899 -49.08 37.92 -45.16
C LYS H 899 -47.69 37.34 -45.42
N THR H 900 -46.70 37.71 -44.60
CA THR H 900 -45.33 37.24 -44.77
C THR H 900 -45.22 35.82 -44.22
N LYS H 901 -43.98 35.32 -44.07
CA LYS H 901 -43.73 33.93 -43.69
C LYS H 901 -42.30 33.73 -43.23
N ASN H 902 -42.12 33.19 -42.02
CA ASN H 902 -40.79 32.79 -41.56
C ASN H 902 -40.39 31.48 -42.23
N PHE H 903 -39.15 31.42 -42.72
CA PHE H 903 -38.70 30.21 -43.42
C PHE H 903 -38.66 29.00 -42.48
N LEU H 904 -38.19 29.20 -41.25
CA LEU H 904 -38.18 28.10 -40.28
C LEU H 904 -39.59 27.64 -39.96
N TRP H 905 -40.53 28.58 -39.84
CA TRP H 905 -41.90 28.24 -39.48
C TRP H 905 -42.55 27.34 -40.52
N GLU H 906 -42.18 27.49 -41.79
CA GLU H 906 -42.76 26.72 -42.88
C GLU H 906 -42.07 25.38 -43.11
N LYS H 907 -40.88 25.17 -42.54
CA LYS H 907 -40.17 23.90 -42.64
C LYS H 907 -40.56 22.91 -41.55
N GLY H 908 -41.46 23.29 -40.65
CA GLY H 908 -41.87 22.42 -39.55
C GLY H 908 -41.41 22.91 -38.20
N TYR H 909 -40.63 23.97 -38.14
CA TYR H 909 -40.12 24.53 -36.88
C TYR H 909 -41.11 25.60 -36.39
N HIS H 910 -42.29 25.13 -35.99
CA HIS H 910 -43.40 26.00 -35.64
C HIS H 910 -43.77 25.87 -34.15
N PHE H 911 -42.81 25.55 -33.30
CA PHE H 911 -43.04 25.46 -31.86
C PHE H 911 -42.11 26.43 -31.13
N TYR H 912 -42.70 27.32 -30.34
CA TYR H 912 -41.90 28.13 -29.43
C TYR H 912 -41.38 27.24 -28.32
N CYS H 913 -40.07 27.27 -28.09
CA CYS H 913 -39.44 26.45 -27.06
C CYS H 913 -39.03 27.35 -25.92
N VAL H 914 -39.94 27.56 -24.99
CA VAL H 914 -39.69 28.43 -23.84
C VAL H 914 -38.84 27.67 -22.83
N THR H 915 -37.89 28.37 -22.21
CA THR H 915 -37.01 27.80 -21.20
C THR H 915 -37.04 28.65 -19.94
N PRO H 916 -38.06 28.46 -19.09
CA PRO H 916 -38.17 29.27 -17.87
C PRO H 916 -37.25 28.80 -16.76
N LYS H 917 -37.34 29.46 -15.61
CA LYS H 917 -36.63 29.04 -14.42
C LYS H 917 -37.57 28.16 -13.59
N SER H 918 -37.00 27.29 -12.77
CA SER H 918 -37.79 26.27 -12.12
C SER H 918 -37.85 26.50 -10.62
N ARG H 919 -38.91 25.95 -10.02
CA ARG H 919 -39.01 25.96 -8.57
C ARG H 919 -38.06 24.95 -7.92
N HIS H 920 -37.59 23.96 -8.69
CA HIS H 920 -36.83 22.84 -8.15
C HIS H 920 -35.32 23.03 -8.26
N THR H 921 -34.84 24.14 -8.84
CA THR H 921 -33.42 24.35 -9.07
C THR H 921 -33.05 25.82 -8.89
N VAL H 922 -31.82 26.07 -8.47
CA VAL H 922 -31.30 27.43 -8.71
C VAL H 922 -30.38 27.16 -9.89
N HIS H 923 -30.92 27.25 -11.09
CA HIS H 923 -30.19 26.93 -12.35
C HIS H 923 -29.72 25.47 -12.27
N SER H 924 -28.41 25.26 -12.32
CA SER H 924 -27.80 23.91 -12.23
C SER H 924 -27.98 23.33 -10.82
N GLN H 925 -27.90 24.18 -9.79
CA GLN H 925 -27.90 23.71 -8.40
C GLN H 925 -29.14 22.89 -8.05
N TRP H 926 -28.99 21.83 -7.25
CA TRP H 926 -30.10 20.96 -6.85
C TRP H 926 -30.72 20.28 -8.07
N ALA H 927 -30.20 20.49 -9.28
CA ALA H 927 -30.77 19.88 -10.48
C ALA H 927 -30.55 18.38 -10.52
N VAL H 928 -29.60 17.87 -9.75
CA VAL H 928 -29.28 16.45 -9.73
C VAL H 928 -29.43 15.86 -8.33
N THR H 929 -29.55 16.69 -7.30
CA THR H 929 -29.80 16.20 -5.95
C THR H 929 -31.07 15.37 -5.92
N ASP H 930 -30.95 14.12 -5.46
CA ASP H 930 -32.00 13.13 -5.66
C ASP H 930 -33.37 13.67 -5.22
N TRP H 931 -33.45 14.21 -4.00
CA TRP H 931 -34.74 14.64 -3.46
C TRP H 931 -35.40 15.67 -4.37
N ASN H 932 -34.65 16.69 -4.77
CA ASN H 932 -35.19 17.70 -5.68
C ASN H 932 -35.32 17.16 -7.11
N PHE H 933 -34.45 16.22 -7.48
CA PHE H 933 -34.45 15.65 -8.82
C PHE H 933 -35.66 14.75 -9.05
N ILE H 934 -36.28 14.25 -7.98
CA ILE H 934 -37.49 13.43 -8.12
C ILE H 934 -38.71 14.30 -8.43
N TRP H 935 -38.75 15.52 -7.91
CA TRP H 935 -39.96 16.33 -7.95
C TRP H 935 -40.04 17.25 -9.15
N ASN H 936 -38.92 17.56 -9.82
CA ASN H 936 -38.97 18.47 -10.95
C ASN H 936 -39.61 17.85 -12.19
N ASN H 937 -39.80 16.54 -12.23
CA ASN H 937 -40.37 15.88 -13.41
C ASN H 937 -41.51 14.96 -13.00
N ASN H 938 -42.26 14.55 -14.02
CA ASN H 938 -43.40 13.64 -13.87
C ASN H 938 -43.01 12.18 -13.69
N PHE H 939 -41.73 11.83 -13.87
CA PHE H 939 -41.31 10.43 -13.89
C PHE H 939 -40.33 10.06 -12.77
N GLY H 940 -40.10 10.96 -11.81
CA GLY H 940 -39.12 10.72 -10.76
C GLY H 940 -39.38 9.40 -10.03
N ASP H 941 -38.28 8.66 -9.81
CA ASP H 941 -38.31 7.39 -9.08
C ASP H 941 -36.97 7.10 -8.43
N PRO H 942 -36.90 7.01 -7.10
CA PRO H 942 -35.61 6.69 -6.46
C PRO H 942 -35.13 5.28 -6.76
N TYR H 943 -36.04 4.36 -7.09
CA TYR H 943 -35.68 2.99 -7.40
C TYR H 943 -35.37 2.76 -8.87
N ARG H 944 -35.69 3.74 -9.72
CA ARG H 944 -35.41 3.69 -11.15
C ARG H 944 -35.90 2.39 -11.78
N MET H 945 -37.22 2.18 -11.68
CA MET H 945 -37.81 0.98 -12.26
C MET H 945 -37.67 0.97 -13.78
N ASP H 946 -37.74 2.14 -14.42
CA ASP H 946 -37.48 2.27 -15.84
C ASP H 946 -36.01 2.64 -16.00
N LYS H 947 -35.20 1.68 -16.48
CA LYS H 947 -33.76 1.87 -16.56
C LYS H 947 -33.37 3.00 -17.50
N ARG H 948 -34.25 3.36 -18.44
CA ARG H 948 -33.94 4.43 -19.38
C ARG H 948 -33.74 5.78 -18.70
N MET H 949 -34.28 5.95 -17.50
CA MET H 949 -34.11 7.21 -16.77
C MET H 949 -32.63 7.48 -16.55
N PRO H 950 -32.12 8.65 -16.97
CA PRO H 950 -30.69 8.92 -16.78
C PRO H 950 -30.28 8.87 -15.33
N GLY H 951 -31.13 9.35 -14.44
CA GLY H 951 -30.86 9.31 -13.02
C GLY H 951 -32.10 9.00 -12.22
N VAL H 952 -32.13 9.53 -11.01
CA VAL H 952 -33.27 9.43 -10.12
C VAL H 952 -34.41 10.29 -10.68
N GLY H 953 -34.13 11.01 -11.77
CA GLY H 953 -35.09 11.88 -12.42
C GLY H 953 -34.78 12.00 -13.91
N GLU H 954 -35.68 12.54 -14.68
CA GLU H 954 -35.33 12.84 -16.08
C GLU H 954 -35.87 14.21 -16.45
N HIS H 955 -35.30 14.82 -17.46
CA HIS H 955 -35.84 16.13 -17.88
C HIS H 955 -37.10 15.91 -18.70
N GLN H 956 -37.98 16.88 -18.72
CA GLN H 956 -39.23 16.73 -19.45
C GLN H 956 -39.55 18.01 -20.22
N ILE H 957 -40.29 17.86 -21.30
CA ILE H 957 -40.76 18.97 -22.11
C ILE H 957 -42.28 19.00 -22.06
N HIS H 958 -42.84 20.18 -21.89
CA HIS H 958 -44.29 20.36 -21.85
C HIS H 958 -44.83 20.53 -23.26
N ILE H 959 -45.92 19.84 -23.56
CA ILE H 959 -46.52 19.85 -24.88
C ILE H 959 -48.03 19.89 -24.73
N HIS H 960 -48.69 20.64 -25.61
CA HIS H 960 -50.14 20.62 -25.65
C HIS H 960 -50.61 19.24 -26.12
N PRO H 961 -51.66 18.68 -25.50
CA PRO H 961 -52.09 17.32 -25.89
C PRO H 961 -52.39 17.19 -27.38
N GLN H 962 -53.11 18.16 -27.96
CA GLN H 962 -53.42 18.10 -29.38
C GLN H 962 -52.16 18.18 -30.22
N ALA H 963 -51.21 19.05 -29.83
CA ALA H 963 -49.97 19.19 -30.57
C ALA H 963 -49.22 17.87 -30.67
N ALA H 964 -49.13 17.14 -29.55
CA ALA H 964 -48.45 15.86 -29.57
C ALA H 964 -49.24 14.82 -30.36
N ARG H 965 -50.58 14.85 -30.24
CA ARG H 965 -51.40 13.89 -30.97
C ARG H 965 -51.27 14.08 -32.47
N ASP H 966 -51.12 15.32 -32.93
CA ASP H 966 -50.91 15.58 -34.35
C ASP H 966 -49.55 15.06 -34.83
N LEU H 967 -48.62 14.86 -33.90
CA LEU H 967 -47.30 14.33 -34.21
C LEU H 967 -47.15 12.87 -33.79
N GLY H 968 -48.24 12.19 -33.49
CA GLY H 968 -48.17 10.79 -33.09
C GLY H 968 -47.44 10.57 -31.79
N ILE H 969 -47.56 11.50 -30.84
CA ILE H 969 -46.85 11.45 -29.56
C ILE H 969 -47.86 11.28 -28.44
N GLU H 970 -47.64 10.28 -27.61
CA GLU H 970 -48.45 10.04 -26.42
C GLU H 970 -47.76 10.65 -25.20
N ASP H 971 -48.57 10.97 -24.19
CA ASP H 971 -48.04 11.50 -22.94
C ASP H 971 -47.02 10.52 -22.37
N GLY H 972 -45.80 11.01 -22.13
CA GLY H 972 -44.75 10.18 -21.58
C GLY H 972 -43.78 9.58 -22.56
N ASP H 973 -44.00 9.78 -23.86
CA ASP H 973 -43.07 9.26 -24.86
C ASP H 973 -41.83 10.14 -24.92
N TYR H 974 -40.71 9.54 -25.32
CA TYR H 974 -39.49 10.30 -25.58
C TYR H 974 -39.60 10.99 -26.93
N VAL H 975 -39.13 12.24 -26.98
CA VAL H 975 -39.24 13.06 -28.18
C VAL H 975 -37.91 13.74 -28.46
N TYR H 976 -37.57 13.86 -29.75
CA TYR H 976 -36.43 14.67 -30.18
C TYR H 976 -36.87 16.11 -30.37
N VAL H 977 -36.21 17.03 -29.68
CA VAL H 977 -36.45 18.46 -29.84
C VAL H 977 -35.27 19.03 -30.61
N ASP H 978 -35.46 19.25 -31.91
CA ASP H 978 -34.43 19.78 -32.79
C ASP H 978 -34.79 21.19 -33.24
N ALA H 979 -33.75 22.01 -33.46
CA ALA H 979 -33.90 23.37 -33.93
C ALA H 979 -33.18 23.50 -35.28
N ASN H 980 -33.13 24.74 -35.79
CA ASN H 980 -32.48 25.12 -37.04
C ASN H 980 -31.23 24.29 -37.30
N PRO H 981 -31.26 23.41 -38.31
CA PRO H 981 -30.09 22.53 -38.56
C PRO H 981 -28.83 23.31 -38.87
N ALA H 982 -28.87 24.16 -39.89
CA ALA H 982 -27.78 25.06 -40.26
C ALA H 982 -27.12 25.72 -39.04
N ASP H 983 -27.87 25.86 -37.95
CA ASP H 983 -27.44 26.62 -36.79
C ASP H 983 -27.29 25.79 -35.52
N ARG H 984 -28.25 24.91 -35.23
CA ARG H 984 -28.19 24.11 -34.01
C ARG H 984 -28.02 22.65 -34.40
N PRO H 985 -27.76 21.72 -33.46
CA PRO H 985 -27.21 21.85 -32.10
C PRO H 985 -25.80 22.45 -32.14
N TYR H 986 -25.04 22.13 -33.18
CA TYR H 986 -23.76 22.77 -33.41
C TYR H 986 -23.59 22.88 -34.92
N GLU H 987 -23.04 24.01 -35.36
CA GLU H 987 -23.00 24.30 -36.79
C GLU H 987 -21.98 23.41 -37.49
N GLY H 988 -22.40 22.81 -38.59
CA GLY H 988 -21.61 21.86 -39.32
C GLY H 988 -21.80 20.42 -38.88
N TRP H 989 -22.84 20.13 -38.11
CA TRP H 989 -23.09 18.78 -37.64
C TRP H 989 -23.44 17.83 -38.79
N LYS H 990 -23.10 16.57 -38.59
CA LYS H 990 -23.44 15.48 -39.50
C LYS H 990 -23.99 14.33 -38.67
N PRO H 991 -24.93 13.56 -39.23
CA PRO H 991 -25.63 12.56 -38.40
C PRO H 991 -24.72 11.48 -37.87
N ASN H 992 -23.57 11.24 -38.51
CA ASN H 992 -22.66 10.20 -38.09
C ASN H 992 -21.58 10.69 -37.15
N ASP H 993 -21.67 11.93 -36.67
CA ASP H 993 -20.71 12.41 -35.70
C ASP H 993 -20.95 11.72 -34.36
N SER H 994 -19.86 11.32 -33.70
CA SER H 994 -19.99 10.77 -32.36
C SER H 994 -20.55 11.83 -31.42
N PHE H 995 -20.14 13.08 -31.61
CA PHE H 995 -20.60 14.16 -30.76
C PHE H 995 -22.03 14.58 -31.08
N TYR H 996 -22.53 14.29 -32.28
CA TYR H 996 -23.93 14.60 -32.57
C TYR H 996 -24.86 13.79 -31.67
N LYS H 997 -24.50 12.53 -31.40
CA LYS H 997 -25.32 11.70 -30.51
C LYS H 997 -25.48 12.34 -29.13
N VAL H 998 -24.39 12.86 -28.56
CA VAL H 998 -24.50 13.56 -27.29
C VAL H 998 -25.22 14.89 -27.46
N SER H 999 -25.11 15.52 -28.63
CA SER H 999 -25.61 16.89 -28.79
C SER H 999 -27.12 16.94 -29.01
N ARG H 1000 -27.69 15.99 -29.75
CA ARG H 1000 -29.10 16.04 -30.08
C ARG H 1000 -29.96 15.75 -28.85
N LEU H 1001 -30.99 16.56 -28.63
CA LEU H 1001 -31.81 16.48 -27.43
C LEU H 1001 -32.87 15.39 -27.53
N MET H 1002 -32.99 14.58 -26.46
CA MET H 1002 -34.01 13.53 -26.39
C MET H 1002 -34.50 13.41 -24.93
N LEU H 1003 -35.58 14.14 -24.61
CA LEU H 1003 -36.23 14.11 -23.30
C LEU H 1003 -37.66 13.57 -23.41
N ARG H 1004 -38.28 13.39 -22.24
CA ARG H 1004 -39.68 12.96 -22.17
C ARG H 1004 -40.64 14.09 -22.50
N ALA H 1005 -41.80 13.73 -23.06
CA ALA H 1005 -42.86 14.67 -23.35
C ALA H 1005 -43.93 14.57 -22.26
N LYS H 1006 -44.53 15.72 -21.93
CA LYS H 1006 -45.55 15.79 -20.89
C LYS H 1006 -46.75 16.56 -21.42
N TYR H 1007 -47.93 15.94 -21.36
CA TYR H 1007 -49.16 16.63 -21.74
C TYR H 1007 -49.47 17.70 -20.71
N ASN H 1008 -49.57 18.95 -21.16
CA ASN H 1008 -50.02 20.05 -20.31
C ASN H 1008 -50.87 20.98 -21.17
N PRO H 1009 -52.20 20.88 -21.07
CA PRO H 1009 -53.08 21.77 -21.84
C PRO H 1009 -53.13 23.19 -21.32
N ALA H 1010 -52.29 23.54 -20.34
CA ALA H 1010 -52.17 24.92 -19.90
C ALA H 1010 -51.42 25.77 -20.92
N TYR H 1011 -50.73 25.14 -21.87
CA TYR H 1011 -49.93 25.81 -22.89
C TYR H 1011 -50.70 25.92 -24.20
N PRO H 1012 -50.45 26.97 -24.98
CA PRO H 1012 -51.02 27.05 -26.32
C PRO H 1012 -50.40 26.01 -27.24
N TYR H 1013 -51.07 25.78 -28.36
CA TYR H 1013 -50.67 24.73 -29.30
C TYR H 1013 -49.21 24.89 -29.73
N ASN H 1014 -48.81 26.11 -30.07
CA ASN H 1014 -47.50 26.37 -30.65
C ASN H 1014 -46.44 26.72 -29.61
N CYS H 1015 -46.57 26.26 -28.37
CA CYS H 1015 -45.62 26.65 -27.33
C CYS H 1015 -45.28 25.44 -26.48
N THR H 1016 -43.98 25.19 -26.35
CA THR H 1016 -43.44 24.08 -25.57
C THR H 1016 -42.50 24.62 -24.51
N MET H 1017 -42.31 23.85 -23.45
CA MET H 1017 -41.58 24.35 -22.29
C MET H 1017 -40.63 23.30 -21.72
N MET H 1018 -39.41 23.74 -21.47
CA MET H 1018 -38.35 22.96 -20.77
C MET H 1018 -37.79 23.86 -19.67
N LYS H 1019 -37.60 23.38 -18.45
CA LYS H 1019 -37.09 24.27 -17.37
C LYS H 1019 -35.60 24.54 -17.54
N HIS H 1020 -35.15 25.73 -17.22
CA HIS H 1020 -33.69 26.01 -17.32
C HIS H 1020 -33.04 25.80 -15.98
N SER H 1021 -32.07 24.92 -16.04
CA SER H 1021 -31.23 24.33 -15.01
C SER H 1021 -30.50 23.30 -15.83
N ALA H 1022 -30.42 22.08 -15.28
CA ALA H 1022 -30.05 20.80 -15.87
C ALA H 1022 -28.57 20.58 -16.03
N TRP H 1023 -28.16 19.35 -15.79
CA TRP H 1023 -26.77 18.93 -16.01
C TRP H 1023 -26.80 18.32 -17.40
N ILE H 1024 -26.02 18.88 -18.30
CA ILE H 1024 -26.06 18.49 -19.74
C ILE H 1024 -25.48 17.10 -19.95
N SER H 1025 -25.94 16.48 -21.02
CA SER H 1025 -25.38 15.20 -21.44
C SER H 1025 -23.97 15.43 -21.97
N SER H 1026 -23.02 14.67 -21.44
CA SER H 1026 -21.64 14.71 -21.89
C SER H 1026 -21.29 13.43 -22.62
N ASP H 1027 -20.05 13.36 -23.09
CA ASP H 1027 -19.57 12.15 -23.76
C ASP H 1027 -19.68 10.93 -22.83
N LYS H 1028 -19.14 11.05 -21.62
CA LYS H 1028 -19.08 9.91 -20.71
C LYS H 1028 -20.46 9.50 -20.22
N THR H 1029 -21.36 10.47 -20.01
CA THR H 1029 -22.69 10.13 -19.52
C THR H 1029 -23.49 9.34 -20.55
N VAL H 1030 -23.37 9.71 -21.82
CA VAL H 1030 -24.05 8.96 -22.88
C VAL H 1030 -23.46 7.57 -23.00
N GLN H 1031 -22.12 7.47 -22.91
CA GLN H 1031 -21.47 6.16 -23.00
C GLN H 1031 -21.88 5.27 -21.84
N ALA H 1032 -21.98 5.85 -20.63
CA ALA H 1032 -22.41 5.06 -19.48
C ALA H 1032 -23.89 4.73 -19.57
N HIS H 1033 -24.69 5.65 -20.11
CA HIS H 1033 -26.12 5.41 -20.28
C HIS H 1033 -26.39 4.21 -21.19
N GLU H 1034 -25.47 3.92 -22.10
CA GLU H 1034 -25.65 2.84 -23.07
C GLU H 1034 -24.88 1.58 -22.73
N THR H 1035 -24.09 1.59 -21.66
CA THR H 1035 -23.33 0.41 -21.24
C THR H 1035 -23.76 -0.14 -19.90
N ARG H 1036 -24.13 0.72 -18.95
CA ARG H 1036 -24.46 0.27 -17.61
C ARG H 1036 -25.74 -0.58 -17.64
N PRO H 1037 -25.79 -1.66 -16.86
CA PRO H 1037 -27.03 -2.46 -16.80
C PRO H 1037 -28.22 -1.67 -16.30
N ASP H 1038 -28.03 -0.81 -15.30
CA ASP H 1038 -29.12 0.01 -14.79
C ASP H 1038 -29.44 1.20 -15.70
N GLY H 1039 -28.59 1.50 -16.67
CA GLY H 1039 -28.87 2.55 -17.62
C GLY H 1039 -28.69 3.96 -17.09
N ARG H 1040 -28.14 4.14 -15.90
CA ARG H 1040 -28.00 5.47 -15.35
C ARG H 1040 -26.95 6.26 -16.12
N ALA H 1041 -27.29 7.50 -16.48
CA ALA H 1041 -26.38 8.38 -17.22
C ALA H 1041 -25.41 9.06 -16.26
N LEU H 1042 -24.49 8.25 -15.73
CA LEU H 1042 -23.51 8.67 -14.73
C LEU H 1042 -22.11 8.47 -15.26
N SER H 1043 -21.35 9.55 -15.35
CA SER H 1043 -19.98 9.44 -15.80
C SER H 1043 -19.11 8.77 -14.75
N PRO H 1044 -18.03 8.10 -15.17
CA PRO H 1044 -17.09 7.51 -14.20
C PRO H 1044 -16.48 8.53 -13.24
N SER H 1045 -16.49 9.82 -13.59
CA SER H 1045 -15.99 10.87 -12.72
C SER H 1045 -16.95 11.22 -11.60
N GLY H 1046 -18.16 10.68 -11.64
CA GLY H 1046 -19.21 11.02 -10.68
C GLY H 1046 -20.24 11.99 -11.20
N TYR H 1047 -20.08 12.48 -12.41
CA TYR H 1047 -21.00 13.46 -12.98
C TYR H 1047 -22.29 12.78 -13.44
N GLN H 1048 -23.43 13.36 -13.05
CA GLN H 1048 -24.74 12.85 -13.41
C GLN H 1048 -25.42 13.81 -14.37
N SER H 1049 -25.91 13.29 -15.50
CA SER H 1049 -26.64 14.08 -16.48
C SER H 1049 -28.15 14.00 -16.22
N SER H 1050 -28.84 15.10 -16.49
CA SER H 1050 -30.29 15.17 -16.36
C SER H 1050 -31.01 14.65 -17.60
N PHE H 1051 -30.29 14.42 -18.68
CA PHE H 1051 -30.85 13.96 -19.93
C PHE H 1051 -30.20 12.65 -20.31
N ARG H 1052 -30.91 11.89 -21.16
CA ARG H 1052 -30.27 10.76 -21.81
C ARG H 1052 -29.30 11.25 -22.87
N TYR H 1053 -29.80 12.04 -23.81
CA TYR H 1053 -29.01 12.65 -24.86
C TYR H 1053 -29.37 14.13 -24.94
N GLY H 1054 -28.43 14.94 -25.39
CA GLY H 1054 -28.70 16.34 -25.63
C GLY H 1054 -28.90 17.14 -24.36
N SER H 1055 -29.26 18.41 -24.57
CA SER H 1055 -29.51 19.33 -23.47
C SER H 1055 -30.63 20.27 -23.88
N GLN H 1056 -31.13 21.02 -22.89
CA GLN H 1056 -32.09 22.08 -23.17
C GLN H 1056 -31.46 23.21 -23.95
N GLN H 1057 -30.13 23.27 -23.99
CA GLN H 1057 -29.42 24.27 -24.78
C GLN H 1057 -28.93 23.73 -26.11
N SER H 1058 -29.47 22.60 -26.55
CA SER H 1058 -29.24 22.12 -27.91
C SER H 1058 -30.08 22.87 -28.92
N ILE H 1059 -31.08 23.62 -28.45
CA ILE H 1059 -32.00 24.34 -29.33
C ILE H 1059 -32.00 25.84 -29.03
N THR H 1060 -30.88 26.38 -28.59
CA THR H 1060 -30.84 27.79 -28.22
C THR H 1060 -29.56 28.41 -28.74
N ARG H 1061 -29.58 29.73 -28.88
CA ARG H 1061 -28.53 30.44 -29.57
C ARG H 1061 -28.35 31.84 -28.99
N ASP H 1062 -27.17 32.41 -29.23
CA ASP H 1062 -26.86 33.77 -28.82
C ASP H 1062 -27.19 34.72 -29.96
N TRP H 1063 -27.77 35.86 -29.63
CA TRP H 1063 -28.13 36.89 -30.58
C TRP H 1063 -27.42 38.18 -30.20
N SER H 1064 -26.68 38.76 -31.15
CA SER H 1064 -25.97 40.01 -30.91
C SER H 1064 -26.91 41.16 -31.26
N MET H 1065 -27.53 41.75 -30.24
CA MET H 1065 -28.48 42.84 -30.46
C MET H 1065 -27.73 44.11 -30.80
N PRO H 1066 -28.01 44.75 -31.94
CA PRO H 1066 -27.44 46.08 -32.20
C PRO H 1066 -27.83 47.12 -31.18
N MET H 1067 -29.03 47.02 -30.60
CA MET H 1067 -29.48 48.01 -29.63
C MET H 1067 -28.72 47.95 -28.32
N HIS H 1068 -27.99 46.87 -28.05
CA HIS H 1068 -27.32 46.68 -26.78
C HIS H 1068 -25.83 47.02 -26.85
N GLN H 1069 -25.35 47.53 -27.97
CA GLN H 1069 -23.92 47.75 -28.19
C GLN H 1069 -23.67 49.18 -28.65
N LEU H 1070 -24.40 50.14 -28.09
CA LEU H 1070 -24.28 51.54 -28.50
C LEU H 1070 -23.11 52.22 -27.81
N ASP H 1071 -22.55 53.21 -28.50
CA ASP H 1071 -21.47 54.03 -27.96
C ASP H 1071 -21.94 55.39 -27.46
N SER H 1072 -23.19 55.77 -27.72
CA SER H 1072 -23.69 57.11 -27.45
C SER H 1072 -24.89 57.11 -26.51
N LEU H 1073 -24.93 56.16 -25.58
CA LEU H 1073 -26.04 56.01 -24.63
C LEU H 1073 -25.68 56.64 -23.29
N PHE H 1074 -26.06 57.90 -23.10
CA PHE H 1074 -25.86 58.58 -21.82
C PHE H 1074 -26.71 57.95 -20.71
N HIS H 1075 -26.17 56.94 -20.03
CA HIS H 1075 -26.82 56.34 -18.86
C HIS H 1075 -25.93 56.48 -17.62
N LYS H 1076 -26.45 56.03 -16.48
CA LYS H 1076 -25.74 56.14 -15.21
C LYS H 1076 -24.87 54.91 -14.95
N ALA H 1077 -23.66 55.14 -14.47
CA ALA H 1077 -22.77 54.05 -14.10
C ALA H 1077 -23.33 53.30 -12.89
N LYS H 1078 -23.17 51.97 -12.91
CA LYS H 1078 -23.82 51.13 -11.91
C LYS H 1078 -23.19 51.29 -10.53
N ILE H 1079 -21.89 51.57 -10.45
CA ILE H 1079 -21.17 51.49 -9.18
C ILE H 1079 -21.00 52.87 -8.54
N GLY H 1080 -20.94 53.91 -9.36
CA GLY H 1080 -20.68 55.26 -8.87
C GLY H 1080 -21.80 56.22 -9.22
N MET H 1081 -21.97 57.24 -8.37
CA MET H 1081 -22.90 58.32 -8.67
C MET H 1081 -22.29 59.20 -9.76
N LYS H 1082 -22.22 58.65 -10.97
CA LYS H 1082 -21.58 59.33 -12.10
C LYS H 1082 -22.27 58.85 -13.38
N PHE H 1083 -21.95 59.54 -14.48
CA PHE H 1083 -22.52 59.22 -15.78
C PHE H 1083 -21.43 58.69 -16.71
N ILE H 1084 -21.85 57.89 -17.68
CA ILE H 1084 -20.95 57.31 -18.68
C ILE H 1084 -21.66 57.26 -20.01
N PHE H 1085 -20.90 56.97 -21.06
CA PHE H 1085 -21.42 56.78 -22.41
C PHE H 1085 -21.09 55.38 -22.86
N GLY H 1086 -22.07 54.66 -23.39
CA GLY H 1086 -21.74 53.40 -23.99
C GLY H 1086 -21.67 52.21 -23.06
N PHE H 1087 -20.71 51.33 -23.35
CA PHE H 1087 -20.59 50.04 -22.68
C PHE H 1087 -20.23 50.17 -21.21
N GLU H 1088 -20.93 49.42 -20.37
CA GLU H 1088 -20.51 49.10 -19.03
C GLU H 1088 -20.92 47.65 -18.73
N ALA H 1089 -20.04 46.89 -18.09
CA ALA H 1089 -20.39 45.51 -17.78
C ALA H 1089 -21.61 45.48 -16.87
N ASP H 1090 -22.57 44.63 -17.21
CA ASP H 1090 -23.84 44.47 -16.51
C ASP H 1090 -24.76 45.69 -16.61
N ASN H 1091 -24.46 46.64 -17.51
CA ASN H 1091 -25.29 47.82 -17.67
C ASN H 1091 -25.13 48.30 -19.12
N HIS H 1092 -26.13 48.02 -19.95
CA HIS H 1092 -26.12 48.34 -21.37
C HIS H 1092 -24.93 47.67 -22.09
N CYS H 1093 -25.01 46.34 -22.12
CA CYS H 1093 -24.20 45.53 -23.02
C CYS H 1093 -25.11 44.42 -23.51
N ILE H 1094 -24.56 43.47 -24.28
CA ILE H 1094 -25.42 42.43 -24.86
C ILE H 1094 -26.11 41.67 -23.75
N ASN H 1095 -27.44 41.61 -23.81
CA ASN H 1095 -28.26 40.90 -22.83
C ASN H 1095 -28.85 39.72 -23.60
N THR H 1096 -28.25 38.54 -23.42
CA THR H 1096 -28.51 37.41 -24.30
C THR H 1096 -29.96 36.94 -24.18
N VAL H 1097 -30.47 36.39 -25.28
CA VAL H 1097 -31.86 35.97 -25.35
C VAL H 1097 -31.94 34.50 -25.76
N PRO H 1098 -32.21 33.59 -24.82
CA PRO H 1098 -32.32 32.17 -25.19
C PRO H 1098 -33.67 31.78 -25.78
N LYS H 1099 -34.70 32.60 -25.60
CA LYS H 1099 -36.03 32.24 -26.08
C LYS H 1099 -36.26 32.58 -27.54
N GLU H 1100 -35.32 33.28 -28.19
CA GLU H 1100 -35.40 33.55 -29.61
C GLU H 1100 -35.01 32.27 -30.35
N THR H 1101 -35.99 31.38 -30.47
CA THR H 1101 -35.75 30.10 -31.10
C THR H 1101 -37.07 29.47 -31.51
N LEU H 1102 -37.00 28.60 -32.52
CA LEU H 1102 -38.10 27.74 -32.90
C LEU H 1102 -37.57 26.31 -32.99
N VAL H 1103 -38.42 25.35 -32.68
CA VAL H 1103 -37.99 23.97 -32.59
C VAL H 1103 -38.96 23.07 -33.35
N LYS H 1104 -38.42 21.96 -33.84
CA LYS H 1104 -39.21 20.88 -34.40
C LYS H 1104 -39.23 19.73 -33.39
N ILE H 1105 -40.37 19.03 -33.32
CA ILE H 1105 -40.56 17.93 -32.39
C ILE H 1105 -40.85 16.67 -33.19
N THR H 1106 -40.20 15.58 -32.82
CA THR H 1106 -40.42 14.28 -33.45
C THR H 1106 -40.39 13.21 -32.38
N LYS H 1107 -41.29 12.22 -32.51
CA LYS H 1107 -41.32 11.11 -31.58
C LYS H 1107 -40.03 10.31 -31.66
N ALA H 1108 -39.53 9.89 -30.49
CA ALA H 1108 -38.28 9.16 -30.39
C ALA H 1108 -38.47 7.71 -29.96
N GLU H 1109 -39.20 7.49 -28.87
CA GLU H 1109 -39.37 6.15 -28.32
C GLU H 1109 -40.67 6.12 -27.53
N ASN H 1110 -41.23 4.92 -27.37
CA ASN H 1110 -42.48 4.76 -26.65
C ASN H 1110 -42.25 5.01 -25.16
N GLY H 1111 -43.26 5.62 -24.52
CA GLY H 1111 -43.14 5.90 -23.09
C GLY H 1111 -43.27 4.68 -22.21
N GLY H 1112 -43.80 3.58 -22.75
CA GLY H 1112 -43.95 2.38 -21.95
C GLY H 1112 -42.60 1.83 -21.50
N MET H 1113 -42.62 1.16 -20.35
CA MET H 1113 -41.39 0.63 -19.79
C MET H 1113 -40.76 -0.40 -20.73
N GLY H 1114 -39.48 -0.22 -21.02
CA GLY H 1114 -38.82 -1.09 -21.96
C GLY H 1114 -39.10 -0.80 -23.41
N GLY H 1115 -39.73 0.34 -23.70
CA GLY H 1115 -40.15 0.64 -25.05
C GLY H 1115 -41.42 -0.04 -25.49
N LYS H 1116 -42.11 -0.73 -24.58
CA LYS H 1116 -43.30 -1.48 -24.90
C LYS H 1116 -44.54 -0.70 -24.48
N GLY H 1117 -45.38 -0.35 -25.46
CA GLY H 1117 -46.65 0.22 -25.11
C GLY H 1117 -46.59 1.68 -24.72
N VAL H 1118 -47.52 2.04 -23.84
CA VAL H 1118 -47.73 3.42 -23.41
C VAL H 1118 -47.22 3.59 -21.98
N TRP H 1119 -46.91 4.84 -21.64
CA TRP H 1119 -46.52 5.19 -20.29
C TRP H 1119 -47.63 4.83 -19.31
N ASP H 1120 -47.26 4.23 -18.18
CA ASP H 1120 -48.23 3.54 -17.32
C ASP H 1120 -49.43 4.38 -16.90
N PRO H 1121 -49.30 5.65 -16.49
CA PRO H 1121 -50.49 6.42 -16.08
C PRO H 1121 -51.48 6.69 -17.21
N VAL H 1122 -51.09 6.52 -18.49
CA VAL H 1122 -52.01 6.78 -19.57
C VAL H 1122 -53.10 5.71 -19.65
N LYS H 1123 -52.74 4.45 -19.35
CA LYS H 1123 -53.73 3.37 -19.39
C LYS H 1123 -54.85 3.58 -18.37
N THR H 1124 -54.55 4.25 -17.26
CA THR H 1124 -55.57 4.52 -16.25
C THR H 1124 -56.81 5.20 -16.84
N GLY H 1125 -56.60 6.11 -17.78
CA GLY H 1125 -57.69 6.95 -18.22
C GLY H 1125 -57.92 8.14 -17.33
N TYR H 1126 -56.97 8.44 -16.45
CA TYR H 1126 -57.03 9.54 -15.50
C TYR H 1126 -56.02 10.62 -15.85
N THR H 1127 -55.56 10.63 -17.10
CA THR H 1127 -54.51 11.51 -17.58
C THR H 1127 -55.11 12.70 -18.31
N ALA H 1128 -54.44 13.86 -18.21
CA ALA H 1128 -54.85 15.02 -18.99
C ALA H 1128 -54.75 14.69 -20.47
N GLY H 1129 -55.80 15.03 -21.23
CA GLY H 1129 -55.84 14.71 -22.64
C GLY H 1129 -56.23 13.28 -22.95
N ASN H 1130 -56.37 12.42 -21.93
CA ASN H 1130 -56.79 11.04 -22.10
C ASN H 1130 -57.82 10.67 -21.04
N GLU H 1131 -58.69 11.62 -20.72
CA GLU H 1131 -59.67 11.43 -19.66
C GLU H 1131 -60.70 10.38 -20.05
N ASN H 1132 -61.06 9.52 -19.10
CA ASN H 1132 -62.18 8.63 -19.34
C ASN H 1132 -63.45 9.31 -18.86
N ASP H 1133 -64.59 8.66 -19.09
CA ASP H 1133 -65.86 9.28 -18.72
C ASP H 1133 -65.96 9.47 -17.20
N PHE H 1134 -65.42 8.54 -16.41
CA PHE H 1134 -65.41 8.75 -14.97
C PHE H 1134 -64.47 9.90 -14.59
N MET H 1135 -63.36 10.05 -15.32
CA MET H 1135 -62.47 11.17 -15.06
C MET H 1135 -63.14 12.49 -15.39
N LYS H 1136 -63.86 12.54 -16.52
CA LYS H 1136 -64.62 13.75 -16.84
C LYS H 1136 -65.65 14.03 -15.77
N LYS H 1137 -66.27 12.98 -15.24
CA LYS H 1137 -67.19 13.13 -14.11
C LYS H 1137 -66.47 13.64 -12.87
N PHE H 1138 -65.22 13.23 -12.67
CA PHE H 1138 -64.43 13.71 -11.53
C PHE H 1138 -64.12 15.20 -11.68
N LEU H 1139 -63.61 15.59 -12.85
CA LEU H 1139 -63.15 16.97 -13.05
C LEU H 1139 -64.29 17.97 -13.06
N ASN H 1140 -65.52 17.54 -13.36
CA ASN H 1140 -66.67 18.43 -13.38
C ASN H 1140 -67.37 18.50 -12.02
N GLY H 1141 -66.76 17.96 -10.97
CA GLY H 1141 -67.38 17.94 -9.66
C GLY H 1141 -68.73 17.27 -9.63
N GLU H 1142 -68.94 16.25 -10.47
CA GLU H 1142 -70.22 15.57 -10.57
C GLU H 1142 -70.35 14.42 -9.56
N LEU H 1143 -69.29 14.09 -8.84
CA LEU H 1143 -69.36 13.02 -7.84
C LEU H 1143 -70.12 13.43 -6.60
N ILE H 1144 -70.41 14.72 -6.42
CA ILE H 1144 -71.13 15.22 -5.26
C ILE H 1144 -72.19 16.22 -5.71
N LYS H 1145 -73.38 16.11 -5.12
CA LYS H 1145 -74.51 16.99 -5.41
C LYS H 1145 -75.01 17.60 -4.11
N VAL H 1146 -75.50 18.84 -4.20
CA VAL H 1146 -76.08 19.53 -3.06
C VAL H 1146 -77.46 20.03 -3.43
N ASP H 1147 -78.44 19.83 -2.54
CA ASP H 1147 -79.76 20.40 -2.75
C ASP H 1147 -79.66 21.90 -2.53
N ALA I 31 -67.46 -7.86 18.19
CA ALA I 31 -68.63 -8.75 18.04
C ALA I 31 -69.28 -8.47 16.69
N GLU I 32 -68.93 -7.36 16.04
CA GLU I 32 -69.51 -7.07 14.70
C GLU I 32 -68.54 -7.54 13.62
N GLY I 33 -67.31 -7.85 13.97
CA GLY I 33 -66.42 -8.28 12.89
C GLY I 33 -66.13 -9.75 13.04
N VAL I 34 -66.83 -10.40 13.95
CA VAL I 34 -66.53 -11.81 14.22
C VAL I 34 -67.77 -12.67 14.01
N LYS I 35 -67.57 -13.85 13.44
CA LYS I 35 -68.61 -14.86 13.30
C LYS I 35 -68.73 -15.60 14.62
N GLY I 36 -69.93 -16.12 14.91
CA GLY I 36 -70.09 -16.92 16.11
C GLY I 36 -69.23 -18.16 16.08
N VAL I 37 -68.79 -18.57 17.27
CA VAL I 37 -67.92 -19.74 17.38
C VAL I 37 -68.78 -20.97 17.14
N ALA I 38 -68.54 -21.66 16.02
CA ALA I 38 -69.31 -22.85 15.70
C ALA I 38 -68.81 -24.04 16.51
N GLU I 39 -69.70 -25.00 16.74
CA GLU I 39 -69.31 -26.15 17.54
C GLU I 39 -68.30 -27.04 16.81
N GLU I 40 -68.40 -27.14 15.47
CA GLU I 40 -67.48 -28.00 14.74
C GLU I 40 -66.03 -27.56 14.90
N GLU I 41 -65.77 -26.25 14.91
CA GLU I 41 -64.40 -25.80 15.13
C GLU I 41 -63.98 -26.07 16.57
N LEU I 42 -64.92 -26.02 17.52
CA LEU I 42 -64.60 -26.24 18.92
C LEU I 42 -64.35 -27.71 19.21
N THR I 43 -64.98 -28.63 18.47
CA THR I 43 -64.75 -30.06 18.67
C THR I 43 -63.49 -30.50 17.92
N PRO I 44 -62.54 -31.16 18.58
CA PRO I 44 -61.32 -31.60 17.89
C PRO I 44 -61.60 -32.70 16.85
N ALA I 45 -60.69 -32.82 15.87
CA ALA I 45 -60.73 -33.88 14.86
C ALA I 45 -60.43 -35.24 15.52
N LYS I 46 -60.77 -36.35 14.86
CA LYS I 46 -60.54 -37.61 15.59
C LYS I 46 -59.18 -38.23 15.25
N GLU I 47 -58.65 -37.98 14.04
CA GLU I 47 -57.37 -38.59 13.67
C GLU I 47 -56.22 -37.94 14.42
N VAL I 48 -55.28 -38.76 14.87
CA VAL I 48 -54.19 -38.29 15.77
C VAL I 48 -52.82 -38.39 15.08
N LEU I 49 -52.00 -37.38 15.33
CA LEU I 49 -50.61 -37.26 14.85
C LEU I 49 -49.73 -37.99 15.86
N ASN I 50 -48.92 -38.92 15.40
CA ASN I 50 -48.09 -39.64 16.39
C ASN I 50 -46.65 -39.15 16.30
N VAL I 51 -46.14 -38.70 17.43
CA VAL I 51 -44.75 -38.20 17.45
C VAL I 51 -43.92 -39.46 17.58
N LYS I 52 -43.41 -39.94 16.44
CA LYS I 52 -42.70 -41.23 16.37
C LYS I 52 -41.21 -41.11 16.67
N TYR I 53 -40.81 -41.72 17.79
CA TYR I 53 -39.41 -41.76 18.26
C TYR I 53 -38.61 -42.40 17.14
N MET I 54 -37.48 -41.79 16.82
CA MET I 54 -36.66 -42.22 15.70
C MET I 54 -35.15 -42.10 15.84
N GLN I 55 -34.61 -41.45 16.87
CA GLN I 55 -33.16 -41.35 17.03
C GLN I 55 -32.56 -40.71 15.77
N ILE I 56 -33.05 -39.51 15.48
CA ILE I 56 -32.68 -38.77 14.27
C ILE I 56 -31.26 -38.25 14.37
N ASP I 57 -30.47 -38.51 13.32
CA ASP I 57 -29.11 -37.99 13.17
C ASP I 57 -29.04 -36.96 12.06
N VAL I 58 -28.67 -35.72 12.39
CA VAL I 58 -28.63 -34.63 11.42
C VAL I 58 -27.39 -33.78 11.69
N PRO I 59 -26.91 -33.05 10.67
CA PRO I 59 -25.71 -32.22 10.84
C PRO I 59 -25.92 -30.96 11.67
N ALA I 60 -24.87 -30.13 11.74
CA ALA I 60 -24.89 -28.86 12.45
C ALA I 60 -26.07 -27.98 12.04
N HIS I 61 -26.09 -27.51 10.80
CA HIS I 61 -27.20 -26.73 10.26
C HIS I 61 -28.16 -27.66 9.54
N ILE I 62 -29.27 -28.00 10.20
CA ILE I 62 -30.27 -28.89 9.62
C ILE I 62 -30.86 -28.31 8.34
N THR I 63 -31.11 -29.20 7.38
CA THR I 63 -31.76 -28.86 6.12
C THR I 63 -32.85 -29.89 5.85
N VAL I 64 -33.87 -29.47 5.09
CA VAL I 64 -35.01 -30.34 4.79
C VAL I 64 -34.52 -31.68 4.23
N GLY I 65 -33.49 -31.65 3.39
CA GLY I 65 -32.94 -32.88 2.86
C GLY I 65 -32.34 -33.77 3.92
N ALA I 66 -31.68 -33.17 4.92
CA ALA I 66 -31.06 -33.96 5.97
C ALA I 66 -32.09 -34.74 6.78
N LEU I 67 -33.30 -34.21 6.89
CA LEU I 67 -34.39 -34.85 7.63
C LEU I 67 -35.31 -35.69 6.76
N GLU I 68 -35.15 -35.62 5.43
CA GLU I 68 -36.07 -36.33 4.54
C GLU I 68 -36.09 -37.83 4.83
N GLY I 69 -34.93 -38.41 5.08
CA GLY I 69 -34.87 -39.82 5.43
C GLY I 69 -35.61 -40.14 6.70
N ALA I 70 -35.56 -39.22 7.68
CA ALA I 70 -36.24 -39.46 8.96
C ALA I 70 -37.75 -39.46 8.79
N PHE I 71 -38.31 -38.38 8.22
CA PHE I 71 -39.76 -38.31 8.09
C PHE I 71 -40.29 -39.35 7.12
N LYS I 72 -39.44 -39.88 6.25
CA LYS I 72 -39.85 -40.91 5.30
C LYS I 72 -40.38 -42.16 6.01
N ASN I 73 -39.91 -42.42 7.22
CA ASN I 73 -40.33 -43.58 8.01
C ASN I 73 -41.54 -43.29 8.90
N ALA I 74 -42.02 -42.05 8.94
CA ALA I 74 -43.12 -41.65 9.81
C ALA I 74 -44.47 -41.76 9.11
N GLU I 75 -45.53 -41.70 9.93
CA GLU I 75 -46.91 -41.71 9.48
C GLU I 75 -47.53 -40.34 9.77
N GLY I 76 -48.16 -39.75 8.76
CA GLY I 76 -48.64 -38.38 8.84
C GLY I 76 -50.14 -38.22 8.75
N VAL I 77 -50.61 -37.10 9.29
CA VAL I 77 -52.00 -36.69 9.24
C VAL I 77 -52.17 -35.72 8.09
N GLN I 78 -53.35 -35.74 7.47
CA GLN I 78 -53.69 -34.80 6.41
C GLN I 78 -54.75 -33.82 6.90
N VAL I 79 -54.38 -32.56 7.00
CA VAL I 79 -55.27 -31.50 7.46
C VAL I 79 -55.90 -30.80 6.27
N LYS I 80 -57.20 -30.49 6.38
CA LYS I 80 -57.90 -29.71 5.37
C LYS I 80 -57.99 -28.29 5.89
N LEU I 81 -57.59 -27.34 5.05
CA LEU I 81 -57.55 -25.93 5.40
C LEU I 81 -58.43 -25.18 4.41
N GLN I 82 -59.04 -24.10 4.88
CA GLN I 82 -60.05 -23.41 4.11
C GLN I 82 -59.89 -21.91 4.30
N LYS I 83 -60.54 -21.17 3.41
CA LYS I 83 -60.57 -19.72 3.53
C LYS I 83 -61.10 -19.32 4.89
N GLN I 84 -60.57 -18.23 5.44
CA GLN I 84 -60.96 -17.73 6.74
C GLN I 84 -62.20 -16.85 6.61
N ASP I 85 -63.33 -17.32 7.13
CA ASP I 85 -64.58 -16.57 7.09
C ASP I 85 -64.97 -15.93 8.42
N LYS I 86 -64.32 -16.32 9.52
CA LYS I 86 -64.92 -16.10 10.82
C LYS I 86 -64.73 -14.67 11.32
N ALA I 87 -63.68 -13.97 10.89
CA ALA I 87 -63.45 -12.61 11.36
C ALA I 87 -62.86 -11.73 10.27
N PHE I 88 -63.00 -10.42 10.46
CA PHE I 88 -62.35 -9.48 9.56
C PHE I 88 -60.87 -9.46 9.93
N PRO I 89 -59.96 -9.52 8.95
CA PRO I 89 -60.10 -9.64 7.50
C PRO I 89 -60.50 -11.02 7.00
N ASN I 90 -61.13 -11.03 5.82
CA ASN I 90 -61.56 -12.27 5.19
C ASN I 90 -60.62 -12.52 4.03
N GLY I 91 -60.02 -13.70 4.01
CA GLY I 91 -59.12 -13.96 2.91
C GLY I 91 -58.69 -15.41 2.92
N GLY I 92 -57.89 -15.72 1.92
CA GLY I 92 -57.39 -17.06 1.77
C GLY I 92 -58.17 -17.90 0.80
N GLY I 93 -57.88 -19.20 0.81
CA GLY I 93 -58.52 -20.17 -0.05
C GLY I 93 -57.61 -20.77 -1.10
N SER I 94 -56.37 -20.30 -1.23
CA SER I 94 -55.53 -20.74 -2.33
C SER I 94 -55.03 -22.17 -2.16
N VAL I 95 -54.77 -22.60 -0.92
CA VAL I 95 -54.33 -23.96 -0.63
C VAL I 95 -55.37 -24.60 0.29
N ASN I 96 -55.69 -25.87 0.02
CA ASN I 96 -56.77 -26.54 0.72
C ASN I 96 -56.35 -27.63 1.68
N SER I 97 -55.19 -28.26 1.48
CA SER I 97 -54.76 -29.36 2.33
C SER I 97 -53.26 -29.28 2.55
N ALA I 98 -52.82 -29.88 3.64
CA ALA I 98 -51.39 -29.96 3.94
C ALA I 98 -51.11 -31.24 4.71
N GLU I 99 -50.03 -31.93 4.33
CA GLU I 99 -49.55 -33.11 5.03
C GLU I 99 -48.60 -32.71 6.15
N ILE I 100 -48.77 -33.33 7.31
CA ILE I 100 -47.93 -33.08 8.46
C ILE I 100 -47.43 -34.40 9.03
N LYS I 101 -46.11 -34.49 9.22
CA LYS I 101 -45.48 -35.60 9.91
C LYS I 101 -44.71 -35.01 11.09
N ALA I 102 -44.41 -35.85 12.07
CA ALA I 102 -43.76 -35.35 13.27
C ALA I 102 -42.95 -36.47 13.92
N ILE I 103 -41.76 -36.11 14.41
CA ILE I 103 -40.81 -37.07 14.97
C ILE I 103 -40.06 -36.40 16.12
N HIS I 104 -39.52 -37.22 17.02
CA HIS I 104 -38.68 -36.72 18.09
C HIS I 104 -37.65 -37.78 18.47
N ASP I 105 -36.49 -37.33 18.93
CA ASP I 105 -35.41 -38.21 19.37
C ASP I 105 -35.33 -38.36 20.88
N GLY I 106 -36.13 -37.60 21.63
CA GLY I 106 -36.02 -37.51 23.06
C GLY I 106 -35.39 -36.23 23.58
N ILE I 107 -34.76 -35.44 22.70
CA ILE I 107 -34.23 -34.13 23.06
C ILE I 107 -34.84 -33.03 22.21
N THR I 108 -34.95 -33.24 20.89
CA THR I 108 -35.49 -32.26 19.96
C THR I 108 -36.66 -32.87 19.20
N ILE I 109 -37.70 -32.07 18.95
CA ILE I 109 -38.90 -32.51 18.24
C ILE I 109 -38.95 -31.82 16.88
N TYR I 110 -39.37 -32.56 15.85
CA TYR I 110 -39.45 -32.06 14.49
C TYR I 110 -40.85 -32.27 13.93
N PHE I 111 -41.41 -31.22 13.32
CA PHE I 111 -42.65 -31.30 12.56
C PHE I 111 -42.37 -30.90 11.12
N GLN I 112 -42.90 -31.67 10.18
CA GLN I 112 -42.76 -31.39 8.76
C GLN I 112 -44.12 -31.06 8.18
N VAL I 113 -44.23 -29.93 7.49
CA VAL I 113 -45.48 -29.48 6.88
C VAL I 113 -45.26 -29.35 5.39
N ILE I 114 -46.16 -29.93 4.60
CA ILE I 114 -46.09 -29.89 3.15
C ILE I 114 -47.43 -29.46 2.59
N TRP I 115 -47.43 -28.46 1.73
CA TRP I 115 -48.63 -28.00 1.04
C TRP I 115 -48.22 -27.55 -0.37
N ASP I 116 -49.20 -27.47 -1.25
CA ASP I 116 -48.98 -27.16 -2.65
C ASP I 116 -49.19 -25.67 -2.90
N ASP I 117 -48.16 -25.02 -3.47
CA ASP I 117 -48.22 -23.60 -3.79
C ASP I 117 -47.42 -23.37 -5.06
N ALA I 118 -48.04 -22.77 -6.07
CA ALA I 118 -47.39 -22.65 -7.36
C ALA I 118 -46.37 -21.52 -7.42
N THR I 119 -46.28 -20.70 -6.38
CA THR I 119 -45.43 -19.52 -6.37
C THR I 119 -44.58 -19.53 -5.10
N ASP I 120 -43.30 -19.22 -5.23
CA ASP I 120 -42.42 -19.06 -4.07
C ASP I 120 -42.28 -17.57 -3.77
N ASN I 121 -43.08 -17.07 -2.83
CA ASN I 121 -42.98 -15.67 -2.41
C ASN I 121 -42.09 -15.66 -1.17
N LYS I 122 -40.80 -15.38 -1.40
CA LYS I 122 -39.80 -15.43 -0.35
C LYS I 122 -39.29 -14.04 -0.01
N GLN I 123 -40.01 -13.01 -0.42
CA GLN I 123 -39.63 -11.63 -0.20
C GLN I 123 -40.89 -10.80 0.08
N ALA I 124 -40.74 -9.82 0.97
CA ALA I 124 -41.82 -8.94 1.38
C ALA I 124 -41.30 -7.50 1.46
N ILE I 125 -40.57 -7.07 0.44
CA ILE I 125 -39.98 -5.73 0.42
C ILE I 125 -40.88 -4.74 -0.32
N ALA I 126 -41.50 -5.15 -1.42
CA ALA I 126 -42.33 -4.22 -2.14
C ALA I 126 -43.68 -4.08 -1.46
N THR I 127 -44.28 -2.90 -1.59
CA THR I 127 -45.52 -2.62 -0.86
C THR I 127 -46.63 -3.56 -1.27
N GLN I 128 -46.62 -4.06 -2.51
CA GLN I 128 -47.68 -4.92 -3.00
C GLN I 128 -47.41 -6.41 -2.79
N GLU I 129 -46.20 -6.79 -2.39
CA GLU I 129 -45.80 -8.18 -2.29
C GLU I 129 -45.79 -8.65 -0.84
N PHE I 130 -46.12 -9.92 -0.65
CA PHE I 130 -46.20 -10.54 0.67
C PHE I 130 -45.44 -11.85 0.65
N ARG I 131 -45.30 -12.45 1.84
CA ARG I 131 -44.47 -13.64 2.02
C ARG I 131 -45.33 -14.90 2.08
N ASP I 132 -44.72 -16.01 1.68
CA ASP I 132 -45.28 -17.32 1.97
C ASP I 132 -44.99 -17.69 3.41
N GLY I 133 -45.98 -18.24 4.09
CA GLY I 133 -45.80 -18.56 5.49
C GLY I 133 -46.61 -19.78 5.90
N ALA I 134 -46.17 -20.37 7.01
CA ALA I 134 -46.86 -21.48 7.64
C ALA I 134 -46.70 -21.35 9.14
N ALA I 135 -47.66 -21.86 9.89
CA ALA I 135 -47.62 -21.72 11.33
C ALA I 135 -48.28 -22.92 11.99
N LEU I 136 -47.74 -23.29 13.15
CA LEU I 136 -48.29 -24.33 14.01
C LEU I 136 -48.64 -23.70 15.35
N MET I 137 -49.63 -24.27 16.03
CA MET I 137 -50.14 -23.68 17.26
C MET I 137 -50.38 -24.74 18.30
N PHE I 138 -50.05 -24.43 19.56
CA PHE I 138 -50.17 -25.37 20.66
C PHE I 138 -50.74 -24.68 21.89
N PRO I 139 -51.63 -25.34 22.64
CA PRO I 139 -52.11 -24.77 23.89
C PRO I 139 -51.04 -24.85 24.97
N LEU I 140 -51.03 -23.85 25.85
CA LEU I 140 -50.04 -23.81 26.92
C LEU I 140 -50.51 -24.66 28.10
N GLY I 141 -49.63 -25.55 28.55
CA GLY I 141 -50.00 -26.49 29.59
C GLY I 141 -50.74 -27.69 29.04
N LYS I 142 -51.19 -28.54 29.96
CA LYS I 142 -51.91 -29.75 29.60
C LYS I 142 -53.40 -29.51 29.80
N ILE I 143 -54.17 -29.67 28.74
CA ILE I 143 -55.59 -29.36 28.75
C ILE I 143 -56.34 -30.46 28.01
N THR I 144 -57.58 -30.70 28.42
CA THR I 144 -58.52 -31.49 27.64
C THR I 144 -59.60 -30.54 27.17
N ILE I 145 -59.78 -30.43 25.86
CA ILE I 145 -60.74 -29.50 25.29
C ILE I 145 -61.84 -30.29 24.59
N SER I 146 -63.07 -29.94 24.90
CA SER I 146 -64.28 -30.49 24.34
C SER I 146 -65.39 -29.48 24.61
N PRO I 147 -66.50 -29.53 23.87
CA PRO I 147 -67.49 -28.44 23.98
C PRO I 147 -67.94 -28.10 25.39
N GLU I 148 -67.88 -29.03 26.33
CA GLU I 148 -68.21 -28.70 27.70
C GLU I 148 -67.10 -27.87 28.35
N GLU I 149 -65.86 -28.03 27.89
CA GLU I 149 -64.70 -27.25 28.34
C GLU I 149 -64.05 -26.65 27.10
N PRO I 150 -64.52 -25.48 26.66
CA PRO I 150 -64.12 -24.96 25.35
C PRO I 150 -62.72 -24.33 25.34
N PHE I 151 -62.00 -24.58 24.26
CA PHE I 151 -60.69 -23.98 23.99
C PHE I 151 -60.76 -23.50 22.54
N SER I 152 -60.99 -22.21 22.35
CA SER I 152 -61.23 -21.67 21.02
C SER I 152 -60.01 -21.94 20.13
N PRO I 153 -60.19 -22.51 18.94
CA PRO I 153 -59.06 -22.71 18.03
C PRO I 153 -58.69 -21.47 17.23
N ARG I 154 -59.36 -20.34 17.49
CA ARG I 154 -59.05 -19.09 16.80
C ARG I 154 -57.91 -18.39 17.55
N MET I 155 -56.74 -19.04 17.49
CA MET I 155 -55.51 -18.51 18.16
C MET I 155 -55.79 -18.34 19.66
N GLY I 156 -56.56 -19.28 20.25
CA GLY I 156 -56.88 -19.19 21.65
C GLY I 156 -58.04 -18.25 21.96
N ASP I 157 -58.14 -17.91 23.24
CA ASP I 157 -59.05 -16.90 23.77
C ASP I 157 -58.49 -16.39 25.08
N ARG I 158 -59.11 -15.33 25.59
CA ARG I 158 -58.60 -14.63 26.76
C ARG I 158 -58.59 -15.58 27.95
N GLN I 159 -57.47 -15.57 28.67
CA GLN I 159 -57.14 -16.47 29.79
C GLN I 159 -56.93 -17.91 29.36
N LYS I 160 -56.73 -18.16 28.07
CA LYS I 160 -56.39 -19.48 27.53
C LYS I 160 -55.28 -19.25 26.52
N PRO I 161 -54.07 -18.99 27.02
CA PRO I 161 -52.97 -18.58 26.13
C PRO I 161 -52.49 -19.74 25.28
N VAL I 162 -51.74 -19.38 24.24
CA VAL I 162 -51.34 -20.35 23.22
C VAL I 162 -49.93 -20.01 22.75
N ASN I 163 -49.21 -21.05 22.31
CA ASN I 163 -47.90 -20.92 21.71
C ASN I 163 -48.05 -21.07 20.20
N LEU I 164 -47.41 -20.18 19.44
CA LEU I 164 -47.45 -20.20 17.98
C LEU I 164 -46.03 -20.21 17.43
N TRP I 165 -45.83 -20.98 16.37
CA TRP I 165 -44.56 -21.02 15.64
C TRP I 165 -44.83 -20.59 14.21
N HIS I 166 -44.39 -19.40 13.84
CA HIS I 166 -44.67 -18.83 12.52
C HIS I 166 -43.41 -18.93 11.67
N TRP I 167 -43.46 -19.77 10.64
CA TRP I 167 -42.39 -19.84 9.65
C TRP I 167 -42.61 -18.78 8.59
N LYS I 168 -41.54 -18.09 8.23
CA LYS I 168 -41.59 -17.03 7.23
C LYS I 168 -40.59 -17.33 6.13
N ALA I 169 -41.06 -17.33 4.88
CA ALA I 169 -40.20 -17.65 3.75
C ALA I 169 -39.12 -16.59 3.56
N ASP I 170 -39.46 -15.32 3.78
CA ASP I 170 -38.47 -14.26 3.61
C ASP I 170 -37.35 -14.39 4.63
N TRP I 171 -37.65 -14.87 5.84
CA TRP I 171 -36.61 -15.05 6.85
C TRP I 171 -35.57 -16.07 6.41
N GLU I 172 -35.97 -17.09 5.65
CA GLU I 172 -35.00 -18.02 5.10
C GLU I 172 -34.07 -17.32 4.11
N ALA I 173 -34.64 -16.47 3.24
CA ALA I 173 -33.81 -15.69 2.34
C ALA I 173 -32.97 -14.68 3.10
N ASP I 174 -33.50 -14.15 4.21
CA ASP I 174 -32.72 -13.24 5.05
C ASP I 174 -31.52 -13.92 5.66
N LEU I 175 -31.63 -15.23 5.96
CA LEU I 175 -30.53 -15.97 6.55
C LEU I 175 -29.32 -16.02 5.62
N LEU I 176 -29.55 -15.98 4.31
CA LEU I 176 -28.49 -16.07 3.33
C LEU I 176 -28.06 -14.71 2.79
N ALA I 177 -28.68 -13.63 3.25
CA ALA I 177 -28.23 -12.31 2.81
C ALA I 177 -26.91 -11.97 3.49
N THR I 178 -26.19 -11.02 2.89
CA THR I 178 -24.85 -10.68 3.37
C THR I 178 -24.83 -10.02 4.73
N GLY I 179 -25.98 -9.52 5.23
CA GLY I 179 -26.03 -8.88 6.53
C GLY I 179 -27.00 -9.53 7.48
N GLY I 180 -27.49 -10.73 7.13
CA GLY I 180 -28.52 -11.37 7.90
C GLY I 180 -29.91 -10.87 7.61
N ILE I 181 -30.05 -9.91 6.71
CA ILE I 181 -31.33 -9.36 6.32
C ILE I 181 -31.19 -8.78 4.91
N GLU I 182 -32.18 -9.06 4.07
CA GLU I 182 -32.22 -8.50 2.72
C GLU I 182 -32.62 -7.04 2.77
N GLU I 183 -31.90 -6.21 2.02
CA GLU I 183 -32.14 -4.77 1.96
C GLU I 183 -32.70 -4.38 0.60
N CYS I 184 -33.08 -3.11 0.48
CA CYS I 184 -33.83 -2.65 -0.67
C CYS I 184 -33.17 -2.91 -2.02
N PRO I 185 -31.85 -2.73 -2.22
CA PRO I 185 -31.27 -2.98 -3.55
C PRO I 185 -31.51 -4.39 -4.08
N ALA I 186 -31.81 -5.37 -3.21
CA ALA I 186 -32.13 -6.71 -3.68
C ALA I 186 -33.41 -6.71 -4.49
N ARG I 187 -34.33 -5.80 -4.21
CA ARG I 187 -35.59 -5.67 -4.93
C ARG I 187 -35.53 -4.66 -6.05
N TYR I 188 -34.83 -3.55 -5.84
CA TYR I 188 -34.72 -2.46 -6.81
C TYR I 188 -33.23 -2.26 -7.11
N PRO I 189 -32.65 -3.10 -7.97
CA PRO I 189 -31.20 -3.02 -8.21
C PRO I 189 -30.76 -1.75 -8.90
N ASN I 190 -31.69 -0.99 -9.49
CA ASN I 190 -31.37 0.25 -10.18
C ASN I 190 -31.46 1.47 -9.27
N MET I 191 -31.79 1.28 -8.00
CA MET I 191 -32.02 2.40 -7.09
C MET I 191 -30.74 3.19 -6.85
N HIS I 192 -30.91 4.46 -6.50
CA HIS I 192 -29.80 5.30 -6.08
C HIS I 192 -30.27 6.26 -5.01
N ASP I 193 -29.49 6.37 -3.95
CA ASP I 193 -29.72 7.34 -2.88
C ASP I 193 -28.42 8.10 -2.63
N ASP I 194 -28.52 9.41 -2.47
CA ASP I 194 -27.33 10.25 -2.35
C ASP I 194 -26.56 10.03 -1.05
N PHE I 195 -27.13 9.34 -0.07
CA PHE I 195 -26.43 8.99 1.16
C PHE I 195 -26.11 7.50 1.25
N SER I 196 -27.12 6.64 1.09
CA SER I 196 -26.91 5.20 1.25
C SER I 196 -26.16 4.58 0.08
N THR I 197 -26.24 5.18 -1.10
CA THR I 197 -25.54 4.68 -2.29
C THR I 197 -24.45 5.66 -2.72
N ASN I 198 -23.76 6.23 -1.73
CA ASN I 198 -22.64 7.12 -2.02
C ASN I 198 -21.34 6.39 -1.74
N PRO I 199 -20.50 6.14 -2.75
CA PRO I 199 -19.22 5.47 -2.48
C PRO I 199 -18.19 6.38 -1.83
N HIS I 200 -18.47 7.68 -1.74
CA HIS I 200 -17.52 8.65 -1.20
C HIS I 200 -17.98 9.20 0.14
N SER I 201 -18.98 8.58 0.76
CA SER I 201 -19.47 9.08 2.04
C SER I 201 -18.38 8.97 3.09
N VAL I 202 -18.14 10.06 3.80
CA VAL I 202 -17.16 10.03 4.87
C VAL I 202 -17.72 9.22 6.03
N ASN I 203 -16.82 8.64 6.83
CA ASN I 203 -17.24 7.66 7.83
C ASN I 203 -18.14 8.29 8.89
N TYR I 204 -17.80 9.50 9.36
CA TYR I 204 -18.57 10.09 10.44
C TYR I 204 -19.98 10.46 10.01
N HIS I 205 -20.19 10.78 8.72
CA HIS I 205 -21.54 11.06 8.25
C HIS I 205 -22.39 9.80 8.25
N LYS I 206 -21.91 8.75 7.57
CA LYS I 206 -22.64 7.49 7.51
C LYS I 206 -22.87 6.89 8.90
N GLY I 207 -21.89 7.05 9.80
CA GLY I 207 -22.04 6.51 11.14
C GLY I 207 -23.23 7.05 11.89
N VAL I 208 -23.46 8.36 11.79
CA VAL I 208 -24.62 8.96 12.44
C VAL I 208 -25.89 8.66 11.66
N ILE I 209 -25.84 8.77 10.33
CA ILE I 209 -27.06 8.67 9.52
C ILE I 209 -27.65 7.27 9.60
N GLN I 210 -26.81 6.24 9.54
CA GLN I 210 -27.26 4.87 9.62
C GLN I 210 -27.09 4.27 11.01
N SER I 211 -27.02 5.12 12.04
CA SER I 211 -27.09 4.64 13.41
C SER I 211 -28.50 4.14 13.73
N ALA I 212 -28.59 3.29 14.75
CA ALA I 212 -29.87 2.68 15.11
C ALA I 212 -30.90 3.74 15.50
N ALA I 213 -30.49 4.75 16.29
CA ALA I 213 -31.44 5.75 16.75
C ALA I 213 -32.00 6.55 15.59
N GLU I 214 -31.18 6.86 14.59
CA GLU I 214 -31.60 7.65 13.46
C GLU I 214 -32.16 6.81 12.32
N LEU I 215 -31.96 5.49 12.33
CA LEU I 215 -32.72 4.65 11.41
C LEU I 215 -34.19 4.64 11.83
N SER I 216 -34.43 4.79 13.14
CA SER I 216 -35.72 5.14 13.74
C SER I 216 -36.94 4.41 13.20
N GLY I 217 -37.01 3.12 13.38
CA GLY I 217 -38.22 2.39 13.08
C GLY I 217 -38.21 1.11 13.86
N GLY I 218 -38.98 0.13 13.36
CA GLY I 218 -38.93 -1.22 13.87
C GLY I 218 -37.51 -1.64 14.25
N TYR I 219 -36.54 -1.17 13.44
CA TYR I 219 -35.13 -1.42 13.73
C TYR I 219 -34.70 -0.73 15.02
N ALA I 220 -35.10 0.53 15.20
CA ALA I 220 -34.73 1.22 16.44
C ALA I 220 -35.52 0.69 17.62
N ALA I 221 -36.75 0.25 17.39
CA ALA I 221 -37.58 -0.37 18.43
C ALA I 221 -37.25 -1.85 18.60
N HIS I 222 -36.24 -2.36 17.88
CA HIS I 222 -35.84 -3.77 17.94
C HIS I 222 -36.99 -4.70 17.59
N ASN I 223 -37.82 -4.27 16.63
CA ASN I 223 -38.81 -5.16 16.05
C ASN I 223 -38.09 -6.25 15.26
N LEU I 224 -38.42 -7.51 15.57
CA LEU I 224 -37.71 -8.62 14.94
C LEU I 224 -37.83 -8.56 13.43
N LEU I 225 -39.00 -8.20 12.90
CA LEU I 225 -39.16 -8.16 11.44
C LEU I 225 -38.21 -7.17 10.79
N SER I 226 -37.59 -6.29 11.57
CA SER I 226 -36.65 -5.30 11.06
C SER I 226 -35.19 -5.64 11.35
N LEU I 227 -34.92 -6.69 12.11
CA LEU I 227 -33.58 -7.05 12.54
C LEU I 227 -33.09 -8.32 11.86
N PRO I 228 -31.78 -8.56 11.85
CA PRO I 228 -31.26 -9.86 11.43
C PRO I 228 -31.41 -10.92 12.52
N ARG I 229 -32.56 -11.60 12.56
CA ARG I 229 -32.84 -12.52 13.66
C ARG I 229 -31.96 -13.77 13.63
N GLY I 230 -31.36 -14.09 12.49
CA GLY I 230 -30.62 -15.34 12.42
C GLY I 230 -31.53 -16.53 12.55
N ARG I 231 -32.77 -16.40 12.05
CA ARG I 231 -33.79 -17.41 12.27
C ARG I 231 -34.79 -17.41 11.14
N ALA I 232 -35.50 -18.54 11.00
CA ALA I 232 -36.55 -18.70 10.00
C ALA I 232 -37.94 -18.83 10.58
N VAL I 233 -38.09 -19.03 11.89
CA VAL I 233 -39.39 -19.22 12.52
C VAL I 233 -39.49 -18.29 13.72
N GLU I 234 -40.70 -17.80 13.98
CA GLU I 234 -40.90 -16.87 15.11
C GLU I 234 -41.62 -17.54 16.28
N ASP I 235 -41.10 -17.37 17.49
CA ASP I 235 -41.74 -17.92 18.72
C ASP I 235 -42.80 -16.91 19.11
N LEU I 236 -44.06 -17.30 19.18
CA LEU I 236 -45.11 -16.31 19.47
C LEU I 236 -46.11 -16.85 20.49
N ASN I 237 -46.82 -15.92 21.10
CA ASN I 237 -47.90 -16.18 22.04
C ASN I 237 -49.16 -15.49 21.56
N ALA I 238 -50.31 -15.99 22.01
CA ALA I 238 -51.58 -15.35 21.70
C ALA I 238 -52.63 -15.79 22.71
N GLU I 239 -53.54 -14.87 23.04
CA GLU I 239 -54.73 -15.16 23.82
C GLU I 239 -55.98 -14.87 23.02
N GLY I 240 -55.95 -15.27 21.75
CA GLY I 240 -57.02 -15.02 20.79
C GLY I 240 -56.48 -14.25 19.60
N PHE I 241 -57.23 -14.15 18.51
CA PHE I 241 -56.74 -13.40 17.33
C PHE I 241 -56.79 -11.92 17.66
N GLY I 242 -55.83 -11.16 17.15
CA GLY I 242 -55.73 -9.70 17.37
C GLY I 242 -54.96 -9.39 18.62
N THR I 243 -54.42 -10.40 19.27
CA THR I 243 -53.62 -10.20 20.51
C THR I 243 -52.26 -10.85 20.33
N LEU I 244 -51.93 -11.25 19.11
CA LEU I 244 -50.70 -12.02 18.84
C LEU I 244 -49.51 -11.21 19.34
N THR I 245 -48.67 -11.86 20.12
CA THR I 245 -47.50 -11.21 20.72
C THR I 245 -46.27 -12.05 20.41
N SER I 246 -45.20 -11.38 19.99
CA SER I 246 -43.93 -12.06 19.79
C SER I 246 -43.27 -12.25 21.15
N GLN I 247 -42.80 -13.46 21.43
CA GLN I 247 -42.17 -13.70 22.71
C GLN I 247 -40.78 -13.09 22.70
N ASP I 248 -40.31 -12.70 23.89
CA ASP I 248 -38.99 -12.09 23.98
C ASP I 248 -37.90 -13.13 23.77
N HIS I 249 -38.10 -14.33 24.29
CA HIS I 249 -37.11 -15.40 24.20
C HIS I 249 -37.61 -16.38 23.13
N GLN I 250 -37.02 -16.31 21.96
CA GLN I 250 -37.43 -17.15 20.85
C GLN I 250 -36.61 -18.44 20.86
N ASP I 251 -37.29 -19.57 20.78
CA ASP I 251 -36.66 -20.87 20.93
C ASP I 251 -36.83 -21.78 19.74
N VAL I 252 -37.71 -21.46 18.81
CA VAL I 252 -38.02 -22.31 17.67
C VAL I 252 -37.18 -21.86 16.47
N ASP I 253 -36.72 -22.84 15.70
CA ASP I 253 -36.01 -22.60 14.45
C ASP I 253 -36.59 -23.55 13.41
N GLY I 254 -36.08 -23.47 12.19
CA GLY I 254 -36.55 -24.35 11.15
C GLY I 254 -35.90 -24.05 9.82
N CYS I 255 -36.10 -24.97 8.88
CA CYS I 255 -35.66 -24.84 7.50
C CYS I 255 -36.80 -25.24 6.57
N SER I 256 -36.61 -25.01 5.27
CA SER I 256 -37.67 -25.24 4.32
C SER I 256 -37.10 -25.58 2.94
N LYS I 257 -37.99 -25.98 2.03
CA LYS I 257 -37.60 -26.29 0.66
C LYS I 257 -38.81 -26.15 -0.26
N PHE I 258 -38.61 -25.47 -1.38
CA PHE I 258 -39.59 -25.36 -2.46
C PHE I 258 -39.05 -26.12 -3.67
N GLU I 259 -39.74 -27.20 -4.07
CA GLU I 259 -39.22 -28.03 -5.16
C GLU I 259 -40.13 -28.07 -6.39
N ASN I 260 -41.36 -28.57 -6.26
CA ASN I 260 -42.26 -28.70 -7.42
C ASN I 260 -43.62 -28.12 -7.05
N LYS I 261 -43.70 -26.79 -7.06
CA LYS I 261 -44.95 -26.07 -6.83
C LYS I 261 -45.64 -26.52 -5.54
N LYS I 262 -44.83 -26.93 -4.57
CA LYS I 262 -45.28 -27.30 -3.25
C LYS I 262 -44.16 -26.94 -2.26
N TRP I 263 -44.54 -26.50 -1.08
CA TRP I 263 -43.59 -26.11 -0.03
C TRP I 263 -43.38 -27.26 0.94
N THR I 264 -42.14 -27.40 1.41
CA THR I 264 -41.79 -28.35 2.45
C THR I 264 -41.04 -27.59 3.54
N VAL I 265 -41.64 -27.49 4.72
CA VAL I 265 -41.06 -26.77 5.85
C VAL I 265 -40.98 -27.72 7.04
N VAL I 266 -39.90 -27.62 7.81
CA VAL I 266 -39.73 -28.38 9.04
C VAL I 266 -39.53 -27.40 10.18
N PHE I 267 -40.20 -27.67 11.30
CA PHE I 267 -40.05 -26.88 12.51
C PHE I 267 -39.16 -27.66 13.46
N CYS I 268 -38.18 -27.00 14.08
CA CYS I 268 -37.37 -27.80 14.99
C CYS I 268 -37.17 -26.99 16.26
N ARG I 269 -37.42 -27.63 17.40
CA ARG I 269 -37.24 -27.00 18.69
C ARG I 269 -37.07 -28.09 19.75
N SER I 270 -36.36 -27.77 20.82
CA SER I 270 -36.21 -28.72 21.91
C SER I 270 -37.57 -28.98 22.57
N LEU I 271 -37.76 -30.22 23.05
CA LEU I 271 -39.03 -30.59 23.67
C LEU I 271 -39.33 -29.75 24.89
N ASN I 272 -38.30 -29.30 25.60
CA ASN I 272 -38.47 -28.46 26.78
C ASN I 272 -37.56 -27.24 26.70
N THR I 273 -38.04 -26.13 27.24
CA THR I 273 -37.32 -24.86 27.23
C THR I 273 -37.48 -24.20 28.59
N GLY I 274 -36.50 -23.38 28.93
CA GLY I 274 -36.57 -22.63 30.17
C GLY I 274 -37.54 -21.47 30.16
N ASP I 275 -38.17 -21.20 29.02
CA ASP I 275 -39.14 -20.13 28.92
C ASP I 275 -40.51 -20.67 29.33
N PRO I 276 -41.13 -20.13 30.38
CA PRO I 276 -42.43 -20.66 30.81
C PRO I 276 -43.56 -20.44 29.82
N LEU I 277 -43.44 -19.48 28.91
CA LEU I 277 -44.51 -19.18 27.96
C LEU I 277 -44.49 -20.07 26.72
N ASP I 278 -43.68 -21.12 26.71
CA ASP I 278 -43.65 -22.06 25.59
C ASP I 278 -44.34 -23.36 25.99
N VAL I 279 -44.98 -24.01 25.00
CA VAL I 279 -45.56 -25.33 25.24
C VAL I 279 -44.45 -26.31 25.59
N GLN I 280 -44.73 -27.17 26.56
CA GLN I 280 -43.78 -28.15 27.05
C GLN I 280 -44.24 -29.54 26.64
N PHE I 281 -43.38 -30.24 25.89
CA PHE I 281 -43.67 -31.58 25.42
C PHE I 281 -43.11 -32.63 26.38
N VAL I 282 -43.87 -33.68 26.60
CA VAL I 282 -43.42 -34.81 27.43
C VAL I 282 -43.57 -36.11 26.64
N PRO I 283 -42.53 -36.92 26.51
CA PRO I 283 -42.65 -38.19 25.77
C PRO I 283 -43.68 -39.10 26.41
N GLY I 284 -44.56 -39.64 25.59
CA GLY I 284 -45.65 -40.45 26.08
C GLY I 284 -46.93 -39.69 26.34
N GLU I 285 -46.91 -38.37 26.17
CA GLU I 285 -48.05 -37.52 26.51
C GLU I 285 -48.71 -36.89 25.28
N SER I 286 -50.02 -36.66 25.41
CA SER I 286 -50.84 -36.10 24.35
C SER I 286 -51.37 -34.71 24.69
N THR I 287 -51.41 -33.86 23.67
CA THR I 287 -52.05 -32.53 23.71
C THR I 287 -52.57 -32.26 22.30
N TYR I 288 -52.85 -31.00 21.98
CA TYR I 288 -53.44 -30.64 20.69
C TYR I 288 -52.55 -29.68 19.92
N PHE I 289 -52.84 -29.54 18.63
CA PHE I 289 -52.07 -28.64 17.77
C PHE I 289 -53.01 -28.03 16.73
N ASN I 290 -52.65 -26.88 16.17
CA ASN I 290 -53.48 -26.26 15.11
C ASN I 290 -52.54 -25.74 14.03
N MET I 291 -53.02 -25.54 12.81
CA MET I 291 -52.04 -25.08 11.80
C MET I 291 -52.68 -24.13 10.78
N ALA I 292 -51.86 -23.34 10.08
CA ALA I 292 -52.32 -22.38 9.08
C ALA I 292 -51.22 -22.17 8.06
N VAL I 293 -51.61 -21.77 6.84
CA VAL I 293 -50.70 -21.60 5.71
C VAL I 293 -51.02 -20.31 4.97
N TRP I 294 -49.97 -19.63 4.47
CA TRP I 294 -50.03 -18.40 3.69
C TRP I 294 -49.36 -18.58 2.33
N ASN I 295 -49.91 -17.89 1.32
CA ASN I 295 -49.36 -17.88 -0.04
C ASN I 295 -49.28 -16.42 -0.50
N GLY I 296 -48.10 -15.82 -0.45
CA GLY I 296 -47.95 -14.39 -0.70
C GLY I 296 -48.52 -13.91 -2.03
N ASP I 297 -48.70 -14.82 -2.99
CA ASP I 297 -49.21 -14.44 -4.30
C ASP I 297 -50.63 -13.89 -4.24
N ARG I 298 -51.49 -14.44 -3.37
CA ARG I 298 -52.85 -13.96 -3.16
C ARG I 298 -52.98 -13.01 -1.96
N GLU I 299 -51.89 -12.34 -1.59
CA GLU I 299 -51.94 -11.32 -0.52
C GLU I 299 -52.23 -11.89 0.86
N ASP I 300 -51.78 -13.12 1.14
CA ASP I 300 -52.07 -13.73 2.45
C ASP I 300 -51.22 -13.08 3.56
N ARG I 301 -51.89 -12.67 4.64
CA ARG I 301 -51.27 -12.14 5.88
C ARG I 301 -52.34 -12.05 6.97
N ASN I 302 -51.96 -11.84 8.21
CA ASN I 302 -52.98 -11.64 9.26
C ASN I 302 -54.00 -12.78 9.24
N GLY I 303 -55.29 -12.45 9.06
CA GLY I 303 -56.44 -13.35 9.01
C GLY I 303 -56.71 -13.76 7.59
N GLN I 304 -55.82 -13.44 6.69
CA GLN I 304 -56.00 -13.90 5.30
C GLN I 304 -55.17 -15.19 5.18
N LYS I 305 -55.24 -15.98 6.26
CA LYS I 305 -54.48 -17.25 6.41
C LYS I 305 -55.44 -18.15 5.65
N ASN I 306 -55.02 -19.41 5.48
CA ASN I 306 -55.75 -20.66 5.17
C ASN I 306 -55.67 -21.48 6.45
N ILE I 307 -56.72 -21.48 7.24
CA ILE I 307 -56.63 -22.13 8.56
C ILE I 307 -57.35 -23.47 8.62
N SER I 308 -56.84 -24.35 9.49
CA SER I 308 -57.62 -25.51 9.90
C SER I 308 -58.56 -25.03 11.00
N ILE I 309 -59.81 -25.51 10.95
CA ILE I 309 -60.84 -24.93 11.79
C ILE I 309 -60.79 -25.43 13.23
N GLN I 310 -60.25 -26.61 13.49
CA GLN I 310 -60.31 -27.22 14.80
C GLN I 310 -58.95 -27.66 15.29
N TRP I 311 -58.82 -27.72 16.62
CA TRP I 311 -57.66 -28.35 17.23
C TRP I 311 -57.56 -29.80 16.76
N HIS I 312 -56.33 -30.26 16.53
CA HIS I 312 -56.12 -31.65 16.17
C HIS I 312 -55.33 -32.35 17.26
N PRO I 313 -55.69 -33.59 17.61
CA PRO I 313 -54.98 -34.28 18.69
C PRO I 313 -53.55 -34.59 18.31
N LEU I 314 -52.69 -34.61 19.32
CA LEU I 314 -51.26 -34.81 19.17
C LEU I 314 -50.82 -35.79 20.24
N SER I 315 -50.03 -36.80 19.85
CA SER I 315 -49.53 -37.80 20.79
C SER I 315 -48.02 -37.92 20.69
N LEU I 316 -47.36 -38.04 21.83
CA LEU I 316 -45.91 -38.23 21.85
C LEU I 316 -45.60 -39.68 22.19
N GLU I 317 -44.77 -40.33 21.37
CA GLU I 317 -44.33 -41.69 21.67
C GLU I 317 -43.32 -41.68 22.82
N ARG I 318 -43.22 -42.82 23.49
CA ARG I 318 -42.28 -42.94 24.59
C ARG I 318 -40.90 -43.30 24.07
N ILE I 319 -39.90 -43.11 24.94
CA ILE I 319 -38.52 -43.33 24.57
C ILE I 319 -38.22 -44.82 24.58
N ALA I 320 -37.48 -45.27 23.57
CA ALA I 320 -37.03 -46.67 23.35
C ALA I 320 -36.13 -47.09 24.51
N TRP I 321 -35.32 -46.17 25.01
CA TRP I 321 -34.54 -46.38 26.24
C TRP I 321 -33.70 -47.65 26.17
N GLN I 322 -32.98 -47.91 25.08
CA GLN I 322 -32.13 -49.14 24.92
C GLN I 322 -31.38 -49.47 26.21
N THR J 2 59.67 60.68 6.39
CA THR J 2 58.52 61.40 6.95
C THR J 2 58.72 61.70 8.44
N LEU J 3 58.44 62.95 8.79
CA LEU J 3 58.50 63.42 10.17
C LEU J 3 57.21 63.14 10.91
N VAL J 4 57.33 62.56 12.11
CA VAL J 4 56.21 62.18 12.96
C VAL J 4 56.54 62.66 14.38
N HIS J 5 55.51 62.99 15.15
CA HIS J 5 55.72 63.51 16.50
C HIS J 5 55.89 62.35 17.47
N ASN J 6 56.98 62.39 18.24
CA ASN J 6 57.26 61.43 19.30
C ASN J 6 57.30 62.24 20.59
N TRP J 7 56.36 61.98 21.48
CA TRP J 7 56.25 62.75 22.71
C TRP J 7 57.26 62.32 23.79
N HIS J 8 57.84 61.12 23.72
CA HIS J 8 58.94 60.82 24.62
C HIS J 8 60.09 61.76 24.34
N LEU J 9 60.43 61.91 23.07
CA LEU J 9 61.54 62.74 22.64
C LEU J 9 61.19 64.22 22.67
N GLY J 10 59.90 64.56 22.77
CA GLY J 10 59.53 65.95 22.77
C GLY J 10 59.89 66.65 21.48
N ARG J 11 59.83 65.94 20.37
CA ARG J 11 60.15 66.55 19.05
C ARG J 11 59.60 65.70 17.91
N ARG J 12 59.68 66.17 16.68
CA ARG J 12 59.28 65.35 15.52
C ARG J 12 60.46 64.48 15.13
N MET J 13 60.21 63.26 14.73
CA MET J 13 61.24 62.28 14.41
C MET J 13 60.99 61.65 13.05
N GLU J 14 62.05 61.05 12.48
CA GLU J 14 61.96 60.41 11.17
C GLU J 14 61.50 58.96 11.32
N TYR J 15 60.44 58.62 10.61
CA TYR J 15 59.83 57.30 10.57
C TYR J 15 59.41 57.01 9.14
N PRO J 16 59.42 55.73 8.73
CA PRO J 16 58.95 55.41 7.37
C PRO J 16 57.49 55.75 7.12
N TYR J 17 56.62 55.63 8.13
CA TYR J 17 55.18 55.73 7.94
C TYR J 17 54.62 56.93 8.68
N PHE J 18 53.56 57.52 8.11
CA PHE J 18 52.95 58.69 8.72
C PHE J 18 52.27 58.34 10.04
N GLU J 19 52.24 59.33 10.94
CA GLU J 19 51.64 59.13 12.26
C GLU J 19 50.18 58.78 12.17
N SER J 20 49.79 57.69 12.85
CA SER J 20 48.40 57.27 12.96
C SER J 20 48.28 56.51 14.27
N ARG J 21 47.68 57.16 15.30
CA ARG J 21 47.67 56.59 16.64
C ARG J 21 46.37 55.84 16.92
N PRO J 22 46.40 54.88 17.83
CA PRO J 22 45.21 54.07 18.13
C PRO J 22 44.20 54.85 18.97
N LYS J 23 43.01 54.28 19.10
CA LYS J 23 41.97 54.88 19.93
C LYS J 23 42.46 55.01 21.38
N HIS J 24 43.01 53.93 21.91
CA HIS J 24 43.79 53.97 23.13
C HIS J 24 44.94 52.99 22.97
N GLN J 25 46.03 53.23 23.69
CA GLN J 25 47.26 52.48 23.51
C GLN J 25 47.44 51.48 24.65
N PHE J 26 47.68 50.22 24.28
CA PHE J 26 48.05 49.20 25.26
C PHE J 26 49.24 49.65 26.07
N ALA J 27 49.07 49.77 27.39
CA ALA J 27 50.12 50.32 28.23
C ALA J 27 50.05 49.66 29.60
N ALA J 28 51.16 49.76 30.33
CA ALA J 28 51.27 49.18 31.66
C ALA J 28 52.31 49.95 32.45
N VAL J 29 52.19 49.89 33.77
CA VAL J 29 53.12 50.54 34.68
C VAL J 29 53.76 49.47 35.56
N PHE J 30 55.09 49.45 35.60
CA PHE J 30 55.85 48.49 36.39
C PHE J 30 56.56 49.24 37.51
N ASN J 31 56.28 48.86 38.76
CA ASN J 31 56.94 49.45 39.92
C ASN J 31 58.21 48.63 40.18
N ILE J 32 59.34 49.10 39.64
CA ILE J 32 60.61 48.38 39.78
C ILE J 32 61.00 48.24 41.24
N ASN J 33 60.69 49.25 42.06
CA ASN J 33 61.02 49.17 43.49
C ASN J 33 60.37 47.96 44.14
N ARG J 34 59.24 47.52 43.61
CA ARG J 34 58.43 46.47 44.17
C ARG J 34 58.75 45.08 43.62
N CYS J 35 59.57 44.99 42.57
CA CYS J 35 59.82 43.72 41.91
C CYS J 35 60.77 42.84 42.71
N ILE J 36 60.64 41.53 42.50
CA ILE J 36 61.43 40.54 43.22
C ILE J 36 62.22 39.63 42.28
N ALA J 37 62.07 39.80 40.96
CA ALA J 37 62.71 38.94 39.96
C ALA J 37 62.31 37.48 40.12
N CYS J 38 61.07 37.22 40.55
CA CYS J 38 60.61 35.85 40.70
C CYS J 38 60.37 35.15 39.37
N GLN J 39 60.35 35.88 38.25
CA GLN J 39 60.11 35.33 36.92
C GLN J 39 58.79 34.56 36.83
N THR J 40 57.83 34.85 37.71
CA THR J 40 56.51 34.27 37.55
C THR J 40 55.85 34.75 36.27
N CYS J 41 55.96 36.05 35.98
CA CYS J 41 55.50 36.57 34.70
C CYS J 41 56.17 35.85 33.53
N THR J 42 57.44 35.51 33.69
CA THR J 42 58.17 34.81 32.63
C THR J 42 57.53 33.45 32.34
N MET J 43 57.23 32.68 33.39
CA MET J 43 56.61 31.37 33.20
C MET J 43 55.14 31.50 32.81
N ALA J 44 54.51 32.64 33.11
CA ALA J 44 53.14 32.85 32.65
C ALA J 44 53.05 32.84 31.13
N CYS J 45 53.92 33.62 30.48
CA CYS J 45 53.94 33.66 29.02
C CYS J 45 54.46 32.35 28.43
N LYS J 46 55.48 31.77 29.06
CA LYS J 46 56.08 30.54 28.53
C LYS J 46 55.07 29.40 28.47
N SER J 47 54.41 29.12 29.59
CA SER J 47 53.44 28.02 29.67
C SER J 47 52.20 28.25 28.81
N THR J 48 52.11 29.37 28.10
CA THR J 48 50.90 29.69 27.34
C THR J 48 51.14 29.86 25.85
N TRP J 49 52.25 30.47 25.45
CA TRP J 49 52.46 30.83 24.05
C TRP J 49 53.74 30.28 23.46
N THR J 50 54.81 30.14 24.24
CA THR J 50 56.12 29.74 23.73
C THR J 50 56.58 28.42 24.34
N PHE J 51 55.66 27.47 24.49
CA PHE J 51 55.93 26.24 25.22
C PHE J 51 56.26 25.06 24.31
N ASN J 52 56.20 25.23 22.99
CA ASN J 52 56.20 24.11 22.07
C ASN J 52 57.48 24.09 21.24
N LYS J 53 57.52 23.19 20.26
CA LYS J 53 58.72 22.98 19.46
C LYS J 53 59.07 24.24 18.69
N GLY J 54 60.37 24.52 18.56
CA GLY J 54 60.85 25.71 17.91
C GLY J 54 60.88 26.94 18.78
N GLN J 55 60.27 26.90 19.96
CA GLN J 55 60.20 28.03 20.87
C GLN J 55 61.00 27.79 22.14
N GLU J 56 62.02 26.94 22.08
CA GLU J 56 62.75 26.56 23.28
C GLU J 56 63.57 27.72 23.84
N PHE J 57 64.11 28.57 22.97
CA PHE J 57 64.91 29.71 23.40
C PHE J 57 64.09 30.97 23.61
N MET J 58 62.80 30.96 23.28
CA MET J 58 62.01 32.18 23.24
C MET J 58 61.43 32.46 24.62
N TRP J 59 61.74 33.64 25.15
CA TRP J 59 61.20 34.13 26.42
C TRP J 59 60.70 35.55 26.14
N TRP J 60 59.44 35.66 25.69
CA TRP J 60 58.90 36.97 25.33
C TRP J 60 58.89 37.91 26.54
N ASN J 61 58.48 37.41 27.69
CA ASN J 61 58.59 38.15 28.95
C ASN J 61 59.83 37.66 29.69
N ASN J 62 60.69 38.60 30.07
CA ASN J 62 61.90 38.28 30.82
C ASN J 62 62.14 39.39 31.83
N VAL J 63 62.69 39.02 32.98
CA VAL J 63 63.14 39.96 34.00
C VAL J 63 64.66 39.86 34.09
N GLU J 64 65.33 41.00 33.94
CA GLU J 64 66.78 41.05 33.87
C GLU J 64 67.33 41.81 35.07
N THR J 65 68.47 41.35 35.56
CA THR J 65 69.16 42.01 36.67
C THR J 65 70.10 43.05 36.08
N LYS J 66 69.71 44.32 36.20
CA LYS J 66 70.56 45.38 35.67
C LYS J 66 71.67 45.69 36.67
N PRO J 67 72.84 46.15 36.20
CA PRO J 67 73.14 46.58 34.82
C PRO J 67 73.76 45.51 33.92
N TYR J 68 74.33 44.45 34.50
CA TYR J 68 75.07 43.47 33.72
C TYR J 68 74.18 42.48 33.00
N GLY J 69 72.94 42.27 33.46
CA GLY J 69 72.11 41.22 32.92
C GLY J 69 71.36 41.63 31.67
N GLY J 70 70.91 40.62 30.92
CA GLY J 70 70.11 40.86 29.74
C GLY J 70 69.76 39.60 28.96
N PHE J 71 68.64 39.66 28.24
CA PHE J 71 68.25 38.60 27.31
C PHE J 71 67.70 39.25 26.05
N PRO J 72 68.41 39.17 24.91
CA PRO J 72 69.68 38.47 24.68
C PRO J 72 70.88 39.10 25.40
N GLN J 73 72.00 38.39 25.42
CA GLN J 73 73.16 38.80 26.20
C GLN J 73 73.63 40.19 25.78
N SER J 74 73.66 41.11 26.75
CA SER J 74 74.16 42.47 26.55
C SER J 74 73.42 43.17 25.41
N TRP J 75 72.10 42.99 25.36
CA TRP J 75 71.33 43.60 24.29
C TRP J 75 71.31 45.13 24.38
N ASP J 76 71.35 45.69 25.59
CA ASP J 76 71.40 47.15 25.71
C ASP J 76 72.68 47.70 25.10
N VAL J 77 73.81 47.13 25.51
CA VAL J 77 75.11 47.68 25.14
C VAL J 77 75.32 47.60 23.63
N LYS J 78 74.91 46.48 23.02
CA LYS J 78 75.10 46.32 21.59
C LYS J 78 74.29 47.35 20.80
N THR J 79 73.03 47.57 21.19
CA THR J 79 72.20 48.53 20.49
C THR J 79 72.57 49.96 20.84
N LEU J 80 72.89 50.23 22.11
CA LEU J 80 73.26 51.58 22.52
C LEU J 80 74.56 52.03 21.87
N LYS J 81 75.44 51.08 21.51
CA LYS J 81 76.68 51.44 20.83
C LYS J 81 76.46 51.83 19.39
N LEU J 82 75.39 51.36 18.77
CA LEU J 82 75.08 51.72 17.39
C LEU J 82 74.50 53.14 17.27
N ILE J 83 74.18 53.78 18.38
CA ILE J 83 73.64 55.14 18.36
C ILE J 83 74.48 56.06 19.24
N ASP J 84 75.66 55.59 19.65
CA ASP J 84 76.50 56.37 20.56
C ASP J 84 77.02 57.62 19.86
N SER J 85 76.73 58.78 20.45
CA SER J 85 77.18 60.06 19.92
C SER J 85 77.24 61.06 21.06
N PRO J 86 78.19 62.00 21.03
CA PRO J 86 78.23 63.06 22.05
C PRO J 86 77.02 63.98 22.01
N ASP J 87 76.17 63.88 20.99
CA ASP J 87 75.00 64.72 20.85
C ASP J 87 73.76 64.12 21.49
N ASN J 88 73.88 62.97 22.17
CA ASN J 88 72.74 62.36 22.85
C ASN J 88 72.54 63.10 24.16
N ILE J 89 71.73 64.15 24.11
CA ILE J 89 71.56 65.04 25.25
C ILE J 89 70.10 65.46 25.35
N TRP J 90 69.58 65.49 26.58
CA TRP J 90 68.24 65.99 26.85
C TRP J 90 68.32 67.45 27.28
N TYR J 91 67.32 68.22 26.88
CA TYR J 91 67.19 69.60 27.32
C TYR J 91 65.82 69.80 27.95
N THR J 92 65.81 70.11 29.24
CA THR J 92 64.59 70.15 30.04
C THR J 92 64.01 71.55 30.17
N ASP J 93 64.70 72.57 29.62
CA ASP J 93 64.33 73.96 29.91
C ASP J 93 62.91 74.27 29.48
N ASP J 94 62.50 73.82 28.28
CA ASP J 94 61.17 74.12 27.76
C ASP J 94 60.25 72.91 27.76
N LYS J 95 60.37 72.06 28.80
CA LYS J 95 59.45 70.94 28.92
C LYS J 95 58.06 71.44 29.28
N ASP J 96 57.06 70.60 29.02
CA ASP J 96 55.67 71.01 29.22
C ASP J 96 55.43 71.49 30.64
N LYS J 97 54.84 72.68 30.76
CA LYS J 97 54.48 73.21 32.07
C LYS J 97 53.21 72.54 32.59
N GLU J 98 52.27 72.23 31.70
CA GLU J 98 51.05 71.50 32.04
C GLU J 98 50.84 70.32 31.07
N THR J 99 50.12 69.32 31.57
CA THR J 99 49.91 68.06 30.86
C THR J 99 49.11 68.23 29.57
N SER J 100 49.73 67.89 28.44
CA SER J 100 49.14 67.94 27.11
C SER J 100 48.34 66.67 26.83
N GLN J 101 47.69 66.65 25.66
CA GLN J 101 46.75 65.58 25.31
C GLN J 101 47.45 64.25 25.05
N TYR J 102 46.61 63.22 24.95
CA TYR J 102 47.03 61.88 24.58
C TYR J 102 47.73 61.93 23.22
N GLY J 103 48.99 61.48 23.19
CA GLY J 103 49.76 61.44 21.96
C GLY J 103 50.47 62.72 21.59
N THR J 104 50.42 63.76 22.42
CA THR J 104 51.05 65.04 22.13
C THR J 104 51.89 65.50 23.31
N GLY J 105 52.78 66.45 23.06
CA GLY J 105 53.47 67.16 24.10
C GLY J 105 54.95 66.80 24.20
N ALA J 106 55.58 67.32 25.26
CA ALA J 106 57.00 67.10 25.52
C ALA J 106 57.21 67.06 27.03
N PRO J 107 56.72 66.02 27.70
CA PRO J 107 56.72 66.06 29.18
C PRO J 107 58.10 66.03 29.80
N TYR J 108 59.04 65.26 29.25
CA TYR J 108 60.37 65.15 29.83
C TYR J 108 61.35 66.18 29.29
N GLY J 109 61.06 66.80 28.16
CA GLY J 109 61.99 67.74 27.56
C GLY J 109 62.15 67.49 26.07
N THR J 110 63.35 67.74 25.54
CA THR J 110 63.63 67.50 24.13
C THR J 110 64.96 66.77 24.01
N TYR J 111 64.95 65.60 23.38
CA TYR J 111 66.14 64.80 23.17
C TYR J 111 66.70 65.14 21.79
N GLU J 112 67.95 65.61 21.75
CA GLU J 112 68.57 66.06 20.52
C GLU J 112 69.53 65.03 19.92
N GLY J 113 69.51 63.80 20.43
CA GLY J 113 70.27 62.73 19.81
C GLY J 113 69.47 62.05 18.71
N ASP J 114 70.17 61.26 17.90
CA ASP J 114 69.55 60.58 16.77
C ASP J 114 69.00 59.22 17.18
N THR J 115 67.79 58.92 16.75
CA THR J 115 67.15 57.63 16.95
C THR J 115 67.73 56.59 16.00
N ILE J 116 67.37 55.33 16.24
CA ILE J 116 67.83 54.25 15.38
C ILE J 116 67.40 54.44 13.94
N PHE J 117 66.26 55.10 13.71
CA PHE J 117 65.84 55.36 12.34
C PHE J 117 66.66 56.46 11.68
N GLU J 118 66.84 57.59 12.37
CA GLU J 118 67.59 58.70 11.78
C GLU J 118 69.09 58.46 11.79
N VAL J 119 69.60 57.66 12.73
CA VAL J 119 71.00 57.26 12.64
C VAL J 119 71.24 56.52 11.33
N ALA J 120 70.30 55.64 10.97
CA ALA J 120 70.39 54.92 9.70
C ALA J 120 70.30 55.87 8.51
N LYS J 121 69.49 56.92 8.64
CA LYS J 121 69.30 57.85 7.54
C LYS J 121 70.53 58.72 7.29
N LYS J 122 71.11 59.27 8.37
CA LYS J 122 72.26 60.17 8.22
C LYS J 122 73.48 59.46 7.67
N LYS J 123 73.67 58.19 8.03
CA LYS J 123 74.85 57.43 7.65
C LYS J 123 74.68 56.68 6.34
N ASN J 124 73.50 56.73 5.72
CA ASN J 124 73.20 56.04 4.46
C ASN J 124 73.60 54.56 4.51
N ILE J 125 73.17 53.87 5.57
CA ILE J 125 73.33 52.42 5.60
C ILE J 125 72.36 51.73 4.67
N ASN J 126 71.41 52.46 4.11
CA ASN J 126 70.38 51.91 3.22
C ASN J 126 69.55 50.84 3.92
N GLN J 127 69.20 51.11 5.17
CA GLN J 127 68.25 50.32 5.93
C GLN J 127 67.41 51.27 6.76
N TRP J 128 66.24 50.80 7.18
CA TRP J 128 65.33 51.68 7.89
C TRP J 128 65.82 51.99 9.30
N ALA J 129 66.60 51.10 9.90
CA ALA J 129 67.13 51.32 11.24
C ALA J 129 68.40 50.50 11.42
N VAL J 130 69.26 50.97 12.31
CA VAL J 130 70.46 50.22 12.69
C VAL J 130 70.05 49.09 13.62
N GLY J 131 70.83 48.01 13.59
CA GLY J 131 70.54 46.88 14.44
C GLY J 131 71.46 45.71 14.14
N TYR J 132 71.12 44.57 14.71
CA TYR J 132 71.87 43.34 14.53
C TYR J 132 70.96 42.16 14.82
N ILE J 133 71.33 41.01 14.27
CA ILE J 133 70.63 39.76 14.54
C ILE J 133 71.42 39.01 15.62
N PRO J 134 70.87 38.81 16.81
CA PRO J 134 71.59 38.03 17.83
C PRO J 134 71.76 36.58 17.39
N GLU J 135 72.99 36.09 17.51
CA GLU J 135 73.28 34.72 17.14
C GLU J 135 72.60 33.76 18.12
N ASP J 136 72.43 32.51 17.68
CA ASP J 136 71.76 31.52 18.51
C ASP J 136 72.44 31.38 19.87
N LYS J 137 73.75 31.62 19.92
CA LYS J 137 74.49 31.53 21.17
C LYS J 137 74.23 32.71 22.10
N GLU J 138 73.76 33.84 21.56
CA GLU J 138 73.45 34.99 22.41
C GLU J 138 72.02 34.94 22.95
N TRP J 139 71.21 34.00 22.48
CA TRP J 139 69.91 33.76 23.08
C TRP J 139 69.98 32.79 24.24
N ARG J 140 71.09 32.14 24.45
CA ARG J 140 71.22 31.24 25.62
C ARG J 140 71.39 32.09 26.88
N SER J 141 71.34 31.46 28.05
CA SER J 141 71.47 32.18 29.33
C SER J 141 70.47 33.32 29.44
N PRO J 142 69.17 33.03 29.54
CA PRO J 142 68.16 34.05 29.73
C PRO J 142 68.27 34.81 31.04
N ASN J 143 68.84 34.19 32.07
CA ASN J 143 69.03 34.85 33.38
C ASN J 143 70.48 35.30 33.50
N PHE J 144 71.12 35.59 32.38
CA PHE J 144 72.52 36.05 32.36
C PHE J 144 72.63 37.26 33.26
N GLY J 145 73.61 37.28 34.15
CA GLY J 145 73.80 38.42 35.04
C GLY J 145 72.87 38.38 36.22
N GLU J 146 72.33 37.23 36.57
CA GLU J 146 71.37 37.27 37.66
C GLU J 146 72.03 37.74 38.96
N ASP J 147 71.39 38.73 39.60
CA ASP J 147 71.78 39.20 40.93
C ASP J 147 73.26 39.57 40.99
N THR J 148 73.82 40.02 39.87
CA THR J 148 75.21 40.48 39.80
C THR J 148 75.22 41.99 39.95
N ALA J 149 75.88 42.48 40.99
CA ALA J 149 75.86 43.89 41.34
C ALA J 149 77.08 44.61 40.79
N LYS J 150 76.92 45.91 40.56
CA LYS J 150 78.06 46.77 40.28
C LYS J 150 78.65 47.25 41.60
N SER J 151 79.97 47.20 41.69
CA SER J 151 80.67 47.58 42.91
C SER J 151 81.69 48.67 42.61
N SER J 152 81.87 49.56 43.59
CA SER J 152 82.95 50.54 43.51
C SER J 152 84.31 49.87 43.63
N ASN J 153 84.35 48.66 44.19
CA ASN J 153 85.59 47.89 44.34
C ASN J 153 86.54 48.59 45.31
N GLN J 154 85.97 49.38 46.24
CA GLN J 154 86.70 50.08 47.28
C GLN J 154 86.54 49.41 48.63
N PRO J 155 87.59 49.40 49.44
CA PRO J 155 87.51 48.72 50.75
C PRO J 155 86.50 49.43 51.64
N GLY J 156 85.80 48.64 52.45
CA GLY J 156 84.77 49.17 53.32
C GLY J 156 83.52 49.62 52.60
N GLU J 157 83.28 49.11 51.39
CA GLU J 157 82.13 49.54 50.60
C GLU J 157 80.82 49.10 51.25
N TYR J 158 79.84 49.99 51.23
CA TYR J 158 78.50 49.67 51.72
C TYR J 158 77.50 50.50 50.94
N SER J 159 76.24 50.09 50.97
CA SER J 159 75.19 50.70 50.16
C SER J 159 74.17 51.38 51.06
N THR J 160 73.93 52.66 50.79
CA THR J 160 72.92 53.44 51.49
C THR J 160 72.29 54.41 50.49
N LEU J 161 71.12 54.92 50.83
CA LEU J 161 70.48 55.91 50.00
C LEU J 161 71.24 57.24 50.08
N PRO J 162 71.14 58.09 49.04
CA PRO J 162 70.25 58.04 47.87
C PRO J 162 70.71 57.14 46.72
N GLU J 163 72.01 56.84 46.65
CA GLU J 163 72.55 55.97 45.60
C GLU J 163 73.39 54.88 46.23
N HIS J 164 73.09 53.63 45.88
CA HIS J 164 73.84 52.50 46.43
C HIS J 164 75.18 52.37 45.73
N SER J 165 76.27 52.35 46.52
CA SER J 165 77.58 52.09 45.95
C SER J 165 77.62 50.71 45.29
N ARG J 166 77.20 49.69 46.03
CA ARG J 166 77.02 48.35 45.50
C ARG J 166 75.53 48.19 45.20
N TRP J 167 75.19 48.00 43.93
CA TRP J 167 73.79 48.10 43.52
C TRP J 167 73.51 47.17 42.34
N PHE J 168 72.24 46.81 42.23
CA PHE J 168 71.66 46.12 41.08
C PHE J 168 70.15 46.16 41.22
N PHE J 169 69.44 46.19 40.09
CA PHE J 169 68.00 46.25 40.11
C PHE J 169 67.43 45.40 38.98
N TYR J 170 66.11 45.29 38.96
CA TYR J 170 65.40 44.35 38.10
C TYR J 170 64.67 45.09 37.00
N LEU J 171 64.79 44.62 35.77
CA LEU J 171 64.09 45.18 34.63
C LEU J 171 63.15 44.12 34.07
N GLN J 172 61.86 44.42 34.06
CA GLN J 172 60.82 43.49 33.66
C GLN J 172 60.37 43.88 32.26
N ARG J 173 60.62 43.01 31.29
CA ARG J 173 60.58 43.41 29.89
C ARG J 173 59.71 42.49 29.06
N ILE J 174 58.79 43.09 28.30
CA ILE J 174 58.01 42.44 27.27
C ILE J 174 58.12 43.28 26.01
N CYS J 175 57.39 42.89 24.97
CA CYS J 175 57.24 43.76 23.82
C CYS J 175 56.55 45.05 24.25
N ASN J 176 57.19 46.19 23.96
CA ASN J 176 56.66 47.47 24.38
C ASN J 176 55.48 47.93 23.55
N HIS J 177 55.16 47.23 22.45
CA HIS J 177 54.07 47.58 21.55
C HIS J 177 54.14 49.07 21.18
N CYS J 178 55.28 49.42 20.60
CA CYS J 178 55.65 50.81 20.40
C CYS J 178 54.71 51.53 19.45
N THR J 179 54.59 52.84 19.64
CA THR J 179 53.83 53.67 18.71
C THR J 179 54.49 53.68 17.33
N TYR J 180 55.82 53.79 17.30
CA TYR J 180 56.60 53.75 16.06
C TYR J 180 57.60 52.60 16.16
N PRO J 181 57.13 51.36 16.10
CA PRO J 181 58.02 50.22 16.33
C PRO J 181 59.02 50.04 15.20
N GLY J 182 60.25 49.70 15.57
CA GLY J 182 61.28 49.44 14.57
C GLY J 182 61.00 48.19 13.76
N CYS J 183 60.43 47.16 14.40
CA CYS J 183 60.12 45.92 13.69
C CYS J 183 59.09 46.16 12.58
N LEU J 184 58.06 46.95 12.87
CA LEU J 184 57.06 47.25 11.86
C LEU J 184 57.67 47.99 10.68
N ALA J 185 58.53 48.97 10.96
CA ALA J 185 59.21 49.69 9.88
C ALA J 185 60.21 48.81 9.15
N ALA J 186 60.76 47.81 9.83
CA ALA J 186 61.79 46.97 9.22
C ALA J 186 61.20 46.01 8.19
N CYS J 187 60.06 45.40 8.49
CA CYS J 187 59.50 44.35 7.65
C CYS J 187 59.18 44.86 6.25
N PRO J 188 59.85 44.35 5.21
CA PRO J 188 59.56 44.80 3.84
C PRO J 188 58.24 44.30 3.28
N ARG J 189 57.62 43.28 3.87
CA ARG J 189 56.30 42.84 3.44
C ARG J 189 55.19 43.57 4.15
N LYS J 190 55.50 44.45 5.10
CA LYS J 190 54.50 45.04 5.96
C LYS J 190 53.64 43.95 6.60
N ALA J 191 54.31 42.87 7.00
CA ALA J 191 53.64 41.75 7.65
C ALA J 191 53.49 41.96 9.15
N ILE J 192 54.15 42.98 9.70
CA ILE J 192 53.96 43.40 11.08
C ILE J 192 53.04 44.62 11.04
N TYR J 193 51.98 44.59 11.84
CA TYR J 193 50.99 45.66 11.82
C TYR J 193 50.57 46.00 13.23
N LYS J 194 50.18 47.25 13.41
CA LYS J 194 49.74 47.77 14.69
C LYS J 194 48.22 47.86 14.68
N ARG J 195 47.57 47.22 15.65
CA ARG J 195 46.12 47.21 15.69
C ARG J 195 45.60 48.56 16.15
N LYS J 196 44.58 49.08 15.45
CA LYS J 196 44.11 50.42 15.72
C LYS J 196 43.16 50.52 16.91
N GLU J 197 42.53 49.42 17.31
CA GLU J 197 41.59 49.49 18.43
C GLU J 197 42.32 49.57 19.77
N ASP J 198 43.44 48.85 19.91
CA ASP J 198 44.12 48.73 21.19
C ASP J 198 45.63 48.94 21.10
N GLY J 199 46.18 49.20 19.92
CA GLY J 199 47.61 49.44 19.82
C GLY J 199 48.47 48.19 19.86
N ILE J 200 47.89 47.02 19.62
CA ILE J 200 48.65 45.77 19.65
C ILE J 200 49.46 45.63 18.37
N VAL J 201 50.73 45.29 18.50
CA VAL J 201 51.62 45.05 17.36
C VAL J 201 51.74 43.54 17.19
N LEU J 202 51.51 43.06 15.97
CA LEU J 202 51.46 41.63 15.71
C LEU J 202 52.23 41.29 14.45
N ILE J 203 52.74 40.06 14.40
CA ILE J 203 53.37 39.51 13.21
C ILE J 203 52.34 38.61 12.53
N ASP J 204 52.03 38.92 11.27
CA ASP J 204 51.07 38.11 10.51
C ASP J 204 51.69 36.74 10.25
N GLN J 205 51.16 35.72 10.95
CA GLN J 205 51.72 34.38 10.79
C GLN J 205 51.34 33.76 9.45
N LYS J 206 50.29 34.25 8.80
CA LYS J 206 49.94 33.81 7.47
C LYS J 206 50.87 34.39 6.41
N ARG J 207 51.38 35.61 6.60
CA ARG J 207 52.11 36.31 5.57
C ARG J 207 53.60 36.47 5.87
N CYS J 208 54.03 36.24 7.11
CA CYS J 208 55.46 36.33 7.41
C CYS J 208 56.22 35.26 6.64
N ARG J 209 57.41 35.62 6.15
CA ARG J 209 58.26 34.70 5.41
C ARG J 209 59.65 34.56 6.02
N GLY J 210 59.81 34.89 7.30
CA GLY J 210 61.08 34.72 7.98
C GLY J 210 62.22 35.59 7.46
N TYR J 211 61.94 36.87 7.22
CA TYR J 211 62.97 37.81 6.75
C TYR J 211 63.88 38.29 7.86
N ARG J 212 63.50 38.13 9.12
CA ARG J 212 64.35 38.43 10.26
C ARG J 212 64.77 39.89 10.33
N LYS J 213 64.20 40.76 9.50
CA LYS J 213 64.52 42.19 9.61
C LYS J 213 63.92 42.75 10.89
N CYS J 214 62.73 42.28 11.28
CA CYS J 214 62.17 42.61 12.57
C CYS J 214 63.12 42.18 13.70
N VAL J 215 63.66 40.96 13.61
CA VAL J 215 64.65 40.50 14.58
C VAL J 215 65.88 41.39 14.54
N GLU J 216 66.24 41.88 13.36
CA GLU J 216 67.45 42.67 13.20
C GLU J 216 67.29 44.05 13.82
N GLN J 217 66.23 44.78 13.46
CA GLN J 217 66.14 46.21 13.71
C GLN J 217 65.28 46.58 14.92
N CYS J 218 64.60 45.64 15.55
CA CYS J 218 63.91 45.95 16.79
C CYS J 218 64.95 46.16 17.90
N PRO J 219 65.05 47.36 18.47
CA PRO J 219 66.13 47.61 19.44
C PRO J 219 65.99 46.83 20.73
N TYR J 220 64.80 46.32 21.05
CA TYR J 220 64.57 45.57 22.28
C TYR J 220 64.68 44.06 22.10
N LYS J 221 64.85 43.59 20.86
CA LYS J 221 65.14 42.19 20.56
C LYS J 221 64.00 41.27 21.02
N LYS J 222 62.77 41.75 20.87
CA LYS J 222 61.58 40.96 21.18
C LYS J 222 61.17 40.01 20.06
N PRO J 223 61.23 40.39 18.78
CA PRO J 223 60.91 39.43 17.73
C PRO J 223 61.93 38.30 17.69
N MET J 224 61.44 37.07 17.67
CA MET J 224 62.28 35.89 17.76
C MET J 224 61.90 34.93 16.65
N TYR J 225 62.91 34.35 16.00
CA TYR J 225 62.70 33.47 14.86
C TYR J 225 62.48 32.03 15.33
N ARG J 226 61.36 31.46 14.92
CA ARG J 226 61.01 30.08 15.25
C ARG J 226 61.51 29.15 14.16
N GLY J 227 62.62 28.47 14.44
CA GLY J 227 63.15 27.51 13.48
C GLY J 227 62.12 26.54 12.92
N LEU J 228 61.18 26.11 13.76
CA LEU J 228 60.21 25.09 13.33
C LEU J 228 59.25 25.58 12.24
N THR J 229 58.67 26.77 12.43
CA THR J 229 57.69 27.31 11.50
C THR J 229 58.32 28.17 10.41
N ARG J 230 59.63 28.37 10.46
CA ARG J 230 60.39 29.17 9.51
C ARG J 230 59.92 30.61 9.41
N VAL J 231 59.30 31.13 10.46
CA VAL J 231 58.85 32.51 10.52
C VAL J 231 59.10 33.01 11.94
N SER J 232 59.05 34.33 12.10
CA SER J 232 59.30 34.94 13.41
C SER J 232 58.00 35.17 14.16
N GLU J 233 58.11 35.19 15.49
CA GLU J 233 56.98 35.40 16.38
C GLU J 233 57.37 36.45 17.40
N LYS J 234 56.36 36.99 18.10
CA LYS J 234 56.60 38.03 19.08
C LYS J 234 55.48 38.00 20.10
N CYS J 235 55.68 38.77 21.17
CA CYS J 235 54.64 38.94 22.18
C CYS J 235 53.38 39.50 21.56
N ILE J 236 52.26 38.83 21.80
CA ILE J 236 50.97 39.24 21.26
C ILE J 236 50.14 40.03 22.26
N ALA J 237 50.74 40.37 23.42
CA ALA J 237 50.05 41.08 24.49
C ALA J 237 48.79 40.34 24.96
N CYS J 238 48.76 39.03 24.77
CA CYS J 238 47.60 38.20 25.08
C CYS J 238 46.31 38.84 24.60
N TYR J 239 46.26 39.15 23.31
CA TYR J 239 45.13 39.90 22.78
C TYR J 239 43.78 39.18 22.92
N PRO J 240 43.69 37.85 22.92
CA PRO J 240 42.38 37.25 23.23
C PRO J 240 41.92 37.58 24.64
N ARG J 241 42.84 37.74 25.58
CA ARG J 241 42.46 38.14 26.93
C ARG J 241 42.04 39.62 26.97
N ILE J 242 42.74 40.46 26.20
CA ILE J 242 42.37 41.87 26.13
C ILE J 242 41.02 42.04 25.46
N GLU J 243 40.72 41.23 24.45
CA GLU J 243 39.44 41.27 23.77
C GLU J 243 38.30 40.72 24.62
N GLY J 244 38.58 40.20 25.81
CA GLY J 244 37.52 39.71 26.67
C GLY J 244 36.98 38.35 26.29
N ARG J 245 37.83 37.46 25.76
CA ARG J 245 37.40 36.15 25.29
C ARG J 245 37.64 35.05 26.31
N ASP J 246 37.98 35.41 27.55
CA ASP J 246 38.13 34.45 28.64
C ASP J 246 36.95 34.59 29.59
N SER J 247 36.26 33.47 29.84
CA SER J 247 35.04 33.46 30.63
C SER J 247 35.26 33.85 32.10
N LEU J 248 36.51 34.04 32.53
CA LEU J 248 36.74 34.41 33.93
C LEU J 248 36.30 35.85 34.21
N THR J 249 36.42 36.74 33.23
CA THR J 249 36.03 38.13 33.37
C THR J 249 34.64 38.42 32.80
N ASP J 250 33.93 37.38 32.35
CA ASP J 250 32.56 37.50 31.84
C ASP J 250 32.48 38.53 30.72
N GLY J 251 33.33 38.36 29.71
CA GLY J 251 33.32 39.23 28.55
C GLY J 251 34.06 40.54 28.71
N ARG J 252 34.52 40.86 29.92
CA ARG J 252 35.24 42.10 30.16
C ARG J 252 36.70 41.97 29.73
N PRO J 253 37.31 43.07 29.30
CA PRO J 253 38.74 43.02 28.98
C PRO J 253 39.56 42.61 30.19
N MET J 254 40.43 41.63 30.00
CA MET J 254 41.23 41.05 31.06
C MET J 254 42.69 41.41 30.84
N GLU J 255 43.41 41.65 31.94
CA GLU J 255 44.81 42.02 31.82
C GLU J 255 45.58 40.86 31.18
N THR J 256 46.70 41.19 30.55
CA THR J 256 47.46 40.15 29.86
C THR J 256 47.96 39.11 30.85
N ARG J 257 48.30 37.93 30.31
CA ARG J 257 48.63 36.79 31.15
C ARG J 257 49.89 37.05 31.99
N CYS J 258 50.87 37.74 31.43
CA CYS J 258 52.07 38.06 32.20
C CYS J 258 51.79 39.13 33.25
N MET J 259 50.87 40.05 32.95
CA MET J 259 50.54 41.09 33.93
C MET J 259 49.78 40.51 35.11
N SER J 260 48.82 39.62 34.85
CA SER J 260 48.02 39.06 35.93
C SER J 260 48.86 38.19 36.86
N ALA J 261 49.95 37.63 36.36
CA ALA J 261 50.83 36.77 37.15
C ALA J 261 51.71 37.53 38.12
N CYS J 262 51.81 38.85 38.00
CA CYS J 262 52.83 39.60 38.75
C CYS J 262 52.66 39.43 40.24
N VAL J 263 53.71 38.95 40.89
CA VAL J 263 53.62 38.47 42.25
C VAL J 263 53.82 39.59 43.25
N GLY J 264 54.82 40.43 43.01
CA GLY J 264 55.09 41.49 43.95
C GLY J 264 54.21 42.70 43.72
N GLN J 265 53.04 42.48 43.09
CA GLN J 265 52.05 43.53 42.84
C GLN J 265 52.68 44.77 42.23
N ILE J 266 53.50 44.57 41.21
CA ILE J 266 54.23 45.69 40.60
C ILE J 266 53.63 46.16 39.28
N ARG J 267 52.75 45.37 38.67
CA ARG J 267 52.29 45.62 37.31
C ARG J 267 50.81 46.01 37.32
N LEU J 268 50.49 47.11 36.66
CA LEU J 268 49.12 47.50 36.38
C LEU J 268 49.02 47.74 34.89
N GLN J 269 48.17 46.99 34.21
CA GLN J 269 48.02 47.08 32.76
C GLN J 269 46.63 47.59 32.42
N GLY J 270 46.57 48.52 31.48
CA GLY J 270 45.35 49.11 31.01
C GLY J 270 45.57 49.76 29.67
N PHE J 271 45.02 50.96 29.48
CA PHE J 271 45.24 51.71 28.25
C PHE J 271 45.57 53.15 28.57
N LEU J 272 46.36 53.78 27.70
CA LEU J 272 46.61 55.21 27.78
C LEU J 272 45.44 55.93 27.12
N ASP J 273 44.55 56.46 27.94
CA ASP J 273 43.42 57.24 27.44
C ASP J 273 43.83 58.71 27.34
N ASP J 274 42.87 59.56 27.02
CA ASP J 274 42.96 60.98 27.32
C ASP J 274 42.24 61.30 28.62
N ASN J 275 41.74 60.28 29.31
CA ASN J 275 41.01 60.45 30.55
C ASN J 275 42.01 60.59 31.70
N PRO J 276 41.94 61.65 32.50
CA PRO J 276 42.86 61.78 33.64
C PRO J 276 42.47 60.94 34.84
N LYS J 277 41.31 60.28 34.79
CA LYS J 277 40.87 59.39 35.85
C LYS J 277 41.26 57.94 35.62
N ASN J 278 41.92 57.65 34.50
CA ASN J 278 42.47 56.31 34.25
C ASN J 278 43.78 56.18 35.01
N PRO J 279 43.92 55.19 35.90
CA PRO J 279 45.17 55.06 36.67
C PRO J 279 46.40 54.91 35.79
N ILE J 280 46.25 54.36 34.60
CA ILE J 280 47.37 54.29 33.67
C ILE J 280 47.75 55.68 33.18
N THR J 281 46.77 56.41 32.63
CA THR J 281 47.03 57.75 32.13
C THR J 281 47.45 58.70 33.25
N TRP J 282 46.89 58.52 34.45
CA TRP J 282 47.24 59.39 35.57
C TRP J 282 48.70 59.20 35.96
N LEU J 283 49.14 57.95 36.11
CA LEU J 283 50.51 57.69 36.54
C LEU J 283 51.53 58.11 35.49
N ILE J 284 51.19 57.98 34.21
CA ILE J 284 52.17 58.17 33.14
C ILE J 284 52.30 59.63 32.73
N ARG J 285 51.18 60.34 32.59
CA ARG J 285 51.22 61.70 32.04
C ARG J 285 50.90 62.80 33.06
N HIS J 286 50.14 62.50 34.10
CA HIS J 286 49.83 63.52 35.10
C HIS J 286 50.81 63.52 36.26
N GLN J 287 51.29 62.34 36.66
CA GLN J 287 52.29 62.24 37.71
C GLN J 287 53.70 62.07 37.17
N LYS J 288 53.84 61.58 35.93
CA LYS J 288 55.14 61.37 35.30
C LYS J 288 56.08 60.56 36.20
N ILE J 289 55.50 59.57 36.89
CA ILE J 289 56.24 58.74 37.83
C ILE J 289 56.73 57.47 37.13
N ALA J 290 56.00 57.06 36.09
CA ALA J 290 56.37 55.90 35.29
C ALA J 290 56.89 56.38 33.94
N LEU J 291 58.06 55.89 33.56
CA LEU J 291 58.82 56.43 32.43
C LEU J 291 59.22 55.32 31.47
N PRO J 292 59.36 55.62 30.18
CA PRO J 292 59.61 54.57 29.20
C PRO J 292 61.05 54.05 29.26
N LEU J 293 61.21 52.83 28.76
CA LEU J 293 62.51 52.19 28.71
C LEU J 293 63.26 52.61 27.46
N TYR J 294 64.43 53.22 27.64
CA TYR J 294 65.30 53.71 26.57
C TYR J 294 64.50 54.47 25.51
N PRO J 295 63.97 55.66 25.83
CA PRO J 295 63.30 56.46 24.79
C PRO J 295 64.24 57.00 23.73
N GLN J 296 65.55 56.96 23.97
CA GLN J 296 66.52 57.36 22.95
C GLN J 296 66.34 56.57 21.65
N PHE J 297 65.93 55.30 21.75
CA PHE J 297 65.76 54.49 20.55
C PHE J 297 64.75 55.10 19.59
N GLY J 298 63.73 55.79 20.12
CA GLY J 298 62.78 56.51 19.30
C GLY J 298 61.57 55.73 18.86
N THR J 299 61.24 54.62 19.52
CA THR J 299 60.10 53.82 19.13
C THR J 299 58.83 54.19 19.88
N GLU J 300 58.93 55.02 20.93
CA GLU J 300 57.84 55.28 21.87
C GLU J 300 57.37 53.98 22.52
N PRO J 301 58.17 53.40 23.43
CA PRO J 301 57.67 52.25 24.19
C PRO J 301 56.46 52.64 25.02
N ASN J 302 55.64 51.64 25.33
CA ASN J 302 54.43 51.89 26.10
C ASN J 302 54.35 51.00 27.32
N ILE J 303 55.49 50.57 27.83
CA ILE J 303 55.63 49.96 29.14
C ILE J 303 56.43 50.93 29.99
N TYR J 304 55.82 51.50 31.02
CA TYR J 304 56.41 52.57 31.80
C TYR J 304 56.77 52.07 33.19
N TYR J 305 57.93 52.49 33.69
CA TYR J 305 58.49 51.98 34.92
C TYR J 305 58.67 53.10 35.94
N ILE J 306 58.39 52.78 37.19
CA ILE J 306 58.77 53.64 38.32
C ILE J 306 60.21 53.31 38.68
N PRO J 307 61.14 54.25 38.55
CA PRO J 307 62.57 53.91 38.67
C PRO J 307 62.93 53.46 40.07
N PRO J 308 64.02 52.71 40.23
CA PRO J 308 64.46 52.32 41.57
C PRO J 308 64.95 53.54 42.35
N ARG J 309 64.57 53.58 43.63
CA ARG J 309 64.99 54.68 44.49
C ARG J 309 66.49 54.64 44.82
N TRP J 310 67.14 53.49 44.62
CA TRP J 310 68.49 53.26 45.13
C TRP J 310 69.55 53.23 44.04
N ALA J 311 69.16 53.18 42.78
CA ALA J 311 70.15 53.05 41.71
C ALA J 311 70.78 54.41 41.42
N PRO J 312 72.01 54.43 40.91
CA PRO J 312 72.63 55.69 40.51
C PRO J 312 71.78 56.45 39.51
N ARG J 313 71.54 57.73 39.82
CA ARG J 313 70.63 58.52 38.98
C ARG J 313 71.19 58.71 37.58
N ALA J 314 72.52 58.72 37.43
CA ALA J 314 73.10 58.85 36.10
C ALA J 314 72.72 57.66 35.22
N TYR J 315 72.81 56.44 35.77
CA TYR J 315 72.41 55.25 35.02
C TYR J 315 70.92 55.28 34.69
N LEU J 316 70.09 55.67 35.67
CA LEU J 316 68.64 55.67 35.46
C LEU J 316 68.24 56.69 34.40
N ARG J 317 68.90 57.85 34.37
CA ARG J 317 68.62 58.84 33.33
C ARG J 317 68.92 58.30 31.94
N GLN J 318 70.00 57.53 31.79
CA GLN J 318 70.31 56.96 30.49
C GLN J 318 69.28 55.92 30.07
N MET J 319 68.55 55.35 31.02
CA MET J 319 67.58 54.30 30.77
C MET J 319 66.15 54.82 30.64
N PHE J 320 65.76 55.79 31.46
CA PHE J 320 64.38 56.27 31.49
C PHE J 320 64.22 57.75 31.18
N GLY J 321 65.29 58.44 30.80
CA GLY J 321 65.20 59.84 30.47
C GLY J 321 65.38 60.75 31.68
N PRO J 322 65.11 62.04 31.51
CA PRO J 322 65.37 63.00 32.58
C PRO J 322 64.31 63.04 33.67
N GLY J 323 63.15 62.42 33.47
CA GLY J 323 62.10 62.45 34.48
C GLY J 323 62.37 61.59 35.70
N VAL J 324 63.51 60.91 35.74
CA VAL J 324 63.79 59.96 36.82
C VAL J 324 63.84 60.67 38.17
N ASP J 325 64.51 61.82 38.23
CA ASP J 325 64.73 62.48 39.51
C ASP J 325 63.43 62.86 40.20
N GLU J 326 62.48 63.42 39.46
CA GLU J 326 61.20 63.81 40.05
C GLU J 326 60.31 62.61 40.31
N ALA J 327 60.45 61.54 39.52
CA ALA J 327 59.66 60.35 39.75
C ALA J 327 60.04 59.67 41.06
N ILE J 328 61.34 59.56 41.34
CA ILE J 328 61.79 58.93 42.58
C ILE J 328 61.35 59.74 43.79
N GLU J 329 61.43 61.08 43.69
CA GLU J 329 61.01 61.92 44.80
C GLU J 329 59.54 61.73 45.12
N LYS J 330 58.71 61.59 44.09
CA LYS J 330 57.28 61.39 44.31
C LYS J 330 57.02 60.04 44.97
N PHE J 331 57.79 59.02 44.60
CA PHE J 331 57.55 57.68 45.10
C PHE J 331 58.01 57.52 46.56
N MET J 332 59.18 58.04 46.91
CA MET J 332 59.77 57.78 48.22
C MET J 332 58.90 58.29 49.36
N VAL J 333 58.18 59.39 49.15
CA VAL J 333 57.17 59.85 50.11
C VAL J 333 55.85 59.97 49.36
N PRO J 334 55.05 58.90 49.31
CA PRO J 334 53.86 58.91 48.47
C PRO J 334 52.79 59.87 48.98
N SER J 335 52.18 60.60 48.04
CA SER J 335 50.99 61.36 48.34
C SER J 335 49.83 60.40 48.71
N ARG J 336 48.77 60.98 49.25
CA ARG J 336 47.59 60.18 49.60
C ARG J 336 47.00 59.51 48.36
N GLU J 337 46.97 60.22 47.23
CA GLU J 337 46.38 59.66 46.02
C GLU J 337 47.30 58.66 45.33
N LEU J 338 48.63 58.86 45.44
CA LEU J 338 49.56 57.91 44.84
C LEU J 338 49.55 56.57 45.57
N LEU J 339 49.54 56.59 46.90
CA LEU J 339 49.52 55.36 47.66
C LEU J 339 48.24 54.57 47.41
N ALA J 340 47.11 55.26 47.23
CA ALA J 340 45.86 54.58 46.93
C ALA J 340 45.89 53.97 45.53
N VAL J 341 46.48 54.66 44.56
CA VAL J 341 46.56 54.12 43.22
C VAL J 341 47.54 52.95 43.17
N MET J 342 48.65 53.06 43.91
CA MET J 342 49.58 51.94 43.99
C MET J 342 48.96 50.74 44.70
N SER J 343 48.05 50.98 45.64
CA SER J 343 47.33 49.89 46.31
C SER J 343 46.28 49.25 45.42
N LEU J 344 46.13 49.72 44.18
CA LEU J 344 45.22 49.11 43.22
C LEU J 344 45.89 48.07 42.34
N PHE J 345 47.23 47.99 42.37
CA PHE J 345 47.94 47.08 41.48
C PHE J 345 47.63 45.63 41.82
N ARG J 346 47.26 44.85 40.80
CA ARG J 346 47.10 43.39 40.92
C ARG J 346 46.13 43.00 42.03
N MET J 347 45.03 43.74 42.13
CA MET J 347 43.94 43.35 43.02
C MET J 347 42.88 42.55 42.30
N THR J 348 42.78 42.66 40.99
CA THR J 348 41.82 41.91 40.18
C THR J 348 42.47 41.53 38.86
N GLN J 349 41.80 40.63 38.14
CA GLN J 349 42.23 40.24 36.81
C GLN J 349 41.59 41.10 35.71
N THR J 350 40.56 41.86 36.05
CA THR J 350 39.88 42.71 35.08
C THR J 350 40.63 44.03 34.92
N ILE J 351 40.71 44.50 33.67
CA ILE J 351 41.37 45.77 33.39
C ILE J 351 40.56 46.91 33.98
N VAL J 352 41.25 47.85 34.61
CA VAL J 352 40.62 49.00 35.24
C VAL J 352 40.82 50.21 34.32
N TYR J 353 39.72 50.80 33.89
CA TYR J 353 39.73 51.95 33.00
C TYR J 353 39.60 53.27 33.73
N GLU J 354 39.04 53.27 34.94
CA GLU J 354 38.90 54.47 35.75
C GLU J 354 39.07 54.10 37.22
N TYR J 355 39.53 55.07 38.01
CA TYR J 355 39.63 54.86 39.45
C TYR J 355 38.90 55.97 40.21
N LYS J 356 38.56 55.67 41.45
CA LYS J 356 37.86 56.57 42.36
C LYS J 356 38.25 56.18 43.79
N ILE J 357 38.39 57.17 44.66
CA ILE J 357 38.87 56.96 46.02
C ILE J 357 37.85 57.48 47.00
N GLU J 358 37.50 56.64 47.97
CA GLU J 358 36.66 57.03 49.10
C GLU J 358 37.57 57.16 50.32
N GLU J 359 37.50 58.31 50.98
CA GLU J 359 38.49 58.63 52.00
C GLU J 359 38.21 57.87 53.29
N GLY J 360 39.28 57.58 54.03
CA GLY J 360 39.21 56.85 55.27
C GLY J 360 39.97 57.56 56.37
N PRO J 361 39.94 57.02 57.58
CA PRO J 361 40.61 57.68 58.70
C PRO J 361 42.12 57.63 58.55
N LYS J 362 42.79 58.56 59.23
CA LYS J 362 44.25 58.62 59.22
C LYS J 362 44.82 57.43 59.97
N VAL J 363 45.88 56.85 59.41
CA VAL J 363 46.42 55.58 59.89
C VAL J 363 47.77 55.76 60.56
N PHE J 364 48.60 56.66 60.04
CA PHE J 364 49.98 56.74 60.49
C PHE J 364 50.55 58.08 60.05
N GLU J 365 51.53 58.57 60.81
CA GLU J 365 52.12 59.87 60.54
C GLU J 365 53.58 59.89 60.96
N THR J 366 54.46 60.36 60.07
CA THR J 366 55.88 60.46 60.38
C THR J 366 56.55 61.35 59.34
N GLU J 367 57.78 61.75 59.67
CA GLU J 367 58.64 62.54 58.81
C GLU J 367 59.73 61.62 58.30
N ILE J 368 59.87 61.54 56.97
CA ILE J 368 60.79 60.59 56.36
C ILE J 368 61.33 61.21 55.09
N HIS J 369 62.64 61.05 54.90
CA HIS J 369 63.35 61.56 53.72
C HIS J 369 63.18 63.06 53.52
N GLY J 370 63.12 63.81 54.62
CA GLY J 370 63.04 65.25 54.52
C GLY J 370 61.66 65.79 54.25
N LYS J 371 60.65 64.93 54.23
CA LYS J 371 59.27 65.30 53.96
C LYS J 371 58.40 64.63 55.01
N LYS J 372 57.20 65.15 55.15
CA LYS J 372 56.26 64.58 56.11
C LYS J 372 55.29 63.64 55.42
N PHE J 373 55.16 62.43 55.95
CA PHE J 373 54.28 61.41 55.39
C PHE J 373 53.15 61.11 56.36
N THR J 374 51.91 61.26 55.88
CA THR J 374 50.72 60.86 56.61
C THR J 374 49.95 59.89 55.73
N MET J 375 49.38 58.86 56.34
CA MET J 375 48.73 57.78 55.60
C MET J 375 47.32 57.55 56.12
N TYR J 376 46.36 57.40 55.21
CA TYR J 376 44.96 57.19 55.55
C TYR J 376 44.51 55.84 55.01
N ASN J 377 43.54 55.23 55.70
CA ASN J 377 42.98 53.94 55.29
C ASN J 377 41.90 54.18 54.23
N ASP J 378 42.35 54.63 53.07
CA ASP J 378 41.42 54.93 52.00
C ASP J 378 41.01 53.65 51.27
N THR J 379 39.82 53.70 50.68
CA THR J 379 39.30 52.61 49.88
C THR J 379 39.34 53.07 48.42
N VAL J 380 40.22 52.48 47.65
CA VAL J 380 40.34 52.81 46.23
C VAL J 380 39.45 51.86 45.45
N ILE J 381 38.79 52.37 44.41
CA ILE J 381 37.81 51.62 43.65
C ILE J 381 38.16 51.75 42.18
N GLY J 382 38.12 50.64 41.46
CA GLY J 382 38.39 50.63 40.04
C GLY J 382 37.16 50.20 39.27
N PHE J 383 36.97 50.80 38.11
CA PHE J 383 35.79 50.55 37.28
C PHE J 383 36.24 50.06 35.92
N GLY J 384 35.36 49.32 35.25
CA GLY J 384 35.67 48.71 33.98
C GLY J 384 35.39 49.63 32.81
N GLU J 385 35.30 49.02 31.63
CA GLU J 385 35.11 49.77 30.40
C GLU J 385 33.73 50.42 30.33
N ASP J 386 32.74 49.85 31.02
CA ASP J 386 31.39 50.39 31.07
C ASP J 386 31.14 51.30 32.26
N GLY J 387 32.14 51.52 33.10
CA GLY J 387 31.99 52.36 34.27
C GLY J 387 31.46 51.64 35.49
N LYS J 388 31.16 50.36 35.39
CA LYS J 388 30.70 49.59 36.54
C LYS J 388 31.89 49.14 37.38
N GLU J 389 31.68 49.09 38.69
CA GLU J 389 32.77 48.74 39.59
C GLU J 389 33.19 47.29 39.41
N VAL J 390 34.50 47.07 39.37
CA VAL J 390 35.05 45.73 39.23
C VAL J 390 35.99 45.36 40.36
N VAL J 391 36.53 46.32 41.12
CA VAL J 391 37.49 46.03 42.16
C VAL J 391 37.44 47.15 43.20
N ARG J 392 37.77 46.82 44.44
CA ARG J 392 37.90 47.77 45.52
C ARG J 392 38.71 47.13 46.63
N THR J 393 39.57 47.91 47.28
CA THR J 393 40.38 47.41 48.38
C THR J 393 40.80 48.57 49.27
N THR J 394 41.29 48.23 50.45
CA THR J 394 41.74 49.22 51.43
C THR J 394 43.26 49.35 51.40
N VAL J 395 43.73 50.52 51.83
CA VAL J 395 45.16 50.78 51.87
C VAL J 395 45.82 50.07 53.04
N GLU J 396 45.13 50.00 54.18
CA GLU J 396 45.68 49.42 55.40
C GLU J 396 44.91 48.16 55.77
N GLU J 397 45.62 47.22 56.38
CA GLU J 397 45.03 45.93 56.73
C GLU J 397 44.20 46.05 58.00
N PRO J 398 43.05 45.40 58.05
CA PRO J 398 42.24 45.39 59.27
C PRO J 398 42.84 44.45 60.32
N ILE J 399 42.34 44.58 61.54
CA ILE J 399 42.77 43.75 62.66
C ILE J 399 41.54 43.12 63.28
N HIS J 400 41.55 41.79 63.41
CA HIS J 400 40.47 41.05 64.03
C HIS J 400 40.94 40.49 65.36
N ILE J 401 40.03 40.47 66.34
CA ILE J 401 40.30 39.91 67.65
C ILE J 401 39.21 38.91 67.97
N ARG J 402 39.59 37.72 68.41
CA ARG J 402 38.70 36.61 68.69
C ARG J 402 38.64 36.34 70.19
N PRO J 403 37.70 35.51 70.65
CA PRO J 403 37.63 35.21 72.08
C PRO J 403 38.94 34.65 72.60
N ASP J 404 39.19 34.89 73.90
CA ASP J 404 40.47 34.55 74.51
C ASP J 404 40.71 33.05 74.61
N LYS J 405 39.72 32.21 74.31
CA LYS J 405 39.98 30.78 74.26
C LYS J 405 41.00 30.43 73.19
N HIS J 406 41.06 31.21 72.12
CA HIS J 406 42.06 31.02 71.08
C HIS J 406 43.35 31.73 71.46
N TYR J 407 44.46 31.22 70.95
CA TYR J 407 45.78 31.74 71.30
C TYR J 407 46.58 32.05 70.05
N ASN J 408 47.49 33.03 70.17
CA ASN J 408 48.47 33.35 69.16
C ASN J 408 49.82 32.72 69.45
N SER J 409 50.25 32.73 70.71
CA SER J 409 51.57 32.22 71.11
C SER J 409 51.52 30.69 71.16
N ILE J 410 51.48 30.09 69.99
CA ILE J 410 51.51 28.63 69.86
C ILE J 410 52.48 28.25 68.74
N ARG K 29 33.47 38.09 -10.04
CA ARG K 29 34.56 38.19 -9.04
C ARG K 29 35.93 38.18 -9.74
N LEU K 30 36.68 39.28 -9.55
CA LEU K 30 38.02 39.46 -10.18
C LEU K 30 39.11 38.90 -9.27
N LEU K 31 40.10 38.27 -9.90
CA LEU K 31 41.27 37.73 -9.20
C LEU K 31 42.08 38.92 -8.66
N LYS K 32 42.51 38.87 -7.41
CA LYS K 32 43.42 39.91 -6.90
C LYS K 32 44.72 39.17 -6.76
N PRO K 33 45.72 39.39 -7.62
CA PRO K 33 46.90 38.59 -7.60
C PRO K 33 47.71 38.70 -6.31
N ALA K 34 47.78 39.87 -5.71
CA ALA K 34 48.60 39.99 -4.50
C ALA K 34 47.89 40.84 -3.46
N VAL K 35 48.27 40.67 -2.20
CA VAL K 35 47.75 41.47 -1.06
C VAL K 35 48.71 42.63 -0.92
N VAL K 36 48.21 43.86 -0.87
CA VAL K 36 49.13 45.03 -0.73
C VAL K 36 48.79 45.79 0.55
N VAL K 37 49.82 46.27 1.23
CA VAL K 37 49.64 46.93 2.52
C VAL K 37 50.04 48.38 2.38
N ASP K 38 49.21 49.28 2.93
CA ASP K 38 49.43 50.71 2.77
C ASP K 38 50.25 51.27 3.92
N ASN K 39 49.71 51.21 5.13
CA ASN K 39 50.40 51.70 6.32
C ASN K 39 50.12 50.71 7.45
N PRO K 40 51.13 49.91 7.84
CA PRO K 40 50.89 48.93 8.92
C PRO K 40 50.47 49.58 10.24
N LEU K 41 50.91 50.82 10.49
CA LEU K 41 50.43 51.55 11.66
C LEU K 41 48.95 51.84 11.58
N ASP K 42 48.42 52.06 10.37
CA ASP K 42 47.06 52.55 10.19
C ASP K 42 46.06 51.42 9.97
N THR K 43 46.29 50.57 8.97
CA THR K 43 45.29 49.61 8.54
C THR K 43 45.96 48.38 7.94
N TYR K 44 45.24 47.26 7.99
CA TYR K 44 45.71 46.01 7.42
C TYR K 44 44.61 45.35 6.59
N PRO K 45 44.96 44.78 5.43
CA PRO K 45 43.90 44.26 4.54
C PRO K 45 43.11 43.11 5.14
N ASP K 46 43.78 42.11 5.73
CA ASP K 46 43.08 40.95 6.27
C ASP K 46 43.65 40.58 7.64
N ARG K 47 42.78 40.55 8.66
CA ARG K 47 43.16 40.23 10.03
C ARG K 47 42.44 39.00 10.54
N ARG K 48 42.00 38.13 9.63
CA ARG K 48 41.34 36.89 10.03
C ARG K 48 42.30 35.87 10.63
N TRP K 49 43.60 35.97 10.33
CA TRP K 49 44.57 35.01 10.85
C TRP K 49 44.63 35.03 12.37
N GLU K 50 44.20 36.12 13.00
CA GLU K 50 44.35 36.29 14.45
C GLU K 50 43.65 35.20 15.24
N SER K 51 42.75 34.43 14.60
CA SER K 51 42.13 33.29 15.27
C SER K 51 43.14 32.28 15.75
N VAL K 52 44.35 32.29 15.18
CA VAL K 52 45.39 31.33 15.55
C VAL K 52 45.61 31.33 17.05
N TYR K 53 45.85 32.51 17.63
CA TYR K 53 46.09 32.62 19.07
C TYR K 53 44.81 32.54 19.87
N ARG K 54 43.68 32.94 19.30
CA ARG K 54 42.42 32.81 20.03
C ARG K 54 42.05 31.35 20.20
N ASP K 55 42.44 30.49 19.25
CA ASP K 55 42.21 29.06 19.37
C ASP K 55 43.18 28.42 20.37
N GLN K 56 44.43 28.87 20.39
CA GLN K 56 45.42 28.28 21.29
C GLN K 56 45.09 28.53 22.75
N TYR K 57 44.32 29.60 23.04
CA TYR K 57 44.06 29.96 24.43
C TYR K 57 42.86 29.23 25.02
N GLN K 58 41.92 28.74 24.20
CA GLN K 58 40.69 28.16 24.71
C GLN K 58 40.95 26.89 25.51
N TYR K 59 40.10 26.67 26.51
CA TYR K 59 40.19 25.55 27.45
C TYR K 59 38.79 24.99 27.66
N ASP K 60 38.72 23.78 28.22
CA ASP K 60 37.43 23.11 28.38
C ASP K 60 36.82 23.30 29.77
N ARG K 61 37.62 23.08 30.82
CA ARG K 61 37.09 23.07 32.17
C ARG K 61 38.14 23.64 33.11
N THR K 62 37.73 23.85 34.36
CA THR K 62 38.60 24.42 35.36
C THR K 62 38.48 23.66 36.67
N PHE K 63 39.59 23.57 37.39
CA PHE K 63 39.61 23.00 38.74
C PHE K 63 40.64 23.74 39.56
N THR K 64 40.54 23.59 40.88
CA THR K 64 41.42 24.29 41.82
C THR K 64 42.06 23.30 42.78
N TYR K 65 43.35 23.48 43.02
CA TYR K 65 44.09 22.63 43.95
C TYR K 65 45.02 23.51 44.77
N CYS K 66 45.85 22.88 45.61
CA CYS K 66 46.78 23.58 46.48
C CYS K 66 48.19 23.08 46.22
N CYS K 67 49.10 23.99 45.88
CA CYS K 67 50.51 23.68 45.74
C CYS K 67 51.16 23.67 47.11
N SER K 68 51.72 22.53 47.52
CA SER K 68 52.25 22.35 48.88
C SER K 68 53.62 21.69 48.86
N PRO K 69 54.66 22.42 48.42
CA PRO K 69 56.01 21.82 48.32
C PRO K 69 56.94 22.10 49.49
N ASN K 70 56.42 22.53 50.65
CA ASN K 70 57.23 23.06 51.74
C ASN K 70 57.76 24.44 51.35
N ASP K 71 56.96 25.09 50.50
CA ASP K 71 57.22 26.47 50.11
C ASP K 71 56.83 27.44 51.21
N THR K 72 56.09 26.95 52.22
CA THR K 72 55.52 27.60 53.41
C THR K 72 54.33 28.48 53.04
N HIS K 73 53.93 28.52 51.78
CA HIS K 73 52.86 29.41 51.35
C HIS K 73 51.55 28.70 51.04
N ALA K 74 51.60 27.45 50.56
CA ALA K 74 50.40 26.64 50.34
C ALA K 74 49.36 27.39 49.52
N CYS K 75 49.80 27.92 48.38
CA CYS K 75 48.92 28.73 47.55
C CYS K 75 47.75 27.92 47.02
N ARG K 76 46.60 28.59 46.89
CA ARG K 76 45.43 27.98 46.27
C ARG K 76 45.46 28.30 44.79
N ILE K 77 45.38 27.26 43.97
CA ILE K 77 45.73 27.34 42.56
C ILE K 77 44.51 27.02 41.72
N ARG K 78 44.37 27.71 40.59
CA ARG K 78 43.31 27.44 39.61
C ARG K 78 43.95 26.97 38.32
N ALA K 79 43.69 25.72 37.95
CA ALA K 79 44.29 25.11 36.77
C ALA K 79 43.28 25.04 35.64
N PHE K 80 43.77 25.22 34.41
CA PHE K 80 42.93 25.22 33.21
C PHE K 80 43.19 23.93 32.43
N VAL K 81 42.12 23.26 32.03
CA VAL K 81 42.20 21.96 31.36
C VAL K 81 41.69 22.08 29.93
N ARG K 82 42.39 21.41 29.02
CA ARG K 82 42.02 21.34 27.61
C ARG K 82 42.08 19.88 27.18
N ASN K 83 40.94 19.31 26.81
CA ASN K 83 40.84 17.90 26.40
C ASN K 83 41.47 16.98 27.44
N ASN K 84 41.03 17.13 28.69
CA ASN K 84 41.48 16.31 29.81
C ASN K 84 42.98 16.40 30.04
N VAL K 85 43.59 17.53 29.63
CA VAL K 85 45.00 17.80 29.86
C VAL K 85 45.13 19.14 30.55
N MET K 86 45.84 19.16 31.67
CA MET K 86 46.13 20.41 32.37
C MET K 86 47.17 21.19 31.57
N MET K 87 46.77 22.32 31.00
CA MET K 87 47.63 23.05 30.09
C MET K 87 48.46 24.10 30.81
N ARG K 88 47.80 25.07 31.44
CA ARG K 88 48.49 26.15 32.13
C ARG K 88 47.89 26.35 33.50
N VAL K 89 48.33 27.40 34.20
CA VAL K 89 47.90 27.66 35.56
C VAL K 89 47.96 29.17 35.78
N GLU K 90 47.06 29.66 36.65
CA GLU K 90 47.04 31.07 37.02
C GLU K 90 46.53 31.18 38.45
N GLN K 91 46.72 32.35 39.05
CA GLN K 91 46.23 32.60 40.39
C GLN K 91 44.71 32.60 40.42
N ASN K 92 44.16 32.23 41.57
CA ASN K 92 42.71 32.15 41.73
C ASN K 92 42.09 33.51 42.03
N TYR K 93 42.86 34.45 42.58
CA TYR K 93 42.35 35.76 43.00
C TYR K 93 41.13 35.59 43.91
N ASP K 94 41.38 34.91 45.04
CA ASP K 94 40.33 34.48 45.94
C ASP K 94 40.48 34.93 47.38
N HIS K 95 41.54 35.68 47.72
CA HIS K 95 41.82 35.97 49.12
C HIS K 95 40.75 36.86 49.74
N GLN K 96 40.14 37.76 48.96
CA GLN K 96 39.01 38.56 49.43
C GLN K 96 37.92 37.67 50.02
N ASN K 97 37.74 36.46 49.48
CA ASN K 97 36.66 35.58 49.89
C ASN K 97 37.00 34.73 51.11
N TYR K 98 38.25 34.74 51.56
CA TYR K 98 38.63 33.94 52.71
C TYR K 98 38.02 34.53 53.98
N SER K 99 37.53 33.65 54.85
CA SER K 99 36.86 34.09 56.06
C SER K 99 37.06 33.02 57.14
N ASP K 100 36.75 33.40 58.38
CA ASP K 100 36.85 32.47 59.49
C ASP K 100 35.46 32.07 59.98
N LEU K 101 35.45 31.22 61.01
CA LEU K 101 34.22 30.71 61.59
C LEU K 101 33.37 31.80 62.24
N TYR K 102 33.98 32.92 62.64
CA TYR K 102 33.25 34.03 63.24
C TYR K 102 32.74 35.05 62.23
N GLY K 103 33.09 34.92 60.95
CA GLY K 103 32.66 35.84 59.93
C GLY K 103 33.69 36.88 59.55
N ASN K 104 34.82 36.93 60.24
CA ASN K 104 35.89 37.85 59.86
C ASN K 104 36.52 37.39 58.55
N LYS K 105 36.74 38.35 57.66
CA LYS K 105 37.23 38.05 56.32
C LYS K 105 38.64 38.58 56.10
N ALA K 106 39.29 38.07 55.06
CA ALA K 106 40.59 38.53 54.62
C ALA K 106 40.43 39.66 53.62
N THR K 107 41.54 40.10 53.04
CA THR K 107 41.61 41.25 52.15
C THR K 107 41.93 40.84 50.73
N ARG K 108 41.76 41.80 49.82
CA ARG K 108 42.31 41.63 48.47
C ARG K 108 43.80 41.91 48.44
N ASN K 109 44.35 42.46 49.52
CA ASN K 109 45.75 42.81 49.54
C ASN K 109 46.66 41.58 49.60
N TRP K 110 46.10 40.39 49.73
CA TRP K 110 46.89 39.17 49.68
C TRP K 110 47.10 38.69 48.25
N ASN K 111 46.36 39.24 47.29
CA ASN K 111 46.43 38.78 45.92
C ASN K 111 47.75 39.23 45.29
N PRO K 112 48.18 38.57 44.20
CA PRO K 112 47.76 37.30 43.59
C PRO K 112 48.32 36.02 44.25
N ARG K 113 49.57 36.07 44.70
CA ARG K 113 50.21 35.03 45.52
C ARG K 113 50.59 33.70 44.84
N MET K 114 51.61 33.70 43.99
CA MET K 114 52.14 32.45 43.44
C MET K 114 53.63 32.60 43.15
N CYS K 115 54.29 31.48 42.91
CA CYS K 115 55.69 31.55 42.48
C CYS K 115 55.83 31.05 41.04
N LEU K 116 57.01 31.33 40.48
CA LEU K 116 57.36 30.79 39.16
C LEU K 116 57.18 29.29 39.10
N LYS K 117 57.50 28.60 40.20
CA LYS K 117 57.45 27.13 40.24
C LYS K 117 56.02 26.61 40.22
N GLY K 118 55.09 27.36 40.80
CA GLY K 118 53.69 26.97 40.72
C GLY K 118 53.18 26.94 39.29
N TYR K 119 53.66 27.86 38.47
CA TYR K 119 53.21 27.95 37.09
C TYR K 119 53.74 26.81 36.23
N THR K 120 54.87 26.21 36.59
CA THR K 120 55.50 25.16 35.78
C THR K 120 55.32 23.77 36.39
N PHE K 121 54.43 23.63 37.36
CA PHE K 121 54.25 22.32 37.98
C PHE K 121 53.67 21.31 37.00
N HIS K 122 52.87 21.76 36.04
CA HIS K 122 52.35 20.84 35.03
C HIS K 122 53.44 20.34 34.12
N ARG K 123 54.46 21.17 33.84
CA ARG K 123 55.64 20.70 33.13
C ARG K 123 56.38 19.64 33.94
N ARG K 124 56.17 19.63 35.25
CA ARG K 124 56.71 18.60 36.13
C ARG K 124 55.79 17.38 36.20
N VAL K 125 54.48 17.58 36.11
CA VAL K 125 53.53 16.47 36.17
C VAL K 125 53.67 15.58 34.94
N TYR K 126 53.78 16.18 33.76
CA TYR K 126 53.95 15.43 32.52
C TYR K 126 55.41 15.40 32.08
N GLY K 127 56.34 15.24 33.02
CA GLY K 127 57.74 15.35 32.74
C GLY K 127 58.44 14.02 32.66
N PRO K 128 59.70 14.03 32.23
CA PRO K 128 60.45 12.78 32.04
C PRO K 128 61.08 12.19 33.30
N TYR K 129 61.03 12.89 34.42
CA TYR K 129 61.63 12.41 35.66
C TYR K 129 60.62 11.81 36.62
N ARG K 130 59.36 11.76 36.21
CA ARG K 130 58.26 11.28 37.05
C ARG K 130 58.38 9.79 37.33
N LEU K 131 57.99 9.40 38.54
CA LEU K 131 57.88 8.00 38.91
C LEU K 131 56.64 7.40 38.25
N ARG K 132 56.79 6.21 37.68
CA ARG K 132 55.72 5.61 36.87
C ARG K 132 55.10 4.37 37.49
N TYR K 133 55.83 3.68 38.36
CA TYR K 133 55.39 2.43 38.93
C TYR K 133 56.32 2.10 40.10
N PRO K 134 55.87 1.26 41.04
CA PRO K 134 56.71 0.93 42.19
C PRO K 134 58.04 0.31 41.75
N LEU K 135 59.09 0.64 42.49
CA LEU K 135 60.44 0.18 42.18
C LEU K 135 61.03 -0.57 43.37
N ILE K 136 61.74 -1.64 43.06
CA ILE K 136 62.50 -2.41 44.05
C ILE K 136 63.90 -2.66 43.48
N ARG K 137 64.90 -2.60 44.35
CA ARG K 137 66.31 -2.82 43.95
C ARG K 137 66.55 -4.30 43.73
N LYS K 138 67.24 -4.65 42.66
CA LYS K 138 67.48 -6.04 42.24
C LYS K 138 68.27 -6.75 43.32
N GLY K 139 69.25 -6.09 43.89
CA GLY K 139 70.08 -6.67 44.94
C GLY K 139 69.31 -6.94 46.20
N TRP K 140 68.34 -6.10 46.50
CA TRP K 140 67.60 -6.23 47.74
C TRP K 140 66.51 -7.27 47.64
N LYS K 141 65.83 -7.33 46.50
CA LYS K 141 64.87 -8.39 46.26
C LYS K 141 65.53 -9.76 46.33
N ARG K 142 66.75 -9.87 45.81
CA ARG K 142 67.47 -11.13 45.83
C ARG K 142 67.92 -11.49 47.25
N TRP K 143 68.30 -10.48 48.04
CA TRP K 143 68.55 -10.72 49.46
C TRP K 143 67.30 -11.23 50.16
N ALA K 144 66.14 -10.68 49.79
CA ALA K 144 64.88 -11.16 50.34
C ALA K 144 64.54 -12.56 49.83
N ASP K 145 64.98 -12.89 48.61
CA ASP K 145 64.65 -14.19 48.04
C ASP K 145 65.59 -15.29 48.52
N ASP K 146 66.76 -14.94 49.03
CA ASP K 146 67.70 -15.92 49.56
C ASP K 146 67.49 -16.20 51.04
N GLY K 147 66.47 -15.61 51.65
CA GLY K 147 66.16 -15.88 53.04
C GLY K 147 66.70 -14.90 54.05
N PHE K 148 67.07 -13.69 53.63
CA PHE K 148 67.61 -12.66 54.49
C PHE K 148 68.83 -13.14 55.36
N PRO K 149 69.89 -13.60 54.63
CA PRO K 149 71.08 -14.06 55.35
C PRO K 149 71.80 -12.91 56.05
N GLU K 150 72.71 -13.27 56.95
CA GLU K 150 73.44 -12.26 57.69
C GLU K 150 74.22 -11.35 56.74
N LEU K 151 74.09 -10.04 56.96
CA LEU K 151 74.71 -9.08 56.05
C LEU K 151 76.17 -8.85 56.48
N THR K 152 76.96 -9.91 56.30
CA THR K 152 78.40 -9.91 56.43
C THR K 152 79.04 -9.19 55.23
N PRO K 153 80.30 -8.73 55.35
CA PRO K 153 80.90 -7.95 54.25
C PRO K 153 80.84 -8.60 52.86
N GLU K 154 81.04 -9.90 52.86
CA GLU K 154 80.98 -10.67 51.62
C GLU K 154 79.53 -10.61 51.11
N ASN K 155 78.60 -10.78 52.03
CA ASN K 155 77.14 -10.75 51.79
C ASN K 155 76.70 -9.33 51.46
N LYS K 156 77.29 -8.33 52.11
CA LYS K 156 76.92 -6.95 51.79
C LYS K 156 77.32 -6.58 50.36
N THR K 157 78.45 -7.11 49.89
CA THR K 157 78.92 -6.84 48.55
C THR K 157 78.23 -7.73 47.53
N LYS K 158 77.80 -8.92 47.95
CA LYS K 158 77.02 -9.77 47.05
C LYS K 158 75.71 -9.10 46.65
N TYR K 159 74.97 -8.59 47.63
CA TYR K 159 73.69 -7.94 47.40
C TYR K 159 73.81 -6.44 47.18
N MET K 160 75.03 -5.91 47.10
CA MET K 160 75.29 -4.53 46.66
C MET K 160 74.67 -3.52 47.62
N PHE K 161 74.93 -3.71 48.92
CA PHE K 161 74.57 -2.69 49.89
C PHE K 161 75.64 -1.62 49.99
N ASP K 162 76.91 -1.98 49.74
CA ASP K 162 77.98 -1.00 49.73
C ASP K 162 77.97 -0.18 48.44
N ASN K 163 77.59 -0.78 47.32
CA ASN K 163 77.48 -0.12 46.02
C ASN K 163 76.04 -0.24 45.54
N ARG K 164 75.19 0.68 45.99
CA ARG K 164 73.80 0.72 45.57
C ARG K 164 73.54 1.59 44.36
N GLY K 165 74.55 2.30 43.87
CA GLY K 165 74.35 3.23 42.77
C GLY K 165 74.68 2.62 41.42
N ASN K 166 75.22 1.40 41.43
CA ASN K 166 75.48 0.65 40.21
C ASN K 166 74.60 -0.58 40.09
N ASP K 167 73.58 -0.70 40.96
CA ASP K 167 72.60 -1.76 40.85
C ASP K 167 71.44 -1.26 39.99
N GLU K 168 70.41 -2.08 39.86
CA GLU K 168 69.29 -1.78 38.99
C GLU K 168 67.99 -1.73 39.77
N LEU K 169 67.15 -0.75 39.46
CA LEU K 169 65.82 -0.65 40.04
C LEU K 169 64.82 -1.28 39.08
N LEU K 170 64.22 -2.39 39.52
CA LEU K 170 63.25 -3.12 38.71
C LEU K 170 61.85 -2.74 39.20
N ARG K 171 60.88 -2.82 38.30
CA ARG K 171 59.50 -2.52 38.70
C ARG K 171 58.90 -3.70 39.46
N ALA K 172 58.08 -3.38 40.45
CA ALA K 172 57.33 -4.38 41.20
C ALA K 172 55.89 -3.93 41.18
N SER K 173 54.97 -4.90 41.26
CA SER K 173 53.58 -4.55 41.47
C SER K 173 53.36 -4.12 42.91
N TRP K 174 52.29 -3.36 43.14
CA TRP K 174 52.06 -2.80 44.46
C TRP K 174 51.98 -3.90 45.51
N ASP K 175 51.43 -5.06 45.14
CA ASP K 175 51.42 -6.17 46.07
C ASP K 175 52.82 -6.76 46.26
N GLU K 176 53.64 -6.77 45.21
CA GLU K 176 55.00 -7.31 45.37
C GLU K 176 55.85 -6.40 46.24
N ALA K 177 55.71 -5.09 46.06
CA ALA K 177 56.46 -4.15 46.89
C ALA K 177 56.02 -4.21 48.34
N PHE K 178 54.71 -4.29 48.58
CA PHE K 178 54.21 -4.30 49.96
C PHE K 178 54.68 -5.53 50.74
N THR K 179 54.63 -6.73 50.14
CA THR K 179 55.04 -7.92 50.88
C THR K 179 56.54 -7.92 51.12
N TYR K 180 57.33 -7.67 50.07
CA TYR K 180 58.78 -7.65 50.21
C TYR K 180 59.20 -6.64 51.28
N ALA K 181 58.61 -5.44 51.25
CA ALA K 181 58.90 -4.45 52.28
C ALA K 181 58.43 -4.94 53.64
N SER K 182 57.22 -5.51 53.71
CA SER K 182 56.70 -6.00 54.98
C SER K 182 57.55 -7.15 55.52
N LYS K 183 57.94 -8.08 54.65
CA LYS K 183 58.81 -9.16 55.07
C LYS K 183 60.12 -8.63 55.64
N GLY K 184 60.70 -7.62 54.97
CA GLY K 184 61.93 -7.03 55.46
C GLY K 184 61.76 -6.32 56.78
N ILE K 185 60.66 -5.59 56.96
CA ILE K 185 60.43 -4.89 58.22
C ILE K 185 60.33 -5.88 59.37
N ILE K 186 59.57 -6.95 59.19
CA ILE K 186 59.43 -7.94 60.26
C ILE K 186 60.75 -8.63 60.53
N HIS K 187 61.49 -8.98 59.47
CA HIS K 187 62.77 -9.67 59.65
C HIS K 187 63.76 -8.79 60.39
N ILE K 188 63.97 -7.55 59.93
CA ILE K 188 65.00 -6.70 60.50
C ILE K 188 64.64 -6.29 61.92
N THR K 189 63.37 -5.97 62.17
CA THR K 189 62.97 -5.58 63.51
C THR K 189 63.11 -6.74 64.49
N LYS K 190 62.87 -7.97 64.04
CA LYS K 190 63.10 -9.12 64.90
C LYS K 190 64.57 -9.54 64.92
N LYS K 191 65.32 -9.23 63.86
CA LYS K 191 66.74 -9.58 63.82
C LYS K 191 67.52 -8.85 64.91
N TYR K 192 67.13 -7.60 65.18
CA TYR K 192 67.76 -6.74 66.17
C TYR K 192 66.84 -6.52 67.36
N SER K 193 65.96 -7.48 67.63
CA SER K 193 64.89 -7.31 68.61
C SER K 193 65.42 -7.44 70.04
N GLY K 194 65.83 -8.64 70.45
CA GLY K 194 66.16 -8.92 71.83
C GLY K 194 67.57 -8.64 72.29
N PRO K 195 67.93 -9.22 73.45
CA PRO K 195 69.32 -9.09 73.93
C PRO K 195 70.31 -9.71 72.96
N GLU K 196 69.96 -10.84 72.34
CA GLU K 196 70.80 -11.38 71.28
C GLU K 196 70.85 -10.44 70.10
N GLY K 197 69.76 -9.72 69.83
CA GLY K 197 69.78 -8.67 68.82
C GLY K 197 70.60 -7.46 69.25
N ALA K 198 70.49 -7.08 70.52
CA ALA K 198 71.24 -5.93 71.04
C ALA K 198 72.74 -6.13 70.93
N GLN K 199 73.22 -7.36 71.12
CA GLN K 199 74.65 -7.63 71.03
C GLN K 199 75.15 -7.47 69.61
N LYS K 200 74.31 -7.76 68.61
CA LYS K 200 74.71 -7.55 67.23
C LYS K 200 75.03 -6.08 66.97
N LEU K 201 74.28 -5.17 67.59
CA LEU K 201 74.55 -3.75 67.41
C LEU K 201 75.81 -3.34 68.17
N ILE K 202 76.10 -4.01 69.28
CA ILE K 202 77.36 -3.77 69.98
C ILE K 202 78.52 -4.39 69.20
N ASP K 203 78.26 -5.48 68.47
CA ASP K 203 79.29 -6.07 67.63
C ASP K 203 79.56 -5.25 66.38
N GLN K 204 78.56 -4.50 65.91
CA GLN K 204 78.73 -3.67 64.73
C GLN K 204 79.37 -2.32 65.02
N GLY K 205 79.46 -1.92 66.29
CA GLY K 205 80.15 -0.71 66.67
C GLY K 205 79.26 0.40 67.20
N TYR K 206 77.97 0.16 67.38
CA TYR K 206 77.09 1.21 67.89
C TYR K 206 77.35 1.44 69.37
N PRO K 207 77.31 2.69 69.82
CA PRO K 207 77.51 2.98 71.25
C PRO K 207 76.43 2.32 72.10
N LYS K 208 76.79 2.00 73.34
CA LYS K 208 75.84 1.32 74.22
C LYS K 208 74.61 2.17 74.53
N GLU K 209 74.79 3.49 74.61
CA GLU K 209 73.68 4.39 74.88
C GLU K 209 72.63 4.31 73.78
N MET K 210 73.07 4.15 72.54
CA MET K 210 72.11 4.00 71.45
C MET K 210 71.41 2.66 71.50
N VAL K 211 72.07 1.63 72.03
CA VAL K 211 71.44 0.31 72.10
C VAL K 211 70.52 0.22 73.32
N ASP K 212 70.91 0.83 74.44
CA ASP K 212 70.03 0.87 75.59
C ASP K 212 68.80 1.73 75.33
N ARG K 213 68.93 2.72 74.43
CA ARG K 213 67.78 3.55 74.07
C ARG K 213 66.68 2.71 73.43
N MET K 214 67.05 1.63 72.75
CA MET K 214 66.06 0.74 72.15
C MET K 214 65.18 0.09 73.22
N GLN K 215 65.72 -0.11 74.42
CA GLN K 215 64.99 -0.75 75.52
C GLN K 215 64.52 -2.14 75.13
N GLY K 216 65.34 -2.85 74.36
CA GLY K 216 64.97 -4.17 73.96
C GLY K 216 64.04 -4.25 72.77
N ALA K 217 63.40 -3.15 72.38
CA ALA K 217 62.54 -3.16 71.20
C ALA K 217 63.39 -3.13 69.93
N GLY K 218 62.97 -3.90 68.92
CA GLY K 218 63.64 -3.94 67.64
C GLY K 218 63.05 -3.01 66.60
N THR K 219 61.78 -2.63 66.78
CA THR K 219 61.16 -1.66 65.88
C THR K 219 61.74 -0.27 66.06
N ARG K 220 62.48 -0.02 67.16
CA ARG K 220 63.13 1.27 67.33
C ARG K 220 64.35 1.43 66.42
N THR K 221 64.73 0.37 65.73
CA THR K 221 65.68 0.47 64.63
C THR K 221 64.99 0.89 63.34
N PHE K 222 63.65 0.93 63.34
CA PHE K 222 62.88 1.45 62.23
C PHE K 222 62.74 2.97 62.40
N LYS K 223 63.11 3.71 61.37
CA LYS K 223 63.01 5.17 61.38
C LYS K 223 62.01 5.56 60.31
N GLY K 224 60.86 6.08 60.73
CA GLY K 224 59.84 6.51 59.82
C GLY K 224 59.66 8.01 59.83
N ARG K 225 59.95 8.67 58.72
CA ARG K 225 59.85 10.12 58.64
C ARG K 225 58.67 10.51 57.78
N GLY K 226 57.71 11.20 58.36
CA GLY K 226 56.75 11.90 57.55
C GLY K 226 57.41 13.23 57.26
N GLY K 227 57.67 13.53 55.98
CA GLY K 227 58.53 14.64 55.64
C GLY K 227 57.69 15.89 55.51
N MET K 228 58.09 16.94 56.24
CA MET K 228 57.33 18.17 56.34
C MET K 228 55.83 17.90 56.25
N GLY K 229 55.33 17.09 57.17
CA GLY K 229 53.98 16.57 57.11
C GLY K 229 52.86 17.59 57.10
N LEU K 230 53.15 18.83 57.48
CA LEU K 230 52.10 19.85 57.42
C LEU K 230 51.68 20.12 55.99
N LEU K 231 52.53 19.74 55.03
CA LEU K 231 52.17 19.87 53.62
C LEU K 231 50.94 19.05 53.30
N GLY K 232 50.86 17.83 53.79
CA GLY K 232 49.63 17.09 53.85
C GLY K 232 49.60 16.22 55.09
N VAL K 233 48.63 16.45 55.97
CA VAL K 233 48.72 15.86 57.31
C VAL K 233 48.37 14.38 57.28
N ILE K 234 47.30 14.01 56.55
CA ILE K 234 46.89 12.61 56.52
C ILE K 234 47.90 11.77 55.75
N GLY K 235 48.33 12.26 54.58
CA GLY K 235 49.20 11.46 53.73
C GLY K 235 50.65 11.42 54.19
N LYS K 236 51.14 12.52 54.77
CA LYS K 236 52.55 12.61 55.12
C LYS K 236 52.81 12.42 56.61
N TYR K 237 52.11 13.16 57.48
CA TYR K 237 52.23 12.92 58.91
C TYR K 237 51.62 11.58 59.30
N GLY K 238 50.87 10.94 58.40
CA GLY K 238 50.43 9.58 58.62
C GLY K 238 51.57 8.60 58.81
N MET K 239 52.77 8.95 58.35
CA MET K 239 53.93 8.11 58.61
C MET K 239 54.20 8.00 60.10
N TYR K 240 53.94 9.09 60.83
CA TYR K 240 54.15 9.08 62.30
C TYR K 240 53.21 8.01 62.87
N ARG K 241 52.00 7.95 62.31
CA ARG K 241 50.97 6.96 62.72
C ARG K 241 51.51 5.56 62.41
N PHE K 242 52.14 5.37 61.27
CA PHE K 242 52.64 4.04 60.88
C PHE K 242 53.67 3.61 61.90
N ASN K 243 54.47 4.54 62.33
CA ASN K 243 55.52 4.27 63.34
C ASN K 243 54.86 3.81 64.64
N ASN K 244 53.76 4.44 64.99
CA ASN K 244 53.03 4.05 66.21
C ASN K 244 52.51 2.64 65.99
N CYS K 245 51.96 2.35 64.82
CA CYS K 245 51.38 1.04 64.57
C CYS K 245 52.39 -0.09 64.66
N LEU K 246 53.68 0.21 64.50
CA LEU K 246 54.71 -0.82 64.59
C LEU K 246 54.85 -1.37 65.99
N ALA K 247 54.20 -0.77 66.99
CA ALA K 247 54.16 -1.37 68.32
C ALA K 247 53.55 -2.77 68.27
N ILE K 248 52.59 -2.98 67.37
CA ILE K 248 52.03 -4.32 67.20
C ILE K 248 53.09 -5.28 66.71
N VAL K 249 53.92 -4.85 65.75
CA VAL K 249 54.98 -5.71 65.24
C VAL K 249 55.93 -6.10 66.36
N ASP K 250 56.22 -5.16 67.26
CA ASP K 250 57.05 -5.45 68.42
C ASP K 250 56.37 -6.46 69.33
N ALA K 251 55.05 -6.33 69.50
CA ALA K 251 54.31 -7.31 70.31
C ALA K 251 54.42 -8.71 69.72
N HIS K 252 54.39 -8.81 68.38
CA HIS K 252 54.56 -10.11 67.74
C HIS K 252 56.01 -10.57 67.84
N ASN K 253 56.96 -9.65 67.75
CA ASN K 253 58.37 -10.02 67.78
C ASN K 253 58.79 -10.52 69.16
N ARG K 254 58.48 -9.75 70.21
CA ARG K 254 58.98 -10.05 71.55
C ARG K 254 57.93 -10.70 72.44
N GLY K 255 56.67 -10.74 72.02
CA GLY K 255 55.62 -11.30 72.85
C GLY K 255 55.41 -10.49 74.10
N VAL K 256 55.23 -9.18 73.95
CA VAL K 256 55.03 -8.28 75.07
C VAL K 256 53.61 -7.74 75.02
N GLY K 257 53.22 -7.05 76.09
CA GLY K 257 51.90 -6.47 76.21
C GLY K 257 51.82 -5.07 75.67
N PRO K 258 50.61 -4.52 75.58
CA PRO K 258 50.45 -3.14 75.09
C PRO K 258 51.28 -2.13 75.88
N ASP K 259 51.41 -2.30 77.19
CA ASP K 259 52.17 -1.35 77.98
C ASP K 259 53.67 -1.48 77.78
N GLN K 260 54.15 -2.65 77.34
CA GLN K 260 55.56 -2.86 77.04
C GLN K 260 55.85 -2.87 75.55
N ALA K 261 54.87 -2.54 74.72
CA ALA K 261 55.04 -2.55 73.27
C ALA K 261 55.37 -1.17 72.75
N LEU K 262 56.43 -1.07 71.93
CA LEU K 262 56.91 0.18 71.37
C LEU K 262 57.19 0.03 69.87
N GLY K 263 56.78 1.03 69.08
CA GLY K 263 56.99 0.89 67.65
C GLY K 263 58.11 1.74 67.10
N GLY K 264 57.83 2.39 65.97
CA GLY K 264 58.85 3.13 65.25
C GLY K 264 59.26 4.44 65.93
N ARG K 265 60.38 4.97 65.44
CA ARG K 265 60.90 6.25 65.88
C ARG K 265 60.58 7.31 64.83
N ASN K 266 59.85 8.35 65.24
CA ASN K 266 59.45 9.41 64.34
C ASN K 266 60.65 10.34 64.12
N TRP K 267 61.10 10.45 62.87
CA TRP K 267 62.20 11.35 62.55
C TRP K 267 61.68 12.77 62.35
N SER K 268 62.45 13.74 62.84
CA SER K 268 62.03 15.13 62.83
C SER K 268 62.22 15.75 61.44
N ASN K 269 61.58 16.90 61.24
CA ASN K 269 61.66 17.64 59.99
C ASN K 269 62.25 19.03 60.18
N TYR K 270 61.69 19.82 61.10
CA TYR K 270 62.06 21.21 61.26
C TYR K 270 63.52 21.33 61.71
N THR K 271 63.88 20.63 62.78
CA THR K 271 65.24 20.70 63.30
C THR K 271 66.25 20.12 62.31
N TRP K 272 65.92 18.96 61.72
CA TRP K 272 66.82 18.32 60.76
C TRP K 272 67.25 19.26 59.64
N HIS K 273 66.32 20.09 59.17
CA HIS K 273 66.63 21.00 58.07
C HIS K 273 67.39 22.25 58.52
N GLY K 274 67.68 22.40 59.81
CA GLY K 274 68.32 23.63 60.24
C GLY K 274 67.40 24.83 60.25
N ASP K 275 66.09 24.62 60.31
CA ASP K 275 65.12 25.70 60.12
C ASP K 275 64.73 26.43 61.40
N GLN K 276 64.79 25.77 62.56
CA GLN K 276 64.42 26.43 63.81
C GLN K 276 65.46 27.46 64.22
N ALA K 277 65.00 28.47 64.96
CA ALA K 277 65.89 29.35 65.68
C ALA K 277 66.17 28.74 67.05
N PRO K 278 67.35 28.17 67.28
CA PRO K 278 67.59 27.46 68.54
C PRO K 278 67.47 28.34 69.78
N GLY K 279 67.66 29.66 69.64
CA GLY K 279 67.58 30.54 70.78
C GLY K 279 66.18 30.80 71.29
N HIS K 280 65.16 30.51 70.48
CA HIS K 280 63.79 30.81 70.87
C HIS K 280 63.32 30.04 72.10
N PRO K 281 63.58 28.73 72.25
CA PRO K 281 63.24 28.08 73.52
C PRO K 281 63.98 28.68 74.71
N PHE K 282 65.13 29.32 74.49
CA PHE K 282 65.86 29.95 75.58
C PHE K 282 65.31 31.35 75.88
N SER K 283 64.95 32.10 74.85
CA SER K 283 64.58 33.50 75.03
C SER K 283 63.13 33.66 75.47
N HIS K 284 62.20 32.93 74.85
CA HIS K 284 60.79 33.00 75.20
C HIS K 284 60.13 31.65 75.41
N GLY K 285 60.81 30.55 75.11
CA GLY K 285 60.27 29.23 75.39
C GLY K 285 59.22 28.72 74.43
N LEU K 286 59.18 29.25 73.21
CA LEU K 286 58.24 28.80 72.20
C LEU K 286 59.00 28.25 71.00
N GLN K 287 58.36 27.30 70.30
CA GLN K 287 58.97 26.66 69.14
C GLN K 287 59.49 27.69 68.15
N THR K 288 58.65 28.65 67.78
CA THR K 288 59.00 29.61 66.74
C THR K 288 58.23 30.90 66.97
N SER K 289 58.93 32.02 66.90
CA SER K 289 58.30 33.33 66.88
C SER K 289 58.21 33.74 65.41
N ASP K 290 57.02 33.64 64.82
CA ASP K 290 56.77 34.06 63.46
C ASP K 290 55.43 34.76 63.40
N VAL K 291 55.07 35.29 62.23
CA VAL K 291 53.90 36.14 62.09
C VAL K 291 53.17 35.81 60.79
N ASP K 292 51.88 36.10 60.77
CA ASP K 292 51.17 36.20 59.49
C ASP K 292 51.76 37.39 58.73
N MET K 293 52.36 37.12 57.58
CA MET K 293 53.24 38.08 56.94
C MET K 293 52.56 39.37 56.49
N ASN K 294 51.26 39.49 56.70
CA ASN K 294 50.62 40.77 56.36
C ASN K 294 50.88 41.78 57.48
N ASP K 295 51.36 41.30 58.61
CA ASP K 295 51.74 42.15 59.76
C ASP K 295 53.01 42.91 59.44
N VAL K 296 53.85 42.33 58.62
CA VAL K 296 55.16 42.93 58.30
C VAL K 296 54.91 44.31 57.74
N ARG K 297 53.87 44.47 56.96
CA ARG K 297 53.65 45.81 56.41
C ARG K 297 53.22 46.83 57.47
N PHE K 298 52.95 46.39 58.71
CA PHE K 298 52.73 47.35 59.79
C PHE K 298 54.03 47.91 60.34
N SER K 299 55.16 47.23 60.10
CA SER K 299 56.43 47.66 60.63
C SER K 299 56.87 48.98 60.00
N LYS K 300 57.49 49.83 60.81
CA LYS K 300 58.08 51.09 60.34
C LYS K 300 59.59 51.08 60.33
N LEU K 301 60.23 50.19 61.08
CA LEU K 301 61.64 49.89 60.91
C LEU K 301 61.76 48.37 60.79
N LEU K 302 62.10 47.90 59.59
CA LEU K 302 62.17 46.48 59.30
C LEU K 302 63.62 46.09 59.13
N ILE K 303 64.11 45.20 59.98
CA ILE K 303 65.51 44.81 60.00
C ILE K 303 65.62 43.34 59.60
N GLN K 304 66.52 43.06 58.66
CA GLN K 304 66.71 41.71 58.13
C GLN K 304 68.18 41.36 58.22
N THR K 305 68.50 40.31 58.97
CA THR K 305 69.89 39.91 59.19
C THR K 305 70.23 38.58 58.54
N GLY K 306 69.41 37.55 58.73
CA GLY K 306 69.76 36.24 58.21
C GLY K 306 68.76 35.67 57.23
N LYS K 307 68.01 36.54 56.55
CA LYS K 307 66.92 36.09 55.69
C LYS K 307 66.93 36.90 54.39
N ASN K 308 67.02 36.20 53.26
CA ASN K 308 66.74 36.82 51.97
C ASN K 308 65.24 36.68 51.74
N LEU K 309 64.50 37.62 52.33
CA LEU K 309 63.04 37.55 52.34
C LEU K 309 62.44 37.82 50.96
N ILE K 310 63.20 38.47 50.08
CA ILE K 310 62.73 38.77 48.74
C ILE K 310 62.72 37.51 47.86
N GLU K 311 63.65 36.59 48.08
CA GLU K 311 63.82 35.43 47.22
C GLU K 311 63.30 34.14 47.82
N ASN K 312 62.96 34.11 49.11
CA ASN K 312 62.54 32.88 49.75
C ASN K 312 61.18 32.95 50.42
N LYS K 313 60.46 34.07 50.31
CA LYS K 313 59.05 34.18 50.70
C LYS K 313 58.34 35.02 49.66
N MET K 314 58.60 34.71 48.39
CA MET K 314 58.27 35.62 47.28
C MET K 314 56.79 35.99 47.16
N PRO K 315 55.82 35.06 47.24
CA PRO K 315 54.43 35.49 47.01
C PRO K 315 53.92 36.49 48.02
N GLU K 316 54.53 36.55 49.20
CA GLU K 316 54.18 37.49 50.25
C GLU K 316 55.28 38.49 50.52
N ALA K 317 56.34 38.50 49.71
CA ALA K 317 57.44 39.44 49.90
C ALA K 317 56.97 40.88 49.70
N HIS K 318 55.88 41.07 48.95
CA HIS K 318 55.35 42.41 48.74
C HIS K 318 54.95 43.09 50.04
N TRP K 319 54.63 42.31 51.08
CA TRP K 319 54.39 42.90 52.40
C TRP K 319 55.64 43.58 52.94
N VAL K 320 56.82 43.19 52.45
CA VAL K 320 58.07 43.78 52.87
C VAL K 320 58.47 44.95 51.99
N THR K 321 58.42 44.76 50.66
CA THR K 321 58.78 45.82 49.74
C THR K 321 57.91 47.06 49.90
N GLU K 322 56.67 46.90 50.36
CA GLU K 322 55.74 48.02 50.40
C GLU K 322 55.81 48.83 51.68
N VAL K 323 56.71 48.50 52.61
CA VAL K 323 56.84 49.36 53.80
C VAL K 323 57.66 50.61 53.47
N MET K 324 58.52 50.56 52.46
CA MET K 324 59.21 51.77 52.01
C MET K 324 58.27 52.75 51.32
N GLU K 325 57.00 52.38 51.19
CA GLU K 325 55.96 53.23 50.61
C GLU K 325 54.99 53.73 51.67
N ARG K 326 55.17 53.32 52.93
CA ARG K 326 54.28 53.66 54.03
C ARG K 326 55.05 54.26 55.18
N GLY K 327 56.06 55.08 54.87
CA GLY K 327 56.83 55.74 55.91
C GLY K 327 57.71 54.80 56.72
N GLY K 328 58.09 53.66 56.15
CA GLY K 328 58.91 52.71 56.87
C GLY K 328 60.35 52.64 56.37
N LYS K 329 61.25 52.16 57.22
CA LYS K 329 62.65 52.02 56.88
C LYS K 329 63.03 50.55 56.90
N ILE K 330 63.82 50.13 55.90
CA ILE K 330 64.23 48.73 55.74
C ILE K 330 65.74 48.65 55.92
N VAL K 331 66.19 47.65 56.66
CA VAL K 331 67.61 47.43 56.91
C VAL K 331 67.91 45.97 56.62
N VAL K 332 69.00 45.73 55.91
CA VAL K 332 69.46 44.39 55.58
C VAL K 332 70.91 44.28 56.04
N ILE K 333 71.21 43.22 56.80
CA ILE K 333 72.54 43.02 57.37
C ILE K 333 73.01 41.68 56.81
N THR K 334 73.77 41.76 55.73
CA THR K 334 74.17 40.62 54.93
C THR K 334 75.64 40.76 54.60
N PRO K 335 76.36 39.65 54.40
CA PRO K 335 77.72 39.79 53.87
C PRO K 335 77.75 40.22 52.41
N GLU K 336 76.80 39.76 51.61
CA GLU K 336 76.69 40.05 50.18
C GLU K 336 75.64 41.13 49.94
N TYR K 337 75.62 41.66 48.72
CA TYR K 337 74.50 42.52 48.31
C TYR K 337 73.40 41.64 47.75
N SER K 338 72.47 41.23 48.62
CA SER K 338 71.46 40.25 48.26
C SER K 338 70.27 40.91 47.57
N PRO K 339 69.39 40.12 46.95
CA PRO K 339 68.16 40.70 46.38
C PRO K 339 67.30 41.42 47.40
N SER K 340 67.45 41.10 48.69
CA SER K 340 66.76 41.86 49.72
C SER K 340 67.45 43.18 50.04
N ALA K 341 68.73 43.30 49.69
CA ALA K 341 69.47 44.51 50.06
C ALA K 341 69.06 45.73 49.25
N GLN K 342 68.60 45.55 48.00
CA GLN K 342 68.17 46.71 47.21
C GLN K 342 67.05 47.46 47.92
N LYS K 343 66.10 46.74 48.53
CA LYS K 343 64.95 47.39 49.12
C LYS K 343 65.29 48.12 50.42
N ALA K 344 66.46 47.84 50.99
CA ALA K 344 66.86 48.44 52.26
C ALA K 344 67.25 49.90 52.08
N ASP K 345 66.97 50.70 53.12
CA ASP K 345 67.46 52.08 53.14
C ASP K 345 68.98 52.12 53.22
N TYR K 346 69.57 51.18 53.95
CA TYR K 346 71.02 51.08 54.05
C TYR K 346 71.39 49.63 54.35
N TRP K 347 72.37 49.12 53.62
CA TRP K 347 72.81 47.73 53.74
C TRP K 347 74.08 47.66 54.59
N ILE K 348 74.08 46.81 55.60
CA ILE K 348 75.20 46.67 56.51
C ILE K 348 75.99 45.42 56.17
N PRO K 349 77.15 45.55 55.50
CA PRO K 349 78.01 44.38 55.32
C PRO K 349 78.54 43.88 56.65
N ILE K 350 78.79 42.57 56.72
CA ILE K 350 79.26 41.95 57.95
C ILE K 350 80.08 40.72 57.61
N ARG K 351 81.00 40.36 58.51
CA ARG K 351 81.75 39.13 58.40
C ARG K 351 80.88 37.94 58.80
N ASN K 352 81.13 36.81 58.17
CA ASN K 352 80.29 35.63 58.36
C ASN K 352 80.42 35.10 59.79
N ASN K 353 79.31 34.57 60.30
CA ASN K 353 79.29 33.92 61.62
C ASN K 353 79.61 34.89 62.76
N THR K 354 79.22 36.17 62.63
CA THR K 354 79.55 37.15 63.64
C THR K 354 78.40 38.08 64.05
N ASP K 355 77.14 37.68 63.84
CA ASP K 355 76.05 38.63 64.09
C ASP K 355 75.83 38.90 65.57
N THR K 356 76.20 37.97 66.46
CA THR K 356 76.02 38.20 67.88
C THR K 356 76.76 39.45 68.34
N ALA K 357 78.00 39.64 67.85
CA ALA K 357 78.77 40.81 68.24
C ALA K 357 78.09 42.11 67.82
N LEU K 358 77.49 42.12 66.62
CA LEU K 358 76.86 43.33 66.11
C LEU K 358 75.74 43.81 67.02
N PHE K 359 74.81 42.91 67.37
CA PHE K 359 73.67 43.30 68.18
C PHE K 359 74.03 43.50 69.65
N LEU K 360 75.11 42.88 70.12
CA LEU K 360 75.61 43.20 71.46
C LEU K 360 76.15 44.62 71.48
N GLY K 361 76.86 45.03 70.43
CA GLY K 361 77.30 46.41 70.33
C GLY K 361 76.14 47.38 70.26
N ILE K 362 75.06 46.99 69.58
CA ILE K 362 73.87 47.84 69.49
C ILE K 362 73.16 47.87 70.84
N THR K 363 73.13 46.76 71.54
CA THR K 363 72.56 46.74 72.88
C THR K 363 73.33 47.65 73.83
N LYS K 364 74.66 47.68 73.69
CA LYS K 364 75.47 48.57 74.52
C LYS K 364 75.14 50.03 74.25
N ILE K 365 74.93 50.40 72.99
CA ILE K 365 74.59 51.78 72.66
C ILE K 365 73.23 52.15 73.25
N LEU K 366 72.30 51.21 73.25
CA LEU K 366 70.97 51.47 73.80
C LEU K 366 70.99 51.64 75.31
N ILE K 367 71.98 51.07 75.99
CA ILE K 367 72.00 51.07 77.46
C ILE K 367 72.89 52.19 77.94
N ASP K 368 73.96 52.50 77.17
CA ASP K 368 74.79 53.64 77.51
C ASP K 368 74.00 54.94 77.45
N ASN K 369 73.03 55.04 76.55
CA ASN K 369 72.20 56.22 76.39
C ASN K 369 70.85 56.09 77.06
N LYS K 370 70.57 54.97 77.73
CA LYS K 370 69.28 54.72 78.37
C LYS K 370 68.14 54.86 77.37
N TRP K 371 68.37 54.38 76.15
CA TRP K 371 67.36 54.42 75.10
C TRP K 371 66.48 53.17 75.13
N TYR K 372 66.03 52.80 76.33
CA TYR K 372 65.18 51.63 76.51
C TYR K 372 63.93 52.02 77.29
N ASP K 373 62.83 51.33 77.00
CA ASP K 373 61.57 51.51 77.72
C ASP K 373 61.68 50.86 79.08
N ALA K 374 62.02 51.65 80.09
CA ALA K 374 62.25 51.11 81.44
C ALA K 374 61.01 50.39 81.97
N ASP K 375 59.81 50.93 81.70
CA ASP K 375 58.59 50.30 82.19
C ASP K 375 58.39 48.93 81.52
N TYR K 376 58.57 48.86 80.20
CA TYR K 376 58.41 47.60 79.50
C TYR K 376 59.46 46.57 79.88
N VAL K 377 60.65 47.02 80.30
CA VAL K 377 61.70 46.06 80.65
C VAL K 377 61.48 45.52 82.06
N LYS K 378 60.91 46.31 82.95
CA LYS K 378 60.56 45.84 84.28
C LYS K 378 59.47 44.77 84.24
N LYS K 379 58.49 44.94 83.34
CA LYS K 379 57.29 44.11 83.34
C LYS K 379 57.38 42.83 82.51
N PHE K 380 58.29 42.72 81.54
CA PHE K 380 58.31 41.52 80.72
C PHE K 380 59.66 40.85 80.52
N THR K 381 60.72 41.34 81.14
CA THR K 381 62.07 40.83 80.89
C THR K 381 62.74 40.47 82.19
N ASP K 382 63.74 39.59 82.09
CA ASP K 382 64.48 39.11 83.24
C ASP K 382 65.54 40.09 83.73
N PHE K 383 65.73 41.22 83.04
CA PHE K 383 66.81 42.13 83.42
C PHE K 383 66.72 42.60 84.88
N PRO K 384 65.56 42.95 85.43
CA PRO K 384 65.52 43.32 86.86
C PRO K 384 65.79 42.16 87.79
N LEU K 385 65.57 40.92 87.36
CA LEU K 385 65.72 39.77 88.23
C LEU K 385 67.16 39.65 88.71
N LEU K 386 67.33 39.28 89.97
CA LEU K 386 68.64 39.25 90.60
C LEU K 386 69.37 37.95 90.33
N ILE K 387 70.69 38.05 90.23
CA ILE K 387 71.55 36.91 89.93
C ILE K 387 72.72 36.88 90.91
N ARG K 388 73.01 35.71 91.44
CA ARG K 388 74.15 35.54 92.32
C ARG K 388 75.44 35.44 91.50
N THR K 389 76.53 35.94 92.08
CA THR K 389 77.83 35.95 91.41
C THR K 389 78.65 34.72 91.72
N ASP K 390 78.37 34.08 92.85
CA ASP K 390 79.08 32.88 93.28
C ASP K 390 78.78 31.69 92.38
N THR K 391 77.49 31.37 92.22
CA THR K 391 77.02 30.21 91.47
C THR K 391 76.62 30.53 90.04
N LEU K 392 76.45 31.82 89.71
CA LEU K 392 75.96 32.32 88.42
C LEU K 392 74.49 31.98 88.19
N LYS K 393 73.80 31.44 89.18
CA LYS K 393 72.38 31.15 89.07
C LYS K 393 71.55 32.37 89.47
N ARG K 394 70.27 32.31 89.12
CA ARG K 394 69.33 33.36 89.52
C ARG K 394 69.03 33.23 91.01
N VAL K 395 68.89 34.37 91.68
CA VAL K 395 68.61 34.35 93.11
C VAL K 395 67.25 33.73 93.35
N SER K 396 67.16 32.91 94.38
CA SER K 396 65.97 32.16 94.72
C SER K 396 65.46 32.67 96.06
N PRO K 397 64.14 32.84 96.21
CA PRO K 397 63.57 33.39 97.40
C PRO K 397 63.99 32.48 98.56
N LYS K 398 64.18 31.21 98.30
CA LYS K 398 64.58 30.20 99.30
C LYS K 398 65.95 30.52 99.89
N ASP K 399 66.84 31.07 99.08
CA ASP K 399 68.22 31.45 99.48
C ASP K 399 68.28 32.60 100.49
N ILE K 400 67.34 33.55 100.50
CA ILE K 400 67.49 34.72 101.36
C ILE K 400 66.41 34.82 102.44
N ILE K 401 65.23 34.32 102.13
CA ILE K 401 64.11 34.41 103.11
C ILE K 401 64.06 33.08 103.83
N PRO K 402 64.18 33.03 105.16
CA PRO K 402 64.12 31.77 105.85
C PRO K 402 62.74 31.14 105.69
N ASN K 403 62.71 29.83 105.49
CA ASN K 403 61.47 29.01 105.39
C ASN K 403 60.53 29.51 104.30
N TYR K 404 61.06 29.90 103.14
CA TYR K 404 60.20 30.39 102.04
C TYR K 404 59.41 29.21 101.47
N LYS K 405 58.18 29.47 101.03
CA LYS K 405 57.35 28.44 100.38
C LYS K 405 56.97 28.96 98.99
N LEU K 406 56.99 28.13 97.97
CA LEU K 406 56.71 28.62 96.63
C LEU K 406 55.26 29.05 96.57
N GLN K 407 55.01 30.23 96.00
CA GLN K 407 53.69 30.80 96.09
C GLN K 407 52.70 29.98 95.28
N ASP K 408 51.46 29.93 95.77
CA ASP K 408 50.48 29.06 95.15
C ASP K 408 49.92 29.79 93.94
N ILE K 409 50.41 29.43 92.77
CA ILE K 409 49.96 30.02 91.53
C ILE K 409 49.02 29.07 90.80
N SER K 410 48.25 28.28 91.55
CA SER K 410 47.42 27.24 90.96
C SER K 410 46.15 27.83 90.37
N ASP K 411 45.81 29.03 90.81
CA ASP K 411 44.65 29.73 90.20
C ASP K 411 45.19 30.66 89.12
N GLY K 412 46.49 30.61 88.86
CA GLY K 412 47.19 31.48 87.91
C GLY K 412 47.09 31.03 86.48
N PRO K 413 47.52 31.87 85.52
CA PRO K 413 47.52 31.58 84.10
C PRO K 413 48.47 30.45 83.71
N SER K 414 49.46 30.20 84.56
CA SER K 414 50.46 29.13 84.31
C SER K 414 49.75 27.77 84.30
N TYR K 415 48.73 27.59 85.15
CA TYR K 415 48.09 26.27 85.24
C TYR K 415 46.89 26.15 84.32
N HIS K 416 45.99 27.14 84.37
CA HIS K 416 44.70 27.15 83.63
C HIS K 416 44.82 27.32 82.13
N ILE K 417 45.77 28.11 81.68
CA ILE K 417 46.00 28.46 80.28
C ILE K 417 47.18 27.67 79.71
N GLN K 418 48.29 27.64 80.44
CA GLN K 418 49.52 27.04 79.94
C GLN K 418 49.74 25.59 80.38
N GLY K 419 48.97 25.10 81.34
CA GLY K 419 49.01 23.69 81.70
C GLY K 419 50.24 23.23 82.44
N LEU K 420 50.67 24.03 83.40
CA LEU K 420 51.85 23.70 84.23
C LEU K 420 51.43 22.65 85.25
N LYS K 421 52.38 21.87 85.72
CA LYS K 421 52.13 20.79 86.69
C LYS K 421 52.92 21.10 87.94
N ASP K 422 52.49 20.56 89.08
CA ASP K 422 53.13 20.84 90.38
C ASP K 422 54.58 20.35 90.37
N GLU K 423 54.84 19.19 89.81
CA GLU K 423 56.20 18.62 89.80
C GLU K 423 57.16 19.53 89.02
N GLN K 424 56.69 20.13 87.93
CA GLN K 424 57.45 21.11 87.12
C GLN K 424 57.63 22.42 87.87
N ARG K 425 56.58 22.90 88.52
CA ARG K 425 56.60 24.19 89.25
C ARG K 425 57.59 24.12 90.40
N GLU K 426 57.69 22.98 91.08
CA GLU K 426 58.65 22.85 92.18
C GLU K 426 60.08 23.01 91.68
N ILE K 427 60.36 22.58 90.45
CA ILE K 427 61.69 22.70 89.88
C ILE K 427 61.92 24.11 89.38
N ILE K 428 60.89 24.75 88.83
CA ILE K 428 61.05 26.11 88.30
C ILE K 428 61.25 27.10 89.44
N GLY K 429 60.42 27.01 90.48
CA GLY K 429 60.58 27.86 91.63
C GLY K 429 60.18 29.30 91.33
N ASP K 430 60.56 30.17 92.27
CA ASP K 430 60.30 31.60 92.19
C ASP K 430 61.62 32.35 92.18
N PHE K 431 61.54 33.66 91.92
CA PHE K 431 62.72 34.48 91.76
C PHE K 431 62.60 35.77 92.57
N VAL K 432 63.70 36.52 92.62
CA VAL K 432 63.81 37.70 93.46
C VAL K 432 64.17 38.91 92.61
N VAL K 433 63.64 40.07 93.02
CA VAL K 433 64.01 41.35 92.43
C VAL K 433 64.09 42.37 93.55
N TRP K 434 64.87 43.42 93.33
CA TRP K 434 64.95 44.49 94.32
C TRP K 434 63.81 45.46 94.08
N ASP K 435 63.19 45.89 95.16
CA ASP K 435 62.00 46.72 95.12
C ASP K 435 62.41 48.17 95.37
N ALA K 436 61.70 49.08 94.71
CA ALA K 436 61.98 50.50 94.82
C ALA K 436 61.14 51.18 95.88
N LYS K 437 59.91 50.69 96.11
CA LYS K 437 59.06 51.22 97.16
C LYS K 437 59.45 50.67 98.54
N SER K 438 59.80 49.39 98.60
CA SER K 438 60.23 48.77 99.85
C SER K 438 61.75 48.78 100.07
N LYS K 439 62.54 49.13 99.04
CA LYS K 439 64.00 49.25 99.15
C LYS K 439 64.64 47.97 99.70
N GLY K 440 64.23 46.83 99.17
CA GLY K 440 64.70 45.54 99.60
C GLY K 440 64.15 44.48 98.69
N PRO K 441 64.69 43.26 98.76
CA PRO K 441 64.27 42.22 97.83
C PRO K 441 62.82 41.81 98.04
N LYS K 442 62.14 41.56 96.93
CA LYS K 442 60.79 41.03 96.93
C LYS K 442 60.81 39.73 96.14
N ALA K 443 60.07 38.72 96.61
CA ALA K 443 59.98 37.44 95.93
C ALA K 443 58.82 37.51 94.96
N ILE K 444 59.08 37.23 93.69
CA ILE K 444 58.07 37.28 92.65
C ILE K 444 57.87 35.88 92.08
N THR K 445 56.68 35.64 91.52
CA THR K 445 56.40 34.34 90.91
C THR K 445 56.55 34.43 89.40
N ARG K 446 56.35 33.31 88.70
CA ARG K 446 56.43 33.27 87.21
C ARG K 446 55.34 34.13 86.59
N ASP K 447 54.17 34.15 87.21
CA ASP K 447 52.97 34.88 86.76
C ASP K 447 53.08 36.37 87.02
N ASP K 448 54.02 36.80 87.85
CA ASP K 448 54.17 38.23 88.22
C ASP K 448 54.90 38.92 87.09
N VAL K 449 54.14 39.24 86.06
CA VAL K 449 54.64 39.77 84.78
C VAL K 449 53.68 40.84 84.35
N GLY K 450 54.18 41.94 83.78
CA GLY K 450 53.32 43.02 83.29
C GLY K 450 52.51 43.72 84.37
N GLU K 451 51.20 43.82 84.19
CA GLU K 451 50.33 44.55 85.15
C GLU K 451 50.15 43.80 86.47
N THR K 452 50.44 42.51 86.50
CA THR K 452 50.32 41.75 87.76
C THR K 452 51.26 42.41 88.75
N LEU K 453 52.36 43.00 88.29
CA LEU K 453 53.33 43.55 89.24
C LEU K 453 52.78 44.79 89.93
N VAL K 454 52.11 45.65 89.17
CA VAL K 454 51.56 46.89 89.72
C VAL K 454 50.33 46.61 90.57
N LYS K 455 49.54 45.57 90.24
CA LYS K 455 48.41 45.22 91.09
C LYS K 455 48.92 44.83 92.48
N LYS K 456 50.07 44.16 92.53
CA LYS K 456 50.80 43.95 93.77
C LYS K 456 51.69 45.17 94.02
N GLY K 457 52.51 45.12 95.06
CA GLY K 457 53.32 46.28 95.37
C GLY K 457 54.62 46.39 94.62
N ILE K 458 55.03 45.34 93.91
CA ILE K 458 56.40 45.24 93.40
C ILE K 458 56.67 46.32 92.35
N ASP K 459 57.84 46.94 92.48
CA ASP K 459 58.36 47.87 91.47
C ASP K 459 59.84 47.57 91.30
N PRO K 460 60.18 46.64 90.40
CA PRO K 460 61.57 46.21 90.26
C PRO K 460 62.51 47.37 89.92
N VAL K 461 63.79 47.17 90.21
CA VAL K 461 64.82 48.16 89.87
C VAL K 461 65.70 47.57 88.78
N LEU K 462 65.94 48.37 87.74
CA LEU K 462 66.75 47.92 86.62
C LEU K 462 68.24 47.86 86.98
N GLU K 463 68.75 48.87 87.68
CA GLU K 463 70.16 48.94 88.03
C GLU K 463 70.35 48.72 89.51
N GLY K 464 71.58 48.41 89.89
CA GLY K 464 71.97 48.21 91.27
C GLY K 464 72.82 46.99 91.51
N SER K 465 73.76 47.11 92.44
CA SER K 465 74.60 46.02 92.89
C SER K 465 74.48 45.95 94.41
N PHE K 466 74.08 44.80 94.93
CA PHE K 466 73.70 44.72 96.33
C PHE K 466 74.51 43.64 97.05
N LYS K 467 74.61 43.81 98.37
CA LYS K 467 75.16 42.80 99.25
C LYS K 467 73.97 42.22 100.00
N LEU K 468 73.92 40.90 100.09
CA LEU K 468 72.78 40.22 100.68
C LEU K 468 73.31 39.08 101.53
N LYS K 469 72.44 38.53 102.36
CA LYS K 469 72.85 37.46 103.26
C LYS K 469 71.83 36.35 103.20
N THR K 470 72.33 35.12 103.09
CA THR K 470 71.48 33.96 102.92
C THR K 470 70.97 33.52 104.28
N ILE K 471 70.08 32.54 104.26
CA ILE K 471 69.60 31.98 105.51
C ILE K 471 70.74 31.38 106.30
N ASP K 472 71.78 30.89 105.63
CA ASP K 472 72.90 30.32 106.38
C ASP K 472 73.75 31.38 107.07
N GLY K 473 73.61 32.63 106.68
CA GLY K 473 74.38 33.71 107.27
C GLY K 473 75.56 34.15 106.41
N LYS K 474 75.87 33.44 105.34
CA LYS K 474 76.95 33.89 104.48
C LYS K 474 76.49 35.11 103.71
N GLU K 475 77.41 36.03 103.47
CA GLU K 475 77.12 37.20 102.65
C GLU K 475 77.43 36.84 101.21
N ILE K 476 76.51 37.15 100.30
CA ILE K 476 76.69 36.87 98.90
C ILE K 476 76.40 38.18 98.16
N GLU K 477 77.19 38.40 97.11
CA GLU K 477 77.01 39.57 96.28
C GLU K 477 75.94 39.28 95.25
N VAL K 478 74.95 40.16 95.17
CA VAL K 478 73.82 40.01 94.26
C VAL K 478 73.76 41.22 93.35
N MET K 479 73.46 40.98 92.09
CA MET K 479 73.41 42.02 91.08
C MET K 479 72.15 41.83 90.23
N THR K 480 71.68 42.92 89.65
CA THR K 480 70.67 42.85 88.62
C THR K 480 71.32 42.45 87.30
N LEU K 481 70.60 41.66 86.50
CA LEU K 481 71.16 41.19 85.24
C LEU K 481 71.56 42.36 84.34
N LEU K 482 70.88 43.51 84.48
CA LEU K 482 71.26 44.67 83.69
C LEU K 482 72.64 45.18 84.08
N GLU K 483 72.94 45.23 85.38
CA GLU K 483 74.29 45.57 85.82
C GLU K 483 75.32 44.59 85.27
N MET K 484 74.99 43.29 85.29
CA MET K 484 75.96 42.29 84.81
C MET K 484 76.21 42.42 83.31
N TYR K 485 75.23 42.91 82.55
CA TYR K 485 75.47 43.21 81.15
C TYR K 485 76.36 44.43 80.97
N LYS K 486 76.23 45.42 81.86
CA LYS K 486 77.15 46.55 81.85
C LYS K 486 78.59 46.07 81.99
N ILE K 487 78.82 45.04 82.80
CA ILE K 487 80.14 44.46 82.91
C ILE K 487 80.43 43.57 81.71
N HIS K 488 79.41 42.90 81.20
CA HIS K 488 79.61 42.01 80.05
C HIS K 488 79.87 42.80 78.77
N LEU K 489 79.18 43.94 78.59
CA LEU K 489 79.26 44.67 77.33
C LEU K 489 80.48 45.57 77.24
N ARG K 490 81.40 45.48 78.21
CA ARG K 490 82.65 46.24 78.10
C ARG K 490 83.52 45.70 76.97
N ASP K 491 83.31 44.45 76.56
CA ASP K 491 84.02 43.86 75.44
C ASP K 491 83.40 44.22 74.09
N TYR K 492 82.25 44.88 74.07
CA TYR K 492 81.56 45.22 72.84
C TYR K 492 81.42 46.73 72.66
N ASP K 493 82.46 47.48 73.01
CA ASP K 493 82.47 48.89 72.64
C ASP K 493 82.45 49.01 71.12
N ILE K 494 82.04 50.17 70.63
CA ILE K 494 81.78 50.33 69.20
C ILE K 494 83.01 50.00 68.36
N ASP K 495 84.22 50.24 68.88
CA ASP K 495 85.41 50.03 68.06
C ASP K 495 85.76 48.55 67.95
N SER K 496 85.57 47.77 69.01
CA SER K 496 85.85 46.34 68.92
C SER K 496 84.80 45.64 68.06
N VAL K 497 83.54 46.06 68.16
CA VAL K 497 82.49 45.46 67.35
C VAL K 497 82.78 45.68 65.87
N VAL K 498 83.36 46.83 65.53
CA VAL K 498 83.73 47.07 64.13
C VAL K 498 84.89 46.19 63.73
N SER K 499 85.80 45.89 64.67
CA SER K 499 86.90 44.97 64.39
C SER K 499 86.41 43.54 64.21
N MET K 500 85.32 43.18 64.88
CA MET K 500 84.76 41.84 64.80
C MET K 500 83.79 41.67 63.64
N THR K 501 82.85 42.60 63.50
CA THR K 501 81.78 42.44 62.52
C THR K 501 82.21 42.90 61.13
N ASN K 502 83.24 43.72 61.03
CA ASN K 502 83.65 44.40 59.80
C ASN K 502 82.50 45.13 59.13
N SER K 503 81.68 45.76 59.91
CA SER K 503 80.52 46.54 59.55
C SER K 503 80.83 48.02 59.69
N PRO K 504 80.24 48.88 58.85
CA PRO K 504 80.51 50.31 58.95
C PRO K 504 80.10 50.85 60.31
N LYS K 505 81.00 51.61 60.93
CA LYS K 505 80.67 52.17 62.24
C LYS K 505 79.48 53.11 62.14
N ASP K 506 79.41 53.87 61.04
CA ASP K 506 78.31 54.79 60.84
C ASP K 506 76.98 54.05 60.81
N LEU K 507 76.94 52.88 60.15
CA LEU K 507 75.69 52.14 60.05
C LEU K 507 75.29 51.51 61.37
N ILE K 508 76.26 51.06 62.18
CA ILE K 508 75.94 50.48 63.48
C ILE K 508 75.32 51.52 64.40
N GLU K 509 75.95 52.71 64.47
CA GLU K 509 75.39 53.77 65.30
C GLU K 509 74.09 54.31 64.71
N ARG K 510 73.98 54.29 63.38
CA ARG K 510 72.74 54.73 62.73
C ARG K 510 71.62 53.75 63.00
N LEU K 511 71.91 52.45 62.98
CA LEU K 511 70.90 51.46 63.30
C LEU K 511 70.50 51.52 64.76
N ALA K 512 71.47 51.76 65.64
CA ALA K 512 71.18 51.83 67.07
C ALA K 512 70.19 52.96 67.37
N LYS K 513 70.40 54.13 66.77
CA LYS K 513 69.47 55.24 66.98
C LYS K 513 68.11 54.95 66.36
N ASP K 514 68.09 54.33 65.18
CA ASP K 514 66.82 54.02 64.52
C ASP K 514 65.98 53.07 65.39
N ILE K 515 66.61 52.06 65.98
CA ILE K 515 65.89 51.12 66.83
C ILE K 515 65.25 51.84 68.01
N ALA K 516 65.93 52.86 68.54
CA ALA K 516 65.46 53.55 69.74
C ALA K 516 64.42 54.63 69.44
N THR K 517 64.38 55.16 68.22
CA THR K 517 63.48 56.25 67.89
C THR K 517 62.25 55.82 67.10
N ILE K 518 62.27 54.63 66.49
CA ILE K 518 61.19 54.19 65.61
C ILE K 518 60.39 53.08 66.30
N LYS K 519 59.06 53.16 66.16
CA LYS K 519 58.13 52.11 66.57
C LYS K 519 57.13 51.86 65.44
N PRO K 520 56.76 50.60 65.17
CA PRO K 520 57.29 49.31 65.63
C PRO K 520 58.58 48.91 64.95
N VAL K 521 59.46 48.26 65.70
CA VAL K 521 60.71 47.74 65.20
C VAL K 521 60.59 46.22 65.15
N ALA K 522 61.03 45.61 64.04
CA ALA K 522 60.96 44.17 63.90
C ALA K 522 62.28 43.64 63.38
N ILE K 523 62.78 42.57 63.99
CA ILE K 523 64.00 41.89 63.56
C ILE K 523 63.58 40.60 62.88
N HIS K 524 63.99 40.44 61.64
CA HIS K 524 63.66 39.26 60.86
C HIS K 524 64.95 38.54 60.47
N TYR K 525 64.95 37.22 60.63
CA TYR K 525 66.13 36.41 60.35
C TYR K 525 65.67 35.04 59.88
N GLY K 526 66.62 34.27 59.38
CA GLY K 526 66.33 32.96 58.86
C GLY K 526 67.55 32.08 58.91
N GLU K 527 67.66 31.19 57.93
CA GLU K 527 68.72 30.19 57.91
C GLU K 527 70.04 30.75 57.39
N GLY K 528 70.09 32.02 57.01
CA GLY K 528 71.36 32.67 56.80
C GLY K 528 72.19 32.80 58.06
N VAL K 529 71.53 32.79 59.21
CA VAL K 529 72.22 32.78 60.49
C VAL K 529 71.91 31.54 61.32
N ASN K 530 70.76 30.90 61.10
CA ASN K 530 70.43 29.67 61.82
C ASN K 530 71.24 28.47 61.34
N HIS K 531 71.92 28.59 60.21
CA HIS K 531 72.76 27.53 59.69
C HIS K 531 74.24 27.73 60.08
N TYR K 532 74.48 28.42 61.18
CA TYR K 532 75.80 28.49 61.80
C TYR K 532 75.76 27.90 63.20
N PHE K 533 76.92 27.45 63.66
CA PHE K 533 77.01 26.70 64.91
C PHE K 533 76.41 27.49 66.06
N HIS K 534 76.75 28.78 66.16
CA HIS K 534 76.32 29.61 67.26
C HIS K 534 75.03 30.36 66.95
N ALA K 535 74.16 29.77 66.12
CA ALA K 535 72.85 30.35 65.88
C ALA K 535 72.09 30.57 67.18
N THR K 536 72.26 29.64 68.13
CA THR K 536 71.60 29.77 69.43
C THR K 536 71.94 31.11 70.08
N LEU K 537 73.22 31.49 70.05
CA LEU K 537 73.60 32.80 70.57
C LEU K 537 73.08 33.92 69.68
N MET K 538 73.16 33.75 68.36
CA MET K 538 72.69 34.78 67.44
C MET K 538 71.20 35.06 67.62
N ASN K 539 70.40 34.00 67.77
CA ASN K 539 68.95 34.21 67.94
C ASN K 539 68.63 34.89 69.26
N ARG K 540 69.31 34.48 70.34
CA ARG K 540 69.15 35.17 71.62
C ARG K 540 69.54 36.63 71.51
N SER K 541 70.62 36.91 70.77
CA SER K 541 71.06 38.29 70.57
C SER K 541 70.00 39.11 69.82
N TYR K 542 69.20 38.46 68.98
CA TYR K 542 68.23 39.18 68.16
C TYR K 542 67.05 39.72 68.95
N TYR K 543 66.96 39.40 70.25
CA TYR K 543 65.91 39.96 71.09
C TYR K 543 66.37 41.12 71.96
N LEU K 544 67.68 41.26 72.18
CA LEU K 544 68.17 42.30 73.09
C LEU K 544 67.74 43.70 72.69
N PRO K 545 67.96 44.17 71.45
CA PRO K 545 67.54 45.55 71.12
C PRO K 545 66.03 45.73 71.10
N VAL K 546 65.28 44.66 70.92
CA VAL K 546 63.82 44.75 70.81
C VAL K 546 63.14 44.57 72.16
N MET K 547 63.68 43.72 73.03
CA MET K 547 63.11 43.56 74.36
C MET K 547 63.36 44.78 75.25
N LEU K 548 64.32 45.63 74.89
CA LEU K 548 64.60 46.83 75.67
C LEU K 548 63.75 48.01 75.23
N THR K 549 63.37 48.07 73.95
CA THR K 549 62.63 49.20 73.40
C THR K 549 61.12 48.96 73.38
N GLY K 550 60.66 47.83 73.92
CA GLY K 550 59.23 47.54 73.96
C GLY K 550 58.62 47.20 72.63
N ASN K 551 59.27 46.33 71.86
CA ASN K 551 58.83 45.97 70.52
C ASN K 551 58.55 44.47 70.39
N VAL K 552 58.02 43.86 71.44
CA VAL K 552 57.59 42.46 71.40
C VAL K 552 56.13 42.38 71.80
N GLY K 553 55.32 41.70 70.98
CA GLY K 553 53.92 41.48 71.27
C GLY K 553 52.95 42.45 70.64
N TYR K 554 53.43 43.47 69.93
CA TYR K 554 52.57 44.46 69.30
C TYR K 554 52.68 44.34 67.79
N PHE K 555 51.58 44.66 67.10
CA PHE K 555 51.52 44.52 65.65
C PHE K 555 52.64 45.32 64.99
N GLY K 556 53.33 44.68 64.04
CA GLY K 556 54.46 45.29 63.35
C GLY K 556 55.79 45.15 64.04
N SER K 557 55.83 44.50 65.20
CA SER K 557 57.03 44.42 66.02
C SER K 557 57.45 42.96 66.16
N GLY K 558 58.47 42.73 66.98
CA GLY K 558 58.90 41.40 67.35
C GLY K 558 60.24 41.03 66.75
N SER K 559 60.73 39.87 67.16
CA SER K 559 61.92 39.25 66.59
C SER K 559 61.54 37.88 66.09
N HIS K 560 61.68 37.66 64.78
CA HIS K 560 61.06 36.52 64.13
C HIS K 560 62.05 35.78 63.25
N THR K 561 61.91 34.45 63.22
CA THR K 561 62.65 33.60 62.32
C THR K 561 61.73 33.08 61.22
N TRP K 562 62.30 32.78 60.07
CA TRP K 562 61.53 32.28 58.94
C TRP K 562 62.17 30.99 58.41
N ALA K 563 61.32 30.07 57.99
CA ALA K 563 61.78 28.72 57.63
C ALA K 563 60.75 28.10 56.71
N GLY K 564 60.80 26.77 56.58
CA GLY K 564 59.78 26.06 55.84
C GLY K 564 58.48 25.96 56.64
N ASN K 565 57.60 25.10 56.16
CA ASN K 565 56.29 24.92 56.77
C ASN K 565 56.42 23.85 57.85
N TYR K 566 56.49 24.31 59.10
CA TYR K 566 56.74 23.44 60.24
C TYR K 566 55.56 23.29 61.19
N LYS K 567 54.58 24.19 61.14
CA LYS K 567 53.69 24.41 62.28
C LYS K 567 52.64 23.30 62.36
N ALA K 568 53.11 22.13 62.77
CA ALA K 568 52.19 21.05 63.14
C ALA K 568 51.45 21.38 64.43
N GLY K 569 51.92 22.39 65.17
CA GLY K 569 51.26 22.90 66.36
C GLY K 569 50.04 23.74 66.10
N ASN K 570 49.67 23.93 64.83
CA ASN K 570 48.39 24.57 64.51
C ASN K 570 47.22 23.73 65.02
N PHE K 571 47.38 22.41 65.02
CA PHE K 571 46.41 21.51 65.65
C PHE K 571 46.73 21.45 67.14
N GLN K 572 46.51 22.58 67.79
CA GLN K 572 46.99 22.81 69.15
C GLN K 572 46.06 22.16 70.16
N ALA K 573 46.64 21.36 71.06
CA ALA K 573 45.87 20.64 72.07
C ALA K 573 45.68 21.49 73.31
N SER K 574 44.50 21.36 73.92
CA SER K 574 44.18 22.06 75.16
C SER K 574 43.01 21.35 75.82
N LYS K 575 42.65 21.82 77.01
CA LYS K 575 41.53 21.22 77.73
C LYS K 575 40.21 21.47 77.02
N TRP K 576 39.95 22.73 76.64
CA TRP K 576 38.68 23.04 75.97
C TRP K 576 38.62 22.47 74.56
N SER K 577 39.78 22.31 73.90
CA SER K 577 39.80 21.90 72.49
C SER K 577 39.82 20.38 72.35
N GLY K 578 40.85 19.74 72.89
CA GLY K 578 41.02 18.31 72.73
C GLY K 578 42.46 17.91 72.45
N PRO K 579 42.65 16.71 71.90
CA PRO K 579 44.02 16.20 71.68
C PRO K 579 44.76 16.89 70.55
N GLY K 580 44.05 17.50 69.61
CA GLY K 580 44.73 18.18 68.51
C GLY K 580 45.50 17.23 67.63
N PHE K 581 46.76 17.57 67.37
CA PHE K 581 47.59 16.79 66.47
C PHE K 581 47.83 15.37 67.00
N TYR K 582 47.79 15.18 68.32
CA TYR K 582 47.99 13.85 68.88
C TYR K 582 46.89 12.89 68.47
N GLY K 583 45.70 13.41 68.16
CA GLY K 583 44.61 12.54 67.74
C GLY K 583 44.95 11.72 66.52
N TRP K 584 45.68 12.31 65.58
CA TRP K 584 46.05 11.60 64.36
C TRP K 584 47.29 10.73 64.53
N VAL K 585 48.33 11.26 65.19
CA VAL K 585 49.61 10.56 65.25
C VAL K 585 49.83 9.77 66.54
N ALA K 586 49.13 10.09 67.62
CA ALA K 586 49.35 9.44 68.91
C ALA K 586 48.09 8.78 69.44
N GLU K 587 47.21 8.34 68.55
CA GLU K 587 46.05 7.57 68.97
C GLU K 587 46.50 6.20 69.45
N ASP K 588 45.80 5.68 70.46
CA ASP K 588 46.18 4.38 71.04
C ASP K 588 46.05 3.31 69.97
N VAL K 589 47.20 2.72 69.61
CA VAL K 589 47.25 1.71 68.56
C VAL K 589 46.42 0.49 68.94
N PHE K 590 46.42 0.13 70.21
CA PHE K 590 45.68 -1.04 70.68
C PHE K 590 44.23 -0.73 70.99
N LYS K 591 43.87 0.55 71.01
CA LYS K 591 42.47 0.98 71.20
C LYS K 591 42.14 2.04 70.16
N PRO K 592 42.13 1.67 68.87
CA PRO K 592 41.78 2.69 67.85
C PRO K 592 40.28 2.90 67.87
N ASN K 593 39.86 4.15 67.66
CA ASN K 593 38.44 4.46 67.64
C ASN K 593 37.94 4.32 66.21
N LEU K 594 36.94 3.47 66.04
CA LEU K 594 36.41 3.11 64.73
C LEU K 594 35.01 3.65 64.52
N ASP K 595 34.61 4.69 65.27
CA ASP K 595 33.33 5.35 65.04
C ASP K 595 33.56 6.52 64.10
N PRO K 596 32.90 6.56 62.93
CA PRO K 596 33.14 7.70 62.03
C PRO K 596 32.75 9.04 62.63
N TYR K 597 31.72 9.07 63.47
CA TYR K 597 31.20 10.31 64.04
C TYR K 597 31.72 10.53 65.46
N ALA K 598 32.97 10.14 65.69
CA ALA K 598 33.59 10.15 67.01
C ALA K 598 34.16 11.54 67.32
N SER K 599 33.74 12.10 68.46
CA SER K 599 34.36 13.34 68.93
C SER K 599 35.84 13.14 69.18
N ALA K 600 36.62 14.18 68.93
CA ALA K 600 38.07 14.11 69.10
C ALA K 600 38.46 13.86 70.56
N LYS K 601 37.58 14.18 71.50
CA LYS K 601 37.82 13.89 72.90
C LYS K 601 37.47 12.47 73.27
N ASP K 602 36.75 11.76 72.41
CA ASP K 602 36.46 10.35 72.58
C ASP K 602 37.59 9.46 72.08
N LEU K 603 38.71 10.05 71.66
CA LEU K 603 39.84 9.29 71.15
C LEU K 603 40.78 8.94 72.29
N ASN K 604 41.33 7.73 72.23
CA ASN K 604 42.26 7.24 73.25
C ASN K 604 43.66 7.67 72.85
N ILE K 605 44.27 8.53 73.68
CA ILE K 605 45.57 9.11 73.38
C ILE K 605 46.62 8.28 74.09
N LYS K 606 47.40 7.53 73.30
CA LYS K 606 48.57 6.81 73.82
C LYS K 606 49.53 6.60 72.66
N GLY K 607 50.63 7.34 72.65
CA GLY K 607 51.63 7.18 71.61
C GLY K 607 52.74 6.23 72.02
N ARG K 608 53.16 5.40 71.06
CA ARG K 608 54.23 4.44 71.28
C ARG K 608 55.37 4.62 70.29
N ALA K 609 55.48 5.81 69.69
CA ALA K 609 56.55 6.15 68.77
C ALA K 609 57.48 7.15 69.43
N LEU K 610 58.76 6.78 69.54
CA LEU K 610 59.75 7.61 70.20
C LEU K 610 60.36 8.59 69.20
N ASP K 611 60.15 9.88 69.44
CA ASP K 611 60.67 10.89 68.52
C ASP K 611 62.20 10.86 68.51
N GLU K 612 62.76 11.18 67.35
CA GLU K 612 64.21 11.21 67.18
C GLU K 612 64.59 12.34 66.23
N GLU K 613 65.81 12.84 66.40
CA GLU K 613 66.38 13.85 65.52
C GLU K 613 67.19 13.15 64.43
N VAL K 614 66.99 13.59 63.18
CA VAL K 614 67.67 12.97 62.04
C VAL K 614 69.17 13.24 62.09
N ALA K 615 69.58 14.35 62.69
CA ALA K 615 70.98 14.79 62.61
C ALA K 615 71.95 13.74 63.16
N TYR K 616 71.50 12.89 64.09
CA TYR K 616 72.37 11.83 64.59
C TYR K 616 72.77 10.87 63.48
N TRP K 617 71.82 10.52 62.60
CA TRP K 617 72.16 9.76 61.40
C TRP K 617 73.21 10.50 60.58
N ASN K 618 72.99 11.80 60.33
CA ASN K 618 73.95 12.60 59.58
C ASN K 618 75.28 12.69 60.30
N HIS K 619 75.32 12.45 61.61
CA HIS K 619 76.54 12.47 62.38
C HIS K 619 77.27 11.13 62.35
N SER K 620 77.01 10.33 61.31
CA SER K 620 77.55 8.97 61.19
C SER K 620 77.04 8.07 62.31
N GLU K 621 75.76 8.23 62.65
CA GLU K 621 75.07 7.37 63.61
C GLU K 621 75.76 7.38 64.99
N ARG K 622 76.23 8.56 65.40
CA ARG K 622 76.89 8.70 66.70
C ARG K 622 76.38 9.93 67.44
N PRO K 623 76.21 9.85 68.76
CA PRO K 623 75.99 11.05 69.56
C PRO K 623 77.29 11.80 69.76
N LEU K 624 77.21 12.93 70.46
CA LEU K 624 78.40 13.73 70.76
C LEU K 624 79.12 13.06 71.92
N ILE K 625 80.10 12.23 71.60
CA ILE K 625 80.94 11.55 72.60
C ILE K 625 82.40 11.89 72.29
N VAL K 626 83.08 12.48 73.27
CA VAL K 626 84.47 12.91 73.12
C VAL K 626 85.28 12.37 74.30
N ASN K 627 86.52 11.98 74.01
CA ASN K 627 87.44 11.50 75.05
C ASN K 627 88.26 12.69 75.56
N THR K 628 87.64 13.45 76.46
CA THR K 628 88.32 14.60 77.04
C THR K 628 89.46 14.12 77.93
N PRO K 629 90.62 14.76 77.87
CA PRO K 629 91.71 14.38 78.80
C PRO K 629 91.45 14.81 80.23
N LYS K 630 90.53 15.75 80.48
CA LYS K 630 90.22 16.16 81.84
C LYS K 630 89.21 15.23 82.51
N TYR K 631 88.16 14.81 81.81
CA TYR K 631 87.13 13.95 82.39
C TYR K 631 86.89 12.72 81.52
N GLY K 632 87.97 12.04 81.11
CA GLY K 632 87.86 10.87 80.25
C GLY K 632 86.77 10.93 79.20
N ARG K 633 86.07 9.81 79.01
CA ARG K 633 84.96 9.74 78.07
C ARG K 633 83.74 10.47 78.64
N LYS K 634 83.37 11.58 78.01
CA LYS K 634 82.21 12.35 78.42
C LYS K 634 81.15 12.33 77.33
N VAL K 635 79.89 12.15 77.71
CA VAL K 635 78.76 12.15 76.78
C VAL K 635 78.04 13.47 76.92
N PHE K 636 77.96 14.22 75.83
CA PHE K 636 77.29 15.53 75.82
C PHE K 636 75.86 15.47 75.32
N THR K 637 75.42 14.34 74.78
CA THR K 637 74.05 14.20 74.31
C THR K 637 73.16 13.83 75.48
N GLY K 638 72.09 14.60 75.68
CA GLY K 638 71.18 14.34 76.77
C GLY K 638 70.42 13.04 76.61
N LYS K 639 69.95 12.51 77.74
CA LYS K 639 69.19 11.27 77.72
C LYS K 639 67.91 11.44 76.91
N THR K 640 67.28 12.61 77.02
CA THR K 640 66.06 12.87 76.25
C THR K 640 66.35 12.89 74.75
N HIS K 641 67.57 13.26 74.37
CA HIS K 641 67.95 13.39 72.97
C HIS K 641 68.58 12.13 72.39
N MET K 642 68.59 11.03 73.13
CA MET K 642 69.41 9.89 72.73
C MET K 642 68.82 9.19 71.53
N PRO K 643 69.60 8.97 70.46
CA PRO K 643 69.10 8.21 69.31
C PRO K 643 69.30 6.71 69.44
N SER K 644 68.86 5.96 68.45
CA SER K 644 69.01 4.52 68.37
C SER K 644 69.52 4.16 66.99
N PRO K 645 70.13 2.98 66.82
CA PRO K 645 70.64 2.57 65.50
C PRO K 645 69.53 2.51 64.44
N THR K 646 69.88 2.95 63.21
CA THR K 646 68.98 2.94 62.07
C THR K 646 69.30 1.76 61.16
N LYS K 647 68.35 0.81 61.10
CA LYS K 647 68.42 -0.43 60.30
C LYS K 647 67.39 -0.42 59.17
N VAL K 648 66.17 0.05 59.41
CA VAL K 648 65.20 0.20 58.31
C VAL K 648 64.73 1.66 58.30
N LEU K 649 64.56 2.23 57.12
CA LEU K 649 64.26 3.64 56.95
C LEU K 649 63.17 3.79 55.90
N TRP K 650 62.18 4.64 56.19
CA TRP K 650 61.12 4.94 55.24
C TRP K 650 60.71 6.41 55.41
N PHE K 651 60.68 7.15 54.31
CA PHE K 651 60.42 8.58 54.29
C PHE K 651 59.53 8.88 53.08
N THR K 652 58.60 9.82 53.26
CA THR K 652 57.60 10.07 52.23
C THR K 652 57.68 11.42 51.52
N ASN K 653 57.68 12.54 52.20
CA ASN K 653 57.60 13.81 51.41
C ASN K 653 58.94 14.51 51.40
N VAL K 654 60.02 13.77 51.34
CA VAL K 654 61.34 14.44 51.41
C VAL K 654 62.30 13.72 50.48
N ASN K 655 63.32 14.42 50.03
CA ASN K 655 64.42 13.84 49.23
C ASN K 655 65.56 13.76 50.22
N LEU K 656 65.33 13.02 51.26
CA LEU K 656 66.18 13.00 52.45
C LEU K 656 67.63 12.71 52.10
N ILE K 657 67.90 11.65 51.34
CA ILE K 657 69.28 11.27 51.09
C ILE K 657 69.96 12.28 50.17
N ASN K 658 69.28 12.67 49.08
CA ASN K 658 69.86 13.64 48.16
C ASN K 658 70.16 14.95 48.88
N ASN K 659 69.25 15.41 49.72
CA ASN K 659 69.42 16.67 50.42
C ASN K 659 70.17 16.52 51.73
N ALA K 660 70.63 15.31 52.07
CA ALA K 660 71.40 15.11 53.29
C ALA K 660 72.71 15.89 53.23
N LYS K 661 73.14 16.40 54.39
CA LYS K 661 74.22 17.36 54.46
C LYS K 661 75.62 16.76 54.48
N HIS K 662 75.76 15.45 54.46
CA HIS K 662 77.06 14.80 54.29
C HIS K 662 76.89 13.60 53.38
N VAL K 663 76.20 13.81 52.25
CA VAL K 663 75.60 12.68 51.53
C VAL K 663 76.65 11.68 51.05
N TYR K 664 77.79 12.16 50.56
CA TYR K 664 78.74 11.17 50.07
C TYR K 664 79.38 10.39 51.23
N GLN K 665 79.49 11.01 52.40
CA GLN K 665 79.79 10.25 53.61
C GLN K 665 78.62 9.32 53.95
N MET K 666 77.39 9.81 53.78
CA MET K 666 76.21 9.00 54.08
C MET K 666 76.11 7.81 53.13
N LEU K 667 76.37 8.03 51.84
CA LEU K 667 76.25 6.98 50.85
C LEU K 667 77.36 5.95 50.94
N LYS K 668 78.58 6.37 51.28
CA LYS K 668 79.74 5.48 51.24
C LYS K 668 79.94 4.71 52.54
N ASN K 669 79.75 5.35 53.68
CA ASN K 669 80.15 4.76 54.96
C ASN K 669 79.02 4.59 55.96
N VAL K 670 77.87 5.22 55.77
CA VAL K 670 76.76 5.16 56.74
C VAL K 670 75.64 4.25 56.25
N ASN K 671 75.09 4.53 55.06
CA ASN K 671 73.91 3.84 54.54
C ASN K 671 74.13 2.36 54.22
N PRO K 672 75.35 1.89 53.85
CA PRO K 672 75.55 0.45 53.66
C PRO K 672 75.16 -0.41 54.86
N ASN K 673 75.16 0.17 56.06
CA ASN K 673 74.71 -0.57 57.24
C ASN K 673 73.21 -0.47 57.46
N ILE K 674 72.51 0.42 56.76
CA ILE K 674 71.06 0.46 56.83
C ILE K 674 70.52 -0.61 55.88
N GLU K 675 69.76 -1.55 56.43
CA GLU K 675 69.39 -2.76 55.70
C GLU K 675 68.14 -2.60 54.84
N GLN K 676 67.37 -1.53 55.02
CA GLN K 676 66.25 -1.25 54.15
C GLN K 676 66.02 0.25 54.10
N ILE K 677 66.06 0.81 52.89
CA ILE K 677 65.79 2.22 52.66
C ILE K 677 64.62 2.31 51.70
N MET K 678 63.62 3.11 52.05
CA MET K 678 62.38 3.17 51.29
C MET K 678 61.98 4.62 51.10
N SER K 679 61.42 4.91 49.92
CA SER K 679 61.00 6.27 49.61
C SER K 679 59.67 6.26 48.85
N THR K 680 58.72 7.04 49.33
CA THR K 680 57.52 7.38 48.59
C THR K 680 57.74 8.75 47.95
N ASP K 681 57.46 8.87 46.66
CA ASP K 681 57.74 10.12 45.97
C ASP K 681 56.95 10.15 44.66
N ILE K 682 57.08 11.26 43.94
CA ILE K 682 56.43 11.43 42.65
C ILE K 682 57.41 11.46 41.49
N GLU K 683 58.71 11.62 41.77
CA GLU K 683 59.73 11.59 40.73
C GLU K 683 60.90 10.75 41.23
N ILE K 684 61.71 10.28 40.29
CA ILE K 684 62.93 9.57 40.66
C ILE K 684 63.97 10.65 40.98
N THR K 685 64.38 10.73 42.25
CA THR K 685 65.01 11.93 42.78
C THR K 685 66.51 11.82 43.01
N GLY K 686 67.07 10.62 43.06
CA GLY K 686 68.45 10.43 43.44
C GLY K 686 68.62 9.92 44.86
N SER K 687 67.68 10.21 45.74
CA SER K 687 67.55 9.42 46.96
C SER K 687 66.95 8.07 46.60
N ILE K 688 66.11 8.07 45.56
CA ILE K 688 65.56 6.85 44.98
C ILE K 688 66.67 6.07 44.26
N GLU K 689 67.66 6.78 43.72
CA GLU K 689 68.79 6.12 43.08
C GLU K 689 69.63 5.33 44.09
N TYR K 690 69.64 5.73 45.35
CA TYR K 690 70.39 5.06 46.40
C TYR K 690 69.47 4.47 47.47
N ALA K 691 68.27 4.05 47.08
CA ALA K 691 67.31 3.45 47.99
C ALA K 691 67.03 2.02 47.55
N ASP K 692 66.23 1.31 48.36
CA ASP K 692 65.85 -0.06 48.09
C ASP K 692 64.42 -0.19 47.59
N PHE K 693 63.54 0.73 47.96
CA PHE K 693 62.16 0.74 47.49
C PHE K 693 61.78 2.14 47.02
N ALA K 694 60.82 2.18 46.11
CA ALA K 694 60.27 3.44 45.61
C ALA K 694 58.77 3.26 45.39
N PHE K 695 57.98 4.18 45.91
CA PHE K 695 56.52 4.11 45.82
C PHE K 695 55.98 5.35 45.12
N PRO K 696 55.43 5.23 43.91
CA PRO K 696 54.92 6.41 43.20
C PRO K 696 53.63 6.90 43.84
N ALA K 697 53.65 8.15 44.30
CA ALA K 697 52.49 8.78 44.91
C ALA K 697 51.82 9.73 43.92
N ASN K 698 50.59 10.10 44.24
CA ASN K 698 49.85 11.07 43.45
C ASN K 698 50.32 12.47 43.79
N SER K 699 50.54 13.29 42.75
CA SER K 699 50.90 14.68 42.96
C SER K 699 49.69 15.47 43.46
N TRP K 700 49.91 16.76 43.75
CA TRP K 700 48.85 17.57 44.34
C TRP K 700 47.65 17.71 43.41
N VAL K 701 47.85 17.52 42.10
CA VAL K 701 46.76 17.62 41.15
C VAL K 701 46.14 16.26 40.82
N GLU K 702 46.70 15.17 41.34
CA GLU K 702 46.14 13.84 41.10
C GLU K 702 45.67 13.18 42.40
N PHE K 703 45.17 13.96 43.35
CA PHE K 703 44.76 13.42 44.64
C PHE K 703 43.37 12.81 44.51
N GLN K 704 43.28 11.49 44.66
CA GLN K 704 41.99 10.82 44.74
C GLN K 704 41.41 10.81 46.15
N GLU K 705 41.92 11.67 47.03
CA GLU K 705 41.40 11.78 48.39
C GLU K 705 41.79 13.16 48.93
N PHE K 706 41.02 13.62 49.91
CA PHE K 706 41.18 14.97 50.42
C PHE K 706 42.42 15.08 51.30
N GLU K 707 42.96 16.30 51.39
CA GLU K 707 44.16 16.58 52.16
C GLU K 707 44.05 17.94 52.82
N ILE K 708 44.63 18.06 54.01
CA ILE K 708 44.54 19.25 54.85
C ILE K 708 45.94 19.84 55.03
N THR K 709 46.03 21.17 55.02
CA THR K 709 47.31 21.83 55.27
C THR K 709 47.09 23.20 55.90
N ASN K 710 48.15 23.71 56.52
CA ASN K 710 48.20 25.04 57.10
C ASN K 710 49.56 25.64 56.78
N SER K 711 49.76 26.88 57.23
CA SER K 711 51.04 27.55 57.06
C SER K 711 51.36 28.34 58.31
N CYS K 712 52.62 28.73 58.43
CA CYS K 712 53.09 29.59 59.51
C CYS K 712 53.26 31.03 59.08
N SER K 713 53.08 31.32 57.79
CA SER K 713 53.16 32.66 57.25
C SER K 713 51.80 33.25 56.89
N ASN K 714 50.73 32.47 57.01
CA ASN K 714 49.39 32.96 56.69
C ASN K 714 48.39 32.19 57.54
N PRO K 715 47.20 32.76 57.76
CA PRO K 715 46.20 32.07 58.59
C PRO K 715 45.30 31.13 57.79
N PHE K 716 45.72 30.77 56.59
CA PHE K 716 44.84 30.10 55.63
C PHE K 716 44.84 28.59 55.82
N ILE K 717 43.66 28.00 55.69
CA ILE K 717 43.45 26.55 55.71
C ILE K 717 43.16 26.11 54.29
N GLN K 718 43.79 25.03 53.84
CA GLN K 718 43.59 24.52 52.49
C GLN K 718 43.18 23.06 52.55
N ILE K 719 42.02 22.73 51.97
CA ILE K 719 41.59 21.35 51.79
C ILE K 719 41.32 21.13 50.31
N TRP K 720 41.98 20.13 49.71
CA TRP K 720 41.86 19.88 48.28
C TRP K 720 42.00 18.38 48.02
N GLY K 721 41.49 17.97 46.88
CA GLY K 721 41.59 16.59 46.42
C GLY K 721 40.42 16.25 45.52
N LYS K 722 40.55 15.12 44.82
CA LYS K 722 39.55 14.53 43.93
C LYS K 722 39.03 15.45 42.85
N THR K 723 39.59 16.65 42.71
CA THR K 723 39.06 17.59 41.75
C THR K 723 39.97 17.84 40.55
N GLY K 724 41.13 17.21 40.50
CA GLY K 724 42.12 17.44 39.45
C GLY K 724 42.04 16.44 38.32
N ILE K 725 43.21 15.95 37.88
CA ILE K 725 43.29 14.99 36.80
C ILE K 725 43.46 13.60 37.36
N THR K 726 43.16 12.60 36.54
CA THR K 726 43.40 11.22 36.94
C THR K 726 44.90 10.95 36.97
N PRO K 727 45.36 10.03 37.82
CA PRO K 727 46.79 9.75 37.90
C PRO K 727 47.38 9.40 36.54
N VAL K 728 48.47 10.07 36.19
CA VAL K 728 49.08 9.88 34.88
C VAL K 728 49.64 8.46 34.76
N TYR K 729 50.22 7.95 35.84
CA TYR K 729 50.76 6.59 35.85
C TYR K 729 50.21 5.80 37.03
N GLU K 730 50.80 4.63 37.30
CA GLU K 730 50.33 3.73 38.35
C GLU K 730 50.72 4.30 39.71
N SER K 731 49.95 5.31 40.14
CA SER K 731 50.22 6.02 41.38
C SER K 731 49.07 5.81 42.36
N LYS K 732 49.40 5.95 43.64
CA LYS K 732 48.42 5.84 44.71
C LYS K 732 48.54 7.07 45.60
N ASP K 733 47.50 7.32 46.38
CA ASP K 733 47.56 8.39 47.37
C ASP K 733 48.44 7.96 48.54
N ASP K 734 49.12 8.93 49.14
CA ASP K 734 50.08 8.62 50.19
C ASP K 734 49.43 7.90 51.37
N VAL K 735 48.21 8.32 51.74
CA VAL K 735 47.52 7.62 52.83
C VAL K 735 47.23 6.18 52.43
N LYS K 736 46.96 5.92 51.15
CA LYS K 736 46.71 4.56 50.70
C LYS K 736 47.99 3.74 50.63
N ILE K 737 49.12 4.38 50.36
CA ILE K 737 50.40 3.68 50.42
C ILE K 737 50.71 3.27 51.85
N LEU K 738 50.45 4.17 52.82
CA LEU K 738 50.62 3.83 54.22
C LEU K 738 49.65 2.72 54.64
N ALA K 739 48.39 2.82 54.22
CA ALA K 739 47.40 1.81 54.58
C ALA K 739 47.72 0.47 53.95
N GLY K 740 48.10 0.48 52.66
CA GLY K 740 48.49 -0.77 52.01
C GLY K 740 49.70 -1.40 52.66
N MET K 741 50.64 -0.58 53.14
CA MET K 741 51.80 -1.10 53.85
C MET K 741 51.38 -1.71 55.18
N ALA K 742 50.46 -1.06 55.90
CA ALA K 742 50.01 -1.58 57.17
C ALA K 742 49.18 -2.85 57.00
N SER K 743 48.35 -2.90 55.95
CA SER K 743 47.51 -4.07 55.74
C SER K 743 48.34 -5.30 55.46
N LYS K 744 49.43 -5.15 54.70
CA LYS K 744 50.30 -6.30 54.42
C LYS K 744 51.02 -6.76 55.68
N LEU K 745 51.37 -5.85 56.58
CA LEU K 745 51.91 -6.25 57.87
C LEU K 745 50.89 -7.06 58.66
N GLY K 746 49.62 -6.66 58.60
CA GLY K 746 48.58 -7.42 59.27
C GLY K 746 48.28 -8.74 58.59
N GLU K 747 48.39 -8.78 57.26
CA GLU K 747 48.17 -10.03 56.54
C GLU K 747 49.25 -11.05 56.85
N LEU K 748 50.51 -10.61 56.96
CA LEU K 748 51.60 -11.51 57.28
C LEU K 748 51.59 -11.93 58.75
N LEU K 749 51.11 -11.06 59.64
CA LEU K 749 51.09 -11.35 61.06
C LEU K 749 49.74 -11.85 61.54
N ARG K 750 48.79 -12.06 60.62
CA ARG K 750 47.44 -12.53 60.97
C ARG K 750 46.84 -11.69 62.08
N ASP K 751 46.97 -10.38 61.94
CA ASP K 751 46.49 -9.42 62.93
C ASP K 751 45.64 -8.37 62.23
N LYS K 752 44.47 -8.09 62.80
CA LYS K 752 43.55 -7.12 62.23
C LYS K 752 43.80 -5.71 62.77
N ARG K 753 44.25 -5.59 64.02
CA ARG K 753 44.53 -4.28 64.61
C ARG K 753 45.42 -3.39 63.73
N PHE K 754 46.10 -3.95 62.73
CA PHE K 754 46.83 -3.12 61.79
C PHE K 754 45.86 -2.33 60.91
N GLU K 755 44.90 -3.02 60.30
CA GLU K 755 43.91 -2.37 59.46
C GLU K 755 42.93 -1.51 60.26
N ASP K 756 42.75 -1.84 61.54
CA ASP K 756 41.87 -1.03 62.37
C ASP K 756 42.36 0.39 62.44
N ASN K 757 43.68 0.56 62.52
CA ASN K 757 44.15 1.92 62.56
C ASN K 757 43.90 2.62 61.23
N TRP K 758 43.87 1.90 60.11
CA TRP K 758 43.73 2.59 58.83
C TRP K 758 42.36 2.33 58.21
N LYS K 759 41.35 2.12 59.07
CA LYS K 759 40.01 1.76 58.62
C LYS K 759 39.43 2.83 57.69
N PHE K 760 39.37 4.08 58.15
CA PHE K 760 38.76 5.12 57.34
C PHE K 760 39.64 5.51 56.16
N ALA K 761 40.95 5.28 56.25
CA ALA K 761 41.82 5.49 55.10
C ALA K 761 41.53 4.47 54.01
N ILE K 762 41.41 3.20 54.38
CA ILE K 762 41.15 2.14 53.41
C ILE K 762 39.78 2.32 52.78
N GLU K 763 38.77 2.67 53.59
CA GLU K 763 37.39 2.78 53.12
C GLU K 763 37.13 3.98 52.24
N GLY K 764 38.12 4.83 52.03
CA GLY K 764 37.93 6.04 51.22
C GLY K 764 37.34 7.22 51.97
N ARG K 765 37.56 7.30 53.28
CA ARG K 765 36.98 8.39 54.10
C ARG K 765 38.07 9.04 54.97
N ALA K 766 39.01 9.76 54.41
CA ALA K 766 40.04 10.40 55.25
C ALA K 766 39.48 11.65 55.92
N SER K 767 38.37 12.16 55.44
CA SER K 767 37.69 13.30 56.04
C SER K 767 37.37 13.01 57.51
N VAL K 768 37.17 11.73 57.84
CA VAL K 768 36.97 11.35 59.23
C VAL K 768 38.15 11.76 60.09
N TYR K 769 39.36 11.39 59.67
CA TYR K 769 40.55 11.78 60.41
C TYR K 769 40.76 13.29 60.38
N ILE K 770 40.44 13.93 59.23
CA ILE K 770 40.57 15.37 59.12
C ILE K 770 39.64 16.06 60.10
N ASN K 771 38.40 15.58 60.20
CA ASN K 771 37.46 16.15 61.15
C ASN K 771 37.94 15.94 62.59
N ARG K 772 38.55 14.79 62.87
CA ARG K 772 39.13 14.55 64.19
C ARG K 772 40.30 15.46 64.47
N LEU K 773 40.91 16.05 63.44
CA LEU K 773 41.96 17.03 63.61
C LEU K 773 41.41 18.45 63.70
N LEU K 774 40.42 18.78 62.87
CA LEU K 774 39.76 20.08 62.96
C LEU K 774 39.11 20.25 64.33
N ASP K 775 38.16 19.38 64.65
CA ASP K 775 37.64 19.32 66.01
C ASP K 775 38.76 18.83 66.93
N GLY K 776 38.93 19.52 68.05
CA GLY K 776 40.02 19.21 68.96
C GLY K 776 41.27 20.07 68.80
N SER K 777 41.22 21.11 67.98
CA SER K 777 42.36 21.99 67.75
C SER K 777 41.99 23.43 68.13
N THR K 778 42.94 24.12 68.76
CA THR K 778 42.70 25.48 69.22
C THR K 778 42.26 26.39 68.09
N THR K 779 42.84 26.22 66.91
CA THR K 779 42.57 27.08 65.77
C THR K 779 41.46 26.56 64.86
N MET K 780 40.95 25.35 65.09
CA MET K 780 40.05 24.76 64.11
C MET K 780 38.82 24.06 64.68
N LYS K 781 38.60 24.05 65.99
CA LYS K 781 37.38 23.48 66.52
C LYS K 781 36.17 24.28 66.02
N GLY K 782 35.19 23.58 65.47
CA GLY K 782 34.06 24.19 64.81
C GLY K 782 34.05 24.00 63.32
N TYR K 783 35.21 23.78 62.71
CA TYR K 783 35.30 23.53 61.28
C TYR K 783 35.12 22.05 60.99
N THR K 784 34.42 21.74 59.89
CA THR K 784 34.29 20.38 59.40
C THR K 784 34.85 20.35 57.98
N CYS K 785 35.47 19.22 57.63
CA CYS K 785 36.06 19.08 56.31
C CYS K 785 35.02 19.29 55.22
N GLU K 786 33.81 18.79 55.43
CA GLU K 786 32.74 18.95 54.45
C GLU K 786 32.40 20.41 54.22
N ASP K 787 32.21 21.18 55.30
CA ASP K 787 31.78 22.57 55.17
C ASP K 787 32.81 23.40 54.41
N ILE K 788 34.09 23.20 54.73
CA ILE K 788 35.15 23.95 54.05
C ILE K 788 35.16 23.60 52.56
N LEU K 789 35.02 22.31 52.23
CA LEU K 789 35.05 21.88 50.84
C LEU K 789 33.85 22.41 50.05
N ASN K 790 32.76 22.74 50.73
CA ASN K 790 31.54 23.13 50.03
C ASN K 790 31.40 24.64 49.93
N GLY K 791 32.34 25.42 50.44
CA GLY K 791 32.30 26.86 50.31
C GLY K 791 31.60 27.58 51.45
N LYS K 792 31.45 26.93 52.60
CA LYS K 792 30.75 27.54 53.73
C LYS K 792 31.40 28.84 54.17
N TYR K 793 32.73 28.93 54.06
CA TYR K 793 33.49 30.07 54.54
C TYR K 793 34.16 30.84 53.40
N GLY K 794 33.49 30.91 52.25
CA GLY K 794 34.01 31.65 51.11
C GLY K 794 34.40 30.77 49.95
N GLU K 795 35.70 30.68 49.68
CA GLU K 795 36.18 29.85 48.59
C GLU K 795 35.87 28.38 48.90
N PRO K 796 35.55 27.57 47.88
CA PRO K 796 35.11 26.19 48.15
C PRO K 796 36.21 25.25 48.64
N GLY K 797 37.36 25.76 49.07
CA GLY K 797 38.34 24.85 49.63
C GLY K 797 39.14 25.37 50.81
N VAL K 798 38.83 26.56 51.30
CA VAL K 798 39.69 27.22 52.28
C VAL K 798 38.88 27.82 53.41
N ALA K 799 39.52 27.90 54.57
CA ALA K 799 39.01 28.60 55.75
C ALA K 799 40.19 29.30 56.41
N MET K 800 39.92 29.99 57.51
CA MET K 800 40.94 30.73 58.24
C MET K 800 41.11 30.16 59.64
N LEU K 801 42.35 29.88 60.02
CA LEU K 801 42.63 29.33 61.34
C LEU K 801 42.20 30.30 62.42
N LEU K 802 41.81 29.76 63.57
CA LEU K 802 41.28 30.57 64.66
C LEU K 802 42.43 30.80 65.62
N PHE K 803 43.28 31.77 65.28
CA PHE K 803 44.25 32.32 66.19
C PHE K 803 43.57 33.34 67.08
N ARG K 804 44.36 34.01 67.91
CA ARG K 804 43.76 35.04 68.75
C ARG K 804 43.45 36.29 67.92
N THR K 805 44.31 36.63 66.95
CA THR K 805 44.14 37.83 66.14
C THR K 805 44.43 37.55 64.66
N TYR K 806 43.89 38.42 63.81
CA TYR K 806 44.30 38.56 62.42
C TYR K 806 44.94 39.93 62.29
N PRO K 807 46.25 40.05 62.00
CA PRO K 807 47.30 39.04 61.78
C PRO K 807 47.74 38.37 63.07
N ARG K 808 47.96 37.06 63.01
CA ARG K 808 48.47 36.35 64.18
C ARG K 808 49.84 36.90 64.53
N HIS K 809 49.95 37.49 65.72
CA HIS K 809 51.20 38.05 66.21
C HIS K 809 51.59 37.35 67.50
N PRO K 810 52.79 36.78 67.60
CA PRO K 810 53.17 36.06 68.81
C PRO K 810 53.32 37.02 69.99
N PHE K 811 52.89 36.55 71.16
CA PHE K 811 53.03 37.25 72.43
C PHE K 811 52.11 38.46 72.54
N TRP K 812 51.08 38.55 71.69
CA TRP K 812 50.11 39.63 71.81
C TRP K 812 49.31 39.52 73.12
N GLU K 813 48.76 38.33 73.39
CA GLU K 813 47.99 38.12 74.61
C GLU K 813 48.84 38.20 75.87
N GLN K 814 50.15 38.13 75.75
CA GLN K 814 51.03 38.15 76.92
C GLN K 814 51.41 39.56 77.34
N VAL K 815 51.48 40.50 76.39
CA VAL K 815 51.79 41.88 76.73
C VAL K 815 50.51 42.68 76.98
N HIS K 816 49.45 42.41 76.23
CA HIS K 816 48.22 43.18 76.36
C HIS K 816 47.35 42.70 77.52
N GLU K 817 47.44 41.41 77.88
CA GLU K 817 46.67 40.85 78.97
C GLU K 817 47.54 40.42 80.15
N SER K 818 48.83 40.69 80.10
CA SER K 818 49.77 40.43 81.20
C SER K 818 49.83 38.93 81.53
N LEU K 819 50.15 38.14 80.51
CA LEU K 819 50.35 36.72 80.66
C LEU K 819 51.82 36.36 80.56
N PRO K 820 52.28 35.35 81.29
CA PRO K 820 53.70 35.00 81.26
C PRO K 820 54.08 34.26 80.00
N PHE K 821 55.35 34.38 79.62
CA PHE K 821 55.90 33.63 78.51
C PHE K 821 56.17 32.20 78.97
N TYR K 822 56.75 31.40 78.07
CA TYR K 822 56.97 29.97 78.34
C TYR K 822 58.40 29.69 78.78
N THR K 823 58.97 30.58 79.57
CA THR K 823 60.29 30.44 80.15
C THR K 823 60.18 30.01 81.61
N PRO K 824 61.30 29.62 82.23
CA PRO K 824 61.27 29.41 83.69
C PRO K 824 60.86 30.66 84.46
N THR K 825 61.18 31.86 83.97
CA THR K 825 60.78 33.08 84.63
C THR K 825 59.46 33.63 84.11
N GLY K 826 58.92 33.07 83.03
CA GLY K 826 57.74 33.67 82.42
C GLY K 826 58.02 35.00 81.75
N ARG K 827 59.27 35.28 81.45
CA ARG K 827 59.68 36.57 80.91
C ARG K 827 60.65 36.37 79.76
N LEU K 828 60.80 37.41 78.95
CA LEU K 828 61.81 37.38 77.89
C LEU K 828 63.17 37.33 78.55
N GLN K 829 63.94 36.28 78.27
CA GLN K 829 65.18 36.04 78.99
C GLN K 829 66.38 36.46 78.15
N ALA K 830 67.25 37.27 78.76
CA ALA K 830 68.56 37.56 78.23
C ALA K 830 69.63 36.81 79.00
N TYR K 831 69.23 35.83 79.81
CA TYR K 831 70.14 35.08 80.64
C TYR K 831 69.57 33.68 80.87
N ASN K 832 70.46 32.70 80.92
CA ASN K 832 70.07 31.31 81.17
C ASN K 832 71.02 30.71 82.20
N ASP K 833 70.45 30.19 83.29
CA ASP K 833 71.24 29.73 84.43
C ASP K 833 71.33 28.20 84.51
N GLU K 834 70.84 27.48 83.51
CA GLU K 834 70.88 26.03 83.55
C GLU K 834 72.32 25.55 83.68
N PRO K 835 72.58 24.46 84.43
CA PRO K 835 73.97 24.07 84.72
C PRO K 835 74.82 23.83 83.49
N GLU K 836 74.30 23.13 82.48
CA GLU K 836 75.10 22.84 81.30
C GLU K 836 75.46 24.13 80.56
N ILE K 837 74.56 25.10 80.54
CA ILE K 837 74.81 26.35 79.82
C ILE K 837 75.95 27.13 80.46
N ILE K 838 76.01 27.13 81.79
CA ILE K 838 77.10 27.84 82.47
C ILE K 838 78.42 27.10 82.26
N GLU K 839 78.38 25.76 82.26
CA GLU K 839 79.58 24.99 81.95
C GLU K 839 80.04 25.22 80.52
N TYR K 840 79.12 25.50 79.61
CA TYR K 840 79.48 25.77 78.22
C TYR K 840 79.94 27.20 77.99
N GLY K 841 79.69 28.09 78.94
CA GLY K 841 80.13 29.48 78.80
C GLY K 841 79.18 30.38 78.05
N GLU K 842 77.91 30.00 77.93
CA GLU K 842 76.92 30.76 77.18
C GLU K 842 75.74 31.16 78.05
N ASN K 843 75.95 31.26 79.37
CA ASN K 843 74.89 31.77 80.25
C ASN K 843 74.48 33.19 79.86
N PHE K 844 75.45 34.02 79.52
CA PHE K 844 75.21 35.32 78.92
C PHE K 844 75.17 35.15 77.40
N ILE K 845 74.54 36.12 76.72
CA ILE K 845 74.59 36.14 75.26
C ILE K 845 75.97 36.62 74.83
N VAL K 846 76.79 35.69 74.34
CA VAL K 846 78.17 35.96 73.99
C VAL K 846 78.35 35.75 72.49
N HIS K 847 79.30 36.48 71.91
CA HIS K 847 79.74 36.19 70.55
C HIS K 847 80.88 35.19 70.62
N ARG K 848 80.80 34.14 69.83
CA ARG K 848 81.86 33.14 69.74
C ARG K 848 82.12 32.76 68.28
N GLU K 849 83.38 32.50 67.96
CA GLU K 849 83.74 32.14 66.60
C GLU K 849 83.29 30.72 66.31
N GLY K 850 83.05 30.45 65.04
CA GLY K 850 82.58 29.14 64.64
C GLY K 850 83.66 28.08 64.80
N PRO K 851 83.23 26.84 65.02
CA PRO K 851 84.20 25.73 65.09
C PRO K 851 84.91 25.48 63.77
N GLU K 852 84.35 25.92 62.65
CA GLU K 852 85.06 25.88 61.38
C GLU K 852 84.97 27.16 60.56
N ALA K 853 83.93 27.98 60.73
CA ALA K 853 83.69 29.14 59.88
C ALA K 853 84.28 30.42 60.48
N THR K 854 85.59 30.39 60.71
CA THR K 854 86.26 31.56 61.28
C THR K 854 87.72 31.54 60.86
N PRO K 855 88.35 32.71 60.70
CA PRO K 855 89.80 32.75 60.52
C PRO K 855 90.58 32.57 61.81
N TYR K 856 89.92 32.70 62.95
CA TYR K 856 90.53 32.68 64.27
C TYR K 856 90.38 31.30 64.92
N LEU K 857 90.74 31.21 66.19
CA LEU K 857 90.65 29.95 66.92
C LEU K 857 89.21 29.44 66.89
N PRO K 858 88.97 28.20 66.47
CA PRO K 858 87.61 27.68 66.39
C PRO K 858 86.94 27.63 67.77
N ASN K 859 85.69 28.10 67.83
CA ASN K 859 84.84 27.98 69.01
C ASN K 859 85.41 28.74 70.21
N ALA K 860 86.08 29.86 69.95
CA ALA K 860 86.62 30.67 71.03
C ALA K 860 85.54 31.60 71.60
N ILE K 861 85.56 31.80 72.90
CA ILE K 861 84.61 32.69 73.58
C ILE K 861 85.27 34.06 73.69
N VAL K 862 84.73 35.03 72.96
CA VAL K 862 85.29 36.37 72.92
C VAL K 862 84.64 37.17 74.05
N SER K 863 85.32 37.24 75.19
CA SER K 863 84.85 38.01 76.33
C SER K 863 85.94 38.05 77.39
N THR K 864 85.86 39.08 78.25
CA THR K 864 86.68 39.17 79.45
C THR K 864 85.82 39.17 80.71
N ASN K 865 84.52 38.93 80.58
CA ASN K 865 83.61 38.95 81.70
C ASN K 865 84.06 37.94 82.75
N PRO K 866 84.36 38.37 83.99
CA PRO K 866 84.69 37.39 85.03
C PRO K 866 83.51 36.55 85.44
N TYR K 867 82.32 36.83 84.93
CA TYR K 867 81.12 36.06 85.21
C TYR K 867 80.86 35.01 84.14
N ILE K 868 81.72 34.93 83.13
CA ILE K 868 81.77 33.80 82.21
C ILE K 868 82.88 32.90 82.74
N ARG K 869 82.50 31.73 83.24
CA ARG K 869 83.46 30.80 83.85
C ARG K 869 83.23 29.41 83.25
N PRO K 870 83.65 29.22 82.01
CA PRO K 870 83.38 27.96 81.30
C PRO K 870 84.37 26.87 81.69
N ASP K 871 84.14 25.69 81.12
CA ASP K 871 84.99 24.52 81.33
C ASP K 871 85.73 24.23 80.03
N ASP K 872 87.05 24.12 80.12
CA ASP K 872 87.88 23.84 78.96
C ASP K 872 87.83 22.37 78.55
N TYR K 873 87.51 21.47 79.49
CA TYR K 873 87.60 20.02 79.32
C TYR K 873 89.02 19.59 78.97
N GLY K 874 90.00 20.47 79.16
CA GLY K 874 91.41 20.20 78.93
C GLY K 874 91.85 19.90 77.52
N ILE K 875 91.23 20.50 76.52
CA ILE K 875 91.56 20.24 75.12
C ILE K 875 92.44 21.38 74.61
N PRO K 876 93.62 21.09 74.06
CA PRO K 876 94.51 22.17 73.62
C PRO K 876 93.96 22.90 72.42
N GLU K 877 94.49 24.11 72.20
CA GLU K 877 94.02 24.97 71.12
C GLU K 877 94.50 24.52 69.76
N ASN K 878 95.43 23.58 69.68
CA ASN K 878 95.85 23.02 68.39
C ASN K 878 94.87 21.98 67.86
N ALA K 879 93.89 21.57 68.67
CA ALA K 879 93.01 20.46 68.32
C ALA K 879 92.30 20.68 66.99
N GLU K 880 92.41 19.71 66.09
CA GLU K 880 91.80 19.78 64.77
C GLU K 880 90.62 18.85 64.58
N TYR K 881 90.42 17.86 65.46
CA TYR K 881 89.29 16.97 65.33
C TYR K 881 87.99 17.71 65.62
N TRP K 882 86.98 17.45 64.77
CA TRP K 882 85.76 18.26 64.81
C TRP K 882 85.03 18.11 66.15
N GLU K 883 85.02 16.89 66.70
CA GLU K 883 84.38 16.70 67.99
C GLU K 883 85.14 17.39 69.10
N ASP K 884 86.46 17.54 68.96
CA ASP K 884 87.24 18.26 69.95
C ASP K 884 86.92 19.76 69.90
N ARG K 885 86.89 20.34 68.70
CA ARG K 885 86.58 21.76 68.56
C ARG K 885 85.15 22.08 68.94
N THR K 886 84.25 21.09 68.86
CA THR K 886 82.85 21.32 69.19
C THR K 886 82.69 21.73 70.66
N VAL K 887 83.55 21.21 71.53
CA VAL K 887 83.37 21.35 72.97
C VAL K 887 84.46 22.19 73.63
N ARG K 888 85.36 22.79 72.85
CA ARG K 888 86.38 23.65 73.43
C ARG K 888 85.74 24.99 73.78
N ASN K 889 85.39 25.15 75.06
CA ASN K 889 84.78 26.39 75.55
C ASN K 889 85.87 27.17 76.26
N ILE K 890 86.65 27.91 75.47
CA ILE K 890 87.78 28.69 75.95
C ILE K 890 87.39 30.15 75.89
N LYS K 891 87.39 30.83 77.03
CA LYS K 891 87.18 32.26 77.03
C LYS K 891 88.51 32.94 76.71
N LYS K 892 88.46 33.95 75.86
CA LYS K 892 89.65 34.63 75.37
C LYS K 892 89.22 36.02 74.95
N SER K 893 90.03 37.02 75.24
CA SER K 893 89.66 38.40 74.92
C SER K 893 89.80 38.68 73.42
N TRP K 894 89.13 39.74 72.96
CA TRP K 894 89.12 40.04 71.52
C TRP K 894 90.52 40.43 70.99
N GLU K 895 91.32 41.21 71.75
CA GLU K 895 92.76 41.31 71.43
C GLU K 895 93.50 39.99 71.41
N GLU K 896 93.23 39.14 72.36
CA GLU K 896 93.96 37.89 72.31
C GLU K 896 93.44 37.01 71.18
N THR K 897 92.15 37.12 70.91
CA THR K 897 91.50 36.29 69.89
C THR K 897 92.00 36.62 68.49
N LYS K 898 92.25 37.90 68.20
CA LYS K 898 92.67 38.31 66.86
C LYS K 898 94.03 37.72 66.48
N LYS K 899 94.84 37.35 67.47
CA LYS K 899 96.15 36.78 67.21
C LYS K 899 96.10 35.26 67.04
N THR K 900 94.94 34.63 67.23
CA THR K 900 94.87 33.19 67.06
C THR K 900 94.78 32.90 65.56
N LYS K 901 94.50 31.64 65.19
CA LYS K 901 94.51 31.24 63.78
C LYS K 901 93.85 29.88 63.59
N ASN K 902 92.88 29.82 62.68
CA ASN K 902 92.28 28.54 62.31
C ASN K 902 93.22 27.75 61.41
N PHE K 903 93.35 26.45 61.70
CA PHE K 903 94.26 25.62 60.92
C PHE K 903 93.77 25.46 59.48
N LEU K 904 92.45 25.27 59.30
CA LEU K 904 91.91 25.15 57.95
C LEU K 904 92.08 26.44 57.16
N TRP K 905 91.87 27.59 57.82
CA TRP K 905 91.98 28.86 57.13
C TRP K 905 93.38 29.11 56.60
N GLU K 906 94.40 28.60 57.31
CA GLU K 906 95.79 28.79 56.94
C GLU K 906 96.31 27.73 55.96
N LYS K 907 95.56 26.64 55.76
CA LYS K 907 95.93 25.61 54.80
C LYS K 907 95.44 25.91 53.40
N GLY K 908 94.75 27.03 53.20
CA GLY K 908 94.21 27.42 51.90
C GLY K 908 92.70 27.39 51.85
N TYR K 909 92.05 26.89 52.90
CA TYR K 909 90.59 26.83 52.96
C TYR K 909 90.06 28.10 53.62
N HIS K 910 90.20 29.21 52.90
CA HIS K 910 89.89 30.52 53.44
C HIS K 910 88.70 31.17 52.72
N PHE K 911 87.78 30.35 52.23
CA PHE K 911 86.56 30.84 51.57
C PHE K 911 85.34 30.32 52.32
N TYR K 912 84.48 31.23 52.75
CA TYR K 912 83.17 30.82 53.25
C TYR K 912 82.35 30.30 52.08
N CYS K 913 81.71 29.15 52.25
CA CYS K 913 80.91 28.52 51.19
C CYS K 913 79.45 28.48 51.64
N VAL K 914 78.74 29.56 51.34
CA VAL K 914 77.34 29.70 51.71
C VAL K 914 76.46 28.93 50.74
N THR K 915 75.39 28.31 51.27
CA THR K 915 74.43 27.57 50.45
C THR K 915 73.01 28.06 50.75
N PRO K 916 72.60 29.17 50.14
CA PRO K 916 71.27 29.72 50.39
C PRO K 916 70.20 28.97 49.61
N LYS K 917 68.99 29.49 49.75
CA LYS K 917 67.82 28.94 49.05
C LYS K 917 67.58 29.77 47.80
N SER K 918 67.01 29.18 46.77
CA SER K 918 66.88 29.89 45.50
C SER K 918 65.40 30.13 45.20
N ARG K 919 65.16 31.18 44.43
CA ARG K 919 63.81 31.41 43.94
C ARG K 919 63.41 30.42 42.88
N HIS K 920 64.38 29.76 42.26
CA HIS K 920 64.17 28.92 41.09
C HIS K 920 63.84 27.49 41.46
N THR K 921 63.83 27.21 42.75
CA THR K 921 63.56 25.83 43.18
C THR K 921 62.97 25.79 44.57
N VAL K 922 62.12 24.83 44.85
CA VAL K 922 61.79 24.60 46.28
C VAL K 922 62.65 23.38 46.62
N HIS K 923 63.83 23.61 47.16
CA HIS K 923 64.81 22.56 47.50
C HIS K 923 65.14 21.79 46.23
N SER K 924 64.89 20.49 46.25
CA SER K 924 65.11 19.58 45.09
C SER K 924 64.13 19.86 43.94
N GLN K 925 62.87 20.20 44.27
CA GLN K 925 61.84 20.27 43.26
C GLN K 925 62.10 21.48 42.37
N TRP K 926 61.86 21.29 41.07
CA TRP K 926 62.06 22.27 40.02
C TRP K 926 63.53 22.54 39.76
N ALA K 927 64.44 21.85 40.44
CA ALA K 927 65.87 22.06 40.24
C ALA K 927 66.34 21.54 38.89
N VAL K 928 65.60 20.63 38.28
CA VAL K 928 65.99 20.07 36.98
C VAL K 928 64.89 20.27 35.95
N THR K 929 63.72 20.74 36.39
CA THR K 929 62.64 21.03 35.45
C THR K 929 63.15 22.02 34.41
N ASP K 930 63.07 21.63 33.13
CA ASP K 930 63.82 22.31 32.08
C ASP K 930 63.62 23.82 32.10
N TRP K 931 62.37 24.27 32.18
CA TRP K 931 62.11 25.71 32.14
C TRP K 931 62.80 26.42 33.30
N ASN K 932 62.62 25.90 34.52
CA ASN K 932 63.27 26.49 35.69
C ASN K 932 64.76 26.20 35.71
N PHE K 933 65.17 25.08 35.11
CA PHE K 933 66.58 24.68 35.09
C PHE K 933 67.43 25.57 34.20
N ILE K 934 66.81 26.28 33.26
CA ILE K 934 67.55 27.22 32.42
C ILE K 934 67.83 28.52 33.15
N TRP K 935 66.94 28.94 34.05
CA TRP K 935 67.01 30.28 34.64
C TRP K 935 67.81 30.33 35.92
N ASN K 936 68.03 29.18 36.51
CA ASN K 936 68.74 29.04 37.80
C ASN K 936 70.25 29.21 37.66
N ASN K 937 70.77 29.14 36.43
CA ASN K 937 72.22 29.26 36.18
C ASN K 937 72.49 30.29 35.07
N ASN K 938 73.75 30.68 34.88
CA ASN K 938 74.16 31.68 33.86
C ASN K 938 74.40 30.96 32.54
N PHE K 939 74.30 29.63 32.54
CA PHE K 939 74.63 28.83 31.35
C PHE K 939 73.44 28.17 30.67
N GLY K 940 72.22 28.39 31.12
CA GLY K 940 71.07 27.64 30.59
C GLY K 940 70.88 27.71 29.09
N ASP K 941 70.69 26.55 28.48
CA ASP K 941 70.47 26.43 27.02
C ASP K 941 69.68 25.15 26.79
N PRO K 942 68.46 25.20 26.22
CA PRO K 942 67.66 24.00 25.90
C PRO K 942 68.28 23.15 24.80
N TYR K 943 69.12 23.73 23.94
CA TYR K 943 69.73 23.00 22.85
C TYR K 943 71.06 22.34 23.23
N ARG K 944 71.60 22.67 24.40
CA ARG K 944 72.84 22.08 24.91
C ARG K 944 73.97 22.15 23.87
N MET K 945 74.31 23.37 23.47
CA MET K 945 75.38 23.55 22.50
C MET K 945 76.72 23.13 23.07
N ASP K 946 76.93 23.36 24.37
CA ASP K 946 78.12 22.89 25.07
C ASP K 946 77.79 21.55 25.72
N LYS K 947 78.34 20.46 25.18
CA LYS K 947 77.98 19.13 25.64
C LYS K 947 78.37 18.89 27.11
N ARG K 948 79.32 19.68 27.64
CA ARG K 948 79.73 19.51 29.03
C ARG K 948 78.60 19.76 30.01
N MET K 949 77.56 20.49 29.61
CA MET K 949 76.43 20.75 30.50
C MET K 949 75.83 19.43 30.96
N PRO K 950 75.70 19.20 32.28
CA PRO K 950 75.11 17.94 32.73
C PRO K 950 73.70 17.75 32.21
N GLY K 951 72.92 18.83 32.17
CA GLY K 951 71.57 18.79 31.64
C GLY K 951 71.25 20.03 30.84
N VAL K 952 69.97 20.42 30.85
CA VAL K 952 69.55 21.67 30.23
C VAL K 952 70.11 22.88 31.00
N GLY K 953 70.78 22.63 32.12
CA GLY K 953 71.38 23.67 32.92
C GLY K 953 72.56 23.10 33.69
N GLU K 954 73.32 24.01 34.29
CA GLU K 954 74.43 23.65 35.16
C GLU K 954 74.26 24.37 36.48
N HIS K 955 74.70 23.73 37.56
CA HIS K 955 74.71 24.43 38.83
C HIS K 955 75.96 25.31 38.85
N GLN K 956 75.86 26.44 39.54
CA GLN K 956 76.90 27.45 39.45
C GLN K 956 77.33 27.92 40.84
N ILE K 957 78.56 28.39 40.92
CA ILE K 957 79.14 28.92 42.15
C ILE K 957 79.47 30.40 41.95
N HIS K 958 79.09 31.22 42.91
CA HIS K 958 79.39 32.64 42.86
C HIS K 958 80.72 32.92 43.54
N ILE K 959 81.55 33.74 42.89
CA ILE K 959 82.88 34.08 43.39
C ILE K 959 83.14 35.54 43.08
N HIS K 960 83.83 36.23 44.00
CA HIS K 960 84.26 37.59 43.73
C HIS K 960 85.28 37.60 42.58
N PRO K 961 85.19 38.57 41.67
CA PRO K 961 86.10 38.56 40.51
C PRO K 961 87.57 38.54 40.91
N GLN K 962 87.98 39.36 41.88
CA GLN K 962 89.37 39.36 42.31
C GLN K 962 89.77 38.01 42.89
N ALA K 963 88.86 37.37 43.64
CA ALA K 963 89.14 36.07 44.24
C ALA K 963 89.51 35.06 43.16
N ALA K 964 88.74 35.01 42.07
CA ALA K 964 89.04 34.08 40.99
C ALA K 964 90.31 34.47 40.25
N ARG K 965 90.54 35.77 40.05
CA ARG K 965 91.74 36.21 39.34
C ARG K 965 93.00 35.84 40.09
N ASP K 966 92.96 35.88 41.43
CA ASP K 966 94.11 35.47 42.21
C ASP K 966 94.37 33.97 42.13
N LEU K 967 93.35 33.19 41.76
CA LEU K 967 93.50 31.75 41.57
C LEU K 967 93.56 31.37 40.10
N GLY K 968 93.77 32.32 39.21
CA GLY K 968 93.84 32.01 37.79
C GLY K 968 92.54 31.49 37.22
N ILE K 969 91.41 31.97 37.73
CA ILE K 969 90.10 31.51 37.32
C ILE K 969 89.40 32.63 36.59
N GLU K 970 88.93 32.36 35.38
CA GLU K 970 88.19 33.31 34.58
C GLU K 970 86.70 33.04 34.72
N ASP K 971 85.90 34.09 34.50
CA ASP K 971 84.46 33.97 34.58
C ASP K 971 83.97 32.88 33.63
N GLY K 972 83.24 31.91 34.18
CA GLY K 972 82.73 30.81 33.37
C GLY K 972 83.57 29.54 33.40
N ASP K 973 84.70 29.54 34.08
CA ASP K 973 85.53 28.34 34.17
C ASP K 973 84.96 27.36 35.16
N TYR K 974 85.23 26.07 34.93
CA TYR K 974 84.88 25.03 35.89
C TYR K 974 85.91 25.01 37.02
N VAL K 975 85.43 24.84 38.25
CA VAL K 975 86.27 24.91 39.43
C VAL K 975 85.97 23.73 40.36
N TYR K 976 87.03 23.20 41.00
CA TYR K 976 86.90 22.21 42.06
C TYR K 976 86.72 22.91 43.39
N VAL K 977 85.63 22.58 44.10
CA VAL K 977 85.38 23.09 45.45
C VAL K 977 85.58 21.94 46.43
N ASP K 978 86.72 21.91 47.10
CA ASP K 978 87.05 20.91 48.10
C ASP K 978 87.07 21.51 49.49
N ALA K 979 86.72 20.70 50.47
CA ALA K 979 86.73 21.06 51.89
C ALA K 979 87.72 20.14 52.60
N ASN K 980 87.77 20.27 53.94
CA ASN K 980 88.64 19.49 54.82
C ASN K 980 88.82 18.06 54.34
N PRO K 981 90.02 17.72 53.86
CA PRO K 981 90.23 16.36 53.29
C PRO K 981 90.05 15.25 54.30
N ALA K 982 90.38 15.48 55.56
CA ALA K 982 90.14 14.49 56.62
C ALA K 982 88.65 14.21 56.80
N ASP K 983 87.80 15.14 56.39
CA ASP K 983 86.36 15.15 56.68
C ASP K 983 85.50 14.97 55.45
N ARG K 984 85.82 15.65 54.35
CA ARG K 984 85.03 15.66 53.14
C ARG K 984 85.87 15.25 51.93
N PRO K 985 85.21 14.78 50.86
CA PRO K 985 83.79 14.45 50.68
C PRO K 985 83.29 13.30 51.56
N TYR K 986 84.16 12.31 51.80
CA TYR K 986 83.84 11.21 52.71
C TYR K 986 85.11 10.76 53.41
N GLU K 987 84.94 10.21 54.61
CA GLU K 987 86.08 9.84 55.42
C GLU K 987 86.81 8.64 54.80
N GLY K 988 88.12 8.78 54.65
CA GLY K 988 88.94 7.74 54.06
C GLY K 988 89.04 7.77 52.55
N TRP K 989 88.63 8.85 51.91
CA TRP K 989 88.74 8.96 50.46
C TRP K 989 90.20 8.96 50.04
N LYS K 990 90.47 8.38 48.87
CA LYS K 990 91.79 8.41 48.28
C LYS K 990 91.66 8.70 46.79
N PRO K 991 92.63 9.40 46.18
CA PRO K 991 92.38 10.03 44.87
C PRO K 991 91.97 9.09 43.75
N ASN K 992 92.35 7.82 43.80
CA ASN K 992 92.02 6.88 42.74
C ASN K 992 90.76 6.07 43.05
N ASP K 993 89.99 6.46 44.05
CA ASP K 993 88.74 5.78 44.34
C ASP K 993 87.73 6.03 43.22
N SER K 994 86.99 4.98 42.86
CA SER K 994 85.96 5.14 41.84
C SER K 994 84.89 6.11 42.31
N PHE K 995 84.51 6.04 43.59
CA PHE K 995 83.48 6.90 44.14
C PHE K 995 83.96 8.31 44.43
N TYR K 996 85.27 8.52 44.60
CA TYR K 996 85.77 9.87 44.85
C TYR K 996 85.46 10.80 43.68
N LYS K 997 85.57 10.29 42.45
CA LYS K 997 85.17 11.08 41.29
C LYS K 997 83.72 11.51 41.40
N VAL K 998 82.85 10.61 41.87
CA VAL K 998 81.44 10.95 42.07
C VAL K 998 81.31 11.98 43.18
N SER K 999 82.17 11.92 44.19
CA SER K 999 81.99 12.75 45.39
C SER K 999 82.55 14.16 45.23
N ARG K 1000 83.70 14.31 44.55
CA ARG K 1000 84.35 15.61 44.46
C ARG K 1000 83.55 16.56 43.58
N LEU K 1001 83.34 17.79 44.08
CA LEU K 1001 82.51 18.77 43.41
C LEU K 1001 83.29 19.51 42.33
N MET K 1002 82.69 19.64 41.15
CA MET K 1002 83.30 20.39 40.04
C MET K 1002 82.18 21.11 39.27
N LEU K 1003 81.96 22.36 39.62
CA LEU K 1003 80.93 23.20 38.99
C LEU K 1003 81.56 24.35 38.19
N ARG K 1004 80.72 25.02 37.41
CA ARG K 1004 81.14 26.21 36.67
C ARG K 1004 81.12 27.41 37.62
N ALA K 1005 82.04 28.36 37.38
CA ALA K 1005 82.19 29.54 38.22
C ALA K 1005 81.55 30.79 37.61
N LYS K 1006 81.06 31.68 38.48
CA LYS K 1006 80.39 32.91 38.07
C LYS K 1006 80.96 34.11 38.83
N TYR K 1007 81.41 35.11 38.08
CA TYR K 1007 81.86 36.37 38.68
C TYR K 1007 80.67 37.14 39.25
N ASN K 1008 80.71 37.45 40.54
CA ASN K 1008 79.70 38.31 41.17
C ASN K 1008 80.39 39.20 42.19
N PRO K 1009 80.63 40.47 41.85
CA PRO K 1009 81.29 41.38 42.80
C PRO K 1009 80.36 41.84 43.92
N ALA K 1010 79.16 41.24 44.00
CA ALA K 1010 78.29 41.51 45.13
C ALA K 1010 78.76 40.82 46.41
N TYR K 1011 79.65 39.86 46.29
CA TYR K 1011 80.09 39.17 47.49
C TYR K 1011 81.42 39.72 47.98
N PRO K 1012 81.68 39.66 49.28
CA PRO K 1012 83.02 39.98 49.77
C PRO K 1012 84.01 38.94 49.27
N TYR K 1013 85.29 39.33 49.30
CA TYR K 1013 86.35 38.52 48.74
C TYR K 1013 86.36 37.11 49.33
N ASN K 1014 86.19 36.99 50.65
CA ASN K 1014 86.32 35.71 51.34
C ASN K 1014 85.01 34.95 51.44
N CYS K 1015 84.07 35.16 50.51
CA CYS K 1015 82.75 34.55 50.63
C CYS K 1015 82.32 34.00 49.28
N THR K 1016 81.91 32.73 49.29
CA THR K 1016 81.51 32.00 48.10
C THR K 1016 80.10 31.45 48.29
N MET K 1017 79.38 31.25 47.18
CA MET K 1017 77.98 30.87 47.24
C MET K 1017 77.61 29.85 46.18
N MET K 1018 76.88 28.81 46.61
CA MET K 1018 76.17 27.87 45.75
C MET K 1018 74.78 27.73 46.34
N LYS K 1019 73.75 27.77 45.51
CA LYS K 1019 72.37 27.68 46.04
C LYS K 1019 72.02 26.25 46.42
N HIS K 1020 71.27 26.10 47.52
CA HIS K 1020 70.83 24.77 48.00
C HIS K 1020 69.50 24.45 47.37
N SER K 1021 69.64 23.61 46.36
CA SER K 1021 68.61 23.14 45.46
C SER K 1021 68.92 21.70 45.12
N ALA K 1022 69.83 21.58 44.17
CA ALA K 1022 70.11 20.52 43.17
C ALA K 1022 70.18 19.05 43.51
N TRP K 1023 69.91 18.29 42.45
CA TRP K 1023 69.91 16.81 42.28
C TRP K 1023 71.36 16.41 42.13
N ILE K 1024 71.86 15.59 43.04
CA ILE K 1024 73.27 15.28 43.19
C ILE K 1024 73.79 14.38 42.07
N SER K 1025 75.09 14.44 41.85
CA SER K 1025 75.77 13.52 40.94
C SER K 1025 75.81 12.13 41.55
N SER K 1026 75.35 11.14 40.81
CA SER K 1026 75.37 9.75 41.23
C SER K 1026 76.37 8.98 40.38
N ASP K 1027 76.49 7.68 40.69
CA ASP K 1027 77.38 6.82 39.91
C ASP K 1027 76.98 6.81 38.44
N LYS K 1028 75.70 6.52 38.16
CA LYS K 1028 75.26 6.37 36.78
C LYS K 1028 75.28 7.69 36.02
N THR K 1029 75.00 8.81 36.69
CA THR K 1029 75.04 10.11 36.01
C THR K 1029 76.46 10.47 35.59
N VAL K 1030 77.44 10.17 36.44
CA VAL K 1030 78.83 10.42 36.09
C VAL K 1030 79.26 9.55 34.93
N GLN K 1031 78.87 8.27 34.94
CA GLN K 1031 79.23 7.37 33.85
CA GLN K 1031 79.25 7.37 33.85
C GLN K 1031 78.56 7.78 32.56
N ALA K 1032 77.30 8.21 32.62
CA ALA K 1032 76.61 8.66 31.42
C ALA K 1032 77.20 9.97 30.91
N HIS K 1033 77.62 10.85 31.83
CA HIS K 1033 78.25 12.10 31.42
C HIS K 1033 79.53 11.86 30.64
N GLU K 1034 80.20 10.73 30.86
CA GLU K 1034 81.46 10.42 30.22
C GLU K 1034 81.33 9.40 29.09
N THR K 1035 80.13 8.88 28.86
CA THR K 1035 79.89 7.90 27.80
C THR K 1035 78.97 8.42 26.70
N ARG K 1036 77.95 9.19 27.06
CA ARG K 1036 76.98 9.66 26.08
C ARG K 1036 77.66 10.62 25.10
N PRO K 1037 77.34 10.54 23.80
CA PRO K 1037 77.92 11.50 22.85
C PRO K 1037 77.55 12.94 23.16
N ASP K 1038 76.30 13.19 23.57
CA ASP K 1038 75.87 14.53 23.92
C ASP K 1038 76.37 14.99 25.29
N GLY K 1039 76.92 14.09 26.09
CA GLY K 1039 77.50 14.46 27.37
C GLY K 1039 76.51 14.73 28.47
N ARG K 1040 75.22 14.44 28.26
CA ARG K 1040 74.22 14.70 29.27
C ARG K 1040 74.40 13.76 30.45
N ALA K 1041 74.33 14.30 31.67
CA ALA K 1041 74.44 13.51 32.89
C ALA K 1041 73.06 12.94 33.23
N LEU K 1042 72.65 11.97 32.41
CA LEU K 1042 71.33 11.35 32.56
C LEU K 1042 71.52 9.86 32.84
N SER K 1043 71.06 9.42 34.00
CA SER K 1043 71.16 8.02 34.35
C SER K 1043 70.23 7.20 33.46
N PRO K 1044 70.56 5.93 33.21
CA PRO K 1044 69.64 5.07 32.45
C PRO K 1044 68.28 4.93 33.11
N SER K 1045 68.17 5.23 34.41
CA SER K 1045 66.88 5.21 35.09
C SER K 1045 66.03 6.44 34.78
N GLY K 1046 66.60 7.45 34.12
CA GLY K 1046 65.90 8.69 33.80
C GLY K 1046 66.20 9.86 34.71
N TYR K 1047 66.96 9.66 35.79
CA TYR K 1047 67.27 10.72 36.73
C TYR K 1047 68.39 11.60 36.20
N GLN K 1048 68.22 12.92 36.32
CA GLN K 1048 69.14 13.91 35.80
C GLN K 1048 69.91 14.57 36.93
N SER K 1049 71.23 14.62 36.80
CA SER K 1049 72.08 15.31 37.75
C SER K 1049 72.28 16.77 37.35
N SER K 1050 72.36 17.64 38.35
CA SER K 1050 72.60 19.05 38.12
C SER K 1050 74.08 19.42 38.08
N PHE K 1051 74.97 18.49 38.43
CA PHE K 1051 76.40 18.73 38.41
C PHE K 1051 77.07 17.76 37.44
N ARG K 1052 78.26 18.13 36.97
CA ARG K 1052 79.09 17.18 36.25
C ARG K 1052 79.62 16.13 37.21
N TYR K 1053 80.29 16.59 38.27
CA TYR K 1053 80.76 15.73 39.36
C TYR K 1053 80.44 16.39 40.68
N GLY K 1054 80.25 15.56 41.71
CA GLY K 1054 80.07 16.08 43.04
C GLY K 1054 78.72 16.76 43.24
N SER K 1055 78.57 17.34 44.44
CA SER K 1055 77.35 18.05 44.81
C SER K 1055 77.71 19.21 45.70
N GLN K 1056 76.71 20.07 45.95
CA GLN K 1056 76.88 21.14 46.93
C GLN K 1056 77.00 20.61 48.35
N GLN K 1057 76.66 19.34 48.59
CA GLN K 1057 76.85 18.72 49.90
C GLN K 1057 78.16 17.93 49.98
N SER K 1058 79.06 18.13 49.01
CA SER K 1058 80.40 17.58 49.12
C SER K 1058 81.26 18.39 50.09
N ILE K 1059 80.83 19.59 50.45
CA ILE K 1059 81.59 20.48 51.32
C ILE K 1059 80.76 20.83 52.54
N THR K 1060 79.96 19.89 53.03
CA THR K 1060 79.05 20.15 54.14
C THR K 1060 79.16 19.00 55.13
N ARG K 1061 78.93 19.30 56.41
CA ARG K 1061 79.12 18.31 57.47
C ARG K 1061 78.22 18.65 58.65
N ASP K 1062 78.01 17.65 59.51
CA ASP K 1062 77.14 17.77 60.67
C ASP K 1062 77.89 18.22 61.91
N TRP K 1063 77.25 19.10 62.68
CA TRP K 1063 77.78 19.59 63.95
C TRP K 1063 76.79 19.27 65.06
N SER K 1064 77.25 18.55 66.09
CA SER K 1064 76.43 18.19 67.23
C SER K 1064 76.61 19.27 68.29
N MET K 1065 75.64 20.17 68.39
CA MET K 1065 75.73 21.27 69.35
C MET K 1065 75.46 20.77 70.76
N PRO K 1066 76.37 20.97 71.72
CA PRO K 1066 76.00 20.70 73.11
C PRO K 1066 74.83 21.54 73.59
N MET K 1067 74.68 22.75 73.07
CA MET K 1067 73.59 23.63 73.47
C MET K 1067 72.23 23.11 72.99
N HIS K 1068 72.21 22.20 72.03
CA HIS K 1068 70.97 21.70 71.46
C HIS K 1068 70.57 20.35 72.03
N GLN K 1069 71.29 19.85 73.04
CA GLN K 1069 71.08 18.52 73.60
C GLN K 1069 70.89 18.59 75.11
N LEU K 1070 70.21 19.63 75.59
CA LEU K 1070 70.06 19.81 77.02
C LEU K 1070 68.87 19.00 77.54
N ASP K 1071 68.98 18.55 78.79
CA ASP K 1071 67.92 17.82 79.47
C ASP K 1071 67.13 18.69 80.44
N SER K 1072 67.58 19.92 80.72
CA SER K 1072 66.99 20.75 81.76
C SER K 1072 66.50 22.09 81.25
N LEU K 1073 66.02 22.15 80.01
CA LEU K 1073 65.53 23.39 79.41
C LEU K 1073 64.00 23.42 79.46
N PHE K 1074 63.46 24.08 80.49
CA PHE K 1074 62.02 24.24 80.62
C PHE K 1074 61.41 25.10 79.52
N HIS K 1075 60.99 24.47 78.41
CA HIS K 1075 60.29 25.17 77.34
C HIS K 1075 58.89 24.57 77.16
N LYS K 1076 58.11 25.19 76.26
CA LYS K 1076 56.74 24.79 76.00
C LYS K 1076 56.67 23.78 74.86
N ALA K 1077 55.86 22.75 75.05
CA ALA K 1077 55.67 21.72 74.03
C ALA K 1077 54.97 22.28 72.80
N LYS K 1078 55.41 21.82 71.62
CA LYS K 1078 54.94 22.41 70.37
C LYS K 1078 53.47 22.08 70.08
N ILE K 1079 52.99 20.92 70.50
CA ILE K 1079 51.68 20.44 70.04
C ILE K 1079 50.60 20.71 71.07
N GLY K 1080 50.98 20.73 72.35
CA GLY K 1080 50.03 20.88 73.43
C GLY K 1080 50.32 22.10 74.28
N MET K 1081 49.27 22.67 74.87
CA MET K 1081 49.43 23.75 75.83
C MET K 1081 49.96 23.18 77.13
N LYS K 1082 51.22 22.75 77.11
CA LYS K 1082 51.85 22.09 78.25
C LYS K 1082 53.34 22.39 78.21
N PHE K 1083 54.02 22.06 79.30
CA PHE K 1083 55.45 22.26 79.41
C PHE K 1083 56.18 20.93 79.47
N ILE K 1084 57.43 20.93 79.01
CA ILE K 1084 58.29 19.76 79.01
C ILE K 1084 59.71 20.22 79.31
N PHE K 1085 60.59 19.25 79.54
CA PHE K 1085 62.01 19.51 79.75
C PHE K 1085 62.81 18.80 78.67
N GLY K 1086 63.72 19.52 78.04
CA GLY K 1086 64.62 18.84 77.13
C GLY K 1086 64.12 18.67 75.71
N PHE K 1087 64.47 17.51 75.15
CA PHE K 1087 64.26 17.21 73.75
C PHE K 1087 62.78 17.11 73.38
N GLU K 1088 62.43 17.74 72.26
CA GLU K 1088 61.18 17.49 71.56
C GLU K 1088 61.49 17.54 70.06
N ALA K 1089 60.91 16.62 69.29
CA ALA K 1089 61.17 16.65 67.86
C ALA K 1089 60.72 17.99 67.29
N ASP K 1090 61.59 18.62 66.51
CA ASP K 1090 61.39 19.94 65.92
C ASP K 1090 61.31 21.05 66.98
N ASN K 1091 61.71 20.76 68.22
CA ASN K 1091 61.68 21.77 69.29
C ASN K 1091 62.78 21.43 70.28
N HIS K 1092 63.89 22.17 70.21
CA HIS K 1092 65.08 21.99 71.05
C HIS K 1092 65.68 20.58 70.89
N CYS K 1093 66.20 20.35 69.69
CA CYS K 1093 67.14 19.27 69.44
C CYS K 1093 68.15 19.81 68.44
N ILE K 1094 69.03 18.94 67.93
CA ILE K 1094 70.10 19.41 67.07
C ILE K 1094 69.50 20.13 65.87
N ASN K 1095 69.95 21.35 65.66
CA ASN K 1095 69.49 22.24 64.60
C ASN K 1095 70.65 22.37 63.63
N THR K 1096 70.57 21.66 62.50
CA THR K 1096 71.72 21.46 61.63
C THR K 1096 72.23 22.75 61.03
N VAL K 1097 73.55 22.80 60.80
CA VAL K 1097 74.20 23.99 60.26
C VAL K 1097 75.08 23.62 59.07
N PRO K 1098 74.62 23.87 57.84
CA PRO K 1098 75.47 23.59 56.68
C PRO K 1098 76.51 24.65 56.36
N LYS K 1099 76.37 25.87 56.91
CA LYS K 1099 77.28 26.96 56.59
C LYS K 1099 78.56 26.94 57.41
N GLU K 1100 78.65 26.08 58.42
CA GLU K 1100 79.89 25.93 59.20
C GLU K 1100 80.86 25.13 58.34
N THR K 1101 81.55 25.83 57.43
CA THR K 1101 82.45 25.18 56.50
C THR K 1101 83.41 26.21 55.91
N LEU K 1102 84.60 25.72 55.54
CA LEU K 1102 85.54 26.49 54.73
C LEU K 1102 86.00 25.61 53.57
N VAL K 1103 86.25 26.25 52.43
CA VAL K 1103 86.58 25.53 51.20
C VAL K 1103 87.74 26.21 50.50
N LYS K 1104 88.50 25.43 49.75
CA LYS K 1104 89.48 25.94 48.80
C LYS K 1104 88.90 25.78 47.40
N ILE K 1105 89.24 26.72 46.53
CA ILE K 1105 88.75 26.72 45.15
C ILE K 1105 89.96 26.58 44.23
N THR K 1106 89.84 25.70 43.24
CA THR K 1106 90.90 25.44 42.27
C THR K 1106 90.29 25.36 40.88
N LYS K 1107 91.00 25.93 39.90
CA LYS K 1107 90.53 25.86 38.52
C LYS K 1107 90.52 24.41 38.04
N ALA K 1108 89.48 24.05 37.31
CA ALA K 1108 89.29 22.69 36.82
C ALA K 1108 89.43 22.59 35.30
N GLU K 1109 88.69 23.43 34.56
CA GLU K 1109 88.69 23.37 33.12
C GLU K 1109 88.32 24.75 32.58
N ASN K 1110 88.72 25.01 31.34
CA ASN K 1110 88.46 26.31 30.73
C ASN K 1110 86.97 26.45 30.42
N GLY K 1111 86.46 27.67 30.57
CA GLY K 1111 85.05 27.91 30.33
C GLY K 1111 84.68 27.93 28.85
N GLY K 1112 85.66 28.07 27.97
CA GLY K 1112 85.36 28.08 26.55
C GLY K 1112 84.78 26.75 26.09
N MET K 1113 83.94 26.82 25.05
CA MET K 1113 83.30 25.63 24.52
C MET K 1113 84.34 24.64 24.02
N GLY K 1114 84.23 23.39 24.47
CA GLY K 1114 85.20 22.38 24.11
C GLY K 1114 86.48 22.41 24.91
N GLY K 1115 86.52 23.19 25.99
CA GLY K 1115 87.71 23.34 26.79
C GLY K 1115 88.75 24.30 26.24
N LYS K 1116 88.47 24.99 25.14
CA LYS K 1116 89.42 25.92 24.53
C LYS K 1116 89.02 27.35 24.86
N GLY K 1117 89.93 28.08 25.49
CA GLY K 1117 89.72 29.51 25.68
C GLY K 1117 88.79 29.85 26.83
N VAL K 1118 88.15 31.00 26.69
CA VAL K 1118 87.34 31.59 27.74
C VAL K 1118 85.87 31.47 27.39
N TRP K 1119 85.04 31.49 28.44
CA TRP K 1119 83.59 31.47 28.25
C TRP K 1119 83.19 32.66 27.39
N ASP K 1120 82.40 32.39 26.36
CA ASP K 1120 82.22 33.34 25.26
C ASP K 1120 81.74 34.73 25.66
N PRO K 1121 80.80 34.91 26.59
CA PRO K 1121 80.36 36.29 26.89
C PRO K 1121 81.43 37.20 27.48
N VAL K 1122 82.52 36.67 28.02
CA VAL K 1122 83.56 37.57 28.52
C VAL K 1122 84.32 38.21 27.36
N LYS K 1123 84.42 37.52 26.22
CA LYS K 1123 85.07 38.11 25.05
C LYS K 1123 84.38 39.40 24.62
N THR K 1124 83.07 39.50 24.84
CA THR K 1124 82.33 40.72 24.55
C THR K 1124 82.95 41.93 25.24
N GLY K 1125 83.42 41.74 26.48
CA GLY K 1125 83.84 42.86 27.29
C GLY K 1125 82.72 43.56 28.02
N TYR K 1126 81.54 42.93 28.11
CA TYR K 1126 80.39 43.52 28.76
C TYR K 1126 80.01 42.79 30.04
N THR K 1127 80.92 41.97 30.58
CA THR K 1127 80.66 41.16 31.76
C THR K 1127 81.31 41.80 32.98
N ALA K 1128 80.71 41.53 34.14
CA ALA K 1128 81.28 42.00 35.40
C ALA K 1128 82.71 41.49 35.57
N GLY K 1129 83.60 42.39 35.99
CA GLY K 1129 85.00 42.08 36.17
C GLY K 1129 85.83 42.09 34.89
N ASN K 1130 85.21 42.26 33.73
CA ASN K 1130 85.94 42.32 32.46
C ASN K 1130 85.41 43.45 31.59
N GLU K 1131 85.06 44.57 32.21
CA GLU K 1131 84.46 45.68 31.49
C GLU K 1131 85.47 46.37 30.56
N ASN K 1132 85.01 46.69 29.36
CA ASN K 1132 85.78 47.50 28.43
C ASN K 1132 85.37 48.96 28.59
N ASP K 1133 85.99 49.85 27.81
CA ASP K 1133 85.75 51.28 27.97
C ASP K 1133 84.29 51.63 27.71
N PHE K 1134 83.67 50.99 26.71
CA PHE K 1134 82.26 51.27 26.46
C PHE K 1134 81.38 50.71 27.58
N MET K 1135 81.74 49.56 28.15
CA MET K 1135 80.95 49.02 29.25
C MET K 1135 81.05 49.91 30.48
N LYS K 1136 82.25 50.40 30.80
CA LYS K 1136 82.40 51.33 31.91
C LYS K 1136 81.60 52.60 31.65
N LYS K 1137 81.60 53.07 30.40
CA LYS K 1137 80.79 54.20 30.01
C LYS K 1137 79.31 53.90 30.17
N PHE K 1138 78.91 52.66 29.87
CA PHE K 1138 77.54 52.24 30.07
C PHE K 1138 77.18 52.21 31.56
N LEU K 1139 78.05 51.62 32.38
CA LEU K 1139 77.75 51.42 33.79
C LEU K 1139 77.66 52.74 34.56
N ASN K 1140 78.33 53.79 34.10
CA ASN K 1140 78.28 55.09 34.75
C ASN K 1140 77.20 56.00 34.18
N GLY K 1141 76.34 55.48 33.30
CA GLY K 1141 75.31 56.30 32.69
C GLY K 1141 75.83 57.48 31.90
N GLU K 1142 77.00 57.35 31.28
CA GLU K 1142 77.59 58.43 30.52
C GLU K 1142 77.10 58.48 29.07
N LEU K 1143 76.33 57.49 28.64
CA LEU K 1143 75.84 57.47 27.26
C LEU K 1143 74.76 58.51 27.02
N ILE K 1144 74.21 59.10 28.09
CA ILE K 1144 73.18 60.13 28.00
C ILE K 1144 73.53 61.22 29.00
N LYS K 1145 73.37 62.48 28.57
CA LYS K 1145 73.64 63.63 29.41
C LYS K 1145 72.42 64.54 29.42
N VAL K 1146 72.15 65.16 30.56
CA VAL K 1146 71.02 66.05 30.73
C VAL K 1146 71.51 67.41 31.20
N ASP K 1147 70.99 68.47 30.59
CA ASP K 1147 71.34 69.83 30.98
C ASP K 1147 70.08 70.57 31.41
N ALA L 31 58.57 58.31 -1.18
CA ALA L 31 59.53 57.75 -2.12
C ALA L 31 60.87 57.53 -1.43
N GLU L 32 60.86 57.64 -0.12
CA GLU L 32 62.06 57.43 0.67
C GLU L 32 62.42 55.94 0.68
N GLY L 33 63.73 55.67 0.53
CA GLY L 33 64.23 54.33 0.53
C GLY L 33 63.99 53.56 -0.74
N VAL L 34 63.49 54.22 -1.78
CA VAL L 34 63.30 53.63 -3.09
C VAL L 34 63.94 54.57 -4.11
N LYS L 35 64.66 54.00 -5.06
CA LYS L 35 65.21 54.79 -6.15
C LYS L 35 64.25 54.79 -7.32
N GLY L 36 64.30 55.84 -8.12
CA GLY L 36 63.45 55.88 -9.29
C GLY L 36 63.81 54.76 -10.25
N VAL L 37 62.85 54.39 -11.08
CA VAL L 37 63.05 53.28 -12.00
C VAL L 37 63.70 53.85 -13.26
N ALA L 38 64.97 53.50 -13.49
CA ALA L 38 65.71 54.04 -14.60
C ALA L 38 65.34 53.36 -15.91
N GLU L 39 65.60 54.08 -17.02
CA GLU L 39 65.28 53.55 -18.34
C GLU L 39 66.00 52.22 -18.58
N GLU L 40 67.18 52.07 -17.98
CA GLU L 40 67.94 50.82 -18.14
C GLU L 40 67.14 49.62 -17.64
N GLU L 41 66.35 49.79 -16.57
CA GLU L 41 65.53 48.70 -16.04
C GLU L 41 64.31 48.40 -16.92
N LEU L 42 63.69 49.41 -17.51
CA LEU L 42 62.48 49.26 -18.31
C LEU L 42 62.74 48.75 -19.72
N THR L 43 63.97 48.84 -20.22
CA THR L 43 64.31 48.35 -21.55
C THR L 43 64.69 46.87 -21.50
N PRO L 44 63.91 45.98 -22.11
CA PRO L 44 64.27 44.55 -22.09
C PRO L 44 65.59 44.29 -22.79
N ALA L 45 66.38 43.37 -22.23
CA ALA L 45 67.63 42.98 -22.85
C ALA L 45 67.34 42.43 -24.25
N LYS L 46 68.33 42.48 -25.13
CA LYS L 46 68.05 42.16 -26.52
C LYS L 46 68.24 40.69 -26.88
N GLU L 47 69.18 39.98 -26.26
CA GLU L 47 69.26 38.54 -26.44
C GLU L 47 68.00 37.87 -25.88
N VAL L 48 67.34 37.05 -26.69
CA VAL L 48 66.10 36.39 -26.30
C VAL L 48 66.37 34.93 -25.94
N LEU L 49 65.68 34.45 -24.90
CA LEU L 49 65.77 33.06 -24.48
C LEU L 49 64.77 32.21 -25.26
N ASN L 50 65.28 31.21 -25.97
CA ASN L 50 64.49 30.35 -26.87
C ASN L 50 64.20 29.02 -26.20
N VAL L 51 62.92 28.74 -25.91
CA VAL L 51 62.61 27.45 -25.32
C VAL L 51 62.41 26.49 -26.51
N LYS L 52 63.33 25.53 -26.64
CA LYS L 52 63.36 24.66 -27.81
C LYS L 52 62.39 23.50 -27.63
N TYR L 53 61.70 23.14 -28.71
CA TYR L 53 60.76 22.04 -28.66
C TYR L 53 61.47 20.71 -28.84
N MET L 54 61.16 19.75 -27.98
CA MET L 54 61.73 18.42 -28.03
C MET L 54 60.82 17.48 -27.26
N GLN L 55 60.95 16.18 -27.54
CA GLN L 55 60.27 15.16 -26.74
C GLN L 55 61.12 14.88 -25.49
N ILE L 56 60.60 15.25 -24.33
CA ILE L 56 61.32 15.16 -23.07
C ILE L 56 60.74 13.98 -22.31
N ASP L 57 61.41 12.84 -22.37
CA ASP L 57 61.03 11.66 -21.59
C ASP L 57 61.71 11.68 -20.22
N VAL L 58 60.90 11.83 -19.18
CA VAL L 58 61.42 11.94 -17.81
C VAL L 58 60.64 10.98 -16.92
N PRO L 59 61.27 10.31 -15.95
CA PRO L 59 60.53 9.37 -15.10
C PRO L 59 59.62 10.06 -14.10
N ALA L 60 58.84 9.26 -13.35
CA ALA L 60 58.02 9.79 -12.28
C ALA L 60 58.83 10.63 -11.30
N HIS L 61 60.11 10.34 -11.18
CA HIS L 61 61.02 11.05 -10.29
C HIS L 61 61.90 11.94 -11.16
N ILE L 62 61.45 13.17 -11.40
CA ILE L 62 62.21 14.09 -12.24
C ILE L 62 63.48 14.49 -11.51
N THR L 63 64.61 14.33 -12.18
CA THR L 63 65.92 14.63 -11.62
C THR L 63 66.72 15.48 -12.59
N VAL L 64 67.72 16.18 -12.03
CA VAL L 64 68.61 16.96 -12.86
C VAL L 64 69.28 16.08 -13.90
N GLY L 65 69.66 14.85 -13.51
CA GLY L 65 70.30 13.94 -14.45
C GLY L 65 69.36 13.47 -15.54
N ALA L 66 68.08 13.26 -15.20
CA ALA L 66 67.12 12.81 -16.20
C ALA L 66 66.88 13.86 -17.27
N LEU L 67 66.98 15.14 -16.92
CA LEU L 67 66.86 16.22 -17.89
C LEU L 67 68.20 16.66 -18.46
N GLU L 68 69.31 16.18 -17.90
CA GLU L 68 70.63 16.61 -18.34
C GLU L 68 70.84 16.37 -19.84
N GLY L 69 70.49 15.17 -20.31
CA GLY L 69 70.68 14.87 -21.71
C GLY L 69 69.83 15.74 -22.62
N ALA L 70 68.61 16.05 -22.20
CA ALA L 70 67.71 16.86 -23.01
C ALA L 70 68.21 18.29 -23.13
N PHE L 71 68.68 18.87 -22.02
CA PHE L 71 69.14 20.26 -22.03
C PHE L 71 70.40 20.45 -22.86
N LYS L 72 71.14 19.38 -23.15
CA LYS L 72 72.36 19.52 -23.95
C LYS L 72 72.07 20.07 -25.33
N ASN L 73 70.89 19.77 -25.88
CA ASN L 73 70.52 20.20 -27.22
C ASN L 73 69.88 21.58 -27.26
N ALA L 74 69.67 22.22 -26.11
CA ALA L 74 69.10 23.55 -26.06
C ALA L 74 70.21 24.59 -25.93
N GLU L 75 69.85 25.83 -26.26
CA GLU L 75 70.77 26.95 -26.16
C GLU L 75 70.29 27.88 -25.06
N GLY L 76 71.24 28.46 -24.32
CA GLY L 76 70.92 29.27 -23.16
C GLY L 76 71.48 30.68 -23.27
N VAL L 77 70.98 31.54 -22.40
CA VAL L 77 71.40 32.93 -22.30
C VAL L 77 72.13 33.12 -20.98
N GLN L 78 73.22 33.89 -21.03
CA GLN L 78 73.92 34.29 -19.80
C GLN L 78 73.21 35.54 -19.28
N VAL L 79 72.49 35.38 -18.17
CA VAL L 79 71.84 36.51 -17.52
C VAL L 79 72.80 37.08 -16.50
N LYS L 80 72.97 38.40 -16.50
CA LYS L 80 73.85 39.07 -15.56
C LYS L 80 73.08 39.47 -14.31
N LEU L 81 73.64 39.13 -13.15
CA LEU L 81 73.03 39.42 -11.86
C LEU L 81 73.88 40.43 -11.12
N GLN L 82 73.26 41.18 -10.22
CA GLN L 82 73.94 42.32 -9.61
C GLN L 82 73.38 42.59 -8.21
N LYS L 83 74.12 43.41 -7.47
CA LYS L 83 73.69 43.90 -6.18
C LYS L 83 72.34 44.62 -6.28
N GLN L 84 71.45 44.34 -5.34
CA GLN L 84 70.15 45.01 -5.30
C GLN L 84 70.34 46.28 -4.49
N ASP L 85 70.51 47.40 -5.20
CA ASP L 85 70.69 48.70 -4.57
C ASP L 85 69.49 49.62 -4.74
N LYS L 86 68.41 49.14 -5.35
CA LYS L 86 67.31 50.02 -5.74
C LYS L 86 66.43 50.41 -4.55
N ALA L 87 66.19 49.49 -3.61
CA ALA L 87 65.28 49.79 -2.51
C ALA L 87 65.76 49.12 -1.23
N PHE L 88 65.20 49.57 -0.11
CA PHE L 88 65.53 48.99 1.19
C PHE L 88 64.88 47.62 1.30
N PRO L 89 65.61 46.56 1.67
CA PRO L 89 67.03 46.57 2.06
C PRO L 89 67.94 46.30 0.88
N ASN L 90 69.18 46.78 0.93
CA ASN L 90 70.15 46.47 -0.10
C ASN L 90 70.94 45.22 0.27
N GLY L 91 71.07 44.32 -0.69
CA GLY L 91 71.86 43.12 -0.50
C GLY L 91 72.15 42.46 -1.82
N GLY L 92 73.14 41.60 -1.82
CA GLY L 92 73.49 40.83 -2.99
C GLY L 92 74.91 41.11 -3.45
N GLY L 93 75.26 40.48 -4.55
CA GLY L 93 76.58 40.60 -5.15
C GLY L 93 77.40 39.34 -5.03
N SER L 94 76.88 38.35 -4.30
CA SER L 94 77.55 37.06 -4.15
C SER L 94 77.58 36.30 -5.48
N VAL L 95 76.51 36.42 -6.26
CA VAL L 95 76.41 35.76 -7.56
C VAL L 95 76.37 36.84 -8.63
N ASN L 96 77.19 36.65 -9.67
CA ASN L 96 77.37 37.66 -10.71
C ASN L 96 76.72 37.33 -12.05
N SER L 97 76.46 36.06 -12.32
CA SER L 97 75.84 35.67 -13.59
C SER L 97 75.23 34.29 -13.42
N ALA L 98 74.28 33.98 -14.31
CA ALA L 98 73.64 32.68 -14.31
C ALA L 98 73.20 32.35 -15.73
N GLU L 99 73.25 31.07 -16.07
CA GLU L 99 72.75 30.60 -17.34
C GLU L 99 71.32 30.10 -17.14
N ILE L 100 70.47 30.38 -18.12
CA ILE L 100 69.11 29.86 -18.12
C ILE L 100 68.87 29.18 -19.46
N LYS L 101 68.36 27.96 -19.41
CA LYS L 101 68.01 27.20 -20.61
C LYS L 101 66.60 26.68 -20.45
N ALA L 102 65.85 26.65 -21.55
CA ALA L 102 64.45 26.25 -21.45
C ALA L 102 64.07 25.33 -22.59
N ILE L 103 63.18 24.38 -22.29
CA ILE L 103 62.72 23.36 -23.24
C ILE L 103 61.25 23.07 -22.93
N HIS L 104 60.53 22.56 -23.93
CA HIS L 104 59.16 22.11 -23.73
C HIS L 104 58.83 21.03 -24.74
N ASP L 105 57.82 20.22 -24.40
CA ASP L 105 57.38 19.10 -25.23
C ASP L 105 55.95 19.26 -25.72
N GLY L 106 55.35 20.43 -25.51
CA GLY L 106 53.98 20.68 -25.88
C GLY L 106 52.99 20.59 -24.72
N ILE L 107 53.40 19.95 -23.62
CA ILE L 107 52.57 19.84 -22.43
C ILE L 107 53.27 20.43 -21.20
N THR L 108 54.53 20.08 -20.99
CA THR L 108 55.31 20.54 -19.85
C THR L 108 56.50 21.38 -20.32
N ILE L 109 56.76 22.47 -19.60
CA ILE L 109 57.91 23.34 -19.88
C ILE L 109 58.91 23.19 -18.74
N TYR L 110 60.20 23.25 -19.08
CA TYR L 110 61.27 23.11 -18.10
C TYR L 110 62.28 24.23 -18.27
N PHE L 111 62.72 24.79 -17.15
CA PHE L 111 63.76 25.81 -17.12
C PHE L 111 64.93 25.31 -16.29
N GLN L 112 66.15 25.51 -16.80
CA GLN L 112 67.38 25.12 -16.12
C GLN L 112 68.19 26.36 -15.79
N VAL L 113 68.57 26.50 -14.52
CA VAL L 113 69.36 27.65 -14.06
C VAL L 113 70.67 27.14 -13.48
N ILE L 114 71.77 27.79 -13.87
CA ILE L 114 73.11 27.44 -13.42
C ILE L 114 73.76 28.71 -12.87
N TRP L 115 74.28 28.63 -11.65
CA TRP L 115 75.06 29.73 -11.11
C TRP L 115 76.14 29.17 -10.20
N ASP L 116 77.06 30.05 -9.81
CA ASP L 116 78.26 29.66 -9.07
C ASP L 116 78.08 30.04 -7.61
N ASP L 117 78.25 29.06 -6.73
CA ASP L 117 78.10 29.36 -5.32
C ASP L 117 78.97 28.42 -4.48
N ALA L 118 79.78 29.01 -3.59
CA ALA L 118 80.77 28.25 -2.84
C ALA L 118 80.20 27.41 -1.71
N THR L 119 78.94 27.66 -1.28
CA THR L 119 78.38 27.05 -0.09
C THR L 119 76.97 26.54 -0.33
N ASP L 120 76.69 25.31 0.07
CA ASP L 120 75.31 24.81 -0.02
C ASP L 120 74.61 25.04 1.32
N ASN L 121 73.85 26.13 1.40
CA ASN L 121 73.09 26.46 2.60
C ASN L 121 71.68 25.91 2.36
N LYS L 122 71.38 24.76 2.98
CA LYS L 122 70.15 24.02 2.72
C LYS L 122 69.29 23.93 3.97
N GLN L 123 69.44 24.89 4.87
CA GLN L 123 68.68 24.93 6.11
C GLN L 123 68.54 26.38 6.55
N ALA L 124 67.39 26.70 7.16
CA ALA L 124 67.10 28.02 7.70
C ALA L 124 66.41 27.85 9.07
N ILE L 125 66.94 26.95 9.88
CA ILE L 125 66.41 26.69 11.23
C ILE L 125 67.07 27.59 12.28
N ALA L 126 68.38 27.82 12.20
CA ALA L 126 69.04 28.69 13.15
C ALA L 126 68.73 30.15 12.85
N THR L 127 68.74 30.98 13.89
CA THR L 127 68.36 32.38 13.72
C THR L 127 69.30 33.11 12.77
N GLN L 128 70.58 32.75 12.76
CA GLN L 128 71.58 33.42 11.94
C GLN L 128 71.78 32.77 10.57
N GLU L 129 71.11 31.66 10.28
CA GLU L 129 71.32 30.93 9.05
C GLU L 129 70.15 31.16 8.09
N PHE L 130 70.47 31.25 6.81
CA PHE L 130 69.47 31.54 5.78
C PHE L 130 69.62 30.56 4.62
N ARG L 131 68.76 30.72 3.61
CA ARG L 131 68.61 29.74 2.56
C ARG L 131 69.29 30.17 1.28
N ASP L 132 69.75 29.19 0.51
CA ASP L 132 70.06 29.40 -0.90
C ASP L 132 68.76 29.33 -1.70
N GLY L 133 68.61 30.25 -2.65
CA GLY L 133 67.38 30.32 -3.40
C GLY L 133 67.58 30.86 -4.81
N ALA L 134 66.64 30.50 -5.68
CA ALA L 134 66.58 31.00 -7.03
C ALA L 134 65.13 31.17 -7.43
N ALA L 135 64.86 32.16 -8.27
CA ALA L 135 63.49 32.45 -8.62
C ALA L 135 63.39 33.00 -10.03
N LEU L 136 62.32 32.63 -10.73
CA LEU L 136 61.98 33.17 -12.03
C LEU L 136 60.63 33.87 -11.96
N MET L 137 60.42 34.84 -12.85
CA MET L 137 59.18 35.58 -12.85
C MET L 137 58.75 35.88 -14.28
N PHE L 138 57.43 35.86 -14.49
CA PHE L 138 56.82 36.03 -15.79
C PHE L 138 55.67 37.01 -15.68
N PRO L 139 55.54 37.95 -16.61
CA PRO L 139 54.39 38.86 -16.57
C PRO L 139 53.11 38.09 -16.80
N LEU L 140 52.08 38.45 -16.04
CA LEU L 140 50.79 37.78 -16.19
C LEU L 140 50.11 38.27 -17.46
N GLY L 141 49.71 37.32 -18.31
CA GLY L 141 49.14 37.58 -19.61
C GLY L 141 50.19 38.02 -20.62
N LYS L 142 49.73 38.73 -21.65
CA LYS L 142 50.57 39.11 -22.78
C LYS L 142 50.84 40.61 -22.77
N ILE L 143 52.12 40.97 -22.78
CA ILE L 143 52.54 42.37 -22.71
C ILE L 143 53.72 42.58 -23.65
N THR L 144 53.80 43.79 -24.21
CA THR L 144 55.00 44.29 -24.86
C THR L 144 55.61 45.35 -23.95
N ILE L 145 56.89 45.20 -23.60
CA ILE L 145 57.55 46.07 -22.65
C ILE L 145 58.53 46.99 -23.38
N SER L 146 58.49 48.28 -23.04
CA SER L 146 59.35 49.32 -23.57
C SER L 146 59.20 50.55 -22.67
N PRO L 147 60.06 51.56 -22.78
CA PRO L 147 59.83 52.79 -22.02
C PRO L 147 58.50 53.46 -22.31
N GLU L 148 57.96 53.31 -23.52
CA GLU L 148 56.67 53.90 -23.83
C GLU L 148 55.54 53.23 -23.05
N GLU L 149 55.61 51.90 -22.89
CA GLU L 149 54.67 51.14 -22.07
C GLU L 149 55.44 50.50 -20.92
N PRO L 150 55.62 51.21 -19.82
CA PRO L 150 56.49 50.70 -18.75
C PRO L 150 55.83 49.60 -17.93
N PHE L 151 56.64 48.61 -17.55
CA PHE L 151 56.22 47.52 -16.69
C PHE L 151 57.43 47.17 -15.83
N SER L 152 57.43 47.65 -14.59
CA SER L 152 58.63 47.59 -13.75
C SER L 152 59.10 46.15 -13.57
N PRO L 153 60.39 45.87 -13.74
CA PRO L 153 60.91 44.53 -13.45
C PRO L 153 61.18 44.28 -11.99
N ARG L 154 60.89 45.25 -11.11
CA ARG L 154 61.08 45.12 -9.67
C ARG L 154 59.92 44.32 -9.07
N MET L 155 59.86 43.05 -9.46
CA MET L 155 58.84 42.12 -8.99
C MET L 155 57.43 42.58 -9.37
N GLY L 156 57.32 43.26 -10.51
CA GLY L 156 56.04 43.79 -10.91
C GLY L 156 55.80 45.19 -10.41
N ASP L 157 54.57 45.65 -10.66
CA ASP L 157 54.13 46.96 -10.20
C ASP L 157 52.64 46.90 -9.94
N ARG L 158 52.13 47.91 -9.24
CA ARG L 158 50.73 47.94 -8.87
C ARG L 158 49.85 48.00 -10.12
N GLN L 159 48.78 47.21 -10.10
CA GLN L 159 47.84 47.05 -11.22
C GLN L 159 48.48 46.32 -12.40
N LYS L 160 49.72 45.85 -12.24
CA LYS L 160 50.45 45.12 -13.27
C LYS L 160 51.11 43.90 -12.62
N PRO L 161 50.37 42.82 -12.45
CA PRO L 161 50.85 41.69 -11.64
C PRO L 161 51.86 40.82 -12.38
N VAL L 162 52.47 39.90 -11.62
CA VAL L 162 53.50 38.99 -12.10
C VAL L 162 53.35 37.65 -11.40
N ASN L 163 53.76 36.58 -12.09
CA ASN L 163 53.87 35.24 -11.51
C ASN L 163 55.32 34.95 -11.18
N LEU L 164 55.57 34.46 -9.95
CA LEU L 164 56.90 34.14 -9.48
C LEU L 164 57.01 32.66 -9.12
N TRP L 165 58.16 32.05 -9.43
CA TRP L 165 58.47 30.68 -9.06
C TRP L 165 59.73 30.72 -8.19
N HIS L 166 59.60 30.41 -6.90
CA HIS L 166 60.70 30.53 -5.95
C HIS L 166 61.18 29.15 -5.52
N TRP L 167 62.40 28.79 -5.94
CA TRP L 167 63.05 27.58 -5.47
C TRP L 167 63.73 27.83 -4.13
N LYS L 168 63.56 26.90 -3.20
CA LYS L 168 64.14 26.99 -1.87
C LYS L 168 64.96 25.74 -1.58
N ALA L 169 66.22 25.93 -1.20
CA ALA L 169 67.12 24.81 -0.99
C ALA L 169 66.69 23.93 0.17
N ASP L 170 66.33 24.54 1.31
CA ASP L 170 65.83 23.76 2.44
C ASP L 170 64.65 22.88 2.05
N TRP L 171 63.76 23.38 1.19
CA TRP L 171 62.61 22.58 0.80
C TRP L 171 63.05 21.29 0.12
N GLU L 172 64.14 21.34 -0.65
CA GLU L 172 64.76 20.11 -1.15
C GLU L 172 65.13 19.19 0.01
N ALA L 173 65.77 19.75 1.04
CA ALA L 173 66.17 18.95 2.19
C ALA L 173 64.96 18.46 2.98
N ASP L 174 63.91 19.29 3.04
CA ASP L 174 62.69 18.89 3.73
C ASP L 174 62.06 17.66 3.09
N LEU L 175 62.16 17.53 1.77
CA LEU L 175 61.54 16.40 1.09
C LEU L 175 62.18 15.06 1.45
N LEU L 176 63.37 15.07 2.04
CA LEU L 176 64.01 13.83 2.48
C LEU L 176 64.11 13.73 3.99
N ALA L 177 63.53 14.66 4.73
CA ALA L 177 63.42 14.53 6.17
C ALA L 177 62.22 13.66 6.53
N THR L 178 62.25 13.16 7.76
CA THR L 178 61.15 12.32 8.27
C THR L 178 59.93 13.20 8.51
N GLY L 179 58.86 12.92 7.79
CA GLY L 179 57.63 13.68 7.91
C GLY L 179 57.52 14.87 6.98
N GLY L 180 58.39 14.97 5.97
CA GLY L 180 58.31 16.04 4.99
C GLY L 180 58.89 17.38 5.40
N ILE L 181 59.45 17.50 6.61
CA ILE L 181 60.03 18.78 7.03
C ILE L 181 61.05 18.51 8.13
N GLU L 182 62.19 19.20 8.03
CA GLU L 182 63.21 19.11 9.06
C GLU L 182 62.78 19.86 10.32
N GLU L 183 63.00 19.25 11.46
CA GLU L 183 62.65 19.83 12.75
C GLU L 183 63.92 20.18 13.53
N CYS L 184 63.71 20.82 14.68
CA CYS L 184 64.82 21.43 15.41
C CYS L 184 65.95 20.47 15.76
N PRO L 185 65.71 19.23 16.23
CA PRO L 185 66.85 18.35 16.56
C PRO L 185 67.80 18.12 15.41
N ALA L 186 67.38 18.34 14.17
CA ALA L 186 68.31 18.22 13.04
C ALA L 186 69.39 19.29 13.10
N ARG L 187 69.10 20.44 13.72
CA ARG L 187 70.08 21.52 13.83
C ARG L 187 70.81 21.54 15.17
N TYR L 188 70.16 21.15 16.25
CA TYR L 188 70.80 21.02 17.57
C TYR L 188 70.52 19.63 18.10
N PRO L 189 71.34 18.64 17.72
CA PRO L 189 71.06 17.25 18.12
C PRO L 189 71.19 17.01 19.62
N ASN L 190 71.76 17.94 20.38
CA ASN L 190 71.91 17.77 21.82
C ASN L 190 70.74 18.30 22.62
N MET L 191 69.71 18.83 21.96
CA MET L 191 68.62 19.51 22.66
C MET L 191 67.81 18.53 23.50
N HIS L 192 67.10 19.09 24.48
CA HIS L 192 66.17 18.32 25.30
C HIS L 192 64.99 19.20 25.69
N ASP L 193 63.79 18.64 25.59
CA ASP L 193 62.56 19.27 26.04
C ASP L 193 61.78 18.25 26.87
N ASP L 194 61.26 18.67 28.03
CA ASP L 194 60.60 17.72 28.90
C ASP L 194 59.25 17.26 28.37
N PHE L 195 58.77 17.83 27.26
CA PHE L 195 57.56 17.35 26.61
C PHE L 195 57.83 16.70 25.26
N SER L 196 58.53 17.39 24.36
CA SER L 196 58.74 16.86 23.01
C SER L 196 59.87 15.83 22.96
N THR L 197 60.76 15.83 23.96
CA THR L 197 61.84 14.86 24.06
C THR L 197 61.66 14.03 25.34
N ASN L 198 60.42 13.69 25.66
CA ASN L 198 60.12 12.88 26.82
C ASN L 198 59.79 11.47 26.36
N PRO L 199 60.62 10.47 26.66
CA PRO L 199 60.33 9.11 26.21
C PRO L 199 59.11 8.48 26.87
N HIS L 200 58.58 9.08 27.94
CA HIS L 200 57.50 8.49 28.70
C HIS L 200 56.19 9.26 28.56
N SER L 201 56.12 10.22 27.65
CA SER L 201 54.90 11.01 27.50
C SER L 201 53.72 10.12 27.12
N VAL L 202 52.61 10.29 27.84
CA VAL L 202 51.42 9.54 27.49
C VAL L 202 50.84 10.07 26.18
N ASN L 203 49.98 9.25 25.58
CA ASN L 203 49.41 9.58 24.27
C ASN L 203 48.63 10.90 24.32
N TYR L 204 47.60 10.96 25.16
CA TYR L 204 46.67 12.08 25.11
C TYR L 204 47.33 13.40 25.47
N HIS L 205 48.48 13.38 26.16
CA HIS L 205 49.22 14.61 26.41
C HIS L 205 49.85 15.12 25.12
N LYS L 206 50.68 14.30 24.47
CA LYS L 206 51.33 14.72 23.24
C LYS L 206 50.31 15.02 22.14
N GLY L 207 49.20 14.28 22.11
CA GLY L 207 48.18 14.56 21.12
C GLY L 207 47.62 15.97 21.24
N VAL L 208 47.44 16.44 22.46
CA VAL L 208 46.97 17.81 22.68
C VAL L 208 48.10 18.81 22.48
N ILE L 209 49.30 18.50 22.98
CA ILE L 209 50.37 19.49 23.00
C ILE L 209 50.89 19.72 21.59
N GLN L 210 51.03 18.66 20.79
CA GLN L 210 51.49 18.78 19.42
C GLN L 210 50.34 18.78 18.41
N SER L 211 49.14 19.14 18.85
CA SER L 211 48.06 19.36 17.91
C SER L 211 48.29 20.62 17.10
N ALA L 212 47.62 20.71 15.96
CA ALA L 212 47.79 21.87 15.08
C ALA L 212 47.39 23.16 15.78
N ALA L 213 46.43 23.09 16.70
CA ALA L 213 45.98 24.28 17.44
C ALA L 213 47.06 24.81 18.37
N GLU L 214 47.79 23.91 19.02
CA GLU L 214 48.81 24.30 20.01
C GLU L 214 50.18 24.44 19.39
N LEU L 215 50.42 23.86 18.22
CA LEU L 215 51.74 24.14 17.63
C LEU L 215 51.75 25.64 17.35
N SER L 216 50.64 26.16 16.87
CA SER L 216 50.34 27.59 16.64
C SER L 216 51.22 28.21 15.55
N GLY L 217 51.21 29.53 15.47
CA GLY L 217 52.05 30.23 14.52
C GLY L 217 51.79 29.81 13.11
N GLY L 218 52.84 29.56 12.35
CA GLY L 218 52.74 29.19 10.94
C GLY L 218 52.07 27.86 10.76
N TYR L 219 52.29 26.94 11.66
CA TYR L 219 51.63 25.64 11.44
C TYR L 219 50.12 25.80 11.50
N ALA L 220 49.65 26.53 12.49
CA ALA L 220 48.22 26.74 12.69
C ALA L 220 47.64 27.60 11.57
N ALA L 221 48.41 28.56 11.09
CA ALA L 221 47.97 29.48 10.05
C ALA L 221 48.16 28.93 8.65
N HIS L 222 48.58 27.67 8.52
CA HIS L 222 48.74 26.99 7.24
C HIS L 222 49.68 27.74 6.29
N ASN L 223 50.74 28.32 6.86
CA ASN L 223 51.81 28.88 6.04
C ASN L 223 52.64 27.74 5.45
N LEU L 224 52.88 27.80 4.13
CA LEU L 224 53.61 26.73 3.46
C LEU L 224 55.03 26.59 4.01
N LEU L 225 55.64 27.69 4.44
CA LEU L 225 56.98 27.63 5.02
C LEU L 225 57.01 26.81 6.30
N SER L 226 55.85 26.59 6.93
CA SER L 226 55.77 25.89 8.20
C SER L 226 55.25 24.46 8.07
N LEU L 227 54.82 24.06 6.87
CA LEU L 227 54.18 22.77 6.68
C LEU L 227 55.03 21.88 5.79
N PRO L 228 54.84 20.56 5.86
CA PRO L 228 55.47 19.66 4.87
C PRO L 228 54.73 19.73 3.54
N ARG L 229 55.02 20.77 2.77
CA ARG L 229 54.27 21.04 1.56
C ARG L 229 54.62 20.10 0.42
N GLY L 230 55.62 19.24 0.59
CA GLY L 230 55.95 18.24 -0.41
C GLY L 230 56.34 18.83 -1.76
N ARG L 231 57.12 19.91 -1.74
CA ARG L 231 57.41 20.65 -2.96
C ARG L 231 58.70 21.44 -2.74
N ALA L 232 59.41 21.69 -3.84
CA ALA L 232 60.68 22.38 -3.79
C ALA L 232 60.61 23.81 -4.31
N VAL L 233 59.52 24.19 -4.96
CA VAL L 233 59.36 25.52 -5.55
C VAL L 233 58.00 26.07 -5.16
N GLU L 234 57.99 27.30 -4.64
CA GLU L 234 56.74 27.96 -4.29
C GLU L 234 56.21 28.72 -5.49
N ASP L 235 54.91 28.58 -5.76
CA ASP L 235 54.24 29.27 -6.84
C ASP L 235 53.49 30.45 -6.25
N LEU L 236 53.80 31.67 -6.71
CA LEU L 236 53.35 32.87 -6.01
C LEU L 236 53.27 34.05 -6.97
N ASN L 237 52.54 35.09 -6.54
CA ASN L 237 52.31 36.30 -7.31
C ASN L 237 52.78 37.54 -6.56
N ALA L 238 53.02 38.61 -7.31
CA ALA L 238 53.44 39.88 -6.74
C ALA L 238 53.02 41.02 -7.68
N GLU L 239 52.71 42.16 -7.08
CA GLU L 239 52.45 43.40 -7.79
C GLU L 239 53.48 44.46 -7.39
N GLY L 240 54.75 44.06 -7.38
CA GLY L 240 55.84 44.93 -6.95
C GLY L 240 56.49 44.41 -5.68
N PHE L 241 57.76 44.75 -5.46
CA PHE L 241 58.41 44.43 -4.19
C PHE L 241 57.61 44.97 -3.02
N GLY L 242 57.51 44.17 -1.96
CA GLY L 242 56.71 44.51 -0.81
C GLY L 242 55.28 44.06 -0.91
N THR L 243 54.94 43.33 -1.99
CA THR L 243 53.59 42.90 -2.27
C THR L 243 53.49 41.38 -2.48
N LEU L 244 54.61 40.67 -2.44
CA LEU L 244 54.64 39.24 -2.75
C LEU L 244 53.57 38.47 -1.97
N THR L 245 52.92 37.54 -2.66
CA THR L 245 51.81 36.78 -2.11
C THR L 245 51.89 35.34 -2.56
N SER L 246 51.78 34.41 -1.61
CA SER L 246 51.77 32.99 -1.92
C SER L 246 50.40 32.56 -2.43
N GLN L 247 50.37 31.86 -3.56
CA GLN L 247 49.11 31.44 -4.15
C GLN L 247 48.50 30.29 -3.37
N ASP L 248 47.18 30.14 -3.51
CA ASP L 248 46.47 29.05 -2.86
C ASP L 248 46.74 27.72 -3.57
N HIS L 249 46.73 27.72 -4.90
CA HIS L 249 46.91 26.51 -5.69
C HIS L 249 48.34 26.48 -6.21
N GLN L 250 49.16 25.60 -5.63
CA GLN L 250 50.57 25.50 -6.01
C GLN L 250 50.73 24.60 -7.23
N ASP L 251 51.39 25.12 -8.25
CA ASP L 251 51.48 24.41 -9.53
C ASP L 251 52.90 24.16 -10.02
N VAL L 252 53.92 24.80 -9.44
CA VAL L 252 55.30 24.63 -9.90
C VAL L 252 56.03 23.70 -8.94
N ASP L 253 56.86 22.82 -9.50
CA ASP L 253 57.73 21.94 -8.74
C ASP L 253 59.11 22.00 -9.37
N GLY L 254 60.05 21.24 -8.82
CA GLY L 254 61.40 21.29 -9.35
C GLY L 254 62.35 20.45 -8.53
N CYS L 255 63.52 20.23 -9.11
CA CYS L 255 64.61 19.48 -8.50
C CYS L 255 65.88 20.30 -8.63
N SER L 256 66.93 19.89 -7.93
CA SER L 256 68.16 20.65 -7.91
C SER L 256 69.35 19.74 -7.67
N LYS L 257 70.54 20.30 -7.87
CA LYS L 257 71.78 19.60 -7.55
C LYS L 257 72.85 20.63 -7.21
N PHE L 258 73.66 20.33 -6.20
CA PHE L 258 74.82 21.14 -5.85
C PHE L 258 76.06 20.31 -6.14
N GLU L 259 76.96 20.85 -6.95
CA GLU L 259 78.16 20.12 -7.31
C GLU L 259 79.26 21.11 -7.68
N ASN L 260 80.49 20.78 -7.30
CA ASN L 260 81.69 21.53 -7.68
C ASN L 260 81.50 23.05 -7.51
N LYS L 261 80.94 23.43 -6.36
CA LYS L 261 80.77 24.85 -5.99
C LYS L 261 79.82 25.59 -6.92
N LYS L 262 78.88 24.88 -7.55
CA LYS L 262 77.87 25.54 -8.36
C LYS L 262 76.55 24.81 -8.24
N TRP L 263 75.47 25.57 -8.31
CA TRP L 263 74.10 25.05 -8.18
C TRP L 263 73.49 24.81 -9.55
N THR L 264 72.76 23.70 -9.67
CA THR L 264 71.95 23.41 -10.84
C THR L 264 70.53 23.20 -10.39
N VAL L 265 69.63 24.07 -10.83
CA VAL L 265 68.22 24.01 -10.44
C VAL L 265 67.36 23.95 -11.69
N VAL L 266 66.39 23.05 -11.70
CA VAL L 266 65.48 22.90 -12.83
C VAL L 266 64.06 23.14 -12.32
N PHE L 267 63.34 24.01 -13.02
CA PHE L 267 61.95 24.34 -12.71
C PHE L 267 61.10 23.56 -13.69
N CYS L 268 60.01 23.01 -13.21
CA CYS L 268 59.14 22.23 -14.09
C CYS L 268 57.67 22.55 -13.84
N ARG L 269 56.97 22.99 -14.87
CA ARG L 269 55.54 23.28 -14.76
C ARG L 269 54.85 22.90 -16.06
N SER L 270 53.54 22.77 -16.02
CA SER L 270 52.71 22.49 -17.20
C SER L 270 52.68 23.75 -18.03
N LEU L 271 52.50 23.62 -19.34
CA LEU L 271 52.47 24.79 -20.23
C LEU L 271 51.33 25.70 -19.81
N ASN L 272 50.18 25.11 -19.52
CA ASN L 272 48.98 25.85 -19.06
C ASN L 272 48.50 25.23 -17.76
N THR L 273 47.90 26.04 -16.92
CA THR L 273 47.35 25.68 -15.60
C THR L 273 45.89 26.10 -15.53
N GLY L 274 45.14 25.59 -14.57
CA GLY L 274 43.75 26.01 -14.36
C GLY L 274 43.69 27.19 -13.42
N ASP L 275 44.84 27.63 -12.90
CA ASP L 275 44.93 28.80 -12.01
C ASP L 275 45.07 29.98 -12.95
N PRO L 276 44.17 30.98 -12.94
CA PRO L 276 44.26 32.16 -13.77
C PRO L 276 45.32 33.18 -13.34
N LEU L 277 45.90 32.97 -12.16
CA LEU L 277 46.94 33.81 -11.55
C LEU L 277 48.31 33.25 -11.89
N ASP L 278 48.36 32.21 -12.70
CA ASP L 278 49.61 31.54 -13.16
C ASP L 278 49.85 31.98 -14.61
N VAL L 279 51.08 32.24 -15.03
CA VAL L 279 51.40 32.69 -16.43
C VAL L 279 51.04 31.58 -17.39
N GLN L 280 50.53 31.89 -18.57
CA GLN L 280 50.05 30.88 -19.51
C GLN L 280 50.94 30.90 -20.74
N PHE L 281 51.62 29.79 -21.00
CA PHE L 281 52.49 29.67 -22.15
C PHE L 281 51.74 29.04 -23.32
N VAL L 282 52.10 29.47 -24.53
CA VAL L 282 51.53 28.94 -25.77
C VAL L 282 52.67 28.73 -26.75
N PRO L 283 52.82 27.54 -27.33
CA PRO L 283 53.89 27.34 -28.32
C PRO L 283 53.74 28.33 -29.47
N GLY L 284 54.86 28.94 -29.85
CA GLY L 284 54.86 29.93 -30.92
C GLY L 284 54.64 31.36 -30.45
N GLU L 285 54.54 31.58 -29.14
CA GLU L 285 54.21 32.87 -28.57
C GLU L 285 55.33 33.33 -27.65
N SER L 286 55.54 34.64 -27.60
CA SER L 286 56.66 35.24 -26.90
C SER L 286 56.22 36.08 -25.71
N THR L 287 56.96 35.97 -24.60
CA THR L 287 56.75 36.80 -23.42
C THR L 287 58.13 37.15 -22.86
N TYR L 288 58.14 37.68 -21.64
CA TYR L 288 59.36 38.13 -20.98
C TYR L 288 59.60 37.29 -19.73
N PHE L 289 60.81 37.41 -19.16
CA PHE L 289 61.11 36.78 -17.88
C PHE L 289 62.21 37.55 -17.17
N ASN L 290 62.29 37.32 -15.88
CA ASN L 290 63.31 37.93 -15.00
C ASN L 290 63.74 36.91 -13.97
N MET L 291 64.95 37.00 -13.45
CA MET L 291 65.39 36.01 -12.44
C MET L 291 66.23 36.65 -11.36
N ALA L 292 66.31 35.99 -10.21
CA ALA L 292 67.10 36.42 -9.06
C ALA L 292 67.68 35.18 -8.40
N VAL L 293 68.76 35.39 -7.65
CA VAL L 293 69.45 34.31 -6.95
C VAL L 293 69.79 34.76 -5.53
N TRP L 294 69.75 33.82 -4.59
CA TRP L 294 70.06 34.09 -3.19
C TRP L 294 71.22 33.23 -2.73
N ASN L 295 72.07 33.81 -1.89
CA ASN L 295 73.12 33.07 -1.21
C ASN L 295 72.94 33.27 0.29
N GLY L 296 72.59 32.18 0.98
CA GLY L 296 72.38 32.24 2.42
C GLY L 296 73.63 32.58 3.19
N ASP L 297 74.79 32.28 2.61
CA ASP L 297 76.06 32.53 3.29
C ASP L 297 76.26 34.02 3.56
N ARG L 298 75.82 34.88 2.63
CA ARG L 298 75.88 36.32 2.83
C ARG L 298 74.53 36.87 3.23
N GLU L 299 73.68 36.00 3.76
CA GLU L 299 72.36 36.34 4.34
C GLU L 299 71.41 37.02 3.36
N ASP L 300 71.19 36.40 2.21
CA ASP L 300 70.30 36.93 1.17
C ASP L 300 68.92 36.36 1.42
N ARG L 301 67.94 37.25 1.56
CA ARG L 301 66.50 36.97 1.76
C ARG L 301 65.77 38.24 1.34
N ASN L 302 64.58 38.14 0.77
CA ASN L 302 63.88 39.38 0.35
C ASN L 302 64.68 40.19 -0.66
N GLY L 303 64.83 41.51 -0.48
CA GLY L 303 65.42 42.44 -1.45
C GLY L 303 66.92 42.40 -1.47
N GLN L 304 67.47 41.63 -0.55
CA GLN L 304 68.90 41.30 -0.49
C GLN L 304 69.01 40.16 -1.47
N LYS L 305 68.87 40.46 -2.77
CA LYS L 305 68.92 39.39 -3.79
C LYS L 305 70.01 39.80 -4.79
N ASN L 306 70.40 38.85 -5.63
CA ASN L 306 71.20 39.04 -6.84
C ASN L 306 70.25 39.19 -8.03
N ILE L 307 69.95 40.43 -8.42
CA ILE L 307 68.92 40.71 -9.40
C ILE L 307 69.50 40.82 -10.79
N SER L 308 68.69 40.49 -11.79
CA SER L 308 68.89 40.99 -13.14
C SER L 308 67.93 42.17 -13.32
N ILE L 309 68.49 43.35 -13.52
CA ILE L 309 67.71 44.59 -13.49
C ILE L 309 66.73 44.70 -14.64
N GLN L 310 66.80 43.84 -15.65
CA GLN L 310 66.01 44.02 -16.85
C GLN L 310 65.11 42.82 -17.08
N TRP L 311 64.12 43.03 -17.94
CA TRP L 311 63.30 41.94 -18.43
C TRP L 311 64.04 41.26 -19.58
N HIS L 312 63.93 39.94 -19.62
CA HIS L 312 64.59 39.21 -20.68
C HIS L 312 63.56 38.58 -21.59
N PRO L 313 63.71 38.68 -22.91
CA PRO L 313 62.67 38.16 -23.81
C PRO L 313 62.68 36.65 -23.82
N LEU L 314 61.50 36.09 -24.04
CA LEU L 314 61.33 34.65 -24.08
C LEU L 314 60.46 34.31 -25.28
N SER L 315 60.83 33.26 -25.98
CA SER L 315 60.10 32.81 -27.16
C SER L 315 59.95 31.31 -27.10
N LEU L 316 58.76 30.85 -27.45
CA LEU L 316 58.43 29.43 -27.45
C LEU L 316 58.37 28.94 -28.89
N GLU L 317 59.03 27.82 -29.16
CA GLU L 317 58.95 27.21 -30.47
C GLU L 317 57.60 26.51 -30.64
N ARG L 318 57.16 26.43 -31.90
N ARG L 318 57.15 26.43 -31.90
CA ARG L 318 55.94 25.70 -32.22
CA ARG L 318 55.91 25.72 -32.18
C ARG L 318 56.13 24.21 -31.92
C ARG L 318 56.14 24.21 -32.08
N ILE L 319 55.03 23.47 -32.00
CA ILE L 319 55.10 22.03 -31.89
C ILE L 319 55.26 21.43 -33.29
N ALA L 320 56.16 20.45 -33.40
CA ALA L 320 56.39 19.73 -34.66
C ALA L 320 55.34 18.62 -34.78
N TRP L 321 54.15 18.99 -35.22
CA TRP L 321 53.08 18.02 -35.38
C TRP L 321 53.46 16.95 -36.40
N GLN L 322 53.30 15.69 -36.01
CA GLN L 322 53.53 14.55 -36.89
C GLN L 322 52.62 14.64 -38.12
N THR M 2 21.80 -75.10 -1.24
CA THR M 2 22.64 -75.98 -2.05
C THR M 2 24.11 -75.73 -1.77
N LEU M 3 24.97 -76.15 -2.69
CA LEU M 3 26.40 -75.90 -2.57
C LEU M 3 26.87 -75.20 -3.83
N VAL M 4 27.57 -74.07 -3.65
CA VAL M 4 27.96 -73.23 -4.77
C VAL M 4 29.43 -72.86 -4.62
N HIS M 5 30.07 -72.63 -5.76
CA HIS M 5 31.49 -72.29 -5.82
C HIS M 5 31.70 -70.80 -5.64
N ASN M 6 32.56 -70.44 -4.68
CA ASN M 6 32.98 -69.07 -4.43
C ASN M 6 34.50 -69.03 -4.57
N TRP M 7 35.01 -68.32 -5.58
CA TRP M 7 36.45 -68.37 -5.84
C TRP M 7 37.28 -67.59 -4.84
N HIS M 8 36.69 -66.66 -4.08
CA HIS M 8 37.47 -66.00 -3.04
C HIS M 8 37.93 -67.02 -2.01
N LEU M 9 37.04 -67.91 -1.57
CA LEU M 9 37.36 -68.97 -0.62
C LEU M 9 38.02 -70.17 -1.29
N GLY M 10 37.96 -70.28 -2.61
CA GLY M 10 38.59 -71.38 -3.31
C GLY M 10 38.01 -72.74 -2.98
N ARG M 11 36.76 -72.78 -2.56
CA ARG M 11 36.09 -74.00 -2.09
C ARG M 11 34.63 -73.88 -2.44
N ARG M 12 33.89 -74.96 -2.22
CA ARG M 12 32.45 -74.94 -2.41
C ARG M 12 31.79 -74.49 -1.12
N MET M 13 30.76 -73.68 -1.27
CA MET M 13 30.09 -72.96 -0.19
C MET M 13 28.61 -73.29 -0.26
N GLU M 14 27.92 -73.13 0.87
CA GLU M 14 26.49 -73.37 0.92
C GLU M 14 25.71 -72.06 0.77
N TYR M 15 24.81 -72.01 -0.22
CA TYR M 15 23.93 -70.88 -0.51
C TYR M 15 22.58 -71.47 -0.89
N PRO M 16 21.45 -70.81 -0.53
CA PRO M 16 20.13 -71.39 -0.85
C PRO M 16 19.88 -71.65 -2.32
N TYR M 17 20.49 -70.89 -3.22
CA TYR M 17 20.12 -70.94 -4.63
C TYR M 17 21.26 -71.48 -5.48
N PHE M 18 20.88 -72.15 -6.58
CA PHE M 18 21.86 -72.75 -7.48
C PHE M 18 22.73 -71.67 -8.12
N GLU M 19 23.97 -72.06 -8.44
CA GLU M 19 24.92 -71.13 -9.06
C GLU M 19 24.40 -70.63 -10.40
N SER M 20 24.30 -69.31 -10.50
CA SER M 20 23.98 -68.61 -11.77
C SER M 20 24.92 -67.41 -11.81
N ARG M 21 25.50 -67.10 -12.95
CA ARG M 21 26.48 -66.01 -12.96
C ARG M 21 26.18 -65.08 -14.12
N PRO M 22 26.54 -63.79 -14.03
CA PRO M 22 26.29 -62.83 -15.09
C PRO M 22 27.30 -62.92 -16.25
N LYS M 23 26.92 -62.39 -17.41
CA LYS M 23 27.81 -62.41 -18.59
C LYS M 23 29.09 -61.68 -18.18
N HIS M 24 28.95 -60.55 -17.49
CA HIS M 24 30.07 -59.90 -16.82
C HIS M 24 29.55 -59.27 -15.53
N GLN M 25 30.45 -59.11 -14.57
CA GLN M 25 30.09 -58.68 -13.22
C GLN M 25 30.51 -57.24 -13.00
N PHE M 26 29.56 -56.41 -12.55
CA PHE M 26 29.83 -55.06 -12.11
C PHE M 26 30.94 -55.10 -11.07
N ALA M 27 32.06 -54.46 -11.39
CA ALA M 27 33.23 -54.53 -10.52
C ALA M 27 34.02 -53.24 -10.61
N ALA M 28 34.85 -53.02 -9.59
CA ALA M 28 35.67 -51.82 -9.53
C ALA M 28 36.90 -52.11 -8.70
N VAL M 29 37.95 -51.33 -8.95
CA VAL M 29 39.22 -51.43 -8.23
C VAL M 29 39.46 -50.11 -7.52
N PHE M 30 39.72 -50.18 -6.21
CA PHE M 30 39.98 -49.00 -5.40
C PHE M 30 41.43 -49.01 -4.97
N ASN M 31 42.18 -47.98 -5.34
CA ASN M 31 43.56 -47.83 -4.89
C ASN M 31 43.53 -47.08 -3.57
N ILE M 32 43.52 -47.85 -2.47
CA ILE M 32 43.47 -47.25 -1.15
C ILE M 32 44.65 -46.31 -0.93
N ASN M 33 45.80 -46.64 -1.52
CA ASN M 33 46.99 -45.82 -1.37
C ASN M 33 46.78 -44.39 -1.87
N ARG M 34 45.90 -44.20 -2.84
CA ARG M 34 45.66 -42.87 -3.39
C ARG M 34 44.51 -42.14 -2.71
N CYS M 35 43.77 -42.81 -1.83
CA CYS M 35 42.56 -42.20 -1.29
C CYS M 35 42.91 -41.11 -0.28
N ILE M 36 42.03 -40.12 -0.18
CA ILE M 36 42.23 -38.95 0.67
C ILE M 36 41.10 -38.78 1.67
N ALA M 37 40.08 -39.65 1.63
CA ALA M 37 38.87 -39.54 2.46
C ALA M 37 38.15 -38.23 2.23
N CYS M 38 38.18 -37.71 1.01
CA CYS M 38 37.45 -36.49 0.73
C CYS M 38 35.95 -36.74 0.69
N GLN M 39 35.53 -38.00 0.58
CA GLN M 39 34.10 -38.35 0.56
C GLN M 39 33.36 -37.56 -0.51
N THR M 40 34.07 -37.18 -1.57
CA THR M 40 33.43 -36.62 -2.76
C THR M 40 32.48 -37.62 -3.37
N CYS M 41 32.92 -38.87 -3.47
CA CYS M 41 32.07 -39.97 -3.90
C CYS M 41 30.84 -40.10 -3.02
N THR M 42 30.99 -39.87 -1.72
CA THR M 42 29.85 -39.98 -0.80
C THR M 42 28.77 -38.99 -1.15
N MET M 43 29.15 -37.73 -1.38
CA MET M 43 28.18 -36.70 -1.74
C MET M 43 27.66 -36.87 -3.16
N ALA M 44 28.41 -37.56 -4.03
CA ALA M 44 27.91 -37.86 -5.37
C ALA M 44 26.65 -38.72 -5.29
N CYS M 45 26.69 -39.80 -4.51
CA CYS M 45 25.52 -40.65 -4.36
C CYS M 45 24.41 -39.96 -3.58
N LYS M 46 24.80 -39.19 -2.54
CA LYS M 46 23.79 -38.53 -1.70
C LYS M 46 22.95 -37.56 -2.51
N SER M 47 23.59 -36.64 -3.22
CA SER M 47 22.90 -35.62 -3.98
C SER M 47 22.08 -36.18 -5.16
N THR M 48 22.08 -37.49 -5.37
CA THR M 48 21.43 -38.08 -6.53
C THR M 48 20.32 -39.06 -6.17
N TRP M 49 20.51 -39.89 -5.15
CA TRP M 49 19.57 -40.97 -4.88
C TRP M 49 18.99 -40.95 -3.46
N THR M 50 19.74 -40.49 -2.47
CA THR M 50 19.33 -40.56 -1.07
C THR M 50 19.21 -39.16 -0.47
N PHE M 51 18.67 -38.21 -1.24
CA PHE M 51 18.67 -36.81 -0.85
C PHE M 51 17.35 -36.34 -0.26
N ASN M 52 16.33 -37.20 -0.22
CA ASN M 52 14.97 -36.76 0.07
C ASN M 52 14.51 -37.30 1.42
N LYS M 53 13.22 -37.09 1.71
CA LYS M 53 12.67 -37.46 2.99
C LYS M 53 12.77 -38.96 3.22
N GLY M 54 13.04 -39.35 4.47
CA GLY M 54 13.20 -40.74 4.84
C GLY M 54 14.58 -41.33 4.61
N GLN M 55 15.46 -40.64 3.88
CA GLN M 55 16.81 -41.10 3.59
C GLN M 55 17.87 -40.21 4.22
N GLU M 56 17.53 -39.54 5.33
CA GLU M 56 18.45 -38.60 5.94
C GLU M 56 19.68 -39.28 6.51
N PHE M 57 19.52 -40.51 7.00
CA PHE M 57 20.62 -41.28 7.57
C PHE M 57 21.31 -42.17 6.54
N MET M 58 20.79 -42.23 5.31
CA MET M 58 21.26 -43.20 4.33
C MET M 58 22.47 -42.65 3.60
N TRP M 59 23.58 -43.38 3.66
CA TRP M 59 24.81 -43.05 2.94
C TRP M 59 25.28 -44.33 2.24
N TRP M 60 24.77 -44.56 1.02
CA TRP M 60 25.11 -45.78 0.30
C TRP M 60 26.61 -45.88 0.04
N ASN M 61 27.23 -44.77 -0.34
CA ASN M 61 28.68 -44.68 -0.47
C ASN M 61 29.23 -44.01 0.79
N ASN M 62 30.22 -44.65 1.42
CA ASN M 62 30.84 -44.09 2.60
C ASN M 62 32.33 -44.38 2.58
N VAL M 63 33.11 -43.43 3.11
CA VAL M 63 34.53 -43.63 3.35
C VAL M 63 34.74 -43.56 4.86
N GLU M 64 35.28 -44.64 5.43
CA GLU M 64 35.46 -44.75 6.87
C GLU M 64 36.94 -44.93 7.17
N THR M 65 37.37 -44.36 8.29
CA THR M 65 38.78 -44.42 8.70
C THR M 65 39.00 -45.68 9.54
N LYS M 66 39.65 -46.66 8.94
CA LYS M 66 39.94 -47.88 9.68
C LYS M 66 41.19 -47.67 10.55
N PRO M 67 41.29 -48.37 11.69
CA PRO M 67 40.43 -49.48 12.10
C PRO M 67 39.23 -49.11 12.98
N TYR M 68 39.24 -47.95 13.63
CA TYR M 68 38.19 -47.65 14.60
C TYR M 68 36.90 -47.16 13.97
N GLY M 69 36.95 -46.60 12.76
CA GLY M 69 35.78 -45.99 12.17
C GLY M 69 34.88 -46.96 11.42
N GLY M 70 33.64 -46.54 11.21
CA GLY M 70 32.70 -47.36 10.46
C GLY M 70 31.33 -46.73 10.39
N PHE M 71 30.60 -47.11 9.34
CA PHE M 71 29.19 -46.74 9.16
C PHE M 71 28.40 -47.94 8.67
N PRO M 72 27.53 -48.54 9.51
CA PRO M 72 27.18 -48.12 10.87
C PRO M 72 28.32 -48.35 11.86
N GLN M 73 28.18 -47.80 13.07
CA GLN M 73 29.26 -47.84 14.04
C GLN M 73 29.67 -49.29 14.33
N SER M 74 30.95 -49.58 14.12
CA SER M 74 31.55 -50.89 14.41
C SER M 74 30.82 -52.02 13.68
N TRP M 75 30.49 -51.79 12.41
CA TRP M 75 29.84 -52.83 11.63
C TRP M 75 30.78 -54.02 11.40
N ASP M 76 32.08 -53.76 11.28
CA ASP M 76 33.03 -54.86 11.11
C ASP M 76 33.04 -55.75 12.35
N VAL M 77 33.21 -55.13 13.52
CA VAL M 77 33.39 -55.88 14.75
C VAL M 77 32.14 -56.69 15.08
N LYS M 78 30.97 -56.11 14.88
CA LYS M 78 29.74 -56.81 15.20
C LYS M 78 29.54 -58.04 14.33
N THR M 79 29.75 -57.92 13.02
CA THR M 79 29.51 -59.07 12.16
C THR M 79 30.64 -60.09 12.23
N LEU M 80 31.90 -59.64 12.29
CA LEU M 80 33.02 -60.57 12.36
C LEU M 80 33.05 -61.35 13.67
N LYS M 81 32.47 -60.80 14.74
CA LYS M 81 32.39 -61.52 16.00
C LYS M 81 31.37 -62.64 15.92
N LEU M 82 30.40 -62.49 15.04
CA LEU M 82 29.36 -63.48 14.78
C LEU M 82 29.88 -64.67 13.98
N ILE M 83 31.12 -64.60 13.49
CA ILE M 83 31.70 -65.70 12.73
C ILE M 83 33.03 -66.12 13.36
N ASP M 84 33.29 -65.66 14.59
CA ASP M 84 34.56 -65.92 15.24
C ASP M 84 34.71 -67.40 15.58
N SER M 85 35.77 -68.01 15.08
CA SER M 85 36.11 -69.40 15.33
C SER M 85 37.62 -69.56 15.21
N PRO M 86 38.22 -70.46 16.00
CA PRO M 86 39.67 -70.70 15.85
C PRO M 86 40.04 -71.34 14.52
N ASP M 87 39.08 -71.81 13.74
CA ASP M 87 39.33 -72.46 12.47
C ASP M 87 39.26 -71.51 11.28
N ASN M 88 39.12 -70.21 11.51
CA ASN M 88 39.06 -69.26 10.40
C ASN M 88 40.48 -69.10 9.88
N ILE M 89 40.87 -69.95 8.94
CA ILE M 89 42.24 -70.02 8.47
C ILE M 89 42.24 -70.25 6.97
N TRP M 90 43.17 -69.58 6.29
CA TRP M 90 43.42 -69.76 4.87
C TRP M 90 44.52 -70.79 4.70
N TYR M 91 44.46 -71.53 3.61
CA TYR M 91 45.54 -72.45 3.25
C TYR M 91 46.04 -72.10 1.86
N THR M 92 47.29 -71.66 1.79
CA THR M 92 47.88 -71.10 0.57
C THR M 92 48.68 -72.13 -0.21
N ASP M 93 48.82 -73.34 0.33
CA ASP M 93 49.73 -74.32 -0.25
C ASP M 93 49.37 -74.63 -1.69
N ASP M 94 48.09 -74.78 -1.98
CA ASP M 94 47.67 -75.14 -3.33
C ASP M 94 46.81 -74.08 -3.98
N LYS M 95 47.26 -72.83 -3.98
CA LYS M 95 46.55 -71.81 -4.75
C LYS M 95 46.71 -72.13 -6.23
N ASP M 96 46.12 -71.31 -7.09
CA ASP M 96 46.24 -71.60 -8.51
C ASP M 96 47.55 -71.06 -9.06
N LYS M 97 48.28 -71.93 -9.76
CA LYS M 97 49.49 -71.52 -10.46
C LYS M 97 49.15 -70.78 -11.75
N GLU M 98 48.04 -71.16 -12.37
CA GLU M 98 47.55 -70.54 -13.59
C GLU M 98 46.28 -69.77 -13.28
N THR M 99 46.04 -68.71 -14.05
CA THR M 99 44.85 -67.89 -13.93
C THR M 99 43.62 -68.68 -14.35
N SER M 100 42.70 -68.91 -13.42
CA SER M 100 41.51 -69.65 -13.79
C SER M 100 40.52 -68.72 -14.50
N GLN M 101 39.54 -69.34 -15.14
CA GLN M 101 38.53 -68.71 -16.03
C GLN M 101 37.53 -67.87 -15.26
N TYR M 102 36.80 -67.02 -15.97
CA TYR M 102 35.89 -66.08 -15.29
C TYR M 102 34.91 -66.81 -14.38
N GLY M 103 34.88 -66.39 -13.14
CA GLY M 103 33.97 -66.93 -12.12
C GLY M 103 34.42 -68.23 -11.51
N THR M 104 35.64 -68.69 -11.79
CA THR M 104 36.08 -70.01 -11.27
C THR M 104 37.53 -69.98 -10.83
N GLY M 105 37.94 -70.86 -9.91
CA GLY M 105 39.35 -70.95 -9.48
C GLY M 105 39.53 -70.78 -7.99
N ALA M 106 40.78 -70.79 -7.52
CA ALA M 106 41.12 -70.56 -6.12
C ALA M 106 42.39 -69.72 -6.07
N PRO M 107 42.30 -68.45 -6.49
CA PRO M 107 43.54 -67.68 -6.69
C PRO M 107 44.31 -67.40 -5.41
N TYR M 108 43.61 -67.11 -4.30
CA TYR M 108 44.28 -66.80 -3.04
C TYR M 108 44.55 -68.03 -2.19
N GLY M 109 43.84 -69.14 -2.44
CA GLY M 109 43.99 -70.33 -1.64
C GLY M 109 42.66 -70.95 -1.26
N THR M 110 42.58 -71.60 -0.10
CA THR M 110 41.34 -72.22 0.36
C THR M 110 41.11 -71.88 1.83
N TYR M 111 39.96 -71.27 2.11
CA TYR M 111 39.55 -70.85 3.45
C TYR M 111 38.62 -71.88 4.07
N GLU M 112 38.99 -72.42 5.24
CA GLU M 112 38.19 -73.44 5.90
C GLU M 112 37.33 -72.87 7.02
N GLY M 113 37.17 -71.55 7.09
CA GLY M 113 36.28 -70.98 8.06
C GLY M 113 34.83 -71.00 7.60
N ASP M 114 33.94 -70.77 8.56
CA ASP M 114 32.51 -70.86 8.28
C ASP M 114 32.01 -69.51 7.77
N THR M 115 31.21 -69.56 6.70
CA THR M 115 30.58 -68.39 6.13
C THR M 115 29.39 -67.99 7.01
N ILE M 116 28.91 -66.76 6.82
CA ILE M 116 27.72 -66.32 7.56
C ILE M 116 26.56 -67.24 7.23
N PHE M 117 26.54 -67.80 6.03
CA PHE M 117 25.54 -68.80 5.67
C PHE M 117 25.84 -70.13 6.37
N GLU M 118 27.10 -70.54 6.38
CA GLU M 118 27.47 -71.82 6.98
C GLU M 118 27.46 -71.77 8.50
N VAL M 119 27.74 -70.61 9.10
CA VAL M 119 27.59 -70.46 10.54
C VAL M 119 26.13 -70.70 10.93
N ALA M 120 25.20 -70.13 10.15
CA ALA M 120 23.79 -70.32 10.43
C ALA M 120 23.38 -71.78 10.32
N LYS M 121 23.98 -72.51 9.37
CA LYS M 121 23.63 -73.90 9.15
C LYS M 121 24.14 -74.77 10.29
N LYS M 122 25.40 -74.59 10.70
CA LYS M 122 25.99 -75.42 11.74
C LYS M 122 25.33 -75.17 13.09
N LYS M 123 24.92 -73.93 13.36
CA LYS M 123 24.33 -73.58 14.65
C LYS M 123 22.82 -73.77 14.67
N ASN M 124 22.24 -74.10 13.52
CA ASN M 124 20.77 -74.36 13.42
C ASN M 124 19.96 -73.20 13.97
N ILE M 125 20.18 -72.01 13.46
CA ILE M 125 19.45 -70.83 14.00
C ILE M 125 18.11 -70.66 13.29
N ASN M 126 17.82 -71.47 12.27
CA ASN M 126 16.55 -71.34 11.50
C ASN M 126 16.40 -69.94 10.88
N GLN M 127 17.51 -69.43 10.35
CA GLN M 127 17.65 -68.18 9.57
C GLN M 127 18.70 -68.51 8.50
N TRP M 128 18.68 -67.84 7.37
CA TRP M 128 19.60 -68.19 6.29
C TRP M 128 21.03 -67.76 6.58
N ALA M 129 21.19 -66.69 7.36
CA ALA M 129 22.53 -66.20 7.66
C ALA M 129 22.50 -65.48 9.00
N VAL M 130 23.64 -65.41 9.64
CA VAL M 130 23.78 -64.65 10.88
C VAL M 130 23.83 -63.17 10.52
N GLY M 131 23.36 -62.33 11.45
CA GLY M 131 23.37 -60.91 11.22
C GLY M 131 22.66 -60.17 12.34
N TYR M 132 22.45 -58.88 12.10
CA TYR M 132 21.79 -58.01 13.06
C TYR M 132 21.21 -56.81 12.33
N ILE M 133 20.24 -56.17 12.96
CA ILE M 133 19.66 -54.93 12.47
C ILE M 133 20.36 -53.78 13.23
N PRO M 134 21.12 -52.93 12.54
CA PRO M 134 21.67 -51.76 13.23
C PRO M 134 20.54 -50.84 13.67
N GLU M 135 20.54 -50.51 14.95
CA GLU M 135 19.51 -49.63 15.47
C GLU M 135 19.71 -48.22 14.92
N ASP M 136 18.64 -47.43 14.91
CA ASP M 136 18.70 -46.11 14.30
C ASP M 136 19.83 -45.26 14.89
N LYS M 137 20.20 -45.50 16.14
CA LYS M 137 21.32 -44.78 16.75
C LYS M 137 22.67 -45.25 16.20
N GLU M 138 22.73 -46.45 15.64
CA GLU M 138 23.99 -46.93 15.08
C GLU M 138 24.21 -46.45 13.66
N TRP M 139 23.19 -45.84 13.04
CA TRP M 139 23.34 -45.16 11.76
C TRP M 139 23.77 -43.72 11.93
N ARG M 140 23.81 -43.20 13.15
CA ARG M 140 24.38 -41.89 13.41
C ARG M 140 25.88 -41.93 13.18
N SER M 141 26.49 -40.75 13.15
CA SER M 141 27.93 -40.61 13.03
C SER M 141 28.46 -41.32 11.80
N PRO M 142 28.10 -40.89 10.60
CA PRO M 142 28.61 -41.58 9.40
C PRO M 142 30.12 -41.52 9.27
N ASN M 143 30.75 -40.48 9.81
CA ASN M 143 32.20 -40.35 9.85
C ASN M 143 32.77 -40.78 11.20
N PHE M 144 32.08 -41.68 11.89
CA PHE M 144 32.55 -42.22 13.16
C PHE M 144 34.02 -42.62 13.08
N GLY M 145 34.81 -42.15 14.04
CA GLY M 145 36.23 -42.49 14.07
C GLY M 145 37.07 -41.91 12.95
N GLU M 146 36.75 -40.72 12.48
CA GLU M 146 37.55 -40.08 11.43
C GLU M 146 38.98 -39.88 11.90
N ASP M 147 39.93 -40.30 11.05
CA ASP M 147 41.37 -40.02 11.25
C ASP M 147 41.85 -40.46 12.63
N THR M 148 41.23 -41.50 13.18
CA THR M 148 41.61 -42.04 14.48
C THR M 148 42.55 -43.22 14.27
N ALA M 149 43.77 -43.09 14.78
CA ALA M 149 44.85 -44.05 14.56
C ALA M 149 44.98 -45.02 15.73
N LYS M 150 45.53 -46.18 15.43
CA LYS M 150 46.01 -47.08 16.46
C LYS M 150 47.44 -46.70 16.83
N SER M 151 47.72 -46.65 18.12
CA SER M 151 49.04 -46.28 18.60
C SER M 151 49.58 -47.39 19.50
N SER M 152 50.89 -47.60 19.43
CA SER M 152 51.52 -48.51 20.38
C SER M 152 51.50 -47.95 21.80
N ASN M 153 51.33 -46.63 21.93
CA ASN M 153 51.23 -45.95 23.22
C ASN M 153 52.54 -46.06 24.01
N GLN M 154 53.65 -46.22 23.30
CA GLN M 154 54.98 -46.21 23.87
C GLN M 154 55.66 -44.88 23.58
N PRO M 155 56.53 -44.41 24.48
CA PRO M 155 56.98 -43.00 24.39
C PRO M 155 57.69 -42.62 23.09
N GLY M 156 58.63 -43.43 22.62
CA GLY M 156 59.40 -43.07 21.44
C GLY M 156 58.77 -43.44 20.11
N GLU M 157 57.45 -43.60 20.09
CA GLU M 157 56.77 -44.10 18.90
C GLU M 157 56.90 -43.16 17.71
N TYR M 158 57.15 -43.74 16.55
CA TYR M 158 57.20 -43.04 15.28
C TYR M 158 56.80 -44.04 14.19
N SER M 159 56.44 -43.53 13.02
CA SER M 159 55.91 -44.35 11.95
C SER M 159 56.86 -44.37 10.77
N THR M 160 57.25 -45.56 10.35
CA THR M 160 58.06 -45.76 9.16
C THR M 160 57.58 -47.03 8.47
N LEU M 161 57.86 -47.10 7.17
CA LEU M 161 57.51 -48.30 6.42
C LEU M 161 58.48 -49.44 6.78
N PRO M 162 58.05 -50.70 6.61
CA PRO M 162 56.86 -51.25 5.95
C PRO M 162 55.57 -51.28 6.77
N GLU M 163 55.65 -51.19 8.10
CA GLU M 163 54.45 -51.17 8.92
C GLU M 163 54.53 -50.00 9.89
N HIS M 164 53.50 -49.16 9.87
CA HIS M 164 53.46 -47.98 10.72
C HIS M 164 53.03 -48.35 12.14
N SER M 165 53.85 -47.95 13.12
CA SER M 165 53.45 -48.15 14.52
C SER M 165 52.15 -47.40 14.81
N ARG M 166 52.11 -46.12 14.45
CA ARG M 166 50.90 -45.32 14.50
C ARG M 166 50.32 -45.25 13.08
N TRP M 167 49.13 -45.80 12.89
CA TRP M 167 48.61 -45.97 11.55
C TRP M 167 47.08 -45.86 11.55
N PHE M 168 46.54 -45.50 10.40
CA PHE M 168 45.12 -45.53 10.08
C PHE M 168 44.97 -45.30 8.59
N PHE M 169 43.96 -45.92 8.00
CA PHE M 169 43.75 -45.83 6.56
C PHE M 169 42.25 -45.74 6.26
N TYR M 170 41.95 -45.55 4.98
CA TYR M 170 40.60 -45.24 4.51
C TYR M 170 40.03 -46.42 3.74
N LEU M 171 38.78 -46.77 4.06
CA LEU M 171 38.06 -47.85 3.39
C LEU M 171 36.87 -47.26 2.66
N GLN M 172 36.80 -47.50 1.35
CA GLN M 172 35.80 -46.92 0.47
C GLN M 172 34.77 -47.99 0.15
N ARG M 173 33.53 -47.78 0.60
CA ARG M 173 32.55 -48.86 0.63
C ARG M 173 31.24 -48.43 -0.03
N ILE M 174 30.77 -49.27 -0.97
CA ILE M 174 29.43 -49.19 -1.53
C ILE M 174 28.85 -50.59 -1.43
N CYS M 175 27.66 -50.80 -1.98
CA CYS M 175 27.19 -52.16 -2.15
C CYS M 175 28.16 -52.91 -3.06
N ASN M 176 28.67 -54.04 -2.58
CA ASN M 176 29.63 -54.80 -3.35
C ASN M 176 28.97 -55.55 -4.50
N HIS M 177 27.64 -55.56 -4.58
CA HIS M 177 26.89 -56.28 -5.59
C HIS M 177 27.43 -57.70 -5.72
N CYS M 178 27.35 -58.40 -4.58
CA CYS M 178 28.03 -59.67 -4.39
C CYS M 178 27.49 -60.74 -5.32
N THR M 179 28.36 -61.71 -5.63
CA THR M 179 27.93 -62.86 -6.42
C THR M 179 26.88 -63.67 -5.69
N TYR M 180 27.06 -63.85 -4.38
CA TYR M 180 26.13 -64.58 -3.51
C TYR M 180 25.68 -63.64 -2.40
N PRO M 181 24.85 -62.66 -2.71
CA PRO M 181 24.52 -61.65 -1.70
C PRO M 181 23.72 -62.24 -0.54
N GLY M 182 24.07 -61.80 0.66
CA GLY M 182 23.31 -62.21 1.83
C GLY M 182 21.92 -61.61 1.86
N CYS M 183 21.78 -60.38 1.37
CA CYS M 183 20.47 -59.73 1.33
C CYS M 183 19.51 -60.48 0.43
N LEU M 184 19.97 -60.91 -0.75
CA LEU M 184 19.12 -61.68 -1.64
C LEU M 184 18.69 -63.00 -1.00
N ALA M 185 19.64 -63.69 -0.33
CA ALA M 185 19.30 -64.92 0.37
C ALA M 185 18.44 -64.64 1.58
N ALA M 186 18.59 -63.46 2.16
CA ALA M 186 17.83 -63.16 3.38
C ALA M 186 16.36 -62.95 3.06
N CYS M 187 16.07 -62.22 1.98
CA CYS M 187 14.71 -61.77 1.67
C CYS M 187 13.74 -62.92 1.48
N PRO M 188 12.72 -63.05 2.32
CA PRO M 188 11.78 -64.17 2.16
C PRO M 188 10.82 -63.99 1.00
N ARG M 189 10.52 -62.73 0.72
CA ARG M 189 9.57 -62.28 -0.32
C ARG M 189 10.20 -62.44 -1.70
N LYS M 190 11.51 -62.69 -1.74
CA LYS M 190 12.31 -62.78 -2.99
C LYS M 190 12.17 -61.46 -3.75
N ALA M 191 12.20 -60.35 -3.02
CA ALA M 191 12.05 -59.00 -3.58
C ALA M 191 13.39 -58.42 -3.97
N ILE M 192 14.49 -59.10 -3.63
CA ILE M 192 15.85 -58.74 -4.03
C ILE M 192 16.29 -59.71 -5.12
N TYR M 193 16.81 -59.17 -6.23
CA TYR M 193 17.24 -59.99 -7.35
C TYR M 193 18.51 -59.41 -7.97
N LYS M 194 19.29 -60.30 -8.57
CA LYS M 194 20.56 -59.90 -9.24
C LYS M 194 20.34 -60.04 -10.76
N ARG M 195 20.59 -58.96 -11.51
CA ARG M 195 20.38 -58.98 -12.96
C ARG M 195 21.45 -59.85 -13.58
N LYS M 196 21.05 -60.72 -14.51
CA LYS M 196 22.04 -61.65 -15.04
C LYS M 196 22.94 -60.97 -16.06
N GLU M 197 22.50 -59.86 -16.65
CA GLU M 197 23.27 -59.22 -17.71
C GLU M 197 24.49 -58.47 -17.16
N ASP M 198 24.37 -57.85 -16.00
CA ASP M 198 25.44 -57.01 -15.50
C ASP M 198 25.79 -57.25 -14.04
N GLY M 199 25.07 -58.12 -13.34
CA GLY M 199 25.37 -58.45 -11.96
C GLY M 199 24.94 -57.44 -10.91
N ILE M 200 24.11 -56.46 -11.25
CA ILE M 200 23.64 -55.51 -10.25
C ILE M 200 22.49 -56.13 -9.48
N VAL M 201 22.54 -56.04 -8.16
CA VAL M 201 21.49 -56.55 -7.28
C VAL M 201 20.61 -55.40 -6.86
N LEU M 202 19.29 -55.59 -6.96
CA LEU M 202 18.34 -54.51 -6.73
C LEU M 202 17.20 -54.98 -5.84
N ILE M 203 16.62 -54.03 -5.12
CA ILE M 203 15.43 -54.28 -4.30
C ILE M 203 14.21 -53.79 -5.08
N ASP M 204 13.29 -54.72 -5.37
CA ASP M 204 12.07 -54.36 -6.06
C ASP M 204 11.21 -53.49 -5.15
N GLN M 205 11.17 -52.19 -5.43
CA GLN M 205 10.40 -51.26 -4.60
C GLN M 205 8.91 -51.37 -4.84
N LYS M 206 8.48 -51.98 -5.96
CA LYS M 206 7.06 -52.22 -6.18
C LYS M 206 6.52 -53.30 -5.26
N ARG M 207 7.35 -54.29 -4.90
CA ARG M 207 6.89 -55.47 -4.17
C ARG M 207 7.41 -55.58 -2.74
N CYS M 208 8.44 -54.83 -2.37
CA CYS M 208 8.99 -54.91 -1.01
C CYS M 208 8.00 -54.46 0.06
N ARG M 209 8.09 -55.15 1.20
CA ARG M 209 7.25 -54.95 2.38
C ARG M 209 8.07 -54.49 3.60
N GLY M 210 9.29 -54.00 3.41
CA GLY M 210 10.09 -53.57 4.54
C GLY M 210 10.30 -54.65 5.58
N TYR M 211 10.64 -55.86 5.15
CA TYR M 211 10.92 -56.90 6.13
C TYR M 211 12.26 -56.70 6.80
N ARG M 212 13.14 -55.90 6.21
CA ARG M 212 14.40 -55.52 6.84
C ARG M 212 15.30 -56.72 7.14
N LYS M 213 14.95 -57.91 6.63
CA LYS M 213 15.82 -59.06 6.78
C LYS M 213 17.10 -58.88 5.97
N CYS M 214 16.98 -58.22 4.80
CA CYS M 214 18.16 -57.81 4.06
C CYS M 214 19.04 -56.91 4.94
N VAL M 215 18.42 -55.98 5.67
CA VAL M 215 19.17 -55.16 6.61
C VAL M 215 19.82 -56.02 7.69
N GLU M 216 19.16 -57.11 8.08
CA GLU M 216 19.67 -57.94 9.17
C GLU M 216 20.90 -58.72 8.72
N GLN M 217 20.79 -59.45 7.61
CA GLN M 217 21.78 -60.46 7.26
C GLN M 217 22.80 -60.00 6.21
N CYS M 218 22.62 -58.81 5.64
CA CYS M 218 23.70 -58.29 4.79
C CYS M 218 24.85 -57.91 5.68
N PRO M 219 26.01 -58.56 5.59
CA PRO M 219 27.10 -58.27 6.51
C PRO M 219 27.74 -56.90 6.32
N TYR M 220 27.53 -56.27 5.15
CA TYR M 220 28.11 -54.96 4.89
C TYR M 220 27.14 -53.82 5.21
N LYS M 221 25.89 -54.14 5.54
CA LYS M 221 24.92 -53.18 6.08
C LYS M 221 24.64 -52.03 5.11
N LYS M 222 24.61 -52.34 3.82
CA LYS M 222 24.23 -51.38 2.80
C LYS M 222 22.71 -51.22 2.66
N PRO M 223 21.90 -52.29 2.74
CA PRO M 223 20.45 -52.09 2.68
C PRO M 223 19.96 -51.30 3.90
N MET M 224 19.16 -50.27 3.64
CA MET M 224 18.74 -49.32 4.65
C MET M 224 17.23 -49.09 4.55
N TYR M 225 16.59 -48.96 5.72
CA TYR M 225 15.15 -48.81 5.81
C TYR M 225 14.73 -47.36 5.66
N ARG M 226 13.85 -47.10 4.71
CA ARG M 226 13.31 -45.77 4.50
C ARG M 226 11.99 -45.62 5.25
N GLY M 227 12.07 -45.03 6.44
CA GLY M 227 10.89 -44.82 7.25
C GLY M 227 9.71 -44.23 6.52
N LEU M 228 9.96 -43.26 5.64
CA LEU M 228 8.86 -42.57 4.95
C LEU M 228 8.09 -43.53 4.06
N THR M 229 8.80 -44.34 3.28
CA THR M 229 8.18 -45.25 2.32
C THR M 229 7.91 -46.63 2.91
N ARG M 230 8.32 -46.87 4.17
CA ARG M 230 8.10 -48.15 4.83
C ARG M 230 8.68 -49.30 4.00
N VAL M 231 9.73 -49.00 3.25
CA VAL M 231 10.40 -49.96 2.39
C VAL M 231 11.90 -49.73 2.51
N SER M 232 12.67 -50.75 2.16
CA SER M 232 14.13 -50.68 2.21
C SER M 232 14.69 -50.37 0.83
N GLU M 233 15.85 -49.70 0.83
CA GLU M 233 16.54 -49.33 -0.40
C GLU M 233 18.02 -49.66 -0.25
N LYS M 234 18.73 -49.66 -1.37
CA LYS M 234 20.14 -49.98 -1.38
C LYS M 234 20.78 -49.32 -2.60
N CYS M 235 22.11 -49.38 -2.64
CA CYS M 235 22.87 -48.89 -3.79
C CYS M 235 22.43 -49.63 -5.05
N ILE M 236 22.08 -48.85 -6.08
CA ILE M 236 21.62 -49.41 -7.35
C ILE M 236 22.73 -49.48 -8.38
N ALA M 237 23.98 -49.20 -7.97
CA ALA M 237 25.12 -49.11 -8.88
C ALA M 237 24.83 -48.13 -10.00
N CYS M 238 23.91 -47.20 -9.74
CA CYS M 238 23.44 -46.26 -10.75
C CYS M 238 23.20 -46.94 -12.09
N TYR M 239 22.32 -47.94 -12.12
CA TYR M 239 22.13 -48.71 -13.35
C TYR M 239 21.72 -47.87 -14.55
N PRO M 240 20.98 -46.73 -14.42
CA PRO M 240 20.73 -45.93 -15.63
C PRO M 240 21.97 -45.38 -16.27
N ARG M 241 23.00 -45.06 -15.47
CA ARG M 241 24.26 -44.60 -16.01
C ARG M 241 24.99 -45.73 -16.71
N ILE M 242 24.93 -46.92 -16.11
CA ILE M 242 25.57 -48.09 -16.67
C ILE M 242 24.91 -48.48 -17.99
N GLU M 243 23.59 -48.35 -18.05
CA GLU M 243 22.84 -48.68 -19.26
C GLU M 243 23.05 -47.67 -20.39
N GLY M 244 23.82 -46.61 -20.16
CA GLY M 244 24.07 -45.63 -21.21
C GLY M 244 22.94 -44.65 -21.43
N ARG M 245 22.22 -44.28 -20.38
CA ARG M 245 21.07 -43.39 -20.48
C ARG M 245 21.41 -41.95 -20.13
N ASP M 246 22.70 -41.62 -20.02
CA ASP M 246 23.14 -40.26 -19.79
C ASP M 246 23.71 -39.74 -21.10
N SER M 247 23.18 -38.61 -21.57
CA SER M 247 23.57 -38.10 -22.89
C SER M 247 25.03 -37.69 -22.95
N LEU M 248 25.72 -37.65 -21.80
CA LEU M 248 27.12 -37.24 -21.80
C LEU M 248 28.01 -38.27 -22.49
N THR M 249 27.65 -39.54 -22.36
CA THR M 249 28.42 -40.63 -22.95
C THR M 249 27.91 -41.06 -24.32
N ASP M 250 26.90 -40.38 -24.86
CA ASP M 250 26.39 -40.66 -26.20
C ASP M 250 26.03 -42.13 -26.34
N GLY M 251 25.23 -42.63 -25.40
CA GLY M 251 24.75 -43.99 -25.44
C GLY M 251 25.71 -45.05 -24.93
N ARG M 252 26.96 -44.69 -24.63
CA ARG M 252 27.92 -45.66 -24.13
C ARG M 252 27.73 -45.89 -22.63
N PRO M 253 28.05 -47.10 -22.15
CA PRO M 253 28.00 -47.34 -20.71
C PRO M 253 28.94 -46.39 -19.97
N MET M 254 28.41 -45.74 -18.95
CA MET M 254 29.09 -44.70 -18.20
C MET M 254 29.39 -45.17 -16.79
N GLU M 255 30.53 -44.76 -16.26
CA GLU M 255 30.93 -45.19 -14.93
C GLU M 255 29.93 -44.66 -13.89
N THR M 256 29.88 -45.36 -12.77
CA THR M 256 28.96 -44.98 -11.71
C THR M 256 29.31 -43.61 -11.13
N ARG M 257 28.33 -42.95 -10.52
CA ARG M 257 28.46 -41.56 -9.97
C ARG M 257 29.51 -41.47 -8.88
N CYS M 258 29.56 -42.45 -7.99
CA CYS M 258 30.59 -42.37 -6.96
C CYS M 258 31.97 -42.65 -7.55
N MET M 259 32.04 -43.50 -8.57
CA MET M 259 33.32 -43.75 -9.23
C MET M 259 33.75 -42.54 -10.03
N SER M 260 32.80 -41.94 -10.74
CA SER M 260 33.12 -40.79 -11.59
C SER M 260 33.60 -39.61 -10.75
N ALA M 261 33.06 -39.48 -9.54
CA ALA M 261 33.42 -38.37 -8.66
C ALA M 261 34.78 -38.53 -8.01
N CYS M 262 35.40 -39.72 -8.08
CA CYS M 262 36.58 -39.98 -7.27
C CYS M 262 37.72 -39.03 -7.62
N VAL M 263 38.15 -38.26 -6.64
CA VAL M 263 39.04 -37.13 -6.88
C VAL M 263 40.51 -37.55 -6.86
N GLY M 264 40.90 -38.41 -5.92
CA GLY M 264 42.29 -38.81 -5.85
C GLY M 264 42.64 -39.91 -6.83
N GLN M 265 41.85 -40.01 -7.89
CA GLN M 265 42.07 -40.95 -9.00
C GLN M 265 42.37 -42.36 -8.50
N ILE M 266 41.53 -42.86 -7.59
CA ILE M 266 41.72 -44.17 -6.99
C ILE M 266 40.78 -45.22 -7.55
N ARG M 267 39.72 -44.83 -8.26
CA ARG M 267 38.63 -45.72 -8.61
C ARG M 267 38.57 -45.96 -10.11
N LEU M 268 38.51 -47.24 -10.50
CA LEU M 268 38.28 -47.66 -11.88
C LEU M 268 37.13 -48.65 -11.93
N GLN M 269 36.11 -48.33 -12.70
CA GLN M 269 34.94 -49.18 -12.78
C GLN M 269 34.69 -49.70 -14.19
N GLY M 270 34.34 -50.98 -14.28
CA GLY M 270 34.01 -51.68 -15.51
C GLY M 270 33.27 -52.96 -15.13
N PHE M 271 33.55 -54.06 -15.82
CA PHE M 271 32.99 -55.36 -15.51
C PHE M 271 34.10 -56.40 -15.52
N LEU M 272 33.86 -57.47 -14.77
CA LEU M 272 34.74 -58.64 -14.77
C LEU M 272 34.42 -59.51 -15.98
N ASP M 273 35.26 -59.44 -17.01
CA ASP M 273 35.14 -60.31 -18.17
C ASP M 273 35.93 -61.59 -17.92
N ASP M 274 36.01 -62.45 -18.93
CA ASP M 274 37.07 -63.44 -19.02
C ASP M 274 38.21 -62.93 -19.89
N ASN M 275 38.13 -61.68 -20.30
CA ASN M 275 39.11 -61.04 -21.17
C ASN M 275 40.30 -60.56 -20.35
N PRO M 276 41.52 -60.97 -20.68
CA PRO M 276 42.70 -60.47 -19.95
C PRO M 276 43.17 -59.10 -20.41
N LYS M 277 42.58 -58.55 -21.46
CA LYS M 277 42.90 -57.19 -21.92
C LYS M 277 42.03 -56.15 -21.27
N ASN M 278 41.06 -56.57 -20.46
CA ASN M 278 40.25 -55.67 -19.65
C ASN M 278 41.02 -55.28 -18.39
N PRO M 279 41.26 -53.99 -18.14
CA PRO M 279 42.03 -53.62 -16.93
C PRO M 279 41.38 -54.08 -15.64
N ILE M 280 40.06 -54.22 -15.60
CA ILE M 280 39.41 -54.75 -14.40
C ILE M 280 39.81 -56.21 -14.20
N THR M 281 39.62 -57.04 -15.24
CA THR M 281 40.00 -58.44 -15.13
C THR M 281 41.51 -58.60 -14.97
N TRP M 282 42.29 -57.73 -15.61
CA TRP M 282 43.74 -57.82 -15.51
C TRP M 282 44.22 -57.55 -14.08
N LEU M 283 43.74 -56.47 -13.48
CA LEU M 283 44.19 -56.11 -12.14
C LEU M 283 43.71 -57.12 -11.10
N ILE M 284 42.54 -57.71 -11.30
CA ILE M 284 41.90 -58.54 -10.29
C ILE M 284 42.37 -59.98 -10.34
N ARG M 285 42.44 -60.56 -11.53
CA ARG M 285 42.71 -61.99 -11.66
C ARG M 285 44.07 -62.32 -12.24
N HIS M 286 44.66 -61.43 -13.03
CA HIS M 286 45.97 -61.69 -13.59
C HIS M 286 47.08 -61.11 -12.73
N GLN M 287 46.84 -59.95 -12.12
CA GLN M 287 47.78 -59.35 -11.20
C GLN M 287 47.47 -59.62 -9.74
N LYS M 288 46.21 -59.93 -9.42
CA LYS M 288 45.79 -60.18 -8.04
C LYS M 288 46.23 -59.04 -7.13
N ILE M 289 46.12 -57.82 -7.64
CA ILE M 289 46.56 -56.63 -6.93
C ILE M 289 45.42 -56.01 -6.13
N ALA M 290 44.18 -56.20 -6.57
CA ALA M 290 43.00 -55.72 -5.89
C ALA M 290 42.26 -56.90 -5.28
N LEU M 291 41.91 -56.79 -4.00
CA LEU M 291 41.39 -57.91 -3.25
C LEU M 291 40.08 -57.53 -2.57
N PRO M 292 39.18 -58.49 -2.37
CA PRO M 292 37.87 -58.16 -1.83
C PRO M 292 37.92 -57.89 -0.33
N LEU M 293 36.93 -57.12 0.13
CA LEU M 293 36.79 -56.79 1.53
C LEU M 293 36.01 -57.89 2.23
N TYR M 294 36.61 -58.48 3.26
CA TYR M 294 36.06 -59.57 4.05
C TYR M 294 35.51 -60.70 3.17
N PRO M 295 36.36 -61.45 2.48
CA PRO M 295 35.86 -62.65 1.78
C PRO M 295 35.46 -63.74 2.75
N GLN M 296 35.89 -63.64 4.02
CA GLN M 296 35.43 -64.56 5.06
C GLN M 296 33.90 -64.58 5.12
N PHE M 297 33.28 -63.43 4.86
CA PHE M 297 31.82 -63.31 4.92
C PHE M 297 31.14 -64.27 3.96
N GLY M 298 31.77 -64.56 2.82
CA GLY M 298 31.26 -65.58 1.92
C GLY M 298 30.26 -65.12 0.91
N THR M 299 30.15 -63.83 0.66
CA THR M 299 29.19 -63.35 -0.31
C THR M 299 29.79 -63.21 -1.70
N GLU M 300 31.10 -63.33 -1.82
CA GLU M 300 31.88 -63.02 -3.01
C GLU M 300 31.65 -61.57 -3.42
N PRO M 301 32.16 -60.61 -2.65
CA PRO M 301 32.08 -59.20 -3.07
C PRO M 301 32.81 -58.94 -4.37
N ASN M 302 32.42 -57.87 -5.05
CA ASN M 302 33.02 -57.52 -6.33
C ASN M 302 33.56 -56.10 -6.37
N ILE M 303 33.91 -55.54 -5.21
CA ILE M 303 34.69 -54.31 -5.11
C ILE M 303 36.03 -54.69 -4.50
N TYR M 304 37.09 -54.56 -5.29
CA TYR M 304 38.41 -55.04 -4.91
C TYR M 304 39.35 -53.86 -4.65
N TYR M 305 40.17 -54.00 -3.62
CA TYR M 305 40.99 -52.91 -3.12
C TYR M 305 42.47 -53.24 -3.24
N ILE M 306 43.26 -52.23 -3.57
CA ILE M 306 44.72 -52.31 -3.48
C ILE M 306 45.10 -51.97 -2.05
N PRO M 307 45.72 -52.88 -1.30
CA PRO M 307 45.91 -52.67 0.14
C PRO M 307 46.84 -51.50 0.41
N PRO M 308 46.75 -50.90 1.60
CA PRO M 308 47.66 -49.81 1.95
C PRO M 308 49.09 -50.30 2.13
N ARG M 309 50.04 -49.48 1.68
CA ARG M 309 51.45 -49.81 1.81
C ARG M 309 51.92 -49.83 3.26
N TRP M 310 51.21 -49.15 4.15
CA TRP M 310 51.72 -48.85 5.48
C TRP M 310 50.99 -49.58 6.61
N ALA M 311 49.87 -50.22 6.34
CA ALA M 311 49.09 -50.83 7.41
C ALA M 311 49.71 -52.16 7.81
N PRO M 312 49.47 -52.59 9.05
CA PRO M 312 49.96 -53.90 9.49
C PRO M 312 49.49 -55.02 8.58
N ARG M 313 50.44 -55.86 8.15
CA ARG M 313 50.12 -56.92 7.20
C ARG M 313 49.15 -57.92 7.78
N ALA M 314 49.21 -58.13 9.10
CA ALA M 314 48.26 -59.04 9.76
C ALA M 314 46.83 -58.51 9.65
N TYR M 315 46.63 -57.22 9.93
CA TYR M 315 45.30 -56.62 9.82
C TYR M 315 44.81 -56.67 8.39
N LEU M 316 45.67 -56.36 7.42
CA LEU M 316 45.27 -56.37 6.03
C LEU M 316 44.91 -57.78 5.57
N ARG M 317 45.65 -58.79 6.05
CA ARG M 317 45.32 -60.17 5.73
C ARG M 317 43.93 -60.52 6.25
N GLN M 318 43.59 -60.05 7.44
CA GLN M 318 42.26 -60.29 8.00
C GLN M 318 41.18 -59.55 7.22
N MET M 319 41.54 -58.52 6.47
CA MET M 319 40.58 -57.71 5.73
C MET M 319 40.46 -58.11 4.26
N PHE M 320 41.56 -58.48 3.61
CA PHE M 320 41.54 -58.77 2.18
C PHE M 320 42.01 -60.18 1.82
N GLY M 321 42.28 -61.04 2.80
CA GLY M 321 42.74 -62.37 2.52
C GLY M 321 44.24 -62.47 2.44
N PRO M 322 44.76 -63.61 1.97
CA PRO M 322 46.21 -63.83 1.99
C PRO M 322 46.97 -63.16 0.85
N GLY M 323 46.30 -62.67 -0.18
CA GLY M 323 47.00 -62.05 -1.29
C GLY M 323 47.56 -60.67 -1.03
N VAL M 324 47.36 -60.11 0.16
CA VAL M 324 47.76 -58.72 0.43
C VAL M 324 49.27 -58.55 0.30
N ASP M 325 50.05 -59.50 0.84
CA ASP M 325 51.49 -59.34 0.89
C ASP M 325 52.08 -59.20 -0.51
N GLU M 326 51.62 -60.04 -1.44
CA GLU M 326 52.12 -59.95 -2.82
C GLU M 326 51.53 -58.75 -3.54
N ALA M 327 50.31 -58.36 -3.16
CA ALA M 327 49.68 -57.21 -3.79
C ALA M 327 50.45 -55.93 -3.48
N ILE M 328 50.86 -55.76 -2.22
CA ILE M 328 51.61 -54.57 -1.85
C ILE M 328 52.98 -54.55 -2.53
N GLU M 329 53.62 -55.72 -2.63
CA GLU M 329 54.95 -55.79 -3.25
C GLU M 329 54.92 -55.34 -4.71
N LYS M 330 53.88 -55.71 -5.44
CA LYS M 330 53.78 -55.30 -6.85
C LYS M 330 53.61 -53.78 -6.95
N PHE M 331 52.82 -53.20 -6.04
CA PHE M 331 52.46 -51.78 -6.13
C PHE M 331 53.62 -50.87 -5.73
N MET M 332 54.31 -51.20 -4.63
CA MET M 332 55.29 -50.28 -4.07
C MET M 332 56.40 -49.95 -5.08
N VAL M 333 56.72 -50.90 -5.94
CA VAL M 333 57.59 -50.65 -7.09
C VAL M 333 56.81 -51.08 -8.33
N PRO M 334 56.04 -50.18 -8.94
CA PRO M 334 55.14 -50.61 -10.02
C PRO M 334 55.92 -51.05 -11.25
N SER M 335 55.45 -52.14 -11.87
CA SER M 335 55.96 -52.52 -13.16
C SER M 335 55.65 -51.43 -14.19
N ARG M 336 56.30 -51.52 -15.34
CA ARG M 336 56.08 -50.54 -16.40
C ARG M 336 54.62 -50.55 -16.87
N GLU M 337 54.04 -51.74 -17.02
CA GLU M 337 52.66 -51.82 -17.50
C GLU M 337 51.65 -51.55 -16.40
N LEU M 338 51.98 -51.88 -15.14
CA LEU M 338 51.05 -51.62 -14.05
C LEU M 338 50.86 -50.12 -13.84
N LEU M 339 51.95 -49.36 -13.89
CA LEU M 339 51.84 -47.92 -13.74
C LEU M 339 51.03 -47.30 -14.88
N ALA M 340 51.14 -47.85 -16.08
CA ALA M 340 50.37 -47.34 -17.21
C ALA M 340 48.87 -47.58 -17.02
N VAL M 341 48.51 -48.74 -16.48
CA VAL M 341 47.09 -49.03 -16.23
C VAL M 341 46.58 -48.19 -15.06
N MET M 342 47.44 -47.98 -14.04
CA MET M 342 47.05 -47.11 -12.95
C MET M 342 46.88 -45.67 -13.41
N SER M 343 47.64 -45.25 -14.42
CA SER M 343 47.48 -43.92 -14.99
C SER M 343 46.23 -43.80 -15.84
N LEU M 344 45.43 -44.87 -15.96
CA LEU M 344 44.17 -44.84 -16.67
C LEU M 344 42.99 -44.53 -15.74
N PHE M 345 43.20 -44.56 -14.43
CA PHE M 345 42.11 -44.35 -13.48
C PHE M 345 41.59 -42.93 -13.57
N ARG M 346 40.27 -42.79 -13.65
CA ARG M 346 39.59 -41.49 -13.58
C ARG M 346 40.10 -40.51 -14.63
N MET M 347 40.32 -41.00 -15.85
CA MET M 347 40.63 -40.12 -16.97
C MET M 347 39.41 -39.78 -17.81
N THR M 348 38.38 -40.61 -17.80
CA THR M 348 37.15 -40.36 -18.54
C THR M 348 35.96 -40.89 -17.74
N GLN M 349 34.77 -40.50 -18.17
CA GLN M 349 33.52 -40.99 -17.57
C GLN M 349 32.99 -42.24 -18.24
N THR M 350 33.49 -42.58 -19.42
CA THR M 350 33.06 -43.76 -20.14
C THR M 350 33.79 -45.00 -19.63
N ILE M 351 33.04 -46.10 -19.55
CA ILE M 351 33.53 -47.39 -19.10
C ILE M 351 34.55 -47.89 -20.12
N VAL M 352 35.69 -48.39 -19.67
CA VAL M 352 36.74 -48.91 -20.55
C VAL M 352 36.72 -50.43 -20.47
N TYR M 353 36.57 -51.09 -21.62
CA TYR M 353 36.51 -52.55 -21.67
C TYR M 353 37.85 -53.19 -21.99
N GLU M 354 38.75 -52.48 -22.68
CA GLU M 354 40.07 -52.97 -22.97
C GLU M 354 41.06 -51.82 -22.87
N TYR M 355 42.31 -52.15 -22.55
CA TYR M 355 43.38 -51.17 -22.50
C TYR M 355 44.50 -51.60 -23.44
N LYS M 356 45.30 -50.63 -23.85
CA LYS M 356 46.44 -50.91 -24.72
C LYS M 356 47.45 -49.79 -24.52
N ILE M 357 48.73 -50.14 -24.62
CA ILE M 357 49.81 -49.24 -24.26
C ILE M 357 50.69 -49.01 -25.48
N GLU M 358 51.01 -47.75 -25.72
CA GLU M 358 51.95 -47.36 -26.78
C GLU M 358 53.23 -46.95 -26.06
N GLU M 359 54.35 -47.58 -26.40
CA GLU M 359 55.62 -47.35 -25.69
C GLU M 359 56.10 -45.92 -25.85
N GLY M 360 56.74 -45.42 -24.80
CA GLY M 360 57.29 -44.07 -24.75
C GLY M 360 58.72 -44.09 -24.27
N PRO M 361 59.45 -42.97 -24.36
CA PRO M 361 60.85 -42.92 -23.93
C PRO M 361 60.99 -43.12 -22.43
N LYS M 362 62.17 -43.58 -22.04
CA LYS M 362 62.52 -43.76 -20.64
C LYS M 362 62.72 -42.40 -20.00
N VAL M 363 62.10 -42.18 -18.83
CA VAL M 363 62.12 -40.86 -18.23
C VAL M 363 62.85 -40.84 -16.90
N PHE M 364 62.82 -41.94 -16.16
CA PHE M 364 63.38 -41.94 -14.82
C PHE M 364 63.70 -43.36 -14.37
N GLU M 365 64.74 -43.48 -13.55
CA GLU M 365 65.22 -44.77 -13.05
C GLU M 365 65.85 -44.57 -11.68
N THR M 366 65.56 -45.49 -10.77
CA THR M 366 66.12 -45.42 -9.42
C THR M 366 65.94 -46.77 -8.75
N GLU M 367 66.64 -46.94 -7.63
CA GLU M 367 66.53 -48.13 -6.79
C GLU M 367 65.77 -47.72 -5.53
N ILE M 368 64.67 -48.42 -5.26
CA ILE M 368 63.77 -48.03 -4.18
C ILE M 368 63.10 -49.28 -3.62
N HIS M 369 63.02 -49.34 -2.30
CA HIS M 369 62.40 -50.45 -1.57
C HIS M 369 63.04 -51.79 -1.89
N GLY M 370 64.33 -51.81 -2.17
CA GLY M 370 65.03 -53.05 -2.43
C GLY M 370 64.87 -53.59 -3.84
N LYS M 371 64.23 -52.82 -4.73
CA LYS M 371 64.05 -53.20 -6.12
C LYS M 371 64.38 -52.00 -6.99
N LYS M 372 64.59 -52.27 -8.28
CA LYS M 372 64.90 -51.22 -9.25
C LYS M 372 63.62 -50.81 -9.97
N PHE M 373 63.34 -49.51 -9.98
CA PHE M 373 62.16 -48.95 -10.62
C PHE M 373 62.59 -48.17 -11.84
N THR M 374 62.00 -48.50 -12.98
CA THR M 374 62.20 -47.75 -14.21
C THR M 374 60.83 -47.30 -14.69
N MET M 375 60.76 -46.06 -15.14
CA MET M 375 59.50 -45.43 -15.53
C MET M 375 59.63 -44.88 -16.94
N TYR M 376 58.65 -45.15 -17.77
CA TYR M 376 58.63 -44.71 -19.15
C TYR M 376 57.42 -43.82 -19.37
N ASN M 377 57.55 -42.87 -20.30
CA ASN M 377 56.45 -41.97 -20.61
C ASN M 377 55.53 -42.65 -21.62
N ASP M 378 54.86 -43.68 -21.14
CA ASP M 378 53.98 -44.46 -22.00
C ASP M 378 52.64 -43.76 -22.16
N THR M 379 51.99 -44.01 -23.28
CA THR M 379 50.65 -43.51 -23.55
C THR M 379 49.70 -44.70 -23.49
N VAL M 380 48.86 -44.72 -22.46
CA VAL M 380 47.90 -45.80 -22.29
C VAL M 380 46.58 -45.38 -22.94
N ILE M 381 45.92 -46.35 -23.57
CA ILE M 381 44.71 -46.10 -24.35
C ILE M 381 43.63 -47.07 -23.90
N GLY M 382 42.42 -46.56 -23.71
CA GLY M 382 41.29 -47.38 -23.31
C GLY M 382 40.26 -47.40 -24.42
N PHE M 383 39.58 -48.53 -24.56
CA PHE M 383 38.60 -48.73 -25.62
C PHE M 383 37.24 -49.06 -25.03
N GLY M 384 36.19 -48.77 -25.81
CA GLY M 384 34.83 -48.96 -25.38
C GLY M 384 34.31 -50.36 -25.66
N GLU M 385 32.98 -50.48 -25.64
CA GLU M 385 32.36 -51.79 -25.81
C GLU M 385 32.52 -52.31 -27.23
N ASP M 386 32.65 -51.43 -28.21
CA ASP M 386 32.84 -51.80 -29.60
C ASP M 386 34.31 -51.82 -30.01
N GLY M 387 35.23 -51.54 -29.09
CA GLY M 387 36.64 -51.49 -29.42
C GLY M 387 37.14 -50.15 -29.90
N LYS M 388 36.26 -49.15 -29.99
CA LYS M 388 36.67 -47.81 -30.39
C LYS M 388 37.28 -47.08 -29.20
N GLU M 389 38.27 -46.25 -29.48
CA GLU M 389 38.99 -45.55 -28.41
C GLU M 389 38.10 -44.54 -27.70
N VAL M 390 38.21 -44.51 -26.38
CA VAL M 390 37.41 -43.60 -25.57
C VAL M 390 38.25 -42.63 -24.75
N VAL M 391 39.52 -42.96 -24.48
CA VAL M 391 40.36 -42.15 -23.60
C VAL M 391 41.81 -42.42 -23.94
N ARG M 392 42.66 -41.46 -23.64
CA ARG M 392 44.10 -41.64 -23.83
C ARG M 392 44.83 -40.61 -22.96
N THR M 393 45.94 -41.03 -22.35
CA THR M 393 46.72 -40.13 -21.52
C THR M 393 48.15 -40.66 -21.42
N THR M 394 49.04 -39.78 -20.97
CA THR M 394 50.45 -40.10 -20.79
C THR M 394 50.77 -40.36 -19.33
N VAL M 395 51.84 -41.11 -19.10
CA VAL M 395 52.25 -41.43 -17.74
C VAL M 395 52.93 -40.23 -17.08
N GLU M 396 53.73 -39.49 -17.83
CA GLU M 396 54.49 -38.37 -17.30
C GLU M 396 54.00 -37.06 -17.91
N GLU M 397 54.10 -35.98 -17.12
CA GLU M 397 53.60 -34.69 -17.57
C GLU M 397 54.58 -34.05 -18.53
N PRO M 398 54.08 -33.40 -19.58
CA PRO M 398 54.96 -32.67 -20.49
C PRO M 398 55.40 -31.35 -19.87
N ILE M 399 56.40 -30.74 -20.49
CA ILE M 399 56.93 -29.45 -20.05
C ILE M 399 56.91 -28.51 -21.24
N HIS M 400 56.27 -27.35 -21.05
CA HIS M 400 56.19 -26.33 -22.08
C HIS M 400 57.02 -25.12 -21.65
N ILE M 401 57.66 -24.50 -22.62
CA ILE M 401 58.45 -23.29 -22.39
C ILE M 401 57.99 -22.22 -23.36
N ARG M 402 57.75 -21.03 -22.85
CA ARG M 402 57.23 -19.90 -23.61
C ARG M 402 58.31 -18.84 -23.77
N PRO M 403 58.09 -17.84 -24.63
CA PRO M 403 59.12 -16.80 -24.80
C PRO M 403 59.48 -16.13 -23.48
N ASP M 404 60.72 -15.64 -23.40
CA ASP M 404 61.26 -15.09 -22.17
C ASP M 404 60.56 -13.79 -21.77
N LYS M 405 59.67 -13.26 -22.61
CA LYS M 405 58.88 -12.10 -22.20
C LYS M 405 58.02 -12.41 -20.98
N HIS M 406 57.60 -13.66 -20.84
CA HIS M 406 56.83 -14.11 -19.69
C HIS M 406 57.76 -14.57 -18.58
N TYR M 407 57.27 -14.49 -17.35
CA TYR M 407 58.06 -14.82 -16.18
C TYR M 407 57.33 -15.81 -15.30
N ASN M 408 58.12 -16.61 -14.58
CA ASN M 408 57.61 -17.51 -13.54
C ASN M 408 57.75 -16.89 -12.15
N SER M 409 58.88 -16.23 -11.89
CA SER M 409 59.17 -15.64 -10.58
C SER M 409 58.40 -14.33 -10.43
N ILE M 410 57.09 -14.47 -10.25
CA ILE M 410 56.22 -13.32 -10.02
C ILE M 410 55.29 -13.61 -8.84
N LEU N 31 -6.75 -64.89 -14.92
CA LEU N 31 -6.14 -64.05 -13.89
C LEU N 31 -5.07 -64.81 -13.12
N LYS N 32 -3.95 -64.12 -12.86
CA LYS N 32 -2.85 -64.68 -12.08
C LYS N 32 -2.90 -64.08 -10.69
N PRO N 33 -3.29 -64.83 -9.65
CA PRO N 33 -3.51 -64.20 -8.34
C PRO N 33 -2.26 -63.67 -7.66
N ALA N 34 -1.12 -64.33 -7.82
CA ALA N 34 0.08 -63.92 -7.08
C ALA N 34 1.29 -64.04 -7.97
N VAL N 35 2.29 -63.20 -7.70
CA VAL N 35 3.54 -63.20 -8.45
C VAL N 35 4.51 -64.13 -7.74
N VAL N 36 5.06 -65.09 -8.48
CA VAL N 36 6.05 -66.03 -7.89
C VAL N 36 7.38 -65.82 -8.60
N VAL N 37 8.48 -65.82 -7.85
CA VAL N 37 9.83 -65.64 -8.45
C VAL N 37 10.55 -66.95 -8.19
N ASP N 38 11.26 -67.46 -9.19
CA ASP N 38 11.92 -68.76 -8.97
C ASP N 38 13.26 -68.55 -8.28
N ASN N 39 14.26 -68.17 -9.07
CA ASN N 39 15.60 -67.94 -8.52
C ASN N 39 15.97 -66.48 -8.75
N PRO N 40 16.19 -65.68 -7.70
CA PRO N 40 16.54 -64.30 -7.92
C PRO N 40 17.89 -64.24 -8.65
N LEU N 41 18.82 -65.10 -8.27
CA LEU N 41 20.10 -65.10 -8.98
C LEU N 41 19.92 -65.34 -10.47
N ASP N 42 18.94 -66.17 -10.84
CA ASP N 42 18.79 -66.62 -12.22
C ASP N 42 17.84 -65.73 -13.02
N THR N 43 16.61 -65.55 -12.53
CA THR N 43 15.60 -64.88 -13.33
C THR N 43 14.63 -64.13 -12.43
N TYR N 44 14.05 -63.06 -13.00
CA TYR N 44 13.09 -62.26 -12.28
C TYR N 44 11.88 -62.01 -13.15
N PRO N 45 10.68 -62.15 -12.60
CA PRO N 45 9.46 -62.09 -13.41
C PRO N 45 9.17 -60.72 -14.00
N ASP N 46 9.27 -59.67 -13.18
CA ASP N 46 8.86 -58.34 -13.60
C ASP N 46 9.95 -57.35 -13.24
N ARG N 47 10.46 -56.68 -14.27
CA ARG N 47 11.50 -55.67 -14.15
C ARG N 47 11.06 -54.32 -14.70
N ARG N 48 9.74 -54.09 -14.87
CA ARG N 48 9.29 -52.76 -15.31
C ARG N 48 9.43 -51.74 -14.20
N TRP N 49 9.45 -52.18 -12.95
CA TRP N 49 9.59 -51.24 -11.86
C TRP N 49 10.91 -50.47 -11.93
N GLU N 50 11.83 -50.98 -12.72
CA GLU N 50 13.25 -50.54 -12.73
C GLU N 50 13.41 -49.07 -13.06
N SER N 51 12.46 -48.49 -13.76
CA SER N 51 12.51 -47.06 -14.17
C SER N 51 12.54 -46.11 -12.98
N VAL N 52 11.95 -46.49 -11.86
CA VAL N 52 11.82 -45.40 -10.88
C VAL N 52 13.15 -44.68 -10.80
N TYR N 53 14.26 -45.39 -10.83
CA TYR N 53 15.61 -44.79 -10.75
C TYR N 53 15.95 -44.03 -12.03
N ARG N 54 15.48 -44.52 -13.16
CA ARG N 54 15.72 -43.82 -14.43
C ARG N 54 14.94 -42.50 -14.44
N ASP N 55 13.75 -42.52 -13.87
CA ASP N 55 12.94 -41.29 -13.78
C ASP N 55 13.59 -40.28 -12.83
N GLN N 56 14.16 -40.73 -11.71
CA GLN N 56 14.79 -39.83 -10.76
C GLN N 56 16.09 -39.26 -11.28
N TYR N 57 16.74 -39.95 -12.22
CA TYR N 57 18.02 -39.49 -12.74
C TYR N 57 17.85 -38.50 -13.87
N GLN N 58 16.66 -38.45 -14.47
CA GLN N 58 16.42 -37.67 -15.68
C GLN N 58 16.69 -36.19 -15.46
N TYR N 59 17.28 -35.54 -16.46
CA TYR N 59 17.59 -34.08 -16.42
C TYR N 59 17.35 -33.47 -17.80
N ASP N 60 17.13 -32.16 -17.87
CA ASP N 60 16.81 -31.45 -19.13
C ASP N 60 17.99 -30.71 -19.74
N ARG N 61 18.83 -30.10 -18.93
CA ARG N 61 19.91 -29.28 -19.50
C ARG N 61 21.08 -29.21 -18.53
N THR N 62 22.20 -28.68 -19.00
CA THR N 62 23.39 -28.51 -18.17
C THR N 62 24.01 -27.16 -18.45
N PHE N 63 24.75 -26.68 -17.46
CA PHE N 63 25.53 -25.46 -17.61
C PHE N 63 26.83 -25.65 -16.84
N THR N 64 27.79 -24.78 -17.11
CA THR N 64 29.10 -24.84 -16.47
C THR N 64 29.41 -23.51 -15.83
N TYR N 65 29.93 -23.58 -14.60
CA TYR N 65 30.34 -22.43 -13.83
C TYR N 65 31.64 -22.77 -13.12
N CYS N 66 32.12 -21.85 -12.29
CA CYS N 66 33.36 -22.01 -11.55
C CYS N 66 33.08 -21.86 -10.06
N CYS N 67 33.44 -22.88 -9.28
CA CYS N 67 33.39 -22.79 -7.83
C CYS N 67 34.64 -22.06 -7.33
N SER N 68 34.46 -20.95 -6.63
CA SER N 68 35.57 -20.09 -6.23
C SER N 68 35.43 -19.72 -4.75
N PRO N 69 35.68 -20.68 -3.86
CA PRO N 69 35.47 -20.46 -2.41
C PRO N 69 36.69 -20.09 -1.58
N ASN N 70 37.83 -19.72 -2.19
CA ASN N 70 39.11 -19.51 -1.50
C ASN N 70 39.76 -20.82 -1.06
N ASP N 71 39.43 -21.93 -1.72
CA ASP N 71 40.16 -23.17 -1.49
C ASP N 71 41.41 -23.27 -2.34
N THR N 72 41.62 -22.31 -3.26
CA THR N 72 42.69 -22.11 -4.26
C THR N 72 42.54 -22.98 -5.52
N HIS N 73 41.41 -23.66 -5.72
CA HIS N 73 41.30 -24.58 -6.89
C HIS N 73 40.47 -24.03 -8.03
N ALA N 74 39.43 -23.27 -7.75
CA ALA N 74 38.62 -22.63 -8.80
C ALA N 74 38.23 -23.63 -9.90
N CYS N 75 37.66 -24.74 -9.48
CA CYS N 75 37.31 -25.81 -10.41
C CYS N 75 36.27 -25.35 -11.42
N ARG N 76 36.37 -25.89 -12.64
CA ARG N 76 35.36 -25.69 -13.65
C ARG N 76 34.35 -26.81 -13.53
N ILE N 77 33.08 -26.45 -13.32
CA ILE N 77 32.08 -27.37 -12.83
C ILE N 77 30.93 -27.48 -13.82
N ARG N 78 30.35 -28.68 -13.93
CA ARG N 78 29.20 -28.94 -14.79
C ARG N 78 28.00 -29.31 -13.93
N ALA N 79 26.95 -28.50 -14.00
CA ALA N 79 25.75 -28.72 -13.22
C ALA N 79 24.63 -29.25 -14.12
N PHE N 80 23.81 -30.14 -13.57
CA PHE N 80 22.67 -30.77 -14.28
C PHE N 80 21.40 -30.07 -13.83
N VAL N 81 20.52 -29.74 -14.75
CA VAL N 81 19.32 -28.94 -14.38
C VAL N 81 18.07 -29.73 -14.73
N ARG N 82 17.15 -29.88 -13.80
CA ARG N 82 15.85 -30.53 -14.06
C ARG N 82 14.76 -29.49 -13.90
N ASN N 83 14.07 -29.15 -14.98
CA ASN N 83 13.00 -28.17 -14.98
C ASN N 83 13.44 -26.87 -14.31
N ASN N 84 14.57 -26.34 -14.79
CA ASN N 84 15.11 -25.07 -14.34
C ASN N 84 15.45 -25.06 -12.85
N VAL N 85 15.70 -26.25 -12.29
CA VAL N 85 16.13 -26.39 -10.90
C VAL N 85 17.45 -27.13 -10.93
N MET N 86 18.46 -26.56 -10.28
CA MET N 86 19.78 -27.19 -10.18
C MET N 86 19.68 -28.37 -9.23
N MET N 87 19.81 -29.59 -9.77
CA MET N 87 19.60 -30.79 -8.97
C MET N 87 20.90 -31.32 -8.38
N ARG N 88 21.83 -31.73 -9.25
CA ARG N 88 23.10 -32.30 -8.83
C ARG N 88 24.21 -31.65 -9.65
N VAL N 89 25.42 -32.17 -9.51
CA VAL N 89 26.59 -31.58 -10.15
C VAL N 89 27.65 -32.66 -10.37
N GLU N 90 28.52 -32.42 -11.36
CA GLU N 90 29.62 -33.33 -11.67
C GLU N 90 30.85 -32.58 -12.17
N GLN N 91 31.96 -33.33 -12.22
CA GLN N 91 33.17 -32.80 -12.82
C GLN N 91 32.94 -32.65 -14.31
N ASN N 92 33.64 -31.68 -14.91
CA ASN N 92 33.46 -31.43 -16.33
C ASN N 92 34.29 -32.37 -17.20
N TYR N 93 35.38 -32.92 -16.67
CA TYR N 93 36.32 -33.75 -17.43
C TYR N 93 36.75 -33.04 -18.70
N ASP N 94 37.35 -31.86 -18.51
CA ASP N 94 37.68 -30.96 -19.60
C ASP N 94 39.14 -30.53 -19.65
N HIS N 95 39.99 -31.00 -18.73
CA HIS N 95 41.34 -30.45 -18.64
C HIS N 95 42.16 -30.73 -19.88
N GLN N 96 41.93 -31.87 -20.53
CA GLN N 96 42.56 -32.16 -21.82
C GLN N 96 42.38 -31.00 -22.79
N ASN N 97 41.25 -30.31 -22.73
CA ASN N 97 40.91 -29.27 -23.68
C ASN N 97 41.50 -27.92 -23.30
N TYR N 98 42.06 -27.77 -22.11
CA TYR N 98 42.62 -26.49 -21.71
C TYR N 98 43.88 -26.21 -22.53
N SER N 99 44.02 -24.96 -22.98
CA SER N 99 45.12 -24.61 -23.84
C SER N 99 45.45 -23.14 -23.65
N ASP N 100 46.59 -22.74 -24.18
CA ASP N 100 47.05 -21.36 -24.17
C ASP N 100 46.98 -20.79 -25.59
N LEU N 101 47.30 -19.50 -25.72
CA LEU N 101 47.28 -18.87 -27.03
C LEU N 101 48.39 -19.35 -27.96
N TYR N 102 49.49 -19.92 -27.43
CA TYR N 102 50.54 -20.46 -28.30
C TYR N 102 50.26 -21.88 -28.75
N GLY N 103 49.21 -22.52 -28.22
CA GLY N 103 48.82 -23.86 -28.62
C GLY N 103 49.25 -25.00 -27.73
N ASN N 104 50.04 -24.75 -26.68
CA ASN N 104 50.38 -25.82 -25.76
C ASN N 104 49.16 -26.19 -24.93
N LYS N 105 48.93 -27.49 -24.74
CA LYS N 105 47.73 -27.97 -24.07
C LYS N 105 48.08 -28.64 -22.75
N ALA N 106 47.06 -28.79 -21.92
CA ALA N 106 47.18 -29.52 -20.66
C ALA N 106 46.88 -30.99 -20.92
N THR N 107 46.86 -31.78 -19.85
CA THR N 107 46.69 -33.22 -19.95
C THR N 107 45.38 -33.65 -19.34
N ARG N 108 44.99 -34.90 -19.62
CA ARG N 108 43.87 -35.50 -18.90
C ARG N 108 44.27 -35.91 -17.50
N ASN N 109 45.55 -35.81 -17.15
CA ASN N 109 46.01 -36.20 -15.83
C ASN N 109 45.57 -35.21 -14.76
N TRP N 110 44.95 -34.09 -15.16
CA TRP N 110 44.41 -33.14 -14.20
C TRP N 110 43.01 -33.51 -13.76
N ASN N 111 42.37 -34.47 -14.44
CA ASN N 111 41.00 -34.86 -14.13
C ASN N 111 40.98 -35.66 -12.83
N PRO N 112 39.80 -35.87 -12.24
CA PRO N 112 38.52 -35.14 -12.34
C PRO N 112 38.50 -33.82 -11.56
N ARG N 113 39.06 -33.80 -10.37
CA ARG N 113 39.32 -32.50 -9.73
C ARG N 113 38.10 -31.80 -9.14
N MET N 114 37.60 -32.20 -7.99
CA MET N 114 36.50 -31.45 -7.37
C MET N 114 36.47 -31.76 -5.88
N CYS N 115 35.70 -30.99 -5.10
CA CYS N 115 35.66 -31.18 -3.62
C CYS N 115 34.28 -31.80 -3.39
N LEU N 116 34.11 -32.49 -2.26
CA LEU N 116 32.80 -32.89 -1.75
C LEU N 116 31.89 -31.67 -1.61
N LYS N 117 32.46 -30.53 -1.22
CA LYS N 117 31.68 -29.32 -1.03
C LYS N 117 31.18 -28.78 -2.36
N GLY N 118 31.92 -29.01 -3.44
CA GLY N 118 31.43 -28.66 -4.75
C GLY N 118 30.16 -29.40 -5.10
N TYR N 119 30.07 -30.67 -4.71
CA TYR N 119 28.89 -31.47 -4.96
C TYR N 119 27.70 -31.02 -4.13
N THR N 120 27.93 -30.35 -3.00
CA THR N 120 26.86 -29.95 -2.09
C THR N 120 26.59 -28.45 -2.10
N PHE N 121 27.11 -27.74 -3.11
CA PHE N 121 26.86 -26.30 -3.17
C PHE N 121 25.40 -25.99 -3.48
N HIS N 122 24.72 -26.84 -4.25
CA HIS N 122 23.31 -26.62 -4.54
C HIS N 122 22.46 -26.79 -3.29
N ARG N 123 22.87 -27.67 -2.38
CA ARG N 123 22.23 -27.77 -1.07
C ARG N 123 22.39 -26.49 -0.28
N ARG N 124 23.43 -25.72 -0.61
CA ARG N 124 23.74 -24.41 -0.07
C ARG N 124 23.03 -23.29 -0.83
N VAL N 125 22.80 -23.48 -2.13
CA VAL N 125 22.15 -22.45 -2.95
C VAL N 125 20.68 -22.31 -2.55
N TYR N 126 19.97 -23.43 -2.41
CA TYR N 126 18.57 -23.44 -2.01
C TYR N 126 18.41 -23.76 -0.53
N GLY N 127 19.26 -23.22 0.32
CA GLY N 127 19.29 -23.63 1.70
C GLY N 127 18.60 -22.62 2.60
N PRO N 128 18.45 -22.98 3.88
CA PRO N 128 17.73 -22.10 4.81
C PRO N 128 18.56 -20.94 5.33
N TYR N 129 19.84 -20.88 5.00
CA TYR N 129 20.74 -19.84 5.49
C TYR N 129 21.01 -18.75 4.47
N ARG N 130 20.41 -18.81 3.29
CA ARG N 130 20.69 -17.85 2.24
C ARG N 130 20.16 -16.46 2.60
N LEU N 131 20.92 -15.43 2.25
CA LEU N 131 20.41 -14.07 2.35
C LEU N 131 19.38 -13.84 1.25
N ARG N 132 18.27 -13.19 1.62
CA ARG N 132 17.14 -13.07 0.71
C ARG N 132 16.87 -11.64 0.27
N TYR N 133 17.31 -10.65 1.04
CA TYR N 133 17.01 -9.25 0.75
C TYR N 133 17.94 -8.40 1.61
N PRO N 134 18.19 -7.15 1.21
CA PRO N 134 19.09 -6.31 1.99
C PRO N 134 18.60 -6.14 3.42
N LEU N 135 19.55 -6.11 4.35
CA LEU N 135 19.26 -6.02 5.77
C LEU N 135 19.97 -4.82 6.37
N ILE N 136 19.28 -4.12 7.26
CA ILE N 136 19.86 -3.03 8.03
C ILE N 136 19.49 -3.22 9.50
N ARG N 137 20.43 -2.93 10.38
CA ARG N 137 20.21 -3.11 11.81
C ARG N 137 19.33 -1.99 12.35
N LYS N 138 18.40 -2.36 13.22
CA LYS N 138 17.43 -1.39 13.74
C LYS N 138 18.12 -0.28 14.51
N GLY N 139 19.07 -0.63 15.38
CA GLY N 139 19.74 0.39 16.16
C GLY N 139 20.73 1.24 15.40
N TRP N 140 20.94 0.97 14.12
CA TRP N 140 21.73 1.84 13.27
C TRP N 140 20.85 2.73 12.41
N LYS N 141 19.76 2.17 11.89
CA LYS N 141 18.77 2.98 11.20
C LYS N 141 18.19 4.01 12.15
N ARG N 142 17.98 3.64 13.42
N ARG N 142 17.96 3.64 13.41
CA ARG N 142 17.51 4.61 14.40
CA ARG N 142 17.52 4.60 14.41
C ARG N 142 18.53 5.72 14.61
C ARG N 142 18.53 5.72 14.59
N TRP N 143 19.82 5.37 14.65
CA TRP N 143 20.86 6.37 14.78
C TRP N 143 20.93 7.28 13.56
N ALA N 144 20.73 6.70 12.37
CA ALA N 144 20.70 7.51 11.15
C ALA N 144 19.48 8.41 11.10
N ASP N 145 18.36 7.98 11.69
CA ASP N 145 17.14 8.76 11.63
C ASP N 145 17.10 9.87 12.67
N ASP N 146 17.91 9.77 13.71
CA ASP N 146 17.98 10.80 14.74
C ASP N 146 19.01 11.88 14.42
N GLY N 147 19.64 11.82 13.25
CA GLY N 147 20.57 12.84 12.83
C GLY N 147 22.03 12.54 13.09
N PHE N 148 22.39 11.28 13.30
CA PHE N 148 23.77 10.87 13.58
C PHE N 148 24.39 11.64 14.76
N PRO N 149 23.75 11.57 15.95
CA PRO N 149 24.32 12.27 17.10
C PRO N 149 25.63 11.64 17.54
N GLU N 150 26.39 12.38 18.34
CA GLU N 150 27.67 11.87 18.82
C GLU N 150 27.46 10.60 19.63
N LEU N 151 28.27 9.59 19.34
CA LEU N 151 28.11 8.28 19.96
C LEU N 151 28.83 8.25 21.31
N THR N 152 28.24 8.97 22.26
CA THR N 152 28.68 8.90 23.64
C THR N 152 28.38 7.50 24.19
N PRO N 153 29.03 7.10 25.28
CA PRO N 153 28.74 5.77 25.84
C PRO N 153 27.25 5.52 26.05
N GLU N 154 26.51 6.55 26.45
CA GLU N 154 25.07 6.42 26.60
C GLU N 154 24.40 6.22 25.25
N ASN N 155 24.83 6.95 24.22
CA ASN N 155 24.26 6.74 22.88
C ASN N 155 24.69 5.40 22.31
N LYS N 156 25.91 4.96 22.61
CA LYS N 156 26.38 3.66 22.14
C LYS N 156 25.50 2.53 22.68
N THR N 157 24.98 2.70 23.89
CA THR N 157 24.06 1.72 24.47
C THR N 157 22.62 1.96 24.06
N LYS N 158 22.26 3.22 23.80
CA LYS N 158 20.93 3.53 23.29
C LYS N 158 20.69 2.89 21.93
N TYR N 159 21.63 3.10 21.00
CA TYR N 159 21.54 2.54 19.65
C TYR N 159 22.18 1.16 19.54
N MET N 160 22.61 0.59 20.66
CA MET N 160 23.03 -0.82 20.73
C MET N 160 24.25 -1.08 19.85
N PHE N 161 25.27 -0.21 19.99
CA PHE N 161 26.55 -0.48 19.37
C PHE N 161 27.39 -1.40 20.24
N ASP N 162 27.22 -1.32 21.56
CA ASP N 162 27.91 -2.23 22.47
C ASP N 162 27.29 -3.61 22.46
N ASN N 163 25.98 -3.69 22.28
CA ASN N 163 25.25 -4.95 22.20
C ASN N 163 24.57 -5.02 20.83
N ARG N 164 25.32 -5.50 19.83
CA ARG N 164 24.79 -5.67 18.48
C ARG N 164 24.17 -7.03 18.24
N GLY N 165 24.28 -7.96 19.19
CA GLY N 165 23.79 -9.31 18.98
C GLY N 165 22.40 -9.52 19.51
N ASN N 166 21.87 -8.53 20.23
CA ASN N 166 20.49 -8.57 20.71
C ASN N 166 19.61 -7.54 20.02
N ASP N 167 20.09 -6.92 18.96
CA ASP N 167 19.28 -6.05 18.14
C ASP N 167 18.65 -6.87 17.02
N GLU N 168 17.94 -6.21 16.12
CA GLU N 168 17.21 -6.87 15.05
C GLU N 168 17.70 -6.39 13.70
N LEU N 169 17.84 -7.33 12.76
CA LEU N 169 18.19 -6.99 11.39
C LEU N 169 16.90 -6.85 10.60
N LEU N 170 16.63 -5.64 10.13
CA LEU N 170 15.37 -5.33 9.46
C LEU N 170 15.55 -5.39 7.95
N ARG N 171 14.46 -5.65 7.25
CA ARG N 171 14.52 -5.68 5.79
C ARG N 171 14.60 -4.26 5.24
N ALA N 172 15.41 -4.09 4.21
CA ALA N 172 15.52 -2.82 3.50
C ALA N 172 15.43 -3.07 2.01
N SER N 173 14.88 -2.09 1.29
CA SER N 173 15.00 -2.09 -0.15
C SER N 173 16.40 -1.62 -0.54
N TRP N 174 16.81 -2.01 -1.75
CA TRP N 174 18.17 -1.70 -2.19
C TRP N 174 18.44 -0.19 -2.20
N ASP N 175 17.41 0.62 -2.52
CA ASP N 175 17.62 2.07 -2.54
C ASP N 175 17.76 2.66 -1.14
N GLU N 176 17.02 2.16 -0.15
CA GLU N 176 17.19 2.70 1.20
C GLU N 176 18.50 2.21 1.82
N ALA N 177 18.88 0.97 1.56
CA ALA N 177 20.15 0.47 2.06
C ALA N 177 21.32 1.25 1.48
N PHE N 178 21.28 1.53 0.17
CA PHE N 178 22.31 2.34 -0.44
C PHE N 178 22.31 3.76 0.13
N THR N 179 21.12 4.32 0.34
CA THR N 179 21.01 5.69 0.82
C THR N 179 21.49 5.81 2.26
N TYR N 180 20.99 4.92 3.14
CA TYR N 180 21.42 4.94 4.54
C TYR N 180 22.93 4.72 4.66
N ALA N 181 23.46 3.75 3.90
CA ALA N 181 24.89 3.49 3.95
C ALA N 181 25.70 4.67 3.42
N SER N 182 25.26 5.27 2.31
CA SER N 182 25.99 6.41 1.76
C SER N 182 25.98 7.59 2.70
N LYS N 183 24.82 7.90 3.28
CA LYS N 183 24.74 9.00 4.25
C LYS N 183 25.66 8.74 5.43
N GLY N 184 25.70 7.50 5.92
CA GLY N 184 26.60 7.19 7.03
C GLY N 184 28.06 7.37 6.67
N ILE N 185 28.44 6.98 5.45
CA ILE N 185 29.81 7.17 5.00
C ILE N 185 30.16 8.65 4.97
N ILE N 186 29.24 9.48 4.45
CA ILE N 186 29.51 10.90 4.35
C ILE N 186 29.69 11.51 5.74
N HIS N 187 28.79 11.15 6.67
CA HIS N 187 28.84 11.72 8.01
C HIS N 187 30.13 11.32 8.72
N ILE N 188 30.42 10.03 8.79
CA ILE N 188 31.55 9.56 9.59
C ILE N 188 32.89 9.99 8.99
N THR N 189 33.02 9.94 7.66
CA THR N 189 34.26 10.39 7.05
C THR N 189 34.48 11.88 7.24
N LYS N 190 33.41 12.67 7.25
CA LYS N 190 33.56 14.10 7.56
C LYS N 190 33.66 14.34 9.06
N LYS N 191 33.09 13.44 9.86
CA LYS N 191 33.14 13.60 11.31
C LYS N 191 34.57 13.54 11.84
N TYR N 192 35.41 12.71 11.22
CA TYR N 192 36.79 12.51 11.66
C TYR N 192 37.81 13.09 10.69
N SER N 193 37.41 14.07 9.88
CA SER N 193 38.33 14.57 8.86
C SER N 193 39.35 15.56 9.39
N GLY N 194 38.92 16.78 9.69
CA GLY N 194 39.80 17.87 10.04
C GLY N 194 40.60 17.70 11.33
N PRO N 195 41.18 18.80 11.80
CA PRO N 195 41.84 18.77 13.11
C PRO N 195 40.89 18.42 14.23
N GLU N 196 39.63 18.84 14.13
CA GLU N 196 38.62 18.45 15.11
C GLU N 196 38.40 16.95 15.11
N GLY N 197 38.48 16.31 13.95
CA GLY N 197 38.41 14.86 13.90
C GLY N 197 39.63 14.19 14.52
N ALA N 198 40.82 14.75 14.27
CA ALA N 198 42.03 14.19 14.86
C ALA N 198 41.98 14.23 16.38
N GLN N 199 41.45 15.31 16.95
CA GLN N 199 41.35 15.39 18.39
C GLN N 199 40.25 14.47 18.94
N LYS N 200 39.19 14.25 18.16
CA LYS N 200 38.17 13.29 18.59
C LYS N 200 38.76 11.91 18.72
N LEU N 201 39.70 11.56 17.83
CA LEU N 201 40.34 10.25 17.88
C LEU N 201 41.38 10.18 19.00
N ILE N 202 42.02 11.31 19.32
CA ILE N 202 42.92 11.32 20.46
C ILE N 202 42.14 11.25 21.77
N ASP N 203 40.91 11.78 21.78
CA ASP N 203 40.07 11.66 22.97
C ASP N 203 39.59 10.23 23.16
N GLN N 204 39.47 9.46 22.08
CA GLN N 204 39.01 8.08 22.18
C GLN N 204 40.13 7.11 22.53
N GLY N 205 41.40 7.51 22.42
CA GLY N 205 42.50 6.68 22.85
C GLY N 205 43.38 6.14 21.75
N TYR N 206 43.17 6.55 20.50
CA TYR N 206 43.99 6.06 19.41
C TYR N 206 45.38 6.69 19.46
N PRO N 207 46.44 5.94 19.14
CA PRO N 207 47.77 6.52 19.13
C PRO N 207 47.87 7.66 18.12
N LYS N 208 48.75 8.62 18.44
CA LYS N 208 48.92 9.77 17.56
C LYS N 208 49.49 9.36 16.21
N GLU N 209 50.29 8.29 16.17
CA GLU N 209 50.82 7.79 14.91
C GLU N 209 49.70 7.32 13.98
N MET N 210 48.67 6.69 14.54
CA MET N 210 47.53 6.27 13.73
C MET N 210 46.70 7.46 13.27
N VAL N 211 46.69 8.54 14.06
CA VAL N 211 45.91 9.72 13.71
C VAL N 211 46.65 10.57 12.69
N ASP N 212 47.97 10.69 12.84
CA ASP N 212 48.75 11.47 11.89
C ASP N 212 48.82 10.81 10.51
N ARG N 213 48.77 9.47 10.45
CA ARG N 213 48.79 8.82 9.15
C ARG N 213 47.55 9.16 8.33
N MET N 214 46.45 9.48 8.99
CA MET N 214 45.24 9.86 8.27
C MET N 214 45.50 11.07 7.38
N GLN N 215 46.45 11.91 7.77
CA GLN N 215 46.82 13.11 7.00
C GLN N 215 45.62 14.02 6.80
N GLY N 216 44.77 14.12 7.82
CA GLY N 216 43.61 14.98 7.71
C GLY N 216 42.40 14.34 7.07
N ALA N 217 42.58 13.35 6.21
CA ALA N 217 41.44 12.70 5.57
C ALA N 217 40.68 11.84 6.57
N GLY N 218 39.35 11.87 6.45
CA GLY N 218 38.45 11.10 7.27
C GLY N 218 38.14 9.79 6.58
N THR N 219 38.25 9.83 5.24
CA THR N 219 38.07 8.63 4.45
C THR N 219 39.13 7.58 4.78
N ARG N 220 40.21 7.98 5.44
CA ARG N 220 41.23 7.03 5.88
C ARG N 220 40.77 6.22 7.08
N THR N 221 39.65 6.59 7.70
CA THR N 221 39.00 5.76 8.70
C THR N 221 38.03 4.75 8.07
N PHE N 222 37.77 4.86 6.77
CA PHE N 222 36.97 3.89 6.05
C PHE N 222 37.87 2.73 5.65
N LYS N 223 37.47 1.52 6.01
CA LYS N 223 38.22 0.32 5.68
C LYS N 223 37.37 -0.54 4.76
N GLY N 224 37.78 -0.65 3.51
CA GLY N 224 37.07 -1.45 2.53
C GLY N 224 37.91 -2.63 2.11
N ARG N 225 37.45 -3.84 2.39
CA ARG N 225 38.22 -5.03 2.07
C ARG N 225 37.56 -5.75 0.90
N GLY N 226 38.27 -5.82 -0.22
CA GLY N 226 37.82 -6.76 -1.22
C GLY N 226 38.41 -8.08 -0.78
N GLY N 227 37.56 -9.04 -0.43
CA GLY N 227 38.01 -10.23 0.26
C GLY N 227 38.39 -11.30 -0.72
N MET N 228 39.60 -11.85 -0.55
CA MET N 228 40.21 -12.78 -1.48
C MET N 228 39.76 -12.47 -2.91
N GLY N 229 40.05 -11.25 -3.36
CA GLY N 229 39.53 -10.76 -4.62
C GLY N 229 39.90 -11.56 -5.84
N LEU N 230 40.91 -12.42 -5.73
CA LEU N 230 41.24 -13.27 -6.87
C LEU N 230 40.12 -14.26 -7.15
N LEU N 231 39.25 -14.51 -6.16
CA LEU N 231 38.09 -15.35 -6.38
C LEU N 231 37.18 -14.76 -7.45
N GLY N 232 36.93 -13.46 -7.38
CA GLY N 232 36.36 -12.73 -8.50
C GLY N 232 36.93 -11.32 -8.53
N VAL N 233 37.60 -10.96 -9.62
CA VAL N 233 38.39 -9.73 -9.62
C VAL N 233 37.49 -8.51 -9.75
N ILE N 234 36.51 -8.56 -10.66
CA ILE N 234 35.63 -7.41 -10.85
C ILE N 234 34.71 -7.21 -9.65
N GLY N 235 34.09 -8.30 -9.19
CA GLY N 235 33.11 -8.19 -8.13
C GLY N 235 33.69 -7.99 -6.74
N LYS N 236 34.84 -8.58 -6.47
CA LYS N 236 35.41 -8.55 -5.13
C LYS N 236 36.57 -7.56 -4.99
N TYR N 237 37.57 -7.65 -5.87
CA TYR N 237 38.63 -6.65 -5.86
C TYR N 237 38.15 -5.28 -6.31
N GLY N 238 36.93 -5.20 -6.87
CA GLY N 238 36.33 -3.91 -7.15
C GLY N 238 36.14 -3.06 -5.91
N MET N 239 36.13 -3.69 -4.72
CA MET N 239 36.07 -2.93 -3.48
C MET N 239 37.30 -2.03 -3.34
N TYR N 240 38.45 -2.49 -3.82
CA TYR N 240 39.64 -1.64 -3.81
C TYR N 240 39.46 -0.41 -4.70
N ARG N 241 38.72 -0.54 -5.80
CA ARG N 241 38.39 0.66 -6.58
C ARG N 241 37.44 1.56 -5.80
N PHE N 242 36.47 0.97 -5.10
CA PHE N 242 35.55 1.78 -4.29
C PHE N 242 36.31 2.61 -3.27
N ASN N 243 37.32 2.00 -2.69
CA ASN N 243 38.13 2.71 -1.69
C ASN N 243 38.83 3.87 -2.39
N ASN N 244 39.29 3.64 -3.62
CA ASN N 244 40.01 4.67 -4.39
C ASN N 244 39.04 5.79 -4.66
N CYS N 245 37.83 5.43 -5.03
CA CYS N 245 36.77 6.37 -5.42
C CYS N 245 36.51 7.34 -4.28
N LEU N 246 36.58 6.85 -3.06
CA LEU N 246 36.27 7.70 -1.91
C LEU N 246 37.14 8.94 -1.84
N ALA N 247 38.18 9.04 -2.69
CA ALA N 247 38.94 10.28 -2.78
C ALA N 247 38.04 11.45 -3.14
N ILE N 248 37.01 11.22 -3.95
CA ILE N 248 36.06 12.28 -4.27
C ILE N 248 35.34 12.73 -3.00
N VAL N 249 34.92 11.78 -2.16
CA VAL N 249 34.23 12.14 -0.92
C VAL N 249 35.12 13.00 -0.04
N ASP N 250 36.42 12.68 -0.01
CA ASP N 250 37.36 13.52 0.73
C ASP N 250 37.44 14.91 0.13
N ALA N 251 37.40 15.01 -1.21
CA ALA N 251 37.39 16.32 -1.86
C ALA N 251 36.16 17.12 -1.45
N HIS N 252 35.01 16.46 -1.34
CA HIS N 252 33.80 17.17 -0.90
C HIS N 252 33.87 17.50 0.58
N ASN N 253 34.45 16.61 1.39
CA ASN N 253 34.51 16.83 2.83
C ASN N 253 35.43 18.00 3.18
N ARG N 254 36.66 17.97 2.68
CA ARG N 254 37.68 18.93 3.07
C ARG N 254 37.91 20.04 2.06
N GLY N 255 37.36 19.94 0.85
CA GLY N 255 37.57 20.94 -0.17
C GLY N 255 39.01 21.02 -0.62
N VAL N 256 39.57 19.88 -1.00
CA VAL N 256 40.94 19.80 -1.46
C VAL N 256 40.96 19.44 -2.94
N GLY N 257 42.15 19.46 -3.53
CA GLY N 257 42.29 19.17 -4.93
C GLY N 257 42.48 17.69 -5.20
N PRO N 258 42.45 17.30 -6.48
CA PRO N 258 42.62 15.87 -6.82
C PRO N 258 43.90 15.27 -6.27
N ASP N 259 45.00 16.03 -6.27
CA ASP N 259 46.27 15.50 -5.80
C ASP N 259 46.35 15.38 -4.28
N GLN N 260 45.54 16.16 -3.55
CA GLN N 260 45.50 16.10 -2.09
C GLN N 260 44.31 15.32 -1.57
N ALA N 261 43.56 14.64 -2.44
CA ALA N 261 42.39 13.90 -2.03
C ALA N 261 42.81 12.47 -1.73
N LEU N 262 42.35 11.94 -0.59
CA LEU N 262 42.72 10.62 -0.13
C LEU N 262 41.46 9.85 0.18
N GLY N 263 41.41 8.59 -0.27
CA GLY N 263 40.20 7.83 -0.07
C GLY N 263 40.29 6.71 0.94
N GLY N 264 39.79 5.54 0.56
CA GLY N 264 39.70 4.41 1.46
C GLY N 264 41.04 3.76 1.70
N ARG N 265 41.06 2.91 2.73
CA ARG N 265 42.22 2.08 3.05
C ARG N 265 41.91 0.66 2.62
N ASN N 266 42.73 0.11 1.74
CA ASN N 266 42.52 -1.24 1.25
C ASN N 266 42.99 -2.23 2.32
N TRP N 267 42.07 -3.04 2.84
CA TRP N 267 42.43 -4.04 3.83
C TRP N 267 42.97 -5.28 3.13
N SER N 268 44.02 -5.87 3.72
CA SER N 268 44.72 -6.98 3.12
C SER N 268 43.95 -8.29 3.30
N ASN N 269 44.34 -9.29 2.50
CA ASN N 269 43.72 -10.61 2.55
C ASN N 269 44.71 -11.71 2.89
N TYR N 270 45.82 -11.79 2.15
CA TYR N 270 46.75 -12.91 2.28
C TYR N 270 47.41 -12.91 3.65
N THR N 271 48.01 -11.78 4.04
CA THR N 271 48.70 -11.72 5.33
C THR N 271 47.73 -11.84 6.49
N TRP N 272 46.57 -11.18 6.40
CA TRP N 272 45.59 -11.21 7.49
C TRP N 272 45.27 -12.63 7.92
N HIS N 273 45.16 -13.55 6.97
CA HIS N 273 44.83 -14.93 7.28
C HIS N 273 46.01 -15.73 7.81
N GLY N 274 47.19 -15.12 7.92
CA GLY N 274 48.35 -15.90 8.30
C GLY N 274 48.84 -16.82 7.22
N ASP N 275 48.52 -16.52 5.96
CA ASP N 275 48.77 -17.44 4.86
C ASP N 275 50.15 -17.26 4.23
N GLN N 276 50.76 -16.09 4.33
CA GLN N 276 52.08 -15.89 3.75
C GLN N 276 53.15 -16.63 4.55
N ALA N 277 54.20 -17.04 3.85
CA ALA N 277 55.43 -17.46 4.51
C ALA N 277 56.26 -16.22 4.73
N PRO N 278 56.33 -15.69 5.97
CA PRO N 278 57.04 -14.42 6.18
C PRO N 278 58.51 -14.46 5.82
N GLY N 279 59.13 -15.64 5.84
CA GLY N 279 60.55 -15.73 5.52
C GLY N 279 60.86 -15.56 4.05
N HIS N 280 59.86 -15.71 3.18
CA HIS N 280 60.13 -15.65 1.74
C HIS N 280 60.64 -14.28 1.27
N PRO N 281 60.08 -13.15 1.70
CA PRO N 281 60.72 -11.86 1.36
C PRO N 281 62.15 -11.74 1.87
N PHE N 282 62.50 -12.47 2.93
CA PHE N 282 63.86 -12.44 3.45
C PHE N 282 64.78 -13.39 2.67
N SER N 283 64.28 -14.56 2.30
CA SER N 283 65.14 -15.58 1.71
C SER N 283 65.36 -15.35 0.22
N HIS N 284 64.29 -15.02 -0.52
CA HIS N 284 64.41 -14.78 -1.95
C HIS N 284 63.73 -13.50 -2.43
N GLY N 285 62.98 -12.81 -1.56
CA GLY N 285 62.42 -11.53 -1.92
C GLY N 285 61.20 -11.57 -2.82
N LEU N 286 60.49 -12.69 -2.86
CA LEU N 286 59.27 -12.81 -3.64
C LEU N 286 58.10 -13.09 -2.68
N GLN N 287 56.91 -12.65 -3.09
CA GLN N 287 55.74 -12.78 -2.24
C GLN N 287 55.55 -14.21 -1.75
N THR N 288 55.56 -15.17 -2.68
CA THR N 288 55.30 -16.56 -2.33
C THR N 288 55.97 -17.46 -3.35
N SER N 289 56.68 -18.48 -2.85
CA SER N 289 57.23 -19.54 -3.71
C SER N 289 56.24 -20.71 -3.71
N ASP N 290 55.52 -20.87 -4.80
CA ASP N 290 54.62 -22.00 -5.00
C ASP N 290 54.74 -22.47 -6.44
N VAL N 291 54.03 -23.55 -6.78
CA VAL N 291 54.16 -24.20 -8.07
C VAL N 291 52.77 -24.56 -8.60
N ASP N 292 52.68 -24.73 -9.92
CA ASP N 292 51.55 -25.46 -10.46
C ASP N 292 51.63 -26.88 -9.95
N MET N 293 50.61 -27.31 -9.21
CA MET N 293 50.73 -28.52 -8.39
C MET N 293 50.93 -29.79 -9.20
N ASN N 294 50.78 -29.76 -10.52
CA ASN N 294 51.20 -30.92 -11.32
C ASN N 294 52.69 -31.17 -11.19
N ASP N 295 53.47 -30.12 -10.90
CA ASP N 295 54.92 -30.26 -10.73
C ASP N 295 55.27 -31.13 -9.54
N VAL N 296 54.36 -31.23 -8.56
CA VAL N 296 54.63 -32.03 -7.37
C VAL N 296 54.96 -33.47 -7.72
N ARG N 297 54.37 -34.01 -8.78
CA ARG N 297 54.64 -35.39 -9.16
C ARG N 297 56.01 -35.58 -9.82
N PHE N 298 56.73 -34.49 -10.11
CA PHE N 298 58.11 -34.62 -10.56
C PHE N 298 59.08 -34.87 -9.42
N SER N 299 58.69 -34.56 -8.19
CA SER N 299 59.58 -34.72 -7.05
C SER N 299 59.86 -36.20 -6.78
N LYS N 300 61.10 -36.48 -6.37
CA LYS N 300 61.50 -37.82 -5.97
C LYS N 300 61.74 -37.96 -4.48
N LEU N 301 61.98 -36.87 -3.77
CA LEU N 301 61.89 -36.84 -2.32
C LEU N 301 60.99 -35.67 -1.95
N LEU N 302 59.80 -35.96 -1.44
CA LEU N 302 58.80 -34.95 -1.13
C LEU N 302 58.71 -34.82 0.39
N ILE N 303 59.00 -33.62 0.89
CA ILE N 303 59.05 -33.35 2.31
C ILE N 303 57.92 -32.40 2.67
N GLN N 304 57.17 -32.74 3.72
CA GLN N 304 56.02 -31.96 4.15
C GLN N 304 56.21 -31.64 5.63
N THR N 305 56.26 -30.34 5.94
CA THR N 305 56.56 -29.87 7.29
C THR N 305 55.38 -29.21 7.98
N GLY N 306 54.72 -28.26 7.33
CA GLY N 306 53.62 -27.55 7.95
C GLY N 306 52.34 -27.63 7.15
N LYS N 307 52.17 -28.70 6.37
CA LYS N 307 51.07 -28.77 5.43
C LYS N 307 50.40 -30.15 5.50
N ASN N 308 49.10 -30.16 5.80
CA ASN N 308 48.28 -31.35 5.61
C ASN N 308 47.74 -31.24 4.18
N LEU N 309 48.59 -31.66 3.23
CA LEU N 309 48.30 -31.47 1.81
C LEU N 309 47.21 -32.41 1.32
N ILE N 310 46.93 -33.49 2.04
CA ILE N 310 45.93 -34.45 1.60
C ILE N 310 44.51 -33.92 1.75
N GLU N 311 44.24 -33.14 2.80
CA GLU N 311 42.89 -32.67 3.06
C GLU N 311 42.70 -31.18 2.77
N ASN N 312 43.75 -30.45 2.42
CA ASN N 312 43.65 -29.02 2.19
C ASN N 312 44.06 -28.60 0.78
N LYS N 313 44.41 -29.56 -0.08
CA LYS N 313 44.57 -29.34 -1.52
C LYS N 313 44.01 -30.56 -2.25
N MET N 314 42.83 -31.02 -1.82
CA MET N 314 42.36 -32.35 -2.21
C MET N 314 42.24 -32.57 -3.72
N PRO N 315 41.67 -31.66 -4.53
CA PRO N 315 41.56 -31.97 -5.96
C PRO N 315 42.91 -32.11 -6.65
N GLU N 316 43.98 -31.61 -6.04
CA GLU N 316 45.33 -31.74 -6.56
C GLU N 316 46.17 -32.67 -5.70
N ALA N 317 45.56 -33.33 -4.70
CA ALA N 317 46.30 -34.21 -3.81
C ALA N 317 46.86 -35.42 -4.53
N HIS N 318 46.23 -35.85 -5.63
CA HIS N 318 46.71 -37.02 -6.35
C HIS N 318 48.12 -36.81 -6.90
N TRP N 319 48.53 -35.56 -7.12
CA TRP N 319 49.91 -35.29 -7.50
C TRP N 319 50.90 -35.69 -6.41
N VAL N 320 50.44 -35.78 -5.16
CA VAL N 320 51.30 -36.17 -4.04
C VAL N 320 51.28 -37.67 -3.80
N THR N 321 50.08 -38.25 -3.74
CA THR N 321 49.98 -39.69 -3.49
C THR N 321 50.69 -40.51 -4.56
N GLU N 322 50.77 -39.98 -5.78
CA GLU N 322 51.33 -40.74 -6.89
C GLU N 322 52.84 -40.63 -6.99
N VAL N 323 53.48 -39.92 -6.05
CA VAL N 323 54.93 -39.89 -6.02
C VAL N 323 55.47 -41.20 -5.44
N MET N 324 54.69 -41.87 -4.59
CA MET N 324 55.06 -43.19 -4.09
C MET N 324 54.91 -44.26 -5.15
N GLU N 325 54.42 -43.91 -6.34
CA GLU N 325 54.24 -44.84 -7.44
C GLU N 325 55.24 -44.61 -8.55
N ARG N 326 56.10 -43.60 -8.43
CA ARG N 326 57.03 -43.23 -9.48
C ARG N 326 58.44 -43.12 -8.95
N GLY N 327 58.81 -44.04 -8.05
CA GLY N 327 60.15 -44.06 -7.50
C GLY N 327 60.48 -42.89 -6.59
N GLY N 328 59.46 -42.29 -5.98
CA GLY N 328 59.67 -41.15 -5.10
C GLY N 328 59.48 -41.48 -3.64
N LYS N 329 60.07 -40.68 -2.76
CA LYS N 329 59.94 -40.86 -1.32
C LYS N 329 59.20 -39.68 -0.71
N ILE N 330 58.29 -39.98 0.22
CA ILE N 330 57.43 -38.99 0.84
C ILE N 330 57.77 -38.93 2.32
N VAL N 331 57.90 -37.72 2.86
CA VAL N 331 58.21 -37.50 4.27
C VAL N 331 57.24 -36.45 4.82
N VAL N 332 56.69 -36.72 6.00
CA VAL N 332 55.79 -35.80 6.67
C VAL N 332 56.34 -35.53 8.07
N ILE N 333 56.43 -34.27 8.44
CA ILE N 333 57.03 -33.86 9.71
C ILE N 333 55.96 -33.07 10.47
N THR N 334 55.19 -33.76 11.29
CA THR N 334 54.09 -33.16 12.03
C THR N 334 54.05 -33.77 13.44
N PRO N 335 53.54 -33.03 14.42
CA PRO N 335 53.36 -33.64 15.75
C PRO N 335 52.34 -34.75 15.74
N GLU N 336 51.34 -34.67 14.88
CA GLU N 336 50.27 -35.64 14.76
C GLU N 336 50.53 -36.60 13.60
N TYR N 337 49.85 -37.74 13.63
CA TYR N 337 49.80 -38.65 12.49
C TYR N 337 48.62 -38.17 11.64
N SER N 338 48.91 -37.29 10.69
CA SER N 338 47.88 -36.61 9.91
C SER N 338 47.46 -37.46 8.74
N PRO N 339 46.36 -37.11 8.07
CA PRO N 339 46.01 -37.82 6.83
C PRO N 339 47.10 -37.77 5.78
N SER N 340 47.99 -36.78 5.84
CA SER N 340 49.13 -36.73 4.94
C SER N 340 50.25 -37.68 5.36
N ALA N 341 50.29 -38.04 6.65
CA ALA N 341 51.35 -38.92 7.14
C ALA N 341 51.14 -40.36 6.67
N GLN N 342 49.90 -40.73 6.33
CA GLN N 342 49.62 -42.07 5.83
C GLN N 342 50.50 -42.43 4.65
N LYS N 343 50.62 -41.51 3.71
CA LYS N 343 51.32 -41.71 2.46
C LYS N 343 52.83 -41.60 2.63
N ALA N 344 53.30 -41.12 3.77
CA ALA N 344 54.71 -40.90 3.98
C ALA N 344 55.45 -42.24 4.10
N ASP N 345 56.67 -42.28 3.57
CA ASP N 345 57.51 -43.43 3.78
C ASP N 345 57.91 -43.54 5.24
N TYR N 346 58.11 -42.41 5.90
CA TYR N 346 58.39 -42.39 7.34
C TYR N 346 57.94 -41.05 7.92
N TRP N 347 57.22 -41.12 9.03
CA TRP N 347 56.65 -39.94 9.69
C TRP N 347 57.53 -39.51 10.85
N ILE N 348 57.89 -38.22 10.87
CA ILE N 348 58.76 -37.66 11.91
C ILE N 348 57.92 -36.86 12.91
N PRO N 349 57.64 -37.39 14.10
CA PRO N 349 56.99 -36.58 15.13
C PRO N 349 57.90 -35.43 15.55
N ILE N 350 57.28 -34.33 15.98
CA ILE N 350 58.03 -33.14 16.37
C ILE N 350 57.22 -32.38 17.40
N ARG N 351 57.91 -31.63 18.26
CA ARG N 351 57.27 -30.73 19.20
C ARG N 351 56.83 -29.47 18.47
N ASN N 352 55.71 -28.89 18.91
CA ASN N 352 55.12 -27.76 18.22
C ASN N 352 56.02 -26.54 18.32
N ASN N 353 56.02 -25.74 17.26
CA ASN N 353 56.76 -24.48 17.21
C ASN N 353 58.27 -24.70 17.31
N THR N 354 58.77 -25.81 16.74
CA THR N 354 60.19 -26.12 16.86
C THR N 354 60.85 -26.58 15.56
N ASP N 355 60.26 -26.28 14.38
CA ASP N 355 60.83 -26.82 13.16
C ASP N 355 62.15 -26.15 12.77
N THR N 356 62.39 -24.92 13.22
CA THR N 356 63.65 -24.26 12.89
C THR N 356 64.83 -25.07 13.39
N ALA N 357 64.74 -25.59 14.62
CA ALA N 357 65.82 -26.41 15.18
C ALA N 357 66.04 -27.66 14.34
N LEU N 358 64.96 -28.29 13.88
CA LEU N 358 65.08 -29.52 13.10
C LEU N 358 65.89 -29.30 11.82
N PHE N 359 65.55 -28.27 11.06
CA PHE N 359 66.24 -28.01 9.81
C PHE N 359 67.61 -27.40 10.00
N LEU N 360 67.86 -26.74 11.14
CA LEU N 360 69.22 -26.34 11.46
C LEU N 360 70.09 -27.56 11.76
N GLY N 361 69.54 -28.53 12.47
CA GLY N 361 70.28 -29.77 12.70
C GLY N 361 70.56 -30.52 11.42
N ILE N 362 69.62 -30.50 10.48
CA ILE N 362 69.84 -31.16 9.19
C ILE N 362 70.86 -30.38 8.37
N THR N 363 70.84 -29.05 8.46
CA THR N 363 71.85 -28.24 7.79
C THR N 363 73.24 -28.54 8.33
N LYS N 364 73.36 -28.74 9.65
CA LYS N 364 74.64 -29.09 10.25
C LYS N 364 75.16 -30.41 9.71
N ILE N 365 74.27 -31.40 9.56
CA ILE N 365 74.70 -32.70 9.03
C ILE N 365 75.15 -32.55 7.58
N LEU N 366 74.51 -31.66 6.83
CA LEU N 366 74.88 -31.46 5.43
C LEU N 366 76.25 -30.79 5.31
N ILE N 367 76.65 -30.01 6.33
CA ILE N 367 77.87 -29.23 6.24
C ILE N 367 79.01 -29.97 6.94
N ASP N 368 78.68 -30.70 8.01
CA ASP N 368 79.69 -31.54 8.64
C ASP N 368 80.20 -32.62 7.70
N ASN N 369 79.33 -33.12 6.82
CA ASN N 369 79.68 -34.13 5.85
C ASN N 369 79.95 -33.57 4.47
N LYS N 370 79.83 -32.25 4.30
CA LYS N 370 80.06 -31.59 3.02
C LYS N 370 79.21 -32.20 1.91
N TRP N 371 77.97 -32.52 2.24
CA TRP N 371 77.01 -33.08 1.29
C TRP N 371 76.25 -31.97 0.56
N TYR N 372 76.97 -30.96 0.08
CA TYR N 372 76.37 -29.83 -0.62
C TYR N 372 77.08 -29.59 -1.95
N ASP N 373 76.33 -29.08 -2.93
CA ASP N 373 76.88 -28.70 -4.22
C ASP N 373 77.64 -27.40 -4.03
N ALA N 374 78.97 -27.51 -3.91
CA ALA N 374 79.79 -26.32 -3.67
C ALA N 374 79.57 -25.27 -4.76
N ASP N 375 79.45 -25.70 -6.02
CA ASP N 375 79.26 -24.73 -7.10
C ASP N 375 77.92 -24.02 -6.97
N TYR N 376 76.84 -24.77 -6.74
CA TYR N 376 75.54 -24.14 -6.63
C TYR N 376 75.48 -23.21 -5.43
N VAL N 377 76.32 -23.44 -4.43
CA VAL N 377 76.38 -22.55 -3.28
C VAL N 377 77.31 -21.36 -3.54
N LYS N 378 78.36 -21.54 -4.35
CA LYS N 378 79.22 -20.41 -4.69
C LYS N 378 78.43 -19.36 -5.45
N LYS N 379 77.64 -19.79 -6.42
CA LYS N 379 76.68 -18.93 -7.11
C LYS N 379 75.32 -19.06 -6.43
N PHE N 380 74.41 -18.16 -6.78
CA PHE N 380 73.01 -18.18 -6.37
C PHE N 380 72.76 -18.06 -4.86
N THR N 381 73.81 -17.99 -4.05
CA THR N 381 73.64 -18.08 -2.61
C THR N 381 74.49 -17.06 -1.87
N ASP N 382 74.06 -16.74 -0.63
CA ASP N 382 74.73 -15.76 0.24
C ASP N 382 76.02 -16.30 0.85
N PHE N 383 76.16 -17.62 0.97
CA PHE N 383 77.25 -18.19 1.78
C PHE N 383 78.63 -17.70 1.38
N PRO N 384 78.99 -17.52 0.10
CA PRO N 384 80.33 -16.98 -0.20
C PRO N 384 80.53 -15.54 0.23
N LEU N 385 79.47 -14.74 0.36
CA LEU N 385 79.61 -13.32 0.66
C LEU N 385 80.22 -13.09 2.05
N LEU N 386 81.06 -12.05 2.14
CA LEU N 386 81.79 -11.77 3.37
C LEU N 386 80.96 -10.90 4.31
N ILE N 387 81.15 -11.12 5.62
CA ILE N 387 80.42 -10.38 6.65
C ILE N 387 81.38 -9.92 7.73
N ARG N 388 81.25 -8.66 8.15
CA ARG N 388 82.06 -8.08 9.21
C ARG N 388 81.61 -8.54 10.58
N THR N 389 82.56 -8.60 11.51
CA THR N 389 82.30 -9.08 12.86
C THR N 389 81.95 -7.97 13.85
N ASP N 390 82.46 -6.76 13.64
CA ASP N 390 82.12 -5.64 14.52
C ASP N 390 80.68 -5.19 14.31
N THR N 391 80.29 -4.95 13.05
CA THR N 391 78.99 -4.40 12.71
C THR N 391 77.93 -5.46 12.43
N LEU N 392 78.34 -6.69 12.15
CA LEU N 392 77.47 -7.81 11.76
C LEU N 392 76.79 -7.58 10.42
N LYS N 393 77.14 -6.51 9.71
CA LYS N 393 76.62 -6.27 8.38
C LYS N 393 77.51 -6.94 7.34
N ARG N 394 77.00 -7.02 6.11
CA ARG N 394 77.79 -7.56 5.02
C ARG N 394 78.89 -6.58 4.65
N VAL N 395 80.06 -7.12 4.30
CA VAL N 395 81.19 -6.27 3.94
C VAL N 395 80.86 -5.51 2.66
N SER N 396 81.23 -4.23 2.62
CA SER N 396 80.96 -3.35 1.51
C SER N 396 82.27 -2.94 0.86
N PRO N 397 82.41 -3.08 -0.46
CA PRO N 397 83.67 -2.66 -1.11
C PRO N 397 84.04 -1.22 -0.84
N LYS N 398 83.05 -0.35 -0.61
CA LYS N 398 83.31 1.01 -0.21
C LYS N 398 84.08 1.09 1.11
N ASP N 399 83.98 0.06 1.95
CA ASP N 399 84.66 0.03 3.24
C ASP N 399 86.12 -0.43 3.17
N ILE N 400 86.50 -1.22 2.16
CA ILE N 400 87.84 -1.78 2.12
C ILE N 400 88.65 -1.24 0.95
N ILE N 401 87.98 -0.88 -0.14
CA ILE N 401 88.63 -0.40 -1.36
C ILE N 401 88.59 1.12 -1.35
N PRO N 402 89.74 1.80 -1.41
CA PRO N 402 89.73 3.27 -1.39
C PRO N 402 89.14 3.83 -2.68
N ASN N 403 88.29 4.84 -2.53
CA ASN N 403 87.62 5.50 -3.65
C ASN N 403 86.89 4.49 -4.54
N TYR N 404 86.13 3.60 -3.90
CA TYR N 404 85.32 2.64 -4.62
C TYR N 404 83.97 3.25 -4.96
N LYS N 405 83.51 2.98 -6.18
CA LYS N 405 82.20 3.43 -6.64
C LYS N 405 81.38 2.22 -7.05
N LEU N 406 80.06 2.32 -6.86
CA LEU N 406 79.20 1.18 -7.15
C LEU N 406 79.10 0.98 -8.65
N GLN N 407 79.15 -0.28 -9.06
CA GLN N 407 79.22 -0.60 -10.47
C GLN N 407 77.90 -0.29 -11.15
N ASP N 408 77.98 0.10 -12.42
CA ASP N 408 76.81 0.53 -13.18
C ASP N 408 76.11 -0.71 -13.72
N ILE N 409 75.00 -1.10 -13.09
CA ILE N 409 74.25 -2.27 -13.51
C ILE N 409 72.97 -1.82 -14.19
N SER N 410 73.02 -0.67 -14.89
CA SER N 410 71.83 -0.11 -15.51
C SER N 410 71.48 -0.79 -16.81
N ASP N 411 72.43 -1.46 -17.44
CA ASP N 411 72.16 -2.33 -18.57
C ASP N 411 71.91 -3.77 -18.13
N GLY N 412 72.01 -4.05 -16.82
CA GLY N 412 71.88 -5.39 -16.30
C GLY N 412 70.44 -5.80 -16.14
N PRO N 413 70.24 -7.06 -15.78
CA PRO N 413 68.86 -7.61 -15.67
C PRO N 413 68.07 -7.09 -14.49
N SER N 414 68.60 -6.17 -13.69
CA SER N 414 67.83 -5.62 -12.58
C SER N 414 67.07 -4.38 -12.97
N TYR N 415 67.49 -3.70 -14.04
CA TYR N 415 66.80 -2.55 -14.58
C TYR N 415 65.87 -2.90 -15.73
N HIS N 416 66.31 -3.74 -16.66
CA HIS N 416 65.53 -4.01 -17.86
C HIS N 416 64.47 -5.08 -17.63
N ILE N 417 64.67 -5.99 -16.69
CA ILE N 417 63.72 -7.07 -16.42
C ILE N 417 63.01 -6.86 -15.08
N GLN N 418 63.77 -6.53 -14.03
CA GLN N 418 63.22 -6.46 -12.69
C GLN N 418 62.78 -5.05 -12.28
N GLY N 419 63.17 -4.03 -13.04
CA GLY N 419 62.70 -2.67 -12.80
C GLY N 419 63.31 -1.98 -11.61
N LEU N 420 64.62 -2.08 -11.42
CA LEU N 420 65.32 -1.37 -10.35
C LEU N 420 65.57 0.07 -10.75
N LYS N 421 65.56 0.95 -9.76
CA LYS N 421 65.82 2.37 -9.96
C LYS N 421 67.10 2.78 -9.23
N ASP N 422 67.75 3.85 -9.71
CA ASP N 422 69.09 4.20 -9.24
C ASP N 422 69.13 4.46 -7.74
N GLU N 423 68.15 5.20 -7.22
CA GLU N 423 68.10 5.52 -5.80
C GLU N 423 67.90 4.29 -4.95
N GLN N 424 67.15 3.31 -5.45
CA GLN N 424 67.07 2.01 -4.77
C GLN N 424 68.42 1.34 -4.86
N ARG N 425 69.09 1.50 -6.00
CA ARG N 425 70.39 0.86 -6.15
C ARG N 425 71.41 1.45 -5.15
N GLU N 426 71.34 2.73 -4.81
CA GLU N 426 72.27 3.20 -3.77
C GLU N 426 72.13 2.46 -2.47
N ILE N 427 70.91 2.16 -2.12
CA ILE N 427 70.68 1.71 -0.78
C ILE N 427 71.17 0.27 -0.62
N ILE N 428 70.87 -0.58 -1.59
CA ILE N 428 71.29 -1.97 -1.51
C ILE N 428 72.80 -2.09 -1.74
N GLY N 429 73.33 -1.36 -2.73
CA GLY N 429 74.79 -1.35 -2.89
C GLY N 429 75.42 -2.62 -3.44
N ASP N 430 76.73 -2.73 -3.24
CA ASP N 430 77.55 -3.84 -3.69
C ASP N 430 78.09 -4.60 -2.49
N PHE N 431 78.65 -5.78 -2.77
CA PHE N 431 79.13 -6.68 -1.72
C PHE N 431 80.50 -7.23 -2.09
N VAL N 432 81.10 -7.96 -1.15
CA VAL N 432 82.49 -8.39 -1.26
C VAL N 432 82.54 -9.92 -1.26
N VAL N 433 83.50 -10.47 -2.02
CA VAL N 433 83.75 -11.90 -2.06
C VAL N 433 85.27 -12.13 -2.04
N TRP N 434 85.67 -13.29 -1.54
CA TRP N 434 87.07 -13.72 -1.55
C TRP N 434 87.30 -14.63 -2.77
N ASP N 435 88.19 -14.21 -3.66
CA ASP N 435 88.45 -14.96 -4.89
C ASP N 435 89.40 -16.12 -4.63
N ALA N 436 89.29 -17.16 -5.47
CA ALA N 436 90.07 -18.38 -5.30
C ALA N 436 91.42 -18.32 -6.01
N LYS N 437 91.48 -17.73 -7.20
CA LYS N 437 92.74 -17.59 -7.92
C LYS N 437 93.51 -16.36 -7.46
N SER N 438 92.83 -15.23 -7.32
CA SER N 438 93.41 -14.02 -6.72
C SER N 438 92.95 -14.03 -5.27
N LYS N 439 93.80 -14.57 -4.40
CA LYS N 439 93.43 -14.72 -3.00
C LYS N 439 93.35 -13.35 -2.34
N GLY N 440 92.19 -12.71 -2.51
CA GLY N 440 91.94 -11.37 -2.01
C GLY N 440 90.53 -10.91 -2.30
N PRO N 441 90.09 -9.84 -1.63
CA PRO N 441 88.71 -9.37 -1.76
C PRO N 441 88.40 -8.84 -3.15
N LYS N 442 87.27 -9.28 -3.69
CA LYS N 442 86.73 -8.77 -4.95
C LYS N 442 85.32 -8.23 -4.75
N ALA N 443 85.01 -7.13 -5.43
CA ALA N 443 83.70 -6.50 -5.32
C ALA N 443 82.75 -7.06 -6.37
N ILE N 444 81.61 -7.58 -5.92
CA ILE N 444 80.58 -8.10 -6.81
C ILE N 444 79.30 -7.32 -6.62
N THR N 445 78.48 -7.30 -7.67
CA THR N 445 77.16 -6.70 -7.63
C THR N 445 76.11 -7.80 -7.51
N ARG N 446 74.85 -7.40 -7.36
CA ARG N 446 73.79 -8.37 -7.23
C ARG N 446 73.57 -9.15 -8.52
N ASP N 447 73.93 -8.58 -9.67
CA ASP N 447 73.80 -9.25 -10.95
C ASP N 447 74.90 -10.27 -11.20
N ASP N 448 75.94 -10.31 -10.38
CA ASP N 448 77.01 -11.29 -10.54
C ASP N 448 76.47 -12.62 -10.02
N VAL N 449 75.65 -13.26 -10.85
CA VAL N 449 74.87 -14.43 -10.48
C VAL N 449 75.06 -15.49 -11.53
N GLY N 450 75.09 -16.73 -11.08
CA GLY N 450 75.12 -17.85 -12.03
C GLY N 450 76.42 -17.86 -12.81
N GLU N 451 76.31 -18.05 -14.12
CA GLU N 451 77.47 -18.10 -15.00
C GLU N 451 78.07 -16.73 -15.25
N THR N 452 77.45 -15.66 -14.73
CA THR N 452 78.06 -14.34 -14.81
C THR N 452 79.38 -14.31 -14.05
N LEU N 453 79.52 -15.16 -13.02
CA LEU N 453 80.76 -15.24 -12.28
C LEU N 453 81.83 -15.99 -13.07
N VAL N 454 81.43 -17.02 -13.81
CA VAL N 454 82.40 -17.79 -14.59
C VAL N 454 82.86 -17.00 -15.81
N LYS N 455 81.98 -16.20 -16.41
CA LYS N 455 82.38 -15.32 -17.50
C LYS N 455 83.35 -14.25 -17.02
N LYS N 456 83.14 -13.74 -15.81
CA LYS N 456 84.11 -12.87 -15.17
C LYS N 456 85.15 -13.73 -14.46
N GLY N 457 86.05 -13.09 -13.70
CA GLY N 457 87.09 -13.84 -13.03
C GLY N 457 86.72 -14.42 -11.69
N ILE N 458 85.55 -14.06 -11.15
CA ILE N 458 85.21 -14.38 -9.77
C ILE N 458 85.09 -15.89 -9.59
N ASP N 459 85.71 -16.41 -8.53
CA ASP N 459 85.54 -17.79 -8.11
C ASP N 459 85.44 -17.78 -6.60
N PRO N 460 84.25 -17.56 -6.01
CA PRO N 460 84.13 -17.35 -4.57
C PRO N 460 84.51 -18.55 -3.71
N VAL N 461 84.92 -18.30 -2.47
CA VAL N 461 85.34 -19.42 -1.58
C VAL N 461 84.34 -19.49 -0.45
N LEU N 462 83.78 -20.66 -0.23
CA LEU N 462 82.79 -20.87 0.85
C LEU N 462 83.44 -20.78 2.23
N GLU N 463 84.64 -21.34 2.38
CA GLU N 463 85.26 -21.38 3.69
C GLU N 463 86.31 -20.28 3.79
N GLY N 464 86.64 -19.91 5.02
CA GLY N 464 87.68 -18.93 5.29
C GLY N 464 87.31 -17.84 6.28
N SER N 465 88.30 -17.42 7.08
CA SER N 465 88.18 -16.28 7.99
C SER N 465 89.37 -15.36 7.74
N PHE N 466 89.10 -14.09 7.42
CA PHE N 466 90.15 -13.19 6.96
C PHE N 466 90.20 -11.91 7.77
N LYS N 467 91.39 -11.30 7.77
CA LYS N 467 91.61 -9.99 8.39
C LYS N 467 91.83 -8.94 7.32
N LEU N 468 91.19 -7.78 7.49
CA LEU N 468 91.25 -6.69 6.53
C LEU N 468 91.35 -5.38 7.31
N LYS N 469 91.70 -4.33 6.57
CA LYS N 469 91.78 -2.98 7.17
C LYS N 469 90.97 -2.07 6.26
N THR N 470 90.21 -1.17 6.86
CA THR N 470 89.27 -0.26 6.16
C THR N 470 89.98 0.93 5.55
N ILE N 471 89.23 1.77 4.87
CA ILE N 471 89.84 2.99 4.30
C ILE N 471 90.32 3.87 5.45
N ASP N 472 89.60 3.90 6.57
CA ASP N 472 90.04 4.68 7.75
C ASP N 472 91.32 4.08 8.34
N GLY N 473 91.41 2.76 8.38
CA GLY N 473 92.64 2.13 8.89
C GLY N 473 92.38 1.12 9.98
N LYS N 474 91.19 1.17 10.57
CA LYS N 474 90.87 0.19 11.63
C LYS N 474 90.93 -1.18 10.98
N GLU N 475 91.59 -2.15 11.61
CA GLU N 475 91.65 -3.47 10.95
C GLU N 475 90.40 -4.23 11.34
N ILE N 476 89.63 -4.67 10.36
CA ILE N 476 88.37 -5.42 10.63
C ILE N 476 88.59 -6.88 10.30
N GLU N 477 88.04 -7.76 11.13
CA GLU N 477 88.11 -9.20 10.83
C GLU N 477 86.77 -9.56 10.18
N VAL N 478 86.81 -10.04 8.96
CA VAL N 478 85.65 -10.37 8.13
C VAL N 478 85.67 -11.87 7.88
N MET N 479 84.48 -12.47 7.88
CA MET N 479 84.32 -13.91 7.80
C MET N 479 83.25 -14.22 6.75
N THR N 480 83.37 -15.38 6.13
CA THR N 480 82.35 -15.84 5.21
C THR N 480 81.15 -16.38 5.98
N LEU N 481 79.96 -16.22 5.39
CA LEU N 481 78.74 -16.59 6.09
C LEU N 481 78.71 -18.06 6.47
N LEU N 482 79.33 -18.93 5.66
CA LEU N 482 79.30 -20.35 5.97
C LEU N 482 80.17 -20.68 7.19
N GLU N 483 81.33 -20.05 7.30
CA GLU N 483 82.13 -20.19 8.53
C GLU N 483 81.34 -19.77 9.76
N MET N 484 80.58 -18.67 9.66
CA MET N 484 79.82 -18.20 10.80
C MET N 484 78.69 -19.16 11.16
N TYR N 485 78.10 -19.85 10.18
CA TYR N 485 77.14 -20.88 10.51
C TYR N 485 77.81 -22.10 11.13
N LYS N 486 79.04 -22.41 10.70
CA LYS N 486 79.82 -23.45 11.35
C LYS N 486 79.97 -23.15 12.84
N ILE N 487 80.15 -21.86 13.17
CA ILE N 487 80.17 -21.46 14.58
C ILE N 487 78.74 -21.38 15.12
N HIS N 488 77.78 -20.99 14.29
CA HIS N 488 76.41 -20.86 14.75
C HIS N 488 75.77 -22.22 15.02
N LEU N 489 76.08 -23.22 14.19
CA LEU N 489 75.41 -24.51 14.29
C LEU N 489 75.98 -25.39 15.39
N ARG N 490 76.91 -24.87 16.20
CA ARG N 490 77.44 -25.65 17.32
C ARG N 490 76.37 -25.88 18.38
N ASP N 491 75.34 -25.05 18.41
CA ASP N 491 74.23 -25.23 19.33
C ASP N 491 73.19 -26.24 18.83
N TYR N 492 73.32 -26.69 17.58
CA TYR N 492 72.35 -27.58 16.96
C TYR N 492 72.97 -28.91 16.54
N ASP N 493 73.83 -29.46 17.38
CA ASP N 493 74.31 -30.82 17.15
C ASP N 493 73.12 -31.80 17.24
N ILE N 494 73.32 -32.98 16.66
CA ILE N 494 72.22 -33.94 16.48
C ILE N 494 71.56 -34.28 17.81
N ASP N 495 72.31 -34.30 18.91
CA ASP N 495 71.72 -34.71 20.19
C ASP N 495 70.87 -33.60 20.81
N SER N 496 71.28 -32.34 20.66
CA SER N 496 70.47 -31.25 21.19
C SER N 496 69.19 -31.06 20.40
N VAL N 497 69.27 -31.25 19.08
CA VAL N 497 68.08 -31.08 18.24
C VAL N 497 67.00 -32.08 18.64
N VAL N 498 67.40 -33.29 19.04
CA VAL N 498 66.43 -34.27 19.50
C VAL N 498 65.86 -33.86 20.85
N SER N 499 66.66 -33.21 21.69
CA SER N 499 66.15 -32.71 22.97
C SER N 499 65.15 -31.58 22.77
N MET N 500 65.29 -30.81 21.70
CA MET N 500 64.40 -29.70 21.41
C MET N 500 63.16 -30.10 20.63
N THR N 501 63.34 -30.86 19.54
CA THR N 501 62.25 -31.19 18.63
C THR N 501 61.46 -32.43 19.04
N ASN N 502 61.89 -33.14 20.08
CA ASN N 502 61.35 -34.47 20.40
C ASN N 502 61.14 -35.31 19.13
N SER N 503 62.11 -35.25 18.21
CA SER N 503 62.03 -36.03 16.97
C SER N 503 62.99 -37.20 17.03
N PRO N 504 62.63 -38.35 16.46
CA PRO N 504 63.53 -39.51 16.50
C PRO N 504 64.86 -39.24 15.82
N LYS N 505 65.95 -39.57 16.51
CA LYS N 505 67.29 -39.31 15.98
C LYS N 505 67.56 -40.10 14.71
N ASP N 506 67.04 -41.33 14.61
CA ASP N 506 67.25 -42.11 13.41
C ASP N 506 66.61 -41.45 12.20
N LEU N 507 65.42 -40.88 12.38
CA LEU N 507 64.73 -40.25 11.26
C LEU N 507 65.38 -38.94 10.85
N ILE N 508 65.92 -38.18 11.82
CA ILE N 508 66.62 -36.94 11.50
C ILE N 508 67.86 -37.24 10.69
N GLU N 509 68.65 -38.24 11.13
CA GLU N 509 69.84 -38.61 10.38
C GLU N 509 69.53 -39.30 9.05
N ARG N 510 68.39 -39.99 9.03
CA ARG N 510 67.88 -40.66 7.82
C ARG N 510 67.49 -39.62 6.78
N LEU N 511 66.80 -38.59 7.21
CA LEU N 511 66.36 -37.51 6.30
C LEU N 511 67.56 -36.76 5.74
N ALA N 512 68.52 -36.44 6.57
CA ALA N 512 69.66 -35.63 6.11
C ALA N 512 70.36 -36.28 4.91
N LYS N 513 70.63 -37.58 4.98
CA LYS N 513 71.26 -38.24 3.84
C LYS N 513 70.31 -38.33 2.66
N ASP N 514 69.01 -38.51 2.92
CA ASP N 514 68.04 -38.62 1.83
C ASP N 514 68.06 -37.37 0.95
N ILE N 515 68.08 -36.18 1.57
CA ILE N 515 68.14 -34.94 0.79
C ILE N 515 69.43 -34.90 -0.02
N ALA N 516 70.52 -35.45 0.51
CA ALA N 516 71.81 -35.38 -0.14
C ALA N 516 71.96 -36.38 -1.26
N THR N 517 71.13 -37.44 -1.29
CA THR N 517 71.28 -38.48 -2.29
C THR N 517 70.28 -38.41 -3.44
N ILE N 518 69.12 -37.79 -3.25
CA ILE N 518 68.05 -37.81 -4.23
C ILE N 518 67.79 -36.44 -4.80
N LYS N 519 67.56 -36.37 -6.11
CA LYS N 519 67.01 -35.20 -6.75
C LYS N 519 65.78 -35.62 -7.54
N PRO N 520 64.84 -34.69 -7.81
CA PRO N 520 64.69 -33.40 -7.15
C PRO N 520 64.12 -33.50 -5.73
N VAL N 521 64.61 -32.65 -4.83
CA VAL N 521 64.13 -32.58 -3.45
C VAL N 521 63.28 -31.33 -3.30
N ALA N 522 62.10 -31.48 -2.70
CA ALA N 522 61.19 -30.36 -2.49
C ALA N 522 60.66 -30.37 -1.07
N ILE N 523 60.68 -29.20 -0.43
CA ILE N 523 60.12 -29.02 0.91
C ILE N 523 58.83 -28.24 0.76
N HIS N 524 57.74 -28.81 1.28
CA HIS N 524 56.42 -28.18 1.20
C HIS N 524 55.89 -27.88 2.59
N TYR N 525 55.31 -26.69 2.75
CA TYR N 525 54.80 -26.27 4.05
C TYR N 525 53.58 -25.38 3.86
N GLY N 526 52.92 -25.11 4.97
CA GLY N 526 51.73 -24.30 4.98
C GLY N 526 51.55 -23.65 6.33
N GLU N 527 50.29 -23.46 6.71
CA GLU N 527 49.94 -22.73 7.91
C GLU N 527 49.96 -23.61 9.16
N GLY N 528 50.33 -24.88 9.04
CA GLY N 528 50.69 -25.64 10.22
C GLY N 528 51.93 -25.12 10.89
N VAL N 529 52.79 -24.42 10.14
CA VAL N 529 53.95 -23.74 10.71
C VAL N 529 53.90 -22.24 10.49
N ASN N 530 53.19 -21.75 9.48
CA ASN N 530 53.07 -20.31 9.26
C ASN N 530 52.16 -19.64 10.28
N HIS N 531 51.41 -20.41 11.05
CA HIS N 531 50.55 -19.86 12.10
C HIS N 531 51.21 -19.91 13.47
N TYR N 532 52.55 -19.92 13.52
CA TYR N 532 53.30 -19.73 14.74
C TYR N 532 54.13 -18.46 14.63
N PHE N 533 54.48 -17.91 15.80
CA PHE N 533 55.09 -16.59 15.86
C PHE N 533 56.37 -16.52 15.03
N HIS N 534 57.24 -17.51 15.20
CA HIS N 534 58.54 -17.51 14.55
C HIS N 534 58.54 -18.25 13.22
N ALA N 535 57.39 -18.25 12.53
CA ALA N 535 57.34 -18.82 11.18
C ALA N 535 58.39 -18.18 10.28
N THR N 536 58.65 -16.88 10.49
CA THR N 536 59.67 -16.19 9.71
C THR N 536 60.98 -16.94 9.74
N LEU N 537 61.42 -17.36 10.94
CA LEU N 537 62.62 -18.18 11.04
C LEU N 537 62.38 -19.57 10.47
N MET N 538 61.21 -20.15 10.73
CA MET N 538 60.91 -21.49 10.24
C MET N 538 60.95 -21.53 8.70
N ASN N 539 60.40 -20.52 8.05
CA ASN N 539 60.42 -20.49 6.58
C ASN N 539 61.83 -20.30 6.05
N ARG N 540 62.62 -19.43 6.69
CA ARG N 540 64.01 -19.27 6.30
C ARG N 540 64.79 -20.57 6.46
N SER N 541 64.53 -21.31 7.54
CA SER N 541 65.18 -22.60 7.73
C SER N 541 64.80 -23.58 6.63
N TYR N 542 63.61 -23.44 6.05
CA TYR N 542 63.14 -24.39 5.05
C TYR N 542 63.88 -24.27 3.72
N TYR N 543 64.76 -23.27 3.57
CA TYR N 543 65.60 -23.16 2.38
C TYR N 543 67.01 -23.68 2.60
N LEU N 544 67.47 -23.76 3.86
CA LEU N 544 68.84 -24.16 4.12
C LEU N 544 69.20 -25.51 3.53
N PRO N 545 68.44 -26.60 3.75
CA PRO N 545 68.86 -27.88 3.17
C PRO N 545 68.75 -27.94 1.66
N VAL N 546 67.88 -27.14 1.04
CA VAL N 546 67.73 -27.20 -0.42
C VAL N 546 68.61 -26.19 -1.13
N MET N 547 68.98 -25.09 -0.47
N MET N 547 69.01 -25.10 -0.46
CA MET N 547 69.96 -24.16 -1.02
CA MET N 547 69.95 -24.18 -1.10
C MET N 547 71.30 -24.86 -1.24
C MET N 547 71.36 -24.75 -1.16
N LEU N 548 71.69 -25.71 -0.30
CA LEU N 548 73.00 -26.35 -0.34
C LEU N 548 73.04 -27.50 -1.34
N THR N 549 71.91 -28.16 -1.58
CA THR N 549 71.86 -29.33 -2.45
C THR N 549 71.48 -29.00 -3.88
N GLY N 550 71.24 -27.73 -4.21
CA GLY N 550 70.89 -27.35 -5.56
C GLY N 550 69.50 -27.77 -6.00
N ASN N 551 68.50 -27.52 -5.16
CA ASN N 551 67.13 -27.93 -5.44
C ASN N 551 66.17 -26.74 -5.45
N VAL N 552 66.62 -25.61 -5.97
CA VAL N 552 65.77 -24.44 -6.19
C VAL N 552 65.86 -24.05 -7.66
N GLY N 553 64.72 -23.88 -8.31
CA GLY N 553 64.68 -23.50 -9.71
C GLY N 553 64.54 -24.63 -10.69
N TYR N 554 64.54 -25.88 -10.23
CA TYR N 554 64.44 -27.04 -11.10
C TYR N 554 63.10 -27.74 -10.89
N PHE N 555 62.58 -28.32 -11.97
CA PHE N 555 61.28 -28.99 -11.90
C PHE N 555 61.29 -30.09 -10.84
N GLY N 556 60.26 -30.10 -10.00
CA GLY N 556 60.16 -31.06 -8.93
C GLY N 556 60.90 -30.69 -7.65
N SER N 557 61.53 -29.53 -7.62
CA SER N 557 62.36 -29.10 -6.50
C SER N 557 61.76 -27.83 -5.87
N GLY N 558 62.49 -27.26 -4.92
CA GLY N 558 62.15 -25.98 -4.34
C GLY N 558 61.67 -26.11 -2.90
N SER N 559 61.49 -24.95 -2.29
CA SER N 559 60.90 -24.85 -0.96
C SER N 559 59.68 -23.95 -1.08
N HIS N 560 58.49 -24.52 -0.79
CA HIS N 560 57.24 -23.89 -1.17
C HIS N 560 56.27 -23.85 0.00
N THR N 561 55.52 -22.75 0.08
CA THR N 561 54.41 -22.62 1.02
C THR N 561 53.10 -22.68 0.26
N TRP N 562 52.06 -23.14 0.94
CA TRP N 562 50.74 -23.26 0.34
C TRP N 562 49.72 -22.55 1.21
N ALA N 563 48.74 -21.94 0.56
CA ALA N 563 47.80 -21.08 1.25
C ALA N 563 46.52 -21.01 0.42
N GLY N 564 45.70 -19.99 0.67
CA GLY N 564 44.54 -19.74 -0.15
C GLY N 564 44.93 -19.12 -1.49
N ASN N 565 43.91 -18.61 -2.18
CA ASN N 565 44.10 -18.03 -3.50
C ASN N 565 44.45 -16.56 -3.30
N TYR N 566 45.74 -16.25 -3.42
CA TYR N 566 46.26 -14.91 -3.16
C TYR N 566 46.79 -14.19 -4.37
N LYS N 567 47.07 -14.91 -5.46
CA LYS N 567 47.98 -14.39 -6.48
C LYS N 567 47.26 -13.38 -7.36
N ALA N 568 47.03 -12.19 -6.77
CA ALA N 568 46.60 -11.06 -7.56
C ALA N 568 47.72 -10.56 -8.45
N GLY N 569 48.96 -11.01 -8.21
CA GLY N 569 50.09 -10.73 -9.06
C GLY N 569 50.12 -11.49 -10.36
N ASN N 570 49.11 -12.35 -10.60
CA ASN N 570 48.98 -12.95 -11.92
C ASN N 570 48.70 -11.90 -12.97
N PHE N 571 47.99 -10.84 -12.58
CA PHE N 571 47.80 -9.66 -13.43
C PHE N 571 49.04 -8.78 -13.25
N GLN N 572 50.15 -9.31 -13.73
CA GLN N 572 51.47 -8.77 -13.43
C GLN N 572 51.79 -7.58 -14.32
N ALA N 573 52.16 -6.47 -13.69
CA ALA N 573 52.48 -5.24 -14.41
C ALA N 573 53.96 -5.23 -14.79
N SER N 574 54.26 -4.68 -15.96
CA SER N 574 55.63 -4.56 -16.42
C SER N 574 55.67 -3.49 -17.52
N LYS N 575 56.89 -3.21 -18.00
CA LYS N 575 57.07 -2.20 -19.04
C LYS N 575 56.44 -2.66 -20.36
N TRP N 576 56.77 -3.87 -20.81
CA TRP N 576 56.21 -4.35 -22.07
C TRP N 576 54.73 -4.64 -21.98
N SER N 577 54.25 -4.98 -20.78
CA SER N 577 52.87 -5.45 -20.60
C SER N 577 51.89 -4.31 -20.37
N GLY N 578 52.09 -3.54 -19.30
CA GLY N 578 51.17 -2.49 -18.94
C GLY N 578 50.91 -2.42 -17.44
N PRO N 579 49.80 -1.78 -17.06
CA PRO N 579 49.52 -1.60 -15.62
C PRO N 579 49.09 -2.86 -14.91
N GLY N 580 48.56 -3.85 -15.62
CA GLY N 580 48.17 -5.09 -14.97
C GLY N 580 47.03 -4.87 -13.98
N PHE N 581 47.23 -5.37 -12.76
CA PHE N 581 46.21 -5.29 -11.73
C PHE N 581 45.91 -3.84 -11.36
N TYR N 582 46.88 -2.95 -11.50
CA TYR N 582 46.67 -1.54 -11.17
C TYR N 582 45.62 -0.89 -12.07
N GLY N 583 45.42 -1.42 -13.28
CA GLY N 583 44.40 -0.85 -14.15
C GLY N 583 43.02 -0.89 -13.56
N TRP N 584 42.70 -1.95 -12.82
CA TRP N 584 41.38 -2.09 -12.22
C TRP N 584 41.27 -1.38 -10.87
N VAL N 585 42.27 -1.51 -10.01
CA VAL N 585 42.16 -0.99 -8.65
C VAL N 585 42.82 0.36 -8.44
N ALA N 586 43.75 0.78 -9.29
CA ALA N 586 44.48 2.01 -9.08
C ALA N 586 44.37 2.98 -10.26
N GLU N 587 43.27 2.94 -11.01
CA GLU N 587 43.06 3.95 -12.04
C GLU N 587 42.73 5.29 -11.38
N ASP N 588 43.18 6.37 -12.00
CA ASP N 588 42.95 7.70 -11.44
C ASP N 588 41.45 7.97 -11.37
N VAL N 589 40.97 8.19 -10.14
CA VAL N 589 39.54 8.42 -9.93
C VAL N 589 39.08 9.68 -10.65
N PHE N 590 39.92 10.71 -10.68
CA PHE N 590 39.53 11.97 -11.29
C PHE N 590 39.77 12.02 -12.79
N LYS N 591 40.49 11.05 -13.37
CA LYS N 591 40.69 10.97 -14.81
C LYS N 591 40.41 9.56 -15.30
N PRO N 592 39.16 9.09 -15.16
CA PRO N 592 38.83 7.74 -15.62
C PRO N 592 38.67 7.70 -17.12
N ASN N 593 39.07 6.58 -17.71
CA ASN N 593 38.96 6.37 -19.15
C ASN N 593 37.61 5.72 -19.43
N LEU N 594 36.79 6.39 -20.24
CA LEU N 594 35.45 5.94 -20.55
C LEU N 594 35.30 5.48 -21.99
N ASP N 595 36.41 5.13 -22.63
CA ASP N 595 36.38 4.59 -23.99
C ASP N 595 36.31 3.07 -23.95
N PRO N 596 35.29 2.46 -24.53
CA PRO N 596 35.20 0.99 -24.50
C PRO N 596 36.40 0.28 -25.12
N TYR N 597 37.03 0.88 -26.14
CA TYR N 597 38.14 0.25 -26.85
C TYR N 597 39.49 0.75 -26.36
N ALA N 598 39.59 1.00 -25.06
CA ALA N 598 40.78 1.60 -24.47
C ALA N 598 41.82 0.53 -24.16
N SER N 599 42.99 0.65 -24.74
CA SER N 599 44.11 -0.20 -24.37
C SER N 599 44.50 0.01 -22.91
N ALA N 600 44.96 -1.06 -22.27
CA ALA N 600 45.32 -0.97 -20.86
C ALA N 600 46.46 0.00 -20.59
N LYS N 601 47.27 0.32 -21.60
CA LYS N 601 48.32 1.31 -21.44
C LYS N 601 47.81 2.73 -21.64
N ASP N 602 46.59 2.87 -22.18
CA ASP N 602 45.92 4.14 -22.34
C ASP N 602 45.17 4.56 -21.08
N LEU N 603 45.31 3.81 -19.99
CA LEU N 603 44.67 4.12 -18.73
C LEU N 603 45.57 4.97 -17.86
N ASN N 604 44.98 5.92 -17.14
CA ASN N 604 45.72 6.79 -16.24
C ASN N 604 45.81 6.09 -14.88
N ILE N 605 47.02 5.69 -14.50
CA ILE N 605 47.24 4.91 -13.29
C ILE N 605 47.68 5.85 -12.17
N LYS N 606 46.78 6.06 -11.21
CA LYS N 606 47.14 6.73 -9.95
C LYS N 606 46.12 6.31 -8.90
N GLY N 607 46.55 5.49 -7.95
CA GLY N 607 45.68 5.07 -6.87
C GLY N 607 45.81 6.00 -5.67
N ARG N 608 44.68 6.25 -5.01
CA ARG N 608 44.66 7.11 -3.83
C ARG N 608 44.15 6.37 -2.60
N ALA N 609 44.23 5.04 -2.63
CA ALA N 609 43.88 4.20 -1.50
C ALA N 609 45.16 3.59 -0.96
N LEU N 610 45.47 3.88 0.31
CA LEU N 610 46.69 3.40 0.94
C LEU N 610 46.40 2.05 1.59
N ASP N 611 47.12 1.02 1.16
CA ASP N 611 46.89 -0.33 1.67
C ASP N 611 47.17 -0.39 3.17
N GLU N 612 46.43 -1.27 3.84
CA GLU N 612 46.57 -1.47 5.28
C GLU N 612 46.41 -2.94 5.60
N GLU N 613 47.02 -3.36 6.71
CA GLU N 613 46.89 -4.72 7.21
C GLU N 613 45.75 -4.81 8.21
N VAL N 614 44.92 -5.85 8.07
CA VAL N 614 43.76 -6.01 8.94
C VAL N 614 44.17 -6.29 10.37
N ALA N 615 45.33 -6.93 10.55
CA ALA N 615 45.72 -7.46 11.86
C ALA N 615 45.78 -6.39 12.95
N TYR N 616 46.05 -5.14 12.57
CA TYR N 616 46.06 -4.07 13.56
C TYR N 616 44.68 -3.90 14.21
N TRP N 617 43.62 -3.99 13.41
CA TRP N 617 42.28 -4.05 13.97
C TRP N 617 42.16 -5.22 14.94
N ASN N 618 42.62 -6.40 14.52
CA ASN N 618 42.59 -7.57 15.37
C ASN N 618 43.43 -7.39 16.63
N HIS N 619 44.38 -6.47 16.59
CA HIS N 619 45.23 -6.16 17.74
C HIS N 619 44.59 -5.12 18.67
N SER N 620 43.26 -5.01 18.64
CA SER N 620 42.52 -3.98 19.39
C SER N 620 42.89 -2.58 18.91
N GLU N 621 43.03 -2.43 17.60
CA GLU N 621 43.26 -1.13 16.96
C GLU N 621 44.52 -0.44 17.49
N ARG N 622 45.58 -1.22 17.70
CA ARG N 622 46.84 -0.69 18.18
C ARG N 622 48.01 -1.27 17.40
N PRO N 623 49.02 -0.47 17.11
CA PRO N 623 50.29 -1.00 16.59
C PRO N 623 51.08 -1.61 17.73
N LEU N 624 52.26 -2.16 17.40
CA LEU N 624 53.14 -2.71 18.42
C LEU N 624 53.84 -1.56 19.12
N ILE N 625 53.27 -1.13 20.24
CA ILE N 625 53.85 -0.06 21.07
C ILE N 625 54.05 -0.63 22.46
N VAL N 626 55.29 -0.56 22.95
CA VAL N 626 55.67 -1.17 24.22
C VAL N 626 56.32 -0.11 25.11
N ASN N 627 55.99 -0.14 26.40
CA ASN N 627 56.60 0.76 27.38
C ASN N 627 57.82 0.04 27.96
N THR N 628 58.90 0.05 27.20
CA THR N 628 60.13 -0.62 27.61
C THR N 628 60.76 0.11 28.80
N PRO N 629 61.27 -0.62 29.79
CA PRO N 629 62.01 0.03 30.88
C PRO N 629 63.42 0.50 30.52
N LYS N 630 64.03 0.00 29.45
CA LYS N 630 65.36 0.48 29.07
C LYS N 630 65.27 1.81 28.31
N TYR N 631 64.26 1.95 27.48
CA TYR N 631 64.00 3.14 26.67
C TYR N 631 62.63 3.65 27.08
N GLY N 632 62.08 4.58 26.31
CA GLY N 632 60.78 5.09 26.69
C GLY N 632 59.68 4.33 25.96
N ARG N 633 58.67 5.07 25.51
CA ARG N 633 57.61 4.47 24.71
C ARG N 633 58.21 4.10 23.36
N LYS N 634 58.24 2.81 23.06
CA LYS N 634 58.89 2.32 21.86
C LYS N 634 57.84 1.83 20.87
N VAL N 635 57.99 2.25 19.61
CA VAL N 635 57.13 1.84 18.52
C VAL N 635 57.92 0.88 17.64
N PHE N 636 57.43 -0.35 17.52
CA PHE N 636 58.10 -1.35 16.69
C PHE N 636 57.50 -1.45 15.30
N THR N 637 56.38 -0.77 15.05
CA THR N 637 55.75 -0.75 13.75
C THR N 637 56.40 0.30 12.86
N GLY N 638 56.81 -0.11 11.67
CA GLY N 638 57.40 0.81 10.72
C GLY N 638 56.40 1.82 10.21
N LYS N 639 56.92 2.95 9.70
CA LYS N 639 56.05 4.00 9.18
C LYS N 639 55.20 3.48 8.03
N THR N 640 55.79 2.62 7.18
CA THR N 640 55.05 2.05 6.06
C THR N 640 53.90 1.15 6.54
N HIS N 641 54.04 0.54 7.71
CA HIS N 641 53.06 -0.41 8.22
C HIS N 641 52.00 0.23 9.10
N MET N 642 51.98 1.55 9.22
CA MET N 642 51.16 2.17 10.26
C MET N 642 49.69 2.06 9.92
N PRO N 643 48.84 1.61 10.85
CA PRO N 643 47.40 1.58 10.57
C PRO N 643 46.72 2.91 10.90
N SER N 644 45.42 2.98 10.66
CA SER N 644 44.60 4.15 10.93
C SER N 644 43.37 3.70 11.69
N PRO N 645 42.73 4.61 12.42
CA PRO N 645 41.51 4.23 13.15
C PRO N 645 40.44 3.71 12.21
N THR N 646 39.72 2.67 12.64
CA THR N 646 38.63 2.09 11.88
C THR N 646 37.31 2.62 12.43
N LYS N 647 36.57 3.33 11.60
CA LYS N 647 35.27 3.88 11.96
C LYS N 647 34.16 3.41 11.05
N VAL N 648 34.45 3.12 9.79
CA VAL N 648 33.51 2.51 8.86
C VAL N 648 34.19 1.31 8.24
N LEU N 649 33.43 0.24 8.01
CA LEU N 649 34.00 -1.00 7.53
C LEU N 649 32.98 -1.66 6.60
N TRP N 650 33.45 -2.14 5.45
CA TRP N 650 32.61 -2.89 4.54
C TRP N 650 33.49 -3.90 3.84
N PHE N 651 33.06 -5.16 3.82
CA PHE N 651 33.88 -6.24 3.30
C PHE N 651 33.01 -7.23 2.54
N THR N 652 33.48 -7.66 1.37
CA THR N 652 32.75 -8.57 0.52
C THR N 652 33.49 -9.89 0.41
N ASN N 653 32.76 -10.95 0.13
CA ASN N 653 33.31 -12.31 -0.09
C ASN N 653 34.28 -12.72 0.99
N VAL N 654 33.88 -12.52 2.24
CA VAL N 654 34.67 -12.86 3.43
C VAL N 654 33.74 -12.74 4.64
N ASN N 655 33.84 -13.67 5.59
CA ASN N 655 33.07 -13.69 6.86
C ASN N 655 34.06 -13.24 7.92
N LEU N 656 34.42 -12.00 7.83
CA LEU N 656 35.53 -11.38 8.54
C LEU N 656 35.41 -11.50 10.05
N ILE N 657 34.27 -11.08 10.59
CA ILE N 657 34.11 -11.05 12.04
C ILE N 657 33.98 -12.45 12.61
N ASN N 658 33.22 -13.32 11.93
CA ASN N 658 33.07 -14.70 12.40
C ASN N 658 34.43 -15.42 12.46
N ASN N 659 35.25 -15.24 11.43
CA ASN N 659 36.54 -15.91 11.30
C ASN N 659 37.69 -15.12 11.93
N ALA N 660 37.39 -13.95 12.50
CA ALA N 660 38.42 -13.15 13.14
C ALA N 660 39.00 -13.87 14.35
N LYS N 661 40.27 -13.58 14.63
CA LYS N 661 40.98 -14.19 15.74
C LYS N 661 40.61 -13.38 16.97
N HIS N 662 40.47 -14.07 18.11
CA HIS N 662 40.10 -13.40 19.36
C HIS N 662 38.78 -12.66 19.17
N VAL N 663 37.78 -13.39 18.65
CA VAL N 663 36.59 -12.77 18.08
C VAL N 663 35.77 -12.05 19.15
N TYR N 664 35.65 -12.64 20.33
CA TYR N 664 34.80 -12.06 21.36
C TYR N 664 35.42 -10.79 21.94
N GLN N 665 36.75 -10.67 21.91
CA GLN N 665 37.38 -9.39 22.18
C GLN N 665 36.98 -8.36 21.14
N MET N 666 36.92 -8.77 19.87
CA MET N 666 36.53 -7.86 18.80
C MET N 666 35.08 -7.40 18.97
N LEU N 667 34.20 -8.33 19.33
CA LEU N 667 32.78 -8.01 19.46
C LEU N 667 32.48 -7.21 20.71
N LYS N 668 33.19 -7.46 21.81
CA LYS N 668 32.87 -6.84 23.09
C LYS N 668 33.54 -5.48 23.28
N ASN N 669 34.80 -5.35 22.88
CA ASN N 669 35.59 -4.18 23.22
C ASN N 669 36.14 -3.39 22.04
N VAL N 670 36.13 -3.95 20.84
CA VAL N 670 36.69 -3.28 19.65
C VAL N 670 35.60 -2.74 18.73
N ASN N 671 34.71 -3.61 18.28
CA ASN N 671 33.71 -3.25 17.26
C ASN N 671 32.66 -2.24 17.72
N PRO N 672 32.28 -2.17 19.00
CA PRO N 672 31.35 -1.10 19.42
C PRO N 672 31.81 0.30 19.07
N ASN N 673 33.12 0.53 18.92
CA ASN N 673 33.61 1.84 18.51
C ASN N 673 33.68 2.01 16.99
N ILE N 674 33.51 0.94 16.23
CA ILE N 674 33.38 1.05 14.78
C ILE N 674 31.94 1.46 14.49
N GLU N 675 31.77 2.61 13.85
CA GLU N 675 30.46 3.24 13.72
C GLU N 675 29.63 2.73 12.55
N GLN N 676 30.22 2.00 11.61
CA GLN N 676 29.44 1.37 10.54
C GLN N 676 30.15 0.10 10.10
N ILE N 677 29.45 -1.02 10.17
CA ILE N 677 29.96 -2.31 9.72
C ILE N 677 29.03 -2.84 8.65
N MET N 678 29.60 -3.26 7.52
CA MET N 678 28.81 -3.66 6.36
C MET N 678 29.39 -4.94 5.80
N SER N 679 28.53 -5.82 5.31
CA SER N 679 28.97 -7.09 4.74
C SER N 679 28.18 -7.42 3.49
N THR N 680 28.90 -7.76 2.43
CA THR N 680 28.33 -8.36 1.24
C THR N 680 28.52 -9.88 1.32
N ASP N 681 27.44 -10.62 1.14
CA ASP N 681 27.50 -12.07 1.29
C ASP N 681 26.29 -12.71 0.61
N ILE N 682 26.26 -14.04 0.64
CA ILE N 682 25.16 -14.83 0.09
C ILE N 682 24.38 -15.56 1.16
N GLU N 683 24.89 -15.65 2.39
CA GLU N 683 24.23 -16.35 3.47
C GLU N 683 24.32 -15.51 4.74
N ILE N 684 23.48 -15.86 5.72
CA ILE N 684 23.54 -15.24 7.03
C ILE N 684 24.73 -15.84 7.78
N THR N 685 25.67 -14.98 8.18
CA THR N 685 27.02 -15.39 8.48
C THR N 685 27.38 -15.44 9.96
N GLY N 686 26.73 -14.64 10.79
CA GLY N 686 27.17 -14.39 12.13
C GLY N 686 28.11 -13.22 12.24
N SER N 687 28.87 -12.92 11.18
CA SER N 687 29.43 -11.58 11.08
C SER N 687 28.35 -10.57 10.74
N ILE N 688 27.31 -11.01 10.00
CA ILE N 688 26.17 -10.14 9.72
C ILE N 688 25.30 -9.93 10.95
N GLU N 689 25.18 -10.94 11.82
CA GLU N 689 24.41 -10.76 13.05
C GLU N 689 25.03 -9.71 13.96
N TYR N 690 26.34 -9.47 13.83
CA TYR N 690 27.03 -8.42 14.57
C TYR N 690 27.48 -7.30 13.64
N ALA N 691 26.75 -7.08 12.56
CA ALA N 691 27.01 -6.03 11.59
C ALA N 691 25.84 -5.05 11.54
N ASP N 692 26.02 -4.00 10.75
CA ASP N 692 24.98 -2.98 10.58
C ASP N 692 24.28 -3.07 9.23
N PHE N 693 24.96 -3.59 8.20
CA PHE N 693 24.37 -3.75 6.89
C PHE N 693 24.64 -5.16 6.37
N ALA N 694 23.75 -5.62 5.49
CA ALA N 694 23.91 -6.90 4.81
C ALA N 694 23.41 -6.74 3.39
N PHE N 695 24.21 -7.16 2.42
CA PHE N 695 23.84 -7.03 1.01
C PHE N 695 23.85 -8.40 0.35
N PRO N 696 22.69 -8.93 -0.04
CA PRO N 696 22.66 -10.26 -0.66
C PRO N 696 23.24 -10.22 -2.07
N ALA N 697 24.30 -10.98 -2.28
CA ALA N 697 24.93 -11.08 -3.59
C ALA N 697 24.53 -12.37 -4.26
N ASN N 698 24.76 -12.42 -5.57
CA ASN N 698 24.50 -13.62 -6.35
C ASN N 698 25.63 -14.62 -6.17
N SER N 699 25.28 -15.88 -5.98
CA SER N 699 26.27 -16.94 -5.86
C SER N 699 26.90 -17.22 -7.22
N TRP N 700 27.84 -18.17 -7.25
CA TRP N 700 28.60 -18.42 -8.47
C TRP N 700 27.72 -18.95 -9.60
N VAL N 701 26.57 -19.56 -9.27
CA VAL N 701 25.64 -20.04 -10.28
C VAL N 701 24.53 -19.05 -10.57
N GLU N 702 24.47 -17.94 -9.83
CA GLU N 702 23.46 -16.92 -10.05
C GLU N 702 24.07 -15.60 -10.56
N PHE N 703 25.18 -15.68 -11.29
CA PHE N 703 25.88 -14.47 -11.73
C PHE N 703 25.17 -13.90 -12.95
N GLN N 704 24.69 -12.66 -12.85
CA GLN N 704 24.13 -11.98 -14.01
C GLN N 704 25.16 -11.20 -14.83
N GLU N 705 26.46 -11.47 -14.64
CA GLU N 705 27.53 -10.91 -15.45
C GLU N 705 28.78 -11.76 -15.26
N PHE N 706 29.68 -11.69 -16.23
CA PHE N 706 30.87 -12.52 -16.23
C PHE N 706 31.84 -12.10 -15.14
N GLU N 707 32.65 -13.06 -14.69
CA GLU N 707 33.66 -12.83 -13.67
C GLU N 707 34.89 -13.67 -14.00
N ILE N 708 36.06 -13.15 -13.66
CA ILE N 708 37.32 -13.78 -14.01
C ILE N 708 38.04 -14.20 -12.74
N THR N 709 38.68 -15.37 -12.79
CA THR N 709 39.51 -15.84 -11.69
C THR N 709 40.59 -16.76 -12.24
N ASN N 710 41.69 -16.85 -11.49
CA ASN N 710 42.76 -17.81 -11.75
C ASN N 710 43.30 -18.25 -10.40
N SER N 711 44.31 -19.10 -10.40
CA SER N 711 44.83 -19.64 -9.14
C SER N 711 46.35 -19.66 -9.15
N CYS N 712 46.91 -19.89 -7.97
CA CYS N 712 48.34 -20.01 -7.74
C CYS N 712 48.82 -21.45 -7.66
N SER N 713 47.91 -22.43 -7.72
CA SER N 713 48.28 -23.83 -7.72
C SER N 713 48.12 -24.48 -9.08
N ASN N 714 47.60 -23.77 -10.07
CA ASN N 714 47.43 -24.30 -11.41
C ASN N 714 47.44 -23.15 -12.40
N PRO N 715 47.73 -23.42 -13.67
CA PRO N 715 47.80 -22.35 -14.68
C PRO N 715 46.46 -21.99 -15.33
N PHE N 716 45.34 -22.37 -14.72
CA PHE N 716 44.04 -22.26 -15.38
C PHE N 716 43.41 -20.89 -15.16
N ILE N 717 42.80 -20.37 -16.22
CA ILE N 717 42.01 -19.14 -16.18
C ILE N 717 40.54 -19.55 -16.26
N GLN N 718 39.71 -18.98 -15.39
CA GLN N 718 38.29 -19.30 -15.37
C GLN N 718 37.49 -18.02 -15.54
N ILE N 719 36.67 -17.98 -16.56
CA ILE N 719 35.68 -16.92 -16.74
C ILE N 719 34.33 -17.60 -16.89
N TRP N 720 33.39 -17.20 -16.06
CA TRP N 720 32.05 -17.77 -16.12
C TRP N 720 31.08 -16.64 -15.87
N GLY N 721 29.90 -16.75 -16.45
CA GLY N 721 28.94 -15.70 -16.28
C GLY N 721 27.48 -16.03 -16.06
N LYS N 722 26.68 -15.47 -16.95
CA LYS N 722 25.22 -15.48 -16.89
C LYS N 722 24.57 -16.80 -17.33
N THR N 723 25.33 -17.89 -17.42
CA THR N 723 24.77 -19.14 -17.95
C THR N 723 24.12 -20.03 -16.89
N GLY N 724 24.03 -19.57 -15.64
CA GLY N 724 23.50 -20.43 -14.60
C GLY N 724 22.01 -20.27 -14.38
N ILE N 725 21.58 -20.22 -13.13
CA ILE N 725 20.18 -20.09 -12.79
C ILE N 725 19.89 -18.63 -12.46
N THR N 726 18.61 -18.27 -12.52
CA THR N 726 18.19 -16.95 -12.09
C THR N 726 18.30 -16.82 -10.57
N PRO N 727 18.59 -15.62 -10.07
CA PRO N 727 18.73 -15.43 -8.62
C PRO N 727 17.50 -15.91 -7.85
N VAL N 728 17.73 -16.72 -6.81
CA VAL N 728 16.63 -17.30 -6.05
C VAL N 728 15.85 -16.21 -5.31
N TYR N 729 16.55 -15.24 -4.74
CA TYR N 729 15.89 -14.11 -4.07
C TYR N 729 16.41 -12.79 -4.59
N GLU N 730 16.06 -11.70 -3.90
CA GLU N 730 16.38 -10.33 -4.31
C GLU N 730 17.86 -10.05 -4.07
N SER N 731 18.70 -10.61 -4.94
CA SER N 731 20.14 -10.50 -4.86
C SER N 731 20.66 -9.78 -6.10
N LYS N 732 21.83 -9.17 -5.97
CA LYS N 732 22.48 -8.44 -7.05
C LYS N 732 23.90 -8.95 -7.24
N ASP N 733 24.48 -8.60 -8.38
CA ASP N 733 25.88 -8.92 -8.64
C ASP N 733 26.79 -8.06 -7.77
N ASP N 734 27.94 -8.64 -7.38
CA ASP N 734 28.84 -7.94 -6.49
C ASP N 734 29.33 -6.62 -7.07
N VAL N 735 29.66 -6.62 -8.36
CA VAL N 735 30.13 -5.40 -9.01
C VAL N 735 29.04 -4.34 -9.06
N LYS N 736 27.79 -4.76 -9.25
CA LYS N 736 26.69 -3.79 -9.31
C LYS N 736 26.30 -3.31 -7.92
N ILE N 737 26.49 -4.13 -6.89
CA ILE N 737 26.30 -3.64 -5.53
C ILE N 737 27.31 -2.53 -5.23
N LEU N 738 28.55 -2.73 -5.67
CA LEU N 738 29.56 -1.68 -5.55
C LEU N 738 29.19 -0.46 -6.37
N ALA N 739 28.73 -0.68 -7.62
CA ALA N 739 28.36 0.44 -8.47
C ALA N 739 27.14 1.17 -7.94
N GLY N 740 26.13 0.43 -7.47
CA GLY N 740 24.97 1.07 -6.88
C GLY N 740 25.33 1.86 -5.64
N MET N 741 26.31 1.38 -4.87
CA MET N 741 26.78 2.12 -3.71
C MET N 741 27.47 3.41 -4.12
N ALA N 742 28.28 3.36 -5.18
CA ALA N 742 28.98 4.55 -5.64
C ALA N 742 28.01 5.55 -6.26
N SER N 743 27.02 5.05 -7.02
CA SER N 743 26.09 5.96 -7.69
C SER N 743 25.26 6.74 -6.68
N LYS N 744 24.80 6.09 -5.61
CA LYS N 744 24.04 6.79 -4.59
C LYS N 744 24.93 7.77 -3.82
N LEU N 745 26.20 7.41 -3.64
CA LEU N 745 27.17 8.34 -3.07
C LEU N 745 27.32 9.56 -3.95
N GLY N 746 27.33 9.37 -5.26
CA GLY N 746 27.37 10.49 -6.18
C GLY N 746 26.07 11.26 -6.24
N GLU N 747 24.94 10.57 -6.07
CA GLU N 747 23.64 11.24 -6.07
C GLU N 747 23.50 12.16 -4.87
N LEU N 748 23.99 11.75 -3.71
CA LEU N 748 23.91 12.60 -2.52
C LEU N 748 24.86 13.79 -2.60
N LEU N 749 25.98 13.63 -3.31
CA LEU N 749 26.97 14.69 -3.43
C LEU N 749 26.82 15.49 -4.72
N ARG N 750 25.76 15.21 -5.51
CA ARG N 750 25.52 15.88 -6.79
C ARG N 750 26.78 15.87 -7.64
N ASP N 751 27.44 14.71 -7.69
CA ASP N 751 28.72 14.53 -8.45
C ASP N 751 28.58 13.37 -9.42
N LYS N 752 28.91 13.58 -10.69
CA LYS N 752 28.73 12.51 -11.70
C LYS N 752 29.94 11.61 -11.85
N ARG N 753 31.09 11.93 -11.28
CA ARG N 753 32.30 11.07 -11.45
C ARG N 753 32.19 9.77 -10.68
N PHE N 754 31.31 9.66 -9.69
CA PHE N 754 31.20 8.40 -8.94
C PHE N 754 30.74 7.29 -9.87
N GLU N 755 29.75 7.54 -10.72
CA GLU N 755 29.34 6.49 -11.64
C GLU N 755 30.25 6.39 -12.87
N ASP N 756 31.03 7.43 -13.20
CA ASP N 756 31.96 7.30 -14.32
C ASP N 756 32.99 6.21 -14.05
N ASN N 757 33.45 6.13 -12.80
CA ASN N 757 34.42 5.12 -12.41
C ASN N 757 33.82 3.73 -12.47
N TRP N 758 32.49 3.64 -12.46
CA TRP N 758 31.77 2.37 -12.55
C TRP N 758 30.85 2.32 -13.77
N LYS N 759 31.19 3.07 -14.82
CA LYS N 759 30.29 3.20 -15.97
C LYS N 759 30.01 1.85 -16.62
N PHE N 760 31.06 1.12 -16.99
CA PHE N 760 30.85 -0.13 -17.71
C PHE N 760 30.26 -1.22 -16.82
N ALA N 761 30.43 -1.10 -15.50
CA ALA N 761 29.77 -2.02 -14.58
C ALA N 761 28.25 -1.77 -14.56
N ILE N 762 27.86 -0.50 -14.45
CA ILE N 762 26.44 -0.15 -14.42
C ILE N 762 25.78 -0.49 -15.74
N GLU N 763 26.50 -0.23 -16.83
CA GLU N 763 26.04 -0.34 -18.20
C GLU N 763 25.84 -1.79 -18.64
N GLY N 764 26.19 -2.75 -17.78
CA GLY N 764 26.01 -4.16 -18.07
C GLY N 764 27.12 -4.80 -18.87
N ARG N 765 28.29 -4.14 -18.96
CA ARG N 765 29.44 -4.65 -19.72
C ARG N 765 30.68 -4.62 -18.83
N ALA N 766 30.86 -5.65 -18.01
CA ALA N 766 32.06 -5.75 -17.20
C ALA N 766 33.22 -6.37 -17.96
N SER N 767 32.95 -6.99 -19.11
CA SER N 767 34.02 -7.52 -19.95
C SER N 767 35.02 -6.44 -20.34
N VAL N 768 34.58 -5.18 -20.38
CA VAL N 768 35.49 -4.08 -20.68
C VAL N 768 36.62 -4.04 -19.65
N TYR N 769 36.27 -4.05 -18.37
CA TYR N 769 37.29 -4.04 -17.33
C TYR N 769 38.12 -5.32 -17.36
N ILE N 770 37.48 -6.46 -17.65
CA ILE N 770 38.20 -7.72 -17.73
C ILE N 770 39.24 -7.67 -18.85
N ASN N 771 38.85 -7.12 -20.00
CA ASN N 771 39.79 -6.99 -21.10
C ASN N 771 40.93 -6.06 -20.74
N ARG N 772 40.64 -4.99 -19.99
CA ARG N 772 41.69 -4.09 -19.52
C ARG N 772 42.61 -4.78 -18.52
N LEU N 773 42.18 -5.88 -17.92
CA LEU N 773 43.04 -6.67 -17.05
C LEU N 773 43.80 -7.76 -17.82
N LEU N 774 43.13 -8.43 -18.76
CA LEU N 774 43.81 -9.39 -19.61
C LEU N 774 44.91 -8.71 -20.41
N ASP N 775 44.54 -7.75 -21.24
CA ASP N 775 45.52 -6.88 -21.87
C ASP N 775 46.19 -6.05 -20.78
N GLY N 776 47.52 -5.99 -20.81
CA GLY N 776 48.26 -5.31 -19.77
C GLY N 776 48.83 -6.19 -18.68
N SER N 777 48.71 -7.52 -18.81
CA SER N 777 49.25 -8.46 -17.84
C SER N 777 50.24 -9.38 -18.53
N THR N 778 51.36 -9.65 -17.86
CA THR N 778 52.41 -10.48 -18.45
C THR N 778 51.90 -11.86 -18.82
N THR N 779 50.99 -12.40 -18.02
CA THR N 779 50.48 -13.75 -18.22
C THR N 779 49.24 -13.81 -19.10
N MET N 780 48.64 -12.67 -19.45
CA MET N 780 47.35 -12.70 -20.12
C MET N 780 47.19 -11.74 -21.29
N LYS N 781 48.21 -10.96 -21.64
CA LYS N 781 48.11 -10.11 -22.84
C LYS N 781 47.94 -10.98 -24.08
N GLY N 782 46.93 -10.65 -24.89
CA GLY N 782 46.54 -11.45 -26.02
C GLY N 782 45.20 -12.13 -25.86
N TYR N 783 44.76 -12.34 -24.62
CA TYR N 783 43.47 -12.94 -24.35
C TYR N 783 42.38 -11.89 -24.34
N THR N 784 41.21 -12.29 -24.82
CA THR N 784 40.01 -11.47 -24.75
C THR N 784 38.98 -12.21 -23.93
N CYS N 785 38.21 -11.45 -23.14
CA CYS N 785 37.13 -12.07 -22.39
C CYS N 785 36.17 -12.79 -23.34
N GLU N 786 35.92 -12.18 -24.49
CA GLU N 786 35.02 -12.75 -25.50
C GLU N 786 35.54 -14.08 -26.04
N ASP N 787 36.81 -14.12 -26.45
CA ASP N 787 37.34 -15.33 -27.06
C ASP N 787 37.38 -16.48 -26.06
N ILE N 788 37.80 -16.20 -24.83
CA ILE N 788 37.90 -17.25 -23.82
C ILE N 788 36.53 -17.84 -23.55
N LEU N 789 35.51 -16.98 -23.40
CA LEU N 789 34.17 -17.44 -23.09
C LEU N 789 33.59 -18.28 -24.22
N ASN N 790 34.07 -18.09 -25.44
CA ASN N 790 33.48 -18.73 -26.61
C ASN N 790 34.18 -20.03 -26.99
N GLY N 791 35.19 -20.43 -26.23
CA GLY N 791 35.87 -21.68 -26.50
C GLY N 791 37.04 -21.58 -27.44
N LYS N 792 37.58 -20.38 -27.62
CA LYS N 792 38.70 -20.19 -28.54
C LYS N 792 39.90 -21.04 -28.15
N TYR N 793 40.10 -21.27 -26.86
CA TYR N 793 41.26 -21.99 -26.34
C TYR N 793 40.85 -23.30 -25.68
N GLY N 794 39.83 -23.95 -26.24
CA GLY N 794 39.38 -25.23 -25.73
C GLY N 794 38.01 -25.21 -25.10
N GLU N 795 37.96 -25.43 -23.79
CA GLU N 795 36.68 -25.43 -23.09
C GLU N 795 36.06 -24.03 -23.12
N PRO N 796 34.73 -23.93 -23.26
CA PRO N 796 34.10 -22.61 -23.39
C PRO N 796 34.15 -21.80 -22.10
N GLY N 797 35.27 -21.14 -21.84
CA GLY N 797 35.38 -20.29 -20.67
C GLY N 797 36.71 -20.43 -19.96
N VAL N 798 37.63 -21.20 -20.51
CA VAL N 798 38.87 -21.54 -19.83
C VAL N 798 40.04 -21.30 -20.78
N ALA N 799 41.15 -20.82 -20.22
CA ALA N 799 42.42 -20.70 -20.92
C ALA N 799 43.53 -20.94 -19.90
N MET N 800 44.76 -20.87 -20.35
CA MET N 800 45.91 -21.10 -19.46
C MET N 800 46.71 -19.81 -19.37
N LEU N 801 47.23 -19.51 -18.19
CA LEU N 801 48.04 -18.31 -17.88
C LEU N 801 49.40 -18.46 -18.52
N LEU N 802 49.93 -17.38 -19.07
CA LEU N 802 51.24 -17.45 -19.75
C LEU N 802 52.40 -17.21 -18.81
N PHE N 803 52.75 -18.20 -18.02
CA PHE N 803 53.99 -18.15 -17.27
C PHE N 803 55.15 -18.51 -18.20
N ARG N 804 56.36 -18.60 -17.65
CA ARG N 804 57.47 -18.98 -18.51
C ARG N 804 57.46 -20.46 -18.82
N THR N 805 57.07 -21.30 -17.86
CA THR N 805 57.08 -22.74 -18.05
C THR N 805 55.77 -23.37 -17.60
N TYR N 806 55.44 -24.50 -18.22
CA TYR N 806 54.37 -25.38 -17.77
C TYR N 806 55.03 -26.67 -17.28
N PRO N 807 54.98 -27.01 -15.99
CA PRO N 807 54.38 -26.31 -14.85
C PRO N 807 55.15 -25.05 -14.44
N ARG N 808 54.43 -24.03 -13.99
CA ARG N 808 55.10 -22.83 -13.51
C ARG N 808 55.94 -23.18 -12.29
N HIS N 809 57.24 -23.01 -12.41
CA HIS N 809 58.17 -23.27 -11.33
C HIS N 809 58.89 -21.98 -10.96
N PRO N 810 58.84 -21.53 -9.72
CA PRO N 810 59.49 -20.27 -9.36
C PRO N 810 61.00 -20.40 -9.45
N PHE N 811 61.64 -19.33 -9.93
CA PHE N 811 63.10 -19.21 -10.02
C PHE N 811 63.70 -20.13 -11.09
N TRP N 812 62.90 -20.61 -12.04
CA TRP N 812 63.40 -21.42 -13.16
C TRP N 812 64.25 -20.56 -14.09
N GLU N 813 63.77 -19.35 -14.39
CA GLU N 813 64.52 -18.47 -15.31
C GLU N 813 65.86 -18.07 -14.72
N GLN N 814 65.89 -17.79 -13.42
CA GLN N 814 67.10 -17.32 -12.70
C GLN N 814 68.19 -18.38 -12.70
N VAL N 815 67.83 -19.62 -12.49
CA VAL N 815 68.76 -20.79 -12.42
C VAL N 815 69.24 -21.22 -13.81
N HIS N 816 68.38 -21.22 -14.81
CA HIS N 816 68.76 -21.64 -16.15
C HIS N 816 69.33 -20.49 -16.97
N GLU N 817 68.93 -19.24 -16.71
CA GLU N 817 69.44 -18.10 -17.45
C GLU N 817 70.31 -17.17 -16.61
N SER N 818 70.60 -17.54 -15.36
CA SER N 818 71.51 -16.77 -14.50
C SER N 818 71.00 -15.36 -14.26
N LEU N 819 69.78 -15.27 -13.73
CA LEU N 819 69.15 -14.02 -13.35
C LEU N 819 69.15 -13.87 -11.83
N PRO N 820 69.25 -12.65 -11.32
CA PRO N 820 69.32 -12.46 -9.87
C PRO N 820 67.96 -12.63 -9.21
N PHE N 821 68.00 -13.01 -7.93
CA PHE N 821 66.79 -13.10 -7.13
C PHE N 821 66.36 -11.70 -6.72
N TYR N 822 65.28 -11.63 -5.93
CA TYR N 822 64.71 -10.33 -5.54
C TYR N 822 65.11 -9.94 -4.12
N THR N 823 66.35 -10.24 -3.76
CA THR N 823 66.97 -9.87 -2.51
C THR N 823 67.90 -8.68 -2.69
N PRO N 824 68.38 -8.07 -1.60
CA PRO N 824 69.45 -7.07 -1.75
C PRO N 824 70.70 -7.60 -2.44
N THR N 825 71.03 -8.88 -2.26
CA THR N 825 72.19 -9.47 -2.92
C THR N 825 71.84 -10.17 -4.22
N GLY N 826 70.56 -10.31 -4.55
CA GLY N 826 70.21 -11.08 -5.73
C GLY N 826 70.44 -12.57 -5.59
N ARG N 827 70.54 -13.06 -4.36
CA ARG N 827 70.86 -14.46 -4.11
C ARG N 827 69.93 -15.00 -3.04
N LEU N 828 69.81 -16.33 -2.98
CA LEU N 828 69.06 -16.95 -1.91
C LEU N 828 69.78 -16.66 -0.60
N GLN N 829 69.11 -15.99 0.33
CA GLN N 829 69.77 -15.47 1.52
C GLN N 829 69.49 -16.34 2.74
N ALA N 830 70.56 -16.74 3.42
CA ALA N 830 70.47 -17.38 4.72
C ALA N 830 70.86 -16.43 5.83
N TYR N 831 71.00 -15.14 5.52
CA TYR N 831 71.42 -14.12 6.48
C TYR N 831 70.80 -12.80 6.10
N ASN N 832 70.43 -12.01 7.10
CA ASN N 832 69.84 -10.69 6.88
C ASN N 832 70.51 -9.71 7.81
N ASP N 833 71.05 -8.63 7.23
CA ASP N 833 71.89 -7.69 7.96
C ASP N 833 71.18 -6.38 8.30
N GLU N 834 69.87 -6.30 8.05
CA GLU N 834 69.17 -5.06 8.35
C GLU N 834 69.33 -4.74 9.84
N PRO N 835 69.52 -3.47 10.20
CA PRO N 835 69.84 -3.15 11.61
C PRO N 835 68.79 -3.64 12.57
N GLU N 836 67.53 -3.47 12.20
CA GLU N 836 66.41 -3.88 13.04
C GLU N 836 66.38 -5.38 13.24
N ILE N 837 66.74 -6.15 12.21
CA ILE N 837 66.79 -7.60 12.36
C ILE N 837 67.91 -8.00 13.32
N ILE N 838 69.04 -7.29 13.27
CA ILE N 838 70.16 -7.62 14.14
C ILE N 838 69.85 -7.30 15.60
N GLU N 839 69.19 -6.17 15.85
CA GLU N 839 68.79 -5.86 17.22
C GLU N 839 67.74 -6.84 17.72
N TYR N 840 66.93 -7.41 16.82
CA TYR N 840 65.95 -8.41 17.24
C TYR N 840 66.59 -9.77 17.48
N GLY N 841 67.81 -9.98 17.00
CA GLY N 841 68.51 -11.24 17.22
C GLY N 841 68.22 -12.32 16.22
N GLU N 842 67.73 -11.96 15.03
CA GLU N 842 67.37 -12.94 14.01
C GLU N 842 68.15 -12.72 12.72
N ASN N 843 69.34 -12.10 12.81
CA ASN N 843 70.20 -11.99 11.64
C ASN N 843 70.58 -13.37 11.12
N PHE N 844 70.89 -14.30 12.02
CA PHE N 844 71.09 -15.69 11.67
C PHE N 844 69.76 -16.43 11.71
N ILE N 845 69.69 -17.54 10.98
CA ILE N 845 68.54 -18.44 11.08
C ILE N 845 68.71 -19.23 12.37
N VAL N 846 68.01 -18.80 13.43
CA VAL N 846 68.14 -19.40 14.75
C VAL N 846 66.77 -19.88 15.20
N HIS N 847 66.78 -20.87 16.10
CA HIS N 847 65.55 -21.33 16.71
C HIS N 847 65.17 -20.46 17.91
N ARG N 848 63.89 -20.10 17.98
CA ARG N 848 63.37 -19.32 19.08
C ARG N 848 62.07 -19.96 19.57
N GLU N 849 61.88 -19.94 20.89
CA GLU N 849 60.65 -20.47 21.45
C GLU N 849 59.54 -19.45 21.27
N GLY N 850 58.31 -19.95 21.20
CA GLY N 850 57.18 -19.09 21.00
C GLY N 850 56.92 -18.19 22.19
N PRO N 851 56.35 -17.01 21.94
CA PRO N 851 55.96 -16.14 23.06
C PRO N 851 54.86 -16.73 23.91
N GLU N 852 54.10 -17.69 23.38
CA GLU N 852 53.16 -18.45 24.20
C GLU N 852 53.19 -19.96 23.97
N ALA N 853 53.61 -20.43 22.81
CA ALA N 853 53.51 -21.85 22.46
C ALA N 853 54.79 -22.61 22.81
N THR N 854 55.16 -22.56 24.10
CA THR N 854 56.35 -23.23 24.56
C THR N 854 56.21 -23.56 26.03
N PRO N 855 56.81 -24.67 26.49
CA PRO N 855 56.91 -24.90 27.93
C PRO N 855 58.02 -24.09 28.60
N TYR N 856 58.95 -23.54 27.83
CA TYR N 856 60.12 -22.84 28.34
C TYR N 856 59.85 -21.34 28.32
N LEU N 857 60.87 -20.54 28.65
CA LEU N 857 60.72 -19.09 28.71
C LEU N 857 60.24 -18.55 27.36
N PRO N 858 59.18 -17.76 27.33
CA PRO N 858 58.61 -17.29 26.06
C PRO N 858 59.58 -16.41 25.26
N ASN N 859 59.67 -16.68 23.96
CA ASN N 859 60.42 -15.84 23.02
C ASN N 859 61.92 -15.84 23.32
N ALA N 860 62.43 -16.95 23.82
CA ALA N 860 63.85 -17.06 24.12
C ALA N 860 64.62 -17.44 22.86
N ILE N 861 65.83 -16.88 22.72
CA ILE N 861 66.70 -17.17 21.59
C ILE N 861 67.66 -18.27 22.04
N VAL N 862 67.52 -19.46 21.44
CA VAL N 862 68.32 -20.62 21.82
C VAL N 862 69.58 -20.61 20.97
N SER N 863 70.66 -20.07 21.53
CA SER N 863 71.95 -20.03 20.84
C SER N 863 73.03 -19.55 21.79
N THR N 864 74.27 -19.91 21.47
CA THR N 864 75.45 -19.35 22.13
C THR N 864 76.33 -18.58 21.16
N ASN N 865 75.86 -18.37 19.94
CA ASN N 865 76.62 -17.68 18.91
C ASN N 865 77.04 -16.29 19.40
N PRO N 866 78.33 -15.97 19.47
CA PRO N 866 78.73 -14.63 19.91
C PRO N 866 78.40 -13.52 18.92
N TYR N 867 77.97 -13.85 17.71
CA TYR N 867 77.58 -12.85 16.72
C TYR N 867 76.09 -12.57 16.70
N ILE N 868 75.32 -13.19 17.58
CA ILE N 868 73.94 -12.80 17.84
C ILE N 868 73.98 -11.87 19.03
N ARG N 869 73.62 -10.60 18.84
CA ARG N 869 73.70 -9.58 19.88
C ARG N 869 72.37 -8.86 19.98
N PRO N 870 71.36 -9.49 20.57
CA PRO N 870 70.03 -8.88 20.62
C PRO N 870 69.93 -7.83 21.71
N ASP N 871 68.80 -7.12 21.71
CA ASP N 871 68.50 -6.07 22.67
C ASP N 871 67.33 -6.49 23.55
N ASP N 872 67.51 -6.35 24.86
CA ASP N 872 66.49 -6.75 25.82
C ASP N 872 65.33 -5.77 25.88
N TYR N 873 65.58 -4.49 25.59
CA TYR N 873 64.63 -3.42 25.90
C TYR N 873 64.35 -3.38 27.40
N GLY N 874 65.22 -4.04 28.17
CA GLY N 874 65.19 -4.12 29.62
C GLY N 874 63.99 -4.87 30.19
N ILE N 875 63.52 -5.91 29.51
CA ILE N 875 62.29 -6.60 29.90
C ILE N 875 62.68 -7.84 30.71
N PRO N 876 62.19 -7.98 31.94
CA PRO N 876 62.58 -9.12 32.77
C PRO N 876 61.96 -10.42 32.27
N GLU N 877 62.57 -11.53 32.68
CA GLU N 877 62.11 -12.83 32.25
C GLU N 877 60.82 -13.28 32.93
N ASN N 878 60.40 -12.61 34.01
CA ASN N 878 59.12 -12.90 34.63
C ASN N 878 57.95 -12.23 33.91
N ALA N 879 58.22 -11.33 32.97
CA ALA N 879 57.18 -10.52 32.35
C ALA N 879 56.11 -11.40 31.72
N GLU N 880 54.86 -11.16 32.09
CA GLU N 880 53.73 -11.93 31.58
C GLU N 880 52.87 -11.19 30.59
N TYR N 881 53.00 -9.86 30.49
CA TYR N 881 52.22 -9.10 29.53
C TYR N 881 52.64 -9.46 28.10
N TRP N 882 51.65 -9.63 27.23
CA TRP N 882 51.91 -10.18 25.89
C TRP N 882 52.79 -9.26 25.06
N GLU N 883 52.57 -7.94 25.16
CA GLU N 883 53.40 -7.03 24.39
C GLU N 883 54.84 -7.05 24.88
N ASP N 884 55.05 -7.32 26.17
CA ASP N 884 56.40 -7.46 26.70
C ASP N 884 57.06 -8.73 26.19
N ARG N 885 56.33 -9.85 26.22
CA ARG N 885 56.90 -11.11 25.77
C ARG N 885 57.21 -11.08 24.28
N THR N 886 56.48 -10.27 23.51
CA THR N 886 56.68 -10.24 22.06
C THR N 886 58.08 -9.74 21.68
N VAL N 887 58.64 -8.81 22.46
CA VAL N 887 59.85 -8.12 22.05
C VAL N 887 61.05 -8.37 22.97
N ARG N 888 60.93 -9.20 24.00
CA ARG N 888 62.10 -9.47 24.82
C ARG N 888 62.97 -10.50 24.11
N ASN N 889 64.03 -10.01 23.46
CA ASN N 889 64.95 -10.82 22.68
C ASN N 889 66.19 -11.11 23.52
N ILE N 890 66.11 -12.15 24.34
CA ILE N 890 67.18 -12.57 25.22
C ILE N 890 67.74 -13.88 24.68
N LYS N 891 69.02 -13.91 24.33
CA LYS N 891 69.64 -15.15 23.88
C LYS N 891 70.10 -15.98 25.08
N LYS N 892 69.90 -17.28 24.98
CA LYS N 892 70.15 -18.23 26.06
C LYS N 892 70.46 -19.58 25.44
N SER N 893 71.38 -20.32 26.05
CA SER N 893 71.76 -21.62 25.51
C SER N 893 70.69 -22.66 25.79
N TRP N 894 70.72 -23.75 25.00
CA TRP N 894 69.69 -24.78 25.16
C TRP N 894 69.77 -25.44 26.53
N GLU N 895 70.98 -25.66 27.05
CA GLU N 895 71.10 -26.24 28.38
C GLU N 895 70.57 -25.26 29.42
N GLU N 896 70.78 -23.97 29.18
CA GLU N 896 70.26 -22.89 30.00
C GLU N 896 68.76 -22.67 29.76
N THR N 897 68.32 -22.86 28.52
CA THR N 897 66.91 -22.68 28.13
C THR N 897 65.99 -23.71 28.78
N LYS N 898 66.41 -24.95 28.91
CA LYS N 898 65.58 -26.05 29.44
C LYS N 898 65.21 -25.81 30.89
N LYS N 899 66.09 -25.16 31.65
CA LYS N 899 65.87 -24.84 33.08
C LYS N 899 64.76 -23.81 33.25
N THR N 900 64.51 -22.96 32.26
CA THR N 900 63.46 -21.92 32.30
C THR N 900 62.07 -22.52 32.17
N LYS N 901 61.06 -21.78 32.61
CA LYS N 901 59.65 -22.20 32.60
C LYS N 901 58.79 -21.09 32.03
N ASN N 902 57.56 -21.42 31.61
CA ASN N 902 56.60 -20.46 31.02
C ASN N 902 55.44 -20.37 32.00
N PHE N 903 55.05 -19.16 32.37
CA PHE N 903 54.06 -18.96 33.42
C PHE N 903 52.73 -19.60 33.09
N LEU N 904 52.30 -19.51 31.83
CA LEU N 904 51.01 -20.13 31.46
C LEU N 904 51.06 -21.65 31.56
N TRP N 905 52.13 -22.29 31.07
CA TRP N 905 52.16 -23.75 31.11
C TRP N 905 52.21 -24.27 32.55
N GLU N 906 52.79 -23.52 33.47
CA GLU N 906 52.92 -23.99 34.85
C GLU N 906 51.66 -23.78 35.67
N LYS N 907 50.72 -22.97 35.18
CA LYS N 907 49.43 -22.79 35.81
C LYS N 907 48.38 -23.80 35.34
N GLY N 908 48.75 -24.71 34.44
CA GLY N 908 47.83 -25.69 33.91
C GLY N 908 47.49 -25.52 32.45
N TYR N 909 47.98 -24.46 31.80
CA TYR N 909 47.72 -24.23 30.38
C TYR N 909 48.83 -24.91 29.58
N HIS N 910 48.80 -26.24 29.62
CA HIS N 910 49.88 -27.06 29.06
C HIS N 910 49.41 -27.89 27.87
N PHE N 911 48.43 -27.41 27.12
CA PHE N 911 47.95 -28.09 25.93
C PHE N 911 48.12 -27.18 24.73
N TYR N 912 48.85 -27.65 23.72
CA TYR N 912 48.85 -26.96 22.44
C TYR N 912 47.48 -27.13 21.83
N CYS N 913 46.94 -26.04 21.28
CA CYS N 913 45.62 -26.06 20.66
C CYS N 913 45.77 -25.55 19.24
N VAL N 914 46.12 -26.46 18.36
CA VAL N 914 46.24 -26.14 16.94
C VAL N 914 44.84 -26.11 16.36
N THR N 915 44.60 -25.19 15.41
CA THR N 915 43.30 -25.13 14.73
C THR N 915 43.55 -25.23 13.23
N PRO N 916 43.72 -26.46 12.72
CA PRO N 916 44.00 -26.66 11.30
C PRO N 916 42.72 -26.48 10.48
N LYS N 917 42.87 -26.64 9.17
CA LYS N 917 41.74 -26.57 8.26
C LYS N 917 41.24 -27.96 7.90
N SER N 918 39.98 -28.03 7.52
CA SER N 918 39.29 -29.31 7.35
C SER N 918 38.95 -29.58 5.89
N ARG N 919 38.77 -30.87 5.60
CA ARG N 919 38.26 -31.28 4.30
C ARG N 919 36.77 -30.98 4.15
N HIS N 920 36.07 -30.75 5.25
CA HIS N 920 34.62 -30.63 5.27
C HIS N 920 34.15 -29.19 5.13
N THR N 921 35.07 -28.22 5.04
CA THR N 921 34.72 -26.81 4.97
C THR N 921 35.72 -26.07 4.09
N VAL N 922 35.27 -24.95 3.51
CA VAL N 922 36.22 -23.95 3.02
C VAL N 922 36.08 -22.77 3.97
N HIS N 923 36.73 -22.96 5.10
CA HIS N 923 36.87 -22.04 6.25
C HIS N 923 35.57 -21.90 6.99
N SER N 924 34.58 -21.21 6.39
CA SER N 924 33.27 -21.00 7.07
C SER N 924 32.09 -21.55 6.25
N GLN N 925 32.32 -21.85 4.97
CA GLN N 925 31.32 -22.35 4.06
C GLN N 925 31.21 -23.85 4.22
N TRP N 926 29.97 -24.35 4.11
CA TRP N 926 29.64 -25.77 4.24
C TRP N 926 29.83 -26.23 5.67
N ALA N 927 30.18 -25.30 6.54
CA ALA N 927 30.36 -25.62 7.96
C ALA N 927 29.03 -25.90 8.65
N VAL N 928 27.91 -25.46 8.08
CA VAL N 928 26.61 -25.64 8.72
C VAL N 928 25.64 -26.35 7.79
N THR N 929 25.96 -26.43 6.50
CA THR N 929 25.13 -27.17 5.56
C THR N 929 25.01 -28.63 5.97
N ASP N 930 23.77 -29.11 6.06
CA ASP N 930 23.46 -30.35 6.76
C ASP N 930 24.38 -31.50 6.36
N TRP N 931 24.53 -31.75 5.05
CA TRP N 931 25.31 -32.90 4.59
C TRP N 931 26.75 -32.83 5.06
N ASN N 932 27.42 -31.69 4.85
CA ASN N 932 28.80 -31.56 5.28
C ASN N 932 28.92 -31.41 6.78
N PHE N 933 27.90 -30.83 7.43
CA PHE N 933 27.90 -30.63 8.86
C PHE N 933 27.74 -31.95 9.62
N ILE N 934 27.24 -32.98 8.95
CA ILE N 934 27.10 -34.30 9.57
C ILE N 934 28.44 -35.04 9.62
N TRP N 935 29.31 -34.82 8.63
CA TRP N 935 30.51 -35.63 8.48
C TRP N 935 31.74 -35.04 9.15
N ASN N 936 31.74 -33.74 9.47
CA ASN N 936 32.92 -33.15 10.07
C ASN N 936 33.14 -33.59 11.52
N ASN N 937 32.17 -34.24 12.15
CA ASN N 937 32.32 -34.67 13.53
C ASN N 937 31.82 -36.10 13.72
N ASN N 938 32.17 -36.67 14.88
CA ASN N 938 31.75 -38.01 15.30
C ASN N 938 30.30 -38.07 15.75
N PHE N 939 29.62 -36.94 15.85
CA PHE N 939 28.30 -36.96 16.44
C PHE N 939 27.18 -36.63 15.48
N GLY N 940 27.47 -36.38 14.21
CA GLY N 940 26.45 -35.93 13.28
C GLY N 940 25.25 -36.84 13.15
N ASP N 941 24.05 -36.25 13.21
CA ASP N 941 22.80 -37.01 13.05
C ASP N 941 21.70 -36.06 12.59
N PRO N 942 21.11 -36.30 11.41
CA PRO N 942 20.07 -35.39 10.92
C PRO N 942 18.80 -35.38 11.74
N TYR N 943 18.55 -36.43 12.53
CA TYR N 943 17.34 -36.49 13.34
C TYR N 943 17.52 -35.83 14.70
N ARG N 944 18.76 -35.50 15.06
CA ARG N 944 19.07 -34.80 16.30
C ARG N 944 18.43 -35.48 17.50
N MET N 945 18.81 -36.75 17.68
CA MET N 945 18.28 -37.52 18.81
C MET N 945 18.76 -36.93 20.13
N ASP N 946 19.96 -36.36 20.14
CA ASP N 946 20.52 -35.66 21.28
C ASP N 946 20.21 -34.17 21.16
N LYS N 947 19.29 -33.69 21.99
CA LYS N 947 18.86 -32.29 21.88
C LYS N 947 19.98 -31.31 22.19
N ARG N 948 20.98 -31.75 22.94
CA ARG N 948 22.10 -30.85 23.30
C ARG N 948 22.90 -30.40 22.07
N MET N 949 22.87 -31.17 21.00
CA MET N 949 23.57 -30.85 19.77
C MET N 949 23.14 -29.47 19.24
N PRO N 950 24.08 -28.57 18.94
CA PRO N 950 23.66 -27.24 18.47
C PRO N 950 22.91 -27.30 17.16
N GLY N 951 23.34 -28.14 16.24
CA GLY N 951 22.66 -28.30 14.96
C GLY N 951 22.64 -29.75 14.52
N VAL N 952 22.60 -29.97 13.21
CA VAL N 952 22.66 -31.30 12.63
C VAL N 952 24.06 -31.88 12.87
N GLY N 953 24.95 -31.05 13.40
CA GLY N 953 26.30 -31.46 13.74
C GLY N 953 26.81 -30.57 14.86
N GLU N 954 27.92 -30.99 15.46
CA GLU N 954 28.61 -30.15 16.43
C GLU N 954 30.10 -30.19 16.15
N HIS N 955 30.79 -29.10 16.51
CA HIS N 955 32.24 -29.01 16.37
C HIS N 955 32.90 -29.81 17.50
N GLN N 956 34.07 -30.37 17.21
CA GLN N 956 34.72 -31.30 18.13
C GLN N 956 36.18 -30.94 18.31
N ILE N 957 36.72 -31.33 19.46
CA ILE N 957 38.14 -31.15 19.78
C ILE N 957 38.76 -32.53 19.95
N HIS N 958 39.93 -32.73 19.35
CA HIS N 958 40.63 -33.99 19.47
C HIS N 958 41.53 -33.98 20.69
N ILE N 959 41.54 -35.08 21.42
CA ILE N 959 42.29 -35.21 22.66
C ILE N 959 42.94 -36.59 22.69
N HIS N 960 44.17 -36.65 23.19
CA HIS N 960 44.80 -37.93 23.40
C HIS N 960 44.06 -38.70 24.50
N PRO N 961 43.85 -40.00 24.34
CA PRO N 961 43.08 -40.74 25.35
C PRO N 961 43.66 -40.61 26.75
N GLN N 962 44.99 -40.76 26.90
CA GLN N 962 45.59 -40.63 28.22
C GLN N 962 45.40 -39.22 28.78
N ALA N 963 45.56 -38.20 27.92
CA ALA N 963 45.39 -36.82 28.36
C ALA N 963 43.99 -36.60 28.94
N ALA N 964 42.96 -37.12 28.27
CA ALA N 964 41.60 -36.91 28.74
C ALA N 964 41.31 -37.62 30.06
N ARG N 965 41.86 -38.83 30.26
CA ARG N 965 41.60 -39.54 31.52
C ARG N 965 42.19 -38.81 32.71
N ASP N 966 43.34 -38.15 32.56
CA ASP N 966 43.94 -37.45 33.68
C ASP N 966 43.09 -36.28 34.15
N LEU N 967 42.19 -35.79 33.31
CA LEU N 967 41.26 -34.73 33.69
C LEU N 967 39.84 -35.26 33.89
N GLY N 968 39.68 -36.57 34.02
CA GLY N 968 38.36 -37.15 34.23
C GLY N 968 37.42 -36.97 33.06
N ILE N 969 37.95 -37.01 31.84
CA ILE N 969 37.16 -36.79 30.63
C ILE N 969 37.09 -38.09 29.86
N GLU N 970 35.87 -38.53 29.56
CA GLU N 970 35.63 -39.72 28.75
C GLU N 970 35.34 -39.30 27.31
N ASP N 971 35.60 -40.22 26.39
CA ASP N 971 35.35 -39.96 24.97
C ASP N 971 33.90 -39.56 24.74
N GLY N 972 33.71 -38.39 24.12
CA GLY N 972 32.39 -37.88 23.84
C GLY N 972 31.83 -36.90 24.85
N ASP N 973 32.56 -36.62 25.93
CA ASP N 973 32.09 -35.67 26.92
C ASP N 973 32.28 -34.24 26.44
N TYR N 974 31.43 -33.34 26.94
CA TYR N 974 31.59 -31.93 26.67
C TYR N 974 32.68 -31.36 27.58
N VAL N 975 33.53 -30.51 27.02
CA VAL N 975 34.69 -29.99 27.74
C VAL N 975 34.80 -28.48 27.55
N TYR N 976 35.21 -27.77 28.60
CA TYR N 976 35.54 -26.36 28.52
C TYR N 976 37.00 -26.20 28.12
N VAL N 977 37.25 -25.48 27.05
CA VAL N 977 38.59 -25.17 26.58
C VAL N 977 38.86 -23.70 26.92
N ASP N 978 39.67 -23.49 27.95
CA ASP N 978 39.96 -22.14 28.39
C ASP N 978 41.42 -21.78 28.16
N ALA N 979 41.66 -20.50 27.85
CA ALA N 979 42.99 -19.96 27.63
C ALA N 979 43.25 -18.86 28.66
N ASN N 980 44.41 -18.21 28.52
CA ASN N 980 44.90 -17.12 29.36
C ASN N 980 43.78 -16.18 29.79
N PRO N 981 43.42 -16.18 31.08
CA PRO N 981 42.30 -15.33 31.54
C PRO N 981 42.53 -13.84 31.32
N ALA N 982 43.78 -13.36 31.44
CA ALA N 982 44.10 -11.98 31.14
C ALA N 982 43.80 -11.63 29.69
N ASP N 983 43.76 -12.63 28.81
CA ASP N 983 43.71 -12.43 27.36
C ASP N 983 42.37 -12.86 26.76
N ARG N 984 41.97 -14.09 27.03
CA ARG N 984 40.82 -14.70 26.40
C ARG N 984 39.72 -14.94 27.43
N PRO N 985 38.49 -15.25 26.99
CA PRO N 985 37.93 -15.00 25.66
C PRO N 985 37.90 -13.53 25.27
N TYR N 986 37.70 -12.62 26.23
CA TYR N 986 37.77 -11.19 25.98
C TYR N 986 38.29 -10.50 27.23
N GLU N 987 39.01 -9.39 27.03
CA GLU N 987 39.65 -8.72 28.15
C GLU N 987 38.61 -8.14 29.10
N GLY N 988 38.76 -8.43 30.38
CA GLY N 988 37.83 -7.96 31.38
C GLY N 988 36.62 -8.84 31.59
N TRP N 989 36.65 -10.09 31.10
CA TRP N 989 35.52 -10.99 31.29
C TRP N 989 35.29 -11.25 32.77
N LYS N 990 34.04 -11.49 33.13
CA LYS N 990 33.69 -11.92 34.48
C LYS N 990 32.65 -13.03 34.40
N PRO N 991 32.67 -13.96 35.35
CA PRO N 991 31.87 -15.18 35.19
C PRO N 991 30.36 -14.95 35.11
N ASN N 992 29.83 -13.89 35.72
CA ASN N 992 28.40 -13.67 35.71
C ASN N 992 27.95 -12.68 34.63
N ASP N 993 28.85 -12.23 33.77
CA ASP N 993 28.45 -11.38 32.66
C ASP N 993 27.72 -12.21 31.61
N SER N 994 26.66 -11.64 31.03
CA SER N 994 25.87 -12.37 30.04
C SER N 994 26.70 -12.75 28.83
N PHE N 995 27.64 -11.90 28.42
CA PHE N 995 28.42 -12.20 27.21
C PHE N 995 29.45 -13.30 27.44
N TYR N 996 29.86 -13.55 28.69
CA TYR N 996 30.82 -14.62 28.93
C TYR N 996 30.26 -15.98 28.51
N LYS N 997 28.99 -16.24 28.84
CA LYS N 997 28.38 -17.50 28.44
C LYS N 997 28.45 -17.68 26.92
N VAL N 998 28.29 -16.58 26.18
CA VAL N 998 28.47 -16.63 24.73
C VAL N 998 29.92 -16.91 24.38
N SER N 999 30.86 -16.39 25.16
CA SER N 999 32.27 -16.40 24.77
C SER N 999 32.98 -17.71 25.12
N ARG N 1000 32.68 -18.32 26.26
CA ARG N 1000 33.42 -19.49 26.70
C ARG N 1000 33.11 -20.71 25.83
N LEU N 1001 34.15 -21.40 25.38
CA LEU N 1001 33.98 -22.51 24.45
C LEU N 1001 33.60 -23.78 25.20
N MET N 1002 32.60 -24.49 24.68
CA MET N 1002 32.17 -25.77 25.26
C MET N 1002 31.76 -26.70 24.12
N LEU N 1003 32.71 -27.50 23.65
CA LEU N 1003 32.49 -28.51 22.62
C LEU N 1003 32.73 -29.91 23.18
N ARG N 1004 32.40 -30.91 22.36
CA ARG N 1004 32.64 -32.31 22.72
C ARG N 1004 34.10 -32.69 22.52
N ALA N 1005 34.55 -33.65 23.32
CA ALA N 1005 35.90 -34.18 23.25
C ALA N 1005 35.89 -35.49 22.47
N LYS N 1006 36.97 -35.73 21.73
CA LYS N 1006 37.10 -36.92 20.90
C LYS N 1006 38.45 -37.57 21.16
N TYR N 1007 38.42 -38.85 21.54
CA TYR N 1007 39.67 -39.60 21.71
C TYR N 1007 40.33 -39.82 20.35
N ASN N 1008 41.56 -39.36 20.20
CA ASN N 1008 42.36 -39.62 19.01
C ASN N 1008 43.80 -39.83 19.44
N PRO N 1009 44.25 -41.07 19.55
CA PRO N 1009 45.64 -41.33 19.96
C PRO N 1009 46.66 -41.06 18.85
N ALA N 1010 46.20 -40.49 17.74
CA ALA N 1010 47.14 -40.06 16.71
C ALA N 1010 47.89 -38.80 17.12
N TYR N 1011 47.42 -38.08 18.14
CA TYR N 1011 48.00 -36.84 18.63
C TYR N 1011 48.89 -37.10 19.85
N PRO N 1012 49.92 -36.29 20.04
CA PRO N 1012 50.71 -36.36 21.27
C PRO N 1012 49.90 -35.88 22.47
N TYR N 1013 50.41 -36.22 23.66
CA TYR N 1013 49.72 -35.93 24.90
C TYR N 1013 49.37 -34.45 25.04
N ASN N 1014 50.34 -33.57 24.76
CA ASN N 1014 50.19 -32.14 24.99
C ASN N 1014 49.65 -31.38 23.78
N CYS N 1015 48.89 -32.03 22.90
CA CYS N 1015 48.44 -31.37 21.69
C CYS N 1015 46.98 -31.73 21.43
N THR N 1016 46.16 -30.70 21.27
CA THR N 1016 44.74 -30.83 21.00
C THR N 1016 44.42 -30.12 19.70
N MET N 1017 43.32 -30.52 19.07
CA MET N 1017 43.02 -30.06 17.73
C MET N 1017 41.55 -29.70 17.57
N MET N 1018 41.28 -28.55 16.98
CA MET N 1018 39.97 -28.15 16.52
C MET N 1018 40.10 -27.65 15.08
N LYS N 1019 39.22 -28.11 14.20
CA LYS N 1019 39.28 -27.71 12.80
C LYS N 1019 38.89 -26.24 12.68
N HIS N 1020 39.42 -25.56 11.67
CA HIS N 1020 39.24 -24.11 11.64
C HIS N 1020 37.92 -23.67 10.99
N SER N 1021 37.20 -22.83 11.73
CA SER N 1021 35.98 -22.17 11.29
C SER N 1021 34.68 -22.95 11.08
N ALA N 1022 33.89 -22.72 12.10
CA ALA N 1022 32.52 -23.12 12.35
C ALA N 1022 31.77 -21.81 12.61
N TRP N 1023 30.43 -21.84 12.54
CA TRP N 1023 29.67 -20.62 12.81
C TRP N 1023 29.68 -20.41 14.31
N ILE N 1024 30.17 -19.25 14.74
CA ILE N 1024 30.43 -19.03 16.15
C ILE N 1024 29.12 -18.86 16.91
N SER N 1025 29.19 -19.13 18.21
CA SER N 1025 28.04 -18.89 19.08
C SER N 1025 27.82 -17.40 19.24
N SER N 1026 26.60 -16.95 18.97
CA SER N 1026 26.19 -15.56 19.16
C SER N 1026 25.22 -15.47 20.32
N ASP N 1027 24.79 -14.24 20.61
CA ASP N 1027 23.81 -14.03 21.67
C ASP N 1027 22.53 -14.82 21.42
N LYS N 1028 21.93 -14.65 20.23
CA LYS N 1028 20.65 -15.27 19.96
C LYS N 1028 20.75 -16.79 19.84
N THR N 1029 21.87 -17.31 19.33
CA THR N 1029 22.02 -18.75 19.24
C THR N 1029 22.10 -19.39 20.63
N VAL N 1030 22.80 -18.74 21.56
CA VAL N 1030 22.84 -19.24 22.93
C VAL N 1030 21.47 -19.16 23.58
N GLN N 1031 20.74 -18.07 23.31
CA GLN N 1031 19.37 -17.94 23.83
CA GLN N 1031 19.38 -17.95 23.85
C GLN N 1031 18.48 -19.06 23.30
N ALA N 1032 18.52 -19.29 21.99
CA ALA N 1032 17.68 -20.32 21.39
C ALA N 1032 18.10 -21.71 21.84
N HIS N 1033 19.41 -21.92 22.03
CA HIS N 1033 19.87 -23.22 22.52
C HIS N 1033 19.31 -23.50 23.91
N GLU N 1034 19.02 -22.46 24.68
CA GLU N 1034 18.49 -22.71 26.04
C GLU N 1034 17.01 -22.35 26.10
N THR N 1035 16.39 -21.98 24.97
CA THR N 1035 14.96 -21.62 24.99
C THR N 1035 14.09 -22.55 24.15
N ARG N 1036 14.64 -23.15 23.08
CA ARG N 1036 13.90 -24.04 22.19
C ARG N 1036 13.72 -25.41 22.83
N PRO N 1037 12.54 -26.03 22.65
CA PRO N 1037 12.36 -27.39 23.17
C PRO N 1037 13.31 -28.39 22.55
N ASP N 1038 13.57 -28.30 21.24
CA ASP N 1038 14.50 -29.20 20.59
C ASP N 1038 15.96 -28.88 20.87
N GLY N 1039 16.26 -27.72 21.46
CA GLY N 1039 17.61 -27.38 21.82
C GLY N 1039 18.51 -26.96 20.68
N ARG N 1040 17.96 -26.77 19.48
CA ARG N 1040 18.79 -26.39 18.34
C ARG N 1040 19.32 -24.98 18.53
N ALA N 1041 20.62 -24.81 18.28
CA ALA N 1041 21.26 -23.51 18.44
C ALA N 1041 21.06 -22.67 17.17
N LEU N 1042 19.81 -22.26 16.98
CA LEU N 1042 19.37 -21.53 15.79
C LEU N 1042 18.75 -20.20 16.16
N SER N 1043 19.33 -19.11 15.66
CA SER N 1043 18.80 -17.77 15.90
C SER N 1043 17.49 -17.56 15.13
N PRO N 1044 16.61 -16.69 15.65
CA PRO N 1044 15.39 -16.35 14.89
C PRO N 1044 15.67 -15.76 13.52
N SER N 1045 16.86 -15.23 13.29
CA SER N 1045 17.25 -14.71 11.98
C SER N 1045 17.58 -15.81 10.99
N GLY N 1046 17.67 -17.06 11.44
CA GLY N 1046 18.08 -18.16 10.59
C GLY N 1046 19.51 -18.59 10.76
N TYR N 1047 20.28 -17.89 11.59
CA TYR N 1047 21.68 -18.19 11.78
C TYR N 1047 21.84 -19.42 12.67
N GLN N 1048 22.68 -20.35 12.26
CA GLN N 1048 22.94 -21.59 12.99
C GLN N 1048 24.35 -21.54 13.55
N SER N 1049 24.49 -21.80 14.85
CA SER N 1049 25.81 -21.87 15.48
C SER N 1049 26.32 -23.30 15.43
N SER N 1050 27.63 -23.43 15.28
CA SER N 1050 28.23 -24.76 15.26
C SER N 1050 28.55 -25.27 16.65
N PHE N 1051 28.52 -24.38 17.63
CA PHE N 1051 28.86 -24.70 18.99
C PHE N 1051 27.63 -24.46 19.84
N ARG N 1052 27.61 -25.14 20.98
CA ARG N 1052 26.61 -24.80 22.00
C ARG N 1052 26.93 -23.44 22.59
N TYR N 1053 28.16 -23.28 23.05
CA TYR N 1053 28.69 -22.05 23.61
C TYR N 1053 30.09 -21.80 23.06
N GLY N 1054 30.46 -20.52 22.99
CA GLY N 1054 31.84 -20.17 22.66
C GLY N 1054 32.20 -20.43 21.21
N SER N 1055 33.50 -20.24 20.93
CA SER N 1055 34.03 -20.47 19.60
C SER N 1055 35.44 -21.00 19.68
N GLN N 1056 35.91 -21.53 18.55
CA GLN N 1056 37.31 -21.92 18.41
C GLN N 1056 38.23 -20.71 18.46
N GLN N 1057 37.68 -19.50 18.32
CA GLN N 1057 38.43 -18.26 18.44
C GLN N 1057 38.33 -17.68 19.84
N SER N 1058 37.82 -18.46 20.79
CA SER N 1058 37.84 -18.05 22.20
C SER N 1058 39.20 -18.29 22.82
N ILE N 1059 40.06 -19.08 22.18
CA ILE N 1059 41.39 -19.41 22.71
C ILE N 1059 42.46 -19.00 21.70
N THR N 1060 42.24 -17.91 20.98
CA THR N 1060 43.15 -17.50 19.92
C THR N 1060 43.45 -16.03 20.09
N ARG N 1061 44.60 -15.62 19.56
CA ARG N 1061 45.10 -14.29 19.89
C ARG N 1061 45.94 -13.75 18.75
N ASP N 1062 46.03 -12.42 18.68
CA ASP N 1062 46.82 -11.74 17.67
C ASP N 1062 48.18 -11.39 18.22
N TRP N 1063 49.21 -11.58 17.41
CA TRP N 1063 50.59 -11.25 17.78
C TRP N 1063 51.16 -10.29 16.75
N SER N 1064 51.67 -9.15 17.21
CA SER N 1064 52.28 -8.16 16.33
C SER N 1064 53.77 -8.46 16.24
N MET N 1065 54.18 -9.08 15.14
CA MET N 1065 55.59 -9.45 14.97
C MET N 1065 56.44 -8.23 14.64
N PRO N 1066 57.48 -7.94 15.41
CA PRO N 1066 58.43 -6.91 14.97
C PRO N 1066 59.08 -7.26 13.65
N MET N 1067 59.28 -8.54 13.36
CA MET N 1067 59.92 -8.97 12.12
C MET N 1067 59.05 -8.73 10.89
N HIS N 1068 57.74 -8.51 11.06
CA HIS N 1068 56.84 -8.37 9.93
C HIS N 1068 56.51 -6.91 9.63
N GLN N 1069 57.12 -5.96 10.33
CA GLN N 1069 56.78 -4.54 10.22
C GLN N 1069 58.02 -3.70 9.94
N LEU N 1070 58.92 -4.21 9.12
CA LEU N 1070 60.17 -3.52 8.84
C LEU N 1070 59.98 -2.45 7.76
N ASP N 1071 60.80 -1.40 7.84
CA ASP N 1071 60.80 -0.34 6.86
C ASP N 1071 61.95 -0.45 5.86
N SER N 1072 62.91 -1.34 6.09
CA SER N 1072 64.14 -1.39 5.30
C SER N 1072 64.36 -2.75 4.64
N LEU N 1073 63.28 -3.43 4.26
CA LEU N 1073 63.34 -4.76 3.64
C LEU N 1073 63.19 -4.64 2.13
N PHE N 1074 64.31 -4.65 1.41
CA PHE N 1074 64.32 -4.64 -0.05
C PHE N 1074 63.75 -5.91 -0.67
N HIS N 1075 62.44 -5.98 -0.86
CA HIS N 1075 61.79 -7.11 -1.54
C HIS N 1075 61.10 -6.64 -2.82
N LYS N 1076 60.55 -7.61 -3.57
CA LYS N 1076 59.89 -7.35 -4.84
C LYS N 1076 58.39 -7.12 -4.65
N ALA N 1077 57.87 -6.10 -5.34
CA ALA N 1077 56.45 -5.79 -5.28
C ALA N 1077 55.60 -6.87 -5.93
N LYS N 1078 54.44 -7.15 -5.33
CA LYS N 1078 53.62 -8.29 -5.73
C LYS N 1078 52.99 -8.09 -7.11
N ILE N 1079 52.64 -6.85 -7.47
CA ILE N 1079 51.80 -6.62 -8.65
C ILE N 1079 52.63 -6.19 -9.86
N GLY N 1080 53.76 -5.54 -9.60
CA GLY N 1080 54.60 -5.01 -10.67
C GLY N 1080 56.00 -5.58 -10.64
N MET N 1081 56.61 -5.64 -11.82
CA MET N 1081 58.02 -6.03 -11.92
C MET N 1081 58.88 -4.86 -11.43
N LYS N 1082 58.84 -4.61 -10.13
CA LYS N 1082 59.53 -3.49 -9.53
C LYS N 1082 59.91 -3.86 -8.09
N PHE N 1083 60.74 -3.02 -7.48
CA PHE N 1083 61.19 -3.22 -6.13
C PHE N 1083 60.63 -2.14 -5.22
N ILE N 1084 60.48 -2.48 -3.94
CA ILE N 1084 60.00 -1.56 -2.92
C ILE N 1084 60.76 -1.83 -1.63
N PHE N 1085 60.59 -0.93 -0.67
CA PHE N 1085 61.15 -1.08 0.66
C PHE N 1085 60.00 -1.11 1.65
N GLY N 1086 60.00 -2.09 2.54
CA GLY N 1086 59.03 -2.10 3.60
C GLY N 1086 57.69 -2.75 3.27
N PHE N 1087 56.65 -2.20 3.85
CA PHE N 1087 55.31 -2.77 3.82
C PHE N 1087 54.68 -2.74 2.43
N GLU N 1088 54.08 -3.85 2.05
CA GLU N 1088 53.13 -3.94 0.95
C GLU N 1088 52.05 -4.89 1.43
N ALA N 1089 50.78 -4.56 1.18
CA ALA N 1089 49.71 -5.44 1.64
C ALA N 1089 49.87 -6.81 1.02
N ASP N 1090 49.76 -7.85 1.86
CA ASP N 1090 49.93 -9.25 1.46
C ASP N 1090 51.36 -9.58 1.05
N ASN N 1091 52.32 -8.70 1.37
CA ASN N 1091 53.72 -8.94 1.06
C ASN N 1091 54.55 -8.22 2.13
N HIS N 1092 55.04 -8.98 3.12
CA HIS N 1092 55.80 -8.46 4.25
C HIS N 1092 55.00 -7.42 5.04
N CYS N 1093 53.94 -7.92 5.67
CA CYS N 1093 53.27 -7.23 6.75
C CYS N 1093 52.88 -8.29 7.77
N ILE N 1094 52.11 -7.89 8.79
CA ILE N 1094 51.84 -8.82 9.88
C ILE N 1094 51.17 -10.07 9.34
N ASN N 1095 51.73 -11.22 9.69
CA ASN N 1095 51.20 -12.52 9.29
C ASN N 1095 50.63 -13.16 10.55
N THR N 1096 49.30 -13.15 10.66
CA THR N 1096 48.64 -13.49 11.91
C THR N 1096 48.89 -14.96 12.22
N VAL N 1097 49.05 -15.26 13.52
CA VAL N 1097 49.37 -16.61 13.94
C VAL N 1097 48.38 -17.09 15.00
N PRO N 1098 47.39 -17.89 14.60
CA PRO N 1098 46.40 -18.39 15.57
C PRO N 1098 46.87 -19.57 16.40
N LYS N 1099 48.00 -20.20 16.03
CA LYS N 1099 48.48 -21.36 16.76
C LYS N 1099 49.36 -21.02 17.96
N GLU N 1100 49.77 -19.75 18.10
CA GLU N 1100 50.58 -19.30 19.25
C GLU N 1100 49.64 -19.12 20.43
N THR N 1101 49.37 -20.22 21.12
CA THR N 1101 48.40 -20.21 22.20
C THR N 1101 48.60 -21.45 23.07
N LEU N 1102 48.13 -21.36 24.31
CA LEU N 1102 48.03 -22.49 25.20
C LEU N 1102 46.62 -22.51 25.79
N VAL N 1103 46.12 -23.73 26.06
CA VAL N 1103 44.75 -23.90 26.53
C VAL N 1103 44.73 -24.84 27.70
N LYS N 1104 43.75 -24.62 28.57
CA LYS N 1104 43.37 -25.53 29.63
C LYS N 1104 42.07 -26.21 29.23
N ILE N 1105 41.93 -27.48 29.56
CA ILE N 1105 40.74 -28.26 29.21
C ILE N 1105 40.09 -28.71 30.50
N THR N 1106 38.77 -28.59 30.57
CA THR N 1106 38.04 -29.01 31.76
C THR N 1106 36.77 -29.72 31.35
N LYS N 1107 36.45 -30.81 32.07
CA LYS N 1107 35.20 -31.49 31.79
C LYS N 1107 34.04 -30.58 32.13
N ALA N 1108 33.02 -30.59 31.27
CA ALA N 1108 31.86 -29.73 31.42
C ALA N 1108 30.61 -30.52 31.77
N GLU N 1109 30.31 -31.55 30.99
CA GLU N 1109 29.09 -32.32 31.16
C GLU N 1109 29.33 -33.71 30.61
N ASN N 1110 28.45 -34.63 30.97
CA ASN N 1110 28.58 -36.04 30.53
C ASN N 1110 28.23 -36.20 29.06
N GLY N 1111 28.90 -37.12 28.37
CA GLY N 1111 28.65 -37.42 26.96
C GLY N 1111 27.37 -38.19 26.75
N GLY N 1112 26.85 -38.83 27.79
CA GLY N 1112 25.64 -39.62 27.64
C GLY N 1112 24.43 -38.74 27.40
N MET N 1113 23.51 -39.29 26.60
CA MET N 1113 22.31 -38.53 26.24
C MET N 1113 21.59 -38.20 27.52
N GLY N 1114 21.20 -36.94 27.67
CA GLY N 1114 20.47 -36.48 28.85
C GLY N 1114 21.39 -36.18 30.01
N GLY N 1115 22.70 -36.23 29.79
CA GLY N 1115 23.72 -35.96 30.82
C GLY N 1115 24.03 -37.20 31.62
N LYS N 1116 23.46 -38.34 31.26
CA LYS N 1116 23.68 -39.56 32.06
C LYS N 1116 24.58 -40.57 31.34
N GLY N 1117 25.69 -40.93 31.96
CA GLY N 1117 26.60 -41.96 31.45
C GLY N 1117 27.60 -41.45 30.43
N VAL N 1118 28.20 -42.40 29.72
CA VAL N 1118 29.19 -42.12 28.70
C VAL N 1118 28.49 -42.13 27.35
N TRP N 1119 29.11 -41.45 26.39
CA TRP N 1119 28.62 -41.41 25.03
C TRP N 1119 28.46 -42.83 24.50
N ASP N 1120 27.39 -43.08 23.75
CA ASP N 1120 26.93 -44.46 23.46
C ASP N 1120 28.00 -45.38 22.91
N PRO N 1121 28.87 -45.00 21.99
CA PRO N 1121 29.93 -45.89 21.53
C PRO N 1121 30.99 -46.27 22.55
N VAL N 1122 31.07 -45.60 23.69
CA VAL N 1122 32.07 -45.99 24.71
C VAL N 1122 31.64 -47.34 25.28
N LYS N 1123 30.33 -47.56 25.39
CA LYS N 1123 29.72 -48.80 25.94
C LYS N 1123 30.08 -50.00 25.07
N THR N 1124 30.24 -49.80 23.77
CA THR N 1124 30.57 -50.94 22.90
C THR N 1124 31.88 -51.54 23.35
N GLY N 1125 32.88 -50.71 23.61
CA GLY N 1125 34.21 -51.24 23.93
C GLY N 1125 35.02 -51.36 22.68
N TYR N 1126 34.50 -50.83 21.59
CA TYR N 1126 35.19 -50.83 20.29
C TYR N 1126 35.74 -49.44 19.99
N THR N 1127 35.77 -48.52 20.96
CA THR N 1127 36.32 -47.20 20.68
C THR N 1127 37.79 -47.13 21.09
N ALA N 1128 38.52 -46.24 20.42
CA ALA N 1128 39.91 -46.00 20.78
C ALA N 1128 40.01 -45.56 22.24
N GLY N 1129 40.99 -46.12 22.94
CA GLY N 1129 41.19 -45.85 24.35
C GLY N 1129 40.31 -46.62 25.31
N ASN N 1130 39.33 -47.37 24.80
CA ASN N 1130 38.45 -48.18 25.64
C ASN N 1130 38.23 -49.55 25.01
N GLU N 1131 39.27 -50.10 24.40
CA GLU N 1131 39.14 -51.37 23.71
C GLU N 1131 38.91 -52.50 24.71
N ASN N 1132 37.99 -53.39 24.37
CA ASN N 1132 37.81 -54.61 25.14
C ASN N 1132 38.70 -55.69 24.52
N ASP N 1133 38.73 -56.87 25.14
CA ASP N 1133 39.65 -57.90 24.66
C ASP N 1133 39.31 -58.36 23.24
N PHE N 1134 38.03 -58.36 22.88
CA PHE N 1134 37.69 -58.72 21.50
C PHE N 1134 38.19 -57.68 20.51
N MET N 1135 38.03 -56.39 20.83
CA MET N 1135 38.53 -55.34 19.89
C MET N 1135 40.06 -55.43 19.77
N LYS N 1136 40.75 -55.64 20.87
CA LYS N 1136 42.21 -55.79 20.77
C LYS N 1136 42.59 -56.90 19.80
N LYS N 1137 41.84 -58.00 19.80
CA LYS N 1137 42.11 -59.04 18.83
C LYS N 1137 41.86 -58.55 17.41
N PHE N 1138 40.85 -57.71 17.21
CA PHE N 1138 40.53 -57.14 15.90
C PHE N 1138 41.63 -56.20 15.39
N LEU N 1139 42.08 -55.27 16.24
CA LEU N 1139 43.02 -54.25 15.76
C LEU N 1139 44.35 -54.86 15.32
N ASN N 1140 44.70 -56.04 15.86
CA ASN N 1140 45.76 -56.86 15.31
C ASN N 1140 45.10 -57.88 14.39
N GLY N 1141 45.87 -58.41 13.44
CA GLY N 1141 45.24 -59.32 12.49
C GLY N 1141 44.98 -60.72 12.98
N GLU N 1142 44.57 -60.87 14.25
CA GLU N 1142 44.42 -62.18 14.86
C GLU N 1142 43.06 -62.86 14.62
N LEU N 1143 42.08 -62.15 14.07
CA LEU N 1143 40.77 -62.77 13.83
C LEU N 1143 40.79 -63.73 12.66
N ILE N 1144 41.84 -63.68 11.85
CA ILE N 1144 42.04 -64.57 10.71
C ILE N 1144 43.48 -65.01 10.79
N LYS N 1145 43.72 -66.30 10.59
CA LYS N 1145 45.07 -66.81 10.65
C LYS N 1145 45.40 -67.40 9.29
N VAL N 1146 46.64 -67.20 8.87
CA VAL N 1146 47.12 -67.72 7.61
C VAL N 1146 48.34 -68.56 7.88
N ASP N 1147 48.37 -69.76 7.34
CA ASP N 1147 49.53 -70.64 7.39
C ASP N 1147 50.81 -69.85 7.15
N GLU O 32 14.59 -76.90 1.93
CA GLU O 32 15.89 -76.35 2.32
C GLU O 32 15.80 -75.65 3.66
N GLY O 33 14.85 -74.73 3.77
CA GLY O 33 14.60 -73.96 4.98
C GLY O 33 13.19 -74.13 5.46
N VAL O 34 12.53 -75.18 4.97
CA VAL O 34 11.13 -75.47 5.25
C VAL O 34 11.03 -76.90 5.79
N LYS O 35 10.19 -77.09 6.82
CA LYS O 35 9.88 -78.44 7.26
C LYS O 35 8.56 -78.88 6.61
N GLY O 36 8.44 -80.19 6.43
CA GLY O 36 7.31 -80.76 5.71
C GLY O 36 5.97 -80.52 6.38
N VAL O 37 4.92 -80.66 5.59
CA VAL O 37 3.56 -80.38 6.06
C VAL O 37 3.02 -81.60 6.79
N ALA O 38 2.76 -81.41 8.08
CA ALA O 38 2.21 -82.44 8.94
C ALA O 38 0.70 -82.56 8.74
N GLU O 39 0.16 -83.73 9.12
CA GLU O 39 -1.27 -83.98 8.95
C GLU O 39 -2.13 -82.96 9.72
N GLU O 40 -1.66 -82.52 10.88
CA GLU O 40 -2.45 -81.60 11.70
C GLU O 40 -2.75 -80.31 10.96
N GLU O 41 -1.78 -79.79 10.21
CA GLU O 41 -2.06 -78.62 9.37
C GLU O 41 -3.01 -78.98 8.24
N LEU O 42 -2.87 -80.21 7.71
CA LEU O 42 -3.75 -80.67 6.64
C LEU O 42 -5.14 -81.02 7.18
N THR O 43 -5.25 -81.32 8.48
CA THR O 43 -6.47 -81.71 9.18
C THR O 43 -7.18 -80.47 9.71
N PRO O 44 -8.17 -79.93 8.99
CA PRO O 44 -8.86 -78.78 9.50
C PRO O 44 -9.48 -79.25 10.80
N ALA O 45 -9.41 -78.47 11.88
CA ALA O 45 -10.01 -78.95 13.14
C ALA O 45 -11.54 -78.90 13.06
N LYS O 46 -12.17 -79.77 13.86
CA LYS O 46 -13.65 -79.93 13.93
C LYS O 46 -14.34 -78.66 14.44
N GLU O 47 -13.73 -77.90 15.34
CA GLU O 47 -14.42 -76.70 15.87
C GLU O 47 -14.77 -75.76 14.71
N VAL O 48 -16.00 -75.25 14.71
CA VAL O 48 -16.53 -74.41 13.59
C VAL O 48 -16.85 -72.99 14.05
N LEU O 49 -16.43 -71.99 13.28
CA LEU O 49 -16.80 -70.59 13.62
C LEU O 49 -18.24 -70.37 13.17
N ASN O 50 -19.09 -69.88 14.06
CA ASN O 50 -20.52 -69.69 13.70
C ASN O 50 -20.70 -68.26 13.24
N VAL O 51 -21.01 -68.09 11.96
CA VAL O 51 -21.26 -66.74 11.46
C VAL O 51 -22.75 -66.46 11.59
N LYS O 52 -23.09 -65.60 12.54
CA LYS O 52 -24.49 -65.28 12.85
C LYS O 52 -24.98 -64.12 12.00
N TYR O 53 -26.23 -64.23 11.54
CA TYR O 53 -26.91 -63.17 10.82
C TYR O 53 -27.54 -62.20 11.81
N MET O 54 -27.42 -60.91 11.53
CA MET O 54 -27.97 -59.89 12.41
C MET O 54 -28.27 -58.62 11.63
N GLN O 55 -29.20 -57.83 12.16
CA GLN O 55 -29.41 -56.48 11.67
C GLN O 55 -28.45 -55.56 12.39
N ILE O 56 -27.50 -55.04 11.62
CA ILE O 56 -26.36 -54.27 12.08
C ILE O 56 -26.70 -52.81 11.84
N ASP O 57 -27.14 -52.08 12.86
CA ASP O 57 -27.32 -50.63 12.73
C ASP O 57 -25.93 -50.07 12.99
N VAL O 58 -25.32 -49.47 11.98
CA VAL O 58 -23.90 -49.09 12.07
C VAL O 58 -23.80 -47.59 11.79
N PRO O 59 -22.91 -46.89 12.50
CA PRO O 59 -22.83 -45.43 12.38
C PRO O 59 -22.15 -45.02 11.08
N ALA O 60 -22.17 -43.70 10.87
CA ALA O 60 -21.54 -43.12 9.68
C ALA O 60 -20.07 -43.49 9.59
N HIS O 61 -19.35 -43.43 10.70
CA HIS O 61 -17.95 -43.83 10.81
C HIS O 61 -17.86 -45.05 11.69
N ILE O 62 -17.36 -46.15 11.14
CA ILE O 62 -17.29 -47.40 11.90
C ILE O 62 -16.41 -47.21 13.12
N THR O 63 -16.93 -47.61 14.27
CA THR O 63 -16.16 -47.63 15.52
C THR O 63 -16.45 -48.95 16.21
N VAL O 64 -15.46 -49.43 16.97
CA VAL O 64 -15.62 -50.70 17.68
C VAL O 64 -16.79 -50.63 18.65
N GLY O 65 -16.96 -49.49 19.32
CA GLY O 65 -18.04 -49.38 20.29
C GLY O 65 -19.42 -49.52 19.66
N ALA O 66 -19.59 -49.01 18.45
CA ALA O 66 -20.86 -49.18 17.75
C ALA O 66 -21.08 -50.64 17.38
N LEU O 67 -20.01 -51.39 17.19
CA LEU O 67 -20.08 -52.83 16.96
C LEU O 67 -20.03 -53.64 18.25
N GLU O 68 -19.76 -52.98 19.38
CA GLU O 68 -19.64 -53.68 20.65
C GLU O 68 -20.91 -54.46 20.97
N GLY O 69 -22.07 -53.82 20.84
CA GLY O 69 -23.32 -54.48 21.17
C GLY O 69 -23.64 -55.66 20.27
N ALA O 70 -23.32 -55.55 18.98
CA ALA O 70 -23.66 -56.61 18.04
C ALA O 70 -22.85 -57.88 18.29
N PHE O 71 -21.54 -57.73 18.49
CA PHE O 71 -20.69 -58.90 18.72
C PHE O 71 -20.96 -59.56 20.07
N LYS O 72 -21.56 -58.82 21.01
CA LYS O 72 -21.84 -59.39 22.32
C LYS O 72 -22.83 -60.55 22.24
N ASN O 73 -23.74 -60.52 21.29
CA ASN O 73 -24.76 -61.55 21.16
C ASN O 73 -24.30 -62.75 20.33
N ALA O 74 -23.09 -62.70 19.78
CA ALA O 74 -22.53 -63.82 19.03
C ALA O 74 -21.52 -64.57 19.89
N GLU O 75 -21.24 -65.81 19.48
CA GLU O 75 -20.28 -66.67 20.14
C GLU O 75 -19.10 -66.93 19.21
N GLY O 76 -17.91 -67.06 19.81
CA GLY O 76 -16.67 -67.17 19.07
C GLY O 76 -15.92 -68.46 19.39
N VAL O 77 -14.88 -68.72 18.60
CA VAL O 77 -14.03 -69.90 18.75
C VAL O 77 -12.68 -69.46 19.28
N GLN O 78 -12.14 -70.23 20.22
CA GLN O 78 -10.79 -70.01 20.74
C GLN O 78 -9.79 -70.76 19.87
N VAL O 79 -9.00 -70.02 19.10
CA VAL O 79 -7.94 -70.60 18.29
C VAL O 79 -6.65 -70.58 19.08
N LYS O 80 -5.91 -71.68 19.05
CA LYS O 80 -4.60 -71.76 19.66
C LYS O 80 -3.57 -71.33 18.63
N LEU O 81 -2.67 -70.44 19.03
CA LEU O 81 -1.66 -69.87 18.14
C LEU O 81 -0.29 -70.39 18.54
N GLN O 82 0.65 -70.35 17.60
CA GLN O 82 1.90 -71.06 17.85
C GLN O 82 3.07 -70.37 17.15
N LYS O 83 4.26 -70.61 17.68
CA LYS O 83 5.51 -70.19 17.05
C LYS O 83 5.67 -70.86 15.69
N GLN O 84 6.15 -70.08 14.72
CA GLN O 84 6.32 -70.56 13.35
C GLN O 84 7.66 -71.27 13.19
N ASP O 85 7.63 -72.61 13.19
CA ASP O 85 8.83 -73.42 12.97
C ASP O 85 8.83 -74.08 11.59
N LYS O 86 7.84 -73.78 10.75
CA LYS O 86 7.68 -74.52 9.51
C LYS O 86 8.71 -74.12 8.46
N ALA O 87 9.05 -72.84 8.37
CA ALA O 87 9.95 -72.39 7.32
C ALA O 87 10.89 -71.29 7.82
N PHE O 88 11.95 -71.05 7.06
CA PHE O 88 12.88 -69.96 7.34
C PHE O 88 12.23 -68.64 6.93
N PRO O 89 12.15 -67.65 7.82
CA PRO O 89 12.70 -67.58 9.16
C PRO O 89 11.73 -68.11 10.20
N ASN O 90 12.22 -68.64 11.32
CA ASN O 90 11.29 -69.00 12.37
C ASN O 90 11.10 -67.80 13.27
N GLY O 91 9.84 -67.53 13.58
CA GLY O 91 9.55 -66.49 14.53
C GLY O 91 8.14 -66.59 15.04
N GLY O 92 7.92 -65.91 16.16
CA GLY O 92 6.63 -65.82 16.78
C GLY O 92 6.68 -66.37 18.20
N GLY O 93 5.49 -66.41 18.80
CA GLY O 93 5.36 -66.96 20.14
C GLY O 93 4.96 -65.97 21.21
N SER O 94 4.81 -64.69 20.94
CA SER O 94 4.36 -63.76 21.98
C SER O 94 2.93 -64.07 22.40
N VAL O 95 2.10 -64.47 21.44
CA VAL O 95 0.69 -64.79 21.69
C VAL O 95 0.50 -66.28 21.43
N ASN O 96 -0.15 -66.97 22.36
CA ASN O 96 -0.31 -68.41 22.30
C ASN O 96 -1.72 -68.83 21.89
N SER O 97 -2.69 -67.93 21.98
CA SER O 97 -4.06 -68.25 21.61
C SER O 97 -4.79 -66.95 21.27
N ALA O 98 -5.84 -67.07 20.46
CA ALA O 98 -6.63 -65.91 20.05
C ALA O 98 -8.07 -66.33 19.81
N GLU O 99 -8.99 -65.44 20.15
CA GLU O 99 -10.42 -65.62 19.92
C GLU O 99 -10.88 -64.85 18.68
N ILE O 100 -11.75 -65.47 17.88
CA ILE O 100 -12.39 -64.82 16.75
C ILE O 100 -13.89 -65.08 16.78
N LYS O 101 -14.69 -64.02 16.59
CA LYS O 101 -16.13 -64.09 16.51
C LYS O 101 -16.59 -63.37 15.25
N ALA O 102 -17.68 -63.85 14.66
CA ALA O 102 -18.08 -63.39 13.34
C ALA O 102 -19.54 -62.96 13.29
N ILE O 103 -19.78 -61.98 12.42
CA ILE O 103 -21.05 -61.30 12.28
C ILE O 103 -21.31 -61.09 10.80
N HIS O 104 -22.59 -61.03 10.44
CA HIS O 104 -22.96 -60.63 9.09
C HIS O 104 -24.41 -60.17 9.07
N ASP O 105 -24.72 -59.33 8.08
CA ASP O 105 -26.07 -58.78 7.91
C ASP O 105 -26.66 -59.08 6.54
N GLY O 106 -26.04 -59.96 5.75
CA GLY O 106 -26.53 -60.29 4.42
C GLY O 106 -25.89 -59.52 3.30
N ILE O 107 -25.24 -58.39 3.61
CA ILE O 107 -24.54 -57.59 2.62
C ILE O 107 -23.08 -57.45 3.03
N THR O 108 -22.86 -57.00 4.27
CA THR O 108 -21.52 -56.74 4.78
C THR O 108 -21.19 -57.76 5.86
N ILE O 109 -19.98 -58.29 5.82
CA ILE O 109 -19.51 -59.25 6.80
C ILE O 109 -18.43 -58.60 7.64
N TYR O 110 -18.41 -58.91 8.93
CA TYR O 110 -17.41 -58.38 9.84
C TYR O 110 -16.86 -59.52 10.69
N PHE O 111 -15.55 -59.50 10.91
CA PHE O 111 -14.87 -60.45 11.80
C PHE O 111 -14.22 -59.68 12.94
N GLN O 112 -14.38 -60.17 14.17
CA GLN O 112 -13.74 -59.56 15.32
C GLN O 112 -12.75 -60.55 15.92
N VAL O 113 -11.50 -60.12 16.08
CA VAL O 113 -10.44 -60.94 16.63
C VAL O 113 -9.89 -60.24 17.86
N ILE O 114 -9.74 -60.99 18.96
CA ILE O 114 -9.23 -60.46 20.21
C ILE O 114 -8.08 -61.32 20.67
N TRP O 115 -6.95 -60.70 20.97
CA TRP O 115 -5.83 -61.36 21.62
C TRP O 115 -5.16 -60.34 22.53
N ASP O 116 -4.30 -60.83 23.41
CA ASP O 116 -3.71 -60.02 24.46
C ASP O 116 -2.22 -59.82 24.19
N ASP O 117 -1.79 -58.55 24.20
CA ASP O 117 -0.43 -58.16 23.89
C ASP O 117 -0.09 -56.96 24.75
N ALA O 118 1.06 -57.02 25.41
CA ALA O 118 1.44 -56.02 26.41
C ALA O 118 1.82 -54.69 25.82
N THR O 119 2.03 -54.62 24.51
CA THR O 119 2.58 -53.43 23.89
C THR O 119 1.75 -53.08 22.67
N ASP O 120 1.40 -51.81 22.53
CA ASP O 120 0.78 -51.35 21.30
C ASP O 120 1.89 -50.85 20.39
N ASN O 121 2.47 -51.76 19.60
CA ASN O 121 3.53 -51.27 18.72
C ASN O 121 2.95 -51.02 17.35
N LYS O 122 2.66 -49.73 17.10
CA LYS O 122 1.98 -49.32 15.89
C LYS O 122 2.72 -48.16 15.22
N GLN O 123 3.90 -48.39 14.66
CA GLN O 123 4.46 -47.31 13.84
C GLN O 123 5.27 -47.74 12.62
N ALA O 124 6.39 -48.42 12.90
CA ALA O 124 7.36 -48.95 11.94
C ALA O 124 8.07 -47.88 11.10
N ILE O 125 8.30 -46.69 11.64
CA ILE O 125 9.08 -45.69 10.89
C ILE O 125 10.56 -45.88 11.14
N ALA O 126 10.92 -46.17 12.38
CA ALA O 126 12.32 -46.39 12.71
C ALA O 126 12.77 -47.77 12.22
N THR O 127 14.04 -47.85 11.85
CA THR O 127 14.57 -49.06 11.20
C THR O 127 14.52 -50.27 12.13
N GLN O 128 14.68 -50.06 13.43
CA GLN O 128 14.70 -51.19 14.36
C GLN O 128 13.33 -51.54 14.89
N GLU O 129 12.30 -50.78 14.53
CA GLU O 129 10.96 -50.94 15.06
C GLU O 129 10.02 -51.58 14.05
N PHE O 130 9.09 -52.39 14.55
CA PHE O 130 8.12 -53.09 13.72
C PHE O 130 6.73 -52.90 14.33
N ARG O 131 5.74 -53.46 13.65
CA ARG O 131 4.33 -53.20 13.92
C ARG O 131 3.66 -54.38 14.61
N ASP O 132 2.62 -54.09 15.39
CA ASP O 132 1.65 -55.10 15.76
C ASP O 132 0.69 -55.33 14.59
N GLY O 133 0.40 -56.59 14.32
CA GLY O 133 -0.44 -56.91 13.19
C GLY O 133 -1.21 -58.21 13.38
N ALA O 134 -2.32 -58.31 12.66
CA ALA O 134 -3.15 -59.50 12.65
C ALA O 134 -3.76 -59.66 11.26
N ALA O 135 -3.95 -60.92 10.84
CA ALA O 135 -4.43 -61.20 9.49
C ALA O 135 -5.29 -62.45 9.46
N LEU O 136 -6.27 -62.43 8.56
CA LEU O 136 -7.12 -63.57 8.26
C LEU O 136 -6.91 -64.00 6.81
N MET O 137 -7.18 -65.27 6.53
CA MET O 137 -6.96 -65.84 5.20
C MET O 137 -8.09 -66.78 4.83
N PHE O 138 -8.47 -66.79 3.55
CA PHE O 138 -9.64 -67.53 3.08
C PHE O 138 -9.31 -68.31 1.81
N PRO O 139 -9.72 -69.58 1.70
CA PRO O 139 -9.54 -70.32 0.46
C PRO O 139 -10.42 -69.75 -0.65
N LEU O 140 -9.78 -69.51 -1.80
CA LEU O 140 -10.46 -68.88 -2.95
C LEU O 140 -11.39 -69.92 -3.56
N GLY O 141 -12.66 -69.55 -3.78
CA GLY O 141 -13.65 -70.48 -4.34
C GLY O 141 -14.21 -71.41 -3.28
N LYS O 142 -14.96 -72.42 -3.68
CA LYS O 142 -15.50 -73.39 -2.70
C LYS O 142 -14.67 -74.66 -2.82
N ILE O 143 -14.11 -75.10 -1.71
CA ILE O 143 -13.25 -76.32 -1.72
C ILE O 143 -13.51 -77.13 -0.46
N THR O 144 -13.21 -78.41 -0.54
CA THR O 144 -13.24 -79.33 0.59
C THR O 144 -11.81 -79.63 1.00
N ILE O 145 -11.52 -79.45 2.29
CA ILE O 145 -10.18 -79.62 2.82
C ILE O 145 -10.13 -80.92 3.58
N SER O 146 -9.09 -81.70 3.31
CA SER O 146 -8.85 -83.00 3.92
C SER O 146 -7.42 -83.40 3.57
N PRO O 147 -6.86 -84.41 4.23
CA PRO O 147 -5.57 -84.93 3.74
C PRO O 147 -5.68 -85.50 2.34
N GLU O 148 -6.83 -86.11 2.01
CA GLU O 148 -7.04 -86.67 0.67
C GLU O 148 -7.19 -85.57 -0.38
N GLU O 149 -7.86 -84.48 -0.04
CA GLU O 149 -7.88 -83.33 -0.95
C GLU O 149 -7.16 -82.19 -0.24
N PRO O 150 -5.85 -82.13 -0.35
CA PRO O 150 -5.05 -81.20 0.46
C PRO O 150 -5.13 -79.77 -0.05
N PHE O 151 -5.10 -78.83 0.89
CA PHE O 151 -5.06 -77.39 0.60
C PHE O 151 -4.18 -76.78 1.69
N SER O 152 -2.92 -76.52 1.35
CA SER O 152 -1.93 -76.17 2.36
C SER O 152 -2.35 -74.92 3.13
N PRO O 153 -2.32 -74.95 4.46
CA PRO O 153 -2.62 -73.74 5.25
C PRO O 153 -1.45 -72.77 5.40
N ARG O 154 -0.29 -73.05 4.81
CA ARG O 154 0.87 -72.17 4.90
C ARG O 154 0.66 -71.04 3.89
N MET O 155 -0.45 -70.31 4.13
CA MET O 155 -0.87 -69.15 3.34
C MET O 155 -1.03 -69.53 1.86
N GLY O 156 -1.57 -70.73 1.67
CA GLY O 156 -1.79 -71.29 0.35
C GLY O 156 -0.67 -72.15 -0.17
N ASP O 157 -0.87 -72.56 -1.42
CA ASP O 157 0.05 -73.43 -2.12
C ASP O 157 -0.01 -73.09 -3.59
N ARG O 158 0.99 -73.56 -4.34
CA ARG O 158 1.05 -73.25 -5.76
C ARG O 158 -0.15 -73.81 -6.48
N GLN O 159 -0.75 -73.00 -7.36
CA GLN O 159 -1.98 -73.29 -8.10
C GLN O 159 -3.21 -73.35 -7.21
N LYS O 160 -3.09 -73.04 -5.92
CA LYS O 160 -4.21 -73.07 -4.97
C LYS O 160 -4.18 -71.78 -4.18
N PRO O 161 -4.70 -70.69 -4.74
CA PRO O 161 -4.56 -69.38 -4.12
C PRO O 161 -5.53 -69.15 -2.97
N VAL O 162 -5.30 -68.05 -2.26
CA VAL O 162 -6.11 -67.66 -1.11
C VAL O 162 -6.18 -66.14 -1.06
N ASN O 163 -7.24 -65.62 -0.46
CA ASN O 163 -7.37 -64.20 -0.19
C ASN O 163 -6.94 -63.95 1.25
N LEU O 164 -6.07 -62.96 1.44
CA LEU O 164 -5.55 -62.62 2.76
C LEU O 164 -5.97 -61.20 3.12
N TRP O 165 -6.33 -61.01 4.38
CA TRP O 165 -6.70 -59.70 4.92
C TRP O 165 -5.72 -59.38 6.03
N HIS O 166 -4.84 -58.41 5.81
CA HIS O 166 -3.78 -58.08 6.75
C HIS O 166 -4.11 -56.75 7.41
N TRP O 167 -4.47 -56.80 8.69
CA TRP O 167 -4.62 -55.58 9.48
C TRP O 167 -3.27 -55.13 10.00
N LYS O 168 -3.00 -53.83 9.90
CA LYS O 168 -1.75 -53.25 10.34
C LYS O 168 -2.03 -52.13 11.34
N ALA O 169 -1.41 -52.23 12.52
CA ALA O 169 -1.63 -51.22 13.55
C ALA O 169 -1.12 -49.86 13.10
N ASP O 170 0.05 -49.84 12.46
CA ASP O 170 0.59 -48.61 11.88
C ASP O 170 -0.42 -47.91 10.98
N TRP O 171 -1.16 -48.69 10.18
CA TRP O 171 -2.09 -48.09 9.23
C TRP O 171 -3.22 -47.32 9.91
N GLU O 172 -3.69 -47.76 11.09
CA GLU O 172 -4.65 -46.95 11.83
C GLU O 172 -4.12 -45.55 12.06
N ALA O 173 -2.87 -45.46 12.52
CA ALA O 173 -2.26 -44.17 12.84
C ALA O 173 -2.00 -43.34 11.59
N ASP O 174 -1.63 -43.98 10.49
CA ASP O 174 -1.38 -43.24 9.26
C ASP O 174 -2.63 -42.51 8.78
N LEU O 175 -3.78 -43.18 8.86
CA LEU O 175 -5.02 -42.57 8.37
C LEU O 175 -5.50 -41.41 9.24
N LEU O 176 -4.96 -41.26 10.44
CA LEU O 176 -5.29 -40.13 11.30
C LEU O 176 -4.12 -39.15 11.36
N ALA O 177 -3.11 -39.34 10.53
CA ALA O 177 -2.12 -38.31 10.35
C ALA O 177 -2.70 -37.19 9.48
N THR O 178 -2.02 -36.05 9.50
CA THR O 178 -2.48 -34.87 8.78
C THR O 178 -2.42 -35.02 7.26
N GLY O 179 -1.95 -36.15 6.74
CA GLY O 179 -1.85 -36.33 5.30
C GLY O 179 -2.14 -37.75 4.86
N GLY O 180 -2.75 -38.54 5.73
CA GLY O 180 -3.04 -39.93 5.43
C GLY O 180 -1.87 -40.86 5.63
N ILE O 181 -0.73 -40.35 6.08
CA ILE O 181 0.43 -41.17 6.37
C ILE O 181 1.32 -40.39 7.34
N GLU O 182 1.83 -41.08 8.36
CA GLU O 182 2.75 -40.46 9.30
C GLU O 182 4.10 -40.25 8.64
N GLU O 183 4.69 -39.09 8.86
CA GLU O 183 5.98 -38.77 8.26
C GLU O 183 7.06 -38.69 9.34
N CYS O 184 8.30 -38.52 8.88
CA CYS O 184 9.47 -38.73 9.73
C CYS O 184 9.48 -37.91 11.03
N PRO O 185 9.12 -36.63 11.05
CA PRO O 185 9.16 -35.89 12.34
C PRO O 185 8.30 -36.52 13.43
N ALA O 186 7.34 -37.39 13.10
CA ALA O 186 6.55 -38.05 14.14
C ALA O 186 7.41 -38.95 15.02
N ARG O 187 8.51 -39.48 14.48
CA ARG O 187 9.42 -40.32 15.24
C ARG O 187 10.64 -39.55 15.74
N TYR O 188 11.12 -38.58 14.97
CA TYR O 188 12.26 -37.75 15.36
C TYR O 188 11.82 -36.30 15.27
N PRO O 189 11.18 -35.78 16.32
CA PRO O 189 10.67 -34.40 16.27
C PRO O 189 11.76 -33.35 16.26
N ASN O 190 13.01 -33.71 16.57
CA ASN O 190 14.12 -32.76 16.58
C ASN O 190 14.85 -32.69 15.24
N MET O 191 14.41 -33.45 14.25
CA MET O 191 15.15 -33.58 13.00
C MET O 191 15.17 -32.26 12.24
N HIS O 192 16.13 -32.15 11.33
CA HIS O 192 16.21 -31.01 10.43
C HIS O 192 16.75 -31.45 9.08
N ASP O 193 16.13 -30.96 8.02
CA ASP O 193 16.58 -31.15 6.66
C ASP O 193 16.59 -29.78 5.99
N ASP O 194 17.68 -29.45 5.31
CA ASP O 194 17.80 -28.11 4.74
C ASP O 194 16.91 -27.90 3.52
N PHE O 195 16.23 -28.93 3.04
CA PHE O 195 15.25 -28.81 1.98
C PHE O 195 13.82 -29.04 2.46
N SER O 196 13.57 -30.18 3.12
CA SER O 196 12.21 -30.52 3.53
C SER O 196 11.77 -29.80 4.80
N THR O 197 12.71 -29.29 5.60
CA THR O 197 12.37 -28.52 6.80
C THR O 197 12.89 -27.09 6.70
N ASN O 198 12.82 -26.51 5.50
CA ASN O 198 13.22 -25.13 5.30
C ASN O 198 11.97 -24.27 5.10
N PRO O 199 11.66 -23.34 6.01
CA PRO O 199 10.45 -22.51 5.84
C PRO O 199 10.52 -21.57 4.65
N HIS O 200 11.68 -21.40 4.01
CA HIS O 200 11.85 -20.40 2.96
C HIS O 200 11.99 -21.00 1.57
N SER O 201 11.73 -22.30 1.41
CA SER O 201 11.88 -22.95 0.11
C SER O 201 10.93 -22.33 -0.92
N VAL O 202 11.48 -22.02 -2.10
CA VAL O 202 10.73 -21.46 -3.22
C VAL O 202 9.79 -22.50 -3.82
N ASN O 203 8.83 -22.04 -4.63
CA ASN O 203 7.82 -22.94 -5.21
C ASN O 203 8.46 -24.04 -6.04
N TYR O 204 9.14 -23.65 -7.12
CA TYR O 204 9.62 -24.60 -8.11
C TYR O 204 10.72 -25.52 -7.57
N HIS O 205 11.39 -25.13 -6.49
CA HIS O 205 12.41 -26.00 -5.91
C HIS O 205 11.78 -27.21 -5.25
N LYS O 206 10.93 -27.00 -4.24
CA LYS O 206 10.29 -28.13 -3.58
C LYS O 206 9.33 -28.85 -4.52
N GLY O 207 8.75 -28.11 -5.43
CA GLY O 207 7.82 -28.75 -6.37
C GLY O 207 8.52 -29.79 -7.19
N VAL O 208 9.70 -29.48 -7.69
CA VAL O 208 10.49 -30.47 -8.45
C VAL O 208 11.05 -31.51 -7.49
N ILE O 209 11.55 -31.07 -6.36
CA ILE O 209 12.25 -31.96 -5.38
C ILE O 209 11.32 -32.96 -4.72
N GLN O 210 10.11 -32.53 -4.37
CA GLN O 210 9.22 -33.45 -3.62
C GLN O 210 8.21 -34.08 -4.55
N SER O 211 8.47 -34.03 -5.85
CA SER O 211 7.62 -34.64 -6.88
C SER O 211 7.78 -36.15 -6.85
N ALA O 212 6.80 -36.89 -7.36
CA ALA O 212 6.85 -38.36 -7.27
C ALA O 212 8.10 -38.90 -7.96
N ALA O 213 8.49 -38.37 -9.11
CA ALA O 213 9.69 -38.94 -9.74
C ALA O 213 10.91 -38.77 -8.84
N GLU O 214 11.12 -37.58 -8.30
CA GLU O 214 12.30 -37.28 -7.44
C GLU O 214 12.16 -37.82 -6.02
N LEU O 215 10.94 -38.03 -5.52
CA LEU O 215 10.86 -38.63 -4.16
C LEU O 215 11.46 -40.02 -4.27
N SER O 216 11.02 -40.76 -5.29
CA SER O 216 11.44 -42.11 -5.75
C SER O 216 10.99 -43.22 -4.81
N GLY O 217 11.58 -44.39 -4.99
CA GLY O 217 11.36 -45.58 -4.16
C GLY O 217 9.94 -46.08 -4.12
N GLY O 218 9.45 -46.36 -2.92
CA GLY O 218 8.09 -46.88 -2.76
C GLY O 218 7.07 -45.91 -3.29
N TYR O 219 7.30 -44.63 -3.11
CA TYR O 219 6.33 -43.63 -3.55
C TYR O 219 6.22 -43.62 -5.07
N ALA O 220 7.35 -43.66 -5.77
CA ALA O 220 7.32 -43.58 -7.22
C ALA O 220 6.78 -44.86 -7.85
N ALA O 221 6.98 -46.00 -7.20
CA ALA O 221 6.43 -47.26 -7.69
C ALA O 221 5.01 -47.50 -7.18
N HIS O 222 4.46 -46.55 -6.43
CA HIS O 222 3.09 -46.59 -5.94
C HIS O 222 2.81 -47.87 -5.14
N ASN O 223 3.78 -48.25 -4.32
CA ASN O 223 3.58 -49.30 -3.33
C ASN O 223 2.66 -48.78 -2.24
N LEU O 224 1.63 -49.56 -1.92
CA LEU O 224 0.63 -49.12 -0.94
C LEU O 224 1.26 -48.85 0.42
N LEU O 225 2.31 -49.59 0.78
CA LEU O 225 3.00 -49.36 2.04
C LEU O 225 3.61 -47.96 2.13
N SER O 226 3.81 -47.30 1.00
CA SER O 226 4.45 -45.98 0.95
C SER O 226 3.47 -44.84 0.73
N LEU O 227 2.19 -45.14 0.50
CA LEU O 227 1.20 -44.14 0.12
C LEU O 227 0.15 -43.95 1.21
N PRO O 228 -0.57 -42.82 1.18
CA PRO O 228 -1.74 -42.67 2.06
C PRO O 228 -2.89 -43.52 1.55
N ARG O 229 -2.85 -44.82 1.86
CA ARG O 229 -3.78 -45.79 1.28
C ARG O 229 -5.19 -45.66 1.83
N GLY O 230 -5.39 -44.83 2.85
CA GLY O 230 -6.73 -44.58 3.37
C GLY O 230 -7.42 -45.83 3.87
N ARG O 231 -6.66 -46.74 4.47
CA ARG O 231 -7.21 -48.04 4.84
C ARG O 231 -6.32 -48.69 5.89
N ALA O 232 -6.95 -49.55 6.69
CA ALA O 232 -6.29 -50.20 7.80
C ALA O 232 -5.96 -51.67 7.58
N VAL O 233 -6.47 -52.28 6.51
CA VAL O 233 -6.27 -53.71 6.25
C VAL O 233 -5.95 -53.91 4.77
N GLU O 234 -4.90 -54.65 4.49
CA GLU O 234 -4.53 -54.92 3.11
C GLU O 234 -5.27 -56.16 2.59
N ASP O 235 -5.75 -56.04 1.35
CA ASP O 235 -6.37 -57.12 0.60
C ASP O 235 -5.26 -57.74 -0.22
N LEU O 236 -5.10 -59.05 -0.10
CA LEU O 236 -3.95 -59.68 -0.70
C LEU O 236 -4.33 -61.06 -1.18
N ASN O 237 -3.57 -61.61 -2.12
CA ASN O 237 -3.87 -62.97 -2.61
C ASN O 237 -2.55 -63.73 -2.59
N ALA O 238 -2.49 -64.94 -2.04
CA ALA O 238 -1.20 -65.65 -2.00
C ALA O 238 -1.35 -67.09 -2.54
N GLU O 239 -0.25 -67.62 -3.06
CA GLU O 239 -0.19 -69.01 -3.58
C GLU O 239 0.84 -69.72 -2.72
N GLY O 240 0.79 -69.44 -1.42
CA GLY O 240 1.73 -70.01 -0.44
C GLY O 240 2.72 -68.98 0.00
N PHE O 241 3.41 -69.19 1.11
CA PHE O 241 4.38 -68.19 1.61
C PHE O 241 5.48 -67.94 0.56
N GLY O 242 5.92 -66.69 0.45
CA GLY O 242 6.94 -66.26 -0.51
C GLY O 242 6.34 -65.75 -1.81
N THR O 243 5.01 -65.74 -1.92
CA THR O 243 4.36 -65.23 -3.13
C THR O 243 3.29 -64.21 -2.76
N LEU O 244 3.33 -63.70 -1.53
CA LEU O 244 2.26 -62.77 -1.10
C LEU O 244 2.25 -61.59 -2.06
N THR O 245 1.06 -61.21 -2.50
CA THR O 245 0.90 -60.16 -3.51
C THR O 245 -0.14 -59.15 -3.06
N SER O 246 0.02 -57.89 -3.44
CA SER O 246 -0.99 -56.87 -3.07
C SER O 246 -1.88 -56.70 -4.28
N GLN O 247 -3.16 -57.03 -4.17
CA GLN O 247 -4.06 -56.92 -5.31
C GLN O 247 -4.17 -55.46 -5.75
N ASP O 248 -4.59 -55.28 -7.01
CA ASP O 248 -4.76 -53.93 -7.54
C ASP O 248 -5.97 -53.24 -6.92
N HIS O 249 -7.07 -53.98 -6.77
CA HIS O 249 -8.33 -53.44 -6.26
C HIS O 249 -8.48 -53.83 -4.80
N GLN O 250 -8.30 -52.85 -3.91
CA GLN O 250 -8.38 -53.04 -2.43
C GLN O 250 -9.85 -52.98 -2.00
N ASP O 251 -10.33 -54.08 -1.41
CA ASP O 251 -11.78 -54.23 -1.11
C ASP O 251 -12.10 -54.32 0.38
N VAL O 252 -11.15 -54.66 1.23
CA VAL O 252 -11.46 -54.93 2.64
C VAL O 252 -11.06 -53.72 3.49
N ASP O 253 -11.87 -53.44 4.50
CA ASP O 253 -11.70 -52.33 5.43
C ASP O 253 -11.75 -52.88 6.85
N GLY O 254 -11.54 -52.01 7.82
CA GLY O 254 -11.59 -52.41 9.21
C GLY O 254 -11.14 -51.33 10.19
N CYS O 255 -11.51 -51.50 11.45
CA CYS O 255 -11.09 -50.60 12.51
C CYS O 255 -10.65 -51.40 13.73
N SER O 256 -10.01 -50.72 14.67
CA SER O 256 -9.50 -51.42 15.84
C SER O 256 -9.36 -50.47 17.02
N LYS O 257 -9.14 -51.08 18.18
CA LYS O 257 -8.81 -50.37 19.40
C LYS O 257 -7.94 -51.29 20.26
N PHE O 258 -6.90 -50.70 20.84
CA PHE O 258 -6.04 -51.39 21.80
C PHE O 258 -6.17 -50.67 23.13
N GLU O 259 -6.47 -51.44 24.17
CA GLU O 259 -6.65 -50.87 25.49
C GLU O 259 -6.40 -51.97 26.51
N ASN O 260 -6.00 -51.55 27.70
CA ASN O 260 -5.89 -52.43 28.88
C ASN O 260 -5.15 -53.71 28.53
N LYS O 261 -4.03 -53.55 27.84
CA LYS O 261 -3.10 -54.63 27.51
C LYS O 261 -3.72 -55.69 26.61
N LYS O 262 -4.73 -55.36 25.81
CA LYS O 262 -5.31 -56.31 24.88
C LYS O 262 -5.71 -55.61 23.59
N TRP O 263 -5.55 -56.32 22.47
CA TRP O 263 -5.90 -55.80 21.15
C TRP O 263 -7.28 -56.32 20.74
N THR O 264 -8.08 -55.43 20.16
CA THR O 264 -9.36 -55.80 19.55
C THR O 264 -9.37 -55.32 18.12
N VAL O 265 -9.48 -56.24 17.17
CA VAL O 265 -9.47 -55.92 15.74
C VAL O 265 -10.74 -56.46 15.11
N VAL O 266 -11.41 -55.61 14.34
CA VAL O 266 -12.62 -56.01 13.61
C VAL O 266 -12.41 -55.71 12.12
N PHE O 267 -12.77 -56.68 11.28
CA PHE O 267 -12.68 -56.58 9.84
C PHE O 267 -14.05 -56.29 9.25
N CYS O 268 -14.09 -55.51 8.19
CA CYS O 268 -15.43 -55.27 7.61
C CYS O 268 -15.30 -55.30 6.08
N ARG O 269 -16.02 -56.20 5.41
CA ARG O 269 -15.98 -56.32 3.93
C ARG O 269 -17.36 -56.74 3.43
N SER O 270 -17.70 -56.35 2.21
CA SER O 270 -18.99 -56.73 1.58
C SER O 270 -18.97 -58.23 1.27
N LEU O 271 -20.12 -58.90 1.38
CA LEU O 271 -20.17 -60.34 1.11
C LEU O 271 -19.77 -60.70 -0.29
N ASN O 272 -19.93 -59.79 -1.22
CA ASN O 272 -19.52 -60.08 -2.58
C ASN O 272 -18.95 -58.82 -3.21
N THR O 273 -17.96 -59.01 -4.07
CA THR O 273 -17.23 -57.92 -4.68
C THR O 273 -17.05 -58.19 -6.16
N GLY O 274 -16.94 -57.10 -6.93
CA GLY O 274 -16.69 -57.20 -8.36
C GLY O 274 -15.30 -57.67 -8.73
N ASP O 275 -14.38 -57.76 -7.76
CA ASP O 275 -13.05 -58.25 -8.04
C ASP O 275 -13.05 -59.78 -7.93
N PRO O 276 -12.71 -60.51 -9.00
CA PRO O 276 -12.79 -61.97 -8.95
C PRO O 276 -11.76 -62.64 -8.06
N LEU O 277 -10.73 -61.92 -7.60
CA LEU O 277 -9.67 -62.54 -6.82
C LEU O 277 -9.92 -62.53 -5.32
N ASP O 278 -11.11 -62.15 -4.89
CA ASP O 278 -11.50 -62.28 -3.50
C ASP O 278 -12.43 -63.46 -3.34
N VAL O 279 -12.35 -64.14 -2.19
CA VAL O 279 -13.34 -65.18 -1.92
C VAL O 279 -14.69 -64.52 -1.77
N GLN O 280 -15.71 -65.15 -2.33
CA GLN O 280 -17.05 -64.60 -2.39
C GLN O 280 -17.94 -65.43 -1.49
N PHE O 281 -18.54 -64.78 -0.50
CA PHE O 281 -19.42 -65.46 0.43
C PHE O 281 -20.87 -65.41 -0.05
N VAL O 282 -21.59 -66.46 0.34
CA VAL O 282 -23.04 -66.60 0.07
C VAL O 282 -23.65 -67.11 1.37
N PRO O 283 -24.72 -66.51 1.90
CA PRO O 283 -25.31 -67.01 3.13
C PRO O 283 -25.76 -68.46 2.96
N GLY O 284 -25.61 -69.24 4.04
CA GLY O 284 -25.95 -70.67 4.06
C GLY O 284 -24.83 -71.48 3.47
N GLU O 285 -23.68 -70.84 3.24
CA GLU O 285 -22.54 -71.56 2.62
C GLU O 285 -21.44 -71.76 3.66
N SER O 286 -20.67 -72.82 3.49
CA SER O 286 -19.58 -73.16 4.44
C SER O 286 -18.24 -73.10 3.71
N THR O 287 -17.21 -72.67 4.45
CA THR O 287 -15.81 -72.56 3.95
C THR O 287 -14.85 -72.62 5.14
N TYR O 288 -13.58 -72.37 4.88
CA TYR O 288 -12.54 -72.35 5.93
C TYR O 288 -11.86 -70.98 5.96
N PHE O 289 -11.19 -70.70 7.07
CA PHE O 289 -10.37 -69.55 7.37
C PHE O 289 -9.16 -70.00 8.18
N ASN O 290 -8.13 -69.16 8.19
CA ASN O 290 -6.95 -69.36 9.01
C ASN O 290 -6.48 -67.98 9.44
N MET O 291 -5.76 -67.93 10.56
CA MET O 291 -5.42 -66.64 11.14
C MET O 291 -3.98 -66.62 11.61
N ALA O 292 -3.45 -65.39 11.73
CA ALA O 292 -2.12 -65.15 12.27
C ALA O 292 -2.11 -63.79 12.95
N VAL O 293 -1.18 -63.61 13.88
CA VAL O 293 -1.02 -62.37 14.63
C VAL O 293 0.46 -62.03 14.76
N TRP O 294 0.76 -60.73 14.74
CA TRP O 294 2.12 -60.19 14.87
C TRP O 294 2.19 -59.25 16.06
N ASN O 295 3.33 -59.25 16.76
CA ASN O 295 3.62 -58.31 17.84
C ASN O 295 4.93 -57.59 17.50
N GLY O 296 4.83 -56.28 17.21
CA GLY O 296 6.02 -55.54 16.80
C GLY O 296 7.10 -55.49 17.87
N ASP O 297 6.72 -55.55 19.14
CA ASP O 297 7.68 -55.39 20.22
C ASP O 297 8.75 -56.48 20.20
N ARG O 298 8.38 -57.70 19.82
CA ARG O 298 9.32 -58.80 19.69
C ARG O 298 9.67 -59.09 18.23
N GLU O 299 9.57 -58.06 17.38
CA GLU O 299 10.05 -58.09 15.98
C GLU O 299 9.30 -59.11 15.13
N ASP O 300 7.98 -58.95 15.05
CA ASP O 300 7.19 -59.91 14.25
C ASP O 300 6.94 -59.29 12.89
N ARG O 301 7.46 -59.94 11.86
CA ARG O 301 7.35 -59.57 10.44
C ARG O 301 7.57 -60.83 9.59
N ASN O 302 7.41 -60.73 8.26
CA ASN O 302 7.60 -61.89 7.36
C ASN O 302 6.65 -62.96 7.86
N GLY O 303 7.18 -64.15 8.10
CA GLY O 303 6.45 -65.29 8.63
C GLY O 303 6.73 -65.40 10.11
N GLN O 304 7.53 -64.50 10.68
CA GLN O 304 7.79 -64.60 12.12
C GLN O 304 6.52 -64.07 12.77
N LYS O 305 5.41 -64.74 12.48
CA LYS O 305 4.03 -64.40 12.91
C LYS O 305 3.44 -65.58 13.69
N ASN O 306 2.58 -65.27 14.66
CA ASN O 306 1.95 -66.24 15.55
C ASN O 306 0.88 -66.96 14.74
N ILE O 307 1.22 -68.18 14.29
CA ILE O 307 0.44 -68.88 13.27
C ILE O 307 -0.65 -69.72 13.94
N SER O 308 -1.74 -69.92 13.18
CA SER O 308 -2.72 -70.96 13.43
C SER O 308 -2.38 -72.15 12.54
N ILE O 309 -2.25 -73.31 13.17
CA ILE O 309 -1.63 -74.49 12.54
C ILE O 309 -2.45 -74.98 11.34
N GLN O 310 -3.77 -74.94 11.46
CA GLN O 310 -4.65 -75.61 10.48
C GLN O 310 -5.68 -74.62 9.93
N TRP O 311 -6.50 -75.12 9.00
CA TRP O 311 -7.61 -74.36 8.44
C TRP O 311 -8.82 -74.48 9.36
N HIS O 312 -9.45 -73.39 9.63
CA HIS O 312 -10.59 -73.64 10.51
C HIS O 312 -11.90 -73.35 9.80
N PRO O 313 -12.87 -74.24 9.92
CA PRO O 313 -14.10 -74.11 9.15
C PRO O 313 -15.04 -73.08 9.72
N LEU O 314 -15.81 -72.47 8.82
CA LEU O 314 -16.78 -71.47 9.19
C LEU O 314 -18.03 -71.67 8.34
N SER O 315 -19.18 -71.32 8.91
CA SER O 315 -20.46 -71.41 8.22
C SER O 315 -21.23 -70.13 8.44
N LEU O 316 -21.90 -69.65 7.39
CA LEU O 316 -22.69 -68.42 7.44
C LEU O 316 -24.17 -68.75 7.48
N GLU O 317 -24.89 -68.06 8.36
CA GLU O 317 -26.33 -68.23 8.46
C GLU O 317 -27.04 -67.57 7.29
N ARG O 318 -28.24 -68.06 6.99
CA ARG O 318 -29.07 -67.50 5.95
C ARG O 318 -29.95 -66.39 6.50
N ILE O 319 -30.33 -65.47 5.60
CA ILE O 319 -31.06 -64.27 5.97
C ILE O 319 -32.43 -64.61 6.54
N ALA O 320 -32.99 -63.67 7.30
CA ALA O 320 -34.31 -63.89 7.88
C ALA O 320 -35.39 -63.92 6.79
N TRP O 321 -35.22 -63.13 5.74
CA TRP O 321 -36.09 -63.14 4.57
C TRP O 321 -37.56 -63.00 4.97
N GLN O 322 -37.87 -61.88 5.61
CA GLN O 322 -39.24 -61.59 6.00
C GLN O 322 -40.19 -61.56 4.80
N THR P 2 39.69 8.99 -61.08
CA THR P 2 40.30 7.68 -61.19
C THR P 2 39.42 6.70 -61.96
N LEU P 3 39.89 6.24 -63.11
CA LEU P 3 39.16 5.22 -63.84
C LEU P 3 39.45 3.85 -63.23
N VAL P 4 38.39 3.06 -63.02
CA VAL P 4 38.53 1.76 -62.37
C VAL P 4 37.72 0.73 -63.13
N HIS P 5 38.21 -0.51 -63.11
CA HIS P 5 37.60 -1.58 -63.87
C HIS P 5 36.42 -2.21 -63.13
N ASN P 6 35.29 -2.29 -63.83
CA ASN P 6 34.10 -2.98 -63.35
C ASN P 6 33.80 -4.09 -64.36
N TRP P 7 33.90 -5.35 -63.92
CA TRP P 7 33.68 -6.47 -64.84
C TRP P 7 32.19 -6.70 -65.13
N HIS P 8 31.29 -6.23 -64.27
CA HIS P 8 29.87 -6.31 -64.61
C HIS P 8 29.62 -5.52 -65.87
N LEU P 9 30.18 -4.31 -65.93
CA LEU P 9 30.09 -3.40 -67.06
C LEU P 9 31.12 -3.69 -68.15
N GLY P 10 32.14 -4.48 -67.88
CA GLY P 10 33.12 -4.75 -68.91
C GLY P 10 33.86 -3.51 -69.35
N ARG P 11 34.04 -2.56 -68.44
CA ARG P 11 34.78 -1.33 -68.83
C ARG P 11 35.41 -0.67 -67.63
N ARG P 12 36.33 0.25 -67.87
CA ARG P 12 36.89 1.08 -66.79
C ARG P 12 35.81 2.12 -66.48
N MET P 13 35.65 2.42 -65.20
CA MET P 13 34.58 3.24 -64.66
C MET P 13 35.16 4.35 -63.82
N GLU P 14 34.38 5.40 -63.60
CA GLU P 14 34.81 6.53 -62.79
C GLU P 14 34.44 6.29 -61.33
N TYR P 15 35.45 6.32 -60.45
CA TYR P 15 35.26 6.17 -59.01
C TYR P 15 36.24 7.09 -58.28
N PRO P 16 35.84 7.62 -57.12
CA PRO P 16 36.75 8.50 -56.37
C PRO P 16 38.05 7.84 -55.92
N TYR P 17 38.04 6.53 -55.63
CA TYR P 17 39.15 5.88 -54.97
C TYR P 17 39.84 4.85 -55.86
N PHE P 18 41.13 4.64 -55.58
CA PHE P 18 41.96 3.73 -56.35
C PHE P 18 41.46 2.29 -56.26
N GLU P 19 41.73 1.52 -57.31
CA GLU P 19 41.35 0.11 -57.36
C GLU P 19 42.04 -0.66 -56.23
N SER P 20 41.25 -1.33 -55.39
CA SER P 20 41.81 -2.18 -54.33
C SER P 20 40.78 -3.25 -53.94
N ARG P 21 41.00 -4.49 -54.38
CA ARG P 21 40.05 -5.58 -54.19
C ARG P 21 40.44 -6.51 -53.05
N PRO P 22 39.47 -7.20 -52.45
CA PRO P 22 39.76 -8.13 -51.36
C PRO P 22 40.32 -9.45 -51.87
N LYS P 23 40.86 -10.24 -50.93
CA LYS P 23 41.35 -11.58 -51.26
C LYS P 23 40.22 -12.45 -51.80
N HIS P 24 39.09 -12.45 -51.12
CA HIS P 24 37.86 -13.01 -51.66
C HIS P 24 36.71 -12.08 -51.25
N GLN P 25 35.65 -12.09 -52.04
CA GLN P 25 34.54 -11.17 -51.87
C GLN P 25 33.34 -11.91 -51.29
N PHE P 26 32.78 -11.37 -50.20
CA PHE P 26 31.54 -11.89 -49.65
C PHE P 26 30.46 -11.89 -50.73
N ALA P 27 29.94 -13.07 -51.05
CA ALA P 27 28.98 -13.18 -52.14
C ALA P 27 28.00 -14.31 -51.85
N ALA P 28 26.86 -14.23 -52.52
CA ALA P 28 25.81 -15.23 -52.38
C ALA P 28 24.97 -15.22 -53.66
N VAL P 29 24.31 -16.34 -53.91
CA VAL P 29 23.43 -16.49 -55.07
C VAL P 29 22.03 -16.82 -54.54
N PHE P 30 21.04 -16.09 -55.05
CA PHE P 30 19.66 -16.28 -54.64
C PHE P 30 18.90 -16.90 -55.82
N ASN P 31 18.33 -18.08 -55.59
CA ASN P 31 17.52 -18.73 -56.61
C ASN P 31 16.09 -18.22 -56.49
N ILE P 32 15.79 -17.17 -57.27
CA ILE P 32 14.46 -16.58 -57.24
C ILE P 32 13.41 -17.62 -57.59
N ASN P 33 13.79 -18.56 -58.46
CA ASN P 33 12.91 -19.64 -58.86
C ASN P 33 12.45 -20.50 -57.68
N ARG P 34 13.17 -20.50 -56.56
CA ARG P 34 12.75 -21.25 -55.38
C ARG P 34 12.10 -20.38 -54.31
N CYS P 35 12.08 -19.06 -54.48
CA CYS P 35 11.72 -18.17 -53.38
C CYS P 35 10.23 -18.22 -53.05
N ILE P 36 9.93 -17.87 -51.80
CA ILE P 36 8.59 -17.96 -51.25
C ILE P 36 8.05 -16.62 -50.75
N ALA P 37 8.88 -15.58 -50.69
CA ALA P 37 8.51 -14.31 -50.07
C ALA P 37 8.07 -14.55 -48.63
N CYS P 38 8.62 -15.58 -47.99
CA CYS P 38 8.27 -15.94 -46.63
C CYS P 38 8.83 -14.98 -45.60
N GLN P 39 9.80 -14.15 -45.97
CA GLN P 39 10.42 -13.17 -45.08
C GLN P 39 10.97 -13.80 -43.80
N THR P 40 11.28 -15.09 -43.82
CA THR P 40 12.00 -15.68 -42.71
C THR P 40 13.39 -15.08 -42.60
N CYS P 41 14.07 -14.91 -43.74
CA CYS P 41 15.32 -14.18 -43.76
C CYS P 41 15.15 -12.77 -43.21
N THR P 42 14.02 -12.13 -43.50
CA THR P 42 13.77 -10.77 -43.02
C THR P 42 13.72 -10.73 -41.50
N MET P 43 12.97 -11.65 -40.89
CA MET P 43 12.88 -11.68 -39.44
C MET P 43 14.16 -12.21 -38.79
N ALA P 44 14.97 -12.95 -39.54
CA ALA P 44 16.27 -13.38 -39.02
C ALA P 44 17.16 -12.18 -38.70
N CYS P 45 17.27 -11.24 -39.65
CA CYS P 45 18.07 -10.04 -39.41
C CYS P 45 17.41 -9.13 -38.39
N LYS P 46 16.08 -9.02 -38.43
CA LYS P 46 15.37 -8.13 -37.52
C LYS P 46 15.59 -8.55 -36.07
N SER P 47 15.33 -9.81 -35.74
CA SER P 47 15.44 -10.32 -34.38
C SER P 47 16.88 -10.34 -33.86
N THR P 48 17.86 -9.92 -34.66
CA THR P 48 19.27 -10.01 -34.27
C THR P 48 19.97 -8.67 -34.21
N TRP P 49 19.71 -7.78 -35.15
CA TRP P 49 20.47 -6.55 -35.27
C TRP P 49 19.63 -5.29 -35.23
N THR P 50 18.40 -5.31 -35.73
CA THR P 50 17.57 -4.11 -35.86
C THR P 50 16.30 -4.21 -35.03
N PHE P 51 16.40 -4.75 -33.82
CA PHE P 51 15.23 -5.05 -33.00
C PHE P 51 14.96 -4.00 -31.93
N ASN P 52 15.81 -2.99 -31.78
CA ASN P 52 15.77 -2.11 -30.63
C ASN P 52 15.33 -0.71 -31.04
N LYS P 53 15.42 0.22 -30.07
CA LYS P 53 14.91 1.58 -30.28
C LYS P 53 15.67 2.26 -31.41
N GLY P 54 14.94 3.06 -32.20
CA GLY P 54 15.50 3.72 -33.35
C GLY P 54 15.57 2.87 -34.60
N GLN P 55 15.34 1.56 -34.50
CA GLN P 55 15.42 0.65 -35.62
C GLN P 55 14.06 0.07 -35.99
N GLU P 56 12.98 0.79 -35.66
CA GLU P 56 11.63 0.27 -35.88
C GLU P 56 11.28 0.17 -37.36
N PHE P 57 11.77 1.10 -38.17
CA PHE P 57 11.50 1.08 -39.60
C PHE P 57 12.56 0.37 -40.41
N MET P 58 13.65 -0.08 -39.77
CA MET P 58 14.81 -0.58 -40.48
C MET P 58 14.63 -2.07 -40.76
N TRP P 59 14.71 -2.44 -42.04
CA TRP P 59 14.64 -3.83 -42.49
C TRP P 59 15.81 -4.05 -43.43
N TRP P 60 16.96 -4.41 -42.86
CA TRP P 60 18.17 -4.61 -43.66
C TRP P 60 17.98 -5.71 -44.69
N ASN P 61 17.35 -6.82 -44.29
CA ASN P 61 16.93 -7.86 -45.22
C ASN P 61 15.47 -7.63 -45.54
N ASN P 62 15.15 -7.56 -46.83
CA ASN P 62 13.80 -7.36 -47.28
C ASN P 62 13.55 -8.22 -48.50
N VAL P 63 12.34 -8.77 -48.59
CA VAL P 63 11.89 -9.44 -49.80
C VAL P 63 10.71 -8.63 -50.32
N GLU P 64 10.83 -8.15 -51.55
CA GLU P 64 9.80 -7.32 -52.15
C GLU P 64 9.27 -8.04 -53.37
N THR P 65 7.97 -7.95 -53.60
CA THR P 65 7.37 -8.61 -54.75
C THR P 65 7.42 -7.61 -55.90
N LYS P 66 8.37 -7.81 -56.80
CA LYS P 66 8.52 -6.96 -57.97
C LYS P 66 7.52 -7.40 -59.03
N PRO P 67 7.10 -6.48 -59.92
CA PRO P 67 7.66 -5.14 -60.19
C PRO P 67 7.09 -3.96 -59.42
N TYR P 68 5.89 -4.07 -58.85
CA TYR P 68 5.28 -2.91 -58.22
C TYR P 68 5.80 -2.67 -56.80
N GLY P 69 6.34 -3.70 -56.13
CA GLY P 69 6.73 -3.59 -54.75
C GLY P 69 8.15 -3.09 -54.53
N GLY P 70 8.43 -2.65 -53.30
CA GLY P 70 9.78 -2.22 -52.94
C GLY P 70 9.85 -1.68 -51.53
N PHE P 71 11.06 -1.76 -50.98
CA PHE P 71 11.38 -1.16 -49.68
C PHE P 71 12.72 -0.46 -49.82
N PRO P 72 12.76 0.88 -49.81
CA PRO P 72 11.66 1.84 -49.65
C PRO P 72 10.75 1.85 -50.86
N GLN P 73 9.61 2.53 -50.75
CA GLN P 73 8.61 2.49 -51.81
C GLN P 73 9.18 3.00 -53.13
N SER P 74 9.07 2.17 -54.16
CA SER P 74 9.45 2.50 -55.52
C SER P 74 10.90 2.98 -55.60
N TRP P 75 11.78 2.30 -54.86
CA TRP P 75 13.18 2.72 -54.81
C TRP P 75 13.90 2.52 -56.15
N ASP P 76 13.55 1.47 -56.88
CA ASP P 76 14.15 1.22 -58.18
C ASP P 76 13.77 2.30 -59.19
N VAL P 77 12.47 2.56 -59.31
CA VAL P 77 11.97 3.48 -60.33
C VAL P 77 12.49 4.88 -60.07
N LYS P 78 12.57 5.28 -58.80
CA LYS P 78 13.08 6.60 -58.47
C LYS P 78 14.54 6.75 -58.88
N THR P 79 15.37 5.74 -58.58
CA THR P 79 16.80 5.83 -58.90
C THR P 79 17.05 5.61 -60.39
N LEU P 80 16.30 4.71 -61.02
CA LEU P 80 16.48 4.48 -62.45
C LEU P 80 16.10 5.72 -63.25
N LYS P 81 15.23 6.57 -62.69
CA LYS P 81 14.88 7.83 -63.35
C LYS P 81 15.99 8.85 -63.24
N LEU P 82 16.85 8.74 -62.22
CA LEU P 82 17.99 9.63 -62.06
C LEU P 82 19.13 9.30 -63.01
N ILE P 83 19.06 8.18 -63.72
CA ILE P 83 20.11 7.78 -64.66
C ILE P 83 19.51 7.51 -66.03
N ASP P 84 18.25 7.90 -66.24
CA ASP P 84 17.57 7.60 -67.49
C ASP P 84 18.22 8.36 -68.65
N SER P 85 18.69 7.62 -69.65
CA SER P 85 19.30 8.20 -70.83
C SER P 85 19.15 7.24 -71.99
N PRO P 86 19.00 7.74 -73.21
CA PRO P 86 18.98 6.85 -74.38
C PRO P 86 20.29 6.12 -74.61
N ASP P 87 21.36 6.47 -73.89
CA ASP P 87 22.65 5.84 -74.09
C ASP P 87 22.88 4.64 -73.17
N ASN P 88 21.90 4.27 -72.33
CA ASN P 88 22.03 3.10 -71.45
C ASN P 88 21.60 1.85 -72.20
N ILE P 89 22.55 1.25 -72.90
CA ILE P 89 22.28 0.09 -73.73
C ILE P 89 23.51 -0.81 -73.70
N TRP P 90 23.30 -2.11 -73.59
CA TRP P 90 24.40 -3.06 -73.54
C TRP P 90 24.78 -3.53 -74.93
N TYR P 91 26.08 -3.79 -75.12
CA TYR P 91 26.58 -4.33 -76.38
C TYR P 91 27.22 -5.68 -76.09
N THR P 92 26.64 -6.73 -76.71
CA THR P 92 26.87 -8.13 -76.37
C THR P 92 27.94 -8.79 -77.23
N ASP P 93 28.34 -8.14 -78.32
CA ASP P 93 29.12 -8.84 -79.34
C ASP P 93 30.50 -9.27 -78.82
N ASP P 94 31.17 -8.39 -78.08
CA ASP P 94 32.55 -8.64 -77.67
C ASP P 94 32.66 -9.02 -76.20
N LYS P 95 31.74 -9.85 -75.70
CA LYS P 95 31.87 -10.37 -74.34
C LYS P 95 33.03 -11.36 -74.28
N ASP P 96 33.62 -11.53 -73.09
CA ASP P 96 34.76 -12.44 -72.95
C ASP P 96 34.38 -13.81 -73.49
N LYS P 97 35.28 -14.38 -74.29
CA LYS P 97 35.04 -15.72 -74.80
C LYS P 97 35.27 -16.78 -73.73
N GLU P 98 36.30 -16.62 -72.92
CA GLU P 98 36.59 -17.53 -71.82
C GLU P 98 36.39 -16.78 -70.51
N THR P 99 36.06 -17.53 -69.47
CA THR P 99 35.86 -16.94 -68.15
C THR P 99 37.16 -16.34 -67.64
N SER P 100 37.12 -15.03 -67.38
CA SER P 100 38.33 -14.35 -66.98
C SER P 100 38.62 -14.60 -65.50
N GLN P 101 39.79 -14.16 -65.07
CA GLN P 101 40.24 -14.38 -63.72
C GLN P 101 39.45 -13.47 -62.77
N TYR P 102 39.53 -13.76 -61.47
CA TYR P 102 38.79 -13.03 -60.46
C TYR P 102 39.07 -11.52 -60.54
N GLY P 103 37.99 -10.76 -60.68
CA GLY P 103 38.04 -9.31 -60.71
C GLY P 103 38.30 -8.66 -62.06
N THR P 104 38.37 -9.43 -63.14
CA THR P 104 38.64 -8.88 -64.48
C THR P 104 37.63 -9.44 -65.47
N GLY P 105 37.55 -8.78 -66.62
CA GLY P 105 36.78 -9.25 -67.77
C GLY P 105 35.56 -8.38 -68.04
N ALA P 106 34.77 -8.84 -69.02
CA ALA P 106 33.52 -8.25 -69.51
C ALA P 106 32.58 -9.39 -69.89
N PRO P 107 32.33 -10.38 -69.02
CA PRO P 107 31.59 -11.55 -69.42
C PRO P 107 30.19 -11.21 -69.90
N TYR P 108 29.56 -10.26 -69.25
CA TYR P 108 28.19 -9.84 -69.61
C TYR P 108 28.19 -9.09 -70.94
N GLY P 109 29.22 -8.28 -71.18
CA GLY P 109 29.29 -7.42 -72.38
C GLY P 109 29.83 -6.06 -71.99
N THR P 110 29.45 -5.01 -72.70
CA THR P 110 29.91 -3.67 -72.34
C THR P 110 28.69 -2.76 -72.25
N TYR P 111 28.52 -2.13 -71.10
CA TYR P 111 27.39 -1.23 -70.87
C TYR P 111 27.82 0.19 -71.23
N GLU P 112 27.15 0.80 -72.19
CA GLU P 112 27.56 2.12 -72.66
C GLU P 112 26.78 3.24 -71.99
N GLY P 113 26.01 2.92 -70.95
CA GLY P 113 25.32 3.92 -70.16
C GLY P 113 26.18 4.46 -69.02
N ASP P 114 25.69 5.54 -68.43
CA ASP P 114 26.42 6.21 -67.35
C ASP P 114 26.01 5.62 -66.00
N THR P 115 27.01 5.33 -65.16
CA THR P 115 26.79 4.93 -63.79
C THR P 115 26.47 6.15 -62.94
N ILE P 116 25.93 5.90 -61.74
CA ILE P 116 25.53 6.98 -60.85
C ILE P 116 26.69 7.91 -60.55
N PHE P 117 27.93 7.41 -60.58
CA PHE P 117 29.09 8.26 -60.34
C PHE P 117 29.37 9.17 -61.52
N GLU P 118 29.39 8.62 -62.74
CA GLU P 118 29.73 9.44 -63.91
C GLU P 118 28.58 10.35 -64.33
N VAL P 119 27.31 10.00 -64.06
CA VAL P 119 26.24 10.96 -64.31
C VAL P 119 26.50 12.23 -63.51
N ALA P 120 26.89 12.06 -62.25
CA ALA P 120 27.22 13.20 -61.40
C ALA P 120 28.42 13.96 -61.94
N LYS P 121 29.40 13.23 -62.48
CA LYS P 121 30.58 13.88 -63.04
C LYS P 121 30.20 14.64 -64.32
N LYS P 122 29.42 14.01 -65.19
CA LYS P 122 29.02 14.63 -66.46
C LYS P 122 28.06 15.79 -66.25
N LYS P 123 27.17 15.70 -65.27
CA LYS P 123 26.18 16.76 -65.07
C LYS P 123 26.69 17.85 -64.14
N ASN P 124 27.90 17.68 -63.59
CA ASN P 124 28.54 18.63 -62.69
C ASN P 124 27.61 19.06 -61.56
N ILE P 125 26.95 18.09 -60.93
CA ILE P 125 26.14 18.36 -59.74
C ILE P 125 26.99 18.64 -58.51
N ASN P 126 28.31 18.47 -58.60
CA ASN P 126 29.21 18.64 -57.47
C ASN P 126 28.87 17.71 -56.31
N GLN P 127 28.57 16.46 -56.66
CA GLN P 127 28.41 15.38 -55.71
C GLN P 127 29.01 14.13 -56.33
N TRP P 128 29.35 13.16 -55.48
CA TRP P 128 30.03 11.97 -55.99
C TRP P 128 29.06 11.09 -56.77
N ALA P 129 27.78 11.14 -56.45
CA ALA P 129 26.78 10.35 -57.18
C ALA P 129 25.42 11.00 -57.02
N VAL P 130 24.56 10.77 -58.00
CA VAL P 130 23.17 11.22 -57.92
C VAL P 130 22.41 10.32 -56.97
N GLY P 131 21.38 10.86 -56.33
CA GLY P 131 20.60 10.07 -55.42
C GLY P 131 19.56 10.93 -54.71
N TYR P 132 18.95 10.31 -53.70
CA TYR P 132 17.94 10.97 -52.89
C TYR P 132 17.87 10.27 -51.54
N ILE P 133 17.37 11.00 -50.55
CA ILE P 133 17.12 10.46 -49.21
C ILE P 133 15.63 10.11 -49.13
N PRO P 134 15.27 8.84 -48.99
CA PRO P 134 13.86 8.51 -48.82
C PRO P 134 13.32 9.12 -47.53
N GLU P 135 12.22 9.86 -47.67
CA GLU P 135 11.60 10.51 -46.53
C GLU P 135 10.96 9.45 -45.62
N ASP P 136 10.75 9.83 -44.36
CA ASP P 136 10.27 8.87 -43.36
C ASP P 136 8.99 8.15 -43.79
N LYS P 137 8.15 8.81 -44.60
CA LYS P 137 6.92 8.15 -45.05
C LYS P 137 7.17 7.09 -46.10
N GLU P 138 8.31 7.15 -46.80
CA GLU P 138 8.62 6.15 -47.81
C GLU P 138 9.32 4.93 -47.24
N TRP P 139 9.71 4.98 -45.96
CA TRP P 139 10.21 3.80 -45.28
C TRP P 139 9.07 2.98 -44.69
N ARG P 140 7.84 3.50 -44.71
CA ARG P 140 6.68 2.72 -44.33
C ARG P 140 6.43 1.64 -45.37
N SER P 141 5.53 0.73 -45.02
CA SER P 141 5.11 -0.31 -45.96
C SER P 141 6.28 -1.15 -46.48
N PRO P 142 6.96 -1.90 -45.62
CA PRO P 142 8.07 -2.73 -46.12
C PRO P 142 7.63 -3.80 -47.08
N ASN P 143 6.38 -4.27 -46.98
CA ASN P 143 5.80 -5.21 -47.92
C ASN P 143 4.97 -4.52 -48.98
N PHE P 144 5.33 -3.27 -49.30
CA PHE P 144 4.67 -2.49 -50.33
C PHE P 144 4.47 -3.31 -51.61
N GLY P 145 3.24 -3.31 -52.12
CA GLY P 145 2.95 -4.02 -53.35
C GLY P 145 3.04 -5.53 -53.27
N GLU P 146 2.71 -6.12 -52.13
CA GLU P 146 2.77 -7.57 -51.99
C GLU P 146 1.83 -8.28 -52.97
N ASP P 147 2.39 -9.24 -53.70
CA ASP P 147 1.63 -10.17 -54.55
C ASP P 147 0.70 -9.47 -55.53
N THR P 148 1.06 -8.27 -55.96
CA THR P 148 0.30 -7.55 -56.98
C THR P 148 0.97 -7.78 -58.32
N ALA P 149 0.23 -8.34 -59.27
CA ALA P 149 0.81 -8.73 -60.54
C ALA P 149 0.65 -7.64 -61.58
N LYS P 150 1.53 -7.66 -62.57
CA LYS P 150 1.36 -6.84 -63.75
C LYS P 150 0.47 -7.61 -64.72
N SER P 151 -0.57 -6.95 -65.20
CA SER P 151 -1.57 -7.61 -66.07
C SER P 151 -1.68 -6.86 -67.38
N SER P 152 -1.91 -7.57 -68.47
CA SER P 152 -2.12 -6.96 -69.81
C SER P 152 -3.40 -6.14 -69.77
N ASN P 153 -4.41 -6.67 -69.07
CA ASN P 153 -5.77 -6.12 -68.82
C ASN P 153 -6.69 -6.47 -69.98
N GLN P 154 -6.20 -7.28 -70.91
CA GLN P 154 -7.03 -7.73 -72.05
C GLN P 154 -7.80 -8.95 -71.56
N PRO P 155 -9.08 -9.13 -71.91
CA PRO P 155 -9.92 -10.21 -71.37
C PRO P 155 -9.40 -11.55 -71.82
N GLY P 156 -9.76 -12.59 -71.06
CA GLY P 156 -9.27 -13.91 -71.33
C GLY P 156 -7.78 -14.07 -71.13
N GLU P 157 -7.17 -13.17 -70.36
CA GLU P 157 -5.73 -13.21 -70.15
C GLU P 157 -5.36 -14.47 -69.38
N TYR P 158 -4.24 -15.08 -69.74
CA TYR P 158 -3.78 -16.28 -69.06
C TYR P 158 -2.27 -16.23 -68.98
N SER P 159 -1.72 -17.03 -68.06
CA SER P 159 -0.30 -17.02 -67.77
C SER P 159 0.28 -18.36 -68.19
N THR P 160 1.30 -18.33 -69.05
CA THR P 160 1.98 -19.53 -69.52
C THR P 160 3.44 -19.24 -69.70
N LEU P 161 4.24 -20.30 -69.74
CA LEU P 161 5.63 -20.15 -70.09
C LEU P 161 5.73 -19.90 -71.60
N PRO P 162 6.78 -19.18 -72.05
CA PRO P 162 7.95 -18.65 -71.35
C PRO P 162 7.74 -17.30 -70.65
N GLU P 163 6.71 -16.54 -71.01
CA GLU P 163 6.44 -15.26 -70.37
C GLU P 163 4.99 -15.21 -69.91
N HIS P 164 4.79 -14.98 -68.62
CA HIS P 164 3.46 -14.91 -68.05
C HIS P 164 2.85 -13.54 -68.35
N SER P 165 1.67 -13.55 -68.97
CA SER P 165 0.96 -12.30 -69.20
C SER P 165 0.64 -11.60 -67.88
N ARG P 166 0.05 -12.33 -66.94
CA ARG P 166 -0.16 -11.86 -65.57
C ARG P 166 0.94 -12.44 -64.72
N TRP P 167 1.78 -11.58 -64.14
CA TRP P 167 3.00 -12.08 -63.53
C TRP P 167 3.46 -11.16 -62.40
N PHE P 168 4.25 -11.74 -61.50
CA PHE P 168 4.99 -11.02 -60.48
C PHE P 168 5.98 -12.00 -59.87
N PHE P 169 7.09 -11.48 -59.36
CA PHE P 169 8.11 -12.34 -58.76
C PHE P 169 8.71 -11.66 -57.54
N TYR P 170 9.58 -12.38 -56.84
CA TYR P 170 10.11 -11.98 -55.54
C TYR P 170 11.57 -11.62 -55.68
N LEU P 171 11.95 -10.48 -55.10
CA LEU P 171 13.33 -10.02 -55.09
C LEU P 171 13.81 -9.97 -53.65
N GLN P 172 14.88 -10.71 -53.36
CA GLN P 172 15.40 -10.86 -52.01
C GLN P 172 16.63 -9.98 -51.89
N ARG P 173 16.55 -8.98 -51.03
CA ARG P 173 17.47 -7.85 -51.10
C ARG P 173 18.12 -7.59 -49.74
N ILE P 174 19.45 -7.54 -49.75
CA ILE P 174 20.24 -7.07 -48.60
C ILE P 174 21.28 -6.09 -49.12
N CYS P 175 22.15 -5.62 -48.23
CA CYS P 175 23.32 -4.87 -48.68
C CYS P 175 24.18 -5.76 -49.58
N ASN P 176 24.43 -5.30 -50.80
CA ASN P 176 25.18 -6.08 -51.76
C ASN P 176 26.68 -6.08 -51.49
N HIS P 177 27.15 -5.28 -50.53
CA HIS P 177 28.58 -5.17 -50.20
C HIS P 177 29.41 -4.97 -51.47
N CYS P 178 29.08 -3.89 -52.16
CA CYS P 178 29.56 -3.64 -53.51
C CYS P 178 31.08 -3.45 -53.55
N THR P 179 31.67 -3.80 -54.68
CA THR P 179 33.08 -3.51 -54.90
C THR P 179 33.31 -2.00 -54.96
N TYR P 180 32.40 -1.27 -55.59
CA TYR P 180 32.44 0.18 -55.68
C TYR P 180 31.17 0.75 -55.07
N PRO P 181 31.03 0.66 -53.75
CA PRO P 181 29.78 1.08 -53.12
C PRO P 181 29.60 2.60 -53.20
N GLY P 182 28.36 3.01 -53.46
CA GLY P 182 28.07 4.43 -53.48
C GLY P 182 28.14 5.07 -52.10
N CYS P 183 27.77 4.31 -51.07
CA CYS P 183 27.83 4.84 -49.71
C CYS P 183 29.25 5.16 -49.29
N LEU P 184 30.20 4.27 -49.62
CA LEU P 184 31.59 4.51 -49.27
C LEU P 184 32.13 5.76 -49.96
N ALA P 185 31.82 5.94 -51.24
CA ALA P 185 32.26 7.13 -51.94
C ALA P 185 31.54 8.38 -51.47
N ALA P 186 30.32 8.23 -50.95
CA ALA P 186 29.53 9.39 -50.55
C ALA P 186 30.05 10.03 -49.27
N CYS P 187 30.39 9.22 -48.27
CA CYS P 187 30.74 9.72 -46.94
C CYS P 187 31.96 10.63 -46.98
N PRO P 188 31.82 11.92 -46.64
CA PRO P 188 32.98 12.82 -46.61
C PRO P 188 33.93 12.56 -45.45
N ARG P 189 33.52 11.80 -44.44
CA ARG P 189 34.38 11.44 -43.32
C ARG P 189 35.18 10.17 -43.57
N LYS P 190 34.96 9.50 -44.71
CA LYS P 190 35.53 8.18 -44.96
C LYS P 190 35.25 7.25 -43.78
N ALA P 191 34.02 7.34 -43.25
CA ALA P 191 33.56 6.51 -42.15
C ALA P 191 32.98 5.18 -42.64
N ILE P 192 32.79 5.03 -43.94
CA ILE P 192 32.39 3.78 -44.55
C ILE P 192 33.66 3.12 -45.06
N TYR P 193 33.89 1.87 -44.69
CA TYR P 193 35.12 1.21 -45.09
C TYR P 193 34.82 -0.21 -45.54
N LYS P 194 35.63 -0.67 -46.49
CA LYS P 194 35.52 -2.00 -47.05
C LYS P 194 36.65 -2.86 -46.51
N ARG P 195 36.30 -4.00 -45.92
CA ARG P 195 37.31 -4.87 -45.35
C ARG P 195 38.06 -5.62 -46.45
N LYS P 196 39.39 -5.68 -46.31
CA LYS P 196 40.23 -6.30 -47.31
C LYS P 196 40.19 -7.82 -47.22
N GLU P 197 39.74 -8.36 -46.09
CA GLU P 197 39.72 -9.81 -45.90
C GLU P 197 38.57 -10.46 -46.65
N ASP P 198 37.37 -9.87 -46.57
CA ASP P 198 36.17 -10.49 -47.11
C ASP P 198 35.30 -9.53 -47.91
N GLY P 199 35.67 -8.25 -48.01
CA GLY P 199 34.89 -7.31 -48.78
C GLY P 199 33.64 -6.79 -48.10
N ILE P 200 33.53 -6.96 -46.78
CA ILE P 200 32.37 -6.48 -46.05
C ILE P 200 32.49 -4.98 -45.84
N VAL P 201 31.43 -4.24 -46.15
CA VAL P 201 31.38 -2.79 -46.02
C VAL P 201 30.68 -2.44 -44.71
N LEU P 202 31.28 -1.54 -43.94
CA LEU P 202 30.81 -1.24 -42.59
C LEU P 202 30.74 0.27 -42.38
N ILE P 203 29.84 0.66 -41.48
CA ILE P 203 29.72 2.04 -41.02
C ILE P 203 30.43 2.13 -39.67
N ASP P 204 31.45 2.98 -39.58
CA ASP P 204 32.14 3.16 -38.31
C ASP P 204 31.20 3.84 -37.33
N GLN P 205 30.70 3.07 -36.36
CA GLN P 205 29.75 3.61 -35.40
C GLN P 205 30.40 4.54 -34.39
N LYS P 206 31.71 4.44 -34.20
CA LYS P 206 32.43 5.38 -33.34
C LYS P 206 32.60 6.74 -34.00
N ARG P 207 32.75 6.78 -35.33
CA ARG P 207 33.10 8.00 -36.03
C ARG P 207 31.98 8.56 -36.89
N CYS P 208 30.92 7.82 -37.14
CA CYS P 208 29.82 8.34 -37.94
C CYS P 208 29.19 9.55 -37.25
N ARG P 209 28.80 10.55 -38.05
CA ARG P 209 28.21 11.77 -37.53
C ARG P 209 26.83 12.04 -38.13
N GLY P 210 26.18 11.02 -38.68
CA GLY P 210 24.85 11.17 -39.24
C GLY P 210 24.76 12.10 -40.43
N TYR P 211 25.72 12.03 -41.35
CA TYR P 211 25.71 12.88 -42.53
C TYR P 211 24.71 12.41 -43.58
N ARG P 212 24.29 11.16 -43.54
CA ARG P 212 23.23 10.63 -44.39
C ARG P 212 23.57 10.70 -45.88
N LYS P 213 24.81 11.03 -46.23
CA LYS P 213 25.19 10.99 -47.65
C LYS P 213 25.20 9.55 -48.15
N CYS P 214 25.61 8.61 -47.29
CA CYS P 214 25.46 7.20 -47.61
C CYS P 214 24.01 6.85 -47.87
N VAL P 215 23.10 7.35 -47.03
CA VAL P 215 21.67 7.15 -47.26
C VAL P 215 21.23 7.80 -48.57
N GLU P 216 21.82 8.94 -48.93
CA GLU P 216 21.40 9.67 -50.11
C GLU P 216 21.82 8.96 -51.39
N GLN P 217 23.10 8.59 -51.49
CA GLN P 217 23.68 8.21 -52.78
C GLN P 217 23.79 6.70 -52.96
N CYS P 218 23.48 5.90 -51.96
CA CYS P 218 23.42 4.45 -52.17
C CYS P 218 22.19 4.14 -53.01
N PRO P 219 22.34 3.60 -54.22
CA PRO P 219 21.16 3.37 -55.08
C PRO P 219 20.24 2.29 -54.56
N TYR P 220 20.71 1.43 -53.66
CA TYR P 220 19.89 0.35 -53.11
C TYR P 220 19.26 0.71 -51.78
N LYS P 221 19.60 1.86 -51.20
CA LYS P 221 18.92 2.41 -50.03
C LYS P 221 19.00 1.47 -48.83
N LYS P 222 20.14 0.81 -48.68
CA LYS P 222 20.42 -0.04 -47.52
C LYS P 222 20.86 0.74 -46.28
N PRO P 223 21.72 1.76 -46.40
CA PRO P 223 22.07 2.56 -45.22
C PRO P 223 20.85 3.30 -44.69
N MET P 224 20.63 3.19 -43.37
CA MET P 224 19.44 3.74 -42.74
C MET P 224 19.82 4.54 -41.50
N TYR P 225 19.16 5.67 -41.33
CA TYR P 225 19.39 6.58 -40.21
C TYR P 225 18.54 6.08 -39.04
N ARG P 226 19.18 5.90 -37.88
CA ARG P 226 18.47 5.32 -36.74
C ARG P 226 17.69 6.35 -35.94
N GLY P 227 18.18 7.58 -35.82
CA GLY P 227 17.48 8.61 -35.08
C GLY P 227 17.68 8.53 -33.58
N LEU P 228 17.63 7.34 -33.00
CA LEU P 228 17.87 7.22 -31.57
C LEU P 228 19.32 7.56 -31.27
N THR P 229 20.23 6.98 -32.03
CA THR P 229 21.67 7.20 -31.88
C THR P 229 22.15 8.36 -32.74
N ARG P 230 21.27 8.92 -33.58
CA ARG P 230 21.61 10.02 -34.48
C ARG P 230 22.78 9.65 -35.40
N VAL P 231 22.87 8.37 -35.75
CA VAL P 231 23.90 7.84 -36.64
C VAL P 231 23.23 6.92 -37.62
N SER P 232 23.95 6.59 -38.69
CA SER P 232 23.44 5.68 -39.70
C SER P 232 23.93 4.27 -39.45
N GLU P 233 23.13 3.29 -39.88
CA GLU P 233 23.46 1.89 -39.74
C GLU P 233 23.23 1.17 -41.07
N LYS P 234 23.78 -0.02 -41.19
CA LYS P 234 23.64 -0.80 -42.41
C LYS P 234 23.84 -2.28 -42.09
N CYS P 235 23.52 -3.11 -43.08
CA CYS P 235 23.79 -4.54 -42.98
C CYS P 235 25.27 -4.79 -42.78
N ILE P 236 25.59 -5.58 -41.75
CA ILE P 236 26.98 -5.89 -41.41
C ILE P 236 27.43 -7.24 -41.96
N ALA P 237 26.61 -7.86 -42.82
CA ALA P 237 26.89 -9.19 -43.36
C ALA P 237 27.10 -10.23 -42.27
N CYS P 238 26.51 -10.01 -41.11
CA CYS P 238 26.68 -10.86 -39.93
C CYS P 238 28.15 -11.24 -39.76
N TYR P 239 29.00 -10.22 -39.70
CA TYR P 239 30.43 -10.46 -39.71
C TYR P 239 30.97 -11.24 -38.52
N PRO P 240 30.39 -11.21 -37.31
CA PRO P 240 30.88 -12.13 -36.27
C PRO P 240 30.66 -13.59 -36.63
N ARG P 241 29.58 -13.91 -37.36
CA ARG P 241 29.34 -15.29 -37.76
C ARG P 241 30.32 -15.73 -38.84
N ILE P 242 30.64 -14.83 -39.78
CA ILE P 242 31.61 -15.15 -40.82
C ILE P 242 33.00 -15.31 -40.21
N GLU P 243 33.31 -14.52 -39.19
CA GLU P 243 34.59 -14.66 -38.50
C GLU P 243 34.69 -15.94 -37.68
N GLY P 244 33.63 -16.74 -37.64
CA GLY P 244 33.66 -18.01 -36.92
C GLY P 244 33.53 -17.89 -35.42
N ARG P 245 32.79 -16.91 -34.92
CA ARG P 245 32.67 -16.64 -33.51
C ARG P 245 31.41 -17.23 -32.89
N ASP P 246 30.70 -18.08 -33.62
CA ASP P 246 29.53 -18.79 -33.10
C ASP P 246 29.93 -20.24 -32.86
N SER P 247 29.71 -20.71 -31.62
CA SER P 247 30.14 -22.04 -31.22
C SER P 247 29.43 -23.16 -31.96
N LEU P 248 28.41 -22.84 -32.78
CA LEU P 248 27.71 -23.88 -33.52
C LEU P 248 28.56 -24.47 -34.64
N THR P 249 29.41 -23.66 -35.26
CA THR P 249 30.26 -24.12 -36.36
C THR P 249 31.67 -24.47 -35.91
N ASP P 250 31.94 -24.43 -34.60
CA ASP P 250 33.22 -24.86 -34.03
C ASP P 250 34.39 -24.11 -34.67
N GLY P 251 34.32 -22.78 -34.66
CA GLY P 251 35.38 -21.93 -35.16
C GLY P 251 35.40 -21.72 -36.65
N ARG P 252 34.57 -22.43 -37.41
CA ARG P 252 34.51 -22.30 -38.85
C ARG P 252 33.66 -21.09 -39.26
N PRO P 253 33.98 -20.48 -40.41
CA PRO P 253 33.11 -19.41 -40.92
C PRO P 253 31.70 -19.91 -41.16
N MET P 254 30.73 -19.17 -40.62
CA MET P 254 29.33 -19.55 -40.68
C MET P 254 28.58 -18.59 -41.59
N GLU P 255 27.62 -19.12 -42.34
CA GLU P 255 26.84 -18.27 -43.22
C GLU P 255 26.06 -17.25 -42.41
N THR P 256 25.64 -16.15 -43.04
CA THR P 256 24.96 -15.05 -42.29
C THR P 256 23.61 -15.52 -41.79
N ARG P 257 23.09 -14.83 -40.79
CA ARG P 257 21.82 -15.19 -40.11
C ARG P 257 20.71 -15.14 -41.12
N CYS P 258 20.79 -14.19 -42.01
CA CYS P 258 19.69 -14.20 -42.98
C CYS P 258 19.85 -15.31 -44.02
N MET P 259 21.09 -15.66 -44.38
CA MET P 259 21.28 -16.71 -45.38
C MET P 259 20.91 -18.08 -44.82
N SER P 260 21.30 -18.39 -43.59
CA SER P 260 20.99 -19.69 -43.02
C SER P 260 19.50 -19.87 -42.80
N ALA P 261 18.76 -18.78 -42.64
CA ALA P 261 17.33 -18.82 -42.39
C ALA P 261 16.49 -19.13 -43.62
N CYS P 262 17.08 -19.09 -44.82
CA CYS P 262 16.30 -19.15 -46.05
C CYS P 262 15.52 -20.46 -46.16
N VAL P 263 14.21 -20.35 -46.29
CA VAL P 263 13.34 -21.52 -46.13
C VAL P 263 13.21 -22.31 -47.42
N GLY P 264 13.03 -21.61 -48.53
CA GLY P 264 12.83 -22.31 -49.79
C GLY P 264 14.12 -22.75 -50.43
N GLN P 265 15.17 -22.91 -49.62
CA GLN P 265 16.48 -23.38 -50.08
C GLN P 265 16.94 -22.64 -51.32
N ILE P 266 16.87 -21.31 -51.27
CA ILE P 266 17.22 -20.49 -52.43
C ILE P 266 18.59 -19.82 -52.30
N ARG P 267 19.15 -19.73 -51.10
CA ARG P 267 20.33 -18.93 -50.84
C ARG P 267 21.51 -19.83 -50.46
N LEU P 268 22.63 -19.63 -51.15
CA LEU P 268 23.91 -20.22 -50.78
C LEU P 268 24.91 -19.09 -50.71
N GLN P 269 25.54 -18.89 -49.56
CA GLN P 269 26.46 -17.80 -49.33
C GLN P 269 27.87 -18.32 -49.13
N GLY P 270 28.83 -17.65 -49.74
CA GLY P 270 30.23 -18.02 -49.63
C GLY P 270 31.14 -16.86 -50.01
N PHE P 271 32.20 -17.14 -50.75
CA PHE P 271 33.10 -16.11 -51.22
C PHE P 271 33.42 -16.32 -52.69
N LEU P 272 33.66 -15.21 -53.38
CA LEU P 272 34.12 -15.24 -54.77
C LEU P 272 35.63 -15.44 -54.77
N ASP P 273 36.06 -16.68 -55.06
CA ASP P 273 37.47 -17.00 -55.19
C ASP P 273 37.89 -16.77 -56.64
N ASP P 274 39.13 -17.14 -56.96
CA ASP P 274 39.47 -17.42 -58.33
C ASP P 274 39.35 -18.91 -58.63
N ASN P 275 39.02 -19.69 -57.61
CA ASN P 275 38.93 -21.12 -57.73
C ASN P 275 37.57 -21.53 -58.33
N PRO P 276 37.57 -22.32 -59.39
CA PRO P 276 36.29 -22.79 -60.00
C PRO P 276 35.65 -24.00 -59.33
N LYS P 277 36.27 -24.59 -58.34
CA LYS P 277 35.65 -25.69 -57.61
C LYS P 277 34.80 -25.17 -56.45
N ASN P 278 34.81 -23.85 -56.26
CA ASN P 278 33.95 -23.19 -55.30
C ASN P 278 32.57 -23.03 -55.88
N PRO P 279 31.52 -23.55 -55.21
CA PRO P 279 30.16 -23.43 -55.78
C PRO P 279 29.73 -21.99 -56.01
N ILE P 280 30.27 -21.05 -55.26
CA ILE P 280 29.97 -19.64 -55.50
C ILE P 280 30.60 -19.17 -56.82
N THR P 281 31.91 -19.36 -56.96
CA THR P 281 32.62 -18.90 -58.16
C THR P 281 32.15 -19.61 -59.42
N TRP P 282 31.90 -20.90 -59.33
CA TRP P 282 31.42 -21.60 -60.55
C TRP P 282 30.04 -21.09 -60.96
N LEU P 283 29.16 -20.97 -59.99
CA LEU P 283 27.79 -20.55 -60.27
C LEU P 283 27.78 -19.12 -60.79
N ILE P 284 28.61 -18.25 -60.24
CA ILE P 284 28.58 -16.81 -60.65
C ILE P 284 29.40 -16.52 -61.91
N ARG P 285 30.61 -17.05 -61.97
CA ARG P 285 31.60 -16.75 -63.04
C ARG P 285 31.57 -17.79 -64.16
N HIS P 286 31.59 -19.07 -63.81
CA HIS P 286 31.59 -20.17 -64.81
C HIS P 286 30.28 -20.37 -65.56
N GLN P 287 29.14 -20.37 -64.86
CA GLN P 287 27.84 -20.63 -65.47
C GLN P 287 27.09 -19.38 -65.86
N LYS P 288 27.41 -18.25 -65.24
CA LYS P 288 26.71 -17.00 -65.50
C LYS P 288 25.21 -17.19 -65.35
N ILE P 289 24.82 -18.00 -64.35
CA ILE P 289 23.42 -18.31 -64.10
C ILE P 289 22.89 -17.37 -63.02
N ALA P 290 23.78 -16.90 -62.15
CA ALA P 290 23.44 -15.92 -61.12
C ALA P 290 24.02 -14.57 -61.52
N LEU P 291 23.17 -13.56 -61.55
CA LEU P 291 23.54 -12.27 -62.13
C LEU P 291 23.22 -11.14 -61.15
N PRO P 292 23.96 -10.04 -61.22
CA PRO P 292 23.81 -8.99 -60.20
C PRO P 292 22.53 -8.17 -60.38
N LEU P 293 22.13 -7.54 -59.29
CA LEU P 293 20.94 -6.70 -59.26
C LEU P 293 21.29 -5.29 -59.74
N TYR P 294 20.64 -4.84 -60.81
CA TYR P 294 20.84 -3.53 -61.43
C TYR P 294 22.31 -3.19 -61.56
N PRO P 295 23.06 -3.86 -62.43
CA PRO P 295 24.45 -3.48 -62.66
C PRO P 295 24.61 -2.12 -63.34
N GLN P 296 23.54 -1.58 -63.91
CA GLN P 296 23.58 -0.23 -64.48
C GLN P 296 24.09 0.79 -63.47
N PHE P 297 23.75 0.62 -62.19
CA PHE P 297 24.17 1.57 -61.17
C PHE P 297 25.69 1.68 -61.10
N GLY P 298 26.40 0.58 -61.37
CA GLY P 298 27.85 0.63 -61.46
C GLY P 298 28.59 0.38 -60.16
N THR P 299 27.95 -0.22 -59.16
CA THR P 299 28.60 -0.45 -57.88
C THR P 299 29.26 -1.83 -57.79
N GLU P 300 29.02 -2.71 -58.77
CA GLU P 300 29.39 -4.11 -58.69
C GLU P 300 28.75 -4.75 -57.46
N PRO P 301 27.43 -4.96 -57.47
CA PRO P 301 26.81 -5.71 -56.37
C PRO P 301 27.38 -7.11 -56.31
N ASN P 302 27.30 -7.71 -55.11
CA ASN P 302 27.85 -9.04 -54.93
C ASN P 302 26.79 -9.99 -54.36
N ILE P 303 25.52 -9.68 -54.60
CA ILE P 303 24.42 -10.62 -54.41
C ILE P 303 23.81 -10.86 -55.78
N TYR P 304 23.97 -12.07 -56.30
CA TYR P 304 23.60 -12.40 -57.67
C TYR P 304 22.41 -13.36 -57.67
N TYR P 305 21.51 -13.17 -58.64
CA TYR P 305 20.24 -13.87 -58.67
C TYR P 305 20.11 -14.75 -59.89
N ILE P 306 19.47 -15.91 -59.71
CA ILE P 306 19.03 -16.74 -60.82
C ILE P 306 17.67 -16.20 -61.24
N PRO P 307 17.53 -15.70 -62.47
CA PRO P 307 16.32 -14.97 -62.85
C PRO P 307 15.09 -15.86 -62.85
N PRO P 308 13.88 -15.32 -62.62
CA PRO P 308 12.69 -16.13 -62.60
C PRO P 308 12.42 -16.53 -64.05
N ARG P 309 12.11 -17.78 -64.30
CA ARG P 309 11.85 -18.28 -65.67
C ARG P 309 10.63 -17.61 -66.29
N TRP P 310 9.61 -17.27 -65.50
CA TRP P 310 8.35 -16.75 -66.07
C TRP P 310 8.29 -15.24 -66.27
N ALA P 311 9.26 -14.49 -65.79
CA ALA P 311 9.12 -13.04 -65.89
C ALA P 311 9.39 -12.58 -67.31
N PRO P 312 8.69 -11.57 -67.84
CA PRO P 312 9.05 -11.05 -69.16
C PRO P 312 10.55 -10.82 -69.23
N ARG P 313 11.16 -11.36 -70.28
CA ARG P 313 12.62 -11.30 -70.39
C ARG P 313 13.10 -9.85 -70.54
N ALA P 314 12.25 -8.98 -71.10
CA ALA P 314 12.60 -7.56 -71.22
C ALA P 314 12.80 -6.92 -69.86
N TYR P 315 11.92 -7.22 -68.90
CA TYR P 315 12.08 -6.68 -67.56
C TYR P 315 13.35 -7.19 -66.90
N LEU P 316 13.61 -8.49 -67.02
CA LEU P 316 14.83 -9.06 -66.45
C LEU P 316 16.07 -8.44 -67.05
N ARG P 317 15.99 -7.96 -68.29
CA ARG P 317 17.12 -7.26 -68.92
C ARG P 317 17.57 -6.07 -68.08
N GLN P 318 16.61 -5.26 -67.67
CA GLN P 318 16.83 -4.03 -66.95
C GLN P 318 17.25 -4.27 -65.50
N MET P 319 16.98 -5.46 -64.96
CA MET P 319 17.32 -5.76 -63.58
C MET P 319 18.61 -6.55 -63.42
N PHE P 320 18.89 -7.52 -64.30
CA PHE P 320 20.01 -8.43 -64.13
C PHE P 320 21.03 -8.40 -65.27
N GLY P 321 20.88 -7.46 -66.22
CA GLY P 321 21.81 -7.38 -67.33
C GLY P 321 21.36 -8.23 -68.50
N PRO P 322 22.24 -8.38 -69.49
CA PRO P 322 21.89 -9.11 -70.72
C PRO P 322 22.07 -10.62 -70.63
N GLY P 323 22.72 -11.14 -69.58
CA GLY P 323 22.99 -12.56 -69.40
C GLY P 323 21.84 -13.41 -68.95
N VAL P 324 20.65 -12.82 -68.78
CA VAL P 324 19.51 -13.57 -68.24
C VAL P 324 19.09 -14.69 -69.19
N ASP P 325 19.08 -14.43 -70.51
CA ASP P 325 18.57 -15.43 -71.45
C ASP P 325 19.36 -16.73 -71.34
N GLU P 326 20.68 -16.62 -71.24
CA GLU P 326 21.51 -17.81 -71.07
C GLU P 326 21.38 -18.40 -69.67
N ALA P 327 21.10 -17.56 -68.67
CA ALA P 327 20.94 -18.06 -67.31
C ALA P 327 19.66 -18.89 -67.18
N ILE P 328 18.56 -18.38 -67.72
CA ILE P 328 17.28 -19.10 -67.62
C ILE P 328 17.35 -20.41 -68.40
N GLU P 329 18.05 -20.41 -69.54
CA GLU P 329 18.13 -21.61 -70.37
C GLU P 329 18.77 -22.76 -69.60
N LYS P 330 19.82 -22.48 -68.83
CA LYS P 330 20.49 -23.53 -68.06
C LYS P 330 19.58 -24.05 -66.93
N PHE P 331 18.80 -23.16 -66.31
CA PHE P 331 18.02 -23.57 -65.16
C PHE P 331 16.81 -24.42 -65.55
N MET P 332 16.12 -24.05 -66.62
CA MET P 332 14.85 -24.70 -66.93
C MET P 332 15.02 -26.20 -67.18
N VAL P 333 16.17 -26.59 -67.74
CA VAL P 333 16.55 -28.00 -67.81
C VAL P 333 17.93 -28.12 -67.18
N PRO P 334 18.01 -28.38 -65.88
CA PRO P 334 19.29 -28.29 -65.16
C PRO P 334 20.30 -29.33 -65.61
N SER P 335 21.57 -28.91 -65.61
CA SER P 335 22.67 -29.84 -65.81
C SER P 335 22.70 -30.89 -64.70
N ARG P 336 23.44 -31.97 -64.96
CA ARG P 336 23.68 -32.96 -63.93
C ARG P 336 24.46 -32.35 -62.77
N GLU P 337 25.44 -31.51 -63.10
CA GLU P 337 26.30 -30.87 -62.12
C GLU P 337 25.62 -29.65 -61.49
N LEU P 338 24.76 -28.96 -62.24
CA LEU P 338 24.04 -27.82 -61.68
C LEU P 338 22.99 -28.26 -60.67
N LEU P 339 22.22 -29.30 -60.99
CA LEU P 339 21.22 -29.78 -60.04
C LEU P 339 21.87 -30.30 -58.78
N ALA P 340 23.05 -30.91 -58.89
CA ALA P 340 23.75 -31.38 -57.70
C ALA P 340 24.21 -30.20 -56.84
N VAL P 341 24.69 -29.13 -57.48
CA VAL P 341 25.07 -27.94 -56.73
C VAL P 341 23.84 -27.19 -56.24
N MET P 342 22.76 -27.19 -57.03
CA MET P 342 21.52 -26.60 -56.55
C MET P 342 20.95 -27.38 -55.38
N SER P 343 21.35 -28.64 -55.32
CA SER P 343 20.92 -29.54 -54.24
C SER P 343 21.76 -29.30 -53.00
N LEU P 344 22.82 -28.52 -53.14
CA LEU P 344 23.71 -28.24 -51.99
C LEU P 344 23.18 -27.05 -51.20
N PHE P 345 22.23 -26.32 -51.77
CA PHE P 345 21.72 -25.08 -51.15
C PHE P 345 21.02 -25.31 -49.82
N ARG P 346 21.44 -24.53 -48.83
CA ARG P 346 20.90 -24.49 -47.45
C ARG P 346 20.93 -25.86 -46.82
N MET P 347 21.99 -26.63 -47.03
CA MET P 347 22.05 -27.99 -46.45
C MET P 347 22.75 -27.95 -45.10
N THR P 348 23.58 -26.92 -44.91
CA THR P 348 24.31 -26.79 -43.63
C THR P 348 24.52 -25.31 -43.31
N GLN P 349 24.93 -25.03 -42.09
CA GLN P 349 25.17 -23.66 -41.66
C GLN P 349 26.61 -23.21 -41.89
N THR P 350 27.51 -24.16 -42.15
CA THR P 350 28.91 -23.83 -42.39
C THR P 350 29.12 -23.40 -43.84
N ILE P 351 29.95 -22.38 -44.04
CA ILE P 351 30.25 -21.89 -45.38
C ILE P 351 31.04 -22.95 -46.13
N VAL P 352 30.68 -23.17 -47.39
CA VAL P 352 31.31 -24.19 -48.24
C VAL P 352 32.25 -23.48 -49.20
N TYR P 353 33.52 -23.87 -49.20
CA TYR P 353 34.52 -23.26 -50.07
C TYR P 353 34.76 -24.03 -51.35
N GLU P 354 34.54 -25.35 -51.36
CA GLU P 354 34.65 -26.15 -52.56
C GLU P 354 33.59 -27.24 -52.53
N TYR P 355 33.19 -27.67 -53.73
CA TYR P 355 32.22 -28.74 -53.87
C TYR P 355 32.81 -29.88 -54.70
N LYS P 356 32.24 -31.07 -54.53
CA LYS P 356 32.65 -32.26 -55.28
C LYS P 356 31.47 -33.21 -55.36
N ILE P 357 31.38 -33.94 -56.47
CA ILE P 357 30.21 -34.74 -56.81
C ILE P 357 30.63 -36.20 -56.89
N GLU P 358 29.86 -37.07 -56.24
CA GLU P 358 30.04 -38.54 -56.36
C GLU P 358 28.81 -38.97 -57.15
N GLU P 359 28.96 -39.67 -58.26
CA GLU P 359 27.81 -40.00 -59.14
C GLU P 359 26.94 -41.11 -58.57
N GLY P 360 25.71 -41.22 -59.07
CA GLY P 360 24.74 -42.22 -58.59
C GLY P 360 23.90 -42.72 -59.74
N PRO P 361 23.12 -43.79 -59.58
CA PRO P 361 22.34 -44.34 -60.70
C PRO P 361 21.31 -43.37 -61.27
N LYS P 362 20.95 -43.67 -62.52
CA LYS P 362 19.92 -42.93 -63.25
C LYS P 362 18.54 -43.24 -62.69
N VAL P 363 17.75 -42.19 -62.45
CA VAL P 363 16.44 -42.38 -61.82
C VAL P 363 15.30 -41.96 -62.74
N PHE P 364 15.53 -40.97 -63.60
CA PHE P 364 14.42 -40.43 -64.37
C PHE P 364 14.94 -39.67 -65.60
N GLU P 365 14.16 -39.73 -66.68
CA GLU P 365 14.50 -39.06 -67.92
C GLU P 365 13.24 -38.76 -68.74
N THR P 366 13.18 -37.56 -69.34
CA THR P 366 12.06 -37.11 -70.15
C THR P 366 12.51 -35.92 -71.00
N GLU P 367 11.64 -35.49 -71.92
CA GLU P 367 11.86 -34.33 -72.77
C GLU P 367 11.00 -33.17 -72.29
N ILE P 368 11.60 -32.00 -72.10
CA ILE P 368 10.92 -30.85 -71.53
C ILE P 368 11.49 -29.56 -72.13
N HIS P 369 10.60 -28.64 -72.51
CA HIS P 369 10.97 -27.33 -73.07
C HIS P 369 11.90 -27.47 -74.28
N GLY P 370 11.69 -28.49 -75.09
CA GLY P 370 12.48 -28.67 -76.29
C GLY P 370 13.81 -29.34 -76.07
N LYS P 371 14.11 -29.78 -74.86
CA LYS P 371 15.35 -30.48 -74.58
C LYS P 371 15.03 -31.72 -73.75
N LYS P 372 15.94 -32.68 -73.78
CA LYS P 372 15.79 -33.92 -73.04
C LYS P 372 16.55 -33.77 -71.74
N PHE P 373 15.88 -34.08 -70.64
CA PHE P 373 16.45 -33.93 -69.30
C PHE P 373 16.64 -35.30 -68.67
N THR P 374 17.85 -35.54 -68.17
CA THR P 374 18.16 -36.75 -67.43
C THR P 374 18.65 -36.39 -66.03
N MET P 375 18.21 -37.17 -65.04
CA MET P 375 18.50 -36.91 -63.63
C MET P 375 19.03 -38.16 -62.97
N TYR P 376 20.12 -38.04 -62.23
CA TYR P 376 20.77 -39.14 -61.52
C TYR P 376 20.83 -38.83 -60.03
N ASN P 377 20.85 -39.90 -59.23
CA ASN P 377 20.89 -39.77 -57.76
C ASN P 377 22.33 -39.52 -57.30
N ASP P 378 22.81 -38.32 -57.60
CA ASP P 378 24.17 -37.95 -57.26
C ASP P 378 24.26 -37.52 -55.80
N THR P 379 25.46 -37.67 -55.23
CA THR P 379 25.77 -37.24 -53.87
C THR P 379 26.71 -36.04 -53.97
N VAL P 380 26.23 -34.87 -53.57
CA VAL P 380 27.04 -33.66 -53.61
C VAL P 380 27.72 -33.48 -52.26
N ILE P 381 28.98 -33.04 -52.29
CA ILE P 381 29.81 -32.92 -51.10
C ILE P 381 30.46 -31.55 -51.09
N GLY P 382 30.41 -30.87 -49.96
CA GLY P 382 31.04 -29.57 -49.79
C GLY P 382 32.09 -29.63 -48.69
N PHE P 383 33.19 -28.90 -48.88
CA PHE P 383 34.28 -28.87 -47.93
C PHE P 383 34.53 -27.46 -47.46
N GLY P 384 35.12 -27.34 -46.27
CA GLY P 384 35.39 -26.07 -45.64
C GLY P 384 36.69 -25.44 -46.10
N GLU P 385 37.17 -24.50 -45.29
CA GLU P 385 38.38 -23.75 -45.63
C GLU P 385 39.64 -24.61 -45.60
N ASP P 386 39.65 -25.68 -44.80
CA ASP P 386 40.79 -26.58 -44.71
C ASP P 386 40.68 -27.80 -45.62
N GLY P 387 39.61 -27.93 -46.39
CA GLY P 387 39.40 -29.06 -47.25
C GLY P 387 38.68 -30.23 -46.60
N LYS P 388 38.36 -30.14 -45.32
CA LYS P 388 37.61 -31.21 -44.67
C LYS P 388 36.15 -31.07 -45.05
N GLU P 389 35.48 -32.21 -45.28
CA GLU P 389 34.09 -32.17 -45.69
C GLU P 389 33.23 -31.71 -44.51
N VAL P 390 32.30 -30.81 -44.81
CA VAL P 390 31.37 -30.30 -43.81
C VAL P 390 29.93 -30.61 -44.14
N VAL P 391 29.62 -31.00 -45.37
CA VAL P 391 28.25 -31.29 -45.77
C VAL P 391 28.28 -32.26 -46.94
N ARG P 392 27.24 -33.08 -47.03
CA ARG P 392 27.03 -34.00 -48.14
C ARG P 392 25.55 -34.39 -48.13
N THR P 393 24.97 -34.53 -49.32
CA THR P 393 23.56 -34.87 -49.44
C THR P 393 23.32 -35.50 -50.79
N THR P 394 22.16 -36.15 -50.92
CA THR P 394 21.73 -36.82 -52.14
C THR P 394 20.75 -35.92 -52.89
N VAL P 395 20.68 -36.15 -54.21
CA VAL P 395 19.82 -35.34 -55.05
C VAL P 395 18.35 -35.73 -54.88
N GLU P 396 18.06 -37.03 -54.82
CA GLU P 396 16.70 -37.52 -54.73
C GLU P 396 16.49 -38.26 -53.42
N GLU P 397 15.25 -38.24 -52.93
CA GLU P 397 14.94 -38.84 -51.64
C GLU P 397 14.88 -40.36 -51.77
N PRO P 398 15.39 -41.09 -50.78
CA PRO P 398 15.24 -42.54 -50.76
C PRO P 398 13.83 -42.93 -50.33
N ILE P 399 13.52 -44.21 -50.52
CA ILE P 399 12.22 -44.77 -50.14
C ILE P 399 12.46 -45.98 -49.24
N HIS P 400 11.85 -45.97 -48.06
CA HIS P 400 11.96 -47.06 -47.10
C HIS P 400 10.61 -47.75 -46.94
N ILE P 401 10.65 -49.07 -46.73
CA ILE P 401 9.46 -49.88 -46.52
C ILE P 401 9.62 -50.69 -45.24
N ARG P 402 8.59 -50.72 -44.43
CA ARG P 402 8.55 -51.39 -43.13
C ARG P 402 7.65 -52.62 -43.20
N PRO P 403 7.66 -53.48 -42.18
CA PRO P 403 6.78 -54.65 -42.20
C PRO P 403 5.33 -54.24 -42.38
N ASP P 404 4.55 -55.11 -43.03
CA ASP P 404 3.18 -54.77 -43.38
C ASP P 404 2.26 -54.65 -42.17
N LYS P 405 2.80 -54.85 -40.97
CA LYS P 405 1.97 -54.68 -39.75
C LYS P 405 1.55 -53.22 -39.65
N HIS P 406 2.49 -52.33 -39.94
CA HIS P 406 2.28 -50.88 -39.92
C HIS P 406 1.48 -50.52 -41.16
N TYR P 407 0.66 -49.49 -41.12
CA TYR P 407 -0.15 -49.14 -42.31
C TYR P 407 0.07 -47.68 -42.70
N ASN P 408 -0.17 -47.37 -43.96
CA ASN P 408 -0.15 -46.05 -44.55
C ASN P 408 -1.54 -45.43 -44.71
N SER P 409 -2.52 -46.24 -45.11
CA SER P 409 -3.89 -45.76 -45.36
C SER P 409 -4.67 -45.68 -44.04
N ILE P 410 -4.29 -44.70 -43.22
CA ILE P 410 -5.02 -44.44 -42.00
C ILE P 410 -5.23 -42.93 -41.84
N ARG Q 29 54.27 14.34 -26.14
CA ARG Q 29 53.76 13.07 -25.61
C ARG Q 29 52.68 12.47 -26.51
N LEU Q 30 53.01 12.32 -27.79
CA LEU Q 30 52.12 11.70 -28.78
C LEU Q 30 50.78 12.44 -28.88
N LEU Q 31 50.87 13.69 -29.32
CA LEU Q 31 49.69 14.53 -29.54
C LEU Q 31 49.15 14.23 -30.93
N LYS Q 32 48.12 13.40 -31.02
CA LYS Q 32 47.48 13.11 -32.30
C LYS Q 32 46.18 13.90 -32.37
N PRO Q 33 46.12 15.01 -33.13
CA PRO Q 33 44.91 15.84 -33.09
C PRO Q 33 43.71 15.22 -33.77
N ALA Q 34 43.91 14.53 -34.89
CA ALA Q 34 42.79 14.03 -35.69
C ALA Q 34 43.12 12.68 -36.30
N VAL Q 35 42.08 11.90 -36.57
CA VAL Q 35 42.19 10.62 -37.27
C VAL Q 35 41.99 10.89 -38.77
N VAL Q 36 42.96 10.52 -39.59
CA VAL Q 36 42.87 10.72 -41.04
C VAL Q 36 42.83 9.37 -41.73
N VAL Q 37 41.93 9.24 -42.71
CA VAL Q 37 41.69 8.02 -43.47
C VAL Q 37 42.08 8.26 -44.92
N ASP Q 38 42.77 7.30 -45.54
CA ASP Q 38 43.28 7.50 -46.90
C ASP Q 38 42.32 6.97 -47.96
N ASN Q 39 42.10 5.67 -47.95
CA ASN Q 39 41.26 4.98 -48.93
C ASN Q 39 40.42 3.93 -48.21
N PRO Q 40 39.12 4.18 -48.03
CA PRO Q 40 38.28 3.21 -47.32
C PRO Q 40 38.26 1.83 -47.97
N LEU Q 41 38.41 1.77 -49.29
CA LEU Q 41 38.53 0.48 -49.96
C LEU Q 41 39.79 -0.27 -49.54
N ASP Q 42 40.87 0.45 -49.26
CA ASP Q 42 42.17 -0.17 -49.05
C ASP Q 42 42.45 -0.46 -47.57
N THR Q 43 42.43 0.58 -46.73
CA THR Q 43 42.89 0.46 -45.35
C THR Q 43 42.11 1.42 -44.47
N TYR Q 44 42.00 1.07 -43.19
CA TYR Q 44 41.31 1.89 -42.21
C TYR Q 44 42.15 2.03 -40.95
N PRO Q 45 42.26 3.25 -40.39
CA PRO Q 45 43.19 3.49 -39.28
C PRO Q 45 42.87 2.79 -37.97
N ASP Q 46 41.62 2.87 -37.50
CA ASP Q 46 41.24 2.31 -36.21
C ASP Q 46 39.93 1.56 -36.38
N ARG Q 47 39.95 0.26 -36.10
CA ARG Q 47 38.81 -0.63 -36.30
C ARG Q 47 38.44 -1.37 -35.01
N ARG Q 48 38.79 -0.82 -33.85
CA ARG Q 48 38.45 -1.48 -32.60
C ARG Q 48 36.95 -1.41 -32.31
N TRP Q 49 36.23 -0.47 -32.93
CA TRP Q 49 34.80 -0.31 -32.69
C TRP Q 49 34.00 -1.56 -33.03
N GLU Q 50 34.54 -2.46 -33.86
CA GLU Q 50 33.79 -3.60 -34.36
C GLU Q 50 33.26 -4.51 -33.26
N SER Q 51 33.74 -4.38 -32.03
CA SER Q 51 33.21 -5.16 -30.92
C SER Q 51 31.72 -4.95 -30.72
N VAL Q 52 31.18 -3.83 -31.22
CA VAL Q 52 29.77 -3.49 -31.03
C VAL Q 52 28.88 -4.64 -31.47
N TYR Q 53 29.05 -5.11 -32.70
CA TYR Q 53 28.21 -6.18 -33.22
C TYR Q 53 28.64 -7.55 -32.71
N ARG Q 54 29.93 -7.73 -32.42
CA ARG Q 54 30.37 -8.99 -31.86
C ARG Q 54 29.85 -9.16 -30.43
N ASP Q 55 29.66 -8.06 -29.71
CA ASP Q 55 29.05 -8.11 -28.38
C ASP Q 55 27.55 -8.35 -28.45
N GLN Q 56 26.87 -7.71 -29.40
CA GLN Q 56 25.42 -7.84 -29.50
C GLN Q 56 25.01 -9.25 -29.90
N TYR Q 57 25.89 -9.98 -30.58
CA TYR Q 57 25.56 -11.32 -31.05
C TYR Q 57 25.80 -12.37 -29.99
N GLN Q 58 26.59 -12.04 -28.97
CA GLN Q 58 27.01 -13.04 -27.99
C GLN Q 58 25.80 -13.60 -27.26
N TYR Q 59 25.86 -14.90 -26.95
CA TYR Q 59 24.82 -15.60 -26.22
C TYR Q 59 25.49 -16.61 -25.31
N ASP Q 60 24.83 -16.96 -24.20
CA ASP Q 60 25.39 -17.94 -23.28
C ASP Q 60 24.70 -19.30 -23.31
N ARG Q 61 23.36 -19.38 -23.39
CA ARG Q 61 22.69 -20.66 -23.28
C ARG Q 61 21.90 -20.94 -24.55
N THR Q 62 21.62 -22.22 -24.77
CA THR Q 62 20.89 -22.70 -25.92
C THR Q 62 19.96 -23.84 -25.53
N PHE Q 63 18.75 -23.88 -26.13
CA PHE Q 63 17.82 -24.98 -25.89
C PHE Q 63 16.97 -25.20 -27.13
N THR Q 64 16.24 -26.32 -27.15
CA THR Q 64 15.40 -26.71 -28.27
C THR Q 64 13.97 -27.00 -27.82
N TYR Q 65 13.00 -26.49 -28.57
CA TYR Q 65 11.58 -26.73 -28.33
C TYR Q 65 10.89 -26.94 -29.67
N CYS Q 66 9.57 -27.09 -29.64
CA CYS Q 66 8.78 -27.33 -30.85
C CYS Q 66 7.70 -26.26 -30.98
N CYS Q 67 7.71 -25.55 -32.10
CA CYS Q 67 6.64 -24.63 -32.44
C CYS Q 67 5.48 -25.44 -33.00
N SER Q 68 4.34 -25.36 -32.31
CA SER Q 68 3.17 -26.21 -32.57
C SER Q 68 1.88 -25.40 -32.68
N PRO Q 69 1.67 -24.63 -33.75
CA PRO Q 69 0.47 -23.88 -33.88
C PRO Q 69 -0.33 -24.09 -35.16
N ASN Q 70 -0.88 -25.28 -35.38
CA ASN Q 70 -1.79 -25.56 -36.51
C ASN Q 70 -1.21 -25.17 -37.85
N ASP Q 71 0.13 -25.14 -38.01
CA ASP Q 71 0.56 -24.97 -39.38
C ASP Q 71 0.76 -26.29 -40.13
N THR Q 72 0.69 -27.44 -39.39
CA THR Q 72 1.14 -28.81 -39.62
C THR Q 72 2.64 -29.03 -39.44
N HIS Q 73 3.44 -28.02 -39.22
CA HIS Q 73 4.85 -28.27 -39.45
C HIS Q 73 5.56 -28.77 -38.20
N ALA Q 74 5.19 -28.30 -37.01
CA ALA Q 74 5.73 -28.83 -35.74
C ALA Q 74 7.26 -28.86 -35.79
N CYS Q 75 7.81 -27.73 -36.22
CA CYS Q 75 9.24 -27.62 -36.42
C CYS Q 75 9.96 -27.75 -35.10
N ARG Q 76 11.13 -28.37 -35.15
CA ARG Q 76 12.02 -28.44 -34.00
C ARG Q 76 13.00 -27.28 -34.10
N ILE Q 77 13.04 -26.46 -33.05
CA ILE Q 77 13.71 -25.17 -33.09
C ILE Q 77 14.83 -25.12 -32.07
N ARG Q 78 15.90 -24.45 -32.45
CA ARG Q 78 17.08 -24.27 -31.60
C ARG Q 78 17.17 -22.77 -31.26
N ALA Q 79 16.95 -22.43 -29.99
CA ALA Q 79 16.85 -21.07 -29.49
C ALA Q 79 18.11 -20.62 -28.75
N PHE Q 80 18.40 -19.34 -28.86
CA PHE Q 80 19.58 -18.73 -28.24
C PHE Q 80 19.17 -17.90 -27.03
N VAL Q 81 19.88 -18.09 -25.93
CA VAL Q 81 19.56 -17.44 -24.63
C VAL Q 81 20.71 -16.57 -24.18
N ARG Q 82 20.42 -15.35 -23.74
CA ARG Q 82 21.45 -14.47 -23.18
C ARG Q 82 20.96 -14.07 -21.79
N ASN Q 83 21.71 -14.42 -20.76
CA ASN Q 83 21.42 -14.10 -19.37
C ASN Q 83 19.98 -14.49 -19.02
N ASN Q 84 19.63 -15.75 -19.31
CA ASN Q 84 18.32 -16.31 -19.01
C ASN Q 84 17.18 -15.56 -19.73
N VAL Q 85 17.48 -14.94 -20.87
CA VAL Q 85 16.48 -14.29 -21.70
C VAL Q 85 16.56 -14.86 -23.10
N MET Q 86 15.42 -15.29 -23.63
CA MET Q 86 15.35 -15.80 -25.00
C MET Q 86 15.47 -14.64 -25.99
N MET Q 87 16.60 -14.58 -26.71
CA MET Q 87 16.88 -13.43 -27.56
C MET Q 87 16.43 -13.64 -29.00
N ARG Q 88 17.03 -14.61 -29.68
CA ARG Q 88 16.74 -14.89 -31.08
C ARG Q 88 16.60 -16.40 -31.23
N VAL Q 89 16.47 -16.86 -32.47
CA VAL Q 89 16.24 -18.28 -32.73
C VAL Q 89 16.73 -18.60 -34.13
N GLU Q 90 17.06 -19.87 -34.36
CA GLU Q 90 17.47 -20.36 -35.67
C GLU Q 90 16.93 -21.77 -35.88
N GLN Q 91 16.98 -22.19 -37.14
CA GLN Q 91 16.57 -23.54 -37.49
C GLN Q 91 17.56 -24.53 -36.88
N ASN Q 92 17.08 -25.71 -36.52
CA ASN Q 92 17.99 -26.62 -35.82
C ASN Q 92 18.93 -27.35 -36.78
N TYR Q 93 18.56 -27.49 -38.05
CA TYR Q 93 19.36 -28.25 -39.01
C TYR Q 93 19.66 -29.65 -38.46
N ASP Q 94 18.58 -30.38 -38.20
CA ASP Q 94 18.65 -31.65 -37.49
C ASP Q 94 18.00 -32.82 -38.20
N HIS Q 95 17.40 -32.57 -39.35
CA HIS Q 95 16.58 -33.58 -40.06
C HIS Q 95 17.42 -34.79 -40.42
N GLN Q 96 18.73 -34.59 -40.53
CA GLN Q 96 19.68 -35.65 -40.90
C GLN Q 96 19.67 -36.77 -39.87
N ASN Q 97 19.51 -36.43 -38.60
CA ASN Q 97 19.53 -37.39 -37.48
C ASN Q 97 18.17 -38.00 -37.18
N TYR Q 98 17.10 -37.61 -37.85
CA TYR Q 98 15.80 -38.18 -37.54
C TYR Q 98 15.79 -39.64 -37.98
N SER Q 99 15.25 -40.51 -37.13
CA SER Q 99 15.29 -41.93 -37.38
C SER Q 99 14.12 -42.61 -36.69
N ASP Q 100 13.87 -43.86 -37.11
CA ASP Q 100 12.84 -44.73 -36.56
C ASP Q 100 13.48 -45.92 -35.84
N LEU Q 101 12.60 -46.79 -35.35
CA LEU Q 101 13.03 -47.97 -34.61
C LEU Q 101 13.88 -48.90 -35.46
N TYR Q 102 13.60 -48.94 -36.76
CA TYR Q 102 14.31 -49.88 -37.63
C TYR Q 102 15.65 -49.34 -38.10
N GLY Q 103 15.96 -48.09 -37.82
CA GLY Q 103 17.21 -47.51 -38.26
C GLY Q 103 17.11 -46.68 -39.51
N ASN Q 104 15.92 -46.58 -40.12
CA ASN Q 104 15.75 -45.78 -41.33
C ASN Q 104 15.83 -44.29 -40.98
N LYS Q 105 16.55 -43.54 -41.80
CA LYS Q 105 16.86 -42.15 -41.52
C LYS Q 105 16.23 -41.20 -42.53
N ALA Q 106 16.18 -39.93 -42.14
CA ALA Q 106 15.75 -38.86 -43.03
C ALA Q 106 16.95 -38.30 -43.78
N THR Q 107 16.70 -37.26 -44.56
CA THR Q 107 17.72 -36.67 -45.40
C THR Q 107 18.03 -35.25 -44.91
N ARG Q 108 19.07 -34.65 -45.43
CA ARG Q 108 19.34 -33.23 -45.10
C ARG Q 108 18.55 -32.37 -46.06
N ASN Q 109 17.77 -32.97 -46.94
CA ASN Q 109 17.02 -32.23 -47.98
C ASN Q 109 15.74 -31.70 -47.36
N TRP Q 110 15.53 -31.96 -46.08
CA TRP Q 110 14.38 -31.43 -45.37
C TRP Q 110 14.67 -30.07 -44.73
N ASN Q 111 15.96 -29.72 -44.67
CA ASN Q 111 16.49 -28.49 -44.07
C ASN Q 111 16.23 -27.30 -44.97
N PRO Q 112 16.32 -26.03 -44.50
CA PRO Q 112 16.42 -25.68 -43.10
C PRO Q 112 15.19 -25.94 -42.23
N ARG Q 113 14.08 -25.53 -42.81
CA ARG Q 113 12.70 -25.54 -42.27
C ARG Q 113 12.45 -24.23 -41.52
N MET Q 114 11.28 -24.14 -40.95
CA MET Q 114 10.75 -22.99 -40.18
C MET Q 114 10.16 -21.94 -41.11
N CYS Q 115 9.12 -21.29 -40.63
CA CYS Q 115 8.46 -20.09 -41.14
C CYS Q 115 8.98 -18.85 -40.42
N LEU Q 116 8.72 -17.69 -41.03
CA LEU Q 116 9.08 -16.41 -40.43
C LEU Q 116 8.48 -16.26 -39.04
N LYS Q 117 7.30 -16.82 -38.81
CA LYS Q 117 6.63 -16.68 -37.53
C LYS Q 117 7.41 -17.37 -36.42
N GLY Q 118 8.18 -18.41 -36.76
CA GLY Q 118 9.02 -19.04 -35.76
C GLY Q 118 10.07 -18.11 -35.18
N TYR Q 119 10.65 -17.24 -36.03
CA TYR Q 119 11.68 -16.33 -35.56
C TYR Q 119 11.12 -15.23 -34.66
N THR Q 120 9.83 -14.91 -34.76
CA THR Q 120 9.24 -13.81 -34.02
C THR Q 120 8.36 -14.28 -32.87
N PHE Q 121 8.45 -15.57 -32.50
CA PHE Q 121 7.63 -16.05 -31.39
C PHE Q 121 8.08 -15.49 -30.06
N HIS Q 122 9.39 -15.21 -29.91
CA HIS Q 122 9.85 -14.61 -28.67
C HIS Q 122 9.34 -13.19 -28.52
N ARG Q 123 9.15 -12.50 -29.65
CA ARG Q 123 8.49 -11.20 -29.64
C ARG Q 123 7.04 -11.34 -29.17
N ARG Q 124 6.46 -12.54 -29.28
CA ARG Q 124 5.15 -12.85 -28.72
C ARG Q 124 5.24 -13.30 -27.27
N VAL Q 125 6.34 -13.97 -26.89
CA VAL Q 125 6.48 -14.46 -25.52
C VAL Q 125 6.63 -13.29 -24.54
N TYR Q 126 7.45 -12.30 -24.88
CA TYR Q 126 7.63 -11.11 -24.06
C TYR Q 126 6.81 -9.93 -24.58
N GLY Q 127 5.58 -10.18 -25.03
CA GLY Q 127 4.81 -9.17 -25.71
C GLY Q 127 3.72 -8.57 -24.85
N PRO Q 128 3.08 -7.51 -25.36
CA PRO Q 128 2.07 -6.79 -24.56
C PRO Q 128 0.67 -7.41 -24.57
N TYR Q 129 0.40 -8.42 -25.39
CA TYR Q 129 -0.91 -9.04 -25.44
C TYR Q 129 -0.97 -10.30 -24.60
N ARG Q 130 0.13 -10.60 -23.92
CA ARG Q 130 0.29 -11.84 -23.17
C ARG Q 130 -0.65 -11.90 -21.98
N LEU Q 131 -1.19 -13.08 -21.72
CA LEU Q 131 -1.94 -13.31 -20.49
C LEU Q 131 -1.00 -13.43 -19.30
N ARG Q 132 -1.38 -12.80 -18.19
CA ARG Q 132 -0.51 -12.72 -17.03
C ARG Q 132 -1.03 -13.44 -15.81
N TYR Q 133 -2.33 -13.65 -15.70
CA TYR Q 133 -2.94 -14.23 -14.51
C TYR Q 133 -4.39 -14.59 -14.84
N PRO Q 134 -5.00 -15.51 -14.07
CA PRO Q 134 -6.38 -15.92 -14.37
C PRO Q 134 -7.34 -14.73 -14.35
N LEU Q 135 -8.32 -14.79 -15.24
CA LEU Q 135 -9.32 -13.74 -15.38
C LEU Q 135 -10.71 -14.33 -15.19
N ILE Q 136 -11.56 -13.59 -14.48
CA ILE Q 136 -12.97 -13.93 -14.33
C ILE Q 136 -13.76 -12.66 -14.57
N ARG Q 137 -14.89 -12.80 -15.27
CA ARG Q 137 -15.69 -11.63 -15.61
C ARG Q 137 -16.49 -11.16 -14.40
N LYS Q 138 -16.56 -9.84 -14.24
CA LYS Q 138 -17.20 -9.26 -13.06
C LYS Q 138 -18.67 -9.65 -12.99
N GLY Q 139 -19.38 -9.57 -14.11
CA GLY Q 139 -20.80 -9.90 -14.12
C GLY Q 139 -21.11 -11.39 -14.04
N TRP Q 140 -20.10 -12.25 -14.04
CA TRP Q 140 -20.31 -13.68 -13.83
C TRP Q 140 -19.98 -14.08 -12.40
N LYS Q 141 -18.90 -13.52 -11.85
CA LYS Q 141 -18.60 -13.74 -10.43
C LYS Q 141 -19.74 -13.25 -9.55
N ARG Q 142 -20.35 -12.13 -9.91
N ARG Q 142 -20.34 -12.12 -9.89
CA ARG Q 142 -21.49 -11.62 -9.14
CA ARG Q 142 -21.49 -11.64 -9.14
C ARG Q 142 -22.67 -12.58 -9.23
C ARG Q 142 -22.64 -12.63 -9.22
N TRP Q 143 -22.95 -13.10 -10.43
CA TRP Q 143 -24.02 -14.07 -10.58
C TRP Q 143 -23.74 -15.33 -9.76
N ALA Q 144 -22.47 -15.75 -9.71
CA ALA Q 144 -22.12 -16.89 -8.87
C ALA Q 144 -22.23 -16.54 -7.39
N ASP Q 145 -22.01 -15.27 -7.04
CA ASP Q 145 -22.04 -14.86 -5.64
C ASP Q 145 -23.46 -14.60 -5.15
N ASP Q 146 -24.41 -14.38 -6.05
CA ASP Q 146 -25.80 -14.16 -5.68
C ASP Q 146 -26.59 -15.46 -5.57
N GLY Q 147 -25.95 -16.61 -5.73
CA GLY Q 147 -26.61 -17.89 -5.58
C GLY Q 147 -27.05 -18.54 -6.87
N PHE Q 148 -26.50 -18.15 -8.01
CA PHE Q 148 -26.83 -18.65 -9.34
C PHE Q 148 -28.32 -18.52 -9.64
N PRO Q 149 -28.92 -17.32 -9.56
CA PRO Q 149 -30.34 -17.20 -9.83
C PRO Q 149 -30.67 -17.47 -11.30
N GLU Q 150 -31.95 -17.72 -11.56
CA GLU Q 150 -32.40 -18.04 -12.91
C GLU Q 150 -32.07 -16.90 -13.85
N LEU Q 151 -31.52 -17.23 -15.02
CA LEU Q 151 -31.03 -16.24 -15.98
C LEU Q 151 -32.20 -15.73 -16.83
N THR Q 152 -33.07 -14.96 -16.16
CA THR Q 152 -34.18 -14.27 -16.80
C THR Q 152 -33.63 -13.18 -17.71
N PRO Q 153 -34.46 -12.67 -18.64
CA PRO Q 153 -33.98 -11.58 -19.51
C PRO Q 153 -33.45 -10.39 -18.73
N GLU Q 154 -34.12 -10.02 -17.63
CA GLU Q 154 -33.60 -8.94 -16.80
C GLU Q 154 -32.32 -9.38 -16.10
N ASN Q 155 -32.29 -10.60 -15.57
CA ASN Q 155 -31.07 -11.10 -14.94
C ASN Q 155 -29.98 -11.30 -15.97
N LYS Q 156 -30.35 -11.65 -17.20
CA LYS Q 156 -29.34 -11.73 -18.27
C LYS Q 156 -28.67 -10.38 -18.49
N THR Q 157 -29.43 -9.31 -18.42
CA THR Q 157 -28.89 -7.97 -18.64
C THR Q 157 -28.25 -7.40 -17.38
N LYS Q 158 -28.78 -7.78 -16.22
CA LYS Q 158 -28.19 -7.37 -14.95
C LYS Q 158 -26.75 -7.87 -14.81
N TYR Q 159 -26.52 -9.14 -15.10
CA TYR Q 159 -25.19 -9.75 -15.01
C TYR Q 159 -24.42 -9.67 -16.33
N MET Q 160 -24.95 -8.95 -17.32
CA MET Q 160 -24.21 -8.63 -18.54
C MET Q 160 -23.83 -9.88 -19.33
N PHE Q 161 -24.81 -10.75 -19.53
CA PHE Q 161 -24.61 -11.87 -20.45
C PHE Q 161 -24.87 -11.46 -21.88
N ASP Q 162 -25.78 -10.50 -22.09
CA ASP Q 162 -26.03 -9.98 -23.43
C ASP Q 162 -24.94 -9.02 -23.89
N ASN Q 163 -24.37 -8.25 -22.96
CA ASN Q 163 -23.28 -7.31 -23.25
C ASN Q 163 -22.08 -7.68 -22.39
N ARG Q 164 -21.27 -8.62 -22.89
CA ARG Q 164 -20.05 -9.02 -22.20
C ARG Q 164 -18.81 -8.24 -22.65
N GLY Q 165 -18.94 -7.38 -23.66
CA GLY Q 165 -17.80 -6.67 -24.18
C GLY Q 165 -17.58 -5.32 -23.56
N ASN Q 166 -18.54 -4.87 -22.74
CA ASN Q 166 -18.41 -3.65 -21.96
C ASN Q 166 -18.34 -3.94 -20.47
N ASP Q 167 -18.15 -5.21 -20.09
CA ASP Q 167 -17.93 -5.60 -18.71
C ASP Q 167 -16.42 -5.62 -18.45
N GLU Q 168 -16.03 -6.04 -17.26
CA GLU Q 168 -14.63 -6.03 -16.83
C GLU Q 168 -14.17 -7.43 -16.50
N LEU Q 169 -12.95 -7.75 -16.92
CA LEU Q 169 -12.32 -9.02 -16.57
C LEU Q 169 -11.43 -8.78 -15.34
N LEU Q 170 -11.78 -9.43 -14.23
CA LEU Q 170 -11.06 -9.23 -12.98
C LEU Q 170 -10.06 -10.35 -12.75
N ARG Q 171 -9.01 -10.04 -12.01
CA ARG Q 171 -8.03 -11.07 -11.68
C ARG Q 171 -8.57 -12.00 -10.60
N ALA Q 172 -8.25 -13.28 -10.73
CA ALA Q 172 -8.61 -14.29 -9.76
C ALA Q 172 -7.38 -15.14 -9.47
N SER Q 173 -7.35 -15.71 -8.26
CA SER Q 173 -6.39 -16.75 -7.95
C SER Q 173 -6.82 -18.05 -8.60
N TRP Q 174 -5.86 -18.96 -8.77
CA TRP Q 174 -6.15 -20.22 -9.45
C TRP Q 174 -7.21 -21.02 -8.70
N ASP Q 175 -7.14 -21.03 -7.37
CA ASP Q 175 -8.14 -21.75 -6.58
C ASP Q 175 -9.49 -21.07 -6.66
N GLU Q 176 -9.51 -19.74 -6.70
CA GLU Q 176 -10.76 -19.00 -6.81
C GLU Q 176 -11.33 -19.12 -8.22
N ALA Q 177 -10.46 -19.09 -9.23
CA ALA Q 177 -10.92 -19.30 -10.61
C ALA Q 177 -11.46 -20.71 -10.79
N PHE Q 178 -10.75 -21.69 -10.24
CA PHE Q 178 -11.20 -23.09 -10.32
C PHE Q 178 -12.52 -23.30 -9.58
N THR Q 179 -12.68 -22.69 -8.41
CA THR Q 179 -13.84 -22.97 -7.57
C THR Q 179 -15.13 -22.45 -8.21
N TYR Q 180 -15.13 -21.19 -8.66
CA TYR Q 180 -16.30 -20.65 -9.34
C TYR Q 180 -16.62 -21.46 -10.59
N ALA Q 181 -15.60 -21.81 -11.36
CA ALA Q 181 -15.82 -22.61 -12.56
C ALA Q 181 -16.42 -23.96 -12.22
N SER Q 182 -15.89 -24.62 -11.19
CA SER Q 182 -16.44 -25.91 -10.78
C SER Q 182 -17.86 -25.74 -10.25
N LYS Q 183 -18.07 -24.76 -9.37
CA LYS Q 183 -19.41 -24.52 -8.82
C LYS Q 183 -20.41 -24.26 -9.93
N GLY Q 184 -20.03 -23.46 -10.92
CA GLY Q 184 -20.92 -23.21 -12.04
C GLY Q 184 -21.20 -24.45 -12.87
N ILE Q 185 -20.18 -25.29 -13.06
CA ILE Q 185 -20.36 -26.51 -13.83
C ILE Q 185 -21.40 -27.42 -13.17
N ILE Q 186 -21.31 -27.61 -11.85
CA ILE Q 186 -22.25 -28.53 -11.22
C ILE Q 186 -23.68 -27.99 -11.29
N HIS Q 187 -23.88 -26.70 -10.98
CA HIS Q 187 -25.21 -26.13 -11.00
C HIS Q 187 -25.80 -26.15 -12.39
N ILE Q 188 -25.05 -25.68 -13.39
CA ILE Q 188 -25.61 -25.60 -14.73
C ILE Q 188 -25.92 -27.00 -15.27
N THR Q 189 -25.03 -27.96 -15.00
CA THR Q 189 -25.30 -29.33 -15.42
C THR Q 189 -26.48 -29.93 -14.66
N LYS Q 190 -26.65 -29.58 -13.38
CA LYS Q 190 -27.81 -30.07 -12.64
C LYS Q 190 -29.06 -29.27 -12.95
N LYS Q 191 -28.90 -28.01 -13.34
CA LYS Q 191 -30.05 -27.18 -13.70
C LYS Q 191 -30.77 -27.74 -14.93
N TYR Q 192 -30.01 -28.34 -15.86
CA TYR Q 192 -30.60 -28.85 -17.09
C TYR Q 192 -30.66 -30.38 -17.10
N SER Q 193 -30.48 -30.97 -15.93
CA SER Q 193 -30.61 -32.43 -15.79
C SER Q 193 -32.06 -32.77 -15.52
N GLY Q 194 -32.49 -33.98 -15.87
CA GLY Q 194 -33.86 -34.40 -15.56
C GLY Q 194 -34.89 -33.86 -16.53
N PRO Q 195 -36.19 -34.12 -16.32
CA PRO Q 195 -37.27 -33.63 -17.17
C PRO Q 195 -37.46 -32.12 -17.19
N GLU Q 196 -37.32 -31.44 -16.05
CA GLU Q 196 -37.48 -29.96 -16.00
C GLU Q 196 -36.40 -29.30 -16.83
N GLY Q 197 -35.19 -29.84 -16.79
CA GLY Q 197 -34.15 -29.25 -17.63
C GLY Q 197 -34.60 -29.37 -19.06
N ALA Q 198 -35.20 -30.49 -19.42
CA ALA Q 198 -35.63 -30.66 -20.83
C ALA Q 198 -36.78 -29.71 -21.12
N GLN Q 199 -37.68 -29.53 -20.17
CA GLN Q 199 -38.81 -28.60 -20.40
C GLN Q 199 -38.26 -27.18 -20.58
N LYS Q 200 -37.26 -26.79 -19.78
CA LYS Q 200 -36.66 -25.43 -19.86
C LYS Q 200 -36.03 -25.22 -21.24
N LEU Q 201 -35.41 -26.25 -21.80
CA LEU Q 201 -34.73 -26.11 -23.07
C LEU Q 201 -35.71 -25.94 -24.23
N ILE Q 202 -36.85 -26.61 -24.15
CA ILE Q 202 -37.89 -26.36 -25.15
C ILE Q 202 -38.58 -25.03 -24.89
N ASP Q 203 -38.60 -24.56 -23.64
CA ASP Q 203 -39.13 -23.23 -23.37
C ASP Q 203 -38.23 -22.16 -23.97
N GLN Q 204 -36.93 -22.45 -24.08
CA GLN Q 204 -35.97 -21.52 -24.66
C GLN Q 204 -35.92 -21.59 -26.19
N GLY Q 205 -36.48 -22.63 -26.79
CA GLY Q 205 -36.58 -22.71 -28.24
C GLY Q 205 -35.73 -23.78 -28.90
N TYR Q 206 -35.03 -24.61 -28.12
CA TYR Q 206 -34.22 -25.65 -28.72
C TYR Q 206 -35.12 -26.77 -29.24
N PRO Q 207 -34.79 -27.37 -30.38
CA PRO Q 207 -35.62 -28.47 -30.88
C PRO Q 207 -35.61 -29.63 -29.89
N LYS Q 208 -36.73 -30.36 -29.85
CA LYS Q 208 -36.82 -31.51 -28.96
C LYS Q 208 -35.87 -32.60 -29.38
N GLU Q 209 -35.58 -32.68 -30.68
CA GLU Q 209 -34.60 -33.63 -31.19
C GLU Q 209 -33.22 -33.36 -30.59
N MET Q 210 -32.89 -32.09 -30.39
CA MET Q 210 -31.65 -31.74 -29.71
C MET Q 210 -31.73 -32.01 -28.22
N VAL Q 211 -32.92 -31.91 -27.63
CA VAL Q 211 -33.08 -32.12 -26.19
C VAL Q 211 -33.13 -33.60 -25.86
N ASP Q 212 -33.77 -34.40 -26.71
CA ASP Q 212 -33.75 -35.84 -26.53
C ASP Q 212 -32.34 -36.39 -26.70
N ARG Q 213 -31.51 -35.68 -27.47
CA ARG Q 213 -30.12 -36.09 -27.65
C ARG Q 213 -29.37 -36.09 -26.32
N MET Q 214 -29.77 -35.22 -25.39
CA MET Q 214 -29.16 -35.19 -24.07
C MET Q 214 -29.43 -36.48 -23.31
N GLN Q 215 -30.57 -37.12 -23.56
CA GLN Q 215 -30.96 -38.34 -22.84
C GLN Q 215 -31.05 -38.08 -21.34
N GLY Q 216 -31.54 -36.90 -20.97
CA GLY Q 216 -31.71 -36.55 -19.58
C GLY Q 216 -30.51 -35.93 -18.89
N ALA Q 217 -29.29 -36.23 -19.35
CA ALA Q 217 -28.09 -35.67 -18.73
C ALA Q 217 -27.92 -34.20 -19.06
N GLY Q 218 -27.46 -33.44 -18.05
CA GLY Q 218 -27.15 -32.03 -18.18
C GLY Q 218 -25.70 -31.78 -18.49
N THR Q 219 -24.87 -32.78 -18.24
CA THR Q 219 -23.47 -32.73 -18.65
C THR Q 219 -23.32 -32.77 -20.15
N ARG Q 220 -24.35 -33.24 -20.87
CA ARG Q 220 -24.35 -33.27 -22.32
C ARG Q 220 -24.60 -31.89 -22.91
N THR Q 221 -24.98 -30.92 -22.08
CA THR Q 221 -25.02 -29.51 -22.47
C THR Q 221 -23.66 -28.84 -22.31
N PHE Q 222 -22.70 -29.51 -21.67
CA PHE Q 222 -21.34 -29.01 -21.56
C PHE Q 222 -20.57 -29.36 -22.82
N LYS Q 223 -19.94 -28.36 -23.41
CA LYS Q 223 -19.18 -28.55 -24.63
C LYS Q 223 -17.72 -28.24 -24.31
N GLY Q 224 -16.89 -29.28 -24.31
CA GLY Q 224 -15.48 -29.11 -24.04
C GLY Q 224 -14.64 -29.48 -25.24
N ARG Q 225 -13.95 -28.50 -25.83
CA ARG Q 225 -13.15 -28.74 -27.02
C ARG Q 225 -11.68 -28.62 -26.66
N GLY Q 226 -10.93 -29.71 -26.87
CA GLY Q 226 -9.49 -29.55 -26.86
C GLY Q 226 -9.20 -29.08 -28.25
N GLY Q 227 -8.62 -27.89 -28.41
CA GLY Q 227 -8.56 -27.26 -29.70
C GLY Q 227 -7.32 -27.72 -30.43
N MET Q 228 -7.52 -28.22 -31.64
CA MET Q 228 -6.46 -28.86 -32.43
C MET Q 228 -5.52 -29.64 -31.50
N GLY Q 229 -6.08 -30.68 -30.87
CA GLY Q 229 -5.38 -31.41 -29.83
C GLY Q 229 -4.09 -32.12 -30.26
N LEU Q 230 -3.88 -32.31 -31.55
CA LEU Q 230 -2.63 -32.92 -31.98
C LEU Q 230 -1.44 -31.99 -31.73
N LEU Q 231 -1.73 -30.70 -31.55
CA LEU Q 231 -0.71 -29.69 -31.25
C LEU Q 231 -0.01 -29.94 -29.90
N GLY Q 232 -0.77 -30.21 -28.86
CA GLY Q 232 -0.28 -30.93 -27.70
C GLY Q 232 -1.29 -31.96 -27.25
N VAL Q 233 -0.96 -33.24 -27.32
CA VAL Q 233 -1.98 -34.28 -27.12
C VAL Q 233 -2.38 -34.38 -25.65
N ILE Q 234 -1.39 -34.36 -24.75
CA ILE Q 234 -1.70 -34.49 -23.33
C ILE Q 234 -2.40 -33.23 -22.81
N GLY Q 235 -1.88 -32.04 -23.16
CA GLY Q 235 -2.43 -30.82 -22.64
C GLY Q 235 -3.72 -30.37 -23.28
N LYS Q 236 -3.90 -30.65 -24.57
CA LYS Q 236 -5.03 -30.14 -25.33
C LYS Q 236 -6.10 -31.19 -25.58
N TYR Q 237 -5.72 -32.36 -26.13
CA TYR Q 237 -6.69 -33.43 -26.27
C TYR Q 237 -7.11 -34.00 -24.93
N GLY Q 238 -6.40 -33.67 -23.85
CA GLY Q 238 -6.87 -34.00 -22.52
C GLY Q 238 -8.22 -33.41 -22.19
N MET Q 239 -8.63 -32.36 -22.91
CA MET Q 239 -9.97 -31.81 -22.71
C MET Q 239 -11.03 -32.85 -22.99
N TYR Q 240 -10.81 -33.70 -23.99
CA TYR Q 240 -11.73 -34.80 -24.26
C TYR Q 240 -11.76 -35.76 -23.08
N ARG Q 241 -10.63 -35.92 -22.38
CA ARG Q 241 -10.61 -36.71 -21.15
C ARG Q 241 -11.42 -36.03 -20.05
N PHE Q 242 -11.35 -34.70 -19.97
CA PHE Q 242 -12.09 -33.95 -18.94
C PHE Q 242 -13.58 -34.15 -19.16
N ASN Q 243 -14.00 -34.06 -20.41
CA ASN Q 243 -15.41 -34.26 -20.77
C ASN Q 243 -15.82 -35.68 -20.38
N ASN Q 244 -14.93 -36.64 -20.55
CA ASN Q 244 -15.23 -38.05 -20.22
C ASN Q 244 -15.51 -38.14 -18.72
N CYS Q 245 -14.70 -37.46 -17.92
CA CYS Q 245 -14.79 -37.46 -16.45
C CYS Q 245 -16.12 -36.86 -16.03
N LEU Q 246 -16.61 -35.87 -16.75
CA LEU Q 246 -17.87 -35.26 -16.32
C LEU Q 246 -18.99 -36.27 -16.14
N ALA Q 247 -18.79 -37.52 -16.56
CA ALA Q 247 -19.77 -38.55 -16.22
C ALA Q 247 -19.94 -38.69 -14.72
N ILE Q 248 -18.87 -38.46 -13.95
CA ILE Q 248 -18.97 -38.54 -12.50
C ILE Q 248 -19.93 -37.49 -11.95
N VAL Q 249 -19.79 -36.24 -12.40
CA VAL Q 249 -20.70 -35.20 -11.92
C VAL Q 249 -22.13 -35.53 -12.33
N ASP Q 250 -22.31 -36.14 -13.50
CA ASP Q 250 -23.63 -36.59 -13.92
C ASP Q 250 -24.15 -37.67 -12.97
N ALA Q 251 -23.28 -38.56 -12.52
CA ALA Q 251 -23.67 -39.55 -11.52
C ALA Q 251 -24.11 -38.87 -10.22
N HIS Q 252 -23.42 -37.79 -9.84
CA HIS Q 252 -23.80 -37.05 -8.64
C HIS Q 252 -25.11 -36.28 -8.86
N ASN Q 253 -25.31 -35.74 -10.07
CA ASN Q 253 -26.49 -34.93 -10.33
C ASN Q 253 -27.76 -35.78 -10.30
N ARG Q 254 -27.78 -36.86 -11.08
CA ARG Q 254 -28.99 -37.66 -11.28
C ARG Q 254 -29.02 -38.93 -10.46
N GLY Q 255 -27.92 -39.32 -9.83
CA GLY Q 255 -27.89 -40.54 -9.04
C GLY Q 255 -28.05 -41.79 -9.88
N VAL Q 256 -27.27 -41.85 -10.95
CA VAL Q 256 -27.25 -42.94 -11.95
C VAL Q 256 -25.97 -43.76 -11.78
N GLY Q 257 -25.96 -44.97 -12.32
CA GLY Q 257 -24.80 -45.84 -12.25
C GLY Q 257 -23.80 -45.55 -13.33
N PRO Q 258 -22.64 -46.21 -13.33
CA PRO Q 258 -21.63 -45.96 -14.32
C PRO Q 258 -22.03 -46.18 -15.77
N ASP Q 259 -22.80 -47.21 -16.07
CA ASP Q 259 -23.18 -47.49 -17.47
C ASP Q 259 -24.17 -46.45 -17.99
N GLN Q 260 -24.94 -45.91 -17.06
CA GLN Q 260 -26.04 -44.96 -17.21
C GLN Q 260 -25.61 -43.52 -16.97
N ALA Q 261 -24.32 -43.29 -16.73
CA ALA Q 261 -23.70 -41.98 -16.54
C ALA Q 261 -23.09 -41.44 -17.84
N LEU Q 262 -23.34 -40.17 -18.13
CA LEU Q 262 -22.95 -39.55 -19.38
C LEU Q 262 -22.19 -38.25 -19.13
N GLY Q 263 -21.15 -38.03 -19.93
CA GLY Q 263 -20.31 -36.87 -19.81
C GLY Q 263 -20.54 -35.85 -20.90
N GLY Q 264 -19.58 -34.96 -21.05
CA GLY Q 264 -19.67 -33.82 -21.95
C GLY Q 264 -19.58 -34.22 -23.41
N ARG Q 265 -19.80 -33.24 -24.28
CA ARG Q 265 -19.72 -33.42 -25.72
C ARG Q 265 -18.35 -32.96 -26.21
N ASN Q 266 -17.62 -33.86 -26.86
CA ASN Q 266 -16.31 -33.51 -27.40
C ASN Q 266 -16.56 -32.70 -28.66
N TRP Q 267 -16.12 -31.45 -28.66
CA TRP Q 267 -16.31 -30.62 -29.84
C TRP Q 267 -15.25 -30.92 -30.88
N SER Q 268 -15.66 -30.93 -32.14
CA SER Q 268 -14.80 -31.35 -33.24
C SER Q 268 -13.82 -30.24 -33.61
N ASN Q 269 -12.77 -30.63 -34.34
CA ASN Q 269 -11.74 -29.71 -34.77
C ASN Q 269 -11.58 -29.62 -36.28
N TYR Q 270 -11.42 -30.76 -36.96
CA TYR Q 270 -11.05 -30.75 -38.38
C TYR Q 270 -12.14 -30.12 -39.24
N THR Q 271 -13.36 -30.65 -39.16
CA THR Q 271 -14.45 -30.17 -40.01
C THR Q 271 -14.88 -28.76 -39.66
N TRP Q 272 -14.95 -28.43 -38.36
CA TRP Q 272 -15.39 -27.09 -37.96
C TRP Q 272 -14.62 -26.01 -38.70
N HIS Q 273 -13.33 -26.21 -38.91
CA HIS Q 273 -12.53 -25.24 -39.64
C HIS Q 273 -12.75 -25.33 -41.13
N GLY Q 274 -13.60 -26.24 -41.60
CA GLY Q 274 -13.77 -26.42 -43.02
C GLY Q 274 -12.60 -27.04 -43.72
N ASP Q 275 -11.76 -27.75 -42.97
CA ASP Q 275 -10.49 -28.21 -43.51
C ASP Q 275 -10.57 -29.57 -44.21
N GLN Q 276 -11.53 -30.41 -43.85
CA GLN Q 276 -11.62 -31.72 -44.50
C GLN Q 276 -12.13 -31.59 -45.93
N ALA Q 277 -11.72 -32.54 -46.77
CA ALA Q 277 -12.32 -32.75 -48.07
C ALA Q 277 -13.51 -33.68 -47.91
N PRO Q 278 -14.75 -33.17 -47.97
CA PRO Q 278 -15.91 -34.02 -47.72
C PRO Q 278 -16.06 -35.17 -48.71
N GLY Q 279 -15.50 -35.05 -49.91
CA GLY Q 279 -15.63 -36.10 -50.90
C GLY Q 279 -14.78 -37.33 -50.59
N HIS Q 280 -13.77 -37.18 -49.74
CA HIS Q 280 -12.88 -38.30 -49.45
C HIS Q 280 -13.60 -39.47 -48.78
N PRO Q 281 -14.46 -39.29 -47.78
CA PRO Q 281 -15.26 -40.42 -47.28
C PRO Q 281 -16.14 -41.05 -48.36
N PHE Q 282 -16.51 -40.29 -49.39
CA PHE Q 282 -17.32 -40.84 -50.47
C PHE Q 282 -16.46 -41.56 -51.50
N SER Q 283 -15.27 -41.01 -51.79
CA SER Q 283 -14.46 -41.54 -52.89
C SER Q 283 -13.63 -42.75 -52.45
N HIS Q 284 -13.01 -42.69 -51.27
CA HIS Q 284 -12.20 -43.81 -50.79
C HIS Q 284 -12.50 -44.22 -49.36
N GLY Q 285 -13.32 -43.47 -48.63
CA GLY Q 285 -13.72 -43.87 -47.30
C GLY Q 285 -12.70 -43.67 -46.22
N LEU Q 286 -11.72 -42.79 -46.44
CA LEU Q 286 -10.71 -42.46 -45.46
C LEU Q 286 -10.84 -40.98 -45.10
N GLN Q 287 -10.44 -40.65 -43.87
CA GLN Q 287 -10.60 -39.28 -43.38
C GLN Q 287 -10.01 -38.26 -44.35
N THR Q 288 -8.75 -38.46 -44.74
CA THR Q 288 -8.06 -37.51 -45.60
C THR Q 288 -6.93 -38.24 -46.32
N SER Q 289 -6.84 -38.03 -47.63
CA SER Q 289 -5.68 -38.50 -48.39
C SER Q 289 -4.68 -37.35 -48.47
N ASP Q 290 -3.58 -37.49 -47.72
CA ASP Q 290 -2.53 -36.49 -47.70
C ASP Q 290 -1.19 -37.21 -47.77
N VAL Q 291 -0.11 -36.44 -47.80
CA VAL Q 291 1.21 -36.97 -48.12
C VAL Q 291 2.28 -36.41 -47.18
N ASP Q 292 3.32 -37.21 -46.95
CA ASP Q 292 4.57 -36.63 -46.44
C ASP Q 292 5.17 -35.79 -47.56
N MET Q 293 5.27 -34.48 -47.34
CA MET Q 293 5.46 -33.58 -48.47
C MET Q 293 6.79 -33.78 -49.21
N ASN Q 294 7.72 -34.57 -48.67
CA ASN Q 294 8.88 -34.95 -49.46
C ASN Q 294 8.48 -35.74 -50.70
N ASP Q 295 7.36 -36.47 -50.63
CA ASP Q 295 6.90 -37.27 -51.76
C ASP Q 295 6.44 -36.38 -52.92
N VAL Q 296 6.02 -35.15 -52.63
CA VAL Q 296 5.52 -34.26 -53.66
C VAL Q 296 6.56 -34.00 -54.75
N ARG Q 297 7.84 -33.95 -54.37
CA ARG Q 297 8.86 -33.68 -55.37
C ARG Q 297 9.13 -34.89 -56.27
N PHE Q 298 8.53 -36.04 -55.98
CA PHE Q 298 8.59 -37.15 -56.91
C PHE Q 298 7.65 -36.95 -58.09
N SER Q 299 6.66 -36.07 -57.95
CA SER Q 299 5.70 -35.83 -59.01
C SER Q 299 6.38 -35.20 -60.21
N LYS Q 300 5.95 -35.59 -61.41
CA LYS Q 300 6.43 -35.01 -62.65
C LYS Q 300 5.42 -34.13 -63.35
N LEU Q 301 4.13 -34.26 -63.02
CA LEU Q 301 3.13 -33.23 -63.31
C LEU Q 301 2.42 -32.94 -62.01
N LEU Q 302 2.62 -31.74 -61.46
CA LEU Q 302 2.05 -31.35 -60.16
C LEU Q 302 0.84 -30.45 -60.42
N ILE Q 303 -0.34 -30.80 -59.94
CA ILE Q 303 -1.48 -29.88 -60.19
C ILE Q 303 -2.06 -29.44 -58.85
N GLN Q 304 -2.13 -28.13 -58.64
CA GLN Q 304 -2.69 -27.53 -57.41
C GLN Q 304 -3.88 -26.68 -57.83
N THR Q 305 -5.04 -26.91 -57.24
CA THR Q 305 -6.22 -26.16 -57.67
C THR Q 305 -6.78 -25.30 -56.56
N GLY Q 306 -6.95 -25.85 -55.36
CA GLY Q 306 -7.57 -25.07 -54.31
C GLY Q 306 -6.68 -24.85 -53.09
N LYS Q 307 -5.37 -24.92 -53.27
CA LYS Q 307 -4.42 -24.79 -52.18
C LYS Q 307 -3.25 -23.93 -52.61
N ASN Q 308 -2.97 -22.88 -51.85
CA ASN Q 308 -1.78 -22.04 -52.02
C ASN Q 308 -0.64 -22.67 -51.24
N LEU Q 309 0.08 -23.60 -51.89
CA LEU Q 309 1.14 -24.34 -51.21
C LEU Q 309 2.37 -23.50 -50.94
N ILE Q 310 2.57 -22.40 -51.67
CA ILE Q 310 3.76 -21.58 -51.47
C ILE Q 310 3.65 -20.78 -50.18
N GLU Q 311 2.47 -20.31 -49.86
CA GLU Q 311 2.25 -19.41 -48.71
C GLU Q 311 1.77 -20.12 -47.45
N ASN Q 312 1.20 -21.31 -47.57
CA ASN Q 312 0.58 -21.98 -46.44
C ASN Q 312 1.20 -23.34 -46.11
N LYS Q 313 2.29 -23.66 -46.77
CA LYS Q 313 3.11 -24.81 -46.38
C LYS Q 313 4.53 -24.33 -46.66
N MET Q 314 4.95 -23.27 -46.00
CA MET Q 314 6.23 -22.65 -46.38
C MET Q 314 7.48 -23.51 -46.20
N PRO Q 315 7.76 -24.20 -45.10
CA PRO Q 315 9.00 -25.00 -45.01
C PRO Q 315 9.02 -26.22 -45.91
N GLU Q 316 7.85 -26.66 -46.34
CA GLU Q 316 7.73 -27.84 -47.24
C GLU Q 316 7.47 -27.39 -48.66
N ALA Q 317 7.37 -26.10 -48.90
CA ALA Q 317 7.03 -25.63 -50.25
C ALA Q 317 8.15 -25.92 -51.23
N HIS Q 318 9.40 -26.00 -50.75
CA HIS Q 318 10.51 -26.27 -51.65
C HIS Q 318 10.39 -27.61 -52.35
N TRP Q 319 9.65 -28.57 -51.76
CA TRP Q 319 9.35 -29.80 -52.47
C TRP Q 319 8.51 -29.57 -53.70
N VAL Q 320 7.77 -28.46 -53.76
CA VAL Q 320 6.95 -28.14 -54.92
C VAL Q 320 7.72 -27.28 -55.92
N THR Q 321 8.34 -26.20 -55.42
CA THR Q 321 9.09 -25.30 -56.30
C THR Q 321 10.23 -26.03 -57.02
N GLU Q 322 10.76 -27.10 -56.45
CA GLU Q 322 11.91 -27.77 -57.05
C GLU Q 322 11.52 -28.86 -58.05
N VAL Q 323 10.22 -29.06 -58.29
CA VAL Q 323 9.80 -30.02 -59.31
C VAL Q 323 10.04 -29.47 -60.69
N MET Q 324 10.01 -28.14 -60.82
CA MET Q 324 10.35 -27.47 -62.06
C MET Q 324 11.82 -27.54 -62.37
N GLU Q 325 12.62 -28.14 -61.48
CA GLU Q 325 14.05 -28.32 -61.65
C GLU Q 325 14.43 -29.77 -61.91
N ARG Q 326 13.47 -30.69 -61.86
CA ARG Q 326 13.76 -32.10 -61.97
C ARG Q 326 12.89 -32.75 -63.03
N GLY Q 327 12.68 -32.05 -64.14
CA GLY Q 327 11.89 -32.57 -65.23
C GLY Q 327 10.43 -32.72 -64.92
N GLY Q 328 9.90 -31.99 -63.95
CA GLY Q 328 8.50 -32.03 -63.59
C GLY Q 328 7.84 -30.74 -64.03
N LYS Q 329 6.53 -30.80 -64.27
CA LYS Q 329 5.79 -29.62 -64.71
C LYS Q 329 4.66 -29.28 -63.74
N ILE Q 330 4.49 -28.00 -63.44
CA ILE Q 330 3.50 -27.56 -62.42
C ILE Q 330 2.41 -26.73 -63.07
N VAL Q 331 1.16 -26.98 -62.74
CA VAL Q 331 0.04 -26.14 -63.25
C VAL Q 331 -0.84 -25.82 -62.05
N VAL Q 332 -1.35 -24.59 -61.98
CA VAL Q 332 -2.18 -24.10 -60.84
C VAL Q 332 -3.54 -23.67 -61.35
N ILE Q 333 -4.60 -23.98 -60.64
CA ILE Q 333 -5.95 -23.53 -61.08
C ILE Q 333 -6.56 -22.71 -59.95
N THR Q 334 -6.61 -21.40 -60.11
CA THR Q 334 -7.22 -20.51 -59.09
C THR Q 334 -7.74 -19.28 -59.81
N PRO Q 335 -8.79 -18.61 -59.32
CA PRO Q 335 -9.27 -17.43 -59.99
C PRO Q 335 -8.22 -16.33 -59.98
N GLU Q 336 -7.54 -16.11 -58.85
CA GLU Q 336 -6.52 -15.02 -58.74
C GLU Q 336 -5.18 -15.60 -59.24
N TYR Q 337 -4.28 -14.76 -59.77
CA TYR Q 337 -2.95 -15.28 -60.12
C TYR Q 337 -2.22 -15.27 -58.79
N SER Q 338 -2.12 -16.43 -58.14
CA SER Q 338 -1.55 -16.49 -56.78
C SER Q 338 -0.03 -16.57 -56.76
N PRO Q 339 0.58 -16.51 -55.57
CA PRO Q 339 2.00 -16.71 -55.36
C PRO Q 339 2.39 -18.16 -55.72
N SER Q 340 1.49 -19.10 -55.49
CA SER Q 340 1.64 -20.51 -55.91
C SER Q 340 1.60 -20.59 -57.43
N ALA Q 341 0.81 -19.74 -58.07
CA ALA Q 341 0.64 -19.66 -59.54
C ALA Q 341 1.90 -19.20 -60.26
N GLN Q 342 2.74 -18.43 -59.60
CA GLN Q 342 3.96 -17.92 -60.23
C GLN Q 342 4.90 -19.08 -60.60
N LYS Q 343 4.96 -20.11 -59.78
CA LYS Q 343 5.85 -21.29 -59.96
C LYS Q 343 5.37 -22.23 -61.06
N ALA Q 344 4.12 -22.07 -61.51
CA ALA Q 344 3.44 -22.90 -62.53
C ALA Q 344 3.97 -22.71 -63.95
N ASP Q 345 3.83 -23.78 -64.75
CA ASP Q 345 4.08 -23.84 -66.21
C ASP Q 345 2.99 -23.03 -66.92
N TYR Q 346 1.74 -23.15 -66.48
CA TYR Q 346 0.66 -22.37 -67.05
C TYR Q 346 -0.45 -22.28 -66.01
N TRP Q 347 -0.97 -21.07 -65.82
CA TRP Q 347 -2.01 -20.80 -64.83
C TRP Q 347 -3.37 -20.75 -65.52
N ILE Q 348 -4.33 -21.48 -64.98
CA ILE Q 348 -5.68 -21.57 -65.55
C ILE Q 348 -6.64 -20.69 -64.76
N PRO Q 349 -7.02 -19.52 -65.28
CA PRO Q 349 -8.06 -18.74 -64.61
C PRO Q 349 -9.39 -19.47 -64.63
N ILE Q 350 -10.19 -19.23 -63.59
CA ILE Q 350 -11.47 -19.90 -63.44
C ILE Q 350 -12.40 -19.01 -62.63
N ARG Q 351 -13.71 -19.12 -62.88
CA ARG Q 351 -14.64 -18.47 -61.98
C ARG Q 351 -14.85 -19.36 -60.76
N ASN Q 352 -15.09 -18.72 -59.62
CA ASN Q 352 -15.15 -19.39 -58.33
C ASN Q 352 -16.37 -20.30 -58.20
N ASN Q 353 -16.20 -21.37 -57.41
CA ASN Q 353 -17.24 -22.34 -57.12
C ASN Q 353 -17.66 -23.11 -58.36
N THR Q 354 -16.70 -23.35 -59.27
CA THR Q 354 -16.91 -24.03 -60.54
C THR Q 354 -15.85 -25.06 -60.85
N ASP Q 355 -15.10 -25.51 -59.85
CA ASP Q 355 -13.93 -26.34 -60.13
C ASP Q 355 -14.36 -27.73 -60.59
N THR Q 356 -15.52 -28.18 -60.12
CA THR Q 356 -16.15 -29.43 -60.55
C THR Q 356 -16.42 -29.49 -62.04
N ALA Q 357 -16.87 -28.41 -62.63
CA ALA Q 357 -17.18 -28.48 -64.05
C ALA Q 357 -15.95 -28.79 -64.89
N LEU Q 358 -14.83 -28.17 -64.55
CA LEU Q 358 -13.61 -28.35 -65.32
C LEU Q 358 -13.16 -29.80 -65.30
N PHE Q 359 -13.17 -30.41 -64.12
CA PHE Q 359 -12.71 -31.79 -64.02
C PHE Q 359 -13.71 -32.77 -64.61
N LEU Q 360 -15.00 -32.40 -64.62
CA LEU Q 360 -15.96 -33.21 -65.37
C LEU Q 360 -15.67 -33.12 -66.86
N GLY Q 361 -15.36 -31.91 -67.34
CA GLY Q 361 -14.97 -31.75 -68.72
C GLY Q 361 -13.68 -32.47 -69.06
N ILE Q 362 -12.74 -32.53 -68.11
CA ILE Q 362 -11.48 -33.20 -68.38
C ILE Q 362 -11.67 -34.70 -68.46
N THR Q 363 -12.55 -35.27 -67.62
CA THR Q 363 -12.83 -36.70 -67.70
C THR Q 363 -13.47 -37.08 -69.02
N LYS Q 364 -14.37 -36.24 -69.54
CA LYS Q 364 -15.00 -36.53 -70.83
C LYS Q 364 -13.97 -36.57 -71.94
N ILE Q 365 -12.99 -35.66 -71.91
CA ILE Q 365 -11.93 -35.66 -72.89
C ILE Q 365 -11.08 -36.92 -72.75
N LEU Q 366 -10.88 -37.39 -71.52
CA LEU Q 366 -10.04 -38.56 -71.29
C LEU Q 366 -10.68 -39.85 -71.79
N ILE Q 367 -12.01 -39.93 -71.82
CA ILE Q 367 -12.67 -41.18 -72.14
C ILE Q 367 -13.10 -41.19 -73.60
N ASP Q 368 -13.44 -40.01 -74.15
CA ASP Q 368 -13.71 -39.94 -75.58
C ASP Q 368 -12.49 -40.35 -76.38
N ASN Q 369 -11.30 -40.07 -75.87
CA ASN Q 369 -10.06 -40.44 -76.52
C ASN Q 369 -9.44 -41.71 -75.90
N LYS Q 370 -10.12 -42.30 -74.92
CA LYS Q 370 -9.67 -43.54 -74.27
C LYS Q 370 -8.24 -43.43 -73.75
N TRP Q 371 -7.90 -42.26 -73.23
CA TRP Q 371 -6.57 -42.06 -72.65
C TRP Q 371 -6.55 -42.40 -71.17
N TYR Q 372 -7.14 -43.54 -70.83
CA TYR Q 372 -7.21 -44.02 -69.47
C TYR Q 372 -6.60 -45.41 -69.41
N ASP Q 373 -5.98 -45.74 -68.29
CA ASP Q 373 -5.42 -47.08 -68.16
C ASP Q 373 -6.55 -48.07 -67.94
N ALA Q 374 -7.05 -48.66 -69.03
CA ALA Q 374 -8.18 -49.58 -68.92
C ALA Q 374 -7.89 -50.68 -67.92
N ASP Q 375 -6.62 -51.11 -67.86
CA ASP Q 375 -6.23 -52.16 -66.93
C ASP Q 375 -6.40 -51.71 -65.48
N TYR Q 376 -5.88 -50.53 -65.14
CA TYR Q 376 -5.97 -50.03 -63.77
C TYR Q 376 -7.41 -49.69 -63.38
N VAL Q 377 -8.27 -49.35 -64.35
CA VAL Q 377 -9.62 -48.90 -64.02
C VAL Q 377 -10.51 -50.07 -63.63
N LYS Q 378 -10.24 -51.24 -64.22
CA LYS Q 378 -11.00 -52.44 -63.85
C LYS Q 378 -10.74 -52.86 -62.41
N LYS Q 379 -9.50 -52.77 -61.94
CA LYS Q 379 -9.16 -53.43 -60.69
C LYS Q 379 -9.51 -52.59 -59.47
N PHE Q 380 -9.33 -51.26 -59.54
CA PHE Q 380 -9.48 -50.43 -58.35
C PHE Q 380 -10.64 -49.43 -58.36
N THR Q 381 -11.40 -49.35 -59.43
CA THR Q 381 -12.49 -48.36 -59.43
C THR Q 381 -13.82 -49.08 -59.49
N ASP Q 382 -14.91 -48.33 -59.37
CA ASP Q 382 -16.24 -48.95 -59.42
C ASP Q 382 -16.86 -48.68 -60.78
N PHE Q 383 -16.06 -48.25 -61.75
CA PHE Q 383 -16.58 -47.93 -63.10
C PHE Q 383 -17.19 -49.18 -63.73
N PRO Q 384 -16.59 -50.38 -63.60
CA PRO Q 384 -17.16 -51.62 -64.08
C PRO Q 384 -18.46 -52.08 -63.41
N LEU Q 385 -18.59 -51.90 -62.11
CA LEU Q 385 -19.77 -52.43 -61.38
C LEU Q 385 -21.07 -51.91 -61.98
N LEU Q 386 -22.05 -52.80 -62.09
CA LEU Q 386 -23.31 -52.51 -62.74
C LEU Q 386 -24.31 -51.92 -61.76
N ILE Q 387 -25.17 -51.05 -62.28
CA ILE Q 387 -26.17 -50.35 -61.48
C ILE Q 387 -27.52 -50.42 -62.19
N ARG Q 388 -28.56 -50.67 -61.41
CA ARG Q 388 -29.93 -50.75 -61.92
C ARG Q 388 -30.44 -49.35 -62.28
N THR Q 389 -31.35 -49.29 -63.25
CA THR Q 389 -31.90 -48.00 -63.68
C THR Q 389 -33.19 -47.64 -62.93
N ASP Q 390 -33.97 -48.63 -62.49
CA ASP Q 390 -35.21 -48.31 -61.79
C ASP Q 390 -34.92 -47.60 -60.47
N THR Q 391 -34.07 -48.20 -59.63
CA THR Q 391 -33.74 -47.63 -58.34
C THR Q 391 -32.43 -46.84 -58.33
N LEU Q 392 -31.55 -47.06 -59.32
CA LEU Q 392 -30.21 -46.46 -59.39
C LEU Q 392 -29.30 -46.94 -58.27
N LYS Q 393 -29.76 -47.89 -57.48
CA LYS Q 393 -28.88 -48.49 -56.48
C LYS Q 393 -27.88 -49.38 -57.24
N ARG Q 394 -26.70 -49.65 -56.66
CA ARG Q 394 -25.73 -50.53 -57.36
C ARG Q 394 -26.40 -51.90 -57.45
N VAL Q 395 -26.14 -52.65 -58.52
CA VAL Q 395 -26.86 -53.96 -58.69
C VAL Q 395 -26.52 -54.92 -57.55
N SER Q 396 -27.52 -55.62 -57.06
CA SER Q 396 -27.40 -56.58 -55.95
C SER Q 396 -27.50 -58.01 -56.45
N PRO Q 397 -26.54 -58.90 -56.17
CA PRO Q 397 -26.68 -60.31 -56.56
C PRO Q 397 -27.93 -60.94 -55.97
N LYS Q 398 -28.31 -60.51 -54.77
CA LYS Q 398 -29.54 -60.99 -54.14
C LYS Q 398 -30.76 -60.72 -55.00
N ASP Q 399 -30.72 -59.66 -55.80
CA ASP Q 399 -31.86 -59.30 -56.62
C ASP Q 399 -31.95 -60.12 -57.90
N ILE Q 400 -30.84 -60.68 -58.37
CA ILE Q 400 -30.85 -61.43 -59.63
C ILE Q 400 -30.50 -62.91 -59.46
N ILE Q 401 -29.76 -63.31 -58.44
CA ILE Q 401 -29.46 -64.73 -58.22
C ILE Q 401 -30.41 -65.23 -57.14
N PRO Q 402 -31.28 -66.21 -57.43
CA PRO Q 402 -32.24 -66.66 -56.41
C PRO Q 402 -31.54 -67.39 -55.27
N ASN Q 403 -31.99 -67.10 -54.06
CA ASN Q 403 -31.39 -67.67 -52.86
C ASN Q 403 -29.89 -67.39 -52.85
N TYR Q 404 -29.53 -66.14 -53.10
CA TYR Q 404 -28.13 -65.77 -53.14
C TYR Q 404 -27.59 -65.65 -51.72
N LYS Q 405 -26.36 -66.10 -51.55
CA LYS Q 405 -25.66 -66.05 -50.28
C LYS Q 405 -24.46 -65.14 -50.46
N LEU Q 406 -24.36 -64.13 -49.62
CA LEU Q 406 -23.28 -63.18 -49.79
C LEU Q 406 -21.99 -63.89 -49.37
N GLN Q 407 -20.93 -63.68 -50.15
CA GLN Q 407 -19.76 -64.54 -50.01
C GLN Q 407 -19.08 -64.31 -48.68
N ASP Q 408 -18.51 -65.39 -48.15
CA ASP Q 408 -17.91 -65.38 -46.81
C ASP Q 408 -16.52 -64.80 -46.92
N ILE Q 409 -16.40 -63.51 -46.58
CA ILE Q 409 -15.13 -62.80 -46.66
C ILE Q 409 -14.61 -62.59 -45.25
N SER Q 410 -14.88 -63.55 -44.37
CA SER Q 410 -14.51 -63.41 -42.96
C SER Q 410 -13.04 -63.73 -42.72
N ASP Q 411 -12.40 -64.47 -43.63
CA ASP Q 411 -10.97 -64.67 -43.61
C ASP Q 411 -10.22 -63.65 -44.46
N GLY Q 412 -10.93 -62.73 -45.11
CA GLY Q 412 -10.32 -61.79 -46.02
C GLY Q 412 -9.69 -60.62 -45.31
N PRO Q 413 -8.99 -59.78 -46.08
CA PRO Q 413 -8.27 -58.64 -45.49
C PRO Q 413 -9.16 -57.54 -44.96
N SER Q 414 -10.49 -57.68 -45.00
CA SER Q 414 -11.36 -56.66 -44.45
C SER Q 414 -11.73 -56.92 -43.00
N TYR Q 415 -11.58 -58.16 -42.54
CA TYR Q 415 -11.77 -58.50 -41.14
C TYR Q 415 -10.45 -58.50 -40.37
N HIS Q 416 -9.40 -59.08 -40.96
CA HIS Q 416 -8.15 -59.26 -40.24
C HIS Q 416 -7.30 -58.00 -40.24
N ILE Q 417 -7.44 -57.14 -41.25
CA ILE Q 417 -6.67 -55.91 -41.35
C ILE Q 417 -7.53 -54.67 -41.09
N GLN Q 418 -8.71 -54.61 -41.71
CA GLN Q 418 -9.55 -53.43 -41.65
C GLN Q 418 -10.62 -53.50 -40.58
N GLY Q 419 -10.84 -54.67 -39.97
CA GLY Q 419 -11.75 -54.78 -38.85
C GLY Q 419 -13.21 -54.69 -39.20
N LEU Q 420 -13.64 -55.37 -40.27
CA LEU Q 420 -15.04 -55.43 -40.65
C LEU Q 420 -15.77 -56.44 -39.77
N LYS Q 421 -17.03 -56.12 -39.46
CA LYS Q 421 -17.86 -56.97 -38.61
C LYS Q 421 -19.08 -57.46 -39.37
N ASP Q 422 -19.60 -58.61 -38.93
CA ASP Q 422 -20.71 -59.27 -39.62
C ASP Q 422 -21.96 -58.39 -39.67
N GLU Q 423 -22.22 -57.63 -38.60
CA GLU Q 423 -23.37 -56.74 -38.62
C GLU Q 423 -23.24 -55.70 -39.73
N GLN Q 424 -22.02 -55.22 -39.96
CA GLN Q 424 -21.74 -54.28 -41.04
C GLN Q 424 -21.84 -54.94 -42.40
N ARG Q 425 -21.25 -56.11 -42.56
CA ARG Q 425 -21.16 -56.71 -43.92
C ARG Q 425 -22.55 -56.96 -44.50
N GLU Q 426 -23.50 -57.31 -43.67
CA GLU Q 426 -24.84 -57.59 -44.21
C GLU Q 426 -25.40 -56.37 -44.93
N ILE Q 427 -25.14 -55.18 -44.43
CA ILE Q 427 -25.71 -53.96 -44.97
C ILE Q 427 -25.02 -53.57 -46.28
N ILE Q 428 -23.70 -53.76 -46.37
CA ILE Q 428 -23.00 -53.34 -47.58
C ILE Q 428 -23.28 -54.31 -48.74
N GLY Q 429 -23.20 -55.61 -48.49
CA GLY Q 429 -23.51 -56.58 -49.54
C GLY Q 429 -22.43 -56.66 -50.62
N ASP Q 430 -22.78 -57.32 -51.71
CA ASP Q 430 -21.93 -57.45 -52.88
C ASP Q 430 -22.61 -56.85 -54.12
N PHE Q 431 -21.83 -56.76 -55.19
CA PHE Q 431 -22.23 -56.12 -56.43
C PHE Q 431 -21.84 -57.03 -57.60
N VAL Q 432 -22.27 -56.66 -58.82
CA VAL Q 432 -22.11 -57.50 -59.98
C VAL Q 432 -21.36 -56.79 -61.10
N VAL Q 433 -20.72 -57.60 -61.94
CA VAL Q 433 -19.97 -57.17 -63.11
C VAL Q 433 -20.24 -58.10 -64.29
N TRP Q 434 -19.89 -57.65 -65.49
CA TRP Q 434 -19.97 -58.48 -66.70
C TRP Q 434 -18.63 -59.20 -66.84
N SER Q 438 -17.45 -63.70 -69.46
CA SER Q 438 -18.06 -64.95 -69.87
C SER Q 438 -19.48 -64.71 -70.37
N LYS Q 439 -19.75 -63.48 -70.82
CA LYS Q 439 -21.06 -63.04 -71.30
C LYS Q 439 -22.14 -63.25 -70.25
N GLY Q 440 -21.91 -62.65 -69.07
CA GLY Q 440 -22.87 -62.76 -67.99
C GLY Q 440 -22.50 -62.09 -66.69
N PRO Q 441 -23.51 -61.89 -65.83
CA PRO Q 441 -23.27 -61.25 -64.53
C PRO Q 441 -22.48 -62.16 -63.59
N LYS Q 442 -21.48 -61.59 -62.93
CA LYS Q 442 -20.72 -62.29 -61.91
C LYS Q 442 -20.81 -61.52 -60.60
N ALA Q 443 -20.94 -62.26 -59.50
CA ALA Q 443 -21.03 -61.64 -58.19
C ALA Q 443 -19.61 -61.51 -57.64
N ILE Q 444 -19.21 -60.28 -57.33
CA ILE Q 444 -17.84 -59.97 -56.80
C ILE Q 444 -17.93 -59.39 -55.39
N THR Q 445 -16.80 -59.45 -54.70
CA THR Q 445 -16.72 -59.01 -53.28
C THR Q 445 -15.84 -57.77 -53.14
N ARG Q 446 -16.02 -57.07 -52.03
CA ARG Q 446 -15.32 -55.80 -51.68
C ARG Q 446 -13.84 -56.06 -51.60
N ASP Q 447 -13.43 -57.24 -51.12
CA ASP Q 447 -11.99 -57.58 -51.04
C ASP Q 447 -11.50 -58.13 -52.37
N ASP Q 448 -12.44 -58.46 -53.27
CA ASP Q 448 -12.13 -58.97 -54.62
C ASP Q 448 -11.77 -57.76 -55.46
N VAL Q 449 -10.52 -57.33 -55.36
CA VAL Q 449 -10.13 -56.06 -56.04
C VAL Q 449 -8.67 -56.17 -56.49
N GLY Q 450 -8.25 -55.31 -57.40
CA GLY Q 450 -6.85 -55.36 -57.83
C GLY Q 450 -6.54 -56.66 -58.53
N GLU Q 451 -5.49 -57.38 -58.12
CA GLU Q 451 -5.12 -58.62 -58.78
C GLU Q 451 -5.82 -59.85 -58.21
N THR Q 452 -6.60 -59.70 -57.14
CA THR Q 452 -7.44 -60.80 -56.68
C THR Q 452 -8.48 -61.14 -57.74
N LEU Q 453 -8.88 -60.17 -58.55
CA LEU Q 453 -9.87 -60.39 -59.59
C LEU Q 453 -9.34 -61.31 -60.67
N VAL Q 454 -8.08 -61.15 -61.04
CA VAL Q 454 -7.47 -61.98 -62.07
C VAL Q 454 -7.20 -63.38 -61.53
N LYS Q 455 -6.96 -63.49 -60.21
CA LYS Q 455 -6.80 -64.82 -59.61
C LYS Q 455 -8.06 -65.66 -59.84
N LYS Q 456 -9.23 -65.04 -59.78
CA LYS Q 456 -10.47 -65.67 -60.20
C LYS Q 456 -10.64 -65.47 -61.70
N GLY Q 457 -11.79 -65.86 -62.25
CA GLY Q 457 -11.96 -65.75 -63.68
C GLY Q 457 -12.40 -64.39 -64.19
N ILE Q 458 -12.78 -63.48 -63.28
CA ILE Q 458 -13.45 -62.26 -63.69
C ILE Q 458 -12.55 -61.37 -64.53
N ASP Q 459 -13.14 -60.76 -65.53
CA ASP Q 459 -12.45 -59.73 -66.37
C ASP Q 459 -13.56 -58.80 -66.80
N PRO Q 460 -13.85 -57.72 -66.03
CA PRO Q 460 -15.02 -56.88 -66.28
C PRO Q 460 -15.04 -56.00 -67.53
N VAL Q 461 -16.25 -55.67 -67.93
CA VAL Q 461 -16.43 -54.80 -69.11
C VAL Q 461 -16.78 -53.42 -68.56
N LEU Q 462 -16.02 -52.42 -68.95
CA LEU Q 462 -16.33 -51.03 -68.54
C LEU Q 462 -17.52 -50.44 -69.30
N GLU Q 463 -17.65 -50.77 -70.57
CA GLU Q 463 -18.76 -50.23 -71.40
C GLU Q 463 -19.89 -51.25 -71.59
N GLY Q 464 -21.02 -50.78 -72.11
CA GLY Q 464 -22.16 -51.62 -72.48
C GLY Q 464 -23.32 -51.53 -71.53
N SER Q 465 -24.52 -51.66 -72.09
CA SER Q 465 -25.82 -51.67 -71.37
C SER Q 465 -26.46 -53.04 -71.64
N PHE Q 466 -26.93 -53.71 -70.60
CA PHE Q 466 -27.41 -55.07 -70.73
C PHE Q 466 -28.81 -55.18 -70.12
N LYS Q 467 -29.58 -56.15 -70.60
CA LYS Q 467 -30.92 -56.43 -70.09
C LYS Q 467 -30.92 -57.71 -69.26
N LEU Q 468 -31.53 -57.65 -68.07
CA LEU Q 468 -31.54 -58.74 -67.10
C LEU Q 468 -32.92 -58.83 -66.46
N LYS Q 469 -33.14 -59.95 -65.76
CA LYS Q 469 -34.45 -60.24 -65.13
C LYS Q 469 -34.25 -60.49 -63.64
N THR Q 470 -35.13 -59.92 -62.80
CA THR Q 470 -35.04 -60.05 -61.33
C THR Q 470 -35.58 -61.42 -60.88
N ILE Q 471 -35.37 -61.78 -59.62
CA ILE Q 471 -35.82 -63.11 -59.10
C ILE Q 471 -37.32 -63.23 -59.32
N ASP Q 472 -38.09 -62.20 -59.00
CA ASP Q 472 -39.55 -62.24 -59.26
C ASP Q 472 -39.77 -62.25 -60.78
N GLY Q 473 -38.96 -61.49 -61.51
CA GLY Q 473 -39.15 -61.33 -62.96
C GLY Q 473 -38.99 -59.85 -63.23
N LYS Q 474 -39.85 -59.26 -64.05
CA LYS Q 474 -39.82 -57.79 -64.25
C LYS Q 474 -38.43 -57.31 -64.66
N GLU Q 475 -38.03 -57.64 -65.88
CA GLU Q 475 -36.67 -57.31 -66.37
C GLU Q 475 -36.33 -55.83 -66.18
N ILE Q 476 -35.08 -55.64 -65.77
CA ILE Q 476 -34.41 -54.38 -65.43
C ILE Q 476 -33.29 -54.20 -66.43
N GLU Q 477 -32.99 -52.96 -66.80
CA GLU Q 477 -31.88 -52.79 -67.71
C GLU Q 477 -30.81 -51.97 -67.02
N VAL Q 478 -29.60 -52.53 -67.03
CA VAL Q 478 -28.47 -52.12 -66.20
C VAL Q 478 -27.33 -51.75 -67.13
N MET Q 479 -26.54 -50.78 -66.70
CA MET Q 479 -25.38 -50.33 -67.48
C MET Q 479 -24.23 -50.13 -66.51
N THR Q 480 -23.00 -50.15 -67.00
CA THR Q 480 -21.84 -49.89 -66.13
C THR Q 480 -21.78 -48.39 -65.84
N LEU Q 481 -21.05 -47.98 -64.79
CA LEU Q 481 -20.97 -46.55 -64.44
C LEU Q 481 -20.40 -45.76 -65.63
N LEU Q 482 -19.38 -46.31 -66.26
CA LEU Q 482 -18.74 -45.72 -67.46
C LEU Q 482 -19.78 -45.66 -68.58
N GLU Q 483 -20.72 -46.59 -68.63
CA GLU Q 483 -21.72 -46.50 -69.73
C GLU Q 483 -22.44 -45.16 -69.47
N MET Q 484 -22.99 -45.03 -68.26
CA MET Q 484 -23.81 -43.89 -67.78
C MET Q 484 -22.95 -42.63 -67.71
N TYR Q 485 -21.69 -42.75 -67.32
CA TYR Q 485 -20.88 -41.53 -67.29
C TYR Q 485 -20.76 -40.93 -68.68
N LYS Q 486 -20.59 -41.79 -69.70
CA LYS Q 486 -20.65 -41.32 -71.07
C LYS Q 486 -21.97 -40.62 -71.36
N ILE Q 487 -23.07 -41.11 -70.77
CA ILE Q 487 -24.35 -40.45 -70.90
C ILE Q 487 -24.41 -39.21 -70.02
N HIS Q 488 -23.74 -39.25 -68.87
CA HIS Q 488 -23.78 -38.12 -67.94
C HIS Q 488 -23.02 -36.93 -68.49
N LEU Q 489 -21.89 -37.17 -69.15
CA LEU Q 489 -21.03 -36.10 -69.62
C LEU Q 489 -21.50 -35.51 -70.95
N ARG Q 490 -22.74 -35.83 -71.40
CA ARG Q 490 -23.28 -35.12 -72.55
C ARG Q 490 -23.43 -33.63 -72.28
N ASP Q 491 -23.63 -33.25 -71.03
CA ASP Q 491 -23.77 -31.86 -70.65
C ASP Q 491 -22.46 -31.17 -70.38
N TYR Q 492 -21.35 -31.90 -70.39
CA TYR Q 492 -20.05 -31.34 -70.07
C TYR Q 492 -19.13 -31.40 -71.28
N ASP Q 493 -19.67 -31.10 -72.46
CA ASP Q 493 -18.82 -30.94 -73.61
C ASP Q 493 -17.85 -29.79 -73.36
N ILE Q 494 -16.71 -29.82 -74.07
CA ILE Q 494 -15.65 -28.86 -73.77
C ILE Q 494 -16.11 -27.43 -73.98
N ASP Q 495 -17.04 -27.19 -74.90
CA ASP Q 495 -17.44 -25.82 -75.15
C ASP Q 495 -18.27 -25.27 -74.01
N SER Q 496 -19.07 -26.12 -73.35
CA SER Q 496 -19.82 -25.66 -72.20
C SER Q 496 -18.91 -25.38 -71.01
N VAL Q 497 -17.88 -26.23 -70.76
CA VAL Q 497 -16.99 -25.93 -69.63
C VAL Q 497 -16.46 -24.53 -69.67
N VAL Q 498 -16.23 -24.02 -70.86
CA VAL Q 498 -15.73 -22.67 -71.03
C VAL Q 498 -16.80 -21.66 -70.62
N SER Q 499 -18.07 -21.95 -70.91
CA SER Q 499 -19.18 -21.15 -70.40
C SER Q 499 -19.38 -21.40 -68.90
N MET Q 500 -18.96 -22.58 -68.42
CA MET Q 500 -19.09 -22.99 -67.02
C MET Q 500 -18.01 -22.38 -66.17
N THR Q 501 -16.75 -22.62 -66.54
CA THR Q 501 -15.60 -22.26 -65.75
C THR Q 501 -14.88 -20.99 -66.18
N ASN Q 502 -15.31 -20.33 -67.27
CA ASN Q 502 -14.58 -19.20 -67.85
C ASN Q 502 -13.05 -19.44 -67.89
N SER Q 503 -12.65 -20.68 -68.24
CA SER Q 503 -11.24 -21.03 -68.29
C SER Q 503 -10.76 -21.17 -69.74
N PRO Q 504 -9.51 -20.80 -70.02
CA PRO Q 504 -9.00 -20.86 -71.40
C PRO Q 504 -9.08 -22.29 -71.92
N LYS Q 505 -9.71 -22.43 -73.09
CA LYS Q 505 -10.01 -23.77 -73.62
C LYS Q 505 -8.75 -24.57 -73.93
N ASP Q 506 -7.71 -23.91 -74.45
CA ASP Q 506 -6.50 -24.64 -74.81
C ASP Q 506 -5.84 -25.27 -73.59
N LEU Q 507 -5.83 -24.56 -72.46
CA LEU Q 507 -5.22 -25.14 -71.27
C LEU Q 507 -6.05 -26.31 -70.75
N ILE Q 508 -7.37 -26.26 -70.96
CA ILE Q 508 -8.20 -27.40 -70.56
C ILE Q 508 -7.74 -28.65 -71.30
N GLU Q 509 -7.64 -28.55 -72.62
CA GLU Q 509 -7.15 -29.69 -73.40
C GLU Q 509 -5.66 -29.90 -73.20
N ARG Q 510 -4.91 -28.81 -72.96
CA ARG Q 510 -3.48 -28.96 -72.68
C ARG Q 510 -3.29 -29.75 -71.40
N LEU Q 511 -4.14 -29.48 -70.40
CA LEU Q 511 -4.09 -30.24 -69.15
C LEU Q 511 -4.57 -31.67 -69.36
N ALA Q 512 -5.62 -31.85 -70.15
CA ALA Q 512 -6.17 -33.19 -70.38
C ALA Q 512 -5.14 -34.11 -71.02
N LYS Q 513 -4.42 -33.63 -72.04
CA LYS Q 513 -3.37 -34.46 -72.62
C LYS Q 513 -2.23 -34.66 -71.62
N ASP Q 514 -1.91 -33.62 -70.85
CA ASP Q 514 -0.86 -33.75 -69.85
C ASP Q 514 -1.22 -34.82 -68.82
N ILE Q 515 -2.46 -34.79 -68.32
CA ILE Q 515 -2.89 -35.80 -67.36
C ILE Q 515 -2.76 -37.19 -67.97
N ALA Q 516 -3.02 -37.30 -69.27
CA ALA Q 516 -3.01 -38.58 -69.96
C ALA Q 516 -1.62 -39.02 -70.43
N THR Q 517 -0.66 -38.10 -70.60
CA THR Q 517 0.63 -38.49 -71.17
C THR Q 517 1.78 -38.61 -70.18
N ILE Q 518 1.74 -37.96 -69.02
CA ILE Q 518 2.88 -37.93 -68.11
C ILE Q 518 2.56 -38.67 -66.82
N LYS Q 519 3.55 -39.41 -66.30
CA LYS Q 519 3.47 -40.05 -64.99
C LYS Q 519 4.63 -39.55 -64.13
N PRO Q 520 4.51 -39.63 -62.79
CA PRO Q 520 3.28 -39.66 -62.01
C PRO Q 520 2.56 -38.31 -61.92
N VAL Q 521 1.22 -38.35 -61.95
CA VAL Q 521 0.37 -37.17 -61.85
C VAL Q 521 -0.27 -37.12 -60.47
N ALA Q 522 -0.25 -35.95 -59.85
CA ALA Q 522 -0.86 -35.76 -58.54
C ALA Q 522 -1.71 -34.50 -58.56
N ILE Q 523 -2.92 -34.61 -58.02
CA ILE Q 523 -3.84 -33.48 -57.90
C ILE Q 523 -3.86 -33.03 -56.45
N HIS Q 524 -3.52 -31.76 -56.22
CA HIS Q 524 -3.47 -31.20 -54.88
C HIS Q 524 -4.48 -30.07 -54.75
N TYR Q 525 -5.17 -30.04 -53.61
CA TYR Q 525 -6.20 -29.04 -53.37
C TYR Q 525 -6.26 -28.78 -51.87
N GLY Q 526 -7.00 -27.75 -51.51
CA GLY Q 526 -7.14 -27.37 -50.12
C GLY Q 526 -8.43 -26.62 -49.90
N GLU Q 527 -8.42 -25.71 -48.95
CA GLU Q 527 -9.62 -24.99 -48.54
C GLU Q 527 -9.92 -23.81 -49.44
N GLY Q 528 -9.15 -23.59 -50.49
CA GLY Q 528 -9.60 -22.69 -51.53
C GLY Q 528 -10.80 -23.20 -52.29
N VAL Q 529 -11.01 -24.51 -52.33
CA VAL Q 529 -12.18 -25.11 -52.96
C VAL Q 529 -13.00 -25.89 -51.94
N ASN Q 530 -12.35 -26.38 -50.89
CA ASN Q 530 -13.10 -27.05 -49.84
C ASN Q 530 -13.92 -26.07 -49.05
N HIS Q 531 -13.62 -24.79 -49.24
CA HIS Q 531 -14.38 -23.71 -48.66
C HIS Q 531 -15.45 -23.19 -49.64
N TYR Q 532 -16.04 -24.07 -50.49
CA TYR Q 532 -17.32 -23.81 -51.17
C TYR Q 532 -18.29 -24.94 -50.80
N PHE Q 533 -19.60 -24.69 -50.95
CA PHE Q 533 -20.63 -25.59 -50.46
C PHE Q 533 -20.45 -27.00 -50.99
N HIS Q 534 -20.24 -27.11 -52.31
CA HIS Q 534 -20.20 -28.41 -52.98
C HIS Q 534 -18.80 -28.97 -53.07
N ALA Q 535 -17.96 -28.68 -52.07
CA ALA Q 535 -16.62 -29.27 -52.02
C ALA Q 535 -16.68 -30.79 -52.10
N THR Q 536 -17.69 -31.39 -51.46
CA THR Q 536 -17.84 -32.85 -51.52
C THR Q 536 -17.90 -33.32 -52.98
N LEU Q 537 -18.69 -32.64 -53.81
CA LEU Q 537 -18.64 -32.95 -55.23
C LEU Q 537 -17.31 -32.56 -55.83
N MET Q 538 -16.77 -31.42 -55.38
CA MET Q 538 -15.47 -30.99 -55.88
C MET Q 538 -14.39 -32.02 -55.57
N ASN Q 539 -14.37 -32.52 -54.35
CA ASN Q 539 -13.35 -33.49 -53.97
C ASN Q 539 -13.55 -34.81 -54.71
N ARG Q 540 -14.80 -35.27 -54.85
CA ARG Q 540 -15.06 -36.46 -55.64
C ARG Q 540 -14.61 -36.30 -57.08
N SER Q 541 -14.84 -35.12 -57.65
CA SER Q 541 -14.43 -34.86 -59.02
C SER Q 541 -12.93 -34.90 -59.22
N TYR Q 542 -12.14 -34.51 -58.20
CA TYR Q 542 -10.69 -34.45 -58.39
C TYR Q 542 -10.06 -35.83 -58.42
N TYR Q 543 -10.85 -36.89 -58.24
CA TYR Q 543 -10.34 -38.23 -58.41
C TYR Q 543 -10.60 -38.77 -59.80
N LEU Q 544 -11.60 -38.23 -60.50
CA LEU Q 544 -11.97 -38.77 -61.82
C LEU Q 544 -10.79 -38.82 -62.76
N PRO Q 545 -9.97 -37.77 -62.88
CA PRO Q 545 -8.79 -37.85 -63.70
C PRO Q 545 -7.73 -38.87 -63.26
N VAL Q 546 -7.52 -39.09 -61.98
CA VAL Q 546 -6.44 -40.03 -61.58
C VAL Q 546 -6.96 -41.46 -61.45
N MET Q 547 -8.27 -41.64 -61.28
CA MET Q 547 -8.85 -43.00 -61.20
C MET Q 547 -8.55 -43.68 -62.53
N LEU Q 548 -8.67 -42.89 -63.59
CA LEU Q 548 -8.48 -43.33 -64.98
C LEU Q 548 -7.01 -43.49 -65.40
N THR Q 549 -6.10 -42.63 -65.00
CA THR Q 549 -4.72 -42.83 -65.53
C THR Q 549 -3.89 -43.71 -64.61
N GLY Q 550 -4.47 -44.27 -63.55
CA GLY Q 550 -3.69 -45.10 -62.65
C GLY Q 550 -2.69 -44.31 -61.86
N ASN Q 551 -3.09 -43.16 -61.34
CA ASN Q 551 -2.14 -42.25 -60.65
C ASN Q 551 -2.24 -42.30 -59.13
N VAL Q 552 -3.10 -43.15 -58.60
CA VAL Q 552 -3.31 -43.27 -57.13
C VAL Q 552 -2.54 -44.46 -56.56
N GLY Q 553 -1.89 -44.29 -55.41
CA GLY Q 553 -1.10 -45.34 -54.74
C GLY Q 553 0.37 -45.33 -55.12
N TYR Q 554 0.79 -44.45 -56.01
CA TYR Q 554 2.22 -44.49 -56.47
C TYR Q 554 3.02 -43.28 -56.00
N PHE Q 555 4.24 -43.52 -55.56
CA PHE Q 555 4.96 -42.33 -55.08
C PHE Q 555 4.85 -41.32 -56.21
N GLY Q 556 4.44 -40.10 -55.88
CA GLY Q 556 4.24 -38.99 -56.81
C GLY Q 556 2.82 -38.93 -57.31
N SER Q 557 2.03 -39.97 -57.07
CA SER Q 557 0.64 -40.04 -57.59
C SER Q 557 -0.33 -39.52 -56.54
N GLY Q 558 -1.61 -39.67 -56.79
CA GLY Q 558 -2.62 -39.34 -55.78
C GLY Q 558 -3.34 -38.02 -55.98
N SER Q 559 -4.49 -37.95 -55.35
CA SER Q 559 -5.32 -36.75 -55.27
C SER Q 559 -5.46 -36.42 -53.79
N HIS Q 560 -4.95 -35.26 -53.39
CA HIS Q 560 -4.74 -34.98 -51.97
C HIS Q 560 -5.28 -33.62 -51.58
N THR Q 561 -5.83 -33.54 -50.37
CA THR Q 561 -6.21 -32.28 -49.75
C THR Q 561 -5.25 -31.96 -48.62
N TRP Q 562 -5.11 -30.67 -48.33
CA TRP Q 562 -4.20 -30.20 -47.30
C TRP Q 562 -4.93 -29.29 -46.35
N ALA Q 563 -4.56 -29.35 -45.08
CA ALA Q 563 -5.29 -28.66 -44.03
C ALA Q 563 -4.35 -28.42 -42.86
N GLY Q 564 -4.92 -28.13 -41.69
CA GLY Q 564 -4.14 -28.03 -40.48
C GLY Q 564 -3.71 -29.40 -39.98
N ASN Q 565 -3.25 -29.41 -38.73
CA ASN Q 565 -2.76 -30.64 -38.11
C ASN Q 565 -3.95 -31.33 -37.45
N TYR Q 566 -4.49 -32.33 -38.14
CA TYR Q 566 -5.71 -33.01 -37.71
C TYR Q 566 -5.50 -34.46 -37.30
N LYS Q 567 -4.39 -35.09 -37.69
CA LYS Q 567 -4.31 -36.55 -37.71
C LYS Q 567 -4.07 -37.09 -36.31
N ALA Q 568 -5.13 -37.07 -35.50
CA ALA Q 568 -5.10 -37.81 -34.25
C ALA Q 568 -5.11 -39.31 -34.49
N GLY Q 569 -5.39 -39.75 -35.72
CA GLY Q 569 -5.31 -41.15 -36.08
C GLY Q 569 -3.92 -41.69 -36.24
N ASN Q 570 -2.89 -40.85 -36.05
CA ASN Q 570 -1.55 -41.41 -35.94
C ASN Q 570 -1.44 -42.28 -34.70
N PHE Q 571 -2.20 -41.94 -33.67
CA PHE Q 571 -2.35 -42.81 -32.50
C PHE Q 571 -3.41 -43.85 -32.82
N GLN Q 572 -3.10 -44.63 -33.84
CA GLN Q 572 -4.08 -45.46 -34.50
C GLN Q 572 -4.33 -46.74 -33.72
N ALA Q 573 -5.59 -47.03 -33.47
CA ALA Q 573 -5.89 -48.23 -32.72
C ALA Q 573 -5.85 -49.42 -33.66
N SER Q 574 -5.42 -50.56 -33.13
CA SER Q 574 -5.43 -51.76 -33.94
C SER Q 574 -5.42 -52.96 -33.02
N LYS Q 575 -5.60 -54.11 -33.65
CA LYS Q 575 -5.66 -55.38 -32.95
C LYS Q 575 -4.31 -55.73 -32.33
N TRP Q 576 -3.25 -55.69 -33.14
CA TRP Q 576 -1.92 -55.99 -32.60
C TRP Q 576 -1.39 -54.88 -31.72
N SER Q 577 -1.78 -53.62 -31.94
CA SER Q 577 -1.19 -52.53 -31.18
C SER Q 577 -1.98 -52.27 -29.89
N GLY Q 578 -3.27 -51.96 -30.01
CA GLY Q 578 -4.06 -51.60 -28.86
C GLY Q 578 -5.04 -50.46 -29.09
N PRO Q 579 -5.45 -49.80 -28.01
CA PRO Q 579 -6.49 -48.76 -28.12
C PRO Q 579 -6.01 -47.48 -28.80
N GLY Q 580 -4.71 -47.21 -28.81
CA GLY Q 580 -4.23 -46.01 -29.47
C GLY Q 580 -4.73 -44.75 -28.79
N PHE Q 581 -5.31 -43.85 -29.60
CA PHE Q 581 -5.78 -42.57 -29.09
C PHE Q 581 -6.89 -42.73 -28.07
N TYR Q 582 -7.66 -43.82 -28.16
CA TYR Q 582 -8.74 -44.04 -27.18
C TYR Q 582 -8.20 -44.24 -25.78
N GLY Q 583 -6.96 -44.70 -25.65
CA GLY Q 583 -6.39 -44.91 -24.33
C GLY Q 583 -6.33 -43.63 -23.51
N TRP Q 584 -6.05 -42.50 -24.16
CA TRP Q 584 -5.96 -41.23 -23.46
C TRP Q 584 -7.32 -40.57 -23.27
N VAL Q 585 -8.17 -40.58 -24.30
CA VAL Q 585 -9.43 -39.83 -24.26
C VAL Q 585 -10.63 -40.68 -23.88
N ALA Q 586 -10.57 -42.00 -24.07
CA ALA Q 586 -11.72 -42.86 -23.83
C ALA Q 586 -11.42 -43.94 -22.80
N GLU Q 587 -10.51 -43.67 -21.86
CA GLU Q 587 -10.30 -44.59 -20.76
C GLU Q 587 -11.51 -44.55 -19.84
N ASP Q 588 -11.88 -45.70 -19.28
CA ASP Q 588 -13.05 -45.75 -18.42
C ASP Q 588 -12.84 -44.85 -17.22
N VAL Q 589 -13.72 -43.85 -17.10
CA VAL Q 589 -13.63 -42.89 -16.01
C VAL Q 589 -13.82 -43.57 -14.67
N PHE Q 590 -14.71 -44.57 -14.59
CA PHE Q 590 -15.00 -45.21 -13.32
C PHE Q 590 -14.02 -46.31 -12.97
N LYS Q 591 -13.20 -46.76 -13.92
CA LYS Q 591 -12.17 -47.77 -13.64
C LYS Q 591 -10.83 -47.33 -14.25
N PRO Q 592 -10.26 -46.23 -13.77
CA PRO Q 592 -8.97 -45.81 -14.30
C PRO Q 592 -7.84 -46.67 -13.73
N ASN Q 593 -6.83 -46.92 -14.56
CA ASN Q 593 -5.67 -47.71 -14.15
C ASN Q 593 -4.62 -46.77 -13.59
N LEU Q 594 -4.20 -47.02 -12.35
CA LEU Q 594 -3.27 -46.17 -11.63
C LEU Q 594 -1.89 -46.79 -11.48
N ASP Q 595 -1.58 -47.78 -12.31
CA ASP Q 595 -0.26 -48.40 -12.32
C ASP Q 595 0.58 -47.73 -13.39
N PRO Q 596 1.73 -47.14 -13.03
CA PRO Q 596 2.55 -46.48 -14.05
C PRO Q 596 3.03 -47.38 -15.16
N TYR Q 597 3.15 -48.68 -14.88
CA TYR Q 597 3.77 -49.66 -15.76
C TYR Q 597 2.79 -50.37 -16.67
N ALA Q 598 1.57 -49.87 -16.79
CA ALA Q 598 0.51 -50.60 -17.48
C ALA Q 598 0.61 -50.39 -18.98
N SER Q 599 0.73 -51.49 -19.72
CA SER Q 599 0.64 -51.44 -21.17
C SER Q 599 -0.73 -50.91 -21.58
N ALA Q 600 -0.76 -50.24 -22.73
CA ALA Q 600 -2.00 -49.63 -23.22
C ALA Q 600 -3.11 -50.64 -23.42
N LYS Q 601 -2.79 -51.93 -23.53
CA LYS Q 601 -3.83 -52.94 -23.65
C LYS Q 601 -4.42 -53.36 -22.31
N ASP Q 602 -3.79 -53.00 -21.20
CA ASP Q 602 -4.33 -53.27 -19.86
C ASP Q 602 -5.28 -52.20 -19.35
N LEU Q 603 -5.56 -51.16 -20.13
CA LEU Q 603 -6.45 -50.09 -19.68
C LEU Q 603 -7.88 -50.33 -20.16
N ASN Q 604 -8.83 -49.91 -19.31
CA ASN Q 604 -10.25 -50.12 -19.57
C ASN Q 604 -10.81 -49.03 -20.47
N ILE Q 605 -11.30 -49.43 -21.64
CA ILE Q 605 -11.81 -48.50 -22.65
C ILE Q 605 -13.32 -48.38 -22.47
N LYS Q 606 -13.80 -47.19 -22.15
CA LYS Q 606 -15.26 -46.90 -22.06
C LYS Q 606 -15.47 -45.40 -22.02
N GLY Q 607 -15.61 -44.74 -23.16
CA GLY Q 607 -15.76 -43.28 -23.18
C GLY Q 607 -17.20 -42.86 -23.03
N ARG Q 608 -17.47 -41.89 -22.14
CA ARG Q 608 -18.83 -41.42 -21.84
C ARG Q 608 -19.07 -40.02 -22.39
N ALA Q 609 -18.27 -39.62 -23.36
CA ALA Q 609 -18.33 -38.30 -23.97
C ALA Q 609 -18.75 -38.47 -25.43
N LEU Q 610 -19.86 -37.85 -25.80
CA LEU Q 610 -20.41 -37.97 -27.15
C LEU Q 610 -19.82 -36.90 -28.07
N ASP Q 611 -19.14 -37.33 -29.12
CA ASP Q 611 -18.55 -36.38 -30.06
C ASP Q 611 -19.64 -35.57 -30.74
N GLU Q 612 -19.35 -34.31 -31.03
CA GLU Q 612 -20.30 -33.45 -31.72
C GLU Q 612 -19.55 -32.50 -32.63
N GLU Q 613 -20.24 -32.03 -33.67
CA GLU Q 613 -19.70 -31.04 -34.58
C GLU Q 613 -20.04 -29.65 -34.08
N VAL Q 614 -19.04 -28.75 -34.10
CA VAL Q 614 -19.19 -27.41 -33.58
C VAL Q 614 -20.17 -26.60 -34.42
N ALA Q 615 -20.29 -26.93 -35.71
CA ALA Q 615 -20.99 -26.07 -36.67
C ALA Q 615 -22.44 -25.80 -36.29
N TYR Q 616 -23.09 -26.71 -35.56
CA TYR Q 616 -24.46 -26.43 -35.14
C TYR Q 616 -24.52 -25.22 -34.22
N TRP Q 617 -23.55 -25.08 -33.32
CA TRP Q 617 -23.43 -23.84 -32.56
C TRP Q 617 -23.33 -22.64 -33.50
N ASN Q 618 -22.43 -22.72 -34.48
CA ASN Q 618 -22.30 -21.65 -35.47
C ASN Q 618 -23.57 -21.46 -36.27
N HIS Q 619 -24.43 -22.49 -36.34
CA HIS Q 619 -25.70 -22.42 -37.03
C HIS Q 619 -26.81 -21.87 -36.16
N SER Q 620 -26.46 -21.09 -35.13
CA SER Q 620 -27.39 -20.55 -34.14
C SER Q 620 -28.06 -21.66 -33.34
N GLU Q 621 -27.26 -22.68 -32.99
CA GLU Q 621 -27.69 -23.77 -32.10
C GLU Q 621 -28.93 -24.48 -32.64
N ARG Q 622 -28.98 -24.68 -33.97
CA ARG Q 622 -30.08 -25.37 -34.62
C ARG Q 622 -29.54 -26.38 -35.63
N PRO Q 623 -30.18 -27.53 -35.78
CA PRO Q 623 -29.87 -28.42 -36.89
C PRO Q 623 -30.45 -27.88 -38.19
N LEU Q 624 -30.22 -28.62 -39.25
CA LEU Q 624 -30.84 -28.20 -40.51
C LEU Q 624 -32.23 -28.82 -40.54
N ILE Q 625 -33.24 -28.05 -40.23
CA ILE Q 625 -34.62 -28.54 -40.34
C ILE Q 625 -35.31 -27.50 -41.21
N VAL Q 626 -35.96 -27.95 -42.27
CA VAL Q 626 -36.63 -27.07 -43.25
C VAL Q 626 -38.10 -27.45 -43.26
N ASN Q 627 -38.96 -26.45 -43.28
CA ASN Q 627 -40.41 -26.61 -43.36
C ASN Q 627 -40.81 -26.56 -44.83
N THR Q 628 -40.59 -27.69 -45.51
CA THR Q 628 -40.88 -27.78 -46.93
C THR Q 628 -42.39 -27.75 -47.16
N PRO Q 629 -42.86 -27.03 -48.18
CA PRO Q 629 -44.30 -27.08 -48.47
C PRO Q 629 -44.75 -28.40 -49.05
N LYS Q 630 -43.82 -29.22 -49.56
CA LYS Q 630 -44.17 -30.53 -50.09
C LYS Q 630 -44.25 -31.59 -49.00
N TYR Q 631 -43.36 -31.57 -48.00
CA TYR Q 631 -43.35 -32.56 -46.93
C TYR Q 631 -43.40 -31.98 -45.53
N GLY Q 632 -43.50 -30.66 -45.38
CA GLY Q 632 -43.57 -30.03 -44.08
C GLY Q 632 -42.22 -29.86 -43.39
N ARG Q 633 -42.26 -29.97 -42.06
CA ARG Q 633 -41.05 -29.85 -41.24
C ARG Q 633 -40.25 -31.14 -41.29
N LYS Q 634 -39.18 -31.14 -42.08
CA LYS Q 634 -38.32 -32.30 -42.23
C LYS Q 634 -36.93 -31.95 -41.73
N VAL Q 635 -36.31 -32.88 -41.03
CA VAL Q 635 -34.97 -32.72 -40.49
C VAL Q 635 -34.01 -33.45 -41.41
N PHE Q 636 -33.01 -32.73 -41.91
CA PHE Q 636 -32.00 -33.31 -42.77
C PHE Q 636 -30.77 -33.75 -42.01
N THR Q 637 -30.70 -33.42 -40.71
CA THR Q 637 -29.58 -33.84 -39.89
C THR Q 637 -29.80 -35.27 -39.44
N GLY Q 638 -28.81 -36.13 -39.68
CA GLY Q 638 -28.93 -37.50 -39.26
C GLY Q 638 -28.93 -37.62 -37.75
N LYS Q 639 -29.46 -38.73 -37.27
CA LYS Q 639 -29.57 -38.98 -35.82
C LYS Q 639 -28.17 -39.09 -35.23
N THR Q 640 -27.22 -39.53 -36.05
CA THR Q 640 -25.79 -39.74 -35.71
C THR Q 640 -25.12 -38.40 -35.36
N HIS Q 641 -25.55 -37.34 -36.03
CA HIS Q 641 -25.03 -35.95 -35.92
C HIS Q 641 -25.90 -35.07 -35.04
N MET Q 642 -26.83 -35.60 -34.27
CA MET Q 642 -27.67 -34.66 -33.50
C MET Q 642 -26.83 -33.91 -32.49
N PRO Q 643 -26.91 -32.57 -32.44
CA PRO Q 643 -26.21 -31.77 -31.43
C PRO Q 643 -27.04 -31.65 -30.16
N SER Q 644 -26.50 -30.91 -29.22
CA SER Q 644 -27.12 -30.65 -27.93
C SER Q 644 -27.11 -29.16 -27.65
N PRO Q 645 -28.01 -28.69 -26.80
CA PRO Q 645 -27.96 -27.28 -26.40
C PRO Q 645 -26.64 -26.98 -25.70
N THR Q 646 -26.08 -25.82 -25.99
CA THR Q 646 -24.82 -25.40 -25.39
C THR Q 646 -25.09 -24.46 -24.22
N LYS Q 647 -24.69 -24.88 -23.03
CA LYS Q 647 -24.84 -24.08 -21.83
C LYS Q 647 -23.53 -23.79 -21.11
N VAL Q 648 -22.55 -24.68 -21.21
CA VAL Q 648 -21.21 -24.44 -20.71
C VAL Q 648 -20.22 -24.77 -21.81
N LEU Q 649 -19.15 -23.97 -21.89
CA LEU Q 649 -18.18 -24.12 -22.96
C LEU Q 649 -16.81 -23.78 -22.41
N TRP Q 650 -15.83 -24.61 -22.73
CA TRP Q 650 -14.44 -24.34 -22.36
C TRP Q 650 -13.55 -24.92 -23.44
N PHE Q 651 -12.61 -24.12 -23.94
CA PHE Q 651 -11.82 -24.52 -25.10
C PHE Q 651 -10.39 -24.04 -24.94
N THR Q 652 -9.43 -24.91 -25.27
CA THR Q 652 -8.00 -24.63 -25.13
C THR Q 652 -7.32 -24.63 -26.49
N ASN Q 653 -6.21 -23.96 -26.59
CA ASN Q 653 -5.36 -23.93 -27.80
C ASN Q 653 -6.17 -23.63 -29.05
N VAL Q 654 -7.22 -22.85 -28.92
CA VAL Q 654 -7.95 -22.34 -30.11
C VAL Q 654 -8.56 -21.01 -29.73
N ASN Q 655 -8.64 -20.08 -30.67
CA ASN Q 655 -9.29 -18.77 -30.45
C ASN Q 655 -10.67 -18.89 -31.08
N LEU Q 656 -11.48 -19.78 -30.54
CA LEU Q 656 -12.74 -20.27 -31.10
C LEU Q 656 -13.71 -19.12 -31.45
N ILE Q 657 -14.02 -18.27 -30.47
CA ILE Q 657 -15.06 -17.27 -30.72
C ILE Q 657 -14.58 -16.22 -31.71
N ASN Q 658 -13.33 -15.76 -31.56
CA ASN Q 658 -12.79 -14.75 -32.47
C ASN Q 658 -12.79 -15.26 -33.91
N ASN Q 659 -12.46 -16.52 -34.12
CA ASN Q 659 -12.34 -17.09 -35.47
C ASN Q 659 -13.64 -17.68 -36.01
N ALA Q 660 -14.76 -17.46 -35.35
CA ALA Q 660 -16.03 -18.04 -35.84
C ALA Q 660 -16.44 -17.38 -37.15
N LYS Q 661 -17.40 -17.95 -37.87
CA LYS Q 661 -17.78 -17.44 -39.20
C LYS Q 661 -18.96 -16.47 -39.15
N HIS Q 662 -19.69 -16.39 -38.06
CA HIS Q 662 -20.80 -15.42 -37.93
C HIS Q 662 -20.58 -14.83 -36.55
N VAL Q 663 -19.39 -14.33 -36.35
CA VAL Q 663 -18.98 -13.97 -34.98
C VAL Q 663 -19.95 -12.98 -34.35
N TYR Q 664 -20.42 -12.00 -35.12
CA TYR Q 664 -21.31 -11.00 -34.51
C TYR Q 664 -22.71 -11.55 -34.28
N GLN Q 665 -23.13 -12.52 -35.11
CA GLN Q 665 -24.33 -13.28 -34.78
C GLN Q 665 -24.11 -14.11 -33.52
N MET Q 666 -22.92 -14.69 -33.37
CA MET Q 666 -22.62 -15.50 -32.19
C MET Q 666 -22.63 -14.65 -30.92
N LEU Q 667 -22.03 -13.47 -30.97
CA LEU Q 667 -21.90 -12.65 -29.77
C LEU Q 667 -23.22 -12.00 -29.38
N LYS Q 668 -24.04 -11.63 -30.35
CA LYS Q 668 -25.26 -10.87 -30.06
C LYS Q 668 -26.44 -11.77 -29.74
N ASN Q 669 -26.62 -12.87 -30.47
CA ASN Q 669 -27.87 -13.62 -30.40
C ASN Q 669 -27.72 -15.08 -29.96
N VAL Q 670 -26.52 -15.65 -29.96
CA VAL Q 670 -26.33 -17.06 -29.62
C VAL Q 670 -25.72 -17.24 -28.23
N ASN Q 671 -24.52 -16.71 -28.00
CA ASN Q 671 -23.77 -16.93 -26.78
C ASN Q 671 -24.35 -16.32 -25.51
N PRO Q 672 -25.09 -15.19 -25.57
CA PRO Q 672 -25.73 -14.69 -24.33
C PRO Q 672 -26.56 -15.74 -23.62
N ASN Q 673 -27.00 -16.77 -24.34
CA ASN Q 673 -27.71 -17.89 -23.74
C ASN Q 673 -26.76 -18.96 -23.21
N ILE Q 674 -25.47 -18.91 -23.56
CA ILE Q 674 -24.50 -19.80 -22.95
C ILE Q 674 -24.10 -19.23 -21.60
N GLU Q 675 -24.32 -20.00 -20.55
CA GLU Q 675 -24.21 -19.51 -19.17
C GLU Q 675 -22.79 -19.57 -18.62
N GLN Q 676 -21.87 -20.25 -19.29
CA GLN Q 676 -20.47 -20.24 -18.88
C GLN Q 676 -19.59 -20.44 -20.10
N ILE Q 677 -18.70 -19.48 -20.37
CA ILE Q 677 -17.74 -19.55 -21.47
C ILE Q 677 -16.34 -19.44 -20.89
N MET Q 678 -15.46 -20.36 -21.27
CA MET Q 678 -14.14 -20.45 -20.69
C MET Q 678 -13.11 -20.70 -21.78
N SER Q 679 -11.92 -20.10 -21.61
CA SER Q 679 -10.84 -20.28 -22.57
C SER Q 679 -9.51 -20.39 -21.85
N THR Q 680 -8.73 -21.41 -22.20
CA THR Q 680 -7.33 -21.51 -21.82
C THR Q 680 -6.49 -21.06 -23.00
N ASP Q 681 -5.56 -20.13 -22.76
CA ASP Q 681 -4.79 -19.54 -23.83
C ASP Q 681 -3.54 -18.89 -23.25
N ILE Q 682 -2.70 -18.34 -24.13
CA ILE Q 682 -1.49 -17.63 -23.75
C ILE Q 682 -1.55 -16.15 -24.06
N GLU Q 683 -2.54 -15.70 -24.84
CA GLU Q 683 -2.69 -14.31 -25.20
C GLU Q 683 -4.14 -13.91 -25.01
N ILE Q 684 -4.38 -12.61 -24.85
CA ILE Q 684 -5.75 -12.10 -24.82
C ILE Q 684 -6.24 -11.96 -26.25
N THR Q 685 -7.26 -12.74 -26.61
CA THR Q 685 -7.58 -13.00 -28.00
C THR Q 685 -8.86 -12.34 -28.50
N GLY Q 686 -9.57 -11.58 -27.67
CA GLY Q 686 -10.89 -11.11 -28.05
C GLY Q 686 -11.96 -12.16 -27.85
N SER Q 687 -11.59 -13.44 -27.92
CA SER Q 687 -12.44 -14.47 -27.34
C SER Q 687 -12.44 -14.35 -25.82
N ILE Q 688 -11.33 -13.86 -25.27
CA ILE Q 688 -11.25 -13.61 -23.82
C ILE Q 688 -12.17 -12.45 -23.42
N GLU Q 689 -12.28 -11.45 -24.29
CA GLU Q 689 -13.14 -10.31 -24.00
C GLU Q 689 -14.62 -10.68 -23.97
N TYR Q 690 -15.02 -11.72 -24.67
CA TYR Q 690 -16.41 -12.18 -24.68
C TYR Q 690 -16.57 -13.53 -24.01
N ALA Q 691 -15.72 -13.84 -23.03
CA ALA Q 691 -15.77 -15.07 -22.26
C ALA Q 691 -16.00 -14.74 -20.80
N ASP Q 692 -16.16 -15.79 -20.00
CA ASP Q 692 -16.35 -15.65 -18.56
C ASP Q 692 -15.13 -16.03 -17.75
N PHE Q 693 -14.28 -16.90 -18.27
CA PHE Q 693 -13.04 -17.29 -17.61
C PHE Q 693 -11.90 -17.25 -18.60
N ALA Q 694 -10.70 -17.04 -18.07
CA ALA Q 694 -9.47 -17.07 -18.85
C ALA Q 694 -8.38 -17.71 -18.00
N PHE Q 695 -7.69 -18.68 -18.57
CA PHE Q 695 -6.64 -19.39 -17.85
C PHE Q 695 -5.32 -19.24 -18.59
N PRO Q 696 -4.35 -18.52 -18.03
CA PRO Q 696 -3.06 -18.35 -18.72
C PRO Q 696 -2.28 -19.65 -18.68
N ALA Q 697 -1.98 -20.18 -19.86
CA ALA Q 697 -1.21 -21.40 -20.00
C ALA Q 697 0.23 -21.06 -20.38
N ASN Q 698 1.10 -22.05 -20.22
CA ASN Q 698 2.50 -21.89 -20.60
C ASN Q 698 2.63 -22.07 -22.11
N SER Q 699 3.36 -21.14 -22.75
CA SER Q 699 3.63 -21.27 -24.17
C SER Q 699 4.65 -22.38 -24.38
N TRP Q 700 4.99 -22.65 -25.64
CA TRP Q 700 5.83 -23.81 -25.97
C TRP Q 700 7.21 -23.71 -25.34
N VAL Q 701 7.66 -22.50 -25.02
CA VAL Q 701 8.97 -22.31 -24.40
C VAL Q 701 8.89 -22.24 -22.88
N GLU Q 702 7.69 -22.24 -22.30
CA GLU Q 702 7.55 -22.24 -20.85
C GLU Q 702 6.88 -23.50 -20.31
N PHE Q 703 6.88 -24.58 -21.09
CA PHE Q 703 6.25 -25.82 -20.61
C PHE Q 703 7.08 -26.32 -19.44
N GLN Q 704 6.39 -26.89 -18.44
CA GLN Q 704 7.07 -27.51 -17.30
C GLN Q 704 6.72 -28.98 -17.18
N GLU Q 705 6.28 -29.57 -18.28
CA GLU Q 705 6.05 -31.00 -18.44
C GLU Q 705 6.13 -31.32 -19.92
N PHE Q 706 6.46 -32.57 -20.22
CA PHE Q 706 6.69 -32.99 -21.59
C PHE Q 706 5.38 -33.04 -22.38
N GLU Q 707 5.51 -32.90 -23.70
CA GLU Q 707 4.36 -32.92 -24.58
C GLU Q 707 4.71 -33.65 -25.87
N ILE Q 708 3.70 -34.28 -26.44
CA ILE Q 708 3.83 -35.16 -27.60
C ILE Q 708 3.11 -34.51 -28.78
N THR Q 709 3.73 -34.55 -29.96
CA THR Q 709 3.06 -34.08 -31.15
C THR Q 709 3.65 -34.77 -32.38
N ASN Q 710 2.85 -34.86 -33.43
CA ASN Q 710 3.28 -35.33 -34.74
C ASN Q 710 2.49 -34.54 -35.79
N SER Q 711 2.71 -34.87 -37.06
CA SER Q 711 2.06 -34.13 -38.13
C SER Q 711 1.56 -35.07 -39.22
N CYS Q 712 0.74 -34.50 -40.10
CA CYS Q 712 0.20 -35.18 -41.26
C CYS Q 712 0.94 -34.83 -42.54
N SER Q 713 1.90 -33.91 -42.49
CA SER Q 713 2.71 -33.58 -43.65
C SER Q 713 4.13 -34.10 -43.55
N ASN Q 714 4.50 -34.72 -42.44
CA ASN Q 714 5.82 -35.28 -42.25
C ASN Q 714 5.72 -36.44 -41.29
N PRO Q 715 6.68 -37.37 -41.32
CA PRO Q 715 6.61 -38.53 -40.42
C PRO Q 715 7.23 -38.27 -39.06
N PHE Q 716 7.42 -37.01 -38.70
CA PHE Q 716 8.24 -36.64 -37.56
C PHE Q 716 7.44 -36.63 -36.26
N ILE Q 717 8.07 -37.13 -35.20
CA ILE Q 717 7.53 -37.09 -33.84
C ILE Q 717 8.33 -36.05 -33.05
N GLN Q 718 7.63 -35.21 -32.30
CA GLN Q 718 8.28 -34.18 -31.50
C GLN Q 718 7.83 -34.30 -30.05
N ILE Q 719 8.77 -34.47 -29.14
CA ILE Q 719 8.52 -34.43 -27.70
C ILE Q 719 9.44 -33.39 -27.09
N TRP Q 720 8.88 -32.43 -26.39
CA TRP Q 720 9.67 -31.34 -25.79
C TRP Q 720 9.00 -30.89 -24.51
N GLY Q 721 9.75 -30.20 -23.67
CA GLY Q 721 9.25 -29.66 -22.40
C GLY Q 721 10.33 -29.63 -21.36
N LYS Q 722 10.21 -28.70 -20.41
CA LYS Q 722 11.03 -28.48 -19.20
C LYS Q 722 12.39 -27.86 -19.46
N THR Q 723 12.80 -27.70 -20.70
CA THR Q 723 14.17 -27.25 -21.08
C THR Q 723 14.16 -25.85 -21.66
N GLY Q 724 13.11 -25.08 -21.44
CA GLY Q 724 13.04 -23.72 -21.97
C GLY Q 724 13.28 -22.70 -20.89
N ILE Q 725 12.55 -21.60 -20.92
CA ILE Q 725 12.66 -20.54 -19.89
C ILE Q 725 11.56 -20.75 -18.85
N THR Q 726 11.72 -20.19 -17.67
CA THR Q 726 10.71 -20.21 -16.63
C THR Q 726 9.52 -19.35 -17.04
N PRO Q 727 8.32 -19.70 -16.57
CA PRO Q 727 7.12 -18.93 -16.93
C PRO Q 727 7.27 -17.45 -16.61
N VAL Q 728 6.95 -16.62 -17.61
CA VAL Q 728 7.08 -15.18 -17.45
C VAL Q 728 6.03 -14.63 -16.47
N TYR Q 729 4.83 -15.19 -16.50
CA TYR Q 729 3.74 -14.74 -15.64
C TYR Q 729 3.16 -15.93 -14.90
N GLU Q 730 2.02 -15.72 -14.25
CA GLU Q 730 1.35 -16.74 -13.43
C GLU Q 730 0.66 -17.77 -14.33
N SER Q 731 1.48 -18.63 -14.92
CA SER Q 731 0.97 -19.59 -15.90
C SER Q 731 1.11 -21.01 -15.37
N LYS Q 732 0.27 -21.89 -15.88
CA LYS Q 732 0.30 -23.30 -15.52
C LYS Q 732 0.34 -24.11 -16.81
N ASP Q 733 0.75 -25.36 -16.69
CA ASP Q 733 0.75 -26.22 -17.85
C ASP Q 733 -0.68 -26.66 -18.17
N ASP Q 734 -0.97 -26.80 -19.46
CA ASP Q 734 -2.34 -27.07 -19.90
C ASP Q 734 -2.89 -28.32 -19.23
N VAL Q 735 -2.05 -29.35 -19.11
CA VAL Q 735 -2.47 -30.56 -18.41
C VAL Q 735 -2.73 -30.25 -16.93
N LYS Q 736 -1.98 -29.31 -16.34
CA LYS Q 736 -2.18 -28.98 -14.93
C LYS Q 736 -3.45 -28.16 -14.71
N ILE Q 737 -3.81 -27.30 -15.67
CA ILE Q 737 -5.08 -26.59 -15.61
C ILE Q 737 -6.23 -27.58 -15.73
N LEU Q 738 -6.09 -28.53 -16.64
CA LEU Q 738 -7.09 -29.58 -16.81
C LEU Q 738 -7.24 -30.42 -15.56
N ALA Q 739 -6.11 -30.81 -14.96
CA ALA Q 739 -6.16 -31.58 -13.72
C ALA Q 739 -6.68 -30.75 -12.56
N GLY Q 740 -6.25 -29.48 -12.47
CA GLY Q 740 -6.72 -28.62 -11.40
C GLY Q 740 -8.22 -28.39 -11.42
N MET Q 741 -8.81 -28.32 -12.62
CA MET Q 741 -10.26 -28.18 -12.71
C MET Q 741 -10.96 -29.44 -12.21
N ALA Q 742 -10.40 -30.61 -12.51
CA ALA Q 742 -11.02 -31.85 -12.07
C ALA Q 742 -10.90 -32.02 -10.57
N SER Q 743 -9.77 -31.62 -9.99
CA SER Q 743 -9.56 -31.80 -8.55
C SER Q 743 -10.57 -31.00 -7.73
N LYS Q 744 -10.85 -29.76 -8.15
CA LYS Q 744 -11.83 -28.96 -7.43
C LYS Q 744 -13.24 -29.53 -7.59
N LEU Q 745 -13.54 -30.13 -8.75
CA LEU Q 745 -14.81 -30.83 -8.92
C LEU Q 745 -14.94 -31.99 -7.92
N GLY Q 746 -13.85 -32.71 -7.69
CA GLY Q 746 -13.87 -33.77 -6.70
C GLY Q 746 -13.92 -33.24 -5.28
N GLU Q 747 -13.25 -32.12 -5.03
CA GLU Q 747 -13.27 -31.50 -3.72
C GLU Q 747 -14.66 -31.01 -3.35
N LEU Q 748 -15.38 -30.43 -4.32
CA LEU Q 748 -16.75 -29.98 -4.05
C LEU Q 748 -17.72 -31.13 -3.93
N LEU Q 749 -17.48 -32.23 -4.65
CA LEU Q 749 -18.35 -33.39 -4.63
C LEU Q 749 -17.87 -34.49 -3.70
N ARG Q 750 -16.79 -34.25 -2.96
CA ARG Q 750 -16.21 -35.23 -2.04
C ARG Q 750 -16.02 -36.58 -2.72
N ASP Q 751 -15.43 -36.53 -3.93
CA ASP Q 751 -15.21 -37.71 -4.74
C ASP Q 751 -13.74 -37.75 -5.17
N LYS Q 752 -13.10 -38.90 -4.97
CA LYS Q 752 -11.69 -39.06 -5.31
C LYS Q 752 -11.50 -39.52 -6.75
N ARG Q 753 -12.48 -40.25 -7.30
CA ARG Q 753 -12.42 -40.74 -8.68
C ARG Q 753 -12.04 -39.66 -9.68
N PHE Q 754 -12.12 -38.38 -9.29
CA PHE Q 754 -11.62 -37.30 -10.14
C PHE Q 754 -10.10 -37.27 -10.20
N GLU Q 755 -9.43 -37.32 -9.03
CA GLU Q 755 -7.97 -37.27 -9.03
C GLU Q 755 -7.36 -38.51 -9.65
N ASP Q 756 -8.08 -39.64 -9.61
CA ASP Q 756 -7.56 -40.86 -10.18
C ASP Q 756 -7.39 -40.74 -11.70
N ASN Q 757 -8.33 -40.05 -12.35
CA ASN Q 757 -8.26 -39.87 -13.79
C ASN Q 757 -7.13 -38.93 -14.21
N TRP Q 758 -6.62 -38.15 -13.27
CA TRP Q 758 -5.50 -37.21 -13.54
C TRP Q 758 -4.30 -37.50 -12.65
N LYS Q 759 -4.22 -38.67 -12.02
CA LYS Q 759 -3.16 -38.94 -11.03
C LYS Q 759 -1.76 -38.76 -11.60
N PHE Q 760 -1.47 -39.21 -12.81
CA PHE Q 760 -0.12 -39.05 -13.38
C PHE Q 760 0.19 -37.60 -13.73
N ALA Q 761 -0.82 -36.91 -14.23
CA ALA Q 761 -0.71 -35.48 -14.55
C ALA Q 761 -0.43 -34.67 -13.29
N ILE Q 762 -1.16 -34.94 -12.20
CA ILE Q 762 -0.99 -34.18 -10.96
C ILE Q 762 0.41 -34.41 -10.39
N GLU Q 763 0.91 -35.64 -10.47
CA GLU Q 763 2.25 -35.92 -9.94
C GLU Q 763 3.36 -35.37 -10.81
N GLY Q 764 3.04 -34.84 -11.98
CA GLY Q 764 4.06 -34.39 -12.87
C GLY Q 764 4.64 -35.50 -13.72
N ARG Q 765 3.99 -36.64 -13.80
CA ARG Q 765 4.48 -37.77 -14.60
C ARG Q 765 3.51 -38.00 -15.75
N ALA Q 766 3.54 -37.08 -16.69
CA ALA Q 766 2.65 -37.24 -17.83
C ALA Q 766 3.21 -38.23 -18.83
N SER Q 767 4.52 -38.45 -18.79
CA SER Q 767 5.21 -39.41 -19.64
C SER Q 767 4.53 -40.77 -19.53
N VAL Q 768 3.90 -41.01 -18.38
CA VAL Q 768 3.09 -42.21 -18.21
C VAL Q 768 1.99 -42.26 -19.26
N TYR Q 769 1.19 -41.19 -19.36
CA TYR Q 769 0.14 -41.18 -20.37
C TYR Q 769 0.72 -41.17 -21.77
N ILE Q 770 1.82 -40.44 -21.96
CA ILE Q 770 2.47 -40.37 -23.26
C ILE Q 770 2.97 -41.76 -23.67
N ASN Q 771 3.58 -42.47 -22.73
CA ASN Q 771 4.07 -43.81 -23.03
C ASN Q 771 2.92 -44.75 -23.36
N ARG Q 772 1.77 -44.57 -22.72
CA ARG Q 772 0.58 -45.35 -23.04
C ARG Q 772 0.00 -45.03 -24.41
N LEU Q 773 0.32 -43.86 -24.96
CA LEU Q 773 -0.16 -43.50 -26.30
C LEU Q 773 0.79 -44.00 -27.37
N LEU Q 774 2.10 -43.91 -27.09
CA LEU Q 774 3.10 -44.48 -27.98
C LEU Q 774 2.85 -45.97 -28.15
N ASP Q 775 2.82 -46.69 -27.04
CA ASP Q 775 2.38 -48.07 -27.00
C ASP Q 775 0.90 -48.15 -27.33
N GLY Q 776 0.54 -49.14 -28.15
CA GLY Q 776 -0.85 -49.28 -28.52
C GLY Q 776 -1.22 -48.56 -29.79
N SER Q 777 -0.24 -48.01 -30.50
CA SER Q 777 -0.46 -47.31 -31.75
C SER Q 777 0.37 -47.98 -32.84
N THR Q 778 -0.24 -48.15 -34.01
CA THR Q 778 0.43 -48.80 -35.12
C THR Q 778 1.71 -48.08 -35.51
N THR Q 779 1.72 -46.76 -35.38
CA THR Q 779 2.84 -45.98 -35.88
C THR Q 779 3.97 -45.78 -34.89
N MET Q 780 3.75 -46.09 -33.60
CA MET Q 780 4.77 -45.78 -32.59
C MET Q 780 4.96 -46.84 -31.49
N LYS Q 781 4.27 -47.96 -31.53
CA LYS Q 781 4.55 -49.01 -30.55
C LYS Q 781 6.01 -49.42 -30.66
N GLY Q 782 6.69 -49.45 -29.52
CA GLY Q 782 8.12 -49.63 -29.45
C GLY Q 782 8.85 -48.39 -28.98
N TYR Q 783 8.27 -47.21 -29.15
CA TYR Q 783 8.86 -45.98 -28.67
C TYR Q 783 8.44 -45.73 -27.22
N THR Q 784 9.38 -45.21 -26.43
CA THR Q 784 9.11 -44.75 -25.08
C THR Q 784 9.48 -43.27 -24.99
N CYS Q 785 8.73 -42.53 -24.16
CA CYS Q 785 8.99 -41.10 -24.02
C CYS Q 785 10.42 -40.83 -23.61
N GLU Q 786 10.98 -41.66 -22.73
CA GLU Q 786 12.36 -41.48 -22.29
C GLU Q 786 13.34 -41.60 -23.45
N ASP Q 787 13.18 -42.65 -24.27
CA ASP Q 787 14.15 -42.91 -25.34
C ASP Q 787 14.18 -41.78 -26.36
N ILE Q 788 13.01 -41.29 -26.76
CA ILE Q 788 12.95 -40.20 -27.74
C ILE Q 788 13.58 -38.94 -27.18
N LEU Q 789 13.28 -38.61 -25.91
CA LEU Q 789 13.81 -37.38 -25.32
C LEU Q 789 15.32 -37.43 -25.16
N ASN Q 790 15.90 -38.62 -25.08
CA ASN Q 790 17.32 -38.77 -24.78
C ASN Q 790 18.16 -38.90 -26.04
N GLY Q 791 17.54 -38.88 -27.22
CA GLY Q 791 18.29 -38.93 -28.45
C GLY Q 791 18.56 -40.31 -28.98
N LYS Q 792 17.81 -41.32 -28.52
CA LYS Q 792 18.07 -42.69 -28.96
C LYS Q 792 17.97 -42.83 -30.47
N TYR Q 793 17.11 -42.05 -31.11
CA TYR Q 793 16.90 -42.15 -32.55
C TYR Q 793 17.41 -40.91 -33.27
N GLY Q 794 18.50 -40.33 -32.76
CA GLY Q 794 19.15 -39.18 -33.37
C GLY Q 794 19.07 -37.91 -32.56
N GLU Q 795 18.37 -36.91 -33.09
CA GLU Q 795 18.23 -35.64 -32.38
C GLU Q 795 17.39 -35.84 -31.12
N PRO Q 796 17.74 -35.18 -30.00
CA PRO Q 796 17.01 -35.39 -28.76
C PRO Q 796 15.60 -34.82 -28.86
N GLY Q 797 14.61 -35.67 -28.65
CA GLY Q 797 13.22 -35.27 -28.63
C GLY Q 797 12.43 -35.59 -29.89
N VAL Q 798 13.02 -36.30 -30.85
CA VAL Q 798 12.38 -36.53 -32.14
C VAL Q 798 12.49 -38.00 -32.51
N ALA Q 799 11.45 -38.50 -33.18
CA ALA Q 799 11.44 -39.83 -33.77
C ALA Q 799 10.65 -39.75 -35.07
N MET Q 800 10.54 -40.88 -35.75
CA MET Q 800 9.79 -40.96 -37.00
C MET Q 800 8.64 -41.94 -36.82
N LEU Q 801 7.43 -41.51 -37.20
CA LEU Q 801 6.28 -42.39 -37.11
C LEU Q 801 6.50 -43.59 -38.01
N LEU Q 802 5.96 -44.73 -37.61
CA LEU Q 802 6.19 -45.95 -38.38
C LEU Q 802 4.97 -46.16 -39.25
N PHE Q 803 4.96 -45.45 -40.36
CA PHE Q 803 4.07 -45.74 -41.46
C PHE Q 803 4.64 -46.91 -42.25
N ARG Q 804 3.97 -47.29 -43.32
CA ARG Q 804 4.50 -48.38 -44.12
C ARG Q 804 5.66 -47.92 -45.00
N THR Q 805 5.64 -46.67 -45.45
CA THR Q 805 6.64 -46.14 -46.35
C THR Q 805 7.26 -44.89 -45.75
N TYR Q 806 8.52 -44.61 -46.13
CA TYR Q 806 9.16 -43.38 -45.66
C TYR Q 806 8.46 -42.14 -46.18
N PRO Q 807 8.29 -41.93 -47.50
CA PRO Q 807 7.26 -40.98 -47.90
C PRO Q 807 5.91 -41.67 -47.72
N ARG Q 808 5.11 -41.22 -46.76
CA ARG Q 808 3.80 -41.81 -46.60
C ARG Q 808 2.94 -41.45 -47.79
N HIS Q 809 2.52 -42.46 -48.55
CA HIS Q 809 1.61 -42.22 -49.64
C HIS Q 809 0.36 -43.04 -49.37
N PRO Q 810 -0.80 -42.42 -49.31
CA PRO Q 810 -2.03 -43.19 -49.04
C PRO Q 810 -2.32 -44.10 -50.20
N PHE Q 811 -2.81 -45.29 -49.88
CA PHE Q 811 -3.28 -46.29 -50.84
C PHE Q 811 -2.15 -46.98 -51.60
N TRP Q 812 -0.90 -46.86 -51.12
CA TRP Q 812 0.19 -47.64 -51.70
C TRP Q 812 -0.03 -49.13 -51.46
N GLU Q 813 -0.30 -49.45 -50.22
CA GLU Q 813 -0.54 -50.84 -49.77
C GLU Q 813 -1.79 -51.39 -50.45
N GLN Q 814 -2.80 -50.57 -50.66
CA GLN Q 814 -4.03 -51.08 -51.30
C GLN Q 814 -3.73 -51.47 -52.74
N VAL Q 815 -2.90 -50.71 -53.42
CA VAL Q 815 -2.69 -50.99 -54.87
C VAL Q 815 -1.50 -51.92 -55.13
N HIS Q 816 -0.51 -51.96 -54.26
CA HIS Q 816 0.62 -52.86 -54.55
C HIS Q 816 0.38 -54.26 -53.99
N GLU Q 817 -0.55 -54.39 -53.03
CA GLU Q 817 -0.81 -55.70 -52.42
C GLU Q 817 -2.27 -56.07 -52.62
N SER Q 818 -2.95 -55.40 -53.54
CA SER Q 818 -4.37 -55.72 -53.83
C SER Q 818 -5.23 -55.75 -52.58
N LEU Q 819 -5.15 -54.69 -51.76
CA LEU Q 819 -6.01 -54.55 -50.56
C LEU Q 819 -7.15 -53.61 -50.93
N PRO Q 820 -8.33 -53.70 -50.32
CA PRO Q 820 -9.42 -52.85 -50.72
C PRO Q 820 -9.43 -51.50 -50.01
N PHE Q 821 -10.17 -50.54 -50.57
CA PHE Q 821 -10.34 -49.20 -49.94
C PHE Q 821 -11.45 -49.26 -48.90
N TYR Q 822 -11.79 -48.11 -48.36
CA TYR Q 822 -12.74 -48.11 -47.22
C TYR Q 822 -14.15 -47.78 -47.68
N THR Q 823 -14.45 -48.03 -48.94
CA THR Q 823 -15.76 -47.70 -49.47
C THR Q 823 -16.71 -48.88 -49.29
N PRO Q 824 -18.01 -48.68 -49.56
CA PRO Q 824 -18.92 -49.84 -49.60
C PRO Q 824 -18.47 -50.90 -50.60
N THR Q 825 -17.85 -50.51 -51.71
CA THR Q 825 -17.32 -51.46 -52.67
C THR Q 825 -15.85 -51.81 -52.42
N GLY Q 826 -15.18 -51.11 -51.50
CA GLY Q 826 -13.75 -51.30 -51.34
C GLY Q 826 -12.91 -50.76 -52.47
N ARG Q 827 -13.47 -49.91 -53.31
CA ARG Q 827 -12.81 -49.37 -54.48
C ARG Q 827 -13.12 -47.88 -54.57
N LEU Q 828 -12.31 -47.17 -55.36
CA LEU Q 828 -12.54 -45.75 -55.59
C LEU Q 828 -13.87 -45.53 -56.30
N GLN Q 829 -14.74 -44.73 -55.68
CA GLN Q 829 -16.12 -44.58 -56.14
C GLN Q 829 -16.28 -43.26 -56.88
N ALA Q 830 -16.83 -43.34 -58.09
CA ALA Q 830 -17.29 -42.19 -58.85
C ALA Q 830 -18.81 -42.09 -58.81
N TYR Q 831 -19.41 -42.87 -57.93
CA TYR Q 831 -20.86 -42.96 -57.80
C TYR Q 831 -21.20 -43.31 -56.37
N ASN Q 832 -22.31 -42.79 -55.87
CA ASN Q 832 -22.76 -43.14 -54.52
C ASN Q 832 -24.26 -43.44 -54.57
N ASP Q 833 -24.66 -44.62 -54.09
CA ASP Q 833 -26.02 -45.10 -54.26
C ASP Q 833 -26.86 -45.01 -52.99
N GLU Q 834 -26.34 -44.40 -51.93
CA GLU Q 834 -27.10 -44.31 -50.69
C GLU Q 834 -28.41 -43.58 -50.92
N PRO Q 835 -29.50 -43.98 -50.27
CA PRO Q 835 -30.82 -43.40 -50.59
C PRO Q 835 -30.88 -41.89 -50.46
N GLU Q 836 -30.26 -41.33 -49.40
CA GLU Q 836 -30.32 -39.89 -49.21
C GLU Q 836 -29.64 -39.15 -50.34
N ILE Q 837 -28.53 -39.70 -50.87
CA ILE Q 837 -27.78 -39.02 -51.92
C ILE Q 837 -28.58 -38.96 -53.21
N ILE Q 838 -29.30 -40.04 -53.54
CA ILE Q 838 -30.13 -40.05 -54.74
C ILE Q 838 -31.30 -39.08 -54.58
N GLU Q 839 -31.85 -39.01 -53.38
CA GLU Q 839 -32.88 -38.00 -53.08
C GLU Q 839 -32.33 -36.59 -53.23
N TYR Q 840 -31.05 -36.39 -52.93
CA TYR Q 840 -30.41 -35.09 -53.03
C TYR Q 840 -29.94 -34.76 -54.45
N GLY Q 841 -29.86 -35.74 -55.33
CA GLY Q 841 -29.46 -35.49 -56.70
C GLY Q 841 -27.96 -35.49 -56.95
N GLU Q 842 -27.17 -36.10 -56.06
CA GLU Q 842 -25.72 -36.09 -56.18
C GLU Q 842 -25.15 -37.50 -56.25
N ASN Q 843 -25.96 -38.46 -56.71
CA ASN Q 843 -25.44 -39.82 -56.91
C ASN Q 843 -24.29 -39.84 -57.90
N PHE Q 844 -24.42 -39.08 -58.99
CA PHE Q 844 -23.32 -38.88 -59.93
C PHE Q 844 -22.49 -37.66 -59.50
N ILE Q 845 -21.24 -37.64 -59.95
CA ILE Q 845 -20.39 -36.47 -59.74
C ILE Q 845 -20.84 -35.40 -60.74
N VAL Q 846 -21.63 -34.44 -60.27
CA VAL Q 846 -22.21 -33.41 -61.11
C VAL Q 846 -21.78 -32.05 -60.59
N HIS Q 847 -21.79 -31.05 -61.47
CA HIS Q 847 -21.52 -29.68 -61.06
C HIS Q 847 -22.82 -29.03 -60.56
N ARG Q 848 -22.73 -28.35 -59.42
CA ARG Q 848 -23.85 -27.62 -58.84
C ARG Q 848 -23.38 -26.24 -58.40
N GLU Q 849 -24.25 -25.24 -58.59
CA GLU Q 849 -23.93 -23.88 -58.19
C GLU Q 849 -24.13 -23.70 -56.68
N GLY Q 850 -23.39 -22.77 -56.12
CA GLY Q 850 -23.44 -22.47 -54.71
C GLY Q 850 -24.74 -21.81 -54.30
N PRO Q 851 -25.13 -21.97 -53.03
CA PRO Q 851 -26.32 -21.24 -52.54
C PRO Q 851 -26.12 -19.74 -52.50
N GLU Q 852 -24.87 -19.25 -52.45
CA GLU Q 852 -24.61 -17.83 -52.60
C GLU Q 852 -23.49 -17.46 -53.57
N ALA Q 853 -22.51 -18.32 -53.81
CA ALA Q 853 -21.33 -17.94 -54.60
C ALA Q 853 -21.54 -18.28 -56.07
N THR Q 854 -22.56 -17.69 -56.66
CA THR Q 854 -22.87 -17.92 -58.07
C THR Q 854 -23.62 -16.72 -58.60
N PRO Q 855 -23.41 -16.36 -59.87
CA PRO Q 855 -24.30 -15.40 -60.52
C PRO Q 855 -25.60 -16.06 -60.95
N TYR Q 856 -25.61 -17.39 -61.01
CA TYR Q 856 -26.72 -18.17 -61.52
C TYR Q 856 -27.61 -18.65 -60.36
N LEU Q 857 -28.59 -19.51 -60.67
CA LEU Q 857 -29.57 -19.95 -59.67
C LEU Q 857 -28.91 -20.63 -58.49
N PRO Q 858 -29.27 -20.26 -57.26
CA PRO Q 858 -28.65 -20.89 -56.09
C PRO Q 858 -28.97 -22.38 -56.09
N ASN Q 859 -27.93 -23.18 -55.83
CA ASN Q 859 -28.08 -24.61 -55.60
C ASN Q 859 -28.65 -25.35 -56.81
N ALA Q 860 -28.30 -24.86 -58.00
CA ALA Q 860 -28.76 -25.48 -59.24
C ALA Q 860 -27.84 -26.62 -59.65
N ILE Q 861 -28.44 -27.67 -60.23
CA ILE Q 861 -27.67 -28.84 -60.74
C ILE Q 861 -27.54 -28.68 -62.25
N VAL Q 862 -26.33 -28.53 -62.77
CA VAL Q 862 -26.27 -28.38 -64.24
C VAL Q 862 -26.12 -29.75 -64.85
N SER Q 863 -27.22 -30.35 -65.30
CA SER Q 863 -27.20 -31.64 -66.03
C SER Q 863 -28.53 -31.89 -66.71
N THR Q 864 -28.52 -32.75 -67.71
CA THR Q 864 -29.74 -33.24 -68.32
C THR Q 864 -29.84 -34.75 -68.22
N ASN Q 865 -28.91 -35.37 -67.49
CA ASN Q 865 -28.90 -36.82 -67.33
C ASN Q 865 -30.22 -37.25 -66.71
N PRO Q 866 -31.01 -38.11 -67.36
CA PRO Q 866 -32.26 -38.58 -66.78
C PRO Q 866 -32.08 -39.48 -65.57
N TYR Q 867 -30.84 -39.82 -65.24
CA TYR Q 867 -30.57 -40.68 -64.09
C TYR Q 867 -30.26 -39.89 -62.82
N ILE Q 868 -30.21 -38.56 -62.89
CA ILE Q 868 -30.23 -37.70 -61.72
C ILE Q 868 -31.65 -37.15 -61.59
N ARG Q 869 -32.36 -37.56 -60.55
CA ARG Q 869 -33.77 -37.20 -60.36
C ARG Q 869 -33.98 -36.70 -58.94
N PRO Q 870 -33.56 -35.47 -58.64
CA PRO Q 870 -33.64 -34.96 -57.28
C PRO Q 870 -35.05 -34.54 -56.91
N ASP Q 871 -35.21 -34.19 -55.65
CA ASP Q 871 -36.49 -33.82 -55.06
C ASP Q 871 -36.50 -32.33 -54.72
N ASP Q 872 -37.54 -31.63 -55.17
CA ASP Q 872 -37.63 -30.20 -54.91
C ASP Q 872 -37.86 -29.92 -53.45
N TYR Q 873 -38.55 -30.83 -52.76
CA TYR Q 873 -39.18 -30.53 -51.48
C TYR Q 873 -40.21 -29.41 -51.67
N GLY Q 874 -40.59 -29.18 -52.92
CA GLY Q 874 -41.57 -28.19 -53.34
C GLY Q 874 -41.18 -26.75 -53.11
N ILE Q 875 -39.91 -26.41 -53.29
CA ILE Q 875 -39.41 -25.07 -52.99
C ILE Q 875 -39.31 -24.27 -54.28
N PRO Q 876 -39.95 -23.12 -54.40
CA PRO Q 876 -39.89 -22.34 -55.63
C PRO Q 876 -38.51 -21.72 -55.82
N GLU Q 877 -38.23 -21.33 -57.06
CA GLU Q 877 -36.94 -20.76 -57.39
C GLU Q 877 -36.77 -19.34 -56.89
N ASN Q 878 -37.83 -18.72 -56.38
CA ASN Q 878 -37.73 -17.39 -55.78
C ASN Q 878 -37.16 -17.42 -54.36
N ALA Q 879 -37.03 -18.61 -53.77
CA ALA Q 879 -36.71 -18.71 -52.35
C ALA Q 879 -35.40 -18.02 -52.02
N GLU Q 880 -35.45 -17.09 -51.07
CA GLU Q 880 -34.29 -16.34 -50.62
C GLU Q 880 -33.80 -16.74 -49.24
N TYR Q 881 -34.61 -17.46 -48.47
CA TYR Q 881 -34.19 -17.92 -47.15
C TYR Q 881 -33.09 -18.96 -47.28
N TRP Q 882 -32.06 -18.85 -46.43
CA TRP Q 882 -30.84 -19.63 -46.63
C TRP Q 882 -31.08 -21.13 -46.48
N GLU Q 883 -31.88 -21.54 -45.50
CA GLU Q 883 -32.11 -22.98 -45.33
C GLU Q 883 -32.94 -23.55 -46.47
N ASP Q 884 -33.77 -22.73 -47.12
CA ASP Q 884 -34.49 -23.18 -48.30
C ASP Q 884 -33.53 -23.41 -49.46
N ARG Q 885 -32.62 -22.46 -49.69
CA ARG Q 885 -31.67 -22.60 -50.79
C ARG Q 885 -30.69 -23.74 -50.53
N THR Q 886 -30.47 -24.08 -49.26
CA THR Q 886 -29.53 -25.15 -48.93
C THR Q 886 -29.98 -26.49 -49.49
N VAL Q 887 -31.29 -26.70 -49.57
CA VAL Q 887 -31.85 -28.00 -49.89
C VAL Q 887 -32.63 -28.01 -51.20
N ARG Q 888 -32.61 -26.94 -51.97
CA ARG Q 888 -33.43 -26.96 -53.19
C ARG Q 888 -32.61 -27.61 -54.29
N ASN Q 889 -32.81 -28.92 -54.49
CA ASN Q 889 -32.13 -29.75 -55.48
C ASN Q 889 -33.01 -29.85 -56.72
N ILE Q 890 -32.91 -28.83 -57.56
CA ILE Q 890 -33.66 -28.75 -58.81
C ILE Q 890 -32.66 -28.93 -59.95
N LYS Q 891 -32.90 -29.92 -60.79
CA LYS Q 891 -32.04 -30.14 -61.94
C LYS Q 891 -32.36 -29.18 -63.07
N LYS Q 892 -31.31 -28.67 -63.72
CA LYS Q 892 -31.46 -27.68 -64.77
C LYS Q 892 -30.22 -27.73 -65.66
N SER Q 893 -30.41 -27.62 -66.97
CA SER Q 893 -29.28 -27.68 -67.88
C SER Q 893 -28.49 -26.37 -67.85
N TRP Q 894 -27.28 -26.46 -68.40
CA TRP Q 894 -26.38 -25.30 -68.39
C TRP Q 894 -26.99 -24.18 -69.20
N GLU Q 895 -27.46 -24.47 -70.40
CA GLU Q 895 -28.01 -23.40 -71.27
C GLU Q 895 -29.25 -22.81 -70.60
N GLU Q 896 -30.07 -23.65 -69.97
CA GLU Q 896 -31.21 -23.12 -69.19
C GLU Q 896 -30.66 -22.38 -67.96
N THR Q 897 -29.56 -22.85 -67.37
CA THR Q 897 -28.98 -22.24 -66.15
C THR Q 897 -28.46 -20.82 -66.39
N LYS Q 898 -27.87 -20.57 -67.55
CA LYS Q 898 -27.28 -19.25 -67.91
C LYS Q 898 -28.31 -18.13 -67.98
N LYS Q 899 -29.57 -18.45 -68.24
CA LYS Q 899 -30.62 -17.42 -68.32
C LYS Q 899 -31.17 -17.24 -66.91
N THR Q 900 -30.60 -17.93 -65.92
CA THR Q 900 -31.06 -17.78 -64.57
C THR Q 900 -30.41 -16.58 -63.91
N LYS Q 901 -30.90 -16.25 -62.72
CA LYS Q 901 -30.47 -15.08 -61.97
C LYS Q 901 -30.50 -15.35 -60.47
N ASN Q 902 -29.40 -15.01 -59.79
CA ASN Q 902 -29.29 -15.06 -58.33
C ASN Q 902 -29.79 -13.74 -57.71
N PHE Q 903 -30.62 -13.84 -56.67
CA PHE Q 903 -31.25 -12.65 -56.10
C PHE Q 903 -30.24 -11.70 -55.45
N LEU Q 904 -29.29 -12.23 -54.66
CA LEU Q 904 -28.31 -11.34 -54.01
C LEU Q 904 -27.41 -10.66 -55.04
N TRP Q 905 -26.99 -11.40 -56.07
CA TRP Q 905 -26.13 -10.84 -57.10
C TRP Q 905 -26.83 -9.70 -57.82
N GLU Q 906 -28.15 -9.78 -57.97
CA GLU Q 906 -28.88 -8.76 -58.71
C GLU Q 906 -29.08 -7.51 -57.87
N LYS Q 907 -28.96 -7.63 -56.56
CA LYS Q 907 -29.13 -6.44 -55.74
C LYS Q 907 -27.85 -5.62 -55.67
N GLY Q 908 -26.77 -6.12 -56.26
CA GLY Q 908 -25.50 -5.45 -56.24
C GLY Q 908 -24.44 -6.25 -55.48
N TYR Q 909 -24.82 -7.35 -54.84
CA TYR Q 909 -23.86 -8.17 -54.10
C TYR Q 909 -23.20 -9.13 -55.09
N HIS Q 910 -22.41 -8.54 -56.00
CA HIS Q 910 -21.85 -9.24 -57.15
C HIS Q 910 -20.33 -9.34 -57.07
N PHE Q 911 -19.79 -9.35 -55.85
CA PHE Q 911 -18.37 -9.57 -55.62
C PHE Q 911 -18.24 -10.79 -54.73
N TYR Q 912 -17.52 -11.81 -55.20
CA TYR Q 912 -17.18 -12.83 -54.23
C TYR Q 912 -16.16 -12.26 -53.25
N CYS Q 913 -15.98 -12.95 -52.13
CA CYS Q 913 -15.07 -12.48 -51.11
C CYS Q 913 -14.41 -13.72 -50.52
N VAL Q 914 -13.30 -14.12 -51.11
CA VAL Q 914 -12.55 -15.27 -50.63
C VAL Q 914 -11.74 -14.81 -49.44
N THR Q 915 -11.59 -15.70 -48.47
CA THR Q 915 -10.81 -15.43 -47.27
C THR Q 915 -9.74 -16.50 -47.14
N PRO Q 916 -8.65 -16.37 -47.89
CA PRO Q 916 -7.59 -17.38 -47.84
C PRO Q 916 -6.72 -17.26 -46.60
N LYS Q 917 -5.72 -18.12 -46.50
CA LYS Q 917 -4.74 -18.07 -45.43
C LYS Q 917 -3.43 -17.43 -45.86
N SER Q 918 -2.78 -16.79 -44.90
CA SER Q 918 -1.65 -15.91 -45.16
C SER Q 918 -0.35 -16.54 -44.66
N ARG Q 919 0.75 -16.12 -45.28
CA ARG Q 919 2.08 -16.48 -44.80
C ARG Q 919 2.46 -15.73 -43.54
N HIS Q 920 1.76 -14.65 -43.23
CA HIS Q 920 2.17 -13.75 -42.15
C HIS Q 920 1.53 -14.10 -40.82
N THR Q 921 0.64 -15.09 -40.80
CA THR Q 921 -0.06 -15.47 -39.57
C THR Q 921 -0.33 -16.97 -39.58
N VAL Q 922 -0.53 -17.52 -38.39
CA VAL Q 922 -1.11 -18.87 -38.33
C VAL Q 922 -2.43 -18.60 -37.63
N HIS Q 923 -3.49 -18.34 -38.39
CA HIS Q 923 -4.82 -17.94 -37.88
C HIS Q 923 -4.72 -16.57 -37.19
N SER Q 924 -5.00 -16.48 -35.91
CA SER Q 924 -4.88 -15.19 -35.22
C SER Q 924 -3.45 -14.95 -34.69
N GLN Q 925 -2.64 -15.98 -34.56
CA GLN Q 925 -1.32 -15.86 -33.98
C GLN Q 925 -0.47 -15.08 -34.96
N TRP Q 926 0.33 -14.16 -34.42
CA TRP Q 926 1.22 -13.31 -35.18
C TRP Q 926 0.44 -12.29 -36.01
N ALA Q 927 -0.89 -12.31 -35.88
CA ALA Q 927 -1.72 -11.34 -36.60
C ALA Q 927 -1.60 -9.95 -36.02
N VAL Q 928 -1.16 -9.83 -34.77
CA VAL Q 928 -1.03 -8.53 -34.11
C VAL Q 928 0.39 -8.25 -33.65
N THR Q 929 1.29 -9.23 -33.72
CA THR Q 929 2.69 -9.00 -33.40
C THR Q 929 3.27 -7.93 -34.30
N ASP Q 930 3.86 -6.89 -33.70
CA ASP Q 930 4.21 -5.67 -34.42
C ASP Q 930 5.01 -5.98 -35.68
N TRP Q 931 6.07 -6.79 -35.55
CA TRP Q 931 6.91 -7.08 -36.70
C TRP Q 931 6.09 -7.72 -37.82
N ASN Q 932 5.30 -8.74 -37.47
CA ASN Q 932 4.45 -9.39 -38.44
C ASN Q 932 3.25 -8.54 -38.83
N PHE Q 933 2.81 -7.63 -37.95
CA PHE Q 933 1.69 -6.75 -38.28
C PHE Q 933 2.07 -5.73 -39.34
N ILE Q 934 3.36 -5.43 -39.49
CA ILE Q 934 3.80 -4.47 -40.49
C ILE Q 934 3.79 -5.08 -41.90
N TRP Q 935 4.25 -6.32 -41.97
CA TRP Q 935 4.34 -7.07 -43.25
C TRP Q 935 2.99 -7.53 -43.79
N ASN Q 936 2.02 -7.77 -42.93
CA ASN Q 936 0.71 -8.31 -43.39
C ASN Q 936 -0.04 -7.36 -44.31
N ASN Q 937 0.12 -6.04 -44.19
CA ASN Q 937 -0.60 -5.11 -45.10
C ASN Q 937 0.37 -4.21 -45.84
N ASN Q 938 -0.16 -3.30 -46.65
CA ASN Q 938 0.66 -2.34 -47.44
C ASN Q 938 0.79 -1.04 -46.63
N PHE Q 939 0.16 -0.98 -45.47
CA PHE Q 939 0.18 0.23 -44.63
C PHE Q 939 1.00 0.08 -43.35
N GLY Q 940 1.79 -0.97 -43.24
CA GLY Q 940 2.51 -1.15 -41.97
C GLY Q 940 3.46 -0.04 -41.65
N ASP Q 941 3.43 0.42 -40.40
CA ASP Q 941 4.36 1.46 -39.96
C ASP Q 941 4.41 1.46 -38.44
N PRO Q 942 5.59 1.19 -37.85
CA PRO Q 942 5.68 1.15 -36.38
C PRO Q 942 5.43 2.49 -35.72
N TYR Q 943 5.59 3.60 -36.45
CA TYR Q 943 5.38 4.92 -35.87
C TYR Q 943 3.92 5.39 -35.97
N ARG Q 944 3.10 4.69 -36.76
CA ARG Q 944 1.68 4.98 -36.92
C ARG Q 944 1.44 6.47 -37.21
N MET Q 945 2.03 6.94 -38.31
CA MET Q 945 1.88 8.33 -38.69
C MET Q 945 0.44 8.66 -39.06
N ASP Q 946 -0.28 7.70 -39.65
CA ASP Q 946 -1.72 7.85 -39.89
C ASP Q 946 -2.45 7.27 -38.69
N LYS Q 947 -3.01 8.15 -37.85
CA LYS Q 947 -3.63 7.72 -36.61
C LYS Q 947 -4.81 6.80 -36.84
N ARG Q 948 -5.39 6.83 -38.04
CA ARG Q 948 -6.55 5.98 -38.33
C ARG Q 948 -6.20 4.50 -38.24
N MET Q 949 -4.92 4.16 -38.39
CA MET Q 949 -4.47 2.79 -38.32
C MET Q 949 -4.87 2.15 -36.99
N PRO Q 950 -5.55 0.99 -37.01
CA PRO Q 950 -5.94 0.37 -35.73
C PRO Q 950 -4.75 0.03 -34.86
N GLY Q 951 -3.67 -0.42 -35.48
CA GLY Q 951 -2.43 -0.72 -34.77
C GLY Q 951 -1.22 -0.35 -35.59
N VAL Q 952 -0.14 -1.12 -35.41
CA VAL Q 952 1.03 -0.97 -36.25
C VAL Q 952 0.72 -1.35 -37.69
N GLY Q 953 -0.44 -1.94 -37.88
CA GLY Q 953 -0.90 -2.33 -39.21
C GLY Q 953 -2.41 -2.39 -39.25
N GLU Q 954 -2.98 -2.40 -40.42
CA GLU Q 954 -4.44 -2.55 -40.49
C GLU Q 954 -4.68 -3.94 -41.03
N HIS Q 955 -5.93 -4.26 -41.35
CA HIS Q 955 -6.32 -5.29 -42.33
C HIS Q 955 -6.69 -4.65 -43.66
N GLN Q 956 -6.45 -5.33 -44.77
CA GLN Q 956 -6.78 -4.80 -46.11
C GLN Q 956 -7.55 -5.83 -46.95
N ILE Q 957 -8.36 -5.35 -47.88
CA ILE Q 957 -9.15 -6.17 -48.84
C ILE Q 957 -8.56 -5.90 -50.20
N HIS Q 958 -8.32 -6.95 -50.99
CA HIS Q 958 -7.76 -6.76 -52.34
C HIS Q 958 -8.87 -6.59 -53.36
N ILE Q 959 -8.73 -5.64 -54.25
CA ILE Q 959 -9.79 -5.51 -55.27
C ILE Q 959 -9.11 -5.17 -56.59
N HIS Q 960 -9.73 -5.58 -57.68
CA HIS Q 960 -9.26 -5.29 -59.02
C HIS Q 960 -9.34 -3.79 -59.26
N PRO Q 961 -8.32 -3.19 -59.89
CA PRO Q 961 -8.34 -1.73 -60.07
C PRO Q 961 -9.58 -1.20 -60.79
N GLN Q 962 -9.98 -1.85 -61.90
CA GLN Q 962 -11.16 -1.40 -62.63
C GLN Q 962 -12.41 -1.55 -61.79
N ALA Q 963 -12.52 -2.66 -61.05
CA ALA Q 963 -13.68 -2.87 -60.20
C ALA Q 963 -13.84 -1.74 -59.19
N ALA Q 964 -12.74 -1.30 -58.57
CA ALA Q 964 -12.82 -0.21 -57.60
C ALA Q 964 -13.20 1.11 -58.27
N ARG Q 965 -12.68 1.36 -59.47
CA ARG Q 965 -13.00 2.62 -60.17
C ARG Q 965 -14.50 2.72 -60.43
N ASP Q 966 -15.15 1.59 -60.67
CA ASP Q 966 -16.60 1.62 -60.91
C ASP Q 966 -17.35 2.06 -59.67
N LEU Q 967 -16.75 1.87 -58.51
CA LEU Q 967 -17.36 2.30 -57.26
C LEU Q 967 -16.78 3.62 -56.77
N GLY Q 968 -16.01 4.28 -57.62
CA GLY Q 968 -15.36 5.52 -57.22
C GLY Q 968 -14.37 5.33 -56.09
N ILE Q 969 -13.67 4.20 -56.06
CA ILE Q 969 -12.77 3.86 -54.97
C ILE Q 969 -11.34 3.90 -55.49
N GLU Q 970 -10.49 4.68 -54.83
CA GLU Q 970 -9.07 4.76 -55.17
C GLU Q 970 -8.25 3.89 -54.22
N ASP Q 971 -7.08 3.46 -54.70
CA ASP Q 971 -6.18 2.62 -53.94
C ASP Q 971 -5.82 3.27 -52.60
N GLY Q 972 -6.04 2.51 -51.52
CA GLY Q 972 -5.76 2.98 -50.18
C GLY Q 972 -6.93 3.56 -49.43
N ASP Q 973 -8.09 3.66 -50.06
CA ASP Q 973 -9.27 4.19 -49.41
C ASP Q 973 -9.90 3.15 -48.48
N TYR Q 974 -10.60 3.64 -47.46
CA TYR Q 974 -11.37 2.76 -46.59
C TYR Q 974 -12.67 2.39 -47.29
N VAL Q 975 -13.06 1.13 -47.17
CA VAL Q 975 -14.24 0.62 -47.86
C VAL Q 975 -15.07 -0.22 -46.90
N TYR Q 976 -16.39 -0.10 -47.00
CA TYR Q 976 -17.33 -0.96 -46.28
C TYR Q 976 -17.61 -2.19 -47.14
N VAL Q 977 -17.36 -3.38 -46.58
CA VAL Q 977 -17.69 -4.64 -47.24
C VAL Q 977 -18.91 -5.20 -46.51
N ASP Q 978 -20.07 -5.07 -47.13
CA ASP Q 978 -21.34 -5.54 -46.59
C ASP Q 978 -21.85 -6.72 -47.39
N ALA Q 979 -22.52 -7.64 -46.69
CA ALA Q 979 -23.13 -8.83 -47.30
C ALA Q 979 -24.64 -8.83 -47.03
N ASN Q 980 -25.30 -9.93 -47.43
CA ASN Q 980 -26.73 -10.19 -47.27
C ASN Q 980 -27.28 -9.65 -45.96
N PRO Q 981 -28.11 -8.61 -46.02
CA PRO Q 981 -28.61 -7.98 -44.77
C PRO Q 981 -29.48 -8.86 -43.90
N ALA Q 982 -30.17 -9.87 -44.46
CA ALA Q 982 -31.08 -10.68 -43.64
C ALA Q 982 -30.36 -11.44 -42.53
N ASP Q 983 -29.12 -11.83 -42.73
CA ASP Q 983 -28.41 -12.68 -41.77
C ASP Q 983 -27.16 -12.04 -41.20
N ARG Q 984 -26.42 -11.27 -42.00
CA ARG Q 984 -25.16 -10.67 -41.62
C ARG Q 984 -25.31 -9.15 -41.53
N PRO Q 985 -24.54 -8.49 -40.65
CA PRO Q 985 -23.57 -9.01 -39.66
C PRO Q 985 -24.19 -9.89 -38.57
N TYR Q 986 -25.41 -9.56 -38.12
CA TYR Q 986 -26.20 -10.34 -37.19
C TYR Q 986 -27.66 -10.09 -37.52
N GLU Q 987 -28.53 -11.10 -37.28
CA GLU Q 987 -29.90 -10.96 -37.77
C GLU Q 987 -30.60 -9.87 -36.97
N GLY Q 988 -31.34 -9.01 -37.65
CA GLY Q 988 -32.06 -8.00 -36.92
C GLY Q 988 -31.26 -6.77 -36.60
N TRP Q 989 -30.10 -6.61 -37.24
CA TRP Q 989 -29.32 -5.41 -37.01
C TRP Q 989 -30.11 -4.21 -37.50
N LYS Q 990 -29.97 -3.11 -36.82
CA LYS Q 990 -30.57 -1.85 -37.17
C LYS Q 990 -29.46 -0.83 -37.24
N PRO Q 991 -29.57 0.14 -38.16
CA PRO Q 991 -28.41 1.01 -38.41
C PRO Q 991 -27.99 1.84 -37.21
N ASN Q 992 -28.92 2.15 -36.31
CA ASN Q 992 -28.62 2.93 -35.12
C ASN Q 992 -28.30 2.06 -33.91
N ASP Q 993 -28.06 0.77 -34.14
CA ASP Q 993 -27.70 -0.15 -33.06
C ASP Q 993 -26.29 0.16 -32.56
N SER Q 994 -26.11 0.09 -31.25
CA SER Q 994 -24.80 0.33 -30.65
C SER Q 994 -23.79 -0.71 -31.16
N PHE Q 995 -24.22 -1.96 -31.27
CA PHE Q 995 -23.36 -3.06 -31.70
C PHE Q 995 -23.15 -3.09 -33.21
N TYR Q 996 -24.05 -2.51 -34.01
CA TYR Q 996 -23.87 -2.51 -35.45
C TYR Q 996 -22.59 -1.79 -35.85
N LYS Q 997 -22.28 -0.69 -35.17
CA LYS Q 997 -21.03 0.01 -35.42
C LYS Q 997 -19.84 -0.92 -35.22
N VAL Q 998 -19.90 -1.76 -34.18
CA VAL Q 998 -18.86 -2.75 -33.94
C VAL Q 998 -18.87 -3.84 -35.01
N SER Q 999 -20.05 -4.19 -35.53
CA SER Q 999 -20.17 -5.37 -36.39
C SER Q 999 -19.79 -5.08 -37.84
N ARG Q 1000 -20.12 -3.90 -38.36
CA ARG Q 1000 -19.92 -3.61 -39.78
C ARG Q 1000 -18.44 -3.44 -40.09
N LEU Q 1001 -18.00 -4.06 -41.20
CA LEU Q 1001 -16.61 -4.10 -41.60
C LEU Q 1001 -16.19 -2.82 -42.33
N MET Q 1002 -15.03 -2.27 -41.94
CA MET Q 1002 -14.47 -1.12 -42.65
C MET Q 1002 -12.94 -1.24 -42.67
N LEU Q 1003 -12.40 -1.83 -43.72
CA LEU Q 1003 -10.95 -1.97 -43.92
C LEU Q 1003 -10.49 -1.18 -45.15
N ARG Q 1004 -9.16 -1.15 -45.34
CA ARG Q 1004 -8.56 -0.48 -46.48
C ARG Q 1004 -8.69 -1.29 -47.75
N ALA Q 1005 -8.77 -0.58 -48.89
CA ALA Q 1005 -8.84 -1.20 -50.20
C ALA Q 1005 -7.46 -1.15 -50.86
N LYS Q 1006 -7.13 -2.21 -51.60
CA LYS Q 1006 -5.83 -2.31 -52.26
C LYS Q 1006 -6.01 -2.78 -53.69
N TYR Q 1007 -5.45 -2.03 -54.64
CA TYR Q 1007 -5.46 -2.44 -56.04
C TYR Q 1007 -4.56 -3.66 -56.25
N ASN Q 1008 -5.12 -4.73 -56.78
CA ASN Q 1008 -4.35 -5.91 -57.18
C ASN Q 1008 -4.96 -6.44 -58.47
N PRO Q 1009 -4.36 -6.13 -59.63
CA PRO Q 1009 -4.91 -6.63 -60.89
C PRO Q 1009 -4.62 -8.10 -61.13
N ALA Q 1010 -4.08 -8.79 -60.12
CA ALA Q 1010 -3.94 -10.24 -60.21
C ALA Q 1010 -5.27 -10.95 -60.05
N TYR Q 1011 -6.29 -10.26 -59.56
CA TYR Q 1011 -7.58 -10.87 -59.32
C TYR Q 1011 -8.55 -10.56 -60.45
N PRO Q 1012 -9.50 -11.46 -60.70
CA PRO Q 1012 -10.58 -11.15 -61.64
C PRO Q 1012 -11.48 -10.05 -61.10
N TYR Q 1013 -12.27 -9.46 -61.99
CA TYR Q 1013 -13.10 -8.27 -61.66
C TYR Q 1013 -14.09 -8.54 -60.53
N ASN Q 1014 -14.68 -9.74 -60.49
CA ASN Q 1014 -15.71 -10.03 -59.50
C ASN Q 1014 -15.17 -10.77 -58.27
N CYS Q 1015 -13.90 -10.60 -57.93
CA CYS Q 1015 -13.34 -11.37 -56.83
C CYS Q 1015 -12.49 -10.47 -55.95
N THR Q 1016 -12.79 -10.49 -54.65
CA THR Q 1016 -12.09 -9.71 -53.64
C THR Q 1016 -11.52 -10.66 -52.59
N MET Q 1017 -10.49 -10.21 -51.91
CA MET Q 1017 -9.75 -11.09 -51.01
C MET Q 1017 -9.39 -10.39 -49.71
N MET Q 1018 -9.62 -11.10 -48.61
CA MET Q 1018 -9.12 -10.73 -47.30
C MET Q 1018 -8.48 -11.96 -46.69
N LYS Q 1019 -7.25 -11.84 -46.20
CA LYS Q 1019 -6.55 -13.00 -45.61
C LYS Q 1019 -7.27 -13.40 -44.33
N HIS Q 1020 -7.19 -14.65 -43.96
CA HIS Q 1020 -7.97 -15.09 -42.78
C HIS Q 1020 -7.20 -15.00 -41.47
N SER Q 1021 -7.87 -14.28 -40.57
CA SER Q 1021 -7.64 -14.08 -39.14
C SER Q 1021 -6.83 -12.86 -38.77
N ALA Q 1022 -7.58 -11.96 -38.17
CA ALA Q 1022 -7.07 -10.81 -37.47
C ALA Q 1022 -7.87 -10.73 -36.17
N TRP Q 1023 -7.43 -9.90 -35.23
CA TRP Q 1023 -8.17 -9.76 -33.98
C TRP Q 1023 -9.38 -8.89 -34.25
N ILE Q 1024 -10.57 -9.43 -33.94
CA ILE Q 1024 -11.79 -8.79 -34.39
C ILE Q 1024 -12.02 -7.51 -33.59
N SER Q 1025 -12.76 -6.59 -34.20
CA SER Q 1025 -13.16 -5.38 -33.49
C SER Q 1025 -14.18 -5.73 -32.41
N SER Q 1026 -13.91 -5.32 -31.19
CA SER Q 1026 -14.81 -5.51 -30.07
C SER Q 1026 -15.38 -4.15 -29.65
N ASP Q 1027 -16.24 -4.18 -28.64
CA ASP Q 1027 -16.80 -2.95 -28.10
C ASP Q 1027 -15.70 -2.00 -27.63
N LYS Q 1028 -14.79 -2.50 -26.80
CA LYS Q 1028 -13.77 -1.64 -26.19
C LYS Q 1028 -12.77 -1.12 -27.21
N THR Q 1029 -12.40 -1.94 -28.21
CA THR Q 1029 -11.46 -1.48 -29.22
C THR Q 1029 -12.08 -0.38 -30.07
N VAL Q 1030 -13.37 -0.52 -30.40
CA VAL Q 1030 -14.07 0.52 -31.14
C VAL Q 1030 -14.16 1.80 -30.31
N GLN Q 1031 -14.46 1.65 -29.01
CA GLN Q 1031 -14.49 2.80 -28.11
C GLN Q 1031 -13.13 3.49 -28.02
N ALA Q 1032 -12.06 2.69 -27.88
CA ALA Q 1032 -10.73 3.27 -27.77
C ALA Q 1032 -10.27 3.88 -29.09
N HIS Q 1033 -10.64 3.26 -30.21
CA HIS Q 1033 -10.28 3.79 -31.52
C HIS Q 1033 -10.87 5.18 -31.74
N GLU Q 1034 -11.99 5.49 -31.08
CA GLU Q 1034 -12.67 6.77 -31.23
C GLU Q 1034 -12.41 7.73 -30.07
N THR Q 1035 -11.66 7.30 -29.06
CA THR Q 1035 -11.35 8.13 -27.90
C THR Q 1035 -9.87 8.47 -27.78
N ARG Q 1036 -9.00 7.52 -28.09
CA ARG Q 1036 -7.57 7.75 -27.91
C ARG Q 1036 -7.06 8.81 -28.89
N PRO Q 1037 -6.16 9.69 -28.44
CA PRO Q 1037 -5.57 10.67 -29.36
C PRO Q 1037 -4.82 10.04 -30.51
N ASP Q 1038 -4.06 8.97 -30.25
CA ASP Q 1038 -3.33 8.28 -31.30
C ASP Q 1038 -4.21 7.41 -32.18
N GLY Q 1039 -5.46 7.19 -31.79
CA GLY Q 1039 -6.40 6.44 -32.60
C GLY Q 1039 -6.20 4.94 -32.62
N ARG Q 1040 -5.33 4.41 -31.76
CA ARG Q 1040 -5.08 2.97 -31.73
C ARG Q 1040 -6.30 2.24 -31.18
N ALA Q 1041 -6.69 1.17 -31.85
CA ALA Q 1041 -7.81 0.34 -31.40
C ALA Q 1041 -7.29 -0.66 -30.37
N LEU Q 1042 -6.97 -0.13 -29.19
CA LEU Q 1042 -6.41 -0.91 -28.10
C LEU Q 1042 -7.38 -0.85 -26.91
N SER Q 1043 -7.93 -2.00 -26.55
CA SER Q 1043 -8.84 -2.06 -25.42
C SER Q 1043 -8.08 -1.80 -24.12
N PRO Q 1044 -8.75 -1.26 -23.10
CA PRO Q 1044 -8.10 -1.10 -21.79
C PRO Q 1044 -7.59 -2.41 -21.21
N SER Q 1045 -8.10 -3.55 -21.67
CA SER Q 1045 -7.62 -4.85 -21.22
C SER Q 1045 -6.30 -5.25 -21.86
N GLY Q 1046 -5.84 -4.50 -22.87
CA GLY Q 1046 -4.64 -4.82 -23.61
C GLY Q 1046 -4.89 -5.48 -24.94
N TYR Q 1047 -6.15 -5.78 -25.26
CA TYR Q 1047 -6.49 -6.44 -26.52
C TYR Q 1047 -6.50 -5.41 -27.64
N GLN Q 1048 -5.86 -5.75 -28.75
CA GLN Q 1048 -5.77 -4.89 -29.91
C GLN Q 1048 -6.56 -5.48 -31.08
N SER Q 1049 -7.41 -4.67 -31.69
CA SER Q 1049 -8.10 -5.08 -32.89
C SER Q 1049 -7.28 -4.72 -34.13
N SER Q 1050 -7.36 -5.58 -35.14
CA SER Q 1050 -6.68 -5.33 -36.41
C SER Q 1050 -7.54 -4.54 -37.38
N PHE Q 1051 -8.78 -4.24 -37.04
CA PHE Q 1051 -9.70 -3.50 -37.95
C PHE Q 1051 -10.23 -2.26 -37.24
N ARG Q 1052 -10.64 -1.22 -37.96
CA ARG Q 1052 -11.26 -0.09 -37.24
C ARG Q 1052 -12.61 -0.54 -36.70
N TYR Q 1053 -13.46 -1.12 -37.54
CA TYR Q 1053 -14.72 -1.71 -37.09
C TYR Q 1053 -14.94 -3.02 -37.84
N GLY Q 1054 -15.68 -3.91 -37.22
CA GLY Q 1054 -16.00 -5.14 -37.91
C GLY Q 1054 -14.81 -6.10 -38.00
N SER Q 1055 -15.05 -7.20 -38.69
CA SER Q 1055 -14.04 -8.23 -38.89
C SER Q 1055 -14.22 -8.86 -40.25
N GLN Q 1056 -13.26 -9.69 -40.65
CA GLN Q 1056 -13.44 -10.44 -41.89
C GLN Q 1056 -14.57 -11.47 -41.77
N GLN Q 1057 -15.05 -11.76 -40.56
CA GLN Q 1057 -16.16 -12.69 -40.35
C GLN Q 1057 -17.52 -12.00 -40.23
N SER Q 1058 -17.59 -10.72 -40.58
CA SER Q 1058 -18.83 -9.99 -40.67
C SER Q 1058 -19.59 -10.29 -41.96
N ILE Q 1059 -18.93 -10.96 -42.92
CA ILE Q 1059 -19.51 -11.27 -44.22
C ILE Q 1059 -19.53 -12.78 -44.47
N THR Q 1060 -19.56 -13.58 -43.41
CA THR Q 1060 -19.46 -15.02 -43.52
C THR Q 1060 -20.51 -15.66 -42.63
N ARG Q 1061 -20.89 -16.88 -42.99
CA ARG Q 1061 -21.98 -17.55 -42.32
C ARG Q 1061 -21.80 -19.05 -42.44
N ASP Q 1062 -22.49 -19.78 -41.57
CA ASP Q 1062 -22.42 -21.24 -41.56
C ASP Q 1062 -23.50 -21.83 -42.44
N TRP Q 1063 -23.14 -22.89 -43.17
CA TRP Q 1063 -24.03 -23.62 -44.05
C TRP Q 1063 -24.09 -25.07 -43.62
N SER Q 1064 -25.30 -25.57 -43.37
CA SER Q 1064 -25.52 -26.96 -42.96
C SER Q 1064 -25.77 -27.82 -44.19
N MET Q 1065 -24.75 -28.56 -44.62
CA MET Q 1065 -24.87 -29.42 -45.81
C MET Q 1065 -25.69 -30.66 -45.49
N PRO Q 1066 -26.75 -30.95 -46.25
CA PRO Q 1066 -27.38 -32.27 -46.14
C PRO Q 1066 -26.41 -33.40 -46.47
N MET Q 1067 -25.43 -33.15 -47.36
CA MET Q 1067 -24.47 -34.17 -47.76
C MET Q 1067 -23.50 -34.56 -46.64
N HIS Q 1068 -23.35 -33.72 -45.62
CA HIS Q 1068 -22.37 -33.98 -44.57
C HIS Q 1068 -23.01 -34.53 -43.30
N GLN Q 1069 -24.31 -34.82 -43.33
CA GLN Q 1069 -25.06 -35.23 -42.15
C GLN Q 1069 -25.80 -36.54 -42.40
N LEU Q 1070 -25.17 -37.45 -43.14
CA LEU Q 1070 -25.79 -38.71 -43.51
C LEU Q 1070 -25.64 -39.74 -42.39
N ASP Q 1071 -26.62 -40.63 -42.31
CA ASP Q 1071 -26.60 -41.73 -41.35
C ASP Q 1071 -26.16 -43.04 -41.98
N SER Q 1072 -26.02 -43.09 -43.31
CA SER Q 1072 -25.81 -44.36 -44.00
C SER Q 1072 -24.51 -44.40 -44.80
N LEU Q 1073 -23.52 -43.60 -44.44
CA LEU Q 1073 -22.27 -43.61 -45.20
C LEU Q 1073 -21.31 -44.57 -44.51
N PHE Q 1074 -20.85 -45.54 -45.28
CA PHE Q 1074 -19.93 -46.58 -44.79
C PHE Q 1074 -18.50 -46.15 -45.05
N HIS Q 1075 -17.91 -45.43 -44.11
CA HIS Q 1075 -16.52 -45.04 -44.15
C HIS Q 1075 -15.77 -45.67 -42.97
N LYS Q 1076 -14.46 -45.48 -42.94
CA LYS Q 1076 -13.60 -46.05 -41.90
C LYS Q 1076 -13.41 -45.04 -40.77
N ALA Q 1077 -13.44 -45.53 -39.52
CA ALA Q 1077 -13.23 -44.68 -38.35
C ALA Q 1077 -11.81 -44.11 -38.36
N LYS Q 1078 -11.68 -42.85 -37.93
CA LYS Q 1078 -10.41 -42.16 -38.03
C LYS Q 1078 -9.36 -42.70 -37.08
N ILE Q 1079 -9.77 -43.19 -35.90
CA ILE Q 1079 -8.81 -43.52 -34.84
C ILE Q 1079 -8.52 -45.02 -34.82
N GLY Q 1080 -9.48 -45.83 -35.24
CA GLY Q 1080 -9.35 -47.28 -35.18
C GLY Q 1080 -9.45 -47.92 -36.56
N MET Q 1081 -8.76 -49.04 -36.72
CA MET Q 1081 -8.88 -49.83 -37.94
C MET Q 1081 -10.22 -50.55 -37.93
N LYS Q 1082 -11.29 -49.78 -38.07
CA LYS Q 1082 -12.64 -50.29 -38.00
C LYS Q 1082 -13.53 -49.42 -38.87
N PHE Q 1083 -14.75 -49.90 -39.11
CA PHE Q 1083 -15.74 -49.18 -39.91
C PHE Q 1083 -16.92 -48.79 -39.03
N ILE Q 1084 -17.57 -47.69 -39.42
CA ILE Q 1084 -18.78 -47.20 -38.75
C ILE Q 1084 -19.69 -46.61 -39.82
N PHE Q 1085 -20.91 -46.26 -39.42
CA PHE Q 1085 -21.88 -45.64 -40.30
C PHE Q 1085 -22.20 -44.24 -39.82
N GLY Q 1086 -22.20 -43.27 -40.73
CA GLY Q 1086 -22.70 -41.97 -40.32
C GLY Q 1086 -21.70 -41.03 -39.68
N PHE Q 1087 -22.18 -40.31 -38.68
CA PHE Q 1087 -21.43 -39.23 -38.06
C PHE Q 1087 -20.19 -39.72 -37.33
N GLU Q 1088 -19.10 -39.01 -37.56
CA GLU Q 1088 -17.92 -39.09 -36.70
C GLU Q 1088 -17.30 -37.69 -36.62
N ALA Q 1089 -16.89 -37.28 -35.43
CA ALA Q 1089 -16.22 -35.99 -35.32
C ALA Q 1089 -14.96 -36.02 -36.17
N ASP Q 1090 -14.76 -34.99 -36.99
CA ASP Q 1090 -13.64 -34.87 -37.92
C ASP Q 1090 -13.70 -35.91 -39.03
N ASN Q 1091 -14.84 -36.59 -39.19
CA ASN Q 1091 -14.98 -37.62 -40.22
C ASN Q 1091 -16.46 -37.70 -40.63
N HIS Q 1092 -16.77 -37.12 -41.78
CA HIS Q 1092 -18.15 -37.06 -42.29
C HIS Q 1092 -19.07 -36.40 -41.26
N CYS Q 1093 -18.80 -35.11 -41.06
CA CYS Q 1093 -19.72 -34.23 -40.38
C CYS Q 1093 -19.71 -32.92 -41.16
N ILE Q 1094 -20.41 -31.91 -40.64
CA ILE Q 1094 -20.54 -30.65 -41.37
C ILE Q 1094 -19.17 -30.05 -41.56
N ASN Q 1095 -18.89 -29.64 -42.79
CA ASN Q 1095 -17.60 -29.06 -43.16
C ASN Q 1095 -17.82 -27.58 -43.45
N THR Q 1096 -17.64 -26.76 -42.44
CA THR Q 1096 -18.01 -25.33 -42.53
C THR Q 1096 -17.31 -24.71 -43.73
N VAL Q 1097 -18.05 -23.87 -44.44
CA VAL Q 1097 -17.56 -23.30 -45.67
C VAL Q 1097 -17.72 -21.79 -45.62
N PRO Q 1098 -16.63 -21.05 -45.46
CA PRO Q 1098 -16.75 -19.58 -45.41
C PRO Q 1098 -16.74 -18.84 -46.73
N LYS Q 1099 -16.34 -19.45 -47.85
CA LYS Q 1099 -16.27 -18.69 -49.11
C LYS Q 1099 -17.62 -18.63 -49.80
N GLU Q 1100 -18.60 -19.37 -49.30
CA GLU Q 1100 -19.96 -19.30 -49.84
C GLU Q 1100 -20.59 -18.02 -49.33
N THR Q 1101 -20.24 -16.92 -49.99
CA THR Q 1101 -20.71 -15.59 -49.63
C THR Q 1101 -20.45 -14.67 -50.79
N LEU Q 1102 -21.25 -13.60 -50.86
CA LEU Q 1102 -21.06 -12.48 -51.78
C LEU Q 1102 -21.10 -11.19 -50.98
N VAL Q 1103 -20.38 -10.19 -51.47
CA VAL Q 1103 -20.27 -8.95 -50.68
C VAL Q 1103 -20.58 -7.76 -51.57
N LYS Q 1104 -21.08 -6.71 -50.93
CA LYS Q 1104 -21.33 -5.40 -51.59
C LYS Q 1104 -20.20 -4.49 -51.12
N ILE Q 1105 -19.73 -3.61 -51.97
CA ILE Q 1105 -18.60 -2.75 -51.53
C ILE Q 1105 -18.96 -1.29 -51.70
N THR Q 1106 -18.70 -0.47 -50.69
CA THR Q 1106 -18.91 0.97 -50.83
C THR Q 1106 -17.79 1.70 -50.11
N LYS Q 1107 -17.33 2.79 -50.72
CA LYS Q 1107 -16.27 3.60 -50.14
C LYS Q 1107 -16.72 4.26 -48.83
N ALA Q 1108 -15.80 4.30 -47.86
CA ALA Q 1108 -16.10 4.87 -46.52
C ALA Q 1108 -15.43 6.22 -46.33
N GLU Q 1109 -14.12 6.29 -46.52
CA GLU Q 1109 -13.40 7.57 -46.38
C GLU Q 1109 -12.19 7.57 -47.30
N ASN Q 1110 -11.64 8.75 -47.57
CA ASN Q 1110 -10.47 8.85 -48.49
C ASN Q 1110 -9.25 8.26 -47.81
N GLY Q 1111 -8.36 7.68 -48.59
CA GLY Q 1111 -7.14 7.07 -48.07
C GLY Q 1111 -6.09 8.06 -47.66
N GLY Q 1112 -6.20 9.31 -48.10
CA GLY Q 1112 -5.23 10.31 -47.72
C GLY Q 1112 -5.21 10.52 -46.22
N MET Q 1113 -4.06 10.94 -45.71
CA MET Q 1113 -3.88 11.13 -44.28
C MET Q 1113 -4.84 12.16 -43.73
N GLY Q 1114 -5.54 11.79 -42.65
CA GLY Q 1114 -6.54 12.66 -42.07
C GLY Q 1114 -7.85 12.68 -42.80
N GLY Q 1115 -8.05 11.77 -43.75
CA GLY Q 1115 -9.24 11.78 -44.59
C GLY Q 1115 -9.18 12.79 -45.71
N LYS Q 1116 -8.04 13.45 -45.89
CA LYS Q 1116 -7.89 14.49 -46.91
C LYS Q 1116 -7.11 13.93 -48.09
N GLY Q 1117 -7.73 13.95 -49.27
CA GLY Q 1117 -7.01 13.61 -50.48
C GLY Q 1117 -6.87 12.10 -50.68
N VAL Q 1118 -5.82 11.75 -51.39
CA VAL Q 1118 -5.60 10.38 -51.85
C VAL Q 1118 -4.43 9.75 -51.08
N TRP Q 1119 -4.45 8.42 -50.99
CA TRP Q 1119 -3.36 7.69 -50.33
C TRP Q 1119 -2.03 8.02 -50.97
N ASP Q 1120 -1.03 8.30 -50.15
CA ASP Q 1120 0.19 8.94 -50.62
C ASP Q 1120 0.88 8.21 -51.77
N PRO Q 1121 1.03 6.87 -51.77
CA PRO Q 1121 1.73 6.22 -52.88
C PRO Q 1121 1.00 6.29 -54.21
N VAL Q 1122 -0.31 6.54 -54.27
CA VAL Q 1122 -0.91 6.63 -55.60
C VAL Q 1122 -0.53 7.94 -56.27
N LYS Q 1123 -0.25 8.98 -55.47
CA LYS Q 1123 0.25 10.24 -56.03
C LYS Q 1123 1.51 9.97 -56.82
N THR Q 1124 2.22 8.93 -56.44
CA THR Q 1124 3.48 8.56 -57.07
C THR Q 1124 3.36 8.41 -58.57
N GLY Q 1125 2.31 7.75 -59.04
CA GLY Q 1125 2.27 7.31 -60.40
C GLY Q 1125 3.08 6.04 -60.65
N TYR Q 1126 3.60 5.40 -59.60
CA TYR Q 1126 4.37 4.16 -59.72
C TYR Q 1126 3.65 2.97 -59.10
N THR Q 1127 2.34 3.09 -58.84
CA THR Q 1127 1.52 2.08 -58.22
C THR Q 1127 0.63 1.39 -59.25
N ALA Q 1128 0.28 0.15 -58.93
CA ALA Q 1128 -0.67 -0.58 -59.76
C ALA Q 1128 -1.99 0.18 -59.86
N GLY Q 1129 -2.54 0.23 -61.07
CA GLY Q 1129 -3.77 0.92 -61.37
C GLY Q 1129 -3.68 2.42 -61.56
N ASN Q 1130 -2.53 3.02 -61.27
CA ASN Q 1130 -2.33 4.46 -61.48
C ASN Q 1130 -0.95 4.72 -62.06
N GLU Q 1131 -0.50 3.84 -62.95
CA GLU Q 1131 0.83 3.97 -63.52
C GLU Q 1131 0.90 5.20 -64.43
N ASN Q 1132 1.98 5.96 -64.31
CA ASN Q 1132 2.22 7.05 -65.25
C ASN Q 1132 3.13 6.54 -66.37
N ASP Q 1133 3.42 7.41 -67.34
CA ASP Q 1133 4.14 6.98 -68.52
C ASP Q 1133 5.54 6.45 -68.19
N PHE Q 1134 6.22 7.05 -67.22
CA PHE Q 1134 7.53 6.51 -66.87
C PHE Q 1134 7.42 5.13 -66.25
N MET Q 1135 6.39 4.91 -65.44
CA MET Q 1135 6.20 3.59 -64.82
C MET Q 1135 5.90 2.55 -65.88
N LYS Q 1136 5.11 2.96 -66.88
CA LYS Q 1136 4.75 2.02 -67.97
C LYS Q 1136 6.03 1.60 -68.68
N LYS Q 1137 6.94 2.54 -68.91
CA LYS Q 1137 8.24 2.24 -69.56
C LYS Q 1137 9.07 1.32 -68.67
N PHE Q 1138 9.06 1.56 -67.36
CA PHE Q 1138 9.84 0.74 -66.39
C PHE Q 1138 9.25 -0.66 -66.36
N LEU Q 1139 7.93 -0.72 -66.41
CA LEU Q 1139 7.22 -2.02 -66.42
C LEU Q 1139 7.53 -2.81 -67.68
N ASN Q 1140 7.76 -2.12 -68.80
CA ASN Q 1140 8.05 -2.77 -70.10
C ASN Q 1140 9.56 -2.95 -70.27
N GLY Q 1141 10.36 -2.58 -69.28
CA GLY Q 1141 11.81 -2.81 -69.37
C GLY Q 1141 12.43 -2.07 -70.52
N GLU Q 1142 11.85 -0.92 -70.84
CA GLU Q 1142 12.32 -0.06 -71.93
C GLU Q 1142 13.41 0.90 -71.47
N LEU Q 1143 13.68 0.93 -70.16
CA LEU Q 1143 14.71 1.78 -69.59
C LEU Q 1143 16.11 1.29 -69.90
N ILE Q 1144 16.22 0.04 -70.37
CA ILE Q 1144 17.48 -0.59 -70.74
C ILE Q 1144 17.21 -1.33 -72.05
N LYS Q 1145 18.13 -1.20 -72.99
CA LYS Q 1145 17.99 -1.91 -74.26
C LYS Q 1145 19.27 -2.67 -74.50
N VAL Q 1146 19.18 -3.95 -74.83
CA VAL Q 1146 20.39 -4.72 -75.08
C VAL Q 1146 20.39 -5.07 -76.54
N ASP Q 1147 21.54 -4.85 -77.18
CA ASP Q 1147 21.69 -5.13 -78.58
C ASP Q 1147 22.99 -5.90 -78.82
N GLU R 32 41.03 15.73 -56.79
CA GLU R 32 39.82 15.23 -57.42
C GLU R 32 38.59 15.55 -56.57
N GLY R 33 37.73 16.42 -57.09
CA GLY R 33 36.55 16.85 -56.39
C GLY R 33 36.78 17.99 -55.42
N VAL R 34 37.96 18.59 -55.42
CA VAL R 34 38.32 19.69 -54.52
C VAL R 34 38.92 20.81 -55.36
N LYS R 35 38.54 22.04 -55.05
CA LYS R 35 39.16 23.17 -55.73
C LYS R 35 40.48 23.54 -55.06
N GLY R 36 41.39 24.09 -55.85
CA GLY R 36 42.64 24.56 -55.29
C GLY R 36 42.40 25.70 -54.30
N VAL R 37 43.27 25.78 -53.31
CA VAL R 37 43.12 26.80 -52.27
C VAL R 37 43.53 28.15 -52.86
N ALA R 38 42.56 29.03 -53.02
CA ALA R 38 42.79 30.34 -53.60
C ALA R 38 43.45 31.27 -52.57
N GLU R 39 44.16 32.27 -53.08
CA GLU R 39 44.82 33.22 -52.20
C GLU R 39 43.82 34.01 -51.37
N GLU R 40 42.60 34.21 -51.88
CA GLU R 40 41.57 34.91 -51.12
C GLU R 40 41.31 34.21 -49.79
N GLU R 41 41.33 32.87 -49.78
CA GLU R 41 41.10 32.14 -48.54
C GLU R 41 42.28 32.24 -47.58
N LEU R 42 43.51 32.27 -48.12
CA LEU R 42 44.70 32.27 -47.28
C LEU R 42 45.01 33.64 -46.69
N THR R 43 44.58 34.73 -47.34
CA THR R 43 44.78 36.05 -46.75
C THR R 43 43.70 36.30 -45.69
N PRO R 44 44.07 36.62 -44.46
CA PRO R 44 43.06 36.86 -43.43
C PRO R 44 42.27 38.13 -43.73
N ALA R 45 41.07 38.19 -43.16
CA ALA R 45 40.29 39.41 -43.26
C ALA R 45 40.99 40.54 -42.51
N LYS R 46 40.59 41.77 -42.83
CA LYS R 46 41.28 42.92 -42.27
C LYS R 46 40.66 43.45 -40.98
N GLU R 47 39.34 43.33 -40.83
CA GLU R 47 38.70 43.79 -39.62
C GLU R 47 38.97 42.85 -38.47
N VAL R 48 39.28 43.41 -37.29
CA VAL R 48 39.71 42.65 -36.14
C VAL R 48 38.57 42.56 -35.13
N LEU R 49 38.42 41.36 -34.57
CA LEU R 49 37.40 41.13 -33.53
C LEU R 49 38.12 41.28 -32.20
N ASN R 50 37.64 42.22 -31.40
CA ASN R 50 38.21 42.53 -30.08
C ASN R 50 37.40 41.83 -29.02
N VAL R 51 38.01 41.06 -28.14
CA VAL R 51 37.19 40.48 -27.05
C VAL R 51 37.39 41.43 -25.88
N LYS R 52 36.33 42.10 -25.49
CA LYS R 52 36.39 43.14 -24.45
C LYS R 52 36.47 42.52 -23.08
N TYR R 53 37.32 43.09 -22.23
CA TYR R 53 37.40 42.70 -20.84
C TYR R 53 36.31 43.41 -20.05
N MET R 54 35.50 42.66 -19.32
CA MET R 54 34.42 43.23 -18.54
C MET R 54 34.00 42.24 -17.46
N GLN R 55 33.90 42.70 -16.21
CA GLN R 55 33.29 41.90 -15.16
C GLN R 55 31.97 41.29 -15.61
N ILE R 56 31.94 39.97 -15.81
CA ILE R 56 30.72 39.28 -16.18
C ILE R 56 30.24 38.50 -14.96
N ASP R 57 29.15 38.96 -14.34
CA ASP R 57 28.53 38.24 -13.23
C ASP R 57 27.33 37.49 -13.78
N VAL R 58 27.39 36.15 -13.68
CA VAL R 58 26.38 35.29 -14.30
C VAL R 58 26.05 34.17 -13.34
N PRO R 59 24.86 33.58 -13.47
CA PRO R 59 24.46 32.49 -12.58
C PRO R 59 25.15 31.18 -12.97
N ALA R 60 24.78 30.11 -12.26
CA ALA R 60 25.25 28.76 -12.56
C ALA R 60 24.99 28.40 -14.01
N HIS R 61 23.73 28.19 -14.37
CA HIS R 61 23.36 27.93 -15.77
C HIS R 61 23.38 29.23 -16.56
N ILE R 62 24.47 29.46 -17.30
CA ILE R 62 24.55 30.63 -18.15
C ILE R 62 23.44 30.57 -19.19
N THR R 63 22.78 31.71 -19.43
CA THR R 63 21.73 31.81 -20.42
C THR R 63 21.92 33.07 -21.25
N VAL R 64 21.43 33.02 -22.50
CA VAL R 64 21.55 34.14 -23.42
C VAL R 64 21.04 35.44 -22.79
N GLY R 65 19.94 35.34 -22.04
CA GLY R 65 19.41 36.55 -21.40
C GLY R 65 20.35 37.11 -20.36
N ALA R 66 21.03 36.25 -19.60
CA ALA R 66 21.93 36.70 -18.55
C ALA R 66 23.14 37.46 -19.11
N LEU R 67 23.57 37.12 -20.33
CA LEU R 67 24.74 37.73 -20.93
C LEU R 67 24.42 38.94 -21.81
N GLU R 68 23.14 39.21 -22.07
CA GLU R 68 22.75 40.27 -22.99
C GLU R 68 23.29 41.63 -22.56
N GLY R 69 23.20 41.94 -21.26
CA GLY R 69 23.70 43.22 -20.78
C GLY R 69 25.19 43.38 -20.99
N ALA R 70 25.95 42.29 -20.83
CA ALA R 70 27.39 42.35 -21.02
C ALA R 70 27.74 42.61 -22.48
N PHE R 71 27.16 41.83 -23.40
CA PHE R 71 27.48 41.96 -24.82
C PHE R 71 27.04 43.30 -25.39
N LYS R 72 26.08 43.98 -24.75
CA LYS R 72 25.66 45.29 -25.24
C LYS R 72 26.82 46.29 -25.23
N ASN R 73 27.76 46.12 -24.31
CA ASN R 73 28.92 46.99 -24.19
C ASN R 73 30.08 46.56 -25.08
N ALA R 74 29.93 45.45 -25.80
CA ALA R 74 30.96 44.95 -26.69
C ALA R 74 30.79 45.51 -28.10
N GLU R 75 31.83 45.36 -28.91
CA GLU R 75 31.84 45.77 -30.30
C GLU R 75 31.92 44.52 -31.16
N GLY R 76 31.05 44.41 -32.16
CA GLY R 76 30.92 43.20 -32.94
C GLY R 76 31.37 43.35 -34.39
N VAL R 77 31.85 42.24 -34.94
CA VAL R 77 32.27 42.13 -36.33
C VAL R 77 31.20 41.37 -37.12
N GLN R 78 30.94 41.80 -38.35
CA GLN R 78 30.01 41.13 -39.25
C GLN R 78 30.80 40.28 -40.25
N VAL R 79 30.70 38.95 -40.12
CA VAL R 79 31.38 37.98 -40.98
C VAL R 79 30.47 37.68 -42.18
N LYS R 80 31.06 37.44 -43.34
CA LYS R 80 30.25 37.16 -44.54
C LYS R 80 30.38 35.66 -44.81
N LEU R 81 29.23 35.01 -44.99
CA LEU R 81 29.15 33.56 -45.20
C LEU R 81 28.62 33.30 -46.61
N GLN R 82 29.02 32.21 -47.23
CA GLN R 82 28.67 31.90 -48.60
C GLN R 82 28.49 30.41 -48.73
N LYS R 83 27.87 30.02 -49.83
CA LYS R 83 27.71 28.61 -50.14
C LYS R 83 29.09 27.94 -50.20
N GLN R 84 29.12 26.67 -49.81
CA GLN R 84 30.37 25.91 -49.86
C GLN R 84 30.54 25.41 -51.28
N ASP R 85 31.52 25.99 -52.01
CA ASP R 85 31.78 25.58 -53.39
C ASP R 85 33.02 24.73 -53.55
N LYS R 86 33.90 24.71 -52.54
CA LYS R 86 35.29 24.34 -52.80
C LYS R 86 35.53 22.84 -52.80
N ALA R 87 34.71 22.05 -52.11
CA ALA R 87 34.94 20.61 -52.07
C ALA R 87 33.60 19.89 -52.04
N PHE R 88 33.64 18.60 -52.41
CA PHE R 88 32.43 17.79 -52.35
C PHE R 88 32.14 17.40 -50.90
N PRO R 89 30.88 17.46 -50.47
CA PRO R 89 29.67 17.98 -51.14
C PRO R 89 29.55 19.49 -51.09
N ASN R 90 28.73 20.05 -51.96
CA ASN R 90 28.46 21.48 -52.00
C ASN R 90 27.10 21.76 -51.39
N GLY R 91 27.03 22.82 -50.58
CA GLY R 91 25.76 23.19 -49.98
C GLY R 91 25.89 24.53 -49.31
N GLY R 92 24.80 24.98 -48.74
CA GLY R 92 24.78 26.26 -48.08
C GLY R 92 24.23 27.35 -48.98
N GLY R 93 24.36 28.58 -48.50
CA GLY R 93 23.88 29.76 -49.19
C GLY R 93 22.66 30.36 -48.54
N SER R 94 22.09 29.66 -47.56
CA SER R 94 20.86 30.10 -46.93
C SER R 94 21.08 31.30 -46.02
N VAL R 95 22.25 31.39 -45.38
CA VAL R 95 22.61 32.55 -44.57
C VAL R 95 23.88 33.16 -45.16
N ASN R 96 23.90 34.50 -45.23
CA ASN R 96 25.00 35.20 -45.87
C ASN R 96 25.87 35.99 -44.91
N SER R 97 25.34 36.40 -43.76
CA SER R 97 26.09 37.22 -42.82
C SER R 97 25.77 36.77 -41.40
N ALA R 98 26.72 37.03 -40.50
CA ALA R 98 26.52 36.78 -39.08
C ALA R 98 27.35 37.77 -38.28
N GLU R 99 26.75 38.36 -37.27
CA GLU R 99 27.46 39.24 -36.35
C GLU R 99 28.03 38.42 -35.20
N ILE R 100 29.29 38.69 -34.85
CA ILE R 100 29.97 37.97 -33.79
C ILE R 100 30.59 38.97 -32.82
N LYS R 101 30.29 38.82 -31.54
CA LYS R 101 30.90 39.58 -30.47
C LYS R 101 31.50 38.64 -29.44
N ALA R 102 32.42 39.16 -28.63
CA ALA R 102 33.13 38.33 -27.67
C ALA R 102 33.61 39.17 -26.50
N ILE R 103 33.59 38.57 -25.31
CA ILE R 103 33.97 39.23 -24.06
C ILE R 103 34.65 38.21 -23.17
N HIS R 104 35.46 38.70 -22.23
CA HIS R 104 36.08 37.83 -21.23
C HIS R 104 36.27 38.60 -19.93
N ASP R 105 36.23 37.87 -18.82
CA ASP R 105 36.42 38.44 -17.49
C ASP R 105 37.81 38.21 -16.92
N GLY R 106 38.66 37.45 -17.62
CA GLY R 106 39.94 37.03 -17.09
C GLY R 106 40.00 35.57 -16.68
N ILE R 107 38.86 34.89 -16.58
CA ILE R 107 38.80 33.46 -16.34
C ILE R 107 38.08 32.74 -17.47
N THR R 108 36.95 33.26 -17.92
CA THR R 108 36.12 32.65 -18.94
C THR R 108 35.93 33.62 -20.11
N ILE R 109 35.93 33.06 -21.32
CA ILE R 109 35.71 33.84 -22.54
C ILE R 109 34.36 33.43 -23.13
N TYR R 110 33.62 34.42 -23.62
CA TYR R 110 32.29 34.20 -24.19
C TYR R 110 32.27 34.79 -25.59
N PHE R 111 31.74 34.01 -26.55
CA PHE R 111 31.53 34.47 -27.92
C PHE R 111 30.03 34.46 -28.20
N GLN R 112 29.52 35.53 -28.81
CA GLN R 112 28.13 35.63 -29.18
C GLN R 112 27.99 35.67 -30.70
N VAL R 113 27.17 34.79 -31.25
CA VAL R 113 26.95 34.69 -32.69
C VAL R 113 25.47 34.87 -32.98
N ILE R 114 25.15 35.75 -33.93
CA ILE R 114 23.77 36.03 -34.33
C ILE R 114 23.68 35.97 -35.84
N TRP R 115 22.71 35.21 -36.35
CA TRP R 115 22.46 35.12 -37.79
C TRP R 115 20.96 34.98 -38.05
N ASP R 116 20.57 35.23 -39.30
CA ASP R 116 19.17 35.25 -39.70
C ASP R 116 18.75 33.91 -40.29
N ASP R 117 17.72 33.30 -39.69
CA ASP R 117 17.13 32.06 -40.19
C ASP R 117 15.66 32.03 -39.82
N ALA R 118 14.79 31.79 -40.80
CA ALA R 118 13.36 31.82 -40.55
C ALA R 118 12.81 30.55 -39.89
N THR R 119 13.63 29.52 -39.72
CA THR R 119 13.17 28.22 -39.22
C THR R 119 14.06 27.77 -38.07
N ASP R 120 13.43 27.26 -37.01
CA ASP R 120 14.16 26.68 -35.89
C ASP R 120 14.15 25.15 -36.04
N ASN R 121 15.22 24.61 -36.62
CA ASN R 121 15.40 23.18 -36.76
C ASN R 121 16.19 22.67 -35.55
N LYS R 122 15.49 22.11 -34.57
CA LYS R 122 16.10 21.69 -33.32
C LYS R 122 16.03 20.19 -33.08
N GLN R 123 15.77 19.39 -34.12
CA GLN R 123 15.73 17.95 -33.97
C GLN R 123 16.34 17.28 -35.18
N ALA R 124 16.94 16.11 -34.96
CA ALA R 124 17.58 15.33 -36.02
C ALA R 124 17.26 13.84 -35.86
N ILE R 125 16.00 13.52 -35.60
CA ILE R 125 15.59 12.13 -35.42
C ILE R 125 15.00 11.54 -36.69
N ALA R 126 14.26 12.33 -37.46
CA ALA R 126 13.69 11.82 -38.69
C ALA R 126 14.76 11.76 -39.78
N THR R 127 14.58 10.80 -40.69
CA THR R 127 15.60 10.59 -41.72
C THR R 127 15.77 11.80 -42.61
N GLN R 128 14.70 12.58 -42.83
CA GLN R 128 14.75 13.72 -43.72
C GLN R 128 15.07 15.03 -43.02
N GLU R 129 15.11 15.05 -41.70
CA GLU R 129 15.26 16.29 -40.95
C GLU R 129 16.70 16.44 -40.43
N PHE R 130 17.15 17.69 -40.38
CA PHE R 130 18.51 18.01 -39.98
C PHE R 130 18.46 19.13 -38.94
N ARG R 131 19.62 19.40 -38.35
CA ARG R 131 19.73 20.35 -37.25
C ARG R 131 20.28 21.68 -37.73
N ASP R 132 19.88 22.75 -37.04
CA ASP R 132 20.56 24.03 -37.17
C ASP R 132 21.83 24.00 -36.32
N GLY R 133 22.91 24.55 -36.86
CA GLY R 133 24.17 24.52 -36.15
C GLY R 133 25.02 25.73 -36.45
N ALA R 134 25.96 25.99 -35.54
CA ALA R 134 26.94 27.05 -35.69
C ALA R 134 28.24 26.57 -35.10
N ALA R 135 29.35 27.08 -35.62
CA ALA R 135 30.64 26.60 -35.18
C ALA R 135 31.68 27.70 -35.24
N LEU R 136 32.63 27.64 -34.32
CA LEU R 136 33.78 28.51 -34.28
C LEU R 136 35.04 27.66 -34.42
N MET R 137 36.08 28.26 -34.96
CA MET R 137 37.31 27.54 -35.24
C MET R 137 38.50 28.40 -34.87
N PHE R 138 39.52 27.77 -34.28
CA PHE R 138 40.70 28.47 -33.84
C PHE R 138 41.93 27.66 -34.20
N PRO R 139 43.02 28.31 -34.60
CA PRO R 139 44.26 27.57 -34.81
C PRO R 139 44.83 27.14 -33.46
N LEU R 140 45.44 25.97 -33.45
CA LEU R 140 46.04 25.46 -32.23
C LEU R 140 47.47 25.99 -32.13
N GLY R 141 47.79 26.61 -30.99
CA GLY R 141 49.05 27.30 -30.83
C GLY R 141 48.99 28.71 -31.41
N LYS R 142 50.11 29.41 -31.30
CA LYS R 142 50.23 30.79 -31.77
C LYS R 142 51.00 30.83 -33.08
N ILE R 143 50.36 31.35 -34.13
CA ILE R 143 50.93 31.41 -35.47
C ILE R 143 50.52 32.71 -36.14
N THR R 144 51.27 33.11 -37.16
CA THR R 144 50.90 34.21 -38.04
C THR R 144 50.52 33.63 -39.40
N ILE R 145 49.39 34.08 -39.93
CA ILE R 145 48.80 33.51 -41.14
C ILE R 145 48.89 34.52 -42.27
N SER R 146 49.40 34.06 -43.40
CA SER R 146 49.53 34.88 -44.63
C SER R 146 49.72 33.94 -45.82
N PRO R 147 49.63 34.38 -47.08
CA PRO R 147 49.94 33.46 -48.17
C PRO R 147 51.41 33.00 -48.14
N GLU R 148 52.33 33.86 -47.71
CA GLU R 148 53.78 33.57 -47.62
C GLU R 148 54.05 32.39 -46.69
N GLU R 149 53.30 32.31 -45.60
CA GLU R 149 53.41 31.18 -44.64
C GLU R 149 51.98 30.68 -44.49
N PRO R 150 51.45 29.92 -45.46
CA PRO R 150 50.05 29.56 -45.50
C PRO R 150 49.55 28.58 -44.45
N PHE R 151 48.32 28.83 -44.05
CA PHE R 151 47.60 27.94 -43.12
C PHE R 151 46.14 27.91 -43.57
N SER R 152 45.74 26.82 -44.22
CA SER R 152 44.44 26.75 -44.89
C SER R 152 43.29 26.97 -43.91
N PRO R 153 42.31 27.81 -44.26
CA PRO R 153 41.11 27.97 -43.43
C PRO R 153 40.06 26.90 -43.63
N ARG R 154 40.33 25.87 -44.44
CA ARG R 154 39.37 24.80 -44.68
C ARG R 154 39.50 23.76 -43.56
N MET R 155 39.09 24.19 -42.36
CA MET R 155 39.19 23.37 -41.16
C MET R 155 40.60 22.83 -40.93
N GLY R 156 41.58 23.68 -41.18
CA GLY R 156 42.98 23.31 -41.02
C GLY R 156 43.55 22.59 -42.24
N ASP R 157 44.69 21.94 -42.00
CA ASP R 157 45.36 21.14 -43.01
C ASP R 157 46.29 20.17 -42.30
N ARG R 158 46.93 19.28 -43.06
CA ARG R 158 47.74 18.23 -42.46
C ARG R 158 48.94 18.85 -41.75
N GLN R 159 49.21 18.38 -40.53
CA GLN R 159 50.24 18.94 -39.67
C GLN R 159 49.95 20.39 -39.31
N LYS R 160 48.71 20.82 -39.51
CA LYS R 160 48.25 22.17 -39.17
C LYS R 160 46.87 22.06 -38.53
N PRO R 161 46.81 21.55 -37.30
CA PRO R 161 45.52 21.28 -36.66
C PRO R 161 44.82 22.55 -36.18
N VAL R 162 43.53 22.40 -35.89
CA VAL R 162 42.66 23.49 -35.44
C VAL R 162 41.68 22.94 -34.43
N ASN R 163 41.21 23.82 -33.55
CA ASN R 163 40.19 23.49 -32.57
C ASN R 163 38.85 24.05 -33.05
N LEU R 164 37.81 23.23 -32.93
CA LEU R 164 36.47 23.60 -33.38
C LEU R 164 35.47 23.47 -32.23
N TRP R 165 34.55 24.41 -32.16
CA TRP R 165 33.45 24.39 -31.21
C TRP R 165 32.16 24.34 -32.01
N HIS R 166 31.48 23.19 -32.00
CA HIS R 166 30.29 22.99 -32.81
C HIS R 166 29.07 23.06 -31.91
N TRP R 167 28.26 24.10 -32.06
CA TRP R 167 26.99 24.22 -31.37
C TRP R 167 25.92 23.49 -32.18
N LYS R 168 25.08 22.72 -31.47
CA LYS R 168 24.02 21.95 -32.10
C LYS R 168 22.69 22.34 -31.47
N ALA R 169 21.72 22.71 -32.31
CA ALA R 169 20.41 23.11 -31.80
C ALA R 169 19.68 21.94 -31.17
N ASP R 170 19.77 20.75 -31.77
CA ASP R 170 19.12 19.57 -31.20
C ASP R 170 19.75 19.18 -29.87
N TRP R 171 21.04 19.44 -29.70
CA TRP R 171 21.70 19.19 -28.42
C TRP R 171 21.12 20.06 -27.33
N GLU R 172 20.69 21.28 -27.66
CA GLU R 172 20.01 22.15 -26.71
C GLU R 172 18.69 21.53 -26.26
N ALA R 173 17.92 21.00 -27.20
CA ALA R 173 16.66 20.35 -26.87
C ALA R 173 16.88 19.08 -26.06
N ASP R 174 17.99 18.37 -26.28
CA ASP R 174 18.28 17.17 -25.50
C ASP R 174 18.48 17.50 -24.03
N LEU R 175 19.02 18.69 -23.73
CA LEU R 175 19.24 19.08 -22.34
C LEU R 175 17.93 19.15 -21.55
N LEU R 176 16.82 19.42 -22.23
CA LEU R 176 15.52 19.53 -21.58
C LEU R 176 14.71 18.25 -21.65
N ALA R 177 15.25 17.20 -22.27
CA ALA R 177 14.56 15.91 -22.34
C ALA R 177 14.62 15.20 -20.98
N THR R 178 13.74 14.21 -20.83
CA THR R 178 13.59 13.49 -19.56
C THR R 178 14.82 12.63 -19.23
N GLY R 179 15.68 12.33 -20.21
CA GLY R 179 16.87 11.53 -19.96
C GLY R 179 18.17 12.17 -20.41
N GLY R 180 18.13 13.46 -20.75
CA GLY R 180 19.29 14.09 -21.35
C GLY R 180 19.41 13.85 -22.83
N ILE R 181 18.45 13.13 -23.42
CA ILE R 181 18.42 12.87 -24.85
C ILE R 181 16.97 12.63 -25.25
N GLU R 182 16.58 13.23 -26.38
CA GLU R 182 15.25 12.98 -26.93
C GLU R 182 15.23 11.61 -27.60
N GLU R 183 14.18 10.84 -27.34
CA GLU R 183 14.05 9.53 -27.93
C GLU R 183 12.87 9.55 -28.91
N CYS R 184 12.70 8.43 -29.62
CA CYS R 184 11.81 8.40 -30.78
C CYS R 184 10.38 8.86 -30.54
N PRO R 185 9.71 8.51 -29.43
CA PRO R 185 8.31 8.96 -29.27
C PRO R 185 8.13 10.48 -29.30
N ALA R 186 9.19 11.25 -29.06
CA ALA R 186 9.07 12.71 -29.16
C ALA R 186 8.81 13.16 -30.59
N ARG R 187 9.29 12.40 -31.58
CA ARG R 187 9.07 12.73 -32.99
C ARG R 187 7.89 11.99 -33.58
N TYR R 188 7.64 10.75 -33.15
CA TYR R 188 6.53 9.93 -33.65
C TYR R 188 5.69 9.53 -32.45
N PRO R 189 4.81 10.41 -31.98
CA PRO R 189 4.07 10.13 -30.73
C PRO R 189 3.07 8.99 -30.84
N ASN R 190 2.72 8.55 -32.04
CA ASN R 190 1.76 7.45 -32.21
C ASN R 190 2.43 6.09 -32.29
N MET R 191 3.76 6.03 -32.16
CA MET R 191 4.51 4.80 -32.34
C MET R 191 4.16 3.79 -31.25
N HIS R 192 4.39 2.51 -31.57
CA HIS R 192 4.23 1.43 -30.62
C HIS R 192 5.29 0.36 -30.85
N ASP R 193 5.89 -0.11 -29.76
CA ASP R 193 6.82 -1.24 -29.80
C ASP R 193 6.36 -2.26 -28.77
N ASP R 194 6.36 -3.52 -29.16
CA ASP R 194 5.93 -4.58 -28.26
C ASP R 194 6.91 -4.79 -27.12
N PHE R 195 8.12 -4.24 -27.22
CA PHE R 195 9.11 -4.27 -26.17
C PHE R 195 9.34 -2.91 -25.53
N SER R 196 9.61 -1.88 -26.34
CA SER R 196 9.93 -0.56 -25.80
C SER R 196 8.72 0.18 -25.24
N THR R 197 7.53 -0.08 -25.77
CA THR R 197 6.32 0.57 -25.29
C THR R 197 5.35 -0.44 -24.68
N ASN R 198 5.90 -1.44 -23.96
CA ASN R 198 5.07 -2.41 -23.27
C ASN R 198 5.08 -2.08 -21.79
N PRO R 199 3.92 -1.74 -21.20
CA PRO R 199 3.90 -1.41 -19.76
C PRO R 199 4.05 -2.63 -18.86
N HIS R 200 4.02 -3.84 -19.40
CA HIS R 200 4.07 -5.05 -18.61
C HIS R 200 5.39 -5.79 -18.76
N SER R 201 6.40 -5.15 -19.34
CA SER R 201 7.68 -5.80 -19.55
C SER R 201 8.31 -6.16 -18.21
N VAL R 202 8.74 -7.41 -18.09
CA VAL R 202 9.40 -7.86 -16.87
C VAL R 202 10.81 -7.25 -16.79
N ASN R 203 11.32 -7.17 -15.56
CA ASN R 203 12.55 -6.43 -15.33
C ASN R 203 13.74 -7.06 -16.02
N TYR R 204 13.88 -8.39 -15.90
CA TYR R 204 15.06 -9.04 -16.47
C TYR R 204 15.03 -9.04 -17.98
N HIS R 205 13.84 -9.04 -18.59
CA HIS R 205 13.75 -8.96 -20.04
C HIS R 205 14.20 -7.58 -20.53
N LYS R 206 13.58 -6.52 -20.00
CA LYS R 206 13.95 -5.17 -20.40
C LYS R 206 15.41 -4.87 -20.07
N GLY R 207 15.90 -5.40 -18.94
CA GLY R 207 17.29 -5.17 -18.57
C GLY R 207 18.28 -5.70 -19.60
N VAL R 208 18.02 -6.88 -20.13
CA VAL R 208 18.89 -7.46 -21.15
C VAL R 208 18.70 -6.77 -22.49
N ILE R 209 17.44 -6.60 -22.91
CA ILE R 209 17.17 -6.07 -24.25
C ILE R 209 17.59 -4.62 -24.35
N GLN R 210 17.31 -3.82 -23.32
CA GLN R 210 17.63 -2.40 -23.32
C GLN R 210 18.97 -2.11 -22.63
N SER R 211 19.83 -3.11 -22.50
CA SER R 211 21.21 -2.88 -22.09
C SER R 211 21.99 -2.22 -23.23
N ALA R 212 23.08 -1.55 -22.85
CA ALA R 212 23.88 -0.84 -23.85
C ALA R 212 24.43 -1.79 -24.92
N ALA R 213 24.87 -2.98 -24.53
CA ALA R 213 25.45 -3.91 -25.50
C ALA R 213 24.43 -4.27 -26.56
N GLU R 214 23.17 -4.33 -26.16
CA GLU R 214 22.07 -4.68 -27.10
C GLU R 214 21.49 -3.43 -27.75
N LEU R 215 21.68 -2.25 -27.16
CA LEU R 215 21.22 -1.01 -27.85
C LEU R 215 22.08 -0.83 -29.10
N SER R 216 23.38 -1.08 -28.97
CA SER R 216 24.43 -1.12 -30.02
C SER R 216 24.73 0.25 -30.63
N GLY R 217 25.22 0.22 -31.86
CA GLY R 217 25.47 1.43 -32.65
C GLY R 217 26.23 2.49 -31.89
N GLY R 218 25.80 3.74 -32.01
CA GLY R 218 26.49 4.81 -31.29
C GLY R 218 26.39 4.61 -29.80
N TYR R 219 25.25 4.15 -29.31
CA TYR R 219 25.11 4.02 -27.85
C TYR R 219 26.14 3.03 -27.30
N ALA R 220 26.38 1.93 -27.98
CA ALA R 220 27.37 0.98 -27.48
C ALA R 220 28.80 1.47 -27.72
N ALA R 221 29.02 2.20 -28.81
CA ALA R 221 30.33 2.77 -29.11
C ALA R 221 30.62 4.07 -28.39
N HIS R 222 29.72 4.52 -27.51
CA HIS R 222 29.90 5.77 -26.75
C HIS R 222 30.12 6.96 -27.68
N ASN R 223 29.44 6.97 -28.82
CA ASN R 223 29.40 8.14 -29.68
C ASN R 223 28.63 9.26 -28.98
N LEU R 224 29.26 10.43 -28.89
CA LEU R 224 28.63 11.55 -28.17
C LEU R 224 27.25 11.87 -28.74
N LEU R 225 27.09 11.76 -30.06
CA LEU R 225 25.80 12.05 -30.67
C LEU R 225 24.71 11.09 -30.22
N SER R 226 25.08 9.96 -29.62
CA SER R 226 24.11 8.96 -29.19
C SER R 226 23.89 8.94 -27.68
N LEU R 227 24.66 9.71 -26.92
CA LEU R 227 24.59 9.68 -25.47
C LEU R 227 23.99 10.97 -24.93
N PRO R 228 23.47 10.95 -23.70
CA PRO R 228 23.12 12.23 -23.04
C PRO R 228 24.39 12.90 -22.51
N ARG R 229 25.02 13.63 -23.41
CA ARG R 229 26.34 14.26 -23.17
C ARG R 229 26.28 15.49 -22.26
N GLY R 230 25.10 15.99 -21.98
CA GLY R 230 24.95 17.10 -21.04
C GLY R 230 25.55 18.43 -21.45
N ARG R 231 25.63 18.72 -22.74
CA ARG R 231 26.17 19.99 -23.21
C ARG R 231 25.60 20.27 -24.59
N ALA R 232 25.69 21.54 -25.00
CA ALA R 232 25.15 21.97 -26.28
C ALA R 232 26.22 22.24 -27.33
N VAL R 233 27.49 22.23 -26.96
CA VAL R 233 28.58 22.51 -27.88
C VAL R 233 29.57 21.35 -27.82
N GLU R 234 30.00 20.88 -28.98
CA GLU R 234 30.96 19.79 -29.06
C GLU R 234 32.35 20.37 -29.30
N ASP R 235 33.30 19.88 -28.52
CA ASP R 235 34.73 20.26 -28.56
C ASP R 235 35.39 19.23 -29.45
N LEU R 236 35.98 19.65 -30.56
CA LEU R 236 36.69 18.71 -31.43
C LEU R 236 37.82 19.39 -32.20
N ASN R 237 38.66 18.57 -32.80
CA ASN R 237 39.87 18.99 -33.55
C ASN R 237 39.79 18.46 -34.96
N ALA R 238 40.45 19.11 -35.88
CA ALA R 238 40.52 18.71 -37.28
C ALA R 238 41.84 19.18 -37.89
N GLU R 239 42.34 18.38 -38.83
CA GLU R 239 43.50 18.73 -39.65
C GLU R 239 43.13 18.83 -41.12
N GLY R 240 42.01 19.47 -41.41
CA GLY R 240 41.48 19.55 -42.75
C GLY R 240 40.10 18.92 -42.82
N PHE R 241 39.43 19.17 -43.95
CA PHE R 241 38.12 18.58 -44.14
C PHE R 241 38.26 17.11 -44.49
N GLY R 242 37.35 16.31 -43.95
CA GLY R 242 37.47 14.87 -44.02
C GLY R 242 38.24 14.26 -42.88
N THR R 243 38.69 15.05 -41.90
CA THR R 243 39.50 14.55 -40.78
C THR R 243 38.97 14.97 -39.41
N LEU R 244 37.81 15.61 -39.34
CA LEU R 244 37.35 16.14 -38.06
C LEU R 244 37.18 15.02 -37.04
N THR R 245 37.65 15.27 -35.82
CA THR R 245 37.69 14.25 -34.78
C THR R 245 37.16 14.82 -33.48
N SER R 246 36.28 14.06 -32.83
CA SER R 246 35.73 14.45 -31.54
C SER R 246 36.73 14.20 -30.42
N GLN R 247 36.91 15.20 -29.55
CA GLN R 247 37.85 15.09 -28.46
C GLN R 247 37.32 14.21 -27.34
N ASP R 248 38.25 13.58 -26.61
CA ASP R 248 37.86 12.75 -25.48
C ASP R 248 37.42 13.60 -24.29
N HIS R 249 38.10 14.73 -24.07
CA HIS R 249 37.83 15.63 -22.95
C HIS R 249 37.11 16.85 -23.49
N GLN R 250 35.81 16.95 -23.23
CA GLN R 250 35.01 18.04 -23.74
C GLN R 250 35.06 19.21 -22.78
N ASP R 251 35.37 20.40 -23.31
CA ASP R 251 35.61 21.57 -22.48
C ASP R 251 34.74 22.76 -22.83
N VAL R 252 34.08 22.78 -23.98
CA VAL R 252 33.27 23.91 -24.41
C VAL R 252 31.82 23.64 -24.06
N ASP R 253 31.11 24.68 -23.63
CA ASP R 253 29.69 24.64 -23.35
C ASP R 253 29.03 25.85 -23.98
N GLY R 254 27.72 25.94 -23.86
CA GLY R 254 27.03 27.09 -24.43
C GLY R 254 25.53 26.97 -24.28
N CYS R 255 24.86 28.09 -24.53
CA CYS R 255 23.41 28.20 -24.56
C CYS R 255 22.99 28.98 -25.80
N SER R 256 21.70 29.03 -26.06
CA SER R 256 21.21 29.63 -27.29
C SER R 256 19.80 30.14 -27.11
N LYS R 257 19.32 30.87 -28.11
CA LYS R 257 17.96 31.39 -28.13
C LYS R 257 17.54 31.62 -29.57
N PHE R 258 16.34 31.18 -29.93
CA PHE R 258 15.75 31.45 -31.23
C PHE R 258 14.57 32.40 -31.06
N GLU R 259 14.69 33.58 -31.66
CA GLU R 259 13.67 34.61 -31.57
C GLU R 259 13.61 35.35 -32.90
N ASN R 260 12.49 36.03 -33.12
CA ASN R 260 12.21 36.84 -34.32
C ASN R 260 12.95 36.38 -35.57
N LYS R 261 12.73 35.14 -35.97
CA LYS R 261 13.29 34.58 -37.20
C LYS R 261 14.81 34.76 -37.27
N LYS R 262 15.50 34.76 -36.12
CA LYS R 262 16.95 34.84 -36.11
C LYS R 262 17.49 34.10 -34.89
N TRP R 263 18.67 33.50 -35.04
CA TRP R 263 19.32 32.73 -33.98
C TRP R 263 20.33 33.59 -33.23
N THR R 264 20.41 33.37 -31.92
CA THR R 264 21.42 33.99 -31.07
C THR R 264 22.06 32.88 -30.23
N VAL R 265 23.34 32.61 -30.46
CA VAL R 265 24.07 31.57 -29.76
C VAL R 265 25.31 32.18 -29.11
N VAL R 266 25.60 31.74 -27.88
CA VAL R 266 26.81 32.16 -27.17
C VAL R 266 27.63 30.92 -26.81
N PHE R 267 28.94 31.03 -26.98
CA PHE R 267 29.88 29.97 -26.64
C PHE R 267 30.56 30.32 -25.32
N CYS R 268 30.75 29.30 -24.47
CA CYS R 268 31.34 29.52 -23.15
C CYS R 268 32.45 28.50 -22.92
N ARG R 269 33.63 28.99 -22.56
CA ARG R 269 34.77 28.14 -22.24
C ARG R 269 35.76 28.95 -21.42
N SER R 270 36.49 28.26 -20.54
CA SER R 270 37.54 28.90 -19.78
C SER R 270 38.68 29.32 -20.72
N LEU R 271 39.37 30.41 -20.33
CA LEU R 271 40.45 30.92 -21.17
C LEU R 271 41.54 29.87 -21.39
N ASN R 272 41.79 29.03 -20.40
CA ASN R 272 42.78 27.99 -20.49
C ASN R 272 42.21 26.66 -19.98
N THR R 273 42.68 25.57 -20.57
CA THR R 273 42.21 24.24 -20.22
C THR R 273 43.40 23.30 -20.12
N GLY R 274 43.23 22.25 -19.32
CA GLY R 274 44.26 21.24 -19.21
C GLY R 274 44.41 20.34 -20.41
N ASP R 275 43.55 20.50 -21.42
CA ASP R 275 43.62 19.69 -22.63
C ASP R 275 44.60 20.34 -23.60
N PRO R 276 45.70 19.68 -23.96
CA PRO R 276 46.66 20.29 -24.88
C PRO R 276 46.13 20.49 -26.29
N LEU R 277 45.09 19.76 -26.69
CA LEU R 277 44.50 19.90 -28.01
C LEU R 277 43.47 21.02 -28.09
N ASP R 278 43.38 21.86 -27.08
CA ASP R 278 42.46 23.00 -27.09
C ASP R 278 43.23 24.29 -27.33
N VAL R 279 42.59 25.22 -28.04
CA VAL R 279 43.18 26.54 -28.22
C VAL R 279 43.33 27.20 -26.85
N GLN R 280 44.46 27.84 -26.63
CA GLN R 280 44.76 28.48 -25.35
C GLN R 280 44.78 29.99 -25.54
N PHE R 281 43.87 30.68 -24.86
CA PHE R 281 43.76 32.13 -24.93
C PHE R 281 44.53 32.78 -23.79
N VAL R 282 45.21 33.88 -24.11
CA VAL R 282 45.90 34.67 -23.10
C VAL R 282 45.47 36.13 -23.27
N PRO R 283 45.05 36.82 -22.21
CA PRO R 283 44.69 38.23 -22.38
C PRO R 283 45.88 39.03 -22.89
N GLY R 284 45.64 39.80 -23.96
CA GLY R 284 46.66 40.58 -24.62
C GLY R 284 47.30 39.91 -25.83
N GLU R 285 47.02 38.63 -26.05
CA GLU R 285 47.56 37.89 -27.19
C GLU R 285 46.55 37.95 -28.32
N SER R 286 47.04 37.83 -29.54
CA SER R 286 46.16 37.81 -30.70
C SER R 286 46.28 36.46 -31.40
N THR R 287 45.15 35.94 -31.91
CA THR R 287 45.15 34.75 -32.75
C THR R 287 44.06 34.96 -33.80
N TYR R 288 43.65 33.89 -34.47
CA TYR R 288 42.69 33.98 -35.57
C TYR R 288 41.49 33.09 -35.28
N PHE R 289 40.41 33.31 -36.04
CA PHE R 289 39.23 32.47 -35.94
C PHE R 289 38.55 32.37 -37.29
N ASN R 290 37.64 31.40 -37.38
CA ASN R 290 36.82 31.18 -38.57
C ASN R 290 35.44 30.73 -38.13
N MET R 291 34.50 30.78 -39.07
CA MET R 291 33.09 30.68 -38.74
C MET R 291 32.35 29.81 -39.74
N ALA R 292 31.26 29.22 -39.29
CA ALA R 292 30.37 28.45 -40.16
C ALA R 292 28.99 28.39 -39.52
N VAL R 293 27.97 28.27 -40.36
CA VAL R 293 26.57 28.23 -39.92
C VAL R 293 25.83 27.16 -40.72
N TRP R 294 24.89 26.48 -40.07
CA TRP R 294 24.07 25.45 -40.70
C TRP R 294 22.60 25.82 -40.59
N ASN R 295 21.84 25.46 -41.63
CA ASN R 295 20.38 25.61 -41.65
C ASN R 295 19.78 24.26 -42.01
N GLY R 296 19.22 23.58 -41.01
CA GLY R 296 18.61 22.28 -41.23
C GLY R 296 17.45 22.30 -42.20
N ASP R 297 16.78 23.44 -42.37
CA ASP R 297 15.65 23.52 -43.29
C ASP R 297 16.09 23.30 -44.74
N ARG R 298 17.28 23.78 -45.09
CA ARG R 298 17.86 23.53 -46.40
C ARG R 298 18.80 22.33 -46.39
N GLU R 299 18.64 21.43 -45.41
CA GLU R 299 19.41 20.20 -45.32
C GLU R 299 20.91 20.50 -45.25
N ASP R 300 21.27 21.42 -44.35
CA ASP R 300 22.65 21.83 -44.17
C ASP R 300 23.35 20.92 -43.19
N ARG R 301 24.44 20.30 -43.65
CA ARG R 301 25.23 19.37 -42.85
C ARG R 301 26.70 19.50 -43.22
N ASN R 302 27.46 18.41 -43.08
CA ASN R 302 28.91 18.38 -43.16
C ASN R 302 29.51 19.32 -44.20
N GLY R 303 29.21 19.15 -45.49
CA GLY R 303 29.78 20.03 -46.49
C GLY R 303 28.75 21.02 -46.99
N GLN R 304 27.54 20.90 -46.45
CA GLN R 304 26.41 21.78 -46.78
C GLN R 304 26.34 22.95 -45.81
N LYS R 305 27.48 23.62 -45.62
CA LYS R 305 27.57 24.68 -44.58
C LYS R 305 27.93 26.05 -45.18
N ASN R 306 27.36 27.09 -44.55
CA ASN R 306 27.55 28.50 -44.90
C ASN R 306 28.91 28.95 -44.34
N ILE R 307 29.95 28.87 -45.17
CA ILE R 307 31.32 29.03 -44.70
C ILE R 307 31.70 30.51 -44.65
N SER R 308 32.65 30.82 -43.76
CA SER R 308 33.43 32.04 -43.87
C SER R 308 34.69 31.67 -44.64
N ILE R 309 35.08 32.53 -45.59
CA ILE R 309 36.11 32.14 -46.54
C ILE R 309 37.53 32.34 -45.99
N GLN R 310 37.73 33.24 -45.06
CA GLN R 310 39.05 33.62 -44.60
C GLN R 310 39.13 33.59 -43.08
N TRP R 311 40.34 33.37 -42.58
CA TRP R 311 40.61 33.56 -41.16
C TRP R 311 40.30 35.00 -40.79
N HIS R 312 39.70 35.22 -39.62
CA HIS R 312 39.46 36.60 -39.14
C HIS R 312 40.35 36.80 -37.94
N PRO R 313 40.97 37.97 -37.77
CA PRO R 313 41.83 38.22 -36.66
C PRO R 313 41.02 38.46 -35.39
N LEU R 314 41.53 37.99 -34.25
CA LEU R 314 40.84 38.26 -32.97
C LEU R 314 41.87 38.77 -31.97
N SER R 315 41.49 39.75 -31.17
CA SER R 315 42.42 40.29 -30.16
C SER R 315 41.78 40.23 -28.78
N LEU R 316 42.52 39.77 -27.79
CA LEU R 316 42.01 39.67 -26.42
C LEU R 316 42.52 40.89 -25.67
N GLU R 317 41.63 41.64 -25.05
CA GLU R 317 41.99 42.79 -24.25
C GLU R 317 42.65 42.33 -22.96
N ARG R 318 43.52 43.17 -22.43
CA ARG R 318 44.15 42.80 -21.17
C ARG R 318 43.23 43.12 -20.00
N ILE R 319 43.50 42.47 -18.88
CA ILE R 319 42.71 42.63 -17.66
C ILE R 319 43.04 43.98 -17.03
N ALA R 320 42.01 44.63 -16.47
CA ALA R 320 42.21 45.94 -15.86
C ALA R 320 43.08 45.87 -14.61
N TRP R 321 42.96 44.81 -13.81
CA TRP R 321 43.79 44.62 -12.61
C TRP R 321 43.63 45.79 -11.64
N GLN R 322 42.49 45.84 -10.98
CA GLN R 322 42.20 46.91 -10.04
C GLN R 322 43.00 46.72 -8.76
N THR S 2 33.43 74.01 -46.03
CA THR S 2 34.42 73.08 -46.54
C THR S 2 34.19 72.79 -48.02
N LEU S 3 35.17 73.14 -48.85
CA LEU S 3 35.08 72.87 -50.27
C LEU S 3 35.40 71.41 -50.56
N VAL S 4 34.61 70.81 -51.45
CA VAL S 4 34.73 69.39 -51.73
C VAL S 4 34.77 69.15 -53.24
N HIS S 5 35.48 68.09 -53.65
CA HIS S 5 35.66 67.80 -55.07
C HIS S 5 34.46 67.03 -55.61
N ASN S 6 33.90 67.54 -56.71
CA ASN S 6 32.84 66.89 -57.47
C ASN S 6 33.36 66.69 -58.88
N TRP S 7 33.48 65.43 -59.31
CA TRP S 7 34.02 65.16 -60.63
C TRP S 7 33.02 65.45 -61.74
N HIS S 8 31.70 65.48 -61.46
CA HIS S 8 30.76 65.91 -62.48
C HIS S 8 31.05 67.35 -62.90
N LEU S 9 31.21 68.23 -61.91
CA LEU S 9 31.55 69.62 -62.17
C LEU S 9 33.02 69.82 -62.44
N GLY S 10 33.85 68.83 -62.13
CA GLY S 10 35.29 68.93 -62.36
C GLY S 10 35.99 69.99 -61.54
N ARG S 11 35.45 70.34 -60.38
CA ARG S 11 35.97 71.42 -59.56
C ARG S 11 35.69 71.11 -58.09
N ARG S 12 36.24 71.93 -57.21
CA ARG S 12 35.92 71.83 -55.79
C ARG S 12 34.69 72.67 -55.49
N MET S 13 33.78 72.11 -54.69
CA MET S 13 32.46 72.67 -54.47
C MET S 13 32.22 72.83 -52.97
N GLU S 14 31.30 73.72 -52.61
CA GLU S 14 30.99 74.00 -51.22
C GLU S 14 29.93 73.02 -50.71
N TYR S 15 30.26 72.31 -49.63
CA TYR S 15 29.39 71.37 -48.97
C TYR S 15 29.58 71.47 -47.46
N PRO S 16 28.52 71.28 -46.68
CA PRO S 16 28.66 71.37 -45.21
C PRO S 16 29.64 70.37 -44.61
N TYR S 17 29.78 69.18 -45.18
CA TYR S 17 30.48 68.08 -44.54
C TYR S 17 31.73 67.69 -45.32
N PHE S 18 32.72 67.17 -44.57
CA PHE S 18 33.98 66.76 -45.17
C PHE S 18 33.77 65.64 -46.17
N GLU S 19 34.63 65.62 -47.20
CA GLU S 19 34.56 64.56 -48.20
C GLU S 19 34.78 63.20 -47.56
N SER S 20 33.86 62.27 -47.81
CA SER S 20 34.01 60.90 -47.33
C SER S 20 33.24 60.00 -48.29
N ARG S 21 33.97 59.31 -49.17
CA ARG S 21 33.32 58.53 -50.21
C ARG S 21 33.23 57.06 -49.82
N PRO S 22 32.26 56.33 -50.36
CA PRO S 22 32.09 54.92 -50.01
C PRO S 22 33.12 54.04 -50.70
N LYS S 23 33.19 52.78 -50.25
CA LYS S 23 34.09 51.82 -50.89
C LYS S 23 33.70 51.63 -52.35
N HIS S 24 32.43 51.41 -52.62
CA HIS S 24 31.87 51.55 -53.95
C HIS S 24 30.48 52.17 -53.82
N GLN S 25 30.05 52.83 -54.88
CA GLN S 25 28.83 53.62 -54.87
C GLN S 25 27.71 52.91 -55.62
N PHE S 26 26.56 52.78 -54.98
CA PHE S 26 25.37 52.28 -55.65
C PHE S 26 25.10 53.11 -56.90
N ALA S 27 25.11 52.45 -58.05
CA ALA S 27 24.98 53.16 -59.32
C ALA S 27 24.24 52.29 -60.32
N ALA S 28 23.70 52.95 -61.35
CA ALA S 28 22.96 52.25 -62.38
C ALA S 28 23.02 53.06 -63.67
N VAL S 29 22.83 52.36 -64.79
CA VAL S 29 22.81 52.98 -66.11
C VAL S 29 21.45 52.71 -66.74
N PHE S 30 20.80 53.78 -67.20
CA PHE S 30 19.49 53.69 -67.84
C PHE S 30 19.64 54.05 -69.30
N ASN S 31 19.28 53.11 -70.18
CA ASN S 31 19.31 53.37 -71.63
C ASN S 31 17.97 53.99 -72.01
N ILE S 32 17.93 55.32 -72.03
CA ILE S 32 16.70 56.04 -72.34
C ILE S 32 16.18 55.64 -73.72
N ASN S 33 17.08 55.35 -74.65
CA ASN S 33 16.68 54.93 -75.99
C ASN S 33 15.80 53.69 -75.96
N ARG S 34 15.96 52.85 -74.94
CA ARG S 34 15.22 51.60 -74.85
C ARG S 34 13.95 51.71 -74.02
N CYS S 35 13.70 52.83 -73.37
CA CYS S 35 12.59 52.93 -72.42
C CYS S 35 11.24 52.98 -73.13
N ILE S 36 10.21 52.54 -72.42
CA ILE S 36 8.85 52.48 -72.94
C ILE S 36 7.87 53.28 -72.09
N ALA S 37 8.30 53.80 -70.94
CA ALA S 37 7.42 54.47 -69.97
C ALA S 37 6.30 53.55 -69.53
N CYS S 38 6.59 52.25 -69.46
CA CYS S 38 5.62 51.26 -69.06
C CYS S 38 5.29 51.32 -67.58
N GLN S 39 6.08 52.06 -66.79
CA GLN S 39 5.91 52.21 -65.35
C GLN S 39 5.88 50.85 -64.64
N THR S 40 6.45 49.82 -65.25
CA THR S 40 6.61 48.54 -64.55
C THR S 40 7.55 48.70 -63.35
N CYS S 41 8.66 49.39 -63.55
CA CYS S 41 9.53 49.72 -62.43
C CYS S 41 8.79 50.51 -61.36
N THR S 42 7.87 51.40 -61.79
CA THR S 42 7.12 52.21 -60.84
C THR S 42 6.26 51.33 -59.93
N MET S 43 5.52 50.39 -60.53
CA MET S 43 4.68 49.51 -59.74
C MET S 43 5.49 48.48 -58.95
N ALA S 44 6.72 48.19 -59.37
CA ALA S 44 7.58 47.30 -58.60
C ALA S 44 7.89 47.90 -57.23
N CYS S 45 8.31 49.16 -57.19
CA CYS S 45 8.58 49.82 -55.92
C CYS S 45 7.30 50.09 -55.15
N LYS S 46 6.22 50.44 -55.86
CA LYS S 46 4.96 50.76 -55.21
C LYS S 46 4.42 49.57 -54.43
N SER S 47 4.30 48.42 -55.09
CA SER S 47 3.75 47.22 -54.46
C SER S 47 4.65 46.66 -53.36
N THR S 48 5.78 47.29 -53.06
CA THR S 48 6.75 46.77 -52.13
C THR S 48 7.00 47.67 -50.92
N TRP S 49 7.07 48.98 -51.12
CA TRP S 49 7.51 49.85 -50.04
C TRP S 49 6.52 50.97 -49.70
N THR S 50 5.81 51.48 -50.70
CA THR S 50 4.95 52.64 -50.53
C THR S 50 3.49 52.30 -50.82
N PHE S 51 3.05 51.13 -50.36
CA PHE S 51 1.74 50.60 -50.72
C PHE S 51 0.69 50.83 -49.64
N ASN S 52 1.06 51.41 -48.50
CA ASN S 52 0.22 51.42 -47.32
C ASN S 52 -0.25 52.85 -47.01
N LYS S 53 -0.90 52.99 -45.85
CA LYS S 53 -1.52 54.25 -45.47
C LYS S 53 -0.49 55.35 -45.30
N GLY S 54 -0.86 56.56 -45.71
CA GLY S 54 0.04 57.69 -45.67
C GLY S 54 0.97 57.80 -46.86
N GLN S 55 1.05 56.76 -47.69
CA GLN S 55 1.94 56.73 -48.85
C GLN S 55 1.18 56.72 -50.16
N GLU S 56 -0.04 57.24 -50.17
CA GLU S 56 -0.87 57.15 -51.37
C GLU S 56 -0.33 57.99 -52.52
N PHE S 57 0.31 59.12 -52.21
CA PHE S 57 0.88 59.99 -53.22
C PHE S 57 2.34 59.68 -53.52
N MET S 58 2.95 58.75 -52.79
CA MET S 58 4.39 58.52 -52.86
C MET S 58 4.70 57.54 -54.00
N TRP S 59 5.54 57.99 -54.93
CA TRP S 59 6.04 57.17 -56.04
C TRP S 59 7.55 57.37 -56.09
N TRP S 60 8.28 56.54 -55.34
CA TRP S 60 9.73 56.69 -55.27
C TRP S 60 10.37 56.55 -56.64
N ASN S 61 9.92 55.56 -57.42
CA ASN S 61 10.33 55.43 -58.81
C ASN S 61 9.23 56.00 -59.71
N ASN S 62 9.63 56.89 -60.61
CA ASN S 62 8.70 57.46 -61.58
C ASN S 62 9.42 57.63 -62.90
N VAL S 63 8.66 57.42 -63.98
CA VAL S 63 9.13 57.73 -65.33
C VAL S 63 8.24 58.84 -65.85
N GLU S 64 8.86 59.96 -66.24
CA GLU S 64 8.16 61.16 -66.63
C GLU S 64 8.46 61.48 -68.09
N THR S 65 7.46 62.07 -68.76
CA THR S 65 7.56 62.40 -70.17
C THR S 65 8.23 63.76 -70.35
N LYS S 66 9.45 63.75 -70.80
CA LYS S 66 10.09 65.03 -71.04
C LYS S 66 9.67 65.59 -72.40
N PRO S 67 9.59 66.92 -72.54
CA PRO S 67 10.03 67.92 -71.54
C PRO S 67 8.98 68.43 -70.56
N TYR S 68 7.69 68.27 -70.85
CA TYR S 68 6.67 68.89 -70.01
C TYR S 68 6.35 68.11 -68.74
N GLY S 69 6.60 66.79 -68.72
CA GLY S 69 6.17 65.98 -67.61
C GLY S 69 7.14 65.98 -66.43
N GLY S 70 6.62 65.62 -65.27
CA GLY S 70 7.43 65.54 -64.08
C GLY S 70 6.59 65.18 -62.87
N PHE S 71 7.26 64.59 -61.88
CA PHE S 71 6.63 64.33 -60.59
C PHE S 71 7.60 64.66 -59.46
N PRO S 72 7.33 65.71 -58.66
CA PRO S 72 6.13 66.55 -58.71
C PRO S 72 6.07 67.44 -59.94
N GLN S 73 4.92 68.08 -60.16
CA GLN S 73 4.69 68.83 -61.39
C GLN S 73 5.75 69.90 -61.59
N SER S 74 6.44 69.84 -62.73
CA SER S 74 7.45 70.83 -63.12
C SER S 74 8.54 70.96 -62.06
N TRP S 75 9.00 69.81 -61.56
CA TRP S 75 9.98 69.79 -60.45
C TRP S 75 11.35 70.34 -60.87
N ASP S 76 11.82 70.02 -62.08
CA ASP S 76 13.10 70.56 -62.52
C ASP S 76 13.00 72.06 -62.76
N VAL S 77 11.92 72.48 -63.45
CA VAL S 77 11.79 73.87 -63.85
C VAL S 77 11.76 74.76 -62.61
N LYS S 78 11.09 74.30 -61.56
CA LYS S 78 11.02 75.05 -60.31
C LYS S 78 12.40 75.16 -59.67
N THR S 79 13.14 74.06 -59.63
CA THR S 79 14.48 74.08 -59.03
C THR S 79 15.49 74.73 -59.96
N LEU S 80 15.35 74.53 -61.27
CA LEU S 80 16.29 75.16 -62.21
C LEU S 80 16.17 76.67 -62.20
N LYS S 81 14.98 77.19 -61.90
CA LYS S 81 14.82 78.64 -61.83
C LYS S 81 15.48 79.19 -60.58
N LEU S 82 15.62 78.35 -59.55
CA LEU S 82 16.22 78.81 -58.30
C LEU S 82 17.73 79.04 -58.44
N ILE S 83 18.35 78.44 -59.44
CA ILE S 83 19.79 78.55 -59.62
C ILE S 83 20.11 79.14 -60.99
N ASP S 84 19.12 79.71 -61.67
CA ASP S 84 19.34 80.25 -63.01
C ASP S 84 20.19 81.51 -62.90
N SER S 85 21.30 81.53 -63.64
CA SER S 85 22.22 82.66 -63.66
C SER S 85 22.88 82.69 -65.03
N PRO S 86 23.21 83.88 -65.55
CA PRO S 86 23.92 83.93 -66.84
C PRO S 86 25.29 83.29 -66.79
N ASP S 87 25.77 82.94 -65.59
CA ASP S 87 27.09 82.36 -65.37
C ASP S 87 27.07 80.84 -65.44
N ASN S 88 25.93 80.23 -65.74
CA ASN S 88 25.81 78.78 -65.79
C ASN S 88 26.29 78.28 -67.14
N ILE S 89 27.61 78.01 -67.20
CA ILE S 89 28.28 77.66 -68.45
C ILE S 89 29.32 76.58 -68.13
N TRP S 90 29.43 75.61 -69.04
CA TRP S 90 30.44 74.57 -68.99
C TRP S 90 31.62 74.97 -69.88
N TYR S 91 32.83 74.59 -69.47
CA TYR S 91 34.03 74.80 -70.29
C TYR S 91 34.75 73.48 -70.46
N THR S 92 34.85 73.00 -71.70
CA THR S 92 35.36 71.67 -71.99
C THR S 92 36.83 71.64 -72.40
N ASP S 93 37.50 72.79 -72.52
CA ASP S 93 38.86 72.79 -73.08
C ASP S 93 39.78 71.90 -72.26
N ASP S 94 39.67 71.95 -70.94
CA ASP S 94 40.51 71.16 -70.05
C ASP S 94 39.73 69.97 -69.50
N LYS S 95 39.24 69.12 -70.40
CA LYS S 95 38.62 67.88 -69.97
C LYS S 95 39.69 66.93 -69.44
N ASP S 96 39.28 65.75 -69.03
CA ASP S 96 40.24 64.71 -68.70
C ASP S 96 40.56 63.99 -70.00
N LYS S 97 41.83 63.96 -70.36
CA LYS S 97 42.25 63.23 -71.54
C LYS S 97 42.38 61.75 -71.23
N GLU S 98 42.75 61.41 -70.00
CA GLU S 98 42.82 60.04 -69.51
C GLU S 98 41.73 59.84 -68.45
N THR S 99 41.26 58.59 -68.34
CA THR S 99 40.26 58.22 -67.34
C THR S 99 40.84 58.32 -65.93
N SER S 100 40.28 59.21 -65.11
CA SER S 100 40.76 59.44 -63.76
C SER S 100 40.24 58.38 -62.80
N GLN S 101 40.73 58.45 -61.56
CA GLN S 101 40.42 57.45 -60.55
C GLN S 101 38.99 57.57 -60.04
N TYR S 102 38.56 56.54 -59.31
CA TYR S 102 37.24 56.52 -58.69
C TYR S 102 37.08 57.74 -57.77
N GLY S 103 36.07 58.56 -58.05
CA GLY S 103 35.79 59.72 -57.23
C GLY S 103 36.60 60.96 -57.55
N THR S 104 37.41 60.92 -58.61
CA THR S 104 38.31 62.02 -58.95
C THR S 104 38.14 62.36 -60.43
N GLY S 105 38.63 63.55 -60.81
CA GLY S 105 38.75 63.91 -62.21
C GLY S 105 37.75 64.96 -62.65
N ALA S 106 37.76 65.21 -63.96
CA ALA S 106 36.87 66.19 -64.60
C ALA S 106 36.51 65.70 -65.99
N PRO S 107 35.71 64.63 -66.08
CA PRO S 107 35.52 63.98 -67.39
C PRO S 107 34.80 64.84 -68.42
N TYR S 108 33.76 65.59 -68.02
CA TYR S 108 33.01 66.39 -68.97
C TYR S 108 33.56 67.80 -69.13
N GLY S 109 34.38 68.27 -68.21
CA GLY S 109 34.89 69.63 -68.26
C GLY S 109 34.78 70.29 -66.91
N THR S 110 34.54 71.60 -66.90
CA THR S 110 34.37 72.35 -65.65
C THR S 110 33.15 73.25 -65.78
N TYR S 111 32.20 73.08 -64.87
CA TYR S 111 30.99 73.88 -64.83
C TYR S 111 31.21 75.03 -63.86
N GLU S 112 31.10 76.27 -64.36
CA GLU S 112 31.41 77.45 -63.56
C GLU S 112 30.17 78.12 -62.98
N GLY S 113 29.02 77.44 -63.03
CA GLY S 113 27.82 77.95 -62.37
C GLY S 113 27.74 77.53 -60.91
N ASP S 114 26.83 78.18 -60.19
CA ASP S 114 26.66 77.95 -58.76
C ASP S 114 25.67 76.82 -58.51
N THR S 115 26.04 75.93 -57.60
CA THR S 115 25.18 74.84 -57.17
C THR S 115 24.11 75.36 -56.20
N ILE S 116 23.15 74.48 -55.90
CA ILE S 116 22.10 74.84 -54.94
C ILE S 116 22.72 75.20 -53.58
N PHE S 117 23.86 74.61 -53.25
CA PHE S 117 24.56 74.98 -52.03
C PHE S 117 25.23 76.35 -52.17
N GLU S 118 25.89 76.58 -53.31
CA GLU S 118 26.63 77.83 -53.50
C GLU S 118 25.70 79.00 -53.75
N VAL S 119 24.54 78.77 -54.37
CA VAL S 119 23.54 79.82 -54.48
C VAL S 119 23.07 80.25 -53.09
N ALA S 120 22.85 79.27 -52.21
CA ALA S 120 22.44 79.59 -50.84
C ALA S 120 23.53 80.36 -50.11
N LYS S 121 24.79 80.03 -50.36
CA LYS S 121 25.90 80.69 -49.68
C LYS S 121 26.07 82.13 -50.20
N LYS S 122 26.05 82.32 -51.52
CA LYS S 122 26.27 83.64 -52.08
C LYS S 122 25.15 84.60 -51.70
N LYS S 123 23.92 84.12 -51.60
CA LYS S 123 22.79 84.98 -51.27
C LYS S 123 22.53 85.07 -49.77
N ASN S 124 23.20 84.26 -48.95
CA ASN S 124 22.98 84.24 -47.51
C ASN S 124 21.47 84.11 -47.23
N ILE S 125 20.86 83.08 -47.83
CA ILE S 125 19.49 82.79 -47.44
C ILE S 125 19.45 82.19 -46.04
N ASN S 126 20.62 81.92 -45.47
CA ASN S 126 20.75 81.29 -44.15
C ASN S 126 20.09 79.92 -44.16
N GLN S 127 20.31 79.19 -45.25
CA GLN S 127 19.94 77.79 -45.38
C GLN S 127 21.05 77.08 -46.13
N TRP S 128 21.11 75.76 -45.98
CA TRP S 128 22.21 75.02 -46.60
C TRP S 128 22.03 74.94 -48.11
N ALA S 129 20.80 75.00 -48.61
CA ALA S 129 20.55 74.95 -50.04
C ALA S 129 19.23 75.62 -50.34
N VAL S 130 19.11 76.14 -51.57
CA VAL S 130 17.84 76.68 -52.03
C VAL S 130 16.89 75.54 -52.35
N GLY S 131 15.60 75.80 -52.25
CA GLY S 131 14.62 74.78 -52.54
C GLY S 131 13.22 75.25 -52.21
N TYR S 132 12.30 74.29 -52.24
CA TYR S 132 10.90 74.55 -51.94
C TYR S 132 10.26 73.23 -51.53
N ILE S 133 9.16 73.34 -50.79
CA ILE S 133 8.36 72.18 -50.41
C ILE S 133 7.19 72.09 -51.40
N PRO S 134 7.13 71.06 -52.23
CA PRO S 134 5.98 70.92 -53.13
C PRO S 134 4.69 70.72 -52.34
N GLU S 135 3.68 71.52 -52.67
CA GLU S 135 2.40 71.42 -52.00
C GLU S 135 1.71 70.11 -52.38
N ASP S 136 0.77 69.68 -51.54
CA ASP S 136 0.08 68.42 -51.78
C ASP S 136 -0.59 68.41 -53.15
N LYS S 137 -0.98 69.59 -53.66
CA LYS S 137 -1.58 69.68 -54.97
C LYS S 137 -0.58 69.44 -56.09
N GLU S 138 0.72 69.65 -55.82
CA GLU S 138 1.75 69.41 -56.82
C GLU S 138 2.25 67.97 -56.84
N TRP S 139 1.88 67.16 -55.85
CA TRP S 139 2.20 65.74 -55.85
C TRP S 139 1.14 64.90 -56.58
N ARG S 140 0.03 65.52 -56.98
CA ARG S 140 -0.94 64.83 -57.80
C ARG S 140 -0.40 64.62 -59.22
N SER S 141 -1.15 63.82 -59.98
CA SER S 141 -0.86 63.57 -61.39
C SER S 141 0.57 63.06 -61.57
N PRO S 142 0.88 61.86 -61.07
CA PRO S 142 2.25 61.36 -61.20
C PRO S 142 2.68 61.18 -62.65
N ASN S 143 1.74 60.95 -63.56
CA ASN S 143 2.01 60.87 -64.99
C ASN S 143 1.74 62.20 -65.70
N PHE S 144 1.86 63.31 -64.98
CA PHE S 144 1.68 64.65 -65.53
C PHE S 144 2.41 64.79 -66.87
N GLY S 145 1.68 65.27 -67.87
CA GLY S 145 2.27 65.48 -69.19
C GLY S 145 2.66 64.22 -69.93
N GLU S 146 1.94 63.12 -69.73
CA GLU S 146 2.24 61.88 -70.42
C GLU S 146 2.16 62.04 -71.93
N ASP S 147 3.20 61.59 -72.63
CA ASP S 147 3.24 61.54 -74.09
C ASP S 147 2.91 62.90 -74.73
N THR S 148 3.26 63.98 -74.03
CA THR S 148 3.05 65.33 -74.54
C THR S 148 4.35 65.81 -75.18
N ALA S 149 4.28 66.10 -76.48
CA ALA S 149 5.45 66.45 -77.27
C ALA S 149 5.62 67.95 -77.41
N LYS S 150 6.86 68.38 -77.61
CA LYS S 150 7.15 69.75 -78.00
C LYS S 150 7.06 69.87 -79.52
N SER S 151 6.38 70.91 -79.98
CA SER S 151 6.20 71.14 -81.41
C SER S 151 6.65 72.54 -81.79
N SER S 152 7.23 72.68 -82.98
CA SER S 152 7.51 74.01 -83.52
C SER S 152 6.23 74.72 -83.91
N ASN S 153 5.13 73.97 -84.12
CA ASN S 153 3.83 74.51 -84.48
C ASN S 153 3.84 75.16 -85.87
N GLN S 154 4.71 74.69 -86.74
CA GLN S 154 4.80 75.13 -88.13
C GLN S 154 4.12 74.13 -89.04
N PRO S 155 3.52 74.59 -90.15
CA PRO S 155 2.55 73.76 -90.88
C PRO S 155 3.07 72.43 -91.39
N GLY S 156 4.29 72.35 -91.90
CA GLY S 156 4.77 71.11 -92.47
C GLY S 156 5.62 70.27 -91.55
N GLU S 157 5.47 70.45 -90.24
CA GLU S 157 6.37 69.82 -89.28
C GLU S 157 6.28 68.30 -89.31
N TYR S 158 7.47 67.67 -89.27
CA TYR S 158 7.64 66.23 -89.23
C TYR S 158 8.94 65.95 -88.49
N SER S 159 9.11 64.70 -88.07
CA SER S 159 10.23 64.33 -87.20
C SER S 159 11.19 63.39 -87.91
N THR S 160 12.47 63.77 -87.93
CA THR S 160 13.54 62.96 -88.49
C THR S 160 14.80 63.19 -87.65
N LEU S 161 15.75 62.27 -87.76
CA LEU S 161 17.03 62.48 -87.12
C LEU S 161 17.79 63.56 -87.88
N PRO S 162 18.72 64.27 -87.23
CA PRO S 162 19.30 64.07 -85.89
C PRO S 162 18.47 64.63 -84.74
N GLU S 163 17.59 65.59 -85.01
CA GLU S 163 16.73 66.15 -83.99
C GLU S 163 15.30 66.19 -84.49
N HIS S 164 14.38 65.62 -83.71
CA HIS S 164 12.97 65.59 -84.10
C HIS S 164 12.35 66.95 -83.83
N SER S 165 11.73 67.53 -84.86
CA SER S 165 11.00 68.78 -84.68
C SER S 165 9.90 68.61 -83.63
N ARG S 166 9.10 67.57 -83.78
CA ARG S 166 8.12 67.17 -82.77
C ARG S 166 8.74 66.03 -81.97
N TRP S 167 8.94 66.24 -80.67
CA TRP S 167 9.74 65.31 -79.90
C TRP S 167 9.26 65.23 -78.46
N PHE S 168 9.54 64.09 -77.83
CA PHE S 168 9.36 63.85 -76.41
C PHE S 168 10.06 62.54 -76.06
N PHE S 169 10.58 62.46 -74.84
CA PHE S 169 11.28 61.26 -74.40
C PHE S 169 10.98 61.00 -72.93
N TYR S 170 11.48 59.86 -72.44
CA TYR S 170 11.13 59.34 -71.13
C TYR S 170 12.32 59.44 -70.18
N LEU S 171 12.08 59.94 -68.97
CA LEU S 171 13.09 60.06 -67.94
C LEU S 171 12.71 59.18 -66.75
N GLN S 172 13.59 58.25 -66.40
CA GLN S 172 13.33 57.25 -65.38
C GLN S 172 14.07 57.63 -64.11
N ARG S 173 13.33 57.89 -63.03
CA ARG S 173 13.87 58.59 -61.87
C ARG S 173 13.61 57.82 -60.58
N ILE S 174 14.68 57.62 -59.81
CA ILE S 174 14.63 57.18 -58.43
C ILE S 174 15.49 58.13 -57.60
N CYS S 175 15.64 57.81 -56.33
CA CYS S 175 16.64 58.51 -55.53
C CYS S 175 18.02 58.28 -56.12
N ASN S 176 18.73 59.36 -56.43
CA ASN S 176 20.03 59.24 -57.07
C ASN S 176 21.12 58.80 -56.11
N HIS S 177 20.83 58.74 -54.81
CA HIS S 177 21.79 58.36 -53.77
C HIS S 177 23.10 59.15 -53.98
N CYS S 178 22.96 60.46 -53.94
CA CYS S 178 24.01 61.36 -54.36
C CYS S 178 25.23 61.25 -53.44
N THR S 179 26.40 61.57 -54.01
CA THR S 179 27.61 61.63 -53.20
C THR S 179 27.51 62.73 -52.15
N TYR S 180 26.99 63.90 -52.54
CA TYR S 180 26.76 65.02 -51.64
C TYR S 180 25.29 65.41 -51.70
N PRO S 181 24.42 64.58 -51.12
CA PRO S 181 22.97 64.83 -51.26
C PRO S 181 22.53 66.07 -50.50
N GLY S 182 21.61 66.82 -51.10
CA GLY S 182 21.06 67.99 -50.45
C GLY S 182 20.22 67.65 -49.24
N CYS S 183 19.49 66.53 -49.29
CA CYS S 183 18.66 66.12 -48.16
C CYS S 183 19.51 65.84 -46.93
N LEU S 184 20.64 65.16 -47.10
CA LEU S 184 21.52 64.87 -45.97
C LEU S 184 22.05 66.16 -45.35
N ALA S 185 22.46 67.11 -46.18
CA ALA S 185 22.94 68.39 -45.67
C ALA S 185 21.81 69.22 -45.07
N ALA S 186 20.58 69.03 -45.53
CA ALA S 186 19.47 69.85 -45.07
C ALA S 186 19.06 69.51 -43.63
N CYS S 187 19.00 68.23 -43.29
CA CYS S 187 18.47 67.79 -42.02
C CYS S 187 19.28 68.34 -40.85
N PRO S 188 18.71 69.19 -39.99
CA PRO S 188 19.46 69.72 -38.84
C PRO S 188 19.73 68.70 -37.76
N ARG S 189 19.03 67.56 -37.75
CA ARG S 189 19.29 66.49 -36.81
C ARG S 189 20.31 65.49 -37.31
N LYS S 190 20.77 65.64 -38.55
CA LYS S 190 21.64 64.66 -39.19
C LYS S 190 21.03 63.26 -39.09
N ALA S 191 19.72 63.18 -39.30
CA ALA S 191 18.99 61.92 -39.30
C ALA S 191 19.04 61.21 -40.63
N ILE S 192 19.51 61.87 -41.69
CA ILE S 192 19.76 61.26 -42.98
C ILE S 192 21.26 60.99 -43.08
N TYR S 193 21.61 59.76 -43.42
CA TYR S 193 23.01 59.35 -43.46
C TYR S 193 23.28 58.49 -44.68
N LYS S 194 24.51 58.57 -45.16
CA LYS S 194 24.97 57.79 -46.29
C LYS S 194 25.87 56.66 -45.78
N ARG S 195 25.51 55.43 -46.10
CA ARG S 195 26.29 54.28 -45.65
C ARG S 195 27.55 54.17 -46.50
N LYS S 196 28.69 53.96 -45.83
CA LYS S 196 29.99 53.97 -46.50
C LYS S 196 30.27 52.65 -47.22
N GLU S 197 29.52 51.60 -46.91
CA GLU S 197 29.75 50.31 -47.55
C GLU S 197 29.26 50.31 -49.00
N ASP S 198 28.10 50.91 -49.24
CA ASP S 198 27.47 50.87 -50.57
C ASP S 198 26.96 52.20 -51.06
N GLY S 199 27.08 53.28 -50.28
CA GLY S 199 26.61 54.57 -50.72
C GLY S 199 25.12 54.79 -50.62
N ILE S 200 24.42 53.98 -49.84
CA ILE S 200 22.97 54.11 -49.70
C ILE S 200 22.66 55.26 -48.75
N VAL S 201 21.75 56.14 -49.17
CA VAL S 201 21.29 57.25 -48.35
C VAL S 201 19.94 56.88 -47.76
N LEU S 202 19.80 57.04 -46.44
CA LEU S 202 18.61 56.59 -45.75
C LEU S 202 18.15 57.65 -44.75
N ILE S 203 16.84 57.65 -44.48
CA ILE S 203 16.25 58.48 -43.44
C ILE S 203 16.02 57.61 -42.22
N ASP S 204 16.63 57.97 -41.10
CA ASP S 204 16.44 57.22 -39.86
C ASP S 204 15.01 57.39 -39.38
N GLN S 205 14.22 56.33 -39.49
CA GLN S 205 12.82 56.39 -39.09
C GLN S 205 12.64 56.45 -37.58
N LYS S 206 13.66 56.01 -36.82
CA LYS S 206 13.60 56.15 -35.37
C LYS S 206 13.84 57.58 -34.92
N ARG S 207 14.66 58.35 -35.64
CA ARG S 207 15.07 59.67 -35.18
C ARG S 207 14.47 60.82 -35.98
N CYS S 208 13.92 60.56 -37.16
CA CYS S 208 13.30 61.63 -37.95
C CYS S 208 12.09 62.19 -37.22
N ARG S 209 11.90 63.51 -37.33
CA ARG S 209 10.77 64.18 -36.69
C ARG S 209 9.91 64.96 -37.67
N GLY S 210 9.99 64.64 -38.97
CA GLY S 210 9.16 65.35 -39.93
C GLY S 210 9.51 66.81 -40.09
N TYR S 211 10.80 67.14 -40.16
CA TYR S 211 11.26 68.51 -40.34
C TYR S 211 11.11 69.01 -41.77
N ARG S 212 10.89 68.12 -42.74
CA ARG S 212 10.59 68.50 -44.12
C ARG S 212 11.71 69.28 -44.79
N LYS S 213 12.87 69.43 -44.14
CA LYS S 213 13.98 70.12 -44.80
C LYS S 213 14.56 69.28 -45.92
N CYS S 214 14.64 67.97 -45.74
CA CYS S 214 15.01 67.09 -46.83
C CYS S 214 14.06 67.23 -48.01
N VAL S 215 12.75 67.29 -47.73
CA VAL S 215 11.76 67.53 -48.77
C VAL S 215 11.98 68.90 -49.41
N GLU S 216 12.41 69.88 -48.61
CA GLU S 216 12.57 71.23 -49.12
C GLU S 216 13.77 71.35 -50.06
N GLN S 217 14.93 70.88 -49.62
CA GLN S 217 16.18 71.20 -50.29
C GLN S 217 16.70 70.11 -51.21
N CYS S 218 16.07 68.95 -51.24
CA CYS S 218 16.44 67.95 -52.24
C CYS S 218 15.98 68.41 -53.61
N PRO S 219 16.90 68.66 -54.55
CA PRO S 219 16.48 69.19 -55.87
C PRO S 219 15.69 68.19 -56.70
N TYR S 220 15.79 66.90 -56.41
CA TYR S 220 15.07 65.88 -57.15
C TYR S 220 13.75 65.50 -56.52
N LYS S 221 13.46 66.00 -55.31
CA LYS S 221 12.15 65.87 -54.68
C LYS S 221 11.76 64.40 -54.44
N LYS S 222 12.75 63.60 -54.08
CA LYS S 222 12.53 62.19 -53.70
C LYS S 222 12.05 62.03 -52.27
N PRO S 223 12.57 62.78 -51.27
CA PRO S 223 12.03 62.65 -49.91
C PRO S 223 10.59 63.15 -49.86
N MET S 224 9.73 62.33 -49.26
CA MET S 224 8.30 62.60 -49.22
C MET S 224 7.79 62.42 -47.80
N TYR S 225 6.92 63.34 -47.37
CA TYR S 225 6.40 63.34 -46.02
C TYR S 225 5.18 62.44 -45.92
N ARG S 226 5.24 61.48 -45.00
CA ARG S 226 4.14 60.54 -44.77
C ARG S 226 3.24 61.11 -43.70
N GLY S 227 2.07 61.60 -44.12
CA GLY S 227 1.09 62.12 -43.16
C GLY S 227 0.79 61.18 -42.01
N LEU S 228 0.69 59.89 -42.29
CA LEU S 228 0.29 58.93 -41.26
C LEU S 228 1.31 58.82 -40.13
N THR S 229 2.59 58.69 -40.48
CA THR S 229 3.65 58.49 -39.51
C THR S 229 4.29 59.78 -39.02
N ARG S 230 3.89 60.93 -39.56
CA ARG S 230 4.42 62.24 -39.21
C ARG S 230 5.93 62.32 -39.38
N VAL S 231 6.49 61.52 -40.29
CA VAL S 231 7.92 61.54 -40.60
C VAL S 231 8.08 61.35 -42.11
N SER S 232 9.26 61.69 -42.60
CA SER S 232 9.54 61.56 -44.02
C SER S 232 10.24 60.24 -44.32
N GLU S 233 9.98 59.72 -45.51
CA GLU S 233 10.55 58.46 -46.00
C GLU S 233 11.13 58.68 -47.40
N LYS S 234 11.98 57.79 -47.85
CA LYS S 234 12.60 57.95 -49.15
C LYS S 234 12.95 56.59 -49.73
N CYS S 235 13.34 56.61 -51.00
CA CYS S 235 13.83 55.41 -51.66
C CYS S 235 15.03 54.83 -50.91
N ILE S 236 14.94 53.55 -50.56
CA ILE S 236 15.96 52.87 -49.78
C ILE S 236 16.90 52.06 -50.67
N ALA S 237 16.79 52.20 -51.99
CA ALA S 237 17.59 51.44 -52.95
C ALA S 237 17.43 49.93 -52.76
N CYS S 238 16.29 49.51 -52.23
CA CYS S 238 16.03 48.11 -51.89
C CYS S 238 17.24 47.51 -51.16
N TYR S 239 17.64 48.17 -50.08
CA TYR S 239 18.87 47.78 -49.41
C TYR S 239 18.86 46.36 -48.84
N PRO S 240 17.73 45.76 -48.43
CA PRO S 240 17.78 44.33 -48.09
C PRO S 240 18.10 43.45 -49.29
N ARG S 241 17.68 43.85 -50.49
CA ARG S 241 18.00 43.07 -51.69
C ARG S 241 19.47 43.19 -52.05
N ILE S 242 20.05 44.38 -51.87
CA ILE S 242 21.46 44.57 -52.17
C ILE S 242 22.31 43.77 -51.18
N GLU S 243 21.88 43.68 -49.93
CA GLU S 243 22.58 42.89 -48.93
C GLU S 243 22.44 41.38 -49.13
N GLY S 244 21.68 40.94 -50.13
CA GLY S 244 21.56 39.52 -50.40
C GLY S 244 20.66 38.76 -49.46
N ARG S 245 19.57 39.37 -48.99
CA ARG S 245 18.68 38.75 -48.02
C ARG S 245 17.46 38.10 -48.68
N ASP S 246 17.46 37.96 -50.00
CA ASP S 246 16.41 37.27 -50.74
C ASP S 246 16.93 35.94 -51.24
N SER S 247 16.21 34.86 -50.94
CA SER S 247 16.68 33.51 -51.27
C SER S 247 16.80 33.26 -52.77
N LEU S 248 16.35 34.17 -53.62
CA LEU S 248 16.42 33.92 -55.05
C LEU S 248 17.86 33.93 -55.56
N THR S 249 18.72 34.76 -54.97
CA THR S 249 20.11 34.82 -55.36
C THR S 249 21.03 34.04 -54.43
N ASP S 250 20.48 33.36 -53.42
CA ASP S 250 21.26 32.52 -52.51
C ASP S 250 22.40 33.31 -51.88
N GLY S 251 22.05 34.44 -51.27
CA GLY S 251 22.99 35.29 -50.56
C GLY S 251 23.80 36.26 -51.39
N ARG S 252 23.76 36.16 -52.71
CA ARG S 252 24.49 37.14 -53.49
C ARG S 252 23.67 38.42 -53.61
N PRO S 253 24.32 39.58 -53.74
CA PRO S 253 23.57 40.82 -53.90
C PRO S 253 22.65 40.77 -55.11
N MET S 254 21.40 41.16 -54.89
CA MET S 254 20.38 41.13 -55.93
C MET S 254 20.07 42.56 -56.31
N GLU S 255 19.87 42.79 -57.61
CA GLU S 255 19.60 44.16 -58.06
C GLU S 255 18.31 44.65 -57.42
N THR S 256 18.19 45.97 -57.30
CA THR S 256 17.01 46.51 -56.64
C THR S 256 15.76 46.15 -57.41
N ARG S 257 14.63 46.21 -56.70
CA ARG S 257 13.37 45.72 -57.26
C ARG S 257 12.92 46.53 -58.47
N CYS S 258 13.17 47.85 -58.47
CA CYS S 258 12.78 48.64 -59.62
C CYS S 258 13.67 48.37 -60.82
N MET S 259 14.94 48.05 -60.58
CA MET S 259 15.83 47.73 -61.69
C MET S 259 15.50 46.38 -62.29
N SER S 260 15.20 45.39 -61.44
CA SER S 260 14.92 44.05 -61.93
C SER S 260 13.63 43.99 -62.75
N ALA S 261 12.70 44.91 -62.49
CA ALA S 261 11.43 44.94 -63.20
C ALA S 261 11.54 45.52 -64.60
N CYS S 262 12.66 46.17 -64.95
CA CYS S 262 12.75 46.97 -66.16
C CYS S 262 12.50 46.15 -67.42
N VAL S 263 11.52 46.58 -68.21
CA VAL S 263 10.97 45.76 -69.28
C VAL S 263 11.72 45.94 -70.59
N GLY S 264 12.04 47.17 -70.95
CA GLY S 264 12.70 47.41 -72.22
C GLY S 264 14.20 47.21 -72.15
N GLN S 265 14.64 46.39 -71.20
CA GLN S 265 16.05 46.06 -71.02
C GLN S 265 16.92 47.31 -71.03
N ILE S 266 16.51 48.30 -70.24
CA ILE S 266 17.21 49.59 -70.23
C ILE S 266 18.08 49.78 -68.98
N ARG S 267 17.86 48.99 -67.92
CA ARG S 267 18.48 49.26 -66.63
C ARG S 267 19.50 48.18 -66.27
N LEU S 268 20.70 48.61 -65.92
CA LEU S 268 21.72 47.76 -65.33
C LEU S 268 22.19 48.45 -64.06
N GLN S 269 22.04 47.79 -62.92
CA GLN S 269 22.42 48.37 -61.64
C GLN S 269 23.57 47.57 -61.03
N GLY S 270 24.54 48.29 -60.49
CA GLY S 270 25.70 47.68 -59.88
C GLY S 270 26.37 48.67 -58.95
N PHE S 271 27.70 48.72 -58.98
CA PHE S 271 28.44 49.68 -58.19
C PHE S 271 29.50 50.35 -59.06
N LEU S 272 29.80 51.61 -58.74
CA LEU S 272 30.89 52.33 -59.39
C LEU S 272 32.19 51.92 -58.71
N ASP S 273 32.95 51.04 -59.37
CA ASP S 273 34.24 50.62 -58.87
C ASP S 273 35.34 51.55 -59.39
N ASP S 274 36.59 51.19 -59.06
CA ASP S 274 37.75 51.64 -59.81
C ASP S 274 38.19 50.60 -60.82
N ASN S 275 37.43 49.50 -60.92
CA ASN S 275 37.76 48.40 -61.81
C ASN S 275 37.24 48.72 -63.21
N PRO S 276 38.07 48.69 -64.24
CA PRO S 276 37.56 48.89 -65.60
C PRO S 276 36.87 47.67 -66.19
N LYS S 277 36.85 46.52 -65.51
CA LYS S 277 36.09 45.40 -66.06
C LYS S 277 34.66 45.38 -65.51
N ASN S 278 34.30 46.33 -64.64
CA ASN S 278 32.93 46.43 -64.17
C ASN S 278 32.09 47.12 -65.24
N PRO S 279 31.03 46.50 -65.75
CA PRO S 279 30.23 47.15 -66.80
C PRO S 279 29.66 48.49 -66.38
N ILE S 280 29.42 48.69 -65.09
CA ILE S 280 28.97 50.00 -64.61
C ILE S 280 30.08 51.03 -64.76
N THR S 281 31.26 50.74 -64.20
CA THR S 281 32.39 51.67 -64.30
C THR S 281 32.81 51.85 -65.75
N TRP S 282 32.70 50.80 -66.57
CA TRP S 282 33.05 50.88 -67.97
C TRP S 282 32.14 51.87 -68.70
N LEU S 283 30.83 51.72 -68.52
CA LEU S 283 29.87 52.55 -69.23
C LEU S 283 29.92 54.01 -68.76
N ILE S 284 30.17 54.23 -67.48
CA ILE S 284 30.01 55.56 -66.91
C ILE S 284 31.26 56.42 -67.06
N ARG S 285 32.44 55.87 -66.78
CA ARG S 285 33.65 56.70 -66.77
C ARG S 285 34.64 56.38 -67.88
N HIS S 286 34.62 55.17 -68.43
CA HIS S 286 35.55 54.86 -69.51
C HIS S 286 34.95 55.17 -70.88
N GLN S 287 33.66 54.93 -71.05
CA GLN S 287 32.97 55.27 -72.29
C GLN S 287 32.22 56.59 -72.19
N LYS S 288 31.88 57.04 -70.99
CA LYS S 288 31.16 58.29 -70.77
C LYS S 288 29.90 58.38 -71.62
N ILE S 289 29.21 57.24 -71.74
CA ILE S 289 28.00 57.17 -72.53
C ILE S 289 26.76 57.38 -71.66
N ALA S 290 26.85 57.10 -70.37
CA ALA S 290 25.77 57.32 -69.42
C ALA S 290 26.12 58.54 -68.58
N LEU S 291 25.18 59.47 -68.47
CA LEU S 291 25.47 60.77 -67.89
C LEU S 291 24.49 61.10 -66.78
N PRO S 292 24.93 61.87 -65.78
CA PRO S 292 24.08 62.13 -64.61
C PRO S 292 22.96 63.12 -64.93
N LEU S 293 21.91 63.05 -64.11
CA LEU S 293 20.75 63.92 -64.26
C LEU S 293 21.00 65.25 -63.55
N TYR S 294 20.99 66.34 -64.32
CA TYR S 294 21.20 67.70 -63.83
C TYR S 294 22.38 67.79 -62.87
N PRO S 295 23.63 67.65 -63.36
CA PRO S 295 24.77 67.85 -62.46
C PRO S 295 24.91 69.28 -61.99
N GLN S 296 24.20 70.23 -62.61
CA GLN S 296 24.18 71.61 -62.15
C GLN S 296 23.82 71.73 -60.68
N PHE S 297 22.91 70.87 -60.20
CA PHE S 297 22.46 70.95 -58.81
C PHE S 297 23.63 70.78 -57.83
N GLY S 298 24.63 70.00 -58.21
CA GLY S 298 25.82 69.85 -57.40
C GLY S 298 25.78 68.74 -56.38
N THR S 299 24.87 67.78 -56.52
CA THR S 299 24.79 66.68 -55.57
C THR S 299 25.60 65.47 -55.99
N GLU S 300 26.11 65.45 -57.24
CA GLU S 300 26.73 64.28 -57.84
C GLU S 300 25.76 63.10 -57.80
N PRO S 301 24.70 63.12 -58.62
CA PRO S 301 23.82 61.96 -58.71
C PRO S 301 24.57 60.73 -59.20
N ASN S 302 24.03 59.55 -58.88
CA ASN S 302 24.68 58.31 -59.26
C ASN S 302 23.76 57.38 -60.06
N ILE S 303 22.77 57.92 -60.74
CA ILE S 303 22.02 57.21 -61.78
C ILE S 303 22.31 57.92 -63.09
N TYR S 304 23.01 57.25 -63.99
CA TYR S 304 23.48 57.85 -65.24
C TYR S 304 22.72 57.27 -66.42
N TYR S 305 22.38 58.13 -67.38
CA TYR S 305 21.50 57.77 -68.48
C TYR S 305 22.22 57.93 -69.82
N ILE S 306 21.92 57.03 -70.75
CA ILE S 306 22.33 57.18 -72.15
C ILE S 306 21.31 58.06 -72.85
N PRO S 307 21.71 59.22 -73.36
CA PRO S 307 20.73 60.21 -73.85
C PRO S 307 19.97 59.70 -75.05
N PRO S 308 18.78 60.25 -75.32
CA PRO S 308 18.04 59.87 -76.51
C PRO S 308 18.73 60.34 -77.78
N ARG S 309 18.73 59.49 -78.80
CA ARG S 309 19.35 59.84 -80.07
C ARG S 309 18.60 60.93 -80.82
N TRP S 310 17.33 61.18 -80.48
CA TRP S 310 16.45 62.01 -81.29
C TRP S 310 16.12 63.35 -80.66
N ALA S 311 16.46 63.56 -79.39
CA ALA S 311 16.06 64.79 -78.72
C ALA S 311 16.98 65.95 -79.10
N PRO S 312 16.50 67.19 -79.03
CA PRO S 312 17.37 68.34 -79.29
C PRO S 312 18.58 68.33 -78.38
N ARG S 313 19.77 68.47 -78.99
CA ARG S 313 21.01 68.38 -78.24
C ARG S 313 21.14 69.52 -77.23
N ALA S 314 20.56 70.68 -77.53
CA ALA S 314 20.60 71.79 -76.58
C ALA S 314 19.89 71.43 -75.29
N TYR S 315 18.69 70.86 -75.39
CA TYR S 315 17.96 70.43 -74.20
C TYR S 315 18.70 69.33 -73.46
N LEU S 316 19.24 68.34 -74.18
CA LEU S 316 19.94 67.25 -73.54
C LEU S 316 21.21 67.72 -72.84
N ARG S 317 21.92 68.67 -73.43
CA ARG S 317 23.12 69.22 -72.80
C ARG S 317 22.80 69.89 -71.47
N GLN S 318 21.67 70.62 -71.41
CA GLN S 318 21.30 71.26 -70.16
C GLN S 318 20.88 70.25 -69.10
N MET S 319 20.53 69.04 -69.50
CA MET S 319 20.08 67.99 -68.59
C MET S 319 21.20 67.04 -68.18
N PHE S 320 22.11 66.69 -69.09
CA PHE S 320 23.14 65.70 -68.80
C PHE S 320 24.55 66.25 -68.93
N GLY S 321 24.72 67.55 -69.18
CA GLY S 321 26.02 68.14 -69.31
C GLY S 321 26.54 68.09 -70.74
N PRO S 322 27.82 68.42 -70.94
CA PRO S 322 28.35 68.50 -72.30
C PRO S 322 28.73 67.15 -72.91
N GLY S 323 28.80 66.07 -72.13
CA GLY S 323 29.16 64.79 -72.69
C GLY S 323 28.10 64.16 -73.56
N VAL S 324 26.95 64.83 -73.73
CA VAL S 324 25.81 64.26 -74.44
C VAL S 324 26.20 63.91 -75.88
N ASP S 325 26.89 64.82 -76.56
CA ASP S 325 27.17 64.65 -77.98
C ASP S 325 28.04 63.45 -78.26
N GLU S 326 29.09 63.24 -77.47
CA GLU S 326 29.97 62.10 -77.74
C GLU S 326 29.28 60.79 -77.35
N ALA S 327 28.44 60.84 -76.33
CA ALA S 327 27.73 59.64 -75.91
C ALA S 327 26.74 59.18 -76.98
N ILE S 328 26.00 60.12 -77.58
CA ILE S 328 25.03 59.77 -78.60
C ILE S 328 25.73 59.22 -79.83
N GLU S 329 26.85 59.82 -80.23
CA GLU S 329 27.59 59.34 -81.39
C GLU S 329 28.05 57.90 -81.19
N LYS S 330 28.50 57.56 -79.98
CA LYS S 330 28.96 56.21 -79.69
C LYS S 330 27.82 55.20 -79.73
N PHE S 331 26.63 55.57 -79.24
CA PHE S 331 25.54 54.62 -79.15
C PHE S 331 24.89 54.34 -80.50
N MET S 332 24.69 55.37 -81.32
CA MET S 332 23.88 55.23 -82.53
C MET S 332 24.43 54.16 -83.47
N VAL S 333 25.74 53.99 -83.49
CA VAL S 333 26.37 52.85 -84.18
C VAL S 333 27.24 52.16 -83.14
N PRO S 334 26.71 51.20 -82.40
CA PRO S 334 27.46 50.65 -81.26
C PRO S 334 28.70 49.91 -81.70
N SER S 335 29.78 50.10 -80.94
CA SER S 335 30.97 49.29 -81.10
C SER S 335 30.65 47.84 -80.76
N ARG S 336 31.58 46.96 -81.12
CA ARG S 336 31.41 45.54 -80.82
C ARG S 336 31.32 45.30 -79.31
N GLU S 337 32.13 46.02 -78.54
CA GLU S 337 32.14 45.81 -77.10
C GLU S 337 30.94 46.48 -76.41
N LEU S 338 30.46 47.60 -76.96
CA LEU S 338 29.29 48.26 -76.38
C LEU S 338 28.03 47.44 -76.61
N LEU S 339 27.85 46.90 -77.82
CA LEU S 339 26.66 46.10 -78.10
C LEU S 339 26.62 44.85 -77.23
N ALA S 340 27.79 44.27 -76.95
CA ALA S 340 27.83 43.11 -76.07
C ALA S 340 27.49 43.50 -74.64
N VAL S 341 27.94 44.67 -74.18
CA VAL S 341 27.63 45.10 -72.83
C VAL S 341 26.17 45.51 -72.72
N MET S 342 25.63 46.15 -73.76
CA MET S 342 24.20 46.50 -73.75
C MET S 342 23.32 45.25 -73.77
N SER S 343 23.78 44.17 -74.41
CA SER S 343 23.05 42.91 -74.40
C SER S 343 23.13 42.19 -73.07
N LEU S 344 23.82 42.75 -72.08
CA LEU S 344 23.89 42.18 -70.75
C LEU S 344 22.81 42.73 -69.83
N PHE S 345 22.14 43.81 -70.23
CA PHE S 345 21.13 44.44 -69.39
C PHE S 345 19.93 43.54 -69.22
N ARG S 346 19.50 43.38 -67.96
CA ARG S 346 18.27 42.64 -67.62
C ARG S 346 18.29 41.21 -68.14
N MET S 347 19.45 40.56 -68.05
CA MET S 347 19.56 39.14 -68.33
C MET S 347 19.48 38.28 -67.08
N THR S 348 19.80 38.85 -65.91
CA THR S 348 19.72 38.13 -64.65
C THR S 348 19.27 39.10 -63.56
N GLN S 349 18.89 38.53 -62.41
CA GLN S 349 18.54 39.32 -61.25
C GLN S 349 19.73 39.57 -60.33
N THR S 350 20.82 38.84 -60.52
CA THR S 350 22.01 39.00 -59.69
C THR S 350 22.88 40.15 -60.20
N ILE S 351 23.44 40.91 -59.26
CA ILE S 351 24.31 42.03 -59.63
C ILE S 351 25.58 41.50 -60.27
N VAL S 352 26.00 42.14 -61.35
CA VAL S 352 27.19 41.74 -62.10
C VAL S 352 28.32 42.70 -61.77
N TYR S 353 29.44 42.16 -61.30
CA TYR S 353 30.59 42.96 -60.91
C TYR S 353 31.66 43.04 -61.99
N GLU S 354 31.75 42.04 -62.86
CA GLU S 354 32.68 42.05 -63.98
C GLU S 354 32.02 41.40 -65.18
N TYR S 355 32.45 41.81 -66.38
CA TYR S 355 31.96 41.24 -67.62
C TYR S 355 33.11 40.72 -68.46
N LYS S 356 32.79 39.81 -69.38
CA LYS S 356 33.78 39.30 -70.31
C LYS S 356 33.05 38.83 -71.56
N ILE S 357 33.71 39.00 -72.70
CA ILE S 357 33.13 38.76 -74.02
C ILE S 357 33.94 37.67 -74.70
N GLU S 358 33.25 36.65 -75.21
CA GLU S 358 33.85 35.63 -76.06
C GLU S 358 33.40 35.90 -77.49
N GLU S 359 34.36 36.00 -78.40
CA GLU S 359 34.05 36.50 -79.72
C GLU S 359 33.36 35.45 -80.56
N GLY S 360 32.48 35.91 -81.44
CA GLY S 360 31.67 35.08 -82.28
C GLY S 360 31.76 35.50 -83.72
N PRO S 361 31.09 34.76 -84.60
CA PRO S 361 31.18 35.06 -86.03
C PRO S 361 30.48 36.37 -86.35
N LYS S 362 30.95 36.98 -87.43
CA LYS S 362 30.30 38.20 -87.91
C LYS S 362 28.96 37.82 -88.50
N VAL S 363 27.92 38.56 -88.14
CA VAL S 363 26.57 38.22 -88.55
C VAL S 363 25.98 39.23 -89.52
N PHE S 364 26.37 40.50 -89.44
CA PHE S 364 25.76 41.52 -90.28
C PHE S 364 26.66 42.75 -90.33
N GLU S 365 26.63 43.43 -91.47
CA GLU S 365 27.46 44.60 -91.71
C GLU S 365 26.74 45.57 -92.64
N THR S 366 26.83 46.86 -92.33
CA THR S 366 26.15 47.88 -93.12
C THR S 366 26.74 49.24 -92.79
N GLU S 367 26.39 50.21 -93.61
CA GLU S 367 26.76 51.61 -93.42
C GLU S 367 25.52 52.37 -92.97
N ILE S 368 25.60 53.02 -91.83
CA ILE S 368 24.45 53.69 -91.24
C ILE S 368 24.94 54.90 -90.45
N HIS S 369 24.22 56.01 -90.62
CA HIS S 369 24.52 57.27 -89.93
C HIS S 369 25.95 57.73 -90.20
N GLY S 370 26.47 57.47 -91.39
CA GLY S 370 27.79 57.93 -91.77
C GLY S 370 28.95 57.11 -91.26
N LYS S 371 28.69 55.95 -90.64
CA LYS S 371 29.73 55.10 -90.10
C LYS S 371 29.45 53.66 -90.50
N LYS S 372 30.46 52.81 -90.33
CA LYS S 372 30.33 51.41 -90.65
C LYS S 372 29.97 50.62 -89.40
N PHE S 373 28.90 49.83 -89.48
CA PHE S 373 28.46 49.01 -88.37
C PHE S 373 28.67 47.56 -88.73
N THR S 374 29.41 46.85 -87.89
CA THR S 374 29.64 45.43 -88.00
C THR S 374 29.17 44.79 -86.70
N MET S 375 28.49 43.66 -86.81
CA MET S 375 27.87 43.01 -85.67
C MET S 375 28.28 41.54 -85.64
N TYR S 376 28.72 41.10 -84.48
CA TYR S 376 29.17 39.72 -84.30
C TYR S 376 28.32 39.05 -83.24
N ASN S 377 28.16 37.73 -83.38
CA ASN S 377 27.37 36.95 -82.42
C ASN S 377 28.25 36.64 -81.22
N ASP S 378 28.56 37.68 -80.46
CA ASP S 378 29.42 37.53 -79.30
C ASP S 378 28.63 36.98 -78.12
N THR S 379 29.34 36.29 -77.24
CA THR S 379 28.77 35.76 -76.01
C THR S 379 29.33 36.59 -74.86
N VAL S 380 28.48 37.38 -74.24
CA VAL S 380 28.89 38.21 -73.11
C VAL S 380 28.59 37.44 -71.82
N ILE S 381 29.49 37.55 -70.85
CA ILE S 381 29.42 36.79 -69.62
C ILE S 381 29.60 37.75 -68.46
N GLY S 382 28.77 37.60 -67.44
CA GLY S 382 28.85 38.43 -66.24
C GLY S 382 29.18 37.57 -65.03
N PHE S 383 29.95 38.14 -64.12
CA PHE S 383 30.42 37.45 -62.93
C PHE S 383 29.98 38.20 -61.68
N GLY S 384 29.89 37.48 -60.57
CA GLY S 384 29.50 38.08 -59.31
C GLY S 384 30.71 38.66 -58.61
N GLU S 385 30.55 38.98 -57.33
CA GLU S 385 31.66 39.60 -56.62
C GLU S 385 32.78 38.62 -56.34
N ASP S 386 32.51 37.31 -56.35
CA ASP S 386 33.56 36.32 -56.14
C ASP S 386 34.21 35.87 -57.45
N GLY S 387 33.78 36.41 -58.59
CA GLY S 387 34.34 36.06 -59.87
C GLY S 387 33.73 34.86 -60.54
N LYS S 388 32.76 34.21 -59.90
CA LYS S 388 32.08 33.06 -60.48
C LYS S 388 31.01 33.54 -61.46
N GLU S 389 30.84 32.82 -62.56
CA GLU S 389 29.88 33.22 -63.57
C GLU S 389 28.45 33.08 -63.05
N VAL S 390 27.65 34.10 -63.29
CA VAL S 390 26.24 34.09 -62.90
C VAL S 390 25.29 34.29 -64.07
N VAL S 391 25.75 34.78 -65.21
CA VAL S 391 24.87 35.10 -66.34
C VAL S 391 25.67 34.96 -67.63
N ARG S 392 24.97 34.62 -68.71
CA ARG S 392 25.58 34.53 -70.03
C ARG S 392 24.47 34.59 -71.09
N THR S 393 24.75 35.29 -72.18
CA THR S 393 23.81 35.37 -73.29
C THR S 393 24.56 35.74 -74.56
N THR S 394 23.90 35.55 -75.70
CA THR S 394 24.46 35.86 -77.01
C THR S 394 23.87 37.18 -77.52
N VAL S 395 24.62 37.81 -78.43
CA VAL S 395 24.19 39.07 -79.01
C VAL S 395 23.08 38.86 -80.02
N GLU S 396 23.16 37.79 -80.82
CA GLU S 396 22.19 37.54 -81.87
C GLU S 396 21.40 36.28 -81.53
N GLU S 397 20.09 36.28 -81.85
CA GLU S 397 19.29 35.12 -81.46
C GLU S 397 19.44 33.99 -82.48
N PRO S 398 19.52 32.74 -82.03
CA PRO S 398 19.61 31.60 -82.94
C PRO S 398 18.29 31.30 -83.63
N ILE S 399 18.39 30.44 -84.64
CA ILE S 399 17.24 29.97 -85.40
C ILE S 399 17.28 28.44 -85.46
N HIS S 400 16.18 27.80 -85.06
CA HIS S 400 16.05 26.36 -85.11
C HIS S 400 15.04 26.00 -86.20
N ILE S 401 15.28 24.88 -86.88
CA ILE S 401 14.39 24.40 -87.92
C ILE S 401 14.04 22.94 -87.59
N ARG S 402 12.75 22.62 -87.67
CA ARG S 402 12.20 21.34 -87.30
C ARG S 402 11.71 20.59 -88.54
N PRO S 403 11.38 19.29 -88.41
CA PRO S 403 10.90 18.53 -89.57
C PRO S 403 9.70 19.20 -90.24
N ASP S 404 9.58 18.94 -91.55
CA ASP S 404 8.57 19.62 -92.37
C ASP S 404 7.14 19.23 -92.03
N LYS S 405 6.93 18.22 -91.18
CA LYS S 405 5.57 17.92 -90.74
C LYS S 405 4.97 19.08 -89.96
N HIS S 406 5.81 19.87 -89.27
CA HIS S 406 5.34 21.06 -88.57
C HIS S 406 5.35 22.25 -89.52
N TYR S 407 4.46 23.21 -89.27
CA TYR S 407 4.31 24.36 -90.13
C TYR S 407 4.34 25.65 -89.33
N ASN S 408 4.79 26.71 -89.99
CA ASN S 408 4.71 28.07 -89.44
C ASN S 408 3.48 28.79 -89.97
N SER S 409 3.19 28.62 -91.26
CA SER S 409 2.05 29.26 -91.92
C SER S 409 0.80 28.46 -91.56
N ILE S 410 0.31 28.68 -90.35
CA ILE S 410 -0.94 28.08 -89.91
C ILE S 410 -1.81 29.12 -89.23
N ARG T 29 27.29 52.48 -16.43
CA ARG T 29 25.99 52.90 -15.91
C ARG T 29 25.71 54.36 -16.26
N LEU T 30 26.67 55.01 -16.93
CA LEU T 30 26.51 56.40 -17.29
C LEU T 30 25.49 56.55 -18.40
N LEU T 31 24.50 57.41 -18.17
CA LEU T 31 23.43 57.62 -19.13
C LEU T 31 23.90 58.57 -20.23
N LYS T 32 23.61 58.22 -21.48
CA LYS T 32 23.85 59.14 -22.59
C LYS T 32 22.57 59.91 -22.84
N PRO T 33 22.51 61.19 -22.45
CA PRO T 33 21.25 61.92 -22.56
C PRO T 33 20.80 62.15 -23.98
N ALA T 34 21.73 62.32 -24.92
CA ALA T 34 21.37 62.64 -26.29
C ALA T 34 22.25 61.88 -27.25
N VAL T 35 21.71 61.64 -28.45
CA VAL T 35 22.43 60.97 -29.51
C VAL T 35 23.12 62.04 -30.35
N VAL T 36 24.43 61.93 -30.52
CA VAL T 36 25.22 62.91 -31.26
C VAL T 36 25.70 62.24 -32.54
N VAL T 37 25.54 62.95 -33.66
CA VAL T 37 25.96 62.47 -34.97
C VAL T 37 27.04 63.41 -35.47
N ASP T 38 28.12 62.85 -36.01
CA ASP T 38 29.27 63.67 -36.41
C ASP T 38 29.21 64.05 -37.89
N ASN T 39 29.26 63.07 -38.78
CA ASN T 39 29.25 63.31 -40.21
C ASN T 39 28.37 62.26 -40.88
N PRO T 40 27.18 62.64 -41.34
CA PRO T 40 26.30 61.63 -41.95
C PRO T 40 26.88 60.94 -43.18
N LEU T 41 27.72 61.64 -43.95
CA LEU T 41 28.42 60.96 -45.04
C LEU T 41 29.39 59.92 -44.49
N ASP T 42 30.02 60.21 -43.36
CA ASP T 42 31.09 59.43 -42.76
C ASP T 42 30.59 58.44 -41.70
N THR T 43 29.75 58.89 -40.77
CA THR T 43 29.49 58.13 -39.56
C THR T 43 28.02 58.24 -39.14
N TYR T 44 27.51 57.14 -38.56
CA TYR T 44 26.19 57.13 -37.96
C TYR T 44 26.30 56.35 -36.66
N PRO T 45 25.72 56.85 -35.56
CA PRO T 45 25.90 56.19 -34.25
C PRO T 45 25.18 54.86 -34.14
N ASP T 46 23.92 54.80 -34.56
CA ASP T 46 23.06 53.64 -34.37
C ASP T 46 22.34 53.34 -35.66
N ARG T 47 22.54 52.14 -36.19
CA ARG T 47 21.92 51.72 -37.43
C ARG T 47 21.04 50.50 -37.22
N ARG T 48 20.59 50.33 -35.99
CA ARG T 48 19.75 49.19 -35.56
C ARG T 48 18.37 49.30 -36.18
N TRP T 49 17.97 50.52 -36.51
CA TRP T 49 16.66 50.89 -37.09
C TRP T 49 16.43 50.30 -38.48
N GLU T 50 17.45 49.87 -39.20
CA GLU T 50 17.44 49.38 -40.60
C GLU T 50 17.04 47.91 -40.73
N SER T 51 16.36 47.37 -39.72
CA SER T 51 15.59 46.11 -39.62
C SER T 51 14.16 46.28 -40.10
N VAL T 52 13.60 47.46 -39.91
CA VAL T 52 12.22 47.77 -40.31
C VAL T 52 12.05 47.47 -41.79
N TYR T 53 12.97 47.92 -42.64
CA TYR T 53 12.89 47.68 -44.11
C TYR T 53 13.13 46.23 -44.51
N ARG T 54 14.07 45.58 -43.86
CA ARG T 54 14.37 44.20 -44.19
C ARG T 54 13.29 43.26 -43.66
N ASP T 55 12.59 43.65 -42.59
CA ASP T 55 11.46 42.85 -42.12
C ASP T 55 10.22 43.02 -42.99
N GLN T 56 9.98 44.23 -43.52
CA GLN T 56 8.82 44.42 -44.39
C GLN T 56 8.97 43.63 -45.69
N TYR T 57 10.20 43.32 -46.07
CA TYR T 57 10.46 42.63 -47.33
C TYR T 57 10.30 41.12 -47.19
N GLN T 58 10.37 40.59 -45.97
CA GLN T 58 10.38 39.15 -45.77
C GLN T 58 9.08 38.53 -46.28
N TYR T 59 9.20 37.31 -46.80
CA TYR T 59 8.08 36.53 -47.28
C TYR T 59 8.31 35.09 -46.87
N ASP T 60 7.24 34.30 -46.83
CA ASP T 60 7.37 32.92 -46.36
C ASP T 60 7.43 31.88 -47.47
N ARG T 61 6.58 31.98 -48.50
CA ARG T 61 6.53 30.94 -49.51
C ARG T 61 6.24 31.60 -50.86
N THR T 62 6.48 30.86 -51.94
CA THR T 62 6.29 31.40 -53.28
C THR T 62 5.71 30.37 -54.23
N PHE T 63 4.96 30.86 -55.23
CA PHE T 63 4.37 30.05 -56.28
C PHE T 63 4.44 30.83 -57.60
N THR T 64 4.18 30.12 -58.70
CA THR T 64 4.25 30.67 -60.05
C THR T 64 2.93 30.42 -60.78
N TYR T 65 2.45 31.43 -61.49
CA TYR T 65 1.22 31.33 -62.29
C TYR T 65 1.45 32.04 -63.62
N CYS T 66 0.38 32.13 -64.42
CA CYS T 66 0.43 32.75 -65.74
C CYS T 66 -0.62 33.85 -65.80
N CYS T 67 -0.17 35.06 -66.10
CA CYS T 67 -1.11 36.17 -66.27
C CYS T 67 -1.66 36.10 -67.69
N SER T 68 -2.97 35.94 -67.82
CA SER T 68 -3.60 35.69 -69.12
C SER T 68 -4.74 36.63 -69.41
N PRO T 69 -4.42 37.94 -69.67
CA PRO T 69 -5.49 38.95 -69.86
C PRO T 69 -5.87 39.35 -71.31
N ASN T 70 -5.49 38.60 -72.36
CA ASN T 70 -5.67 39.03 -73.78
C ASN T 70 -4.73 40.16 -74.21
N ASP T 71 -3.56 40.29 -73.60
CA ASP T 71 -2.58 41.15 -74.23
C ASP T 71 -1.65 40.39 -75.19
N THR T 72 -1.82 39.06 -75.31
CA THR T 72 -1.06 38.07 -76.12
C THR T 72 0.27 37.66 -75.53
N HIS T 73 0.58 38.01 -74.29
CA HIS T 73 1.91 37.71 -73.78
C HIS T 73 1.96 36.53 -72.84
N ALA T 74 0.92 36.30 -72.04
CA ALA T 74 0.81 35.13 -71.18
C ALA T 74 2.10 34.91 -70.38
N CYS T 75 2.57 35.98 -69.74
CA CYS T 75 3.82 35.91 -69.02
C CYS T 75 3.71 34.95 -67.84
N ARG T 76 4.81 34.27 -67.55
CA ARG T 76 4.88 33.42 -66.37
C ARG T 76 5.49 34.22 -65.23
N ILE T 77 4.76 34.30 -64.13
CA ILE T 77 5.08 35.22 -63.05
C ILE T 77 5.32 34.41 -61.79
N ARG T 78 6.21 34.91 -60.95
CA ARG T 78 6.48 34.30 -59.66
C ARG T 78 5.96 35.23 -58.57
N ALA T 79 5.01 34.74 -57.80
CA ALA T 79 4.38 35.52 -56.75
C ALA T 79 4.98 35.14 -55.41
N PHE T 80 5.11 36.13 -54.54
CA PHE T 80 5.67 35.97 -53.21
C PHE T 80 4.55 36.05 -52.18
N VAL T 81 4.54 35.09 -51.24
CA VAL T 81 3.47 34.97 -50.26
C VAL T 81 4.01 35.23 -48.86
N ARG T 82 3.23 35.99 -48.07
CA ARG T 82 3.54 36.24 -46.68
C ARG T 82 2.28 36.01 -45.84
N ASN T 83 2.33 35.03 -44.94
CA ASN T 83 1.20 34.66 -44.09
C ASN T 83 -0.06 34.43 -44.92
N ASN T 84 0.06 33.57 -45.93
CA ASN T 84 -1.07 33.15 -46.78
C ASN T 84 -1.69 34.34 -47.50
N VAL T 85 -0.92 35.40 -47.73
CA VAL T 85 -1.39 36.57 -48.46
C VAL T 85 -0.44 36.82 -49.63
N MET T 86 -0.98 36.93 -50.83
CA MET T 86 -0.17 37.28 -51.99
C MET T 86 0.23 38.75 -51.87
N MET T 87 1.51 38.99 -51.59
CA MET T 87 2.01 40.33 -51.28
C MET T 87 2.58 41.01 -52.53
N ARG T 88 3.57 40.39 -53.14
CA ARG T 88 4.32 40.98 -54.24
C ARG T 88 4.33 40.02 -55.42
N VAL T 89 5.04 40.44 -56.46
CA VAL T 89 5.16 39.67 -57.68
C VAL T 89 6.41 40.15 -58.40
N GLU T 90 7.06 39.26 -59.12
CA GLU T 90 8.25 39.63 -59.89
C GLU T 90 8.34 38.71 -61.10
N GLN T 91 9.20 39.09 -62.05
CA GLN T 91 9.44 38.24 -63.19
C GLN T 91 10.14 36.97 -62.74
N ASN T 92 9.87 35.89 -63.47
CA ASN T 92 10.46 34.61 -63.11
C ASN T 92 11.88 34.47 -63.63
N TYR T 93 12.25 35.23 -64.67
CA TYR T 93 13.55 35.12 -65.32
C TYR T 93 13.83 33.66 -65.70
N ASP T 94 12.89 33.10 -66.47
CA ASP T 94 12.83 31.67 -66.81
C ASP T 94 12.99 31.34 -68.29
N HIS T 95 13.20 32.31 -69.16
CA HIS T 95 13.15 32.06 -70.60
C HIS T 95 14.32 31.19 -71.05
N GLN T 96 15.46 31.30 -70.39
CA GLN T 96 16.61 30.44 -70.70
C GLN T 96 16.27 28.96 -70.69
N ASN T 97 15.40 28.52 -69.79
CA ASN T 97 15.11 27.10 -69.60
C ASN T 97 13.99 26.57 -70.48
N TYR T 98 13.26 27.50 -71.12
CA TYR T 98 12.14 27.10 -72.01
C TYR T 98 12.73 26.28 -73.15
N SER T 99 12.06 25.18 -73.50
CA SER T 99 12.56 24.29 -74.57
C SER T 99 11.43 23.48 -75.18
N ASP T 100 11.72 22.84 -76.28
CA ASP T 100 10.74 21.99 -76.92
C ASP T 100 11.11 20.53 -76.69
N LEU T 101 10.26 19.63 -77.18
CA LEU T 101 10.54 18.19 -77.04
C LEU T 101 11.73 17.75 -77.89
N TYR T 102 12.12 18.52 -78.91
CA TYR T 102 13.27 18.17 -79.72
C TYR T 102 14.59 18.60 -79.09
N GLY T 103 14.54 19.35 -77.99
CA GLY T 103 15.74 19.81 -77.32
C GLY T 103 16.15 21.22 -77.68
N ASN T 104 15.48 21.85 -78.64
CA ASN T 104 15.78 23.23 -78.98
C ASN T 104 15.33 24.16 -77.85
N LYS T 105 16.19 25.10 -77.50
CA LYS T 105 15.92 25.99 -76.38
C LYS T 105 15.78 27.42 -76.84
N ALA T 106 15.18 28.24 -75.99
CA ALA T 106 15.07 29.66 -76.20
C ALA T 106 16.29 30.35 -75.59
N THR T 107 16.31 31.67 -75.62
CA THR T 107 17.46 32.42 -75.15
C THR T 107 17.11 33.22 -73.90
N ARG T 108 18.16 33.69 -73.24
CA ARG T 108 18.01 34.61 -72.13
C ARG T 108 17.63 36.00 -72.59
N ASN T 109 17.61 36.23 -73.90
CA ASN T 109 17.28 37.53 -74.48
C ASN T 109 15.80 37.85 -74.39
N TRP T 110 14.97 36.91 -73.95
CA TRP T 110 13.54 37.18 -73.79
C TRP T 110 13.19 37.80 -72.45
N ASN T 111 14.14 37.84 -71.51
CA ASN T 111 13.84 38.33 -70.18
C ASN T 111 13.66 39.86 -70.22
N PRO T 112 13.17 40.47 -69.12
CA PRO T 112 12.36 39.89 -68.04
C PRO T 112 10.88 39.67 -68.40
N ARG T 113 10.38 40.48 -69.34
CA ARG T 113 9.09 40.29 -70.02
C ARG T 113 7.88 40.26 -69.07
N MET T 114 7.49 41.44 -68.61
CA MET T 114 6.24 41.59 -67.86
C MET T 114 5.71 43.00 -68.06
N CYS T 115 4.43 43.19 -67.80
CA CYS T 115 3.93 44.56 -67.85
C CYS T 115 3.60 45.05 -66.45
N LEU T 116 3.46 46.38 -66.32
CA LEU T 116 3.09 46.97 -65.05
C LEU T 116 1.81 46.37 -64.51
N LYS T 117 0.88 45.99 -65.38
CA LYS T 117 -0.39 45.43 -64.92
C LYS T 117 -0.19 44.10 -64.23
N GLY T 118 0.82 43.33 -64.67
CA GLY T 118 1.16 42.10 -63.96
C GLY T 118 1.59 42.36 -62.53
N TYR T 119 2.33 43.46 -62.32
CA TYR T 119 2.82 43.78 -60.99
C TYR T 119 1.71 44.21 -60.02
N THR T 120 0.60 44.72 -60.54
CA THR T 120 -0.49 45.21 -59.69
C THR T 120 -1.73 44.32 -59.75
N PHE T 121 -1.59 43.09 -60.25
CA PHE T 121 -2.76 42.20 -60.32
C PHE T 121 -3.25 41.80 -58.95
N HIS T 122 -2.36 41.72 -57.95
CA HIS T 122 -2.80 41.33 -56.61
C HIS T 122 -3.69 42.38 -55.99
N ARG T 123 -3.49 43.66 -56.32
CA ARG T 123 -4.44 44.68 -55.87
C ARG T 123 -5.81 44.48 -56.51
N ARG T 124 -5.88 43.75 -57.61
CA ARG T 124 -7.17 43.40 -58.18
C ARG T 124 -7.74 42.16 -57.51
N VAL T 125 -6.88 41.24 -57.05
CA VAL T 125 -7.35 40.04 -56.38
C VAL T 125 -7.98 40.40 -55.03
N TYR T 126 -7.31 41.25 -54.25
CA TYR T 126 -7.82 41.72 -52.97
C TYR T 126 -8.44 43.10 -53.09
N GLY T 127 -9.15 43.37 -54.17
CA GLY T 127 -9.61 44.70 -54.46
C GLY T 127 -11.07 44.88 -54.15
N PRO T 128 -11.54 46.13 -54.26
CA PRO T 128 -12.94 46.42 -53.91
C PRO T 128 -13.96 46.08 -54.98
N TYR T 129 -13.53 45.69 -56.16
CA TYR T 129 -14.44 45.41 -57.27
C TYR T 129 -14.65 43.93 -57.53
N ARG T 130 -14.06 43.05 -56.73
CA ARG T 130 -14.14 41.62 -56.98
C ARG T 130 -15.57 41.10 -56.81
N LEU T 131 -15.96 40.17 -57.68
CA LEU T 131 -17.21 39.45 -57.48
C LEU T 131 -17.05 38.48 -56.32
N ARG T 132 -18.06 38.44 -55.45
CA ARG T 132 -17.96 37.68 -54.22
C ARG T 132 -18.90 36.48 -54.15
N TYR T 133 -19.97 36.48 -54.93
CA TYR T 133 -20.97 35.42 -54.89
C TYR T 133 -21.84 35.54 -56.12
N PRO T 134 -22.50 34.47 -56.54
CA PRO T 134 -23.35 34.54 -57.74
C PRO T 134 -24.42 35.60 -57.59
N LEU T 135 -24.72 36.26 -58.70
CA LEU T 135 -25.68 37.36 -58.72
C LEU T 135 -26.80 37.06 -59.71
N ILE T 136 -28.02 37.40 -59.31
CA ILE T 136 -29.18 37.33 -60.19
C ILE T 136 -29.96 38.63 -60.05
N ARG T 137 -30.48 39.13 -61.17
CA ARG T 137 -31.20 40.39 -61.15
C ARG T 137 -32.61 40.16 -60.59
N LYS T 138 -33.07 41.09 -59.76
CA LYS T 138 -34.35 40.92 -59.09
C LYS T 138 -35.49 40.84 -60.09
N GLY T 139 -35.50 41.72 -61.09
CA GLY T 139 -36.59 41.69 -62.06
C GLY T 139 -36.51 40.54 -63.04
N TRP T 140 -35.47 39.72 -62.98
CA TRP T 140 -35.43 38.50 -63.79
C TRP T 140 -35.80 37.28 -62.98
N LYS T 141 -35.34 37.22 -61.72
CA LYS T 141 -35.75 36.14 -60.84
C LYS T 141 -37.26 36.14 -60.66
N ARG T 142 -37.88 37.31 -60.60
CA ARG T 142 -39.33 37.38 -60.49
C ARG T 142 -40.00 36.98 -61.80
N TRP T 143 -39.40 37.36 -62.94
CA TRP T 143 -39.88 36.86 -64.22
C TRP T 143 -39.89 35.34 -64.23
N ALA T 144 -38.85 34.72 -63.67
CA ALA T 144 -38.81 33.28 -63.55
C ALA T 144 -39.80 32.76 -62.51
N ASP T 145 -40.08 33.55 -61.46
CA ASP T 145 -40.96 33.09 -60.39
C ASP T 145 -42.43 33.24 -60.73
N ASP T 146 -42.77 34.09 -61.70
CA ASP T 146 -44.15 34.29 -62.12
C ASP T 146 -44.55 33.34 -63.24
N GLY T 147 -43.69 32.40 -63.61
CA GLY T 147 -44.00 31.42 -64.62
C GLY T 147 -43.49 31.74 -66.02
N PHE T 148 -42.50 32.62 -66.13
CA PHE T 148 -41.93 33.02 -67.43
C PHE T 148 -43.01 33.58 -68.31
N PRO T 149 -43.74 34.60 -67.94
CA PRO T 149 -44.79 35.15 -68.80
C PRO T 149 -44.23 35.81 -70.04
N GLU T 150 -45.10 35.97 -71.04
CA GLU T 150 -44.71 36.59 -72.30
C GLU T 150 -44.27 38.04 -72.05
N LEU T 151 -43.17 38.43 -72.69
CA LEU T 151 -42.55 39.73 -72.44
C LEU T 151 -43.26 40.81 -73.26
N THR T 152 -44.47 41.12 -72.80
CA THR T 152 -45.26 42.21 -73.33
C THR T 152 -44.58 43.54 -72.99
N PRO T 153 -44.85 44.62 -73.76
CA PRO T 153 -44.24 45.91 -73.40
C PRO T 153 -44.48 46.32 -71.96
N GLU T 154 -45.68 46.09 -71.42
CA GLU T 154 -45.89 46.35 -70.00
C GLU T 154 -45.11 45.36 -69.14
N ASN T 155 -45.03 44.10 -69.58
CA ASN T 155 -44.28 43.09 -68.84
C ASN T 155 -42.78 43.39 -68.88
N LYS T 156 -42.28 43.88 -70.02
CA LYS T 156 -40.87 44.25 -70.10
C LYS T 156 -40.53 45.34 -69.09
N THR T 157 -41.48 46.23 -68.83
CA THR T 157 -41.29 47.31 -67.87
C THR T 157 -41.58 46.86 -66.45
N LYS T 158 -42.48 45.90 -66.28
CA LYS T 158 -42.73 45.32 -64.96
C LYS T 158 -41.48 44.62 -64.43
N TYR T 159 -40.88 43.76 -65.24
CA TYR T 159 -39.68 43.02 -64.86
C TYR T 159 -38.39 43.75 -65.21
N MET T 160 -38.50 44.99 -65.70
CA MET T 160 -37.35 45.89 -65.86
C MET T 160 -36.34 45.32 -66.85
N PHE T 161 -36.84 44.90 -68.01
CA PHE T 161 -35.95 44.55 -69.11
C PHE T 161 -35.53 45.78 -69.90
N ASP T 162 -36.39 46.79 -69.96
CA ASP T 162 -36.04 48.05 -70.62
C ASP T 162 -35.12 48.90 -69.75
N ASN T 163 -35.30 48.85 -68.43
CA ASN T 163 -34.47 49.57 -67.47
C ASN T 163 -33.82 48.56 -66.53
N ARG T 164 -32.69 47.99 -66.96
CA ARG T 164 -31.95 47.04 -66.14
C ARG T 164 -30.88 47.70 -65.27
N GLY T 165 -30.66 49.00 -65.41
CA GLY T 165 -29.59 49.66 -64.69
C GLY T 165 -30.07 50.30 -63.40
N ASN T 166 -31.39 50.31 -63.20
CA ASN T 166 -31.98 50.78 -61.95
C ASN T 166 -32.62 49.66 -61.16
N ASP T 167 -32.38 48.41 -61.54
CA ASP T 167 -32.79 47.27 -60.75
C ASP T 167 -31.63 46.88 -59.85
N GLU T 168 -31.79 45.82 -59.06
CA GLU T 168 -30.78 45.42 -58.10
C GLU T 168 -30.38 43.98 -58.35
N LEU T 169 -29.08 43.70 -58.20
CA LEU T 169 -28.54 42.35 -58.35
C LEU T 169 -28.52 41.66 -57.00
N LEU T 170 -29.25 40.55 -56.89
CA LEU T 170 -29.42 39.83 -55.64
C LEU T 170 -28.43 38.67 -55.57
N ARG T 171 -28.08 38.28 -54.35
CA ARG T 171 -27.20 37.15 -54.14
C ARG T 171 -27.95 35.84 -54.35
N ALA T 172 -27.29 34.87 -54.98
CA ALA T 172 -27.82 33.55 -55.18
C ALA T 172 -26.77 32.51 -54.82
N SER T 173 -27.23 31.35 -54.35
CA SER T 173 -26.35 30.20 -54.22
C SER T 173 -26.10 29.58 -55.59
N TRP T 174 -24.99 28.85 -55.69
CA TRP T 174 -24.58 28.30 -56.98
C TRP T 174 -25.65 27.38 -57.57
N ASP T 175 -26.32 26.61 -56.72
CA ASP T 175 -27.43 25.79 -57.19
C ASP T 175 -28.63 26.66 -57.53
N GLU T 176 -28.79 27.77 -56.81
CA GLU T 176 -29.90 28.69 -57.08
C GLU T 176 -29.70 29.40 -58.41
N ALA T 177 -28.47 29.84 -58.69
CA ALA T 177 -28.17 30.47 -59.97
C ALA T 177 -28.26 29.48 -61.12
N PHE T 178 -27.72 28.27 -60.93
CA PHE T 178 -27.75 27.26 -61.99
C PHE T 178 -29.18 26.87 -62.34
N THR T 179 -30.06 26.74 -61.34
CA THR T 179 -31.42 26.30 -61.59
C THR T 179 -32.21 27.36 -62.37
N TYR T 180 -32.15 28.62 -61.92
CA TYR T 180 -32.85 29.70 -62.61
C TYR T 180 -32.35 29.85 -64.04
N ALA T 181 -31.03 29.80 -64.24
CA ALA T 181 -30.47 29.91 -65.59
C ALA T 181 -30.92 28.76 -66.48
N SER T 182 -30.86 27.53 -65.96
CA SER T 182 -31.22 26.37 -66.75
C SER T 182 -32.70 26.39 -67.13
N LYS T 183 -33.57 26.71 -66.17
CA LYS T 183 -35.00 26.79 -66.46
C LYS T 183 -35.28 27.84 -67.53
N GLY T 184 -34.64 29.00 -67.43
CA GLY T 184 -34.84 30.03 -68.44
C GLY T 184 -34.32 29.61 -69.81
N ILE T 185 -33.18 28.92 -69.86
CA ILE T 185 -32.64 28.46 -71.13
C ILE T 185 -33.63 27.54 -71.81
N ILE T 186 -34.20 26.60 -71.05
CA ILE T 186 -35.16 25.65 -71.62
C ILE T 186 -36.41 26.38 -72.09
N HIS T 187 -36.91 27.32 -71.29
CA HIS T 187 -38.13 28.04 -71.67
C HIS T 187 -37.93 28.83 -72.95
N ILE T 188 -36.87 29.65 -73.00
CA ILE T 188 -36.69 30.55 -74.14
C ILE T 188 -36.34 29.77 -75.41
N THR T 189 -35.49 28.74 -75.29
CA THR T 189 -35.15 27.97 -76.48
C THR T 189 -36.35 27.24 -77.05
N LYS T 190 -37.25 26.77 -76.19
CA LYS T 190 -38.49 26.16 -76.68
C LYS T 190 -39.52 27.20 -77.07
N LYS T 191 -39.44 28.41 -76.49
CA LYS T 191 -40.39 29.47 -76.79
C LYS T 191 -40.31 29.90 -78.24
N TYR T 192 -39.10 29.92 -78.80
CA TYR T 192 -38.84 30.32 -80.16
C TYR T 192 -38.44 29.14 -81.03
N SER T 193 -38.86 27.93 -80.64
CA SER T 193 -38.32 26.73 -81.28
C SER T 193 -38.95 26.48 -82.65
N GLY T 194 -40.29 26.43 -82.73
CA GLY T 194 -40.94 25.92 -83.92
C GLY T 194 -41.45 26.96 -84.91
N PRO T 195 -42.38 26.51 -85.78
CA PRO T 195 -43.03 27.48 -86.67
C PRO T 195 -43.78 28.53 -85.88
N GLU T 196 -44.43 28.12 -84.78
CA GLU T 196 -45.08 29.09 -83.91
C GLU T 196 -44.05 30.00 -83.25
N GLY T 197 -42.89 29.44 -82.90
CA GLY T 197 -41.79 30.27 -82.41
C GLY T 197 -41.16 31.13 -83.49
N ALA T 198 -41.01 30.58 -84.71
CA ALA T 198 -40.41 31.35 -85.80
C ALA T 198 -41.27 32.55 -86.16
N GLN T 199 -42.59 32.38 -86.17
CA GLN T 199 -43.47 33.50 -86.49
C GLN T 199 -43.46 34.52 -85.36
N LYS T 200 -43.25 34.06 -84.13
CA LYS T 200 -43.12 35.00 -83.00
C LYS T 200 -42.00 36.00 -83.24
N LEU T 201 -40.93 35.55 -83.88
CA LEU T 201 -39.80 36.43 -84.20
C LEU T 201 -40.12 37.33 -85.39
N ILE T 202 -40.97 36.88 -86.31
CA ILE T 202 -41.40 37.74 -87.39
C ILE T 202 -42.31 38.84 -86.88
N ASP T 203 -43.07 38.56 -85.82
CA ASP T 203 -43.89 39.60 -85.21
C ASP T 203 -43.07 40.64 -84.49
N GLN T 204 -41.88 40.27 -84.01
CA GLN T 204 -41.02 41.20 -83.28
C GLN T 204 -40.18 42.09 -84.19
N GLY T 205 -40.07 41.76 -85.48
CA GLY T 205 -39.38 42.62 -86.42
C GLY T 205 -38.08 42.09 -86.97
N TYR T 206 -37.70 40.86 -86.66
CA TYR T 206 -36.46 40.31 -87.18
C TYR T 206 -36.61 39.97 -88.66
N PRO T 207 -35.57 40.19 -89.46
CA PRO T 207 -35.67 39.84 -90.89
C PRO T 207 -35.89 38.35 -91.07
N LYS T 208 -36.56 38.00 -92.17
CA LYS T 208 -36.87 36.60 -92.44
C LYS T 208 -35.61 35.78 -92.66
N GLU T 209 -34.54 36.41 -93.20
CA GLU T 209 -33.29 35.70 -93.39
C GLU T 209 -32.69 35.26 -92.05
N MET T 210 -32.82 36.08 -91.01
CA MET T 210 -32.32 35.69 -89.69
C MET T 210 -33.19 34.61 -89.06
N VAL T 211 -34.48 34.58 -89.39
CA VAL T 211 -35.36 33.57 -88.81
C VAL T 211 -35.23 32.25 -89.56
N ASP T 212 -35.05 32.31 -90.88
CA ASP T 212 -34.78 31.09 -91.63
C ASP T 212 -33.42 30.51 -91.25
N ARG T 213 -32.48 31.37 -90.84
CA ARG T 213 -31.17 30.88 -90.40
C ARG T 213 -31.29 30.02 -89.15
N MET T 214 -32.28 30.29 -88.30
CA MET T 214 -32.50 29.44 -87.14
C MET T 214 -32.81 28.03 -87.57
N GLN T 215 -33.39 27.89 -88.76
CA GLN T 215 -33.70 26.60 -89.35
C GLN T 215 -34.59 25.74 -88.45
N GLY T 216 -35.50 26.42 -87.75
CA GLY T 216 -36.54 25.83 -86.90
C GLY T 216 -36.15 25.59 -85.47
N ALA T 217 -34.85 25.70 -85.16
CA ALA T 217 -34.34 25.41 -83.81
C ALA T 217 -34.33 26.67 -82.96
N GLY T 218 -34.83 26.60 -81.74
CA GLY T 218 -34.85 27.76 -80.83
C GLY T 218 -33.57 27.84 -80.05
N THR T 219 -32.69 26.87 -80.19
CA THR T 219 -31.40 26.85 -79.48
C THR T 219 -30.33 27.58 -80.28
N ARG T 220 -30.71 28.10 -81.44
CA ARG T 220 -29.88 28.95 -82.32
C ARG T 220 -30.15 30.41 -81.96
N THR T 221 -31.02 30.66 -80.98
CA THR T 221 -31.24 32.00 -80.39
C THR T 221 -30.41 32.11 -79.12
N PHE T 222 -29.65 31.08 -78.79
CA PHE T 222 -28.76 31.12 -77.63
C PHE T 222 -27.38 31.41 -78.17
N LYS T 223 -26.80 32.49 -77.69
CA LYS T 223 -25.50 32.91 -78.16
C LYS T 223 -24.52 32.69 -77.01
N GLY T 224 -23.61 31.74 -77.18
CA GLY T 224 -22.65 31.42 -76.15
C GLY T 224 -21.25 31.80 -76.59
N ARG T 225 -20.66 32.77 -75.93
CA ARG T 225 -19.32 33.21 -76.34
C ARG T 225 -18.25 32.86 -75.32
N GLY T 226 -17.35 31.97 -75.69
CA GLY T 226 -16.18 31.79 -74.88
C GLY T 226 -15.28 32.92 -75.27
N GLY T 227 -14.97 33.81 -74.34
CA GLY T 227 -14.36 35.06 -74.70
C GLY T 227 -12.86 34.95 -74.74
N MET T 228 -12.29 35.35 -75.87
CA MET T 228 -10.88 35.18 -76.14
C MET T 228 -10.41 33.86 -75.53
N GLY T 229 -10.98 32.74 -76.02
CA GLY T 229 -10.77 31.45 -75.39
C GLY T 229 -9.34 30.96 -75.35
N LEU T 230 -8.44 31.54 -76.14
CA LEU T 230 -7.06 31.06 -76.06
C LEU T 230 -6.40 31.40 -74.75
N LEU T 231 -6.90 32.41 -74.03
CA LEU T 231 -6.36 32.71 -72.71
C LEU T 231 -6.58 31.53 -71.76
N GLY T 232 -7.76 30.92 -71.79
CA GLY T 232 -7.96 29.63 -71.17
C GLY T 232 -8.77 28.71 -72.06
N VAL T 233 -8.19 27.62 -72.53
CA VAL T 233 -8.86 26.81 -73.54
C VAL T 233 -9.96 25.96 -72.90
N ILE T 234 -9.67 25.33 -71.78
CA ILE T 234 -10.65 24.47 -71.13
C ILE T 234 -11.75 25.30 -70.50
N GLY T 235 -11.38 26.35 -69.75
CA GLY T 235 -12.36 27.12 -69.02
C GLY T 235 -13.16 28.09 -69.86
N LYS T 236 -12.55 28.67 -70.90
CA LYS T 236 -13.20 29.71 -71.68
C LYS T 236 -13.70 29.20 -73.03
N TYR T 237 -12.84 28.55 -73.82
CA TYR T 237 -13.31 27.94 -75.06
C TYR T 237 -14.26 26.77 -74.80
N GLY T 238 -14.33 26.29 -73.55
CA GLY T 238 -15.35 25.33 -73.17
C GLY T 238 -16.76 25.81 -73.39
N MET T 239 -16.95 27.14 -73.47
CA MET T 239 -18.26 27.67 -73.80
C MET T 239 -18.71 27.20 -75.17
N TYR T 240 -17.77 27.08 -76.12
CA TYR T 240 -18.10 26.52 -77.43
C TYR T 240 -18.57 25.09 -77.30
N ARG T 241 -18.03 24.34 -76.32
CA ARG T 241 -18.54 23.00 -76.05
C ARG T 241 -19.96 23.05 -75.52
N PHE T 242 -20.27 24.05 -74.67
CA PHE T 242 -21.63 24.20 -74.15
C PHE T 242 -22.62 24.41 -75.28
N ASN T 243 -22.26 25.26 -76.21
CA ASN T 243 -23.18 25.57 -77.33
C ASN T 243 -23.42 24.28 -78.09
N ASN T 244 -22.40 23.45 -78.23
CA ASN T 244 -22.54 22.19 -78.99
C ASN T 244 -23.51 21.30 -78.24
N CYS T 245 -23.37 21.24 -76.93
CA CYS T 245 -24.18 20.40 -76.03
C CYS T 245 -25.64 20.81 -76.08
N LEU T 246 -25.90 22.08 -76.32
CA LEU T 246 -27.30 22.51 -76.37
C LEU T 246 -28.09 21.81 -77.46
N ALA T 247 -27.42 21.05 -78.34
CA ALA T 247 -28.15 20.22 -79.31
C ALA T 247 -29.07 19.23 -78.60
N ILE T 248 -28.67 18.74 -77.42
CA ILE T 248 -29.53 17.87 -76.64
C ILE T 248 -30.81 18.61 -76.25
N VAL T 249 -30.67 19.87 -75.83
CA VAL T 249 -31.84 20.66 -75.48
C VAL T 249 -32.76 20.82 -76.68
N ASP T 250 -32.18 20.95 -77.88
CA ASP T 250 -33.00 21.00 -79.09
C ASP T 250 -33.73 19.69 -79.31
N ALA T 251 -33.07 18.57 -79.04
CA ALA T 251 -33.73 17.27 -79.16
C ALA T 251 -34.92 17.18 -78.21
N HIS T 252 -34.77 17.72 -77.00
CA HIS T 252 -35.87 17.72 -76.04
C HIS T 252 -36.97 18.69 -76.47
N ASN T 253 -36.59 19.84 -77.02
CA ASN T 253 -37.58 20.85 -77.40
C ASN T 253 -38.43 20.39 -78.57
N ARG T 254 -37.80 19.96 -79.66
CA ARG T 254 -38.50 19.66 -80.90
C ARG T 254 -38.72 18.18 -81.15
N GLY T 255 -38.09 17.31 -80.36
CA GLY T 255 -38.22 15.88 -80.57
C GLY T 255 -37.60 15.46 -81.89
N VAL T 256 -36.34 15.82 -82.08
CA VAL T 256 -35.63 15.53 -83.31
C VAL T 256 -34.53 14.50 -83.02
N GLY T 257 -33.91 14.02 -84.09
CA GLY T 257 -32.86 13.05 -83.98
C GLY T 257 -31.50 13.71 -83.86
N PRO T 258 -30.47 12.91 -83.58
CA PRO T 258 -29.11 13.47 -83.47
C PRO T 258 -28.67 14.24 -84.70
N ASP T 259 -29.06 13.79 -85.89
CA ASP T 259 -28.64 14.47 -87.12
C ASP T 259 -29.40 15.75 -87.38
N GLN T 260 -30.61 15.91 -86.82
CA GLN T 260 -31.39 17.13 -87.01
C GLN T 260 -31.35 18.06 -85.80
N ALA T 261 -30.56 17.74 -84.78
CA ALA T 261 -30.48 18.54 -83.58
C ALA T 261 -29.30 19.49 -83.70
N LEU T 262 -29.54 20.76 -83.36
CA LEU T 262 -28.55 21.82 -83.49
C LEU T 262 -28.52 22.58 -82.18
N GLY T 263 -27.34 23.07 -81.81
CA GLY T 263 -27.27 23.79 -80.57
C GLY T 263 -27.10 25.30 -80.67
N GLY T 264 -26.21 25.84 -79.84
CA GLY T 264 -26.00 27.27 -79.75
C GLY T 264 -25.21 27.84 -80.90
N ARG T 265 -25.13 29.17 -80.93
CA ARG T 265 -24.30 29.89 -81.89
C ARG T 265 -23.02 30.30 -81.19
N ASN T 266 -21.88 29.86 -81.72
CA ASN T 266 -20.60 30.22 -81.12
C ASN T 266 -20.28 31.66 -81.54
N TRP T 267 -20.19 32.56 -80.55
CA TRP T 267 -19.89 33.94 -80.86
C TRP T 267 -18.39 34.15 -81.04
N SER T 268 -18.04 34.98 -82.01
CA SER T 268 -16.66 35.18 -82.43
C SER T 268 -15.94 36.12 -81.45
N ASN T 269 -14.61 36.08 -81.52
CA ASN T 269 -13.76 36.93 -80.70
C ASN T 269 -12.85 37.84 -81.51
N TYR T 270 -12.08 37.28 -82.45
CA TYR T 270 -11.04 38.03 -83.14
C TYR T 270 -11.61 39.14 -84.00
N THR T 271 -12.52 38.79 -84.92
CA THR T 271 -13.09 39.78 -85.81
C THR T 271 -13.98 40.77 -85.07
N TRP T 272 -14.79 40.28 -84.12
CA TRP T 272 -15.69 41.14 -83.37
C TRP T 272 -14.97 42.34 -82.77
N HIS T 273 -13.76 42.13 -82.26
CA HIS T 273 -12.99 43.23 -81.68
C HIS T 273 -12.34 44.11 -82.74
N GLY T 274 -12.54 43.81 -84.02
CA GLY T 274 -11.86 44.56 -85.06
C GLY T 274 -10.38 44.28 -85.17
N ASP T 275 -9.93 43.13 -84.67
CA ASP T 275 -8.50 42.86 -84.57
C ASP T 275 -7.90 42.19 -85.79
N GLN T 276 -8.70 41.47 -86.59
CA GLN T 276 -8.15 40.80 -87.75
C GLN T 276 -7.74 41.81 -88.83
N ALA T 277 -6.76 41.42 -89.63
CA ALA T 277 -6.45 42.13 -90.87
C ALA T 277 -7.33 41.58 -91.99
N PRO T 278 -8.38 42.28 -92.39
CA PRO T 278 -9.31 41.72 -93.38
C PRO T 278 -8.67 41.44 -94.73
N GLY T 279 -7.58 42.14 -95.07
CA GLY T 279 -6.94 41.93 -96.36
C GLY T 279 -6.15 40.64 -96.45
N HIS T 280 -5.80 40.04 -95.31
CA HIS T 280 -4.97 38.84 -95.33
C HIS T 280 -5.63 37.65 -96.02
N PRO T 281 -6.92 37.34 -95.79
CA PRO T 281 -7.54 36.28 -96.60
C PRO T 281 -7.55 36.58 -98.09
N PHE T 282 -7.49 37.87 -98.47
CA PHE T 282 -7.45 38.22 -99.89
C PHE T 282 -6.04 38.15 -100.45
N SER T 283 -5.04 38.56 -99.65
CA SER T 283 -3.67 38.67 -100.18
C SER T 283 -2.96 37.32 -100.17
N HIS T 284 -3.08 36.56 -99.09
CA HIS T 284 -2.43 35.25 -99.00
C HIS T 284 -3.36 34.13 -98.54
N GLY T 285 -4.58 34.44 -98.11
CA GLY T 285 -5.53 33.40 -97.76
C GLY T 285 -5.32 32.75 -96.42
N LEU T 286 -4.61 33.39 -95.49
CA LEU T 286 -4.41 32.87 -94.16
C LEU T 286 -5.03 33.83 -93.14
N GLN T 287 -5.49 33.27 -92.02
CA GLN T 287 -6.15 34.05 -90.99
C GLN T 287 -5.31 35.25 -90.57
N THR T 288 -4.02 35.01 -90.29
CA THR T 288 -3.17 36.06 -89.75
C THR T 288 -1.72 35.82 -90.14
N SER T 289 -1.07 36.87 -90.64
CA SER T 289 0.37 36.89 -90.82
C SER T 289 0.95 37.60 -89.60
N ASP T 290 1.52 36.84 -88.67
CA ASP T 290 2.16 37.40 -87.50
C ASP T 290 3.45 36.63 -87.25
N VAL T 291 4.21 37.07 -86.24
CA VAL T 291 5.56 36.60 -86.03
C VAL T 291 5.83 36.42 -84.54
N ASP T 292 6.75 35.50 -84.21
CA ASP T 292 7.35 35.48 -82.88
C ASP T 292 8.25 36.71 -82.75
N MET T 293 7.98 37.55 -81.77
CA MET T 293 8.54 38.91 -81.80
C MET T 293 10.06 38.96 -81.70
N ASN T 294 10.71 37.87 -81.31
CA ASN T 294 12.17 37.83 -81.38
C ASN T 294 12.67 38.01 -82.81
N ASP T 295 11.86 37.62 -83.79
CA ASP T 295 12.23 37.77 -85.19
C ASP T 295 12.28 39.25 -85.58
N VAL T 296 11.50 40.08 -84.90
CA VAL T 296 11.45 41.51 -85.25
C VAL T 296 12.83 42.14 -85.18
N ARG T 297 13.68 41.68 -84.26
CA ARG T 297 15.02 42.25 -84.15
C ARG T 297 15.94 41.83 -85.29
N PHE T 298 15.51 40.91 -86.15
CA PHE T 298 16.28 40.60 -87.35
C PHE T 298 16.08 41.64 -88.44
N SER T 299 14.99 42.41 -88.38
CA SER T 299 14.71 43.39 -89.42
C SER T 299 15.74 44.51 -89.41
N LYS T 300 16.09 44.98 -90.61
CA LYS T 300 16.99 46.12 -90.77
C LYS T 300 16.28 47.38 -91.26
N LEU T 301 15.10 47.25 -91.87
CA LEU T 301 14.21 48.37 -92.09
C LEU T 301 12.84 47.95 -91.55
N LEU T 302 12.43 48.58 -90.45
CA LEU T 302 11.20 48.23 -89.75
C LEU T 302 10.21 49.36 -89.95
N ILE T 303 9.07 49.04 -90.57
CA ILE T 303 8.05 50.02 -90.91
C ILE T 303 6.81 49.73 -90.08
N GLN T 304 6.29 50.76 -89.41
CA GLN T 304 5.13 50.63 -88.55
C GLN T 304 4.13 51.72 -88.93
N THR T 305 2.94 51.32 -89.38
CA THR T 305 1.95 52.25 -89.87
C THR T 305 0.72 52.33 -88.97
N GLY T 306 0.17 51.19 -88.56
CA GLY T 306 -1.06 51.22 -87.79
C GLY T 306 -0.94 50.59 -86.42
N LYS T 307 0.27 50.60 -85.85
CA LYS T 307 0.53 49.91 -84.59
C LYS T 307 1.39 50.78 -83.68
N ASN T 308 0.89 51.04 -82.47
CA ASN T 308 1.71 51.62 -81.41
C ASN T 308 2.35 50.44 -80.68
N LEU T 309 3.46 49.97 -81.25
CA LEU T 309 4.11 48.76 -80.74
C LEU T 309 4.79 48.99 -79.40
N ILE T 310 5.15 50.23 -79.09
CA ILE T 310 5.86 50.49 -77.84
C ILE T 310 4.92 50.35 -76.65
N GLU T 311 3.64 50.69 -76.84
CA GLU T 311 2.73 50.75 -75.70
C GLU T 311 1.81 49.55 -75.57
N ASN T 312 1.64 48.76 -76.61
CA ASN T 312 0.63 47.70 -76.61
C ASN T 312 1.24 46.32 -76.90
N LYS T 313 2.55 46.23 -76.98
CA LYS T 313 3.24 44.94 -76.96
C LYS T 313 4.48 45.10 -76.08
N MET T 314 4.28 45.58 -74.85
CA MET T 314 5.37 46.08 -73.99
C MET T 314 6.49 45.10 -73.67
N PRO T 315 6.23 43.85 -73.26
CA PRO T 315 7.30 42.93 -72.91
C PRO T 315 8.20 42.57 -74.10
N GLU T 316 7.62 42.49 -75.29
CA GLU T 316 8.36 42.11 -76.51
C GLU T 316 8.86 43.33 -77.26
N ALA T 317 8.56 44.54 -76.80
CA ALA T 317 8.91 45.79 -77.51
C ALA T 317 10.41 45.93 -77.71
N HIS T 318 11.21 45.51 -76.76
CA HIS T 318 12.68 45.64 -76.87
C HIS T 318 13.15 44.96 -78.14
N TRP T 319 12.40 44.01 -78.68
CA TRP T 319 12.85 43.47 -79.96
C TRP T 319 12.77 44.51 -81.06
N VAL T 320 11.92 45.52 -80.90
CA VAL T 320 11.80 46.61 -81.85
C VAL T 320 12.76 47.75 -81.50
N THR T 321 12.80 48.09 -80.21
CA THR T 321 13.67 49.15 -79.74
C THR T 321 15.13 48.90 -80.07
N GLU T 322 15.56 47.65 -80.04
CA GLU T 322 16.96 47.30 -80.22
C GLU T 322 17.34 47.12 -81.69
N VAL T 323 16.39 47.34 -82.60
CA VAL T 323 16.70 47.30 -84.02
C VAL T 323 17.52 48.53 -84.40
N MET T 324 17.35 49.61 -83.64
CA MET T 324 18.13 50.85 -83.81
C MET T 324 19.59 50.74 -83.34
N GLU T 325 19.99 49.62 -82.74
CA GLU T 325 21.37 49.45 -82.32
C GLU T 325 22.10 48.40 -83.13
N ARG T 326 21.42 47.77 -84.07
CA ARG T 326 21.96 46.65 -84.82
C ARG T 326 21.90 46.96 -86.31
N GLY T 327 22.20 48.22 -86.65
CA GLY T 327 22.21 48.63 -88.04
C GLY T 327 20.85 48.68 -88.69
N GLY T 328 19.78 48.87 -87.92
CA GLY T 328 18.46 48.90 -88.48
C GLY T 328 17.84 50.29 -88.54
N LYS T 329 16.86 50.47 -89.42
CA LYS T 329 16.15 51.73 -89.56
C LYS T 329 14.69 51.52 -89.17
N ILE T 330 14.16 52.47 -88.40
CA ILE T 330 12.80 52.38 -87.90
C ILE T 330 12.00 53.53 -88.49
N VAL T 331 10.80 53.23 -88.99
CA VAL T 331 9.91 54.20 -89.59
C VAL T 331 8.53 54.01 -88.99
N VAL T 332 7.90 55.12 -88.59
CA VAL T 332 6.56 55.10 -88.02
C VAL T 332 5.70 56.05 -88.83
N ILE T 333 4.53 55.57 -89.25
CA ILE T 333 3.63 56.32 -90.13
C ILE T 333 2.31 56.45 -89.38
N THR T 334 2.15 57.52 -88.62
CA THR T 334 0.98 57.76 -87.80
C THR T 334 0.60 59.23 -87.90
N PRO T 335 -0.67 59.57 -87.71
CA PRO T 335 -1.04 61.00 -87.70
C PRO T 335 -0.44 61.76 -86.53
N GLU T 336 -0.32 61.13 -85.37
CA GLU T 336 0.24 61.75 -84.18
C GLU T 336 1.68 61.31 -83.97
N TYR T 337 2.39 62.08 -83.14
CA TYR T 337 3.72 61.69 -82.69
C TYR T 337 3.55 60.76 -81.49
N SER T 338 3.48 59.47 -81.77
CA SER T 338 3.17 58.45 -80.78
C SER T 338 4.42 58.02 -80.04
N PRO T 339 4.26 57.30 -78.92
CA PRO T 339 5.44 56.72 -78.25
C PRO T 339 6.27 55.83 -79.14
N SER T 340 5.72 55.30 -80.23
CA SER T 340 6.52 54.55 -81.17
C SER T 340 7.32 55.46 -82.11
N ALA T 341 6.89 56.71 -82.27
CA ALA T 341 7.55 57.60 -83.21
C ALA T 341 8.92 58.08 -82.73
N GLN T 342 9.13 58.19 -81.42
CA GLN T 342 10.43 58.60 -80.91
C GLN T 342 11.52 57.66 -81.39
N LYS T 343 11.25 56.36 -81.40
CA LYS T 343 12.27 55.39 -81.78
C LYS T 343 12.52 55.37 -83.28
N ALA T 344 11.64 55.99 -84.07
CA ALA T 344 11.77 55.97 -85.51
C ALA T 344 12.92 56.85 -85.99
N ASP T 345 13.57 56.42 -87.07
CA ASP T 345 14.57 57.27 -87.71
C ASP T 345 13.93 58.51 -88.31
N TYR T 346 12.70 58.37 -88.84
CA TYR T 346 11.94 59.51 -89.33
C TYR T 346 10.46 59.16 -89.26
N TRP T 347 9.66 60.08 -88.73
CA TRP T 347 8.23 59.87 -88.54
C TRP T 347 7.45 60.54 -89.67
N ILE T 348 6.55 59.78 -90.29
CA ILE T 348 5.77 60.26 -91.42
C ILE T 348 4.35 60.61 -90.97
N PRO T 349 4.03 61.89 -90.79
CA PRO T 349 2.63 62.26 -90.52
C PRO T 349 1.73 61.92 -91.70
N ILE T 350 0.47 61.62 -91.39
CA ILE T 350 -0.48 61.21 -92.41
C ILE T 350 -1.89 61.61 -91.98
N ARG T 351 -2.75 61.83 -92.96
CA ARG T 351 -4.17 62.04 -92.71
C ARG T 351 -4.84 60.71 -92.40
N ASN T 352 -5.85 60.75 -91.53
CA ASN T 352 -6.48 59.52 -91.07
C ASN T 352 -7.25 58.85 -92.20
N ASN T 353 -7.24 57.51 -92.18
CA ASN T 353 -8.01 56.69 -93.12
C ASN T 353 -7.52 56.89 -94.56
N THR T 354 -6.22 57.09 -94.74
CA THR T 354 -5.66 57.36 -96.06
C THR T 354 -4.41 56.53 -96.35
N ASP T 355 -4.26 55.38 -95.68
CA ASP T 355 -3.02 54.62 -95.81
C ASP T 355 -2.90 53.95 -97.16
N THR T 356 -4.02 53.61 -97.82
CA THR T 356 -3.95 52.96 -99.12
C THR T 356 -3.24 53.84 -100.15
N ALA T 357 -3.55 55.14 -100.16
CA ALA T 357 -2.94 56.04 -101.13
C ALA T 357 -1.43 56.12 -100.95
N LEU T 358 -0.96 56.16 -99.69
CA LEU T 358 0.47 56.28 -99.43
C LEU T 358 1.25 55.11 -100.02
N PHE T 359 0.81 53.88 -99.74
CA PHE T 359 1.52 52.70 -100.21
C PHE T 359 1.28 52.43 -101.68
N LEU T 360 0.18 52.91 -102.26
CA LEU T 360 0.03 52.86 -103.71
C LEU T 360 1.03 53.78 -104.38
N GLY T 361 1.25 54.97 -103.81
CA GLY T 361 2.27 55.86 -104.33
C GLY T 361 3.66 55.27 -104.23
N ILE T 362 3.93 54.53 -103.15
CA ILE T 362 5.24 53.90 -102.99
C ILE T 362 5.39 52.74 -103.96
N THR T 363 4.29 52.01 -104.21
CA THR T 363 4.34 50.95 -105.22
C THR T 363 4.61 51.52 -106.59
N LYS T 364 4.02 52.67 -106.91
CA LYS T 364 4.26 53.32 -108.20
C LYS T 364 5.74 53.69 -108.35
N ILE T 365 6.36 54.21 -107.29
CA ILE T 365 7.77 54.56 -107.36
C ILE T 365 8.62 53.31 -107.56
N LEU T 366 8.22 52.20 -106.95
CA LEU T 366 8.99 50.96 -107.09
C LEU T 366 8.88 50.39 -108.49
N ILE T 367 7.80 50.69 -109.20
CA ILE T 367 7.54 50.06 -110.50
C ILE T 367 7.99 50.98 -111.63
N ASP T 368 7.84 52.30 -111.43
CA ASP T 368 8.38 53.25 -112.40
C ASP T 368 9.90 53.12 -112.52
N ASN T 369 10.57 52.81 -111.41
CA ASN T 369 12.02 52.67 -111.38
C ASN T 369 12.47 51.22 -111.46
N LYS T 370 11.53 50.27 -111.55
CA LYS T 370 11.84 48.85 -111.61
C LYS T 370 12.70 48.42 -110.43
N TRP T 371 12.39 48.94 -109.24
CA TRP T 371 13.10 48.58 -108.02
C TRP T 371 12.48 47.34 -107.37
N TYR T 372 12.19 46.33 -108.18
CA TYR T 372 11.59 45.11 -107.67
C TYR T 372 12.41 43.89 -108.11
N ASP T 373 12.40 42.87 -107.27
CA ASP T 373 13.05 41.59 -107.57
C ASP T 373 12.17 40.82 -108.55
N ALA T 374 12.46 40.97 -109.84
CA ALA T 374 11.63 40.36 -110.89
C ALA T 374 11.50 38.85 -110.70
N ASP T 375 12.56 38.20 -110.24
CA ASP T 375 12.50 36.75 -110.04
C ASP T 375 11.46 36.38 -108.99
N TYR T 376 11.45 37.09 -107.87
CA TYR T 376 10.49 36.81 -106.80
C TYR T 376 9.06 37.13 -107.23
N VAL T 377 8.88 38.13 -108.11
CA VAL T 377 7.54 38.53 -108.51
C VAL T 377 6.97 37.56 -109.54
N LYS T 378 7.85 36.96 -110.34
CA LYS T 378 7.42 35.95 -111.31
C LYS T 378 6.94 34.66 -110.62
N LYS T 379 7.64 34.22 -109.59
CA LYS T 379 7.40 32.89 -109.02
C LYS T 379 6.37 32.84 -107.91
N PHE T 380 6.19 33.92 -107.14
CA PHE T 380 5.28 33.88 -106.00
C PHE T 380 4.11 34.86 -106.08
N THR T 381 3.91 35.54 -107.20
CA THR T 381 3.05 36.72 -107.17
C THR T 381 2.00 36.76 -108.28
N ASP T 382 0.94 37.50 -107.97
CA ASP T 382 -0.17 37.81 -108.88
C ASP T 382 0.30 38.28 -110.25
N PHE T 383 1.30 39.18 -110.26
CA PHE T 383 1.50 40.08 -111.39
C PHE T 383 1.69 39.40 -112.76
N PRO T 384 2.43 38.31 -112.92
CA PRO T 384 2.56 37.72 -114.27
C PRO T 384 1.25 37.16 -114.80
N LEU T 385 0.33 36.76 -113.95
CA LEU T 385 -0.91 36.15 -114.42
C LEU T 385 -1.71 37.15 -115.23
N LEU T 386 -2.29 36.67 -116.33
CA LEU T 386 -2.97 37.52 -117.28
C LEU T 386 -4.42 37.75 -116.88
N ILE T 387 -4.97 38.89 -117.27
CA ILE T 387 -6.35 39.25 -116.97
C ILE T 387 -7.01 39.78 -118.25
N ARG T 388 -8.22 39.29 -118.54
CA ARG T 388 -9.00 39.79 -119.67
C ARG T 388 -9.71 41.09 -119.30
N THR T 389 -9.98 41.92 -120.31
CA THR T 389 -10.54 43.24 -120.08
C THR T 389 -12.07 43.28 -120.11
N ASP T 390 -12.72 42.35 -120.82
CA ASP T 390 -14.19 42.36 -120.86
C ASP T 390 -14.77 41.95 -119.51
N THR T 391 -14.31 40.83 -118.94
CA THR T 391 -14.88 40.32 -117.71
C THR T 391 -14.16 40.81 -116.46
N LEU T 392 -12.95 41.35 -116.60
CA LEU T 392 -12.07 41.83 -115.54
C LEU T 392 -11.58 40.68 -114.66
N LYS T 393 -11.92 39.44 -114.99
CA LYS T 393 -11.48 38.27 -114.26
C LYS T 393 -10.13 37.80 -114.79
N ARG T 394 -9.51 36.89 -114.06
CA ARG T 394 -8.27 36.30 -114.56
C ARG T 394 -8.60 35.37 -115.73
N VAL T 395 -7.74 35.36 -116.76
CA VAL T 395 -8.01 34.50 -117.90
C VAL T 395 -7.93 33.04 -117.46
N SER T 396 -8.80 32.24 -118.00
CA SER T 396 -8.89 30.83 -117.69
C SER T 396 -8.43 30.07 -118.93
N PRO T 397 -7.54 29.08 -118.75
CA PRO T 397 -7.06 28.34 -119.93
C PRO T 397 -8.18 27.71 -120.74
N LYS T 398 -9.24 27.27 -120.05
CA LYS T 398 -10.39 26.67 -120.69
C LYS T 398 -11.07 27.61 -121.69
N ASP T 399 -10.90 28.92 -121.53
CA ASP T 399 -11.57 29.85 -122.44
C ASP T 399 -10.87 29.95 -123.79
N ILE T 400 -9.58 29.66 -123.83
CA ILE T 400 -8.78 29.84 -125.04
C ILE T 400 -8.29 28.52 -125.61
N ILE T 401 -8.02 27.53 -124.76
CA ILE T 401 -7.50 26.26 -125.25
C ILE T 401 -8.70 25.33 -125.47
N PRO T 402 -8.93 24.88 -126.69
CA PRO T 402 -10.09 24.02 -126.94
C PRO T 402 -9.89 22.64 -126.33
N ASN T 403 -10.98 22.12 -125.75
CA ASN T 403 -10.97 20.82 -125.07
C ASN T 403 -9.89 20.76 -124.00
N TYR T 404 -9.82 21.80 -123.19
CA TYR T 404 -8.86 21.85 -122.09
C TYR T 404 -9.46 21.16 -120.88
N LYS T 405 -8.62 20.42 -120.17
CA LYS T 405 -9.03 19.79 -118.93
C LYS T 405 -8.12 20.29 -117.82
N LEU T 406 -8.70 20.51 -116.64
CA LEU T 406 -7.94 21.11 -115.56
C LEU T 406 -6.93 20.10 -115.05
N GLN T 407 -5.71 20.57 -114.82
CA GLN T 407 -4.59 19.66 -114.60
C GLN T 407 -4.74 18.90 -113.29
N ASP T 408 -4.21 17.69 -113.27
CA ASP T 408 -4.33 16.81 -112.12
C ASP T 408 -3.26 17.18 -111.10
N ILE T 409 -3.66 17.89 -110.05
CA ILE T 409 -2.70 18.25 -109.00
C ILE T 409 -3.00 17.44 -107.75
N SER T 410 -3.51 16.22 -107.95
CA SER T 410 -3.95 15.44 -106.81
C SER T 410 -2.78 14.83 -106.05
N ASP T 411 -1.62 14.72 -106.68
CA ASP T 411 -0.37 14.37 -106.01
C ASP T 411 0.39 15.60 -105.53
N GLY T 412 -0.11 16.80 -105.81
CA GLY T 412 0.61 18.01 -105.50
C GLY T 412 0.47 18.42 -104.05
N PRO T 413 1.23 19.45 -103.65
CA PRO T 413 1.24 19.89 -102.26
C PRO T 413 -0.03 20.59 -101.82
N SER T 414 -1.06 20.66 -102.66
CA SER T 414 -2.32 21.28 -102.26
C SER T 414 -3.27 20.25 -101.69
N TYR T 415 -3.06 18.98 -102.00
CA TYR T 415 -3.85 17.87 -101.47
C TYR T 415 -3.20 17.21 -100.26
N HIS T 416 -1.89 16.94 -100.34
CA HIS T 416 -1.24 16.16 -99.30
C HIS T 416 -0.86 17.00 -98.10
N ILE T 417 -0.64 18.30 -98.27
CA ILE T 417 -0.25 19.19 -97.20
C ILE T 417 -1.38 20.14 -96.82
N GLN T 418 -2.02 20.76 -97.81
CA GLN T 418 -3.02 21.80 -97.56
C GLN T 418 -4.44 21.27 -97.52
N GLY T 419 -4.67 20.03 -97.95
CA GLY T 419 -5.98 19.43 -97.83
C GLY T 419 -7.01 19.96 -98.81
N LEU T 420 -6.64 20.11 -100.08
CA LEU T 420 -7.58 20.53 -101.10
C LEU T 420 -8.43 19.36 -101.54
N LYS T 421 -9.69 19.63 -101.85
CA LYS T 421 -10.60 18.63 -102.36
C LYS T 421 -11.00 19.04 -103.76
N ASP T 422 -11.27 18.04 -104.61
CA ASP T 422 -11.46 18.30 -106.04
C ASP T 422 -12.65 19.21 -106.32
N GLU T 423 -13.72 19.09 -105.52
CA GLU T 423 -14.85 19.98 -105.72
C GLU T 423 -14.43 21.43 -105.56
N GLN T 424 -13.54 21.70 -104.60
CA GLN T 424 -12.96 23.03 -104.47
C GLN T 424 -12.00 23.35 -105.62
N ARG T 425 -11.16 22.37 -106.00
CA ARG T 425 -10.17 22.61 -107.04
C ARG T 425 -10.84 22.90 -108.38
N GLU T 426 -11.98 22.27 -108.65
CA GLU T 426 -12.71 22.54 -109.88
C GLU T 426 -13.23 23.98 -109.90
N ILE T 427 -13.54 24.56 -108.74
CA ILE T 427 -14.07 25.92 -108.72
C ILE T 427 -12.95 26.94 -108.91
N ILE T 428 -11.80 26.73 -108.24
CA ILE T 428 -10.72 27.71 -108.34
C ILE T 428 -10.08 27.66 -109.72
N GLY T 429 -9.87 26.47 -110.27
CA GLY T 429 -9.37 26.32 -111.62
C GLY T 429 -7.90 26.61 -111.80
N ASP T 430 -7.52 26.81 -113.07
CA ASP T 430 -6.16 27.12 -113.49
C ASP T 430 -6.16 28.49 -114.14
N PHE T 431 -4.97 29.03 -114.37
CA PHE T 431 -4.82 30.38 -114.89
C PHE T 431 -3.76 30.41 -116.00
N VAL T 432 -3.64 31.57 -116.65
CA VAL T 432 -2.79 31.72 -117.82
C VAL T 432 -1.71 32.76 -117.56
N VAL T 433 -0.53 32.49 -118.13
CA VAL T 433 0.60 33.42 -118.11
C VAL T 433 1.21 33.41 -119.50
N TRP T 434 1.89 34.50 -119.85
CA TRP T 434 2.57 34.59 -121.14
C TRP T 434 4.02 34.11 -120.97
N ASP T 435 4.30 32.93 -121.53
CA ASP T 435 5.66 32.40 -121.52
C ASP T 435 6.57 33.26 -122.38
N ALA T 436 7.83 33.37 -121.96
CA ALA T 436 8.80 34.10 -122.78
C ALA T 436 9.45 33.22 -123.83
N LYS T 437 9.82 31.98 -123.47
CA LYS T 437 10.34 31.05 -124.47
C LYS T 437 9.29 30.75 -125.53
N SER T 438 8.07 30.45 -125.08
CA SER T 438 6.94 30.23 -125.97
C SER T 438 6.16 31.54 -126.01
N LYS T 439 6.43 32.36 -127.03
CA LYS T 439 5.78 33.67 -127.10
C LYS T 439 4.30 33.39 -127.35
N GLY T 440 3.63 33.02 -126.26
CA GLY T 440 2.25 32.61 -126.27
C GLY T 440 1.81 32.18 -124.89
N PRO T 441 0.51 32.04 -124.71
CA PRO T 441 -0.05 31.66 -123.39
C PRO T 441 0.37 30.24 -123.01
N LYS T 442 0.81 30.08 -121.77
CA LYS T 442 1.07 28.77 -121.19
C LYS T 442 0.17 28.60 -119.98
N ALA T 443 -0.49 27.45 -119.81
CA ALA T 443 -1.41 27.21 -118.67
C ALA T 443 -0.65 26.84 -117.40
N ILE T 444 -1.09 27.37 -116.26
CA ILE T 444 -0.42 27.06 -114.96
C ILE T 444 -1.46 26.74 -113.89
N THR T 445 -0.98 26.19 -112.79
CA THR T 445 -1.79 25.75 -111.63
C THR T 445 -1.38 26.55 -110.40
N ARG T 446 -2.13 26.38 -109.32
CA ARG T 446 -1.79 27.06 -108.03
C ARG T 446 -0.46 26.52 -107.53
N ASP T 447 -0.23 25.20 -107.72
CA ASP T 447 0.99 24.51 -107.25
C ASP T 447 2.22 25.06 -107.96
N ASP T 448 2.07 25.54 -109.19
CA ASP T 448 3.23 26.00 -109.99
C ASP T 448 3.71 27.34 -109.47
N VAL T 449 4.55 27.28 -108.44
CA VAL T 449 5.11 28.50 -107.80
C VAL T 449 6.56 28.21 -107.47
N GLY T 450 7.38 29.24 -107.40
CA GLY T 450 8.77 29.08 -106.99
C GLY T 450 9.57 28.26 -107.98
N GLU T 451 10.35 27.33 -107.46
CA GLU T 451 11.21 26.54 -108.34
C GLU T 451 10.46 25.46 -109.08
N THR T 452 9.17 25.28 -108.78
CA THR T 452 8.34 24.39 -109.58
C THR T 452 8.21 24.91 -111.00
N LEU T 453 8.28 26.23 -111.18
CA LEU T 453 8.12 26.81 -112.51
C LEU T 453 9.33 26.52 -113.40
N VAL T 454 10.53 26.64 -112.85
CA VAL T 454 11.75 26.38 -113.59
C VAL T 454 11.92 24.89 -113.84
N LYS T 455 11.37 24.03 -112.98
CA LYS T 455 11.37 22.60 -113.28
C LYS T 455 10.62 22.35 -114.58
N LYS T 456 9.53 23.08 -114.80
CA LYS T 456 8.85 23.11 -116.08
C LYS T 456 9.51 24.17 -116.97
N GLY T 457 8.93 24.42 -118.14
CA GLY T 457 9.47 25.39 -119.07
C GLY T 457 9.02 26.82 -118.82
N ILE T 458 8.08 27.02 -117.90
CA ILE T 458 7.41 28.33 -117.79
C ILE T 458 8.41 29.39 -117.39
N ASP T 459 8.36 30.53 -118.09
CA ASP T 459 9.15 31.71 -117.75
C ASP T 459 8.24 32.92 -117.93
N PRO T 460 7.49 33.28 -116.88
CA PRO T 460 6.48 34.34 -117.02
C PRO T 460 7.09 35.67 -117.47
N VAL T 461 6.22 36.53 -118.01
CA VAL T 461 6.59 37.88 -118.39
C VAL T 461 5.83 38.85 -117.50
N LEU T 462 6.55 39.84 -116.95
CA LEU T 462 5.92 40.79 -116.04
C LEU T 462 5.05 41.80 -116.76
N GLU T 463 5.53 42.37 -117.87
CA GLU T 463 4.80 43.38 -118.61
C GLU T 463 4.39 42.85 -119.97
N GLY T 464 3.44 43.52 -120.60
CA GLY T 464 2.96 43.17 -121.92
C GLY T 464 1.44 43.23 -122.03
N SER T 465 0.96 43.62 -123.20
CA SER T 465 -0.46 43.66 -123.51
C SER T 465 -0.70 42.89 -124.80
N PHE T 466 -1.57 41.88 -124.75
CA PHE T 466 -1.71 40.94 -125.84
C PHE T 466 -3.16 40.87 -126.31
N LYS T 467 -3.33 40.49 -127.57
CA LYS T 467 -4.64 40.23 -128.13
C LYS T 467 -4.75 38.71 -128.29
N LEU T 468 -5.88 38.14 -127.86
CA LEU T 468 -6.08 36.70 -127.87
C LEU T 468 -7.50 36.42 -128.31
N LYS T 469 -7.79 35.15 -128.61
CA LYS T 469 -9.09 34.78 -129.14
C LYS T 469 -9.61 33.51 -128.45
N THR T 470 -10.92 33.52 -128.14
CA THR T 470 -11.59 32.47 -127.38
C THR T 470 -12.04 31.30 -128.28
N ILE T 471 -12.59 30.26 -127.63
CA ILE T 471 -13.09 29.08 -128.35
C ILE T 471 -14.29 29.40 -129.27
N ASP T 472 -15.19 30.30 -128.85
CA ASP T 472 -16.32 30.78 -129.67
C ASP T 472 -15.97 31.81 -130.72
N GLY T 473 -14.73 32.28 -130.72
CA GLY T 473 -14.24 33.26 -131.70
C GLY T 473 -14.28 34.70 -131.25
N LYS T 474 -14.60 34.99 -129.99
CA LYS T 474 -14.53 36.41 -129.61
C LYS T 474 -13.06 36.80 -129.47
N GLU T 475 -12.67 37.99 -129.90
CA GLU T 475 -11.25 38.33 -129.66
C GLU T 475 -11.25 39.16 -128.39
N ILE T 476 -10.45 38.75 -127.40
CA ILE T 476 -10.42 39.45 -126.08
C ILE T 476 -9.07 40.09 -125.86
N GLU T 477 -9.10 41.31 -125.32
CA GLU T 477 -7.85 41.96 -124.94
C GLU T 477 -7.40 41.25 -123.67
N VAL T 478 -6.10 40.99 -123.54
CA VAL T 478 -5.53 40.34 -122.38
C VAL T 478 -4.33 41.16 -121.95
N MET T 479 -4.22 41.38 -120.65
CA MET T 479 -3.18 42.21 -120.09
C MET T 479 -2.61 41.52 -118.87
N THR T 480 -1.36 41.80 -118.58
CA THR T 480 -0.78 41.35 -117.33
C THR T 480 -1.16 42.32 -116.22
N LEU T 481 -1.33 41.78 -115.01
CA LEU T 481 -1.79 42.60 -113.90
C LEU T 481 -0.86 43.77 -113.64
N LEU T 482 0.45 43.59 -113.89
CA LEU T 482 1.38 44.70 -113.72
C LEU T 482 1.12 45.79 -114.75
N GLU T 483 0.83 45.42 -116.01
CA GLU T 483 0.41 46.40 -116.99
C GLU T 483 -0.85 47.13 -116.54
N MET T 484 -1.82 46.39 -116.00
CA MET T 484 -3.04 47.02 -115.54
C MET T 484 -2.78 47.90 -114.32
N TYR T 485 -1.81 47.54 -113.49
CA TYR T 485 -1.41 48.42 -112.40
C TYR T 485 -0.65 49.64 -112.92
N LYS T 486 0.14 49.49 -113.99
CA LYS T 486 0.76 50.64 -114.62
C LYS T 486 -0.28 51.66 -115.05
N ILE T 487 -1.43 51.18 -115.54
CA ILE T 487 -2.54 52.06 -115.84
C ILE T 487 -3.28 52.45 -114.57
N HIS T 488 -3.31 51.57 -113.56
CA HIS T 488 -4.02 51.88 -112.33
C HIS T 488 -3.33 52.98 -111.54
N LEU T 489 -2.01 52.96 -111.51
CA LEU T 489 -1.22 53.84 -110.66
C LEU T 489 -1.07 55.25 -111.25
N ARG T 490 -1.81 55.59 -112.30
CA ARG T 490 -1.74 56.94 -112.84
C ARG T 490 -2.28 57.95 -111.84
N ASP T 491 -3.23 57.53 -111.01
CA ASP T 491 -3.88 58.39 -110.04
C ASP T 491 -3.08 58.54 -108.75
N TYR T 492 -1.99 57.82 -108.61
CA TYR T 492 -1.21 57.83 -107.39
C TYR T 492 0.20 58.35 -107.65
N ASP T 493 0.29 59.36 -108.50
CA ASP T 493 1.52 60.10 -108.67
C ASP T 493 1.89 60.79 -107.36
N ILE T 494 3.19 61.05 -107.19
CA ILE T 494 3.72 61.51 -105.92
C ILE T 494 3.03 62.80 -105.46
N ASP T 495 2.62 63.64 -106.41
CA ASP T 495 2.01 64.91 -106.04
C ASP T 495 0.57 64.73 -105.58
N SER T 496 -0.17 63.79 -106.19
CA SER T 496 -1.52 63.53 -105.73
C SER T 496 -1.51 62.85 -104.37
N VAL T 497 -0.55 61.95 -104.16
CA VAL T 497 -0.45 61.24 -102.89
C VAL T 497 -0.26 62.22 -101.74
N VAL T 498 0.48 63.31 -101.99
CA VAL T 498 0.67 64.32 -100.95
C VAL T 498 -0.62 65.08 -100.69
N SER T 499 -1.43 65.30 -101.73
CA SER T 499 -2.71 65.97 -101.53
C SER T 499 -3.69 65.09 -100.77
N MET T 500 -3.58 63.77 -100.88
CA MET T 500 -4.49 62.88 -100.16
C MET T 500 -3.98 62.60 -98.76
N THR T 501 -2.71 62.23 -98.64
CA THR T 501 -2.14 61.82 -97.36
C THR T 501 -1.57 62.97 -96.54
N ASN T 502 -1.46 64.17 -97.10
CA ASN T 502 -0.74 65.28 -96.48
C ASN T 502 0.52 64.79 -95.75
N SER T 503 1.24 63.89 -96.42
CA SER T 503 2.47 63.35 -95.88
C SER T 503 3.66 64.01 -96.57
N PRO T 504 4.74 64.25 -95.85
CA PRO T 504 5.89 64.93 -96.46
C PRO T 504 6.42 64.16 -97.66
N LYS T 505 6.59 64.89 -98.78
CA LYS T 505 7.06 64.26 -100.00
C LYS T 505 8.48 63.72 -99.84
N ASP T 506 9.31 64.41 -99.06
CA ASP T 506 10.67 63.92 -98.84
C ASP T 506 10.66 62.56 -98.15
N LEU T 507 9.75 62.38 -97.18
CA LEU T 507 9.68 61.13 -96.46
C LEU T 507 9.11 60.00 -97.30
N ILE T 508 8.16 60.31 -98.19
CA ILE T 508 7.59 59.28 -99.06
C ILE T 508 8.65 58.74 -100.02
N GLU T 509 9.40 59.64 -100.66
CA GLU T 509 10.46 59.21 -101.57
C GLU T 509 11.63 58.58 -100.81
N ARG T 510 11.88 59.03 -99.58
CA ARG T 510 12.93 58.41 -98.78
C ARG T 510 12.54 57.00 -98.37
N LEU T 511 11.27 56.80 -98.00
CA LEU T 511 10.81 55.46 -97.63
C LEU T 511 10.77 54.54 -98.83
N ALA T 512 10.37 55.05 -100.00
CA ALA T 512 10.31 54.22 -101.20
C ALA T 512 11.68 53.67 -101.55
N LYS T 513 12.71 54.52 -101.48
CA LYS T 513 14.07 54.07 -101.75
C LYS T 513 14.59 53.13 -100.67
N ASP T 514 14.25 53.41 -99.41
CA ASP T 514 14.70 52.55 -98.31
C ASP T 514 14.18 51.13 -98.48
N ILE T 515 12.91 50.98 -98.87
CA ILE T 515 12.34 49.64 -99.07
C ILE T 515 13.11 48.90 -100.16
N ALA T 516 13.56 49.63 -101.19
CA ALA T 516 14.26 49.01 -102.32
C ALA T 516 15.74 48.77 -102.05
N THR T 517 16.32 49.46 -101.07
CA THR T 517 17.75 49.38 -100.83
C THR T 517 18.15 48.45 -99.69
N ILE T 518 17.26 48.22 -98.73
CA ILE T 518 17.59 47.48 -97.52
C ILE T 518 16.81 46.18 -97.46
N LYS T 519 17.47 45.11 -97.02
CA LYS T 519 16.81 43.89 -96.61
C LYS T 519 17.26 43.59 -95.19
N PRO T 520 16.48 42.80 -94.42
CA PRO T 520 15.06 42.49 -94.63
C PRO T 520 14.14 43.66 -94.29
N VAL T 521 13.08 43.84 -95.08
CA VAL T 521 12.10 44.90 -94.85
C VAL T 521 10.83 44.26 -94.30
N ALA T 522 10.29 44.84 -93.23
CA ALA T 522 9.06 44.36 -92.64
C ALA T 522 8.16 45.55 -92.33
N ILE T 523 6.90 45.44 -92.72
CA ILE T 523 5.88 46.44 -92.42
C ILE T 523 4.97 45.87 -91.35
N HIS T 524 4.82 46.58 -90.25
CA HIS T 524 3.99 46.14 -89.14
C HIS T 524 2.84 47.11 -88.96
N TYR T 525 1.65 46.56 -88.71
CA TYR T 525 0.45 47.37 -88.57
C TYR T 525 -0.47 46.69 -87.58
N GLY T 526 -1.50 47.40 -87.17
CA GLY T 526 -2.45 46.90 -86.20
C GLY T 526 -3.78 47.58 -86.34
N GLU T 527 -4.46 47.76 -85.22
CA GLU T 527 -5.82 48.30 -85.21
C GLU T 527 -5.83 49.81 -85.26
N GLY T 528 -4.68 50.46 -85.35
CA GLY T 528 -4.65 51.86 -85.74
C GLY T 528 -5.14 52.06 -87.15
N VAL T 529 -5.04 51.04 -87.99
CA VAL T 529 -5.60 51.06 -89.34
C VAL T 529 -6.65 49.99 -89.57
N ASN T 530 -6.63 48.89 -88.81
CA ASN T 530 -7.64 47.85 -88.96
C ASN T 530 -8.99 48.28 -88.39
N HIS T 531 -9.04 49.38 -87.64
CA HIS T 531 -10.28 49.92 -87.10
C HIS T 531 -10.85 51.03 -87.96
N TYR T 532 -10.54 51.01 -89.26
CA TYR T 532 -11.19 51.88 -90.23
C TYR T 532 -11.92 51.02 -91.26
N PHE T 533 -12.91 51.63 -91.91
CA PHE T 533 -13.81 50.88 -92.80
C PHE T 533 -13.04 50.15 -93.89
N HIS T 534 -12.11 50.85 -94.55
CA HIS T 534 -11.40 50.30 -95.69
C HIS T 534 -10.07 49.68 -95.31
N ALA T 535 -9.98 49.12 -94.10
CA ALA T 535 -8.79 48.38 -93.69
C ALA T 535 -8.47 47.27 -94.69
N THR T 536 -9.52 46.65 -95.26
CA THR T 536 -9.33 45.60 -96.25
C THR T 536 -8.43 46.06 -97.38
N LEU T 537 -8.70 47.25 -97.91
CA LEU T 537 -7.81 47.81 -98.94
C LEU T 537 -6.46 48.19 -98.34
N MET T 538 -6.46 48.78 -97.15
CA MET T 538 -5.21 49.17 -96.50
C MET T 538 -4.32 47.97 -96.26
N ASN T 539 -4.90 46.84 -95.82
CA ASN T 539 -4.10 45.64 -95.58
C ASN T 539 -3.56 45.06 -96.88
N ARG T 540 -4.39 45.04 -97.93
CA ARG T 540 -3.90 44.59 -99.24
C ARG T 540 -2.76 45.47 -99.74
N SER T 541 -2.84 46.78 -99.51
CA SER T 541 -1.78 47.69 -99.92
C SER T 541 -0.47 47.39 -99.19
N TYR T 542 -0.54 46.85 -97.97
CA TYR T 542 0.65 46.64 -97.16
C TYR T 542 1.52 45.49 -97.65
N TYR T 543 1.09 44.74 -98.66
CA TYR T 543 1.94 43.70 -99.25
C TYR T 543 2.62 44.16 -100.53
N LEU T 544 2.10 45.19 -101.18
CA LEU T 544 2.64 45.61 -102.48
C LEU T 544 4.12 45.98 -102.44
N PRO T 545 4.58 46.87 -101.56
CA PRO T 545 6.02 47.19 -101.56
C PRO T 545 6.88 46.03 -101.12
N VAL T 546 6.32 45.08 -100.38
CA VAL T 546 7.09 43.95 -99.90
C VAL T 546 6.98 42.75 -100.85
N MET T 547 5.84 42.60 -101.55
CA MET T 547 5.75 41.60 -102.62
C MET T 547 6.81 41.83 -103.68
N LEU T 548 6.94 43.06 -104.13
CA LEU T 548 7.86 43.44 -105.23
C LEU T 548 9.33 43.25 -104.87
N THR T 549 9.70 43.48 -103.62
CA THR T 549 11.11 43.40 -103.21
C THR T 549 11.44 42.01 -102.66
N GLY T 550 10.54 41.06 -102.80
CA GLY T 550 10.81 39.72 -102.28
C GLY T 550 11.08 39.74 -100.79
N ASN T 551 10.21 40.36 -100.00
CA ASN T 551 10.43 40.51 -98.54
C ASN T 551 9.42 39.71 -97.74
N VAL T 552 8.77 38.72 -98.34
CA VAL T 552 7.79 37.89 -97.60
C VAL T 552 8.34 36.47 -97.50
N GLY T 553 8.43 35.92 -96.29
CA GLY T 553 8.93 34.55 -96.08
C GLY T 553 10.33 34.42 -95.54
N TYR T 554 11.04 35.53 -95.36
CA TYR T 554 12.41 35.51 -94.86
C TYR T 554 12.46 36.15 -93.48
N PHE T 555 13.35 35.64 -92.64
CA PHE T 555 13.45 36.14 -91.27
C PHE T 555 13.75 37.64 -91.27
N GLY T 556 13.00 38.37 -90.45
CA GLY T 556 13.11 39.81 -90.40
C GLY T 556 12.28 40.52 -91.43
N SER T 557 11.52 39.81 -92.24
CA SER T 557 10.76 40.36 -93.35
C SER T 557 9.26 40.13 -93.11
N GLY T 558 8.46 40.52 -94.09
CA GLY T 558 7.05 40.25 -94.11
C GLY T 558 6.23 41.50 -93.84
N SER T 559 4.92 41.35 -93.99
CA SER T 559 3.96 42.37 -93.58
C SER T 559 2.98 41.72 -92.62
N HIS T 560 2.93 42.22 -91.40
CA HIS T 560 2.28 41.51 -90.30
C HIS T 560 1.33 42.45 -89.56
N THR T 561 0.23 41.88 -89.08
CA THR T 561 -0.69 42.61 -88.23
C THR T 561 -0.54 42.13 -86.78
N TRP T 562 -0.84 43.03 -85.84
CA TRP T 562 -0.72 42.75 -84.42
C TRP T 562 -2.01 43.15 -83.72
N ALA T 563 -2.41 42.29 -82.77
CA ALA T 563 -3.72 42.30 -82.12
C ALA T 563 -3.67 41.61 -80.78
N GLY T 564 -4.83 41.16 -80.30
CA GLY T 564 -4.92 40.31 -79.13
C GLY T 564 -4.54 38.87 -79.44
N ASN T 565 -4.82 38.00 -78.46
CA ASN T 565 -4.47 36.57 -78.51
C ASN T 565 -5.65 35.84 -79.16
N TYR T 566 -5.50 35.53 -80.44
CA TYR T 566 -6.54 34.95 -81.27
C TYR T 566 -6.23 33.53 -81.70
N LYS T 567 -4.98 33.10 -81.58
CA LYS T 567 -4.46 31.98 -82.37
C LYS T 567 -4.96 30.65 -81.78
N ALA T 568 -6.26 30.43 -81.96
CA ALA T 568 -6.82 29.11 -81.68
C ALA T 568 -6.36 28.07 -82.70
N GLY T 569 -5.79 28.51 -83.81
CA GLY T 569 -5.21 27.63 -84.80
C GLY T 569 -3.89 27.02 -84.42
N ASN T 570 -3.35 27.32 -83.23
CA ASN T 570 -2.19 26.61 -82.74
C ASN T 570 -2.51 25.14 -82.52
N PHE T 571 -3.74 24.84 -82.13
CA PHE T 571 -4.23 23.47 -82.05
C PHE T 571 -4.67 23.05 -83.47
N GLN T 572 -3.67 22.95 -84.34
CA GLN T 572 -3.89 22.83 -85.77
C GLN T 572 -4.23 21.39 -86.14
N ALA T 573 -5.32 21.22 -86.87
CA ALA T 573 -5.78 19.90 -87.31
C ALA T 573 -5.11 19.53 -88.62
N SER T 574 -4.78 18.25 -88.77
CA SER T 574 -4.18 17.74 -89.97
C SER T 574 -4.38 16.22 -90.01
N LYS T 575 -3.92 15.59 -91.10
CA LYS T 575 -4.05 14.16 -91.24
C LYS T 575 -3.20 13.42 -90.21
N TRP T 576 -1.92 13.77 -90.12
CA TRP T 576 -1.04 13.10 -89.17
C TRP T 576 -1.37 13.47 -87.73
N SER T 577 -1.97 14.63 -87.50
CA SER T 577 -2.16 15.12 -86.13
C SER T 577 -3.45 14.58 -85.50
N GLY T 578 -4.59 14.91 -86.10
CA GLY T 578 -5.86 14.58 -85.52
C GLY T 578 -6.80 15.77 -85.63
N PRO T 579 -7.83 15.80 -84.79
CA PRO T 579 -8.82 16.89 -84.89
C PRO T 579 -8.30 18.22 -84.37
N GLY T 580 -7.28 18.22 -83.51
CA GLY T 580 -6.76 19.47 -82.99
C GLY T 580 -7.78 20.18 -82.13
N PHE T 581 -8.01 21.46 -82.43
CA PHE T 581 -8.94 22.25 -81.63
C PHE T 581 -10.36 21.72 -81.71
N TYR T 582 -10.71 21.05 -82.80
CA TYR T 582 -12.05 20.48 -82.93
C TYR T 582 -12.32 19.42 -81.89
N GLY T 583 -11.28 18.76 -81.38
CA GLY T 583 -11.48 17.73 -80.37
C GLY T 583 -12.16 18.26 -79.12
N TRP T 584 -11.85 19.49 -78.72
CA TRP T 584 -12.44 20.07 -77.53
C TRP T 584 -13.79 20.70 -77.80
N VAL T 585 -13.93 21.44 -78.90
CA VAL T 585 -15.14 22.21 -79.14
C VAL T 585 -16.13 21.53 -80.09
N ALA T 586 -15.68 20.60 -80.93
CA ALA T 586 -16.54 19.98 -81.92
C ALA T 586 -16.61 18.47 -81.74
N GLU T 587 -16.47 17.99 -80.50
CA GLU T 587 -16.67 16.59 -80.20
C GLU T 587 -18.15 16.23 -80.32
N ASP T 588 -18.43 15.01 -80.79
CA ASP T 588 -19.81 14.59 -80.97
C ASP T 588 -20.54 14.59 -79.63
N VAL T 589 -21.55 15.45 -79.53
CA VAL T 589 -22.29 15.58 -78.27
C VAL T 589 -23.01 14.27 -77.95
N PHE T 590 -23.58 13.62 -78.95
CA PHE T 590 -24.33 12.40 -78.73
C PHE T 590 -23.46 11.14 -78.72
N LYS T 591 -22.19 11.26 -79.12
CA LYS T 591 -21.25 10.15 -79.06
C LYS T 591 -19.96 10.62 -78.39
N PRO T 592 -20.02 11.02 -77.13
CA PRO T 592 -18.81 11.50 -76.46
C PRO T 592 -17.93 10.34 -76.03
N ASN T 593 -16.62 10.57 -76.10
CA ASN T 593 -15.64 9.56 -75.68
C ASN T 593 -15.33 9.79 -74.22
N LEU T 594 -15.57 8.77 -73.40
CA LEU T 594 -15.38 8.86 -71.95
C LEU T 594 -14.21 8.00 -71.48
N ASP T 595 -13.27 7.68 -72.38
CA ASP T 595 -12.08 6.93 -72.03
C ASP T 595 -10.97 7.89 -71.64
N PRO T 596 -10.43 7.80 -70.42
CA PRO T 596 -9.35 8.71 -70.04
C PRO T 596 -8.12 8.63 -70.93
N TYR T 597 -7.80 7.45 -71.46
CA TYR T 597 -6.60 7.26 -72.27
C TYR T 597 -6.90 7.32 -73.76
N ALA T 598 -7.86 8.14 -74.17
CA ALA T 598 -8.32 8.18 -75.55
C ALA T 598 -7.42 9.11 -76.36
N SER T 599 -6.77 8.56 -77.37
CA SER T 599 -6.04 9.39 -78.32
C SER T 599 -7.02 10.33 -79.04
N ALA T 600 -6.52 11.51 -79.39
CA ALA T 600 -7.37 12.52 -80.03
C ALA T 600 -7.94 12.04 -81.36
N LYS T 601 -7.33 11.02 -81.97
CA LYS T 601 -7.87 10.47 -83.21
C LYS T 601 -8.99 9.49 -82.96
N ASP T 602 -9.16 9.05 -81.71
CA ASP T 602 -10.29 8.19 -81.32
C ASP T 602 -11.54 9.00 -81.00
N LEU T 603 -11.52 10.32 -81.20
CA LEU T 603 -12.65 11.17 -80.89
C LEU T 603 -13.58 11.31 -82.09
N ASN T 604 -14.88 11.32 -81.83
CA ASN T 604 -15.91 11.49 -82.85
C ASN T 604 -16.19 12.98 -83.02
N ILE T 605 -15.87 13.51 -84.20
CA ILE T 605 -15.96 14.94 -84.46
C ILE T 605 -17.27 15.21 -85.20
N LYS T 606 -18.20 15.88 -84.52
CA LYS T 606 -19.42 16.39 -85.17
C LYS T 606 -19.89 17.57 -84.32
N GLY T 607 -19.68 18.79 -84.85
CA GLY T 607 -20.08 19.99 -84.16
C GLY T 607 -21.48 20.39 -84.61
N ARG T 608 -22.30 20.77 -83.63
CA ARG T 608 -23.69 21.16 -83.86
C ARG T 608 -23.93 22.59 -83.42
N ALA T 609 -22.85 23.37 -83.29
CA ALA T 609 -22.92 24.78 -82.96
C ALA T 609 -22.49 25.58 -84.18
N LEU T 610 -23.36 26.46 -84.65
CA LEU T 610 -23.10 27.27 -85.84
C LEU T 610 -22.41 28.57 -85.43
N ASP T 611 -21.19 28.77 -85.93
CA ASP T 611 -20.44 29.98 -85.59
C ASP T 611 -21.16 31.22 -86.07
N GLU T 612 -21.00 32.32 -85.33
CA GLU T 612 -21.62 33.59 -85.68
C GLU T 612 -20.68 34.74 -85.33
N GLU T 613 -20.82 35.84 -86.05
CA GLU T 613 -20.08 37.06 -85.78
C GLU T 613 -20.89 37.95 -84.84
N VAL T 614 -20.23 38.48 -83.80
CA VAL T 614 -20.93 39.30 -82.81
C VAL T 614 -21.39 40.62 -83.41
N ALA T 615 -20.68 41.12 -84.43
CA ALA T 615 -20.94 42.47 -84.93
C ALA T 615 -22.37 42.65 -85.40
N TYR T 616 -23.04 41.57 -85.82
CA TYR T 616 -24.44 41.68 -86.21
C TYR T 616 -25.30 42.11 -85.04
N TRP T 617 -25.03 41.57 -83.84
CA TRP T 617 -25.68 42.09 -82.64
C TRP T 617 -25.39 43.58 -82.46
N ASN T 618 -24.11 43.97 -82.60
CA ASN T 618 -23.73 45.37 -82.49
C ASN T 618 -24.38 46.22 -83.58
N HIS T 619 -24.81 45.61 -84.68
CA HIS T 619 -25.50 46.30 -85.76
C HIS T 619 -27.00 46.41 -85.50
N SER T 620 -27.42 46.32 -84.24
CA SER T 620 -28.84 46.31 -83.87
C SER T 620 -29.55 45.08 -84.42
N GLU T 621 -28.86 43.93 -84.38
CA GLU T 621 -29.42 42.63 -84.77
C GLU T 621 -29.92 42.64 -86.21
N ARG T 622 -29.15 43.28 -87.10
CA ARG T 622 -29.52 43.33 -88.51
C ARG T 622 -28.34 43.02 -89.40
N PRO T 623 -28.55 42.29 -90.49
CA PRO T 623 -27.53 42.16 -91.54
C PRO T 623 -27.52 43.44 -92.37
N LEU T 624 -26.59 43.48 -93.33
CA LEU T 624 -26.51 44.62 -94.25
C LEU T 624 -27.60 44.46 -95.31
N ILE T 625 -28.75 45.09 -95.06
CA ILE T 625 -29.86 45.08 -96.01
C ILE T 625 -30.19 46.54 -96.32
N VAL T 626 -30.17 46.88 -97.60
CA VAL T 626 -30.40 48.24 -98.07
C VAL T 626 -31.51 48.23 -99.09
N ASN T 627 -32.40 49.22 -99.03
CA ASN T 627 -33.47 49.38 -100.01
C ASN T 627 -32.94 50.30 -101.10
N THR T 628 -32.15 49.71 -101.99
CA THR T 628 -31.57 50.49 -103.08
C THR T 628 -32.66 50.90 -104.06
N PRO T 629 -32.63 52.13 -104.57
CA PRO T 629 -33.61 52.54 -105.59
C PRO T 629 -33.39 51.88 -106.93
N LYS T 630 -32.21 51.33 -107.21
CA LYS T 630 -31.99 50.65 -108.48
C LYS T 630 -32.48 49.21 -108.49
N TYR T 631 -32.21 48.43 -107.43
CA TYR T 631 -32.63 47.03 -107.37
C TYR T 631 -33.37 46.73 -106.07
N GLY T 632 -34.36 47.56 -105.74
CA GLY T 632 -35.13 47.40 -104.51
C GLY T 632 -34.35 46.95 -103.29
N ARG T 633 -34.94 46.03 -102.53
CA ARG T 633 -34.31 45.48 -101.33
C ARG T 633 -33.14 44.57 -101.70
N LYS T 634 -31.93 44.97 -101.34
CA LYS T 634 -30.72 44.22 -101.62
C LYS T 634 -30.08 43.72 -100.33
N VAL T 635 -29.66 42.46 -100.33
CA VAL T 635 -28.96 41.85 -99.20
C VAL T 635 -27.49 41.70 -99.60
N PHE T 636 -26.61 42.35 -98.84
CA PHE T 636 -25.18 42.25 -99.09
C PHE T 636 -24.49 41.23 -98.19
N THR T 637 -25.20 40.69 -97.20
CA THR T 637 -24.62 39.70 -96.32
C THR T 637 -24.69 38.33 -96.96
N GLY T 638 -23.54 37.65 -97.02
CA GLY T 638 -23.52 36.32 -97.59
C GLY T 638 -24.29 35.34 -96.72
N LYS T 639 -24.76 34.27 -97.36
CA LYS T 639 -25.55 33.27 -96.65
C LYS T 639 -24.73 32.62 -95.54
N THR T 640 -23.44 32.41 -95.77
CA THR T 640 -22.59 31.80 -94.77
C THR T 640 -22.46 32.68 -93.53
N HIS T 641 -22.57 34.00 -93.69
CA HIS T 641 -22.40 34.93 -92.57
C HIS T 641 -23.70 35.26 -91.88
N MET T 642 -24.80 34.59 -92.23
CA MET T 642 -26.11 35.06 -91.79
C MET T 642 -26.26 34.83 -90.29
N PRO T 643 -26.63 35.86 -89.52
CA PRO T 643 -26.85 35.66 -88.08
C PRO T 643 -28.27 35.21 -87.77
N SER T 644 -28.54 34.99 -86.50
CA SER T 644 -29.85 34.59 -86.01
C SER T 644 -30.22 35.50 -84.84
N PRO T 645 -31.51 35.61 -84.52
CA PRO T 645 -31.91 36.47 -83.39
C PRO T 645 -31.26 36.02 -82.10
N THR T 646 -30.87 37.00 -81.29
CA THR T 646 -30.26 36.75 -79.99
C THR T 646 -31.32 36.92 -78.92
N LYS T 647 -31.60 35.86 -78.19
CA LYS T 647 -32.56 35.86 -77.09
C LYS T 647 -31.97 35.43 -75.76
N VAL T 648 -30.93 34.58 -75.78
CA VAL T 648 -30.19 34.22 -74.59
C VAL T 648 -28.71 34.42 -74.88
N LEU T 649 -27.97 34.89 -73.88
CA LEU T 649 -26.57 35.23 -74.06
C LEU T 649 -25.82 34.95 -72.77
N TRP T 650 -24.66 34.32 -72.90
CA TRP T 650 -23.77 34.09 -71.77
C TRP T 650 -22.35 34.13 -72.27
N PHE T 651 -21.50 34.88 -71.57
CA PHE T 651 -20.14 35.15 -72.05
C PHE T 651 -19.13 35.16 -70.92
N THR T 652 -17.97 34.53 -71.12
CA THR T 652 -16.96 34.43 -70.08
C THR T 652 -15.62 35.06 -70.52
N ASN T 653 -14.89 35.63 -69.58
CA ASN T 653 -13.56 36.25 -69.79
C ASN T 653 -13.61 37.30 -70.87
N VAL T 654 -14.64 38.12 -70.85
CA VAL T 654 -14.85 39.20 -71.81
C VAL T 654 -15.93 40.09 -71.21
N ASN T 655 -15.73 41.40 -71.21
CA ASN T 655 -16.67 42.42 -70.68
C ASN T 655 -17.45 42.92 -71.89
N LEU T 656 -18.21 42.04 -72.47
CA LEU T 656 -18.86 42.23 -73.77
C LEU T 656 -19.67 43.51 -73.81
N ILE T 657 -20.56 43.69 -72.85
CA ILE T 657 -21.47 44.82 -72.93
C ILE T 657 -20.72 46.13 -72.66
N ASN T 658 -19.84 46.14 -71.65
CA ASN T 658 -19.07 47.34 -71.34
C ASN T 658 -18.21 47.78 -72.52
N ASN T 659 -17.55 46.84 -73.18
CA ASN T 659 -16.64 47.15 -74.28
C ASN T 659 -17.33 47.17 -75.63
N ALA T 660 -18.66 47.16 -75.69
CA ALA T 660 -19.35 47.19 -77.01
C ALA T 660 -19.18 48.54 -77.68
N LYS T 661 -19.07 48.56 -79.01
CA LYS T 661 -18.81 49.75 -79.85
C LYS T 661 -19.94 50.78 -79.87
N HIS T 662 -21.17 50.41 -79.64
CA HIS T 662 -22.31 51.37 -79.59
C HIS T 662 -23.08 50.98 -78.33
N VAL T 663 -22.43 51.11 -77.19
CA VAL T 663 -22.90 50.54 -75.93
C VAL T 663 -24.24 51.13 -75.51
N TYR T 664 -24.42 52.45 -75.64
CA TYR T 664 -25.65 53.06 -75.17
C TYR T 664 -26.81 52.76 -76.11
N GLN T 665 -26.52 52.56 -77.40
CA GLN T 665 -27.52 51.99 -78.30
C GLN T 665 -27.86 50.56 -77.90
N MET T 666 -26.85 49.78 -77.51
CA MET T 666 -27.06 48.38 -77.13
C MET T 666 -27.93 48.27 -75.88
N LEU T 667 -27.68 49.12 -74.88
CA LEU T 667 -28.42 49.04 -73.63
C LEU T 667 -29.84 49.56 -73.77
N LYS T 668 -30.06 50.56 -74.62
CA LYS T 668 -31.35 51.23 -74.71
C LYS T 668 -32.32 50.55 -75.65
N ASN T 669 -31.85 50.10 -76.82
CA ASN T 669 -32.76 49.66 -77.87
C ASN T 669 -32.56 48.21 -78.33
N VAL T 670 -31.45 47.57 -77.98
CA VAL T 670 -31.14 46.21 -78.45
C VAL T 670 -31.35 45.18 -77.33
N ASN T 671 -30.66 45.36 -76.20
CA ASN T 671 -30.63 44.37 -75.13
C ASN T 671 -31.96 44.14 -74.41
N PRO T 672 -32.86 45.15 -74.30
CA PRO T 672 -34.18 44.88 -73.71
C PRO T 672 -34.93 43.73 -74.37
N ASN T 673 -34.61 43.43 -75.63
CA ASN T 673 -35.23 42.30 -76.32
C ASN T 673 -34.50 40.98 -76.12
N ILE T 674 -33.29 40.99 -75.56
CA ILE T 674 -32.56 39.77 -75.21
C ILE T 674 -33.07 39.28 -73.87
N GLU T 675 -33.58 38.05 -73.83
CA GLU T 675 -34.35 37.61 -72.67
C GLU T 675 -33.47 37.07 -71.54
N GLN T 676 -32.21 36.77 -71.83
CA GLN T 676 -31.28 36.33 -70.80
C GLN T 676 -29.87 36.81 -71.15
N ILE T 677 -29.27 37.57 -70.25
CA ILE T 677 -27.89 38.01 -70.40
C ILE T 677 -27.14 37.55 -69.16
N MET T 678 -26.01 36.86 -69.37
CA MET T 678 -25.26 36.22 -68.31
C MET T 678 -23.79 36.48 -68.52
N SER T 679 -23.05 36.65 -67.43
CA SER T 679 -21.62 36.92 -67.49
C SER T 679 -20.90 36.15 -66.41
N THR T 680 -19.85 35.43 -66.81
CA THR T 680 -18.87 34.87 -65.89
C THR T 680 -17.68 35.82 -65.86
N ASP T 681 -17.25 36.21 -64.66
CA ASP T 681 -16.20 37.20 -64.50
C ASP T 681 -15.65 37.09 -63.08
N ILE T 682 -14.64 37.92 -62.80
CA ILE T 682 -14.03 37.97 -61.48
C ILE T 682 -14.29 39.27 -60.75
N GLU T 683 -14.78 40.31 -61.44
CA GLU T 683 -15.09 41.59 -60.83
C GLU T 683 -16.44 42.08 -61.32
N ILE T 684 -16.99 43.05 -60.60
CA ILE T 684 -18.20 43.72 -61.04
C ILE T 684 -17.80 44.69 -62.14
N THR T 685 -18.32 44.48 -63.34
CA THR T 685 -17.73 45.03 -64.56
C THR T 685 -18.49 46.20 -65.16
N GLY T 686 -19.82 46.18 -65.10
CA GLY T 686 -20.67 47.13 -65.78
C GLY T 686 -21.49 46.49 -66.89
N SER T 687 -20.96 45.43 -67.50
CA SER T 687 -21.82 44.53 -68.25
C SER T 687 -22.71 43.75 -67.31
N ILE T 688 -22.20 43.46 -66.11
CA ILE T 688 -23.01 42.83 -65.07
C ILE T 688 -24.03 43.83 -64.54
N GLU T 689 -23.70 45.12 -64.55
CA GLU T 689 -24.66 46.13 -64.13
C GLU T 689 -25.88 46.15 -65.02
N TYR T 690 -25.72 45.73 -66.28
CA TYR T 690 -26.81 45.62 -67.24
C TYR T 690 -27.04 44.17 -67.69
N ALA T 691 -26.74 43.22 -66.82
CA ALA T 691 -26.93 41.79 -67.11
C ALA T 691 -27.97 41.21 -66.16
N ASP T 692 -28.30 39.94 -66.38
CA ASP T 692 -29.27 39.26 -65.53
C ASP T 692 -28.63 38.28 -64.56
N PHE T 693 -27.49 37.69 -64.92
CA PHE T 693 -26.77 36.76 -64.06
C PHE T 693 -25.30 37.14 -64.02
N ALA T 694 -24.65 36.77 -62.91
CA ALA T 694 -23.21 36.97 -62.74
C ALA T 694 -22.66 35.77 -62.01
N PHE T 695 -21.58 35.21 -62.54
CA PHE T 695 -20.96 34.02 -61.95
C PHE T 695 -19.52 34.31 -61.57
N PRO T 696 -19.19 34.35 -60.28
CA PRO T 696 -17.81 34.66 -59.87
C PRO T 696 -16.90 33.49 -60.19
N ALA T 697 -15.91 33.75 -61.04
CA ALA T 697 -14.92 32.75 -61.41
C ALA T 697 -13.62 33.00 -60.66
N ASN T 698 -12.78 31.97 -60.64
CA ASN T 698 -11.47 32.09 -60.02
C ASN T 698 -10.52 32.82 -60.97
N SER T 699 -9.78 33.78 -60.45
CA SER T 699 -8.77 34.47 -61.23
C SER T 699 -7.56 33.54 -61.44
N TRP T 700 -6.54 34.05 -62.15
CA TRP T 700 -5.42 33.22 -62.52
C TRP T 700 -4.61 32.73 -61.31
N VAL T 701 -4.71 33.41 -60.17
CA VAL T 701 -3.96 32.99 -58.99
C VAL T 701 -4.77 32.13 -58.04
N GLU T 702 -6.07 31.95 -58.27
CA GLU T 702 -6.89 31.07 -57.44
C GLU T 702 -7.48 29.92 -58.25
N PHE T 703 -6.71 29.40 -59.20
CA PHE T 703 -7.19 28.33 -60.05
C PHE T 703 -7.08 27.00 -59.32
N GLN T 704 -8.22 26.37 -59.04
CA GLN T 704 -8.24 25.02 -58.47
C GLN T 704 -8.19 23.93 -59.53
N GLU T 705 -7.78 24.25 -60.76
CA GLU T 705 -7.66 23.26 -61.82
C GLU T 705 -6.69 23.79 -62.86
N PHE T 706 -6.07 22.87 -63.60
CA PHE T 706 -5.06 23.25 -64.57
C PHE T 706 -5.69 23.89 -65.81
N GLU T 707 -4.92 24.75 -66.46
CA GLU T 707 -5.38 25.45 -67.66
C GLU T 707 -4.23 25.59 -68.64
N ILE T 708 -4.57 25.58 -69.93
CA ILE T 708 -3.59 25.60 -71.01
C ILE T 708 -3.73 26.90 -71.78
N THR T 709 -2.60 27.51 -72.15
CA THR T 709 -2.60 28.68 -73.00
C THR T 709 -1.30 28.75 -73.78
N ASN T 710 -1.35 29.42 -74.92
CA ASN T 710 -0.18 29.75 -75.73
C ASN T 710 -0.44 31.12 -76.35
N SER T 711 0.47 31.59 -77.18
CA SER T 711 0.32 32.91 -77.78
C SER T 711 0.70 32.91 -79.24
N CYS T 712 0.34 34.01 -79.91
CA CYS T 712 0.67 34.26 -81.30
C CYS T 712 1.87 35.19 -81.47
N SER T 713 2.40 35.72 -80.37
CA SER T 713 3.59 36.56 -80.40
C SER T 713 4.81 35.85 -79.84
N ASN T 714 4.65 34.63 -79.34
CA ASN T 714 5.76 33.85 -78.80
C ASN T 714 5.44 32.38 -78.97
N PRO T 715 6.45 31.51 -78.96
CA PRO T 715 6.19 30.07 -79.14
C PRO T 715 5.93 29.34 -77.83
N PHE T 716 5.61 30.08 -76.76
CA PHE T 716 5.60 29.51 -75.42
C PHE T 716 4.26 28.86 -75.10
N ILE T 717 4.34 27.70 -74.43
CA ILE T 717 3.18 26.97 -73.92
C ILE T 717 3.17 27.15 -72.41
N GLN T 718 2.00 27.51 -71.85
CA GLN T 718 1.88 27.74 -70.41
C GLN T 718 0.71 26.95 -69.83
N ILE T 719 1.01 26.11 -68.83
CA ILE T 719 0.01 25.38 -68.06
C ILE T 719 0.23 25.69 -66.60
N TRP T 720 -0.84 26.15 -65.92
CA TRP T 720 -0.73 26.50 -64.50
C TRP T 720 -2.08 26.24 -63.82
N GLY T 721 -2.01 25.88 -62.55
CA GLY T 721 -3.18 25.71 -61.71
C GLY T 721 -2.86 24.98 -60.41
N LYS T 722 -3.75 25.17 -59.42
CA LYS T 722 -3.74 24.59 -58.08
C LYS T 722 -2.55 25.00 -57.22
N THR T 723 -1.71 25.93 -57.68
CA THR T 723 -0.51 26.33 -56.95
C THR T 723 -0.65 27.70 -56.29
N GLY T 724 -1.78 28.38 -56.47
CA GLY T 724 -1.87 29.72 -55.95
C GLY T 724 -2.49 29.79 -54.57
N ILE T 725 -3.37 30.76 -54.39
CA ILE T 725 -4.05 30.95 -53.13
C ILE T 725 -5.43 30.35 -53.23
N THR T 726 -6.04 30.09 -52.08
CA THR T 726 -7.41 29.61 -52.06
C THR T 726 -8.34 30.73 -52.49
N PRO T 727 -9.47 30.41 -53.12
CA PRO T 727 -10.38 31.45 -53.58
C PRO T 727 -10.77 32.42 -52.47
N VAL T 728 -10.61 33.71 -52.75
CA VAL T 728 -10.87 34.74 -51.75
C VAL T 728 -12.37 34.78 -51.41
N TYR T 729 -13.22 34.59 -52.41
CA TYR T 729 -14.66 34.59 -52.16
C TYR T 729 -15.30 33.33 -52.73
N GLU T 730 -16.63 33.29 -52.78
CA GLU T 730 -17.36 32.10 -53.24
C GLU T 730 -17.28 32.01 -54.76
N SER T 731 -16.10 31.62 -55.23
CA SER T 731 -15.81 31.52 -56.66
C SER T 731 -15.50 30.08 -57.03
N LYS T 732 -15.73 29.76 -58.30
CA LYS T 732 -15.48 28.44 -58.84
C LYS T 732 -14.62 28.56 -60.10
N ASP T 733 -14.07 27.42 -60.52
CA ASP T 733 -13.31 27.37 -61.76
C ASP T 733 -14.23 27.50 -62.96
N ASP T 734 -13.71 28.11 -64.02
CA ASP T 734 -14.52 28.38 -65.21
C ASP T 734 -15.06 27.10 -65.82
N VAL T 735 -14.24 26.05 -65.88
CA VAL T 735 -14.71 24.79 -66.45
C VAL T 735 -15.81 24.18 -65.58
N LYS T 736 -15.73 24.35 -64.25
CA LYS T 736 -16.74 23.80 -63.37
C LYS T 736 -18.03 24.61 -63.40
N ILE T 737 -17.94 25.91 -63.65
CA ILE T 737 -19.16 26.71 -63.84
C ILE T 737 -19.90 26.25 -65.09
N LEU T 738 -19.16 25.97 -66.16
CA LEU T 738 -19.78 25.40 -67.36
C LEU T 738 -20.38 24.03 -67.10
N ALA T 739 -19.64 23.19 -66.38
CA ALA T 739 -20.13 21.85 -66.07
C ALA T 739 -21.34 21.89 -65.16
N GLY T 740 -21.32 22.75 -64.14
CA GLY T 740 -22.46 22.86 -63.25
C GLY T 740 -23.73 23.32 -63.97
N MET T 741 -23.57 24.21 -64.95
CA MET T 741 -24.72 24.64 -65.74
C MET T 741 -25.24 23.50 -66.60
N ALA T 742 -24.35 22.70 -67.17
CA ALA T 742 -24.78 21.57 -68.00
C ALA T 742 -25.46 20.50 -67.16
N SER T 743 -24.92 20.25 -65.96
CA SER T 743 -25.50 19.21 -65.10
C SER T 743 -26.91 19.57 -64.67
N LYS T 744 -27.14 20.85 -64.35
CA LYS T 744 -28.48 21.27 -63.93
C LYS T 744 -29.47 21.20 -65.08
N LEU T 745 -29.02 21.50 -66.31
CA LEU T 745 -29.87 21.29 -67.47
C LEU T 745 -30.22 19.83 -67.65
N GLY T 746 -29.24 18.94 -67.41
CA GLY T 746 -29.53 17.51 -67.47
C GLY T 746 -30.40 17.05 -66.32
N GLU T 747 -30.22 17.65 -65.15
CA GLU T 747 -31.07 17.32 -64.01
C GLU T 747 -32.50 17.78 -64.26
N LEU T 748 -32.67 18.95 -64.87
CA LEU T 748 -34.00 19.46 -65.16
C LEU T 748 -34.65 18.72 -66.32
N LEU T 749 -33.87 18.24 -67.27
CA LEU T 749 -34.40 17.54 -68.43
C LEU T 749 -34.38 16.02 -68.23
N ARG T 750 -33.96 15.56 -67.05
CA ARG T 750 -33.86 14.14 -66.74
C ARG T 750 -33.10 13.41 -67.85
N ASP T 751 -32.00 14.01 -68.26
CA ASP T 751 -31.17 13.52 -69.35
C ASP T 751 -29.73 13.44 -68.87
N LYS T 752 -29.10 12.31 -69.10
CA LYS T 752 -27.69 12.13 -68.79
C LYS T 752 -26.94 12.60 -70.04
N ARG T 753 -25.69 12.20 -70.20
CA ARG T 753 -24.86 12.54 -71.35
C ARG T 753 -24.56 14.04 -71.35
N PHE T 754 -25.26 14.78 -70.49
CA PHE T 754 -24.80 16.11 -70.11
C PHE T 754 -23.56 15.97 -69.25
N GLU T 755 -23.61 15.09 -68.26
CA GLU T 755 -22.41 14.81 -67.48
C GLU T 755 -21.38 14.08 -68.33
N ASP T 756 -21.82 13.32 -69.34
CA ASP T 756 -20.85 12.62 -70.18
C ASP T 756 -20.00 13.62 -70.94
N ASN T 757 -20.62 14.68 -71.43
CA ASN T 757 -19.87 15.69 -72.18
C ASN T 757 -18.92 16.47 -71.29
N TRP T 758 -19.20 16.54 -70.00
CA TRP T 758 -18.34 17.22 -69.04
C TRP T 758 -17.79 16.26 -67.98
N LYS T 759 -17.64 15.00 -68.36
CA LYS T 759 -17.28 13.95 -67.39
C LYS T 759 -15.96 14.25 -66.70
N PHE T 760 -14.92 14.51 -67.47
CA PHE T 760 -13.62 14.76 -66.87
C PHE T 760 -13.51 16.14 -66.22
N ALA T 761 -14.36 17.08 -66.64
CA ALA T 761 -14.40 18.38 -65.99
C ALA T 761 -14.99 18.29 -64.59
N ILE T 762 -16.11 17.58 -64.44
CA ILE T 762 -16.77 17.47 -63.14
C ILE T 762 -15.90 16.72 -62.15
N GLU T 763 -15.29 15.62 -62.59
CA GLU T 763 -14.50 14.76 -61.71
C GLU T 763 -13.18 15.38 -61.29
N GLY T 764 -12.84 16.56 -61.78
CA GLY T 764 -11.60 17.20 -61.40
C GLY T 764 -10.40 16.83 -62.24
N ARG T 765 -10.60 16.32 -63.46
CA ARG T 765 -9.49 15.94 -64.35
C ARG T 765 -9.65 16.66 -65.69
N ALA T 766 -9.20 17.91 -65.75
CA ALA T 766 -9.17 18.63 -67.01
C ALA T 766 -7.91 18.32 -67.81
N SER T 767 -6.91 17.72 -67.18
CA SER T 767 -5.72 17.25 -67.91
C SER T 767 -6.09 16.29 -69.02
N VAL T 768 -7.20 15.56 -68.87
CA VAL T 768 -7.67 14.66 -69.93
C VAL T 768 -7.93 15.45 -71.20
N TYR T 769 -8.74 16.51 -71.10
CA TYR T 769 -9.04 17.32 -72.28
C TYR T 769 -7.80 18.03 -72.80
N ILE T 770 -6.93 18.49 -71.90
CA ILE T 770 -5.71 19.18 -72.32
C ILE T 770 -4.81 18.23 -73.11
N ASN T 771 -4.65 16.99 -72.64
CA ASN T 771 -3.82 16.03 -73.36
C ASN T 771 -4.42 15.70 -74.72
N ARG T 772 -5.75 15.55 -74.79
CA ARG T 772 -6.42 15.29 -76.05
C ARG T 772 -6.35 16.50 -76.98
N LEU T 773 -6.04 17.68 -76.45
CA LEU T 773 -5.77 18.85 -77.27
C LEU T 773 -4.31 18.93 -77.66
N LEU T 774 -3.40 18.61 -76.75
CA LEU T 774 -1.98 18.60 -77.08
C LEU T 774 -1.68 17.60 -78.19
N ASP T 775 -1.88 16.30 -77.91
CA ASP T 775 -1.82 15.32 -78.99
C ASP T 775 -3.00 15.52 -79.91
N GLY T 776 -2.75 15.49 -81.22
CA GLY T 776 -3.74 15.83 -82.22
C GLY T 776 -3.57 17.21 -82.81
N SER T 777 -2.50 17.91 -82.43
CA SER T 777 -2.18 19.23 -82.95
C SER T 777 -0.77 19.19 -83.53
N THR T 778 -0.60 19.81 -84.70
CA THR T 778 0.70 19.78 -85.38
C THR T 778 1.79 20.38 -84.51
N THR T 779 1.45 21.39 -83.71
CA THR T 779 2.43 22.07 -82.88
C THR T 779 2.59 21.46 -81.49
N MET T 780 1.75 20.49 -81.12
CA MET T 780 1.73 20.00 -79.75
C MET T 780 1.66 18.49 -79.60
N LYS T 781 1.60 17.72 -80.68
CA LYS T 781 1.65 16.27 -80.55
C LYS T 781 2.99 15.85 -79.97
N GLY T 782 2.95 15.02 -78.93
CA GLY T 782 4.12 14.63 -78.18
C GLY T 782 4.17 15.18 -76.77
N TYR T 783 3.52 16.31 -76.52
CA TYR T 783 3.44 16.88 -75.18
C TYR T 783 2.24 16.30 -74.44
N THR T 784 2.43 16.05 -73.14
CA THR T 784 1.34 15.71 -72.25
C THR T 784 1.29 16.74 -71.15
N CYS T 785 0.07 17.07 -70.69
CA CYS T 785 -0.10 18.12 -69.69
C CYS T 785 0.74 17.83 -68.45
N GLU T 786 0.79 16.57 -68.02
CA GLU T 786 1.62 16.22 -66.87
C GLU T 786 3.09 16.50 -67.17
N ASP T 787 3.58 16.03 -68.33
CA ASP T 787 5.01 16.14 -68.63
C ASP T 787 5.46 17.59 -68.63
N ILE T 788 4.64 18.47 -69.22
CA ILE T 788 4.97 19.89 -69.22
C ILE T 788 4.97 20.44 -67.79
N LEU T 789 3.97 20.05 -67.00
CA LEU T 789 3.85 20.55 -65.64
C LEU T 789 4.97 20.07 -64.72
N ASN T 790 5.61 18.94 -65.03
CA ASN T 790 6.61 18.40 -64.13
C ASN T 790 8.01 18.91 -64.45
N GLY T 791 8.14 19.76 -65.46
CA GLY T 791 9.42 20.36 -65.78
C GLY T 791 10.26 19.61 -66.78
N LYS T 792 9.66 18.71 -67.56
CA LYS T 792 10.44 17.93 -68.52
C LYS T 792 11.15 18.82 -69.54
N TYR T 793 10.58 19.96 -69.88
CA TYR T 793 11.11 20.82 -70.93
C TYR T 793 11.66 22.13 -70.37
N GLY T 794 12.23 22.07 -69.16
CA GLY T 794 12.86 23.21 -68.52
C GLY T 794 12.10 23.72 -67.31
N GLU T 795 11.60 24.94 -67.41
CA GLU T 795 10.79 25.50 -66.33
C GLU T 795 9.48 24.74 -66.22
N PRO T 796 8.96 24.51 -65.01
CA PRO T 796 7.73 23.75 -64.88
C PRO T 796 6.55 24.52 -65.44
N GLY T 797 5.63 23.79 -66.06
CA GLY T 797 4.45 24.40 -66.62
C GLY T 797 4.65 24.98 -68.00
N VAL T 798 5.82 24.79 -68.62
CA VAL T 798 6.12 25.49 -69.86
C VAL T 798 6.77 24.57 -70.88
N ALA T 799 6.39 24.79 -72.13
CA ALA T 799 7.04 24.20 -73.29
C ALA T 799 7.01 25.20 -74.44
N MET T 800 7.56 24.79 -75.58
CA MET T 800 7.57 25.59 -76.79
C MET T 800 6.83 24.83 -77.89
N LEU T 801 5.88 25.52 -78.53
CA LEU T 801 5.09 24.90 -79.59
C LEU T 801 5.99 24.50 -80.75
N LEU T 802 5.57 23.47 -81.48
CA LEU T 802 6.40 22.90 -82.54
C LEU T 802 5.95 23.53 -83.85
N PHE T 803 6.49 24.72 -84.11
CA PHE T 803 6.43 25.34 -85.42
C PHE T 803 7.54 24.75 -86.29
N ARG T 804 7.66 25.24 -87.52
CA ARG T 804 8.75 24.77 -88.35
C ARG T 804 10.07 25.43 -87.98
N THR T 805 10.03 26.69 -87.52
CA THR T 805 11.22 27.43 -87.17
C THR T 805 11.10 27.97 -85.76
N TYR T 806 12.24 28.22 -85.11
CA TYR T 806 12.20 28.81 -83.77
C TYR T 806 11.61 30.21 -83.79
N PRO T 807 12.15 31.20 -84.54
CA PRO T 807 11.33 32.38 -84.79
C PRO T 807 10.29 31.98 -85.81
N ARG T 808 9.02 31.96 -85.43
CA ARG T 808 7.98 31.63 -86.39
C ARG T 808 7.87 32.76 -87.40
N HIS T 809 8.15 32.46 -88.67
CA HIS T 809 7.98 33.45 -89.72
C HIS T 809 6.98 32.89 -90.70
N PRO T 810 5.87 33.59 -90.96
CA PRO T 810 4.88 33.07 -91.88
C PRO T 810 5.42 33.07 -93.29
N PHE T 811 5.06 32.02 -94.03
CA PHE T 811 5.41 31.85 -95.44
C PHE T 811 6.88 31.49 -95.64
N TRP T 812 7.51 31.00 -94.60
CA TRP T 812 8.91 30.55 -94.72
C TRP T 812 8.94 29.34 -95.65
N GLU T 813 8.01 28.43 -95.42
CA GLU T 813 7.84 27.19 -96.20
C GLU T 813 7.42 27.56 -97.62
N GLN T 814 6.62 28.61 -97.78
CA GLN T 814 6.15 28.96 -99.13
C GLN T 814 7.31 29.34 -100.05
N VAL T 815 8.32 30.05 -99.57
CA VAL T 815 9.39 30.52 -100.45
C VAL T 815 10.58 29.56 -100.45
N HIS T 816 10.92 28.96 -99.30
CA HIS T 816 12.13 28.15 -99.23
C HIS T 816 11.93 26.75 -99.80
N GLU T 817 10.71 26.21 -99.74
CA GLU T 817 10.42 24.90 -100.29
C GLU T 817 9.49 24.96 -101.49
N SER T 818 9.16 26.16 -101.97
CA SER T 818 8.34 26.36 -103.16
C SER T 818 6.96 25.73 -102.99
N LEU T 819 6.27 26.18 -101.92
CA LEU T 819 4.91 25.75 -101.61
C LEU T 819 3.92 26.87 -101.91
N PRO T 820 2.71 26.52 -102.35
CA PRO T 820 1.73 27.55 -102.71
C PRO T 820 1.10 28.19 -101.48
N PHE T 821 0.59 29.40 -101.65
CA PHE T 821 -0.12 30.13 -100.57
C PHE T 821 -1.55 29.61 -100.53
N TYR T 822 -2.44 30.28 -99.79
CA TYR T 822 -3.80 29.73 -99.62
C TYR T 822 -4.82 30.44 -100.49
N THR T 823 -4.36 31.20 -101.47
CA THR T 823 -5.24 31.92 -102.42
C THR T 823 -5.64 31.00 -103.56
N PRO T 824 -6.62 31.35 -104.39
CA PRO T 824 -7.01 30.52 -105.51
C PRO T 824 -5.84 30.34 -106.50
N THR T 825 -5.05 31.39 -106.70
CA THR T 825 -3.90 31.36 -107.63
C THR T 825 -2.68 30.73 -106.98
N GLY T 826 -2.67 30.62 -105.65
CA GLY T 826 -1.57 30.03 -104.89
C GLY T 826 -0.44 31.00 -104.67
N ARG T 827 -0.65 32.26 -105.00
CA ARG T 827 0.42 33.27 -104.96
C ARG T 827 -0.03 34.46 -104.13
N LEU T 828 0.91 35.30 -103.73
CA LEU T 828 0.59 36.54 -102.99
C LEU T 828 -0.23 37.35 -103.98
N GLN T 829 -1.41 37.80 -103.57
CA GLN T 829 -2.37 38.42 -104.47
C GLN T 829 -2.45 39.93 -104.27
N ALA T 830 -2.30 40.66 -105.38
CA ALA T 830 -2.57 42.09 -105.46
C ALA T 830 -3.86 42.39 -106.23
N TYR T 831 -4.63 41.36 -106.56
CA TYR T 831 -5.84 41.50 -107.34
C TYR T 831 -6.80 40.41 -106.93
N ASN T 832 -8.10 40.71 -106.94
CA ASN T 832 -9.12 39.75 -106.56
C ASN T 832 -10.23 39.78 -107.60
N ASP T 833 -10.54 38.61 -108.16
CA ASP T 833 -11.46 38.52 -109.29
C ASP T 833 -12.84 38.03 -108.87
N GLU T 834 -13.11 37.94 -107.56
CA GLU T 834 -14.42 37.49 -107.09
C GLU T 834 -15.50 38.43 -107.62
N PRO T 835 -16.67 37.90 -108.01
CA PRO T 835 -17.68 38.75 -108.67
C PRO T 835 -18.16 39.90 -107.81
N GLU T 836 -18.40 39.63 -106.53
CA GLU T 836 -18.89 40.64 -105.61
C GLU T 836 -17.88 41.77 -105.45
N ILE T 837 -16.59 41.44 -105.47
CA ILE T 837 -15.54 42.44 -105.31
C ILE T 837 -15.50 43.39 -106.50
N ILE T 838 -15.72 42.88 -107.71
CA ILE T 838 -15.70 43.73 -108.89
C ILE T 838 -16.92 44.66 -108.89
N GLU T 839 -18.06 44.16 -108.43
CA GLU T 839 -19.25 45.01 -108.29
C GLU T 839 -19.03 46.11 -107.26
N TYR T 840 -18.22 45.85 -106.24
CA TYR T 840 -17.94 46.84 -105.21
C TYR T 840 -16.86 47.85 -105.64
N GLY T 841 -16.10 47.54 -106.68
CA GLY T 841 -15.07 48.45 -107.16
C GLY T 841 -13.74 48.31 -106.48
N GLU T 842 -13.47 47.17 -105.84
CA GLU T 842 -12.23 46.97 -105.10
C GLU T 842 -11.44 45.78 -105.65
N ASN T 843 -11.66 45.45 -106.93
CA ASN T 843 -10.83 44.42 -107.57
C ASN T 843 -9.37 44.82 -107.56
N PHE T 844 -9.09 46.09 -107.84
CA PHE T 844 -7.76 46.65 -107.69
C PHE T 844 -7.57 47.18 -106.27
N ILE T 845 -6.32 47.26 -105.85
CA ILE T 845 -5.98 47.90 -104.58
C ILE T 845 -6.07 49.41 -104.82
N VAL T 846 -7.19 50.00 -104.42
CA VAL T 846 -7.46 51.42 -104.64
C VAL T 846 -7.72 52.08 -103.30
N HIS T 847 -7.46 53.39 -103.22
CA HIS T 847 -7.78 54.16 -102.03
C HIS T 847 -9.23 54.63 -102.07
N ARG T 848 -9.91 54.48 -100.94
CA ARG T 848 -11.29 54.91 -100.80
C ARG T 848 -11.46 55.68 -99.49
N GLU T 849 -12.28 56.72 -99.52
CA GLU T 849 -12.55 57.52 -98.34
C GLU T 849 -13.51 56.79 -97.42
N GLY T 850 -13.43 57.10 -96.13
CA GLY T 850 -14.28 56.48 -95.15
C GLY T 850 -15.72 56.92 -95.27
N PRO T 851 -16.65 56.06 -94.86
CA PRO T 851 -18.07 56.46 -94.85
C PRO T 851 -18.35 57.57 -93.85
N GLU T 852 -17.51 57.76 -92.84
CA GLU T 852 -17.59 58.93 -91.98
C GLU T 852 -16.27 59.62 -91.70
N ALA T 853 -15.14 58.92 -91.80
CA ALA T 853 -13.85 59.48 -91.38
C ALA T 853 -13.14 60.15 -92.56
N THR T 854 -13.82 61.13 -93.14
CA THR T 854 -13.26 61.86 -94.27
C THR T 854 -13.91 63.24 -94.33
N PRO T 855 -13.19 64.26 -94.78
CA PRO T 855 -13.82 65.55 -95.06
C PRO T 855 -14.57 65.58 -96.38
N TYR T 856 -14.32 64.61 -97.25
CA TYR T 856 -14.84 64.55 -98.61
C TYR T 856 -16.06 63.61 -98.68
N LEU T 857 -16.50 63.33 -99.90
CA LEU T 857 -17.66 62.46 -100.09
C LEU T 857 -17.44 61.10 -99.43
N PRO T 858 -18.35 60.65 -98.57
CA PRO T 858 -18.16 59.38 -97.89
C PRO T 858 -18.09 58.20 -98.86
N ASN T 859 -17.11 57.33 -98.64
CA ASN T 859 -16.98 56.06 -99.36
C ASN T 859 -16.78 56.25 -100.85
N ALA T 860 -16.09 57.33 -101.24
CA ALA T 860 -15.82 57.58 -102.64
C ALA T 860 -14.58 56.80 -103.08
N ILE T 861 -14.62 56.31 -104.32
CA ILE T 861 -13.49 55.58 -104.90
C ILE T 861 -12.64 56.57 -105.69
N VAL T 862 -11.44 56.83 -105.21
CA VAL T 862 -10.54 57.81 -105.83
C VAL T 862 -9.73 57.07 -106.88
N SER T 863 -10.18 57.15 -108.13
CA SER T 863 -9.47 56.54 -109.25
C SER T 863 -10.13 56.98 -110.55
N THR T 864 -9.36 56.92 -111.63
CA THR T 864 -9.88 57.09 -112.98
C THR T 864 -9.68 55.85 -113.83
N ASN T 865 -9.24 54.75 -113.22
CA ASN T 865 -8.98 53.51 -113.93
C ASN T 865 -10.24 53.03 -114.66
N PRO T 866 -10.19 52.89 -115.99
CA PRO T 866 -11.36 52.34 -116.71
C PRO T 866 -11.60 50.88 -116.43
N TYR T 867 -10.69 50.20 -115.72
CA TYR T 867 -10.85 48.80 -115.38
C TYR T 867 -11.48 48.60 -114.02
N ILE T 868 -11.79 49.67 -113.30
CA ILE T 868 -12.64 49.62 -112.12
C ILE T 868 -14.03 50.06 -112.56
N ARG T 869 -14.99 49.13 -112.51
CA ARG T 869 -16.35 49.38 -112.98
C ARG T 869 -17.32 48.96 -111.88
N PRO T 870 -17.43 49.76 -110.82
CA PRO T 870 -18.26 49.38 -109.69
C PRO T 870 -19.73 49.66 -109.97
N ASP T 871 -20.57 49.21 -109.04
CA ASP T 871 -22.00 49.46 -109.10
C ASP T 871 -22.34 50.40 -107.96
N ASP T 872 -22.85 51.59 -108.29
CA ASP T 872 -23.23 52.57 -107.28
C ASP T 872 -24.58 52.26 -106.65
N TYR T 873 -25.37 51.38 -107.26
CA TYR T 873 -26.73 51.05 -106.84
C TYR T 873 -27.69 52.24 -106.92
N GLY T 874 -27.32 53.27 -107.67
CA GLY T 874 -28.21 54.41 -107.88
C GLY T 874 -28.53 55.20 -106.63
N ILE T 875 -27.59 55.32 -105.71
CA ILE T 875 -27.79 56.03 -104.45
C ILE T 875 -27.16 57.41 -104.59
N PRO T 876 -27.90 58.48 -104.36
CA PRO T 876 -27.34 59.82 -104.60
C PRO T 876 -26.25 60.17 -103.61
N GLU T 877 -25.42 61.13 -104.00
CA GLU T 877 -24.28 61.54 -103.19
C GLU T 877 -24.69 62.38 -101.99
N ASN T 878 -25.94 62.86 -101.92
CA ASN T 878 -26.42 63.57 -100.74
C ASN T 878 -26.81 62.62 -99.61
N ALA T 879 -26.88 61.31 -99.88
CA ALA T 879 -27.41 60.37 -98.91
C ALA T 879 -26.62 60.43 -97.61
N GLU T 880 -27.34 60.61 -96.50
CA GLU T 880 -26.74 60.70 -95.19
C GLU T 880 -26.97 59.47 -94.32
N TYR T 881 -27.90 58.60 -94.70
CA TYR T 881 -28.15 57.39 -93.94
C TYR T 881 -26.95 56.46 -94.03
N TRP T 882 -26.56 55.88 -92.89
CA TRP T 882 -25.30 55.15 -92.81
C TRP T 882 -25.30 53.92 -93.69
N GLU T 883 -26.43 53.20 -93.77
CA GLU T 883 -26.47 52.01 -94.61
C GLU T 883 -26.35 52.36 -96.08
N ASP T 884 -26.82 53.55 -96.48
CA ASP T 884 -26.66 53.99 -97.85
C ASP T 884 -25.19 54.31 -98.16
N ARG T 885 -24.52 55.02 -97.24
CA ARG T 885 -23.13 55.38 -97.47
C ARG T 885 -22.22 54.15 -97.49
N THR T 886 -22.63 53.08 -96.81
CA THR T 886 -21.80 51.88 -96.75
C THR T 886 -21.62 51.25 -98.13
N VAL T 887 -22.61 51.38 -99.00
CA VAL T 887 -22.65 50.65 -100.26
C VAL T 887 -22.55 51.58 -101.47
N ARG T 888 -22.33 52.87 -101.25
CA ARG T 888 -22.16 53.81 -102.36
C ARG T 888 -20.77 53.62 -102.95
N ASN T 889 -20.70 52.87 -104.05
CA ASN T 889 -19.43 52.61 -104.74
C ASN T 889 -19.36 53.53 -105.96
N ILE T 890 -18.94 54.76 -105.72
CA ILE T 890 -18.85 55.78 -106.75
C ILE T 890 -17.39 56.04 -107.06
N LYS T 891 -17.01 55.84 -108.32
CA LYS T 891 -15.66 56.16 -108.76
C LYS T 891 -15.59 57.65 -109.10
N LYS T 892 -14.50 58.30 -108.68
CA LYS T 892 -14.34 59.72 -108.92
C LYS T 892 -12.85 60.06 -108.83
N SER T 893 -12.41 60.98 -109.68
CA SER T 893 -11.01 61.38 -109.73
C SER T 893 -10.66 62.24 -108.51
N TRP T 894 -9.35 62.30 -108.22
CA TRP T 894 -8.90 63.01 -107.02
C TRP T 894 -9.23 64.49 -107.07
N GLU T 895 -9.15 65.13 -108.25
CA GLU T 895 -9.54 66.52 -108.32
C GLU T 895 -11.05 66.68 -108.19
N GLU T 896 -11.81 65.73 -108.71
CA GLU T 896 -13.26 65.75 -108.49
C GLU T 896 -13.59 65.43 -107.05
N THR T 897 -12.79 64.57 -106.42
CA THR T 897 -13.02 64.17 -105.03
C THR T 897 -12.83 65.34 -104.08
N LYS T 898 -11.81 66.16 -104.32
CA LYS T 898 -11.49 67.26 -103.41
C LYS T 898 -12.58 68.32 -103.35
N LYS T 899 -13.44 68.39 -104.36
CA LYS T 899 -14.52 69.35 -104.41
C LYS T 899 -15.77 68.88 -103.68
N THR T 900 -15.80 67.64 -103.20
CA THR T 900 -16.98 67.14 -102.51
C THR T 900 -16.99 67.66 -101.07
N LYS T 901 -17.88 67.10 -100.23
CA LYS T 901 -18.09 67.58 -98.87
C LYS T 901 -18.83 66.55 -98.03
N ASN T 902 -18.26 66.14 -96.91
CA ASN T 902 -18.98 65.30 -95.97
C ASN T 902 -19.97 66.15 -95.17
N PHE T 903 -21.20 65.66 -95.04
CA PHE T 903 -22.20 66.42 -94.30
C PHE T 903 -21.82 66.54 -92.84
N LEU T 904 -21.25 65.47 -92.27
CA LEU T 904 -20.80 65.53 -90.88
C LEU T 904 -19.69 66.56 -90.69
N TRP T 905 -18.76 66.64 -91.65
CA TRP T 905 -17.61 67.53 -91.51
C TRP T 905 -18.02 68.99 -91.48
N GLU T 906 -19.05 69.37 -92.23
CA GLU T 906 -19.48 70.76 -92.32
C GLU T 906 -20.47 71.16 -91.23
N LYS T 907 -21.02 70.20 -90.49
CA LYS T 907 -21.91 70.50 -89.37
C LYS T 907 -21.15 70.76 -88.08
N GLY T 908 -19.82 70.69 -88.10
CA GLY T 908 -18.99 70.90 -86.94
C GLY T 908 -18.30 69.66 -86.42
N TYR T 909 -18.61 68.49 -86.99
CA TYR T 909 -18.01 67.23 -86.56
C TYR T 909 -16.76 66.97 -87.41
N HIS T 910 -15.75 67.81 -87.20
CA HIS T 910 -14.54 67.82 -88.02
C HIS T 910 -13.32 67.37 -87.24
N PHE T 911 -13.51 66.53 -86.23
CA PHE T 911 -12.43 65.96 -85.46
C PHE T 911 -12.47 64.45 -85.60
N TYR T 912 -11.38 63.85 -86.05
CA TYR T 912 -11.35 62.41 -85.91
C TYR T 912 -11.26 62.09 -84.42
N CYS T 913 -11.62 60.87 -84.08
CA CYS T 913 -11.61 60.49 -82.66
C CYS T 913 -11.14 59.05 -82.61
N VAL T 914 -9.83 58.89 -82.57
CA VAL T 914 -9.24 57.57 -82.48
C VAL T 914 -9.29 57.13 -81.03
N THR T 915 -9.54 55.82 -80.82
CA THR T 915 -9.61 55.22 -79.49
C THR T 915 -8.55 54.13 -79.45
N PRO T 916 -7.29 54.49 -79.20
CA PRO T 916 -6.22 53.50 -79.18
C PRO T 916 -6.21 52.72 -77.88
N LYS T 917 -5.29 51.77 -77.82
CA LYS T 917 -5.07 50.99 -76.63
C LYS T 917 -3.99 51.64 -75.79
N SER T 918 -4.02 51.36 -74.50
CA SER T 918 -3.17 52.05 -73.54
C SER T 918 -2.18 51.10 -72.91
N ARG T 919 -1.07 51.67 -72.43
CA ARG T 919 -0.13 50.91 -71.64
C ARG T 919 -0.65 50.62 -70.24
N HIS T 920 -1.66 51.37 -69.78
CA HIS T 920 -2.12 51.32 -68.40
C HIS T 920 -3.25 50.33 -68.19
N THR T 921 -3.73 49.68 -69.25
CA THR T 921 -4.86 48.78 -69.15
C THR T 921 -4.73 47.63 -70.13
N VAL T 922 -5.37 46.53 -69.79
CA VAL T 922 -5.60 45.52 -70.84
C VAL T 922 -7.10 45.65 -70.97
N HIS T 923 -7.54 46.51 -71.89
CA HIS T 923 -8.96 46.85 -72.13
C HIS T 923 -9.54 47.40 -70.85
N SER T 924 -10.57 46.75 -70.30
CA SER T 924 -11.21 47.18 -69.03
C SER T 924 -10.31 46.96 -67.82
N GLN T 925 -9.50 45.90 -67.83
CA GLN T 925 -8.77 45.48 -66.67
C GLN T 925 -7.75 46.54 -66.33
N TRP T 926 -7.60 46.77 -65.02
CA TRP T 926 -6.68 47.74 -64.46
C TRP T 926 -7.10 49.16 -64.79
N ALA T 927 -8.25 49.30 -65.48
CA ALA T 927 -8.75 50.63 -65.81
C ALA T 927 -9.29 51.36 -64.58
N VAL T 928 -9.60 50.62 -63.52
CA VAL T 928 -10.16 51.20 -62.31
C VAL T 928 -9.31 50.91 -61.08
N THR T 929 -8.36 49.97 -61.17
CA THR T 929 -7.43 49.71 -60.07
C THR T 929 -6.67 50.99 -59.74
N ASP T 930 -6.74 51.41 -58.48
CA ASP T 930 -6.31 52.74 -58.09
C ASP T 930 -4.92 53.08 -58.61
N TRP T 931 -3.95 52.17 -58.39
CA TRP T 931 -2.57 52.45 -58.78
C TRP T 931 -2.46 52.73 -60.28
N ASN T 932 -3.04 51.85 -61.09
CA ASN T 932 -3.01 52.07 -62.54
C ASN T 932 -3.98 53.17 -62.95
N PHE T 933 -5.06 53.36 -62.20
CA PHE T 933 -6.05 54.38 -62.52
C PHE T 933 -5.53 55.78 -62.25
N ILE T 934 -4.50 55.92 -61.42
CA ILE T 934 -3.91 57.22 -61.16
C ILE T 934 -2.99 57.64 -62.32
N TRP T 935 -2.35 56.68 -62.98
CA TRP T 935 -1.31 56.97 -63.95
C TRP T 935 -1.81 57.09 -65.38
N ASN T 936 -3.00 56.57 -65.69
CA ASN T 936 -3.51 56.65 -67.05
C ASN T 936 -3.97 58.05 -67.43
N ASN T 937 -4.04 58.98 -66.48
CA ASN T 937 -4.55 60.32 -66.73
C ASN T 937 -3.61 61.37 -66.14
N ASN T 938 -3.84 62.62 -66.55
CA ASN T 938 -3.15 63.79 -66.04
C ASN T 938 -3.70 64.30 -64.71
N PHE T 939 -4.79 63.74 -64.20
CA PHE T 939 -5.45 64.27 -63.01
C PHE T 939 -5.47 63.32 -61.82
N GLY T 940 -4.83 62.17 -61.91
CA GLY T 940 -4.89 61.16 -60.87
C GLY T 940 -4.49 61.64 -59.49
N ASP T 941 -5.32 61.33 -58.49
CA ASP T 941 -5.05 61.69 -57.10
C ASP T 941 -5.82 60.74 -56.20
N PRO T 942 -5.12 59.97 -55.35
CA PRO T 942 -5.82 59.05 -54.45
C PRO T 942 -6.67 59.75 -53.40
N TYR T 943 -6.39 61.01 -53.08
CA TYR T 943 -7.14 61.74 -52.08
C TYR T 943 -8.38 62.43 -52.65
N ARG T 944 -8.50 62.51 -53.98
CA ARG T 944 -9.65 63.09 -54.66
C ARG T 944 -9.99 64.47 -54.09
N MET T 945 -9.01 65.37 -54.17
CA MET T 945 -9.24 66.72 -53.68
C MET T 945 -10.26 67.46 -54.55
N ASP T 946 -10.29 67.15 -55.84
CA ASP T 946 -11.35 67.66 -56.71
C ASP T 946 -12.43 66.59 -56.69
N LYS T 947 -13.51 66.86 -55.95
CA LYS T 947 -14.55 65.85 -55.74
C LYS T 947 -15.27 65.50 -57.03
N ARG T 948 -15.23 66.37 -58.04
CA ARG T 948 -15.85 66.07 -59.32
C ARG T 948 -15.23 64.85 -59.98
N MET T 949 -14.00 64.51 -59.59
CA MET T 949 -13.29 63.36 -60.13
C MET T 949 -14.11 62.09 -59.88
N PRO T 950 -14.44 61.32 -60.92
CA PRO T 950 -15.27 60.12 -60.70
C PRO T 950 -14.65 59.13 -59.74
N GLY T 951 -13.33 58.94 -59.82
CA GLY T 951 -12.64 58.07 -58.91
C GLY T 951 -11.29 58.66 -58.53
N VAL T 952 -10.33 57.80 -58.22
CA VAL T 952 -8.95 58.22 -57.99
C VAL T 952 -8.33 58.64 -59.32
N GLY T 953 -9.09 58.55 -60.39
CA GLY T 953 -8.62 58.93 -61.73
C GLY T 953 -9.79 59.30 -62.62
N GLU T 954 -9.54 59.88 -63.77
CA GLU T 954 -10.65 60.17 -64.70
C GLU T 954 -10.19 59.86 -66.11
N HIS T 955 -11.12 59.71 -67.02
CA HIS T 955 -10.72 59.44 -68.43
C HIS T 955 -10.43 60.77 -69.08
N GLN T 956 -9.52 60.81 -70.05
CA GLN T 956 -9.13 62.06 -70.66
C GLN T 956 -9.11 61.93 -72.18
N ILE T 957 -9.31 63.07 -72.85
CA ILE T 957 -9.25 63.16 -74.30
C ILE T 957 -8.12 64.11 -74.67
N HIS T 958 -7.31 63.72 -75.65
CA HIS T 958 -6.22 64.54 -76.12
C HIS T 958 -6.69 65.46 -77.24
N ILE T 959 -6.26 66.72 -77.17
CA ILE T 959 -6.67 67.74 -78.13
C ILE T 959 -5.46 68.61 -78.45
N HIS T 960 -5.35 69.02 -79.72
CA HIS T 960 -4.35 69.98 -80.12
C HIS T 960 -4.65 71.33 -79.44
N PRO T 961 -3.63 72.01 -78.90
CA PRO T 961 -3.91 73.26 -78.17
C PRO T 961 -4.68 74.28 -78.98
N GLN T 962 -4.31 74.50 -80.24
CA GLN T 962 -5.02 75.47 -81.06
C GLN T 962 -6.47 75.06 -81.27
N ALA T 963 -6.71 73.76 -81.49
CA ALA T 963 -8.07 73.28 -81.70
C ALA T 963 -8.96 73.62 -80.51
N ALA T 964 -8.46 73.38 -79.29
CA ALA T 964 -9.22 73.71 -78.10
C ALA T 964 -9.36 75.22 -77.92
N ARG T 965 -8.30 75.97 -78.24
CA ARG T 965 -8.37 77.42 -78.12
C ARG T 965 -9.41 78.02 -79.06
N ASP T 966 -9.57 77.43 -80.26
CA ASP T 966 -10.59 77.91 -81.19
C ASP T 966 -11.99 77.61 -80.70
N LEU T 967 -12.15 76.64 -79.80
CA LEU T 967 -13.44 76.31 -79.21
C LEU T 967 -13.57 76.83 -77.78
N GLY T 968 -12.69 77.74 -77.38
CA GLY T 968 -12.73 78.29 -76.04
C GLY T 968 -12.47 77.28 -74.95
N ILE T 969 -11.60 76.30 -75.22
CA ILE T 969 -11.30 75.24 -74.27
C ILE T 969 -9.84 75.39 -73.86
N GLU T 970 -9.60 75.52 -72.56
CA GLU T 970 -8.25 75.55 -72.02
C GLU T 970 -7.90 74.17 -71.46
N ASP T 971 -6.60 73.90 -71.39
CA ASP T 971 -6.11 72.61 -70.92
C ASP T 971 -6.67 72.28 -69.54
N GLY T 972 -7.29 71.10 -69.44
CA GLY T 972 -7.87 70.62 -68.20
C GLY T 972 -9.36 70.84 -68.04
N ASP T 973 -10.02 71.51 -68.98
CA ASP T 973 -11.45 71.74 -68.88
C ASP T 973 -12.23 70.48 -69.24
N TYR T 974 -13.43 70.36 -68.68
CA TYR T 974 -14.32 69.28 -69.05
C TYR T 974 -15.01 69.62 -70.38
N VAL T 975 -15.13 68.62 -71.26
CA VAL T 975 -15.66 68.83 -72.60
C VAL T 975 -16.66 67.73 -72.94
N TYR T 976 -17.71 68.11 -73.65
CA TYR T 976 -18.65 67.16 -74.23
C TYR T 976 -18.15 66.69 -75.59
N VAL T 977 -18.00 65.39 -75.75
CA VAL T 977 -17.63 64.79 -77.03
C VAL T 977 -18.89 64.15 -77.61
N ASP T 978 -19.49 64.83 -78.57
CA ASP T 978 -20.72 64.39 -79.21
C ASP T 978 -20.46 63.94 -80.65
N ALA T 979 -21.20 62.95 -81.09
CA ALA T 979 -21.12 62.44 -82.45
C ALA T 979 -22.49 62.61 -83.12
N ASN T 980 -22.60 62.00 -84.30
CA ASN T 980 -23.78 62.20 -85.17
C ASN T 980 -24.98 62.04 -84.30
N PRO T 981 -25.93 62.98 -84.30
CA PRO T 981 -27.12 62.92 -83.50
C PRO T 981 -28.01 61.80 -83.99
N ALA T 982 -28.06 61.59 -85.28
CA ALA T 982 -28.95 60.59 -85.90
C ALA T 982 -28.62 59.17 -85.45
N ASP T 983 -27.36 58.96 -85.12
CA ASP T 983 -26.81 57.62 -84.83
C ASP T 983 -26.54 57.39 -83.35
N ARG T 984 -25.78 58.27 -82.72
CA ARG T 984 -25.25 58.07 -81.35
C ARG T 984 -25.67 59.21 -80.45
N PRO T 985 -25.59 59.14 -79.12
CA PRO T 985 -25.17 57.99 -78.29
C PRO T 985 -26.12 56.80 -78.45
N TYR T 986 -27.40 57.08 -78.63
CA TYR T 986 -28.36 56.01 -78.94
C TYR T 986 -29.46 56.61 -79.81
N GLU T 987 -30.00 55.78 -80.70
CA GLU T 987 -30.96 56.23 -81.68
C GLU T 987 -32.28 56.63 -81.03
N GLY T 988 -32.78 57.81 -81.38
CA GLY T 988 -34.02 58.32 -80.82
C GLY T 988 -33.90 59.09 -79.52
N TRP T 989 -32.68 59.52 -79.15
CA TRP T 989 -32.48 60.26 -77.91
C TRP T 989 -33.18 61.62 -77.93
N LYS T 990 -33.51 62.10 -76.74
CA LYS T 990 -34.05 63.42 -76.48
C LYS T 990 -33.25 64.04 -75.34
N PRO T 991 -33.06 65.37 -75.35
CA PRO T 991 -32.09 65.96 -74.41
C PRO T 991 -32.46 65.78 -72.95
N ASN T 992 -33.75 65.65 -72.63
CA ASN T 992 -34.18 65.49 -71.25
C ASN T 992 -34.42 64.03 -70.88
N ASP T 993 -33.96 63.08 -71.70
CA ASP T 993 -34.09 61.69 -71.34
C ASP T 993 -33.17 61.38 -70.17
N SER T 994 -33.68 60.58 -69.22
CA SER T 994 -32.87 60.21 -68.06
C SER T 994 -31.64 59.43 -68.51
N PHE T 995 -31.79 58.57 -69.51
CA PHE T 995 -30.66 57.78 -69.99
C PHE T 995 -29.71 58.60 -70.84
N TYR T 996 -30.17 59.70 -71.45
CA TYR T 996 -29.28 60.55 -72.22
C TYR T 996 -28.19 61.16 -71.36
N LYS T 997 -28.55 61.55 -70.13
CA LYS T 997 -27.55 62.05 -69.19
C LYS T 997 -26.46 61.02 -68.95
N VAL T 998 -26.84 59.75 -68.84
CA VAL T 998 -25.88 58.66 -68.71
C VAL T 998 -25.11 58.46 -70.02
N SER T 999 -25.76 58.69 -71.16
CA SER T 999 -25.17 58.31 -72.45
C SER T 999 -24.18 59.35 -72.97
N ARG T 1000 -24.45 60.63 -72.78
CA ARG T 1000 -23.59 61.67 -73.35
C ARG T 1000 -22.26 61.73 -72.64
N LEU T 1001 -21.17 61.77 -73.41
CA LEU T 1001 -19.82 61.70 -72.86
C LEU T 1001 -19.37 63.08 -72.38
N MET T 1002 -18.78 63.10 -71.18
CA MET T 1002 -18.22 64.34 -70.63
C MET T 1002 -16.94 64.01 -69.86
N LEU T 1003 -15.81 64.07 -70.54
CA LEU T 1003 -14.49 63.86 -69.95
C LEU T 1003 -13.67 65.15 -70.02
N ARG T 1004 -12.53 65.12 -69.33
CA ARG T 1004 -11.59 66.24 -69.34
C ARG T 1004 -10.77 66.28 -70.62
N ALA T 1005 -10.38 67.49 -71.02
CA ALA T 1005 -9.56 67.71 -72.20
C ALA T 1005 -8.10 67.92 -71.80
N LYS T 1006 -7.19 67.45 -72.65
CA LYS T 1006 -5.76 67.52 -72.39
C LYS T 1006 -5.04 68.08 -73.61
N TYR T 1007 -4.26 69.14 -73.40
CA TYR T 1007 -3.45 69.70 -74.48
C TYR T 1007 -2.33 68.74 -74.84
N ASN T 1008 -2.28 68.32 -76.10
CA ASN T 1008 -1.18 67.52 -76.62
C ASN T 1008 -0.89 67.97 -78.04
N PRO T 1009 0.14 68.79 -78.24
CA PRO T 1009 0.49 69.22 -79.59
C PRO T 1009 1.17 68.16 -80.43
N ALA T 1010 1.25 66.91 -79.94
CA ALA T 1010 1.74 65.80 -80.74
C ALA T 1010 0.72 65.37 -81.77
N TYR T 1011 -0.54 65.76 -81.62
CA TYR T 1011 -1.58 65.36 -82.55
C TYR T 1011 -1.84 66.48 -83.55
N PRO T 1012 -2.27 66.14 -84.76
CA PRO T 1012 -2.72 67.17 -85.69
C PRO T 1012 -4.00 67.83 -85.20
N TYR T 1013 -4.27 69.00 -85.76
CA TYR T 1013 -5.40 69.82 -85.32
C TYR T 1013 -6.71 69.04 -85.35
N ASN T 1014 -6.95 68.29 -86.42
CA ASN T 1014 -8.23 67.62 -86.61
C ASN T 1014 -8.28 66.22 -86.03
N CYS T 1015 -7.47 65.92 -85.01
CA CYS T 1015 -7.41 64.55 -84.50
C CYS T 1015 -7.38 64.57 -82.98
N THR T 1016 -8.30 63.81 -82.37
CA THR T 1016 -8.44 63.68 -80.94
C THR T 1016 -8.29 62.22 -80.54
N MET T 1017 -7.93 61.99 -79.28
CA MET T 1017 -7.58 60.66 -78.82
C MET T 1017 -8.19 60.37 -77.45
N MET T 1018 -8.83 59.21 -77.32
CA MET T 1018 -9.27 58.64 -76.04
C MET T 1018 -8.83 57.18 -75.99
N LYS T 1019 -8.25 56.75 -74.88
CA LYS T 1019 -7.79 55.37 -74.77
C LYS T 1019 -8.99 54.43 -74.67
N HIS T 1020 -8.80 53.20 -75.15
CA HIS T 1020 -9.94 52.27 -75.26
C HIS T 1020 -10.15 51.48 -73.97
N SER T 1021 -11.40 51.49 -73.52
CA SER T 1021 -11.92 50.75 -72.37
C SER T 1021 -11.58 51.21 -70.95
N ALA T 1022 -12.59 51.91 -70.46
CA ALA T 1022 -12.78 52.41 -69.12
C ALA T 1022 -14.09 51.82 -68.64
N TRP T 1023 -14.33 51.86 -67.34
CA TRP T 1023 -15.61 51.38 -66.85
C TRP T 1023 -16.64 52.44 -67.16
N ILE T 1024 -17.64 52.05 -67.96
CA ILE T 1024 -18.53 53.03 -68.55
C ILE T 1024 -19.46 53.59 -67.49
N SER T 1025 -19.96 54.79 -67.78
CA SER T 1025 -20.96 55.39 -66.92
C SER T 1025 -22.26 54.60 -67.04
N SER T 1026 -22.77 54.16 -65.91
CA SER T 1026 -24.04 53.46 -65.84
C SER T 1026 -25.05 54.39 -65.19
N ASP T 1027 -26.29 53.94 -65.09
CA ASP T 1027 -27.29 54.75 -64.42
C ASP T 1027 -26.88 55.04 -62.99
N LYS T 1028 -26.57 53.99 -62.21
CA LYS T 1028 -26.32 54.16 -60.78
C LYS T 1028 -25.07 54.98 -60.51
N THR T 1029 -24.05 54.86 -61.36
CA THR T 1029 -22.84 55.66 -61.15
C THR T 1029 -23.13 57.15 -61.34
N VAL T 1030 -23.94 57.48 -62.34
CA VAL T 1030 -24.32 58.88 -62.55
C VAL T 1030 -25.16 59.39 -61.40
N GLN T 1031 -26.07 58.55 -60.89
CA GLN T 1031 -26.89 58.97 -59.75
C GLN T 1031 -26.03 59.22 -58.52
N ALA T 1032 -25.03 58.36 -58.27
CA ALA T 1032 -24.17 58.55 -57.12
C ALA T 1032 -23.21 59.72 -57.32
N HIS T 1033 -22.74 59.92 -58.56
CA HIS T 1033 -21.85 61.04 -58.83
C HIS T 1033 -22.53 62.37 -58.55
N GLU T 1034 -23.87 62.42 -58.64
CA GLU T 1034 -24.64 63.63 -58.41
C GLU T 1034 -25.33 63.63 -57.06
N THR T 1035 -25.22 62.56 -56.28
CA THR T 1035 -25.83 62.45 -54.97
C THR T 1035 -24.82 62.37 -53.83
N ARG T 1036 -23.72 61.67 -54.04
CA ARG T 1036 -22.75 61.48 -52.96
C ARG T 1036 -22.07 62.82 -52.62
N PRO T 1037 -21.85 63.09 -51.33
CA PRO T 1037 -21.13 64.32 -50.96
C PRO T 1037 -19.72 64.37 -51.53
N ASP T 1038 -19.01 63.24 -51.55
CA ASP T 1038 -17.66 63.21 -52.11
C ASP T 1038 -17.64 63.20 -53.62
N GLY T 1039 -18.80 63.01 -54.27
CA GLY T 1039 -18.89 63.08 -55.71
C GLY T 1039 -18.34 61.90 -56.46
N ARG T 1040 -17.96 60.82 -55.77
CA ARG T 1040 -17.41 59.65 -56.44
C ARG T 1040 -18.49 58.93 -57.24
N ALA T 1041 -18.16 58.57 -58.47
CA ALA T 1041 -19.09 57.84 -59.34
C ALA T 1041 -19.02 56.36 -59.02
N LEU T 1042 -19.54 56.01 -57.84
CA LEU T 1042 -19.52 54.65 -57.34
C LEU T 1042 -20.95 54.16 -57.18
N SER T 1043 -21.30 53.11 -57.93
CA SER T 1043 -22.63 52.55 -57.83
C SER T 1043 -22.81 51.88 -56.47
N PRO T 1044 -24.04 51.81 -55.95
CA PRO T 1044 -24.27 51.10 -54.69
C PRO T 1044 -23.87 49.64 -54.75
N SER T 1045 -23.73 49.05 -55.94
CA SER T 1045 -23.27 47.68 -56.10
C SER T 1045 -21.76 47.55 -55.95
N GLY T 1046 -21.02 48.65 -55.88
CA GLY T 1046 -19.57 48.61 -55.85
C GLY T 1046 -18.91 48.92 -57.18
N TYR T 1047 -19.69 49.13 -58.24
CA TYR T 1047 -19.14 49.38 -59.56
C TYR T 1047 -18.63 50.82 -59.64
N GLN T 1048 -17.43 50.99 -60.17
CA GLN T 1048 -16.78 52.29 -60.31
C GLN T 1048 -16.73 52.68 -61.77
N SER T 1049 -17.23 53.88 -62.09
CA SER T 1049 -17.13 54.41 -63.44
C SER T 1049 -15.87 55.26 -63.57
N SER T 1050 -15.27 55.22 -64.75
CA SER T 1050 -14.11 56.04 -65.06
C SER T 1050 -14.48 57.40 -65.64
N PHE T 1051 -15.76 57.61 -65.96
CA PHE T 1051 -16.24 58.87 -66.52
C PHE T 1051 -17.24 59.50 -65.55
N ARG T 1052 -17.42 60.81 -65.69
CA ARG T 1052 -18.53 61.46 -65.01
C ARG T 1052 -19.84 61.07 -65.66
N TYR T 1053 -19.95 61.30 -66.97
CA TYR T 1053 -21.08 60.86 -67.78
C TYR T 1053 -20.56 60.27 -69.08
N GLY T 1054 -21.34 59.36 -69.65
CA GLY T 1054 -21.00 58.83 -70.96
C GLY T 1054 -19.79 57.90 -70.93
N SER T 1055 -19.40 57.49 -72.14
CA SER T 1055 -18.27 56.60 -72.31
C SER T 1055 -17.55 56.96 -73.60
N GLN T 1056 -16.37 56.35 -73.78
CA GLN T 1056 -15.68 56.47 -75.05
C GLN T 1056 -16.43 55.79 -76.18
N GLN T 1057 -17.41 54.95 -75.85
CA GLN T 1057 -18.26 54.30 -76.83
C GLN T 1057 -19.57 55.05 -77.05
N SER T 1058 -19.65 56.29 -76.57
CA SER T 1058 -20.77 57.15 -76.92
C SER T 1058 -20.61 57.76 -78.30
N ILE T 1059 -19.41 57.69 -78.88
CA ILE T 1059 -19.12 58.29 -80.18
C ILE T 1059 -18.60 57.25 -81.14
N THR T 1060 -19.13 56.02 -81.03
CA THR T 1060 -18.66 54.91 -81.84
C THR T 1060 -19.85 54.17 -82.40
N ARG T 1061 -19.59 53.47 -83.50
CA ARG T 1061 -20.66 52.95 -84.33
C ARG T 1061 -20.23 51.66 -84.98
N ASP T 1062 -21.19 50.82 -85.35
CA ASP T 1062 -20.90 49.58 -86.07
C ASP T 1062 -21.14 49.81 -87.56
N TRP T 1063 -20.24 49.27 -88.37
CA TRP T 1063 -20.33 49.34 -89.83
C TRP T 1063 -20.30 47.92 -90.38
N SER T 1064 -21.28 47.60 -91.22
CA SER T 1064 -21.36 46.29 -91.86
C SER T 1064 -20.65 46.36 -93.21
N MET T 1065 -19.43 45.83 -93.29
CA MET T 1065 -18.66 45.89 -94.52
C MET T 1065 -19.18 44.87 -95.53
N PRO T 1066 -19.55 45.28 -96.75
CA PRO T 1066 -19.82 44.29 -97.79
C PRO T 1066 -18.62 43.43 -98.13
N MET T 1067 -17.40 43.99 -98.00
CA MET T 1067 -16.19 43.23 -98.31
C MET T 1067 -15.90 42.13 -97.29
N HIS T 1068 -16.51 42.18 -96.12
CA HIS T 1068 -16.23 41.22 -95.07
C HIS T 1068 -17.29 40.12 -94.97
N GLN T 1069 -18.26 40.10 -95.88
CA GLN T 1069 -19.39 39.19 -95.80
C GLN T 1069 -19.56 38.45 -97.12
N LEU T 1070 -18.44 38.09 -97.74
CA LEU T 1070 -18.49 37.43 -99.04
C LEU T 1070 -18.72 35.94 -98.87
N ASP T 1071 -19.40 35.37 -99.86
CA ASP T 1071 -19.63 33.94 -99.96
C ASP T 1071 -18.67 33.28 -100.95
N SER T 1072 -17.85 34.07 -101.64
CA SER T 1072 -17.06 33.58 -102.75
C SER T 1072 -15.55 33.75 -102.53
N LEU T 1073 -15.13 33.75 -101.28
CA LEU T 1073 -13.71 33.89 -100.93
C LEU T 1073 -13.18 32.53 -100.53
N PHE T 1074 -12.25 32.00 -101.33
CA PHE T 1074 -11.60 30.72 -101.03
C PHE T 1074 -10.33 31.02 -100.24
N HIS T 1075 -10.46 31.04 -98.92
CA HIS T 1075 -9.33 31.19 -98.00
C HIS T 1075 -9.17 29.90 -97.19
N LYS T 1076 -8.16 29.87 -96.33
CA LYS T 1076 -7.85 28.69 -95.53
C LYS T 1076 -8.59 28.73 -94.21
N ALA T 1077 -9.12 27.58 -93.79
CA ALA T 1077 -9.79 27.47 -92.50
C ALA T 1077 -8.79 27.69 -91.37
N LYS T 1078 -9.25 28.35 -90.30
CA LYS T 1078 -8.34 28.76 -89.23
C LYS T 1078 -7.81 27.58 -88.43
N ILE T 1079 -8.60 26.52 -88.27
CA ILE T 1079 -8.26 25.46 -87.31
C ILE T 1079 -7.63 24.26 -88.01
N GLY T 1080 -8.00 24.01 -89.25
CA GLY T 1080 -7.56 22.83 -89.97
C GLY T 1080 -6.80 23.14 -91.24
N MET T 1081 -5.89 22.24 -91.60
CA MET T 1081 -5.17 22.34 -92.86
C MET T 1081 -6.12 21.99 -93.98
N LYS T 1082 -7.09 22.86 -94.21
CA LYS T 1082 -8.13 22.63 -95.19
C LYS T 1082 -8.58 23.98 -95.72
N PHE T 1083 -9.37 23.94 -96.78
CA PHE T 1083 -9.88 25.14 -97.41
C PHE T 1083 -11.40 25.24 -97.27
N ILE T 1084 -11.90 26.48 -97.29
CA ILE T 1084 -13.33 26.75 -97.18
C ILE T 1084 -13.66 27.94 -98.08
N PHE T 1085 -14.96 28.17 -98.24
CA PHE T 1085 -15.48 29.31 -98.99
C PHE T 1085 -16.30 30.17 -98.05
N GLY T 1086 -16.06 31.47 -98.06
CA GLY T 1086 -16.94 32.34 -97.33
C GLY T 1086 -16.65 32.49 -95.86
N PHE T 1087 -17.73 32.59 -95.08
CA PHE T 1087 -17.66 32.91 -93.66
C PHE T 1087 -17.00 31.82 -92.85
N GLU T 1088 -16.10 32.23 -91.96
CA GLU T 1088 -15.64 31.45 -90.83
C GLU T 1088 -15.47 32.41 -89.67
N ALA T 1089 -15.89 32.01 -88.48
CA ALA T 1089 -15.76 32.90 -87.33
C ALA T 1089 -14.28 33.22 -87.10
N ASP T 1090 -14.00 34.51 -86.92
CA ASP T 1090 -12.65 35.04 -86.69
C ASP T 1090 -11.74 34.88 -87.89
N ASN T 1091 -12.30 34.58 -89.06
CA ASN T 1091 -11.52 34.45 -90.29
C ASN T 1091 -12.45 34.83 -91.45
N HIS T 1092 -12.28 36.05 -91.95
CA HIS T 1092 -13.13 36.63 -93.01
C HIS T 1092 -14.60 36.67 -92.58
N CYS T 1093 -14.85 37.51 -91.59
CA CYS T 1093 -16.20 37.97 -91.28
C CYS T 1093 -16.07 39.45 -90.91
N ILE T 1094 -17.17 40.05 -90.42
CA ILE T 1094 -17.17 41.48 -90.16
C ILE T 1094 -16.06 41.83 -89.18
N ASN T 1095 -15.23 42.79 -89.58
CA ASN T 1095 -14.12 43.27 -88.76
C ASN T 1095 -14.49 44.68 -88.33
N THR T 1096 -14.94 44.80 -87.08
CA THR T 1096 -15.56 46.03 -86.62
C THR T 1096 -14.56 47.17 -86.57
N VAL T 1097 -15.08 48.38 -86.80
CA VAL T 1097 -14.23 49.58 -86.84
C VAL T 1097 -14.77 50.66 -85.90
N PRO T 1098 -14.11 50.90 -84.77
CA PRO T 1098 -14.55 51.99 -83.89
C PRO T 1098 -14.06 53.37 -84.32
N LYS T 1099 -13.05 53.43 -85.18
CA LYS T 1099 -12.47 54.71 -85.58
C LYS T 1099 -13.19 55.38 -86.75
N GLU T 1100 -14.13 54.69 -87.39
CA GLU T 1100 -14.94 55.31 -88.45
C GLU T 1100 -15.99 56.18 -87.75
N THR T 1101 -15.56 57.38 -87.37
CA THR T 1101 -16.43 58.28 -86.65
C THR T 1101 -15.86 59.69 -86.71
N LEU T 1102 -16.75 60.67 -86.57
CA LEU T 1102 -16.38 62.06 -86.39
C LEU T 1102 -17.12 62.60 -85.18
N VAL T 1103 -16.49 63.54 -84.48
CA VAL T 1103 -17.01 64.02 -83.21
C VAL T 1103 -16.94 65.54 -83.18
N LYS T 1104 -17.85 66.14 -82.42
CA LYS T 1104 -17.81 67.54 -82.08
C LYS T 1104 -17.35 67.71 -80.64
N ILE T 1105 -16.60 68.78 -80.39
CA ILE T 1105 -16.07 69.08 -79.07
C ILE T 1105 -16.69 70.39 -78.61
N THR T 1106 -17.18 70.42 -77.37
CA THR T 1106 -17.75 71.61 -76.78
C THR T 1106 -17.33 71.69 -75.33
N LYS T 1107 -17.00 72.89 -74.87
CA LYS T 1107 -16.64 73.07 -73.47
C LYS T 1107 -17.85 72.77 -72.58
N ALA T 1108 -17.58 72.10 -71.47
CA ALA T 1108 -18.62 71.68 -70.53
C ALA T 1108 -18.51 72.41 -69.20
N GLU T 1109 -17.33 72.40 -68.58
CA GLU T 1109 -17.12 73.00 -67.28
C GLU T 1109 -15.66 73.41 -67.15
N ASN T 1110 -15.40 74.36 -66.27
CA ASN T 1110 -14.04 74.86 -66.11
C ASN T 1110 -13.19 73.82 -65.41
N GLY T 1111 -11.92 73.72 -65.81
CA GLY T 1111 -11.02 72.76 -65.22
C GLY T 1111 -10.53 73.13 -63.83
N GLY T 1112 -10.69 74.40 -63.45
CA GLY T 1112 -10.28 74.84 -62.13
C GLY T 1112 -11.02 74.13 -61.02
N MET T 1113 -10.36 74.08 -59.86
CA MET T 1113 -10.93 73.40 -58.71
C MET T 1113 -12.29 74.01 -58.35
N GLY T 1114 -13.31 73.16 -58.29
CA GLY T 1114 -14.64 73.64 -58.02
C GLY T 1114 -15.33 74.31 -59.20
N GLY T 1115 -14.77 74.20 -60.40
CA GLY T 1115 -15.31 74.92 -61.53
C GLY T 1115 -14.90 76.37 -61.59
N LYS T 1116 -14.01 76.80 -60.70
CA LYS T 1116 -13.58 78.19 -60.61
C LYS T 1116 -12.21 78.32 -61.26
N GLY T 1117 -12.12 79.13 -62.31
CA GLY T 1117 -10.83 79.42 -62.90
C GLY T 1117 -10.33 78.31 -63.82
N VAL T 1118 -9.02 78.24 -63.93
CA VAL T 1118 -8.35 77.33 -64.84
C VAL T 1118 -7.72 76.20 -64.03
N TRP T 1119 -7.51 75.06 -64.69
CA TRP T 1119 -6.84 73.94 -64.03
C TRP T 1119 -5.47 74.40 -63.54
N ASP T 1120 -5.18 74.10 -62.28
CA ASP T 1120 -4.08 74.76 -61.57
C ASP T 1120 -2.72 74.67 -62.29
N PRO T 1121 -2.31 73.55 -62.89
CA PRO T 1121 -1.01 73.53 -63.55
C PRO T 1121 -0.91 74.50 -64.72
N VAL T 1122 -2.03 74.99 -65.25
CA VAL T 1122 -1.96 75.99 -66.31
C VAL T 1122 -1.51 77.34 -65.73
N LYS T 1123 -1.91 77.64 -64.49
CA LYS T 1123 -1.47 78.88 -63.85
C LYS T 1123 0.04 78.94 -63.71
N THR T 1124 0.69 77.78 -63.53
CA THR T 1124 2.14 77.73 -63.43
C THR T 1124 2.82 78.39 -64.62
N GLY T 1125 2.27 78.20 -65.82
CA GLY T 1125 2.92 78.65 -67.03
C GLY T 1125 3.93 77.68 -67.59
N TYR T 1126 3.93 76.43 -67.12
CA TYR T 1126 4.86 75.40 -67.57
C TYR T 1126 4.13 74.33 -68.36
N THR T 1127 2.95 74.66 -68.89
CA THR T 1127 2.06 73.74 -69.57
C THR T 1127 2.23 73.85 -71.08
N ALA T 1128 2.05 72.71 -71.77
CA ALA T 1128 2.05 72.72 -73.23
C ALA T 1128 0.94 73.62 -73.75
N GLY T 1129 1.27 74.46 -74.73
CA GLY T 1129 0.32 75.41 -75.26
C GLY T 1129 0.11 76.64 -74.40
N ASN T 1130 0.71 76.69 -73.21
CA ASN T 1130 0.63 77.83 -72.30
C ASN T 1130 2.01 78.13 -71.73
N GLU T 1131 3.03 78.04 -72.58
CA GLU T 1131 4.42 78.18 -72.17
C GLU T 1131 4.76 79.60 -71.73
N ASN T 1132 5.67 79.67 -70.77
CA ASN T 1132 6.24 80.85 -70.15
C ASN T 1132 7.45 81.35 -70.95
N ASP T 1133 7.93 82.54 -70.59
CA ASP T 1133 9.22 82.97 -71.12
C ASP T 1133 10.32 82.09 -70.56
N PHE T 1134 10.22 81.77 -69.27
CA PHE T 1134 11.18 80.87 -68.65
C PHE T 1134 11.00 79.45 -69.15
N MET T 1135 9.75 79.02 -69.37
CA MET T 1135 9.51 77.68 -69.88
C MET T 1135 10.07 77.54 -71.30
N LYS T 1136 9.84 78.55 -72.13
CA LYS T 1136 10.42 78.54 -73.47
C LYS T 1136 11.93 78.49 -73.39
N LYS T 1137 12.50 79.22 -72.42
CA LYS T 1137 13.94 79.13 -72.17
C LYS T 1137 14.31 77.71 -71.70
N PHE T 1138 13.43 77.08 -70.91
CA PHE T 1138 13.67 75.71 -70.49
C PHE T 1138 13.63 74.75 -71.68
N LEU T 1139 12.59 74.88 -72.52
CA LEU T 1139 12.38 73.94 -73.61
C LEU T 1139 13.47 74.01 -74.68
N ASN T 1140 14.15 75.15 -74.81
CA ASN T 1140 15.21 75.30 -75.80
C ASN T 1140 16.59 74.99 -75.27
N GLY T 1141 16.71 74.54 -74.02
CA GLY T 1141 18.03 74.30 -73.45
C GLY T 1141 18.84 75.56 -73.31
N GLU T 1142 18.18 76.68 -73.06
CA GLU T 1142 18.82 77.99 -72.94
C GLU T 1142 19.28 78.28 -71.52
N LEU T 1143 18.99 77.38 -70.57
CA LEU T 1143 19.38 77.49 -69.18
C LEU T 1143 20.85 77.11 -68.94
N ILE T 1144 21.53 76.54 -69.94
CA ILE T 1144 22.93 76.15 -69.83
C ILE T 1144 23.66 76.44 -71.14
N LYS T 1145 24.93 76.87 -71.01
CA LYS T 1145 25.78 77.16 -72.15
C LYS T 1145 27.05 76.33 -72.06
N VAL T 1146 27.60 75.95 -73.22
CA VAL T 1146 28.85 75.19 -73.28
C VAL T 1146 29.83 75.94 -74.16
N ASP T 1147 31.07 76.02 -73.71
CA ASP T 1147 32.17 76.66 -74.44
C ASP T 1147 31.82 78.05 -74.96
N ALA U 31 31.31 77.45 -35.92
CA ALA U 31 31.41 76.46 -36.99
C ALA U 31 31.20 77.10 -38.35
N GLU U 32 30.32 76.49 -39.15
CA GLU U 32 30.03 76.96 -40.49
C GLU U 32 28.62 77.53 -40.58
N GLY U 33 27.62 76.73 -40.25
CA GLY U 33 26.23 77.15 -40.24
C GLY U 33 25.74 77.79 -38.96
N VAL U 34 26.63 78.12 -38.02
CA VAL U 34 26.23 78.63 -36.72
C VAL U 34 26.97 79.92 -36.41
N LYS U 35 26.26 80.88 -35.83
CA LYS U 35 26.86 82.12 -35.37
C LYS U 35 27.44 81.90 -33.96
N GLY U 36 28.45 82.72 -33.64
CA GLY U 36 29.05 82.63 -32.31
C GLY U 36 28.09 82.99 -31.20
N VAL U 37 28.30 82.33 -30.06
CA VAL U 37 27.41 82.55 -28.89
C VAL U 37 27.82 83.86 -28.26
N ALA U 38 26.84 84.75 -28.08
CA ALA U 38 27.01 86.09 -27.51
C ALA U 38 27.01 86.02 -25.99
N GLU U 39 27.52 87.06 -25.35
CA GLU U 39 27.55 87.18 -23.87
C GLU U 39 26.12 87.24 -23.33
N GLU U 40 25.24 87.91 -24.06
CA GLU U 40 23.83 88.07 -23.65
C GLU U 40 23.14 86.71 -23.52
N GLU U 41 23.44 85.77 -24.41
CA GLU U 41 22.83 84.42 -24.33
C GLU U 41 23.29 83.76 -23.02
N LEU U 42 24.56 83.92 -22.72
CA LEU U 42 25.23 83.30 -21.55
C LEU U 42 24.78 83.87 -20.21
N THR U 43 24.53 85.17 -20.09
CA THR U 43 24.12 85.72 -18.78
C THR U 43 22.61 85.61 -18.61
N PRO U 44 22.07 84.98 -17.56
CA PRO U 44 20.63 84.76 -17.42
C PRO U 44 19.87 86.06 -17.26
N ALA U 45 18.57 85.99 -17.53
CA ALA U 45 17.72 87.11 -17.24
C ALA U 45 17.67 87.33 -15.72
N LYS U 46 17.26 88.53 -15.34
CA LYS U 46 17.30 88.94 -13.95
C LYS U 46 15.97 88.76 -13.22
N GLU U 47 14.85 88.86 -13.93
CA GLU U 47 13.55 88.61 -13.31
C GLU U 47 13.43 87.11 -13.05
N VAL U 48 12.95 86.75 -11.87
CA VAL U 48 12.93 85.36 -11.42
C VAL U 48 11.52 84.82 -11.51
N LEU U 49 11.39 83.57 -11.93
CA LEU U 49 10.10 82.89 -11.98
C LEU U 49 9.93 82.16 -10.65
N ASN U 50 8.95 82.61 -9.88
CA ASN U 50 8.66 82.04 -8.57
C ASN U 50 7.42 81.15 -8.69
N VAL U 51 7.56 79.89 -8.31
CA VAL U 51 6.44 78.97 -8.34
C VAL U 51 5.72 79.06 -6.99
N LYS U 52 4.47 79.52 -7.03
CA LYS U 52 3.73 79.74 -5.80
C LYS U 52 3.28 78.40 -5.23
N TYR U 53 3.53 78.20 -3.93
CA TYR U 53 3.05 76.99 -3.28
C TYR U 53 1.58 77.17 -2.93
N MET U 54 0.74 76.24 -3.37
CA MET U 54 -0.69 76.34 -3.12
C MET U 54 -1.31 74.96 -3.22
N GLN U 55 -2.11 74.58 -2.22
CA GLN U 55 -2.94 73.39 -2.34
C GLN U 55 -3.67 73.40 -3.68
N ILE U 56 -3.25 72.57 -4.62
CA ILE U 56 -3.92 72.46 -5.92
C ILE U 56 -4.72 71.17 -5.92
N ASP U 57 -6.04 71.28 -5.79
CA ASP U 57 -6.92 70.13 -5.90
C ASP U 57 -7.54 70.16 -7.29
N VAL U 58 -7.29 69.12 -8.09
CA VAL U 58 -7.69 69.12 -9.49
C VAL U 58 -8.24 67.73 -9.85
N PRO U 59 -9.11 67.67 -10.87
CA PRO U 59 -9.68 66.36 -11.21
C PRO U 59 -8.73 65.47 -11.99
N ALA U 60 -9.20 64.25 -12.31
CA ALA U 60 -8.45 63.38 -13.20
C ALA U 60 -8.25 64.05 -14.56
N HIS U 61 -9.28 64.71 -15.07
CA HIS U 61 -9.23 65.45 -16.33
C HIS U 61 -8.53 66.78 -16.11
N ILE U 62 -7.22 66.84 -16.31
CA ILE U 62 -6.53 68.12 -16.19
C ILE U 62 -7.00 69.00 -17.36
N THR U 63 -7.43 70.22 -17.04
CA THR U 63 -7.85 71.18 -18.05
C THR U 63 -7.39 72.57 -17.65
N VAL U 64 -7.15 73.41 -18.66
CA VAL U 64 -6.77 74.81 -18.47
C VAL U 64 -7.79 75.43 -17.53
N GLY U 65 -9.06 75.10 -17.72
CA GLY U 65 -10.10 75.61 -16.85
C GLY U 65 -9.98 75.13 -15.40
N ALA U 66 -9.62 73.86 -15.21
CA ALA U 66 -9.55 73.31 -13.85
C ALA U 66 -8.44 73.96 -13.04
N LEU U 67 -7.33 74.34 -13.67
CA LEU U 67 -6.22 74.98 -13.01
C LEU U 67 -6.31 76.50 -13.10
N GLU U 68 -7.26 77.01 -13.87
CA GLU U 68 -7.40 78.44 -14.13
C GLU U 68 -7.54 79.25 -12.85
N GLY U 69 -8.35 78.76 -11.90
CA GLY U 69 -8.48 79.47 -10.62
C GLY U 69 -7.19 79.51 -9.83
N ALA U 70 -6.40 78.45 -9.89
CA ALA U 70 -5.14 78.39 -9.16
C ALA U 70 -4.14 79.40 -9.71
N PHE U 71 -3.92 79.40 -11.02
CA PHE U 71 -2.95 80.32 -11.61
C PHE U 71 -3.36 81.77 -11.46
N LYS U 72 -4.65 82.03 -11.22
CA LYS U 72 -5.11 83.40 -10.99
C LYS U 72 -4.42 84.02 -9.78
N ASN U 73 -4.03 83.19 -8.80
CA ASN U 73 -3.35 83.66 -7.59
C ASN U 73 -1.83 83.71 -7.75
N ALA U 74 -1.29 83.27 -8.87
CA ALA U 74 0.14 83.29 -9.10
C ALA U 74 0.57 84.57 -9.81
N GLU U 75 1.87 84.85 -9.75
CA GLU U 75 2.49 85.98 -10.42
C GLU U 75 3.41 85.48 -11.52
N GLY U 76 3.24 86.02 -12.72
CA GLY U 76 3.98 85.54 -13.88
C GLY U 76 4.95 86.54 -14.48
N VAL U 77 5.98 86.04 -15.14
CA VAL U 77 6.97 86.87 -15.80
C VAL U 77 6.66 86.92 -17.30
N GLN U 78 6.93 88.07 -17.92
CA GLN U 78 6.73 88.25 -19.35
C GLN U 78 8.06 88.01 -20.05
N VAL U 79 8.16 86.88 -20.74
CA VAL U 79 9.37 86.50 -21.45
C VAL U 79 9.31 87.05 -22.87
N LYS U 80 10.46 87.48 -23.38
CA LYS U 80 10.58 88.01 -24.73
C LYS U 80 11.05 86.92 -25.68
N LEU U 81 10.43 86.88 -26.86
CA LEU U 81 10.72 85.87 -27.87
C LEU U 81 11.22 86.56 -29.13
N GLN U 82 12.13 85.88 -29.84
CA GLN U 82 12.80 86.50 -30.97
C GLN U 82 13.03 85.45 -32.06
N LYS U 83 13.20 85.95 -33.29
CA LYS U 83 13.54 85.09 -34.41
C LYS U 83 14.86 84.39 -34.14
N GLN U 84 14.99 83.14 -34.60
CA GLN U 84 16.22 82.40 -34.42
C GLN U 84 17.19 82.78 -35.54
N ASP U 85 18.24 83.51 -35.19
CA ASP U 85 19.25 83.92 -36.14
C ASP U 85 20.55 83.13 -36.02
N LYS U 86 20.69 82.31 -34.97
CA LYS U 86 22.01 81.85 -34.56
C LYS U 86 22.53 80.66 -35.35
N ALA U 87 21.66 79.80 -35.86
CA ALA U 87 22.11 78.61 -36.56
C ALA U 87 21.15 78.24 -37.67
N PHE U 88 21.63 77.46 -38.63
CA PHE U 88 20.80 77.01 -39.74
C PHE U 88 19.86 75.90 -39.28
N PRO U 89 18.58 75.91 -39.70
CA PRO U 89 17.90 76.97 -40.45
C PRO U 89 17.45 78.12 -39.57
N ASN U 90 17.18 79.27 -40.17
CA ASN U 90 16.71 80.44 -39.45
C ASN U 90 15.23 80.64 -39.72
N GLY U 91 14.48 80.96 -38.67
CA GLY U 91 13.06 81.16 -38.79
C GLY U 91 12.48 81.75 -37.52
N GLY U 92 11.17 81.90 -37.52
CA GLY U 92 10.48 82.46 -36.37
C GLY U 92 10.17 83.93 -36.57
N GLY U 93 9.69 84.53 -35.49
CA GLY U 93 9.30 85.93 -35.49
C GLY U 93 7.82 86.15 -35.37
N SER U 94 7.02 85.07 -35.40
CA SER U 94 5.57 85.21 -35.41
C SER U 94 5.04 85.65 -34.04
N VAL U 95 5.66 85.22 -32.96
CA VAL U 95 5.27 85.64 -31.61
C VAL U 95 6.47 86.29 -30.95
N ASN U 96 6.23 87.38 -30.22
CA ASN U 96 7.29 88.18 -29.62
C ASN U 96 7.36 88.06 -28.10
N SER U 97 6.26 87.74 -27.44
CA SER U 97 6.22 87.67 -25.99
C SER U 97 5.33 86.51 -25.58
N ALA U 98 5.58 86.00 -24.36
CA ALA U 98 4.74 84.95 -23.79
C ALA U 98 4.77 85.09 -22.27
N GLU U 99 3.59 84.99 -21.66
CA GLU U 99 3.47 84.96 -20.22
C GLU U 99 3.62 83.53 -19.71
N ILE U 100 4.39 83.36 -18.64
CA ILE U 100 4.59 82.06 -18.03
C ILE U 100 4.36 82.17 -16.53
N LYS U 101 3.49 81.31 -16.01
CA LYS U 101 3.24 81.19 -14.59
C LYS U 101 3.52 79.75 -14.17
N ALA U 102 3.75 79.56 -12.87
CA ALA U 102 4.11 78.23 -12.38
C ALA U 102 3.70 78.09 -10.93
N ILE U 103 3.22 76.90 -10.58
CA ILE U 103 2.73 76.60 -9.24
C ILE U 103 3.05 75.15 -8.91
N HIS U 104 3.11 74.84 -7.62
CA HIS U 104 3.28 73.46 -7.18
C HIS U 104 2.60 73.25 -5.84
N ASP U 105 2.14 72.03 -5.61
CA ASP U 105 1.47 71.64 -4.37
C ASP U 105 2.38 70.89 -3.41
N GLY U 106 3.61 70.58 -3.82
CA GLY U 106 4.50 69.71 -3.07
C GLY U 106 4.64 68.31 -3.65
N ILE U 107 3.76 67.92 -4.58
CA ILE U 107 3.86 66.66 -5.29
C ILE U 107 3.99 66.88 -6.79
N THR U 108 3.18 67.78 -7.35
CA THR U 108 3.13 68.04 -8.78
C THR U 108 3.41 69.52 -9.03
N ILE U 109 4.15 69.80 -10.11
CA ILE U 109 4.45 71.17 -10.53
C ILE U 109 3.70 71.46 -11.82
N TYR U 110 3.16 72.67 -11.93
CA TYR U 110 2.38 73.09 -13.09
C TYR U 110 2.96 74.37 -13.65
N PHE U 111 3.14 74.43 -14.96
CA PHE U 111 3.55 75.64 -15.67
C PHE U 111 2.45 76.03 -16.64
N GLN U 112 2.11 77.32 -16.67
CA GLN U 112 1.14 77.86 -17.61
C GLN U 112 1.84 78.83 -18.56
N VAL U 113 1.69 78.61 -19.85
CA VAL U 113 2.29 79.45 -20.88
C VAL U 113 1.19 80.01 -21.77
N ILE U 114 1.23 81.32 -22.00
CA ILE U 114 0.24 82.02 -22.82
C ILE U 114 0.97 82.90 -23.82
N TRP U 115 0.60 82.78 -25.10
CA TRP U 115 1.17 83.61 -26.16
C TRP U 115 0.09 83.91 -27.19
N ASP U 116 0.37 84.91 -28.03
CA ASP U 116 -0.59 85.38 -29.02
C ASP U 116 -0.33 84.68 -30.35
N ASP U 117 -1.36 84.02 -30.87
CA ASP U 117 -1.27 83.34 -32.17
C ASP U 117 -2.64 83.39 -32.82
N ALA U 118 -2.70 83.92 -34.05
CA ALA U 118 -3.97 84.12 -34.71
C ALA U 118 -4.53 82.86 -35.35
N THR U 119 -3.76 81.77 -35.40
CA THR U 119 -4.13 80.56 -36.10
C THR U 119 -3.93 79.36 -35.18
N ASP U 120 -4.90 78.45 -35.17
CA ASP U 120 -4.77 77.18 -34.47
C ASP U 120 -4.37 76.12 -35.49
N ASN U 121 -3.07 75.86 -35.58
CA ASN U 121 -2.54 74.83 -36.46
C ASN U 121 -2.42 73.54 -35.66
N LYS U 122 -3.38 72.64 -35.85
CA LYS U 122 -3.49 71.43 -35.05
C LYS U 122 -3.28 70.15 -35.84
N GLN U 123 -2.70 70.23 -37.04
CA GLN U 123 -2.48 69.03 -37.84
C GLN U 123 -1.11 69.08 -38.51
N ALA U 124 -0.52 67.90 -38.69
CA ALA U 124 0.76 67.75 -39.35
C ALA U 124 0.72 66.55 -40.28
N ILE U 125 -0.36 66.43 -41.04
CA ILE U 125 -0.53 65.33 -41.99
C ILE U 125 -0.19 65.75 -43.41
N ALA U 126 -0.57 66.97 -43.79
CA ALA U 126 -0.23 67.43 -45.13
C ALA U 126 1.22 67.89 -45.15
N THR U 127 1.87 67.71 -46.30
CA THR U 127 3.29 68.03 -46.38
C THR U 127 3.55 69.52 -46.19
N GLN U 128 2.59 70.37 -46.55
CA GLN U 128 2.76 71.81 -46.46
C GLN U 128 2.31 72.40 -45.13
N GLU U 129 1.67 71.61 -44.29
CA GLU U 129 1.12 72.09 -43.02
C GLU U 129 1.97 71.61 -41.86
N PHE U 130 2.09 72.46 -40.84
CA PHE U 130 2.91 72.20 -39.66
C PHE U 130 2.11 72.53 -38.40
N ARG U 131 2.65 72.15 -37.25
CA ARG U 131 1.94 72.23 -35.99
C ARG U 131 2.35 73.46 -35.18
N ASP U 132 1.41 73.94 -34.38
CA ASP U 132 1.72 74.90 -33.33
C ASP U 132 2.32 74.16 -32.15
N GLY U 133 3.36 74.73 -31.57
CA GLY U 133 4.04 74.06 -30.47
C GLY U 133 4.62 75.04 -29.48
N ALA U 134 4.88 74.52 -28.28
CA ALA U 134 5.54 75.26 -27.23
C ALA U 134 6.43 74.31 -26.46
N ALA U 135 7.50 74.84 -25.88
CA ALA U 135 8.46 73.98 -25.20
C ALA U 135 9.09 74.72 -24.04
N LEU U 136 9.40 73.98 -22.99
CA LEU U 136 10.12 74.45 -21.84
C LEU U 136 11.39 73.61 -21.68
N MET U 137 12.42 74.22 -21.08
CA MET U 137 13.73 73.58 -21.01
C MET U 137 14.32 73.78 -19.62
N PHE U 138 14.96 72.73 -19.10
CA PHE U 138 15.55 72.79 -17.77
C PHE U 138 16.91 72.09 -17.78
N PRO U 139 17.90 72.66 -17.11
CA PRO U 139 19.20 71.97 -17.00
C PRO U 139 19.10 70.78 -16.07
N LEU U 140 19.91 69.76 -16.37
CA LEU U 140 19.95 68.56 -15.54
C LEU U 140 20.91 68.81 -14.39
N GLY U 141 20.45 68.55 -13.17
CA GLY U 141 21.25 68.89 -12.01
C GLY U 141 21.12 70.35 -11.64
N LYS U 142 21.84 70.72 -10.59
CA LYS U 142 21.83 72.12 -10.12
C LYS U 142 23.08 72.81 -10.65
N ILE U 143 22.89 73.88 -11.38
CA ILE U 143 24.01 74.54 -12.08
C ILE U 143 23.89 76.05 -11.87
N THR U 144 25.01 76.76 -11.96
CA THR U 144 25.03 78.24 -11.91
C THR U 144 25.44 78.71 -13.30
N ILE U 145 24.78 79.75 -13.79
CA ILE U 145 25.09 80.30 -15.14
C ILE U 145 25.63 81.72 -14.98
N SER U 146 26.71 82.00 -15.67
CA SER U 146 27.40 83.29 -15.71
C SER U 146 28.39 83.26 -16.88
N PRO U 147 28.82 84.44 -17.37
CA PRO U 147 29.84 84.44 -18.43
C PRO U 147 31.13 83.76 -18.02
N GLU U 148 31.44 83.76 -16.73
CA GLU U 148 32.65 83.08 -16.27
C GLU U 148 32.49 81.57 -16.31
N GLU U 149 31.26 81.08 -16.19
CA GLU U 149 30.94 79.66 -16.26
C GLU U 149 29.83 79.42 -17.27
N PRO U 150 30.17 79.24 -18.54
CA PRO U 150 29.13 79.25 -19.59
C PRO U 150 28.36 77.94 -19.67
N PHE U 151 27.05 78.08 -19.83
CA PHE U 151 26.12 76.97 -20.07
C PHE U 151 25.19 77.43 -21.19
N SER U 152 25.45 76.97 -22.39
CA SER U 152 24.76 77.49 -23.57
C SER U 152 23.25 77.31 -23.47
N PRO U 153 22.45 78.35 -23.73
CA PRO U 153 21.00 78.19 -23.75
C PRO U 153 20.46 77.67 -25.08
N ARG U 154 21.34 77.30 -26.02
CA ARG U 154 20.93 76.77 -27.31
C ARG U 154 20.69 75.26 -27.18
N MET U 155 19.60 74.94 -26.47
CA MET U 155 19.24 73.56 -26.15
C MET U 155 20.37 72.81 -25.46
N GLY U 156 21.07 73.51 -24.56
CA GLY U 156 22.18 72.90 -23.86
C GLY U 156 23.46 72.94 -24.68
N ASP U 157 24.42 72.10 -24.27
CA ASP U 157 25.65 71.94 -25.03
C ASP U 157 26.27 70.60 -24.63
N ARG U 158 27.33 70.25 -25.36
CA ARG U 158 27.96 68.95 -25.18
C ARG U 158 28.59 68.85 -23.79
N GLN U 159 28.41 67.70 -23.15
CA GLN U 159 28.79 67.47 -21.75
C GLN U 159 28.01 68.36 -20.80
N LYS U 160 26.93 68.95 -21.29
CA LYS U 160 26.04 69.79 -20.48
C LYS U 160 24.60 69.51 -20.90
N PRO U 161 24.05 68.36 -20.50
CA PRO U 161 22.73 67.96 -20.99
C PRO U 161 21.61 68.80 -20.40
N VAL U 162 20.45 68.70 -21.04
CA VAL U 162 19.29 69.53 -20.68
C VAL U 162 18.03 68.71 -20.90
N ASN U 163 16.98 69.03 -20.14
CA ASN U 163 15.67 68.39 -20.26
C ASN U 163 14.70 69.32 -20.96
N LEU U 164 13.92 68.77 -21.88
CA LEU U 164 12.95 69.52 -22.67
C LEU U 164 11.57 68.91 -22.56
N TRP U 165 10.55 69.77 -22.49
CA TRP U 165 9.14 69.37 -22.54
C TRP U 165 8.52 70.03 -23.77
N HIS U 166 8.20 69.24 -24.79
CA HIS U 166 7.69 69.78 -26.04
C HIS U 166 6.19 69.50 -26.15
N TRP U 167 5.39 70.56 -26.09
CA TRP U 167 3.96 70.45 -26.32
C TRP U 167 3.66 70.52 -27.80
N LYS U 168 2.78 69.64 -28.27
CA LYS U 168 2.39 69.57 -29.67
C LYS U 168 0.88 69.69 -29.77
N ALA U 169 0.41 70.64 -30.60
CA ALA U 169 -1.02 70.86 -30.73
C ALA U 169 -1.71 69.68 -31.40
N ASP U 170 -1.05 69.07 -32.39
CA ASP U 170 -1.64 67.93 -33.08
C ASP U 170 -1.81 66.72 -32.16
N TRP U 171 -0.91 66.55 -31.19
CA TRP U 171 -1.02 65.41 -30.28
C TRP U 171 -2.29 65.46 -29.44
N GLU U 172 -2.69 66.66 -29.01
CA GLU U 172 -3.97 66.78 -28.30
C GLU U 172 -5.14 66.48 -29.22
N ALA U 173 -5.05 66.91 -30.48
CA ALA U 173 -6.08 66.51 -31.43
C ALA U 173 -6.07 65.00 -31.63
N ASP U 174 -4.88 64.39 -31.55
CA ASP U 174 -4.77 62.93 -31.63
C ASP U 174 -5.45 62.27 -30.43
N LEU U 175 -5.42 62.94 -29.27
CA LEU U 175 -6.04 62.38 -28.07
C LEU U 175 -7.54 62.20 -28.26
N LEU U 176 -8.14 63.01 -29.13
CA LEU U 176 -9.57 62.96 -29.42
C LEU U 176 -9.90 62.12 -30.64
N ALA U 177 -8.88 61.60 -31.31
CA ALA U 177 -9.09 60.74 -32.47
C ALA U 177 -9.55 59.36 -32.02
N THR U 178 -10.16 58.63 -32.94
CA THR U 178 -10.76 57.33 -32.57
C THR U 178 -9.70 56.32 -32.19
N GLY U 179 -8.49 56.50 -32.68
CA GLY U 179 -7.46 55.52 -32.39
C GLY U 179 -6.34 56.09 -31.55
N GLY U 180 -6.50 57.28 -31.01
CA GLY U 180 -5.44 57.95 -30.31
C GLY U 180 -4.49 58.67 -31.24
N ILE U 181 -4.75 58.62 -32.54
CA ILE U 181 -3.94 59.30 -33.56
C ILE U 181 -4.85 59.59 -34.75
N GLU U 182 -4.71 60.80 -35.30
CA GLU U 182 -5.48 61.15 -36.47
C GLU U 182 -4.96 60.40 -37.69
N GLU U 183 -5.90 59.93 -38.51
CA GLU U 183 -5.59 59.14 -39.69
C GLU U 183 -5.75 60.03 -40.92
N CYS U 184 -5.31 59.49 -42.05
CA CYS U 184 -5.29 60.29 -43.27
C CYS U 184 -6.67 60.82 -43.68
N PRO U 185 -7.76 60.06 -43.61
CA PRO U 185 -9.07 60.62 -44.02
C PRO U 185 -9.51 61.86 -43.25
N ALA U 186 -8.95 62.12 -42.07
CA ALA U 186 -9.32 63.33 -41.33
C ALA U 186 -8.93 64.58 -42.09
N ARG U 187 -7.85 64.51 -42.88
CA ARG U 187 -7.42 65.63 -43.70
C ARG U 187 -7.92 65.54 -45.13
N TYR U 188 -8.01 64.33 -45.70
CA TYR U 188 -8.45 64.13 -47.08
C TYR U 188 -9.70 63.25 -47.03
N PRO U 189 -10.86 63.86 -46.73
CA PRO U 189 -12.08 63.06 -46.54
C PRO U 189 -12.60 62.40 -47.82
N ASN U 190 -12.16 62.83 -48.99
CA ASN U 190 -12.59 62.26 -50.25
C ASN U 190 -11.70 61.11 -50.70
N MET U 191 -10.72 60.73 -49.88
CA MET U 191 -9.71 59.75 -50.27
C MET U 191 -10.34 58.38 -50.52
N HIS U 192 -9.65 57.60 -51.34
CA HIS U 192 -9.99 56.19 -51.53
C HIS U 192 -8.72 55.38 -51.76
N ASP U 193 -8.62 54.26 -51.05
CA ASP U 193 -7.55 53.29 -51.27
C ASP U 193 -8.19 51.94 -51.46
N ASP U 194 -7.71 51.19 -52.46
CA ASP U 194 -8.32 49.91 -52.80
C ASP U 194 -8.08 48.84 -51.74
N PHE U 195 -7.18 49.07 -50.78
CA PHE U 195 -6.97 48.16 -49.67
C PHE U 195 -7.47 48.72 -48.34
N SER U 196 -7.01 49.91 -47.96
CA SER U 196 -7.38 50.49 -46.67
C SER U 196 -8.81 51.03 -46.64
N THR U 197 -9.36 51.42 -47.79
CA THR U 197 -10.72 51.93 -47.89
C THR U 197 -11.59 50.98 -48.70
N ASN U 198 -11.39 49.68 -48.49
CA ASN U 198 -12.22 48.67 -49.14
C ASN U 198 -13.19 48.09 -48.13
N PRO U 199 -14.50 48.24 -48.33
CA PRO U 199 -15.46 47.66 -47.38
C PRO U 199 -15.58 46.15 -47.45
N HIS U 200 -14.95 45.50 -48.44
CA HIS U 200 -15.07 44.07 -48.63
C HIS U 200 -13.78 43.32 -48.33
N SER U 201 -12.82 43.98 -47.67
CA SER U 201 -11.53 43.34 -47.42
C SER U 201 -11.67 42.14 -46.51
N VAL U 202 -11.08 41.04 -46.95
CA VAL U 202 -11.05 39.89 -46.09
C VAL U 202 -10.08 40.14 -44.95
N ASN U 203 -10.34 39.43 -43.88
CA ASN U 203 -9.82 39.75 -42.58
C ASN U 203 -8.31 39.52 -42.54
N TYR U 204 -7.86 38.36 -43.03
CA TYR U 204 -6.46 37.98 -43.01
C TYR U 204 -5.63 38.85 -43.95
N HIS U 205 -6.24 39.39 -45.00
CA HIS U 205 -5.51 40.32 -45.87
C HIS U 205 -5.23 41.62 -45.12
N LYS U 206 -6.27 42.24 -44.57
CA LYS U 206 -6.09 43.47 -43.81
C LYS U 206 -5.18 43.26 -42.61
N GLY U 207 -5.28 42.09 -41.96
CA GLY U 207 -4.42 41.83 -40.82
C GLY U 207 -2.95 41.85 -41.17
N VAL U 208 -2.60 41.29 -42.33
CA VAL U 208 -1.21 41.30 -42.77
C VAL U 208 -0.82 42.69 -43.28
N ILE U 209 -1.67 43.30 -44.11
CA ILE U 209 -1.30 44.54 -44.77
C ILE U 209 -1.15 45.68 -43.75
N GLN U 210 -2.07 45.76 -42.79
CA GLN U 210 -2.02 46.79 -41.76
C GLN U 210 -1.37 46.29 -40.48
N SER U 211 -0.57 45.23 -40.57
CA SER U 211 0.29 44.83 -39.46
C SER U 211 1.42 45.84 -39.27
N ALA U 212 1.99 45.83 -38.07
CA ALA U 212 3.06 46.77 -37.75
C ALA U 212 4.23 46.62 -38.69
N ALA U 213 4.58 45.37 -39.05
CA ALA U 213 5.74 45.14 -39.90
C ALA U 213 5.57 45.75 -41.29
N GLU U 214 4.35 45.69 -41.83
CA GLU U 214 4.13 46.16 -43.19
C GLU U 214 3.78 47.65 -43.27
N LEU U 215 3.41 48.29 -42.15
CA LEU U 215 3.34 49.75 -42.19
C LEU U 215 4.75 50.34 -42.30
N SER U 216 5.74 49.62 -41.75
CA SER U 216 7.18 49.82 -41.99
C SER U 216 7.60 51.28 -42.06
N GLY U 217 7.24 52.04 -41.04
CA GLY U 217 7.73 53.39 -40.91
C GLY U 217 7.98 53.72 -39.46
N GLY U 218 7.90 55.00 -39.10
CA GLY U 218 7.86 55.37 -37.69
C GLY U 218 7.06 54.39 -36.85
N TYR U 219 5.97 53.86 -37.41
CA TYR U 219 5.13 52.89 -36.70
C TYR U 219 5.90 51.61 -36.41
N ALA U 220 6.62 51.09 -37.41
CA ALA U 220 7.41 49.89 -37.18
C ALA U 220 8.64 50.20 -36.33
N ALA U 221 9.18 51.41 -36.45
CA ALA U 221 10.31 51.85 -35.64
C ALA U 221 9.91 52.34 -34.27
N HIS U 222 8.62 52.25 -33.92
CA HIS U 222 8.11 52.70 -32.63
C HIS U 222 8.42 54.17 -32.37
N ASN U 223 8.44 54.98 -33.42
CA ASN U 223 8.56 56.42 -33.28
C ASN U 223 7.29 56.99 -32.66
N LEU U 224 7.45 57.76 -31.57
CA LEU U 224 6.29 58.28 -30.85
C LEU U 224 5.40 59.12 -31.76
N LEU U 225 6.00 59.90 -32.68
CA LEU U 225 5.19 60.72 -33.57
C LEU U 225 4.31 59.91 -34.50
N SER U 226 4.57 58.60 -34.63
CA SER U 226 3.78 57.75 -35.50
C SER U 226 2.80 56.86 -34.76
N LEU U 227 2.87 56.83 -33.43
CA LEU U 227 2.04 55.94 -32.63
C LEU U 227 1.00 56.73 -31.85
N PRO U 228 -0.07 56.07 -31.40
CA PRO U 228 -0.98 56.72 -30.44
C PRO U 228 -0.34 56.71 -29.05
N ARG U 229 0.50 57.71 -28.82
CA ARG U 229 1.30 57.77 -27.59
C ARG U 229 0.48 58.12 -26.36
N GLY U 230 -0.75 58.63 -26.53
CA GLY U 230 -1.55 58.98 -25.38
C GLY U 230 -1.01 60.15 -24.59
N ARG U 231 -0.43 61.14 -25.27
CA ARG U 231 0.24 62.23 -24.59
C ARG U 231 0.13 63.50 -25.39
N ALA U 232 0.28 64.63 -24.70
CA ALA U 232 0.27 65.94 -25.31
C ALA U 232 1.62 66.63 -25.29
N VAL U 233 2.54 66.18 -24.45
CA VAL U 233 3.85 66.79 -24.29
C VAL U 233 4.90 65.69 -24.34
N GLU U 234 6.00 65.94 -25.05
CA GLU U 234 7.07 64.97 -25.18
C GLU U 234 8.18 65.27 -24.19
N ASP U 235 8.66 64.23 -23.51
CA ASP U 235 9.77 64.33 -22.54
C ASP U 235 11.02 64.01 -23.34
N LEU U 236 11.90 64.97 -23.54
CA LEU U 236 13.11 64.66 -24.32
C LEU U 236 14.32 65.37 -23.74
N ASN U 237 15.48 65.02 -24.26
CA ASN U 237 16.76 65.55 -23.77
C ASN U 237 17.57 66.04 -24.96
N ALA U 238 18.52 66.90 -24.69
CA ALA U 238 19.40 67.44 -25.71
C ALA U 238 20.71 67.86 -25.07
N GLU U 239 21.78 67.73 -25.83
CA GLU U 239 23.10 68.25 -25.47
C GLU U 239 23.53 69.29 -26.50
N GLY U 240 22.61 70.17 -26.85
CA GLY U 240 22.81 71.14 -27.90
C GLY U 240 21.83 70.95 -29.04
N PHE U 241 21.77 71.96 -29.89
CA PHE U 241 20.88 71.87 -31.04
C PHE U 241 21.51 70.96 -32.08
N GLY U 242 20.67 70.17 -32.74
CA GLY U 242 21.14 69.12 -33.63
C GLY U 242 21.38 67.79 -32.95
N THR U 243 21.11 67.68 -31.66
CA THR U 243 21.35 66.45 -30.91
C THR U 243 20.12 66.00 -30.13
N LEU U 244 18.96 66.62 -30.35
CA LEU U 244 17.78 66.36 -29.54
C LEU U 244 17.40 64.88 -29.58
N THR U 245 17.01 64.34 -28.43
CA THR U 245 16.73 62.92 -28.30
C THR U 245 15.47 62.70 -27.50
N SER U 246 14.60 61.82 -28.00
CA SER U 246 13.38 61.45 -27.29
C SER U 246 13.67 60.44 -26.20
N GLN U 247 13.13 60.67 -25.01
CA GLN U 247 13.36 59.77 -23.88
C GLN U 247 12.51 58.50 -24.02
N ASP U 248 13.03 57.41 -23.46
CA ASP U 248 12.30 56.15 -23.47
C ASP U 248 11.14 56.20 -22.48
N HIS U 249 11.35 56.79 -21.31
CA HIS U 249 10.34 56.88 -20.25
C HIS U 249 9.81 58.31 -20.22
N GLN U 250 8.60 58.49 -20.74
CA GLN U 250 8.00 59.82 -20.82
C GLN U 250 7.19 60.08 -19.55
N ASP U 251 7.42 61.24 -18.92
CA ASP U 251 6.83 61.55 -17.64
C ASP U 251 6.01 62.82 -17.62
N VAL U 252 6.14 63.69 -18.61
CA VAL U 252 5.44 64.97 -18.64
C VAL U 252 4.19 64.84 -19.48
N ASP U 253 3.11 65.51 -19.04
CA ASP U 253 1.85 65.58 -19.75
C ASP U 253 1.38 67.03 -19.72
N GLY U 254 0.23 67.30 -20.34
CA GLY U 254 -0.28 68.66 -20.35
C GLY U 254 -1.58 68.76 -21.13
N CYS U 255 -2.21 69.92 -20.97
CA CYS U 255 -3.43 70.28 -21.67
C CYS U 255 -3.29 71.71 -22.21
N SER U 256 -4.26 72.09 -23.04
CA SER U 256 -4.20 73.38 -23.71
C SER U 256 -5.61 73.83 -24.12
N LYS U 257 -5.68 75.07 -24.61
CA LYS U 257 -6.89 75.65 -25.15
C LYS U 257 -6.50 76.79 -26.09
N PHE U 258 -7.19 76.89 -27.22
CA PHE U 258 -7.02 77.99 -28.16
C PHE U 258 -8.25 78.86 -28.08
N GLU U 259 -8.08 80.10 -27.63
CA GLU U 259 -9.21 81.00 -27.44
C GLU U 259 -8.79 82.45 -27.69
N ASN U 260 -9.72 83.22 -28.24
CA ASN U 260 -9.56 84.64 -28.54
C ASN U 260 -8.17 84.90 -29.13
N LYS U 261 -7.85 84.20 -30.19
CA LYS U 261 -6.61 84.38 -30.95
C LYS U 261 -5.35 84.29 -30.09
N LYS U 262 -5.38 83.47 -29.04
CA LYS U 262 -4.19 83.26 -28.22
C LYS U 262 -4.21 81.84 -27.65
N TRP U 263 -3.02 81.29 -27.45
CA TRP U 263 -2.83 79.94 -26.94
C TRP U 263 -2.56 79.96 -25.44
N THR U 264 -3.16 79.03 -24.71
CA THR U 264 -2.91 78.82 -23.29
C THR U 264 -2.60 77.35 -23.08
N VAL U 265 -1.38 77.05 -22.67
CA VAL U 265 -0.91 75.68 -22.47
C VAL U 265 -0.46 75.51 -21.03
N VAL U 266 -0.80 74.36 -20.44
CA VAL U 266 -0.35 74.01 -19.10
C VAL U 266 0.45 72.72 -19.17
N PHE U 267 1.62 72.72 -18.55
CA PHE U 267 2.51 71.56 -18.47
C PHE U 267 2.42 70.97 -17.08
N CYS U 268 2.30 69.65 -16.96
CA CYS U 268 2.20 69.03 -15.64
C CYS U 268 3.07 67.80 -15.54
N ARG U 269 3.89 67.74 -14.50
CA ARG U 269 4.67 66.56 -14.19
C ARG U 269 5.04 66.65 -12.71
N SER U 270 5.19 65.49 -12.09
CA SER U 270 5.54 65.44 -10.69
C SER U 270 6.91 66.05 -10.44
N LEU U 271 7.09 66.60 -9.25
CA LEU U 271 8.34 67.27 -8.91
C LEU U 271 9.54 66.35 -9.07
N ASN U 272 9.37 65.07 -8.78
CA ASN U 272 10.46 64.10 -8.88
C ASN U 272 10.00 62.87 -9.63
N THR U 273 10.94 62.26 -10.36
CA THR U 273 10.67 61.10 -11.19
C THR U 273 11.81 60.11 -11.03
N GLY U 274 11.50 58.83 -11.26
CA GLY U 274 12.52 57.80 -11.21
C GLY U 274 13.46 57.78 -12.39
N ASP U 275 13.24 58.65 -13.39
CA ASP U 275 14.10 58.72 -14.56
C ASP U 275 15.28 59.64 -14.26
N PRO U 276 16.52 59.14 -14.31
CA PRO U 276 17.67 60.01 -13.99
C PRO U 276 17.91 61.11 -15.01
N LEU U 277 17.41 60.96 -16.24
CA LEU U 277 17.56 61.98 -17.28
C LEU U 277 16.51 63.08 -17.18
N ASP U 278 15.80 63.15 -16.07
CA ASP U 278 14.77 64.16 -15.84
C ASP U 278 15.30 65.26 -14.93
N VAL U 279 14.88 66.48 -15.20
CA VAL U 279 15.24 67.61 -14.31
C VAL U 279 14.55 67.33 -13.00
N GLN U 280 15.19 67.59 -11.89
CA GLN U 280 14.54 67.27 -10.63
C GLN U 280 14.32 68.55 -9.87
N PHE U 281 13.10 68.72 -9.42
CA PHE U 281 12.72 69.91 -8.68
C PHE U 281 12.61 69.58 -7.20
N VAL U 282 13.10 70.49 -6.37
CA VAL U 282 12.97 70.37 -4.91
C VAL U 282 12.37 71.66 -4.38
N PRO U 283 11.33 71.60 -3.55
CA PRO U 283 10.78 72.85 -3.01
C PRO U 283 11.82 73.62 -2.19
N GLY U 284 11.94 74.91 -2.48
CA GLY U 284 12.85 75.84 -1.84
C GLY U 284 14.16 75.99 -2.58
N GLU U 285 14.28 75.34 -3.73
CA GLU U 285 15.54 75.36 -4.50
C GLU U 285 15.33 76.07 -5.84
N SER U 286 16.35 76.75 -6.33
CA SER U 286 16.25 77.48 -7.61
C SER U 286 17.03 76.76 -8.68
N THR U 287 16.63 77.01 -9.93
CA THR U 287 17.22 76.50 -11.18
C THR U 287 16.92 77.52 -12.29
N TYR U 288 17.16 77.14 -13.52
CA TYR U 288 16.89 78.05 -14.65
C TYR U 288 16.02 77.35 -15.68
N PHE U 289 15.27 78.12 -16.45
CA PHE U 289 14.43 77.53 -17.50
C PHE U 289 14.51 78.40 -18.74
N ASN U 290 14.20 77.82 -19.88
CA ASN U 290 14.13 78.53 -21.15
C ASN U 290 12.89 78.06 -21.89
N MET U 291 12.49 78.85 -22.90
CA MET U 291 11.20 78.66 -23.54
C MET U 291 11.34 78.88 -25.04
N ALA U 292 10.42 78.27 -25.79
CA ALA U 292 10.32 78.46 -27.23
C ALA U 292 8.89 78.18 -27.66
N VAL U 293 8.50 78.81 -28.77
CA VAL U 293 7.13 78.70 -29.29
C VAL U 293 7.21 78.51 -30.80
N TRP U 294 6.27 77.73 -31.34
CA TRP U 294 6.18 77.46 -32.76
C TRP U 294 4.84 77.94 -33.30
N ASN U 295 4.86 78.43 -34.53
CA ASN U 295 3.65 78.83 -35.24
C ASN U 295 3.62 78.12 -36.58
N GLY U 296 2.76 77.12 -36.71
CA GLY U 296 2.66 76.38 -37.97
C GLY U 296 2.30 77.24 -39.16
N ASP U 297 1.66 78.39 -38.93
CA ASP U 297 1.29 79.27 -40.03
C ASP U 297 2.52 79.81 -40.74
N ARG U 298 3.58 80.11 -40.00
CA ARG U 298 4.84 80.52 -40.58
C ARG U 298 5.81 79.36 -40.76
N GLU U 299 5.28 78.12 -40.79
CA GLU U 299 6.06 76.91 -41.05
C GLU U 299 7.21 76.76 -40.06
N ASP U 300 6.90 76.86 -38.78
CA ASP U 300 7.90 76.75 -37.71
C ASP U 300 8.06 75.29 -37.32
N ARG U 301 9.27 74.73 -37.46
CA ARG U 301 9.43 73.33 -37.07
C ARG U 301 10.62 73.04 -36.16
N ASN U 302 11.85 73.35 -36.60
CA ASN U 302 12.98 72.95 -35.78
C ASN U 302 13.75 74.14 -35.21
N GLY U 303 14.50 74.87 -36.03
CA GLY U 303 15.23 76.04 -35.67
C GLY U 303 14.57 77.29 -36.10
N GLN U 304 13.44 77.12 -36.76
CA GLN U 304 12.56 78.16 -37.23
C GLN U 304 11.61 78.09 -36.06
N LYS U 305 12.08 78.65 -34.94
CA LYS U 305 11.29 78.66 -33.68
C LYS U 305 11.44 80.02 -32.99
N ASN U 306 10.39 80.43 -32.27
CA ASN U 306 10.35 81.67 -31.50
C ASN U 306 11.19 81.49 -30.23
N ILE U 307 12.48 81.83 -30.30
CA ILE U 307 13.37 81.50 -29.20
C ILE U 307 13.33 82.57 -28.12
N SER U 308 13.58 82.14 -26.90
CA SER U 308 14.08 83.02 -25.86
C SER U 308 15.60 82.84 -25.85
N ILE U 309 16.33 83.95 -25.84
CA ILE U 309 17.77 83.86 -26.07
C ILE U 309 18.55 83.51 -24.81
N GLN U 310 17.99 83.76 -23.63
CA GLN U 310 18.73 83.63 -22.37
C GLN U 310 17.98 82.73 -21.39
N TRP U 311 18.76 82.07 -20.54
CA TRP U 311 18.20 81.35 -19.40
C TRP U 311 17.45 82.30 -18.49
N HIS U 312 16.33 81.83 -17.94
CA HIS U 312 15.59 82.61 -16.97
C HIS U 312 15.61 81.93 -15.60
N PRO U 313 15.80 82.69 -14.53
CA PRO U 313 15.86 82.06 -13.20
C PRO U 313 14.50 81.52 -12.78
N LEU U 314 14.55 80.45 -12.00
CA LEU U 314 13.36 79.78 -11.50
C LEU U 314 13.58 79.50 -10.02
N SER U 315 12.58 79.82 -9.19
CA SER U 315 12.65 79.56 -7.76
C SER U 315 11.43 78.79 -7.32
N LEU U 316 11.64 77.81 -6.45
CA LEU U 316 10.57 77.02 -5.86
C LEU U 316 10.33 77.45 -4.42
N GLU U 317 9.08 77.72 -4.08
CA GLU U 317 8.74 78.02 -2.70
C GLU U 317 8.75 76.74 -1.87
N ARG U 318 8.97 76.89 -0.57
CA ARG U 318 8.92 75.74 0.33
C ARG U 318 7.48 75.47 0.75
N ILE U 319 7.25 74.26 1.23
CA ILE U 319 5.89 73.81 1.54
C ILE U 319 5.47 74.37 2.89
N ALA U 320 4.26 74.93 2.96
CA ALA U 320 3.68 75.43 4.20
C ALA U 320 3.25 74.23 5.05
N TRP U 321 4.24 73.60 5.69
CA TRP U 321 3.97 72.45 6.53
C TRP U 321 3.02 72.82 7.67
N GLN U 322 2.06 71.93 7.93
CA GLN U 322 1.05 72.17 8.95
C GLN U 322 1.56 71.77 10.33
N THR V 2 -25.42 -70.55 41.76
CA THR V 2 -24.27 -70.61 40.87
C THR V 2 -22.99 -70.87 41.68
N LEU V 3 -22.98 -72.04 42.33
CA LEU V 3 -21.83 -72.50 43.11
C LEU V 3 -20.55 -72.18 42.37
N VAL V 4 -19.49 -71.85 43.12
CA VAL V 4 -18.22 -71.45 42.55
C VAL V 4 -17.10 -72.25 43.20
N HIS V 5 -16.05 -72.48 42.43
CA HIS V 5 -14.93 -73.30 42.87
C HIS V 5 -13.98 -72.47 43.70
N ASN V 6 -13.66 -72.99 44.89
CA ASN V 6 -12.65 -72.37 45.75
C ASN V 6 -11.54 -73.36 45.96
N TRP V 7 -10.32 -73.05 45.53
CA TRP V 7 -9.24 -74.05 45.72
C TRP V 7 -8.70 -74.07 47.15
N HIS V 8 -8.94 -73.02 47.93
CA HIS V 8 -8.54 -73.09 49.33
C HIS V 8 -9.39 -74.05 50.14
N LEU V 9 -10.72 -73.93 50.05
CA LEU V 9 -11.57 -74.83 50.82
C LEU V 9 -11.68 -76.19 50.15
N GLY V 10 -11.21 -76.32 48.91
CA GLY V 10 -11.28 -77.56 48.20
C GLY V 10 -12.68 -78.01 47.95
N ARG V 11 -13.61 -77.09 48.00
CA ARG V 11 -15.02 -77.36 47.98
C ARG V 11 -15.61 -76.35 47.03
N ARG V 12 -16.83 -76.64 46.61
CA ARG V 12 -17.57 -75.67 45.82
C ARG V 12 -18.40 -74.78 46.73
N MET V 13 -18.40 -73.48 46.44
CA MET V 13 -19.12 -72.45 47.25
C MET V 13 -19.82 -71.43 46.36
N GLU V 14 -20.97 -70.94 46.84
CA GLU V 14 -21.82 -70.06 46.02
C GLU V 14 -21.46 -68.61 46.36
N TYR V 15 -21.07 -67.87 45.32
CA TYR V 15 -20.74 -66.43 45.39
C TYR V 15 -21.69 -65.77 44.40
N PRO V 16 -22.22 -64.56 44.61
CA PRO V 16 -23.17 -63.99 43.69
C PRO V 16 -22.71 -63.84 42.24
N TYR V 17 -21.43 -63.67 41.99
CA TYR V 17 -21.00 -63.53 40.58
C TYR V 17 -20.33 -64.84 40.13
N PHE V 18 -20.55 -65.18 38.86
CA PHE V 18 -20.03 -66.40 38.21
C PHE V 18 -18.51 -66.34 38.06
N GLU V 19 -17.85 -67.46 38.39
CA GLU V 19 -16.40 -67.55 38.27
C GLU V 19 -15.88 -67.08 36.94
N SER V 20 -14.99 -66.09 37.00
CA SER V 20 -14.21 -65.73 35.83
C SER V 20 -12.95 -65.05 36.34
N ARG V 21 -11.83 -65.80 36.38
CA ARG V 21 -10.58 -65.37 37.01
C ARG V 21 -9.59 -64.85 35.96
N PRO V 22 -8.62 -64.02 36.39
CA PRO V 22 -7.75 -63.33 35.43
C PRO V 22 -6.71 -64.23 34.78
N LYS V 23 -6.08 -63.64 33.77
CA LYS V 23 -4.99 -64.29 33.02
C LYS V 23 -3.84 -64.66 33.95
N HIS V 24 -3.43 -63.72 34.81
CA HIS V 24 -2.65 -64.06 35.97
C HIS V 24 -3.08 -63.18 37.12
N GLN V 25 -2.89 -63.69 38.33
CA GLN V 25 -3.38 -63.01 39.53
C GLN V 25 -2.21 -62.43 40.28
N PHE V 26 -2.31 -61.14 40.55
CA PHE V 26 -1.37 -60.45 41.40
C PHE V 26 -1.29 -61.12 42.76
N ALA V 27 -0.11 -61.61 43.13
CA ALA V 27 0.04 -62.38 44.37
C ALA V 27 1.47 -62.24 44.89
N ALA V 28 1.66 -62.59 46.16
CA ALA V 28 2.97 -62.50 46.81
C ALA V 28 3.05 -63.52 47.95
N VAL V 29 4.28 -63.84 48.32
CA VAL V 29 4.59 -64.78 49.41
C VAL V 29 5.37 -64.03 50.48
N PHE V 30 4.93 -64.17 51.73
CA PHE V 30 5.56 -63.52 52.88
C PHE V 30 6.25 -64.59 53.74
N ASN V 31 7.56 -64.44 53.94
CA ASN V 31 8.31 -65.33 54.80
C ASN V 31 8.24 -64.79 56.23
N ILE V 32 7.31 -65.33 57.01
CA ILE V 32 7.09 -64.83 58.39
C ILE V 32 8.36 -65.02 59.21
N ASN V 33 9.14 -66.02 58.83
CA ASN V 33 10.39 -66.37 59.56
C ASN V 33 11.36 -65.19 59.49
N ARG V 34 11.44 -64.55 58.33
CA ARG V 34 12.35 -63.42 58.05
C ARG V 34 11.75 -62.08 58.47
N CYS V 35 10.51 -62.06 58.89
CA CYS V 35 9.90 -60.77 59.18
C CYS V 35 10.35 -60.22 60.52
N ILE V 36 10.37 -58.90 60.64
CA ILE V 36 10.85 -58.22 61.84
C ILE V 36 9.81 -57.29 62.45
N ALA V 37 8.66 -57.10 61.81
CA ALA V 37 7.64 -56.13 62.25
C ALA V 37 8.23 -54.72 62.30
N CYS V 38 9.11 -54.41 61.34
CA CYS V 38 9.77 -53.12 61.26
C CYS V 38 8.86 -51.98 60.81
N GLN V 39 7.67 -52.29 60.29
CA GLN V 39 6.71 -51.31 59.79
C GLN V 39 7.28 -50.38 58.71
N THR V 40 8.34 -50.79 58.03
CA THR V 40 8.79 -50.04 56.86
C THR V 40 7.78 -50.14 55.72
N CYS V 41 7.28 -51.35 55.47
CA CYS V 41 6.19 -51.53 54.50
C CYS V 41 4.99 -50.69 54.87
N THR V 42 4.70 -50.59 56.17
CA THR V 42 3.56 -49.79 56.63
C THR V 42 3.74 -48.33 56.25
N MET V 43 4.92 -47.78 56.50
CA MET V 43 5.19 -46.39 56.15
C MET V 43 5.35 -46.18 54.65
N ALA V 44 5.68 -47.25 53.91
CA ALA V 44 5.74 -47.14 52.45
C ALA V 44 4.36 -46.80 51.90
N CYS V 45 3.33 -47.52 52.32
CA CYS V 45 1.97 -47.23 51.86
C CYS V 45 1.48 -45.91 52.44
N LYS V 46 1.81 -45.63 53.70
CA LYS V 46 1.32 -44.41 54.35
C LYS V 46 1.83 -43.17 53.63
N SER V 47 3.14 -43.08 53.43
CA SER V 47 3.74 -41.91 52.80
C SER V 47 3.36 -41.75 51.33
N THR V 48 2.56 -42.65 50.78
CA THR V 48 2.25 -42.62 49.35
C THR V 48 0.76 -42.43 49.05
N TRP V 49 -0.13 -43.08 49.79
CA TRP V 49 -1.54 -43.10 49.43
C TRP V 49 -2.48 -42.60 50.51
N THR V 50 -2.20 -42.83 51.78
CA THR V 50 -3.10 -42.49 52.88
C THR V 50 -2.47 -41.47 53.81
N PHE V 51 -1.79 -40.47 53.25
CA PHE V 51 -0.98 -39.54 54.02
C PHE V 51 -1.70 -38.23 54.31
N ASN V 52 -2.92 -38.04 53.81
CA ASN V 52 -3.55 -36.73 53.80
C ASN V 52 -4.74 -36.72 54.75
N LYS V 53 -5.50 -35.62 54.72
CA LYS V 53 -6.60 -35.43 55.64
C LYS V 53 -7.67 -36.49 55.42
N GLY V 54 -8.28 -36.93 56.53
CA GLY V 54 -9.26 -37.99 56.48
C GLY V 54 -8.69 -39.39 56.48
N GLN V 55 -7.37 -39.53 56.26
CA GLN V 55 -6.72 -40.82 56.21
C GLN V 55 -5.74 -41.00 57.37
N GLU V 56 -5.98 -40.29 58.48
CA GLU V 56 -5.04 -40.31 59.60
C GLU V 56 -5.04 -41.66 60.32
N PHE V 57 -6.20 -42.32 60.40
CA PHE V 57 -6.29 -43.60 61.09
C PHE V 57 -6.09 -44.79 60.15
N MET V 58 -5.96 -44.54 58.85
CA MET V 58 -5.95 -45.60 57.85
C MET V 58 -4.54 -46.13 57.65
N TRP V 59 -4.37 -47.45 57.82
CA TRP V 59 -3.11 -48.14 57.59
C TRP V 59 -3.42 -49.36 56.72
N TRP V 60 -3.40 -49.17 55.39
CA TRP V 60 -3.77 -50.24 54.47
C TRP V 60 -2.87 -51.46 54.65
N ASN V 61 -1.57 -51.24 54.77
CA ASN V 61 -0.61 -52.27 55.12
C ASN V 61 -0.31 -52.16 56.61
N ASN V 62 -0.41 -53.27 57.33
CA ASN V 62 -0.11 -53.28 58.75
C ASN V 62 0.61 -54.58 59.10
N VAL V 63 1.51 -54.48 60.08
CA VAL V 63 2.19 -55.64 60.64
C VAL V 63 1.72 -55.80 62.08
N GLU V 64 1.10 -56.95 62.36
CA GLU V 64 0.51 -57.23 63.69
C GLU V 64 1.24 -58.38 64.39
N THR V 65 1.52 -58.20 65.68
CA THR V 65 2.25 -59.21 66.47
C THR V 65 1.22 -60.22 66.94
N LYS V 66 1.24 -61.41 66.33
CA LYS V 66 0.27 -62.46 66.69
C LYS V 66 0.67 -63.14 68.00
N PRO V 67 -0.28 -63.61 68.81
CA PRO V 67 -1.70 -63.54 68.45
C PRO V 67 -2.60 -62.56 69.21
N TYR V 68 -2.07 -61.81 70.17
CA TYR V 68 -2.91 -60.89 70.99
C TYR V 68 -3.08 -59.54 70.30
N GLY V 69 -2.45 -59.32 69.15
CA GLY V 69 -2.60 -58.00 68.53
C GLY V 69 -2.96 -58.05 67.08
N GLY V 70 -3.63 -57.01 66.60
CA GLY V 70 -3.99 -56.84 65.19
C GLY V 70 -4.58 -55.45 64.96
N PHE V 71 -4.69 -55.03 63.71
CA PHE V 71 -5.34 -53.75 63.40
C PHE V 71 -6.44 -54.04 62.38
N PRO V 72 -7.73 -53.77 62.62
CA PRO V 72 -8.25 -53.13 63.83
C PRO V 72 -8.25 -54.00 65.09
N GLN V 73 -8.54 -53.41 66.25
CA GLN V 73 -8.43 -54.14 67.54
C GLN V 73 -9.23 -55.43 67.54
N SER V 74 -8.54 -56.55 67.81
CA SER V 74 -9.11 -57.91 67.91
C SER V 74 -9.91 -58.27 66.67
N TRP V 75 -9.38 -57.95 65.50
CA TRP V 75 -10.10 -58.18 64.22
C TRP V 75 -10.37 -59.66 63.90
N ASP V 76 -9.43 -60.57 64.16
CA ASP V 76 -9.66 -61.97 63.77
C ASP V 76 -10.70 -62.63 64.65
N VAL V 77 -10.68 -62.37 65.95
CA VAL V 77 -11.64 -63.05 66.80
C VAL V 77 -13.06 -62.53 66.55
N LYS V 78 -13.21 -61.22 66.34
CA LYS V 78 -14.54 -60.67 66.14
C LYS V 78 -15.21 -61.30 64.91
N THR V 79 -14.46 -61.46 63.82
CA THR V 79 -15.01 -62.10 62.64
C THR V 79 -15.07 -63.62 62.81
N LEU V 80 -14.04 -64.21 63.42
CA LEU V 80 -14.01 -65.66 63.62
C LEU V 80 -15.10 -66.13 64.57
N LYS V 81 -15.55 -65.27 65.48
CA LYS V 81 -16.64 -65.64 66.39
C LYS V 81 -17.98 -65.67 65.69
N LEU V 82 -18.14 -64.90 64.61
CA LEU V 82 -19.37 -64.89 63.84
C LEU V 82 -19.51 -66.10 62.93
N ILE V 83 -18.46 -66.90 62.78
CA ILE V 83 -18.52 -68.11 61.95
C ILE V 83 -18.10 -69.32 62.77
N ASP V 84 -18.01 -69.15 64.09
CA ASP V 84 -17.56 -70.24 64.94
C ASP V 84 -18.60 -71.35 64.92
N SER V 85 -18.18 -72.56 64.57
CA SER V 85 -19.12 -73.66 64.53
C SER V 85 -18.40 -74.96 64.82
N PRO V 86 -19.06 -75.90 65.50
CA PRO V 86 -18.46 -77.22 65.71
C PRO V 86 -18.29 -78.01 64.42
N ASP V 87 -18.85 -77.54 63.30
CA ASP V 87 -18.76 -78.22 62.01
C ASP V 87 -17.59 -77.71 61.18
N ASN V 88 -16.78 -76.81 61.75
CA ASN V 88 -15.61 -76.22 61.10
C ASN V 88 -14.39 -77.15 61.20
N ILE V 89 -14.15 -77.95 60.16
CA ILE V 89 -13.10 -78.96 60.22
C ILE V 89 -12.54 -79.19 58.82
N TRP V 90 -11.23 -79.43 58.75
CA TRP V 90 -10.55 -79.80 57.52
C TRP V 90 -10.45 -81.32 57.42
N TYR V 91 -10.60 -81.85 56.20
CA TYR V 91 -10.42 -83.28 55.93
C TYR V 91 -9.38 -83.42 54.83
N THR V 92 -8.25 -84.05 55.18
CA THR V 92 -7.08 -84.13 54.31
C THR V 92 -7.04 -85.42 53.50
N ASP V 93 -8.06 -86.29 53.66
CA ASP V 93 -7.98 -87.66 53.14
C ASP V 93 -7.67 -87.69 51.64
N ASP V 94 -8.33 -86.84 50.85
CA ASP V 94 -8.12 -86.81 49.41
C ASP V 94 -7.50 -85.47 49.01
N LYS V 95 -6.20 -85.46 48.73
CA LYS V 95 -5.54 -84.28 48.20
C LYS V 95 -5.22 -84.51 46.74
N ASP V 96 -4.57 -83.53 46.12
CA ASP V 96 -4.17 -83.67 44.73
C ASP V 96 -2.86 -84.44 44.70
N LYS V 97 -2.77 -85.41 43.79
CA LYS V 97 -1.55 -86.21 43.71
C LYS V 97 -0.40 -85.43 43.10
N GLU V 98 -0.74 -84.70 42.06
CA GLU V 98 0.20 -83.83 41.31
C GLU V 98 -0.42 -82.44 41.24
N THR V 99 0.39 -81.42 41.04
CA THR V 99 -0.16 -80.05 41.02
C THR V 99 -1.22 -79.94 39.92
N SER V 100 -2.39 -79.39 40.25
CA SER V 100 -3.43 -79.18 39.22
C SER V 100 -3.17 -77.84 38.51
N GLN V 101 -3.96 -77.57 37.47
CA GLN V 101 -3.81 -76.35 36.64
C GLN V 101 -4.24 -75.10 37.40
N TYR V 102 -3.84 -73.94 36.88
CA TYR V 102 -4.12 -72.64 37.53
C TYR V 102 -5.61 -72.50 37.83
N GLY V 103 -5.91 -72.19 39.07
CA GLY V 103 -7.28 -71.91 39.46
C GLY V 103 -8.14 -73.13 39.69
N THR V 104 -7.57 -74.32 39.60
CA THR V 104 -8.34 -75.54 39.68
C THR V 104 -7.70 -76.42 40.75
N GLY V 105 -8.49 -77.33 41.28
CA GLY V 105 -7.95 -78.33 42.16
C GLY V 105 -8.13 -77.92 43.61
N ALA V 106 -7.74 -78.83 44.50
CA ALA V 106 -7.93 -78.63 45.94
C ALA V 106 -6.84 -79.29 46.79
N PRO V 107 -5.58 -78.87 46.64
CA PRO V 107 -4.48 -79.57 47.32
C PRO V 107 -4.50 -79.48 48.83
N TYR V 108 -4.97 -78.38 49.39
CA TYR V 108 -4.89 -78.22 50.84
C TYR V 108 -5.83 -79.18 51.56
N GLY V 109 -6.85 -79.68 50.88
CA GLY V 109 -7.80 -80.60 51.44
C GLY V 109 -9.22 -80.22 51.08
N THR V 110 -10.17 -80.53 51.95
CA THR V 110 -11.56 -80.12 51.79
C THR V 110 -12.06 -79.60 53.12
N TYR V 111 -12.52 -78.35 53.12
CA TYR V 111 -13.01 -77.70 54.33
C TYR V 111 -14.52 -77.86 54.42
N GLU V 112 -14.98 -78.46 55.52
CA GLU V 112 -16.39 -78.75 55.70
C GLU V 112 -17.10 -77.73 56.57
N GLY V 113 -16.38 -76.66 56.89
CA GLY V 113 -16.89 -75.52 57.67
C GLY V 113 -17.65 -74.55 56.79
N ASP V 114 -18.52 -73.74 57.39
CA ASP V 114 -19.33 -72.80 56.57
C ASP V 114 -18.70 -71.40 56.62
N THR V 115 -18.42 -70.85 55.43
CA THR V 115 -17.77 -69.54 55.21
C THR V 115 -18.71 -68.38 55.53
N ILE V 116 -18.14 -67.17 55.62
CA ILE V 116 -18.95 -65.97 55.93
C ILE V 116 -20.00 -65.85 54.82
N PHE V 117 -19.65 -66.21 53.59
CA PHE V 117 -20.68 -66.24 52.57
C PHE V 117 -21.70 -67.33 52.87
N GLU V 118 -21.20 -68.52 53.26
CA GLU V 118 -22.08 -69.67 53.46
C GLU V 118 -22.88 -69.56 54.75
N VAL V 119 -22.28 -68.99 55.81
CA VAL V 119 -23.06 -68.77 57.03
C VAL V 119 -24.20 -67.78 56.76
N ALA V 120 -23.96 -66.76 55.95
CA ALA V 120 -25.07 -65.83 55.67
C ALA V 120 -26.19 -66.55 54.93
N LYS V 121 -25.84 -67.35 53.93
CA LYS V 121 -26.90 -68.06 53.17
C LYS V 121 -27.66 -68.96 54.13
N LYS V 122 -26.92 -69.72 54.94
CA LYS V 122 -27.46 -70.69 55.92
C LYS V 122 -28.21 -70.02 57.08
N LYS V 123 -27.66 -68.94 57.61
CA LYS V 123 -28.30 -68.31 58.81
C LYS V 123 -29.47 -67.41 58.42
N ASN V 124 -29.65 -67.16 57.13
CA ASN V 124 -30.73 -66.26 56.67
C ASN V 124 -30.65 -64.97 57.47
N ILE V 125 -29.43 -64.43 57.47
CA ILE V 125 -28.98 -63.15 58.09
C ILE V 125 -29.62 -61.98 57.34
N ASN V 126 -29.93 -62.22 56.07
CA ASN V 126 -30.47 -61.19 55.15
C ASN V 126 -29.42 -60.14 54.85
N GLN V 127 -28.19 -60.58 54.59
CA GLN V 127 -27.08 -59.75 54.07
C GLN V 127 -26.19 -60.67 53.22
N TRP V 128 -25.41 -60.16 52.30
CA TRP V 128 -24.61 -61.09 51.46
C TRP V 128 -23.62 -61.91 52.31
N ALA V 129 -23.07 -61.35 53.36
CA ALA V 129 -22.13 -62.09 54.22
C ALA V 129 -22.23 -61.56 55.65
N VAL V 130 -21.69 -62.32 56.59
CA VAL V 130 -21.73 -61.88 58.01
C VAL V 130 -20.57 -60.92 58.22
N GLY V 131 -20.70 -59.99 59.16
CA GLY V 131 -19.61 -59.08 59.43
C GLY V 131 -19.99 -58.05 60.48
N TYR V 132 -19.10 -57.07 60.63
CA TYR V 132 -19.27 -55.97 61.57
C TYR V 132 -18.40 -54.80 61.11
N ILE V 133 -18.80 -53.60 61.53
CA ILE V 133 -18.05 -52.38 61.26
C ILE V 133 -17.28 -51.99 62.53
N PRO V 134 -15.95 -51.96 62.50
CA PRO V 134 -15.20 -51.47 63.67
C PRO V 134 -15.47 -49.99 63.90
N GLU V 135 -15.82 -49.64 65.14
CA GLU V 135 -16.12 -48.26 65.50
C GLU V 135 -14.84 -47.43 65.52
N ASP V 136 -15.03 -46.10 65.47
CA ASP V 136 -13.91 -45.16 65.39
C ASP V 136 -12.91 -45.35 66.53
N LYS V 137 -13.38 -45.73 67.71
CA LYS V 137 -12.49 -45.97 68.84
C LYS V 137 -11.75 -47.29 68.73
N GLU V 138 -12.23 -48.23 67.92
CA GLU V 138 -11.53 -49.49 67.72
C GLU V 138 -10.50 -49.43 66.59
N TRP V 139 -10.47 -48.35 65.81
CA TRP V 139 -9.44 -48.17 64.81
C TRP V 139 -8.16 -47.53 65.34
N ARG V 140 -8.19 -46.99 66.56
CA ARG V 140 -6.96 -46.50 67.16
C ARG V 140 -6.07 -47.68 67.54
N SER V 141 -4.85 -47.35 67.96
CA SER V 141 -3.88 -48.34 68.37
C SER V 141 -3.56 -49.32 67.23
N PRO V 142 -2.97 -48.84 66.13
CA PRO V 142 -2.64 -49.77 65.02
C PRO V 142 -1.63 -50.83 65.41
N ASN V 143 -0.77 -50.54 66.40
CA ASN V 143 0.18 -51.53 66.91
C ASN V 143 -0.34 -52.24 68.14
N PHE V 144 -1.66 -52.32 68.29
CA PHE V 144 -2.33 -53.04 69.36
C PHE V 144 -1.71 -54.41 69.58
N GLY V 145 -1.52 -54.75 70.85
CA GLY V 145 -0.94 -56.04 71.26
C GLY V 145 0.44 -56.25 70.70
N GLU V 146 1.26 -55.21 70.74
CA GLU V 146 2.62 -55.28 70.19
C GLU V 146 3.54 -56.10 71.07
N ASP V 147 4.24 -57.04 70.45
CA ASP V 147 5.31 -57.80 71.13
C ASP V 147 4.75 -58.42 72.40
N THR V 148 3.46 -58.74 72.38
CA THR V 148 2.81 -59.40 73.49
C THR V 148 2.77 -60.90 73.26
N ALA V 149 3.38 -61.64 74.19
CA ALA V 149 3.58 -63.09 74.02
C ALA V 149 2.64 -63.90 74.91
N LYS V 150 2.17 -65.03 74.37
CA LYS V 150 1.33 -65.96 75.16
C LYS V 150 2.28 -66.81 75.98
N SER V 151 1.98 -66.99 77.25
CA SER V 151 2.88 -67.75 78.15
C SER V 151 2.13 -68.92 78.76
N SER V 152 2.88 -69.96 79.11
CA SER V 152 2.38 -71.18 79.79
C SER V 152 1.98 -70.84 81.24
N ASN V 153 2.63 -69.84 81.83
CA ASN V 153 2.50 -69.36 83.22
C ASN V 153 2.93 -70.46 84.16
N GLN V 154 3.95 -71.21 83.77
CA GLN V 154 4.50 -72.28 84.62
C GLN V 154 5.87 -71.79 85.05
N PRO V 155 6.24 -71.80 86.35
CA PRO V 155 7.55 -71.30 86.73
C PRO V 155 8.56 -72.15 85.97
N GLY V 156 9.63 -71.54 85.50
CA GLY V 156 10.60 -72.36 84.75
C GLY V 156 10.24 -72.46 83.29
N GLU V 157 9.28 -71.67 82.84
CA GLU V 157 8.87 -71.68 81.43
C GLU V 157 10.06 -71.23 80.60
N TYR V 158 10.34 -71.94 79.52
CA TYR V 158 11.46 -71.59 78.62
C TYR V 158 10.96 -71.85 77.20
N SER V 159 11.56 -71.22 76.21
CA SER V 159 11.03 -71.48 74.85
C SER V 159 12.07 -72.25 74.07
N THR V 160 11.66 -73.34 73.45
CA THR V 160 12.54 -74.11 72.55
C THR V 160 11.70 -74.77 71.49
N LEU V 161 12.33 -75.23 70.42
CA LEU V 161 11.60 -75.80 69.27
C LEU V 161 10.94 -77.12 69.62
N PRO V 162 9.89 -77.56 68.90
CA PRO V 162 9.40 -76.91 67.70
C PRO V 162 8.20 -76.00 67.98
N GLU V 163 7.80 -75.88 69.23
CA GLU V 163 6.71 -74.94 69.57
C GLU V 163 7.22 -74.16 70.77
N HIS V 164 7.22 -72.83 70.70
CA HIS V 164 7.78 -72.07 71.84
C HIS V 164 6.75 -71.97 72.96
N SER V 165 7.17 -72.36 74.15
CA SER V 165 6.41 -72.19 75.37
C SER V 165 5.95 -70.76 75.56
N ARG V 166 6.87 -69.80 75.52
CA ARG V 166 6.54 -68.38 75.46
C ARG V 166 6.75 -67.90 74.03
N TRP V 167 5.68 -67.42 73.37
CA TRP V 167 5.80 -67.14 71.94
C TRP V 167 4.91 -65.98 71.53
N PHE V 168 5.30 -65.34 70.43
CA PHE V 168 4.52 -64.35 69.68
C PHE V 168 5.22 -64.15 68.34
N PHE V 169 4.43 -63.86 67.30
CA PHE V 169 4.96 -63.74 65.95
C PHE V 169 4.26 -62.62 65.21
N TYR V 170 4.73 -62.36 64.00
CA TYR V 170 4.35 -61.18 63.21
C TYR V 170 3.48 -61.58 62.04
N LEU V 171 2.38 -60.84 61.85
CA LEU V 171 1.48 -61.04 60.72
C LEU V 171 1.47 -59.77 59.88
N GLN V 172 1.84 -59.91 58.61
CA GLN V 172 1.98 -58.79 57.68
C GLN V 172 0.80 -58.80 56.73
N ARG V 173 -0.03 -57.77 56.80
CA ARG V 173 -1.36 -57.83 56.21
C ARG V 173 -1.62 -56.64 55.29
N ILE V 174 -2.10 -56.94 54.09
CA ILE V 174 -2.63 -55.96 53.15
C ILE V 174 -4.01 -56.44 52.70
N CYS V 175 -4.60 -55.70 51.77
CA CYS V 175 -5.77 -56.23 51.08
C CYS V 175 -5.36 -57.49 50.34
N ASN V 176 -6.04 -58.59 50.62
CA ASN V 176 -5.65 -59.84 50.00
C ASN V 176 -6.06 -59.91 48.54
N HIS V 177 -6.82 -58.91 48.06
CA HIS V 177 -7.30 -58.86 46.67
C HIS V 177 -7.89 -60.21 46.29
N CYS V 178 -8.89 -60.61 47.05
CA CYS V 178 -9.38 -61.97 47.02
C CYS V 178 -10.00 -62.29 45.66
N THR V 179 -9.91 -63.58 45.29
CA THR V 179 -10.55 -64.10 44.06
C THR V 179 -12.06 -63.97 44.21
N TYR V 180 -12.59 -64.17 45.41
CA TYR V 180 -14.03 -63.92 45.63
C TYR V 180 -14.16 -63.02 46.84
N PRO V 181 -13.73 -61.74 46.76
CA PRO V 181 -13.74 -60.84 47.89
C PRO V 181 -15.12 -60.58 48.47
N GLY V 182 -15.18 -60.49 49.79
CA GLY V 182 -16.42 -60.18 50.51
C GLY V 182 -16.87 -58.77 50.20
N CYS V 183 -15.92 -57.85 50.10
CA CYS V 183 -16.25 -56.45 49.81
C CYS V 183 -16.92 -56.31 48.46
N LEU V 184 -16.42 -57.02 47.44
CA LEU V 184 -17.02 -56.96 46.12
C LEU V 184 -18.46 -57.46 46.14
N ALA V 185 -18.70 -58.58 46.82
CA ALA V 185 -20.07 -59.06 46.97
C ALA V 185 -20.87 -58.15 47.87
N ALA V 186 -20.20 -57.47 48.80
CA ALA V 186 -20.91 -56.60 49.73
C ALA V 186 -21.47 -55.39 49.01
N CYS V 187 -20.69 -54.81 48.09
CA CYS V 187 -21.07 -53.56 47.44
C CYS V 187 -22.37 -53.76 46.69
N PRO V 188 -23.47 -53.18 47.23
CA PRO V 188 -24.80 -53.20 46.63
C PRO V 188 -24.89 -52.42 45.31
N ARG V 189 -24.07 -51.37 45.18
CA ARG V 189 -24.09 -50.52 43.95
C ARG V 189 -23.08 -51.05 42.93
N LYS V 190 -22.37 -52.13 43.28
CA LYS V 190 -21.35 -52.70 42.38
C LYS V 190 -20.26 -51.65 42.12
N ALA V 191 -19.84 -50.99 43.20
CA ALA V 191 -18.79 -49.94 43.18
C ALA V 191 -17.42 -50.60 43.38
N ILE V 192 -17.37 -51.92 43.54
CA ILE V 192 -16.10 -52.63 43.70
C ILE V 192 -15.96 -53.61 42.55
N TYR V 193 -14.84 -53.59 41.86
CA TYR V 193 -14.64 -54.49 40.76
C TYR V 193 -13.21 -55.04 40.78
N LYS V 194 -13.05 -56.28 40.34
CA LYS V 194 -11.76 -56.92 40.22
C LYS V 194 -11.41 -56.99 38.75
N ARG V 195 -10.26 -56.45 38.37
CA ARG V 195 -9.88 -56.42 36.97
C ARG V 195 -9.41 -57.78 36.46
N LYS V 196 -9.84 -58.14 35.26
CA LYS V 196 -9.54 -59.42 34.64
C LYS V 196 -8.15 -59.46 33.99
N GLU V 197 -7.42 -58.35 34.02
CA GLU V 197 -6.04 -58.30 33.52
C GLU V 197 -5.01 -58.71 34.59
N ASP V 198 -5.20 -58.25 35.83
CA ASP V 198 -4.26 -58.53 36.92
C ASP V 198 -4.94 -58.95 38.22
N GLY V 199 -6.27 -58.94 38.30
CA GLY V 199 -6.95 -59.36 39.49
C GLY V 199 -6.96 -58.36 40.63
N ILE V 200 -6.61 -57.10 40.36
CA ILE V 200 -6.58 -56.11 41.42
C ILE V 200 -8.00 -55.65 41.73
N VAL V 201 -8.32 -55.55 43.01
CA VAL V 201 -9.64 -55.13 43.46
C VAL V 201 -9.58 -53.66 43.82
N LEU V 202 -10.54 -52.88 43.31
CA LEU V 202 -10.51 -51.44 43.47
C LEU V 202 -11.90 -50.94 43.86
N ILE V 203 -11.91 -49.83 44.58
CA ILE V 203 -13.14 -49.11 44.91
C ILE V 203 -13.27 -47.98 43.92
N ASP V 204 -14.35 -47.95 43.15
CA ASP V 204 -14.52 -46.86 42.19
C ASP V 204 -14.75 -45.61 43.03
N GLN V 205 -13.71 -44.77 43.12
CA GLN V 205 -13.82 -43.57 43.94
C GLN V 205 -14.74 -42.57 43.29
N LYS V 206 -14.94 -42.68 41.97
CA LYS V 206 -15.88 -41.80 41.32
C LYS V 206 -17.31 -42.17 41.69
N ARG V 207 -17.57 -43.48 41.79
CA ARG V 207 -18.94 -44.06 41.97
C ARG V 207 -19.29 -44.58 43.37
N CYS V 208 -18.36 -44.72 44.30
CA CYS V 208 -18.69 -45.19 45.62
C CYS V 208 -19.54 -44.12 46.33
N ARG V 209 -20.58 -44.57 47.05
CA ARG V 209 -21.46 -43.64 47.75
C ARG V 209 -21.25 -43.69 49.26
N GLY V 210 -20.11 -44.23 49.68
CA GLY V 210 -19.82 -44.35 51.12
C GLY V 210 -20.84 -45.21 51.82
N TYR V 211 -21.14 -46.34 51.21
CA TYR V 211 -22.13 -47.34 51.67
C TYR V 211 -21.66 -47.87 53.03
N ARG V 212 -20.42 -48.32 53.10
CA ARG V 212 -19.78 -49.02 54.25
C ARG V 212 -20.11 -50.51 54.26
N LYS V 213 -20.59 -51.07 53.15
CA LYS V 213 -20.82 -52.53 53.14
C LYS V 213 -19.49 -53.26 53.02
N CYS V 214 -18.57 -52.73 52.21
CA CYS V 214 -17.21 -53.27 52.15
C CYS V 214 -16.54 -53.25 53.51
N VAL V 215 -16.68 -52.15 54.25
CA VAL V 215 -16.11 -52.07 55.59
C VAL V 215 -16.76 -53.12 56.49
N GLU V 216 -18.05 -53.37 56.31
CA GLU V 216 -18.77 -54.27 57.21
C GLU V 216 -18.39 -55.73 56.97
N GLN V 217 -18.50 -56.20 55.73
CA GLN V 217 -18.48 -57.63 55.46
C GLN V 217 -17.14 -58.16 54.95
N CYS V 218 -16.18 -57.29 54.66
CA CYS V 218 -14.85 -57.77 54.34
C CYS V 218 -14.21 -58.32 55.61
N PRO V 219 -13.91 -59.62 55.69
CA PRO V 219 -13.44 -60.20 56.96
C PRO V 219 -12.09 -59.70 57.41
N TYR V 220 -11.28 -59.11 56.52
CA TYR V 220 -9.96 -58.62 56.89
C TYR V 220 -9.94 -57.15 57.26
N LYS V 221 -11.05 -56.44 57.09
CA LYS V 221 -11.21 -55.05 57.56
C LYS V 221 -10.20 -54.13 56.87
N LYS V 222 -9.92 -54.40 55.61
CA LYS V 222 -9.03 -53.56 54.81
C LYS V 222 -9.72 -52.32 54.24
N PRO V 223 -10.96 -52.41 53.73
CA PRO V 223 -11.63 -51.19 53.26
C PRO V 223 -11.90 -50.26 54.44
N MET V 224 -11.56 -48.99 54.27
CA MET V 224 -11.67 -48.02 55.35
C MET V 224 -12.34 -46.75 54.83
N TYR V 225 -13.26 -46.21 55.66
CA TYR V 225 -14.07 -45.05 55.30
C TYR V 225 -13.32 -43.77 55.64
N ARG V 226 -13.14 -42.91 54.63
CA ARG V 226 -12.46 -41.63 54.78
C ARG V 226 -13.46 -40.51 55.05
N GLY V 227 -13.48 -40.04 56.29
CA GLY V 227 -14.37 -38.94 56.66
C GLY V 227 -14.34 -37.75 55.70
N LEU V 228 -13.15 -37.36 55.26
CA LEU V 228 -13.04 -36.17 54.40
C LEU V 228 -13.75 -36.39 53.06
N THR V 229 -13.56 -37.55 52.45
CA THR V 229 -14.15 -37.78 51.15
C THR V 229 -15.57 -38.29 51.24
N ARG V 230 -16.06 -38.60 52.44
CA ARG V 230 -17.39 -39.18 52.63
C ARG V 230 -17.55 -40.44 51.78
N VAL V 231 -16.43 -41.10 51.49
CA VAL V 231 -16.38 -42.30 50.68
C VAL V 231 -15.35 -43.25 51.29
N SER V 232 -15.47 -44.54 50.97
CA SER V 232 -14.54 -45.55 51.45
C SER V 232 -13.49 -45.88 50.40
N GLU V 233 -12.29 -46.23 50.88
CA GLU V 233 -11.17 -46.59 50.03
C GLU V 233 -10.45 -47.80 50.62
N LYS V 234 -9.56 -48.38 49.82
CA LYS V 234 -8.84 -49.58 50.22
C LYS V 234 -7.50 -49.63 49.50
N CYS V 235 -6.68 -50.61 49.89
CA CYS V 235 -5.42 -50.85 49.21
C CYS V 235 -5.64 -51.09 47.72
N ILE V 236 -4.92 -50.34 46.90
CA ILE V 236 -5.04 -50.40 45.45
C ILE V 236 -3.96 -51.29 44.83
N ALA V 237 -3.20 -52.01 45.65
CA ALA V 237 -2.09 -52.86 45.19
C ALA V 237 -1.05 -52.05 44.40
N CYS V 238 -1.00 -50.74 44.66
CA CYS V 238 -0.14 -49.82 43.93
C CYS V 238 -0.22 -50.10 42.43
N TYR V 239 -1.44 -50.06 41.91
CA TYR V 239 -1.67 -50.49 40.53
C TYR V 239 -0.98 -49.63 39.46
N PRO V 240 -0.76 -48.31 39.63
CA PRO V 240 0.07 -47.63 38.62
C PRO V 240 1.49 -48.12 38.64
N ARG V 241 1.98 -48.46 39.82
CA ARG V 241 3.36 -49.02 39.97
C ARG V 241 3.42 -50.39 39.31
N ILE V 242 2.37 -51.19 39.45
CA ILE V 242 2.32 -52.54 38.82
C ILE V 242 2.28 -52.39 37.31
N GLU V 243 1.51 -51.43 36.80
CA GLU V 243 1.36 -51.21 35.37
C GLU V 243 2.64 -50.76 34.69
N GLY V 244 3.74 -50.60 35.44
CA GLY V 244 5.02 -50.24 34.87
C GLY V 244 5.18 -48.79 34.50
N ARG V 245 4.59 -47.88 35.27
CA ARG V 245 4.59 -46.45 34.96
C ARG V 245 5.64 -45.66 35.73
N ASP V 246 6.57 -46.33 36.41
CA ASP V 246 7.65 -45.64 37.10
C ASP V 246 8.92 -45.81 36.27
N SER V 247 9.54 -44.68 35.92
CA SER V 247 10.69 -44.68 35.00
C SER V 247 11.88 -45.40 35.61
N LEU V 248 11.77 -45.82 36.87
CA LEU V 248 12.85 -46.57 37.52
C LEU V 248 12.98 -47.97 36.92
N THR V 249 11.86 -48.58 36.53
CA THR V 249 11.84 -49.92 35.97
C THR V 249 11.79 -49.94 34.45
N ASP V 250 11.88 -48.78 33.79
CA ASP V 250 11.93 -48.67 32.34
C ASP V 250 10.71 -49.35 31.71
N GLY V 251 9.52 -49.01 32.20
CA GLY V 251 8.31 -49.55 31.67
C GLY V 251 7.98 -50.96 32.12
N ARG V 252 8.89 -51.64 32.77
CA ARG V 252 8.60 -52.99 33.19
C ARG V 252 7.73 -52.95 34.44
N PRO V 253 6.82 -53.91 34.59
CA PRO V 253 5.99 -53.94 35.81
C PRO V 253 6.85 -54.10 37.06
N MET V 254 6.62 -53.22 38.02
CA MET V 254 7.41 -53.16 39.25
C MET V 254 6.56 -53.49 40.46
N GLU V 255 7.19 -54.13 41.45
CA GLU V 255 6.56 -54.63 42.67
C GLU V 255 5.92 -53.49 43.45
N THR V 256 4.94 -53.84 44.28
CA THR V 256 4.16 -52.86 45.04
C THR V 256 5.00 -52.00 45.99
N ARG V 257 4.55 -50.81 46.37
CA ARG V 257 5.39 -49.95 47.25
C ARG V 257 5.64 -50.62 48.60
N CYS V 258 4.62 -51.20 49.21
CA CYS V 258 4.82 -51.87 50.51
C CYS V 258 5.75 -53.06 50.34
N MET V 259 5.59 -53.79 49.25
CA MET V 259 6.43 -54.98 49.03
C MET V 259 7.90 -54.59 48.97
N SER V 260 8.23 -53.51 48.28
CA SER V 260 9.64 -53.10 48.03
C SER V 260 10.37 -52.75 49.32
N ALA V 261 9.71 -52.07 50.23
CA ALA V 261 10.37 -51.62 51.47
C ALA V 261 10.78 -52.81 52.29
N CYS V 262 10.22 -53.97 52.01
CA CYS V 262 10.42 -55.06 52.95
C CYS V 262 11.89 -55.25 53.18
N VAL V 263 12.31 -55.00 54.41
CA VAL V 263 13.73 -54.91 54.71
C VAL V 263 14.29 -56.28 55.06
N GLY V 264 13.52 -57.08 55.78
CA GLY V 264 14.02 -58.38 56.16
C GLY V 264 13.95 -59.42 55.05
N GLN V 265 13.88 -58.95 53.80
CA GLN V 265 13.88 -59.78 52.60
C GLN V 265 12.90 -60.93 52.71
N ILE V 266 11.67 -60.62 53.09
CA ILE V 266 10.64 -61.64 53.28
C ILE V 266 9.63 -61.68 52.14
N ARG V 267 9.58 -60.65 51.30
CA ARG V 267 8.49 -60.48 50.35
C ARG V 267 8.97 -60.65 48.92
N LEU V 268 8.27 -61.52 48.19
CA LEU V 268 8.44 -61.68 46.75
C LEU V 268 7.07 -61.59 46.10
N GLN V 269 6.90 -60.64 45.21
CA GLN V 269 5.62 -60.49 44.51
C GLN V 269 5.79 -60.64 43.01
N GLY V 270 4.81 -61.30 42.44
CA GLY V 270 4.74 -61.53 41.03
C GLY V 270 3.28 -61.78 40.76
N PHE V 271 2.99 -62.75 39.92
CA PHE V 271 1.63 -63.13 39.61
C PHE V 271 1.52 -64.65 39.66
N LEU V 272 0.31 -65.11 39.94
CA LEU V 272 0.02 -66.54 39.87
C LEU V 272 -0.23 -66.89 38.41
N ASP V 273 0.79 -67.48 37.78
CA ASP V 273 0.68 -67.98 36.42
C ASP V 273 0.19 -69.43 36.45
N ASP V 274 0.15 -70.05 35.28
CA ASP V 274 0.13 -71.50 35.15
C ASP V 274 1.54 -72.04 34.91
N ASN V 275 2.54 -71.17 34.92
CA ASN V 275 3.93 -71.55 34.66
C ASN V 275 4.56 -72.07 35.94
N PRO V 276 5.15 -73.27 35.93
CA PRO V 276 5.82 -73.76 37.14
C PRO V 276 7.21 -73.18 37.34
N LYS V 277 7.69 -72.40 36.37
CA LYS V 277 8.97 -71.72 36.48
C LYS V 277 8.83 -70.32 37.06
N ASN V 278 7.60 -69.89 37.32
CA ASN V 278 7.39 -68.63 38.03
C ASN V 278 7.63 -68.90 39.51
N PRO V 279 8.58 -68.19 40.14
CA PRO V 279 8.86 -68.46 41.57
C PRO V 279 7.64 -68.31 42.45
N ILE V 280 6.67 -67.50 42.05
CA ILE V 280 5.41 -67.40 42.80
C ILE V 280 4.65 -68.70 42.71
N THR V 281 4.38 -69.18 41.48
CA THR V 281 3.61 -70.40 41.32
C THR V 281 4.35 -71.61 41.88
N TRP V 282 5.67 -71.64 41.75
CA TRP V 282 6.44 -72.76 42.29
C TRP V 282 6.34 -72.80 43.81
N LEU V 283 6.51 -71.64 44.47
CA LEU V 283 6.49 -71.60 45.93
C LEU V 283 5.12 -71.97 46.48
N ILE V 284 4.06 -71.53 45.81
CA ILE V 284 2.71 -71.66 46.34
C ILE V 284 2.06 -72.97 45.94
N ARG V 285 2.28 -73.45 44.71
CA ARG V 285 1.55 -74.59 44.18
C ARG V 285 2.36 -75.86 44.08
N HIS V 286 3.66 -75.75 43.84
CA HIS V 286 4.49 -76.95 43.74
C HIS V 286 5.15 -77.29 45.06
N GLN V 287 5.52 -76.29 45.85
CA GLN V 287 6.06 -76.61 47.16
C GLN V 287 5.04 -76.41 48.26
N LYS V 288 3.99 -75.63 47.99
CA LYS V 288 2.91 -75.43 48.93
C LYS V 288 3.44 -75.00 50.30
N ILE V 289 4.46 -74.15 50.27
CA ILE V 289 5.09 -73.70 51.50
C ILE V 289 4.47 -72.40 52.01
N ALA V 290 3.86 -71.62 51.13
CA ALA V 290 3.19 -70.39 51.50
C ALA V 290 1.68 -70.62 51.44
N LEU V 291 0.99 -70.24 52.52
CA LEU V 291 -0.41 -70.58 52.72
C LEU V 291 -1.22 -69.33 52.98
N PRO V 292 -2.50 -69.33 52.60
CA PRO V 292 -3.30 -68.11 52.71
C PRO V 292 -3.69 -67.80 54.13
N LEU V 293 -3.99 -66.53 54.37
CA LEU V 293 -4.44 -66.09 55.68
C LEU V 293 -5.93 -66.34 55.80
N TYR V 294 -6.32 -67.14 56.78
CA TYR V 294 -7.71 -67.51 57.05
C TYR V 294 -8.49 -67.92 55.80
N PRO V 295 -8.18 -69.08 55.21
CA PRO V 295 -9.02 -69.58 54.10
C PRO V 295 -10.43 -69.98 54.54
N GLN V 296 -10.67 -70.12 55.85
CA GLN V 296 -12.01 -70.38 56.35
C GLN V 296 -13.01 -69.34 55.87
N PHE V 297 -12.57 -68.08 55.76
CA PHE V 297 -13.46 -67.00 55.36
C PHE V 297 -14.06 -67.26 53.98
N GLY V 298 -13.33 -67.95 53.11
CA GLY V 298 -13.87 -68.35 51.83
C GLY V 298 -13.69 -67.34 50.73
N THR V 299 -12.80 -66.37 50.91
CA THR V 299 -12.57 -65.36 49.90
C THR V 299 -11.44 -65.73 48.95
N GLU V 300 -10.69 -66.79 49.27
CA GLU V 300 -9.47 -67.16 48.56
C GLU V 300 -8.49 -65.98 48.55
N PRO V 301 -7.87 -65.66 49.68
CA PRO V 301 -6.82 -64.65 49.68
C PRO V 301 -5.65 -65.09 48.80
N ASN V 302 -4.91 -64.10 48.29
CA ASN V 302 -3.80 -64.41 47.40
C ASN V 302 -2.51 -63.75 47.90
N ILE V 303 -2.42 -63.52 49.20
CA ILE V 303 -1.16 -63.23 49.88
C ILE V 303 -0.90 -64.44 50.77
N TYR V 304 0.10 -65.22 50.43
CA TYR V 304 0.36 -66.50 51.09
C TYR V 304 1.62 -66.39 51.92
N TYR V 305 1.61 -66.99 53.10
CA TYR V 305 2.68 -66.83 54.09
C TYR V 305 3.36 -68.15 54.37
N ILE V 306 4.67 -68.09 54.59
CA ILE V 306 5.43 -69.22 55.13
C ILE V 306 5.29 -69.19 56.64
N PRO V 307 4.70 -70.22 57.25
CA PRO V 307 4.33 -70.15 58.67
C PRO V 307 5.56 -70.06 59.56
N PRO V 308 5.40 -69.54 60.78
CA PRO V 308 6.54 -69.52 61.72
C PRO V 308 6.90 -70.92 62.18
N ARG V 309 8.22 -71.18 62.24
CA ARG V 309 8.70 -72.48 62.69
C ARG V 309 8.50 -72.72 64.18
N TRP V 310 8.26 -71.66 64.98
CA TRP V 310 8.31 -71.76 66.43
C TRP V 310 6.93 -71.69 67.07
N ALA V 311 5.88 -71.32 66.33
CA ALA V 311 4.55 -71.15 66.89
C ALA V 311 3.83 -72.49 67.03
N PRO V 312 2.88 -72.60 67.95
CA PRO V 312 2.09 -73.83 68.08
C PRO V 312 1.41 -74.17 66.75
N ARG V 313 1.57 -75.44 66.34
CA ARG V 313 1.03 -75.85 65.06
C ARG V 313 -0.49 -75.80 65.03
N ALA V 314 -1.14 -76.01 66.17
CA ALA V 314 -2.60 -75.92 66.22
C ALA V 314 -3.06 -74.51 65.88
N TYR V 315 -2.41 -73.50 66.47
CA TYR V 315 -2.75 -72.12 66.14
C TYR V 315 -2.46 -71.80 64.68
N LEU V 316 -1.31 -72.26 64.18
CA LEU V 316 -0.95 -72.00 62.78
C LEU V 316 -1.89 -72.71 61.82
N ARG V 317 -2.32 -73.93 62.16
CA ARG V 317 -3.27 -74.65 61.31
C ARG V 317 -4.58 -73.91 61.18
N GLN V 318 -5.09 -73.36 62.29
CA GLN V 318 -6.34 -72.62 62.23
C GLN V 318 -6.20 -71.29 61.49
N MET V 319 -4.98 -70.80 61.32
CA MET V 319 -4.73 -69.54 60.65
C MET V 319 -4.39 -69.71 59.17
N PHE V 320 -3.65 -70.76 58.80
CA PHE V 320 -3.23 -70.97 57.42
C PHE V 320 -3.68 -72.30 56.84
N GLY V 321 -4.50 -73.07 57.54
CA GLY V 321 -4.98 -74.34 57.04
C GLY V 321 -4.09 -75.52 57.40
N PRO V 322 -4.38 -76.68 56.82
CA PRO V 322 -3.67 -77.91 57.21
C PRO V 322 -2.29 -78.08 56.58
N GLY V 323 -1.94 -77.27 55.59
CA GLY V 323 -0.62 -77.40 54.98
C GLY V 323 0.52 -76.88 55.83
N VAL V 324 0.21 -76.38 57.03
CA VAL V 324 1.23 -75.72 57.86
C VAL V 324 2.34 -76.67 58.24
N ASP V 325 2.00 -77.81 58.84
CA ASP V 325 3.01 -78.75 59.30
C ASP V 325 3.82 -79.27 58.14
N GLU V 326 3.16 -79.49 57.01
CA GLU V 326 3.84 -79.98 55.81
C GLU V 326 4.72 -78.89 55.20
N ALA V 327 4.33 -77.62 55.37
CA ALA V 327 5.15 -76.49 54.90
C ALA V 327 6.35 -76.24 55.79
N ILE V 328 6.18 -76.25 57.12
CA ILE V 328 7.27 -75.91 58.03
C ILE V 328 8.41 -76.92 57.91
N GLU V 329 8.09 -78.19 57.69
CA GLU V 329 9.12 -79.21 57.54
C GLU V 329 10.05 -78.88 56.38
N LYS V 330 9.50 -78.37 55.28
CA LYS V 330 10.32 -78.01 54.12
C LYS V 330 11.22 -76.82 54.42
N PHE V 331 10.73 -75.85 55.20
CA PHE V 331 11.49 -74.64 55.41
C PHE V 331 12.68 -74.87 56.33
N MET V 332 12.49 -75.61 57.43
CA MET V 332 13.51 -75.71 58.47
C MET V 332 14.81 -76.28 57.94
N VAL V 333 14.74 -77.15 56.95
CA VAL V 333 15.92 -77.62 56.23
C VAL V 333 15.67 -77.32 54.75
N PRO V 334 16.08 -76.15 54.26
CA PRO V 334 15.67 -75.74 52.91
C PRO V 334 16.30 -76.63 51.84
N SER V 335 15.49 -76.95 50.83
CA SER V 335 15.96 -77.63 49.64
C SER V 335 16.97 -76.74 48.89
N ARG V 336 17.68 -77.37 47.95
CA ARG V 336 18.62 -76.62 47.11
C ARG V 336 17.90 -75.54 46.31
N GLU V 337 16.72 -75.87 45.77
CA GLU V 337 15.97 -74.90 44.98
C GLU V 337 15.23 -73.91 45.86
N LEU V 338 14.81 -74.32 47.05
CA LEU V 338 14.12 -73.39 47.94
C LEU V 338 15.08 -72.31 48.43
N LEU V 339 16.29 -72.69 48.82
CA LEU V 339 17.27 -71.71 49.28
C LEU V 339 17.67 -70.74 48.17
N ALA V 340 17.77 -71.24 46.93
CA ALA V 340 18.12 -70.36 45.82
C ALA V 340 17.00 -69.38 45.50
N VAL V 341 15.74 -69.84 45.55
CA VAL V 341 14.63 -68.94 45.28
C VAL V 341 14.43 -67.97 46.44
N MET V 342 14.65 -68.43 47.67
CA MET V 342 14.55 -67.53 48.82
C MET V 342 15.63 -66.46 48.76
N SER V 343 16.78 -66.76 48.18
CA SER V 343 17.82 -65.76 47.96
C SER V 343 17.48 -64.79 46.84
N LEU V 344 16.34 -64.95 46.19
CA LEU V 344 15.89 -64.03 45.15
C LEU V 344 14.99 -62.92 45.70
N PHE V 345 14.54 -63.06 46.94
CA PHE V 345 13.61 -62.09 47.52
C PHE V 345 14.28 -60.74 47.72
N ARG V 346 13.60 -59.68 47.28
CA ARG V 346 14.01 -58.30 47.52
C ARG V 346 15.42 -58.00 46.99
N MET V 347 15.72 -58.53 45.81
CA MET V 347 16.95 -58.17 45.12
C MET V 347 16.73 -57.07 44.07
N THR V 348 15.51 -56.92 43.58
CA THR V 348 15.17 -55.90 42.61
C THR V 348 13.76 -55.39 42.88
N GLN V 349 13.42 -54.28 42.23
CA GLN V 349 12.07 -53.76 42.25
C GLN V 349 11.23 -54.22 41.07
N THR V 350 11.86 -54.77 40.02
CA THR V 350 11.11 -55.24 38.87
C THR V 350 10.56 -56.64 39.14
N ILE V 351 9.32 -56.87 38.72
CA ILE V 351 8.69 -58.16 38.96
C ILE V 351 9.38 -59.22 38.10
N VAL V 352 9.64 -60.38 38.72
CA VAL V 352 10.29 -61.50 38.05
C VAL V 352 9.21 -62.53 37.73
N TYR V 353 9.11 -62.90 36.45
CA TYR V 353 8.08 -63.83 36.01
C TYR V 353 8.59 -65.26 35.93
N GLU V 354 9.89 -65.45 35.78
CA GLU V 354 10.50 -66.78 35.75
C GLU V 354 11.80 -66.75 36.52
N TYR V 355 12.20 -67.91 37.02
CA TYR V 355 13.50 -68.06 37.66
C TYR V 355 14.28 -69.18 36.96
N LYS V 356 15.59 -69.13 37.11
CA LYS V 356 16.48 -70.15 36.59
C LYS V 356 17.74 -70.14 37.45
N ILE V 357 18.32 -71.32 37.63
CA ILE V 357 19.43 -71.51 38.56
C ILE V 357 20.63 -72.04 37.80
N GLU V 358 21.78 -71.42 38.00
CA GLU V 358 23.06 -71.91 37.51
C GLU V 358 23.82 -72.52 38.67
N GLU V 359 24.30 -73.74 38.49
CA GLU V 359 24.80 -74.53 39.62
C GLU V 359 26.16 -74.05 40.08
N GLY V 360 26.40 -74.17 41.38
CA GLY V 360 27.65 -73.75 41.96
C GLY V 360 28.26 -74.80 42.86
N PRO V 361 29.49 -74.54 43.30
CA PRO V 361 30.20 -75.52 44.15
C PRO V 361 29.62 -75.60 45.55
N LYS V 362 29.86 -76.74 46.19
CA LYS V 362 29.42 -76.95 47.57
C LYS V 362 30.22 -76.09 48.53
N VAL V 363 29.52 -75.42 49.44
CA VAL V 363 30.18 -74.49 50.37
C VAL V 363 30.04 -75.00 51.80
N PHE V 364 28.93 -75.67 52.10
CA PHE V 364 28.68 -76.13 53.47
C PHE V 364 27.61 -77.22 53.47
N GLU V 365 27.76 -78.17 54.39
CA GLU V 365 26.79 -79.25 54.56
C GLU V 365 26.86 -79.79 55.98
N THR V 366 25.70 -80.04 56.57
CA THR V 366 25.67 -80.54 57.94
C THR V 366 24.30 -81.14 58.24
N GLU V 367 24.23 -81.87 59.35
CA GLU V 367 22.97 -82.50 59.78
C GLU V 367 22.32 -81.68 60.88
N ILE V 368 21.06 -81.33 60.65
CA ILE V 368 20.33 -80.41 61.52
C ILE V 368 18.85 -80.77 61.44
N HIS V 369 18.17 -80.66 62.59
CA HIS V 369 16.72 -80.88 62.67
C HIS V 369 16.34 -82.27 62.16
N GLY V 370 17.21 -83.25 62.39
CA GLY V 370 16.88 -84.60 61.99
C GLY V 370 17.06 -84.89 60.52
N LYS V 371 17.60 -83.95 59.75
CA LYS V 371 17.80 -84.10 58.31
C LYS V 371 19.20 -83.63 57.94
N LYS V 372 19.65 -84.04 56.78
CA LYS V 372 20.98 -83.66 56.31
C LYS V 372 20.83 -82.46 55.38
N PHE V 373 21.52 -81.37 55.70
CA PHE V 373 21.44 -80.14 54.93
C PHE V 373 22.79 -79.82 54.30
N THR V 374 22.79 -79.70 52.98
CA THR V 374 23.88 -79.23 52.13
C THR V 374 23.44 -78.04 51.31
N MET V 375 24.27 -76.99 51.30
CA MET V 375 23.96 -75.73 50.61
C MET V 375 25.08 -75.41 49.63
N TYR V 376 24.76 -74.86 48.46
CA TYR V 376 25.80 -74.58 47.44
C TYR V 376 25.75 -73.13 46.99
N ASN V 377 26.85 -72.60 46.48
CA ASN V 377 26.86 -71.18 46.03
C ASN V 377 26.34 -71.08 44.59
N ASP V 378 25.05 -71.33 44.40
CA ASP V 378 24.48 -71.23 43.05
C ASP V 378 24.04 -69.80 42.81
N THR V 379 23.92 -69.46 41.53
CA THR V 379 23.44 -68.15 41.06
C THR V 379 22.02 -68.34 40.52
N VAL V 380 21.06 -67.68 41.14
CA VAL V 380 19.65 -67.62 40.78
C VAL V 380 19.42 -66.42 39.85
N ILE V 381 18.56 -66.61 38.84
CA ILE V 381 18.33 -65.61 37.80
C ILE V 381 16.83 -65.44 37.57
N GLY V 382 16.36 -64.20 37.45
CA GLY V 382 14.94 -63.91 37.27
C GLY V 382 14.69 -63.19 35.98
N PHE V 383 13.53 -63.39 35.35
CA PHE V 383 13.22 -62.75 34.05
C PHE V 383 11.84 -62.10 34.06
N GLY V 384 11.64 -61.11 33.19
CA GLY V 384 10.38 -60.34 33.06
C GLY V 384 9.45 -60.88 31.99
N GLU V 385 8.39 -60.15 31.65
CA GLU V 385 7.43 -60.58 30.61
C GLU V 385 8.13 -60.78 29.26
N ASP V 386 9.13 -59.96 28.93
CA ASP V 386 9.92 -60.04 27.69
C ASP V 386 10.76 -61.33 27.66
N GLY V 387 11.15 -61.84 28.82
CA GLY V 387 11.98 -63.05 28.87
C GLY V 387 13.45 -62.68 28.96
N LYS V 388 13.72 -61.39 29.11
CA LYS V 388 15.11 -60.86 29.24
C LYS V 388 15.47 -60.86 30.72
N GLU V 389 16.75 -61.08 31.05
CA GLU V 389 17.17 -61.17 32.47
C GLU V 389 17.01 -59.84 33.17
N VAL V 390 16.49 -59.82 34.39
CA VAL V 390 16.34 -58.52 35.09
C VAL V 390 17.16 -58.49 36.38
N VAL V 391 17.29 -59.61 37.08
CA VAL V 391 18.05 -59.69 38.36
C VAL V 391 18.89 -60.96 38.36
N ARG V 392 19.94 -60.98 39.16
CA ARG V 392 20.75 -62.20 39.34
C ARG V 392 21.51 -62.05 40.66
N THR V 393 21.66 -63.11 41.45
CA THR V 393 22.45 -62.98 42.70
C THR V 393 23.02 -64.33 43.09
N THR V 394 23.93 -64.33 44.05
CA THR V 394 24.45 -65.57 44.59
C THR V 394 23.86 -65.83 45.97
N VAL V 395 23.82 -67.11 46.35
CA VAL V 395 23.27 -67.48 47.65
C VAL V 395 24.22 -67.12 48.77
N GLU V 396 25.52 -67.29 48.55
CA GLU V 396 26.50 -67.02 49.59
C GLU V 396 27.42 -65.86 49.21
N GLU V 397 27.86 -65.14 50.24
CA GLU V 397 28.62 -63.93 50.07
C GLU V 397 30.06 -64.26 49.70
N PRO V 398 30.66 -63.47 48.80
CA PRO V 398 32.07 -63.68 48.47
C PRO V 398 32.96 -63.16 49.58
N ILE V 399 34.23 -63.56 49.51
CA ILE V 399 35.24 -63.11 50.46
C ILE V 399 36.41 -62.58 49.66
N HIS V 400 36.74 -61.30 49.86
CA HIS V 400 37.86 -60.67 49.19
C HIS V 400 38.92 -60.26 50.21
N ILE V 401 40.18 -60.34 49.79
CA ILE V 401 41.32 -60.03 50.63
C ILE V 401 42.16 -58.96 49.94
N ARG V 402 42.57 -57.95 50.70
CA ARG V 402 43.35 -56.83 50.22
C ARG V 402 44.78 -56.90 50.77
N PRO V 403 45.70 -56.11 50.21
CA PRO V 403 47.09 -56.14 50.70
C PRO V 403 47.19 -55.83 52.19
N ASP V 404 48.26 -56.36 52.81
CA ASP V 404 48.44 -56.27 54.25
C ASP V 404 48.68 -54.85 54.75
N LYS V 405 48.85 -53.87 53.86
CA LYS V 405 48.89 -52.48 54.31
C LYS V 405 47.59 -52.09 54.98
N HIS V 406 46.48 -52.71 54.57
CA HIS V 406 45.18 -52.48 55.19
C HIS V 406 45.00 -53.40 56.39
N TYR V 407 44.20 -52.94 57.35
CA TYR V 407 43.99 -53.67 58.59
C TYR V 407 42.50 -53.82 58.85
N ASN V 408 42.14 -54.92 59.53
CA ASN V 408 40.78 -55.13 60.00
C ASN V 408 40.59 -54.80 61.47
N SER V 409 41.54 -55.20 62.33
CA SER V 409 41.43 -54.97 63.77
C SER V 409 41.87 -53.52 64.06
N ILE V 410 40.97 -52.59 63.77
CA ILE V 410 41.21 -51.18 64.07
C ILE V 410 40.01 -50.61 64.82
N LEU W 30 -28.12 -40.55 20.91
CA LEU W 30 -27.98 -41.62 21.90
C LEU W 30 -27.92 -41.06 23.31
N LEU W 31 -28.46 -41.81 24.26
CA LEU W 31 -28.45 -41.40 25.66
C LEU W 31 -28.54 -42.64 26.54
N LYS W 32 -28.07 -42.50 27.78
CA LYS W 32 -28.10 -43.58 28.75
C LYS W 32 -28.22 -42.98 30.15
N PRO W 33 -29.39 -43.10 30.79
CA PRO W 33 -29.58 -42.41 32.07
C PRO W 33 -28.73 -42.97 33.20
N ALA W 34 -28.42 -44.26 33.18
CA ALA W 34 -27.75 -44.87 34.31
C ALA W 34 -26.65 -45.82 33.85
N VAL W 35 -25.68 -46.02 34.72
CA VAL W 35 -24.55 -46.93 34.41
C VAL W 35 -24.90 -48.27 35.02
N VAL W 36 -25.01 -49.30 34.17
CA VAL W 36 -25.39 -50.65 34.66
C VAL W 36 -24.18 -51.55 34.63
N VAL W 37 -23.82 -52.07 35.78
CA VAL W 37 -22.69 -53.04 35.86
C VAL W 37 -23.35 -54.39 36.05
N ASP W 38 -22.81 -55.40 35.39
CA ASP W 38 -23.42 -56.74 35.53
C ASP W 38 -22.67 -57.46 36.63
N ASN W 39 -21.50 -57.96 36.28
CA ASN W 39 -20.65 -58.78 37.16
C ASN W 39 -19.36 -58.03 37.47
N PRO W 40 -19.09 -57.65 38.72
CA PRO W 40 -17.87 -56.93 39.02
C PRO W 40 -16.64 -57.77 38.71
N LEU W 41 -16.69 -59.06 39.00
CA LEU W 41 -15.54 -59.97 38.79
C LEU W 41 -15.16 -60.06 37.32
N ASP W 42 -16.15 -60.05 36.43
CA ASP W 42 -15.82 -60.24 34.99
C ASP W 42 -15.49 -58.94 34.26
N THR W 43 -16.32 -57.91 34.42
CA THR W 43 -16.04 -56.67 33.67
C THR W 43 -16.63 -55.46 34.38
N TYR W 44 -16.08 -54.29 34.06
CA TYR W 44 -16.52 -52.98 34.58
C TYR W 44 -16.79 -52.09 33.38
N PRO W 45 -17.89 -51.32 33.41
CA PRO W 45 -18.30 -50.50 32.28
C PRO W 45 -17.38 -49.34 31.93
N ASP W 46 -16.83 -48.70 32.96
CA ASP W 46 -16.02 -47.51 32.81
C ASP W 46 -14.82 -47.60 33.73
N ARG W 47 -13.62 -47.59 33.14
CA ARG W 47 -12.38 -47.64 33.90
C ARG W 47 -11.54 -46.41 33.62
N ARG W 48 -12.18 -45.32 33.18
CA ARG W 48 -11.51 -44.05 32.97
C ARG W 48 -11.16 -43.36 34.29
N TRP W 49 -11.90 -43.68 35.35
CA TRP W 49 -11.71 -43.05 36.66
C TRP W 49 -10.32 -43.30 37.25
N GLU W 50 -9.64 -44.35 36.79
CA GLU W 50 -8.43 -44.85 37.44
C GLU W 50 -7.29 -43.83 37.55
N SER W 51 -7.35 -42.76 36.77
CA SER W 51 -6.25 -41.78 36.76
C SER W 51 -5.98 -41.13 38.12
N VAL W 52 -6.99 -41.10 39.01
CA VAL W 52 -6.83 -40.38 40.29
C VAL W 52 -5.59 -40.87 41.04
N TYR W 53 -5.46 -42.17 41.21
CA TYR W 53 -4.29 -42.74 41.87
C TYR W 53 -3.12 -42.81 40.91
N ARG W 54 -3.43 -42.99 39.62
CA ARG W 54 -2.38 -43.04 38.59
C ARG W 54 -1.69 -41.68 38.48
N ASP W 55 -2.44 -40.59 38.68
CA ASP W 55 -1.85 -39.25 38.65
C ASP W 55 -1.14 -38.89 39.94
N GLN W 56 -1.73 -39.27 41.08
CA GLN W 56 -1.19 -38.86 42.38
C GLN W 56 0.21 -39.41 42.62
N TYR W 57 0.57 -40.50 41.94
CA TYR W 57 1.85 -41.12 42.19
C TYR W 57 3.00 -40.52 41.39
N GLN W 58 2.76 -39.96 40.20
CA GLN W 58 3.86 -39.51 39.37
C GLN W 58 4.56 -38.29 39.98
N TYR W 59 5.86 -38.18 39.65
CA TYR W 59 6.75 -37.16 40.19
C TYR W 59 7.61 -36.63 39.05
N ASP W 60 8.20 -35.44 39.26
CA ASP W 60 9.05 -34.83 38.24
C ASP W 60 10.54 -35.02 38.49
N ARG W 61 11.02 -35.04 39.74
CA ARG W 61 12.46 -35.03 39.99
C ARG W 61 12.81 -36.01 41.10
N THR W 62 14.09 -36.42 41.11
CA THR W 62 14.62 -37.35 42.11
C THR W 62 16.03 -36.93 42.51
N PHE W 63 16.37 -37.23 43.77
CA PHE W 63 17.72 -37.01 44.27
C PHE W 63 18.03 -38.10 45.30
N THR W 64 19.32 -38.20 45.65
CA THR W 64 19.79 -39.23 46.60
C THR W 64 20.55 -38.56 47.73
N TYR W 65 20.27 -38.99 48.96
CA TYR W 65 20.97 -38.50 50.14
C TYR W 65 21.24 -39.67 51.07
N CYS W 66 21.80 -39.38 52.24
CA CYS W 66 22.16 -40.39 53.22
C CYS W 66 21.51 -40.06 54.56
N CYS W 67 20.75 -41.01 55.10
CA CYS W 67 20.18 -40.90 56.44
C CYS W 67 21.25 -41.29 57.46
N SER W 68 21.61 -40.37 58.35
CA SER W 68 22.71 -40.58 59.29
C SER W 68 22.33 -40.17 60.71
N PRO W 69 21.44 -40.92 61.36
CA PRO W 69 20.95 -40.55 62.70
C PRO W 69 21.65 -41.21 63.89
N ASN W 70 22.86 -41.77 63.75
CA ASN W 70 23.45 -42.65 64.75
C ASN W 70 22.75 -44.00 64.71
N ASP W 71 22.28 -44.34 63.51
CA ASP W 71 21.64 -45.61 63.22
C ASP W 71 22.63 -46.75 63.00
N THR W 72 23.79 -46.35 62.49
CA THR W 72 24.96 -47.19 62.17
C THR W 72 24.88 -47.49 60.68
N HIS W 73 23.67 -47.52 60.15
CA HIS W 73 23.38 -48.06 58.80
C HIS W 73 23.75 -47.06 57.72
N ALA W 74 23.63 -45.79 58.03
CA ALA W 74 23.95 -44.74 57.05
C ALA W 74 23.46 -45.11 55.66
N CYS W 75 22.19 -45.51 55.59
CA CYS W 75 21.64 -45.97 54.32
C CYS W 75 21.59 -44.82 53.32
N ARG W 76 21.82 -45.14 52.04
CA ARG W 76 21.64 -44.16 50.98
C ARG W 76 20.23 -44.32 50.42
N ILE W 77 19.54 -43.20 50.33
CA ILE W 77 18.11 -43.16 50.15
C ILE W 77 17.79 -42.45 48.84
N ARG W 78 16.72 -42.89 48.17
CA ARG W 78 16.26 -42.28 46.92
C ARG W 78 14.95 -41.56 47.19
N ALA W 79 14.97 -40.24 47.06
CA ALA W 79 13.80 -39.42 47.34
C ALA W 79 13.14 -38.96 46.05
N PHE W 80 11.81 -38.93 46.06
CA PHE W 80 11.02 -38.51 44.92
C PHE W 80 10.43 -37.15 45.24
N VAL W 81 10.61 -36.20 44.34
CA VAL W 81 10.16 -34.82 44.54
C VAL W 81 9.12 -34.50 43.48
N ARG W 82 8.06 -33.80 43.89
CA ARG W 82 7.01 -33.36 42.98
C ARG W 82 6.77 -31.87 43.19
N ASN W 83 7.03 -31.08 42.15
CA ASN W 83 6.91 -29.62 42.20
C ASN W 83 7.68 -29.04 43.38
N ASN W 84 8.96 -29.42 43.44
CA ASN W 84 9.92 -28.93 44.44
C ASN W 84 9.50 -29.24 45.88
N VAL W 85 8.71 -30.29 46.08
CA VAL W 85 8.36 -30.76 47.41
C VAL W 85 8.72 -32.24 47.50
N MET W 86 9.46 -32.60 48.54
CA MET W 86 9.81 -34.00 48.79
C MET W 86 8.58 -34.74 49.26
N MET W 87 8.07 -35.65 48.42
CA MET W 87 6.79 -36.30 48.70
C MET W 87 6.97 -37.61 49.46
N ARG W 88 7.63 -38.55 48.84
CA ARG W 88 7.87 -39.86 49.41
C ARG W 88 9.33 -40.22 49.21
N VAL W 89 9.70 -41.43 49.62
CA VAL W 89 11.09 -41.93 49.48
C VAL W 89 11.05 -43.44 49.27
N GLU W 90 12.14 -43.98 48.72
CA GLU W 90 12.25 -45.44 48.43
C GLU W 90 13.74 -45.81 48.42
N GLN W 91 14.03 -47.10 48.57
CA GLN W 91 15.42 -47.58 48.58
C GLN W 91 15.96 -47.43 47.17
N ASN W 92 17.26 -47.23 47.04
CA ASN W 92 17.91 -47.04 45.73
C ASN W 92 18.21 -48.36 45.02
N TYR W 93 18.32 -49.49 45.75
CA TYR W 93 18.70 -50.76 45.14
C TYR W 93 19.98 -50.63 44.34
N ASP W 94 21.05 -50.27 45.03
CA ASP W 94 22.32 -49.91 44.41
C ASP W 94 23.52 -50.69 44.92
N HIS W 95 23.32 -51.64 45.85
CA HIS W 95 24.45 -52.29 46.51
C HIS W 95 25.27 -53.12 45.53
N GLN W 96 24.61 -53.70 44.52
CA GLN W 96 25.34 -54.39 43.45
C GLN W 96 26.43 -53.50 42.86
N ASN W 97 26.21 -52.20 42.82
CA ASN W 97 27.12 -51.26 42.16
C ASN W 97 28.24 -50.77 43.08
N TYR W 98 28.18 -51.05 44.37
CA TYR W 98 29.21 -50.59 45.29
C TYR W 98 30.50 -51.38 45.07
N SER W 99 31.63 -50.67 45.10
CA SER W 99 32.92 -51.30 44.82
C SER W 99 34.02 -50.51 45.55
N ASP W 100 35.23 -51.09 45.57
CA ASP W 100 36.38 -50.39 46.12
C ASP W 100 37.30 -49.93 44.99
N LEU W 101 38.36 -49.22 45.36
CA LEU W 101 39.32 -48.75 44.35
C LEU W 101 40.12 -49.90 43.73
N TYR W 102 40.23 -51.05 44.40
CA TYR W 102 40.92 -52.19 43.80
C TYR W 102 40.01 -52.99 42.88
N GLY W 103 38.73 -52.65 42.81
CA GLY W 103 37.79 -53.32 41.93
C GLY W 103 36.90 -54.37 42.57
N ASN W 104 37.09 -54.67 43.85
CA ASN W 104 36.20 -55.61 44.52
C ASN W 104 34.84 -54.97 44.70
N LYS W 105 33.78 -55.73 44.40
CA LYS W 105 32.42 -55.23 44.43
C LYS W 105 31.62 -55.92 45.53
N ALA W 106 30.49 -55.29 45.88
CA ALA W 106 29.55 -55.88 46.81
C ALA W 106 28.51 -56.69 46.02
N THR W 107 27.54 -57.24 46.74
CA THR W 107 26.51 -58.09 46.16
C THR W 107 25.15 -57.42 46.27
N ARG W 108 24.19 -57.96 45.54
CA ARG W 108 22.81 -57.50 45.71
C ARG W 108 22.19 -58.06 46.99
N ASN W 109 22.89 -58.94 47.68
CA ASN W 109 22.33 -59.60 48.88
C ASN W 109 22.17 -58.60 50.03
N TRP W 110 22.80 -57.45 49.91
CA TRP W 110 22.77 -56.36 50.92
C TRP W 110 21.45 -55.59 50.90
N ASN W 111 20.64 -55.74 49.87
CA ASN W 111 19.40 -54.97 49.59
C ASN W 111 18.27 -55.34 50.56
N PRO W 112 17.12 -54.65 50.55
CA PRO W 112 17.00 -53.23 50.28
C PRO W 112 17.65 -52.35 51.34
N ARG W 113 17.68 -52.83 52.57
CA ARG W 113 18.42 -52.17 53.67
C ARG W 113 17.92 -50.77 54.00
N MET W 114 16.73 -50.63 54.57
CA MET W 114 16.22 -49.34 55.09
C MET W 114 15.33 -49.61 56.31
N CYS W 115 15.10 -48.64 57.18
CA CYS W 115 14.16 -48.77 58.29
C CYS W 115 12.90 -47.94 58.02
N LEU W 116 11.85 -48.22 58.80
CA LEU W 116 10.62 -47.44 58.71
C LEU W 116 10.87 -45.94 58.89
N LYS W 117 11.83 -45.57 59.73
CA LYS W 117 12.07 -44.17 60.06
C LYS W 117 12.64 -43.40 58.89
N GLY W 118 13.42 -44.05 58.03
CA GLY W 118 13.88 -43.37 56.83
C GLY W 118 12.73 -42.95 55.93
N TYR W 119 11.68 -43.77 55.90
CA TYR W 119 10.52 -43.50 55.06
C TYR W 119 9.70 -42.31 55.54
N THR W 120 9.76 -41.99 56.83
CA THR W 120 8.94 -40.90 57.38
C THR W 120 9.77 -39.66 57.72
N PHE W 121 11.01 -39.58 57.22
CA PHE W 121 11.81 -38.40 57.54
C PHE W 121 11.23 -37.15 56.91
N HIS W 122 10.57 -37.27 55.76
CA HIS W 122 9.99 -36.10 55.11
C HIS W 122 8.81 -35.55 55.92
N ARG W 123 8.08 -36.42 56.61
CA ARG W 123 7.05 -35.96 57.55
C ARG W 123 7.66 -35.18 58.70
N ARG W 124 8.95 -35.41 58.94
CA ARG W 124 9.76 -34.75 59.95
C ARG W 124 10.39 -33.43 59.47
N VAL W 125 10.90 -33.37 58.23
CA VAL W 125 11.53 -32.14 57.75
C VAL W 125 10.48 -31.04 57.57
N TYR W 126 9.29 -31.39 57.10
CA TYR W 126 8.19 -30.45 56.97
C TYR W 126 7.24 -30.52 58.17
N GLY W 127 7.79 -30.69 59.36
CA GLY W 127 7.03 -30.97 60.56
C GLY W 127 6.90 -29.77 61.48
N PRO W 128 6.13 -29.91 62.56
CA PRO W 128 5.89 -28.79 63.46
C PRO W 128 6.96 -28.57 64.52
N TYR W 129 7.91 -29.48 64.67
CA TYR W 129 8.92 -29.36 65.72
C TYR W 129 10.24 -28.81 65.19
N ARG W 130 10.26 -28.43 63.92
CA ARG W 130 11.47 -27.94 63.27
C ARG W 130 11.90 -26.61 63.87
N LEU W 131 13.22 -26.45 64.01
CA LEU W 131 13.78 -25.15 64.32
C LEU W 131 13.74 -24.33 63.04
N ARG W 132 13.26 -23.08 63.12
CA ARG W 132 13.12 -22.26 61.92
C ARG W 132 14.00 -21.02 61.92
N TYR W 133 14.63 -20.67 63.05
CA TYR W 133 15.51 -19.50 63.13
C TYR W 133 16.32 -19.57 64.42
N PRO W 134 17.48 -18.90 64.48
CA PRO W 134 18.27 -18.97 65.72
C PRO W 134 17.49 -18.47 66.91
N LEU W 135 17.70 -19.12 68.05
CA LEU W 135 17.00 -18.81 69.28
C LEU W 135 18.02 -18.49 70.38
N ILE W 136 17.69 -17.49 71.19
CA ILE W 136 18.48 -17.15 72.37
C ILE W 136 17.51 -16.99 73.54
N ARG W 137 17.93 -17.46 74.72
CA ARG W 137 17.05 -17.41 75.88
C ARG W 137 17.00 -15.98 76.41
N LYS W 138 15.80 -15.55 76.81
CA LYS W 138 15.61 -14.16 77.22
C LYS W 138 16.45 -13.82 78.44
N GLY W 139 16.44 -14.69 79.45
CA GLY W 139 17.21 -14.41 80.65
C GLY W 139 18.70 -14.57 80.51
N TRP W 140 19.19 -15.00 79.35
CA TRP W 140 20.63 -15.04 79.12
C TRP W 140 21.10 -13.84 78.31
N LYS W 141 20.32 -13.43 77.30
CA LYS W 141 20.62 -12.22 76.57
C LYS W 141 20.64 -11.02 77.51
N ARG W 142 19.70 -10.97 78.46
CA ARG W 142 19.69 -9.88 79.45
C ARG W 142 20.95 -9.93 80.30
N TRP W 143 21.39 -11.13 80.71
CA TRP W 143 22.63 -11.25 81.44
C TRP W 143 23.80 -10.71 80.63
N ALA W 144 23.81 -10.97 79.32
CA ALA W 144 24.85 -10.43 78.45
C ALA W 144 24.72 -8.92 78.29
N ASP W 145 23.49 -8.39 78.34
CA ASP W 145 23.29 -6.97 78.11
C ASP W 145 23.56 -6.12 79.35
N ASP W 146 23.53 -6.72 80.54
CA ASP W 146 23.82 -6.01 81.77
C ASP W 146 25.31 -6.06 82.12
N GLY W 147 26.13 -6.63 81.25
CA GLY W 147 27.56 -6.66 81.45
C GLY W 147 28.12 -7.92 82.06
N PHE W 148 27.38 -9.04 82.01
CA PHE W 148 27.81 -10.30 82.58
C PHE W 148 28.20 -10.15 84.07
N PRO W 149 27.22 -9.69 84.90
CA PRO W 149 27.55 -9.53 86.32
C PRO W 149 27.80 -10.86 87.00
N GLU W 150 28.41 -10.80 88.17
CA GLU W 150 28.72 -12.02 88.90
C GLU W 150 27.43 -12.77 89.21
N LEU W 151 27.42 -14.06 88.90
CA LEU W 151 26.20 -14.87 89.01
C LEU W 151 26.05 -15.38 90.45
N THR W 152 25.75 -14.44 91.34
CA THR W 152 25.40 -14.77 92.71
C THR W 152 24.02 -15.45 92.73
N PRO W 153 23.68 -16.15 93.82
CA PRO W 153 22.36 -16.80 93.87
C PRO W 153 21.21 -15.88 93.54
N GLU W 154 21.29 -14.61 93.96
CA GLU W 154 20.24 -13.67 93.61
C GLU W 154 20.20 -13.44 92.10
N ASN W 155 21.39 -13.32 91.52
CA ASN W 155 21.59 -13.12 90.07
C ASN W 155 21.15 -14.35 89.29
N LYS W 156 21.46 -15.54 89.77
CA LYS W 156 21.03 -16.73 89.01
C LYS W 156 19.50 -16.74 88.94
N THR W 157 18.82 -16.43 90.03
CA THR W 157 17.34 -16.38 90.08
C THR W 157 16.81 -15.27 89.19
N LYS W 158 17.48 -14.12 89.16
CA LYS W 158 17.07 -12.98 88.35
C LYS W 158 17.06 -13.33 86.86
N TYR W 159 18.17 -13.87 86.37
CA TYR W 159 18.28 -14.24 84.96
C TYR W 159 17.82 -15.66 84.69
N MET W 160 17.25 -16.33 85.69
CA MET W 160 16.56 -17.59 85.50
C MET W 160 17.50 -18.70 85.02
N PHE W 161 18.64 -18.81 85.70
CA PHE W 161 19.51 -19.96 85.47
C PHE W 161 19.06 -21.15 86.29
N ASP W 162 18.45 -20.90 87.46
CA ASP W 162 17.87 -21.98 88.25
C ASP W 162 16.57 -22.47 87.63
N ASN W 163 15.81 -21.56 87.01
CA ASN W 163 14.55 -21.89 86.34
C ASN W 163 14.68 -21.52 84.86
N ARG W 164 15.22 -22.45 84.07
CA ARG W 164 15.35 -22.26 82.63
C ARG W 164 14.16 -22.78 81.84
N GLY W 165 13.21 -23.44 82.49
CA GLY W 165 12.10 -24.05 81.77
C GLY W 165 10.85 -23.21 81.70
N ASN W 166 10.83 -22.10 82.44
CA ASN W 166 9.75 -21.12 82.37
C ASN W 166 10.21 -19.79 81.80
N ASP W 167 11.40 -19.74 81.22
CA ASP W 167 11.91 -18.55 80.55
C ASP W 167 11.47 -18.61 79.09
N GLU W 168 11.92 -17.65 78.28
CA GLU W 168 11.49 -17.56 76.90
C GLU W 168 12.69 -17.67 75.97
N LEU W 169 12.55 -18.47 74.92
CA LEU W 169 13.55 -18.55 73.86
C LEU W 169 13.08 -17.63 72.75
N LEU W 170 13.82 -16.55 72.53
CA LEU W 170 13.44 -15.52 71.57
C LEU W 170 14.24 -15.68 70.29
N ARG W 171 13.68 -15.16 69.20
CA ARG W 171 14.36 -15.23 67.91
C ARG W 171 15.53 -14.27 67.86
N ALA W 172 16.61 -14.71 67.25
CA ALA W 172 17.79 -13.90 66.99
C ALA W 172 18.22 -14.08 65.55
N SER W 173 18.82 -13.05 64.98
CA SER W 173 19.51 -13.20 63.72
C SER W 173 20.84 -13.90 63.94
N TRP W 174 21.35 -14.52 62.88
CA TRP W 174 22.58 -15.31 63.02
C TRP W 174 23.74 -14.47 63.55
N ASP W 175 23.77 -13.18 63.21
CA ASP W 175 24.81 -12.31 63.75
C ASP W 175 24.62 -12.04 65.24
N GLU W 176 23.37 -11.96 65.71
CA GLU W 176 23.14 -11.75 67.13
C GLU W 176 23.49 -12.99 67.94
N ALA W 177 23.13 -14.17 67.43
CA ALA W 177 23.44 -15.41 68.14
C ALA W 177 24.95 -15.63 68.20
N PHE W 178 25.65 -15.39 67.09
CA PHE W 178 27.10 -15.53 67.08
C PHE W 178 27.74 -14.50 68.01
N THR W 179 27.23 -13.27 68.02
CA THR W 179 27.85 -12.21 68.82
C THR W 179 27.69 -12.46 70.32
N TYR W 180 26.45 -12.71 70.77
CA TYR W 180 26.22 -12.96 72.18
C TYR W 180 26.95 -14.20 72.66
N ALA W 181 26.91 -15.28 71.87
CA ALA W 181 27.58 -16.51 72.26
C ALA W 181 29.10 -16.32 72.31
N SER W 182 29.68 -15.63 71.33
CA SER W 182 31.13 -15.40 71.33
C SER W 182 31.55 -14.54 72.52
N LYS W 183 30.82 -13.46 72.77
CA LYS W 183 31.11 -12.61 73.92
C LYS W 183 31.03 -13.41 75.21
N GLY W 184 30.01 -14.27 75.33
CA GLY W 184 29.89 -15.10 76.52
C GLY W 184 31.02 -16.09 76.66
N ILE W 185 31.43 -16.72 75.55
CA ILE W 185 32.55 -17.66 75.60
C ILE W 185 33.82 -16.95 76.05
N ILE W 186 34.08 -15.75 75.52
CA ILE W 186 35.27 -15.01 75.92
C ILE W 186 35.18 -14.62 77.39
N HIS W 187 34.01 -14.15 77.82
CA HIS W 187 33.84 -13.74 79.20
C HIS W 187 34.01 -14.91 80.17
N ILE W 188 33.32 -16.02 79.90
CA ILE W 188 33.32 -17.15 80.84
C ILE W 188 34.70 -17.79 80.92
N THR W 189 35.37 -17.94 79.78
CA THR W 189 36.70 -18.53 79.77
C THR W 189 37.71 -17.64 80.47
N LYS W 190 37.55 -16.33 80.35
CA LYS W 190 38.47 -15.43 81.04
C LYS W 190 38.13 -15.34 82.52
N LYS W 191 36.86 -15.49 82.86
CA LYS W 191 36.42 -15.41 84.26
C LYS W 191 37.05 -16.50 85.12
N TYR W 192 37.23 -17.69 84.56
CA TYR W 192 37.78 -18.83 85.35
C TYR W 192 39.20 -19.17 84.91
N SER W 193 39.93 -18.21 84.34
CA SER W 193 41.23 -18.52 83.78
C SER W 193 42.32 -18.59 84.85
N GLY W 194 42.76 -17.44 85.38
CA GLY W 194 43.90 -17.38 86.26
C GLY W 194 43.74 -18.07 87.61
N PRO W 195 44.68 -17.82 88.52
CA PRO W 195 44.52 -18.32 89.89
C PRO W 195 43.33 -17.70 90.59
N GLU W 196 43.07 -16.40 90.36
CA GLU W 196 41.87 -15.79 90.93
C GLU W 196 40.61 -16.42 90.36
N GLY W 197 40.64 -16.84 89.09
CA GLY W 197 39.53 -17.57 88.54
C GLY W 197 39.42 -18.97 89.14
N ALA W 198 40.57 -19.63 89.33
CA ALA W 198 40.59 -20.96 89.94
C ALA W 198 40.01 -20.94 91.35
N GLN W 199 40.26 -19.86 92.09
CA GLN W 199 39.74 -19.78 93.46
C GLN W 199 38.22 -19.64 93.45
N LYS W 200 37.65 -19.03 92.40
CA LYS W 200 36.19 -19.00 92.29
C LYS W 200 35.62 -20.40 92.20
N LEU W 201 36.33 -21.31 91.54
CA LEU W 201 35.84 -22.69 91.41
C LEU W 201 35.96 -23.45 92.72
N ILE W 202 36.99 -23.17 93.51
CA ILE W 202 37.10 -23.79 94.82
C ILE W 202 36.07 -23.20 95.77
N ASP W 203 35.71 -21.93 95.58
CA ASP W 203 34.66 -21.32 96.38
C ASP W 203 33.29 -21.85 96.01
N GLN W 204 33.10 -22.30 94.78
CA GLN W 204 31.82 -22.85 94.34
C GLN W 204 31.64 -24.31 94.73
N GLY W 205 32.70 -25.00 95.13
CA GLY W 205 32.59 -26.36 95.63
C GLY W 205 33.20 -27.43 94.76
N TYR W 206 33.88 -27.07 93.67
CA TYR W 206 34.48 -28.07 92.81
C TYR W 206 35.73 -28.67 93.48
N PRO W 207 35.97 -29.96 93.33
CA PRO W 207 37.17 -30.57 93.90
C PRO W 207 38.43 -29.94 93.31
N LYS W 208 39.49 -29.93 94.11
CA LYS W 208 40.74 -29.32 93.67
C LYS W 208 41.37 -30.08 92.50
N GLU W 209 41.14 -31.39 92.42
CA GLU W 209 41.65 -32.16 91.29
C GLU W 209 41.05 -31.70 89.98
N MET W 210 39.77 -31.34 89.98
CA MET W 210 39.13 -30.83 88.76
C MET W 210 39.61 -29.43 88.43
N VAL W 211 39.98 -28.64 89.43
CA VAL W 211 40.45 -27.28 89.17
C VAL W 211 41.91 -27.30 88.74
N ASP W 212 42.71 -28.19 89.35
CA ASP W 212 44.09 -28.37 88.89
C ASP W 212 44.13 -28.97 87.50
N ARG W 213 43.09 -29.74 87.15
CA ARG W 213 43.00 -30.33 85.82
C ARG W 213 42.94 -29.26 84.74
N MET W 214 42.33 -28.12 85.06
CA MET W 214 42.21 -27.02 84.09
C MET W 214 43.58 -26.47 83.73
N GLN W 215 44.52 -26.52 84.67
CA GLN W 215 45.86 -25.98 84.51
C GLN W 215 45.85 -24.46 84.26
N GLY W 216 44.92 -23.73 84.85
CA GLY W 216 44.91 -22.31 84.61
C GLY W 216 44.13 -21.88 83.38
N ALA W 217 43.98 -22.74 82.39
CA ALA W 217 43.20 -22.40 81.21
C ALA W 217 41.72 -22.38 81.55
N GLY W 218 41.07 -21.23 81.40
CA GLY W 218 39.65 -21.20 81.62
C GLY W 218 38.87 -21.81 80.47
N THR W 219 39.52 -21.98 79.32
CA THR W 219 38.92 -22.60 78.15
C THR W 219 38.64 -24.09 78.34
N ARG W 220 39.16 -24.65 79.43
CA ARG W 220 38.93 -26.07 79.73
C ARG W 220 37.61 -26.24 80.47
N THR W 221 37.00 -25.10 80.77
CA THR W 221 35.67 -24.94 81.38
C THR W 221 34.61 -24.98 80.29
N PHE W 222 35.04 -24.93 79.04
CA PHE W 222 34.14 -25.01 77.87
C PHE W 222 34.26 -26.42 77.33
N LYS W 223 33.12 -27.06 77.22
CA LYS W 223 33.03 -28.44 76.79
C LYS W 223 32.23 -28.48 75.49
N GLY W 224 32.90 -28.86 74.40
CA GLY W 224 32.27 -28.92 73.09
C GLY W 224 32.17 -30.35 72.60
N ARG W 225 30.95 -30.83 72.37
CA ARG W 225 30.73 -32.21 71.96
C ARG W 225 30.31 -32.26 70.49
N GLY W 226 31.11 -32.93 69.67
CA GLY W 226 30.71 -33.27 68.33
C GLY W 226 29.91 -34.55 68.34
N GLY W 227 28.65 -34.48 68.77
CA GLY W 227 27.84 -35.66 69.05
C GLY W 227 27.81 -36.63 67.89
N MET W 228 28.10 -37.90 68.17
CA MET W 228 28.26 -38.94 67.15
C MET W 228 28.84 -38.37 65.87
N GLY W 229 30.05 -37.82 65.94
CA GLY W 229 30.60 -37.10 64.81
C GLY W 229 30.79 -37.90 63.54
N LEU W 230 30.79 -39.23 63.63
CA LEU W 230 30.95 -40.01 62.40
C LEU W 230 29.73 -39.87 61.49
N LEU W 231 28.60 -39.41 62.03
CA LEU W 231 27.43 -39.16 61.20
C LEU W 231 27.73 -38.13 60.13
N GLY W 232 28.31 -36.99 60.53
CA GLY W 232 28.95 -36.11 59.59
C GLY W 232 30.28 -35.65 60.14
N VAL W 233 31.39 -36.04 59.52
CA VAL W 233 32.69 -35.78 60.10
C VAL W 233 33.01 -34.30 60.06
N ILE W 234 32.77 -33.65 58.92
CA ILE W 234 33.09 -32.24 58.77
C ILE W 234 32.16 -31.40 59.64
N GLY W 235 30.86 -31.66 59.56
CA GLY W 235 29.89 -30.83 60.25
C GLY W 235 29.80 -31.07 61.74
N LYS W 236 29.98 -32.31 62.18
CA LYS W 236 29.78 -32.67 63.58
C LYS W 236 31.09 -32.84 64.33
N TYR W 237 32.01 -33.67 63.83
CA TYR W 237 33.32 -33.76 64.47
C TYR W 237 34.13 -32.49 64.32
N GLY W 238 33.69 -31.56 63.46
CA GLY W 238 34.29 -30.24 63.40
C GLY W 238 34.21 -29.47 64.70
N MET W 239 33.26 -29.81 65.59
CA MET W 239 33.23 -29.17 66.89
C MET W 239 34.49 -29.48 67.69
N TYR W 240 35.04 -30.68 67.54
CA TYR W 240 36.31 -30.98 68.18
C TYR W 240 37.41 -30.08 67.63
N ARG W 241 37.32 -29.71 66.35
CA ARG W 241 38.24 -28.73 65.79
C ARG W 241 38.00 -27.36 66.42
N PHE W 242 36.73 -27.00 66.65
CA PHE W 242 36.41 -25.75 67.31
C PHE W 242 37.04 -25.69 68.70
N ASN W 243 37.02 -26.81 69.40
CA ASN W 243 37.60 -26.93 70.76
C ASN W 243 39.09 -26.67 70.69
N ASN W 244 39.71 -27.19 69.65
CA ASN W 244 41.15 -26.93 69.47
C ASN W 244 41.34 -25.45 69.20
N CYS W 245 40.50 -24.87 68.34
CA CYS W 245 40.65 -23.47 67.99
C CYS W 245 40.55 -22.55 69.20
N LEU W 246 39.92 -23.01 70.29
CA LEU W 246 39.82 -22.19 71.49
C LEU W 246 41.15 -21.96 72.18
N ALA W 247 42.22 -22.66 71.77
CA ALA W 247 43.54 -22.35 72.28
C ALA W 247 43.93 -20.90 72.01
N ILE W 248 43.49 -20.36 70.88
CA ILE W 248 43.74 -18.95 70.58
C ILE W 248 43.07 -18.06 71.63
N VAL W 249 41.83 -18.37 71.99
CA VAL W 249 41.13 -17.58 73.00
C VAL W 249 41.88 -17.62 74.33
N ASP W 250 42.45 -18.78 74.67
CA ASP W 250 43.27 -18.87 75.86
C ASP W 250 44.53 -18.01 75.74
N ALA W 251 45.13 -17.97 74.54
CA ALA W 251 46.29 -17.12 74.32
C ALA W 251 45.93 -15.65 74.52
N HIS W 252 44.74 -15.23 74.12
CA HIS W 252 44.32 -13.85 74.33
C HIS W 252 44.02 -13.57 75.79
N ASN W 253 43.43 -14.55 76.49
CA ASN W 253 43.07 -14.35 77.89
C ASN W 253 44.30 -14.24 78.78
N ARG W 254 45.21 -15.21 78.68
CA ARG W 254 46.34 -15.30 79.60
C ARG W 254 47.64 -14.75 79.02
N GLY W 255 47.69 -14.47 77.73
CA GLY W 255 48.90 -13.97 77.12
C GLY W 255 50.01 -14.99 77.17
N VAL W 256 49.73 -16.20 76.69
CA VAL W 256 50.69 -17.29 76.70
C VAL W 256 51.09 -17.61 75.27
N GLY W 257 52.08 -18.49 75.13
CA GLY W 257 52.58 -18.90 73.85
C GLY W 257 51.85 -20.11 73.30
N PRO W 258 52.16 -20.46 72.04
CA PRO W 258 51.52 -21.63 71.43
C PRO W 258 51.67 -22.90 72.25
N ASP W 259 52.82 -23.10 72.90
CA ASP W 259 53.02 -24.32 73.67
C ASP W 259 52.24 -24.33 74.97
N GLN W 260 51.89 -23.16 75.50
CA GLN W 260 51.12 -23.04 76.74
C GLN W 260 49.64 -22.72 76.50
N ALA W 261 49.19 -22.76 75.26
CA ALA W 261 47.81 -22.44 74.94
C ALA W 261 47.00 -23.73 74.98
N LEU W 262 45.87 -23.69 75.68
CA LEU W 262 45.03 -24.85 75.86
C LEU W 262 43.61 -24.43 75.51
N GLY W 263 42.91 -25.25 74.73
CA GLY W 263 41.59 -24.86 74.32
C GLY W 263 40.46 -25.64 74.95
N GLY W 264 39.50 -26.02 74.12
CA GLY W 264 38.31 -26.70 74.58
C GLY W 264 38.58 -28.15 74.95
N ARG W 265 37.62 -28.72 75.67
CA ARG W 265 37.64 -30.14 76.02
C ARG W 265 36.61 -30.88 75.18
N ASN W 266 37.07 -31.88 74.42
CA ASN W 266 36.20 -32.66 73.56
C ASN W 266 35.42 -33.67 74.40
N TRP W 267 34.09 -33.56 74.37
CA TRP W 267 33.26 -34.49 75.11
C TRP W 267 33.05 -35.77 74.32
N SER W 268 33.01 -36.90 75.04
CA SER W 268 32.96 -38.21 74.42
C SER W 268 31.56 -38.53 73.92
N ASN W 269 31.50 -39.53 73.04
CA ASN W 269 30.24 -40.01 72.48
C ASN W 269 29.97 -41.47 72.79
N TYR W 270 30.93 -42.34 72.47
CA TYR W 270 30.72 -43.79 72.54
C TYR W 270 30.50 -44.26 73.98
N THR W 271 31.45 -43.95 74.85
CA THR W 271 31.34 -44.39 76.25
C THR W 271 30.20 -43.69 76.97
N TRP W 272 30.04 -42.39 76.73
CA TRP W 272 28.99 -41.62 77.40
C TRP W 272 27.63 -42.29 77.28
N HIS W 273 27.32 -42.85 76.12
CA HIS W 273 26.04 -43.50 75.87
C HIS W 273 25.94 -44.92 76.40
N GLY W 274 26.97 -45.43 77.07
CA GLY W 274 26.91 -46.83 77.45
C GLY W 274 27.12 -47.81 76.32
N ASP W 275 27.73 -47.36 75.22
CA ASP W 275 27.78 -48.16 74.00
C ASP W 275 29.01 -49.07 73.89
N GLN W 276 30.14 -48.71 74.49
CA GLN W 276 31.32 -49.57 74.41
C GLN W 276 31.16 -50.82 75.27
N ALA W 277 31.84 -51.89 74.87
CA ALA W 277 32.03 -53.04 75.74
C ALA W 277 33.28 -52.79 76.58
N PRO W 278 33.14 -52.45 77.86
CA PRO W 278 34.33 -52.10 78.66
C PRO W 278 35.35 -53.22 78.78
N GLY W 279 34.92 -54.48 78.65
CA GLY W 279 35.85 -55.59 78.77
C GLY W 279 36.78 -55.76 77.59
N HIS W 280 36.44 -55.18 76.44
CA HIS W 280 37.25 -55.39 75.25
C HIS W 280 38.68 -54.84 75.37
N PRO W 281 38.92 -53.64 75.92
CA PRO W 281 40.32 -53.23 76.16
C PRO W 281 41.05 -54.18 77.09
N PHE W 282 40.35 -54.91 77.95
CA PHE W 282 40.99 -55.87 78.84
C PHE W 282 41.26 -57.20 78.15
N SER W 283 40.31 -57.67 77.32
CA SER W 283 40.42 -59.02 76.76
C SER W 283 41.33 -59.06 75.55
N HIS W 284 41.17 -58.10 74.62
CA HIS W 284 42.00 -58.05 73.43
C HIS W 284 42.60 -56.68 73.18
N GLY W 285 42.22 -55.65 73.94
CA GLY W 285 42.87 -54.37 73.82
C GLY W 285 42.44 -53.54 72.63
N LEU W 286 41.28 -53.83 72.05
CA LEU W 286 40.75 -53.03 70.95
C LEU W 286 39.46 -52.38 71.42
N GLN W 287 39.22 -51.18 70.90
CA GLN W 287 38.07 -50.38 71.32
C GLN W 287 36.78 -51.19 71.23
N THR W 288 36.55 -51.83 70.10
CA THR W 288 35.30 -52.56 69.87
C THR W 288 35.55 -53.67 68.86
N SER W 289 35.04 -54.85 69.16
CA SER W 289 35.05 -55.96 68.22
C SER W 289 33.73 -55.93 67.47
N ASP W 290 33.82 -55.53 66.20
CA ASP W 290 32.65 -55.38 65.28
C ASP W 290 32.93 -56.14 63.98
N VAL W 291 31.86 -56.52 63.28
CA VAL W 291 31.93 -57.30 62.06
C VAL W 291 31.08 -56.54 61.04
N ASP W 292 31.45 -56.68 59.77
CA ASP W 292 30.53 -56.35 58.69
C ASP W 292 29.43 -57.40 58.67
N MET W 293 28.18 -56.97 58.80
CA MET W 293 27.11 -57.91 59.13
C MET W 293 26.82 -58.93 58.07
N ASN W 294 27.31 -58.77 56.85
CA ASN W 294 27.15 -59.89 55.92
C ASN W 294 27.90 -61.12 56.43
N ASP W 295 28.91 -60.93 57.26
CA ASP W 295 29.61 -62.05 57.88
C ASP W 295 28.71 -62.78 58.87
N VAL W 296 27.76 -62.06 59.48
CA VAL W 296 26.90 -62.69 60.48
C VAL W 296 26.19 -63.90 59.91
N ARG W 297 25.87 -63.88 58.61
CA ARG W 297 25.24 -65.01 57.95
C ARG W 297 26.22 -66.15 57.69
N PHE W 298 27.51 -65.95 57.93
CA PHE W 298 28.47 -67.05 57.88
C PHE W 298 28.42 -67.90 59.13
N SER W 299 27.88 -67.37 60.23
CA SER W 299 27.86 -68.10 61.49
C SER W 299 26.98 -69.35 61.39
N LYS W 300 27.43 -70.41 62.05
CA LYS W 300 26.66 -71.65 62.14
C LYS W 300 26.08 -71.90 63.52
N LEU W 301 26.65 -71.30 64.56
CA LEU W 301 25.98 -71.15 65.86
C LEU W 301 26.10 -69.69 66.26
N LEU W 302 24.97 -69.00 66.27
CA LEU W 302 24.94 -67.58 66.55
C LEU W 302 24.31 -67.38 67.93
N ILE W 303 25.06 -66.78 68.84
CA ILE W 303 24.64 -66.61 70.22
C ILE W 303 24.42 -65.13 70.48
N GLN W 304 23.29 -64.80 71.10
CA GLN W 304 22.88 -63.43 71.35
C GLN W 304 22.61 -63.26 72.84
N THR W 305 23.34 -62.36 73.49
CA THR W 305 23.25 -62.21 74.93
C THR W 305 22.60 -60.89 75.37
N GLY W 306 23.10 -59.75 74.89
CA GLY W 306 22.57 -58.49 75.36
C GLY W 306 22.06 -57.53 74.31
N LYS W 307 21.64 -58.06 73.16
CA LYS W 307 21.21 -57.20 72.06
C LYS W 307 19.98 -57.79 71.39
N ASN W 308 18.95 -56.96 71.24
CA ASN W 308 17.80 -57.30 70.40
C ASN W 308 18.19 -56.91 68.99
N LEU W 309 18.90 -57.84 68.33
CA LEU W 309 19.49 -57.59 67.02
C LEU W 309 18.45 -57.50 65.93
N ILE W 310 17.27 -58.08 66.14
CA ILE W 310 16.20 -58.00 65.15
C ILE W 310 15.57 -56.61 65.17
N GLU W 311 15.53 -55.97 66.32
CA GLU W 311 14.81 -54.71 66.46
C GLU W 311 15.74 -53.50 66.45
N ASN W 312 17.04 -53.71 66.53
CA ASN W 312 17.99 -52.60 66.60
C ASN W 312 19.04 -52.63 65.51
N LYS W 313 18.94 -53.55 64.56
CA LYS W 313 19.75 -53.51 63.35
C LYS W 313 18.90 -53.87 62.13
N MET W 314 17.71 -53.28 62.05
CA MET W 314 16.70 -53.76 61.10
C MET W 314 17.19 -53.86 59.67
N PRO W 315 17.91 -52.88 59.11
CA PRO W 315 18.33 -53.03 57.70
C PRO W 315 19.27 -54.20 57.48
N GLU W 316 19.98 -54.65 58.51
CA GLU W 316 20.90 -55.76 58.43
C GLU W 316 20.43 -56.98 59.21
N ALA W 317 19.21 -56.95 59.74
CA ALA W 317 18.70 -58.09 60.51
C ALA W 317 18.52 -59.31 59.63
N HIS W 318 18.31 -59.13 58.33
CA HIS W 318 18.12 -60.28 57.44
C HIS W 318 19.33 -61.19 57.42
N TRP W 319 20.52 -60.68 57.73
CA TRP W 319 21.69 -61.53 57.87
C TRP W 319 21.55 -62.50 59.04
N VAL W 320 20.70 -62.17 60.02
CA VAL W 320 20.46 -63.02 61.18
C VAL W 320 19.29 -63.97 60.93
N THR W 321 18.20 -63.44 60.37
CA THR W 321 17.03 -64.28 60.11
C THR W 321 17.37 -65.46 59.20
N GLU W 322 18.35 -65.28 58.32
CA GLU W 322 18.68 -66.29 57.32
C GLU W 322 19.72 -67.30 57.79
N VAL W 323 20.17 -67.20 59.05
CA VAL W 323 21.08 -68.22 59.55
C VAL W 323 20.34 -69.51 59.88
N MET W 324 19.07 -69.41 60.28
CA MET W 324 18.25 -70.60 60.49
C MET W 324 17.84 -71.25 59.18
N GLU W 325 18.26 -70.71 58.03
CA GLU W 325 17.91 -71.25 56.73
C GLU W 325 19.09 -71.90 56.03
N ARG W 326 20.28 -71.86 56.63
CA ARG W 326 21.49 -72.43 56.02
C ARG W 326 22.23 -73.33 57.02
N GLY W 327 21.48 -74.13 57.77
CA GLY W 327 22.07 -75.07 58.71
C GLY W 327 22.67 -74.44 59.94
N GLY W 328 22.20 -73.26 60.34
CA GLY W 328 22.70 -72.59 61.51
C GLY W 328 21.72 -72.63 62.67
N LYS W 329 22.22 -72.47 63.88
CA LYS W 329 21.39 -72.46 65.09
C LYS W 329 21.48 -71.09 65.75
N ILE W 330 20.34 -70.57 66.19
CA ILE W 330 20.25 -69.24 66.78
C ILE W 330 19.84 -69.40 68.24
N VAL W 331 20.53 -68.69 69.13
CA VAL W 331 20.26 -68.71 70.56
C VAL W 331 20.24 -67.28 71.06
N VAL W 332 19.22 -66.95 71.88
CA VAL W 332 19.09 -65.63 72.48
C VAL W 332 18.93 -65.82 73.98
N ILE W 333 19.71 -65.06 74.76
CA ILE W 333 19.76 -65.22 76.22
C ILE W 333 19.37 -63.88 76.83
N THR W 334 18.08 -63.69 77.09
CA THR W 334 17.53 -62.46 77.65
C THR W 334 16.46 -62.84 78.67
N PRO W 335 16.19 -61.97 79.66
CA PRO W 335 15.11 -62.27 80.60
C PRO W 335 13.75 -62.33 79.94
N GLU W 336 13.52 -61.55 78.90
CA GLU W 336 12.24 -61.51 78.19
C GLU W 336 12.32 -62.31 76.89
N TYR W 337 11.15 -62.63 76.35
CA TYR W 337 11.01 -63.22 75.03
C TYR W 337 11.01 -62.08 74.01
N SER W 338 12.19 -61.75 73.49
CA SER W 338 12.38 -60.57 72.67
C SER W 338 12.01 -60.86 71.21
N PRO W 339 11.86 -59.81 70.39
CA PRO W 339 11.60 -60.04 68.96
C PRO W 339 12.68 -60.83 68.24
N SER W 340 13.93 -60.78 68.69
CA SER W 340 14.97 -61.63 68.13
C SER W 340 14.98 -63.03 68.75
N ALA W 341 14.42 -63.19 69.95
CA ALA W 341 14.38 -64.52 70.56
C ALA W 341 13.42 -65.40 69.81
N GLN W 342 12.45 -64.77 69.16
CA GLN W 342 11.52 -65.43 68.27
C GLN W 342 12.25 -66.24 67.21
N LYS W 343 13.37 -65.71 66.71
CA LYS W 343 14.13 -66.37 65.61
C LYS W 343 15.09 -67.45 66.14
N ALA W 344 15.19 -67.59 67.47
CA ALA W 344 16.11 -68.55 68.06
C ALA W 344 15.56 -69.97 68.05
N ASP W 345 16.47 -70.94 67.96
CA ASP W 345 16.10 -72.34 68.15
C ASP W 345 15.66 -72.60 69.59
N TYR W 346 16.29 -71.93 70.55
CA TYR W 346 15.88 -72.04 71.94
C TYR W 346 16.29 -70.77 72.69
N TRP W 347 15.36 -70.22 73.46
CA TRP W 347 15.56 -69.00 74.22
C TRP W 347 15.88 -69.33 75.67
N ILE W 348 16.96 -68.75 76.19
CA ILE W 348 17.41 -69.02 77.55
C ILE W 348 17.00 -67.86 78.46
N PRO W 349 15.94 -68.01 79.26
CA PRO W 349 15.63 -66.98 80.26
C PRO W 349 16.74 -66.87 81.29
N ILE W 350 16.93 -65.66 81.81
CA ILE W 350 18.01 -65.39 82.75
C ILE W 350 17.58 -64.22 83.62
N ARG W 351 18.14 -64.16 84.83
CA ARG W 351 18.00 -62.95 85.64
C ARG W 351 19.00 -61.92 85.13
N ASN W 352 18.56 -60.67 85.07
CA ASN W 352 19.43 -59.64 84.52
C ASN W 352 20.52 -59.28 85.52
N ASN W 353 21.67 -58.86 84.99
CA ASN W 353 22.88 -58.57 85.75
C ASN W 353 23.46 -59.84 86.36
N THR W 354 23.27 -60.96 85.66
CA THR W 354 23.74 -62.28 86.08
C THR W 354 24.44 -63.03 84.95
N ASP W 355 24.83 -62.33 83.90
CA ASP W 355 25.36 -63.02 82.73
C ASP W 355 26.78 -63.52 82.93
N THR W 356 27.55 -62.89 83.83
CA THR W 356 28.90 -63.38 84.10
C THR W 356 28.86 -64.81 84.61
N ALA W 357 27.92 -65.11 85.53
CA ALA W 357 27.84 -66.44 86.10
C ALA W 357 27.53 -67.50 85.05
N LEU W 358 26.60 -67.20 84.13
CA LEU W 358 26.21 -68.19 83.13
C LEU W 358 27.38 -68.56 82.23
N PHE W 359 28.12 -67.58 81.74
CA PHE W 359 29.25 -67.89 80.87
C PHE W 359 30.43 -68.46 81.62
N LEU W 360 30.54 -68.19 82.92
CA LEU W 360 31.52 -68.89 83.75
C LEU W 360 31.13 -70.36 83.93
N GLY W 361 29.84 -70.63 84.15
CA GLY W 361 29.40 -72.00 84.30
C GLY W 361 29.60 -72.84 83.06
N ILE W 362 29.35 -72.26 81.88
CA ILE W 362 29.58 -73.01 80.65
C ILE W 362 31.07 -73.16 80.37
N THR W 363 31.86 -72.15 80.74
CA THR W 363 33.31 -72.27 80.62
C THR W 363 33.80 -73.44 81.45
N LYS W 364 33.21 -73.65 82.62
CA LYS W 364 33.56 -74.81 83.43
C LYS W 364 33.21 -76.11 82.73
N ILE W 365 32.06 -76.15 82.05
CA ILE W 365 31.68 -77.36 81.32
C ILE W 365 32.66 -77.63 80.19
N LEU W 366 33.18 -76.57 79.56
CA LEU W 366 34.13 -76.75 78.47
C LEU W 366 35.45 -77.31 78.97
N ILE W 367 35.82 -77.03 80.22
CA ILE W 367 37.13 -77.35 80.74
C ILE W 367 37.08 -78.65 81.57
N ASP W 368 35.96 -78.88 82.25
CA ASP W 368 35.79 -80.16 82.93
C ASP W 368 35.84 -81.32 81.93
N ASN W 369 35.34 -81.09 80.72
CA ASN W 369 35.33 -82.11 79.67
C ASN W 369 36.45 -81.93 78.66
N LYS W 370 37.30 -80.92 78.83
CA LYS W 370 38.41 -80.65 77.89
C LYS W 370 37.90 -80.49 76.46
N TRP W 371 36.79 -79.76 76.31
CA TRP W 371 36.19 -79.49 75.01
C TRP W 371 36.79 -78.27 74.34
N TYR W 372 38.07 -78.01 74.55
CA TYR W 372 38.71 -76.81 74.03
C TYR W 372 39.76 -77.21 73.00
N ASP W 373 39.97 -76.33 72.03
CA ASP W 373 41.03 -76.52 71.05
C ASP W 373 42.33 -76.21 71.77
N ALA W 374 42.96 -77.26 72.30
CA ALA W 374 44.18 -77.07 73.08
C ALA W 374 45.24 -76.32 72.29
N ASP W 375 45.38 -76.65 71.01
CA ASP W 375 46.37 -75.98 70.17
C ASP W 375 46.07 -74.49 70.08
N TYR W 376 44.81 -74.14 69.80
CA TYR W 376 44.44 -72.74 69.69
C TYR W 376 44.53 -72.03 71.04
N VAL W 377 44.35 -72.75 72.14
CA VAL W 377 44.44 -72.10 73.45
C VAL W 377 45.90 -71.90 73.82
N LYS W 378 46.77 -72.81 73.37
CA LYS W 378 48.20 -72.65 73.62
C LYS W 378 48.72 -71.37 72.97
N LYS W 379 48.51 -71.28 71.66
CA LYS W 379 48.85 -70.04 70.92
C LYS W 379 47.68 -69.08 71.05
N PHE W 380 47.92 -67.79 70.88
CA PHE W 380 46.89 -66.71 70.85
C PHE W 380 46.17 -66.49 72.18
N THR W 381 46.59 -67.06 73.29
CA THR W 381 45.83 -66.84 74.53
C THR W 381 46.80 -66.78 75.70
N ASP W 382 46.41 -66.14 76.76
CA ASP W 382 47.24 -66.03 77.95
C ASP W 382 47.09 -67.21 78.90
N PHE W 383 46.22 -68.19 78.63
CA PHE W 383 46.02 -69.30 79.54
C PHE W 383 47.30 -70.04 79.90
N PRO W 384 48.21 -70.36 78.96
CA PRO W 384 49.46 -71.04 79.35
C PRO W 384 50.38 -70.20 80.20
N LEU W 385 50.25 -68.87 80.17
CA LEU W 385 51.16 -68.00 80.89
C LEU W 385 51.09 -68.25 82.40
N LEU W 386 52.25 -68.20 83.06
CA LEU W 386 52.37 -68.54 84.47
C LEU W 386 52.08 -67.33 85.35
N ILE W 387 51.54 -67.60 86.54
CA ILE W 387 51.13 -66.56 87.49
C ILE W 387 51.69 -66.88 88.86
N ARG W 388 52.23 -65.86 89.53
CA ARG W 388 52.69 -66.00 90.91
C ARG W 388 51.51 -65.97 91.87
N THR W 389 51.65 -66.71 92.97
CA THR W 389 50.58 -66.85 93.95
C THR W 389 50.67 -65.84 95.09
N ASP W 390 51.88 -65.38 95.42
CA ASP W 390 52.03 -64.40 96.49
C ASP W 390 51.45 -63.05 96.08
N THR W 391 51.85 -62.56 94.90
CA THR W 391 51.45 -61.24 94.43
C THR W 391 50.22 -61.25 93.52
N LEU W 392 49.82 -62.40 92.99
CA LEU W 392 48.77 -62.54 91.98
C LEU W 392 49.14 -61.93 90.65
N LYS W 393 50.36 -61.45 90.50
CA LYS W 393 50.80 -60.89 89.24
C LYS W 393 51.40 -61.98 88.35
N ARG W 394 51.56 -61.65 87.08
CA ARG W 394 52.24 -62.56 86.18
C ARG W 394 53.72 -62.55 86.48
N VAL W 395 54.32 -63.74 86.53
CA VAL W 395 55.76 -63.83 86.76
C VAL W 395 56.50 -63.37 85.50
N SER W 396 57.61 -62.67 85.72
CA SER W 396 58.46 -62.03 84.73
C SER W 396 59.80 -62.75 84.65
N PRO W 397 60.32 -63.02 83.45
CA PRO W 397 61.64 -63.66 83.34
C PRO W 397 62.70 -62.93 84.12
N LYS W 398 62.53 -61.62 84.30
CA LYS W 398 63.39 -60.88 85.21
C LYS W 398 63.29 -61.44 86.62
N ASP W 399 62.16 -62.08 86.95
CA ASP W 399 61.97 -62.60 88.30
C ASP W 399 62.69 -63.94 88.50
N ILE W 400 62.91 -64.69 87.43
CA ILE W 400 63.51 -66.02 87.56
C ILE W 400 64.94 -66.07 87.04
N ILE W 401 65.19 -65.43 85.91
CA ILE W 401 66.49 -65.55 85.25
C ILE W 401 67.38 -64.41 85.72
N PRO W 402 68.57 -64.72 86.23
CA PRO W 402 69.46 -63.65 86.68
C PRO W 402 69.99 -62.89 85.48
N ASN W 403 70.04 -61.57 85.62
CA ASN W 403 70.53 -60.69 84.56
C ASN W 403 69.79 -60.91 83.25
N TYR W 404 68.47 -61.02 83.32
CA TYR W 404 67.66 -61.11 82.12
C TYR W 404 67.34 -59.71 81.67
N LYS W 405 67.48 -59.47 80.37
CA LYS W 405 67.10 -58.21 79.76
C LYS W 405 66.06 -58.51 78.71
N LEU W 406 65.11 -57.59 78.57
CA LEU W 406 63.95 -57.85 77.74
C LEU W 406 64.33 -57.87 76.26
N GLN W 407 63.74 -58.83 75.54
CA GLN W 407 64.15 -59.15 74.19
C GLN W 407 63.85 -58.00 73.23
N ASP W 408 64.69 -57.92 72.19
CA ASP W 408 64.64 -56.82 71.23
C ASP W 408 63.54 -57.10 70.22
N ILE W 409 62.46 -56.32 70.31
CA ILE W 409 61.27 -56.45 69.47
C ILE W 409 61.25 -55.33 68.44
N SER W 410 62.44 -54.96 67.95
CA SER W 410 62.50 -53.83 67.01
C SER W 410 62.16 -54.25 65.58
N ASP W 411 62.37 -55.51 65.22
CA ASP W 411 61.94 -56.02 63.92
C ASP W 411 60.58 -56.71 63.96
N GLY W 412 59.96 -56.86 65.13
CA GLY W 412 58.73 -57.61 65.23
C GLY W 412 57.51 -56.80 64.84
N PRO W 413 56.38 -57.49 64.73
CA PRO W 413 55.14 -56.82 64.32
C PRO W 413 54.55 -55.88 65.36
N SER W 414 55.21 -55.67 66.49
CA SER W 414 54.69 -54.75 67.50
C SER W 414 55.23 -53.34 67.30
N TYR W 415 56.36 -53.19 66.63
CA TYR W 415 56.90 -51.88 66.29
C TYR W 415 56.52 -51.45 64.87
N HIS W 416 56.64 -52.36 63.91
CA HIS W 416 56.48 -51.99 62.50
C HIS W 416 55.03 -51.93 62.07
N ILE W 417 54.14 -52.67 62.72
CA ILE W 417 52.73 -52.71 62.37
C ILE W 417 51.87 -52.00 63.41
N GLN W 418 52.11 -52.28 64.70
CA GLN W 418 51.26 -51.77 65.75
C GLN W 418 51.80 -50.50 66.42
N GLY W 419 53.05 -50.14 66.16
CA GLY W 419 53.59 -48.88 66.64
C GLY W 419 53.90 -48.82 68.13
N LEU W 420 54.55 -49.86 68.65
CA LEU W 420 54.99 -49.86 70.05
C LEU W 420 56.26 -49.04 70.20
N LYS W 421 56.42 -48.42 71.37
CA LYS W 421 57.57 -47.58 71.67
C LYS W 421 58.40 -48.22 72.79
N ASP W 422 59.70 -47.92 72.77
CA ASP W 422 60.62 -48.57 73.71
C ASP W 422 60.24 -48.21 75.16
N GLU W 423 59.85 -46.97 75.39
CA GLU W 423 59.42 -46.58 76.74
C GLU W 423 58.19 -47.37 77.15
N GLN W 424 57.27 -47.60 76.21
CA GLN W 424 56.11 -48.45 76.50
C GLN W 424 56.53 -49.90 76.67
N ARG W 425 57.45 -50.37 75.82
CA ARG W 425 57.89 -51.77 75.89
C ARG W 425 58.57 -52.07 77.20
N GLU W 426 59.26 -51.09 77.79
CA GLU W 426 59.93 -51.28 79.07
C GLU W 426 58.93 -51.57 80.19
N ILE W 427 57.74 -50.97 80.11
CA ILE W 427 56.71 -51.19 81.13
C ILE W 427 55.95 -52.49 80.91
N ILE W 428 55.73 -52.88 79.65
CA ILE W 428 54.96 -54.08 79.35
C ILE W 428 55.72 -55.33 79.77
N GLY W 429 57.00 -55.38 79.45
CA GLY W 429 57.85 -56.48 79.81
C GLY W 429 57.58 -57.74 79.01
N ASP W 430 58.20 -58.82 79.49
CA ASP W 430 58.09 -60.13 78.89
C ASP W 430 57.48 -61.10 79.90
N PHE W 431 57.14 -62.29 79.41
CA PHE W 431 56.42 -63.28 80.21
C PHE W 431 57.11 -64.63 80.08
N VAL W 432 56.61 -65.58 80.87
CA VAL W 432 57.24 -66.88 81.01
C VAL W 432 56.24 -67.96 80.59
N VAL W 433 56.76 -69.14 80.26
CA VAL W 433 55.89 -70.30 79.95
C VAL W 433 56.63 -71.59 80.28
N TRP W 434 55.91 -72.71 80.40
CA TRP W 434 56.53 -74.04 80.65
C TRP W 434 56.49 -74.82 79.34
N ASP W 435 57.65 -75.26 78.87
CA ASP W 435 57.80 -75.97 77.58
C ASP W 435 57.70 -77.48 77.82
N ALA W 436 57.00 -78.21 76.95
CA ALA W 436 56.94 -79.68 77.08
C ALA W 436 58.34 -80.26 76.83
N LYS W 437 59.01 -79.77 75.79
CA LYS W 437 60.35 -80.27 75.43
C LYS W 437 61.35 -79.98 76.55
N SER W 438 61.35 -78.76 77.08
CA SER W 438 62.28 -78.44 78.19
C SER W 438 61.43 -78.24 79.44
N LYS W 439 61.34 -79.24 80.30
CA LYS W 439 60.45 -79.04 81.45
C LYS W 439 61.07 -77.97 82.34
N GLY W 440 60.86 -76.72 81.96
CA GLY W 440 61.43 -75.59 82.66
C GLY W 440 60.89 -74.28 82.13
N PRO W 441 61.08 -73.21 82.90
CA PRO W 441 60.47 -71.92 82.54
C PRO W 441 61.07 -71.36 81.26
N LYS W 442 60.21 -70.94 80.35
CA LYS W 442 60.67 -70.30 79.13
C LYS W 442 60.05 -68.91 79.01
N ALA W 443 60.88 -67.95 78.62
CA ALA W 443 60.47 -66.55 78.50
C ALA W 443 60.02 -66.22 77.09
N ILE W 444 58.81 -65.69 76.95
CA ILE W 444 58.28 -65.29 75.64
C ILE W 444 57.90 -63.81 75.64
N THR W 445 57.89 -63.22 74.45
CA THR W 445 57.50 -61.84 74.20
C THR W 445 56.10 -61.75 73.59
N ARG W 446 55.68 -60.51 73.30
CA ARG W 446 54.34 -60.28 72.73
C ARG W 446 54.19 -60.89 71.35
N ASP W 447 55.27 -60.95 70.58
CA ASP W 447 55.19 -61.52 69.24
C ASP W 447 55.21 -63.03 69.23
N ASP W 448 55.55 -63.66 70.35
CA ASP W 448 55.56 -65.12 70.43
C ASP W 448 54.10 -65.58 70.51
N VAL W 449 53.43 -65.49 69.36
CA VAL W 449 52.00 -65.67 69.23
C VAL W 449 51.74 -66.58 68.05
N GLY W 450 50.76 -67.47 68.18
CA GLY W 450 50.38 -68.29 67.05
C GLY W 450 51.50 -69.24 66.66
N GLU W 451 51.73 -69.33 65.35
CA GLU W 451 52.73 -70.24 64.80
C GLU W 451 54.15 -69.71 64.97
N THR W 452 54.32 -68.48 65.49
CA THR W 452 55.65 -67.99 65.82
C THR W 452 56.28 -68.84 66.92
N LEU W 453 55.45 -69.44 67.78
CA LEU W 453 55.95 -70.35 68.79
C LEU W 453 56.38 -71.67 68.16
N VAL W 454 55.69 -72.06 67.08
CA VAL W 454 56.02 -73.29 66.37
C VAL W 454 57.36 -73.15 65.64
N LYS W 455 57.66 -71.95 65.14
CA LYS W 455 58.94 -71.72 64.47
C LYS W 455 60.12 -71.90 65.41
N LYS W 456 60.02 -71.39 66.64
CA LYS W 456 60.99 -71.68 67.67
C LYS W 456 60.60 -72.96 68.41
N GLY W 457 61.29 -73.26 69.50
CA GLY W 457 61.07 -74.52 70.21
C GLY W 457 59.89 -74.57 71.17
N ILE W 458 59.24 -73.43 71.42
CA ILE W 458 58.26 -73.37 72.51
C ILE W 458 57.06 -74.27 72.22
N ASP W 459 56.65 -75.04 73.23
CA ASP W 459 55.40 -75.80 73.19
C ASP W 459 54.79 -75.75 74.59
N PRO W 460 54.01 -74.70 74.88
CA PRO W 460 53.50 -74.49 76.24
C PRO W 460 52.66 -75.64 76.78
N VAL W 461 52.57 -75.70 78.10
CA VAL W 461 51.70 -76.64 78.80
C VAL W 461 50.58 -75.83 79.43
N LEU W 462 49.35 -76.26 79.22
CA LEU W 462 48.19 -75.53 79.71
C LEU W 462 48.01 -75.68 81.23
N GLU W 463 48.15 -76.89 81.75
CA GLU W 463 47.95 -77.14 83.17
C GLU W 463 49.28 -77.51 83.84
N GLY W 464 49.30 -77.37 85.16
CA GLY W 464 50.49 -77.68 85.96
C GLY W 464 50.74 -76.62 87.01
N SER W 465 51.24 -77.06 88.17
CA SER W 465 51.61 -76.18 89.27
C SER W 465 53.04 -76.49 89.71
N PHE W 466 53.91 -75.47 89.72
CA PHE W 466 55.33 -75.65 89.92
C PHE W 466 55.85 -74.78 91.06
N LYS W 467 57.05 -75.12 91.54
CA LYS W 467 57.77 -74.40 92.62
C LYS W 467 59.03 -73.80 91.99
N LEU W 468 59.28 -72.49 92.09
CA LEU W 468 60.45 -71.95 91.35
C LEU W 468 61.26 -71.06 92.26
N LYS W 469 62.53 -70.85 91.94
CA LYS W 469 63.33 -69.95 92.81
C LYS W 469 63.57 -68.61 92.10
N THR W 470 63.33 -67.53 92.82
CA THR W 470 63.56 -66.16 92.32
C THR W 470 65.05 -65.86 92.39
N ILE W 471 65.47 -64.71 91.86
CA ILE W 471 66.90 -64.32 91.78
C ILE W 471 67.54 -64.35 93.17
N ASP W 472 66.83 -63.91 94.21
CA ASP W 472 67.29 -63.93 95.63
C ASP W 472 67.58 -65.38 96.04
N GLY W 473 66.77 -66.33 95.60
CA GLY W 473 66.97 -67.75 95.94
C GLY W 473 65.82 -68.31 96.73
N LYS W 474 64.84 -67.46 97.01
CA LYS W 474 63.63 -67.89 97.74
C LYS W 474 62.77 -68.71 96.79
N GLU W 475 62.12 -69.76 97.28
CA GLU W 475 61.23 -70.54 96.37
C GLU W 475 59.91 -69.78 96.25
N ILE W 476 59.21 -69.97 95.15
CA ILE W 476 57.93 -69.28 94.86
C ILE W 476 56.99 -70.30 94.23
N GLU W 477 55.70 -70.17 94.47
CA GLU W 477 54.71 -71.09 93.86
C GLU W 477 54.11 -70.38 92.67
N VAL W 478 54.16 -71.04 91.51
CA VAL W 478 53.55 -70.49 90.30
C VAL W 478 52.62 -71.54 89.68
N MET W 479 51.51 -71.08 89.13
CA MET W 479 50.55 -71.94 88.47
C MET W 479 50.11 -71.28 87.17
N THR W 480 49.75 -72.11 86.20
CA THR W 480 49.21 -71.57 84.96
C THR W 480 47.88 -70.87 85.21
N LEU W 481 47.49 -70.02 84.26
CA LEU W 481 46.21 -69.34 84.37
C LEU W 481 45.06 -70.35 84.43
N LEU W 482 45.13 -71.40 83.60
CA LEU W 482 44.05 -72.38 83.57
C LEU W 482 43.98 -73.19 84.86
N GLU W 483 45.13 -73.58 85.41
CA GLU W 483 45.11 -74.26 86.71
C GLU W 483 44.42 -73.41 87.76
N MET W 484 44.71 -72.11 87.77
CA MET W 484 44.04 -71.23 88.72
C MET W 484 42.57 -71.06 88.35
N TYR W 485 42.24 -71.16 87.06
CA TYR W 485 40.84 -71.15 86.65
C TYR W 485 40.11 -72.42 87.05
N LYS W 486 40.80 -73.57 87.02
CA LYS W 486 40.20 -74.79 87.56
C LYS W 486 39.82 -74.59 89.02
N ILE W 487 40.63 -73.85 89.77
CA ILE W 487 40.31 -73.52 91.15
C ILE W 487 39.27 -72.41 91.22
N HIS W 488 39.28 -71.48 90.26
CA HIS W 488 38.31 -70.39 90.29
C HIS W 488 36.91 -70.90 90.00
N LEU W 489 36.78 -71.88 89.11
CA LEU W 489 35.48 -72.36 88.64
C LEU W 489 34.82 -73.35 89.60
N ARG W 490 35.37 -73.57 90.79
CA ARG W 490 34.69 -74.46 91.74
C ARG W 490 33.38 -73.87 92.25
N ASP W 491 33.24 -72.55 92.22
CA ASP W 491 32.01 -71.90 92.65
C ASP W 491 30.96 -71.84 91.54
N TYR W 492 31.29 -72.23 90.33
CA TYR W 492 30.39 -72.10 89.19
C TYR W 492 30.02 -73.45 88.58
N ASP W 493 29.71 -74.38 89.47
CA ASP W 493 29.22 -75.70 89.03
C ASP W 493 27.83 -75.48 88.44
N ILE W 494 27.35 -76.40 87.60
CA ILE W 494 26.07 -76.16 86.88
C ILE W 494 24.93 -75.91 87.86
N ASP W 495 24.86 -76.63 88.95
CA ASP W 495 23.79 -76.41 89.95
C ASP W 495 23.99 -75.06 90.63
N SER W 496 25.24 -74.65 90.82
CA SER W 496 25.48 -73.34 91.48
C SER W 496 25.03 -72.20 90.56
N VAL W 497 25.34 -72.29 89.27
CA VAL W 497 25.01 -71.19 88.32
C VAL W 497 23.51 -71.01 88.20
N VAL W 498 22.73 -72.09 88.14
CA VAL W 498 21.26 -71.94 88.00
C VAL W 498 20.72 -71.20 89.22
N SER W 499 21.25 -71.46 90.41
CA SER W 499 20.79 -70.70 91.59
C SER W 499 21.04 -69.22 91.36
N MET W 500 22.18 -68.81 90.78
CA MET W 500 22.39 -67.35 90.61
C MET W 500 21.68 -66.83 89.37
N THR W 501 21.84 -67.52 88.27
CA THR W 501 21.16 -67.12 87.03
C THR W 501 19.95 -68.01 86.98
N ASN W 502 18.70 -67.54 87.02
CA ASN W 502 17.62 -68.57 87.03
C ASN W 502 17.35 -69.06 85.60
N SER W 503 18.25 -69.84 85.04
CA SER W 503 18.21 -70.33 83.65
C SER W 503 18.06 -71.83 83.71
N PRO W 504 17.28 -72.47 82.82
CA PRO W 504 17.09 -73.89 82.86
C PRO W 504 18.46 -74.55 82.74
N LYS W 505 18.73 -75.53 83.59
CA LYS W 505 20.02 -76.26 83.59
C LYS W 505 20.17 -76.94 82.24
N ASP W 506 19.10 -77.47 81.68
CA ASP W 506 19.23 -78.17 80.40
C ASP W 506 19.80 -77.27 79.33
N LEU W 507 19.36 -76.01 79.28
CA LEU W 507 19.79 -75.11 78.21
C LEU W 507 21.25 -74.71 78.35
N ILE W 508 21.73 -74.56 79.59
CA ILE W 508 23.14 -74.26 79.78
C ILE W 508 23.99 -75.41 79.25
N GLU W 509 23.60 -76.64 79.60
CA GLU W 509 24.33 -77.80 79.11
C GLU W 509 24.14 -77.98 77.61
N ARG W 510 22.95 -77.67 77.09
CA ARG W 510 22.73 -77.76 75.65
C ARG W 510 23.58 -76.74 74.90
N LEU W 511 23.69 -75.53 75.46
CA LEU W 511 24.54 -74.52 74.83
C LEU W 511 26.01 -74.90 74.92
N ALA W 512 26.41 -75.38 76.08
CA ALA W 512 27.83 -75.74 76.29
C ALA W 512 28.18 -76.84 75.32
N LYS W 513 27.30 -77.81 75.13
CA LYS W 513 27.58 -78.87 74.14
C LYS W 513 27.64 -78.24 72.76
N ASP W 514 26.71 -77.32 72.47
CA ASP W 514 26.53 -76.61 71.18
C ASP W 514 27.76 -75.78 70.82
N ILE W 515 28.36 -75.10 71.79
CA ILE W 515 29.56 -74.26 71.49
C ILE W 515 30.71 -75.13 71.00
N ALA W 516 30.89 -76.29 71.66
CA ALA W 516 31.95 -77.28 71.41
C ALA W 516 31.74 -78.05 70.11
N THR W 517 30.50 -78.40 69.85
CA THR W 517 30.10 -79.22 68.69
C THR W 517 30.25 -78.54 67.33
N ILE W 518 29.81 -77.30 67.18
CA ILE W 518 29.74 -76.72 65.80
C ILE W 518 30.70 -75.56 65.58
N LYS W 519 31.19 -75.41 64.35
CA LYS W 519 32.08 -74.31 63.96
C LYS W 519 31.49 -73.63 62.72
N PRO W 520 31.32 -72.29 62.66
CA PRO W 520 32.03 -71.31 63.48
C PRO W 520 31.06 -70.77 64.52
N VAL W 521 31.54 -70.43 65.71
CA VAL W 521 30.63 -69.97 66.79
C VAL W 521 30.85 -68.48 67.04
N ALA W 522 29.78 -67.70 67.15
CA ALA W 522 29.97 -66.27 67.41
C ALA W 522 28.96 -65.81 68.43
N ILE W 523 29.42 -65.05 69.42
CA ILE W 523 28.58 -64.49 70.47
C ILE W 523 28.41 -63.00 70.20
N HIS W 524 27.15 -62.56 70.13
CA HIS W 524 26.81 -61.17 69.89
C HIS W 524 26.10 -60.61 71.09
N TYR W 525 26.46 -59.39 71.49
CA TYR W 525 25.91 -58.74 72.66
C TYR W 525 25.89 -57.24 72.42
N GLY W 526 25.23 -56.53 73.30
CA GLY W 526 25.08 -55.09 73.18
C GLY W 526 24.86 -54.45 74.54
N GLU W 527 24.07 -53.38 74.55
CA GLU W 527 23.86 -52.60 75.75
C GLU W 527 22.79 -53.17 76.65
N GLY W 528 22.18 -54.29 76.26
CA GLY W 528 21.39 -55.07 77.21
C GLY W 528 22.24 -55.64 78.32
N VAL W 529 23.54 -55.81 78.07
CA VAL W 529 24.49 -56.21 79.10
C VAL W 529 25.53 -55.13 79.37
N ASN W 530 25.82 -54.27 78.40
CA ASN W 530 26.74 -53.17 78.59
C ASN W 530 26.15 -52.04 79.42
N HIS W 531 24.83 -52.03 79.64
CA HIS W 531 24.20 -51.02 80.48
C HIS W 531 23.98 -51.51 81.90
N TYR W 532 24.77 -52.48 82.36
CA TYR W 532 24.81 -52.86 83.75
C TYR W 532 26.21 -52.58 84.29
N PHE W 533 26.28 -52.41 85.62
CA PHE W 533 27.51 -51.93 86.25
C PHE W 533 28.71 -52.81 85.88
N HIS W 534 28.52 -54.14 85.98
CA HIS W 534 29.62 -55.08 85.78
C HIS W 534 29.70 -55.58 84.34
N ALA W 535 29.34 -54.75 83.37
CA ALA W 535 29.53 -55.09 81.97
C ALA W 535 30.98 -55.45 81.69
N THR W 536 31.91 -54.77 82.36
CA THR W 536 33.33 -55.05 82.19
C THR W 536 33.63 -56.52 82.39
N LEU W 537 33.10 -57.12 83.45
CA LEU W 537 33.26 -58.56 83.66
C LEU W 537 32.48 -59.36 82.64
N MET W 538 31.25 -58.94 82.33
CA MET W 538 30.42 -59.67 81.38
C MET W 538 31.08 -59.73 80.01
N ASN W 539 31.68 -58.64 79.57
CA ASN W 539 32.34 -58.64 78.27
C ASN W 539 33.60 -59.52 78.25
N ARG W 540 34.43 -59.48 79.30
CA ARG W 540 35.61 -60.35 79.39
C ARG W 540 35.19 -61.80 79.37
N SER W 541 34.08 -62.05 80.08
CA SER W 541 33.36 -63.28 80.18
C SER W 541 32.90 -63.81 78.85
N TYR W 542 32.53 -62.93 77.92
CA TYR W 542 31.99 -63.37 76.64
C TYR W 542 33.05 -63.91 75.70
N TYR W 543 34.33 -63.85 76.10
CA TYR W 543 35.41 -64.43 75.31
C TYR W 543 35.86 -65.80 75.80
N LEU W 544 35.52 -66.15 77.04
CA LEU W 544 35.95 -67.44 77.59
C LEU W 544 35.53 -68.61 76.72
N PRO W 545 34.27 -68.75 76.30
CA PRO W 545 33.91 -69.91 75.47
C PRO W 545 34.55 -69.89 74.09
N VAL W 546 34.90 -68.74 73.54
CA VAL W 546 35.48 -68.74 72.19
C VAL W 546 37.00 -68.80 72.21
N MET W 547 37.64 -68.31 73.26
CA MET W 547 39.10 -68.45 73.38
C MET W 547 39.52 -69.91 73.45
N LEU W 548 38.62 -70.78 73.89
CA LEU W 548 39.00 -72.20 74.02
C LEU W 548 38.60 -73.01 72.79
N THR W 549 37.76 -72.48 71.93
CA THR W 549 37.27 -73.29 70.80
C THR W 549 37.82 -72.82 69.45
N GLY W 550 38.74 -71.85 69.45
CA GLY W 550 39.24 -71.27 68.20
C GLY W 550 38.14 -70.57 67.42
N ASN W 551 37.31 -69.77 68.09
CA ASN W 551 36.19 -69.08 67.42
C ASN W 551 36.40 -67.57 67.26
N VAL W 552 37.60 -67.06 67.53
CA VAL W 552 37.86 -65.62 67.27
C VAL W 552 38.90 -65.49 66.16
N GLY W 553 38.61 -64.70 65.14
CA GLY W 553 39.49 -64.52 63.98
C GLY W 553 39.00 -65.26 62.75
N TYR W 554 37.85 -65.91 62.83
CA TYR W 554 37.42 -66.72 61.65
C TYR W 554 36.05 -66.28 61.15
N PHE W 555 35.89 -66.20 59.83
CA PHE W 555 34.62 -65.71 59.31
C PHE W 555 33.47 -66.48 59.94
N GLY W 556 32.47 -65.76 60.42
CA GLY W 556 31.35 -66.34 61.13
C GLY W 556 31.59 -66.55 62.61
N SER W 557 32.74 -66.16 63.13
CA SER W 557 33.11 -66.42 64.52
C SER W 557 33.30 -65.10 65.29
N GLY W 558 33.76 -65.21 66.53
CA GLY W 558 34.15 -64.06 67.32
C GLY W 558 33.19 -63.76 68.45
N SER W 559 33.60 -62.80 69.28
CA SER W 559 32.76 -62.25 70.34
C SER W 559 32.65 -60.74 70.12
N HIS W 560 31.45 -60.25 69.88
CA HIS W 560 31.25 -58.92 69.34
C HIS W 560 30.19 -58.16 70.12
N THR W 561 30.42 -56.86 70.29
CA THR W 561 29.44 -55.95 70.86
C THR W 561 28.90 -55.05 69.75
N TRP W 562 27.66 -54.59 69.94
CA TRP W 562 27.01 -53.73 68.97
C TRP W 562 26.51 -52.47 69.65
N ALA W 563 26.57 -51.36 68.93
CA ALA W 563 26.29 -50.07 69.51
C ALA W 563 25.93 -49.10 68.38
N GLY W 564 26.00 -47.81 68.67
CA GLY W 564 25.85 -46.80 67.65
C GLY W 564 27.09 -46.68 66.80
N ASN W 565 27.14 -45.62 66.01
CA ASN W 565 28.27 -45.38 65.08
C ASN W 565 29.34 -44.55 65.78
N TYR W 566 30.41 -45.22 66.18
CA TYR W 566 31.54 -44.57 66.90
C TYR W 566 32.83 -44.70 66.11
N LYS W 567 32.80 -45.29 64.91
CA LYS W 567 34.09 -45.68 64.32
C LYS W 567 34.83 -44.52 63.69
N ALA W 568 35.21 -43.55 64.50
CA ALA W 568 36.08 -42.54 63.93
C ALA W 568 37.47 -43.09 63.65
N GLY W 569 37.78 -44.28 64.18
CA GLY W 569 39.01 -44.96 63.88
C GLY W 569 39.04 -45.57 62.50
N ASN W 570 37.97 -45.44 61.73
CA ASN W 570 38.02 -45.78 60.32
C ASN W 570 38.97 -44.84 59.60
N PHE W 571 39.04 -43.59 60.05
CA PHE W 571 40.06 -42.65 59.57
C PHE W 571 41.35 -42.96 60.34
N GLN W 572 41.88 -44.14 60.05
CA GLN W 572 42.95 -44.74 60.85
C GLN W 572 44.30 -44.16 60.48
N ALA W 573 45.04 -43.71 61.50
CA ALA W 573 46.35 -43.13 61.31
C ALA W 573 47.41 -44.23 61.31
N SER W 574 48.43 -44.05 60.48
CA SER W 574 49.52 -45.01 60.40
C SER W 574 50.72 -44.31 59.76
N LYS W 575 51.84 -45.03 59.71
CA LYS W 575 53.04 -44.49 59.09
C LYS W 575 52.86 -44.36 57.58
N TRP W 576 52.40 -45.44 56.93
CA TRP W 576 52.28 -45.43 55.48
C TRP W 576 51.16 -44.53 54.99
N SER W 577 50.08 -44.38 55.76
CA SER W 577 48.93 -43.60 55.32
C SER W 577 49.07 -42.14 55.72
N GLY W 578 49.19 -41.86 57.01
CA GLY W 578 49.26 -40.49 57.44
C GLY W 578 48.48 -40.25 58.71
N PRO W 579 48.11 -38.99 58.95
CA PRO W 579 47.49 -38.66 60.25
C PRO W 579 46.08 -39.15 60.42
N GLY W 580 45.35 -39.41 59.33
CA GLY W 580 43.99 -39.91 59.47
C GLY W 580 43.07 -38.90 60.12
N PHE W 581 42.37 -39.36 61.16
CA PHE W 581 41.37 -38.52 61.83
C PHE W 581 42.01 -37.31 62.49
N TYR W 582 43.27 -37.40 62.90
CA TYR W 582 43.93 -36.25 63.53
C TYR W 582 44.09 -35.08 62.57
N GLY W 583 44.14 -35.34 61.26
CA GLY W 583 44.29 -34.26 60.31
C GLY W 583 43.18 -33.23 60.40
N TRP W 584 41.96 -33.68 60.65
CA TRP W 584 40.82 -32.77 60.79
C TRP W 584 40.69 -32.23 62.21
N VAL W 585 40.90 -33.10 63.20
CA VAL W 585 40.61 -32.74 64.59
C VAL W 585 41.82 -32.28 65.38
N ALA W 586 43.03 -32.66 64.98
CA ALA W 586 44.24 -32.32 65.73
C ALA W 586 45.23 -31.55 64.87
N GLU W 587 44.72 -30.80 63.90
CA GLU W 587 45.59 -29.93 63.11
C GLU W 587 46.09 -28.78 63.98
N ASP W 588 47.35 -28.38 63.76
CA ASP W 588 47.93 -27.31 64.56
C ASP W 588 47.17 -26.02 64.36
N VAL W 589 46.57 -25.52 65.45
CA VAL W 589 45.76 -24.32 65.37
C VAL W 589 46.59 -23.12 64.93
N PHE W 590 47.84 -23.04 65.39
CA PHE W 590 48.69 -21.88 65.10
C PHE W 590 49.47 -22.01 63.78
N LYS W 591 49.45 -23.20 63.23
CA LYS W 591 50.09 -23.46 61.92
C LYS W 591 49.11 -24.23 61.06
N PRO W 592 47.95 -23.66 60.68
CA PRO W 592 47.04 -24.34 59.79
C PRO W 592 47.61 -24.29 58.37
N ASN W 593 47.29 -25.29 57.55
CA ASN W 593 47.77 -25.35 56.15
C ASN W 593 46.65 -24.81 55.29
N LEU W 594 46.92 -23.76 54.54
CA LEU W 594 45.92 -23.08 53.70
C LEU W 594 46.09 -23.46 52.23
N ASP W 595 46.81 -24.53 51.94
CA ASP W 595 47.05 -24.95 50.54
C ASP W 595 45.99 -25.97 50.15
N PRO W 596 45.15 -25.70 49.13
CA PRO W 596 44.09 -26.64 48.72
C PRO W 596 44.61 -27.99 48.28
N TYR W 597 45.82 -28.05 47.70
CA TYR W 597 46.38 -29.27 47.14
C TYR W 597 47.33 -29.94 48.12
N ALA W 598 46.98 -29.88 49.40
CA ALA W 598 47.85 -30.32 50.49
C ALA W 598 47.68 -31.81 50.75
N SER W 599 48.79 -32.56 50.64
CA SER W 599 48.79 -33.94 51.10
C SER W 599 48.53 -33.99 52.60
N ALA W 600 47.84 -35.05 53.03
CA ALA W 600 47.51 -35.19 54.45
C ALA W 600 48.75 -35.30 55.33
N LYS W 601 49.89 -35.68 54.75
CA LYS W 601 51.14 -35.74 55.50
C LYS W 601 51.84 -34.40 55.59
N ASP W 602 51.40 -33.42 54.79
CA ASP W 602 51.92 -32.06 54.87
C ASP W 602 51.21 -31.24 55.94
N LEU W 603 50.34 -31.86 56.72
CA LEU W 603 49.60 -31.17 57.77
C LEU W 603 50.37 -31.22 59.08
N ASN W 604 50.34 -30.12 59.82
CA ASN W 604 50.99 -30.04 61.12
C ASN W 604 50.02 -30.55 62.17
N ILE W 605 50.35 -31.68 62.78
CA ILE W 605 49.46 -32.34 63.73
C ILE W 605 49.88 -31.95 65.13
N LYS W 606 49.06 -31.13 65.78
CA LYS W 606 49.23 -30.84 67.21
C LYS W 606 47.88 -30.42 67.75
N GLY W 607 47.26 -31.29 68.56
CA GLY W 607 45.98 -30.97 69.16
C GLY W 607 46.16 -30.33 70.53
N ARG W 608 45.32 -29.34 70.81
CA ARG W 608 45.34 -28.65 72.10
C ARG W 608 44.00 -28.76 72.80
N ALA W 609 43.20 -29.75 72.43
CA ALA W 609 41.92 -30.02 73.07
C ALA W 609 42.05 -31.32 73.86
N LEU W 610 41.83 -31.24 75.18
CA LEU W 610 41.96 -32.40 76.05
C LEU W 610 40.60 -33.10 76.12
N ASP W 611 40.56 -34.33 75.61
CA ASP W 611 39.33 -35.09 75.57
C ASP W 611 38.83 -35.40 76.98
N GLU W 612 37.52 -35.49 77.14
CA GLU W 612 36.90 -35.74 78.43
C GLU W 612 35.69 -36.66 78.25
N GLU W 613 35.35 -37.37 79.32
CA GLU W 613 34.16 -38.20 79.37
C GLU W 613 33.00 -37.40 79.95
N VAL W 614 31.84 -37.50 79.28
CA VAL W 614 30.67 -36.73 79.70
C VAL W 614 30.13 -37.20 81.03
N ALA W 615 30.34 -38.48 81.36
CA ALA W 615 29.68 -39.08 82.53
C ALA W 615 30.02 -38.36 83.82
N TYR W 616 31.19 -37.72 83.90
CA TYR W 616 31.51 -36.94 85.09
C TYR W 616 30.52 -35.81 85.29
N TRP W 617 30.13 -35.15 84.20
CA TRP W 617 29.01 -34.22 84.27
C TRP W 617 27.76 -34.93 84.77
N ASN W 618 27.45 -36.10 84.18
CA ASN W 618 26.29 -36.87 84.64
C ASN W 618 26.44 -37.30 86.08
N HIS W 619 27.66 -37.32 86.61
CA HIS W 619 27.88 -37.64 88.02
C HIS W 619 27.70 -36.41 88.90
N SER W 620 26.97 -35.42 88.39
CA SER W 620 26.77 -34.13 89.05
C SER W 620 28.10 -33.41 89.24
N GLU W 621 28.94 -33.46 88.22
CA GLU W 621 30.20 -32.72 88.14
C GLU W 621 31.18 -33.09 89.25
N ARG W 622 31.23 -34.37 89.61
CA ARG W 622 32.15 -34.85 90.63
C ARG W 622 32.84 -36.13 90.15
N PRO W 623 34.12 -36.30 90.43
CA PRO W 623 34.75 -37.60 90.22
C PRO W 623 34.35 -38.53 91.36
N LEU W 624 34.78 -39.78 91.26
CA LEU W 624 34.50 -40.71 92.36
C LEU W 624 35.52 -40.49 93.46
N ILE W 625 35.14 -39.72 94.46
CA ILE W 625 35.93 -39.49 95.65
C ILE W 625 35.10 -39.98 96.82
N VAL W 626 35.64 -40.91 97.59
CA VAL W 626 34.92 -41.52 98.69
C VAL W 626 35.73 -41.34 99.96
N ASN W 627 35.04 -41.04 101.06
CA ASN W 627 35.67 -40.89 102.35
C ASN W 627 35.69 -42.24 103.02
N THR W 628 36.66 -43.06 102.62
CA THR W 628 36.77 -44.39 103.18
C THR W 628 37.18 -44.30 104.63
N PRO W 629 36.58 -45.10 105.52
CA PRO W 629 37.03 -45.12 106.92
C PRO W 629 38.38 -45.79 107.11
N LYS W 630 38.85 -46.58 106.14
CA LYS W 630 40.15 -47.23 106.26
C LYS W 630 41.32 -46.34 105.85
N TYR W 631 41.20 -45.61 104.73
CA TYR W 631 42.27 -44.73 104.25
C TYR W 631 41.73 -43.33 103.96
N GLY W 632 41.00 -42.76 104.91
CA GLY W 632 40.36 -41.47 104.74
C GLY W 632 39.76 -41.21 103.36
N ARG W 633 39.89 -39.98 102.87
CA ARG W 633 39.39 -39.62 101.54
C ARG W 633 40.32 -40.18 100.46
N LYS W 634 39.82 -41.14 99.68
CA LYS W 634 40.56 -41.74 98.59
C LYS W 634 39.86 -41.43 97.26
N VAL W 635 40.64 -41.09 96.24
CA VAL W 635 40.12 -40.79 94.91
C VAL W 635 40.38 -41.99 94.01
N PHE W 636 39.31 -42.54 93.43
CA PHE W 636 39.41 -43.72 92.58
C PHE W 636 39.50 -43.39 91.09
N THR W 637 39.34 -42.11 90.71
CA THR W 637 39.45 -41.72 89.31
C THR W 637 40.91 -41.57 88.95
N GLY W 638 41.29 -42.16 87.82
CA GLY W 638 42.66 -42.05 87.36
C GLY W 638 43.00 -40.62 86.98
N LYS W 639 44.29 -40.31 87.03
CA LYS W 639 44.74 -38.96 86.68
C LYS W 639 44.39 -38.64 85.23
N THR W 640 44.54 -39.63 84.35
CA THR W 640 44.22 -39.46 82.93
C THR W 640 42.73 -39.22 82.71
N HIS W 641 41.88 -39.68 83.62
CA HIS W 641 40.43 -39.57 83.49
C HIS W 641 39.86 -38.33 84.15
N MET W 642 40.71 -37.43 84.64
CA MET W 642 40.22 -36.37 85.51
C MET W 642 39.40 -35.37 84.71
N PRO W 643 38.18 -35.05 85.13
CA PRO W 643 37.39 -34.04 84.42
C PRO W 643 37.69 -32.63 84.90
N SER W 644 37.04 -31.65 84.30
CA SER W 644 37.17 -30.25 84.65
C SER W 644 35.79 -29.66 84.82
N PRO W 645 35.67 -28.56 85.55
CA PRO W 645 34.35 -27.94 85.74
C PRO W 645 33.73 -27.52 84.41
N THR W 646 32.43 -27.74 84.28
CA THR W 646 31.68 -27.34 83.10
C THR W 646 30.96 -26.05 83.42
N LYS W 647 31.27 -24.99 82.68
CA LYS W 647 30.63 -23.70 82.85
C LYS W 647 29.97 -23.18 81.60
N VAL W 648 30.51 -23.51 80.42
CA VAL W 648 29.89 -23.18 79.15
C VAL W 648 29.89 -24.43 78.29
N LEU W 649 28.83 -24.63 77.49
CA LEU W 649 28.62 -25.90 76.82
C LEU W 649 27.98 -25.71 75.45
N TRP W 650 28.47 -26.47 74.47
CA TRP W 650 27.92 -26.50 73.12
C TRP W 650 28.10 -27.91 72.56
N PHE W 651 27.01 -28.47 72.00
CA PHE W 651 26.98 -29.84 71.50
C PHE W 651 26.20 -29.83 70.20
N THR W 652 26.61 -30.65 69.23
CA THR W 652 25.89 -30.48 67.98
C THR W 652 24.97 -31.62 67.53
N ASN W 653 25.44 -32.80 67.18
CA ASN W 653 24.45 -33.78 66.65
C ASN W 653 23.74 -34.55 67.77
N VAL W 654 23.44 -33.93 68.90
CA VAL W 654 22.84 -34.74 69.97
C VAL W 654 21.86 -33.92 70.78
N ASN W 655 20.90 -34.60 71.41
CA ASN W 655 19.88 -34.06 72.35
C ASN W 655 20.41 -34.45 73.72
N LEU W 656 21.53 -33.87 74.06
CA LEU W 656 22.31 -34.26 75.24
C LEU W 656 21.47 -34.21 76.52
N ILE W 657 20.77 -33.11 76.76
CA ILE W 657 20.04 -32.95 78.02
C ILE W 657 18.81 -33.85 78.09
N ASN W 658 18.04 -33.95 77.01
CA ASN W 658 16.85 -34.80 76.99
C ASN W 658 17.21 -36.25 77.28
N ASN W 659 18.30 -36.72 76.67
CA ASN W 659 18.73 -38.11 76.80
C ASN W 659 19.70 -38.33 77.97
N ALA W 660 19.98 -37.31 78.76
CA ALA W 660 20.87 -37.49 79.91
C ALA W 660 20.26 -38.50 80.88
N LYS W 661 21.13 -39.23 81.59
CA LYS W 661 20.69 -40.38 82.36
C LYS W 661 20.10 -40.00 83.71
N HIS W 662 20.33 -38.79 84.19
CA HIS W 662 19.77 -38.29 85.44
C HIS W 662 19.20 -36.90 85.21
N VAL W 663 18.33 -36.79 84.21
CA VAL W 663 18.06 -35.49 83.60
C VAL W 663 17.52 -34.49 84.61
N TYR W 664 16.63 -34.94 85.50
CA TYR W 664 16.03 -33.98 86.44
C TYR W 664 17.04 -33.56 87.50
N GLN W 665 17.97 -34.45 87.85
CA GLN W 665 19.12 -34.02 88.64
C GLN W 665 19.95 -33.02 87.85
N MET W 666 20.12 -33.26 86.55
CA MET W 666 20.90 -32.37 85.71
C MET W 666 20.24 -31.00 85.63
N LEU W 667 18.93 -30.98 85.46
CA LEU W 667 18.20 -29.73 85.29
C LEU W 667 18.11 -28.95 86.58
N LYS W 668 17.95 -29.64 87.73
CA LYS W 668 17.67 -28.93 88.97
C LYS W 668 18.92 -28.53 89.76
N ASN W 669 19.91 -29.40 89.86
CA ASN W 669 21.01 -29.21 90.80
C ASN W 669 22.37 -29.13 90.11
N VAL W 670 22.46 -29.40 88.82
CA VAL W 670 23.73 -29.41 88.08
C VAL W 670 23.82 -28.28 87.06
N ASN W 671 22.88 -28.24 86.11
CA ASN W 671 22.97 -27.31 85.00
C ASN W 671 22.82 -25.84 85.41
N PRO W 672 22.09 -25.47 86.47
CA PRO W 672 22.06 -24.05 86.86
C PRO W 672 23.42 -23.40 87.09
N ASN W 673 24.46 -24.16 87.38
CA ASN W 673 25.79 -23.59 87.52
C ASN W 673 26.57 -23.50 86.21
N ILE W 674 26.06 -24.08 85.13
CA ILE W 674 26.65 -23.95 83.79
C ILE W 674 26.20 -22.61 83.22
N GLU W 675 27.16 -21.75 82.87
CA GLU W 675 26.79 -20.36 82.60
C GLU W 675 26.33 -20.14 81.16
N GLN W 676 26.62 -21.07 80.24
CA GLN W 676 25.99 -20.96 78.91
C GLN W 676 25.96 -22.34 78.25
N ILE W 677 24.76 -22.75 77.83
CA ILE W 677 24.50 -24.03 77.18
C ILE W 677 23.94 -23.75 75.78
N MET W 678 24.49 -24.43 74.78
CA MET W 678 24.16 -24.17 73.39
C MET W 678 23.92 -25.48 72.67
N SER W 679 22.99 -25.44 71.71
CA SER W 679 22.65 -26.62 70.93
C SER W 679 22.47 -26.23 69.47
N THR W 680 23.16 -26.96 68.59
CA THR W 680 22.89 -26.94 67.17
C THR W 680 22.04 -28.15 66.84
N ASP W 681 20.92 -27.92 66.16
CA ASP W 681 19.98 -29.01 65.91
C ASP W 681 19.05 -28.59 64.78
N ILE W 682 18.14 -29.49 64.42
CA ILE W 682 17.12 -29.25 63.41
C ILE W 682 15.72 -29.17 63.99
N GLU W 683 15.53 -29.61 65.23
CA GLU W 683 14.24 -29.52 65.90
C GLU W 683 14.44 -29.05 67.33
N ILE W 684 13.37 -28.52 67.93
CA ILE W 684 13.39 -28.16 69.34
C ILE W 684 13.18 -29.42 70.17
N THR W 685 14.16 -29.74 71.00
CA THR W 685 14.23 -31.08 71.55
C THR W 685 13.94 -31.18 73.05
N GLY W 686 13.56 -30.09 73.71
CA GLY W 686 13.45 -30.10 75.16
C GLY W 686 14.76 -29.95 75.89
N SER W 687 15.88 -30.39 75.27
CA SER W 687 17.16 -29.91 75.74
C SER W 687 17.34 -28.44 75.37
N ILE W 688 16.73 -28.03 74.26
CA ILE W 688 16.74 -26.63 73.87
C ILE W 688 15.90 -25.80 74.82
N GLU W 689 14.81 -26.36 75.35
CA GLU W 689 13.99 -25.65 76.31
C GLU W 689 14.75 -25.37 77.61
N TYR W 690 15.76 -26.16 77.92
CA TYR W 690 16.61 -25.94 79.09
C TYR W 690 18.01 -25.53 78.68
N ALA W 691 18.14 -24.90 77.51
CA ALA W 691 19.39 -24.37 77.00
C ALA W 691 19.25 -22.86 76.84
N ASP W 692 20.36 -22.22 76.50
CA ASP W 692 20.39 -20.78 76.29
C ASP W 692 20.52 -20.38 74.83
N PHE W 693 21.09 -21.24 73.98
CA PHE W 693 21.20 -20.96 72.56
C PHE W 693 20.68 -22.15 71.76
N ALA W 694 20.18 -21.86 70.56
CA ALA W 694 19.72 -22.87 69.62
C ALA W 694 20.09 -22.42 68.22
N PHE W 695 20.71 -23.31 67.45
CA PHE W 695 21.16 -22.99 66.10
C PHE W 695 20.52 -23.93 65.10
N PRO W 696 19.64 -23.44 64.23
CA PRO W 696 18.97 -24.33 63.27
C PRO W 696 19.95 -24.77 62.18
N ALA W 697 20.15 -26.07 62.07
CA ALA W 697 21.03 -26.66 61.07
C ALA W 697 20.20 -27.25 59.93
N ASN W 698 20.89 -27.49 58.81
CA ASN W 698 20.27 -28.13 57.66
C ASN W 698 20.19 -29.64 57.89
N SER W 699 19.04 -30.22 57.59
CA SER W 699 18.90 -31.66 57.70
C SER W 699 19.65 -32.35 56.56
N TRP W 700 19.65 -33.69 56.58
CA TRP W 700 20.45 -34.43 55.60
C TRP W 700 19.98 -34.20 54.18
N VAL W 701 18.73 -33.75 54.01
CA VAL W 701 18.22 -33.44 52.68
C VAL W 701 18.37 -31.97 52.34
N GLU W 702 18.83 -31.14 53.29
CA GLU W 702 19.05 -29.73 53.03
C GLU W 702 20.52 -29.35 53.16
N PHE W 703 21.41 -30.29 52.92
CA PHE W 703 22.83 -29.93 53.05
C PHE W 703 23.21 -29.13 51.82
N GLN W 704 23.82 -27.97 52.04
CA GLN W 704 24.29 -27.10 50.95
C GLN W 704 25.79 -27.31 50.77
N GLU W 705 26.39 -28.25 51.48
CA GLU W 705 27.82 -28.64 51.38
C GLU W 705 27.93 -30.16 51.49
N PHE W 706 29.02 -30.75 51.01
CA PHE W 706 29.21 -32.19 51.03
C PHE W 706 29.55 -32.68 52.44
N GLU W 707 29.21 -33.95 52.70
CA GLU W 707 29.39 -34.57 54.00
C GLU W 707 29.85 -36.01 53.81
N ILE W 708 30.66 -36.48 54.76
CA ILE W 708 31.30 -37.79 54.72
C ILE W 708 30.76 -38.61 55.87
N THR W 709 30.59 -39.92 55.64
CA THR W 709 30.08 -40.80 56.67
C THR W 709 30.71 -42.18 56.55
N ASN W 710 30.67 -42.92 57.66
CA ASN W 710 31.10 -44.31 57.71
C ASN W 710 30.16 -45.08 58.63
N SER W 711 30.39 -46.39 58.74
CA SER W 711 29.65 -47.23 59.66
C SER W 711 30.58 -48.29 60.23
N CYS W 712 30.16 -48.90 61.33
CA CYS W 712 30.89 -50.01 61.93
C CYS W 712 30.25 -51.35 61.63
N SER W 713 29.10 -51.37 60.98
CA SER W 713 28.41 -52.60 60.62
C SER W 713 28.48 -52.92 59.12
N ASN W 714 29.06 -52.03 58.32
CA ASN W 714 29.17 -52.25 56.88
C ASN W 714 30.38 -51.46 56.38
N PRO W 715 30.95 -51.86 55.23
CA PRO W 715 32.16 -51.18 54.74
C PRO W 715 31.90 -49.98 53.84
N PHE W 716 30.69 -49.43 53.84
CA PHE W 716 30.29 -48.45 52.84
C PHE W 716 30.64 -47.02 53.25
N ILE W 717 31.09 -46.24 52.27
CA ILE W 717 31.36 -44.81 52.42
C ILE W 717 30.26 -44.05 51.70
N GLN W 718 29.70 -43.02 52.34
CA GLN W 718 28.65 -42.22 51.72
C GLN W 718 29.05 -40.75 51.75
N ILE W 719 29.05 -40.11 50.58
CA ILE W 719 29.26 -38.67 50.47
C ILE W 719 28.04 -38.10 49.76
N TRP W 720 27.39 -37.12 50.39
CA TRP W 720 26.20 -36.51 49.82
C TRP W 720 26.08 -35.05 50.23
N GLY W 721 25.45 -34.27 49.36
CA GLY W 721 25.17 -32.86 49.59
C GLY W 721 24.70 -32.14 48.33
N LYS W 722 24.13 -30.96 48.52
CA LYS W 722 23.68 -30.04 47.47
C LYS W 722 22.75 -30.67 46.43
N THR W 723 22.24 -31.88 46.63
CA THR W 723 21.38 -32.48 45.62
C THR W 723 19.92 -32.54 46.04
N GLY W 724 19.60 -32.10 47.24
CA GLY W 724 18.24 -32.25 47.79
C GLY W 724 17.37 -31.02 47.59
N ILE W 725 16.68 -30.64 48.65
CA ILE W 725 15.78 -29.52 48.63
C ILE W 725 16.48 -28.31 49.23
N THR W 726 15.96 -27.13 48.92
CA THR W 726 16.47 -25.91 49.51
C THR W 726 16.06 -25.87 50.98
N PRO W 727 16.87 -25.24 51.84
CA PRO W 727 16.53 -25.15 53.26
C PRO W 727 15.13 -24.56 53.44
N VAL W 728 14.28 -25.29 54.16
CA VAL W 728 12.90 -24.86 54.34
C VAL W 728 12.83 -23.59 55.19
N TYR W 729 13.71 -23.48 56.19
CA TYR W 729 13.72 -22.29 57.03
C TYR W 729 15.11 -21.68 57.09
N GLU W 730 15.31 -20.72 57.99
CA GLU W 730 16.58 -20.00 58.10
C GLU W 730 17.61 -20.91 58.77
N SER W 731 18.10 -21.87 57.99
CA SER W 731 19.02 -22.88 58.47
C SER W 731 20.36 -22.76 57.77
N LYS W 732 21.40 -23.27 58.43
CA LYS W 732 22.75 -23.25 57.89
C LYS W 732 23.35 -24.65 57.91
N ASP W 733 24.41 -24.82 57.13
CA ASP W 733 25.17 -26.05 57.16
C ASP W 733 25.98 -26.09 58.44
N ASP W 734 26.17 -27.30 58.98
CA ASP W 734 26.82 -27.43 60.28
C ASP W 734 28.24 -26.85 60.27
N VAL W 735 29.00 -27.11 59.22
CA VAL W 735 30.37 -26.58 59.16
C VAL W 735 30.34 -25.05 59.10
N LYS W 736 29.32 -24.47 58.48
CA LYS W 736 29.22 -23.01 58.42
C LYS W 736 28.85 -22.44 59.79
N ILE W 737 28.06 -23.19 60.57
CA ILE W 737 27.76 -22.78 61.93
C ILE W 737 29.01 -22.80 62.79
N LEU W 738 29.84 -23.83 62.62
CA LEU W 738 31.12 -23.88 63.31
C LEU W 738 32.02 -22.73 62.87
N ALA W 739 32.09 -22.49 61.55
CA ALA W 739 32.92 -21.41 61.02
C ALA W 739 32.35 -20.04 61.41
N GLY W 740 31.02 -19.89 61.38
CA GLY W 740 30.43 -18.62 61.78
C GLY W 740 30.72 -18.27 63.23
N MET W 741 30.78 -19.28 64.10
CA MET W 741 31.15 -19.06 65.49
C MET W 741 32.61 -18.64 65.64
N ALA W 742 33.49 -19.18 64.80
CA ALA W 742 34.91 -18.86 64.89
C ALA W 742 35.19 -17.42 64.47
N SER W 743 34.50 -16.94 63.44
CA SER W 743 34.77 -15.60 62.93
C SER W 743 34.46 -14.52 63.95
N LYS W 744 33.34 -14.66 64.68
CA LYS W 744 33.03 -13.67 65.70
C LYS W 744 34.02 -13.72 66.86
N LEU W 745 34.52 -14.91 67.18
CA LEU W 745 35.64 -14.99 68.12
C LEU W 745 36.85 -14.26 67.57
N GLY W 746 37.09 -14.38 66.26
CA GLY W 746 38.17 -13.64 65.64
C GLY W 746 37.87 -12.16 65.49
N GLU W 747 36.61 -11.81 65.20
CA GLU W 747 36.26 -10.41 65.05
C GLU W 747 36.34 -9.66 66.38
N LEU W 748 35.90 -10.31 67.48
CA LEU W 748 35.97 -9.64 68.77
C LEU W 748 37.40 -9.54 69.28
N LEU W 749 38.25 -10.49 68.90
CA LEU W 749 39.65 -10.49 69.32
C LEU W 749 40.59 -9.91 68.26
N ARG W 750 40.04 -9.41 67.16
CA ARG W 750 40.84 -8.86 66.06
C ARG W 750 41.95 -9.81 65.66
N ASP W 751 41.59 -11.08 65.50
CA ASP W 751 42.53 -12.15 65.19
C ASP W 751 42.04 -12.89 63.95
N LYS W 752 42.95 -13.12 63.01
CA LYS W 752 42.64 -13.77 61.75
C LYS W 752 42.81 -15.29 61.80
N ARG W 753 43.75 -15.79 62.59
CA ARG W 753 44.01 -17.23 62.72
C ARG W 753 42.76 -18.07 62.99
N PHE W 754 41.65 -17.44 63.38
CA PHE W 754 40.40 -18.18 63.53
C PHE W 754 39.83 -18.61 62.19
N GLU W 755 39.70 -17.67 61.25
CA GLU W 755 39.14 -18.00 59.94
C GLU W 755 40.08 -18.87 59.12
N ASP W 756 41.39 -18.80 59.38
CA ASP W 756 42.33 -19.65 58.66
C ASP W 756 42.08 -21.12 58.97
N ASN W 757 41.74 -21.43 60.23
CA ASN W 757 41.44 -22.80 60.61
C ASN W 757 40.16 -23.29 59.97
N TRP W 758 39.29 -22.38 59.53
CA TRP W 758 38.04 -22.73 58.87
C TRP W 758 38.00 -22.19 57.45
N LYS W 759 39.16 -21.99 56.83
CA LYS W 759 39.21 -21.30 55.53
C LYS W 759 38.38 -22.04 54.49
N PHE W 760 38.67 -23.32 54.27
CA PHE W 760 37.98 -24.04 53.21
C PHE W 760 36.52 -24.28 53.56
N ALA W 761 36.17 -24.26 54.84
CA ALA W 761 34.78 -24.31 55.24
C ALA W 761 34.05 -23.03 54.85
N ILE W 762 34.65 -21.87 55.14
CA ILE W 762 34.03 -20.58 54.84
C ILE W 762 33.90 -20.40 53.33
N GLU W 763 34.94 -20.78 52.59
CA GLU W 763 35.03 -20.58 51.15
C GLU W 763 34.15 -21.51 50.33
N GLY W 764 33.41 -22.42 50.96
CA GLY W 764 32.54 -23.29 50.19
C GLY W 764 33.23 -24.48 49.59
N ARG W 765 34.39 -24.85 50.11
CA ARG W 765 35.13 -26.02 49.64
C ARG W 765 35.42 -26.92 50.84
N ALA W 766 34.45 -27.71 51.26
CA ALA W 766 34.73 -28.65 52.33
C ALA W 766 35.36 -29.93 51.81
N SER W 767 35.29 -30.13 50.49
CA SER W 767 35.95 -31.29 49.88
C SER W 767 37.44 -31.35 50.22
N VAL W 768 38.07 -30.20 50.43
CA VAL W 768 39.49 -30.18 50.80
C VAL W 768 39.71 -30.96 52.09
N TYR W 769 38.96 -30.64 53.15
CA TYR W 769 39.11 -31.36 54.41
C TYR W 769 38.73 -32.83 54.24
N ILE W 770 37.71 -33.11 53.43
CA ILE W 770 37.30 -34.49 53.20
C ILE W 770 38.42 -35.26 52.49
N ASN W 771 39.04 -34.64 51.49
CA ASN W 771 40.17 -35.29 50.83
C ASN W 771 41.33 -35.48 51.79
N ARG W 772 41.54 -34.51 52.69
CA ARG W 772 42.59 -34.62 53.69
C ARG W 772 42.33 -35.72 54.71
N LEU W 773 41.08 -36.16 54.88
CA LEU W 773 40.86 -37.32 55.72
C LEU W 773 40.84 -38.62 54.93
N LEU W 774 40.26 -38.62 53.72
CA LEU W 774 40.33 -39.81 52.87
C LEU W 774 41.78 -40.16 52.61
N ASP W 775 42.51 -39.27 51.96
CA ASP W 775 43.96 -39.37 51.98
C ASP W 775 44.42 -39.12 53.41
N GLY W 776 45.32 -39.97 53.90
CA GLY W 776 45.79 -40.02 55.29
C GLY W 776 45.18 -41.11 56.15
N SER W 777 44.33 -41.98 55.59
CA SER W 777 43.67 -43.04 56.36
C SER W 777 43.97 -44.40 55.75
N THR W 778 44.22 -45.39 56.62
CA THR W 778 44.52 -46.74 56.15
C THR W 778 43.40 -47.29 55.27
N THR W 779 42.17 -46.90 55.57
CA THR W 779 41.01 -47.43 54.86
C THR W 779 40.60 -46.63 53.64
N MET W 780 41.14 -45.44 53.43
CA MET W 780 40.59 -44.58 52.40
C MET W 780 41.65 -43.86 51.58
N LYS W 781 42.96 -44.04 51.82
CA LYS W 781 43.92 -43.30 50.98
C LYS W 781 43.81 -43.84 49.57
N GLY W 782 43.73 -42.92 48.63
CA GLY W 782 43.47 -43.23 47.24
C GLY W 782 42.11 -42.77 46.76
N TYR W 783 41.15 -42.60 47.67
CA TYR W 783 39.84 -42.06 47.35
C TYR W 783 39.90 -40.54 47.41
N THR W 784 39.20 -39.90 46.49
CA THR W 784 39.02 -38.45 46.48
C THR W 784 37.54 -38.13 46.56
N CYS W 785 37.23 -37.03 47.24
CA CYS W 785 35.83 -36.61 47.34
C CYS W 785 35.23 -36.44 45.94
N GLU W 786 36.04 -35.95 44.99
CA GLU W 786 35.55 -35.78 43.63
C GLU W 786 35.14 -37.11 43.02
N ASP W 787 36.03 -38.11 43.07
CA ASP W 787 35.78 -39.37 42.37
C ASP W 787 34.57 -40.10 42.91
N ILE W 788 34.40 -40.15 44.24
CA ILE W 788 33.25 -40.82 44.80
C ILE W 788 31.96 -40.12 44.39
N LEU W 789 31.98 -38.78 44.40
CA LEU W 789 30.78 -38.01 44.02
C LEU W 789 30.44 -38.17 42.55
N ASN W 790 31.41 -38.52 41.71
CA ASN W 790 31.16 -38.61 40.27
C ASN W 790 30.79 -40.00 39.83
N GLY W 791 30.76 -40.96 40.75
CA GLY W 791 30.36 -42.32 40.42
C GLY W 791 31.49 -43.22 39.97
N LYS W 792 32.74 -42.86 40.28
CA LYS W 792 33.88 -43.66 39.82
C LYS W 792 33.82 -45.09 40.31
N TYR W 793 33.25 -45.33 41.49
CA TYR W 793 33.20 -46.65 42.10
C TYR W 793 31.77 -47.16 42.17
N GLY W 794 30.97 -46.82 41.16
CA GLY W 794 29.60 -47.28 41.07
C GLY W 794 28.55 -46.21 41.24
N GLU W 795 27.81 -46.27 42.34
CA GLU W 795 26.79 -45.27 42.61
C GLU W 795 27.44 -43.90 42.81
N PRO W 796 26.79 -42.81 42.39
CA PRO W 796 27.46 -41.50 42.39
C PRO W 796 27.72 -40.87 43.75
N GLY W 797 27.60 -41.63 44.84
CA GLY W 797 27.94 -41.04 46.12
C GLY W 797 28.61 -41.98 47.11
N VAL W 798 28.95 -43.19 46.67
CA VAL W 798 29.39 -44.23 47.59
C VAL W 798 30.62 -44.94 47.07
N ALA W 799 31.48 -45.34 48.00
CA ALA W 799 32.60 -46.23 47.76
C ALA W 799 32.72 -47.13 48.98
N MET W 800 33.68 -48.06 48.95
CA MET W 800 33.90 -48.95 50.08
C MET W 800 35.30 -48.72 50.63
N LEU W 801 35.38 -48.47 51.94
CA LEU W 801 36.67 -48.28 52.58
C LEU W 801 37.50 -49.55 52.50
N LEU W 802 38.82 -49.38 52.56
CA LEU W 802 39.74 -50.48 52.31
C LEU W 802 40.17 -51.07 53.65
N PHE W 803 39.35 -52.02 54.12
CA PHE W 803 39.73 -52.89 55.22
C PHE W 803 40.64 -53.99 54.69
N ARG W 804 41.05 -54.92 55.55
CA ARG W 804 41.89 -56.00 55.05
C ARG W 804 41.06 -57.05 54.32
N THR W 805 39.86 -57.35 54.81
CA THR W 805 39.01 -58.36 54.21
C THR W 805 37.59 -57.85 54.06
N TYR W 806 36.87 -58.41 53.09
CA TYR W 806 35.43 -58.21 52.97
C TYR W 806 34.78 -59.58 53.07
N PRO W 807 33.97 -59.84 54.09
CA PRO W 807 33.62 -58.90 55.17
C PRO W 807 34.76 -58.67 56.16
N ARG W 808 34.77 -57.48 56.77
CA ARG W 808 35.76 -57.19 57.80
C ARG W 808 35.53 -58.10 59.00
N HIS W 809 36.53 -58.89 59.35
CA HIS W 809 36.46 -59.72 60.54
C HIS W 809 37.57 -59.30 61.48
N PRO W 810 37.26 -58.93 62.73
CA PRO W 810 38.32 -58.49 63.65
C PRO W 810 39.20 -59.67 64.01
N PHE W 811 40.51 -59.40 64.10
CA PHE W 811 41.51 -60.37 64.50
C PHE W 811 41.73 -61.45 63.45
N TRP W 812 41.24 -61.22 62.23
CA TRP W 812 41.55 -62.12 61.12
C TRP W 812 43.05 -62.12 60.85
N GLU W 813 43.64 -60.92 60.78
CA GLU W 813 45.06 -60.74 60.55
C GLU W 813 45.92 -61.28 61.69
N GLN W 814 45.32 -61.53 62.86
CA GLN W 814 46.08 -62.00 64.01
C GLN W 814 46.18 -63.51 64.09
N VAL W 815 45.16 -64.23 63.62
CA VAL W 815 45.19 -65.69 63.65
C VAL W 815 45.75 -66.27 62.35
N HIS W 816 45.45 -65.65 61.20
CA HIS W 816 45.89 -66.22 59.93
C HIS W 816 47.35 -65.90 59.62
N GLU W 817 47.85 -64.77 60.09
CA GLU W 817 49.24 -64.39 59.87
C GLU W 817 50.06 -64.36 61.16
N SER W 818 49.48 -64.80 62.28
CA SER W 818 50.18 -64.93 63.55
C SER W 818 50.75 -63.59 64.02
N LEU W 819 49.84 -62.63 64.16
CA LEU W 819 50.16 -61.31 64.67
C LEU W 819 49.61 -61.14 66.09
N PRO W 820 50.28 -60.38 66.94
CA PRO W 820 49.83 -60.26 68.33
C PRO W 820 48.61 -59.35 68.47
N PHE W 821 47.84 -59.60 69.51
CA PHE W 821 46.72 -58.75 69.86
C PHE W 821 47.25 -57.48 70.55
N TYR W 822 46.33 -56.61 70.96
CA TYR W 822 46.70 -55.31 71.52
C TYR W 822 46.63 -55.30 73.05
N THR W 823 47.03 -56.40 73.66
CA THR W 823 47.14 -56.56 75.10
C THR W 823 48.58 -56.43 75.55
N PRO W 824 48.83 -56.32 76.85
CA PRO W 824 50.21 -56.43 77.33
C PRO W 824 50.90 -57.72 76.93
N THR W 825 50.14 -58.82 76.83
CA THR W 825 50.71 -60.09 76.43
C THR W 825 50.62 -60.34 74.93
N GLY W 826 49.91 -59.49 74.19
CA GLY W 826 49.69 -59.78 72.79
C GLY W 826 48.78 -60.95 72.56
N ARG W 827 48.00 -61.35 73.56
CA ARG W 827 47.16 -62.52 73.50
C ARG W 827 45.79 -62.19 74.06
N LEU W 828 44.80 -62.99 73.70
CA LEU W 828 43.47 -62.83 74.27
C LEU W 828 43.55 -63.15 75.76
N GLN W 829 43.24 -62.17 76.60
CA GLN W 829 43.50 -62.29 78.04
C GLN W 829 42.22 -62.61 78.79
N ALA W 830 42.27 -63.66 79.60
CA ALA W 830 41.21 -63.99 80.55
C ALA W 830 41.59 -63.67 81.98
N TYR W 831 42.68 -62.96 82.18
CA TYR W 831 43.21 -62.61 83.49
C TYR W 831 43.78 -61.21 83.33
N ASN W 832 43.57 -60.36 84.31
CA ASN W 832 44.03 -58.99 84.22
C ASN W 832 44.83 -58.66 85.46
N ASP W 833 46.04 -58.19 85.22
CA ASP W 833 47.13 -58.11 86.17
C ASP W 833 47.37 -56.72 86.74
N GLU W 834 46.65 -55.71 86.26
CA GLU W 834 46.88 -54.34 86.70
C GLU W 834 46.60 -54.18 88.20
N PRO W 835 47.41 -53.36 88.89
CA PRO W 835 47.31 -53.30 90.36
C PRO W 835 45.94 -52.95 90.88
N GLU W 836 45.29 -51.95 90.28
CA GLU W 836 43.96 -51.53 90.73
C GLU W 836 42.96 -52.66 90.58
N ILE W 837 43.11 -53.47 89.54
CA ILE W 837 42.17 -54.56 89.30
C ILE W 837 42.28 -55.63 90.38
N ILE W 838 43.51 -55.92 90.82
CA ILE W 838 43.67 -56.91 91.88
C ILE W 838 43.14 -56.38 93.19
N GLU W 839 43.35 -55.08 93.46
CA GLU W 839 42.76 -54.46 94.64
C GLU W 839 41.24 -54.43 94.55
N TYR W 840 40.71 -54.33 93.33
CA TYR W 840 39.27 -54.29 93.13
C TYR W 840 38.63 -55.68 93.18
N GLY W 841 39.43 -56.74 93.08
CA GLY W 841 38.90 -58.08 93.14
C GLY W 841 38.41 -58.65 91.84
N GLU W 842 38.84 -58.08 90.71
CA GLU W 842 38.38 -58.51 89.39
C GLU W 842 39.55 -58.96 88.53
N ASN W 843 40.64 -59.40 89.18
CA ASN W 843 41.75 -59.99 88.43
C ASN W 843 41.28 -61.22 87.66
N PHE W 844 40.46 -62.05 88.29
CA PHE W 844 39.79 -63.13 87.61
C PHE W 844 38.46 -62.65 87.05
N ILE W 845 37.99 -63.34 86.02
CA ILE W 845 36.65 -63.09 85.49
C ILE W 845 35.66 -63.71 86.48
N VAL W 846 35.10 -62.88 87.36
CA VAL W 846 34.23 -63.35 88.42
C VAL W 846 32.87 -62.69 88.24
N HIS W 847 31.85 -63.35 88.75
CA HIS W 847 30.50 -62.79 88.77
C HIS W 847 30.34 -61.93 90.00
N ARG W 848 29.77 -60.75 89.82
CA ARG W 848 29.52 -59.81 90.90
C ARG W 848 28.11 -59.30 90.80
N GLU W 849 27.47 -59.11 91.94
CA GLU W 849 26.13 -58.56 91.96
C GLU W 849 26.23 -57.05 91.77
N GLY W 850 25.19 -56.47 91.17
CA GLY W 850 25.20 -55.05 90.88
C GLY W 850 25.07 -54.20 92.13
N PRO W 851 25.62 -52.99 92.09
CA PRO W 851 25.46 -52.07 93.23
C PRO W 851 24.02 -51.61 93.43
N GLU W 852 23.16 -51.71 92.42
CA GLU W 852 21.76 -51.39 92.66
C GLU W 852 20.78 -52.43 92.15
N ALA W 853 21.09 -53.11 91.05
CA ALA W 853 20.15 -54.01 90.37
C ALA W 853 20.35 -55.45 90.82
N THR W 854 20.11 -55.69 92.11
CA THR W 854 20.24 -57.03 92.66
C THR W 854 19.35 -57.15 93.88
N PRO W 855 18.79 -58.34 94.13
CA PRO W 855 18.10 -58.59 95.41
C PRO W 855 19.06 -58.84 96.56
N TYR W 856 20.32 -59.15 96.28
CA TYR W 856 21.32 -59.54 97.26
C TYR W 856 22.20 -58.35 97.63
N LEU W 857 23.28 -58.61 98.37
CA LEU W 857 24.20 -57.55 98.77
C LEU W 857 24.74 -56.84 97.54
N PRO W 858 24.60 -55.51 97.47
CA PRO W 858 25.10 -54.80 96.28
C PRO W 858 26.61 -54.92 96.15
N ASN W 859 27.05 -55.18 94.92
CA ASN W 859 28.48 -55.16 94.56
C ASN W 859 29.26 -56.25 95.31
N ALA W 860 28.63 -57.37 95.58
CA ALA W 860 29.30 -58.48 96.26
C ALA W 860 30.04 -59.34 95.24
N ILE W 861 31.20 -59.86 95.66
CA ILE W 861 32.00 -60.73 94.81
C ILE W 861 31.62 -62.17 95.16
N VAL W 862 30.97 -62.85 94.21
CA VAL W 862 30.48 -64.21 94.43
C VAL W 862 31.59 -65.18 94.02
N SER W 863 32.40 -65.60 94.99
CA SER W 863 33.44 -66.60 94.77
C SER W 863 34.09 -66.96 96.09
N THR W 864 34.57 -68.19 96.19
CA THR W 864 35.34 -68.63 97.38
C THR W 864 36.82 -68.69 96.98
N ASN W 865 37.14 -68.23 95.78
CA ASN W 865 38.51 -68.27 95.24
C ASN W 865 39.46 -67.55 96.20
N PRO W 866 40.60 -68.17 96.54
CA PRO W 866 41.58 -67.56 97.43
C PRO W 866 42.53 -66.65 96.66
N TYR W 867 42.47 -66.74 95.33
CA TYR W 867 43.30 -65.93 94.42
C TYR W 867 42.71 -64.52 94.27
N ILE W 868 41.46 -64.35 94.68
CA ILE W 868 40.87 -63.00 94.61
C ILE W 868 41.10 -62.37 95.96
N ARG W 869 41.89 -61.31 96.05
CA ARG W 869 42.13 -60.72 97.38
C ARG W 869 41.76 -59.24 97.34
N PRO W 870 40.46 -58.93 97.34
CA PRO W 870 39.99 -57.57 97.21
C PRO W 870 40.20 -56.68 98.44
N ASP W 871 40.16 -55.37 98.24
CA ASP W 871 40.27 -54.46 99.41
C ASP W 871 38.87 -54.00 99.79
N ASP W 872 38.48 -54.20 101.05
CA ASP W 872 37.15 -53.78 101.47
C ASP W 872 37.07 -52.27 101.71
N TYR W 873 38.20 -51.60 101.95
CA TYR W 873 38.26 -50.19 102.33
C TYR W 873 37.56 -49.92 103.66
N GLY W 874 37.29 -50.95 104.44
CA GLY W 874 36.68 -50.80 105.76
C GLY W 874 35.28 -50.22 105.72
N ILE W 875 34.51 -50.48 104.67
CA ILE W 875 33.19 -49.90 104.49
C ILE W 875 32.14 -50.95 104.87
N PRO W 876 31.22 -50.63 105.78
CA PRO W 876 30.27 -51.65 106.26
C PRO W 876 29.25 -52.05 105.20
N GLU W 877 28.68 -53.25 105.41
CA GLU W 877 27.72 -53.80 104.48
C GLU W 877 26.33 -53.18 104.60
N ASN W 878 26.06 -52.40 105.65
CA ASN W 878 24.80 -51.68 105.76
C ASN W 878 24.78 -50.42 104.92
N ALA W 879 25.92 -50.02 104.37
CA ALA W 879 26.06 -48.74 103.68
C ALA W 879 25.06 -48.62 102.54
N GLU W 880 24.28 -47.54 102.55
CA GLU W 880 23.29 -47.27 101.53
C GLU W 880 23.70 -46.18 100.55
N TYR W 881 24.72 -45.40 100.88
CA TYR W 881 25.18 -44.35 100.00
C TYR W 881 25.78 -44.96 98.73
N TRP W 882 25.41 -44.40 97.59
CA TRP W 882 25.69 -45.05 96.31
C TRP W 882 27.19 -45.13 96.02
N GLU W 883 27.95 -44.06 96.32
CA GLU W 883 29.39 -44.13 96.06
C GLU W 883 30.07 -45.11 97.00
N ASP W 884 29.48 -45.34 98.18
CA ASP W 884 30.01 -46.36 99.08
C ASP W 884 29.82 -47.75 98.49
N ARG W 885 28.63 -48.03 97.93
CA ARG W 885 28.39 -49.33 97.34
C ARG W 885 29.26 -49.57 96.12
N THR W 886 29.68 -48.49 95.44
CA THR W 886 30.50 -48.62 94.25
C THR W 886 31.85 -49.25 94.55
N VAL W 887 32.40 -49.01 95.74
CA VAL W 887 33.76 -49.37 96.07
C VAL W 887 33.84 -50.46 97.13
N ARG W 888 32.70 -50.97 97.57
CA ARG W 888 32.67 -52.07 98.54
C ARG W 888 32.97 -53.37 97.81
N ASN W 889 34.25 -53.79 97.85
CA ASN W 889 34.69 -55.00 97.17
C ASN W 889 34.87 -56.11 98.21
N ILE W 890 33.76 -56.78 98.52
CA ILE W 890 33.73 -57.86 99.51
C ILE W 890 33.56 -59.19 98.81
N LYS W 891 34.48 -60.11 99.06
CA LYS W 891 34.35 -61.46 98.55
C LYS W 891 33.40 -62.26 99.42
N LYS W 892 32.47 -63.00 98.80
CA LYS W 892 31.49 -63.82 99.57
C LYS W 892 31.12 -65.01 98.71
N SER W 893 30.84 -66.16 99.31
CA SER W 893 30.46 -67.39 98.58
C SER W 893 29.01 -67.26 98.15
N TRP W 894 28.61 -67.97 97.11
CA TRP W 894 27.23 -67.85 96.64
C TRP W 894 26.26 -68.25 97.74
N GLU W 895 26.65 -69.24 98.55
CA GLU W 895 25.79 -69.67 99.64
C GLU W 895 25.67 -68.58 100.70
N GLU W 896 26.75 -67.83 100.92
CA GLU W 896 26.71 -66.70 101.85
C GLU W 896 25.93 -65.52 101.29
N THR W 897 26.08 -65.27 99.99
CA THR W 897 25.48 -64.11 99.29
C THR W 897 23.96 -64.13 99.30
N LYS W 898 23.36 -65.30 99.19
CA LYS W 898 21.89 -65.51 99.15
C LYS W 898 21.22 -65.06 100.45
N LYS W 899 21.92 -65.13 101.57
CA LYS W 899 21.36 -64.75 102.88
C LYS W 899 21.51 -63.25 103.08
N THR W 900 22.09 -62.56 102.09
CA THR W 900 22.25 -61.10 102.21
C THR W 900 21.16 -60.40 101.39
N LYS W 901 20.78 -59.21 101.81
CA LYS W 901 19.62 -58.51 101.21
C LYS W 901 19.96 -57.08 100.84
N ASN W 902 19.58 -56.67 99.64
CA ASN W 902 19.67 -55.29 99.19
C ASN W 902 18.60 -54.45 99.88
N PHE W 903 18.99 -53.28 100.39
CA PHE W 903 18.06 -52.47 101.17
C PHE W 903 16.91 -51.96 100.31
N LEU W 904 17.19 -51.53 99.08
CA LEU W 904 16.11 -51.06 98.20
C LEU W 904 15.13 -52.19 97.90
N TRP W 905 15.65 -53.41 97.70
CA TRP W 905 14.80 -54.55 97.40
C TRP W 905 13.81 -54.83 98.53
N GLU W 906 14.20 -54.52 99.77
CA GLU W 906 13.37 -54.80 100.93
C GLU W 906 12.34 -53.72 101.23
N LYS W 907 12.49 -52.53 100.65
CA LYS W 907 11.51 -51.45 100.82
C LYS W 907 10.41 -51.46 99.77
N GLY W 908 10.44 -52.39 98.81
CA GLY W 908 9.44 -52.45 97.77
C GLY W 908 9.96 -52.12 96.38
N TYR W 909 11.23 -51.71 96.27
CA TYR W 909 11.84 -51.39 94.98
C TYR W 909 12.47 -52.66 94.42
N HIS W 910 11.59 -53.60 94.07
CA HIS W 910 11.97 -54.94 93.65
C HIS W 910 11.63 -55.17 92.19
N PHE W 911 11.67 -54.10 91.39
CA PHE W 911 11.39 -54.16 89.96
C PHE W 911 12.58 -53.65 89.17
N TYR W 912 13.08 -54.48 88.27
CA TYR W 912 14.07 -54.06 87.29
C TYR W 912 13.39 -53.15 86.28
N CYS W 913 13.92 -51.96 86.09
CA CYS W 913 13.38 -51.05 85.07
C CYS W 913 14.40 -51.00 83.94
N VAL W 914 14.21 -51.89 82.98
CA VAL W 914 15.07 -52.00 81.81
C VAL W 914 14.54 -51.02 80.77
N THR W 915 15.46 -50.27 80.13
CA THR W 915 15.11 -49.25 79.12
C THR W 915 15.84 -49.53 77.81
N PRO W 916 15.33 -50.42 76.97
CA PRO W 916 15.99 -50.78 75.71
C PRO W 916 15.76 -49.76 74.61
N LYS W 917 16.30 -50.10 73.46
CA LYS W 917 16.16 -49.36 72.22
C LYS W 917 14.96 -49.88 71.45
N SER W 918 14.37 -49.02 70.63
CA SER W 918 13.15 -49.33 69.93
C SER W 918 13.36 -49.37 68.43
N ARG W 919 12.49 -50.13 67.76
CA ARG W 919 12.42 -50.06 66.31
C ARG W 919 11.73 -48.79 65.84
N HIS W 920 10.99 -48.11 66.72
CA HIS W 920 10.12 -46.99 66.37
C HIS W 920 10.80 -45.63 66.50
N THR W 921 11.97 -45.61 67.07
CA THR W 921 12.64 -44.32 67.26
C THR W 921 14.12 -44.47 67.04
N VAL W 922 14.80 -43.36 66.87
CA VAL W 922 16.27 -43.44 66.86
C VAL W 922 16.68 -42.49 67.98
N HIS W 923 16.44 -42.97 69.19
CA HIS W 923 16.73 -42.40 70.52
C HIS W 923 15.82 -41.24 70.85
N SER W 924 16.00 -40.14 70.14
CA SER W 924 15.21 -38.92 70.39
C SER W 924 14.37 -38.67 69.15
N GLN W 925 14.91 -39.07 68.00
CA GLN W 925 14.37 -38.85 66.64
C GLN W 925 13.16 -39.74 66.36
N TRP W 926 12.14 -39.15 65.77
CA TRP W 926 10.89 -39.84 65.46
C TRP W 926 10.10 -40.20 66.71
N ALA W 927 10.58 -39.79 67.90
CA ALA W 927 9.87 -40.11 69.13
C ALA W 927 8.53 -39.38 69.23
N VAL W 928 8.35 -38.29 68.49
CA VAL W 928 7.09 -37.55 68.53
C VAL W 928 6.47 -37.40 67.14
N THR W 929 7.20 -37.79 66.09
CA THR W 929 6.65 -37.73 64.74
C THR W 929 5.37 -38.56 64.67
N ASP W 930 4.27 -37.92 64.23
CA ASP W 930 2.93 -38.48 64.40
C ASP W 930 2.85 -39.93 63.93
N TRP W 931 3.33 -40.21 62.72
CA TRP W 931 3.25 -41.56 62.18
C TRP W 931 4.01 -42.54 63.07
N ASN W 932 5.24 -42.20 63.44
CA ASN W 932 6.04 -43.07 64.29
C ASN W 932 5.54 -43.05 65.73
N PHE W 933 4.96 -41.94 66.16
CA PHE W 933 4.45 -41.81 67.52
C PHE W 933 3.18 -42.62 67.73
N ILE W 934 2.51 -43.00 66.66
CA ILE W 934 1.28 -43.79 66.75
C ILE W 934 1.56 -45.25 67.10
N TRP W 935 2.65 -45.79 66.58
CA TRP W 935 2.90 -47.22 66.73
C TRP W 935 3.78 -47.60 67.93
N ASN W 936 4.54 -46.62 68.42
CA ASN W 936 5.44 -46.79 69.57
C ASN W 936 4.64 -47.03 70.86
N ASN W 937 3.47 -46.37 70.96
CA ASN W 937 2.53 -46.46 72.11
C ASN W 937 1.46 -47.52 71.84
N ASN W 938 0.70 -47.91 72.87
CA ASN W 938 -0.34 -48.96 72.70
C ASN W 938 -1.67 -48.23 72.60
N PHE W 939 -1.70 -47.01 73.08
CA PHE W 939 -2.92 -46.19 73.09
C PHE W 939 -2.91 -45.16 71.95
N GLY W 940 -2.05 -45.36 70.95
CA GLY W 940 -1.90 -44.40 69.85
C GLY W 940 -3.18 -44.15 69.11
N ASP W 941 -3.48 -42.87 68.85
CA ASP W 941 -4.70 -42.42 68.21
C ASP W 941 -4.48 -41.03 67.66
N PRO W 942 -4.53 -40.83 66.33
CA PRO W 942 -4.29 -39.49 65.77
C PRO W 942 -5.34 -38.46 66.16
N TYR W 943 -6.55 -38.88 66.52
CA TYR W 943 -7.62 -37.96 66.90
C TYR W 943 -7.61 -37.61 68.38
N ARG W 944 -6.82 -38.32 69.18
CA ARG W 944 -6.68 -38.07 70.61
C ARG W 944 -8.05 -38.04 71.30
N MET W 945 -8.75 -39.17 71.21
CA MET W 945 -10.06 -39.27 71.84
C MET W 945 -9.96 -39.20 73.36
N ASP W 946 -8.88 -39.71 73.94
CA ASP W 946 -8.61 -39.59 75.37
C ASP W 946 -7.75 -38.35 75.59
N LYS W 947 -8.35 -37.32 76.19
CA LYS W 947 -7.69 -36.02 76.31
C LYS W 947 -6.42 -36.09 77.15
N ARG W 948 -6.35 -37.03 78.09
CA ARG W 948 -5.16 -37.14 78.94
C ARG W 948 -3.92 -37.57 78.18
N MET W 949 -4.07 -38.20 77.03
CA MET W 949 -2.92 -38.61 76.24
C MET W 949 -2.10 -37.35 75.96
N PRO W 950 -0.82 -37.31 76.32
CA PRO W 950 -0.05 -36.06 76.17
C PRO W 950 -0.01 -35.54 74.76
N GLY W 951 0.10 -36.44 73.79
CA GLY W 951 0.08 -36.04 72.41
C GLY W 951 -0.65 -37.01 71.53
N VAL W 952 -0.14 -37.24 70.34
CA VAL W 952 -0.76 -38.22 69.40
C VAL W 952 -0.34 -39.63 69.82
N GLY W 953 0.51 -39.68 70.84
CA GLY W 953 1.04 -40.94 71.39
C GLY W 953 1.33 -40.77 72.85
N GLU W 954 1.37 -41.85 73.59
CA GLU W 954 1.68 -41.81 75.04
C GLU W 954 2.80 -42.80 75.26
N HIS W 955 3.77 -42.47 76.12
CA HIS W 955 4.82 -43.47 76.42
C HIS W 955 4.23 -44.51 77.36
N GLN W 956 4.73 -45.74 77.32
CA GLN W 956 4.16 -46.80 78.18
C GLN W 956 5.26 -47.65 78.80
N ILE W 957 4.91 -48.38 79.86
CA ILE W 957 5.78 -49.29 80.59
C ILE W 957 5.25 -50.72 80.51
N HIS W 958 6.15 -51.67 80.26
CA HIS W 958 5.77 -53.08 80.23
C HIS W 958 5.88 -53.67 81.63
N ILE W 959 4.85 -54.43 82.03
CA ILE W 959 4.68 -55.01 83.37
C ILE W 959 4.17 -56.43 83.14
N HIS W 960 4.64 -57.38 83.93
CA HIS W 960 4.05 -58.71 83.88
C HIS W 960 2.62 -58.62 84.40
N PRO W 961 1.67 -59.35 83.77
CA PRO W 961 0.27 -59.23 84.20
C PRO W 961 0.05 -59.46 85.68
N GLN W 962 0.66 -60.50 86.25
CA GLN W 962 0.48 -60.76 87.67
C GLN W 962 1.01 -59.61 88.51
N ALA W 963 2.19 -59.08 88.14
CA ALA W 963 2.81 -58.00 88.90
C ALA W 963 1.85 -56.83 89.07
N ALA W 964 1.15 -56.46 88.00
CA ALA W 964 0.18 -55.37 88.08
C ALA W 964 -1.04 -55.77 88.91
N ARG W 965 -1.51 -57.01 88.78
CA ARG W 965 -2.67 -57.45 89.56
C ARG W 965 -2.35 -57.40 91.04
N ASP W 966 -1.12 -57.76 91.39
CA ASP W 966 -0.70 -57.69 92.78
C ASP W 966 -0.53 -56.25 93.26
N LEU W 967 -0.55 -55.31 92.33
CA LEU W 967 -0.50 -53.89 92.74
C LEU W 967 -1.88 -53.27 92.50
N GLY W 968 -2.84 -54.08 92.10
CA GLY W 968 -4.16 -53.56 91.79
C GLY W 968 -4.19 -52.68 90.56
N ILE W 969 -3.38 -52.99 89.56
CA ILE W 969 -3.30 -52.23 88.33
C ILE W 969 -3.78 -53.12 87.19
N GLU W 970 -4.73 -52.62 86.42
CA GLU W 970 -5.24 -53.29 85.25
C GLU W 970 -4.53 -52.78 84.00
N ASP W 971 -4.54 -53.62 82.96
CA ASP W 971 -3.89 -53.27 81.71
C ASP W 971 -4.41 -51.95 81.17
N GLY W 972 -3.48 -51.02 80.93
CA GLY W 972 -3.83 -49.72 80.40
C GLY W 972 -3.97 -48.63 81.43
N ASP W 973 -3.88 -48.92 82.72
CA ASP W 973 -3.99 -47.87 83.71
C ASP W 973 -2.71 -47.05 83.75
N TYR W 974 -2.85 -45.88 84.40
CA TYR W 974 -1.78 -44.88 84.62
C TYR W 974 -1.01 -45.26 85.89
N VAL W 975 0.31 -45.50 85.79
CA VAL W 975 1.13 -45.92 86.90
C VAL W 975 2.28 -44.94 87.11
N TYR W 976 2.65 -44.78 88.38
CA TYR W 976 3.83 -44.05 88.82
C TYR W 976 5.00 -45.02 89.03
N VAL W 977 6.12 -44.78 88.36
CA VAL W 977 7.34 -45.57 88.59
C VAL W 977 8.36 -44.66 89.30
N ASP W 978 8.75 -45.06 90.51
CA ASP W 978 9.69 -44.34 91.37
C ASP W 978 10.97 -45.14 91.57
N ALA W 979 12.06 -44.42 91.81
CA ALA W 979 13.35 -45.04 92.13
C ALA W 979 13.76 -44.55 93.52
N ASN W 980 14.96 -44.99 93.96
CA ASN W 980 15.58 -44.64 95.24
C ASN W 980 15.36 -43.16 95.52
N PRO W 981 14.52 -42.83 96.50
CA PRO W 981 14.23 -41.41 96.76
C PRO W 981 15.44 -40.62 97.23
N ALA W 982 16.41 -41.27 97.87
CA ALA W 982 17.65 -40.60 98.28
C ALA W 982 18.22 -39.70 97.18
N ASP W 983 18.25 -40.20 95.93
CA ASP W 983 18.89 -39.50 94.83
C ASP W 983 17.95 -39.17 93.67
N ARG W 984 16.82 -39.87 93.54
CA ARG W 984 15.92 -39.69 92.42
C ARG W 984 14.62 -39.08 92.91
N PRO W 985 13.81 -38.52 92.01
CA PRO W 985 14.19 -38.03 90.68
C PRO W 985 15.25 -36.91 90.71
N TYR W 986 15.28 -36.11 91.78
CA TYR W 986 16.34 -35.14 91.93
C TYR W 986 16.71 -35.03 93.41
N GLU W 987 18.00 -34.78 93.66
CA GLU W 987 18.51 -34.81 95.02
C GLU W 987 17.90 -33.66 95.84
N GLY W 988 17.36 -34.01 96.99
CA GLY W 988 16.72 -33.02 97.84
C GLY W 988 15.29 -32.70 97.49
N TRP W 989 14.62 -33.55 96.69
CA TRP W 989 13.24 -33.29 96.30
C TRP W 989 12.31 -33.24 97.51
N LYS W 990 11.21 -32.49 97.35
CA LYS W 990 10.16 -32.36 98.35
C LYS W 990 8.80 -32.56 97.70
N PRO W 991 7.82 -33.08 98.45
CA PRO W 991 6.58 -33.56 97.80
C PRO W 991 5.76 -32.48 97.12
N ASN W 992 5.77 -31.24 97.62
CA ASN W 992 5.00 -30.16 97.02
C ASN W 992 5.85 -29.22 96.17
N ASP W 993 7.06 -29.62 95.82
CA ASP W 993 7.89 -28.79 94.95
C ASP W 993 7.27 -28.70 93.58
N SER W 994 7.36 -27.50 92.98
CA SER W 994 6.82 -27.30 91.63
C SER W 994 7.53 -28.22 90.64
N PHE W 995 8.83 -28.41 90.80
CA PHE W 995 9.58 -29.24 89.86
C PHE W 995 9.30 -30.72 90.05
N TYR W 996 8.85 -31.13 91.24
CA TYR W 996 8.55 -32.54 91.49
C TYR W 996 7.45 -33.05 90.55
N LYS W 997 6.45 -32.21 90.29
CA LYS W 997 5.36 -32.59 89.40
C LYS W 997 5.87 -33.04 88.04
N VAL W 998 6.78 -32.26 87.47
CA VAL W 998 7.34 -32.62 86.17
C VAL W 998 8.31 -33.79 86.31
N SER W 999 9.05 -33.88 87.43
CA SER W 999 10.15 -34.88 87.50
C SER W 999 9.64 -36.28 87.84
N ARG W 1000 8.63 -36.36 88.69
CA ARG W 1000 8.01 -37.67 89.04
C ARG W 1000 7.42 -38.26 87.76
N LEU W 1001 7.68 -39.53 87.46
CA LEU W 1001 7.25 -40.07 86.14
C LEU W 1001 5.96 -40.86 86.25
N MET W 1002 5.00 -40.59 85.38
CA MET W 1002 3.69 -41.23 85.34
C MET W 1002 3.42 -41.60 83.89
N LEU W 1003 3.10 -42.86 83.69
CA LEU W 1003 2.86 -43.35 82.36
C LEU W 1003 1.98 -44.58 82.42
N ARG W 1004 1.53 -44.94 81.26
CA ARG W 1004 0.64 -46.07 81.17
C ARG W 1004 1.36 -47.41 81.23
N ALA W 1005 0.67 -48.36 81.81
CA ALA W 1005 1.17 -49.71 81.95
C ALA W 1005 0.54 -50.58 80.89
N LYS W 1006 1.33 -51.52 80.41
CA LYS W 1006 0.92 -52.42 79.35
C LYS W 1006 1.27 -53.83 79.78
N TYR W 1007 0.26 -54.70 79.77
CA TYR W 1007 0.44 -56.11 80.08
C TYR W 1007 1.27 -56.79 79.00
N ASN W 1008 2.39 -57.38 79.40
CA ASN W 1008 3.20 -58.21 78.50
C ASN W 1008 3.76 -59.39 79.31
N PRO W 1009 3.14 -60.57 79.20
CA PRO W 1009 3.66 -61.74 79.94
C PRO W 1009 4.93 -62.33 79.35
N ALA W 1010 5.51 -61.64 78.36
CA ALA W 1010 6.80 -62.04 77.83
C ALA W 1010 7.95 -61.74 78.79
N TYR W 1011 7.70 -60.94 79.81
CA TYR W 1011 8.65 -60.48 80.81
C TYR W 1011 8.57 -61.32 82.07
N PRO W 1012 9.69 -61.47 82.78
CA PRO W 1012 9.62 -62.07 84.10
C PRO W 1012 8.89 -61.13 85.06
N TYR W 1013 8.41 -61.72 86.16
CA TYR W 1013 7.60 -60.99 87.12
C TYR W 1013 8.31 -59.76 87.64
N ASN W 1014 9.60 -59.87 87.96
CA ASN W 1014 10.37 -58.79 88.59
C ASN W 1014 11.07 -57.88 87.58
N CYS W 1015 10.54 -57.74 86.36
CA CYS W 1015 11.22 -56.95 85.34
C CYS W 1015 10.22 -56.11 84.56
N THR W 1016 10.49 -54.82 84.47
CA THR W 1016 9.67 -53.85 83.77
C THR W 1016 10.50 -53.16 82.69
N MET W 1017 9.81 -52.63 81.68
CA MET W 1017 10.49 -52.11 80.50
C MET W 1017 9.87 -50.80 80.02
N MET W 1018 10.73 -49.82 79.72
CA MET W 1018 10.35 -48.62 78.98
C MET W 1018 11.37 -48.40 77.87
N LYS W 1019 10.91 -48.24 76.63
CA LYS W 1019 11.84 -48.07 75.53
C LYS W 1019 12.46 -46.68 75.55
N HIS W 1020 13.70 -46.59 75.08
CA HIS W 1020 14.48 -45.32 75.08
C HIS W 1020 14.74 -44.87 73.65
N SER W 1021 14.21 -43.71 73.26
CA SER W 1021 14.03 -42.52 74.11
C SER W 1021 12.79 -41.74 73.72
N ALA W 1022 12.54 -40.64 74.41
CA ALA W 1022 11.37 -39.81 74.09
C ALA W 1022 11.61 -38.40 74.60
N TRP W 1023 10.79 -37.46 74.16
CA TRP W 1023 10.93 -36.05 74.61
C TRP W 1023 10.43 -35.96 76.05
N ILE W 1024 11.27 -35.46 76.94
CA ILE W 1024 10.95 -35.47 78.36
C ILE W 1024 9.88 -34.44 78.66
N SER W 1025 9.19 -34.67 79.77
CA SER W 1025 8.24 -33.69 80.27
C SER W 1025 9.02 -32.49 80.82
N SER W 1026 8.67 -31.30 80.34
CA SER W 1026 9.28 -30.07 80.81
C SER W 1026 8.27 -29.27 81.62
N ASP W 1027 8.72 -28.12 82.12
CA ASP W 1027 7.85 -27.24 82.89
C ASP W 1027 6.64 -26.81 82.08
N LYS W 1028 6.88 -26.25 80.88
CA LYS W 1028 5.78 -25.69 80.09
C LYS W 1028 4.82 -26.77 79.60
N THR W 1029 5.35 -27.94 79.27
CA THR W 1029 4.49 -29.01 78.78
C THR W 1029 3.57 -29.54 79.87
N VAL W 1030 4.08 -29.66 81.10
CA VAL W 1030 3.22 -30.08 82.21
C VAL W 1030 2.16 -29.01 82.46
N GLN W 1031 2.54 -27.73 82.41
CA GLN W 1031 1.57 -26.67 82.60
CA GLN W 1031 1.57 -26.67 82.61
C GLN W 1031 0.53 -26.66 81.49
N ALA W 1032 0.96 -26.88 80.24
CA ALA W 1032 0.00 -26.94 79.14
C ALA W 1032 -0.87 -28.18 79.24
N HIS W 1033 -0.30 -29.29 79.71
CA HIS W 1033 -1.06 -30.52 79.88
C HIS W 1033 -2.21 -30.34 80.88
N GLU W 1034 -2.06 -29.42 81.83
CA GLU W 1034 -3.06 -29.22 82.87
C GLU W 1034 -3.93 -27.99 82.63
N THR W 1035 -3.67 -27.22 81.59
CA THR W 1035 -4.46 -26.03 81.28
C THR W 1035 -5.19 -26.13 79.95
N ARG W 1036 -4.60 -26.76 78.95
CA ARG W 1036 -5.20 -26.81 77.62
C ARG W 1036 -6.49 -27.63 77.65
N PRO W 1037 -7.53 -27.19 76.94
CA PRO W 1037 -8.77 -27.99 76.89
C PRO W 1037 -8.56 -29.36 76.30
N ASP W 1038 -7.75 -29.49 75.26
CA ASP W 1038 -7.49 -30.80 74.66
C ASP W 1038 -6.51 -31.64 75.48
N GLY W 1039 -5.85 -31.06 76.47
CA GLY W 1039 -4.96 -31.81 77.34
C GLY W 1039 -3.63 -32.17 76.73
N ARG W 1040 -3.32 -31.63 75.56
CA ARG W 1040 -2.07 -31.97 74.89
C ARG W 1040 -0.89 -31.35 75.63
N ALA W 1041 0.15 -32.15 75.84
CA ALA W 1041 1.36 -31.68 76.52
C ALA W 1041 2.30 -31.04 75.49
N LEU W 1042 1.87 -29.87 75.00
CA LEU W 1042 2.61 -29.12 73.99
C LEU W 1042 2.97 -27.76 74.56
N SER W 1043 4.27 -27.49 74.66
CA SER W 1043 4.73 -26.22 75.16
C SER W 1043 4.39 -25.11 74.16
N PRO W 1044 4.21 -23.87 74.64
CA PRO W 1044 3.99 -22.75 73.70
C PRO W 1044 5.10 -22.59 72.68
N SER W 1045 6.28 -23.15 72.92
CA SER W 1045 7.38 -23.10 71.96
C SER W 1045 7.20 -24.10 70.82
N GLY W 1046 6.22 -24.99 70.90
CA GLY W 1046 6.04 -26.03 69.90
C GLY W 1046 6.57 -27.39 70.31
N TYR W 1047 7.25 -27.46 71.44
CA TYR W 1047 7.83 -28.74 71.92
C TYR W 1047 6.76 -29.68 72.47
N GLN W 1048 6.83 -30.94 72.06
CA GLN W 1048 5.84 -31.98 72.44
C GLN W 1048 6.50 -33.01 73.36
N SER W 1049 5.85 -33.29 74.49
CA SER W 1049 6.35 -34.25 75.50
C SER W 1049 5.69 -35.61 75.29
N SER W 1050 6.47 -36.69 75.37
CA SER W 1050 5.95 -38.04 75.26
C SER W 1050 5.29 -38.53 76.53
N PHE W 1051 5.44 -37.81 77.64
CA PHE W 1051 4.88 -38.23 78.92
C PHE W 1051 3.90 -37.17 79.43
N ARG W 1052 2.99 -37.61 80.30
CA ARG W 1052 2.19 -36.65 81.05
C ARG W 1052 3.06 -35.96 82.10
N TYR W 1053 3.73 -36.76 82.92
CA TYR W 1053 4.69 -36.26 83.89
C TYR W 1053 5.94 -37.14 83.85
N GLY W 1054 7.08 -36.55 84.20
CA GLY W 1054 8.29 -37.33 84.32
C GLY W 1054 8.85 -37.80 82.99
N SER W 1055 9.90 -38.61 83.11
CA SER W 1055 10.55 -39.19 81.97
C SER W 1055 11.04 -40.59 82.33
N GLN W 1056 11.44 -41.34 81.30
CA GLN W 1056 12.09 -42.63 81.54
C GLN W 1056 13.45 -42.44 82.21
N GLN W 1057 13.98 -41.22 82.24
CA GLN W 1057 15.20 -40.90 82.94
C GLN W 1057 14.93 -40.38 84.34
N SER W 1058 13.70 -40.53 84.83
CA SER W 1058 13.41 -40.23 86.22
C SER W 1058 13.84 -41.35 87.16
N ILE W 1059 14.11 -42.53 86.61
CA ILE W 1059 14.49 -43.68 87.43
C ILE W 1059 15.84 -44.22 86.99
N THR W 1060 16.72 -43.32 86.54
CA THR W 1060 18.02 -43.73 86.04
C THR W 1060 19.08 -42.78 86.58
N ARG W 1061 20.29 -43.29 86.71
CA ARG W 1061 21.36 -42.53 87.33
C ARG W 1061 22.70 -43.08 86.84
N ASP W 1062 23.74 -42.24 86.93
CA ASP W 1062 25.07 -42.62 86.46
C ASP W 1062 25.92 -43.24 87.57
N TRP W 1063 26.72 -44.23 87.19
CA TRP W 1063 27.61 -44.95 88.09
C TRP W 1063 29.05 -44.78 87.65
N SER W 1064 29.91 -44.34 88.57
CA SER W 1064 31.33 -44.17 88.28
C SER W 1064 32.04 -45.48 88.60
N MET W 1065 32.34 -46.25 87.56
CA MET W 1065 33.00 -47.54 87.75
C MET W 1065 34.47 -47.33 88.07
N PRO W 1066 34.98 -47.86 89.18
CA PRO W 1066 36.43 -47.84 89.39
C PRO W 1066 37.19 -48.59 88.31
N MET W 1067 36.58 -49.62 87.72
CA MET W 1067 37.24 -50.39 86.67
C MET W 1067 37.40 -49.61 85.37
N HIS W 1068 36.68 -48.49 85.21
CA HIS W 1068 36.69 -47.73 83.97
C HIS W 1068 37.59 -46.50 84.05
N GLN W 1069 38.33 -46.33 85.14
CA GLN W 1069 39.14 -45.14 85.40
C GLN W 1069 40.57 -45.52 85.73
N LEU W 1070 41.09 -46.54 85.05
CA LEU W 1070 42.43 -47.04 85.32
C LEU W 1070 43.48 -46.21 84.59
N ASP W 1071 44.67 -46.15 85.19
CA ASP W 1071 45.79 -45.42 84.61
C ASP W 1071 46.83 -46.33 83.94
N SER W 1072 46.75 -47.65 84.13
CA SER W 1072 47.79 -48.57 83.70
C SER W 1072 47.26 -49.64 82.76
N LEU W 1073 46.29 -49.31 81.91
CA LEU W 1073 45.71 -50.27 80.98
C LEU W 1073 46.35 -50.07 79.60
N PHE W 1074 47.41 -50.84 79.35
CA PHE W 1074 48.08 -50.83 78.05
C PHE W 1074 47.15 -51.38 76.97
N HIS W 1075 46.32 -50.53 76.38
CA HIS W 1075 45.49 -50.92 75.25
C HIS W 1075 45.85 -50.08 74.01
N LYS W 1076 45.19 -50.38 72.90
CA LYS W 1076 45.46 -49.75 71.62
C LYS W 1076 44.61 -48.50 71.43
N ALA W 1077 45.24 -47.44 70.93
CA ALA W 1077 44.56 -46.19 70.66
C ALA W 1077 43.54 -46.33 69.52
N LYS W 1078 42.43 -45.63 69.66
CA LYS W 1078 41.30 -45.82 68.75
C LYS W 1078 41.60 -45.32 67.33
N ILE W 1079 42.35 -44.22 67.21
CA ILE W 1079 42.44 -43.50 65.95
C ILE W 1079 43.77 -43.78 65.25
N GLY W 1080 44.80 -44.10 66.03
CA GLY W 1080 46.12 -44.31 65.51
C GLY W 1080 46.63 -45.71 65.80
N MET W 1081 47.47 -46.22 64.91
CA MET W 1081 48.12 -47.50 65.12
C MET W 1081 49.21 -47.35 66.17
N LYS W 1082 48.79 -47.14 67.41
CA LYS W 1082 49.71 -46.89 68.51
C LYS W 1082 49.09 -47.42 69.79
N PHE W 1083 49.89 -47.47 70.85
CA PHE W 1083 49.46 -47.94 72.16
C PHE W 1083 49.45 -46.76 73.13
N ILE W 1084 48.59 -46.85 74.14
CA ILE W 1084 48.46 -45.82 75.16
C ILE W 1084 48.20 -46.49 76.50
N PHE W 1085 48.29 -45.70 77.56
CA PHE W 1085 47.99 -46.14 78.91
C PHE W 1085 46.85 -45.30 79.46
N GLY W 1086 45.85 -45.96 80.03
CA GLY W 1086 44.84 -45.18 80.71
C GLY W 1086 43.71 -44.65 79.84
N PHE W 1087 43.29 -43.44 80.20
CA PHE W 1087 42.09 -42.82 79.62
C PHE W 1087 42.24 -42.51 78.15
N GLU W 1088 41.21 -42.84 77.38
CA GLU W 1088 40.97 -42.28 76.06
C GLU W 1088 39.46 -42.09 75.92
N ALA W 1089 39.04 -40.95 75.39
CA ALA W 1089 37.62 -40.73 75.19
C ALA W 1089 37.11 -41.80 74.22
N ASP W 1090 35.98 -42.42 74.54
CA ASP W 1090 35.39 -43.50 73.77
C ASP W 1090 36.22 -44.78 73.77
N ASN W 1091 37.23 -44.88 74.64
CA ASN W 1091 38.03 -46.09 74.76
C ASN W 1091 38.58 -46.15 76.19
N HIS W 1092 37.96 -46.99 77.02
CA HIS W 1092 38.33 -47.16 78.43
C HIS W 1092 38.21 -45.83 79.19
N CYS W 1093 36.98 -45.38 79.32
CA CYS W 1093 36.59 -44.36 80.29
C CYS W 1093 35.22 -44.76 80.81
N ILE W 1094 34.61 -43.90 81.62
CA ILE W 1094 33.34 -44.28 82.23
C ILE W 1094 32.34 -44.61 81.13
N ASN W 1095 31.79 -45.80 81.18
CA ASN W 1095 30.80 -46.25 80.20
C ASN W 1095 29.48 -46.40 80.94
N THR W 1096 28.60 -45.41 80.78
CA THR W 1096 27.43 -45.26 81.64
C THR W 1096 26.45 -46.41 81.48
N VAL W 1097 25.76 -46.73 82.57
CA VAL W 1097 24.81 -47.83 82.61
C VAL W 1097 23.48 -47.34 83.16
N PRO W 1098 22.45 -47.14 82.32
CA PRO W 1098 21.16 -46.72 82.87
C PRO W 1098 20.37 -47.86 83.48
N LYS W 1099 20.77 -49.10 83.18
CA LYS W 1099 19.99 -50.26 83.61
C LYS W 1099 20.24 -50.67 85.04
N GLU W 1100 21.31 -50.17 85.67
CA GLU W 1100 21.60 -50.51 87.06
C GLU W 1100 20.69 -49.68 87.95
N THR W 1101 19.44 -50.12 88.05
CA THR W 1101 18.45 -49.44 88.86
C THR W 1101 17.26 -50.36 89.10
N LEU W 1102 16.57 -50.12 90.20
CA LEU W 1102 15.31 -50.78 90.54
C LEU W 1102 14.27 -49.72 90.86
N VAL W 1103 13.00 -50.07 90.62
CA VAL W 1103 11.93 -49.09 90.69
C VAL W 1103 10.77 -49.61 91.53
N LYS W 1104 10.02 -48.66 92.11
CA LYS W 1104 8.74 -48.94 92.73
C LYS W 1104 7.64 -48.50 91.77
N ILE W 1105 6.56 -49.27 91.73
CA ILE W 1105 5.43 -49.01 90.85
C ILE W 1105 4.20 -48.78 91.70
N THR W 1106 3.43 -47.76 91.37
CA THR W 1106 2.18 -47.49 92.07
C THR W 1106 1.13 -47.10 91.06
N LYS W 1107 -0.08 -47.62 91.23
CA LYS W 1107 -1.18 -47.29 90.35
C LYS W 1107 -1.51 -45.81 90.51
N ALA W 1108 -1.80 -45.13 89.39
CA ALA W 1108 -1.97 -43.69 89.35
C ALA W 1108 -3.40 -43.25 89.10
N GLU W 1109 -3.94 -43.72 87.99
CA GLU W 1109 -5.23 -43.32 87.48
C GLU W 1109 -5.70 -44.49 86.66
N ASN W 1110 -7.01 -44.67 86.60
CA ASN W 1110 -7.55 -45.79 85.86
C ASN W 1110 -7.44 -45.51 84.36
N GLY W 1111 -7.15 -46.57 83.60
CA GLY W 1111 -6.97 -46.42 82.16
C GLY W 1111 -8.25 -46.14 81.40
N GLY W 1112 -9.40 -46.31 82.06
CA GLY W 1112 -10.66 -46.09 81.39
C GLY W 1112 -10.80 -44.68 80.87
N MET W 1113 -11.60 -44.54 79.82
CA MET W 1113 -11.81 -43.25 79.18
C MET W 1113 -12.40 -42.25 80.16
N GLY W 1114 -11.76 -41.08 80.26
CA GLY W 1114 -12.17 -40.05 81.19
C GLY W 1114 -11.77 -40.28 82.62
N GLY W 1115 -10.91 -41.26 82.89
CA GLY W 1115 -10.56 -41.63 84.24
C GLY W 1115 -11.58 -42.46 84.95
N LYS W 1116 -12.68 -42.80 84.27
CA LYS W 1116 -13.77 -43.59 84.84
C LYS W 1116 -13.67 -45.00 84.28
N GLY W 1117 -13.52 -45.97 85.16
CA GLY W 1117 -13.57 -47.36 84.73
C GLY W 1117 -12.24 -47.84 84.15
N VAL W 1118 -12.33 -48.80 83.23
CA VAL W 1118 -11.11 -49.50 82.78
C VAL W 1118 -10.83 -49.23 81.32
N TRP W 1119 -9.59 -49.42 80.88
CA TRP W 1119 -9.16 -49.22 79.47
C TRP W 1119 -10.08 -50.07 78.59
N ASP W 1120 -10.56 -49.52 77.49
CA ASP W 1120 -11.65 -50.13 76.66
C ASP W 1120 -11.36 -51.52 76.10
N PRO W 1121 -10.15 -51.82 75.61
CA PRO W 1121 -9.82 -53.14 75.05
C PRO W 1121 -9.87 -54.28 76.07
N VAL W 1122 -9.61 -53.95 77.32
CA VAL W 1122 -9.59 -54.87 78.50
C VAL W 1122 -10.97 -55.49 78.68
N LYS W 1123 -12.02 -54.73 78.42
CA LYS W 1123 -13.44 -55.15 78.49
C LYS W 1123 -13.70 -56.27 77.49
N THR W 1124 -13.06 -56.23 76.34
CA THR W 1124 -13.23 -57.25 75.28
C THR W 1124 -12.78 -58.63 75.77
N GLY W 1125 -11.94 -58.72 76.80
CA GLY W 1125 -11.54 -60.04 77.23
C GLY W 1125 -10.57 -60.72 76.30
N TYR W 1126 -9.98 -59.96 75.37
CA TYR W 1126 -9.03 -60.47 74.40
C TYR W 1126 -7.63 -59.91 74.63
N THR W 1127 -7.37 -59.35 75.81
CA THR W 1127 -6.07 -58.79 76.13
C THR W 1127 -5.30 -59.79 76.96
N ALA W 1128 -3.97 -59.73 76.86
CA ALA W 1128 -3.13 -60.61 77.66
C ALA W 1128 -3.42 -60.42 79.14
N GLY W 1129 -3.53 -61.54 79.85
CA GLY W 1129 -3.85 -61.53 81.27
C GLY W 1129 -5.32 -61.37 81.59
N ASN W 1130 -6.19 -61.15 80.61
CA ASN W 1130 -7.63 -60.99 80.86
C ASN W 1130 -8.44 -61.76 79.83
N GLU W 1131 -7.96 -62.94 79.45
CA GLU W 1131 -8.63 -63.74 78.42
C GLU W 1131 -9.97 -64.26 78.91
N ASN W 1132 -10.98 -64.22 78.03
CA ASN W 1132 -12.27 -64.82 78.31
C ASN W 1132 -12.28 -66.25 77.76
N ASP W 1133 -13.41 -66.95 77.95
CA ASP W 1133 -13.47 -68.36 77.56
C ASP W 1133 -13.26 -68.54 76.07
N PHE W 1134 -13.83 -67.64 75.25
CA PHE W 1134 -13.61 -67.73 73.81
C PHE W 1134 -12.17 -67.37 73.44
N MET W 1135 -11.56 -66.46 74.20
CA MET W 1135 -10.17 -66.09 73.89
C MET W 1135 -9.22 -67.26 74.10
N LYS W 1136 -9.41 -68.03 75.17
CA LYS W 1136 -8.59 -69.22 75.38
C LYS W 1136 -8.80 -70.22 74.24
N LYS W 1137 -10.04 -70.34 73.75
CA LYS W 1137 -10.31 -71.19 72.61
C LYS W 1137 -9.55 -70.71 71.38
N PHE W 1138 -9.39 -69.39 71.24
CA PHE W 1138 -8.61 -68.83 70.14
C PHE W 1138 -7.13 -69.21 70.28
N LEU W 1139 -6.55 -68.98 71.45
CA LEU W 1139 -5.10 -69.10 71.62
C LEU W 1139 -4.58 -70.52 71.41
N ASN W 1140 -5.41 -71.54 71.64
CA ASN W 1140 -4.96 -72.91 71.46
C ASN W 1140 -5.22 -73.45 70.06
N GLY W 1141 -5.58 -72.59 69.12
CA GLY W 1141 -5.90 -73.06 67.78
C GLY W 1141 -7.05 -74.05 67.76
N GLU W 1142 -8.01 -73.90 68.67
CA GLU W 1142 -9.07 -74.90 68.73
C GLU W 1142 -10.17 -74.64 67.71
N LEU W 1143 -10.19 -73.45 67.12
CA LEU W 1143 -11.32 -73.08 66.26
C LEU W 1143 -11.33 -73.83 64.93
N ILE W 1144 -10.25 -74.51 64.56
CA ILE W 1144 -10.22 -75.30 63.34
C ILE W 1144 -9.55 -76.61 63.67
N LYS W 1145 -10.18 -77.70 63.27
CA LYS W 1145 -9.72 -79.04 63.59
C LYS W 1145 -9.45 -79.77 62.29
N VAL W 1146 -8.45 -80.64 62.33
CA VAL W 1146 -8.03 -81.42 61.18
C VAL W 1146 -8.02 -82.90 61.55
N ASP W 1147 -8.43 -83.72 60.59
CA ASP W 1147 -8.30 -85.18 60.71
C ASP W 1147 -8.45 -85.83 59.35
N ALA X 31 -34.70 -63.47 43.16
CA ALA X 31 -33.73 -64.37 42.55
C ALA X 31 -32.48 -64.50 43.41
N GLU X 32 -31.44 -63.74 43.07
CA GLU X 32 -30.17 -63.84 43.78
C GLU X 32 -30.34 -63.48 45.25
N GLY X 33 -30.80 -62.26 45.52
CA GLY X 33 -30.99 -61.75 46.87
C GLY X 33 -32.23 -60.90 46.93
N VAL X 34 -33.07 -61.04 45.90
CA VAL X 34 -34.21 -60.16 45.66
C VAL X 34 -35.49 -60.96 45.60
N LYS X 35 -36.57 -60.34 46.07
CA LYS X 35 -37.90 -60.93 46.00
C LYS X 35 -38.47 -60.78 44.60
N GLY X 36 -39.40 -61.64 44.24
CA GLY X 36 -40.05 -61.45 42.94
C GLY X 36 -40.83 -60.16 42.97
N VAL X 37 -41.16 -59.60 41.82
CA VAL X 37 -41.82 -58.27 41.89
C VAL X 37 -43.27 -58.47 42.34
N ALA X 38 -43.54 -58.13 43.61
CA ALA X 38 -44.90 -58.30 44.16
C ALA X 38 -45.82 -57.37 43.38
N GLU X 39 -47.00 -57.85 43.00
CA GLU X 39 -47.93 -57.01 42.23
C GLU X 39 -48.51 -55.88 43.08
N GLU X 40 -48.59 -56.03 44.40
CA GLU X 40 -49.21 -54.95 45.21
C GLU X 40 -48.45 -53.64 45.02
N GLU X 41 -47.13 -53.68 45.07
CA GLU X 41 -46.37 -52.41 44.91
C GLU X 41 -46.55 -51.87 43.48
N LEU X 42 -46.61 -52.74 42.48
CA LEU X 42 -46.62 -52.30 41.09
C LEU X 42 -47.87 -51.48 40.76
N THR X 43 -48.97 -51.76 41.42
CA THR X 43 -50.19 -51.01 41.21
C THR X 43 -50.16 -49.70 42.01
N PRO X 44 -50.45 -48.56 41.39
CA PRO X 44 -50.40 -47.29 42.11
C PRO X 44 -51.46 -47.22 43.20
N ALA X 45 -51.18 -46.36 44.19
CA ALA X 45 -52.10 -46.08 45.27
C ALA X 45 -53.35 -45.37 44.76
N LYS X 46 -54.35 -45.26 45.64
CA LYS X 46 -55.64 -44.69 45.26
C LYS X 46 -55.68 -43.18 45.45
N GLU X 47 -54.97 -42.64 46.44
CA GLU X 47 -54.89 -41.19 46.62
C GLU X 47 -53.91 -40.56 45.63
N VAL X 48 -54.33 -39.44 45.03
CA VAL X 48 -53.48 -38.69 44.10
C VAL X 48 -53.10 -37.39 44.80
N LEU X 49 -51.85 -36.96 44.61
CA LEU X 49 -51.37 -35.72 45.21
C LEU X 49 -51.59 -34.56 44.25
N ASN X 50 -52.37 -33.57 44.70
CA ASN X 50 -52.64 -32.40 43.90
C ASN X 50 -51.73 -31.29 44.41
N VAL X 51 -50.89 -30.78 43.52
CA VAL X 51 -49.98 -29.69 43.83
C VAL X 51 -50.72 -28.39 43.51
N LYS X 52 -51.05 -27.63 44.55
CA LYS X 52 -51.91 -26.47 44.42
C LYS X 52 -51.19 -25.28 43.79
N TYR X 53 -51.85 -24.63 42.84
CA TYR X 53 -51.32 -23.43 42.22
C TYR X 53 -51.52 -22.22 43.13
N MET X 54 -50.42 -21.52 43.41
CA MET X 54 -50.46 -20.36 44.31
C MET X 54 -49.24 -19.50 44.05
N GLN X 55 -49.44 -18.23 43.68
CA GLN X 55 -48.32 -17.29 43.66
C GLN X 55 -47.50 -17.42 44.95
N ILE X 56 -46.29 -17.96 44.85
CA ILE X 56 -45.40 -18.09 46.00
C ILE X 56 -44.31 -17.03 45.88
N ASP X 57 -44.33 -16.05 46.79
CA ASP X 57 -43.31 -15.01 46.84
C ASP X 57 -42.25 -15.44 47.84
N VAL X 58 -41.01 -15.57 47.37
CA VAL X 58 -39.94 -16.16 48.16
C VAL X 58 -38.68 -15.33 48.00
N PRO X 59 -37.79 -15.37 48.98
CA PRO X 59 -36.48 -14.77 48.83
C PRO X 59 -35.57 -15.75 48.10
N ALA X 60 -34.35 -15.31 47.82
CA ALA X 60 -33.33 -16.24 47.33
C ALA X 60 -33.10 -17.34 48.36
N HIS X 61 -32.72 -16.96 49.57
CA HIS X 61 -32.57 -17.90 50.67
C HIS X 61 -33.90 -18.55 51.03
N ILE X 62 -34.17 -19.71 50.43
CA ILE X 62 -35.37 -20.47 50.75
C ILE X 62 -35.29 -20.93 52.19
N THR X 63 -36.40 -20.78 52.93
CA THR X 63 -36.44 -21.35 54.27
C THR X 63 -37.81 -21.95 54.50
N VAL X 64 -37.83 -23.05 55.26
CA VAL X 64 -39.07 -23.74 55.58
C VAL X 64 -40.06 -22.80 56.25
N GLY X 65 -39.58 -21.90 57.10
CA GLY X 65 -40.46 -20.94 57.74
C GLY X 65 -41.11 -20.01 56.75
N ALA X 66 -40.35 -19.57 55.73
CA ALA X 66 -40.92 -18.66 54.73
C ALA X 66 -42.01 -19.34 53.91
N LEU X 67 -41.92 -20.66 53.73
CA LEU X 67 -42.89 -21.40 52.94
C LEU X 67 -44.02 -22.00 53.76
N GLU X 68 -43.92 -22.00 55.09
CA GLU X 68 -44.95 -22.63 55.91
C GLU X 68 -46.32 -21.99 55.67
N GLY X 69 -46.36 -20.66 55.55
CA GLY X 69 -47.62 -20.00 55.27
C GLY X 69 -48.23 -20.42 53.94
N ALA X 70 -47.38 -20.64 52.94
CA ALA X 70 -47.87 -21.08 51.64
C ALA X 70 -48.43 -22.49 51.71
N PHE X 71 -47.68 -23.42 52.29
CA PHE X 71 -48.10 -24.82 52.34
C PHE X 71 -49.34 -25.05 53.19
N LYS X 72 -49.66 -24.15 54.11
CA LYS X 72 -50.85 -24.32 54.94
C LYS X 72 -52.12 -24.38 54.10
N ASN X 73 -52.11 -23.75 52.91
CA ASN X 73 -53.26 -23.77 52.02
C ASN X 73 -53.27 -24.97 51.10
N ALA X 74 -52.23 -25.80 51.13
CA ALA X 74 -52.19 -27.00 50.30
C ALA X 74 -52.76 -28.18 51.07
N GLU X 75 -53.13 -29.21 50.32
CA GLU X 75 -53.63 -30.45 50.90
C GLU X 75 -52.65 -31.57 50.57
N GLY X 76 -52.20 -32.30 51.59
CA GLY X 76 -51.18 -33.31 51.42
C GLY X 76 -51.71 -34.69 51.76
N VAL X 77 -51.10 -35.70 51.16
CA VAL X 77 -51.47 -37.09 51.45
C VAL X 77 -50.46 -37.59 52.47
N GLN X 78 -50.94 -38.31 53.47
CA GLN X 78 -50.05 -38.76 54.53
C GLN X 78 -49.62 -40.17 54.19
N VAL X 79 -48.48 -40.26 53.52
CA VAL X 79 -47.93 -41.58 53.12
C VAL X 79 -47.49 -42.31 54.38
N LYS X 80 -47.61 -43.63 54.34
CA LYS X 80 -47.18 -44.51 55.44
C LYS X 80 -46.03 -45.31 54.85
N LEU X 81 -44.93 -45.38 55.57
CA LEU X 81 -43.81 -46.19 55.06
C LEU X 81 -43.29 -47.03 56.21
N GLN X 82 -42.72 -48.18 55.83
CA GLN X 82 -42.12 -49.21 56.70
C GLN X 82 -40.81 -49.68 56.04
N LYS X 83 -39.94 -50.34 56.79
CA LYS X 83 -38.60 -50.77 56.33
C LYS X 83 -38.68 -51.74 55.17
N GLN X 84 -37.65 -51.73 54.31
CA GLN X 84 -37.63 -52.55 53.12
C GLN X 84 -37.34 -54.00 53.46
N ASP X 85 -38.18 -54.89 52.94
CA ASP X 85 -38.00 -56.33 53.07
C ASP X 85 -37.51 -56.99 51.79
N LYS X 86 -37.51 -56.27 50.66
CA LYS X 86 -37.51 -56.92 49.35
C LYS X 86 -36.14 -57.32 48.83
N ALA X 87 -35.05 -56.64 49.23
CA ALA X 87 -33.74 -57.00 48.66
C ALA X 87 -32.62 -56.80 49.68
N PHE X 88 -31.48 -57.46 49.42
CA PHE X 88 -30.31 -57.26 50.26
C PHE X 88 -29.54 -56.02 49.82
N PRO X 89 -29.05 -55.18 50.74
CA PRO X 89 -29.29 -55.23 52.18
C PRO X 89 -30.64 -54.63 52.47
N ASN X 90 -31.23 -54.97 53.60
CA ASN X 90 -32.48 -54.36 54.00
C ASN X 90 -32.38 -53.94 55.46
N GLY X 91 -33.01 -52.81 55.75
CA GLY X 91 -32.97 -52.23 57.07
C GLY X 91 -34.00 -51.13 57.16
N GLY X 92 -33.97 -50.41 58.27
CA GLY X 92 -34.89 -49.31 58.47
C GLY X 92 -36.05 -49.68 59.38
N GLY X 93 -37.04 -48.80 59.38
CA GLY X 93 -38.22 -48.96 60.21
C GLY X 93 -38.37 -47.91 61.30
N SER X 94 -37.42 -47.00 61.47
CA SER X 94 -37.51 -46.03 62.56
C SER X 94 -38.62 -45.02 62.34
N VAL X 95 -38.91 -44.68 61.09
CA VAL X 95 -40.01 -43.78 60.76
C VAL X 95 -40.99 -44.53 59.87
N ASN X 96 -42.27 -44.39 60.18
CA ASN X 96 -43.31 -45.17 59.52
C ASN X 96 -44.27 -44.38 58.65
N SER X 97 -44.42 -43.08 58.88
CA SER X 97 -45.36 -42.30 58.11
C SER X 97 -44.73 -40.95 57.81
N ALA X 98 -45.19 -40.34 56.72
CA ALA X 98 -44.71 -39.01 56.39
C ALA X 98 -45.79 -38.26 55.63
N GLU X 99 -45.99 -37.01 55.99
CA GLU X 99 -46.88 -36.11 55.29
C GLU X 99 -46.12 -35.47 54.14
N ILE X 100 -46.76 -35.40 52.97
CA ILE X 100 -46.15 -34.80 51.79
C ILE X 100 -47.13 -33.79 51.21
N LYS X 101 -46.67 -32.56 51.04
CA LYS X 101 -47.46 -31.50 50.42
C LYS X 101 -46.68 -30.90 49.25
N ALA X 102 -47.41 -30.23 48.35
CA ALA X 102 -46.78 -29.71 47.13
C ALA X 102 -47.55 -28.50 46.59
N ILE X 103 -46.80 -27.53 46.05
CA ILE X 103 -47.34 -26.31 45.49
C ILE X 103 -46.49 -25.91 44.29
N HIS X 104 -47.07 -25.15 43.37
CA HIS X 104 -46.30 -24.64 42.23
C HIS X 104 -46.85 -23.29 41.80
N ASP X 105 -45.99 -22.46 41.22
CA ASP X 105 -46.37 -21.11 40.75
C ASP X 105 -46.27 -21.00 39.21
N GLY X 106 -46.07 -22.10 38.51
CA GLY X 106 -45.99 -22.04 37.04
C GLY X 106 -44.57 -21.94 36.55
N ILE X 107 -43.63 -21.68 37.47
CA ILE X 107 -42.18 -21.60 37.12
C ILE X 107 -41.47 -22.67 37.94
N THR X 108 -41.66 -22.65 39.25
CA THR X 108 -40.99 -23.61 40.14
C THR X 108 -42.00 -24.39 41.00
N ILE X 109 -41.75 -25.68 41.18
CA ILE X 109 -42.59 -26.60 42.00
C ILE X 109 -41.84 -26.86 43.30
N TYR X 110 -42.55 -27.10 44.38
CA TYR X 110 -41.95 -27.29 45.70
C TYR X 110 -42.70 -28.43 46.39
N PHE X 111 -41.95 -29.37 46.98
CA PHE X 111 -42.52 -30.46 47.76
C PHE X 111 -42.07 -30.34 49.20
N GLN X 112 -43.01 -30.47 50.13
CA GLN X 112 -42.72 -30.47 51.56
C GLN X 112 -43.10 -31.83 52.13
N VAL X 113 -42.14 -32.49 52.79
CA VAL X 113 -42.36 -33.80 53.41
C VAL X 113 -41.99 -33.69 54.88
N ILE X 114 -42.83 -34.27 55.74
CA ILE X 114 -42.64 -34.23 57.18
C ILE X 114 -42.72 -35.64 57.73
N TRP X 115 -41.72 -36.02 58.53
CA TRP X 115 -41.70 -37.31 59.20
C TRP X 115 -41.09 -37.14 60.58
N ASP X 116 -41.34 -38.12 61.44
CA ASP X 116 -40.94 -38.07 62.84
C ASP X 116 -39.60 -38.77 63.01
N ASP X 117 -38.61 -38.05 63.52
CA ASP X 117 -37.28 -38.62 63.75
C ASP X 117 -36.72 -38.00 65.00
N ALA X 118 -36.36 -38.85 65.96
CA ALA X 118 -35.87 -38.39 67.26
C ALA X 118 -34.39 -38.03 67.23
N THR X 119 -33.70 -38.27 66.13
CA THR X 119 -32.26 -38.10 66.06
C THR X 119 -31.95 -37.22 64.86
N ASP X 120 -31.12 -36.20 65.06
CA ASP X 120 -30.62 -35.39 63.95
C ASP X 120 -29.19 -35.86 63.68
N ASN X 121 -29.06 -36.80 62.75
CA ASN X 121 -27.76 -37.30 62.31
C ASN X 121 -27.34 -36.51 61.07
N LYS X 122 -26.48 -35.52 61.28
CA LYS X 122 -26.10 -34.56 60.25
C LYS X 122 -24.60 -34.59 59.91
N GLN X 123 -23.90 -35.70 60.14
CA GLN X 123 -22.48 -35.60 59.78
C GLN X 123 -21.85 -36.70 58.92
N ALA X 124 -21.89 -37.95 59.38
CA ALA X 124 -21.33 -39.10 58.67
C ALA X 124 -19.83 -38.96 58.35
N ILE X 125 -19.01 -38.45 59.28
CA ILE X 125 -17.56 -38.43 59.02
C ILE X 125 -16.90 -39.65 59.64
N ALA X 126 -17.41 -40.10 60.78
CA ALA X 126 -16.85 -41.28 61.42
C ALA X 126 -17.31 -42.53 60.68
N THR X 127 -16.50 -43.56 60.82
CA THR X 127 -16.76 -44.82 60.12
C THR X 127 -18.10 -45.41 60.53
N GLN X 128 -18.54 -45.17 61.76
CA GLN X 128 -19.78 -45.74 62.26
C GLN X 128 -21.01 -44.85 62.11
N GLU X 129 -20.84 -43.59 61.72
CA GLU X 129 -21.95 -42.65 61.73
C GLU X 129 -22.53 -42.48 60.33
N PHE X 130 -23.85 -42.28 60.28
CA PHE X 130 -24.57 -42.15 59.03
C PHE X 130 -25.46 -40.92 59.10
N ARG X 131 -26.02 -40.57 57.95
CA ARG X 131 -26.79 -39.34 57.80
C ARG X 131 -28.29 -39.63 57.74
N ASP X 132 -29.07 -38.63 58.16
CA ASP X 132 -30.49 -38.64 57.89
C ASP X 132 -30.73 -38.15 56.47
N GLY X 133 -31.65 -38.82 55.78
CA GLY X 133 -31.92 -38.46 54.39
C GLY X 133 -33.36 -38.71 54.03
N ALA X 134 -33.80 -38.03 52.97
CA ALA X 134 -35.12 -38.22 52.41
C ALA X 134 -35.00 -38.04 50.91
N ALA X 135 -35.87 -38.73 50.17
CA ALA X 135 -35.77 -38.68 48.72
C ALA X 135 -37.14 -38.88 48.09
N LEU X 136 -37.34 -38.21 46.96
CA LEU X 136 -38.52 -38.36 46.12
C LEU X 136 -38.06 -38.80 44.74
N MET X 137 -38.91 -39.55 44.05
CA MET X 137 -38.53 -40.08 42.74
C MET X 137 -39.72 -40.07 41.80
N PHE X 138 -39.43 -39.79 40.53
CA PHE X 138 -40.43 -39.68 39.49
C PHE X 138 -39.94 -40.37 38.23
N PRO X 139 -40.85 -41.03 37.51
CA PRO X 139 -40.50 -41.65 36.23
C PRO X 139 -40.26 -40.64 35.12
N LEU X 140 -39.41 -41.05 34.20
CA LEU X 140 -39.13 -40.23 33.04
C LEU X 140 -40.20 -40.44 31.97
N GLY X 141 -40.65 -39.34 31.40
CA GLY X 141 -41.66 -39.40 30.38
C GLY X 141 -43.04 -39.61 30.95
N LYS X 142 -44.00 -39.73 30.03
CA LYS X 142 -45.39 -39.97 30.43
C LYS X 142 -45.67 -41.46 30.27
N ILE X 143 -46.06 -42.09 31.37
CA ILE X 143 -46.42 -43.49 31.40
C ILE X 143 -47.50 -43.71 32.46
N THR X 144 -48.25 -44.77 32.29
CA THR X 144 -49.19 -45.27 33.29
C THR X 144 -48.65 -46.57 33.86
N ILE X 145 -48.77 -46.73 35.18
CA ILE X 145 -48.20 -47.88 35.87
C ILE X 145 -49.34 -48.83 36.20
N SER X 146 -49.15 -50.11 35.87
CA SER X 146 -50.18 -51.12 36.06
C SER X 146 -49.51 -52.49 36.00
N PRO X 147 -50.16 -53.54 36.52
CA PRO X 147 -49.60 -54.88 36.33
C PRO X 147 -49.45 -55.20 34.85
N GLU X 148 -50.34 -54.62 34.02
CA GLU X 148 -50.26 -54.71 32.57
C GLU X 148 -49.21 -53.76 32.00
N GLU X 149 -48.90 -52.67 32.71
CA GLU X 149 -47.88 -51.70 32.31
C GLU X 149 -46.86 -51.63 33.44
N PRO X 150 -45.90 -52.56 33.46
CA PRO X 150 -45.07 -52.70 34.67
C PRO X 150 -44.00 -51.62 34.72
N PHE X 151 -43.90 -50.97 35.87
CA PHE X 151 -42.84 -50.01 36.17
C PHE X 151 -42.43 -50.26 37.61
N SER X 152 -41.34 -50.98 37.80
CA SER X 152 -40.94 -51.36 39.15
C SER X 152 -40.70 -50.10 39.97
N PRO X 153 -41.22 -50.03 41.19
CA PRO X 153 -40.92 -48.91 42.10
C PRO X 153 -39.60 -49.08 42.83
N ARG X 154 -38.87 -50.11 42.43
CA ARG X 154 -37.54 -50.40 42.99
C ARG X 154 -36.60 -49.50 42.21
N MET X 155 -36.68 -48.21 42.50
CA MET X 155 -35.86 -47.18 41.87
C MET X 155 -35.86 -47.37 40.35
N GLY X 156 -37.02 -47.72 39.82
CA GLY X 156 -37.18 -48.03 38.42
C GLY X 156 -36.81 -49.46 38.09
N ASP X 157 -36.62 -49.72 36.80
CA ASP X 157 -36.11 -51.00 36.36
C ASP X 157 -35.50 -50.81 34.98
N ARG X 158 -34.78 -51.83 34.53
CA ARG X 158 -33.94 -51.67 33.35
C ARG X 158 -34.81 -51.39 32.12
N GLN X 159 -34.36 -50.41 31.33
CA GLN X 159 -35.13 -49.83 30.22
C GLN X 159 -36.35 -49.06 30.69
N LYS X 160 -36.40 -48.71 31.96
CA LYS X 160 -37.51 -47.95 32.52
C LYS X 160 -36.91 -46.92 33.47
N PRO X 161 -36.27 -45.89 32.93
CA PRO X 161 -35.47 -44.99 33.79
C PRO X 161 -36.34 -44.10 34.67
N VAL X 162 -35.72 -43.60 35.75
CA VAL X 162 -36.41 -42.83 36.76
C VAL X 162 -35.46 -41.76 37.30
N ASN X 163 -36.04 -40.62 37.71
CA ASN X 163 -35.31 -39.51 38.30
C ASN X 163 -35.57 -39.44 39.80
N LEU X 164 -34.52 -39.24 40.58
CA LEU X 164 -34.61 -39.16 42.03
C LEU X 164 -33.96 -37.89 42.56
N TRP X 165 -34.56 -37.31 43.60
CA TRP X 165 -34.04 -36.14 44.31
C TRP X 165 -33.73 -36.57 45.73
N HIS X 166 -32.44 -36.62 46.08
CA HIS X 166 -31.99 -37.11 47.38
C HIS X 166 -31.56 -35.94 48.25
N TRP X 167 -32.31 -35.69 49.31
CA TRP X 167 -31.93 -34.69 50.32
C TRP X 167 -31.01 -35.33 51.35
N LYS X 168 -29.96 -34.62 51.71
CA LYS X 168 -28.98 -35.10 52.68
C LYS X 168 -28.84 -34.09 53.82
N ALA X 169 -28.97 -34.58 55.06
CA ALA X 169 -28.88 -33.69 56.21
C ALA X 169 -27.47 -33.14 56.39
N ASP X 170 -26.45 -33.96 56.13
CA ASP X 170 -25.08 -33.48 56.27
C ASP X 170 -24.77 -32.38 55.25
N TRP X 171 -25.38 -32.46 54.07
CA TRP X 171 -25.21 -31.39 53.09
C TRP X 171 -25.75 -30.07 53.60
N GLU X 172 -26.80 -30.11 54.42
CA GLU X 172 -27.26 -28.88 55.05
C GLU X 172 -26.19 -28.31 55.96
N ALA X 173 -25.57 -29.17 56.78
CA ALA X 173 -24.53 -28.72 57.70
C ALA X 173 -23.28 -28.27 56.95
N ASP X 174 -22.98 -28.88 55.79
CA ASP X 174 -21.84 -28.45 55.00
C ASP X 174 -22.02 -27.02 54.50
N LEU X 175 -23.27 -26.61 54.26
CA LEU X 175 -23.54 -25.27 53.75
C LEU X 175 -23.11 -24.18 54.73
N LEU X 176 -23.15 -24.48 56.03
CA LEU X 176 -22.79 -23.49 57.05
C LEU X 176 -21.35 -23.63 57.52
N ALA X 177 -20.63 -24.63 57.02
CA ALA X 177 -19.22 -24.76 57.31
C ALA X 177 -18.44 -23.74 56.49
N THR X 178 -17.21 -23.45 56.93
CA THR X 178 -16.42 -22.40 56.30
C THR X 178 -16.05 -22.78 54.87
N GLY X 179 -15.69 -24.03 54.66
CA GLY X 179 -15.30 -24.36 53.32
C GLY X 179 -16.39 -24.90 52.43
N GLY X 180 -17.65 -24.89 52.88
CA GLY X 180 -18.68 -25.53 52.10
C GLY X 180 -18.73 -27.02 52.34
N ILE X 181 -17.88 -27.55 53.20
CA ILE X 181 -17.85 -28.96 53.56
C ILE X 181 -17.27 -29.05 54.97
N GLU X 182 -17.90 -29.85 55.82
CA GLU X 182 -17.36 -30.04 57.17
C GLU X 182 -16.14 -30.94 57.10
N GLU X 183 -15.10 -30.58 57.82
CA GLU X 183 -13.88 -31.37 57.78
C GLU X 183 -13.63 -32.04 59.13
N CYS X 184 -12.64 -32.91 59.13
CA CYS X 184 -12.40 -33.81 60.26
C CYS X 184 -12.24 -33.11 61.59
N PRO X 185 -11.54 -31.97 61.72
CA PRO X 185 -11.45 -31.32 63.03
C PRO X 185 -12.80 -30.96 63.63
N ALA X 186 -13.84 -30.81 62.81
CA ALA X 186 -15.18 -30.57 63.36
C ALA X 186 -15.67 -31.77 64.15
N ARG X 187 -15.19 -32.96 63.82
CA ARG X 187 -15.57 -34.20 64.48
C ARG X 187 -14.62 -34.61 65.60
N TYR X 188 -13.32 -34.42 65.41
CA TYR X 188 -12.30 -34.81 66.39
C TYR X 188 -11.51 -33.56 66.75
N PRO X 189 -12.03 -32.72 67.64
CA PRO X 189 -11.36 -31.44 67.93
C PRO X 189 -10.01 -31.61 68.59
N ASN X 190 -9.67 -32.81 69.07
CA ASN X 190 -8.39 -33.09 69.67
C ASN X 190 -7.37 -33.60 68.66
N MET X 191 -7.75 -33.77 67.41
CA MET X 191 -6.87 -34.37 66.43
C MET X 191 -5.68 -33.46 66.14
N HIS X 192 -4.58 -34.09 65.73
CA HIS X 192 -3.39 -33.38 65.28
C HIS X 192 -2.72 -34.13 64.15
N ASP X 193 -2.30 -33.37 63.13
CA ASP X 193 -1.47 -33.90 62.06
C ASP X 193 -0.28 -32.98 61.86
N ASP X 194 0.90 -33.59 61.68
CA ASP X 194 2.13 -32.82 61.52
C ASP X 194 2.15 -32.02 60.23
N PHE X 195 1.23 -32.29 59.31
CA PHE X 195 1.05 -31.52 58.09
C PHE X 195 -0.24 -30.70 58.10
N SER X 196 -1.38 -31.36 58.37
CA SER X 196 -2.67 -30.66 58.32
C SER X 196 -2.89 -29.75 59.51
N THR X 197 -2.28 -30.07 60.65
CA THR X 197 -2.39 -29.27 61.87
C THR X 197 -1.04 -28.67 62.24
N ASN X 198 -0.29 -28.22 61.22
CA ASN X 198 0.98 -27.57 61.45
C ASN X 198 0.80 -26.07 61.26
N PRO X 199 0.98 -25.26 62.31
CA PRO X 199 0.85 -23.80 62.15
C PRO X 199 2.02 -23.16 61.44
N HIS X 200 3.07 -23.95 61.19
CA HIS X 200 4.31 -23.49 60.57
C HIS X 200 4.52 -24.10 59.19
N SER X 201 3.49 -24.71 58.62
CA SER X 201 3.65 -25.35 57.32
C SER X 201 3.97 -24.27 56.30
N VAL X 202 5.05 -24.47 55.54
CA VAL X 202 5.34 -23.53 54.48
C VAL X 202 4.30 -23.72 53.39
N ASN X 203 4.02 -22.63 52.66
CA ASN X 203 2.89 -22.64 51.74
C ASN X 203 3.10 -23.60 50.58
N TYR X 204 4.31 -23.60 50.00
CA TYR X 204 4.50 -24.44 48.82
C TYR X 204 4.41 -25.92 49.18
N HIS X 205 4.72 -26.27 50.42
CA HIS X 205 4.49 -27.64 50.87
C HIS X 205 3.00 -27.91 51.00
N LYS X 206 2.29 -27.06 51.75
CA LYS X 206 0.85 -27.23 51.91
C LYS X 206 0.13 -27.14 50.58
N GLY X 207 0.60 -26.27 49.68
CA GLY X 207 -0.02 -26.15 48.38
C GLY X 207 0.01 -27.45 47.60
N VAL X 208 1.13 -28.17 47.66
CA VAL X 208 1.25 -29.45 46.97
C VAL X 208 0.48 -30.54 47.71
N ILE X 209 0.63 -30.60 49.03
CA ILE X 209 0.05 -31.70 49.80
C ILE X 209 -1.47 -31.65 49.76
N GLN X 210 -2.05 -30.45 49.91
CA GLN X 210 -3.49 -30.28 49.88
C GLN X 210 -3.99 -29.83 48.51
N SER X 211 -3.22 -30.09 47.46
CA SER X 211 -3.72 -29.93 46.11
C SER X 211 -4.75 -31.01 45.80
N ALA X 212 -5.58 -30.71 44.79
CA ALA X 212 -6.64 -31.66 44.41
C ALA X 212 -6.07 -33.00 44.03
N ALA X 213 -4.96 -33.01 43.28
CA ALA X 213 -4.37 -34.27 42.82
C ALA X 213 -3.90 -35.13 43.99
N GLU X 214 -3.31 -34.52 45.03
CA GLU X 214 -2.82 -35.30 46.14
C GLU X 214 -3.88 -35.50 47.22
N LEU X 215 -4.92 -34.66 47.25
CA LEU X 215 -6.14 -34.96 47.97
C LEU X 215 -6.90 -35.97 47.11
N SER X 216 -6.25 -37.08 46.79
CA SER X 216 -6.79 -38.09 45.89
C SER X 216 -8.11 -38.67 46.38
N GLY X 217 -8.70 -39.47 45.51
CA GLY X 217 -9.93 -40.18 45.81
C GLY X 217 -11.11 -39.43 45.28
N GLY X 218 -12.27 -39.72 45.87
CA GLY X 218 -13.50 -38.99 45.58
C GLY X 218 -13.33 -37.52 45.28
N TYR X 219 -12.46 -36.84 46.02
CA TYR X 219 -12.19 -35.43 45.76
C TYR X 219 -11.48 -35.23 44.42
N ALA X 220 -10.44 -36.03 44.16
CA ALA X 220 -9.73 -35.92 42.90
C ALA X 220 -10.54 -36.48 41.74
N ALA X 221 -11.39 -37.48 42.00
CA ALA X 221 -12.26 -38.09 41.00
C ALA X 221 -13.53 -37.28 40.76
N HIS X 222 -13.65 -36.10 41.37
CA HIS X 222 -14.83 -35.25 41.24
C HIS X 222 -16.11 -35.98 41.68
N ASN X 223 -15.99 -36.86 42.67
CA ASN X 223 -17.17 -37.44 43.30
C ASN X 223 -17.86 -36.34 44.10
N LEU X 224 -19.17 -36.17 43.85
CA LEU X 224 -19.89 -35.04 44.45
C LEU X 224 -19.83 -35.06 45.98
N LEU X 225 -19.84 -36.23 46.56
CA LEU X 225 -19.87 -36.32 48.03
C LEU X 225 -18.58 -35.78 48.63
N SER X 226 -17.50 -35.79 47.87
CA SER X 226 -16.20 -35.34 48.42
C SER X 226 -15.98 -33.84 48.22
N LEU X 227 -16.73 -33.17 47.35
CA LEU X 227 -16.46 -31.72 47.14
C LEU X 227 -17.62 -30.92 47.69
N PRO X 228 -17.45 -29.64 48.07
CA PRO X 228 -18.57 -28.89 48.57
C PRO X 228 -19.27 -28.42 47.29
N ARG X 229 -20.42 -29.02 47.01
CA ARG X 229 -21.26 -28.73 45.82
C ARG X 229 -22.20 -27.58 46.15
N GLY X 230 -22.26 -27.18 47.41
CA GLY X 230 -23.07 -26.02 47.83
C GLY X 230 -24.55 -26.19 47.60
N ARG X 231 -25.05 -27.41 47.67
CA ARG X 231 -26.51 -27.65 47.55
C ARG X 231 -26.87 -28.79 48.51
N ALA X 232 -28.14 -28.87 48.85
CA ALA X 232 -28.66 -29.81 49.83
C ALA X 232 -29.38 -31.01 49.23
N VAL X 233 -29.71 -31.00 47.93
CA VAL X 233 -30.44 -32.10 47.32
C VAL X 233 -29.68 -32.51 46.06
N GLU X 234 -29.52 -33.81 45.88
CA GLU X 234 -28.80 -34.35 44.74
C GLU X 234 -29.75 -34.80 43.65
N ASP X 235 -29.43 -34.45 42.41
CA ASP X 235 -30.22 -34.85 41.25
C ASP X 235 -29.63 -36.15 40.75
N LEU X 236 -30.45 -37.20 40.72
CA LEU X 236 -29.91 -38.54 40.50
C LEU X 236 -30.87 -39.36 39.65
N ASN X 237 -30.33 -40.41 39.04
CA ASN X 237 -31.06 -41.32 38.17
C ASN X 237 -30.89 -42.75 38.64
N ALA X 238 -31.81 -43.60 38.21
CA ALA X 238 -31.72 -45.04 38.45
C ALA X 238 -32.57 -45.76 37.42
N GLU X 239 -32.11 -46.93 37.02
CA GLU X 239 -32.87 -47.88 36.21
C GLU X 239 -33.08 -49.15 37.01
N GLY X 240 -33.43 -48.97 38.27
CA GLY X 240 -33.50 -50.05 39.23
C GLY X 240 -32.55 -49.83 40.38
N PHE X 241 -32.71 -50.65 41.41
CA PHE X 241 -31.76 -50.60 42.51
C PHE X 241 -30.50 -51.34 42.11
N GLY X 242 -29.36 -50.83 42.58
CA GLY X 242 -28.07 -51.32 42.13
C GLY X 242 -27.49 -50.63 40.93
N THR X 243 -28.20 -49.64 40.36
CA THR X 243 -27.72 -48.94 39.18
C THR X 243 -27.80 -47.42 39.30
N LEU X 244 -28.11 -46.88 40.48
CA LEU X 244 -28.30 -45.44 40.64
C LEU X 244 -27.03 -44.67 40.32
N THR X 245 -27.19 -43.52 39.66
CA THR X 245 -26.08 -42.72 39.14
C THR X 245 -26.24 -41.24 39.47
N SER X 246 -25.12 -40.60 39.81
CA SER X 246 -25.11 -39.15 40.03
C SER X 246 -25.06 -38.44 38.68
N GLN X 247 -25.92 -37.44 38.52
CA GLN X 247 -26.04 -36.69 37.27
C GLN X 247 -24.93 -35.66 37.13
N ASP X 248 -24.61 -35.35 35.87
CA ASP X 248 -23.64 -34.29 35.59
C ASP X 248 -24.23 -32.92 35.82
N HIS X 249 -25.49 -32.72 35.41
CA HIS X 249 -26.18 -31.43 35.55
C HIS X 249 -27.19 -31.56 36.67
N GLN X 250 -26.86 -31.01 37.84
CA GLN X 250 -27.73 -31.08 39.02
C GLN X 250 -28.59 -29.83 39.08
N ASP X 251 -29.90 -30.02 39.23
CA ASP X 251 -30.84 -28.90 39.15
C ASP X 251 -31.76 -28.73 40.35
N VAL X 252 -31.85 -29.70 41.25
CA VAL X 252 -32.75 -29.62 42.40
C VAL X 252 -31.99 -29.13 43.61
N ASP X 253 -32.63 -28.28 44.42
CA ASP X 253 -32.10 -27.76 45.66
C ASP X 253 -33.17 -27.88 46.74
N GLY X 254 -32.85 -27.47 47.96
CA GLY X 254 -33.83 -27.54 49.03
C GLY X 254 -33.24 -27.09 50.35
N CYS X 255 -34.14 -26.91 51.32
CA CYS X 255 -33.77 -26.58 52.69
C CYS X 255 -34.57 -27.48 53.64
N SER X 256 -34.23 -27.42 54.92
CA SER X 256 -34.82 -28.34 55.89
C SER X 256 -34.80 -27.71 57.27
N LYS X 257 -35.46 -28.38 58.21
CA LYS X 257 -35.48 -27.96 59.61
C LYS X 257 -35.76 -29.16 60.49
N PHE X 258 -35.00 -29.29 61.57
CA PHE X 258 -35.26 -30.31 62.60
C PHE X 258 -35.76 -29.59 63.84
N GLU X 259 -37.02 -29.81 64.21
CA GLU X 259 -37.60 -29.16 65.41
C GLU X 259 -38.63 -30.10 66.03
N ASN X 260 -38.79 -30.07 67.36
CA ASN X 260 -39.78 -30.90 68.10
C ASN X 260 -39.62 -32.38 67.75
N LYS X 261 -38.38 -32.89 67.68
CA LYS X 261 -38.09 -34.31 67.41
C LYS X 261 -38.67 -34.69 66.06
N LYS X 262 -38.99 -33.68 65.24
CA LYS X 262 -39.58 -33.99 63.94
C LYS X 262 -38.81 -33.27 62.84
N TRP X 263 -38.70 -33.92 61.67
CA TRP X 263 -38.01 -33.38 60.51
C TRP X 263 -39.02 -32.77 59.54
N THR X 264 -38.66 -31.63 58.96
CA THR X 264 -39.41 -30.99 57.89
C THR X 264 -38.44 -30.60 56.79
N VAL X 265 -38.60 -31.20 55.61
CA VAL X 265 -37.72 -30.93 54.47
C VAL X 265 -38.59 -30.46 53.30
N VAL X 266 -38.09 -29.47 52.56
CA VAL X 266 -38.76 -28.96 51.38
C VAL X 266 -37.84 -29.11 50.17
N PHE X 267 -38.42 -29.55 49.07
CA PHE X 267 -37.72 -29.69 47.80
C PHE X 267 -38.12 -28.55 46.87
N CYS X 268 -37.15 -27.98 46.17
CA CYS X 268 -37.43 -26.87 45.25
C CYS X 268 -36.71 -27.10 43.93
N ARG X 269 -37.50 -27.04 42.85
CA ARG X 269 -36.98 -27.19 41.47
C ARG X 269 -37.97 -26.54 40.51
N SER X 270 -37.50 -26.12 39.34
CA SER X 270 -38.35 -25.50 38.30
C SER X 270 -39.20 -26.57 37.64
N LEU X 271 -40.37 -26.22 37.13
CA LEU X 271 -41.21 -27.26 36.50
C LEU X 271 -40.48 -27.83 35.29
N ASN X 272 -39.81 -27.00 34.50
CA ASN X 272 -39.06 -27.60 33.37
C ASN X 272 -37.57 -27.36 33.60
N THR X 273 -36.76 -28.21 33.00
CA THR X 273 -35.29 -28.28 33.11
C THR X 273 -34.73 -28.61 31.73
N GLY X 274 -33.49 -28.25 31.44
CA GLY X 274 -32.89 -28.57 30.13
C GLY X 274 -32.20 -29.91 30.12
N ASP X 275 -32.25 -30.62 31.22
CA ASP X 275 -31.64 -31.95 31.40
C ASP X 275 -32.67 -32.97 30.96
N PRO X 276 -32.48 -33.74 29.86
CA PRO X 276 -33.45 -34.72 29.42
C PRO X 276 -33.73 -35.76 30.51
N LEU X 277 -32.70 -36.20 31.23
CA LEU X 277 -32.81 -37.12 32.37
C LEU X 277 -33.57 -36.47 33.52
N ASP X 278 -33.58 -35.16 33.65
CA ASP X 278 -34.40 -34.57 34.74
C ASP X 278 -35.88 -34.77 34.37
N VAL X 279 -36.73 -35.02 35.36
CA VAL X 279 -38.19 -35.19 35.12
C VAL X 279 -38.75 -33.89 34.59
N GLN X 280 -39.70 -33.95 33.66
CA GLN X 280 -40.34 -32.75 33.09
C GLN X 280 -41.79 -32.71 33.52
N PHE X 281 -42.22 -31.60 34.11
CA PHE X 281 -43.59 -31.47 34.62
C PHE X 281 -44.37 -30.46 33.79
N VAL X 282 -45.70 -30.60 33.73
CA VAL X 282 -46.53 -29.66 32.97
C VAL X 282 -47.77 -29.37 33.80
N PRO X 283 -48.11 -28.09 34.03
CA PRO X 283 -49.33 -27.79 34.79
C PRO X 283 -50.56 -28.33 34.08
N GLY X 284 -51.43 -28.96 34.86
CA GLY X 284 -52.57 -29.63 34.29
C GLY X 284 -52.33 -31.10 34.01
N GLU X 285 -51.12 -31.59 34.27
CA GLU X 285 -50.75 -32.96 33.98
C GLU X 285 -50.50 -33.74 35.27
N SER X 286 -50.83 -35.03 35.23
CA SER X 286 -50.66 -35.94 36.34
C SER X 286 -49.64 -37.02 36.00
N THR X 287 -48.81 -37.40 36.97
CA THR X 287 -47.90 -38.55 36.83
C THR X 287 -47.77 -39.20 38.20
N TYR X 288 -46.70 -39.97 38.42
CA TYR X 288 -46.54 -40.72 39.65
C TYR X 288 -45.27 -40.30 40.39
N PHE X 289 -45.20 -40.66 41.67
CA PHE X 289 -44.02 -40.42 42.47
C PHE X 289 -43.86 -41.55 43.48
N ASN X 290 -42.65 -41.68 44.00
CA ASN X 290 -42.29 -42.68 45.02
C ASN X 290 -41.56 -41.98 46.15
N MET X 291 -41.32 -42.64 47.27
CA MET X 291 -40.65 -41.90 48.35
C MET X 291 -39.81 -42.84 49.19
N ALA X 292 -38.90 -42.28 49.98
CA ALA X 292 -38.09 -43.02 50.94
C ALA X 292 -37.47 -42.05 51.94
N VAL X 293 -37.20 -42.56 53.15
CA VAL X 293 -36.64 -41.75 54.24
C VAL X 293 -35.54 -42.56 54.94
N TRP X 294 -34.50 -41.86 55.39
CA TRP X 294 -33.39 -42.46 56.12
C TRP X 294 -33.25 -41.84 57.50
N ASN X 295 -32.87 -42.66 58.46
CA ASN X 295 -32.56 -42.23 59.82
C ASN X 295 -31.17 -42.77 60.16
N GLY X 296 -30.18 -41.88 60.19
CA GLY X 296 -28.82 -42.30 60.46
C GLY X 296 -28.63 -43.04 61.78
N ASP X 297 -29.55 -42.84 62.72
CA ASP X 297 -29.43 -43.53 64.01
C ASP X 297 -29.57 -45.04 63.84
N ARG X 298 -30.42 -45.48 62.92
CA ARG X 298 -30.54 -46.90 62.61
C ARG X 298 -29.67 -47.32 61.43
N GLU X 299 -28.65 -46.53 61.10
CA GLU X 299 -27.67 -46.88 60.07
C GLU X 299 -28.36 -47.16 58.73
N ASP X 300 -29.15 -46.18 58.29
CA ASP X 300 -29.93 -46.31 57.06
C ASP X 300 -29.07 -45.94 55.85
N ARG X 301 -29.03 -46.83 54.87
CA ARG X 301 -28.16 -46.73 53.71
C ARG X 301 -28.84 -47.23 52.44
N ASN X 302 -28.04 -47.73 51.49
CA ASN X 302 -28.53 -48.12 50.17
C ASN X 302 -29.86 -48.86 50.23
N GLY X 303 -29.89 -50.07 50.80
CA GLY X 303 -31.15 -50.77 50.85
C GLY X 303 -31.83 -50.68 52.21
N GLN X 304 -31.19 -50.01 53.16
CA GLN X 304 -31.74 -49.82 54.50
C GLN X 304 -32.45 -48.48 54.56
N LYS X 305 -33.72 -48.49 54.15
CA LYS X 305 -34.52 -47.24 54.18
C LYS X 305 -36.01 -47.61 54.25
N ASN X 306 -36.81 -46.74 54.83
CA ASN X 306 -38.25 -46.94 54.89
C ASN X 306 -38.81 -46.52 53.52
N ILE X 307 -38.81 -47.50 52.60
CA ILE X 307 -39.13 -47.29 51.20
C ILE X 307 -40.64 -47.41 51.00
N SER X 308 -41.17 -46.60 50.09
CA SER X 308 -42.60 -46.72 49.67
C SER X 308 -42.64 -47.85 48.63
N ILE X 309 -43.75 -48.60 48.52
CA ILE X 309 -43.74 -49.70 47.53
C ILE X 309 -44.62 -49.37 46.33
N GLN X 310 -45.72 -48.69 46.57
CA GLN X 310 -46.62 -48.44 45.45
C GLN X 310 -46.48 -46.97 45.05
N TRP X 311 -46.47 -46.75 43.74
CA TRP X 311 -46.45 -45.42 43.20
C TRP X 311 -47.67 -44.64 43.66
N HIS X 312 -47.47 -43.36 43.90
CA HIS X 312 -48.63 -42.56 44.23
C HIS X 312 -48.87 -41.59 43.09
N PRO X 313 -50.10 -41.48 42.63
CA PRO X 313 -50.38 -40.55 41.54
C PRO X 313 -50.27 -39.12 42.03
N LEU X 314 -49.89 -38.25 41.12
CA LEU X 314 -49.70 -36.84 41.41
C LEU X 314 -50.38 -36.12 40.27
N SER X 315 -51.11 -35.04 40.58
CA SER X 315 -51.66 -34.19 39.53
C SER X 315 -51.25 -32.76 39.78
N LEU X 316 -50.90 -32.05 38.71
CA LEU X 316 -50.54 -30.65 38.81
C LEU X 316 -51.72 -29.79 38.37
N GLU X 317 -52.08 -28.83 39.21
CA GLU X 317 -53.16 -27.93 38.85
C GLU X 317 -52.71 -26.98 37.75
N ARG X 318 -53.68 -26.34 37.11
CA ARG X 318 -53.38 -25.44 36.02
C ARG X 318 -53.09 -24.04 36.51
N ILE X 319 -52.50 -23.24 35.62
CA ILE X 319 -52.21 -21.84 35.89
C ILE X 319 -53.50 -21.03 35.85
N ALA X 320 -53.60 -20.03 36.71
CA ALA X 320 -54.82 -19.22 36.76
C ALA X 320 -55.04 -18.47 35.46
N TRP X 321 -53.96 -17.97 34.85
CA TRP X 321 -54.03 -17.29 33.55
C TRP X 321 -55.10 -16.18 33.57
N GLN X 322 -54.81 -15.13 34.32
CA GLN X 322 -55.77 -14.04 34.43
C GLN X 322 -55.67 -13.08 33.24
#